data_6KMX
#
_entry.id   6KMX
#
_cell.length_a   1.00
_cell.length_b   1.00
_cell.length_c   1.00
_cell.angle_alpha   90.00
_cell.angle_beta   90.00
_cell.angle_gamma   90.00
#
_symmetry.space_group_name_H-M   'P 1'
#
loop_
_entity.id
_entity.type
_entity.pdbx_description
1 polymer 'Photosystem I P700 chlorophyll a apoprotein A1'
2 polymer 'Photosystem I P700 chlorophyll a apoprotein A2'
3 polymer 'Photosystem I iron-sulfur center'
4 polymer 'Photosystem I reaction center subunit II'
5 polymer 'Photosystem I reaction center subunit IV'
6 polymer 'Photosystem I reaction center subunit VIII'
7 polymer 'Photosystem I reaction center subunit PsaK'
8 polymer 'Photosystem I reaction center subunit XI'
9 polymer 'Photosystem I reaction center subunit XII'
10 non-polymer 'CHLOROPHYLL A ISOMER'
11 non-polymer 'CHLOROPHYLL A'
12 non-polymer 'Chlorophyll F'
13 non-polymer PHYLLOQUINONE
14 non-polymer 'IRON/SULFUR CLUSTER'
15 non-polymer BETA-CAROTENE
16 non-polymer 1,2-DIPALMITOYL-PHOSPHATIDYL-GLYCEROLE
17 non-polymer DODECYL-BETA-D-MALTOSIDE
18 non-polymer 1,2-DISTEAROYL-MONOGALACTOSYL-DIGLYCERIDE
19 non-polymer 'UNKNOWN LIGAND'
20 non-polymer 'CALCIUM ION'
21 water water
#
loop_
_entity_poly.entity_id
_entity_poly.type
_entity_poly.pdbx_seq_one_letter_code
_entity_poly.pdbx_strand_id
1 'polypeptide(L)'
;MTTSPPEQRQRVRVEVDQNPNPTSFEKWAKPGHFERSLARGPKTTTWIWDLHADAHDFDSHTTDLEDISRKIFSAHFGHL
AVIFLWLSGMYFHGARFSNFSSWMTDPIHIKPSAQVVWPIFGQEILNADMGDGFRGIQITSGLFQMWRGEGFTHEFQLFW
TAIGALVMAALMMFAGWFHYHVRAPKLDWFRNWESMMNHHLAGLLGLGSLGWAGHLIHVALPTNKLLDAGVPLEDIPLPH
EFILNKSLMVDLYPSFAEGVKPFFTLNWSAYADFLTFKGGLNPVTGGLWMTDIAHHHVAIAVLFIIAGHFYRTNWGIGHS
FRELLDDARTPKMLPIFNFIGPVGHRGLDKIFETSWHANLAIHLVQFGTASLLVAHHMYAMPPYPYLATDYATVTSLFTH
HVWIAGFCIVGGAAHAAIFLVRDYNPADHVNNVLDRTLRHRDTVVSHLAWVCQFLGFHSFAMYCHNDTMRAFGRPQDMFS
DTGIQLQPIFAQWVQQIQTMAVGANLQAAEPLGNVFGGLRNIDLAGVGVTAPGLGGPVSHAFGGGVVAIGDKIAMMPIQL
GTADFLIHHIHAFTIHVTVLVLLKGVLFSRNSRLIPDKGELGFRFPCDGPGRGGTCQVSAWDHVFLGLFWMYNSLSIVIF
HFFWKMQSDVWGTVGADGTISHITGGNFAQASITNNGWLRDFLWAQASQVIGSYGSALSAYGLFFLAGHFIFGFSLMFLF
SGRGYWQELIESIVWAHNKLKITTAIQPRALSITQGRAVGVAHYLLGGIVTTWAFFLARMAAIG
;
aA,bA,cA
2 'polypeptide(L)'
;MATKFPKFSQDLQRDPTTRRLFYAIATAHDFESHDGMSEENLYQRIFASHFGHLAIIFLWISGILFHVAWQGNFEQWIQD
PLNNSPIAHAIWDAQFGPPAIAAYTQAGAMNPVDICYSGVYHWWYTIGMRTNNDLFMGSIFLLLLSSVMLYAGWLHLQPR
FRPGLAWFKNAESRLNHHLAGLFGVSSLAWTGHLVHVALPESRGQHVGWDNFLSIRPHPEGLAPLFTGNWGAYAQNPDTA
EHAFGTAQGAGSAILTFLGGFHPQTESLWLTDMAHHHLAIAVIFIVAGHMYRTNFGIGHNIKEMTEALQGPGRSGFFIAP
RTGRGHKGIYDTYNNSLHFQLGWHLACLGVITSLVAQHMYAMPPYAFMARDYTTMSALYTHHQYIAGFLMIGAFAHGAIF
LIRDYDPEANRDNVLARMLAHKEAIISHLSWVSLFLGFHTLGLYVHNDCEVALGSPEKQILIEPVFAQWTQAFHGKALYG
INSLLSNPDSVASTAWPNYGNVWLSGWLEAVNNGANSLFLTIGPGDLLVHHAIALGLHVTTLILVKGALDARGSKLMPDK
KDFGYSFPCDGPGRGGTCDISAWDAFYLATFWMLNTLGWVTFYWHWKHLSVWSGNVAQFNESSTYLMGWFRDYLWANSAQ
LINGYSPAGTNSLAVWAWMFLFGHLAWAVSFMFLITWRGYWQELIETLMWAHENTPLSFGYPKDKPVALSIVQARLVGLT
HFTVGYIATYGAFLIASTSSRFP
;
aB,bB,cB
3 'polypeptide(L)'
;MSHSVKIYDTCIGCTQCVRACPLDVLEMVPWDGCKAGSIASSPRTEDCVGCKRCETACPTDFLSIRVYLGAETTRSMGLA
Y
;
aC,bC,cC
4 'polypeptide(L)'
;MAETLTGKTPVFGGSTGGLLTRAAVEEKYAITWTSTKQQVFEMPTGGAAIMHEGENLLYLARKEQCLALGTQLRSKFKPK
IEDYKIYRIYPNGETQYVHPADGVFPEKVNEGREYNGKIDRNIGANPDPATVKFSGKAPYEV
;
aD,bD,cD
5 'polypeptide(L)' MVQRGSKVRILRPESYWYRDIGTVATVDQSGIRYPAIVRFDKVNYYGISSNNFALSELEEVEPPKKKK aE,bE,cE
6 'polypeptide(L)' MADMTQLTGAYAAPWLPWIMIPLIFYILPFPIFAIIFLWIEREGNGVNDMGGEPMKSDGNYPV aI,bI,cI
7 'polypeptide(L)'
;MFGFGIAGFNGGLLAQASPQTAEWSLSIAVIMVVCNLFVLAIGKYAIQRPGAGPELPVQLPMLFAGFGLPELLATASLGH
ILGAGMILGLGNAGLL
;
aK,bK,cK
8 'polypeptide(L)'
;MTNTETSTWVDAYDQKDIIQPYRGNPELGNLATPVNSSNLVKTYINNLPAYRPGLTPFLRGLEIGMAHGYFLVGPEVVVG
PLRETAHGANLSGLITAIYITVSACLGISIFALATFQGDPRGAYNSNSPDRLRPLRSKDGWFQLSGGILLGSMGGAIFAY
VLLENFGDLDAILRGAVNVSQWLGGGVMG
;
aL,bL,cL
9 'polypeptide(L)' MTLSETQVFVALVIALVPAILAFRLSTELYK aM,bM,cM
#
loop_
_chem_comp.id
_chem_comp.type
_chem_comp.name
_chem_comp.formula
BCR non-polymer BETA-CAROTENE 'C40 H56'
CA non-polymer 'CALCIUM ION' 'Ca 2'
CL0 non-polymer 'CHLOROPHYLL A ISOMER' 'C55 H72 Mg N4 O5 2'
CLA non-polymer 'CHLOROPHYLL A' 'C55 H72 Mg N4 O5'
F6C non-polymer 'Chlorophyll F' 'C55 H68 Mg N4 O6'
LHG non-polymer 1,2-DIPALMITOYL-PHOSPHATIDYL-GLYCEROLE 'C38 H75 O10 P'
LMG non-polymer 1,2-DISTEAROYL-MONOGALACTOSYL-DIGLYCERIDE 'C45 H86 O10'
LMT D-saccharide DODECYL-BETA-D-MALTOSIDE 'C24 H46 O11'
PQN non-polymer PHYLLOQUINONE 'C31 H46 O2'
SF4 non-polymer 'IRON/SULFUR CLUSTER' 'Fe4 S4'
UNL non-polymer 'UNKNOWN LIGAND' ?
#
# COMPACT_ATOMS: atom_id res chain seq x y z
N THR A 44 -77.09 4.99 17.41
CA THR A 44 -76.24 5.78 16.52
C THR A 44 -76.20 5.17 15.13
N THR A 45 -75.57 5.90 14.19
CA THR A 45 -75.47 5.43 12.82
C THR A 45 -74.41 4.35 12.63
N THR A 46 -73.59 4.08 13.65
CA THR A 46 -72.61 3.00 13.56
C THR A 46 -73.30 1.65 13.56
N TRP A 47 -74.47 1.56 14.20
CA TRP A 47 -75.23 0.30 14.25
C TRP A 47 -75.75 -0.09 12.87
N ILE A 48 -76.00 0.88 11.99
CA ILE A 48 -76.47 0.58 10.64
C ILE A 48 -75.35 -0.09 9.83
N TRP A 49 -74.14 0.46 9.91
CA TRP A 49 -73.02 -0.12 9.17
C TRP A 49 -72.54 -1.42 9.79
N ASP A 50 -72.66 -1.56 11.11
CA ASP A 50 -72.17 -2.77 11.78
C ASP A 50 -73.08 -3.97 11.52
N LEU A 51 -74.37 -3.73 11.29
CA LEU A 51 -75.31 -4.81 11.04
C LEU A 51 -75.08 -5.46 9.69
N HIS A 52 -74.77 -4.67 8.66
CA HIS A 52 -74.46 -5.23 7.35
C HIS A 52 -73.07 -5.87 7.31
N ALA A 53 -72.21 -5.54 8.26
CA ALA A 53 -70.89 -6.15 8.34
C ALA A 53 -70.87 -7.39 9.23
N ASP A 54 -71.83 -7.54 10.12
CA ASP A 54 -71.94 -8.69 11.00
C ASP A 54 -72.91 -9.73 10.45
N ALA A 55 -73.15 -9.71 9.14
CA ALA A 55 -74.25 -10.46 8.56
C ALA A 55 -73.92 -11.94 8.38
N HIS A 56 -72.79 -12.23 7.72
CA HIS A 56 -72.53 -13.58 7.25
C HIS A 56 -71.38 -14.27 7.97
N ASP A 57 -70.82 -13.69 9.02
CA ASP A 57 -69.86 -14.40 9.86
C ASP A 57 -70.62 -15.06 11.00
N PHE A 58 -70.55 -16.39 11.07
CA PHE A 58 -71.47 -17.17 11.88
C PHE A 58 -70.92 -17.53 13.25
N ASP A 59 -69.60 -17.60 13.41
CA ASP A 59 -69.02 -17.80 14.73
C ASP A 59 -69.00 -16.53 15.57
N SER A 60 -69.34 -15.37 14.99
CA SER A 60 -69.55 -14.17 15.78
C SER A 60 -70.82 -14.25 16.63
N HIS A 61 -71.72 -15.18 16.32
CA HIS A 61 -72.87 -15.48 17.14
C HIS A 61 -72.45 -16.57 18.14
N THR A 62 -73.42 -17.24 18.77
CA THR A 62 -73.11 -18.40 19.61
C THR A 62 -72.47 -19.52 18.78
N THR A 63 -71.27 -19.93 19.19
CA THR A 63 -70.43 -20.80 18.38
C THR A 63 -70.71 -22.26 18.72
N ASP A 64 -71.60 -22.88 17.94
CA ASP A 64 -71.76 -24.32 17.91
C ASP A 64 -71.49 -24.76 16.47
N LEU A 65 -70.57 -25.71 16.32
CA LEU A 65 -70.02 -26.06 15.01
C LEU A 65 -71.04 -26.77 14.13
N GLU A 66 -71.92 -27.59 14.72
CA GLU A 66 -72.92 -28.31 13.94
C GLU A 66 -73.96 -27.35 13.38
N ASP A 67 -74.38 -26.36 14.18
CA ASP A 67 -75.32 -25.36 13.71
C ASP A 67 -74.66 -24.35 12.77
N ILE A 68 -73.36 -24.12 12.94
CA ILE A 68 -72.62 -23.28 11.99
C ILE A 68 -72.50 -23.99 10.65
N SER A 69 -72.21 -25.30 10.67
CA SER A 69 -72.05 -26.09 9.45
C SER A 69 -73.37 -26.26 8.70
N ARG A 70 -74.51 -26.18 9.38
CA ARG A 70 -75.79 -26.30 8.71
C ARG A 70 -76.19 -25.01 8.00
N LYS A 71 -75.88 -23.87 8.61
CA LYS A 71 -76.15 -22.59 7.95
C LYS A 71 -75.22 -22.37 6.77
N ILE A 72 -74.02 -22.94 6.82
CA ILE A 72 -73.09 -22.85 5.69
C ILE A 72 -73.59 -23.72 4.53
N PHE A 73 -74.04 -24.93 4.85
CA PHE A 73 -74.45 -25.89 3.83
C PHE A 73 -75.70 -25.44 3.07
N SER A 74 -76.60 -24.70 3.73
CA SER A 74 -77.80 -24.24 3.07
C SER A 74 -77.62 -22.89 2.40
N ALA A 75 -76.67 -22.07 2.86
CA ALA A 75 -76.34 -20.85 2.15
C ALA A 75 -75.63 -21.15 0.84
N HIS A 76 -74.91 -22.28 0.78
CA HIS A 76 -74.27 -22.68 -0.46
C HIS A 76 -75.28 -23.11 -1.51
N PHE A 77 -76.44 -23.62 -1.08
CA PHE A 77 -77.52 -23.86 -2.03
C PHE A 77 -78.10 -22.55 -2.54
N GLY A 78 -78.12 -21.51 -1.69
CA GLY A 78 -78.65 -20.23 -2.11
C GLY A 78 -77.74 -19.50 -3.08
N HIS A 79 -76.41 -19.65 -2.93
CA HIS A 79 -75.49 -19.06 -3.88
C HIS A 79 -75.50 -19.80 -5.21
N LEU A 80 -75.77 -21.11 -5.18
CA LEU A 80 -75.95 -21.86 -6.43
C LEU A 80 -77.22 -21.41 -7.15
N ALA A 81 -78.25 -21.00 -6.42
CA ALA A 81 -79.45 -20.48 -7.05
C ALA A 81 -79.23 -19.11 -7.65
N VAL A 82 -78.26 -18.35 -7.13
CA VAL A 82 -77.92 -17.05 -7.71
C VAL A 82 -77.15 -17.24 -9.01
N ILE A 83 -76.24 -18.23 -9.04
CA ILE A 83 -75.49 -18.52 -10.25
C ILE A 83 -76.40 -19.08 -11.34
N PHE A 84 -77.34 -19.95 -10.96
CA PHE A 84 -78.30 -20.47 -11.92
C PHE A 84 -79.28 -19.41 -12.39
N LEU A 85 -79.55 -18.40 -11.56
CA LEU A 85 -80.40 -17.30 -11.99
C LEU A 85 -79.66 -16.36 -12.93
N TRP A 86 -78.36 -16.20 -12.73
CA TRP A 86 -77.53 -15.39 -13.62
C TRP A 86 -77.25 -16.10 -14.93
N LEU A 87 -77.04 -17.43 -14.86
CA LEU A 87 -76.91 -18.22 -16.07
C LEU A 87 -78.21 -18.27 -16.86
N SER A 88 -79.35 -18.21 -16.17
CA SER A 88 -80.63 -18.12 -16.87
C SER A 88 -80.78 -16.81 -17.63
N GLY A 89 -80.18 -15.74 -17.11
CA GLY A 89 -80.26 -14.46 -17.81
C GLY A 89 -79.39 -14.40 -19.05
N MET A 90 -78.21 -15.00 -18.99
CA MET A 90 -77.31 -14.98 -20.15
C MET A 90 -77.83 -15.85 -21.28
N TYR A 91 -78.52 -16.94 -20.95
CA TYR A 91 -79.13 -17.76 -21.98
C TYR A 91 -80.44 -17.17 -22.49
N PHE A 92 -81.17 -16.42 -21.64
CA PHE A 92 -82.40 -15.79 -22.11
C PHE A 92 -82.10 -14.57 -22.97
N HIS A 93 -81.15 -13.72 -22.53
CA HIS A 93 -80.74 -12.60 -23.37
C HIS A 93 -80.01 -13.08 -24.62
N GLY A 94 -79.39 -14.26 -24.56
CA GLY A 94 -78.88 -14.90 -25.75
C GLY A 94 -79.94 -15.49 -26.65
N ALA A 95 -81.11 -15.82 -26.10
CA ALA A 95 -82.19 -16.36 -26.91
C ALA A 95 -83.17 -15.31 -27.41
N ARG A 96 -83.25 -14.15 -26.76
CA ARG A 96 -84.30 -13.19 -27.07
C ARG A 96 -83.79 -11.82 -27.50
N PHE A 97 -82.60 -11.40 -27.08
CA PHE A 97 -82.13 -10.04 -27.31
C PHE A 97 -80.77 -10.03 -27.99
N SER A 98 -80.60 -10.83 -29.03
CA SER A 98 -79.27 -11.03 -29.61
C SER A 98 -79.34 -11.11 -31.12
N ASN A 99 -78.16 -11.17 -31.73
CA ASN A 99 -77.97 -11.45 -33.15
C ASN A 99 -77.29 -12.81 -33.32
N PHE A 100 -77.64 -13.78 -32.47
CA PHE A 100 -76.89 -15.03 -32.40
C PHE A 100 -77.11 -15.90 -33.63
N SER A 101 -78.33 -15.92 -34.17
CA SER A 101 -78.58 -16.67 -35.39
C SER A 101 -77.90 -16.01 -36.59
N SER A 102 -77.78 -14.68 -36.57
CA SER A 102 -77.05 -13.99 -37.63
C SER A 102 -75.55 -14.17 -37.48
N TRP A 103 -75.07 -14.19 -36.23
CA TRP A 103 -73.64 -14.39 -35.99
C TRP A 103 -73.20 -15.80 -36.35
N MET A 104 -74.09 -16.78 -36.22
CA MET A 104 -73.75 -18.16 -36.52
C MET A 104 -73.61 -18.42 -38.01
N THR A 105 -74.17 -17.55 -38.86
CA THR A 105 -74.00 -17.72 -40.30
C THR A 105 -72.57 -17.41 -40.70
N ASP A 106 -72.06 -16.25 -40.31
CA ASP A 106 -70.71 -15.83 -40.65
C ASP A 106 -70.13 -15.12 -39.42
N PRO A 107 -69.32 -15.83 -38.63
CA PRO A 107 -68.80 -15.28 -37.37
C PRO A 107 -67.54 -14.45 -37.50
N ILE A 108 -67.10 -14.21 -38.73
CA ILE A 108 -65.91 -13.41 -38.97
C ILE A 108 -66.25 -11.93 -39.08
N HIS A 109 -67.34 -11.61 -39.76
CA HIS A 109 -67.70 -10.24 -40.08
C HIS A 109 -68.84 -9.70 -39.22
N ILE A 110 -69.41 -10.52 -38.35
CA ILE A 110 -70.50 -10.11 -37.47
C ILE A 110 -69.96 -9.96 -36.06
N LYS A 111 -70.24 -8.82 -35.43
CA LYS A 111 -69.89 -8.62 -34.03
C LYS A 111 -70.98 -9.20 -33.13
N PRO A 112 -70.61 -9.86 -32.04
CA PRO A 112 -71.60 -10.46 -31.15
C PRO A 112 -72.28 -9.40 -30.28
N SER A 113 -73.61 -9.42 -30.24
CA SER A 113 -74.38 -8.54 -29.38
C SER A 113 -75.45 -9.35 -28.66
N ALA A 114 -75.63 -9.08 -27.36
CA ALA A 114 -76.69 -9.74 -26.61
C ALA A 114 -77.36 -8.80 -25.61
N GLN A 115 -77.28 -7.49 -25.82
CA GLN A 115 -77.93 -6.52 -24.93
C GLN A 115 -78.46 -5.37 -25.78
N VAL A 116 -79.77 -5.17 -25.77
CA VAL A 116 -80.40 -4.06 -26.47
C VAL A 116 -80.82 -3.05 -25.41
N VAL A 117 -80.88 -1.78 -25.82
CA VAL A 117 -81.05 -0.66 -24.91
C VAL A 117 -82.31 0.11 -25.31
N TRP A 118 -83.12 0.48 -24.33
CA TRP A 118 -84.37 1.19 -24.58
C TRP A 118 -84.10 2.62 -25.05
N PRO A 119 -85.00 3.19 -25.87
CA PRO A 119 -84.83 4.59 -26.34
C PRO A 119 -85.41 5.62 -25.37
N ILE A 120 -84.74 5.82 -24.24
CA ILE A 120 -85.10 6.85 -23.28
C ILE A 120 -83.86 7.69 -23.00
N PHE A 121 -84.07 9.00 -22.78
CA PHE A 121 -83.03 9.99 -22.50
C PHE A 121 -81.95 10.06 -23.59
N GLY A 122 -82.24 9.61 -24.81
CA GLY A 122 -81.26 9.58 -25.86
C GLY A 122 -80.21 8.49 -25.73
N GLN A 123 -80.37 7.53 -24.82
CA GLN A 123 -79.33 6.53 -24.58
C GLN A 123 -79.32 5.42 -25.61
N GLU A 124 -80.17 5.47 -26.64
CA GLU A 124 -80.20 4.50 -27.72
C GLU A 124 -79.07 4.70 -28.73
N ILE A 125 -78.19 5.70 -28.53
CA ILE A 125 -76.98 5.83 -29.32
C ILE A 125 -76.02 4.66 -29.08
N LEU A 126 -76.11 4.00 -27.92
CA LEU A 126 -75.25 2.88 -27.60
C LEU A 126 -75.60 1.62 -28.38
N ASN A 127 -76.77 1.56 -29.01
CA ASN A 127 -77.11 0.46 -29.89
C ASN A 127 -76.34 0.58 -31.20
N ALA A 128 -75.18 -0.07 -31.28
CA ALA A 128 -74.28 0.06 -32.42
C ALA A 128 -74.60 -0.98 -33.49
N ASP A 129 -74.25 -0.64 -34.73
CA ASP A 129 -74.34 -1.59 -35.84
C ASP A 129 -73.34 -2.71 -35.59
N MET A 130 -73.81 -3.95 -35.49
CA MET A 130 -72.91 -5.09 -35.38
C MET A 130 -72.61 -5.73 -36.73
N GLY A 131 -73.03 -5.10 -37.82
CA GLY A 131 -73.27 -5.82 -39.04
C GLY A 131 -74.68 -6.39 -38.98
N ASP A 132 -75.08 -7.00 -40.11
CA ASP A 132 -76.36 -7.73 -40.32
C ASP A 132 -77.61 -6.93 -39.89
N GLY A 133 -77.51 -5.60 -39.87
CA GLY A 133 -78.63 -4.74 -39.52
C GLY A 133 -79.05 -4.78 -38.06
N PHE A 134 -78.31 -5.44 -37.19
CA PHE A 134 -78.68 -5.54 -35.78
C PHE A 134 -78.04 -4.41 -35.00
N ARG A 135 -78.82 -3.74 -34.16
CA ARG A 135 -78.36 -2.62 -33.35
C ARG A 135 -78.39 -3.01 -31.88
N GLY A 136 -77.22 -3.04 -31.26
CA GLY A 136 -77.12 -3.40 -29.87
C GLY A 136 -75.75 -3.07 -29.31
N ILE A 137 -75.46 -3.64 -28.15
CA ILE A 137 -74.18 -3.45 -27.48
C ILE A 137 -73.32 -4.67 -27.76
N GLN A 138 -72.09 -4.43 -28.24
CA GLN A 138 -71.14 -5.50 -28.53
C GLN A 138 -70.70 -6.15 -27.21
N ILE A 139 -71.12 -7.39 -27.00
CA ILE A 139 -70.73 -8.12 -25.81
C ILE A 139 -69.32 -8.65 -25.97
N THR A 140 -68.58 -8.68 -24.86
CA THR A 140 -67.20 -9.16 -24.85
C THR A 140 -67.01 -10.38 -23.95
N SER A 141 -68.11 -11.00 -23.49
CA SER A 141 -68.00 -12.18 -22.66
C SER A 141 -67.67 -13.44 -23.44
N GLY A 142 -67.91 -13.44 -24.75
CA GLY A 142 -67.65 -14.61 -25.55
C GLY A 142 -68.66 -15.72 -25.37
N LEU A 143 -69.92 -15.37 -25.13
CA LEU A 143 -70.96 -16.38 -25.01
C LEU A 143 -71.24 -17.05 -26.35
N PHE A 144 -71.11 -16.30 -27.45
CA PHE A 144 -71.47 -16.85 -28.76
C PHE A 144 -70.44 -17.88 -29.22
N GLN A 145 -69.16 -17.62 -28.93
CA GLN A 145 -68.12 -18.59 -29.24
C GLN A 145 -68.20 -19.81 -28.34
N MET A 146 -68.67 -19.63 -27.11
CA MET A 146 -68.89 -20.77 -26.23
C MET A 146 -70.07 -21.60 -26.69
N TRP A 147 -71.14 -20.94 -27.12
CA TRP A 147 -72.35 -21.67 -27.53
C TRP A 147 -72.16 -22.39 -28.85
N ARG A 148 -71.36 -21.82 -29.76
CA ARG A 148 -71.09 -22.48 -31.04
C ARG A 148 -70.26 -23.75 -30.83
N GLY A 149 -69.27 -23.69 -29.94
CA GLY A 149 -68.46 -24.86 -29.67
C GLY A 149 -69.20 -25.95 -28.92
N GLU A 150 -70.21 -25.56 -28.12
CA GLU A 150 -71.00 -26.56 -27.40
C GLU A 150 -71.99 -27.27 -28.32
N GLY A 151 -72.43 -26.62 -29.37
CA GLY A 151 -73.32 -27.26 -30.33
C GLY A 151 -74.63 -26.54 -30.53
N PHE A 152 -74.75 -25.35 -29.97
CA PHE A 152 -75.97 -24.56 -30.15
C PHE A 152 -76.05 -24.05 -31.58
N THR A 153 -77.24 -24.14 -32.17
CA THR A 153 -77.47 -23.66 -33.53
C THR A 153 -78.70 -22.77 -33.68
N HIS A 154 -79.62 -22.75 -32.73
CA HIS A 154 -80.83 -21.94 -32.85
C HIS A 154 -81.08 -21.21 -31.54
N GLU A 155 -82.10 -20.35 -31.55
CA GLU A 155 -82.46 -19.56 -30.40
C GLU A 155 -83.59 -20.18 -29.58
N PHE A 156 -84.01 -21.40 -29.88
CA PHE A 156 -84.85 -22.13 -28.94
C PHE A 156 -84.05 -23.05 -28.04
N GLN A 157 -82.89 -23.52 -28.52
CA GLN A 157 -82.00 -24.32 -27.69
C GLN A 157 -81.39 -23.49 -26.56
N LEU A 158 -81.14 -22.21 -26.81
CA LEU A 158 -80.75 -21.31 -25.72
C LEU A 158 -81.93 -20.96 -24.82
N PHE A 159 -83.16 -21.06 -25.34
CA PHE A 159 -84.33 -20.77 -24.53
C PHE A 159 -84.59 -21.89 -23.52
N TRP A 160 -84.52 -23.14 -23.98
CA TRP A 160 -84.72 -24.28 -23.10
C TRP A 160 -83.55 -24.51 -22.15
N THR A 161 -82.40 -23.90 -22.42
CA THR A 161 -81.32 -23.87 -21.45
C THR A 161 -81.57 -22.80 -20.38
N ALA A 162 -82.25 -21.71 -20.77
CA ALA A 162 -82.61 -20.67 -19.81
C ALA A 162 -83.75 -21.11 -18.90
N ILE A 163 -84.64 -21.97 -19.40
CA ILE A 163 -85.70 -22.52 -18.57
C ILE A 163 -85.12 -23.53 -17.58
N GLY A 164 -84.14 -24.32 -18.04
CA GLY A 164 -83.51 -25.30 -17.16
C GLY A 164 -82.68 -24.68 -16.06
N ALA A 165 -82.12 -23.49 -16.31
CA ALA A 165 -81.43 -22.76 -15.26
C ALA A 165 -82.40 -22.05 -14.33
N LEU A 166 -83.58 -21.69 -14.84
CA LEU A 166 -84.61 -21.11 -13.98
C LEU A 166 -85.27 -22.19 -13.12
N VAL A 167 -85.33 -23.42 -13.62
CA VAL A 167 -85.87 -24.53 -12.86
C VAL A 167 -84.89 -24.96 -11.78
N MET A 168 -83.61 -25.09 -12.15
CA MET A 168 -82.61 -25.56 -11.22
C MET A 168 -82.25 -24.52 -10.17
N ALA A 169 -82.53 -23.24 -10.42
CA ALA A 169 -82.40 -22.24 -9.38
C ALA A 169 -83.49 -22.40 -8.33
N ALA A 170 -84.69 -22.79 -8.75
CA ALA A 170 -85.76 -23.08 -7.79
C ALA A 170 -85.51 -24.38 -7.05
N LEU A 171 -84.78 -25.31 -7.68
CA LEU A 171 -84.42 -26.55 -6.99
C LEU A 171 -83.31 -26.31 -5.98
N MET A 172 -82.46 -25.31 -6.20
CA MET A 172 -81.42 -25.00 -5.23
C MET A 172 -81.98 -24.28 -4.01
N MET A 173 -82.96 -23.42 -4.20
CA MET A 173 -83.56 -22.71 -3.07
C MET A 173 -84.67 -23.55 -2.42
N PHE A 174 -84.89 -24.77 -2.89
CA PHE A 174 -85.64 -25.76 -2.12
C PHE A 174 -84.74 -26.68 -1.33
N ALA A 175 -83.58 -27.05 -1.90
CA ALA A 175 -82.63 -27.88 -1.18
C ALA A 175 -81.98 -27.13 -0.02
N GLY A 176 -81.84 -25.82 -0.14
CA GLY A 176 -81.37 -25.04 0.98
C GLY A 176 -82.41 -24.89 2.07
N TRP A 177 -83.68 -24.91 1.70
CA TRP A 177 -84.74 -24.92 2.69
C TRP A 177 -84.90 -26.31 3.31
N PHE A 178 -84.78 -27.36 2.50
CA PHE A 178 -85.00 -28.72 2.99
C PHE A 178 -83.85 -29.17 3.88
N HIS A 179 -82.61 -28.89 3.48
CA HIS A 179 -81.46 -29.31 4.26
C HIS A 179 -81.10 -28.33 5.37
N TYR A 180 -81.92 -27.33 5.63
CA TYR A 180 -81.81 -26.54 6.85
C TYR A 180 -83.08 -26.58 7.69
N HIS A 181 -84.23 -26.20 7.12
CA HIS A 181 -85.44 -26.06 7.90
C HIS A 181 -86.17 -27.38 8.13
N VAL A 182 -85.74 -28.47 7.50
CA VAL A 182 -86.44 -29.74 7.64
C VAL A 182 -85.51 -30.85 8.14
N ARG A 183 -84.49 -31.18 7.36
CA ARG A 183 -83.71 -32.42 7.55
C ARG A 183 -82.22 -32.15 7.48
N ALA A 184 -81.75 -31.20 8.28
CA ALA A 184 -80.35 -30.79 8.27
C ALA A 184 -79.44 -31.91 8.77
N PRO A 185 -78.29 -32.12 8.14
CA PRO A 185 -77.37 -33.16 8.59
C PRO A 185 -76.62 -32.72 9.84
N LYS A 186 -75.93 -33.68 10.45
CA LYS A 186 -75.18 -33.43 11.67
C LYS A 186 -73.69 -33.52 11.37
N LEU A 187 -72.88 -33.34 12.43
CA LEU A 187 -71.49 -32.92 12.27
C LEU A 187 -70.60 -34.03 11.72
N ASP A 188 -70.91 -35.30 12.01
CA ASP A 188 -70.08 -36.39 11.48
C ASP A 188 -70.27 -36.59 9.99
N TRP A 189 -71.39 -36.10 9.43
CA TRP A 189 -71.57 -36.09 7.99
C TRP A 189 -70.68 -35.04 7.33
N PHE A 190 -70.50 -33.90 8.00
CA PHE A 190 -69.63 -32.86 7.49
C PHE A 190 -68.15 -33.21 7.63
N ARG A 191 -67.82 -34.04 8.62
CA ARG A 191 -66.43 -34.40 8.91
C ARG A 191 -65.94 -35.60 8.13
N ASN A 192 -66.79 -36.21 7.31
CA ASN A 192 -66.39 -37.36 6.50
C ASN A 192 -65.63 -36.83 5.29
N TRP A 193 -64.32 -36.59 5.50
CA TRP A 193 -63.48 -36.07 4.43
C TRP A 193 -63.28 -37.09 3.32
N GLU A 194 -63.07 -38.36 3.69
CA GLU A 194 -62.74 -39.39 2.72
C GLU A 194 -63.92 -39.70 1.81
N SER A 195 -65.15 -39.61 2.32
CA SER A 195 -66.32 -39.77 1.47
C SER A 195 -66.55 -38.53 0.62
N MET A 196 -66.25 -37.35 1.17
CA MET A 196 -66.42 -36.11 0.42
C MET A 196 -65.39 -35.99 -0.69
N MET A 197 -64.16 -36.41 -0.44
CA MET A 197 -63.12 -36.36 -1.47
C MET A 197 -63.38 -37.39 -2.55
N ASN A 198 -63.88 -38.57 -2.18
CA ASN A 198 -64.15 -39.61 -3.17
C ASN A 198 -65.33 -39.24 -4.05
N HIS A 199 -66.36 -38.63 -3.47
CA HIS A 199 -67.56 -38.29 -4.22
C HIS A 199 -67.40 -37.03 -5.06
N HIS A 200 -66.42 -36.19 -4.75
CA HIS A 200 -66.20 -34.99 -5.54
C HIS A 200 -65.14 -35.16 -6.60
N LEU A 201 -64.23 -36.12 -6.44
CA LEU A 201 -63.29 -36.45 -7.50
C LEU A 201 -63.93 -37.32 -8.57
N ALA A 202 -64.48 -38.47 -8.16
CA ALA A 202 -65.07 -39.39 -9.11
C ALA A 202 -66.46 -38.97 -9.54
N GLY A 203 -67.25 -38.42 -8.63
CA GLY A 203 -68.64 -38.14 -8.91
C GLY A 203 -68.92 -36.78 -9.50
N LEU A 204 -68.25 -35.74 -9.00
CA LEU A 204 -68.48 -34.40 -9.49
C LEU A 204 -67.57 -34.06 -10.67
N LEU A 205 -66.28 -34.31 -10.54
CA LEU A 205 -65.34 -34.00 -11.61
C LEU A 205 -65.16 -35.14 -12.60
N GLY A 206 -65.23 -36.38 -12.13
CA GLY A 206 -65.05 -37.51 -13.03
C GLY A 206 -66.27 -37.75 -13.90
N LEU A 207 -67.45 -37.80 -13.29
CA LEU A 207 -68.68 -37.98 -14.05
C LEU A 207 -69.14 -36.70 -14.72
N GLY A 208 -68.67 -35.55 -14.25
CA GLY A 208 -68.98 -34.30 -14.94
C GLY A 208 -68.28 -34.17 -16.27
N SER A 209 -67.01 -34.58 -16.32
CA SER A 209 -66.26 -34.50 -17.56
C SER A 209 -66.45 -35.72 -18.46
N LEU A 210 -66.82 -36.86 -17.87
CA LEU A 210 -67.26 -37.99 -18.70
C LEU A 210 -68.61 -37.69 -19.34
N GLY A 211 -69.52 -37.09 -18.57
CA GLY A 211 -70.80 -36.68 -19.12
C GLY A 211 -70.67 -35.59 -20.17
N TRP A 212 -69.69 -34.69 -19.99
CA TRP A 212 -69.46 -33.69 -21.03
C TRP A 212 -68.78 -34.31 -22.25
N ALA A 213 -67.98 -35.36 -22.04
CA ALA A 213 -67.45 -36.13 -23.16
C ALA A 213 -68.53 -36.88 -23.90
N GLY A 214 -69.66 -37.18 -23.24
CA GLY A 214 -70.80 -37.71 -23.96
C GLY A 214 -71.47 -36.66 -24.83
N HIS A 215 -71.56 -35.42 -24.34
CA HIS A 215 -72.15 -34.36 -25.14
C HIS A 215 -71.22 -33.93 -26.27
N LEU A 216 -69.91 -33.98 -26.07
CA LEU A 216 -68.98 -33.61 -27.12
C LEU A 216 -69.03 -34.62 -28.26
N ILE A 217 -69.03 -35.90 -27.93
CA ILE A 217 -68.91 -36.95 -28.93
C ILE A 217 -70.20 -37.09 -29.74
N HIS A 218 -71.34 -37.03 -29.08
CA HIS A 218 -72.61 -37.31 -29.75
C HIS A 218 -73.33 -36.07 -30.24
N VAL A 219 -72.96 -34.87 -29.79
CA VAL A 219 -73.65 -33.66 -30.21
C VAL A 219 -72.66 -32.64 -30.77
N ALA A 220 -71.59 -32.35 -30.02
CA ALA A 220 -70.73 -31.23 -30.38
C ALA A 220 -69.72 -31.58 -31.46
N LEU A 221 -69.21 -32.82 -31.49
CA LEU A 221 -68.36 -33.22 -32.60
C LEU A 221 -69.05 -33.26 -33.97
N PRO A 222 -70.28 -33.79 -34.15
CA PRO A 222 -70.87 -33.70 -35.49
C PRO A 222 -71.31 -32.31 -35.89
N THR A 223 -71.80 -31.50 -34.94
CA THR A 223 -72.32 -30.17 -35.29
C THR A 223 -71.20 -29.22 -35.69
N ASN A 224 -70.04 -29.32 -35.04
CA ASN A 224 -68.91 -28.47 -35.41
C ASN A 224 -68.13 -29.01 -36.60
N LYS A 225 -68.21 -30.32 -36.88
CA LYS A 225 -67.55 -30.85 -38.07
C LYS A 225 -68.29 -30.42 -39.33
N LEU A 226 -69.62 -30.36 -39.27
CA LEU A 226 -70.37 -29.90 -40.43
C LEU A 226 -70.26 -28.39 -40.62
N LEU A 227 -70.12 -27.64 -39.52
CA LEU A 227 -70.01 -26.19 -39.64
C LEU A 227 -68.65 -25.78 -40.19
N ASP A 228 -67.59 -26.49 -39.84
CA ASP A 228 -66.27 -26.17 -40.35
C ASP A 228 -66.05 -26.64 -41.77
N ALA A 229 -66.87 -27.59 -42.24
CA ALA A 229 -66.86 -28.01 -43.63
C ALA A 229 -67.85 -27.22 -44.49
N GLY A 230 -68.36 -26.11 -43.97
CA GLY A 230 -69.20 -25.21 -44.74
C GLY A 230 -70.57 -25.75 -45.09
N VAL A 231 -71.39 -26.01 -44.09
CA VAL A 231 -72.77 -26.46 -44.29
C VAL A 231 -73.69 -25.45 -43.63
N PRO A 232 -74.66 -24.87 -44.34
CA PRO A 232 -75.50 -23.83 -43.76
C PRO A 232 -76.47 -24.38 -42.73
N LEU A 233 -77.02 -23.46 -41.92
CA LEU A 233 -77.69 -23.86 -40.70
C LEU A 233 -79.10 -24.40 -40.90
N GLU A 234 -79.68 -24.32 -42.10
CA GLU A 234 -80.92 -25.08 -42.35
C GLU A 234 -80.64 -26.56 -42.48
N ASP A 235 -79.44 -26.89 -42.94
CA ASP A 235 -79.06 -28.25 -43.29
C ASP A 235 -78.35 -28.95 -42.15
N ILE A 236 -78.10 -28.24 -41.05
CA ILE A 236 -77.53 -28.85 -39.86
C ILE A 236 -78.61 -29.66 -39.17
N PRO A 237 -78.40 -30.95 -38.91
CA PRO A 237 -79.41 -31.72 -38.19
C PRO A 237 -79.49 -31.30 -36.73
N LEU A 238 -80.71 -31.39 -36.19
CA LEU A 238 -80.91 -31.15 -34.77
C LEU A 238 -80.19 -32.24 -33.98
N PRO A 239 -79.62 -31.92 -32.80
CA PRO A 239 -78.60 -32.81 -32.21
C PRO A 239 -79.10 -34.16 -31.70
N HIS A 240 -80.41 -34.40 -31.65
CA HIS A 240 -80.87 -35.75 -31.35
C HIS A 240 -80.84 -36.65 -32.57
N GLU A 241 -80.77 -36.08 -33.78
CA GLU A 241 -80.71 -36.89 -34.99
C GLU A 241 -79.35 -37.51 -35.22
N PHE A 242 -78.32 -37.12 -34.46
CA PHE A 242 -77.06 -37.86 -34.49
C PHE A 242 -77.11 -39.12 -33.62
N ILE A 243 -78.19 -39.34 -32.89
CA ILE A 243 -78.37 -40.52 -32.06
C ILE A 243 -79.46 -41.43 -32.62
N LEU A 244 -80.61 -40.84 -32.99
CA LEU A 244 -81.70 -41.62 -33.60
C LEU A 244 -81.28 -42.15 -34.97
N ASN A 245 -80.83 -41.26 -35.85
CA ASN A 245 -80.21 -41.68 -37.11
C ASN A 245 -78.74 -41.90 -36.81
N LYS A 246 -78.41 -43.12 -36.39
CA LYS A 246 -77.02 -43.48 -36.08
C LYS A 246 -76.16 -43.45 -37.35
N SER A 247 -76.75 -43.73 -38.50
CA SER A 247 -76.03 -43.73 -39.77
C SER A 247 -75.58 -42.34 -40.19
N LEU A 248 -76.16 -41.29 -39.63
CA LEU A 248 -75.79 -39.93 -39.99
C LEU A 248 -74.45 -39.52 -39.38
N MET A 249 -74.00 -40.24 -38.36
CA MET A 249 -72.69 -39.99 -37.77
C MET A 249 -71.63 -40.93 -38.34
N VAL A 250 -72.05 -41.90 -39.15
CA VAL A 250 -71.12 -42.86 -39.73
C VAL A 250 -70.26 -42.19 -40.81
N ASP A 251 -70.86 -41.30 -41.62
CA ASP A 251 -70.04 -40.73 -42.68
C ASP A 251 -69.14 -39.61 -42.16
N LEU A 252 -69.45 -39.03 -41.00
CA LEU A 252 -68.49 -38.10 -40.42
C LEU A 252 -67.39 -38.85 -39.66
N TYR A 253 -67.75 -39.95 -39.00
CA TYR A 253 -66.79 -40.74 -38.24
C TYR A 253 -67.08 -42.22 -38.52
N PRO A 254 -66.25 -42.89 -39.33
CA PRO A 254 -66.55 -44.28 -39.71
C PRO A 254 -66.37 -45.28 -38.58
N SER A 255 -65.71 -44.91 -37.48
CA SER A 255 -65.55 -45.80 -36.34
C SER A 255 -66.83 -46.02 -35.55
N PHE A 256 -67.87 -45.25 -35.82
CA PHE A 256 -69.15 -45.42 -35.14
C PHE A 256 -69.95 -46.59 -35.68
N ALA A 257 -69.62 -47.08 -36.88
CA ALA A 257 -70.27 -48.27 -37.42
C ALA A 257 -69.86 -49.53 -36.66
N GLU A 258 -68.70 -49.51 -36.05
CA GLU A 258 -68.16 -50.62 -35.28
C GLU A 258 -68.51 -50.51 -33.79
N GLY A 259 -69.19 -49.42 -33.39
CA GLY A 259 -69.93 -49.36 -32.14
C GLY A 259 -69.08 -49.20 -30.89
N VAL A 260 -69.71 -49.46 -29.73
CA VAL A 260 -69.03 -49.44 -28.44
C VAL A 260 -68.17 -50.68 -28.21
N LYS A 261 -68.18 -51.61 -29.15
CA LYS A 261 -67.46 -52.88 -29.00
C LYS A 261 -65.94 -52.77 -28.90
N PRO A 262 -65.23 -51.87 -29.61
CA PRO A 262 -63.78 -51.76 -29.34
C PRO A 262 -63.42 -51.14 -27.99
N PHE A 263 -64.37 -50.49 -27.30
CA PHE A 263 -64.03 -49.94 -26.00
C PHE A 263 -63.89 -51.03 -24.95
N PHE A 264 -64.80 -52.01 -24.95
CA PHE A 264 -64.77 -53.07 -23.96
C PHE A 264 -63.68 -54.10 -24.23
N THR A 265 -63.21 -54.21 -25.47
CA THR A 265 -62.17 -55.17 -25.83
C THR A 265 -60.79 -54.53 -25.89
N LEU A 266 -60.68 -53.27 -25.46
CA LEU A 266 -59.43 -52.49 -25.42
C LEU A 266 -58.78 -52.35 -26.79
N ASN A 267 -59.59 -52.35 -27.85
CA ASN A 267 -59.10 -51.99 -29.18
C ASN A 267 -59.38 -50.51 -29.42
N TRP A 268 -58.78 -49.69 -28.55
CA TRP A 268 -59.11 -48.27 -28.50
C TRP A 268 -58.64 -47.51 -29.72
N SER A 269 -57.64 -48.03 -30.45
CA SER A 269 -57.14 -47.40 -31.67
C SER A 269 -58.13 -47.46 -32.82
N ALA A 270 -59.22 -48.21 -32.69
CA ALA A 270 -60.31 -48.11 -33.65
C ALA A 270 -60.98 -46.75 -33.62
N TYR A 271 -61.01 -46.10 -32.46
CA TYR A 271 -61.70 -44.83 -32.27
C TYR A 271 -60.87 -43.62 -32.69
N ALA A 272 -59.72 -43.81 -33.33
CA ALA A 272 -58.77 -42.71 -33.51
C ALA A 272 -59.12 -41.81 -34.69
N ASP A 273 -60.36 -41.35 -34.76
CA ASP A 273 -60.76 -40.31 -35.68
C ASP A 273 -61.71 -39.29 -35.04
N PHE A 274 -62.28 -39.59 -33.88
CA PHE A 274 -63.00 -38.62 -33.08
C PHE A 274 -62.39 -38.38 -31.71
N LEU A 275 -61.41 -39.19 -31.31
CA LEU A 275 -60.57 -38.93 -30.14
C LEU A 275 -59.14 -38.89 -30.66
N THR A 276 -58.61 -37.69 -30.88
CA THR A 276 -57.32 -37.56 -31.53
C THR A 276 -56.37 -36.75 -30.67
N PHE A 277 -55.09 -37.08 -30.75
CA PHE A 277 -54.04 -36.30 -30.09
C PHE A 277 -53.34 -35.38 -31.08
N LYS A 278 -54.10 -34.42 -31.61
CA LYS A 278 -53.60 -33.62 -32.73
C LYS A 278 -52.68 -32.49 -32.26
N GLY A 279 -53.22 -31.55 -31.49
CA GLY A 279 -52.53 -30.31 -31.20
C GLY A 279 -52.77 -29.26 -32.27
N GLY A 280 -52.31 -28.06 -31.98
CA GLY A 280 -52.51 -26.96 -32.91
C GLY A 280 -53.92 -26.41 -32.86
N LEU A 281 -54.25 -25.62 -33.87
CA LEU A 281 -55.54 -25.00 -33.97
C LEU A 281 -56.25 -25.44 -35.26
N ASN A 282 -57.57 -25.33 -35.23
CA ASN A 282 -58.36 -25.55 -36.43
C ASN A 282 -58.14 -24.39 -37.39
N PRO A 283 -57.70 -24.63 -38.63
CA PRO A 283 -57.45 -23.52 -39.57
C PRO A 283 -58.71 -22.83 -40.07
N VAL A 284 -59.89 -23.34 -39.77
CA VAL A 284 -61.12 -22.67 -40.17
C VAL A 284 -61.60 -21.71 -39.07
N THR A 285 -61.57 -22.15 -37.82
CA THR A 285 -62.10 -21.37 -36.71
C THR A 285 -61.02 -20.68 -35.89
N GLY A 286 -59.84 -21.27 -35.76
CA GLY A 286 -58.84 -20.79 -34.84
C GLY A 286 -58.91 -21.40 -33.46
N GLY A 287 -59.99 -22.12 -33.17
CA GLY A 287 -60.11 -22.82 -31.90
C GLY A 287 -59.30 -24.09 -31.88
N LEU A 288 -59.33 -24.76 -30.73
CA LEU A 288 -58.72 -26.06 -30.62
C LEU A 288 -59.52 -27.09 -31.41
N TRP A 289 -58.86 -28.20 -31.74
CA TRP A 289 -59.54 -29.29 -32.44
C TRP A 289 -60.53 -29.95 -31.49
N MET A 290 -61.77 -30.12 -31.98
CA MET A 290 -62.82 -30.66 -31.13
C MET A 290 -62.59 -32.13 -30.78
N THR A 291 -61.89 -32.87 -31.64
CA THR A 291 -61.54 -34.24 -31.30
C THR A 291 -60.42 -34.31 -30.27
N ASP A 292 -59.60 -33.26 -30.13
CA ASP A 292 -58.69 -33.20 -29.00
C ASP A 292 -59.44 -32.85 -27.72
N ILE A 293 -60.50 -32.06 -27.83
CA ILE A 293 -61.28 -31.65 -26.66
C ILE A 293 -62.04 -32.84 -26.09
N ALA A 294 -62.56 -33.71 -26.97
CA ALA A 294 -63.29 -34.89 -26.52
C ALA A 294 -62.36 -35.90 -25.85
N HIS A 295 -61.20 -36.16 -26.45
CA HIS A 295 -60.23 -37.07 -25.84
C HIS A 295 -59.59 -36.47 -24.59
N HIS A 296 -59.61 -35.14 -24.45
CA HIS A 296 -59.21 -34.51 -23.19
C HIS A 296 -60.20 -34.84 -22.08
N HIS A 297 -61.49 -34.60 -22.33
CA HIS A 297 -62.52 -34.84 -21.33
C HIS A 297 -62.83 -36.32 -21.13
N VAL A 298 -62.28 -37.19 -21.97
CA VAL A 298 -62.31 -38.63 -21.71
C VAL A 298 -61.16 -39.03 -20.80
N ALA A 299 -59.96 -38.51 -21.07
CA ALA A 299 -58.78 -38.94 -20.32
C ALA A 299 -58.77 -38.40 -18.90
N ILE A 300 -59.24 -37.17 -18.70
CA ILE A 300 -59.33 -36.63 -17.35
C ILE A 300 -60.50 -37.23 -16.60
N ALA A 301 -61.50 -37.78 -17.30
CA ALA A 301 -62.60 -38.45 -16.64
C ALA A 301 -62.14 -39.76 -16.01
N VAL A 302 -61.34 -40.52 -16.75
CA VAL A 302 -60.76 -41.75 -16.21
C VAL A 302 -59.77 -41.43 -15.09
N LEU A 303 -59.04 -40.33 -15.24
CA LEU A 303 -58.06 -39.94 -14.22
C LEU A 303 -58.73 -39.43 -12.95
N PHE A 304 -59.92 -38.84 -13.06
CA PHE A 304 -60.61 -38.34 -11.87
C PHE A 304 -61.42 -39.43 -11.18
N ILE A 305 -61.98 -40.37 -11.93
CA ILE A 305 -62.72 -41.49 -11.33
C ILE A 305 -61.74 -42.43 -10.62
N ILE A 306 -60.55 -42.60 -11.19
CA ILE A 306 -59.48 -43.31 -10.50
C ILE A 306 -59.08 -42.57 -9.23
N ALA A 307 -59.00 -41.24 -9.29
CA ALA A 307 -58.66 -40.42 -8.12
C ALA A 307 -59.74 -40.49 -7.04
N GLY A 308 -60.98 -40.78 -7.41
CA GLY A 308 -62.06 -40.89 -6.45
C GLY A 308 -62.20 -42.26 -5.83
N HIS A 309 -61.14 -43.06 -5.90
CA HIS A 309 -61.05 -44.33 -5.18
C HIS A 309 -59.81 -44.37 -4.31
N PHE A 310 -59.24 -43.20 -4.02
CA PHE A 310 -58.01 -43.11 -3.25
C PHE A 310 -58.26 -43.20 -1.75
N TYR A 311 -59.44 -42.78 -1.29
CA TYR A 311 -59.69 -42.58 0.13
C TYR A 311 -60.55 -43.69 0.71
N ARG A 312 -60.28 -44.05 1.96
CA ARG A 312 -60.94 -45.16 2.62
C ARG A 312 -62.19 -44.68 3.33
N THR A 313 -63.34 -45.20 2.93
CA THR A 313 -64.62 -44.71 3.44
C THR A 313 -65.35 -45.73 4.30
N ASN A 314 -65.68 -46.90 3.75
CA ASN A 314 -66.54 -47.85 4.45
C ASN A 314 -66.11 -49.29 4.25
N TRP A 315 -64.99 -49.53 3.58
CA TRP A 315 -64.72 -50.86 3.06
C TRP A 315 -63.26 -51.30 3.24
N GLY A 316 -62.49 -50.61 4.08
CA GLY A 316 -61.14 -51.04 4.40
C GLY A 316 -60.08 -50.60 3.40
N ILE A 317 -60.43 -50.58 2.12
CA ILE A 317 -59.49 -50.22 1.07
C ILE A 317 -59.39 -48.70 0.99
N GLY A 318 -58.16 -48.22 0.82
CA GLY A 318 -57.92 -46.80 0.63
C GLY A 318 -56.98 -46.22 1.67
N HIS A 319 -56.65 -44.96 1.46
CA HIS A 319 -55.84 -44.19 2.38
C HIS A 319 -56.75 -43.33 3.25
N SER A 320 -56.32 -43.09 4.48
CA SER A 320 -57.02 -42.17 5.35
C SER A 320 -56.23 -40.88 5.45
N PHE A 321 -56.95 -39.79 5.72
CA PHE A 321 -56.32 -38.48 5.83
C PHE A 321 -55.41 -38.38 7.04
N ARG A 322 -55.76 -39.07 8.13
CA ARG A 322 -54.98 -38.97 9.36
C ARG A 322 -53.67 -39.74 9.24
N GLU A 323 -53.71 -40.95 8.67
CA GLU A 323 -52.50 -41.74 8.45
C GLU A 323 -51.56 -41.09 7.44
N LEU A 324 -52.09 -40.31 6.49
CA LEU A 324 -51.20 -39.60 5.59
C LEU A 324 -50.55 -38.41 6.28
N LEU A 325 -51.28 -37.75 7.18
CA LEU A 325 -50.74 -36.59 7.88
C LEU A 325 -49.90 -36.99 9.08
N ASP A 326 -50.19 -38.11 9.75
CA ASP A 326 -49.38 -38.45 10.90
C ASP A 326 -48.05 -39.07 10.52
N ASP A 327 -47.83 -39.40 9.25
CA ASP A 327 -46.59 -40.02 8.84
C ASP A 327 -45.60 -39.03 8.25
N ALA A 328 -46.05 -37.85 7.83
CA ALA A 328 -45.18 -36.83 7.24
C ALA A 328 -44.42 -36.12 8.34
N ARG A 329 -43.29 -36.71 8.75
CA ARG A 329 -42.49 -36.23 9.86
C ARG A 329 -41.14 -36.92 9.80
N THR A 330 -40.19 -36.41 10.58
CA THR A 330 -38.98 -37.19 10.72
C THR A 330 -39.22 -38.34 11.70
N PRO A 331 -38.61 -39.51 11.48
CA PRO A 331 -37.61 -39.88 10.46
C PRO A 331 -38.20 -40.52 9.20
N LYS A 332 -39.48 -40.26 8.92
CA LYS A 332 -40.12 -40.89 7.78
C LYS A 332 -39.96 -40.11 6.48
N MET A 333 -39.66 -38.82 6.55
CA MET A 333 -39.50 -38.01 5.35
C MET A 333 -38.13 -38.26 4.72
N LEU A 334 -37.88 -37.57 3.60
CA LEU A 334 -36.55 -37.53 3.03
C LEU A 334 -35.60 -36.79 3.96
N PRO A 335 -34.30 -37.12 3.94
CA PRO A 335 -33.35 -36.40 4.79
C PRO A 335 -33.12 -34.95 4.41
N ILE A 336 -33.55 -34.52 3.22
CA ILE A 336 -33.50 -33.10 2.89
C ILE A 336 -34.53 -32.34 3.71
N PHE A 337 -35.61 -33.01 4.14
CA PHE A 337 -36.68 -32.38 4.91
C PHE A 337 -36.61 -32.76 6.39
N ASN A 338 -35.40 -32.91 6.94
CA ASN A 338 -35.26 -33.17 8.37
C ASN A 338 -35.56 -31.94 9.22
N PHE A 339 -35.64 -30.75 8.62
CA PHE A 339 -35.86 -29.54 9.40
C PHE A 339 -37.29 -29.44 9.92
N ILE A 340 -38.25 -30.15 9.33
CA ILE A 340 -39.64 -30.04 9.77
C ILE A 340 -39.90 -30.75 11.09
N GLY A 341 -38.97 -31.58 11.56
CA GLY A 341 -39.00 -32.04 12.92
C GLY A 341 -39.81 -33.31 13.15
N PRO A 342 -39.84 -33.76 14.40
CA PRO A 342 -40.43 -35.09 14.69
C PRO A 342 -41.94 -35.14 14.68
N VAL A 343 -42.63 -34.02 14.89
CA VAL A 343 -44.08 -34.04 14.87
C VAL A 343 -44.59 -33.91 13.44
N GLY A 344 -44.02 -32.96 12.69
CA GLY A 344 -44.35 -32.78 11.29
C GLY A 344 -45.76 -32.29 11.03
N HIS A 345 -46.58 -33.12 10.39
CA HIS A 345 -47.94 -32.77 10.06
C HIS A 345 -48.95 -33.43 10.98
N ARG A 346 -48.53 -33.82 12.18
CA ARG A 346 -49.35 -34.74 12.98
C ARG A 346 -50.55 -34.06 13.63
N GLY A 347 -50.42 -32.79 14.03
CA GLY A 347 -51.55 -32.13 14.65
C GLY A 347 -52.49 -31.43 13.71
N LEU A 348 -52.31 -31.56 12.40
CA LEU A 348 -53.02 -30.73 11.44
C LEU A 348 -54.44 -31.20 11.14
N ASP A 349 -54.80 -32.44 11.47
CA ASP A 349 -56.13 -32.91 11.11
C ASP A 349 -57.20 -32.33 12.03
N LYS A 350 -56.82 -31.80 13.19
CA LYS A 350 -57.78 -31.11 14.04
C LYS A 350 -58.15 -29.73 13.51
N ILE A 351 -57.33 -29.17 12.61
CA ILE A 351 -57.72 -27.94 11.92
C ILE A 351 -58.93 -28.20 11.03
N PHE A 352 -58.88 -29.27 10.25
CA PHE A 352 -59.91 -29.60 9.29
C PHE A 352 -61.14 -30.23 9.93
N GLU A 353 -61.03 -30.64 11.19
CA GLU A 353 -62.20 -31.07 11.95
C GLU A 353 -63.03 -29.88 12.41
N THR A 354 -62.39 -28.76 12.72
CA THR A 354 -63.03 -27.68 13.45
C THR A 354 -63.15 -26.37 12.70
N SER A 355 -62.23 -26.06 11.79
CA SER A 355 -62.12 -24.72 11.22
C SER A 355 -62.66 -24.71 9.79
N TRP A 356 -63.77 -24.01 9.60
CA TRP A 356 -64.27 -23.73 8.27
C TRP A 356 -63.48 -22.63 7.59
N HIS A 357 -62.95 -21.68 8.37
CA HIS A 357 -62.17 -20.58 7.82
C HIS A 357 -60.86 -21.07 7.20
N ALA A 358 -60.25 -22.10 7.79
CA ALA A 358 -59.00 -22.62 7.26
C ALA A 358 -59.20 -23.37 5.96
N ASN A 359 -60.35 -24.01 5.78
CA ASN A 359 -60.65 -24.64 4.50
C ASN A 359 -61.01 -23.60 3.45
N LEU A 360 -61.67 -22.52 3.85
CA LEU A 360 -61.95 -21.42 2.92
C LEU A 360 -60.67 -20.72 2.48
N ALA A 361 -59.66 -20.72 3.35
CA ALA A 361 -58.38 -20.12 3.00
C ALA A 361 -57.67 -20.90 1.89
N ILE A 362 -57.73 -22.23 1.96
CA ILE A 362 -57.08 -23.05 0.93
C ILE A 362 -57.87 -23.00 -0.37
N HIS A 363 -59.20 -23.03 -0.27
CA HIS A 363 -60.03 -23.18 -1.47
C HIS A 363 -60.10 -21.87 -2.26
N LEU A 364 -60.02 -20.73 -1.59
CA LEU A 364 -59.95 -19.47 -2.29
C LEU A 364 -58.61 -19.28 -2.99
N VAL A 365 -57.55 -19.85 -2.42
CA VAL A 365 -56.23 -19.82 -3.07
C VAL A 365 -56.25 -20.64 -4.35
N GLN A 366 -56.86 -21.82 -4.32
CA GLN A 366 -56.86 -22.68 -5.49
C GLN A 366 -57.87 -22.26 -6.54
N PHE A 367 -58.91 -21.51 -6.18
CA PHE A 367 -59.72 -20.86 -7.20
C PHE A 367 -58.96 -19.73 -7.86
N GLY A 368 -58.03 -19.11 -7.14
CA GLY A 368 -57.12 -18.18 -7.78
C GLY A 368 -56.14 -18.87 -8.70
N THR A 369 -55.68 -20.07 -8.32
CA THR A 369 -54.79 -20.85 -9.17
C THR A 369 -55.52 -21.32 -10.43
N ALA A 370 -56.78 -21.74 -10.28
CA ALA A 370 -57.54 -22.21 -11.43
C ALA A 370 -57.88 -21.08 -12.39
N SER A 371 -58.29 -19.92 -11.84
CA SER A 371 -58.67 -18.80 -12.69
C SER A 371 -57.45 -18.16 -13.35
N LEU A 372 -56.28 -18.27 -12.73
CA LEU A 372 -55.05 -17.83 -13.39
C LEU A 372 -54.65 -18.78 -14.52
N LEU A 373 -54.91 -20.08 -14.34
CA LEU A 373 -54.69 -21.02 -15.42
C LEU A 373 -55.68 -20.80 -16.55
N VAL A 374 -56.91 -20.44 -16.22
CA VAL A 374 -57.92 -20.14 -17.24
C VAL A 374 -57.52 -18.91 -18.04
N ALA A 375 -56.89 -17.93 -17.40
CA ALA A 375 -56.44 -16.74 -18.13
C ALA A 375 -55.29 -17.07 -19.08
N HIS A 376 -54.25 -17.75 -18.58
CA HIS A 376 -53.05 -17.98 -19.39
C HIS A 376 -53.28 -19.03 -20.46
N HIS A 377 -54.10 -20.04 -20.18
CA HIS A 377 -54.24 -21.14 -21.14
C HIS A 377 -55.28 -20.89 -22.20
N MET A 378 -56.24 -19.98 -21.98
CA MET A 378 -57.26 -19.74 -22.98
C MET A 378 -56.88 -18.69 -24.00
N TYR A 379 -55.90 -17.83 -23.72
CA TYR A 379 -55.41 -16.97 -24.80
C TYR A 379 -54.48 -17.74 -25.72
N ALA A 380 -53.64 -18.62 -25.16
CA ALA A 380 -52.58 -19.27 -25.91
C ALA A 380 -53.02 -20.57 -26.56
N MET A 381 -53.99 -21.25 -25.97
CA MET A 381 -54.64 -22.42 -26.58
C MET A 381 -56.13 -22.11 -26.61
N PRO A 382 -56.58 -21.31 -27.58
CA PRO A 382 -57.98 -20.83 -27.58
C PRO A 382 -58.94 -21.98 -27.86
N PRO A 383 -59.84 -22.26 -26.93
CA PRO A 383 -60.65 -23.48 -27.00
C PRO A 383 -61.98 -23.34 -27.72
N TYR A 384 -62.36 -22.13 -28.15
CA TYR A 384 -63.66 -21.93 -28.74
C TYR A 384 -63.53 -21.50 -30.19
N PRO A 385 -64.49 -21.84 -31.05
CA PRO A 385 -64.43 -21.41 -32.45
C PRO A 385 -64.59 -19.91 -32.60
N TYR A 386 -63.73 -19.32 -33.43
CA TYR A 386 -63.70 -17.89 -33.77
C TYR A 386 -63.53 -17.01 -32.53
N LEU A 387 -62.80 -17.53 -31.54
CA LEU A 387 -62.53 -16.81 -30.31
C LEU A 387 -61.26 -15.98 -30.43
N ALA A 388 -60.19 -16.58 -30.96
CA ALA A 388 -58.86 -16.00 -30.96
C ALA A 388 -58.73 -14.75 -31.84
N THR A 389 -59.60 -14.61 -32.84
CA THR A 389 -59.59 -13.43 -33.69
C THR A 389 -60.61 -12.39 -33.25
N ASP A 390 -61.43 -12.69 -32.26
CA ASP A 390 -62.27 -11.70 -31.59
C ASP A 390 -61.41 -11.10 -30.49
N TYR A 391 -60.77 -9.98 -30.80
CA TYR A 391 -59.75 -9.43 -29.91
C TYR A 391 -60.35 -8.74 -28.70
N ALA A 392 -61.59 -8.26 -28.81
CA ALA A 392 -62.27 -7.68 -27.65
C ALA A 392 -62.64 -8.75 -26.64
N THR A 393 -62.87 -9.98 -27.10
CA THR A 393 -63.24 -11.07 -26.21
C THR A 393 -62.01 -11.67 -25.52
N VAL A 394 -60.92 -11.85 -26.27
CA VAL A 394 -59.68 -12.39 -25.71
C VAL A 394 -59.10 -11.43 -24.67
N THR A 395 -59.23 -10.13 -24.91
CA THR A 395 -58.84 -9.12 -23.91
C THR A 395 -59.68 -9.24 -22.66
N SER A 396 -61.00 -9.27 -22.83
CA SER A 396 -61.92 -9.26 -21.69
C SER A 396 -61.86 -10.57 -20.91
N LEU A 397 -61.63 -11.70 -21.57
CA LEU A 397 -61.60 -12.98 -20.88
C LEU A 397 -60.34 -13.16 -20.05
N PHE A 398 -59.19 -12.71 -20.58
CA PHE A 398 -57.96 -12.74 -19.80
C PHE A 398 -58.05 -11.80 -18.61
N THR A 399 -58.56 -10.58 -18.83
CA THR A 399 -58.57 -9.56 -17.80
C THR A 399 -59.54 -9.91 -16.67
N HIS A 400 -60.69 -10.49 -17.02
CA HIS A 400 -61.68 -10.86 -16.03
C HIS A 400 -61.17 -11.96 -15.10
N HIS A 401 -60.63 -13.03 -15.67
CA HIS A 401 -60.21 -14.16 -14.87
C HIS A 401 -58.89 -13.92 -14.16
N VAL A 402 -58.11 -12.92 -14.58
CA VAL A 402 -56.99 -12.49 -13.75
C VAL A 402 -57.51 -11.77 -12.50
N TRP A 403 -58.50 -10.88 -12.66
CA TRP A 403 -59.02 -10.12 -11.54
C TRP A 403 -59.81 -10.98 -10.57
N ILE A 404 -60.53 -11.99 -11.07
CA ILE A 404 -61.23 -12.93 -10.20
C ILE A 404 -60.23 -13.71 -9.35
N ALA A 405 -59.09 -14.06 -9.94
CA ALA A 405 -58.08 -14.82 -9.23
C ALA A 405 -57.38 -13.99 -8.16
N GLY A 406 -57.17 -12.69 -8.43
CA GLY A 406 -56.46 -11.86 -7.48
C GLY A 406 -57.27 -11.51 -6.25
N PHE A 407 -58.59 -11.36 -6.40
CA PHE A 407 -59.44 -11.18 -5.23
C PHE A 407 -59.52 -12.46 -4.42
N CYS A 408 -59.54 -13.62 -5.09
CA CYS A 408 -59.62 -14.90 -4.41
C CYS A 408 -58.35 -15.20 -3.61
N ILE A 409 -57.20 -14.75 -4.09
CA ILE A 409 -55.94 -14.99 -3.38
C ILE A 409 -55.87 -14.14 -2.11
N VAL A 410 -56.33 -12.88 -2.19
CA VAL A 410 -56.38 -12.01 -1.02
C VAL A 410 -57.38 -12.55 0.01
N GLY A 411 -58.48 -13.13 -0.47
CA GLY A 411 -59.42 -13.77 0.44
C GLY A 411 -58.88 -15.04 1.07
N GLY A 412 -58.00 -15.75 0.37
CA GLY A 412 -57.33 -16.90 0.97
C GLY A 412 -56.40 -16.48 2.09
N ALA A 413 -55.74 -15.34 1.95
CA ALA A 413 -54.89 -14.83 3.01
C ALA A 413 -55.70 -14.16 4.12
N ALA A 414 -56.89 -13.64 3.78
CA ALA A 414 -57.73 -13.02 4.80
C ALA A 414 -58.31 -14.07 5.74
N HIS A 415 -58.84 -15.16 5.19
CA HIS A 415 -59.42 -16.21 6.00
C HIS A 415 -58.37 -17.17 6.56
N ALA A 416 -57.11 -17.03 6.16
CA ALA A 416 -56.03 -17.67 6.88
C ALA A 416 -55.74 -16.94 8.18
N ALA A 417 -55.85 -15.62 8.16
CA ALA A 417 -55.63 -14.82 9.36
C ALA A 417 -56.81 -14.92 10.32
N ILE A 418 -58.02 -15.11 9.80
CA ILE A 418 -59.19 -15.30 10.65
C ILE A 418 -59.09 -16.64 11.39
N PHE A 419 -58.54 -17.66 10.74
CA PHE A 419 -58.34 -18.95 11.39
C PHE A 419 -57.35 -18.86 12.53
N LEU A 420 -56.24 -18.14 12.32
CA LEU A 420 -55.21 -18.05 13.36
C LEU A 420 -55.68 -17.22 14.55
N VAL A 421 -56.57 -16.26 14.32
CA VAL A 421 -57.07 -15.44 15.41
C VAL A 421 -58.19 -16.16 16.17
N ARG A 422 -59.12 -16.79 15.46
CA ARG A 422 -60.34 -17.31 16.06
C ARG A 422 -60.31 -18.81 16.31
N ASP A 423 -59.89 -19.59 15.31
CA ASP A 423 -60.05 -21.04 15.28
C ASP A 423 -58.81 -21.80 15.74
N TYR A 424 -57.65 -21.16 15.74
CA TYR A 424 -56.40 -21.85 16.05
C TYR A 424 -56.25 -22.03 17.56
N ASN A 425 -56.06 -23.27 17.98
CA ASN A 425 -55.79 -23.64 19.36
C ASN A 425 -54.35 -24.11 19.47
N PRO A 426 -53.50 -23.45 20.27
CA PRO A 426 -52.07 -23.84 20.31
C PRO A 426 -51.80 -25.18 20.99
N ALA A 427 -52.76 -25.75 21.72
CA ALA A 427 -52.55 -27.07 22.32
C ALA A 427 -52.51 -28.17 21.28
N ASP A 428 -53.24 -27.99 20.18
CA ASP A 428 -53.23 -28.94 19.08
C ASP A 428 -51.93 -28.92 18.29
N HIS A 429 -51.16 -27.85 18.39
CA HIS A 429 -50.01 -27.61 17.51
C HIS A 429 -48.80 -27.30 18.38
N VAL A 430 -48.14 -28.37 18.83
CA VAL A 430 -46.90 -28.26 19.59
C VAL A 430 -45.82 -28.94 18.77
N ASN A 431 -44.86 -28.13 18.29
CA ASN A 431 -43.70 -28.54 17.50
C ASN A 431 -44.07 -29.18 16.16
N ASN A 432 -45.26 -28.91 15.62
CA ASN A 432 -45.61 -29.36 14.29
C ASN A 432 -45.32 -28.23 13.29
N VAL A 433 -45.72 -28.42 12.02
CA VAL A 433 -45.35 -27.46 10.98
C VAL A 433 -46.08 -26.13 11.11
N LEU A 434 -47.24 -26.10 11.79
CA LEU A 434 -47.88 -24.82 12.05
C LEU A 434 -47.19 -24.08 13.20
N ASP A 435 -46.78 -24.81 14.23
CA ASP A 435 -46.12 -24.19 15.38
C ASP A 435 -44.72 -23.71 15.01
N ARG A 436 -44.00 -24.48 14.19
CA ARG A 436 -42.63 -24.12 13.83
C ARG A 436 -42.59 -22.96 12.84
N THR A 437 -43.64 -22.80 12.04
CA THR A 437 -43.72 -21.64 11.15
C THR A 437 -43.90 -20.35 11.95
N LEU A 438 -44.72 -20.40 13.00
CA LEU A 438 -44.89 -19.24 13.86
C LEU A 438 -43.67 -18.96 14.72
N ARG A 439 -42.76 -19.92 14.85
CA ARG A 439 -41.56 -19.73 15.66
C ARG A 439 -40.35 -19.28 14.86
N HIS A 440 -40.48 -19.15 13.55
CA HIS A 440 -39.42 -18.49 12.77
C HIS A 440 -40.03 -17.48 11.81
N ARG A 441 -41.12 -16.82 12.24
CA ARG A 441 -41.79 -15.83 11.41
C ARG A 441 -40.92 -14.59 11.18
N ASP A 442 -39.97 -14.32 12.09
CA ASP A 442 -39.04 -13.22 11.87
C ASP A 442 -38.04 -13.55 10.78
N THR A 443 -37.67 -14.80 10.62
CA THR A 443 -36.79 -15.13 9.52
C THR A 443 -37.54 -15.13 8.19
N VAL A 444 -38.82 -15.48 8.21
CA VAL A 444 -39.61 -15.58 6.99
C VAL A 444 -39.91 -14.20 6.44
N VAL A 445 -40.32 -13.28 7.31
CA VAL A 445 -40.72 -11.95 6.88
C VAL A 445 -39.51 -11.11 6.49
N SER A 446 -38.41 -11.23 7.23
CA SER A 446 -37.22 -10.44 6.90
C SER A 446 -36.51 -10.96 5.65
N HIS A 447 -36.57 -12.27 5.39
CA HIS A 447 -36.04 -12.78 4.14
C HIS A 447 -36.94 -12.40 2.97
N LEU A 448 -38.25 -12.34 3.19
CA LEU A 448 -39.15 -11.88 2.16
C LEU A 448 -38.98 -10.39 1.91
N ALA A 449 -38.75 -9.61 2.98
CA ALA A 449 -38.53 -8.18 2.84
C ALA A 449 -37.24 -7.87 2.08
N TRP A 450 -36.22 -8.72 2.22
CA TRP A 450 -34.99 -8.52 1.45
C TRP A 450 -35.20 -8.80 -0.03
N VAL A 451 -35.89 -9.90 -0.35
CA VAL A 451 -36.05 -10.27 -1.76
C VAL A 451 -37.03 -9.35 -2.45
N CYS A 452 -37.92 -8.68 -1.71
CA CYS A 452 -38.76 -7.64 -2.30
C CYS A 452 -37.93 -6.42 -2.65
N GLN A 453 -36.94 -6.09 -1.81
CA GLN A 453 -36.07 -4.96 -2.12
C GLN A 453 -35.12 -5.29 -3.26
N PHE A 454 -34.64 -6.54 -3.32
CA PHE A 454 -33.81 -6.97 -4.44
C PHE A 454 -34.59 -6.92 -5.75
N LEU A 455 -35.84 -7.38 -5.73
CA LEU A 455 -36.63 -7.42 -6.95
C LEU A 455 -37.09 -6.03 -7.37
N GLY A 456 -37.28 -5.11 -6.42
CA GLY A 456 -37.65 -3.76 -6.78
C GLY A 456 -36.52 -2.96 -7.37
N PHE A 457 -35.30 -3.19 -6.88
CA PHE A 457 -34.14 -2.56 -7.48
C PHE A 457 -33.84 -3.18 -8.83
N HIS A 458 -33.78 -4.50 -8.90
CA HIS A 458 -33.36 -5.18 -10.12
C HIS A 458 -34.53 -5.47 -11.07
N SER A 459 -35.68 -4.84 -10.89
CA SER A 459 -36.63 -4.71 -11.99
C SER A 459 -37.00 -3.26 -12.28
N PHE A 460 -37.51 -2.51 -11.30
CA PHE A 460 -38.09 -1.21 -11.58
C PHE A 460 -37.02 -0.14 -11.75
N ALA A 461 -35.97 -0.18 -10.93
CA ALA A 461 -34.90 0.81 -11.05
C ALA A 461 -34.10 0.63 -12.33
N MET A 462 -34.20 -0.51 -12.99
CA MET A 462 -33.64 -0.67 -14.33
C MET A 462 -34.49 0.03 -15.38
N TYR A 463 -35.80 0.21 -15.13
CA TYR A 463 -36.60 1.06 -16.00
C TYR A 463 -36.22 2.52 -15.82
N CYS A 464 -35.93 2.93 -14.57
CA CYS A 464 -35.49 4.30 -14.32
C CYS A 464 -34.10 4.54 -14.87
N HIS A 465 -33.25 3.51 -14.87
CA HIS A 465 -32.01 3.53 -15.62
C HIS A 465 -32.29 3.76 -17.10
N ASN A 466 -33.30 3.08 -17.65
CA ASN A 466 -33.58 3.15 -19.08
C ASN A 466 -34.20 4.48 -19.47
N ASP A 467 -35.03 5.05 -18.58
CA ASP A 467 -35.60 6.37 -18.82
C ASP A 467 -34.51 7.43 -18.86
N THR A 468 -33.53 7.30 -17.97
CA THR A 468 -32.45 8.27 -17.87
C THR A 468 -31.49 8.15 -19.04
N MET A 469 -31.20 6.92 -19.45
CA MET A 469 -30.28 6.69 -20.57
C MET A 469 -30.87 7.16 -21.89
N ARG A 470 -32.18 7.00 -22.07
CA ARG A 470 -32.82 7.44 -23.31
C ARG A 470 -32.92 8.96 -23.37
N ALA A 471 -33.18 9.60 -22.22
CA ALA A 471 -33.23 11.06 -22.17
C ALA A 471 -31.86 11.67 -22.41
N PHE A 472 -30.80 11.01 -21.95
CA PHE A 472 -29.44 11.43 -22.23
C PHE A 472 -29.04 11.27 -23.68
N GLY A 473 -29.78 10.51 -24.47
CA GLY A 473 -29.33 10.18 -25.80
C GLY A 473 -28.24 9.13 -25.79
N ARG A 474 -28.32 8.17 -24.86
CA ARG A 474 -27.38 7.04 -24.80
C ARG A 474 -28.18 5.74 -24.88
N PRO A 475 -28.72 5.39 -26.06
CA PRO A 475 -29.51 4.15 -26.15
C PRO A 475 -28.67 2.89 -26.11
N GLN A 476 -27.36 2.98 -26.37
CA GLN A 476 -26.48 1.84 -26.22
C GLN A 476 -26.21 1.48 -24.76
N ASP A 477 -26.56 2.37 -23.83
CA ASP A 477 -26.39 2.13 -22.41
C ASP A 477 -27.68 1.66 -21.74
N MET A 478 -28.73 1.42 -22.52
CA MET A 478 -30.01 0.96 -21.99
C MET A 478 -30.01 -0.55 -21.87
N PHE A 479 -30.89 -1.05 -20.99
CA PHE A 479 -31.23 -2.47 -20.97
C PHE A 479 -32.26 -2.70 -22.07
N SER A 480 -31.80 -3.18 -23.22
CA SER A 480 -32.66 -3.33 -24.39
C SER A 480 -32.09 -4.41 -25.28
N ASP A 481 -32.83 -4.74 -26.34
CA ASP A 481 -32.34 -5.69 -27.33
C ASP A 481 -31.22 -5.12 -28.19
N THR A 482 -31.08 -3.80 -28.24
CA THR A 482 -30.02 -3.14 -28.98
C THR A 482 -28.99 -2.48 -28.07
N GLY A 483 -29.14 -2.60 -26.76
CA GLY A 483 -28.16 -2.05 -25.84
C GLY A 483 -27.49 -3.14 -25.02
N ILE A 484 -27.69 -3.10 -23.70
CA ILE A 484 -27.20 -4.15 -22.81
C ILE A 484 -28.32 -5.18 -22.68
N GLN A 485 -28.16 -6.32 -23.35
CA GLN A 485 -29.25 -7.26 -23.49
C GLN A 485 -29.46 -8.07 -22.21
N LEU A 486 -30.72 -8.28 -21.85
CA LEU A 486 -31.09 -9.20 -20.81
C LEU A 486 -32.01 -10.22 -21.46
N GLN A 487 -31.43 -11.23 -22.07
CA GLN A 487 -32.26 -12.19 -22.77
C GLN A 487 -32.86 -13.17 -21.76
N PRO A 488 -34.16 -13.40 -21.80
CA PRO A 488 -34.75 -14.42 -20.92
C PRO A 488 -34.48 -15.81 -21.48
N ILE A 489 -33.27 -16.30 -21.22
CA ILE A 489 -32.78 -17.51 -21.88
C ILE A 489 -33.41 -18.78 -21.35
N PHE A 490 -33.92 -18.77 -20.11
CA PHE A 490 -34.57 -19.96 -19.58
C PHE A 490 -35.99 -20.12 -20.13
N ALA A 491 -36.68 -19.01 -20.38
CA ALA A 491 -37.98 -19.08 -21.03
C ALA A 491 -37.85 -19.33 -22.52
N GLN A 492 -36.79 -18.82 -23.14
CA GLN A 492 -36.52 -19.13 -24.54
C GLN A 492 -36.12 -20.59 -24.72
N TRP A 493 -35.47 -21.17 -23.70
CA TRP A 493 -35.11 -22.58 -23.75
C TRP A 493 -36.33 -23.47 -23.63
N VAL A 494 -37.30 -23.08 -22.79
CA VAL A 494 -38.53 -23.85 -22.64
C VAL A 494 -39.35 -23.79 -23.92
N GLN A 495 -39.42 -22.62 -24.55
CA GLN A 495 -40.11 -22.46 -25.82
C GLN A 495 -39.50 -23.33 -26.91
N GLN A 496 -38.18 -23.52 -26.87
CA GLN A 496 -37.54 -24.35 -27.87
C GLN A 496 -37.76 -25.82 -27.55
N ILE A 497 -37.88 -26.16 -26.26
CA ILE A 497 -38.22 -27.53 -25.85
C ILE A 497 -39.66 -27.86 -26.23
N GLN A 498 -40.58 -26.93 -25.98
CA GLN A 498 -42.00 -27.16 -26.27
C GLN A 498 -42.26 -27.34 -27.76
N THR A 499 -41.41 -26.75 -28.60
CA THR A 499 -41.52 -26.94 -30.04
C THR A 499 -40.87 -28.24 -30.49
N MET A 500 -39.69 -28.56 -29.96
CA MET A 500 -39.00 -29.80 -30.33
C MET A 500 -39.73 -31.05 -29.82
N ALA A 501 -40.63 -30.90 -28.84
CA ALA A 501 -41.31 -32.06 -28.28
C ALA A 501 -42.33 -32.65 -29.25
N VAL A 502 -42.94 -31.83 -30.10
CA VAL A 502 -44.00 -32.33 -30.96
C VAL A 502 -43.44 -32.93 -32.25
N GLY A 503 -42.41 -32.30 -32.82
CA GLY A 503 -41.90 -32.68 -34.14
C GLY A 503 -42.88 -32.49 -35.28
N GLY A 528 -40.18 -35.20 -32.94
CA GLY A 528 -41.03 -35.44 -31.80
C GLY A 528 -40.25 -36.16 -30.74
N VAL A 529 -39.32 -35.42 -30.13
CA VAL A 529 -38.30 -36.04 -29.29
C VAL A 529 -38.90 -36.63 -28.02
N THR A 530 -39.95 -36.01 -27.47
CA THR A 530 -40.53 -36.45 -26.20
C THR A 530 -42.04 -36.56 -26.21
N ALA A 531 -42.72 -36.12 -27.26
CA ALA A 531 -44.15 -36.39 -27.42
C ALA A 531 -44.44 -36.71 -28.88
N PRO A 532 -44.11 -37.94 -29.32
CA PRO A 532 -44.30 -38.29 -30.75
C PRO A 532 -45.75 -38.31 -31.23
N GLY A 533 -46.74 -38.26 -30.33
CA GLY A 533 -48.12 -38.43 -30.72
C GLY A 533 -48.82 -37.22 -31.31
N LEU A 534 -48.24 -36.02 -31.22
CA LEU A 534 -48.90 -34.86 -31.81
C LEU A 534 -48.50 -34.69 -33.26
N GLY A 535 -49.37 -34.01 -34.01
CA GLY A 535 -49.03 -33.50 -35.32
C GLY A 535 -48.56 -32.07 -35.22
N GLY A 536 -49.36 -31.22 -34.59
CA GLY A 536 -49.04 -29.82 -34.43
C GLY A 536 -48.57 -29.48 -33.04
N PRO A 537 -48.28 -28.21 -32.80
CA PRO A 537 -47.82 -27.80 -31.47
C PRO A 537 -48.94 -27.78 -30.45
N VAL A 538 -48.55 -27.81 -29.18
CA VAL A 538 -49.53 -27.66 -28.09
C VAL A 538 -50.15 -26.28 -28.14
N SER A 539 -49.31 -25.26 -28.32
CA SER A 539 -49.78 -23.91 -28.59
C SER A 539 -48.88 -23.29 -29.64
N HIS A 540 -49.46 -22.41 -30.43
CA HIS A 540 -48.66 -21.67 -31.38
C HIS A 540 -47.89 -20.53 -30.75
N ALA A 541 -48.18 -20.19 -29.49
CA ALA A 541 -47.39 -19.20 -28.77
C ALA A 541 -45.99 -19.70 -28.47
N PHE A 542 -45.83 -21.02 -28.30
CA PHE A 542 -44.51 -21.59 -28.04
C PHE A 542 -43.65 -21.59 -29.30
N GLY A 543 -44.26 -21.92 -30.43
CA GLY A 543 -43.52 -22.08 -31.67
C GLY A 543 -44.45 -22.61 -32.74
N GLY A 544 -43.85 -23.00 -33.85
CA GLY A 544 -44.61 -23.40 -35.01
C GLY A 544 -44.82 -22.24 -35.96
N GLY A 545 -46.05 -21.99 -36.34
CA GLY A 545 -46.31 -20.95 -37.32
C GLY A 545 -47.44 -20.00 -36.97
N VAL A 546 -47.87 -19.24 -37.96
CA VAL A 546 -48.93 -18.25 -37.82
C VAL A 546 -50.25 -18.88 -38.23
N VAL A 547 -51.25 -18.78 -37.36
CA VAL A 547 -52.60 -19.23 -37.66
C VAL A 547 -53.44 -18.01 -37.99
N ALA A 548 -54.04 -18.00 -39.17
CA ALA A 548 -54.79 -16.85 -39.67
C ALA A 548 -56.23 -17.24 -39.95
N ILE A 549 -57.18 -16.49 -39.39
CA ILE A 549 -58.60 -16.68 -39.63
C ILE A 549 -59.15 -15.35 -40.14
N GLY A 550 -59.57 -15.33 -41.41
CA GLY A 550 -60.14 -14.12 -41.99
C GLY A 550 -59.16 -12.98 -42.19
N ASP A 551 -57.93 -13.31 -42.62
CA ASP A 551 -56.75 -12.43 -42.61
C ASP A 551 -56.55 -11.72 -41.27
N LYS A 552 -56.78 -12.45 -40.18
CA LYS A 552 -56.51 -11.94 -38.84
C LYS A 552 -55.73 -12.98 -38.08
N ILE A 553 -54.75 -12.54 -37.30
CA ILE A 553 -53.89 -13.47 -36.58
C ILE A 553 -54.66 -14.06 -35.40
N ALA A 554 -54.70 -15.38 -35.34
CA ALA A 554 -55.29 -16.07 -34.20
C ALA A 554 -54.25 -16.29 -33.10
N MET A 555 -53.13 -16.90 -33.46
CA MET A 555 -52.02 -17.13 -32.53
C MET A 555 -50.76 -17.36 -33.34
N MET A 556 -49.67 -16.76 -32.91
CA MET A 556 -48.37 -16.86 -33.54
C MET A 556 -47.33 -16.98 -32.44
N PRO A 557 -46.10 -17.40 -32.77
CA PRO A 557 -45.04 -17.45 -31.74
C PRO A 557 -44.74 -16.10 -31.13
N ILE A 558 -44.71 -16.08 -29.80
CA ILE A 558 -44.53 -14.87 -29.02
C ILE A 558 -43.06 -14.79 -28.63
N GLN A 559 -42.33 -13.91 -29.30
CA GLN A 559 -40.90 -13.77 -29.07
C GLN A 559 -40.65 -13.04 -27.75
N LEU A 560 -39.65 -13.53 -27.01
CA LEU A 560 -39.29 -12.97 -25.71
C LEU A 560 -37.91 -12.34 -25.82
N GLY A 561 -37.82 -11.06 -25.49
CA GLY A 561 -36.58 -10.33 -25.49
C GLY A 561 -36.34 -9.66 -24.15
N THR A 562 -35.54 -8.59 -24.18
CA THR A 562 -35.20 -7.85 -22.97
C THR A 562 -36.41 -7.18 -22.35
N ALA A 563 -37.38 -6.77 -23.18
CA ALA A 563 -38.60 -6.18 -22.65
C ALA A 563 -39.46 -7.22 -21.92
N ASP A 564 -39.34 -8.49 -22.28
CA ASP A 564 -40.08 -9.56 -21.61
C ASP A 564 -39.37 -10.07 -20.37
N PHE A 565 -38.04 -10.00 -20.35
CA PHE A 565 -37.28 -10.27 -19.13
C PHE A 565 -37.63 -9.25 -18.04
N LEU A 566 -37.74 -7.97 -18.42
CA LEU A 566 -37.94 -6.92 -17.44
C LEU A 566 -39.34 -6.95 -16.85
N ILE A 567 -40.36 -7.16 -17.70
CA ILE A 567 -41.74 -7.13 -17.22
C ILE A 567 -42.06 -8.36 -16.40
N HIS A 568 -41.39 -9.49 -16.66
CA HIS A 568 -41.62 -10.68 -15.86
C HIS A 568 -41.02 -10.56 -14.48
N HIS A 569 -39.90 -9.84 -14.35
CA HIS A 569 -39.34 -9.58 -13.04
C HIS A 569 -40.07 -8.44 -12.33
N ILE A 570 -40.81 -7.61 -13.06
CA ILE A 570 -41.76 -6.70 -12.44
C ILE A 570 -42.89 -7.49 -11.80
N HIS A 571 -43.40 -8.51 -12.51
CA HIS A 571 -44.45 -9.37 -11.98
C HIS A 571 -43.98 -10.14 -10.76
N ALA A 572 -42.75 -10.65 -10.81
CA ALA A 572 -42.18 -11.34 -9.65
C ALA A 572 -41.97 -10.40 -8.47
N PHE A 573 -41.70 -9.12 -8.76
CA PHE A 573 -41.56 -8.15 -7.70
C PHE A 573 -42.90 -7.83 -7.06
N THR A 574 -43.92 -7.53 -7.86
CA THR A 574 -45.20 -7.10 -7.31
C THR A 574 -45.97 -8.25 -6.66
N ILE A 575 -45.71 -9.49 -7.05
CA ILE A 575 -46.33 -10.62 -6.35
C ILE A 575 -45.65 -10.86 -5.00
N HIS A 576 -44.32 -10.77 -4.96
CA HIS A 576 -43.57 -11.02 -3.73
C HIS A 576 -43.89 -9.98 -2.65
N VAL A 577 -44.18 -8.73 -3.06
CA VAL A 577 -44.57 -7.73 -2.07
C VAL A 577 -45.99 -8.00 -1.58
N THR A 578 -46.88 -8.42 -2.50
CA THR A 578 -48.24 -8.77 -2.11
C THR A 578 -48.26 -9.98 -1.17
N VAL A 579 -47.33 -10.93 -1.38
CA VAL A 579 -47.15 -11.99 -0.41
C VAL A 579 -46.63 -11.43 0.91
N LEU A 580 -45.72 -10.45 0.85
CA LEU A 580 -45.11 -9.89 2.05
C LEU A 580 -46.13 -9.16 2.92
N VAL A 581 -47.06 -8.43 2.30
CA VAL A 581 -48.10 -7.75 3.07
C VAL A 581 -49.05 -8.78 3.69
N LEU A 582 -49.41 -9.81 2.93
CA LEU A 582 -50.41 -10.76 3.41
C LEU A 582 -49.82 -11.78 4.38
N LEU A 583 -48.58 -12.23 4.16
CA LEU A 583 -48.00 -13.23 5.03
C LEU A 583 -47.58 -12.65 6.38
N LYS A 584 -47.11 -11.40 6.39
CA LYS A 584 -46.81 -10.73 7.65
C LYS A 584 -48.08 -10.45 8.45
N GLY A 585 -49.20 -10.23 7.76
CA GLY A 585 -50.47 -10.10 8.45
C GLY A 585 -50.97 -11.40 9.06
N VAL A 586 -50.69 -12.52 8.40
CA VAL A 586 -51.13 -13.81 8.94
C VAL A 586 -50.18 -14.28 10.04
N LEU A 587 -48.87 -14.17 9.83
CA LEU A 587 -47.90 -14.68 10.78
C LEU A 587 -47.85 -13.87 12.07
N PHE A 588 -48.23 -12.59 12.02
CA PHE A 588 -48.21 -11.73 13.20
C PHE A 588 -49.62 -11.36 13.65
N SER A 589 -50.61 -12.20 13.33
CA SER A 589 -51.99 -11.89 13.64
C SER A 589 -52.34 -12.06 15.12
N ARG A 590 -51.67 -12.98 15.81
CA ARG A 590 -51.97 -13.21 17.21
C ARG A 590 -51.13 -12.34 18.15
N ASN A 591 -49.85 -12.15 17.82
CA ASN A 591 -48.96 -11.35 18.66
C ASN A 591 -47.77 -10.90 17.82
N SER A 592 -47.00 -9.99 18.40
CA SER A 592 -45.75 -9.51 17.84
C SER A 592 -44.93 -8.97 19.00
N ARG A 593 -43.73 -8.47 18.69
CA ARG A 593 -42.95 -7.78 19.71
C ARG A 593 -43.56 -6.44 20.07
N LEU A 594 -44.36 -5.85 19.19
CA LEU A 594 -45.04 -4.59 19.50
C LEU A 594 -46.29 -4.84 20.34
N ILE A 595 -47.18 -5.69 19.87
CA ILE A 595 -48.44 -5.99 20.55
C ILE A 595 -48.44 -7.46 20.95
N PRO A 596 -48.06 -7.77 22.20
CA PRO A 596 -48.03 -9.17 22.62
C PRO A 596 -49.39 -9.82 22.80
N ASP A 597 -50.47 -9.06 22.86
CA ASP A 597 -51.82 -9.62 22.96
C ASP A 597 -52.69 -9.17 21.78
N LYS A 598 -52.13 -9.21 20.57
CA LYS A 598 -52.85 -8.75 19.39
C LYS A 598 -54.02 -9.65 19.04
N GLY A 599 -53.91 -10.95 19.32
CA GLY A 599 -55.00 -11.86 19.06
C GLY A 599 -56.19 -11.66 19.99
N GLU A 600 -55.94 -11.16 21.20
CA GLU A 600 -57.03 -10.81 22.10
C GLU A 600 -57.79 -9.56 21.67
N LEU A 601 -57.18 -8.70 20.85
CA LEU A 601 -57.88 -7.53 20.32
C LEU A 601 -58.73 -7.86 19.11
N GLY A 602 -58.56 -9.04 18.53
CA GLY A 602 -59.42 -9.53 17.47
C GLY A 602 -58.69 -9.59 16.13
N PHE A 603 -59.45 -9.99 15.12
CA PHE A 603 -58.96 -9.98 13.75
C PHE A 603 -59.05 -8.57 13.15
N ARG A 604 -60.11 -7.85 13.47
CA ARG A 604 -60.39 -6.54 12.91
C ARG A 604 -60.52 -5.53 14.04
N PHE A 605 -59.53 -4.64 14.15
CA PHE A 605 -59.56 -3.53 15.09
C PHE A 605 -58.70 -2.43 14.49
N PRO A 606 -58.95 -1.15 14.83
CA PRO A 606 -58.20 -0.08 14.16
C PRO A 606 -56.73 0.00 14.56
N CYS A 607 -56.43 -0.08 15.85
CA CYS A 607 -55.10 0.14 16.39
C CYS A 607 -55.11 -0.29 17.86
N ASP A 608 -53.99 -0.05 18.53
CA ASP A 608 -53.94 -0.09 19.99
C ASP A 608 -53.42 1.25 20.53
N GLY A 609 -53.91 2.35 19.96
CA GLY A 609 -53.62 3.66 20.48
C GLY A 609 -52.37 4.29 19.91
N PRO A 610 -52.17 5.58 20.20
CA PRO A 610 -50.99 6.30 19.67
C PRO A 610 -49.69 5.95 20.36
N GLY A 611 -49.71 5.09 21.37
CA GLY A 611 -48.51 4.73 22.09
C GLY A 611 -47.64 3.74 21.34
N ARG A 612 -46.51 3.42 21.97
CA ARG A 612 -45.40 2.66 21.39
C ARG A 612 -44.91 3.29 20.07
N GLY A 613 -44.96 4.61 20.00
CA GLY A 613 -44.74 5.33 18.77
C GLY A 613 -45.98 5.53 17.92
N GLY A 614 -46.93 4.61 18.00
CA GLY A 614 -48.10 4.61 17.15
C GLY A 614 -48.34 3.23 16.57
N THR A 615 -49.52 2.68 16.79
CA THR A 615 -49.81 1.30 16.42
C THR A 615 -50.97 1.21 15.44
N CYS A 616 -51.06 2.19 14.53
CA CYS A 616 -52.11 2.21 13.53
C CYS A 616 -51.89 1.08 12.54
N GLN A 617 -52.96 0.36 12.21
CA GLN A 617 -52.97 -0.72 11.20
C GLN A 617 -52.05 -1.88 11.58
N VAL A 618 -52.15 -2.34 12.83
CA VAL A 618 -51.42 -3.54 13.23
C VAL A 618 -52.25 -4.81 13.05
N SER A 619 -53.57 -4.69 12.93
CA SER A 619 -54.44 -5.85 12.89
C SER A 619 -54.26 -6.61 11.57
N ALA A 620 -54.68 -7.88 11.60
CA ALA A 620 -54.59 -8.71 10.41
C ALA A 620 -55.58 -8.27 9.34
N TRP A 621 -56.68 -7.61 9.73
CA TRP A 621 -57.61 -7.05 8.77
C TRP A 621 -56.96 -5.93 7.97
N ASP A 622 -56.15 -5.09 8.62
CA ASP A 622 -55.57 -3.96 7.92
C ASP A 622 -54.42 -4.37 7.00
N HIS A 623 -53.88 -5.58 7.17
CA HIS A 623 -52.94 -6.11 6.19
C HIS A 623 -53.66 -6.64 4.95
N VAL A 624 -54.88 -7.15 5.11
CA VAL A 624 -55.73 -7.45 3.97
C VAL A 624 -56.13 -6.17 3.25
N PHE A 625 -56.32 -5.09 4.02
CA PHE A 625 -56.62 -3.78 3.45
C PHE A 625 -55.45 -3.24 2.63
N LEU A 626 -54.23 -3.40 3.14
CA LEU A 626 -53.06 -2.99 2.37
C LEU A 626 -52.74 -3.99 1.26
N GLY A 627 -53.08 -5.26 1.45
CA GLY A 627 -52.84 -6.26 0.42
C GLY A 627 -53.75 -6.13 -0.78
N LEU A 628 -54.90 -5.45 -0.62
CA LEU A 628 -55.80 -5.24 -1.74
C LEU A 628 -55.24 -4.21 -2.71
N PHE A 629 -54.57 -3.19 -2.19
CA PHE A 629 -53.91 -2.21 -3.05
C PHE A 629 -52.76 -2.84 -3.83
N TRP A 630 -52.01 -3.72 -3.17
CA TRP A 630 -50.84 -4.32 -3.80
C TRP A 630 -51.23 -5.41 -4.78
N MET A 631 -52.33 -6.11 -4.52
CA MET A 631 -52.90 -7.01 -5.53
C MET A 631 -53.36 -6.23 -6.74
N TYR A 632 -53.98 -5.07 -6.52
CA TYR A 632 -54.44 -4.23 -7.61
C TYR A 632 -53.27 -3.70 -8.43
N ASN A 633 -52.21 -3.27 -7.75
CA ASN A 633 -51.01 -2.80 -8.45
C ASN A 633 -50.32 -3.92 -9.20
N SER A 634 -50.36 -5.15 -8.65
CA SER A 634 -49.73 -6.28 -9.29
C SER A 634 -50.49 -6.71 -10.55
N LEU A 635 -51.81 -6.82 -10.44
CA LEU A 635 -52.61 -7.33 -11.56
C LEU A 635 -52.86 -6.29 -12.63
N SER A 636 -52.73 -5.01 -12.31
CA SER A 636 -52.85 -3.98 -13.34
C SER A 636 -51.68 -4.06 -14.32
N ILE A 637 -50.47 -4.31 -13.81
CA ILE A 637 -49.31 -4.46 -14.67
C ILE A 637 -49.38 -5.77 -15.45
N VAL A 638 -50.05 -6.78 -14.89
CA VAL A 638 -50.20 -8.07 -15.58
C VAL A 638 -51.10 -7.92 -16.80
N ILE A 639 -52.25 -7.26 -16.63
CA ILE A 639 -53.14 -7.07 -17.77
C ILE A 639 -52.63 -5.98 -18.71
N PHE A 640 -51.77 -5.06 -18.23
CA PHE A 640 -51.16 -4.09 -19.12
C PHE A 640 -50.07 -4.74 -19.96
N HIS A 641 -49.32 -5.68 -19.36
CA HIS A 641 -48.37 -6.49 -20.10
C HIS A 641 -49.08 -7.32 -21.16
N PHE A 642 -50.24 -7.88 -20.83
CA PHE A 642 -51.00 -8.66 -21.80
C PHE A 642 -51.53 -7.79 -22.93
N PHE A 643 -52.11 -6.63 -22.59
CA PHE A 643 -52.78 -5.81 -23.59
C PHE A 643 -51.80 -5.20 -24.57
N TRP A 644 -50.62 -4.81 -24.11
CA TRP A 644 -49.64 -4.23 -25.03
C TRP A 644 -48.96 -5.30 -25.87
N LYS A 645 -48.54 -6.41 -25.26
CA LYS A 645 -47.76 -7.42 -25.99
C LYS A 645 -48.60 -8.16 -27.03
N MET A 646 -49.90 -8.35 -26.78
CA MET A 646 -50.75 -9.00 -27.77
C MET A 646 -51.01 -8.07 -28.94
N GLN A 647 -51.22 -6.78 -28.68
CA GLN A 647 -51.40 -5.82 -29.76
C GLN A 647 -50.13 -5.60 -30.56
N SER A 648 -48.97 -5.73 -29.91
CA SER A 648 -47.71 -5.37 -30.53
C SER A 648 -47.05 -6.55 -31.26
N ASP A 649 -47.14 -7.76 -30.72
CA ASP A 649 -46.40 -8.87 -31.28
C ASP A 649 -47.26 -10.06 -31.71
N VAL A 650 -48.56 -10.06 -31.42
CA VAL A 650 -49.38 -11.20 -31.79
C VAL A 650 -50.51 -10.79 -32.72
N TRP A 651 -51.41 -9.96 -32.23
CA TRP A 651 -52.62 -9.62 -32.98
C TRP A 651 -52.30 -8.71 -34.16
N GLY A 652 -53.12 -8.82 -35.20
CA GLY A 652 -52.97 -7.94 -36.34
C GLY A 652 -53.59 -8.48 -37.61
N THR A 653 -52.91 -8.25 -38.74
CA THR A 653 -53.44 -8.58 -40.04
C THR A 653 -52.32 -9.17 -40.90
N VAL A 654 -52.58 -10.33 -41.49
CA VAL A 654 -51.74 -10.86 -42.55
C VAL A 654 -52.17 -10.19 -43.85
N GLY A 655 -51.26 -9.43 -44.46
CA GLY A 655 -51.58 -8.74 -45.68
C GLY A 655 -51.62 -9.66 -46.88
N ALA A 656 -52.01 -9.08 -48.03
CA ALA A 656 -51.98 -9.83 -49.28
C ALA A 656 -50.56 -10.07 -49.76
N ASP A 657 -49.59 -9.29 -49.27
CA ASP A 657 -48.18 -9.56 -49.55
C ASP A 657 -47.72 -10.84 -48.88
N GLY A 658 -48.21 -11.10 -47.66
CA GLY A 658 -47.71 -12.16 -46.83
C GLY A 658 -47.02 -11.68 -45.57
N THR A 659 -47.01 -10.37 -45.32
CA THR A 659 -46.36 -9.79 -44.16
C THR A 659 -47.40 -9.42 -43.10
N ILE A 660 -46.99 -9.50 -41.85
CA ILE A 660 -47.87 -9.27 -40.71
C ILE A 660 -47.70 -7.82 -40.26
N SER A 661 -48.81 -7.08 -40.22
CA SER A 661 -48.84 -5.73 -39.67
C SER A 661 -49.65 -5.79 -38.38
N HIS A 662 -48.96 -5.68 -37.25
CA HIS A 662 -49.61 -5.77 -35.94
C HIS A 662 -50.38 -4.49 -35.64
N ILE A 663 -51.07 -4.50 -34.50
CA ILE A 663 -51.97 -3.40 -34.15
C ILE A 663 -51.18 -2.15 -33.78
N THR A 664 -50.20 -2.28 -32.89
CA THR A 664 -49.31 -1.17 -32.55
C THR A 664 -47.94 -1.30 -33.20
N GLY A 665 -47.78 -2.25 -34.13
CA GLY A 665 -46.62 -2.24 -35.01
C GLY A 665 -45.31 -2.69 -34.41
N GLY A 666 -45.33 -3.56 -33.42
CA GLY A 666 -44.09 -4.09 -32.88
C GLY A 666 -43.33 -3.17 -31.97
N ASN A 667 -44.02 -2.24 -31.30
CA ASN A 667 -43.34 -1.23 -30.50
C ASN A 667 -43.11 -1.63 -29.05
N PHE A 668 -43.49 -2.87 -28.66
CA PHE A 668 -43.27 -3.31 -27.28
C PHE A 668 -41.81 -3.50 -26.96
N ALA A 669 -41.00 -3.92 -27.95
CA ALA A 669 -39.60 -4.24 -27.67
C ALA A 669 -38.78 -3.01 -27.35
N GLN A 670 -39.10 -1.86 -27.95
CA GLN A 670 -38.31 -0.65 -27.76
C GLN A 670 -38.96 0.37 -26.84
N ALA A 671 -40.28 0.36 -26.69
CA ALA A 671 -40.94 1.39 -25.90
C ALA A 671 -41.38 0.93 -24.52
N SER A 672 -41.59 -0.37 -24.30
CA SER A 672 -42.05 -0.82 -23.00
C SER A 672 -40.92 -0.94 -21.98
N ILE A 673 -39.69 -0.57 -22.33
CA ILE A 673 -38.56 -0.69 -21.42
C ILE A 673 -38.34 0.57 -20.59
N THR A 674 -39.13 1.63 -20.82
CA THR A 674 -39.07 2.84 -20.02
C THR A 674 -40.45 3.15 -19.46
N ASN A 675 -40.47 3.95 -18.39
CA ASN A 675 -41.74 4.44 -17.87
C ASN A 675 -42.37 5.46 -18.80
N ASN A 676 -41.54 6.21 -19.54
CA ASN A 676 -42.08 7.17 -20.50
C ASN A 676 -42.76 6.49 -21.67
N GLY A 677 -42.28 5.32 -22.08
CA GLY A 677 -42.93 4.60 -23.16
C GLY A 677 -44.25 3.99 -22.75
N TRP A 678 -44.35 3.54 -21.49
CA TRP A 678 -45.64 3.09 -20.97
C TRP A 678 -46.62 4.25 -20.83
N LEU A 679 -46.10 5.44 -20.53
CA LEU A 679 -46.96 6.61 -20.40
C LEU A 679 -47.42 7.12 -21.77
N ARG A 680 -46.51 7.17 -22.74
CA ARG A 680 -46.78 7.77 -24.04
C ARG A 680 -47.36 6.77 -25.04
N ASP A 681 -46.71 5.63 -25.22
CA ASP A 681 -47.10 4.70 -26.26
C ASP A 681 -48.21 3.74 -25.83
N PHE A 682 -48.35 3.49 -24.53
CA PHE A 682 -49.44 2.66 -24.03
C PHE A 682 -50.58 3.49 -23.47
N LEU A 683 -50.31 4.34 -22.49
CA LEU A 683 -51.40 5.02 -21.80
C LEU A 683 -51.93 6.20 -22.60
N TRP A 684 -51.05 7.05 -23.14
CA TRP A 684 -51.52 8.22 -23.88
C TRP A 684 -52.05 7.85 -25.26
N ALA A 685 -51.36 6.94 -25.95
CA ALA A 685 -51.71 6.64 -27.34
C ALA A 685 -52.98 5.80 -27.42
N GLN A 686 -53.07 4.75 -26.61
CA GLN A 686 -54.16 3.80 -26.75
C GLN A 686 -55.44 4.25 -26.09
N ALA A 687 -55.43 5.35 -25.33
CA ALA A 687 -56.64 5.88 -24.73
C ALA A 687 -57.34 6.89 -25.62
N SER A 688 -56.93 7.02 -26.87
CA SER A 688 -57.61 7.95 -27.79
C SER A 688 -58.98 7.43 -28.22
N GLN A 689 -59.21 6.12 -28.15
CA GLN A 689 -60.52 5.57 -28.46
C GLN A 689 -61.52 5.87 -27.35
N VAL A 690 -61.06 5.86 -26.09
CA VAL A 690 -62.00 6.03 -24.98
C VAL A 690 -62.29 7.51 -24.72
N ILE A 691 -61.38 8.41 -25.11
CA ILE A 691 -61.64 9.84 -24.93
C ILE A 691 -62.20 10.49 -26.17
N GLY A 692 -62.15 9.82 -27.32
CA GLY A 692 -62.74 10.34 -28.53
C GLY A 692 -64.02 9.61 -28.86
N SER A 693 -64.69 9.10 -27.83
CA SER A 693 -65.89 8.31 -27.99
C SER A 693 -67.18 9.09 -27.76
N TYR A 694 -67.07 10.35 -27.33
CA TYR A 694 -68.25 11.17 -27.07
C TYR A 694 -68.99 11.47 -28.37
N GLY A 695 -70.31 11.27 -28.34
CA GLY A 695 -71.10 11.45 -29.54
C GLY A 695 -71.09 10.27 -30.48
N SER A 696 -70.80 9.08 -29.97
CA SER A 696 -70.80 7.86 -30.78
C SER A 696 -71.41 6.74 -29.94
N ALA A 697 -71.27 5.51 -30.42
CA ALA A 697 -71.86 4.36 -29.73
C ALA A 697 -70.98 3.85 -28.60
N LEU A 698 -69.70 4.20 -28.58
CA LEU A 698 -68.80 3.83 -27.50
C LEU A 698 -68.76 4.87 -26.40
N SER A 699 -69.74 5.77 -26.35
CA SER A 699 -69.69 6.90 -25.43
C SER A 699 -69.95 6.50 -23.98
N ALA A 700 -70.59 5.35 -23.75
CA ALA A 700 -70.73 4.86 -22.39
C ALA A 700 -69.39 4.48 -21.79
N TYR A 701 -68.45 4.01 -22.62
CA TYR A 701 -67.10 3.76 -22.15
C TYR A 701 -66.39 5.07 -21.82
N GLY A 702 -66.64 6.13 -22.60
CA GLY A 702 -66.07 7.42 -22.30
C GLY A 702 -66.62 8.03 -21.03
N LEU A 703 -67.89 7.76 -20.71
CA LEU A 703 -68.45 8.22 -19.46
C LEU A 703 -67.93 7.40 -18.29
N PHE A 704 -67.80 6.08 -18.48
CA PHE A 704 -67.27 5.20 -17.44
C PHE A 704 -65.78 5.41 -17.21
N PHE A 705 -65.07 5.93 -18.22
CA PHE A 705 -63.66 6.27 -18.07
C PHE A 705 -63.48 7.42 -17.09
N LEU A 706 -64.28 8.47 -17.25
CA LEU A 706 -64.21 9.61 -16.33
C LEU A 706 -64.85 9.29 -15.00
N ALA A 707 -65.86 8.40 -14.98
CA ALA A 707 -66.49 8.01 -13.73
C ALA A 707 -65.54 7.19 -12.87
N GLY A 708 -64.72 6.34 -13.49
CA GLY A 708 -63.71 5.62 -12.75
C GLY A 708 -62.60 6.53 -12.24
N HIS A 709 -62.31 7.59 -12.98
CA HIS A 709 -61.35 8.57 -12.50
C HIS A 709 -61.89 9.34 -11.29
N PHE A 710 -63.21 9.54 -11.24
CA PHE A 710 -63.83 10.27 -10.13
C PHE A 710 -63.76 9.48 -8.83
N ILE A 711 -64.10 8.20 -8.88
CA ILE A 711 -64.18 7.37 -7.68
C ILE A 711 -62.78 7.09 -7.11
N PHE A 712 -61.77 7.10 -7.97
CA PHE A 712 -60.39 6.99 -7.50
C PHE A 712 -60.00 8.19 -6.65
N GLY A 713 -60.26 9.41 -7.16
CA GLY A 713 -59.97 10.59 -6.39
C GLY A 713 -60.88 10.74 -5.18
N PHE A 714 -62.12 10.26 -5.30
CA PHE A 714 -63.05 10.29 -4.18
C PHE A 714 -62.64 9.35 -3.07
N SER A 715 -61.97 8.25 -3.41
CA SER A 715 -61.53 7.29 -2.40
C SER A 715 -60.42 7.84 -1.52
N LEU A 716 -59.65 8.81 -2.03
CA LEU A 716 -58.54 9.34 -1.27
C LEU A 716 -58.98 10.26 -0.14
N MET A 717 -60.24 10.71 -0.16
CA MET A 717 -60.78 11.42 1.01
C MET A 717 -60.89 10.48 2.20
N PHE A 718 -61.28 9.23 1.97
CA PHE A 718 -61.42 8.27 3.05
C PHE A 718 -60.08 7.69 3.46
N LEU A 719 -59.14 7.55 2.53
CA LEU A 719 -57.86 6.92 2.84
C LEU A 719 -56.90 7.89 3.52
N PHE A 720 -56.94 9.17 3.18
CA PHE A 720 -55.95 10.09 3.69
C PHE A 720 -56.37 10.78 4.98
N SER A 721 -57.67 10.85 5.25
CA SER A 721 -58.18 11.57 6.41
C SER A 721 -58.53 10.60 7.53
N GLY A 722 -58.92 11.15 8.67
CA GLY A 722 -59.33 10.37 9.80
C GLY A 722 -60.66 10.86 10.36
N ARG A 723 -61.32 9.99 11.10
CA ARG A 723 -62.69 10.24 11.55
C ARG A 723 -62.80 11.28 12.66
N GLY A 724 -61.69 11.63 13.32
CA GLY A 724 -61.75 12.66 14.33
C GLY A 724 -62.05 14.03 13.76
N TYR A 725 -61.56 14.30 12.54
CA TYR A 725 -61.95 15.52 11.85
C TYR A 725 -63.45 15.50 11.53
N TRP A 726 -63.93 14.38 11.00
CA TRP A 726 -65.29 14.31 10.50
C TRP A 726 -66.31 14.30 11.61
N GLN A 727 -65.94 13.79 12.78
CA GLN A 727 -66.86 13.83 13.92
C GLN A 727 -66.98 15.25 14.47
N GLU A 728 -65.89 16.02 14.49
CA GLU A 728 -66.01 17.41 14.90
C GLU A 728 -66.60 18.30 13.81
N LEU A 729 -66.60 17.85 12.55
CA LEU A 729 -67.32 18.59 11.54
C LEU A 729 -68.81 18.35 11.66
N ILE A 730 -69.21 17.15 12.09
CA ILE A 730 -70.60 16.78 12.15
C ILE A 730 -71.33 17.55 13.26
N GLU A 731 -70.62 17.93 14.35
CA GLU A 731 -71.30 18.53 15.51
C GLU A 731 -71.85 19.90 15.18
N SER A 732 -71.23 20.58 14.23
CA SER A 732 -71.71 21.90 13.79
C SER A 732 -72.92 21.77 12.89
N ILE A 733 -72.97 20.72 12.07
CA ILE A 733 -74.16 20.47 11.25
C ILE A 733 -75.28 19.88 12.11
N VAL A 734 -74.92 19.09 13.13
CA VAL A 734 -75.90 18.67 14.14
C VAL A 734 -76.45 19.88 14.90
N TRP A 735 -75.59 20.88 15.13
CA TRP A 735 -76.03 22.13 15.77
C TRP A 735 -77.02 22.88 14.90
N ALA A 736 -76.77 22.94 13.59
CA ALA A 736 -77.66 23.66 12.70
C ALA A 736 -78.97 22.92 12.46
N HIS A 737 -78.95 21.59 12.53
CA HIS A 737 -80.19 20.83 12.45
C HIS A 737 -81.00 20.95 13.73
N ASN A 738 -80.37 21.26 14.86
CA ASN A 738 -81.11 21.34 16.11
C ASN A 738 -81.72 22.72 16.30
N LYS A 739 -81.13 23.75 15.69
CA LYS A 739 -81.69 25.10 15.75
C LYS A 739 -82.93 25.25 14.88
N LEU A 740 -83.17 24.34 13.93
CA LEU A 740 -84.41 24.34 13.17
C LEU A 740 -85.31 23.16 13.52
N LYS A 741 -85.05 22.51 14.66
CA LYS A 741 -85.97 21.61 15.37
C LYS A 741 -86.32 20.37 14.55
N ILE A 742 -85.39 19.89 13.72
CA ILE A 742 -85.68 18.78 12.81
C ILE A 742 -84.77 17.60 13.12
N THR A 743 -84.43 17.43 14.39
CA THR A 743 -83.52 16.36 14.80
C THR A 743 -84.16 14.99 14.65
N THR A 744 -83.31 13.98 14.43
CA THR A 744 -83.71 12.58 14.39
C THR A 744 -83.14 11.85 15.60
N ALA A 745 -83.69 10.67 15.86
CA ALA A 745 -83.31 9.91 17.04
C ALA A 745 -81.96 9.22 16.85
N ILE A 746 -81.76 8.57 15.70
CA ILE A 746 -80.50 7.89 15.42
C ILE A 746 -79.42 8.94 15.23
N GLN A 747 -78.38 8.84 16.02
CA GLN A 747 -77.47 9.96 16.25
C GLN A 747 -76.36 9.95 15.20
N PRO A 748 -76.08 11.10 14.56
CA PRO A 748 -75.19 11.14 13.39
C PRO A 748 -73.74 10.99 13.80
N ARG A 749 -73.12 9.88 13.41
CA ARG A 749 -71.73 9.61 13.70
C ARG A 749 -70.93 9.55 12.41
N ALA A 750 -69.65 9.90 12.51
CA ALA A 750 -68.74 9.60 11.42
C ALA A 750 -68.53 8.09 11.34
N LEU A 751 -68.04 7.64 10.18
CA LEU A 751 -67.70 6.24 10.01
C LEU A 751 -66.54 5.88 10.94
N SER A 752 -66.48 4.61 11.33
CA SER A 752 -65.40 4.16 12.18
C SER A 752 -64.08 4.13 11.41
N ILE A 753 -63.00 3.90 12.13
CA ILE A 753 -61.66 3.89 11.53
C ILE A 753 -61.53 2.73 10.55
N THR A 754 -62.12 1.58 10.89
CA THR A 754 -62.12 0.45 9.97
C THR A 754 -63.11 0.64 8.83
N GLN A 755 -64.24 1.31 9.08
CA GLN A 755 -65.20 1.59 8.02
C GLN A 755 -64.62 2.57 7.00
N GLY A 756 -63.89 3.58 7.47
CA GLY A 756 -63.27 4.53 6.56
C GLY A 756 -62.16 3.93 5.73
N ARG A 757 -61.48 2.91 6.26
CA ARG A 757 -60.50 2.19 5.46
C ARG A 757 -61.17 1.26 4.47
N ALA A 758 -62.29 0.64 4.87
CA ALA A 758 -62.99 -0.29 3.97
C ALA A 758 -63.69 0.46 2.84
N VAL A 759 -64.23 1.65 3.13
CA VAL A 759 -64.84 2.46 2.09
C VAL A 759 -63.78 3.00 1.14
N GLY A 760 -62.63 3.39 1.68
CA GLY A 760 -61.58 3.96 0.85
C GLY A 760 -60.93 2.93 -0.06
N VAL A 761 -60.76 1.70 0.41
CA VAL A 761 -60.17 0.69 -0.45
C VAL A 761 -61.18 0.15 -1.46
N ALA A 762 -62.48 0.16 -1.13
CA ALA A 762 -63.48 -0.32 -2.07
C ALA A 762 -63.68 0.65 -3.21
N HIS A 763 -63.66 1.95 -2.93
CA HIS A 763 -63.79 2.95 -3.97
C HIS A 763 -62.51 3.11 -4.78
N TYR A 764 -61.35 2.84 -4.17
CA TYR A 764 -60.09 2.85 -4.92
C TYR A 764 -60.07 1.74 -5.96
N LEU A 765 -60.45 0.53 -5.54
CA LEU A 765 -60.42 -0.60 -6.46
C LEU A 765 -61.51 -0.49 -7.51
N LEU A 766 -62.69 0.02 -7.12
CA LEU A 766 -63.75 0.25 -8.09
C LEU A 766 -63.37 1.34 -9.09
N GLY A 767 -62.74 2.42 -8.60
CA GLY A 767 -62.36 3.50 -9.50
C GLY A 767 -61.28 3.12 -10.48
N GLY A 768 -60.30 2.33 -10.03
CA GLY A 768 -59.21 1.95 -10.91
C GLY A 768 -59.56 0.85 -11.90
N ILE A 769 -60.41 -0.10 -11.51
CA ILE A 769 -60.73 -1.22 -12.39
C ILE A 769 -61.71 -0.80 -13.47
N VAL A 770 -62.69 0.05 -13.13
CA VAL A 770 -63.67 0.57 -14.09
C VAL A 770 -62.96 1.42 -15.15
N THR A 771 -61.92 2.16 -14.75
CA THR A 771 -61.13 2.94 -15.69
C THR A 771 -60.40 2.06 -16.69
N THR A 772 -59.77 0.99 -16.20
CA THR A 772 -59.11 0.04 -17.09
C THR A 772 -60.11 -0.72 -17.94
N TRP A 773 -61.28 -1.02 -17.38
CA TRP A 773 -62.34 -1.72 -18.11
C TRP A 773 -62.89 -0.86 -19.24
N ALA A 774 -63.08 0.44 -19.01
CA ALA A 774 -63.54 1.32 -20.07
C ALA A 774 -62.46 1.56 -21.10
N PHE A 775 -61.19 1.60 -20.68
CA PHE A 775 -60.09 1.81 -21.61
C PHE A 775 -59.82 0.55 -22.45
N PHE A 776 -59.97 -0.63 -21.84
CA PHE A 776 -59.74 -1.87 -22.58
C PHE A 776 -60.85 -2.11 -23.60
N LEU A 777 -62.09 -1.82 -23.23
CA LEU A 777 -63.23 -2.20 -24.05
C LEU A 777 -63.59 -1.17 -25.11
N ALA A 778 -63.22 0.10 -24.91
CA ALA A 778 -63.47 1.09 -25.97
C ALA A 778 -62.45 0.95 -27.09
N ARG A 779 -61.21 0.62 -26.75
CA ARG A 779 -60.18 0.44 -27.77
C ARG A 779 -60.44 -0.81 -28.59
N MET A 780 -60.79 -1.90 -27.93
CA MET A 780 -60.98 -3.17 -28.62
C MET A 780 -62.29 -3.25 -29.38
N ALA A 781 -63.32 -2.48 -28.99
CA ALA A 781 -64.53 -2.44 -29.78
C ALA A 781 -64.42 -1.55 -31.00
N ALA A 782 -63.38 -0.73 -31.08
CA ALA A 782 -63.16 0.14 -32.23
C ALA A 782 -62.20 -0.47 -33.25
N ILE A 783 -61.05 -0.96 -32.80
CA ILE A 783 -60.01 -1.44 -33.70
C ILE A 783 -59.74 -2.93 -33.58
N GLY A 784 -60.31 -3.61 -32.59
CA GLY A 784 -60.05 -5.03 -32.40
C GLY A 784 -60.87 -5.92 -33.30
N ALA B 2 -26.61 10.92 27.23
CA ALA B 2 -27.42 11.30 26.08
C ALA B 2 -26.56 11.96 25.01
N THR B 3 -27.18 12.30 23.88
CA THR B 3 -26.48 13.02 22.83
C THR B 3 -26.55 14.52 23.09
N LYS B 4 -25.66 15.26 22.43
CA LYS B 4 -25.68 16.71 22.52
C LYS B 4 -26.72 17.31 21.59
N PHE B 5 -26.94 16.68 20.45
CA PHE B 5 -27.92 17.13 19.46
C PHE B 5 -29.29 16.55 19.78
N PRO B 6 -30.35 17.35 19.77
CA PRO B 6 -30.37 18.80 19.58
C PRO B 6 -30.16 19.57 20.89
N LYS B 7 -29.45 20.70 20.85
CA LYS B 7 -29.15 21.43 22.08
C LYS B 7 -30.36 22.16 22.65
N PHE B 8 -31.44 22.31 21.89
CA PHE B 8 -32.58 23.10 22.33
C PHE B 8 -33.68 22.28 22.99
N SER B 9 -33.54 20.95 23.02
CA SER B 9 -34.58 20.08 23.58
C SER B 9 -33.89 18.96 24.34
N GLN B 10 -33.95 19.01 25.67
CA GLN B 10 -33.29 17.96 26.45
C GLN B 10 -34.08 16.65 26.36
N ASP B 11 -35.40 16.71 26.13
CA ASP B 11 -36.15 15.46 26.00
C ASP B 11 -35.89 14.78 24.67
N LEU B 12 -35.50 15.56 23.64
CA LEU B 12 -35.10 14.94 22.39
C LEU B 12 -33.68 14.38 22.47
N GLN B 13 -32.85 14.92 23.36
CA GLN B 13 -31.50 14.40 23.55
C GLN B 13 -31.51 13.00 24.14
N ARG B 14 -32.48 12.70 24.99
CA ARG B 14 -32.57 11.41 25.64
C ARG B 14 -33.39 10.41 24.85
N ASP B 15 -33.96 10.81 23.72
CA ASP B 15 -34.61 9.91 22.79
C ASP B 15 -33.56 8.95 22.23
N PRO B 16 -33.71 7.64 22.42
CA PRO B 16 -32.71 6.69 21.92
C PRO B 16 -32.97 6.16 20.52
N THR B 17 -33.96 6.67 19.81
CA THR B 17 -34.37 6.13 18.52
C THR B 17 -34.00 7.11 17.40
N THR B 18 -34.36 6.72 16.17
CA THR B 18 -34.17 7.58 15.01
C THR B 18 -35.20 8.71 14.95
N ARG B 19 -36.20 8.69 15.83
CA ARG B 19 -37.16 9.79 15.96
C ARG B 19 -36.51 11.07 16.46
N ARG B 20 -35.38 10.96 17.16
CA ARG B 20 -34.66 12.13 17.68
C ARG B 20 -34.18 13.03 16.54
N LEU B 21 -33.68 12.43 15.46
CA LEU B 21 -33.07 13.23 14.39
C LEU B 21 -34.13 13.94 13.56
N PHE B 22 -35.27 13.29 13.32
CA PHE B 22 -36.31 13.90 12.51
C PHE B 22 -37.06 14.99 13.27
N TYR B 23 -37.34 14.75 14.56
CA TYR B 23 -38.05 15.75 15.36
C TYR B 23 -37.16 16.93 15.70
N ALA B 24 -35.84 16.76 15.67
CA ALA B 24 -34.95 17.90 15.88
C ALA B 24 -34.96 18.84 14.70
N ILE B 25 -35.15 18.32 13.49
CA ILE B 25 -35.31 19.18 12.31
C ILE B 25 -36.60 19.98 12.42
N ALA B 26 -37.72 19.28 12.59
CA ALA B 26 -39.04 19.90 12.48
C ALA B 26 -39.38 20.84 13.63
N THR B 27 -38.59 20.86 14.70
CA THR B 27 -38.79 21.78 15.81
C THR B 27 -37.62 22.74 15.99
N ALA B 28 -36.73 22.84 15.01
CA ALA B 28 -35.52 23.64 15.18
C ALA B 28 -35.80 25.13 15.13
N HIS B 29 -36.85 25.55 14.44
CA HIS B 29 -37.19 26.96 14.32
C HIS B 29 -38.43 27.32 15.11
N ASP B 30 -38.87 26.45 16.02
CA ASP B 30 -39.95 26.74 16.97
C ASP B 30 -39.29 27.18 18.28
N PHE B 31 -38.91 28.46 18.33
CA PHE B 31 -38.02 28.92 19.39
C PHE B 31 -38.69 28.94 20.76
N GLU B 32 -40.02 29.14 20.83
CA GLU B 32 -40.71 29.22 22.10
C GLU B 32 -40.75 27.90 22.86
N SER B 33 -40.74 26.77 22.17
CA SER B 33 -40.74 25.47 22.83
C SER B 33 -39.33 24.99 23.18
N HIS B 34 -38.32 25.83 23.02
CA HIS B 34 -36.96 25.42 23.32
C HIS B 34 -36.68 25.56 24.81
N ASP B 35 -35.62 24.87 25.25
CA ASP B 35 -35.31 24.75 26.66
C ASP B 35 -34.81 26.08 27.22
N GLY B 36 -35.56 26.63 28.18
CA GLY B 36 -35.12 27.83 28.86
C GLY B 36 -35.19 29.09 28.03
N MET B 37 -36.05 29.11 27.01
CA MET B 37 -36.18 30.28 26.15
C MET B 37 -36.93 31.37 26.91
N SER B 38 -36.20 32.37 27.38
CA SER B 38 -36.87 33.54 27.95
C SER B 38 -37.51 34.35 26.82
N GLU B 39 -38.59 35.05 27.16
CA GLU B 39 -39.42 35.72 26.17
C GLU B 39 -38.72 36.91 25.52
N GLU B 40 -37.69 37.46 26.18
CA GLU B 40 -36.90 38.52 25.58
C GLU B 40 -35.82 37.96 24.65
N ASN B 41 -35.24 36.81 25.00
CA ASN B 41 -34.29 36.12 24.14
C ASN B 41 -34.96 35.55 22.88
N LEU B 42 -36.28 35.34 22.94
CA LEU B 42 -37.03 34.90 21.78
C LEU B 42 -37.02 35.95 20.68
N TYR B 43 -37.22 37.22 21.04
CA TYR B 43 -37.28 38.29 20.05
C TYR B 43 -35.92 38.59 19.44
N GLN B 44 -34.84 38.40 20.21
CA GLN B 44 -33.51 38.72 19.70
C GLN B 44 -33.03 37.67 18.72
N ARG B 45 -33.42 36.41 18.90
CA ARG B 45 -33.04 35.36 17.95
C ARG B 45 -33.88 35.41 16.69
N ILE B 46 -35.14 35.86 16.79
CA ILE B 46 -35.97 36.06 15.61
C ILE B 46 -35.42 37.21 14.77
N PHE B 47 -34.98 38.28 15.44
CA PHE B 47 -34.42 39.45 14.76
C PHE B 47 -33.14 39.10 14.00
N ALA B 48 -32.28 38.27 14.60
CA ALA B 48 -31.07 37.84 13.91
C ALA B 48 -31.34 36.79 12.85
N SER B 49 -32.39 35.98 13.02
CA SER B 49 -32.78 35.05 11.97
C SER B 49 -33.37 35.77 10.78
N HIS B 50 -34.01 36.93 11.02
CA HIS B 50 -34.56 37.72 9.93
C HIS B 50 -33.45 38.38 9.11
N PHE B 51 -32.32 38.71 9.74
CA PHE B 51 -31.17 39.19 8.98
C PHE B 51 -30.54 38.07 8.17
N GLY B 52 -30.61 36.82 8.66
CA GLY B 52 -30.08 35.71 7.90
C GLY B 52 -30.95 35.38 6.69
N HIS B 53 -32.26 35.54 6.82
CA HIS B 53 -33.15 35.30 5.69
C HIS B 53 -33.03 36.42 4.65
N LEU B 54 -32.72 37.64 5.10
CA LEU B 54 -32.52 38.75 4.17
C LEU B 54 -31.26 38.55 3.34
N ALA B 55 -30.22 38.01 3.96
CA ALA B 55 -28.96 37.80 3.24
C ALA B 55 -29.06 36.66 2.25
N ILE B 56 -29.91 35.67 2.54
CA ILE B 56 -30.13 34.57 1.60
C ILE B 56 -30.87 35.08 0.37
N ILE B 57 -31.81 36.02 0.57
CA ILE B 57 -32.55 36.61 -0.54
C ILE B 57 -31.62 37.43 -1.43
N PHE B 58 -30.74 38.23 -0.83
CA PHE B 58 -29.81 39.04 -1.61
C PHE B 58 -28.75 38.19 -2.28
N LEU B 59 -28.34 37.08 -1.66
CA LEU B 59 -27.41 36.17 -2.33
C LEU B 59 -28.09 35.42 -3.47
N TRP B 60 -29.39 35.22 -3.37
CA TRP B 60 -30.13 34.51 -4.41
C TRP B 60 -30.25 35.34 -5.68
N ILE B 61 -30.59 36.63 -5.53
CA ILE B 61 -30.70 37.51 -6.70
C ILE B 61 -29.31 37.87 -7.22
N SER B 62 -28.29 37.88 -6.35
CA SER B 62 -26.93 38.09 -6.80
C SER B 62 -26.42 36.94 -7.66
N GLY B 63 -26.89 35.73 -7.40
CA GLY B 63 -26.51 34.60 -8.23
C GLY B 63 -27.26 34.54 -9.54
N ILE B 64 -28.50 35.03 -9.56
CA ILE B 64 -29.23 35.14 -10.82
C ILE B 64 -28.56 36.15 -11.74
N LEU B 65 -28.14 37.28 -11.18
CA LEU B 65 -27.45 38.30 -11.97
C LEU B 65 -26.06 37.83 -12.40
N PHE B 66 -25.39 37.05 -11.57
CA PHE B 66 -24.04 36.59 -11.92
C PHE B 66 -24.09 35.56 -13.04
N HIS B 67 -25.05 34.64 -13.00
CA HIS B 67 -25.09 33.57 -13.99
C HIS B 67 -25.62 34.04 -15.34
N VAL B 68 -26.42 35.11 -15.36
CA VAL B 68 -26.80 35.72 -16.63
C VAL B 68 -25.64 36.49 -17.23
N ALA B 69 -24.89 37.20 -16.38
CA ALA B 69 -23.74 37.98 -16.87
C ALA B 69 -22.60 37.07 -17.32
N TRP B 70 -22.49 35.88 -16.74
CA TRP B 70 -21.41 34.95 -17.06
C TRP B 70 -21.78 34.01 -18.19
N GLN B 71 -22.98 33.44 -18.16
CA GLN B 71 -23.35 32.36 -19.08
C GLN B 71 -24.59 32.64 -19.91
N GLY B 72 -25.26 33.77 -19.70
CA GLY B 72 -26.46 34.10 -20.44
C GLY B 72 -26.18 34.81 -21.74
N ASN B 73 -27.24 35.35 -22.33
CA ASN B 73 -27.17 36.04 -23.61
C ASN B 73 -27.90 37.37 -23.54
N PHE B 74 -27.67 38.13 -22.47
CA PHE B 74 -28.46 39.34 -22.21
C PHE B 74 -28.15 40.44 -23.21
N GLU B 75 -26.89 40.60 -23.60
CA GLU B 75 -26.56 41.61 -24.60
C GLU B 75 -27.01 41.20 -26.01
N GLN B 76 -27.16 39.91 -26.27
CA GLN B 76 -27.71 39.46 -27.55
C GLN B 76 -29.23 39.48 -27.56
N TRP B 77 -29.85 39.36 -26.38
CA TRP B 77 -31.31 39.29 -26.31
C TRP B 77 -31.95 40.66 -26.43
N ILE B 78 -31.27 41.72 -25.98
CA ILE B 78 -31.84 43.07 -26.02
C ILE B 78 -31.81 43.69 -27.41
N GLN B 79 -31.19 43.02 -28.39
CA GLN B 79 -31.24 43.48 -29.78
C GLN B 79 -32.63 43.28 -30.36
N ASP B 80 -33.17 42.07 -30.22
CA ASP B 80 -34.54 41.76 -30.62
C ASP B 80 -35.09 40.83 -29.56
N PRO B 81 -35.80 41.36 -28.56
CA PRO B 81 -36.37 40.47 -27.52
C PRO B 81 -37.52 39.58 -27.99
N LEU B 82 -38.05 39.80 -29.19
CA LEU B 82 -39.14 38.96 -29.70
C LEU B 82 -38.65 37.78 -30.51
N ASN B 83 -37.45 37.85 -31.09
CA ASN B 83 -36.89 36.75 -31.87
C ASN B 83 -35.75 36.03 -31.15
N ASN B 84 -35.45 36.43 -29.92
CA ASN B 84 -34.40 35.78 -29.13
C ASN B 84 -35.03 35.07 -27.94
N SER B 85 -34.20 34.31 -27.25
CA SER B 85 -34.64 33.49 -26.13
C SER B 85 -33.67 33.70 -24.96
N PRO B 86 -34.17 34.02 -23.78
CA PRO B 86 -33.27 34.27 -22.64
C PRO B 86 -32.67 32.99 -22.11
N ILE B 87 -31.40 33.07 -21.73
CA ILE B 87 -30.65 31.93 -21.22
C ILE B 87 -30.55 32.05 -19.71
N ALA B 88 -30.94 30.99 -18.99
CA ALA B 88 -30.88 31.01 -17.54
C ALA B 88 -29.45 30.81 -17.03
N HIS B 89 -28.86 29.65 -17.31
CA HIS B 89 -27.47 29.39 -17.00
C HIS B 89 -27.00 28.26 -17.92
N ALA B 90 -25.73 27.90 -17.79
CA ALA B 90 -25.19 26.81 -18.58
C ALA B 90 -25.46 25.47 -17.90
N ILE B 91 -25.33 24.40 -18.67
CA ILE B 91 -25.51 23.04 -18.19
C ILE B 91 -24.16 22.37 -18.10
N TRP B 92 -23.85 21.77 -16.95
CA TRP B 92 -22.71 20.89 -16.83
C TRP B 92 -23.19 19.59 -16.19
N ASP B 93 -23.47 18.60 -17.04
CA ASP B 93 -23.91 17.27 -16.61
C ASP B 93 -23.11 16.30 -17.45
N ALA B 94 -22.10 15.66 -16.83
CA ALA B 94 -21.17 14.80 -17.55
C ALA B 94 -21.78 13.44 -17.93
N GLN B 95 -23.03 13.19 -17.58
CA GLN B 95 -23.74 12.01 -18.02
C GLN B 95 -24.50 12.24 -19.31
N PHE B 96 -24.45 13.45 -19.85
CA PHE B 96 -25.09 13.77 -21.13
C PHE B 96 -24.43 13.01 -22.28
N GLY B 97 -25.26 12.52 -23.20
CA GLY B 97 -24.78 12.03 -24.46
C GLY B 97 -24.76 13.14 -25.49
N PRO B 98 -24.19 12.88 -26.66
CA PRO B 98 -24.14 13.90 -27.73
C PRO B 98 -25.51 14.32 -28.27
N PRO B 99 -26.56 13.48 -28.31
CA PRO B 99 -27.87 14.06 -28.65
C PRO B 99 -28.44 14.98 -27.58
N ALA B 100 -28.11 14.78 -26.31
CA ALA B 100 -28.57 15.72 -25.29
C ALA B 100 -27.75 17.01 -25.29
N ILE B 101 -26.47 16.92 -25.64
CA ILE B 101 -25.64 18.11 -25.78
C ILE B 101 -26.10 18.97 -26.95
N ALA B 102 -26.48 18.32 -28.06
CA ALA B 102 -26.97 19.06 -29.22
C ALA B 102 -28.35 19.66 -28.98
N ALA B 103 -29.17 18.98 -28.17
CA ALA B 103 -30.54 19.46 -27.95
C ALA B 103 -30.58 20.68 -27.05
N TYR B 104 -29.66 20.78 -26.10
CA TYR B 104 -29.65 21.89 -25.16
C TYR B 104 -28.67 22.99 -25.55
N THR B 105 -27.88 22.78 -26.60
CA THR B 105 -27.16 23.87 -27.26
C THR B 105 -28.16 24.63 -28.11
N GLN B 106 -28.88 25.55 -27.46
CA GLN B 106 -30.03 26.22 -28.05
C GLN B 106 -29.89 27.72 -27.84
N ALA B 107 -30.82 28.45 -28.46
CA ALA B 107 -30.95 29.92 -28.36
C ALA B 107 -29.68 30.64 -28.79
N GLY B 108 -28.99 30.10 -29.79
CA GLY B 108 -27.79 30.71 -30.29
C GLY B 108 -26.58 30.60 -29.39
N ALA B 109 -26.61 29.70 -28.41
CA ALA B 109 -25.46 29.48 -27.54
C ALA B 109 -24.51 28.45 -28.14
N MET B 110 -23.30 28.42 -27.62
CA MET B 110 -22.27 27.49 -28.07
C MET B 110 -21.97 26.41 -27.02
N ASN B 111 -22.87 26.24 -26.05
CA ASN B 111 -22.76 25.22 -25.03
C ASN B 111 -24.17 24.88 -24.57
N PRO B 112 -24.37 23.75 -23.88
CA PRO B 112 -25.72 23.45 -23.37
C PRO B 112 -26.17 24.45 -22.32
N VAL B 113 -27.40 24.96 -22.49
CA VAL B 113 -27.95 26.01 -21.65
C VAL B 113 -29.41 25.70 -21.35
N ASP B 114 -29.92 26.35 -20.30
CA ASP B 114 -31.35 26.37 -20.02
C ASP B 114 -31.95 27.68 -20.50
N ILE B 115 -33.18 27.61 -20.98
CA ILE B 115 -33.92 28.80 -21.37
C ILE B 115 -34.54 29.42 -20.13
N CYS B 116 -34.25 30.70 -19.88
CA CYS B 116 -34.84 31.39 -18.73
C CYS B 116 -36.34 31.60 -18.93
N TYR B 117 -37.12 31.22 -17.91
CA TYR B 117 -38.57 31.44 -17.93
C TYR B 117 -39.05 32.26 -16.75
N SER B 118 -38.14 32.89 -16.01
CA SER B 118 -38.52 33.68 -14.84
C SER B 118 -38.83 35.13 -15.18
N GLY B 119 -38.45 35.60 -16.36
CA GLY B 119 -38.74 36.96 -16.76
C GLY B 119 -37.78 38.01 -16.26
N VAL B 120 -36.62 37.60 -15.72
CA VAL B 120 -35.68 38.58 -15.20
C VAL B 120 -34.98 39.34 -16.31
N TYR B 121 -34.96 38.80 -17.53
CA TYR B 121 -34.45 39.56 -18.66
C TYR B 121 -35.35 40.75 -19.00
N HIS B 122 -36.66 40.52 -18.98
CA HIS B 122 -37.61 41.59 -19.27
C HIS B 122 -37.65 42.62 -18.15
N TRP B 123 -37.35 42.21 -16.92
CA TRP B 123 -37.36 43.10 -15.79
C TRP B 123 -36.11 43.99 -15.76
N TRP B 124 -34.94 43.40 -16.03
CA TRP B 124 -33.71 44.20 -16.02
C TRP B 124 -33.64 45.12 -17.23
N TYR B 125 -34.24 44.72 -18.35
CA TYR B 125 -34.22 45.55 -19.56
C TYR B 125 -35.06 46.81 -19.39
N THR B 126 -36.18 46.70 -18.68
CA THR B 126 -37.05 47.85 -18.48
C THR B 126 -36.44 48.86 -17.51
N ILE B 127 -35.77 48.37 -16.46
CA ILE B 127 -35.20 49.26 -15.45
C ILE B 127 -33.84 49.81 -15.84
N GLY B 128 -33.32 49.47 -17.02
CA GLY B 128 -32.19 50.16 -17.58
C GLY B 128 -30.91 49.37 -17.72
N MET B 129 -30.90 48.07 -17.40
CA MET B 129 -29.70 47.27 -17.61
C MET B 129 -29.51 47.03 -19.10
N ARG B 130 -28.29 47.22 -19.58
CA ARG B 130 -28.02 47.10 -21.01
C ARG B 130 -26.85 46.18 -21.29
N THR B 131 -25.88 46.12 -20.38
CA THR B 131 -24.66 45.35 -20.61
C THR B 131 -24.49 44.29 -19.53
N ASN B 132 -23.62 43.33 -19.81
CA ASN B 132 -23.25 42.33 -18.81
C ASN B 132 -22.37 42.92 -17.71
N ASN B 133 -21.74 44.07 -17.97
CA ASN B 133 -21.03 44.78 -16.91
C ASN B 133 -22.00 45.44 -15.96
N ASP B 134 -23.21 45.81 -16.43
CA ASP B 134 -24.24 46.31 -15.53
C ASP B 134 -24.73 45.23 -14.59
N LEU B 135 -24.90 44.01 -15.09
CA LEU B 135 -25.40 42.92 -14.27
C LEU B 135 -24.34 42.41 -13.31
N PHE B 136 -23.06 42.59 -13.65
CA PHE B 136 -21.99 42.09 -12.80
C PHE B 136 -21.82 42.94 -11.55
N MET B 137 -21.77 44.27 -11.72
CA MET B 137 -21.65 45.15 -10.56
C MET B 137 -22.93 45.19 -9.74
N GLY B 138 -24.09 44.89 -10.34
CA GLY B 138 -25.28 44.65 -9.56
C GLY B 138 -25.17 43.38 -8.75
N SER B 139 -24.52 42.35 -9.30
CA SER B 139 -24.32 41.10 -8.57
C SER B 139 -23.26 41.25 -7.48
N ILE B 140 -22.27 42.12 -7.69
CA ILE B 140 -21.26 42.36 -6.67
C ILE B 140 -21.82 43.21 -5.55
N PHE B 141 -22.70 44.16 -5.88
CA PHE B 141 -23.31 45.03 -4.88
C PHE B 141 -24.23 44.26 -3.96
N LEU B 142 -25.00 43.31 -4.50
CA LEU B 142 -25.83 42.46 -3.65
C LEU B 142 -25.00 41.41 -2.92
N LEU B 143 -23.82 41.11 -3.43
CA LEU B 143 -22.91 40.18 -2.75
C LEU B 143 -22.34 40.84 -1.49
N LEU B 144 -22.18 42.17 -1.52
CA LEU B 144 -21.77 42.94 -0.36
C LEU B 144 -22.95 43.40 0.50
N LEU B 145 -24.13 43.56 -0.10
CA LEU B 145 -25.31 43.93 0.67
C LEU B 145 -25.77 42.78 1.56
N SER B 146 -25.64 41.54 1.05
CA SER B 146 -25.96 40.37 1.87
C SER B 146 -24.96 40.18 3.00
N SER B 147 -23.70 40.53 2.77
CA SER B 147 -22.71 40.46 3.84
C SER B 147 -22.91 41.55 4.89
N VAL B 148 -23.58 42.64 4.52
CA VAL B 148 -23.99 43.63 5.51
C VAL B 148 -25.13 43.08 6.37
N MET B 149 -26.04 42.33 5.75
CA MET B 149 -27.14 41.70 6.48
C MET B 149 -26.62 40.61 7.41
N LEU B 150 -25.59 39.88 7.00
CA LEU B 150 -24.99 38.88 7.88
C LEU B 150 -24.22 39.54 9.02
N TYR B 151 -23.69 40.74 8.79
CA TYR B 151 -23.00 41.46 9.86
C TYR B 151 -24.00 41.98 10.89
N ALA B 152 -25.13 42.53 10.43
CA ALA B 152 -26.12 43.11 11.33
C ALA B 152 -26.84 42.04 12.14
N GLY B 153 -26.94 40.83 11.63
CA GLY B 153 -27.48 39.74 12.43
C GLY B 153 -26.52 39.32 13.53
N TRP B 154 -25.23 39.26 13.20
CA TRP B 154 -24.23 38.96 14.22
C TRP B 154 -24.07 40.12 15.20
N LEU B 155 -24.21 41.36 14.70
CA LEU B 155 -24.00 42.52 15.56
C LEU B 155 -25.11 42.67 16.58
N HIS B 156 -26.36 42.51 16.15
CA HIS B 156 -27.49 42.65 17.06
C HIS B 156 -27.73 41.42 17.92
N LEU B 157 -26.78 40.47 17.94
CA LEU B 157 -26.69 39.42 18.94
C LEU B 157 -25.59 39.68 19.96
N GLN B 158 -24.72 40.65 19.70
CA GLN B 158 -23.69 41.02 20.66
C GLN B 158 -24.32 41.70 21.87
N PRO B 159 -23.73 41.54 23.07
CA PRO B 159 -24.41 41.99 24.30
C PRO B 159 -24.66 43.50 24.39
N ARG B 160 -23.82 44.33 23.78
CA ARG B 160 -24.09 45.76 23.81
C ARG B 160 -25.19 46.16 22.82
N PHE B 161 -25.34 45.40 21.74
CA PHE B 161 -26.25 45.76 20.66
C PHE B 161 -27.52 44.94 20.63
N ARG B 162 -27.70 44.04 21.59
CA ARG B 162 -28.94 43.27 21.69
C ARG B 162 -30.07 44.20 22.13
N PRO B 163 -31.14 44.33 21.34
CA PRO B 163 -32.23 45.22 21.73
C PRO B 163 -33.10 44.61 22.82
N GLY B 164 -33.58 45.47 23.71
CA GLY B 164 -34.45 45.04 24.77
C GLY B 164 -35.86 44.79 24.29
N LEU B 165 -36.69 44.25 25.19
CA LEU B 165 -38.04 43.84 24.83
C LEU B 165 -38.93 45.03 24.50
N ALA B 166 -38.73 46.17 25.17
CA ALA B 166 -39.57 47.35 24.93
C ALA B 166 -39.31 47.95 23.55
N TRP B 167 -38.11 47.76 23.01
CA TRP B 167 -37.83 48.18 21.63
C TRP B 167 -38.59 47.32 20.63
N PHE B 168 -38.75 46.03 20.93
CA PHE B 168 -39.44 45.14 20.01
C PHE B 168 -40.95 45.36 20.04
N LYS B 169 -41.48 45.79 21.18
CA LYS B 169 -42.92 46.01 21.33
C LYS B 169 -43.35 47.41 20.93
N ASN B 170 -42.41 48.26 20.48
CA ASN B 170 -42.74 49.61 20.06
C ASN B 170 -43.46 49.57 18.71
N ALA B 171 -44.77 49.39 18.73
CA ALA B 171 -45.56 49.23 17.51
C ALA B 171 -45.93 50.55 16.86
N GLU B 172 -45.56 51.67 17.45
CA GLU B 172 -45.75 52.99 16.83
C GLU B 172 -44.50 53.47 16.10
N SER B 173 -43.32 53.27 16.70
CA SER B 173 -42.09 53.66 16.03
C SER B 173 -41.76 52.75 14.86
N ARG B 174 -42.25 51.52 14.87
CA ARG B 174 -42.04 50.63 13.74
C ARG B 174 -43.03 50.93 12.61
N LEU B 175 -44.29 51.15 12.96
CA LEU B 175 -45.31 51.40 11.95
C LEU B 175 -45.15 52.76 11.29
N ASN B 176 -44.55 53.72 11.99
CA ASN B 176 -44.22 55.00 11.37
C ASN B 176 -43.01 54.86 10.44
N HIS B 177 -41.97 54.19 10.92
CA HIS B 177 -40.74 54.06 10.14
C HIS B 177 -40.91 53.15 8.94
N HIS B 178 -41.79 52.16 9.02
CA HIS B 178 -41.98 51.27 7.89
C HIS B 178 -42.92 51.87 6.86
N LEU B 179 -43.87 52.70 7.28
CA LEU B 179 -44.74 53.38 6.33
C LEU B 179 -43.98 54.47 5.57
N ALA B 180 -43.21 55.29 6.29
CA ALA B 180 -42.55 56.42 5.67
C ALA B 180 -41.17 56.09 5.11
N GLY B 181 -40.43 55.21 5.74
CA GLY B 181 -39.09 54.89 5.26
C GLY B 181 -39.02 53.65 4.39
N LEU B 182 -39.60 52.54 4.86
CA LEU B 182 -39.52 51.29 4.11
C LEU B 182 -40.45 51.32 2.91
N PHE B 183 -41.63 51.93 3.05
CA PHE B 183 -42.59 52.00 1.96
C PHE B 183 -42.54 53.33 1.22
N GLY B 184 -42.18 54.41 1.88
CA GLY B 184 -42.21 55.72 1.25
C GLY B 184 -40.89 56.17 0.63
N VAL B 185 -39.82 56.12 1.43
CA VAL B 185 -38.51 56.56 0.94
C VAL B 185 -37.98 55.60 -0.12
N SER B 186 -38.25 54.30 0.03
CA SER B 186 -37.83 53.34 -0.98
C SER B 186 -38.64 53.50 -2.27
N SER B 187 -39.92 53.84 -2.16
CA SER B 187 -40.68 54.16 -3.37
C SER B 187 -40.29 55.51 -3.94
N LEU B 188 -39.77 56.41 -3.10
CA LEU B 188 -39.25 57.68 -3.62
C LEU B 188 -37.91 57.48 -4.31
N ALA B 189 -37.04 56.65 -3.71
CA ALA B 189 -35.76 56.37 -4.34
C ALA B 189 -35.92 55.52 -5.59
N TRP B 190 -36.99 54.75 -5.69
CA TRP B 190 -37.21 53.99 -6.91
C TRP B 190 -37.68 54.88 -8.05
N THR B 191 -38.46 55.92 -7.74
CA THR B 191 -38.77 56.94 -8.75
C THR B 191 -37.51 57.67 -9.18
N GLY B 192 -36.60 57.93 -8.22
CA GLY B 192 -35.32 58.52 -8.56
C GLY B 192 -34.46 57.64 -9.45
N HIS B 193 -34.61 56.32 -9.34
CA HIS B 193 -33.95 55.46 -10.31
C HIS B 193 -34.67 55.46 -11.65
N LEU B 194 -36.01 55.58 -11.63
CA LEU B 194 -36.77 55.49 -12.87
C LEU B 194 -36.56 56.72 -13.75
N VAL B 195 -36.53 57.92 -13.15
CA VAL B 195 -36.40 59.12 -13.96
C VAL B 195 -34.95 59.51 -14.25
N HIS B 196 -33.99 59.07 -13.45
CA HIS B 196 -32.59 59.36 -13.74
C HIS B 196 -31.93 58.31 -14.60
N VAL B 197 -32.36 57.05 -14.51
CA VAL B 197 -31.64 55.95 -15.16
C VAL B 197 -32.54 55.22 -16.16
N ALA B 198 -33.69 54.72 -15.69
CA ALA B 198 -34.48 53.81 -16.52
C ALA B 198 -35.18 54.51 -17.66
N LEU B 199 -35.54 55.78 -17.49
CA LEU B 199 -36.13 56.53 -18.59
C LEU B 199 -35.12 57.00 -19.65
N PRO B 200 -33.90 57.47 -19.32
CA PRO B 200 -32.95 57.76 -20.42
C PRO B 200 -32.44 56.53 -21.14
N GLU B 201 -32.24 55.40 -20.44
CA GLU B 201 -31.81 54.18 -21.14
C GLU B 201 -32.92 53.62 -22.02
N SER B 202 -34.17 53.90 -21.69
CA SER B 202 -35.28 53.59 -22.59
C SER B 202 -35.29 54.50 -23.81
N ARG B 203 -34.62 55.65 -23.76
CA ARG B 203 -34.58 56.60 -24.86
C ARG B 203 -33.17 56.72 -25.44
N GLY B 204 -32.35 55.69 -25.29
CA GLY B 204 -31.07 55.62 -25.94
C GLY B 204 -29.92 56.30 -25.24
N GLN B 205 -30.15 56.96 -24.11
CA GLN B 205 -29.11 57.68 -23.40
C GLN B 205 -28.56 56.82 -22.27
N HIS B 206 -27.26 56.52 -22.32
CA HIS B 206 -26.62 55.75 -21.27
C HIS B 206 -26.40 56.64 -20.05
N VAL B 207 -26.92 56.21 -18.90
CA VAL B 207 -26.71 56.90 -17.63
C VAL B 207 -26.13 55.88 -16.66
N GLY B 208 -24.87 56.07 -16.27
CA GLY B 208 -24.24 55.21 -15.30
C GLY B 208 -23.71 55.99 -14.12
N TRP B 209 -22.90 55.37 -13.27
CA TRP B 209 -22.34 56.08 -12.12
C TRP B 209 -21.26 57.08 -12.50
N ASP B 210 -20.75 57.03 -13.73
CA ASP B 210 -19.72 57.96 -14.16
C ASP B 210 -20.28 59.24 -14.75
N ASN B 211 -21.53 59.25 -15.23
CA ASN B 211 -22.07 60.42 -15.93
C ASN B 211 -23.48 60.80 -15.48
N PHE B 212 -23.90 60.39 -14.29
CA PHE B 212 -25.24 60.76 -13.83
C PHE B 212 -25.27 62.09 -13.10
N LEU B 213 -24.12 62.59 -12.63
CA LEU B 213 -24.08 63.92 -12.05
C LEU B 213 -24.05 65.02 -13.10
N SER B 214 -23.82 64.66 -14.37
CA SER B 214 -23.84 65.63 -15.47
C SER B 214 -25.20 65.68 -16.14
N ILE B 215 -25.72 64.53 -16.55
CA ILE B 215 -26.94 64.45 -17.34
C ILE B 215 -28.14 64.66 -16.44
N ARG B 216 -28.96 65.66 -16.75
CA ARG B 216 -30.19 65.88 -16.02
C ARG B 216 -31.27 64.89 -16.49
N PRO B 217 -32.22 64.56 -15.62
CA PRO B 217 -33.39 63.79 -16.07
C PRO B 217 -34.31 64.57 -16.99
N HIS B 218 -34.29 65.89 -16.93
CA HIS B 218 -35.19 66.71 -17.73
C HIS B 218 -34.42 67.86 -18.38
N PRO B 219 -34.82 68.26 -19.59
CA PRO B 219 -34.24 69.47 -20.19
C PRO B 219 -34.45 70.73 -19.36
N GLU B 220 -35.64 70.92 -18.81
CA GLU B 220 -35.86 71.93 -17.77
C GLU B 220 -35.53 71.27 -16.44
N GLY B 221 -34.25 71.31 -16.08
CA GLY B 221 -33.78 70.51 -14.96
C GLY B 221 -34.08 71.09 -13.58
N LEU B 222 -35.05 70.48 -12.90
CA LEU B 222 -35.36 70.58 -11.47
C LEU B 222 -35.98 71.92 -11.08
N ALA B 223 -36.02 72.87 -12.01
CA ALA B 223 -36.67 74.16 -11.83
C ALA B 223 -38.20 74.14 -11.93
N PRO B 224 -38.86 73.33 -12.79
CA PRO B 224 -40.33 73.26 -12.70
C PRO B 224 -40.87 72.65 -11.41
N LEU B 225 -40.06 71.91 -10.65
CA LEU B 225 -40.53 71.40 -9.37
C LEU B 225 -40.61 72.52 -8.33
N PHE B 226 -39.59 73.39 -8.31
CA PHE B 226 -39.55 74.46 -7.32
C PHE B 226 -40.53 75.58 -7.65
N THR B 227 -40.68 75.92 -8.92
CA THR B 227 -41.58 76.99 -9.34
C THR B 227 -43.03 76.54 -9.45
N GLY B 228 -43.35 75.31 -9.08
CA GLY B 228 -44.72 74.84 -9.04
C GLY B 228 -45.35 74.58 -10.39
N ASN B 229 -44.58 74.62 -11.47
CA ASN B 229 -45.11 74.30 -12.80
C ASN B 229 -44.80 72.82 -13.07
N TRP B 230 -45.51 71.96 -12.34
CA TRP B 230 -45.24 70.53 -12.39
C TRP B 230 -45.72 69.88 -13.68
N GLY B 231 -46.60 70.54 -14.43
CA GLY B 231 -47.01 70.08 -15.74
C GLY B 231 -45.93 70.14 -16.81
N ALA B 232 -44.79 70.79 -16.51
CA ALA B 232 -43.62 70.75 -17.36
C ALA B 232 -42.86 69.43 -17.28
N TYR B 233 -43.27 68.52 -16.38
CA TYR B 233 -42.78 67.15 -16.40
C TYR B 233 -43.68 66.24 -17.21
N ALA B 234 -44.92 66.64 -17.44
CA ALA B 234 -45.80 65.96 -18.40
C ALA B 234 -45.65 66.63 -19.76
N GLN B 235 -44.48 66.40 -20.35
CA GLN B 235 -44.12 66.90 -21.68
C GLN B 235 -44.72 66.03 -22.77
N ASN B 236 -44.17 66.12 -23.99
CA ASN B 236 -44.43 65.11 -25.02
C ASN B 236 -44.07 63.74 -24.44
N PRO B 237 -45.09 62.90 -24.12
CA PRO B 237 -44.82 61.71 -23.31
C PRO B 237 -43.97 60.64 -24.00
N ASP B 238 -44.48 60.11 -25.10
CA ASP B 238 -43.85 59.17 -26.01
C ASP B 238 -44.76 59.04 -27.22
N THR B 239 -44.17 59.04 -28.41
CA THR B 239 -44.96 58.85 -29.61
C THR B 239 -45.43 57.39 -29.73
N ALA B 240 -46.40 57.18 -30.62
CA ALA B 240 -46.89 55.82 -30.87
C ALA B 240 -45.91 55.00 -31.71
N GLU B 241 -44.85 55.61 -32.22
CA GLU B 241 -43.83 54.92 -32.99
C GLU B 241 -42.48 54.92 -32.27
N HIS B 242 -42.50 55.01 -30.94
CA HIS B 242 -41.26 54.95 -30.18
C HIS B 242 -40.73 53.53 -30.13
N ALA B 243 -39.43 53.37 -30.36
CA ALA B 243 -38.76 52.10 -30.19
C ALA B 243 -38.02 52.11 -28.86
N PHE B 244 -38.26 51.09 -28.05
CA PHE B 244 -37.67 51.00 -26.72
C PHE B 244 -36.16 50.84 -26.80
N GLY B 245 -35.44 51.62 -26.00
CA GLY B 245 -34.00 51.59 -25.99
C GLY B 245 -33.33 52.49 -26.99
N THR B 246 -34.07 53.12 -27.90
CA THR B 246 -33.52 54.00 -28.91
C THR B 246 -34.08 55.40 -28.76
N ALA B 247 -33.37 56.37 -29.35
CA ALA B 247 -33.74 57.77 -29.24
C ALA B 247 -34.82 58.18 -30.24
N GLN B 248 -35.11 57.36 -31.24
CA GLN B 248 -36.09 57.72 -32.25
C GLN B 248 -37.50 57.56 -31.70
N GLY B 249 -38.32 58.60 -31.88
CA GLY B 249 -39.68 58.59 -31.38
C GLY B 249 -39.81 58.85 -29.90
N ALA B 250 -38.74 59.26 -29.25
CA ALA B 250 -38.70 59.39 -27.79
C ALA B 250 -39.16 60.78 -27.36
N GLY B 251 -39.60 60.86 -26.10
CA GLY B 251 -40.00 62.09 -25.49
C GLY B 251 -39.03 62.54 -24.41
N SER B 252 -39.41 63.62 -23.73
CA SER B 252 -38.64 64.12 -22.60
C SER B 252 -39.42 64.06 -21.30
N ALA B 253 -40.69 63.65 -21.33
CA ALA B 253 -41.51 63.60 -20.13
C ALA B 253 -41.03 62.51 -19.18
N ILE B 254 -41.17 62.79 -17.89
CA ILE B 254 -40.78 61.84 -16.86
C ILE B 254 -41.93 61.44 -15.95
N LEU B 255 -43.03 62.18 -15.92
CA LEU B 255 -44.18 61.85 -15.07
C LEU B 255 -45.44 62.16 -15.87
N THR B 256 -46.13 61.13 -16.31
CA THR B 256 -47.30 61.28 -17.18
C THR B 256 -48.41 60.40 -16.61
N PHE B 257 -49.63 60.60 -17.11
CA PHE B 257 -50.84 59.96 -16.62
C PHE B 257 -51.62 59.35 -17.77
N LEU B 258 -50.93 58.59 -18.62
CA LEU B 258 -51.50 58.10 -19.87
C LEU B 258 -52.48 56.95 -19.62
N GLY B 259 -52.01 55.89 -18.98
CA GLY B 259 -52.76 54.65 -18.92
C GLY B 259 -52.58 53.83 -20.18
N GLY B 260 -53.08 52.59 -20.13
CA GLY B 260 -52.93 51.72 -21.27
C GLY B 260 -51.51 51.20 -21.40
N PHE B 261 -51.10 50.98 -22.64
CA PHE B 261 -49.83 50.32 -22.91
C PHE B 261 -49.02 51.05 -23.98
N HIS B 262 -47.70 51.04 -23.77
CA HIS B 262 -46.75 51.30 -24.84
C HIS B 262 -47.02 50.36 -26.00
N PRO B 263 -47.18 50.86 -27.23
CA PRO B 263 -47.68 50.00 -28.31
C PRO B 263 -46.67 48.99 -28.82
N GLN B 264 -45.38 49.28 -28.75
CA GLN B 264 -44.38 48.33 -29.25
C GLN B 264 -44.10 47.25 -28.23
N THR B 265 -43.78 47.64 -27.00
CA THR B 265 -43.43 46.69 -25.95
C THR B 265 -44.62 45.97 -25.35
N GLU B 266 -45.85 46.44 -25.65
CA GLU B 266 -47.12 45.90 -25.13
C GLU B 266 -47.16 45.94 -23.60
N SER B 267 -46.48 46.90 -22.98
CA SER B 267 -46.37 46.98 -21.54
C SER B 267 -46.66 48.40 -21.07
N LEU B 268 -46.65 48.58 -19.75
CA LEU B 268 -46.96 49.87 -19.14
C LEU B 268 -45.87 50.89 -19.47
N TRP B 269 -46.29 52.15 -19.55
CA TRP B 269 -45.35 53.24 -19.80
C TRP B 269 -44.46 53.44 -18.59
N LEU B 270 -43.19 53.76 -18.84
CA LEU B 270 -42.26 54.05 -17.76
C LEU B 270 -42.55 55.37 -17.08
N THR B 271 -43.27 56.27 -17.76
CA THR B 271 -43.69 57.52 -17.14
C THR B 271 -44.91 57.33 -16.26
N ASP B 272 -45.83 56.42 -16.64
CA ASP B 272 -46.90 56.10 -15.71
C ASP B 272 -46.38 55.32 -14.51
N MET B 273 -45.32 54.54 -14.68
CA MET B 273 -44.75 53.81 -13.56
C MET B 273 -43.88 54.70 -12.67
N ALA B 274 -43.36 55.81 -13.21
CA ALA B 274 -42.62 56.75 -12.38
C ALA B 274 -43.56 57.65 -11.59
N HIS B 275 -44.65 58.10 -12.20
CA HIS B 275 -45.66 58.86 -11.49
C HIS B 275 -46.45 58.00 -10.53
N HIS B 276 -46.47 56.68 -10.75
CA HIS B 276 -47.05 55.76 -9.77
C HIS B 276 -46.25 55.76 -8.49
N HIS B 277 -44.96 55.45 -8.59
CA HIS B 277 -44.11 55.30 -7.42
C HIS B 277 -43.78 56.63 -6.75
N LEU B 278 -44.03 57.75 -7.41
CA LEU B 278 -43.89 59.04 -6.77
C LEU B 278 -45.14 59.41 -5.98
N ALA B 279 -46.32 59.12 -6.54
CA ALA B 279 -47.55 59.32 -5.81
C ALA B 279 -47.68 58.34 -4.65
N ILE B 280 -47.17 57.12 -4.84
CA ILE B 280 -47.18 56.12 -3.77
C ILE B 280 -46.22 56.53 -2.65
N ALA B 281 -45.11 57.17 -3.00
CA ALA B 281 -44.08 57.53 -2.03
C ALA B 281 -44.56 58.60 -1.07
N VAL B 282 -45.05 59.72 -1.60
CA VAL B 282 -45.43 60.86 -0.76
C VAL B 282 -46.68 60.55 0.04
N ILE B 283 -47.53 59.65 -0.44
CA ILE B 283 -48.68 59.19 0.34
C ILE B 283 -48.20 58.30 1.49
N PHE B 284 -47.21 57.44 1.24
CA PHE B 284 -46.67 56.60 2.31
C PHE B 284 -45.81 57.38 3.28
N ILE B 285 -45.15 58.45 2.82
CA ILE B 285 -44.40 59.31 3.73
C ILE B 285 -45.36 60.12 4.60
N VAL B 286 -46.49 60.54 4.04
CA VAL B 286 -47.53 61.19 4.82
C VAL B 286 -48.11 60.23 5.84
N ALA B 287 -48.40 58.98 5.43
CA ALA B 287 -48.98 57.98 6.33
C ALA B 287 -48.03 57.60 7.46
N GLY B 288 -46.73 57.73 7.26
CA GLY B 288 -45.75 57.50 8.29
C GLY B 288 -45.55 58.64 9.27
N HIS B 289 -46.43 59.64 9.25
CA HIS B 289 -46.41 60.75 10.18
C HIS B 289 -47.72 60.83 10.96
N MET B 290 -48.26 59.67 11.31
CA MET B 290 -49.57 59.60 11.94
C MET B 290 -49.51 59.26 13.42
N TYR B 291 -48.52 58.49 13.87
CA TYR B 291 -48.54 57.95 15.22
C TYR B 291 -47.48 58.60 16.10
N ARG B 292 -47.82 58.75 17.38
CA ARG B 292 -46.95 59.42 18.34
C ARG B 292 -45.82 58.48 18.78
N THR B 293 -44.59 58.97 18.70
CA THR B 293 -43.44 58.22 19.21
C THR B 293 -42.71 58.98 20.30
N ASN B 294 -42.20 60.18 20.01
CA ASN B 294 -41.27 60.88 20.89
C ASN B 294 -41.56 62.37 21.03
N PHE B 295 -42.54 62.91 20.31
CA PHE B 295 -42.64 64.35 20.11
C PHE B 295 -44.03 64.90 20.41
N GLY B 296 -44.90 64.11 21.04
CA GLY B 296 -46.22 64.61 21.42
C GLY B 296 -47.29 64.56 20.35
N ILE B 297 -46.97 64.99 19.14
CA ILE B 297 -47.92 64.90 18.03
C ILE B 297 -48.04 63.46 17.59
N GLY B 298 -49.23 63.09 17.13
CA GLY B 298 -49.44 61.75 16.62
C GLY B 298 -50.51 60.97 17.35
N HIS B 299 -51.19 60.08 16.65
CA HIS B 299 -52.20 59.23 17.24
C HIS B 299 -51.55 58.10 18.04
N ASN B 300 -52.35 57.46 18.88
CA ASN B 300 -51.89 56.33 19.68
C ASN B 300 -52.81 55.14 19.38
N ILE B 301 -52.20 54.05 18.90
CA ILE B 301 -52.95 52.97 18.27
C ILE B 301 -53.83 52.23 19.27
N LYS B 302 -53.42 52.15 20.54
CA LYS B 302 -54.19 51.39 21.51
C LYS B 302 -55.43 52.15 21.94
N GLU B 303 -55.42 53.48 21.82
CA GLU B 303 -56.57 54.30 22.16
C GLU B 303 -57.72 54.13 21.16
N MET B 304 -57.40 53.95 19.87
CA MET B 304 -58.44 53.70 18.89
C MET B 304 -59.02 52.29 19.03
N THR B 305 -58.25 51.35 19.58
CA THR B 305 -58.77 50.01 19.79
C THR B 305 -59.53 49.91 21.11
N GLU B 306 -59.00 50.52 22.19
CA GLU B 306 -59.61 50.33 23.51
C GLU B 306 -60.92 51.11 23.63
N ALA B 307 -60.99 52.28 22.99
CA ALA B 307 -62.22 53.07 23.00
C ALA B 307 -63.08 52.77 21.78
N LEU B 308 -63.34 51.48 21.54
CA LEU B 308 -64.12 51.00 20.41
C LEU B 308 -64.97 49.84 20.93
N GLN B 309 -66.17 50.17 21.41
CA GLN B 309 -67.10 49.18 21.97
C GLN B 309 -68.51 49.63 21.61
N GLY B 310 -69.49 49.01 22.27
CA GLY B 310 -70.88 49.36 22.06
C GLY B 310 -71.29 50.63 22.79
N GLY B 325 -66.08 46.90 19.61
CA GLY B 325 -65.88 45.66 20.32
C GLY B 325 -64.43 45.21 20.32
N HIS B 326 -63.52 46.18 20.25
CA HIS B 326 -62.11 45.91 20.00
C HIS B 326 -61.24 46.11 21.24
N LYS B 327 -61.81 45.89 22.43
CA LYS B 327 -61.04 46.03 23.65
C LYS B 327 -60.06 44.86 23.80
N GLY B 328 -58.80 45.18 24.08
CA GLY B 328 -57.76 44.19 24.22
C GLY B 328 -57.17 43.69 22.92
N ILE B 329 -57.69 44.13 21.77
CA ILE B 329 -57.23 43.66 20.46
C ILE B 329 -55.82 44.16 20.17
N TYR B 330 -55.47 45.36 20.67
CA TYR B 330 -54.08 45.83 20.60
C TYR B 330 -53.14 44.89 21.33
N ASP B 331 -53.44 44.60 22.60
CA ASP B 331 -52.55 43.75 23.40
C ASP B 331 -52.57 42.31 22.94
N THR B 332 -53.66 41.88 22.28
CA THR B 332 -53.68 40.56 21.68
C THR B 332 -52.74 40.50 20.48
N TYR B 333 -52.78 41.53 19.65
CA TYR B 333 -51.88 41.65 18.50
C TYR B 333 -50.44 41.83 18.94
N ASN B 334 -50.19 42.76 19.87
CA ASN B 334 -48.83 43.19 20.15
C ASN B 334 -48.03 42.17 20.94
N ASN B 335 -48.71 41.32 21.73
CA ASN B 335 -48.02 40.38 22.58
C ASN B 335 -47.88 39.00 21.95
N SER B 336 -48.62 38.70 20.89
CA SER B 336 -48.61 37.40 20.26
C SER B 336 -47.90 37.46 18.93
N LEU B 337 -46.78 36.75 18.82
CA LEU B 337 -46.07 36.69 17.55
C LEU B 337 -46.78 35.81 16.54
N HIS B 338 -47.56 34.83 17.00
CA HIS B 338 -48.31 33.99 16.09
C HIS B 338 -49.55 34.69 15.55
N PHE B 339 -50.13 35.62 16.33
CA PHE B 339 -51.20 36.46 15.80
C PHE B 339 -50.67 37.39 14.73
N GLN B 340 -49.49 37.96 14.94
CA GLN B 340 -48.89 38.84 13.95
C GLN B 340 -48.48 38.06 12.71
N LEU B 341 -47.89 36.88 12.89
CA LEU B 341 -47.46 36.07 11.76
C LEU B 341 -48.65 35.61 10.93
N GLY B 342 -49.72 35.17 11.59
CA GLY B 342 -50.93 34.79 10.86
C GLY B 342 -51.62 35.97 10.20
N TRP B 343 -51.50 37.15 10.79
CA TRP B 343 -52.07 38.34 10.17
C TRP B 343 -51.26 38.77 8.96
N HIS B 344 -49.93 38.70 9.05
CA HIS B 344 -49.09 39.17 7.96
C HIS B 344 -49.01 38.15 6.83
N LEU B 345 -49.21 36.87 7.12
CA LEU B 345 -49.29 35.88 6.06
C LEU B 345 -50.59 36.01 5.27
N ALA B 346 -51.66 36.47 5.92
CA ALA B 346 -52.92 36.68 5.24
C ALA B 346 -52.85 37.90 4.32
N CYS B 347 -52.18 38.95 4.78
CA CYS B 347 -52.03 40.15 3.95
C CYS B 347 -51.06 39.91 2.81
N LEU B 348 -49.97 39.17 3.06
CA LEU B 348 -49.04 38.84 2.00
C LEU B 348 -49.64 37.83 1.03
N GLY B 349 -50.55 36.98 1.50
CA GLY B 349 -51.18 36.01 0.61
C GLY B 349 -52.20 36.63 -0.33
N VAL B 350 -52.88 37.69 0.11
CA VAL B 350 -53.80 38.40 -0.78
C VAL B 350 -53.02 39.16 -1.84
N ILE B 351 -51.90 39.77 -1.43
CA ILE B 351 -51.10 40.60 -2.34
C ILE B 351 -50.43 39.75 -3.41
N THR B 352 -49.95 38.55 -3.03
CA THR B 352 -49.31 37.67 -3.99
C THR B 352 -50.30 37.12 -5.01
N SER B 353 -51.57 36.98 -4.61
CA SER B 353 -52.61 36.73 -5.61
C SER B 353 -52.80 37.96 -6.49
N LEU B 354 -52.78 39.16 -5.90
CA LEU B 354 -53.00 40.38 -6.66
C LEU B 354 -51.84 40.67 -7.60
N VAL B 355 -50.62 40.29 -7.20
CA VAL B 355 -49.48 40.37 -8.10
C VAL B 355 -49.69 39.47 -9.32
N ALA B 356 -50.21 38.27 -9.10
CA ALA B 356 -50.41 37.34 -10.20
C ALA B 356 -51.57 37.78 -11.11
N GLN B 357 -52.64 38.32 -10.53
CA GLN B 357 -53.80 38.71 -11.34
C GLN B 357 -53.55 40.00 -12.12
N HIS B 358 -52.64 40.86 -11.66
CA HIS B 358 -52.44 42.14 -12.30
C HIS B 358 -51.22 42.19 -13.21
N MET B 359 -50.23 41.32 -13.00
CA MET B 359 -49.07 41.32 -13.87
C MET B 359 -49.36 40.68 -15.22
N TYR B 360 -50.34 39.79 -15.30
CA TYR B 360 -50.71 39.24 -16.60
C TYR B 360 -51.70 40.14 -17.33
N ALA B 361 -52.59 40.81 -16.60
CA ALA B 361 -53.58 41.66 -17.24
C ALA B 361 -52.98 42.98 -17.71
N MET B 362 -52.15 43.60 -16.86
CA MET B 362 -51.41 44.81 -17.20
C MET B 362 -49.93 44.46 -17.10
N PRO B 363 -49.32 43.95 -18.18
CA PRO B 363 -47.90 43.59 -18.14
C PRO B 363 -47.03 44.82 -17.96
N PRO B 364 -46.11 44.80 -17.01
CA PRO B 364 -45.31 45.99 -16.75
C PRO B 364 -43.92 45.97 -17.37
N TYR B 365 -43.50 44.83 -17.91
CA TYR B 365 -42.15 44.67 -18.41
C TYR B 365 -42.18 44.54 -19.93
N ALA B 366 -41.16 45.11 -20.57
CA ALA B 366 -41.13 45.23 -22.02
C ALA B 366 -41.04 43.86 -22.69
N PHE B 367 -41.94 43.62 -23.64
CA PHE B 367 -42.03 42.41 -24.45
C PHE B 367 -42.29 41.15 -23.64
N MET B 368 -42.81 41.27 -22.42
CA MET B 368 -43.04 40.07 -21.61
C MET B 368 -44.36 39.41 -21.94
N ALA B 369 -45.34 40.17 -22.44
CA ALA B 369 -46.64 39.63 -22.81
C ALA B 369 -46.58 38.74 -24.04
N ARG B 370 -45.49 38.74 -24.79
CA ARG B 370 -45.31 37.83 -25.91
C ARG B 370 -44.42 36.64 -25.58
N ASP B 371 -43.77 36.65 -24.42
CA ASP B 371 -43.10 35.46 -23.89
C ASP B 371 -44.18 34.68 -23.14
N TYR B 372 -44.82 33.74 -23.86
CA TYR B 372 -45.99 33.07 -23.33
C TYR B 372 -45.65 32.08 -22.22
N THR B 373 -44.48 31.45 -22.30
CA THR B 373 -44.08 30.50 -21.27
C THR B 373 -43.70 31.21 -19.98
N THR B 374 -43.16 32.43 -20.08
CA THR B 374 -42.84 33.20 -18.90
C THR B 374 -44.11 33.68 -18.20
N MET B 375 -45.11 34.13 -18.97
CA MET B 375 -46.38 34.57 -18.39
C MET B 375 -47.12 33.41 -17.73
N SER B 376 -47.04 32.22 -18.32
CA SER B 376 -47.63 31.06 -17.67
C SER B 376 -46.86 30.66 -16.42
N ALA B 377 -45.52 30.73 -16.47
CA ALA B 377 -44.72 30.35 -15.32
C ALA B 377 -44.88 31.35 -14.18
N LEU B 378 -44.97 32.65 -14.49
CA LEU B 378 -45.03 33.67 -13.45
C LEU B 378 -46.38 33.68 -12.75
N TYR B 379 -47.46 33.44 -13.50
CA TYR B 379 -48.79 33.40 -12.88
C TYR B 379 -48.91 32.19 -11.95
N THR B 380 -48.49 31.02 -12.42
CA THR B 380 -48.57 29.80 -11.63
C THR B 380 -47.65 29.85 -10.42
N HIS B 381 -46.51 30.54 -10.54
CA HIS B 381 -45.60 30.70 -9.42
C HIS B 381 -46.24 31.49 -8.28
N HIS B 382 -46.70 32.70 -8.60
CA HIS B 382 -47.20 33.59 -7.56
C HIS B 382 -48.58 33.20 -7.06
N GLN B 383 -49.31 32.38 -7.80
CA GLN B 383 -50.58 31.89 -7.27
C GLN B 383 -50.38 30.74 -6.29
N TYR B 384 -49.42 29.86 -6.57
CA TYR B 384 -49.13 28.77 -5.64
C TYR B 384 -48.42 29.28 -4.39
N ILE B 385 -47.62 30.34 -4.53
CA ILE B 385 -47.05 31.01 -3.35
C ILE B 385 -48.17 31.60 -2.49
N ALA B 386 -49.14 32.24 -3.15
CA ALA B 386 -50.24 32.90 -2.44
C ALA B 386 -51.14 31.89 -1.73
N GLY B 387 -51.36 30.73 -2.35
CA GLY B 387 -52.12 29.69 -1.68
C GLY B 387 -51.41 29.10 -0.49
N PHE B 388 -50.08 29.09 -0.52
CA PHE B 388 -49.32 28.57 0.62
C PHE B 388 -49.31 29.57 1.77
N LEU B 389 -49.20 30.87 1.47
CA LEU B 389 -49.26 31.88 2.52
C LEU B 389 -50.67 31.98 3.12
N MET B 390 -51.69 31.61 2.35
CA MET B 390 -53.05 31.69 2.86
C MET B 390 -53.32 30.59 3.89
N ILE B 391 -52.86 29.38 3.64
CA ILE B 391 -53.09 28.30 4.59
C ILE B 391 -52.14 28.40 5.79
N GLY B 392 -51.03 29.12 5.67
CA GLY B 392 -50.18 29.37 6.82
C GLY B 392 -50.66 30.51 7.69
N ALA B 393 -51.49 31.39 7.12
CA ALA B 393 -52.14 32.42 7.92
C ALA B 393 -53.14 31.81 8.90
N PHE B 394 -53.89 30.82 8.44
CA PHE B 394 -54.83 30.11 9.29
C PHE B 394 -54.13 29.14 10.23
N ALA B 395 -53.00 28.57 9.80
CA ALA B 395 -52.25 27.67 10.66
C ALA B 395 -51.65 28.42 11.85
N HIS B 396 -51.05 29.57 11.59
CA HIS B 396 -50.47 30.36 12.68
C HIS B 396 -51.53 31.13 13.44
N GLY B 397 -52.71 31.35 12.85
CA GLY B 397 -53.84 31.83 13.61
C GLY B 397 -54.44 30.77 14.51
N ALA B 398 -54.19 29.49 14.22
CA ALA B 398 -54.61 28.40 15.08
C ALA B 398 -53.60 28.08 16.17
N ILE B 399 -52.31 28.28 15.89
CA ILE B 399 -51.29 28.17 16.93
C ILE B 399 -51.45 29.28 17.95
N PHE B 400 -51.90 30.46 17.51
CA PHE B 400 -52.20 31.56 18.42
C PHE B 400 -53.31 31.20 19.40
N LEU B 401 -54.38 30.56 18.91
CA LEU B 401 -55.50 30.23 19.76
C LEU B 401 -55.18 29.13 20.76
N ILE B 402 -54.17 28.32 20.50
CA ILE B 402 -53.74 27.29 21.44
C ILE B 402 -52.74 27.85 22.45
N ARG B 403 -51.75 28.61 21.97
CA ARG B 403 -50.63 29.03 22.80
C ARG B 403 -50.81 30.42 23.42
N ASP B 404 -51.13 31.43 22.61
CA ASP B 404 -51.08 32.82 23.06
C ASP B 404 -52.42 33.41 23.46
N TYR B 405 -53.54 32.76 23.11
CA TYR B 405 -54.84 33.37 23.33
C TYR B 405 -55.23 33.31 24.80
N ASP B 406 -55.58 34.46 25.36
CA ASP B 406 -56.04 34.56 26.73
C ASP B 406 -57.53 34.84 26.75
N PRO B 407 -58.35 33.94 27.31
CA PRO B 407 -59.80 34.15 27.28
C PRO B 407 -60.29 35.23 28.22
N GLU B 408 -59.51 35.59 29.26
CA GLU B 408 -59.87 36.66 30.17
C GLU B 408 -59.41 38.03 29.70
N ALA B 409 -58.26 38.12 29.04
CA ALA B 409 -57.87 39.39 28.45
C ALA B 409 -58.71 39.73 27.23
N ASN B 410 -59.33 38.73 26.60
CA ASN B 410 -60.23 39.00 25.48
C ASN B 410 -61.65 38.55 25.81
N ARG B 411 -62.17 38.96 26.96
CA ARG B 411 -63.55 38.62 27.30
C ARG B 411 -64.53 39.50 26.54
N ASP B 412 -65.52 38.87 25.91
CA ASP B 412 -66.67 39.49 25.24
C ASP B 412 -66.26 40.42 24.08
N ASN B 413 -65.03 40.33 23.60
CA ASN B 413 -64.63 41.09 22.42
C ASN B 413 -64.89 40.21 21.19
N VAL B 414 -64.32 40.57 20.05
CA VAL B 414 -64.71 39.90 18.80
C VAL B 414 -64.10 38.50 18.72
N LEU B 415 -62.90 38.31 19.28
CA LEU B 415 -62.31 36.97 19.30
C LEU B 415 -63.08 36.02 20.20
N ALA B 416 -63.71 36.55 21.26
CA ALA B 416 -64.60 35.74 22.08
C ALA B 416 -65.91 35.45 21.37
N ARG B 417 -66.31 36.29 20.41
CA ARG B 417 -67.59 36.09 19.73
C ARG B 417 -67.53 34.90 18.78
N MET B 418 -66.49 34.78 17.95
CA MET B 418 -66.47 33.69 16.97
C MET B 418 -66.23 32.34 17.63
N LEU B 419 -65.51 32.32 18.75
CA LEU B 419 -65.34 31.06 19.47
C LEU B 419 -66.65 30.61 20.10
N ALA B 420 -67.55 31.55 20.39
CA ALA B 420 -68.92 31.23 20.79
C ALA B 420 -69.84 31.05 19.59
N HIS B 421 -69.52 31.67 18.45
CA HIS B 421 -70.27 31.54 17.21
C HIS B 421 -69.80 30.40 16.33
N LYS B 422 -68.93 29.51 16.83
CA LYS B 422 -68.17 28.63 15.95
C LYS B 422 -69.04 27.58 15.27
N GLU B 423 -70.12 27.16 15.91
CA GLU B 423 -71.02 26.21 15.26
C GLU B 423 -71.87 26.87 14.19
N ALA B 424 -71.97 28.19 14.18
CA ALA B 424 -72.71 28.90 13.14
C ALA B 424 -71.83 29.24 11.94
N ILE B 425 -70.55 29.54 12.19
CA ILE B 425 -69.63 29.87 11.10
C ILE B 425 -69.29 28.62 10.28
N ILE B 426 -69.06 27.50 10.96
CA ILE B 426 -68.68 26.26 10.29
C ILE B 426 -69.86 25.69 9.51
N SER B 427 -71.06 25.74 10.10
CA SER B 427 -72.26 25.24 9.41
C SER B 427 -72.66 26.10 8.23
N HIS B 428 -72.39 27.41 8.28
CA HIS B 428 -72.67 28.25 7.12
C HIS B 428 -71.61 28.09 6.04
N LEU B 429 -70.36 27.81 6.43
CA LEU B 429 -69.33 27.49 5.45
C LEU B 429 -69.60 26.13 4.81
N SER B 430 -70.24 25.22 5.54
CA SER B 430 -70.53 23.90 5.01
C SER B 430 -71.68 23.92 4.01
N TRP B 431 -72.65 24.83 4.19
CA TRP B 431 -73.74 24.91 3.24
C TRP B 431 -73.30 25.48 1.91
N VAL B 432 -72.47 26.54 1.95
CA VAL B 432 -71.93 27.13 0.71
C VAL B 432 -71.03 26.13 0.00
N SER B 433 -70.31 25.32 0.78
CA SER B 433 -69.47 24.27 0.20
C SER B 433 -70.32 23.18 -0.45
N LEU B 434 -71.40 22.75 0.21
CA LEU B 434 -72.23 21.70 -0.36
C LEU B 434 -73.11 22.22 -1.49
N PHE B 435 -73.54 23.48 -1.45
CA PHE B 435 -74.34 24.02 -2.54
C PHE B 435 -73.52 24.17 -3.81
N LEU B 436 -72.30 24.69 -3.67
CA LEU B 436 -71.44 24.88 -4.83
C LEU B 436 -71.00 23.55 -5.41
N GLY B 437 -70.74 22.56 -4.56
CA GLY B 437 -70.25 21.29 -5.06
C GLY B 437 -71.34 20.45 -5.71
N PHE B 438 -72.57 20.51 -5.16
CA PHE B 438 -73.67 19.75 -5.75
C PHE B 438 -74.06 20.31 -7.11
N HIS B 439 -74.06 21.63 -7.26
CA HIS B 439 -74.59 22.24 -8.47
C HIS B 439 -73.55 22.47 -9.55
N THR B 440 -72.27 22.64 -9.19
CA THR B 440 -71.25 22.77 -10.23
C THR B 440 -70.93 21.40 -10.82
N LEU B 441 -70.74 20.39 -9.97
CA LEU B 441 -70.52 19.04 -10.46
C LEU B 441 -71.76 18.47 -11.14
N GLY B 442 -72.94 18.86 -10.65
CA GLY B 442 -74.17 18.45 -11.31
C GLY B 442 -74.33 19.02 -12.70
N LEU B 443 -73.91 20.28 -12.89
CA LEU B 443 -73.97 20.88 -14.22
C LEU B 443 -72.90 20.31 -15.14
N TYR B 444 -71.73 19.97 -14.60
CA TYR B 444 -70.66 19.41 -15.42
C TYR B 444 -70.98 17.99 -15.89
N VAL B 445 -71.55 17.18 -15.00
CA VAL B 445 -71.90 15.80 -15.36
C VAL B 445 -73.11 15.78 -16.30
N HIS B 446 -74.04 16.72 -16.13
CA HIS B 446 -75.16 16.85 -17.07
C HIS B 446 -74.67 17.23 -18.45
N ASN B 447 -73.74 18.18 -18.54
CA ASN B 447 -73.18 18.54 -19.84
C ASN B 447 -72.31 17.43 -20.40
N ASP B 448 -71.70 16.63 -19.53
CA ASP B 448 -70.94 15.46 -19.99
C ASP B 448 -71.85 14.42 -20.63
N CYS B 449 -73.00 14.15 -19.99
CA CYS B 449 -73.92 13.15 -20.51
C CYS B 449 -74.67 13.64 -21.74
N GLU B 450 -74.79 14.95 -21.93
CA GLU B 450 -75.45 15.46 -23.13
C GLU B 450 -74.52 15.41 -24.34
N VAL B 451 -73.24 15.75 -24.15
CA VAL B 451 -72.28 15.72 -25.24
C VAL B 451 -71.95 14.28 -25.63
N ALA B 452 -71.88 13.39 -24.65
CA ALA B 452 -71.60 11.98 -24.94
C ALA B 452 -72.75 11.32 -25.69
N LEU B 453 -73.98 11.66 -25.34
CA LEU B 453 -75.14 11.07 -26.00
C LEU B 453 -75.55 11.80 -27.27
N GLY B 454 -74.66 12.61 -27.83
CA GLY B 454 -74.84 13.18 -29.15
C GLY B 454 -75.65 14.45 -29.23
N SER B 455 -75.98 15.07 -28.09
CA SER B 455 -76.80 16.26 -28.04
C SER B 455 -76.05 17.37 -27.31
N PRO B 456 -75.09 18.02 -27.98
CA PRO B 456 -74.30 19.06 -27.30
C PRO B 456 -75.01 20.40 -27.16
N GLU B 457 -76.16 20.60 -27.77
CA GLU B 457 -76.89 21.86 -27.56
C GLU B 457 -77.90 21.74 -26.42
N LYS B 458 -78.10 20.55 -25.87
CA LYS B 458 -78.89 20.35 -24.65
C LYS B 458 -78.09 20.64 -23.39
N GLN B 459 -76.86 21.12 -23.52
CA GLN B 459 -76.07 21.54 -22.36
C GLN B 459 -76.72 22.73 -21.67
N ILE B 460 -76.56 22.78 -20.35
CA ILE B 460 -77.03 23.91 -19.57
C ILE B 460 -75.89 24.93 -19.54
N LEU B 461 -76.05 26.02 -20.28
CA LEU B 461 -75.01 27.03 -20.47
C LEU B 461 -75.52 28.35 -19.90
N ILE B 462 -75.30 28.55 -18.61
CA ILE B 462 -75.71 29.78 -17.94
C ILE B 462 -74.73 30.89 -18.29
N GLU B 463 -75.24 31.97 -18.86
CA GLU B 463 -74.38 33.08 -19.28
C GLU B 463 -73.92 33.86 -18.05
N PRO B 464 -72.63 34.18 -17.95
CA PRO B 464 -72.14 34.96 -16.79
C PRO B 464 -72.49 36.45 -16.89
N VAL B 465 -73.74 36.78 -16.56
CA VAL B 465 -74.22 38.13 -16.80
C VAL B 465 -73.71 39.15 -15.78
N PHE B 466 -73.28 38.70 -14.59
CA PHE B 466 -72.87 39.67 -13.58
C PHE B 466 -71.46 40.19 -13.84
N ALA B 467 -70.54 39.32 -14.25
CA ALA B 467 -69.19 39.75 -14.57
C ALA B 467 -69.05 40.22 -16.02
N GLN B 468 -70.06 40.00 -16.86
CA GLN B 468 -70.08 40.66 -18.16
C GLN B 468 -70.50 42.11 -18.03
N TRP B 469 -71.46 42.40 -17.15
CA TRP B 469 -71.83 43.78 -16.86
C TRP B 469 -70.74 44.49 -16.09
N THR B 470 -70.00 43.76 -15.25
CA THR B 470 -68.84 44.33 -14.57
C THR B 470 -67.74 44.67 -15.55
N GLN B 471 -67.60 43.89 -16.63
CA GLN B 471 -66.66 44.23 -17.68
C GLN B 471 -67.13 45.43 -18.49
N ALA B 472 -68.43 45.59 -18.66
CA ALA B 472 -68.96 46.77 -19.34
C ALA B 472 -68.78 48.02 -18.50
N PHE B 473 -68.86 47.90 -17.18
CA PHE B 473 -68.65 49.06 -16.31
C PHE B 473 -67.19 49.45 -16.18
N HIS B 474 -66.28 48.67 -16.76
CA HIS B 474 -64.86 48.99 -16.80
C HIS B 474 -64.39 49.49 -18.15
N GLY B 475 -65.19 49.32 -19.20
CA GLY B 475 -64.83 49.88 -20.49
C GLY B 475 -65.02 48.98 -21.70
N LYS B 476 -65.49 47.75 -21.51
CA LYS B 476 -65.77 46.88 -22.66
C LYS B 476 -67.10 47.25 -23.28
N ALA B 477 -67.07 47.60 -24.56
CA ALA B 477 -68.27 47.73 -25.38
C ALA B 477 -68.55 46.48 -26.20
N LEU B 478 -67.93 45.36 -25.83
CA LEU B 478 -68.02 44.13 -26.61
C LEU B 478 -69.39 43.49 -26.51
N TYR B 479 -70.07 43.68 -25.38
CA TYR B 479 -71.41 43.11 -25.20
C TYR B 479 -72.51 44.05 -25.66
N GLY B 480 -72.21 45.31 -25.90
CA GLY B 480 -73.17 46.23 -26.47
C GLY B 480 -74.24 46.71 -25.51
N ILE B 481 -73.91 46.92 -24.24
CA ILE B 481 -74.87 47.30 -23.23
C ILE B 481 -74.61 48.68 -22.64
N ASN B 482 -73.53 49.35 -23.04
CA ASN B 482 -73.59 50.75 -23.47
C ASN B 482 -73.83 51.73 -22.32
N SER B 483 -73.55 51.31 -21.08
CA SER B 483 -74.01 52.02 -19.89
C SER B 483 -72.88 52.18 -18.88
N LEU B 484 -72.59 53.43 -18.52
CA LEU B 484 -71.73 53.82 -17.39
C LEU B 484 -70.31 53.27 -17.50
N LEU B 485 -69.52 53.89 -18.36
CA LEU B 485 -68.11 53.70 -18.78
C LEU B 485 -68.00 52.66 -19.90
N SER B 486 -69.10 52.03 -20.30
CA SER B 486 -69.20 51.55 -21.67
C SER B 486 -69.89 52.58 -22.54
N ASN B 487 -70.22 53.74 -21.98
CA ASN B 487 -71.00 54.87 -22.44
C ASN B 487 -70.05 56.03 -22.75
N PRO B 488 -70.20 56.70 -23.90
CA PRO B 488 -69.40 57.92 -24.12
C PRO B 488 -69.82 59.10 -23.26
N ASP B 489 -71.11 59.40 -23.16
CA ASP B 489 -71.54 60.56 -22.39
C ASP B 489 -71.97 60.22 -20.96
N SER B 490 -71.30 59.23 -20.36
CA SER B 490 -71.53 58.93 -18.95
C SER B 490 -70.90 60.00 -18.07
N VAL B 491 -71.35 60.06 -16.83
CA VAL B 491 -70.73 60.96 -15.86
C VAL B 491 -69.50 60.31 -15.24
N ALA B 492 -69.41 58.98 -15.29
CA ALA B 492 -68.19 58.28 -14.87
C ALA B 492 -67.11 58.32 -15.94
N SER B 493 -67.48 58.57 -17.20
CA SER B 493 -66.52 58.66 -18.29
C SER B 493 -66.03 60.08 -18.49
N THR B 494 -66.95 61.04 -18.60
CA THR B 494 -66.55 62.42 -18.85
C THR B 494 -65.92 63.06 -17.63
N ALA B 495 -66.29 62.59 -16.43
CA ALA B 495 -65.90 63.15 -15.14
C ALA B 495 -66.24 64.65 -15.09
N TRP B 496 -67.56 64.89 -15.11
CA TRP B 496 -68.14 66.21 -15.29
C TRP B 496 -67.59 67.34 -14.41
N PRO B 497 -67.35 67.20 -13.10
CA PRO B 497 -66.75 68.33 -12.37
C PRO B 497 -65.28 68.54 -12.67
N ASN B 498 -64.61 67.57 -13.28
CA ASN B 498 -63.18 67.65 -13.52
C ASN B 498 -62.81 67.74 -14.99
N TYR B 499 -63.25 66.77 -15.81
CA TYR B 499 -62.70 66.52 -17.16
C TYR B 499 -61.18 66.37 -17.08
N GLY B 500 -60.74 65.60 -16.07
CA GLY B 500 -59.34 65.46 -15.76
C GLY B 500 -58.93 64.01 -15.61
N ASN B 501 -59.80 63.11 -16.05
CA ASN B 501 -59.48 61.69 -16.16
C ASN B 501 -58.62 61.48 -17.40
N VAL B 502 -57.32 61.79 -17.25
CA VAL B 502 -56.35 61.66 -18.32
C VAL B 502 -56.06 60.19 -18.64
N TRP B 503 -56.35 59.30 -17.68
CA TRP B 503 -56.07 57.88 -17.86
C TRP B 503 -56.93 57.24 -18.95
N LEU B 504 -58.11 57.81 -19.22
CA LEU B 504 -59.20 57.06 -19.84
C LEU B 504 -58.95 56.81 -21.32
N SER B 505 -58.49 57.83 -22.06
CA SER B 505 -58.31 57.67 -23.50
C SER B 505 -57.17 56.72 -23.84
N GLY B 506 -56.21 56.57 -22.94
CA GLY B 506 -55.23 55.49 -23.07
C GLY B 506 -55.72 54.18 -22.51
N TRP B 507 -56.61 54.23 -21.50
CA TRP B 507 -57.12 53.01 -20.87
C TRP B 507 -58.01 52.22 -21.82
N LEU B 508 -58.88 52.91 -22.55
CA LEU B 508 -59.88 52.23 -23.39
C LEU B 508 -59.28 51.52 -24.58
N GLU B 509 -58.01 51.76 -24.92
CA GLU B 509 -57.42 50.91 -25.94
C GLU B 509 -56.83 49.63 -25.34
N ALA B 510 -56.60 49.61 -24.04
CA ALA B 510 -56.26 48.35 -23.39
C ALA B 510 -57.47 47.45 -23.25
N VAL B 511 -58.67 48.01 -23.09
CA VAL B 511 -59.85 47.15 -22.89
C VAL B 511 -60.40 46.68 -24.23
N ASN B 512 -60.49 47.57 -25.22
CA ASN B 512 -61.18 47.27 -26.47
C ASN B 512 -60.24 46.78 -27.57
N ASN B 513 -59.15 46.11 -27.22
CA ASN B 513 -58.33 45.44 -28.22
C ASN B 513 -58.40 43.96 -27.90
N GLY B 514 -58.20 43.13 -28.92
CA GLY B 514 -58.34 41.70 -28.78
C GLY B 514 -57.06 40.91 -28.57
N ALA B 515 -55.92 41.59 -28.46
CA ALA B 515 -54.64 40.89 -28.33
C ALA B 515 -54.06 40.94 -26.93
N ASN B 516 -54.51 41.84 -26.07
CA ASN B 516 -53.99 41.95 -24.71
C ASN B 516 -54.69 40.95 -23.80
N SER B 517 -54.49 41.08 -22.49
CA SER B 517 -55.01 40.06 -21.57
C SER B 517 -55.66 40.68 -20.32
N LEU B 518 -56.15 41.92 -20.41
CA LEU B 518 -56.98 42.48 -19.35
C LEU B 518 -58.43 42.48 -19.82
N PHE B 519 -59.32 41.96 -18.97
CA PHE B 519 -60.75 41.81 -19.22
C PHE B 519 -61.02 41.00 -20.49
N LEU B 520 -60.61 39.74 -20.44
CA LEU B 520 -60.90 38.79 -21.51
C LEU B 520 -62.39 38.50 -21.59
N THR B 521 -62.81 38.00 -22.75
CA THR B 521 -64.21 37.66 -22.96
C THR B 521 -64.54 36.36 -22.25
N ILE B 522 -65.61 36.38 -21.45
CA ILE B 522 -66.03 35.21 -20.68
C ILE B 522 -67.36 34.71 -21.20
N GLY B 523 -67.52 33.39 -21.15
CA GLY B 523 -68.75 32.75 -21.56
C GLY B 523 -69.22 31.75 -20.53
N PRO B 524 -70.11 30.83 -20.94
CA PRO B 524 -70.68 29.89 -19.96
C PRO B 524 -69.67 28.88 -19.41
N GLY B 525 -68.61 28.57 -20.15
CA GLY B 525 -67.55 27.76 -19.59
C GLY B 525 -66.69 28.50 -18.59
N ASP B 526 -66.74 29.83 -18.60
CA ASP B 526 -66.03 30.62 -17.60
C ASP B 526 -66.81 30.76 -16.30
N LEU B 527 -68.14 30.66 -16.37
CA LEU B 527 -68.95 30.73 -15.15
C LEU B 527 -68.80 29.47 -14.33
N LEU B 528 -68.79 28.30 -14.98
CA LEU B 528 -68.71 27.03 -14.27
C LEU B 528 -67.38 26.85 -13.54
N VAL B 529 -66.31 27.39 -14.11
CA VAL B 529 -65.01 27.23 -13.46
C VAL B 529 -64.82 28.28 -12.35
N HIS B 530 -65.47 29.45 -12.46
CA HIS B 530 -65.42 30.42 -11.38
C HIS B 530 -66.21 29.94 -10.17
N HIS B 531 -67.26 29.14 -10.38
CA HIS B 531 -67.98 28.54 -9.27
C HIS B 531 -67.26 27.35 -8.70
N ALA B 532 -66.47 26.65 -9.50
CA ALA B 532 -65.61 25.59 -8.97
C ALA B 532 -64.45 26.17 -8.18
N ILE B 533 -63.95 27.33 -8.59
CA ILE B 533 -62.94 28.04 -7.81
C ILE B 533 -63.53 28.53 -6.50
N ALA B 534 -64.76 29.05 -6.54
CA ALA B 534 -65.45 29.45 -5.32
C ALA B 534 -65.75 28.26 -4.41
N LEU B 535 -65.96 27.07 -5.00
CA LEU B 535 -66.09 25.87 -4.19
C LEU B 535 -64.77 25.54 -3.51
N GLY B 536 -63.66 25.64 -4.23
CA GLY B 536 -62.37 25.33 -3.64
C GLY B 536 -61.91 26.34 -2.61
N LEU B 537 -62.31 27.60 -2.77
CA LEU B 537 -61.98 28.61 -1.76
C LEU B 537 -62.77 28.37 -0.48
N HIS B 538 -64.04 27.99 -0.60
CA HIS B 538 -64.89 27.87 0.57
C HIS B 538 -64.63 26.59 1.36
N VAL B 539 -64.24 25.50 0.68
CA VAL B 539 -63.93 24.28 1.42
C VAL B 539 -62.59 24.43 2.14
N THR B 540 -61.58 24.97 1.45
CA THR B 540 -60.26 25.18 2.07
C THR B 540 -60.34 26.14 3.24
N THR B 541 -61.22 27.14 3.16
CA THR B 541 -61.49 27.98 4.31
C THR B 541 -62.23 27.21 5.39
N LEU B 542 -63.16 26.32 5.00
CA LEU B 542 -63.94 25.56 5.96
C LEU B 542 -63.08 24.59 6.77
N ILE B 543 -62.07 23.99 6.13
CA ILE B 543 -61.17 23.11 6.86
C ILE B 543 -60.28 23.91 7.81
N LEU B 544 -59.87 25.11 7.39
CA LEU B 544 -58.95 25.90 8.17
C LEU B 544 -59.63 26.65 9.31
N VAL B 545 -60.85 27.13 9.07
CA VAL B 545 -61.60 27.84 10.12
C VAL B 545 -62.05 26.86 11.20
N LYS B 546 -62.59 25.71 10.78
CA LYS B 546 -62.98 24.67 11.74
C LYS B 546 -61.78 24.11 12.48
N GLY B 547 -60.61 24.04 11.83
CA GLY B 547 -59.42 23.63 12.53
C GLY B 547 -58.92 24.67 13.51
N ALA B 548 -59.18 25.95 13.24
CA ALA B 548 -58.76 27.00 14.15
C ALA B 548 -59.75 27.21 15.28
N LEU B 549 -61.05 27.15 14.99
CA LEU B 549 -62.05 27.41 16.01
C LEU B 549 -62.27 26.22 16.94
N ASP B 550 -61.95 24.99 16.50
CA ASP B 550 -61.98 23.82 17.35
C ASP B 550 -60.60 23.44 17.87
N ALA B 551 -59.63 24.37 17.76
CA ALA B 551 -58.27 24.07 18.19
C ALA B 551 -58.15 24.02 19.70
N ARG B 552 -58.95 24.81 20.42
CA ARG B 552 -58.93 24.79 21.87
C ARG B 552 -59.77 23.67 22.44
N GLY B 553 -60.71 23.13 21.67
CA GLY B 553 -61.51 22.02 22.15
C GLY B 553 -62.81 21.84 21.40
N SER B 554 -63.33 20.61 21.41
CA SER B 554 -64.63 20.31 20.85
C SER B 554 -65.43 19.51 21.86
N LYS B 555 -66.55 18.94 21.45
CA LYS B 555 -67.26 18.05 22.35
C LYS B 555 -66.69 16.63 22.28
N LEU B 556 -65.98 16.30 21.19
CA LEU B 556 -65.22 15.06 21.12
C LEU B 556 -63.96 15.12 21.98
N MET B 557 -63.35 16.31 22.12
CA MET B 557 -62.10 16.45 22.87
C MET B 557 -62.08 17.83 23.51
N PRO B 558 -62.61 17.96 24.73
CA PRO B 558 -62.77 19.31 25.33
C PRO B 558 -61.49 19.93 25.86
N ASP B 559 -60.44 19.16 26.11
CA ASP B 559 -59.20 19.68 26.67
C ASP B 559 -58.07 19.67 25.64
N LYS B 560 -58.42 19.97 24.39
CA LYS B 560 -57.47 19.87 23.27
C LYS B 560 -56.34 20.90 23.36
N LYS B 561 -56.56 22.01 24.05
CA LYS B 561 -55.51 23.01 24.18
C LYS B 561 -54.37 22.56 25.06
N ASP B 562 -54.57 21.56 25.93
CA ASP B 562 -53.41 21.12 26.70
C ASP B 562 -52.62 20.04 25.98
N PHE B 563 -53.03 19.63 24.78
CA PHE B 563 -52.30 18.65 24.01
C PHE B 563 -51.44 19.28 22.92
N GLY B 564 -51.57 20.57 22.67
CA GLY B 564 -50.73 21.28 21.73
C GLY B 564 -51.38 21.40 20.37
N TYR B 565 -50.62 22.01 19.46
CA TYR B 565 -51.08 22.22 18.10
C TYR B 565 -51.04 20.93 17.29
N SER B 566 -50.01 20.12 17.49
CA SER B 566 -49.76 18.93 16.70
C SER B 566 -49.65 17.73 17.62
N PHE B 567 -50.56 16.78 17.47
CA PHE B 567 -50.49 15.49 18.14
C PHE B 567 -51.21 14.49 17.26
N PRO B 568 -50.90 13.18 17.38
CA PRO B 568 -51.48 12.22 16.43
C PRO B 568 -53.00 12.08 16.52
N CYS B 569 -53.51 11.81 17.70
CA CYS B 569 -54.90 11.47 17.93
C CYS B 569 -55.13 11.48 19.44
N ASP B 570 -56.31 11.05 19.87
CA ASP B 570 -56.57 10.77 21.27
C ASP B 570 -56.89 9.29 21.50
N GLY B 571 -56.48 8.43 20.58
CA GLY B 571 -56.69 7.01 20.72
C GLY B 571 -57.97 6.53 20.05
N PRO B 572 -58.14 5.20 19.98
CA PRO B 572 -59.30 4.63 19.30
C PRO B 572 -60.58 4.71 20.11
N GLY B 573 -60.53 5.15 21.36
CA GLY B 573 -61.74 5.30 22.15
C GLY B 573 -62.57 6.47 21.69
N ARG B 574 -63.75 6.57 22.31
CA ARG B 574 -64.78 7.60 22.03
C ARG B 574 -65.20 7.59 20.56
N GLY B 575 -65.19 6.42 19.92
CA GLY B 575 -65.49 6.27 18.52
C GLY B 575 -64.27 6.19 17.63
N GLY B 576 -63.17 6.84 18.03
CA GLY B 576 -61.97 6.93 17.21
C GLY B 576 -61.71 8.39 16.91
N THR B 577 -60.45 8.80 17.04
CA THR B 577 -60.10 10.21 17.01
C THR B 577 -58.93 10.49 16.07
N CYS B 578 -58.86 9.78 14.94
CA CYS B 578 -57.79 10.02 13.96
C CYS B 578 -57.95 11.39 13.32
N ASP B 579 -56.82 12.13 13.23
CA ASP B 579 -56.75 13.45 12.60
C ASP B 579 -57.66 14.46 13.30
N ILE B 580 -57.49 14.59 14.61
CA ILE B 580 -58.35 15.43 15.43
C ILE B 580 -57.69 16.77 15.80
N SER B 581 -56.37 16.87 15.69
CA SER B 581 -55.68 18.08 16.11
C SER B 581 -55.85 19.18 15.08
N ALA B 582 -55.45 20.40 15.47
CA ALA B 582 -55.51 21.54 14.57
C ALA B 582 -54.44 21.46 13.48
N TRP B 583 -53.34 20.78 13.77
CA TRP B 583 -52.32 20.55 12.74
C TRP B 583 -52.86 19.66 11.63
N ASP B 584 -53.70 18.69 11.98
CA ASP B 584 -54.17 17.79 10.93
C ASP B 584 -55.25 18.43 10.08
N ALA B 585 -55.86 19.54 10.53
CA ALA B 585 -56.72 20.30 9.66
C ALA B 585 -55.92 21.16 8.68
N PHE B 586 -54.72 21.61 9.06
CA PHE B 586 -53.80 22.18 8.08
C PHE B 586 -53.43 21.14 7.03
N TYR B 587 -53.18 19.91 7.48
CA TYR B 587 -52.76 18.83 6.61
C TYR B 587 -53.85 18.48 5.60
N LEU B 588 -55.11 18.53 6.03
CA LEU B 588 -56.22 18.25 5.13
C LEU B 588 -56.47 19.39 4.16
N ALA B 589 -56.31 20.63 4.62
CA ALA B 589 -56.56 21.79 3.78
C ALA B 589 -55.46 22.02 2.75
N THR B 590 -54.28 21.42 2.94
CA THR B 590 -53.23 21.54 1.94
C THR B 590 -53.57 20.75 0.67
N PHE B 591 -54.26 19.62 0.82
CA PHE B 591 -54.78 18.91 -0.35
C PHE B 591 -55.83 19.75 -1.06
N TRP B 592 -56.68 20.43 -0.30
CA TRP B 592 -57.72 21.25 -0.90
C TRP B 592 -57.16 22.55 -1.46
N MET B 593 -56.07 23.07 -0.88
CA MET B 593 -55.42 24.25 -1.47
C MET B 593 -54.78 23.91 -2.80
N LEU B 594 -54.11 22.77 -2.90
CA LEU B 594 -53.47 22.37 -4.14
C LEU B 594 -54.50 22.05 -5.21
N ASN B 595 -55.61 21.44 -4.82
CA ASN B 595 -56.68 21.15 -5.77
C ASN B 595 -57.36 22.42 -6.24
N THR B 596 -57.50 23.42 -5.35
CA THR B 596 -58.08 24.69 -5.74
C THR B 596 -57.15 25.46 -6.67
N LEU B 597 -55.87 25.56 -6.30
CA LEU B 597 -54.89 26.20 -7.16
C LEU B 597 -54.61 25.38 -8.41
N GLY B 598 -54.88 24.07 -8.37
CA GLY B 598 -54.90 23.30 -9.60
C GLY B 598 -56.00 23.76 -10.54
N TRP B 599 -57.21 23.94 -10.02
CA TRP B 599 -58.33 24.40 -10.84
C TRP B 599 -58.13 25.82 -11.34
N VAL B 600 -57.44 26.65 -10.57
CA VAL B 600 -57.19 28.03 -10.97
C VAL B 600 -56.20 28.09 -12.13
N THR B 601 -55.06 27.43 -11.97
CA THR B 601 -54.02 27.50 -12.98
C THR B 601 -54.31 26.64 -14.20
N PHE B 602 -55.19 25.64 -14.08
CA PHE B 602 -55.69 24.94 -15.25
C PHE B 602 -56.51 25.87 -16.13
N TYR B 603 -57.35 26.68 -15.49
CA TYR B 603 -58.24 27.58 -16.21
C TYR B 603 -57.47 28.73 -16.84
N TRP B 604 -56.50 29.29 -16.11
CA TRP B 604 -55.67 30.36 -16.67
C TRP B 604 -54.87 29.88 -17.86
N HIS B 605 -54.33 28.65 -17.78
CA HIS B 605 -53.47 28.16 -18.84
C HIS B 605 -54.28 27.76 -20.07
N TRP B 606 -55.42 27.09 -19.87
CA TRP B 606 -56.22 26.64 -21.02
C TRP B 606 -56.89 27.82 -21.71
N LYS B 607 -57.30 28.85 -20.97
CA LYS B 607 -57.86 30.03 -21.60
C LYS B 607 -56.80 30.78 -22.39
N HIS B 608 -55.59 30.89 -21.85
CA HIS B 608 -54.54 31.62 -22.53
C HIS B 608 -53.92 30.84 -23.68
N LEU B 609 -53.87 29.51 -23.59
CA LEU B 609 -53.43 28.70 -24.72
C LEU B 609 -54.41 28.78 -25.88
N SER B 610 -55.69 29.03 -25.58
CA SER B 610 -56.68 29.22 -26.64
C SER B 610 -56.64 30.62 -27.21
N VAL B 611 -56.31 31.62 -26.39
CA VAL B 611 -56.23 32.99 -26.87
C VAL B 611 -54.96 33.19 -27.70
N TRP B 612 -53.84 32.64 -27.22
CA TRP B 612 -52.55 32.83 -27.91
C TRP B 612 -52.51 32.08 -29.24
N SER B 613 -53.25 30.97 -29.36
CA SER B 613 -53.31 30.24 -30.61
C SER B 613 -54.37 30.77 -31.57
N GLY B 614 -55.19 31.73 -31.13
CA GLY B 614 -56.32 32.17 -31.92
C GLY B 614 -57.52 31.25 -31.88
N ASN B 615 -57.40 30.08 -31.26
CA ASN B 615 -58.48 29.11 -31.14
C ASN B 615 -59.28 29.31 -29.85
N VAL B 616 -59.71 30.55 -29.63
CA VAL B 616 -60.47 30.88 -28.43
C VAL B 616 -61.88 30.30 -28.50
N ALA B 617 -62.36 29.98 -29.70
CA ALA B 617 -63.64 29.31 -29.84
C ALA B 617 -63.59 27.92 -29.24
N GLN B 618 -62.49 27.19 -29.48
CA GLN B 618 -62.38 25.79 -29.06
C GLN B 618 -62.36 25.64 -27.54
N PHE B 619 -61.93 26.67 -26.82
CA PHE B 619 -62.15 26.72 -25.38
C PHE B 619 -63.64 26.81 -25.06
N ASN B 620 -64.42 27.51 -25.89
CA ASN B 620 -65.79 27.84 -25.50
C ASN B 620 -66.75 26.66 -25.62
N GLU B 621 -66.54 25.72 -26.57
CA GLU B 621 -67.45 24.57 -26.50
C GLU B 621 -66.96 23.51 -25.53
N SER B 622 -65.65 23.41 -25.32
CA SER B 622 -65.08 22.29 -24.58
C SER B 622 -64.97 22.53 -23.08
N SER B 623 -64.99 23.77 -22.62
CA SER B 623 -64.83 24.02 -21.19
C SER B 623 -66.11 23.83 -20.39
N THR B 624 -67.24 23.53 -21.04
CA THR B 624 -68.50 23.38 -20.34
C THR B 624 -68.78 21.95 -19.88
N TYR B 625 -67.95 20.98 -20.29
CA TYR B 625 -68.08 19.61 -19.83
C TYR B 625 -66.69 19.07 -19.53
N LEU B 626 -66.63 18.12 -18.60
CA LEU B 626 -65.34 17.74 -18.00
C LEU B 626 -64.48 16.88 -18.91
N MET B 627 -65.06 16.23 -19.92
CA MET B 627 -64.24 15.52 -20.90
C MET B 627 -63.46 16.50 -21.77
N GLY B 628 -64.01 17.70 -21.99
CA GLY B 628 -63.30 18.71 -22.76
C GLY B 628 -62.03 19.20 -22.07
N TRP B 629 -62.06 19.31 -20.74
CA TRP B 629 -60.83 19.59 -20.00
C TRP B 629 -59.88 18.40 -20.07
N PHE B 630 -60.44 17.19 -20.03
CA PHE B 630 -59.60 15.99 -20.04
C PHE B 630 -58.99 15.74 -21.41
N ARG B 631 -59.79 15.88 -22.47
CA ARG B 631 -59.31 15.55 -23.81
C ARG B 631 -58.49 16.68 -24.42
N ASP B 632 -58.97 17.92 -24.31
CA ASP B 632 -58.40 19.01 -25.08
C ASP B 632 -57.37 19.83 -24.32
N TYR B 633 -57.34 19.76 -22.98
CA TYR B 633 -56.30 20.43 -22.23
C TYR B 633 -55.23 19.46 -21.73
N LEU B 634 -55.62 18.39 -21.04
CA LEU B 634 -54.63 17.49 -20.46
C LEU B 634 -54.02 16.56 -21.51
N TRP B 635 -54.86 15.91 -22.31
CA TRP B 635 -54.37 14.94 -23.27
C TRP B 635 -53.72 15.60 -24.49
N ALA B 636 -54.32 16.70 -24.97
CA ALA B 636 -53.85 17.32 -26.20
C ALA B 636 -52.53 18.05 -26.02
N ASN B 637 -52.30 18.63 -24.86
CA ASN B 637 -51.07 19.39 -24.61
C ASN B 637 -49.95 18.54 -24.04
N SER B 638 -50.22 17.26 -23.76
CA SER B 638 -49.17 16.37 -23.29
C SER B 638 -48.33 15.77 -24.41
N ALA B 639 -48.69 16.04 -25.67
CA ALA B 639 -48.18 15.27 -26.81
C ALA B 639 -46.68 15.50 -27.05
N GLN B 640 -46.25 16.77 -27.14
CA GLN B 640 -44.81 17.03 -27.20
C GLN B 640 -44.08 16.93 -25.88
N LEU B 641 -44.76 17.00 -24.73
CA LEU B 641 -44.05 16.84 -23.47
C LEU B 641 -43.53 15.42 -23.31
N ILE B 642 -44.38 14.42 -23.57
CA ILE B 642 -43.97 13.03 -23.41
C ILE B 642 -43.18 12.51 -24.60
N ASN B 643 -42.98 13.32 -25.63
CA ASN B 643 -42.07 12.99 -26.72
C ASN B 643 -40.73 13.70 -26.59
N GLY B 644 -40.40 14.19 -25.38
CA GLY B 644 -39.11 14.80 -25.16
C GLY B 644 -37.96 13.83 -25.32
N TYR B 645 -38.20 12.56 -25.00
CA TYR B 645 -37.32 11.48 -25.40
C TYR B 645 -38.19 10.26 -25.73
N SER B 646 -37.71 9.47 -26.67
CA SER B 646 -38.47 8.37 -27.25
C SER B 646 -37.46 7.45 -27.93
N PRO B 647 -37.86 6.30 -28.49
CA PRO B 647 -36.96 5.56 -29.37
C PRO B 647 -36.58 6.31 -30.65
N ALA B 648 -37.33 7.35 -31.03
CA ALA B 648 -36.98 8.18 -32.17
C ALA B 648 -35.90 9.21 -31.86
N GLY B 649 -35.55 9.40 -30.59
CA GLY B 649 -34.50 10.31 -30.21
C GLY B 649 -34.92 11.21 -29.07
N THR B 650 -34.02 12.12 -28.71
CA THR B 650 -34.22 13.05 -27.61
C THR B 650 -34.11 14.47 -28.10
N ASN B 651 -34.79 15.39 -27.42
CA ASN B 651 -34.78 16.80 -27.80
C ASN B 651 -34.73 17.64 -26.53
N SER B 652 -34.99 18.95 -26.68
CA SER B 652 -34.82 19.89 -25.58
C SER B 652 -35.91 19.81 -24.52
N LEU B 653 -36.97 19.05 -24.75
CA LEU B 653 -38.00 18.82 -23.75
C LEU B 653 -37.74 17.58 -22.91
N ALA B 654 -36.54 17.01 -22.98
CA ALA B 654 -36.26 15.76 -22.29
C ALA B 654 -36.14 15.94 -20.78
N VAL B 655 -35.66 17.10 -20.33
CA VAL B 655 -35.59 17.33 -18.89
C VAL B 655 -36.98 17.57 -18.32
N TRP B 656 -37.91 18.09 -19.15
CA TRP B 656 -39.26 18.27 -18.67
C TRP B 656 -40.07 16.99 -18.75
N ALA B 657 -39.75 16.11 -19.70
CA ALA B 657 -40.36 14.78 -19.73
C ALA B 657 -39.89 13.94 -18.57
N TRP B 658 -38.60 14.05 -18.22
CA TRP B 658 -38.06 13.30 -17.09
C TRP B 658 -38.58 13.84 -15.77
N MET B 659 -38.75 15.17 -15.66
CA MET B 659 -39.33 15.76 -14.47
C MET B 659 -40.82 15.47 -14.36
N PHE B 660 -41.49 15.28 -15.50
CA PHE B 660 -42.89 14.90 -15.53
C PHE B 660 -43.11 13.55 -14.86
N LEU B 661 -42.27 12.57 -15.20
CA LEU B 661 -42.35 11.26 -14.56
C LEU B 661 -41.83 11.30 -13.14
N PHE B 662 -40.83 12.15 -12.89
CA PHE B 662 -40.34 12.40 -11.53
C PHE B 662 -41.45 12.92 -10.63
N GLY B 663 -42.28 13.83 -11.15
CA GLY B 663 -43.39 14.34 -10.36
C GLY B 663 -44.47 13.30 -10.16
N HIS B 664 -44.74 12.49 -11.17
CA HIS B 664 -45.68 11.38 -11.01
C HIS B 664 -45.16 10.35 -10.02
N LEU B 665 -43.83 10.21 -9.93
CA LEU B 665 -43.24 9.25 -8.99
C LEU B 665 -43.34 9.75 -7.55
N ALA B 666 -43.03 11.02 -7.31
CA ALA B 666 -43.09 11.58 -5.97
C ALA B 666 -44.52 11.65 -5.44
N TRP B 667 -45.49 11.85 -6.34
CA TRP B 667 -46.90 11.82 -5.97
C TRP B 667 -47.35 10.43 -5.58
N ALA B 668 -46.72 9.40 -6.15
CA ALA B 668 -47.08 8.02 -5.85
C ALA B 668 -46.41 7.52 -4.57
N VAL B 669 -45.17 7.96 -4.32
CA VAL B 669 -44.48 7.70 -3.06
C VAL B 669 -45.26 8.33 -1.90
N SER B 670 -45.91 9.46 -2.17
CA SER B 670 -46.77 10.13 -1.19
C SER B 670 -47.90 9.23 -0.70
N PHE B 671 -48.50 8.46 -1.60
CA PHE B 671 -49.64 7.63 -1.23
C PHE B 671 -49.25 6.49 -0.31
N MET B 672 -47.99 6.07 -0.32
CA MET B 672 -47.50 5.09 0.65
C MET B 672 -47.54 5.64 2.06
N PHE B 673 -47.09 6.88 2.25
CA PHE B 673 -47.08 7.48 3.57
C PHE B 673 -48.48 7.90 4.03
N LEU B 674 -49.41 8.11 3.11
CA LEU B 674 -50.73 8.58 3.46
C LEU B 674 -51.77 7.47 3.62
N ILE B 675 -51.60 6.34 2.93
CA ILE B 675 -52.55 5.24 3.04
C ILE B 675 -52.09 4.22 4.08
N THR B 676 -50.86 3.73 3.96
CA THR B 676 -50.30 2.88 5.00
C THR B 676 -49.94 3.73 6.20
N TRP B 677 -50.26 3.21 7.38
CA TRP B 677 -50.02 3.93 8.61
C TRP B 677 -49.00 3.15 9.42
N ARG B 678 -48.78 3.57 10.69
CA ARG B 678 -47.48 3.37 11.32
C ARG B 678 -47.21 1.92 11.70
N GLY B 679 -48.14 1.27 12.40
CA GLY B 679 -47.86 -0.01 13.02
C GLY B 679 -47.66 -1.16 12.05
N TYR B 680 -48.04 -0.99 10.79
CA TYR B 680 -47.55 -1.90 9.75
C TYR B 680 -46.03 -1.83 9.66
N TRP B 681 -45.48 -0.62 9.58
CA TRP B 681 -44.06 -0.45 9.34
C TRP B 681 -43.23 -0.71 10.58
N GLN B 682 -43.79 -0.49 11.76
CA GLN B 682 -43.04 -0.72 12.99
C GLN B 682 -42.80 -2.21 13.22
N GLU B 683 -43.79 -3.04 12.89
CA GLU B 683 -43.61 -4.48 13.03
C GLU B 683 -42.72 -5.06 11.93
N LEU B 684 -42.63 -4.40 10.78
CA LEU B 684 -41.69 -4.82 9.74
C LEU B 684 -40.25 -4.52 10.14
N ILE B 685 -40.04 -3.43 10.89
CA ILE B 685 -38.69 -3.02 11.26
C ILE B 685 -38.13 -3.93 12.36
N GLU B 686 -38.99 -4.50 13.20
CA GLU B 686 -38.55 -5.52 14.16
C GLU B 686 -38.00 -6.77 13.50
N THR B 687 -38.58 -7.20 12.38
CA THR B 687 -38.02 -8.34 11.68
C THR B 687 -36.69 -7.99 11.02
N LEU B 688 -36.53 -6.76 10.56
CA LEU B 688 -35.24 -6.32 10.02
C LEU B 688 -34.21 -6.14 11.13
N MET B 689 -34.64 -5.70 12.32
CA MET B 689 -33.74 -5.64 13.46
C MET B 689 -33.38 -7.04 13.94
N TRP B 690 -34.28 -8.01 13.78
CA TRP B 690 -33.91 -9.40 14.04
C TRP B 690 -32.86 -9.88 13.04
N ALA B 691 -33.06 -9.56 11.76
CA ALA B 691 -32.19 -10.11 10.71
C ALA B 691 -30.79 -9.52 10.78
N HIS B 692 -30.66 -8.27 11.20
CA HIS B 692 -29.34 -7.66 11.28
C HIS B 692 -28.53 -8.23 12.44
N GLU B 693 -29.19 -8.47 13.58
CA GLU B 693 -28.49 -8.96 14.76
C GLU B 693 -28.00 -10.40 14.57
N ASN B 694 -28.66 -11.18 13.71
CA ASN B 694 -28.34 -12.58 13.53
C ASN B 694 -27.67 -12.87 12.19
N THR B 695 -27.17 -11.83 11.51
CA THR B 695 -26.41 -12.04 10.28
C THR B 695 -24.92 -11.92 10.55
N PRO B 696 -24.11 -12.87 10.11
CA PRO B 696 -22.66 -12.73 10.25
C PRO B 696 -22.10 -11.69 9.29
N LEU B 697 -20.89 -11.23 9.60
CA LEU B 697 -20.07 -10.27 8.86
C LEU B 697 -20.70 -8.88 8.76
N SER B 698 -21.81 -8.62 9.46
CA SER B 698 -22.48 -7.33 9.41
C SER B 698 -22.16 -6.60 10.71
N PHE B 699 -20.99 -5.96 10.74
CA PHE B 699 -20.44 -5.46 11.99
C PHE B 699 -21.08 -4.17 12.44
N GLY B 700 -21.82 -3.50 11.56
CA GLY B 700 -22.52 -2.29 11.96
C GLY B 700 -23.67 -2.58 12.90
N TYR B 701 -24.04 -1.56 13.67
CA TYR B 701 -25.11 -1.68 14.61
C TYR B 701 -25.66 -0.28 14.80
N PRO B 702 -26.99 -0.10 14.79
CA PRO B 702 -27.55 1.25 14.85
C PRO B 702 -27.40 1.85 16.25
N LYS B 703 -26.77 3.02 16.31
CA LYS B 703 -26.68 3.75 17.57
C LYS B 703 -28.05 4.28 17.97
N ASP B 704 -28.78 4.85 17.03
CA ASP B 704 -30.17 5.21 17.21
C ASP B 704 -31.02 4.01 16.82
N LYS B 705 -31.95 3.62 17.69
CA LYS B 705 -32.76 2.44 17.43
C LYS B 705 -33.73 2.70 16.28
N PRO B 706 -33.77 1.85 15.26
CA PRO B 706 -34.66 2.08 14.12
C PRO B 706 -36.11 1.88 14.53
N VAL B 707 -36.91 2.94 14.36
CA VAL B 707 -38.34 2.86 14.54
C VAL B 707 -39.00 3.38 13.27
N ALA B 708 -40.27 3.02 13.10
CA ALA B 708 -41.07 3.60 12.03
C ALA B 708 -41.29 5.08 12.29
N LEU B 709 -41.54 5.82 11.22
CA LEU B 709 -41.86 7.24 11.33
C LEU B 709 -43.15 7.42 12.11
N SER B 710 -43.23 8.52 12.85
CA SER B 710 -44.38 8.75 13.72
C SER B 710 -45.62 9.07 12.88
N ILE B 711 -46.77 9.11 13.56
CA ILE B 711 -48.05 9.31 12.90
C ILE B 711 -48.12 10.72 12.30
N VAL B 712 -47.63 11.72 13.02
CA VAL B 712 -47.66 13.08 12.52
C VAL B 712 -46.60 13.27 11.44
N GLN B 713 -45.43 12.66 11.61
CA GLN B 713 -44.29 12.85 10.70
C GLN B 713 -44.61 12.34 9.30
N ALA B 714 -45.25 11.18 9.21
CA ALA B 714 -45.55 10.62 7.90
C ALA B 714 -46.77 11.25 7.25
N ARG B 715 -47.63 11.91 8.03
CA ARG B 715 -48.60 12.82 7.41
C ARG B 715 -47.88 14.01 6.79
N LEU B 716 -46.82 14.49 7.44
CA LEU B 716 -46.04 15.59 6.89
C LEU B 716 -45.15 15.14 5.74
N VAL B 717 -44.53 13.96 5.88
CA VAL B 717 -43.70 13.41 4.81
C VAL B 717 -44.56 13.05 3.60
N GLY B 718 -45.75 12.50 3.84
CA GLY B 718 -46.67 12.21 2.75
C GLY B 718 -47.22 13.46 2.08
N LEU B 719 -47.43 14.52 2.85
CA LEU B 719 -47.86 15.79 2.26
C LEU B 719 -46.73 16.45 1.48
N THR B 720 -45.48 16.25 1.92
CA THR B 720 -44.34 16.83 1.22
C THR B 720 -44.12 16.16 -0.13
N HIS B 721 -44.21 14.82 -0.17
CA HIS B 721 -44.12 14.12 -1.45
C HIS B 721 -45.30 14.40 -2.35
N PHE B 722 -46.48 14.62 -1.76
CA PHE B 722 -47.66 15.00 -2.55
C PHE B 722 -47.47 16.36 -3.19
N THR B 723 -46.94 17.32 -2.42
CA THR B 723 -46.78 18.69 -2.91
C THR B 723 -45.66 18.80 -3.93
N VAL B 724 -44.53 18.13 -3.66
CA VAL B 724 -43.43 18.08 -4.62
C VAL B 724 -43.86 17.36 -5.88
N GLY B 725 -44.64 16.29 -5.73
CA GLY B 725 -45.18 15.60 -6.88
C GLY B 725 -46.23 16.40 -7.63
N TYR B 726 -46.96 17.25 -6.92
CA TYR B 726 -47.95 18.13 -7.56
C TYR B 726 -47.27 19.19 -8.43
N ILE B 727 -46.23 19.81 -7.90
CA ILE B 727 -45.65 21.00 -8.51
C ILE B 727 -44.66 20.63 -9.61
N ALA B 728 -43.87 19.57 -9.39
CA ALA B 728 -42.95 19.12 -10.43
C ALA B 728 -43.67 18.52 -11.63
N THR B 729 -44.87 17.97 -11.43
CA THR B 729 -45.64 17.45 -12.55
C THR B 729 -46.21 18.59 -13.39
N TYR B 730 -46.94 19.51 -12.74
CA TYR B 730 -47.57 20.59 -13.48
C TYR B 730 -46.56 21.61 -13.97
N GLY B 731 -45.50 21.85 -13.20
CA GLY B 731 -44.47 22.78 -13.63
C GLY B 731 -43.72 22.30 -14.87
N ALA B 732 -43.49 20.99 -14.96
CA ALA B 732 -42.92 20.44 -16.18
C ALA B 732 -43.91 20.47 -17.32
N PHE B 733 -45.20 20.25 -17.02
CA PHE B 733 -46.22 20.27 -18.06
C PHE B 733 -46.50 21.69 -18.53
N LEU B 734 -46.44 22.66 -17.63
CA LEU B 734 -46.70 24.05 -18.00
C LEU B 734 -45.59 24.61 -18.88
N ILE B 735 -44.34 24.29 -18.56
CA ILE B 735 -43.22 24.78 -19.35
C ILE B 735 -43.20 24.11 -20.73
N ALA B 736 -43.33 22.78 -20.75
CA ALA B 736 -43.12 22.04 -21.99
C ALA B 736 -44.28 22.20 -22.97
N SER B 737 -45.52 22.33 -22.47
CA SER B 737 -46.63 22.50 -23.40
C SER B 737 -46.70 23.91 -23.96
N THR B 738 -46.29 24.92 -23.19
CA THR B 738 -46.35 26.29 -23.68
C THR B 738 -45.16 26.62 -24.58
N SER B 739 -43.95 26.18 -24.21
CA SER B 739 -42.76 26.54 -24.96
C SER B 739 -42.61 25.76 -26.25
N SER B 740 -43.24 24.60 -26.35
CA SER B 740 -43.22 23.83 -27.59
C SER B 740 -44.32 24.22 -28.57
N ARG B 741 -45.42 24.78 -28.08
CA ARG B 741 -46.43 25.31 -28.98
C ARG B 741 -46.08 26.71 -29.45
N PHE B 742 -45.36 27.47 -28.63
CA PHE B 742 -44.93 28.82 -28.99
C PHE B 742 -43.43 28.98 -28.79
N SER C 2 -40.84 10.17 29.45
CA SER C 2 -41.99 9.35 29.83
C SER C 2 -43.29 10.10 29.59
N HIS C 3 -44.40 9.35 29.64
CA HIS C 3 -45.72 9.95 29.52
C HIS C 3 -46.19 10.44 30.89
N SER C 4 -47.33 11.14 30.87
CA SER C 4 -47.93 11.70 32.07
C SER C 4 -49.36 11.18 32.16
N VAL C 5 -49.68 10.51 33.27
CA VAL C 5 -51.01 9.97 33.50
C VAL C 5 -51.60 10.73 34.69
N LYS C 6 -52.60 11.55 34.43
CA LYS C 6 -53.26 12.35 35.45
C LYS C 6 -54.62 11.74 35.78
N ILE C 7 -54.90 11.61 37.06
CA ILE C 7 -56.21 11.17 37.54
C ILE C 7 -56.89 12.37 38.19
N TYR C 8 -58.09 12.68 37.73
CA TYR C 8 -58.85 13.82 38.21
C TYR C 8 -59.88 13.36 39.24
N ASP C 9 -60.41 14.32 39.99
CA ASP C 9 -61.26 14.03 41.14
C ASP C 9 -62.69 13.66 40.78
N THR C 10 -63.01 13.53 39.49
CA THR C 10 -64.29 12.98 39.07
C THR C 10 -64.29 11.45 39.04
N CYS C 11 -63.23 10.82 39.53
CA CYS C 11 -63.10 9.37 39.47
C CYS C 11 -64.06 8.71 40.45
N ILE C 12 -64.85 7.76 39.93
CA ILE C 12 -65.80 7.03 40.76
C ILE C 12 -65.23 5.74 41.32
N GLY C 13 -63.95 5.47 41.09
CA GLY C 13 -63.27 4.33 41.67
C GLY C 13 -63.74 2.98 41.19
N CYS C 14 -64.04 2.86 39.90
CA CYS C 14 -64.58 1.62 39.35
C CYS C 14 -63.50 0.59 39.01
N THR C 15 -62.23 0.92 39.21
CA THR C 15 -61.05 0.07 38.99
C THR C 15 -60.91 -0.43 37.56
N GLN C 16 -61.58 0.19 36.59
CA GLN C 16 -61.59 -0.35 35.24
C GLN C 16 -60.35 0.07 34.45
N CYS C 17 -59.76 1.22 34.81
CA CYS C 17 -58.51 1.62 34.19
C CYS C 17 -57.36 0.74 34.65
N VAL C 18 -57.42 0.26 35.90
CA VAL C 18 -56.37 -0.61 36.42
C VAL C 18 -56.45 -1.99 35.76
N ARG C 19 -57.68 -2.47 35.51
CA ARG C 19 -57.85 -3.73 34.82
C ARG C 19 -57.45 -3.64 33.35
N ALA C 20 -57.63 -2.48 32.73
CA ALA C 20 -57.37 -2.32 31.32
C ALA C 20 -55.89 -2.13 31.00
N CYS C 21 -55.09 -1.70 31.96
CA CYS C 21 -53.70 -1.33 31.70
C CYS C 21 -52.84 -2.56 31.48
N PRO C 22 -52.23 -2.73 30.30
CA PRO C 22 -51.39 -3.90 30.05
C PRO C 22 -49.96 -3.75 30.57
N LEU C 23 -49.62 -2.63 31.17
CA LEU C 23 -48.27 -2.39 31.66
C LEU C 23 -48.18 -2.28 33.16
N ASP C 24 -49.30 -2.42 33.87
CA ASP C 24 -49.44 -2.26 35.32
C ASP C 24 -48.83 -0.93 35.78
N VAL C 25 -49.39 0.13 35.20
CA VAL C 25 -49.04 1.49 35.58
C VAL C 25 -49.92 1.96 36.73
N LEU C 26 -51.18 1.54 36.76
CA LEU C 26 -52.18 2.12 37.65
C LEU C 26 -52.51 1.18 38.80
N GLU C 27 -52.80 1.78 39.95
CA GLU C 27 -53.29 1.05 41.11
C GLU C 27 -54.32 1.91 41.82
N MET C 28 -55.10 1.28 42.70
CA MET C 28 -56.14 1.95 43.46
C MET C 28 -55.63 2.27 44.86
N VAL C 29 -55.85 3.51 45.30
CA VAL C 29 -55.50 3.94 46.64
C VAL C 29 -56.76 4.43 47.34
N PRO C 30 -56.88 4.35 48.66
CA PRO C 30 -58.10 4.80 49.33
C PRO C 30 -58.23 6.32 49.31
N TRP C 31 -59.46 6.79 49.11
CA TRP C 31 -59.59 8.23 48.86
C TRP C 31 -60.59 8.95 49.76
N ASP C 32 -61.77 8.37 50.01
CA ASP C 32 -62.90 9.02 50.66
C ASP C 32 -63.28 10.31 49.92
N GLY C 33 -63.42 10.21 48.61
CA GLY C 33 -63.84 11.34 47.80
C GLY C 33 -64.92 10.94 46.82
N CYS C 34 -65.30 9.67 46.88
CA CYS C 34 -66.40 9.14 46.09
C CYS C 34 -67.05 8.03 46.89
N LYS C 35 -68.09 7.42 46.31
CA LYS C 35 -68.85 6.40 47.01
C LYS C 35 -68.06 5.12 47.22
N ALA C 36 -67.21 4.77 46.25
CA ALA C 36 -66.41 3.55 46.34
C ALA C 36 -65.24 3.67 47.29
N GLY C 37 -64.91 4.88 47.76
CA GLY C 37 -63.85 5.08 48.71
C GLY C 37 -62.44 4.96 48.16
N SER C 38 -62.29 4.75 46.86
CA SER C 38 -60.99 4.54 46.25
C SER C 38 -60.87 5.39 44.99
N ILE C 39 -59.64 5.74 44.65
CA ILE C 39 -59.34 6.52 43.46
C ILE C 39 -58.17 5.86 42.74
N ALA C 40 -58.09 6.10 41.44
CA ALA C 40 -56.96 5.60 40.67
C ALA C 40 -55.73 6.46 40.92
N SER C 41 -54.56 5.83 40.87
CA SER C 41 -53.29 6.53 40.92
C SER C 41 -52.38 5.95 39.85
N SER C 42 -51.33 6.67 39.53
CA SER C 42 -50.35 6.23 38.52
C SER C 42 -48.94 6.30 39.11
N PRO C 43 -48.55 5.32 39.93
CA PRO C 43 -47.18 5.36 40.47
C PRO C 43 -46.11 4.97 39.47
N ARG C 44 -46.33 3.92 38.68
CA ARG C 44 -45.33 3.41 37.75
C ARG C 44 -45.54 3.97 36.35
N THR C 45 -45.54 5.31 36.27
CA THR C 45 -45.79 5.97 34.99
C THR C 45 -44.59 5.94 34.06
N GLU C 46 -43.42 5.53 34.54
CA GLU C 46 -42.26 5.35 33.67
C GLU C 46 -42.35 4.06 32.86
N ASP C 47 -43.31 3.19 33.16
CA ASP C 47 -43.59 2.01 32.35
C ASP C 47 -44.73 2.24 31.36
N CYS C 48 -45.35 3.41 31.37
CA CYS C 48 -46.50 3.67 30.52
C CYS C 48 -46.09 3.78 29.05
N VAL C 49 -46.73 2.98 28.20
CA VAL C 49 -46.42 3.04 26.78
C VAL C 49 -47.28 4.05 26.04
N GLY C 50 -48.41 4.48 26.61
CA GLY C 50 -49.26 5.45 25.95
C GLY C 50 -50.37 4.84 25.11
N CYS C 51 -50.76 3.60 25.38
CA CYS C 51 -51.76 2.91 24.57
C CYS C 51 -53.16 3.49 24.74
N LYS C 52 -53.40 4.21 25.85
CA LYS C 52 -54.69 4.83 26.20
C LYS C 52 -55.81 3.80 26.30
N ARG C 53 -55.49 2.58 26.75
CA ARG C 53 -56.53 1.60 27.04
C ARG C 53 -57.30 1.98 28.30
N CYS C 54 -56.65 2.71 29.21
CA CYS C 54 -57.30 3.15 30.43
C CYS C 54 -58.37 4.19 30.16
N GLU C 55 -58.14 5.07 29.18
CA GLU C 55 -59.14 6.07 28.83
C GLU C 55 -60.32 5.45 28.10
N THR C 56 -60.08 4.37 27.35
CA THR C 56 -61.15 3.63 26.70
C THR C 56 -62.06 2.96 27.72
N ALA C 57 -61.51 2.62 28.89
CA ALA C 57 -62.26 1.92 29.93
C ALA C 57 -62.95 2.87 30.92
N CYS C 58 -62.67 4.17 30.88
CA CYS C 58 -63.19 5.07 31.89
C CYS C 58 -64.63 5.45 31.60
N PRO C 59 -65.57 5.20 32.51
CA PRO C 59 -66.98 5.53 32.25
C PRO C 59 -67.38 6.95 32.59
N THR C 60 -66.50 7.75 33.19
CA THR C 60 -66.84 9.10 33.62
C THR C 60 -66.78 10.03 32.40
N ASP C 61 -67.73 10.97 32.34
CA ASP C 61 -67.85 11.94 31.25
C ASP C 61 -67.64 13.35 31.82
N PHE C 62 -66.52 14.00 31.50
CA PHE C 62 -65.44 13.49 30.66
C PHE C 62 -64.50 12.65 31.52
N LEU C 63 -63.48 12.06 30.89
CA LEU C 63 -62.65 11.03 31.51
C LEU C 63 -61.92 11.54 32.75
N SER C 64 -61.89 10.69 33.77
CA SER C 64 -61.15 11.01 34.97
C SER C 64 -59.67 10.72 34.84
N ILE C 65 -59.28 9.92 33.85
CA ILE C 65 -57.88 9.57 33.62
C ILE C 65 -57.49 10.14 32.26
N ARG C 66 -56.36 10.85 32.23
CA ARG C 66 -55.86 11.45 31.01
C ARG C 66 -54.39 11.10 30.85
N VAL C 67 -54.03 10.63 29.65
CA VAL C 67 -52.65 10.29 29.32
C VAL C 67 -52.11 11.38 28.41
N TYR C 68 -50.96 11.94 28.77
CA TYR C 68 -50.29 12.96 27.99
C TYR C 68 -48.98 12.35 27.48
N LEU C 69 -48.88 12.19 26.16
CA LEU C 69 -47.68 11.60 25.56
C LEU C 69 -46.51 12.56 25.69
N GLY C 70 -45.45 12.11 26.35
CA GLY C 70 -44.31 12.96 26.63
C GLY C 70 -43.05 12.53 25.90
N ALA C 71 -41.92 12.59 26.61
CA ALA C 71 -40.64 12.20 26.03
C ALA C 71 -40.59 10.70 25.77
N GLU C 72 -40.10 10.34 24.59
CA GLU C 72 -40.03 8.93 24.21
C GLU C 72 -38.76 8.30 24.77
N THR C 73 -38.93 7.27 25.59
CA THR C 73 -37.85 6.42 26.05
C THR C 73 -37.97 5.07 25.37
N THR C 74 -37.07 4.16 25.73
CA THR C 74 -37.12 2.80 25.18
C THR C 74 -38.36 2.07 25.67
N ARG C 75 -38.74 2.29 26.94
CA ARG C 75 -39.92 1.64 27.49
C ARG C 75 -41.21 2.21 26.91
N SER C 76 -41.27 3.53 26.74
CA SER C 76 -42.50 4.15 26.24
C SER C 76 -42.69 3.88 24.75
N MET C 77 -41.61 3.67 24.00
CA MET C 77 -41.72 3.28 22.61
C MET C 77 -42.00 1.80 22.42
N GLY C 78 -41.97 1.02 23.49
CA GLY C 78 -42.31 -0.39 23.42
C GLY C 78 -41.34 -1.25 22.64
N LEU C 79 -40.04 -0.92 22.70
CA LEU C 79 -39.05 -1.60 21.88
C LEU C 79 -38.49 -2.80 22.63
N ALA C 80 -38.58 -3.98 22.02
CA ALA C 80 -37.93 -5.18 22.52
C ALA C 80 -36.49 -5.29 22.07
N TYR C 81 -36.02 -4.38 21.23
CA TYR C 81 -34.64 -4.38 20.77
C TYR C 81 -33.94 -3.10 21.24
N THR D 4 -31.54 -16.68 43.03
CA THR D 4 -32.52 -15.81 43.66
C THR D 4 -33.88 -15.96 42.99
N LEU D 5 -33.90 -16.61 41.82
CA LEU D 5 -35.11 -16.90 41.07
C LEU D 5 -35.15 -18.39 40.78
N THR D 6 -36.19 -19.06 41.24
CA THR D 6 -36.32 -20.51 41.14
C THR D 6 -37.37 -20.85 40.09
N GLY D 7 -37.14 -21.93 39.36
CA GLY D 7 -38.14 -22.44 38.45
C GLY D 7 -37.54 -23.19 37.28
N LYS D 8 -38.29 -24.18 36.80
CA LYS D 8 -37.94 -24.84 35.56
C LYS D 8 -38.29 -23.94 34.39
N THR D 9 -37.42 -23.92 33.39
CA THR D 9 -37.77 -23.31 32.13
C THR D 9 -38.81 -24.17 31.43
N PRO D 10 -39.87 -23.57 30.88
CA PRO D 10 -40.87 -24.36 30.15
C PRO D 10 -40.29 -25.06 28.94
N VAL D 11 -40.89 -26.20 28.59
CA VAL D 11 -40.41 -27.00 27.48
C VAL D 11 -40.74 -26.28 26.18
N PHE D 12 -39.70 -25.90 25.44
CA PHE D 12 -39.84 -24.97 24.33
C PHE D 12 -38.66 -25.17 23.41
N GLY D 13 -38.91 -25.21 22.10
CA GLY D 13 -37.85 -25.39 21.15
C GLY D 13 -37.10 -24.14 20.76
N GLY D 14 -37.45 -23.00 21.35
CA GLY D 14 -36.88 -21.74 20.97
C GLY D 14 -37.60 -21.13 19.78
N SER D 15 -37.41 -19.83 19.62
CA SER D 15 -38.03 -19.12 18.52
C SER D 15 -37.17 -17.91 18.17
N THR D 16 -37.56 -17.22 17.11
CA THR D 16 -36.90 -16.00 16.69
C THR D 16 -37.50 -14.77 17.34
N GLY D 17 -38.52 -14.93 18.17
CA GLY D 17 -39.16 -13.82 18.85
C GLY D 17 -38.68 -13.56 20.26
N GLY D 18 -37.63 -14.24 20.71
CA GLY D 18 -37.18 -14.16 22.08
C GLY D 18 -36.21 -13.02 22.37
N LEU D 19 -35.31 -13.27 23.31
CA LEU D 19 -34.41 -12.24 23.82
C LEU D 19 -33.40 -11.79 22.78
N LEU D 20 -33.06 -10.51 22.81
CA LEU D 20 -32.15 -9.90 21.85
C LEU D 20 -31.04 -9.20 22.64
N THR D 21 -30.29 -8.34 21.93
CA THR D 21 -29.17 -7.60 22.51
C THR D 21 -29.61 -6.70 23.66
N ARG D 22 -30.83 -6.14 23.59
CA ARG D 22 -31.37 -5.30 24.64
C ARG D 22 -31.54 -6.05 25.97
N ALA D 23 -31.81 -7.36 25.91
CA ALA D 23 -32.02 -8.15 27.12
C ALA D 23 -30.74 -8.28 27.94
N ALA D 24 -29.58 -8.23 27.31
CA ALA D 24 -28.33 -8.37 28.02
C ALA D 24 -27.66 -7.04 28.36
N VAL D 25 -28.00 -5.96 27.66
CA VAL D 25 -27.30 -4.69 27.85
C VAL D 25 -28.15 -3.62 28.52
N GLU D 26 -29.48 -3.70 28.49
CA GLU D 26 -30.30 -2.69 29.16
C GLU D 26 -31.09 -3.27 30.32
N GLU D 27 -31.98 -4.23 30.07
CA GLU D 27 -32.89 -4.76 31.08
C GLU D 27 -33.53 -6.03 30.54
N LYS D 28 -33.99 -6.86 31.47
CA LYS D 28 -34.63 -8.13 31.16
C LYS D 28 -35.81 -8.30 32.09
N TYR D 29 -36.66 -9.27 31.79
CA TYR D 29 -37.82 -9.55 32.62
C TYR D 29 -37.99 -11.04 32.77
N ALA D 30 -38.47 -11.45 33.94
CA ALA D 30 -38.74 -12.86 34.21
C ALA D 30 -40.09 -12.98 34.90
N ILE D 31 -40.88 -13.95 34.46
CA ILE D 31 -42.16 -14.26 35.07
C ILE D 31 -42.07 -15.66 35.66
N THR D 32 -42.44 -15.79 36.94
CA THR D 32 -42.40 -17.05 37.67
C THR D 32 -43.80 -17.38 38.15
N TRP D 33 -44.25 -18.61 37.91
CA TRP D 33 -45.56 -19.02 38.39
C TRP D 33 -45.54 -20.50 38.74
N THR D 34 -46.48 -20.90 39.59
CA THR D 34 -46.69 -22.31 39.92
C THR D 34 -47.90 -22.83 39.16
N SER D 35 -47.78 -24.07 38.68
CA SER D 35 -48.86 -24.76 38.01
C SER D 35 -49.13 -26.07 38.71
N THR D 36 -50.39 -26.51 38.67
CA THR D 36 -50.76 -27.78 39.29
C THR D 36 -50.69 -28.95 38.33
N LYS D 37 -50.49 -28.70 37.04
CA LYS D 37 -50.42 -29.76 36.05
C LYS D 37 -49.56 -29.32 34.88
N GLN D 38 -49.09 -30.30 34.13
CA GLN D 38 -48.38 -30.06 32.88
C GLN D 38 -49.39 -29.71 31.80
N GLN D 39 -49.26 -28.52 31.21
CA GLN D 39 -50.22 -28.08 30.21
C GLN D 39 -49.53 -27.13 29.23
N VAL D 40 -50.21 -26.91 28.11
CA VAL D 40 -49.68 -26.10 27.02
C VAL D 40 -50.19 -24.67 27.18
N PHE D 41 -49.29 -23.70 27.10
CA PHE D 41 -49.65 -22.30 26.99
C PHE D 41 -49.05 -21.72 25.70
N GLU D 42 -49.53 -20.54 25.34
CA GLU D 42 -49.02 -19.81 24.19
C GLU D 42 -47.98 -18.81 24.63
N MET D 43 -46.81 -18.86 24.02
CA MET D 43 -45.77 -17.88 24.30
C MET D 43 -46.17 -16.53 23.72
N PRO D 44 -45.84 -15.42 24.40
CA PRO D 44 -46.08 -14.10 23.81
C PRO D 44 -45.16 -13.79 22.64
N THR D 45 -44.06 -14.53 22.49
CA THR D 45 -43.14 -14.40 21.38
C THR D 45 -43.54 -15.27 20.19
N GLY D 46 -44.68 -15.94 20.25
CA GLY D 46 -45.12 -16.79 19.16
C GLY D 46 -44.82 -18.26 19.39
N GLY D 47 -45.83 -19.10 19.27
CA GLY D 47 -45.66 -20.53 19.45
C GLY D 47 -46.23 -21.02 20.76
N ALA D 48 -46.11 -22.33 20.94
CA ALA D 48 -46.68 -23.02 22.10
C ALA D 48 -45.56 -23.65 22.92
N ALA D 49 -45.61 -23.46 24.23
CA ALA D 49 -44.68 -24.08 25.15
C ALA D 49 -45.46 -24.89 26.17
N ILE D 50 -44.73 -25.73 26.91
CA ILE D 50 -45.31 -26.61 27.92
C ILE D 50 -44.80 -26.17 29.28
N MET D 51 -45.71 -25.74 30.14
CA MET D 51 -45.34 -25.44 31.51
C MET D 51 -45.27 -26.73 32.32
N HIS D 52 -44.45 -26.72 33.35
CA HIS D 52 -44.25 -27.87 34.21
C HIS D 52 -45.23 -27.85 35.38
N GLU D 53 -45.49 -29.02 35.93
CA GLU D 53 -46.18 -29.10 37.21
C GLU D 53 -45.24 -28.55 38.28
N GLY D 54 -45.73 -27.57 39.04
CA GLY D 54 -44.87 -26.92 40.01
C GLY D 54 -44.40 -25.56 39.52
N GLU D 55 -43.21 -25.16 39.94
CA GLU D 55 -42.73 -23.79 39.77
C GLU D 55 -42.06 -23.62 38.40
N ASN D 56 -42.44 -22.55 37.71
CA ASN D 56 -41.95 -22.23 36.38
C ASN D 56 -41.16 -20.93 36.41
N LEU D 57 -40.35 -20.71 35.38
CA LEU D 57 -39.57 -19.49 35.25
C LEU D 57 -39.28 -19.25 33.79
N LEU D 58 -39.65 -18.07 33.29
CA LEU D 58 -39.50 -17.75 31.88
C LEU D 58 -38.97 -16.33 31.72
N TYR D 59 -37.87 -16.19 30.99
CA TYR D 59 -37.27 -14.88 30.75
C TYR D 59 -37.84 -14.27 29.48
N LEU D 60 -38.31 -13.02 29.57
CA LEU D 60 -38.92 -12.32 28.46
C LEU D 60 -38.30 -10.94 28.31
N ALA D 61 -38.50 -10.35 27.14
CA ALA D 61 -37.80 -9.13 26.76
C ALA D 61 -38.48 -7.86 27.28
N ARG D 62 -39.81 -7.83 27.29
CA ARG D 62 -40.55 -6.65 27.71
C ARG D 62 -41.44 -6.97 28.89
N LYS D 63 -41.77 -5.92 29.65
CA LYS D 63 -42.73 -6.06 30.74
C LYS D 63 -44.13 -6.34 30.22
N GLU D 64 -44.45 -5.84 29.03
CA GLU D 64 -45.76 -6.12 28.43
C GLU D 64 -45.90 -7.58 28.03
N GLN D 65 -44.80 -8.26 27.70
CA GLN D 65 -44.87 -9.67 27.35
C GLN D 65 -45.13 -10.52 28.60
N CYS D 66 -44.57 -10.14 29.74
CA CYS D 66 -44.81 -10.88 30.97
C CYS D 66 -46.22 -10.66 31.49
N LEU D 67 -46.75 -9.44 31.34
CA LEU D 67 -48.10 -9.17 31.81
C LEU D 67 -49.16 -9.73 30.85
N ALA D 68 -48.82 -9.89 29.57
CA ALA D 68 -49.73 -10.57 28.66
C ALA D 68 -49.71 -12.08 28.89
N LEU D 69 -48.59 -12.62 29.36
CA LEU D 69 -48.56 -14.02 29.75
C LEU D 69 -49.35 -14.24 31.03
N GLY D 70 -49.21 -13.33 32.00
CA GLY D 70 -49.97 -13.45 33.23
C GLY D 70 -51.46 -13.23 33.05
N THR D 71 -51.85 -12.46 32.04
CA THR D 71 -53.25 -12.33 31.68
C THR D 71 -53.79 -13.65 31.10
N GLN D 72 -52.97 -14.33 30.29
CA GLN D 72 -53.35 -15.63 29.76
C GLN D 72 -53.41 -16.69 30.85
N LEU D 73 -52.51 -16.60 31.84
CA LEU D 73 -52.52 -17.56 32.94
C LEU D 73 -53.73 -17.39 33.84
N ARG D 74 -54.25 -16.17 33.96
CA ARG D 74 -55.42 -15.92 34.78
C ARG D 74 -56.73 -16.22 34.07
N SER D 75 -56.73 -16.30 32.74
CA SER D 75 -57.97 -16.30 31.98
C SER D 75 -58.18 -17.53 31.10
N LYS D 76 -57.13 -18.26 30.74
CA LYS D 76 -57.24 -19.36 29.80
C LYS D 76 -57.06 -20.73 30.43
N PHE D 77 -56.97 -20.80 31.75
CA PHE D 77 -56.71 -22.06 32.43
C PHE D 77 -57.69 -22.23 33.59
N LYS D 78 -58.34 -23.40 33.65
CA LYS D 78 -59.14 -23.77 34.80
C LYS D 78 -58.47 -24.95 35.50
N PRO D 79 -57.96 -24.78 36.73
CA PRO D 79 -58.05 -23.60 37.61
C PRO D 79 -57.12 -22.45 37.21
N LYS D 80 -57.46 -21.25 37.64
CA LYS D 80 -56.69 -20.07 37.26
C LYS D 80 -55.32 -20.09 37.92
N ILE D 81 -54.38 -19.43 37.27
CA ILE D 81 -53.03 -19.26 37.79
C ILE D 81 -52.87 -17.77 38.09
N GLU D 82 -52.98 -17.44 39.38
CA GLU D 82 -52.94 -16.06 39.85
C GLU D 82 -51.65 -15.67 40.54
N ASP D 83 -50.79 -16.62 40.87
CA ASP D 83 -49.66 -16.38 41.75
C ASP D 83 -48.40 -15.96 41.01
N TYR D 84 -48.52 -15.42 39.80
CA TYR D 84 -47.35 -15.12 39.01
C TYR D 84 -46.66 -13.86 39.50
N LYS D 85 -45.33 -13.90 39.54
CA LYS D 85 -44.50 -12.77 39.95
C LYS D 85 -43.61 -12.36 38.79
N ILE D 86 -43.47 -11.06 38.59
CA ILE D 86 -42.69 -10.51 37.49
C ILE D 86 -41.54 -9.69 38.06
N TYR D 87 -40.33 -9.94 37.56
CA TYR D 87 -39.13 -9.29 38.02
C TYR D 87 -38.48 -8.54 36.86
N ARG D 88 -37.72 -7.51 37.20
CA ARG D 88 -36.90 -6.79 36.22
C ARG D 88 -35.43 -7.05 36.54
N ILE D 89 -34.72 -7.66 35.60
CA ILE D 89 -33.32 -8.04 35.78
C ILE D 89 -32.45 -7.08 34.98
N TYR D 90 -31.49 -6.48 35.66
CA TYR D 90 -30.52 -5.54 35.13
C TYR D 90 -29.24 -6.28 34.75
N PRO D 91 -28.39 -5.72 33.87
CA PRO D 91 -27.22 -6.47 33.39
C PRO D 91 -26.17 -6.76 34.45
N ASN D 92 -26.17 -6.07 35.59
CA ASN D 92 -25.27 -6.40 36.68
C ASN D 92 -25.84 -7.47 37.61
N GLY D 93 -26.93 -8.11 37.22
CA GLY D 93 -27.57 -9.13 38.02
C GLY D 93 -28.55 -8.61 39.05
N GLU D 94 -28.75 -7.29 39.12
CA GLU D 94 -29.64 -6.70 40.10
C GLU D 94 -31.09 -6.96 39.70
N THR D 95 -31.82 -7.68 40.54
CA THR D 95 -33.18 -8.12 40.24
C THR D 95 -34.17 -7.32 41.09
N GLN D 96 -35.14 -6.69 40.43
CA GLN D 96 -36.14 -5.86 41.09
C GLN D 96 -37.52 -6.47 40.90
N TYR D 97 -38.23 -6.66 41.99
CA TYR D 97 -39.56 -7.27 42.00
C TYR D 97 -40.59 -6.20 41.68
N VAL D 98 -41.25 -6.30 40.52
CA VAL D 98 -42.09 -5.22 40.02
C VAL D 98 -43.56 -5.59 39.94
N HIS D 99 -43.94 -6.86 39.83
CA HIS D 99 -45.35 -7.22 39.78
C HIS D 99 -45.56 -8.53 40.54
N PRO D 100 -46.53 -8.59 41.48
CA PRO D 100 -47.36 -7.49 42.00
C PRO D 100 -46.58 -6.53 42.91
N ALA D 101 -46.94 -5.25 42.87
CA ALA D 101 -46.24 -4.24 43.64
C ALA D 101 -46.83 -4.09 45.03
N VAL E 2 -82.24 20.35 44.79
CA VAL E 2 -81.85 19.24 43.94
C VAL E 2 -82.09 17.90 44.64
N GLN E 3 -83.03 17.13 44.08
CA GLN E 3 -83.31 15.79 44.56
C GLN E 3 -83.87 14.97 43.40
N ARG E 4 -84.16 13.70 43.66
CA ARG E 4 -84.67 12.80 42.63
C ARG E 4 -86.06 13.22 42.20
N GLY E 5 -86.25 13.35 40.89
CA GLY E 5 -87.47 13.86 40.33
C GLY E 5 -87.38 15.27 39.77
N SER E 6 -86.17 15.79 39.61
CA SER E 6 -85.95 17.14 39.09
C SER E 6 -85.16 17.05 37.80
N LYS E 7 -85.67 17.67 36.75
CA LYS E 7 -84.99 17.70 35.46
C LYS E 7 -84.07 18.92 35.45
N VAL E 8 -82.76 18.67 35.42
CA VAL E 8 -81.76 19.72 35.55
C VAL E 8 -81.07 19.96 34.23
N ARG E 9 -80.18 20.96 34.21
CA ARG E 9 -79.55 21.46 33.00
C ARG E 9 -78.08 21.70 33.32
N ILE E 10 -77.20 21.08 32.53
CA ILE E 10 -75.77 20.99 32.87
C ILE E 10 -75.09 22.31 32.56
N LEU E 11 -74.23 22.77 33.48
CA LEU E 11 -73.39 23.95 33.26
C LEU E 11 -71.92 23.60 33.08
N ARG E 12 -71.58 22.32 32.93
CA ARG E 12 -70.19 21.90 32.83
C ARG E 12 -69.73 21.97 31.38
N PRO E 13 -68.69 22.76 31.06
CA PRO E 13 -68.30 22.93 29.65
C PRO E 13 -67.57 21.75 29.05
N GLU E 14 -66.92 20.92 29.86
CA GLU E 14 -66.22 19.70 29.44
C GLU E 14 -67.16 18.53 29.18
N SER E 15 -68.44 18.64 29.52
CA SER E 15 -69.38 17.54 29.40
C SER E 15 -69.99 17.47 27.99
N TYR E 16 -70.42 16.26 27.63
CA TYR E 16 -71.12 16.06 26.36
C TYR E 16 -72.50 16.73 26.38
N TRP E 17 -73.15 16.76 27.54
CA TRP E 17 -74.51 17.27 27.66
C TRP E 17 -74.55 18.70 28.16
N TYR E 18 -73.56 19.51 27.77
CA TYR E 18 -73.57 20.93 28.09
C TYR E 18 -74.73 21.62 27.39
N ARG E 19 -75.48 22.42 28.16
CA ARG E 19 -76.71 23.09 27.72
C ARG E 19 -77.75 22.07 27.23
N ASP E 20 -77.85 20.94 27.93
CA ASP E 20 -78.82 19.91 27.64
C ASP E 20 -79.53 19.49 28.92
N ILE E 21 -80.69 18.87 28.75
CA ILE E 21 -81.59 18.53 29.85
C ILE E 21 -81.34 17.08 30.26
N GLY E 22 -81.29 16.82 31.57
CA GLY E 22 -81.12 15.49 32.07
C GLY E 22 -81.94 15.27 33.33
N THR E 23 -82.24 14.00 33.60
CA THR E 23 -83.11 13.61 34.70
C THR E 23 -82.24 13.10 35.84
N VAL E 24 -82.48 13.61 37.05
CA VAL E 24 -81.70 13.21 38.22
C VAL E 24 -82.14 11.83 38.65
N ALA E 25 -81.18 10.91 38.77
CA ALA E 25 -81.47 9.56 39.26
C ALA E 25 -81.41 9.51 40.78
N THR E 26 -80.24 9.79 41.35
CA THR E 26 -80.07 9.88 42.80
C THR E 26 -79.21 11.09 43.12
N VAL E 27 -79.36 11.62 44.32
CA VAL E 27 -78.45 12.62 44.88
C VAL E 27 -78.02 12.11 46.25
N ASP E 28 -76.73 11.82 46.39
CA ASP E 28 -76.15 11.25 47.58
C ASP E 28 -76.15 12.29 48.72
N GLN E 29 -76.10 11.80 49.96
CA GLN E 29 -76.09 12.70 51.11
C GLN E 29 -74.90 12.39 52.00
N SER E 30 -73.91 11.65 51.48
CA SER E 30 -72.80 11.21 52.33
C SER E 30 -71.75 12.30 52.47
N GLY E 31 -71.48 13.05 51.41
CA GLY E 31 -70.51 14.13 51.47
C GLY E 31 -69.45 14.03 50.40
N ILE E 32 -69.70 13.27 49.34
CA ILE E 32 -68.75 13.09 48.27
C ILE E 32 -68.88 14.25 47.28
N ARG E 33 -67.84 14.42 46.45
CA ARG E 33 -67.66 15.66 45.70
C ARG E 33 -68.56 15.79 44.48
N TYR E 34 -69.15 14.69 44.00
CA TYR E 34 -70.06 14.74 42.85
C TYR E 34 -71.26 13.85 43.16
N PRO E 35 -72.24 14.38 43.90
CA PRO E 35 -73.33 13.53 44.39
C PRO E 35 -74.49 13.36 43.43
N ALA E 36 -74.70 14.32 42.52
CA ALA E 36 -75.90 14.35 41.70
C ALA E 36 -75.73 13.40 40.52
N ILE E 37 -76.41 12.26 40.57
CA ILE E 37 -76.39 11.28 39.49
C ILE E 37 -77.50 11.67 38.51
N VAL E 38 -77.11 12.11 37.32
CA VAL E 38 -78.04 12.59 36.32
C VAL E 38 -78.02 11.64 35.13
N ARG E 39 -79.18 11.12 34.79
CA ARG E 39 -79.30 10.19 33.69
C ARG E 39 -79.74 11.00 32.45
N PHE E 40 -79.43 10.50 31.26
CA PHE E 40 -79.68 11.30 30.05
C PHE E 40 -80.36 10.46 28.97
N ASP E 41 -80.87 11.19 27.97
CA ASP E 41 -81.58 10.69 26.80
C ASP E 41 -80.64 10.44 25.62
N LYS E 42 -79.80 11.43 25.28
CA LYS E 42 -78.79 11.25 24.24
C LYS E 42 -77.53 10.67 24.83
N VAL E 43 -77.03 9.61 24.21
CA VAL E 43 -75.83 8.94 24.65
C VAL E 43 -74.61 9.71 24.14
N ASN E 44 -73.49 9.58 24.85
CA ASN E 44 -72.29 10.33 24.49
C ASN E 44 -71.49 9.53 23.45
N TYR E 45 -70.23 9.93 23.23
CA TYR E 45 -69.41 9.31 22.20
C TYR E 45 -68.90 7.92 22.58
N TYR E 46 -69.05 7.49 23.82
CA TYR E 46 -68.57 6.16 24.22
C TYR E 46 -69.59 5.45 25.09
N GLY E 47 -70.85 5.49 24.69
CA GLY E 47 -71.85 4.60 25.25
C GLY E 47 -72.30 4.89 26.67
N ILE E 48 -72.11 6.11 27.15
CA ILE E 48 -72.45 6.48 28.53
C ILE E 48 -73.63 7.44 28.47
N SER E 49 -74.65 7.18 29.29
CA SER E 49 -75.84 8.01 29.33
C SER E 49 -76.10 8.58 30.73
N SER E 50 -75.20 8.37 31.68
CA SER E 50 -75.36 8.89 33.03
C SER E 50 -74.00 9.18 33.64
N ASN E 51 -73.91 10.28 34.36
CA ASN E 51 -72.63 10.75 34.90
C ASN E 51 -72.91 11.61 36.12
N ASN E 52 -71.98 11.55 37.09
CA ASN E 52 -72.08 12.31 38.31
C ASN E 52 -71.69 13.77 38.09
N PHE E 53 -72.48 14.66 38.66
CA PHE E 53 -72.22 16.10 38.63
C PHE E 53 -72.29 16.66 40.04
N ALA E 54 -71.68 17.82 40.24
CA ALA E 54 -71.88 18.53 41.48
C ALA E 54 -73.17 19.35 41.41
N LEU E 55 -73.67 19.74 42.59
CA LEU E 55 -74.90 20.52 42.63
C LEU E 55 -74.69 21.94 42.12
N SER E 56 -73.47 22.45 42.24
CA SER E 56 -73.20 23.80 41.76
C SER E 56 -73.11 23.89 40.25
N GLU E 57 -72.99 22.78 39.53
CA GLU E 57 -72.94 22.85 38.09
C GLU E 57 -74.31 22.58 37.45
N LEU E 58 -75.38 22.58 38.24
CA LEU E 58 -76.71 22.28 37.74
C LEU E 58 -77.65 23.47 37.94
N GLU E 59 -78.61 23.62 37.03
CA GLU E 59 -79.72 24.54 37.18
C GLU E 59 -81.02 23.80 36.87
N GLU E 60 -82.04 24.05 37.68
CA GLU E 60 -83.29 23.33 37.57
C GLU E 60 -84.14 23.83 36.41
N VAL E 61 -85.00 22.93 35.94
CA VAL E 61 -86.09 23.27 35.02
C VAL E 61 -87.45 23.03 35.68
N GLU E 62 -87.67 21.82 36.19
CA GLU E 62 -88.88 21.60 36.97
C GLU E 62 -88.43 21.10 38.34
N ASP F 3 -17.84 20.61 -29.38
CA ASP F 3 -19.00 21.48 -29.31
C ASP F 3 -20.30 20.68 -29.19
N MET F 4 -20.44 19.64 -30.02
CA MET F 4 -21.62 18.80 -30.01
C MET F 4 -21.38 17.40 -29.48
N THR F 5 -20.13 17.03 -29.20
CA THR F 5 -19.81 15.68 -28.75
C THR F 5 -19.53 15.60 -27.25
N GLN F 6 -19.32 16.73 -26.59
CA GLN F 6 -18.93 16.72 -25.18
C GLN F 6 -19.32 18.05 -24.56
N LEU F 7 -19.17 18.13 -23.24
CA LEU F 7 -19.45 19.36 -22.50
C LEU F 7 -18.32 20.35 -22.74
N THR F 8 -18.68 21.50 -23.29
CA THR F 8 -17.75 22.62 -23.43
C THR F 8 -18.38 23.86 -22.80
N GLY F 9 -17.63 24.94 -22.78
CA GLY F 9 -18.15 26.21 -22.32
C GLY F 9 -17.56 27.37 -23.07
N ALA F 10 -18.42 28.18 -23.69
CA ALA F 10 -18.02 29.37 -24.42
C ALA F 10 -18.06 30.62 -23.55
N TYR F 11 -17.90 30.47 -22.24
CA TYR F 11 -17.91 31.55 -21.28
C TYR F 11 -16.55 31.64 -20.60
N ALA F 12 -16.38 32.65 -19.77
CA ALA F 12 -15.12 32.85 -19.07
C ALA F 12 -14.90 31.78 -18.01
N ALA F 13 -13.67 31.30 -17.94
CA ALA F 13 -13.20 30.18 -17.11
C ALA F 13 -14.09 28.95 -17.29
N PRO F 14 -14.06 28.28 -18.44
CA PRO F 14 -14.93 27.10 -18.63
C PRO F 14 -14.46 25.88 -17.88
N TRP F 15 -13.26 25.90 -17.30
CA TRP F 15 -12.79 24.85 -16.42
C TRP F 15 -13.45 24.89 -15.04
N LEU F 16 -14.16 25.97 -14.72
CA LEU F 16 -14.80 26.05 -13.41
C LEU F 16 -15.97 25.07 -13.23
N PRO F 17 -16.92 24.92 -14.17
CA PRO F 17 -17.90 23.82 -13.99
C PRO F 17 -17.30 22.43 -14.14
N TRP F 18 -16.16 22.32 -14.81
CA TRP F 18 -15.45 21.05 -14.92
C TRP F 18 -14.99 20.53 -13.56
N ILE F 19 -14.72 21.42 -12.61
CA ILE F 19 -14.28 21.02 -11.29
C ILE F 19 -15.34 21.26 -10.21
N MET F 20 -16.23 22.25 -10.37
CA MET F 20 -17.14 22.60 -9.28
C MET F 20 -18.26 21.59 -9.12
N ILE F 21 -18.82 21.12 -10.24
CA ILE F 21 -19.87 20.09 -10.23
C ILE F 21 -19.35 18.76 -9.69
N PRO F 22 -18.14 18.27 -10.03
CA PRO F 22 -17.60 17.13 -9.26
C PRO F 22 -17.40 17.43 -7.78
N LEU F 23 -16.93 18.63 -7.44
CA LEU F 23 -16.67 18.97 -6.03
C LEU F 23 -17.96 19.08 -5.24
N ILE F 24 -18.93 19.82 -5.77
CA ILE F 24 -20.17 20.08 -5.04
C ILE F 24 -21.01 18.81 -4.89
N PHE F 25 -21.05 17.99 -5.94
CA PHE F 25 -22.08 16.96 -6.00
C PHE F 25 -21.61 15.55 -5.65
N TYR F 26 -20.35 15.18 -5.90
CA TYR F 26 -19.96 13.82 -5.52
C TYR F 26 -18.58 13.68 -4.89
N ILE F 27 -17.88 14.77 -4.58
CA ILE F 27 -16.60 14.69 -3.88
C ILE F 27 -16.74 15.15 -2.43
N LEU F 28 -17.18 16.39 -2.22
CA LEU F 28 -17.49 16.94 -0.91
C LEU F 28 -18.72 16.41 -0.13
N PRO F 29 -19.83 15.90 -0.72
CA PRO F 29 -20.98 15.51 0.13
C PRO F 29 -20.71 14.42 1.17
N PHE F 30 -19.97 13.38 0.84
CA PHE F 30 -19.69 12.32 1.82
C PHE F 30 -18.81 12.81 2.99
N PRO F 31 -17.80 13.68 2.79
CA PRO F 31 -17.21 14.34 3.96
C PRO F 31 -18.17 15.23 4.74
N ILE F 32 -19.08 15.93 4.05
CA ILE F 32 -20.03 16.79 4.76
C ILE F 32 -21.06 15.94 5.50
N PHE F 33 -21.50 14.84 4.88
CA PHE F 33 -22.40 13.91 5.56
C PHE F 33 -21.73 13.25 6.75
N ALA F 34 -20.42 12.99 6.66
CA ALA F 34 -19.70 12.40 7.78
C ALA F 34 -19.51 13.41 8.91
N ILE F 35 -19.27 14.68 8.57
CA ILE F 35 -19.12 15.73 9.58
C ILE F 35 -20.45 15.94 10.31
N ILE F 36 -21.55 15.97 9.56
CA ILE F 36 -22.88 16.16 10.15
C ILE F 36 -23.27 14.94 10.98
N PHE F 37 -22.86 13.75 10.55
CA PHE F 37 -23.14 12.52 11.29
C PHE F 37 -22.41 12.52 12.64
N LEU F 38 -21.15 12.98 12.67
CA LEU F 38 -20.43 13.04 13.93
C LEU F 38 -20.97 14.12 14.84
N TRP F 39 -21.59 15.15 14.27
CA TRP F 39 -22.17 16.23 15.06
C TRP F 39 -23.45 15.78 15.76
N ILE F 40 -24.25 14.95 15.10
CA ILE F 40 -25.53 14.52 15.67
C ILE F 40 -25.43 13.24 16.48
N GLU F 41 -24.27 12.57 16.48
CA GLU F 41 -24.09 11.38 17.30
C GLU F 41 -23.21 11.61 18.52
N ARG F 42 -22.61 12.78 18.67
CA ARG F 42 -21.64 12.98 19.73
C ARG F 42 -22.35 13.18 21.06
N GLU F 43 -21.70 12.72 22.13
CA GLU F 43 -22.31 12.63 23.43
C GLU F 43 -21.51 13.40 24.47
N CYS G 35 -56.16 -61.08 -17.96
CA CYS G 35 -56.45 -62.06 -16.93
C CYS G 35 -55.23 -62.31 -16.06
N ASN G 36 -54.05 -62.34 -16.68
CA ASN G 36 -52.83 -62.66 -15.97
C ASN G 36 -52.39 -61.51 -15.06
N LEU G 37 -52.88 -60.29 -15.33
CA LEU G 37 -52.64 -59.17 -14.42
C LEU G 37 -53.58 -59.21 -13.23
N PHE G 38 -54.79 -59.75 -13.42
CA PHE G 38 -55.73 -59.92 -12.32
C PHE G 38 -55.23 -61.00 -11.35
N VAL G 39 -54.64 -62.07 -11.88
CA VAL G 39 -54.02 -63.10 -11.04
C VAL G 39 -52.79 -62.53 -10.33
N LEU G 40 -52.07 -61.61 -10.97
CA LEU G 40 -50.95 -60.94 -10.31
C LEU G 40 -51.43 -60.04 -9.18
N ALA G 41 -52.60 -59.43 -9.33
CA ALA G 41 -53.11 -58.54 -8.29
C ALA G 41 -53.52 -59.32 -7.04
N ILE G 42 -54.18 -60.48 -7.21
CA ILE G 42 -54.51 -61.31 -6.04
C ILE G 42 -53.32 -62.09 -5.53
N GLY G 43 -52.16 -62.01 -6.20
CA GLY G 43 -50.97 -62.70 -5.76
C GLY G 43 -49.95 -61.81 -5.07
N LYS G 44 -50.09 -60.48 -5.21
CA LYS G 44 -49.15 -59.55 -4.60
C LYS G 44 -49.82 -58.39 -3.87
N TYR G 45 -51.13 -58.44 -3.63
CA TYR G 45 -51.82 -57.40 -2.88
C TYR G 45 -52.67 -57.99 -1.75
N ALA G 46 -52.40 -59.25 -1.40
CA ALA G 46 -52.64 -59.76 -0.06
C ALA G 46 -51.43 -59.56 0.83
N ILE G 47 -50.47 -58.74 0.39
CA ILE G 47 -49.18 -58.52 1.05
C ILE G 47 -49.13 -57.05 1.47
N GLN G 48 -49.84 -56.20 0.71
CA GLN G 48 -49.64 -54.76 0.75
C GLN G 48 -50.69 -54.01 1.57
N ARG G 49 -51.79 -54.67 1.96
CA ARG G 49 -52.96 -53.95 2.43
C ARG G 49 -53.15 -54.16 3.93
N PRO G 50 -53.15 -53.09 4.74
CA PRO G 50 -53.39 -53.24 6.18
C PRO G 50 -54.84 -53.57 6.51
N GLY G 51 -55.77 -52.83 5.91
CA GLY G 51 -57.18 -53.09 6.16
C GLY G 51 -57.78 -54.02 5.12
N ALA G 52 -57.84 -55.30 5.44
CA ALA G 52 -58.43 -56.31 4.57
C ALA G 52 -59.59 -56.97 5.31
N GLY G 53 -60.80 -56.77 4.79
CA GLY G 53 -61.99 -57.24 5.47
C GLY G 53 -62.57 -56.17 6.36
N PRO G 54 -63.75 -55.66 6.01
CA PRO G 54 -64.36 -54.59 6.80
C PRO G 54 -65.24 -55.13 7.93
N GLY G 68 -62.30 -60.83 1.91
CA GLY G 68 -63.63 -60.29 2.13
C GLY G 68 -64.29 -59.80 0.84
N LEU G 69 -65.46 -59.18 0.99
CA LEU G 69 -66.20 -58.72 -0.18
C LEU G 69 -65.56 -57.53 -0.90
N PRO G 70 -65.22 -56.41 -0.26
CA PRO G 70 -64.77 -55.25 -1.06
C PRO G 70 -63.29 -55.11 -1.36
N GLU G 71 -62.35 -55.78 -0.67
CA GLU G 71 -61.01 -55.76 -1.24
C GLU G 71 -60.85 -56.77 -2.37
N LEU G 72 -61.82 -57.67 -2.57
CA LEU G 72 -61.88 -58.38 -3.84
C LEU G 72 -62.21 -57.42 -4.96
N LEU G 73 -63.19 -56.53 -4.72
CA LEU G 73 -63.59 -55.56 -5.74
C LEU G 73 -62.51 -54.52 -5.99
N ALA G 74 -61.63 -54.28 -5.01
CA ALA G 74 -60.49 -53.42 -5.24
C ALA G 74 -59.39 -54.15 -6.01
N THR G 75 -59.14 -55.40 -5.65
CA THR G 75 -58.11 -56.18 -6.31
C THR G 75 -58.51 -56.54 -7.74
N ALA G 76 -59.81 -56.72 -7.99
CA ALA G 76 -60.28 -56.91 -9.35
C ALA G 76 -60.24 -55.60 -10.14
N SER G 77 -60.43 -54.47 -9.46
CA SER G 77 -60.38 -53.18 -10.16
C SER G 77 -58.97 -52.84 -10.57
N LEU G 78 -57.99 -53.09 -9.71
CA LEU G 78 -56.59 -52.83 -10.04
C LEU G 78 -56.09 -53.79 -11.11
N GLY G 79 -56.63 -55.00 -11.15
CA GLY G 79 -56.30 -55.92 -12.23
C GLY G 79 -56.79 -55.42 -13.57
N HIS G 80 -57.96 -54.78 -13.60
CA HIS G 80 -58.44 -54.18 -14.84
C HIS G 80 -57.70 -52.89 -15.17
N ILE G 81 -57.07 -52.25 -14.19
CA ILE G 81 -56.28 -51.04 -14.45
C ILE G 81 -54.90 -51.41 -15.00
N LEU G 82 -54.16 -52.23 -14.25
CA LEU G 82 -52.88 -52.74 -14.74
C LEU G 82 -53.03 -53.67 -15.94
N GLY G 83 -54.20 -54.29 -16.12
CA GLY G 83 -54.43 -55.06 -17.33
C GLY G 83 -54.59 -54.17 -18.55
N ALA G 84 -55.29 -53.05 -18.40
CA ALA G 84 -55.48 -52.14 -19.53
C ALA G 84 -54.19 -51.40 -19.89
N GLY G 85 -53.32 -51.16 -18.91
CA GLY G 85 -52.05 -50.51 -19.21
C GLY G 85 -51.04 -51.43 -19.85
N MET G 86 -51.07 -52.72 -19.50
CA MET G 86 -50.09 -53.65 -20.07
C MET G 86 -50.54 -54.15 -21.44
N ILE G 87 -51.85 -54.33 -21.65
CA ILE G 87 -52.37 -54.74 -22.95
C ILE G 87 -52.11 -53.65 -23.99
N LEU G 88 -52.37 -52.39 -23.62
CA LEU G 88 -52.02 -51.28 -24.52
C LEU G 88 -50.51 -51.07 -24.57
N GLY G 89 -49.79 -51.41 -23.51
CA GLY G 89 -48.34 -51.33 -23.55
C GLY G 89 -47.72 -52.40 -24.44
N LEU G 90 -48.26 -53.61 -24.38
CA LEU G 90 -47.82 -54.68 -25.28
C LEU G 90 -48.48 -54.59 -26.65
N GLY G 91 -49.55 -53.79 -26.79
CA GLY G 91 -50.20 -53.63 -28.08
C GLY G 91 -49.35 -52.91 -29.11
N ASN G 92 -48.41 -52.07 -28.66
CA ASN G 92 -47.48 -51.42 -29.55
C ASN G 92 -46.02 -51.74 -29.24
N ALA G 93 -45.76 -52.45 -28.14
CA ALA G 93 -44.42 -52.85 -27.67
C ALA G 93 -43.46 -51.68 -27.50
N THR H 8 -51.35 -35.94 23.62
CA THR H 8 -51.21 -35.66 22.19
C THR H 8 -49.98 -34.80 21.95
N TRP H 9 -49.61 -34.00 22.94
CA TRP H 9 -48.43 -33.16 22.89
C TRP H 9 -47.34 -33.60 23.84
N VAL H 10 -47.57 -34.70 24.58
CA VAL H 10 -46.66 -35.07 25.66
C VAL H 10 -45.37 -35.68 25.12
N ASP H 11 -45.40 -36.28 23.93
CA ASP H 11 -44.21 -36.84 23.34
C ASP H 11 -43.55 -35.89 22.35
N ALA H 12 -44.09 -34.69 22.17
CA ALA H 12 -43.36 -33.64 21.49
C ALA H 12 -42.19 -33.19 22.34
N TYR H 13 -41.13 -32.73 21.66
CA TYR H 13 -39.83 -32.38 22.23
C TYR H 13 -39.16 -33.55 22.97
N ASP H 14 -39.49 -34.79 22.62
CA ASP H 14 -38.75 -35.94 23.12
C ASP H 14 -37.89 -36.62 22.07
N GLN H 15 -38.26 -36.54 20.80
CA GLN H 15 -37.43 -37.13 19.76
C GLN H 15 -36.42 -36.10 19.28
N LYS H 16 -35.38 -36.60 18.61
CA LYS H 16 -34.28 -35.73 18.22
C LYS H 16 -34.69 -34.84 17.04
N ASP H 17 -34.20 -33.60 17.07
CA ASP H 17 -34.51 -32.61 16.06
C ASP H 17 -33.21 -31.90 15.67
N ILE H 18 -33.04 -31.67 14.37
CA ILE H 18 -31.86 -30.95 13.90
C ILE H 18 -31.96 -29.46 14.13
N ILE H 19 -33.15 -28.95 14.46
CA ILE H 19 -33.33 -27.55 14.81
C ILE H 19 -33.45 -27.46 16.33
N GLN H 20 -32.50 -26.77 16.95
CA GLN H 20 -32.38 -26.66 18.38
C GLN H 20 -32.51 -25.19 18.80
N PRO H 21 -32.78 -24.92 20.08
CA PRO H 21 -32.66 -23.54 20.56
C PRO H 21 -31.22 -23.06 20.48
N TYR H 22 -31.06 -21.76 20.23
CA TYR H 22 -29.74 -21.19 20.03
C TYR H 22 -28.97 -21.15 21.34
N ARG H 23 -27.78 -21.76 21.34
CA ARG H 23 -26.91 -21.92 22.52
C ARG H 23 -27.62 -22.62 23.67
N GLY H 24 -28.52 -23.55 23.36
CA GLY H 24 -29.28 -24.27 24.36
C GLY H 24 -30.28 -23.45 25.15
N ASN H 25 -30.57 -22.23 24.73
CA ASN H 25 -31.47 -21.33 25.46
C ASN H 25 -32.70 -21.05 24.63
N PRO H 26 -33.87 -21.61 24.98
CA PRO H 26 -35.08 -21.35 24.19
C PRO H 26 -35.63 -19.94 24.34
N GLU H 27 -35.17 -19.17 25.32
CA GLU H 27 -35.62 -17.80 25.47
C GLU H 27 -34.89 -16.83 24.55
N LEU H 28 -33.77 -17.22 23.96
CA LEU H 28 -33.06 -16.37 23.03
C LEU H 28 -33.79 -16.30 21.70
N GLY H 29 -33.68 -15.15 21.03
CA GLY H 29 -34.38 -14.91 19.78
C GLY H 29 -33.66 -15.41 18.55
N ASN H 30 -33.26 -16.68 18.57
CA ASN H 30 -32.59 -17.31 17.43
C ASN H 30 -32.76 -18.81 17.55
N LEU H 31 -32.49 -19.50 16.45
CA LEU H 31 -32.54 -20.95 16.41
C LEU H 31 -31.22 -21.49 15.88
N ALA H 32 -30.87 -22.70 16.33
CA ALA H 32 -29.69 -23.39 15.83
C ALA H 32 -30.11 -24.24 14.64
N THR H 33 -29.76 -23.80 13.45
CA THR H 33 -30.09 -24.44 12.19
C THR H 33 -28.81 -24.96 11.53
N PRO H 34 -28.92 -25.77 10.48
CA PRO H 34 -27.73 -26.10 9.67
C PRO H 34 -27.06 -24.90 9.02
N VAL H 35 -27.78 -23.80 8.79
CA VAL H 35 -27.19 -22.64 8.12
C VAL H 35 -26.33 -21.83 9.09
N ASN H 36 -26.67 -21.77 10.38
CA ASN H 36 -25.86 -21.01 11.32
C ASN H 36 -25.07 -21.84 12.31
N SER H 37 -25.28 -23.16 12.38
CA SER H 37 -24.68 -23.93 13.46
C SER H 37 -24.12 -25.29 13.04
N SER H 38 -24.13 -25.66 11.77
CA SER H 38 -23.50 -26.90 11.37
C SER H 38 -21.98 -26.76 11.39
N ASN H 39 -21.29 -27.90 11.40
CA ASN H 39 -19.83 -27.90 11.49
C ASN H 39 -19.18 -27.35 10.24
N LEU H 40 -19.83 -27.50 9.08
CA LEU H 40 -19.27 -26.96 7.84
C LEU H 40 -19.35 -25.44 7.82
N VAL H 41 -20.51 -24.88 8.16
CA VAL H 41 -20.63 -23.42 8.12
C VAL H 41 -19.92 -22.76 9.30
N LYS H 42 -19.70 -23.48 10.40
CA LYS H 42 -18.95 -22.88 11.50
C LYS H 42 -17.46 -22.91 11.23
N THR H 43 -16.97 -23.93 10.53
CA THR H 43 -15.56 -23.95 10.15
C THR H 43 -15.26 -22.87 9.11
N TYR H 44 -16.22 -22.62 8.21
CA TYR H 44 -16.01 -21.64 7.15
C TYR H 44 -16.12 -20.21 7.67
N ILE H 45 -17.19 -19.90 8.41
CA ILE H 45 -17.47 -18.53 8.82
C ILE H 45 -16.47 -18.07 9.87
N ASN H 46 -16.16 -18.92 10.86
CA ASN H 46 -15.24 -18.54 11.92
C ASN H 46 -13.78 -18.47 11.47
N ASN H 47 -13.47 -18.92 10.25
CA ASN H 47 -12.13 -18.80 9.70
C ASN H 47 -12.06 -17.80 8.57
N LEU H 48 -13.16 -17.14 8.23
CA LEU H 48 -13.12 -15.92 7.45
C LEU H 48 -12.36 -14.85 8.24
N PRO H 49 -11.68 -13.91 7.55
CA PRO H 49 -10.80 -12.98 8.28
C PRO H 49 -11.50 -12.02 9.23
N ALA H 50 -12.83 -11.88 9.13
CA ALA H 50 -13.54 -11.12 10.14
C ALA H 50 -13.60 -11.85 11.48
N TYR H 51 -13.52 -13.18 11.47
CA TYR H 51 -13.72 -13.97 12.67
C TYR H 51 -12.56 -14.90 13.02
N ARG H 52 -11.51 -14.96 12.20
CA ARG H 52 -10.43 -15.93 12.38
C ARG H 52 -9.68 -15.66 13.70
N PRO H 53 -9.57 -16.65 14.58
CA PRO H 53 -9.11 -16.37 15.96
C PRO H 53 -7.64 -16.00 16.02
N GLY H 54 -7.36 -14.91 16.73
CA GLY H 54 -6.00 -14.49 17.00
C GLY H 54 -5.46 -13.41 16.09
N LEU H 55 -6.20 -13.04 15.04
CA LEU H 55 -5.70 -12.06 14.08
C LEU H 55 -5.67 -10.66 14.69
N THR H 56 -4.66 -9.89 14.30
CA THR H 56 -4.63 -8.47 14.59
C THR H 56 -5.75 -7.78 13.81
N PRO H 57 -6.28 -6.66 14.33
CA PRO H 57 -7.36 -5.96 13.61
C PRO H 57 -6.95 -5.42 12.25
N PHE H 58 -5.67 -5.10 12.07
CA PHE H 58 -5.19 -4.64 10.77
C PHE H 58 -5.17 -5.76 9.74
N LEU H 59 -4.72 -6.96 10.14
CA LEU H 59 -4.62 -8.06 9.19
C LEU H 59 -6.00 -8.61 8.83
N ARG H 60 -6.97 -8.49 9.73
CA ARG H 60 -8.37 -8.74 9.37
C ARG H 60 -8.81 -7.82 8.25
N GLY H 61 -8.48 -6.52 8.36
CA GLY H 61 -8.86 -5.57 7.35
C GLY H 61 -8.15 -5.78 6.03
N LEU H 62 -6.88 -6.20 6.07
CA LEU H 62 -6.10 -6.35 4.85
C LEU H 62 -6.61 -7.49 3.98
N GLU H 63 -7.00 -8.60 4.60
CA GLU H 63 -7.54 -9.71 3.82
C GLU H 63 -8.94 -9.40 3.31
N ILE H 64 -9.76 -8.73 4.12
CA ILE H 64 -11.10 -8.31 3.69
C ILE H 64 -11.00 -7.30 2.56
N GLY H 65 -10.05 -6.36 2.66
CA GLY H 65 -9.89 -5.37 1.61
C GLY H 65 -9.42 -5.97 0.30
N MET H 66 -8.35 -6.78 0.35
CA MET H 66 -7.75 -7.37 -0.86
C MET H 66 -8.73 -8.24 -1.63
N ALA H 67 -9.63 -8.93 -0.91
CA ALA H 67 -10.67 -9.69 -1.59
C ALA H 67 -11.70 -8.77 -2.23
N HIS H 68 -12.01 -7.66 -1.58
CA HIS H 68 -13.14 -6.85 -2.01
C HIS H 68 -12.78 -5.84 -3.11
N GLY H 69 -11.65 -5.16 -2.98
CA GLY H 69 -11.22 -4.24 -4.02
C GLY H 69 -10.87 -4.92 -5.32
N TYR H 70 -10.51 -6.19 -5.27
CA TYR H 70 -10.18 -6.94 -6.48
C TYR H 70 -11.41 -7.15 -7.35
N PHE H 71 -12.54 -7.54 -6.77
CA PHE H 71 -13.70 -7.81 -7.62
C PHE H 71 -14.49 -6.54 -7.94
N LEU H 72 -14.35 -5.47 -7.16
CA LEU H 72 -15.11 -4.26 -7.40
C LEU H 72 -14.64 -3.48 -8.62
N VAL H 73 -13.46 -3.79 -9.16
CA VAL H 73 -13.05 -3.23 -10.44
C VAL H 73 -13.92 -3.78 -11.56
N GLY H 74 -14.26 -5.07 -11.47
CA GLY H 74 -14.97 -5.84 -12.48
C GLY H 74 -16.21 -5.29 -13.18
N PRO H 75 -17.25 -4.88 -12.43
CA PRO H 75 -18.51 -4.50 -13.09
C PRO H 75 -18.43 -3.31 -14.05
N GLU H 76 -17.72 -2.24 -13.70
CA GLU H 76 -17.66 -1.10 -14.60
C GLU H 76 -16.76 -1.35 -15.81
N VAL H 77 -15.86 -2.33 -15.73
CA VAL H 77 -15.04 -2.69 -16.89
C VAL H 77 -15.90 -3.31 -17.99
N VAL H 78 -16.85 -4.15 -17.61
CA VAL H 78 -17.58 -4.94 -18.60
C VAL H 78 -18.89 -4.25 -19.00
N VAL H 79 -19.64 -3.69 -18.06
CA VAL H 79 -20.95 -3.12 -18.37
C VAL H 79 -21.02 -1.61 -18.15
N GLY H 80 -19.91 -0.96 -17.82
CA GLY H 80 -19.93 0.46 -17.51
C GLY H 80 -19.91 1.32 -18.76
N PRO H 81 -19.89 2.64 -18.56
CA PRO H 81 -19.99 3.56 -19.70
C PRO H 81 -18.70 3.71 -20.50
N LEU H 82 -17.58 3.19 -20.01
CA LEU H 82 -16.31 3.28 -20.72
C LEU H 82 -15.97 1.98 -21.44
N ARG H 83 -16.91 1.04 -21.53
CA ARG H 83 -16.64 -0.34 -21.91
C ARG H 83 -16.30 -0.52 -23.38
N GLU H 84 -16.47 0.51 -24.23
CA GLU H 84 -16.20 0.34 -25.65
C GLU H 84 -14.70 0.30 -25.94
N THR H 85 -13.88 0.89 -25.09
CA THR H 85 -12.43 0.84 -25.21
C THR H 85 -11.85 0.17 -23.98
N ALA H 86 -10.75 -0.57 -24.18
CA ALA H 86 -10.21 -1.40 -23.10
C ALA H 86 -9.53 -0.55 -22.04
N HIS H 87 -8.75 0.45 -22.44
CA HIS H 87 -8.01 1.25 -21.46
C HIS H 87 -8.93 2.16 -20.66
N GLY H 88 -9.98 2.68 -21.30
CA GLY H 88 -10.93 3.51 -20.57
C GLY H 88 -11.77 2.71 -19.61
N ALA H 89 -12.12 1.48 -19.97
CA ALA H 89 -12.96 0.64 -19.11
C ALA H 89 -12.21 0.21 -17.85
N ASN H 90 -10.90 -0.05 -17.97
CA ASN H 90 -10.11 -0.45 -16.81
C ASN H 90 -9.92 0.72 -15.85
N LEU H 91 -9.78 1.94 -16.39
CA LEU H 91 -9.59 3.11 -15.54
C LEU H 91 -10.87 3.45 -14.78
N SER H 92 -12.02 3.35 -15.44
CA SER H 92 -13.29 3.64 -14.78
C SER H 92 -13.65 2.55 -13.76
N GLY H 93 -13.21 1.31 -14.00
CA GLY H 93 -13.39 0.27 -13.01
C GLY H 93 -12.49 0.45 -11.80
N LEU H 94 -11.28 0.96 -12.00
CA LEU H 94 -10.38 1.22 -10.89
C LEU H 94 -10.89 2.37 -10.03
N ILE H 95 -11.37 3.43 -10.66
CA ILE H 95 -11.86 4.61 -9.96
C ILE H 95 -13.14 4.29 -9.18
N THR H 96 -13.97 3.39 -9.72
CA THR H 96 -15.15 2.93 -9.02
C THR H 96 -14.79 2.15 -7.75
N ALA H 97 -13.79 1.28 -7.85
CA ALA H 97 -13.34 0.55 -6.67
C ALA H 97 -12.64 1.45 -5.67
N ILE H 98 -11.97 2.50 -6.14
CA ILE H 98 -11.31 3.45 -5.24
C ILE H 98 -12.35 4.29 -4.49
N TYR H 99 -13.38 4.75 -5.20
CA TYR H 99 -14.40 5.61 -4.62
C TYR H 99 -15.26 4.86 -3.61
N ILE H 100 -15.58 3.59 -3.90
CA ILE H 100 -16.38 2.78 -2.98
C ILE H 100 -15.56 2.48 -1.73
N THR H 101 -14.25 2.24 -1.89
CA THR H 101 -13.39 1.90 -0.77
C THR H 101 -13.21 3.08 0.19
N VAL H 102 -12.96 4.28 -0.35
CA VAL H 102 -12.82 5.48 0.47
C VAL H 102 -14.12 5.78 1.21
N SER H 103 -15.25 5.63 0.51
CA SER H 103 -16.55 5.87 1.13
C SER H 103 -16.86 4.84 2.22
N ALA H 104 -16.52 3.57 1.98
CA ALA H 104 -16.77 2.54 2.98
C ALA H 104 -15.84 2.69 4.17
N CYS H 105 -14.58 3.04 3.93
CA CYS H 105 -13.63 3.20 5.04
C CYS H 105 -13.85 4.48 5.80
N LEU H 106 -14.42 5.51 5.14
CA LEU H 106 -14.91 6.67 5.88
C LEU H 106 -16.07 6.28 6.77
N GLY H 107 -16.94 5.38 6.30
CA GLY H 107 -18.04 4.91 7.11
C GLY H 107 -17.59 4.06 8.28
N ILE H 108 -16.54 3.26 8.10
CA ILE H 108 -15.99 2.45 9.20
C ILE H 108 -15.42 3.35 10.28
N SER H 109 -14.72 4.42 9.87
CA SER H 109 -14.09 5.33 10.84
C SER H 109 -15.13 6.14 11.61
N ILE H 110 -16.14 6.68 10.92
CA ILE H 110 -17.15 7.47 11.62
C ILE H 110 -18.13 6.59 12.39
N PHE H 111 -18.23 5.30 12.06
CA PHE H 111 -18.95 4.37 12.93
C PHE H 111 -18.22 4.25 14.26
N ALA H 112 -16.90 4.08 14.23
CA ALA H 112 -16.12 3.91 15.44
C ALA H 112 -16.07 5.19 16.27
N LEU H 113 -16.06 6.34 15.61
CA LEU H 113 -16.05 7.61 16.32
C LEU H 113 -17.39 7.89 16.99
N ALA H 114 -18.48 7.36 16.44
CA ALA H 114 -19.81 7.55 17.01
C ALA H 114 -20.15 6.50 18.05
N THR H 115 -19.76 5.24 17.82
CA THR H 115 -20.17 4.15 18.69
C THR H 115 -19.42 4.17 20.02
N PHE H 116 -18.09 4.26 19.97
CA PHE H 116 -17.26 4.09 21.15
C PHE H 116 -17.09 5.45 21.83
N GLN H 117 -18.15 5.88 22.50
CA GLN H 117 -18.16 7.07 23.33
C GLN H 117 -18.62 6.64 24.72
N GLY H 118 -17.68 6.42 25.62
CA GLY H 118 -18.02 5.79 26.89
C GLY H 118 -18.33 4.33 26.68
N ASP H 119 -19.31 3.82 27.42
CA ASP H 119 -19.83 2.49 27.16
C ASP H 119 -20.81 2.56 26.00
N PRO H 120 -20.57 1.87 24.90
CA PRO H 120 -21.46 1.97 23.74
C PRO H 120 -22.80 1.32 24.01
N ARG H 121 -23.80 1.76 23.25
CA ARG H 121 -25.12 1.15 23.29
C ARG H 121 -25.16 -0.04 22.34
N GLY H 122 -26.05 -0.98 22.66
CA GLY H 122 -26.28 -2.08 21.76
C GLY H 122 -25.21 -3.14 21.76
N ALA H 123 -24.83 -3.60 20.55
CA ALA H 123 -24.01 -4.79 20.40
C ALA H 123 -22.55 -4.59 20.80
N TYR H 124 -22.10 -3.35 20.98
CA TYR H 124 -20.72 -3.10 21.37
C TYR H 124 -20.61 -2.64 22.81
N ASN H 125 -21.69 -2.79 23.58
CA ASN H 125 -21.66 -2.63 25.03
C ASN H 125 -20.76 -3.70 25.65
N SER H 126 -20.26 -3.40 26.85
CA SER H 126 -19.41 -4.33 27.58
C SER H 126 -20.16 -5.58 28.05
N ASN H 127 -21.49 -5.52 28.14
CA ASN H 127 -22.29 -6.66 28.54
C ASN H 127 -22.86 -7.44 27.36
N SER H 128 -22.49 -7.10 26.13
CA SER H 128 -23.09 -7.72 24.96
C SER H 128 -22.44 -9.08 24.69
N PRO H 129 -23.21 -10.18 24.67
CA PRO H 129 -22.66 -11.46 24.27
C PRO H 129 -22.82 -11.72 22.78
N ASP H 130 -22.49 -10.74 21.95
CA ASP H 130 -22.68 -10.86 20.50
C ASP H 130 -21.45 -11.55 19.92
N ARG H 131 -21.60 -12.84 19.60
CA ARG H 131 -20.50 -13.57 18.99
C ARG H 131 -20.25 -13.11 17.56
N LEU H 132 -21.27 -12.60 16.88
CA LEU H 132 -21.14 -12.15 15.51
C LEU H 132 -20.51 -10.77 15.40
N ARG H 133 -20.36 -10.03 16.50
CA ARG H 133 -19.74 -8.71 16.50
C ARG H 133 -18.64 -8.68 17.55
N PRO H 134 -17.46 -9.24 17.26
CA PRO H 134 -16.42 -9.39 18.28
C PRO H 134 -15.39 -8.28 18.36
N LEU H 135 -15.42 -7.29 17.46
CA LEU H 135 -14.45 -6.20 17.45
C LEU H 135 -14.95 -5.13 18.42
N ARG H 136 -14.54 -5.25 19.68
CA ARG H 136 -15.22 -4.57 20.78
C ARG H 136 -14.50 -3.33 21.27
N SER H 137 -13.45 -2.89 20.59
CA SER H 137 -12.76 -1.68 20.99
C SER H 137 -12.59 -0.78 19.77
N LYS H 138 -12.39 0.51 20.02
CA LYS H 138 -12.29 1.46 18.91
C LYS H 138 -10.95 1.37 18.21
N ASP H 139 -9.90 0.92 18.90
CA ASP H 139 -8.62 0.75 18.23
C ASP H 139 -8.59 -0.49 17.34
N GLY H 140 -9.45 -1.46 17.62
CA GLY H 140 -9.66 -2.54 16.67
C GLY H 140 -10.41 -2.10 15.42
N TRP H 141 -11.29 -1.11 15.58
CA TRP H 141 -12.05 -0.62 14.44
C TRP H 141 -11.23 0.31 13.56
N PHE H 142 -10.37 1.13 14.16
CA PHE H 142 -9.54 2.02 13.36
C PHE H 142 -8.43 1.27 12.65
N GLN H 143 -7.95 0.17 13.22
CA GLN H 143 -6.97 -0.65 12.53
C GLN H 143 -7.62 -1.49 11.43
N LEU H 144 -8.87 -1.87 11.62
CA LEU H 144 -9.62 -2.53 10.55
C LEU H 144 -9.93 -1.57 9.42
N SER H 145 -10.16 -0.30 9.74
CA SER H 145 -10.43 0.72 8.72
C SER H 145 -9.21 0.95 7.85
N GLY H 146 -8.03 1.07 8.47
CA GLY H 146 -6.81 1.24 7.70
C GLY H 146 -6.41 0.00 6.95
N GLY H 147 -6.73 -1.18 7.50
CA GLY H 147 -6.45 -2.42 6.79
C GLY H 147 -7.33 -2.61 5.56
N ILE H 148 -8.61 -2.25 5.68
CA ILE H 148 -9.53 -2.40 4.55
C ILE H 148 -9.17 -1.40 3.46
N LEU H 149 -8.75 -0.19 3.85
CA LEU H 149 -8.34 0.82 2.88
C LEU H 149 -7.12 0.38 2.10
N LEU H 150 -6.08 -0.10 2.78
CA LEU H 150 -4.86 -0.48 2.10
C LEU H 150 -5.03 -1.77 1.30
N GLY H 151 -5.83 -2.70 1.79
CA GLY H 151 -6.06 -3.93 1.07
C GLY H 151 -6.92 -3.74 -0.17
N SER H 152 -8.00 -2.96 -0.05
CA SER H 152 -8.90 -2.76 -1.18
C SER H 152 -8.31 -1.83 -2.22
N MET H 153 -7.44 -0.90 -1.82
CA MET H 153 -6.69 -0.14 -2.80
C MET H 153 -5.69 -1.02 -3.53
N GLY H 154 -5.03 -1.92 -2.80
CA GLY H 154 -4.08 -2.81 -3.42
C GLY H 154 -4.73 -3.86 -4.29
N GLY H 155 -5.86 -4.41 -3.84
CA GLY H 155 -6.59 -5.36 -4.65
C GLY H 155 -7.20 -4.74 -5.90
N ALA H 156 -7.59 -3.47 -5.83
CA ALA H 156 -8.13 -2.78 -7.00
C ALA H 156 -7.05 -2.48 -8.02
N ILE H 157 -5.88 -2.01 -7.57
CA ILE H 157 -4.81 -1.71 -8.50
C ILE H 157 -4.15 -3.00 -8.99
N PHE H 158 -4.31 -4.11 -8.27
CA PHE H 158 -3.86 -5.40 -8.80
C PHE H 158 -4.76 -5.87 -9.94
N ALA H 159 -6.08 -5.75 -9.75
CA ALA H 159 -7.00 -6.08 -10.84
C ALA H 159 -6.85 -5.10 -12.00
N TYR H 160 -6.52 -3.84 -11.71
CA TYR H 160 -6.30 -2.86 -12.77
C TYR H 160 -5.05 -3.19 -13.58
N VAL H 161 -3.99 -3.65 -12.92
CA VAL H 161 -2.74 -3.95 -13.63
C VAL H 161 -2.89 -5.21 -14.46
N LEU H 162 -3.65 -6.19 -13.97
CA LEU H 162 -3.91 -7.41 -14.75
C LEU H 162 -4.79 -7.12 -15.95
N LEU H 163 -5.77 -6.23 -15.80
CA LEU H 163 -6.67 -5.94 -16.92
C LEU H 163 -6.05 -4.97 -17.92
N GLU H 164 -5.19 -4.06 -17.47
CA GLU H 164 -4.49 -3.18 -18.40
C GLU H 164 -3.48 -3.93 -19.24
N ASN H 165 -2.88 -4.99 -18.69
CA ASN H 165 -1.91 -5.81 -19.39
C ASN H 165 -2.52 -7.13 -19.84
N PHE H 166 -3.80 -7.12 -20.21
CA PHE H 166 -4.49 -8.36 -20.57
C PHE H 166 -3.97 -8.96 -21.86
N GLY H 167 -3.46 -8.13 -22.77
CA GLY H 167 -2.91 -8.65 -24.02
C GLY H 167 -1.64 -9.44 -23.82
N ASP H 168 -0.76 -8.96 -22.93
CA ASP H 168 0.44 -9.71 -22.61
C ASP H 168 0.16 -10.85 -21.64
N LEU H 169 -0.88 -10.72 -20.80
CA LEU H 169 -1.23 -11.78 -19.87
C LEU H 169 -1.95 -12.93 -20.57
N ASP H 170 -2.73 -12.63 -21.61
CA ASP H 170 -3.31 -13.69 -22.42
C ASP H 170 -2.24 -14.40 -23.23
N ALA H 171 -1.22 -13.68 -23.69
CA ALA H 171 -0.13 -14.30 -24.42
C ALA H 171 0.75 -15.16 -23.52
N ILE H 172 0.83 -14.82 -22.24
CA ILE H 172 1.55 -15.65 -21.28
C ILE H 172 0.81 -16.97 -21.08
N LEU H 173 -0.50 -16.92 -20.89
CA LEU H 173 -1.29 -18.10 -20.56
C LEU H 173 -1.58 -18.99 -21.75
N ARG H 174 -1.19 -18.60 -22.96
CA ARG H 174 -1.28 -19.45 -24.13
C ARG H 174 0.07 -19.83 -24.69
N GLY H 175 1.16 -19.48 -23.99
CA GLY H 175 2.49 -19.82 -24.46
C GLY H 175 2.99 -19.03 -25.64
N ALA H 176 2.34 -17.91 -25.99
CA ALA H 176 2.77 -17.09 -27.12
C ALA H 176 4.06 -16.34 -26.84
N VAL H 177 4.51 -16.29 -25.59
CA VAL H 177 5.77 -15.64 -25.23
C VAL H 177 6.99 -16.54 -25.45
N ASN H 178 6.79 -17.74 -25.98
CA ASN H 178 7.87 -18.69 -26.21
C ASN H 178 8.28 -18.77 -27.67
N VAL H 179 7.78 -17.86 -28.51
CA VAL H 179 8.09 -17.84 -29.93
C VAL H 179 9.54 -17.40 -30.16
N MET I 1 -20.30 41.87 -24.84
CA MET I 1 -19.77 40.56 -24.48
C MET I 1 -20.04 40.23 -23.03
N THR I 2 -19.85 38.97 -22.66
CA THR I 2 -20.10 38.51 -21.30
C THR I 2 -18.86 38.76 -20.44
N LEU I 3 -18.83 38.14 -19.26
CA LEU I 3 -17.81 38.41 -18.25
C LEU I 3 -16.43 37.96 -18.71
N SER I 4 -15.41 38.55 -18.10
CA SER I 4 -14.05 38.13 -18.35
C SER I 4 -13.61 37.19 -17.23
N GLU I 5 -12.44 36.59 -17.42
CA GLU I 5 -11.92 35.66 -16.42
C GLU I 5 -11.49 36.39 -15.15
N THR I 6 -11.06 37.64 -15.27
CA THR I 6 -10.75 38.42 -14.08
C THR I 6 -12.02 38.90 -13.37
N GLN I 7 -13.16 38.98 -14.05
CA GLN I 7 -14.39 39.37 -13.39
C GLN I 7 -14.98 38.22 -12.59
N VAL I 8 -14.84 37.00 -13.10
CA VAL I 8 -15.35 35.82 -12.39
C VAL I 8 -14.51 35.55 -11.15
N PHE I 9 -13.20 35.75 -11.24
CA PHE I 9 -12.32 35.51 -10.10
C PHE I 9 -12.50 36.57 -9.03
N VAL I 10 -12.87 37.80 -9.42
CA VAL I 10 -13.20 38.84 -8.45
C VAL I 10 -14.45 38.46 -7.66
N ALA I 11 -15.47 37.93 -8.35
CA ALA I 11 -16.71 37.53 -7.68
C ALA I 11 -16.49 36.33 -6.76
N LEU I 12 -15.56 35.44 -7.10
CA LEU I 12 -15.28 34.29 -6.24
C LEU I 12 -14.53 34.73 -4.98
N VAL I 13 -13.65 35.71 -5.10
CA VAL I 13 -12.89 36.19 -3.95
C VAL I 13 -13.77 37.02 -3.03
N ILE I 14 -14.65 37.84 -3.61
CA ILE I 14 -15.55 38.69 -2.83
C ILE I 14 -16.56 37.82 -2.07
N ALA I 15 -17.03 36.73 -2.69
CA ALA I 15 -18.01 35.84 -2.07
C ALA I 15 -17.47 35.08 -0.86
N LEU I 16 -16.16 35.08 -0.63
CA LEU I 16 -15.63 34.55 0.62
C LEU I 16 -15.99 35.42 1.82
N VAL I 17 -16.30 36.69 1.60
CA VAL I 17 -16.67 37.61 2.67
C VAL I 17 -18.07 37.30 3.22
N PRO I 18 -19.14 37.09 2.42
CA PRO I 18 -20.37 36.58 3.04
C PRO I 18 -20.30 35.11 3.42
N ALA I 19 -19.31 34.35 2.93
CA ALA I 19 -19.14 32.99 3.41
C ALA I 19 -18.62 32.97 4.84
N ILE I 20 -17.69 33.88 5.16
CA ILE I 20 -17.16 33.98 6.52
C ILE I 20 -18.20 34.60 7.45
N LEU I 21 -18.92 35.61 6.96
CA LEU I 21 -19.90 36.30 7.80
C LEU I 21 -21.13 35.45 8.05
N ALA I 22 -21.45 34.51 7.15
CA ALA I 22 -22.53 33.57 7.43
C ALA I 22 -22.09 32.49 8.40
N PHE I 23 -20.80 32.15 8.41
CA PHE I 23 -20.29 31.19 9.38
C PHE I 23 -20.34 31.75 10.79
N ARG I 24 -19.94 33.01 10.96
CA ARG I 24 -19.97 33.61 12.28
C ARG I 24 -21.38 34.00 12.72
N LEU I 25 -22.31 34.16 11.78
CA LEU I 25 -23.71 34.33 12.17
C LEU I 25 -24.33 32.99 12.57
N SER I 26 -23.97 31.91 11.87
CA SER I 26 -24.52 30.61 12.19
C SER I 26 -24.04 30.11 13.54
N THR I 27 -22.75 30.28 13.84
CA THR I 27 -22.22 29.86 15.13
C THR I 27 -22.68 30.77 16.27
N GLU I 28 -23.08 32.01 15.97
CA GLU I 28 -23.61 32.90 17.00
C GLU I 28 -25.08 32.64 17.26
N LEU I 29 -25.82 32.14 16.25
CA LEU I 29 -27.25 31.92 16.43
C LEU I 29 -27.51 30.77 17.39
N TYR I 30 -26.85 29.62 17.17
CA TYR I 30 -26.21 28.74 18.15
C TYR I 30 -25.48 27.58 17.47
N LYS I 31 -25.05 26.63 18.28
CA LYS I 31 -24.63 25.30 17.83
C LYS I 31 -25.62 24.66 16.85
N THR J 44 43.03 58.48 31.57
CA THR J 44 43.27 57.60 30.43
C THR J 44 42.69 58.20 29.15
N THR J 45 42.97 57.57 28.02
CA THR J 45 42.47 58.03 26.73
C THR J 45 41.00 57.70 26.50
N THR J 46 40.40 56.88 27.37
CA THR J 46 38.98 56.59 27.25
C THR J 46 38.13 57.81 27.59
N TRP J 47 38.65 58.69 28.45
CA TRP J 47 37.95 59.91 28.84
C TRP J 47 37.81 60.89 27.67
N ILE J 48 38.76 60.85 26.72
CA ILE J 48 38.68 61.72 25.55
C ILE J 48 37.52 61.30 24.65
N TRP J 49 37.41 59.99 24.40
CA TRP J 49 36.33 59.50 23.54
C TRP J 49 34.97 59.56 24.24
N ASP J 50 34.95 59.39 25.57
CA ASP J 50 33.68 59.39 26.30
C ASP J 50 33.08 60.79 26.40
N LEU J 51 33.93 61.83 26.40
CA LEU J 51 33.45 63.19 26.52
C LEU J 51 32.72 63.65 25.25
N HIS J 52 33.21 63.27 24.08
CA HIS J 52 32.53 63.59 22.83
C HIS J 52 31.30 62.73 22.61
N ALA J 53 31.19 61.61 23.30
CA ALA J 53 30.01 60.76 23.21
C ALA J 53 28.95 61.11 24.25
N ASP J 54 29.33 61.78 25.33
CA ASP J 54 28.41 62.20 26.38
C ASP J 54 27.97 63.65 26.20
N ALA J 55 28.06 64.16 24.97
CA ALA J 55 27.94 65.60 24.74
C ALA J 55 26.49 66.05 24.72
N HIS J 56 25.65 65.41 23.91
CA HIS J 56 24.33 65.94 23.60
C HIS J 56 23.18 65.12 24.18
N ASP J 57 23.46 64.11 25.00
CA ASP J 57 22.39 63.43 25.71
C ASP J 57 22.22 64.10 27.08
N PHE J 58 21.03 64.64 27.32
CA PHE J 58 20.84 65.59 28.41
C PHE J 58 20.30 64.96 29.69
N ASP J 59 19.59 63.84 29.58
CA ASP J 59 19.17 63.11 30.78
C ASP J 59 20.29 62.28 31.39
N SER J 60 21.44 62.17 30.73
CA SER J 60 22.62 61.58 31.35
C SER J 60 23.20 62.47 32.44
N HIS J 61 22.83 63.76 32.45
CA HIS J 61 23.17 64.67 33.54
C HIS J 61 22.04 64.58 34.57
N THR J 62 21.95 65.56 35.48
CA THR J 62 20.83 65.64 36.41
C THR J 62 19.52 65.84 35.64
N THR J 63 18.58 64.92 35.86
CA THR J 63 17.37 64.82 35.03
C THR J 63 16.26 65.66 35.64
N ASP J 64 16.14 66.89 35.15
CA ASP J 64 14.96 67.73 35.37
C ASP J 64 14.41 68.07 33.99
N LEU J 65 13.13 67.78 33.80
CA LEU J 65 12.51 67.81 32.48
C LEU J 65 12.36 69.22 31.94
N GLU J 66 12.11 70.20 32.82
CA GLU J 66 11.96 71.57 32.37
C GLU J 66 13.29 72.14 31.89
N ASP J 67 14.38 71.83 32.60
CA ASP J 67 15.70 72.27 32.18
C ASP J 67 16.21 71.46 31.00
N ILE J 68 15.78 70.22 30.85
CA ILE J 68 16.11 69.44 29.67
C ILE J 68 15.39 70.00 28.45
N SER J 69 14.12 70.37 28.61
CA SER J 69 13.32 70.91 27.51
C SER J 69 13.79 72.29 27.07
N ARG J 70 14.45 73.04 27.95
CA ARG J 70 14.95 74.36 27.57
C ARG J 70 16.25 74.26 26.78
N LYS J 71 17.12 73.31 27.13
CA LYS J 71 18.33 73.09 26.35
C LYS J 71 18.02 72.49 24.99
N ILE J 72 16.93 71.73 24.88
CA ILE J 72 16.52 71.19 23.59
C ILE J 72 15.97 72.30 22.71
N PHE J 73 15.16 73.18 23.29
CA PHE J 73 14.50 74.24 22.51
C PHE J 73 15.49 75.26 21.97
N SER J 74 16.58 75.52 22.68
CA SER J 74 17.57 76.47 22.21
C SER J 74 18.62 75.85 21.31
N ALA J 75 18.88 74.55 21.46
CA ALA J 75 19.75 73.86 20.52
C ALA J 75 19.10 73.73 19.15
N HIS J 76 17.76 73.68 19.12
CA HIS J 76 17.05 73.63 17.85
C HIS J 76 17.16 74.95 17.10
N PHE J 77 17.29 76.06 17.82
CA PHE J 77 17.59 77.32 17.16
C PHE J 77 19.00 77.32 16.58
N GLY J 78 19.94 76.64 17.25
CA GLY J 78 21.30 76.58 16.75
C GLY J 78 21.45 75.70 15.53
N HIS J 79 20.67 74.63 15.44
CA HIS J 79 20.69 73.80 14.24
C HIS J 79 20.02 74.49 13.07
N LEU J 80 19.02 75.33 13.34
CA LEU J 80 18.43 76.14 12.29
C LEU J 80 19.41 77.18 11.77
N ALA J 81 20.29 77.67 12.63
CA ALA J 81 21.32 78.61 12.18
C ALA J 81 22.39 77.91 11.35
N VAL J 82 22.58 76.61 11.54
CA VAL J 82 23.53 75.86 10.72
C VAL J 82 22.94 75.62 9.34
N ILE J 83 21.63 75.33 9.27
CA ILE J 83 20.95 75.12 7.99
C ILE J 83 20.90 76.43 7.21
N PHE J 84 20.61 77.54 7.89
CA PHE J 84 20.60 78.84 7.23
C PHE J 84 22.01 79.29 6.82
N LEU J 85 23.04 78.83 7.52
CA LEU J 85 24.40 79.12 7.12
C LEU J 85 24.81 78.30 5.91
N TRP J 86 24.32 77.06 5.82
CA TRP J 86 24.59 76.21 4.67
C TRP J 86 23.79 76.64 3.46
N LEU J 87 22.54 77.06 3.68
CA LEU J 87 21.73 77.64 2.60
C LEU J 87 22.31 78.95 2.10
N SER J 88 22.97 79.71 2.99
CA SER J 88 23.64 80.93 2.56
C SER J 88 24.83 80.61 1.65
N GLY J 89 25.48 79.47 1.87
CA GLY J 89 26.61 79.11 1.02
C GLY J 89 26.19 78.66 -0.37
N MET J 90 25.08 77.93 -0.46
CA MET J 90 24.63 77.45 -1.76
C MET J 90 24.09 78.58 -2.62
N TYR J 91 23.49 79.60 -2.00
CA TYR J 91 23.05 80.76 -2.75
C TYR J 91 24.21 81.71 -3.07
N PHE J 92 25.23 81.76 -2.21
CA PHE J 92 26.38 82.61 -2.51
C PHE J 92 27.26 82.00 -3.59
N HIS J 93 27.54 80.70 -3.49
CA HIS J 93 28.28 80.02 -4.54
C HIS J 93 27.48 79.94 -5.83
N GLY J 94 26.14 79.97 -5.72
CA GLY J 94 25.30 80.12 -6.88
C GLY J 94 25.27 81.52 -7.45
N ALA J 95 25.60 82.53 -6.64
CA ALA J 95 25.63 83.91 -7.12
C ALA J 95 27.02 84.35 -7.57
N ARG J 96 28.08 83.72 -7.09
CA ARG J 96 29.42 84.22 -7.31
C ARG J 96 30.35 83.25 -8.05
N PHE J 97 30.12 81.95 -7.95
CA PHE J 97 31.07 80.96 -8.46
C PHE J 97 30.38 79.97 -9.39
N SER J 98 29.57 80.47 -10.32
CA SER J 98 28.73 79.58 -11.11
C SER J 98 28.65 80.05 -12.55
N ASN J 99 27.98 79.24 -13.37
CA ASN J 99 27.59 79.57 -14.73
C ASN J 99 26.08 79.67 -14.84
N PHE J 100 25.44 80.22 -13.80
CA PHE J 100 23.98 80.15 -13.70
C PHE J 100 23.30 81.06 -14.71
N SER J 101 23.87 82.24 -14.98
CA SER J 101 23.30 83.10 -16.01
C SER J 101 23.50 82.51 -17.40
N SER J 102 24.59 81.79 -17.61
CA SER J 102 24.80 81.11 -18.88
C SER J 102 23.90 79.88 -19.01
N TRP J 103 23.68 79.17 -17.89
CA TRP J 103 22.82 78.00 -17.92
C TRP J 103 21.36 78.38 -18.14
N MET J 104 20.95 79.57 -17.69
CA MET J 104 19.57 80.00 -17.84
C MET J 104 19.24 80.38 -19.27
N THR J 105 20.24 80.66 -20.11
CA THR J 105 19.97 80.95 -21.52
C THR J 105 19.50 79.69 -22.24
N ASP J 106 20.28 78.62 -22.13
CA ASP J 106 19.96 77.36 -22.80
C ASP J 106 20.32 76.23 -21.83
N PRO J 107 19.33 75.68 -21.13
CA PRO J 107 19.60 74.68 -20.09
C PRO J 107 19.70 73.25 -20.60
N ILE J 108 19.64 73.06 -21.91
CA ILE J 108 19.74 71.74 -22.49
C ILE J 108 21.19 71.35 -22.75
N HIS J 109 21.99 72.29 -23.26
CA HIS J 109 23.34 72.03 -23.69
C HIS J 109 24.41 72.52 -22.72
N ILE J 110 24.00 73.18 -21.63
CA ILE J 110 24.93 73.69 -20.63
C ILE J 110 24.83 72.80 -19.39
N LYS J 111 25.98 72.35 -18.89
CA LYS J 111 26.03 71.62 -17.64
C LYS J 111 26.10 72.58 -16.46
N PRO J 112 25.36 72.31 -15.38
CA PRO J 112 25.38 73.22 -14.22
C PRO J 112 26.65 73.06 -13.41
N SER J 113 27.29 74.19 -13.10
CA SER J 113 28.47 74.22 -12.24
C SER J 113 28.32 75.32 -11.21
N ALA J 114 28.68 75.02 -9.97
CA ALA J 114 28.66 76.05 -8.93
C ALA J 114 29.83 75.92 -7.96
N GLN J 115 30.93 75.28 -8.37
CA GLN J 115 32.12 75.15 -7.53
C GLN J 115 33.35 75.26 -8.42
N VAL J 116 34.17 76.28 -8.17
CA VAL J 116 35.43 76.46 -8.89
C VAL J 116 36.56 76.07 -7.94
N VAL J 117 37.66 75.62 -8.51
CA VAL J 117 38.76 75.01 -7.76
C VAL J 117 40.03 75.82 -8.02
N TRP J 118 40.79 76.07 -6.95
CA TRP J 118 42.02 76.86 -7.06
C TRP J 118 43.11 76.07 -7.78
N PRO J 119 44.03 76.76 -8.48
CA PRO J 119 45.14 76.07 -9.17
C PRO J 119 46.35 75.84 -8.27
N ILE J 120 46.23 74.90 -7.34
CA ILE J 120 47.33 74.47 -6.49
C ILE J 120 47.46 72.96 -6.59
N PHE J 121 48.70 72.47 -6.54
CA PHE J 121 49.06 71.04 -6.63
C PHE J 121 48.55 70.37 -7.90
N GLY J 122 48.27 71.13 -8.96
CA GLY J 122 47.71 70.57 -10.18
C GLY J 122 46.25 70.16 -10.10
N GLN J 123 45.53 70.53 -9.04
CA GLN J 123 44.16 70.08 -8.86
C GLN J 123 43.14 70.84 -9.70
N GLU J 124 43.59 71.79 -10.53
CA GLU J 124 42.72 72.54 -11.42
C GLU J 124 42.30 71.74 -12.66
N ILE J 125 42.75 70.49 -12.78
CA ILE J 125 42.23 69.59 -13.81
C ILE J 125 40.75 69.28 -13.60
N LEU J 126 40.26 69.37 -12.36
CA LEU J 126 38.86 69.10 -12.06
C LEU J 126 37.93 70.19 -12.56
N ASN J 127 38.44 71.36 -12.92
CA ASN J 127 37.61 72.39 -13.54
C ASN J 127 37.30 72.00 -14.98
N ALA J 128 36.15 71.36 -15.19
CA ALA J 128 35.79 70.81 -16.49
C ALA J 128 35.01 71.83 -17.31
N ASP J 129 35.09 71.69 -18.64
CA ASP J 129 34.27 72.49 -19.55
C ASP J 129 32.81 72.12 -19.34
N MET J 130 31.99 73.07 -18.96
CA MET J 130 30.55 72.82 -18.86
C MET J 130 29.80 73.21 -20.13
N GLY J 131 30.52 73.53 -21.19
CA GLY J 131 29.98 74.39 -22.22
C GLY J 131 30.17 75.83 -21.81
N ASP J 132 29.81 76.74 -22.73
CA ASP J 132 29.81 78.21 -22.56
C ASP J 132 31.13 78.78 -22.01
N GLY J 133 32.24 78.07 -22.22
CA GLY J 133 33.54 78.52 -21.77
C GLY J 133 33.78 78.53 -20.28
N PHE J 134 32.85 78.01 -19.47
CA PHE J 134 33.00 78.02 -18.03
C PHE J 134 33.69 76.74 -17.58
N ARG J 135 34.68 76.89 -16.69
CA ARG J 135 35.45 75.76 -16.19
C ARG J 135 35.18 75.61 -14.70
N GLY J 136 34.59 74.47 -14.33
CA GLY J 136 34.28 74.21 -12.94
C GLY J 136 33.91 72.77 -12.73
N ILE J 137 33.30 72.50 -11.58
CA ILE J 137 32.84 71.17 -11.21
C ILE J 137 31.34 71.08 -11.47
N GLN J 138 30.94 70.05 -12.22
CA GLN J 138 29.53 69.83 -12.52
C GLN J 138 28.79 69.44 -11.25
N ILE J 139 27.92 70.32 -10.77
CA ILE J 139 27.14 70.05 -9.58
C ILE J 139 25.98 69.13 -9.94
N THR J 140 25.61 68.25 -9.01
CA THR J 140 24.51 67.32 -9.21
C THR J 140 23.39 67.52 -8.19
N SER J 141 23.41 68.62 -7.44
CA SER J 141 22.36 68.87 -6.47
C SER J 141 21.08 69.38 -7.11
N GLY J 142 21.16 69.91 -8.33
CA GLY J 142 19.98 70.45 -8.98
C GLY J 142 19.52 71.78 -8.44
N LEU J 143 20.47 72.62 -8.01
CA LEU J 143 20.11 73.95 -7.52
C LEU J 143 19.63 74.84 -8.66
N PHE J 144 20.16 74.65 -9.87
CA PHE J 144 19.83 75.53 -10.98
C PHE J 144 18.42 75.27 -11.48
N GLN J 145 18.01 73.99 -11.50
CA GLN J 145 16.65 73.64 -11.86
C GLN J 145 15.65 74.06 -10.79
N MET J 146 16.08 74.07 -9.53
CA MET J 146 15.23 74.58 -8.46
C MET J 146 15.08 76.08 -8.55
N TRP J 147 16.17 76.80 -8.85
CA TRP J 147 16.12 78.25 -8.89
C TRP J 147 15.36 78.76 -10.11
N ARG J 148 15.43 78.04 -11.23
CA ARG J 148 14.68 78.44 -12.43
C ARG J 148 13.18 78.29 -12.21
N GLY J 149 12.76 77.21 -11.54
CA GLY J 149 11.36 77.01 -11.27
C GLY J 149 10.81 77.97 -10.23
N GLU J 150 11.66 78.44 -9.32
CA GLU J 150 11.21 79.39 -8.31
C GLU J 150 11.05 80.79 -8.88
N GLY J 151 11.81 81.13 -9.92
CA GLY J 151 11.66 82.42 -10.57
C GLY J 151 12.93 83.23 -10.61
N PHE J 152 14.05 82.64 -10.22
CA PHE J 152 15.33 83.33 -10.28
C PHE J 152 15.76 83.51 -11.73
N THR J 153 16.25 84.71 -12.04
CA THR J 153 16.74 85.01 -13.38
C THR J 153 18.11 85.67 -13.41
N HIS J 154 18.63 86.20 -12.31
CA HIS J 154 19.92 86.86 -12.30
C HIS J 154 20.72 86.41 -11.09
N GLU J 155 21.97 86.87 -11.03
CA GLU J 155 22.87 86.52 -9.96
C GLU J 155 22.93 87.56 -8.84
N PHE J 156 22.06 88.57 -8.87
CA PHE J 156 21.88 89.38 -7.68
C PHE J 156 20.71 88.92 -6.83
N GLN J 157 19.71 88.28 -7.46
CA GLN J 157 18.60 87.70 -6.72
C GLN J 157 19.06 86.52 -5.87
N LEU J 158 20.04 85.75 -6.35
CA LEU J 158 20.66 84.74 -5.52
C LEU J 158 21.57 85.35 -4.46
N PHE J 159 22.08 86.55 -4.70
CA PHE J 159 22.94 87.21 -3.71
C PHE J 159 22.12 87.71 -2.53
N TRP J 160 20.99 88.36 -2.80
CA TRP J 160 20.13 88.84 -1.73
C TRP J 160 19.38 87.72 -1.01
N THR J 161 19.32 86.53 -1.60
CA THR J 161 18.85 85.37 -0.87
C THR J 161 19.94 84.81 0.04
N ALA J 162 21.21 84.96 -0.36
CA ALA J 162 22.31 84.53 0.49
C ALA J 162 22.53 85.47 1.66
N ILE J 163 22.22 86.77 1.48
CA ILE J 163 22.29 87.71 2.58
C ILE J 163 21.15 87.46 3.58
N GLY J 164 19.96 87.13 3.06
CA GLY J 164 18.84 86.83 3.93
C GLY J 164 19.00 85.56 4.73
N ALA J 165 19.74 84.59 4.20
CA ALA J 165 20.06 83.39 4.97
C ALA J 165 21.19 83.65 5.96
N LEU J 166 22.07 84.60 5.65
CA LEU J 166 23.11 84.98 6.60
C LEU J 166 22.53 85.84 7.72
N VAL J 167 21.48 86.60 7.43
CA VAL J 167 20.81 87.40 8.45
C VAL J 167 19.99 86.50 9.36
N MET J 168 19.23 85.57 8.76
CA MET J 168 18.34 84.72 9.55
C MET J 168 19.10 83.66 10.32
N ALA J 169 20.34 83.36 9.95
CA ALA J 169 21.19 82.51 10.78
C ALA J 169 21.62 83.24 12.05
N ALA J 170 21.86 84.55 11.93
CA ALA J 170 22.17 85.35 13.11
C ALA J 170 20.94 85.57 13.97
N LEU J 171 19.75 85.56 13.37
CA LEU J 171 18.52 85.67 14.14
C LEU J 171 18.21 84.36 14.87
N MET J 172 18.65 83.22 14.32
CA MET J 172 18.43 81.95 15.02
C MET J 172 19.37 81.78 16.20
N MET J 173 20.61 82.25 16.08
CA MET J 173 21.54 82.15 17.19
C MET J 173 21.39 83.32 18.17
N PHE J 174 20.43 84.20 17.94
CA PHE J 174 19.97 85.12 18.98
C PHE J 174 18.74 84.59 19.70
N ALA J 175 17.83 83.92 18.98
CA ALA J 175 16.65 83.35 19.60
C ALA J 175 17.02 82.16 20.48
N GLY J 176 18.10 81.43 20.14
CA GLY J 176 18.58 80.38 21.03
C GLY J 176 19.25 80.93 22.26
N TRP J 177 19.84 82.11 22.16
CA TRP J 177 20.40 82.77 23.34
C TRP J 177 19.30 83.40 24.18
N PHE J 178 18.30 83.99 23.51
CA PHE J 178 17.24 84.70 24.24
C PHE J 178 16.31 83.73 24.94
N HIS J 179 15.92 82.65 24.27
CA HIS J 179 15.01 81.67 24.85
C HIS J 179 15.72 80.63 25.71
N TYR J 180 17.02 80.79 25.98
CA TYR J 180 17.68 80.01 27.02
C TYR J 180 18.30 80.90 28.09
N HIS J 181 19.17 81.84 27.71
CA HIS J 181 19.92 82.60 28.69
C HIS J 181 19.14 83.78 29.26
N VAL J 182 17.97 84.09 28.72
CA VAL J 182 17.20 85.25 29.19
C VAL J 182 15.81 84.86 29.66
N ARG J 183 14.98 84.34 28.74
CA ARG J 183 13.54 84.23 28.96
C ARG J 183 13.02 82.86 28.55
N ALA J 184 13.65 81.81 29.09
CA ALA J 184 13.31 80.45 28.74
C ALA J 184 11.90 80.07 29.21
N PRO J 185 11.12 79.36 28.39
CA PRO J 185 9.78 78.97 28.80
C PRO J 185 9.82 77.82 29.80
N LYS J 186 8.67 77.54 30.39
CA LYS J 186 8.56 76.48 31.39
C LYS J 186 7.73 75.32 30.82
N LEU J 187 7.52 74.30 31.65
CA LEU J 187 7.18 72.98 31.15
C LEU J 187 5.76 72.88 30.61
N ASP J 188 4.83 73.67 31.14
CA ASP J 188 3.46 73.62 30.63
C ASP J 188 3.34 74.25 29.24
N TRP J 189 4.29 75.10 28.87
CA TRP J 189 4.33 75.61 27.50
C TRP J 189 4.80 74.52 26.53
N PHE J 190 5.70 73.66 26.97
CA PHE J 190 6.17 72.55 26.13
C PHE J 190 5.13 71.44 26.04
N ARG J 191 4.28 71.30 27.05
CA ARG J 191 3.30 70.23 27.11
C ARG J 191 1.98 70.57 26.43
N ASN J 192 1.84 71.78 25.90
CA ASN J 192 0.63 72.20 25.20
C ASN J 192 0.67 71.60 23.80
N TRP J 193 0.24 70.33 23.70
CA TRP J 193 0.24 69.64 22.42
C TRP J 193 -0.78 70.23 21.46
N GLU J 194 -1.97 70.56 21.97
CA GLU J 194 -3.06 71.01 21.12
C GLU J 194 -2.77 72.38 20.52
N SER J 195 -2.07 73.25 21.25
CA SER J 195 -1.67 74.53 20.68
C SER J 195 -0.49 74.34 19.72
N MET J 196 0.40 73.40 20.02
CA MET J 196 1.54 73.15 19.14
C MET J 196 1.10 72.50 17.83
N MET J 197 0.13 71.58 17.90
CA MET J 197 -0.37 70.94 16.69
C MET J 197 -1.18 71.91 15.84
N ASN J 198 -1.94 72.80 16.48
CA ASN J 198 -2.74 73.77 15.74
C ASN J 198 -1.86 74.81 15.06
N HIS J 199 -0.80 75.25 15.74
CA HIS J 199 0.06 76.29 15.20
C HIS J 199 1.04 75.76 14.17
N HIS J 200 1.30 74.46 14.15
CA HIS J 200 2.22 73.90 13.16
C HIS J 200 1.50 73.35 11.94
N LEU J 201 0.22 73.00 12.06
CA LEU J 201 -0.56 72.62 10.89
C LEU J 201 -1.04 73.85 10.12
N ALA J 202 -1.74 74.75 10.80
CA ALA J 202 -2.29 75.93 10.13
C ALA J 202 -1.24 77.01 9.93
N GLY J 203 -0.34 77.18 10.90
CA GLY J 203 0.57 78.30 10.86
C GLY J 203 1.87 78.03 10.14
N LEU J 204 2.46 76.85 10.33
CA LEU J 204 3.72 76.53 9.70
C LEU J 204 3.54 75.91 8.32
N LEU J 205 2.67 74.89 8.23
CA LEU J 205 2.45 74.21 6.96
C LEU J 205 1.34 74.85 6.14
N GLY J 206 0.31 75.38 6.79
CA GLY J 206 -0.79 75.99 6.05
C GLY J 206 -0.41 77.35 5.49
N LEU J 207 0.15 78.21 6.33
CA LEU J 207 0.58 79.53 5.87
C LEU J 207 1.89 79.47 5.12
N GLY J 208 2.67 78.41 5.30
CA GLY J 208 3.89 78.26 4.52
C GLY J 208 3.60 77.94 3.07
N SER J 209 2.62 77.08 2.82
CA SER J 209 2.29 76.71 1.45
C SER J 209 1.29 77.67 0.82
N LEU J 210 0.50 78.38 1.62
CA LEU J 210 -0.28 79.48 1.08
C LEU J 210 0.62 80.64 0.69
N GLY J 211 1.62 80.94 1.52
CA GLY J 211 2.59 81.96 1.18
C GLY J 211 3.44 81.59 -0.02
N TRP J 212 3.74 80.30 -0.18
CA TRP J 212 4.46 79.89 -1.38
C TRP J 212 3.55 79.90 -2.61
N ALA J 213 2.25 79.68 -2.40
CA ALA J 213 1.29 79.87 -3.47
C ALA J 213 1.15 81.33 -3.87
N GLY J 214 1.46 82.26 -2.97
CA GLY J 214 1.54 83.66 -3.35
C GLY J 214 2.76 83.95 -4.21
N HIS J 215 3.89 83.30 -3.90
CA HIS J 215 5.08 83.49 -4.72
C HIS J 215 4.97 82.79 -6.06
N LEU J 216 4.28 81.66 -6.12
CA LEU J 216 4.10 80.96 -7.38
C LEU J 216 3.22 81.76 -8.32
N ILE J 217 2.11 82.28 -7.81
CA ILE J 217 1.11 82.93 -8.65
C ILE J 217 1.61 84.28 -9.16
N HIS J 218 2.24 85.07 -8.28
CA HIS J 218 2.60 86.43 -8.65
C HIS J 218 4.03 86.58 -9.17
N VAL J 219 4.89 85.59 -8.97
CA VAL J 219 6.27 85.69 -9.43
C VAL J 219 6.64 84.51 -10.33
N ALA J 220 6.40 83.29 -9.86
CA ALA J 220 6.94 82.13 -10.55
C ALA J 220 6.10 81.69 -11.74
N LEU J 221 4.77 81.86 -11.69
CA LEU J 221 3.95 81.61 -12.87
C LEU J 221 4.23 82.56 -14.05
N PRO J 222 4.37 83.88 -13.90
CA PRO J 222 4.69 84.68 -15.10
C PRO J 222 6.11 84.50 -15.60
N THR J 223 7.08 84.28 -14.71
CA THR J 223 8.48 84.18 -15.14
C THR J 223 8.74 82.88 -15.90
N ASN J 224 8.09 81.79 -15.50
CA ASN J 224 8.26 80.53 -16.19
C ASN J 224 7.37 80.41 -17.42
N LYS J 225 6.27 81.17 -17.48
CA LYS J 225 5.44 81.17 -18.69
C LYS J 225 6.14 81.91 -19.82
N LEU J 226 6.86 82.99 -19.52
CA LEU J 226 7.60 83.69 -20.55
C LEU J 226 8.84 82.93 -20.98
N LEU J 227 9.46 82.17 -20.06
CA LEU J 227 10.66 81.43 -20.41
C LEU J 227 10.33 80.22 -21.28
N ASP J 228 9.18 79.58 -21.04
CA ASP J 228 8.80 78.43 -21.84
C ASP J 228 8.24 78.83 -23.20
N ALA J 229 7.81 80.09 -23.35
CA ALA J 229 7.39 80.62 -24.64
C ALA J 229 8.53 81.29 -25.38
N GLY J 230 9.78 81.07 -24.95
CA GLY J 230 10.94 81.54 -25.66
C GLY J 230 11.14 83.04 -25.65
N VAL J 231 11.36 83.62 -24.47
CA VAL J 231 11.64 85.04 -24.33
C VAL J 231 13.01 85.17 -23.64
N PRO J 232 13.95 85.89 -24.23
CA PRO J 232 15.30 85.97 -23.65
C PRO J 232 15.33 86.79 -22.38
N LEU J 233 16.43 86.62 -21.63
CA LEU J 233 16.46 87.07 -20.24
C LEU J 233 16.68 88.58 -20.07
N GLU J 234 17.00 89.33 -21.14
CA GLU J 234 16.95 90.79 -21.01
C GLU J 234 15.52 91.29 -20.97
N ASP J 235 14.62 90.54 -21.61
CA ASP J 235 13.24 90.96 -21.82
C ASP J 235 12.32 90.40 -20.75
N ILE J 236 12.85 89.59 -19.85
CA ILE J 236 12.08 89.08 -18.72
C ILE J 236 11.92 90.22 -17.71
N PRO J 237 10.71 90.58 -17.31
CA PRO J 237 10.57 91.63 -16.29
C PRO J 237 11.02 91.14 -14.93
N LEU J 238 11.56 92.06 -14.15
CA LEU J 238 11.90 91.77 -12.76
C LEU J 238 10.63 91.49 -11.98
N PRO J 239 10.66 90.56 -11.01
CA PRO J 239 9.41 89.97 -10.50
C PRO J 239 8.50 90.90 -9.71
N HIS J 240 8.93 92.12 -9.36
CA HIS J 240 8.00 93.07 -8.77
C HIS J 240 7.17 93.77 -9.83
N GLU J 241 7.59 93.75 -11.09
CA GLU J 241 6.83 94.38 -12.16
C GLU J 241 5.59 93.58 -12.56
N PHE J 242 5.44 92.34 -12.09
CA PHE J 242 4.19 91.63 -12.26
C PHE J 242 3.15 92.04 -11.23
N ILE J 243 3.52 92.88 -10.26
CA ILE J 243 2.60 93.39 -9.25
C ILE J 243 2.34 94.88 -9.44
N LEU J 244 3.41 95.67 -9.64
CA LEU J 244 3.25 97.10 -9.91
C LEU J 244 2.55 97.35 -11.24
N ASN J 245 3.06 96.76 -12.31
CA ASN J 245 2.36 96.75 -13.60
C ASN J 245 1.44 95.53 -13.56
N LYS J 246 0.22 95.73 -13.04
CA LYS J 246 -0.76 94.65 -12.97
C LYS J 246 -1.20 94.22 -14.36
N SER J 247 -1.19 95.15 -15.33
CA SER J 247 -1.59 94.86 -16.70
C SER J 247 -0.63 93.91 -17.40
N LEU J 248 0.61 93.77 -16.91
CA LEU J 248 1.59 92.90 -17.54
C LEU J 248 1.30 91.42 -17.28
N MET J 249 0.49 91.13 -16.26
CA MET J 249 0.07 89.77 -16.00
C MET J 249 -1.29 89.45 -16.61
N VAL J 250 -1.95 90.46 -17.18
CA VAL J 250 -3.26 90.28 -17.78
C VAL J 250 -3.15 89.51 -19.09
N ASP J 251 -2.10 89.79 -19.90
CA ASP J 251 -2.05 89.09 -21.17
C ASP J 251 -1.50 87.68 -21.02
N LEU J 252 -0.82 87.37 -19.92
CA LEU J 252 -0.46 85.97 -19.68
C LEU J 252 -1.62 85.21 -19.07
N TYR J 253 -2.38 85.87 -18.19
CA TYR J 253 -3.53 85.25 -17.52
C TYR J 253 -4.67 86.26 -17.51
N PRO J 254 -5.68 86.08 -18.36
CA PRO J 254 -6.76 87.08 -18.45
C PRO J 254 -7.69 87.12 -17.26
N SER J 255 -7.64 86.12 -16.37
CA SER J 255 -8.47 86.11 -15.17
C SER J 255 -8.00 87.10 -14.12
N PHE J 256 -6.81 87.70 -14.29
CA PHE J 256 -6.32 88.68 -13.35
C PHE J 256 -6.94 90.06 -13.54
N ALA J 257 -7.58 90.31 -14.69
CA ALA J 257 -8.30 91.55 -14.89
C ALA J 257 -9.57 91.61 -14.07
N GLU J 258 -10.12 90.46 -13.71
CA GLU J 258 -11.33 90.34 -12.90
C GLU J 258 -11.01 90.21 -11.40
N GLY J 259 -9.72 90.17 -11.04
CA GLY J 259 -9.25 90.46 -9.70
C GLY J 259 -9.50 89.35 -8.68
N VAL J 260 -9.37 89.73 -7.40
CA VAL J 260 -9.66 88.82 -6.28
C VAL J 260 -11.15 88.63 -6.05
N LYS J 261 -11.99 89.32 -6.82
CA LYS J 261 -13.44 89.27 -6.62
C LYS J 261 -14.10 87.91 -6.85
N PRO J 262 -13.69 87.05 -7.80
CA PRO J 262 -14.29 85.71 -7.86
C PRO J 262 -13.89 84.79 -6.72
N PHE J 263 -12.84 85.10 -5.96
CA PHE J 263 -12.48 84.22 -4.84
C PHE J 263 -13.47 84.37 -3.69
N PHE J 264 -13.86 85.60 -3.37
CA PHE J 264 -14.78 85.84 -2.26
C PHE J 264 -16.22 85.46 -2.58
N THR J 265 -16.59 85.43 -3.86
CA THR J 265 -17.95 85.09 -4.26
C THR J 265 -18.08 83.64 -4.69
N LEU J 266 -17.02 82.83 -4.49
CA LEU J 266 -16.96 81.41 -4.82
C LEU J 266 -17.21 81.14 -6.31
N ASN J 267 -16.85 82.08 -7.17
CA ASN J 267 -16.82 81.83 -8.61
C ASN J 267 -15.40 81.42 -9.01
N TRP J 268 -14.96 80.31 -8.40
CA TRP J 268 -13.56 79.90 -8.50
C TRP J 268 -13.17 79.44 -9.91
N SER J 269 -14.14 79.02 -10.72
CA SER J 269 -13.88 78.61 -12.09
C SER J 269 -13.48 79.76 -13.00
N ALA J 270 -13.58 81.01 -12.55
CA ALA J 270 -12.99 82.13 -13.27
C ALA J 270 -11.47 82.03 -13.32
N TYR J 271 -10.86 81.47 -12.28
CA TYR J 271 -9.41 81.40 -12.15
C TYR J 271 -8.78 80.23 -12.90
N ALA J 272 -9.54 79.50 -13.72
CA ALA J 272 -9.06 78.23 -14.26
C ALA J 272 -8.15 78.39 -15.47
N ASP J 273 -7.13 79.24 -15.34
CA ASP J 273 -6.05 79.31 -16.31
C ASP J 273 -4.69 79.47 -15.66
N PHE J 274 -4.62 79.80 -14.37
CA PHE J 274 -3.39 79.76 -13.61
C PHE J 274 -3.45 78.79 -12.44
N LEU J 275 -4.63 78.25 -12.12
CA LEU J 275 -4.78 77.12 -11.20
C LEU J 275 -5.46 76.02 -12.00
N THR J 276 -4.71 75.05 -12.49
CA THR J 276 -5.25 74.07 -13.41
C THR J 276 -4.98 72.68 -12.88
N PHE J 277 -5.90 71.76 -13.16
CA PHE J 277 -5.74 70.34 -12.85
C PHE J 277 -5.31 69.56 -14.09
N LYS J 278 -4.12 69.88 -14.60
CA LYS J 278 -3.70 69.35 -15.90
C LYS J 278 -3.16 67.93 -15.80
N GLY J 279 -2.06 67.76 -15.08
CA GLY J 279 -1.32 66.51 -15.13
C GLY J 279 -0.33 66.48 -16.27
N GLY J 280 0.51 65.45 -16.27
CA GLY J 280 1.53 65.33 -17.29
C GLY J 280 2.70 66.26 -17.04
N LEU J 281 3.52 66.40 -18.08
CA LEU J 281 4.71 67.23 -18.01
C LEU J 281 4.63 68.35 -19.04
N ASN J 282 5.38 69.40 -18.78
CA ASN J 282 5.54 70.49 -19.74
C ASN J 282 6.41 69.98 -20.89
N PRO J 283 5.94 70.03 -22.15
CA PRO J 283 6.75 69.53 -23.26
C PRO J 283 7.96 70.39 -23.60
N VAL J 284 8.11 71.56 -23.00
CA VAL J 284 9.30 72.38 -23.22
C VAL J 284 10.39 72.05 -22.22
N THR J 285 10.04 71.93 -20.95
CA THR J 285 11.01 71.72 -19.88
C THR J 285 11.11 70.28 -19.40
N GLY J 286 10.01 69.54 -19.43
CA GLY J 286 9.97 68.23 -18.82
C GLY J 286 9.51 68.25 -17.37
N GLY J 287 9.43 69.42 -16.76
CA GLY J 287 8.92 69.54 -15.41
C GLY J 287 7.42 69.44 -15.36
N LEU J 288 6.90 69.51 -14.14
CA LEU J 288 5.46 69.58 -13.96
C LEU J 288 4.93 70.95 -14.41
N TRP J 289 3.64 70.99 -14.71
CA TRP J 289 3.01 72.25 -15.07
C TRP J 289 2.96 73.17 -13.86
N MET J 290 3.39 74.41 -14.05
CA MET J 290 3.49 75.35 -12.94
C MET J 290 2.11 75.77 -12.43
N THR J 291 1.09 75.73 -13.30
CA THR J 291 -0.27 76.00 -12.83
C THR J 291 -0.85 74.84 -12.04
N ASP J 292 -0.34 73.61 -12.24
CA ASP J 292 -0.70 72.54 -11.32
C ASP J 292 0.02 72.68 -9.99
N ILE J 293 1.23 73.23 -10.00
CA ILE J 293 2.00 73.41 -8.78
C ILE J 293 1.36 74.48 -7.90
N ALA J 294 0.84 75.54 -8.51
CA ALA J 294 0.18 76.61 -7.76
C ALA J 294 -1.12 76.13 -7.14
N HIS J 295 -1.95 75.42 -7.92
CA HIS J 295 -3.19 74.88 -7.39
C HIS J 295 -2.95 73.75 -6.39
N HIS J 296 -1.79 73.10 -6.45
CA HIS J 296 -1.40 72.15 -5.40
C HIS J 296 -1.17 72.87 -4.08
N HIS J 297 -0.33 73.91 -4.10
CA HIS J 297 0.02 74.65 -2.89
C HIS J 297 -1.11 75.55 -2.42
N VAL J 298 -2.17 75.72 -3.20
CA VAL J 298 -3.39 76.36 -2.74
C VAL J 298 -4.28 75.35 -2.02
N ALA J 299 -4.44 74.16 -2.59
CA ALA J 299 -5.36 73.17 -2.05
C ALA J 299 -4.85 72.55 -0.76
N ILE J 300 -3.54 72.32 -0.66
CA ILE J 300 -3.00 71.81 0.59
C ILE J 300 -2.91 72.90 1.65
N ALA J 301 -2.90 74.18 1.25
CA ALA J 301 -2.93 75.26 2.21
C ALA J 301 -4.27 75.34 2.91
N VAL J 302 -5.36 75.19 2.16
CA VAL J 302 -6.69 75.16 2.75
C VAL J 302 -6.87 73.90 3.58
N LEU J 303 -6.29 72.78 3.13
CA LEU J 303 -6.40 71.53 3.86
C LEU J 303 -5.58 71.53 5.15
N PHE J 304 -4.48 72.29 5.19
CA PHE J 304 -3.67 72.34 6.40
C PHE J 304 -4.19 73.37 7.40
N ILE J 305 -4.76 74.48 6.92
CA ILE J 305 -5.33 75.47 7.84
C ILE J 305 -6.61 74.92 8.46
N ILE J 306 -7.37 74.13 7.69
CA ILE J 306 -8.50 73.39 8.25
C ILE J 306 -8.02 72.40 9.30
N ALA J 307 -6.90 71.71 9.01
CA ALA J 307 -6.32 70.76 9.95
C ALA J 307 -5.82 71.42 11.23
N GLY J 308 -5.46 72.70 11.16
CA GLY J 308 -4.99 73.42 12.33
C GLY J 308 -6.10 74.04 13.17
N HIS J 309 -7.32 73.54 13.00
CA HIS J 309 -8.44 73.88 13.86
C HIS J 309 -9.06 72.64 14.48
N PHE J 310 -8.32 71.54 14.47
CA PHE J 310 -8.82 70.26 14.96
C PHE J 310 -8.74 70.14 16.46
N TYR J 311 -7.77 70.82 17.08
CA TYR J 311 -7.42 70.59 18.48
C TYR J 311 -7.94 71.71 19.37
N ARG J 312 -8.35 71.33 20.58
CA ARG J 312 -8.97 72.24 21.52
C ARG J 312 -7.90 72.89 22.39
N THR J 313 -7.80 74.23 22.31
CA THR J 313 -6.73 74.94 22.99
C THR J 313 -7.22 75.82 24.13
N ASN J 314 -8.09 76.80 23.83
CA ASN J 314 -8.47 77.79 24.82
C ASN J 314 -9.93 78.17 24.76
N TRP J 315 -10.72 77.51 23.92
CA TRP J 315 -12.03 78.03 23.56
C TRP J 315 -13.12 76.96 23.52
N GLY J 316 -12.88 75.78 24.07
CA GLY J 316 -13.91 74.76 24.17
C GLY J 316 -14.10 73.91 22.93
N ILE J 317 -13.93 74.50 21.75
CA ILE J 317 -14.12 73.81 20.50
C ILE J 317 -12.86 73.01 20.17
N GLY J 318 -13.04 71.79 19.69
CA GLY J 318 -11.94 70.96 19.24
C GLY J 318 -11.88 69.64 19.98
N HIS J 319 -10.96 68.82 19.51
CA HIS J 319 -10.65 67.53 20.12
C HIS J 319 -9.45 67.69 21.02
N SER J 320 -9.40 66.90 22.09
CA SER J 320 -8.23 66.84 22.94
C SER J 320 -7.49 65.54 22.69
N PHE J 321 -6.18 65.56 22.92
CA PHE J 321 -5.36 64.38 22.69
C PHE J 321 -5.68 63.27 23.69
N ARG J 322 -6.07 63.62 24.91
CA ARG J 322 -6.34 62.60 25.93
C ARG J 322 -7.65 61.88 25.66
N GLU J 323 -8.70 62.64 25.30
CA GLU J 323 -9.99 62.04 24.96
C GLU J 323 -9.93 61.19 23.69
N LEU J 324 -9.02 61.50 22.77
CA LEU J 324 -8.87 60.64 21.61
C LEU J 324 -8.14 59.36 21.98
N LEU J 325 -7.17 59.45 22.89
CA LEU J 325 -6.43 58.27 23.29
C LEU J 325 -7.15 57.44 24.34
N ASP J 326 -7.94 58.06 25.22
CA ASP J 326 -8.61 57.25 26.22
C ASP J 326 -9.82 56.50 25.68
N ASP J 327 -10.25 56.80 24.45
CA ASP J 327 -11.42 56.15 23.90
C ASP J 327 -11.08 54.98 22.97
N ALA J 328 -9.84 54.91 22.49
CA ALA J 328 -9.41 53.83 21.59
C ALA J 328 -9.13 52.58 22.40
N ARG J 329 -10.18 51.82 22.66
CA ARG J 329 -10.13 50.63 23.50
C ARG J 329 -11.40 49.82 23.27
N THR J 330 -11.40 48.60 23.76
CA THR J 330 -12.68 47.91 23.76
C THR J 330 -13.53 48.41 24.94
N PRO J 331 -14.85 48.50 24.77
CA PRO J 331 -15.70 48.09 23.65
C PRO J 331 -15.99 49.19 22.64
N LYS J 332 -15.15 50.23 22.58
CA LYS J 332 -15.42 51.35 21.70
C LYS J 332 -14.87 51.16 20.29
N MET J 333 -13.88 50.29 20.11
CA MET J 333 -13.30 50.07 18.80
C MET J 333 -14.22 49.19 17.95
N LEU J 334 -13.77 48.92 16.71
CA LEU J 334 -14.42 47.93 15.87
C LEU J 334 -14.22 46.54 16.49
N PRO J 335 -15.15 45.61 16.26
CA PRO J 335 -14.98 44.24 16.79
C PRO J 335 -13.84 43.45 16.15
N ILE J 336 -13.29 43.91 15.02
CA ILE J 336 -12.09 43.28 14.48
C ILE J 336 -10.88 43.59 15.36
N PHE J 337 -10.92 44.70 16.09
CA PHE J 337 -9.83 45.12 16.97
C PHE J 337 -10.14 44.88 18.43
N ASN J 338 -10.86 43.79 18.75
CA ASN J 338 -11.10 43.44 20.14
C ASN J 338 -9.87 42.91 20.85
N PHE J 339 -8.81 42.55 20.10
CA PHE J 339 -7.62 41.98 20.72
C PHE J 339 -6.81 43.01 21.49
N ILE J 340 -6.98 44.31 21.22
CA ILE J 340 -6.17 45.31 21.92
C ILE J 340 -6.62 45.55 23.35
N GLY J 341 -7.78 45.03 23.74
CA GLY J 341 -8.13 44.94 25.13
C GLY J 341 -8.82 46.16 25.70
N PRO J 342 -9.16 46.10 26.99
CA PRO J 342 -10.01 47.14 27.59
C PRO J 342 -9.30 48.45 27.90
N VAL J 343 -7.99 48.44 28.06
CA VAL J 343 -7.29 49.69 28.33
C VAL J 343 -6.96 50.41 27.03
N GLY J 344 -6.44 49.68 26.05
CA GLY J 344 -6.18 50.22 24.74
C GLY J 344 -5.05 51.24 24.70
N HIS J 345 -5.39 52.48 24.36
CA HIS J 345 -4.41 53.56 24.26
C HIS J 345 -4.46 54.50 25.46
N ARG J 346 -4.98 54.02 26.60
CA ARG J 346 -5.34 54.94 27.68
C ARG J 346 -4.12 55.47 28.44
N GLY J 347 -3.08 54.68 28.61
CA GLY J 347 -1.93 55.15 29.34
C GLY J 347 -0.87 55.85 28.51
N LEU J 348 -1.13 56.09 27.22
CA LEU J 348 -0.08 56.53 26.31
C LEU J 348 0.20 58.03 26.37
N ASP J 349 -0.69 58.83 26.96
CA ASP J 349 -0.45 60.27 26.95
C ASP J 349 0.62 60.68 27.96
N LYS J 350 0.92 59.81 28.94
CA LYS J 350 2.03 60.09 29.85
C LYS J 350 3.39 59.87 29.20
N ILE J 351 3.45 59.15 28.09
CA ILE J 351 4.68 59.06 27.30
C ILE J 351 5.03 60.43 26.72
N PHE J 352 4.04 61.08 26.11
CA PHE J 352 4.24 62.36 25.44
C PHE J 352 4.33 63.53 26.41
N GLU J 353 3.96 63.31 27.67
CA GLU J 353 4.18 64.32 28.69
C GLU J 353 5.65 64.35 29.14
N THR J 354 6.32 63.20 29.13
CA THR J 354 7.59 63.04 29.81
C THR J 354 8.76 62.71 28.91
N SER J 355 8.54 62.01 27.79
CA SER J 355 9.64 61.43 27.03
C SER J 355 9.87 62.24 25.76
N TRP J 356 11.02 62.89 25.69
CA TRP J 356 11.46 63.51 24.45
C TRP J 356 12.00 62.49 23.47
N HIS J 357 12.60 61.40 23.98
CA HIS J 357 13.14 60.35 23.12
C HIS J 357 12.05 59.64 22.33
N ALA J 358 10.87 59.46 22.93
CA ALA J 358 9.78 58.78 22.25
C ALA J 358 9.19 59.63 21.15
N ASN J 359 9.20 60.95 21.30
CA ASN J 359 8.76 61.81 20.21
C ASN J 359 9.81 61.90 19.12
N LEU J 360 11.09 61.84 19.47
CA LEU J 360 12.14 61.79 18.47
C LEU J 360 12.11 60.49 17.68
N ALA J 361 11.64 59.41 18.31
CA ALA J 361 11.51 58.13 17.63
C ALA J 361 10.46 58.18 16.54
N ILE J 362 9.32 58.84 16.80
CA ILE J 362 8.26 58.94 15.81
C ILE J 362 8.65 59.91 14.70
N HIS J 363 9.28 61.02 15.06
CA HIS J 363 9.53 62.08 14.09
C HIS J 363 10.68 61.74 13.15
N LEU J 364 11.64 60.95 13.61
CA LEU J 364 12.70 60.47 12.73
C LEU J 364 12.16 59.42 11.76
N VAL J 365 11.16 58.65 12.17
CA VAL J 365 10.52 57.69 11.28
C VAL J 365 9.77 58.41 10.16
N GLN J 366 9.05 59.47 10.49
CA GLN J 366 8.26 60.17 9.49
C GLN J 366 9.10 61.09 8.61
N PHE J 367 10.27 61.52 9.05
CA PHE J 367 11.21 62.16 8.13
C PHE J 367 11.80 61.14 7.17
N GLY J 368 11.89 59.88 7.59
CA GLY J 368 12.23 58.82 6.66
C GLY J 368 11.11 58.56 5.66
N THR J 369 9.86 58.63 6.12
CA THR J 369 8.71 58.47 5.23
C THR J 369 8.62 59.62 4.24
N ALA J 370 8.89 60.84 4.69
CA ALA J 370 8.82 62.00 3.80
C ALA J 370 9.95 61.99 2.78
N SER J 371 11.16 61.66 3.21
CA SER J 371 12.31 61.65 2.29
C SER J 371 12.24 60.48 1.31
N LEU J 372 11.57 59.39 1.69
CA LEU J 372 11.33 58.31 0.74
C LEU J 372 10.28 58.70 -0.28
N LEU J 373 9.28 59.48 0.13
CA LEU J 373 8.32 60.01 -0.81
C LEU J 373 8.96 61.02 -1.74
N VAL J 374 9.90 61.82 -1.23
CA VAL J 374 10.63 62.78 -2.04
C VAL J 374 11.47 62.06 -3.09
N ALA J 375 12.03 60.90 -2.76
CA ALA J 375 12.81 60.14 -3.72
C ALA J 375 11.93 59.56 -4.82
N HIS J 376 10.84 58.88 -4.45
CA HIS J 376 10.02 58.18 -5.43
C HIS J 376 9.18 59.15 -6.27
N HIS J 377 8.72 60.24 -5.69
CA HIS J 377 7.81 61.11 -6.42
C HIS J 377 8.51 62.15 -7.28
N MET J 378 9.77 62.47 -7.01
CA MET J 378 10.46 63.47 -7.80
C MET J 378 11.15 62.89 -9.03
N TYR J 379 11.43 61.59 -9.08
CA TYR J 379 11.89 61.03 -10.35
C TYR J 379 10.73 60.84 -11.32
N ALA J 380 9.57 60.41 -10.80
CA ALA J 380 8.47 60.01 -11.66
C ALA J 380 7.52 61.16 -11.99
N MET J 381 7.44 62.16 -11.12
CA MET J 381 6.73 63.40 -11.41
C MET J 381 7.74 64.53 -11.19
N PRO J 382 8.62 64.77 -12.16
CA PRO J 382 9.72 65.73 -11.95
C PRO J 382 9.20 67.14 -11.86
N PRO J 383 9.43 67.81 -10.73
CA PRO J 383 8.77 69.10 -10.46
C PRO J 383 9.53 70.33 -10.92
N TYR J 384 10.75 70.19 -11.42
CA TYR J 384 11.55 71.34 -11.77
C TYR J 384 11.82 71.37 -13.26
N PRO J 385 11.98 72.57 -13.85
CA PRO J 385 12.26 72.65 -15.29
C PRO J 385 13.64 72.13 -15.62
N TYR J 386 13.70 71.32 -16.69
CA TYR J 386 14.92 70.71 -17.23
C TYR J 386 15.63 69.83 -16.20
N LEU J 387 14.86 69.23 -15.31
CA LEU J 387 15.39 68.34 -14.29
C LEU J 387 15.47 66.90 -14.79
N ALA J 388 14.40 66.42 -15.42
CA ALA J 388 14.25 65.01 -15.77
C ALA J 388 15.24 64.55 -16.84
N THR J 389 15.76 65.45 -17.65
CA THR J 389 16.76 65.10 -18.66
C THR J 389 18.19 65.36 -18.18
N ASP J 390 18.35 65.95 -17.01
CA ASP J 390 19.65 66.03 -16.35
C ASP J 390 19.78 64.74 -15.53
N TYR J 391 20.43 63.74 -16.14
CA TYR J 391 20.43 62.40 -15.56
C TYR J 391 21.36 62.29 -14.37
N ALA J 392 22.39 63.14 -14.30
CA ALA J 392 23.25 63.15 -13.13
C ALA J 392 22.54 63.71 -11.91
N THR J 393 21.58 64.60 -12.14
CA THR J 393 20.85 65.21 -11.03
C THR J 393 19.74 64.28 -10.52
N VAL J 394 19.03 63.63 -11.44
CA VAL J 394 17.96 62.70 -11.07
C VAL J 394 18.53 61.50 -10.31
N THR J 395 19.73 61.05 -10.72
CA THR J 395 20.43 60.00 -9.99
C THR J 395 20.79 60.46 -8.58
N SER J 396 21.42 61.63 -8.48
CA SER J 396 21.91 62.11 -7.19
C SER J 396 20.77 62.49 -6.25
N LEU J 397 19.65 62.99 -6.78
CA LEU J 397 18.55 63.41 -5.91
C LEU J 397 17.79 62.21 -5.35
N PHE J 398 17.61 61.16 -6.15
CA PHE J 398 16.99 59.94 -5.64
C PHE J 398 17.89 59.28 -4.60
N THR J 399 19.19 59.20 -4.90
CA THR J 399 20.11 58.45 -4.05
C THR J 399 20.33 59.17 -2.72
N HIS J 400 20.38 60.50 -2.73
CA HIS J 400 20.59 61.26 -1.51
C HIS J 400 19.41 61.12 -0.56
N HIS J 401 18.19 61.31 -1.07
CA HIS J 401 17.02 61.30 -0.20
C HIS J 401 16.59 59.89 0.19
N VAL J 402 17.07 58.87 -0.51
CA VAL J 402 16.92 57.50 -0.01
C VAL J 402 17.83 57.29 1.19
N TRP J 403 19.09 57.75 1.10
CA TRP J 403 20.05 57.55 2.18
C TRP J 403 19.72 58.39 3.41
N ILE J 404 19.18 59.59 3.22
CA ILE J 404 18.74 60.42 4.35
C ILE J 404 17.60 59.72 5.09
N ALA J 405 16.72 59.08 4.34
CA ALA J 405 15.56 58.41 4.93
C ALA J 405 15.98 57.15 5.70
N GLY J 406 17.00 56.44 5.21
CA GLY J 406 17.40 55.21 5.86
C GLY J 406 18.14 55.42 7.16
N PHE J 407 18.92 56.50 7.25
CA PHE J 407 19.53 56.84 8.54
C PHE J 407 18.49 57.31 9.53
N CYS J 408 17.48 58.04 9.05
CA CYS J 408 16.42 58.55 9.93
C CYS J 408 15.55 57.42 10.48
N ILE J 409 15.36 56.34 9.72
CA ILE J 409 14.56 55.23 10.19
C ILE J 409 15.30 54.45 11.28
N VAL J 410 16.61 54.26 11.11
CA VAL J 410 17.44 53.61 12.12
C VAL J 410 17.48 54.44 13.39
N GLY J 411 17.52 55.77 13.25
CA GLY J 411 17.45 56.64 14.41
C GLY J 411 16.11 56.63 15.10
N GLY J 412 15.03 56.39 14.35
CA GLY J 412 13.73 56.22 14.97
C GLY J 412 13.65 54.97 15.81
N ALA J 413 14.31 53.90 15.36
CA ALA J 413 14.37 52.68 16.15
C ALA J 413 15.39 52.78 17.27
N ALA J 414 16.42 53.61 17.11
CA ALA J 414 17.41 53.78 18.17
C ALA J 414 16.82 54.53 19.36
N HIS J 415 16.11 55.63 19.10
CA HIS J 415 15.51 56.42 20.16
C HIS J 415 14.18 55.84 20.63
N ALA J 416 13.66 54.81 19.97
CA ALA J 416 12.59 54.02 20.54
C ALA J 416 13.12 53.11 21.64
N ALA J 417 14.33 52.58 21.44
CA ALA J 417 14.94 51.72 22.44
C ALA J 417 15.47 52.52 23.62
N ILE J 418 15.89 53.77 23.39
CA ILE J 418 16.33 54.63 24.48
C ILE J 418 15.16 54.99 25.38
N PHE J 419 13.97 55.18 24.79
CA PHE J 419 12.77 55.47 25.57
C PHE J 419 12.39 54.30 26.47
N LEU J 420 12.45 53.07 25.93
CA LEU J 420 12.07 51.90 26.71
C LEU J 420 13.06 51.61 27.83
N VAL J 421 14.32 51.97 27.65
CA VAL J 421 15.32 51.73 28.68
C VAL J 421 15.27 52.83 29.75
N ARG J 422 15.16 54.09 29.33
CA ARG J 422 15.34 55.21 30.25
C ARG J 422 14.02 55.84 30.71
N ASP J 423 13.11 56.10 29.78
CA ASP J 423 11.93 56.93 29.99
C ASP J 423 10.67 56.13 30.31
N TYR J 424 10.65 54.84 29.98
CA TYR J 424 9.44 54.04 30.14
C TYR J 424 9.26 53.63 31.59
N ASN J 425 8.09 53.94 32.14
CA ASN J 425 7.70 53.55 33.48
C ASN J 425 6.58 52.52 33.37
N PRO J 426 6.74 51.30 33.87
CA PRO J 426 5.70 50.27 33.68
C PRO J 426 4.42 50.51 34.48
N ALA J 427 4.43 51.40 35.47
CA ALA J 427 3.21 51.70 36.21
C ALA J 427 2.20 52.45 35.36
N ASP J 428 2.68 53.24 34.40
CA ASP J 428 1.81 53.97 33.49
C ASP J 428 1.16 53.06 32.46
N HIS J 429 1.72 51.87 32.24
CA HIS J 429 1.33 51.01 31.12
C HIS J 429 1.02 49.62 31.67
N VAL J 430 -0.23 49.45 32.13
CA VAL J 430 -0.72 48.17 32.61
C VAL J 430 -1.86 47.77 31.69
N ASN J 431 -1.65 46.70 30.92
CA ASN J 431 -2.62 46.11 29.98
C ASN J 431 -3.02 47.07 28.85
N ASN J 432 -2.22 48.07 28.53
CA ASN J 432 -2.48 48.91 27.37
C ASN J 432 -1.68 48.38 26.19
N VAL J 433 -1.68 49.12 25.07
CA VAL J 433 -1.07 48.61 23.85
C VAL J 433 0.45 48.57 23.92
N LEU J 434 1.07 49.36 24.80
CA LEU J 434 2.51 49.23 24.99
C LEU J 434 2.84 48.02 25.85
N ASP J 435 2.04 47.76 26.88
CA ASP J 435 2.29 46.62 27.76
C ASP J 435 2.00 45.31 27.06
N ARG J 436 0.94 45.27 26.23
CA ARG J 436 0.58 44.03 25.56
C ARG J 436 1.53 43.69 24.42
N THR J 437 2.17 44.70 23.82
CA THR J 437 3.19 44.45 22.80
C THR J 437 4.41 43.79 23.42
N LEU J 438 4.82 44.24 24.61
CA LEU J 438 5.94 43.63 25.31
C LEU J 438 5.61 42.25 25.84
N ARG J 439 4.32 41.88 25.95
CA ARG J 439 3.91 40.59 26.45
C ARG J 439 3.68 39.56 25.37
N HIS J 440 3.82 39.92 24.09
CA HIS J 440 3.83 38.92 23.04
C HIS J 440 4.99 39.19 22.08
N ARG J 441 6.11 39.69 22.61
CA ARG J 441 7.28 39.98 21.79
C ARG J 441 7.91 38.72 21.22
N ASP J 442 7.71 37.58 21.86
CA ASP J 442 8.20 36.32 21.30
C ASP J 442 7.38 35.90 20.09
N THR J 443 6.10 36.22 20.05
CA THR J 443 5.35 35.90 18.84
C THR J 443 5.67 36.88 17.72
N VAL J 444 6.01 38.12 18.06
CA VAL J 444 6.27 39.13 17.05
C VAL J 444 7.61 38.87 16.36
N VAL J 445 8.63 38.56 17.16
CA VAL J 445 9.97 38.38 16.62
C VAL J 445 10.09 37.06 15.86
N SER J 446 9.47 36.00 16.38
CA SER J 446 9.55 34.70 15.71
C SER J 446 8.71 34.66 14.44
N HIS J 447 7.59 35.39 14.40
CA HIS J 447 6.84 35.50 13.14
C HIS J 447 7.59 36.37 12.14
N LEU J 448 8.29 37.39 12.61
CA LEU J 448 9.11 38.20 11.72
C LEU J 448 10.32 37.40 11.23
N ALA J 449 10.89 36.57 12.10
CA ALA J 449 12.03 35.74 11.70
C ALA J 449 11.63 34.70 10.66
N TRP J 450 10.40 34.20 10.72
CA TRP J 450 9.94 33.27 9.71
C TRP J 450 9.76 33.94 8.35
N VAL J 451 9.13 35.12 8.34
CA VAL J 451 8.84 35.78 7.08
C VAL J 451 10.11 36.35 6.45
N CYS J 452 11.15 36.60 7.25
CA CYS J 452 12.45 36.96 6.69
C CYS J 452 13.09 35.77 6.00
N GLN J 453 12.91 34.57 6.57
CA GLN J 453 13.44 33.38 5.93
C GLN J 453 12.65 33.00 4.68
N PHE J 454 11.33 33.22 4.72
CA PHE J 454 10.51 32.99 3.53
C PHE J 454 10.90 33.96 2.41
N LEU J 455 11.12 35.22 2.75
CA LEU J 455 11.45 36.21 1.73
C LEU J 455 12.86 36.05 1.20
N GLY J 456 13.78 35.53 2.02
CA GLY J 456 15.13 35.30 1.54
C GLY J 456 15.24 34.10 0.64
N PHE J 457 14.46 33.07 0.90
CA PHE J 457 14.41 31.93 -0.01
C PHE J 457 13.67 32.31 -1.30
N HIS J 458 12.49 32.90 -1.17
CA HIS J 458 11.67 33.18 -2.34
C HIS J 458 11.96 34.53 -2.97
N SER J 459 13.09 35.16 -2.66
CA SER J 459 13.64 36.18 -3.56
C SER J 459 15.06 35.87 -3.98
N PHE J 460 15.99 35.71 -3.03
CA PHE J 460 17.41 35.65 -3.38
C PHE J 460 17.80 34.29 -3.93
N ALA J 461 17.27 33.21 -3.35
CA ALA J 461 17.59 31.87 -3.83
C ALA J 461 17.01 31.59 -5.20
N MET J 462 16.03 32.39 -5.64
CA MET J 462 15.58 32.32 -7.02
C MET J 462 16.58 32.97 -7.97
N TYR J 463 17.38 33.93 -7.49
CA TYR J 463 18.50 34.41 -8.30
C TYR J 463 19.59 33.36 -8.42
N CYS J 464 19.83 32.61 -7.34
CA CYS J 464 20.81 31.53 -7.39
C CYS J 464 20.32 30.37 -8.24
N HIS J 465 19.00 30.15 -8.25
CA HIS J 465 18.38 29.27 -9.24
C HIS J 465 18.66 29.77 -10.65
N ASN J 466 18.56 31.09 -10.86
CA ASN J 466 18.71 31.63 -12.21
C ASN J 466 20.17 31.64 -12.66
N ASP J 467 21.10 31.85 -11.72
CA ASP J 467 22.53 31.76 -12.03
C ASP J 467 22.91 30.35 -12.46
N THR J 468 22.35 29.36 -11.76
CA THR J 468 22.65 27.96 -12.03
C THR J 468 22.03 27.50 -13.34
N MET J 469 20.79 27.93 -13.61
CA MET J 469 20.11 27.55 -14.84
C MET J 469 20.77 28.15 -16.07
N ARG J 470 21.28 29.38 -15.95
CA ARG J 470 21.94 30.01 -17.10
C ARG J 470 23.31 29.40 -17.35
N ALA J 471 24.02 29.03 -16.29
CA ALA J 471 25.31 28.37 -16.46
C ALA J 471 25.16 26.98 -17.05
N PHE J 472 24.07 26.28 -16.72
CA PHE J 472 23.76 25.00 -17.33
C PHE J 472 23.37 25.10 -18.79
N GLY J 473 23.05 26.29 -19.29
CA GLY J 473 22.50 26.40 -20.62
C GLY J 473 21.05 25.96 -20.68
N ARG J 474 20.28 26.26 -19.62
CA ARG J 474 18.85 25.99 -19.57
C ARG J 474 18.10 27.29 -19.30
N PRO J 475 18.02 28.20 -20.28
CA PRO J 475 17.35 29.48 -20.02
C PRO J 475 15.84 29.36 -19.96
N GLN J 476 15.26 28.29 -20.49
CA GLN J 476 13.84 28.03 -20.36
C GLN J 476 13.44 27.63 -18.94
N ASP J 477 14.41 27.26 -18.10
CA ASP J 477 14.16 26.88 -16.73
C ASP J 477 14.42 28.02 -15.75
N MET J 478 14.72 29.22 -16.26
CA MET J 478 14.96 30.38 -15.42
C MET J 478 13.65 31.07 -15.06
N PHE J 479 13.68 31.83 -13.98
CA PHE J 479 12.62 32.79 -13.68
C PHE J 479 12.89 34.04 -14.49
N SER J 480 12.22 34.17 -15.63
CA SER J 480 12.47 35.25 -16.56
C SER J 480 11.22 35.50 -17.38
N ASP J 481 11.27 36.54 -18.20
CA ASP J 481 10.17 36.83 -19.12
C ASP J 481 10.08 35.82 -20.26
N THR J 482 11.16 35.09 -20.53
CA THR J 482 11.17 34.06 -21.56
C THR J 482 11.28 32.66 -21.00
N GLY J 483 11.29 32.51 -19.67
CA GLY J 483 11.31 31.20 -19.06
C GLY J 483 10.06 30.96 -18.24
N ILE J 484 10.22 30.77 -16.93
CA ILE J 484 9.10 30.63 -16.02
C ILE J 484 8.77 32.03 -15.51
N GLN J 485 7.68 32.61 -16.02
CA GLN J 485 7.39 34.01 -15.78
C GLN J 485 6.84 34.25 -14.39
N LEU J 486 7.29 35.32 -13.76
CA LEU J 486 6.70 35.81 -12.53
C LEU J 486 6.26 37.23 -12.83
N GLN J 487 5.08 37.38 -13.38
CA GLN J 487 4.64 38.71 -13.75
C GLN J 487 4.11 39.43 -12.51
N PRO J 488 4.56 40.65 -12.24
CA PRO J 488 3.98 41.40 -11.12
C PRO J 488 2.63 41.97 -11.52
N ILE J 489 1.61 41.12 -11.43
CA ILE J 489 0.30 41.44 -11.99
C ILE J 489 -0.47 42.44 -11.15
N PHE J 490 -0.17 42.56 -9.85
CA PHE J 490 -0.86 43.55 -9.04
C PHE J 490 -0.31 44.95 -9.26
N ALA J 491 0.98 45.07 -9.53
CA ALA J 491 1.54 46.37 -9.88
C ALA J 491 1.21 46.75 -11.32
N GLN J 492 1.10 45.76 -12.21
CA GLN J 492 0.66 46.03 -13.57
C GLN J 492 -0.81 46.42 -13.60
N TRP J 493 -1.60 45.90 -12.67
CA TRP J 493 -3.01 46.28 -12.57
C TRP J 493 -3.17 47.70 -12.07
N VAL J 494 -2.32 48.13 -11.13
CA VAL J 494 -2.37 49.49 -10.62
C VAL J 494 -1.96 50.48 -11.70
N GLN J 495 -0.93 50.13 -12.48
CA GLN J 495 -0.49 50.96 -13.59
C GLN J 495 -1.58 51.13 -14.63
N GLN J 496 -2.40 50.09 -14.83
CA GLN J 496 -3.47 50.19 -15.81
C GLN J 496 -4.63 51.00 -15.24
N ILE J 497 -4.82 50.94 -13.91
CA ILE J 497 -5.82 51.77 -13.24
C ILE J 497 -5.41 53.24 -13.27
N GLN J 498 -4.13 53.51 -12.98
CA GLN J 498 -3.64 54.89 -12.93
C GLN J 498 -3.72 55.57 -14.30
N THR J 499 -3.65 54.79 -15.38
CA THR J 499 -3.81 55.33 -16.73
C THR J 499 -5.28 55.49 -17.10
N MET J 500 -6.12 54.52 -16.76
CA MET J 500 -7.55 54.62 -17.07
C MET J 500 -8.26 55.69 -16.25
N ALA J 501 -7.65 56.14 -15.14
CA ALA J 501 -8.30 57.13 -14.30
C ALA J 501 -8.35 58.51 -14.94
N VAL J 502 -7.35 58.84 -15.76
CA VAL J 502 -7.30 60.20 -16.30
C VAL J 502 -8.12 60.32 -17.58
N GLY J 503 -8.11 59.30 -18.43
CA GLY J 503 -8.73 59.37 -19.75
C GLY J 503 -8.12 60.39 -20.69
N GLY J 528 -11.74 58.81 -18.56
CA GLY J 528 -11.49 59.37 -17.25
C GLY J 528 -12.46 58.78 -16.27
N VAL J 529 -12.26 57.50 -15.97
CA VAL J 529 -13.29 56.72 -15.27
C VAL J 529 -13.45 57.20 -13.83
N THR J 530 -12.37 57.65 -13.19
CA THR J 530 -12.44 58.02 -11.78
C THR J 530 -11.78 59.36 -11.46
N ALA J 531 -11.09 60.00 -12.41
CA ALA J 531 -10.62 61.37 -12.25
C ALA J 531 -10.81 62.12 -13.55
N PRO J 532 -12.05 62.55 -13.87
CA PRO J 532 -12.30 63.23 -15.15
C PRO J 532 -11.62 64.59 -15.31
N GLY J 533 -11.05 65.16 -14.25
CA GLY J 533 -10.53 66.51 -14.33
C GLY J 533 -9.15 66.67 -14.95
N LEU J 534 -8.39 65.59 -15.16
CA LEU J 534 -7.09 65.75 -15.77
C LEU J 534 -7.17 65.69 -17.29
N GLY J 535 -6.18 66.30 -17.93
CA GLY J 535 -5.95 66.08 -19.34
C GLY J 535 -4.94 64.98 -19.55
N GLY J 536 -3.77 65.11 -18.90
CA GLY J 536 -2.72 64.14 -19.04
C GLY J 536 -2.61 63.23 -17.83
N PRO J 537 -1.65 62.31 -17.84
CA PRO J 537 -1.49 61.40 -16.71
C PRO J 537 -0.87 62.10 -15.50
N VAL J 538 -1.04 61.46 -14.34
CA VAL J 538 -0.40 61.95 -13.12
C VAL J 538 1.10 61.82 -13.25
N SER J 539 1.57 60.69 -13.73
CA SER J 539 2.96 60.50 -14.11
C SER J 539 3.02 59.71 -15.40
N HIS J 540 4.04 59.98 -16.19
CA HIS J 540 4.25 59.20 -17.38
C HIS J 540 4.89 57.85 -17.09
N ALA J 541 5.36 57.62 -15.86
CA ALA J 541 5.86 56.30 -15.48
C ALA J 541 4.74 55.28 -15.39
N PHE J 542 3.52 55.73 -15.06
CA PHE J 542 2.38 54.82 -14.98
C PHE J 542 1.92 54.41 -16.38
N GLY J 543 1.89 55.36 -17.30
CA GLY J 543 1.35 55.11 -18.62
C GLY J 543 1.32 56.41 -19.40
N GLY J 544 0.65 56.37 -20.53
CA GLY J 544 0.63 57.50 -21.45
C GLY J 544 1.71 57.35 -22.49
N GLY J 545 2.54 58.38 -22.66
CA GLY J 545 3.53 58.35 -23.70
C GLY J 545 4.92 58.75 -23.28
N VAL J 546 5.77 59.02 -24.28
CA VAL J 546 7.16 59.39 -24.07
C VAL J 546 7.25 60.91 -24.11
N VAL J 547 7.86 61.49 -23.09
CA VAL J 547 8.13 62.93 -23.04
C VAL J 547 9.61 63.14 -23.37
N ALA J 548 9.87 63.94 -24.39
CA ALA J 548 11.22 64.15 -24.89
C ALA J 548 11.58 65.63 -24.82
N ILE J 549 12.72 65.92 -24.20
CA ILE J 549 13.27 67.28 -24.11
C ILE J 549 14.67 67.24 -24.70
N GLY J 550 14.86 67.90 -25.84
CA GLY J 550 16.17 67.95 -26.48
C GLY J 550 16.66 66.63 -27.04
N ASP J 551 15.76 65.86 -27.65
CA ASP J 551 15.94 64.44 -28.01
C ASP J 551 16.49 63.60 -26.86
N LYS J 552 16.01 63.86 -25.65
CA LYS J 552 16.36 63.07 -24.48
C LYS J 552 15.09 62.72 -23.74
N ILE J 553 15.02 61.48 -23.25
CA ILE J 553 13.80 61.02 -22.59
C ILE J 553 13.71 61.65 -21.21
N ALA J 554 12.59 62.30 -20.94
CA ALA J 554 12.32 62.84 -19.61
C ALA J 554 11.65 61.80 -18.73
N MET J 555 10.55 61.22 -19.20
CA MET J 555 9.82 60.18 -18.49
C MET J 555 8.97 59.42 -19.49
N MET J 556 8.98 58.10 -19.39
CA MET J 556 8.22 57.21 -20.25
C MET J 556 7.64 56.11 -19.37
N PRO J 557 6.65 55.35 -19.87
CA PRO J 557 6.12 54.23 -19.09
C PRO J 557 7.16 53.18 -18.74
N ILE J 558 7.20 52.81 -17.47
CA ILE J 558 8.19 51.89 -16.93
C ILE J 558 7.55 50.51 -16.87
N GLN J 559 7.93 49.64 -17.79
CA GLN J 559 7.35 48.32 -17.87
C GLN J 559 7.89 47.43 -16.76
N LEU J 560 7.00 46.64 -16.16
CA LEU J 560 7.35 45.75 -15.07
C LEU J 560 7.21 44.31 -15.55
N GLY J 561 8.29 43.55 -15.44
CA GLY J 561 8.30 42.14 -15.79
C GLY J 561 8.80 41.29 -14.65
N THR J 562 9.34 40.12 -15.00
CA THR J 562 9.85 39.17 -14.01
C THR J 562 11.05 39.74 -13.26
N ALA J 563 11.86 40.56 -13.93
CA ALA J 563 13.00 41.20 -13.26
C ALA J 563 12.55 42.22 -12.23
N ASP J 564 11.37 42.82 -12.41
CA ASP J 564 10.84 43.78 -11.44
C ASP J 564 10.07 43.11 -10.31
N PHE J 565 9.47 41.95 -10.58
CA PHE J 565 8.91 41.13 -9.50
C PHE J 565 10.00 40.68 -8.54
N LEU J 566 11.14 40.27 -9.07
CA LEU J 566 12.19 39.68 -8.24
C LEU J 566 12.87 40.74 -7.39
N ILE J 567 13.18 41.91 -7.97
CA ILE J 567 13.91 42.94 -7.24
C ILE J 567 13.01 43.60 -6.19
N HIS J 568 11.70 43.62 -6.40
CA HIS J 568 10.79 44.18 -5.41
C HIS J 568 10.65 43.27 -4.21
N HIS J 569 10.72 41.96 -4.42
CA HIS J 569 10.72 41.04 -3.29
C HIS J 569 12.09 40.93 -2.63
N ILE J 570 13.15 41.34 -3.32
CA ILE J 570 14.44 41.56 -2.66
C ILE J 570 14.33 42.75 -1.69
N HIS J 571 13.67 43.83 -2.13
CA HIS J 571 13.47 45.00 -1.28
C HIS J 571 12.60 44.65 -0.08
N ALA J 572 11.55 43.87 -0.29
CA ALA J 572 10.70 43.43 0.81
C ALA J 572 11.46 42.52 1.77
N PHE J 573 12.41 41.75 1.25
CA PHE J 573 13.23 40.90 2.11
C PHE J 573 14.19 41.73 2.95
N THR J 574 14.92 42.66 2.32
CA THR J 574 15.95 43.40 3.05
C THR J 574 15.37 44.43 4.01
N ILE J 575 14.13 44.88 3.77
CA ILE J 575 13.49 45.77 4.73
C ILE J 575 12.99 44.98 5.93
N HIS J 576 12.40 43.80 5.70
CA HIS J 576 11.86 42.98 6.78
C HIS J 576 12.95 42.49 7.72
N VAL J 577 14.16 42.24 7.21
CA VAL J 577 15.26 41.86 8.09
C VAL J 577 15.75 43.07 8.89
N THR J 578 15.80 44.24 8.24
CA THR J 578 16.18 45.47 8.95
C THR J 578 15.16 45.81 10.04
N VAL J 579 13.89 45.53 9.80
CA VAL J 579 12.88 45.65 10.86
C VAL J 579 13.16 44.61 11.95
N LEU J 580 13.57 43.40 11.55
CA LEU J 580 13.78 42.32 12.52
C LEU J 580 14.95 42.61 13.45
N VAL J 581 16.02 43.20 12.94
CA VAL J 581 17.15 43.57 13.79
C VAL J 581 16.76 44.70 14.73
N LEU J 582 16.01 45.68 14.22
CA LEU J 582 15.69 46.86 15.02
C LEU J 582 14.55 46.60 15.99
N LEU J 583 13.54 45.83 15.60
CA LEU J 583 12.40 45.59 16.48
C LEU J 583 12.76 44.63 17.62
N LYS J 584 13.60 43.64 17.35
CA LYS J 584 14.08 42.75 18.41
C LYS J 584 14.97 43.50 19.39
N GLY J 585 15.70 44.52 18.91
CA GLY J 585 16.46 45.35 19.81
C GLY J 585 15.60 46.24 20.69
N VAL J 586 14.46 46.69 20.19
CA VAL J 586 13.58 47.53 20.98
C VAL J 586 12.74 46.70 21.93
N LEU J 587 12.18 45.59 21.43
CA LEU J 587 11.28 44.77 22.25
C LEU J 587 12.01 44.02 23.36
N PHE J 588 13.30 43.75 23.20
CA PHE J 588 14.07 43.04 24.21
C PHE J 588 15.11 43.94 24.87
N SER J 589 14.86 45.24 24.89
CA SER J 589 15.84 46.19 25.41
C SER J 589 15.89 46.21 26.94
N ARG J 590 14.79 45.89 27.61
CA ARG J 590 14.79 45.91 29.07
C ARG J 590 15.14 44.56 29.67
N ASN J 591 14.67 43.47 29.07
CA ASN J 591 14.95 42.14 29.58
C ASN J 591 14.73 41.12 28.47
N SER J 592 15.16 39.90 28.73
CA SER J 592 14.93 38.75 27.88
C SER J 592 15.03 37.51 28.74
N ARG J 593 14.85 36.34 28.13
CA ARG J 593 15.09 35.10 28.86
C ARG J 593 16.58 34.89 29.13
N LEU J 594 17.47 35.51 28.35
CA LEU J 594 18.89 35.41 28.61
C LEU J 594 19.34 36.37 29.70
N ILE J 595 19.02 37.65 29.55
CA ILE J 595 19.40 38.69 30.50
C ILE J 595 18.14 39.28 31.11
N PRO J 596 17.73 38.80 32.30
CA PRO J 596 16.50 39.33 32.91
C PRO J 596 16.62 40.74 33.46
N ASP J 597 17.82 41.29 33.62
CA ASP J 597 18.01 42.66 34.06
C ASP J 597 18.79 43.47 33.03
N LYS J 598 18.44 43.32 31.75
CA LYS J 598 19.16 44.00 30.68
C LYS J 598 18.94 45.51 30.71
N GLY J 599 17.77 45.96 31.16
CA GLY J 599 17.51 47.38 31.27
C GLY J 599 18.30 48.06 32.37
N GLU J 600 18.66 47.30 33.41
CA GLU J 600 19.52 47.85 34.45
C GLU J 600 20.97 47.99 34.00
N LEU J 601 21.39 47.28 32.96
CA LEU J 601 22.74 47.45 32.42
C LEU J 601 22.84 48.63 31.46
N GLY J 602 21.71 49.18 31.04
CA GLY J 602 21.68 50.40 30.25
C GLY J 602 21.22 50.15 28.83
N PHE J 603 21.22 51.23 28.06
CA PHE J 603 20.94 51.14 26.63
C PHE J 603 22.17 50.71 25.87
N ARG J 604 23.35 51.19 26.28
CA ARG J 604 24.61 50.94 25.59
C ARG J 604 25.59 50.30 26.56
N PHE J 605 25.87 49.02 26.34
CA PHE J 605 26.88 48.27 27.08
C PHE J 605 27.38 47.17 26.16
N PRO J 606 28.62 46.70 26.36
CA PRO J 606 29.17 45.72 25.40
C PRO J 606 28.53 44.34 25.48
N CYS J 607 28.34 43.81 26.68
CA CYS J 607 27.89 42.44 26.90
C CYS J 607 27.57 42.30 28.38
N ASP J 608 27.25 41.07 28.78
CA ASP J 608 27.23 40.67 30.18
C ASP J 608 28.15 39.47 30.40
N GLY J 609 29.33 39.51 29.79
CA GLY J 609 30.34 38.51 30.04
C GLY J 609 30.25 37.30 29.14
N PRO J 610 31.28 36.44 29.18
CA PRO J 610 31.30 35.25 28.33
C PRO J 610 30.37 34.13 28.79
N GLY J 611 29.67 34.31 29.90
CA GLY J 611 28.79 33.29 30.40
C GLY J 611 27.48 33.21 29.65
N ARG J 612 26.65 32.25 30.09
CA ARG J 612 25.43 31.81 29.42
C ARG J 612 25.69 31.44 27.96
N GLY J 613 26.86 30.86 27.69
CA GLY J 613 27.34 30.63 26.35
C GLY J 613 28.10 31.80 25.74
N GLY J 614 27.77 33.02 26.14
CA GLY J 614 28.34 34.22 25.56
C GLY J 614 27.24 35.21 25.25
N THR J 615 27.35 36.43 25.79
CA THR J 615 26.27 37.42 25.70
C THR J 615 26.74 38.68 24.98
N CYS J 616 27.61 38.52 23.99
CA CYS J 616 28.12 39.65 23.21
C CYS J 616 26.99 40.24 22.39
N GLN J 617 26.89 41.58 22.39
CA GLN J 617 25.92 42.34 21.57
C GLN J 617 24.48 42.01 21.93
N VAL J 618 24.17 42.00 23.23
CA VAL J 618 22.77 41.86 23.66
C VAL J 618 22.08 43.20 23.84
N SER J 619 22.83 44.30 23.97
CA SER J 619 22.26 45.59 24.26
C SER J 619 21.47 46.13 23.08
N ALA J 620 20.58 47.08 23.38
CA ALA J 620 19.77 47.69 22.34
C ALA J 620 20.61 48.58 21.44
N TRP J 621 21.74 49.10 21.93
CA TRP J 621 22.65 49.86 21.10
C TRP J 621 23.28 48.98 20.02
N ASP J 622 23.63 47.73 20.37
CA ASP J 622 24.30 46.88 19.40
C ASP J 622 23.35 46.34 18.34
N HIS J 623 22.04 46.41 18.58
CA HIS J 623 21.07 46.12 17.53
C HIS J 623 20.94 47.27 16.54
N VAL J 624 21.11 48.51 17.03
CA VAL J 624 21.22 49.66 16.13
C VAL J 624 22.52 49.56 15.33
N PHE J 625 23.57 49.02 15.95
CA PHE J 625 24.84 48.80 15.26
C PHE J 625 24.69 47.76 14.16
N LEU J 626 23.97 46.66 14.42
CA LEU J 626 23.72 45.68 13.38
C LEU J 626 22.66 46.15 12.39
N GLY J 627 21.73 47.00 12.83
CA GLY J 627 20.71 47.53 11.95
C GLY J 627 21.24 48.54 10.95
N LEU J 628 22.40 49.14 11.23
CA LEU J 628 22.99 50.09 10.29
C LEU J 628 23.59 49.37 9.09
N PHE J 629 24.16 48.18 9.30
CA PHE J 629 24.65 47.38 8.19
C PHE J 629 23.51 46.90 7.30
N TRP J 630 22.40 46.52 7.91
CA TRP J 630 21.27 45.97 7.16
C TRP J 630 20.49 47.06 6.46
N MET J 631 20.43 48.26 7.04
CA MET J 631 19.90 49.41 6.31
C MET J 631 20.78 49.73 5.11
N TYR J 632 22.09 49.66 5.28
CA TYR J 632 23.02 49.92 4.19
C TYR J 632 22.87 48.88 3.08
N ASN J 633 22.73 47.61 3.45
CA ASN J 633 22.53 46.55 2.48
C ASN J 633 21.18 46.69 1.77
N SER J 634 20.17 47.16 2.50
CA SER J 634 18.84 47.32 1.91
C SER J 634 18.82 48.49 0.92
N LEU J 635 19.37 49.63 1.30
CA LEU J 635 19.29 50.82 0.46
C LEU J 635 20.29 50.81 -0.68
N SER J 636 21.34 50.00 -0.60
CA SER J 636 22.26 49.87 -1.73
C SER J 636 21.59 49.17 -2.89
N ILE J 637 20.78 48.15 -2.60
CA ILE J 637 20.05 47.45 -3.65
C ILE J 637 18.92 48.32 -4.19
N VAL J 638 18.39 49.22 -3.36
CA VAL J 638 17.33 50.13 -3.80
C VAL J 638 17.86 51.12 -4.83
N ILE J 639 19.01 51.74 -4.54
CA ILE J 639 19.59 52.68 -5.49
C ILE J 639 20.25 51.97 -6.66
N PHE J 640 20.63 50.70 -6.51
CA PHE J 640 21.15 49.94 -7.64
C PHE J 640 20.01 49.52 -8.57
N HIS J 641 18.86 49.19 -7.99
CA HIS J 641 17.65 48.96 -8.79
C HIS J 641 17.24 50.22 -9.54
N PHE J 642 17.35 51.38 -8.90
CA PHE J 642 17.01 52.63 -9.58
C PHE J 642 17.99 52.94 -10.70
N PHE J 643 19.29 52.80 -10.43
CA PHE J 643 20.32 53.23 -11.39
C PHE J 643 20.33 52.35 -12.63
N TRP J 644 20.09 51.05 -12.47
CA TRP J 644 20.09 50.19 -13.64
C TRP J 644 18.79 50.33 -14.43
N LYS J 645 17.64 50.34 -13.76
CA LYS J 645 16.36 50.35 -14.47
C LYS J 645 16.10 51.66 -15.20
N MET J 646 16.58 52.79 -14.66
CA MET J 646 16.40 54.06 -15.36
C MET J 646 17.31 54.14 -16.59
N GLN J 647 18.54 53.63 -16.49
CA GLN J 647 19.44 53.61 -17.63
C GLN J 647 18.96 52.62 -18.69
N SER J 648 18.30 51.54 -18.28
CA SER J 648 17.96 50.46 -19.19
C SER J 648 16.60 50.65 -19.85
N ASP J 649 15.60 51.16 -19.13
CA ASP J 649 14.24 51.19 -19.65
C ASP J 649 13.63 52.58 -19.71
N VAL J 650 14.29 53.62 -19.17
CA VAL J 650 13.69 54.95 -19.20
C VAL J 650 14.57 55.93 -19.93
N TRP J 651 15.77 56.18 -19.41
CA TRP J 651 16.63 57.24 -19.93
C TRP J 651 17.23 56.83 -21.27
N GLY J 652 17.50 57.82 -22.11
CA GLY J 652 18.16 57.56 -23.37
C GLY J 652 17.96 58.65 -24.40
N THR J 653 17.78 58.26 -25.65
CA THR J 653 17.71 59.18 -26.77
C THR J 653 16.63 58.73 -27.73
N VAL J 654 15.72 59.65 -28.08
CA VAL J 654 14.82 59.45 -29.20
C VAL J 654 15.57 59.82 -30.47
N GLY J 655 15.76 58.85 -31.35
CA GLY J 655 16.48 59.09 -32.58
C GLY J 655 15.65 59.86 -33.59
N ALA J 656 16.32 60.21 -34.70
CA ALA J 656 15.62 60.83 -35.81
C ALA J 656 14.68 59.86 -36.53
N ASP J 657 14.90 58.56 -36.37
CA ASP J 657 13.96 57.57 -36.88
C ASP J 657 12.64 57.62 -36.13
N GLY J 658 12.70 57.85 -34.82
CA GLY J 658 11.55 57.72 -33.94
C GLY J 658 11.67 56.60 -32.93
N THR J 659 12.80 55.91 -32.89
CA THR J 659 13.03 54.79 -31.99
C THR J 659 13.90 55.24 -30.82
N ILE J 660 13.66 54.62 -29.66
CA ILE J 660 14.34 54.96 -28.43
C ILE J 660 15.52 54.03 -28.24
N SER J 661 16.72 54.61 -28.09
CA SER J 661 17.93 53.86 -27.75
C SER J 661 18.31 54.25 -26.33
N HIS J 662 18.10 53.33 -25.39
CA HIS J 662 18.38 53.59 -23.99
C HIS J 662 19.89 53.57 -23.73
N ILE J 663 20.26 53.87 -22.48
CA ILE J 663 21.68 54.02 -22.14
C ILE J 663 22.38 52.67 -22.12
N THR J 664 21.80 51.69 -21.44
CA THR J 664 22.34 50.34 -21.45
C THR J 664 21.53 49.39 -22.33
N GLY J 665 20.60 49.93 -23.13
CA GLY J 665 20.00 49.17 -24.21
C GLY J 665 18.98 48.12 -23.83
N GLY J 666 18.26 48.31 -22.73
CA GLY J 666 17.20 47.38 -22.38
C GLY J 666 17.67 46.08 -21.79
N ASN J 667 18.82 46.04 -21.14
CA ASN J 667 19.39 44.80 -20.66
C ASN J 667 18.98 44.44 -19.23
N PHE J 668 18.11 45.24 -18.60
CA PHE J 668 17.66 44.93 -17.24
C PHE J 668 16.78 43.69 -17.20
N ALA J 669 15.98 43.46 -18.24
CA ALA J 669 15.01 42.36 -18.21
C ALA J 669 15.68 41.00 -18.26
N GLN J 670 16.83 40.89 -18.94
CA GLN J 670 17.48 39.60 -19.10
C GLN J 670 18.72 39.43 -18.23
N ALA J 671 19.37 40.51 -17.81
CA ALA J 671 20.62 40.39 -17.07
C ALA J 671 20.47 40.64 -15.58
N SER J 672 19.47 41.38 -15.13
CA SER J 672 19.35 41.65 -13.71
C SER J 672 18.72 40.50 -12.93
N ILE J 673 18.42 39.37 -13.58
CA ILE J 673 17.79 38.24 -12.90
C ILE J 673 18.80 37.26 -12.32
N THR J 674 20.09 37.48 -12.56
CA THR J 674 21.14 36.66 -11.97
C THR J 674 22.10 37.55 -11.19
N ASN J 675 22.85 36.92 -10.27
CA ASN J 675 23.92 37.62 -9.59
C ASN J 675 25.09 37.91 -10.52
N ASN J 676 25.31 37.05 -11.51
CA ASN J 676 26.38 37.26 -12.48
C ASN J 676 26.08 38.46 -13.38
N GLY J 677 24.82 38.71 -13.69
CA GLY J 677 24.49 39.86 -14.50
C GLY J 677 24.63 41.17 -13.75
N TRP J 678 24.32 41.17 -12.44
CA TRP J 678 24.59 42.33 -11.62
C TRP J 678 26.08 42.57 -11.46
N LEU J 679 26.87 41.49 -11.45
CA LEU J 679 28.31 41.64 -11.33
C LEU J 679 28.93 42.13 -12.63
N ARG J 680 28.50 41.57 -13.76
CA ARG J 680 29.11 41.85 -15.05
C ARG J 680 28.50 43.04 -15.75
N ASP J 681 27.18 43.08 -15.89
CA ASP J 681 26.54 44.12 -16.68
C ASP J 681 26.27 45.40 -15.89
N PHE J 682 26.16 45.31 -14.57
CA PHE J 682 25.99 46.51 -13.75
C PHE J 682 27.30 46.94 -13.10
N LEU J 683 27.93 46.05 -12.34
CA LEU J 683 29.09 46.49 -11.55
C LEU J 683 30.36 46.57 -12.39
N TRP J 684 30.63 45.57 -13.22
CA TRP J 684 31.86 45.59 -14.02
C TRP J 684 31.76 46.55 -15.20
N ALA J 685 30.60 46.59 -15.86
CA ALA J 685 30.47 47.36 -17.09
C ALA J 685 30.36 48.85 -16.80
N GLN J 686 29.52 49.23 -15.84
CA GLN J 686 29.24 50.63 -15.60
C GLN J 686 30.29 51.34 -14.77
N ALA J 687 31.26 50.62 -14.21
CA ALA J 687 32.34 51.23 -13.46
C ALA J 687 33.54 51.57 -14.33
N SER J 688 33.41 51.48 -15.66
CA SER J 688 34.51 51.84 -16.54
C SER J 688 34.74 53.35 -16.60
N GLN J 689 33.70 54.14 -16.29
CA GLN J 689 33.88 55.59 -16.24
C GLN J 689 34.67 56.02 -15.01
N VAL J 690 34.47 55.33 -13.89
CA VAL J 690 35.11 55.76 -12.65
C VAL J 690 36.55 55.24 -12.57
N ILE J 691 36.87 54.14 -13.26
CA ILE J 691 38.25 53.63 -13.24
C ILE J 691 39.06 54.12 -14.43
N GLY J 692 38.40 54.66 -15.46
CA GLY J 692 39.11 55.23 -16.59
C GLY J 692 39.10 56.74 -16.54
N SER J 693 39.03 57.28 -15.33
CA SER J 693 38.92 58.72 -15.12
C SER J 693 40.25 59.37 -14.76
N TYR J 694 41.30 58.58 -14.55
CA TYR J 694 42.61 59.12 -14.19
C TYR J 694 43.19 59.93 -15.34
N GLY J 695 43.67 61.14 -15.03
CA GLY J 695 44.19 62.01 -16.06
C GLY J 695 43.12 62.80 -16.79
N SER J 696 41.96 62.99 -16.18
CA SER J 696 40.88 63.77 -16.77
C SER J 696 40.24 64.60 -15.67
N ALA J 697 39.08 65.19 -15.98
CA ALA J 697 38.41 66.06 -15.03
C ALA J 697 37.56 65.29 -14.03
N LEU J 698 37.23 64.03 -14.32
CA LEU J 698 36.50 63.18 -13.40
C LEU J 698 37.42 62.37 -12.50
N SER J 699 38.68 62.76 -12.38
CA SER J 699 39.67 61.97 -11.67
C SER J 699 39.50 62.01 -10.16
N ALA J 700 38.81 63.03 -9.63
CA ALA J 700 38.51 63.05 -8.21
C ALA J 700 37.53 61.94 -7.84
N TYR J 701 36.63 61.58 -8.77
CA TYR J 701 35.77 60.43 -8.55
C TYR J 701 36.56 59.14 -8.57
N GLY J 702 37.58 59.05 -9.43
CA GLY J 702 38.42 57.87 -9.45
C GLY J 702 39.27 57.73 -8.20
N LEU J 703 39.67 58.86 -7.60
CA LEU J 703 40.39 58.81 -6.33
C LEU J 703 39.45 58.46 -5.18
N PHE J 704 38.24 59.03 -5.20
CA PHE J 704 37.25 58.73 -4.17
C PHE J 704 36.70 57.32 -4.29
N PHE J 705 36.77 56.73 -5.48
CA PHE J 705 36.37 55.33 -5.66
C PHE J 705 37.30 54.39 -4.92
N LEU J 706 38.61 54.61 -5.07
CA LEU J 706 39.59 53.79 -4.37
C LEU J 706 39.68 54.16 -2.90
N ALA J 707 39.40 55.41 -2.56
CA ALA J 707 39.41 55.82 -1.15
C ALA J 707 38.26 55.19 -0.39
N GLY J 708 37.10 55.06 -1.03
CA GLY J 708 35.99 54.36 -0.40
C GLY J 708 36.24 52.87 -0.28
N HIS J 709 37.01 52.29 -1.20
CA HIS J 709 37.40 50.91 -1.08
C HIS J 709 38.37 50.70 0.08
N PHE J 710 39.20 51.71 0.37
CA PHE J 710 40.17 51.61 1.45
C PHE J 710 39.50 51.60 2.81
N ILE J 711 38.54 52.51 3.03
CA ILE J 711 37.91 52.67 4.34
C ILE J 711 37.00 51.49 4.64
N PHE J 712 36.47 50.83 3.60
CA PHE J 712 35.70 49.61 3.81
C PHE J 712 36.58 48.49 4.36
N GLY J 713 37.75 48.26 3.75
CA GLY J 713 38.65 47.27 4.26
C GLY J 713 39.28 47.66 5.58
N PHE J 714 39.47 48.97 5.79
CA PHE J 714 40.00 49.47 7.05
C PHE J 714 39.01 49.29 8.19
N SER J 715 37.71 49.33 7.89
CA SER J 715 36.68 49.16 8.93
C SER J 715 36.66 47.75 9.47
N LEU J 716 37.08 46.76 8.67
CA LEU J 716 37.02 45.38 9.11
C LEU J 716 38.07 45.04 10.16
N MET J 717 39.09 45.89 10.33
CA MET J 717 40.01 45.73 11.46
C MET J 717 39.28 45.96 12.77
N PHE J 718 38.39 46.95 12.81
CA PHE J 718 37.66 47.25 14.03
C PHE J 718 36.49 46.28 14.26
N LEU J 719 35.89 45.79 13.17
CA LEU J 719 34.72 44.94 13.32
C LEU J 719 35.10 43.49 13.64
N PHE J 720 36.23 43.01 13.13
CA PHE J 720 36.55 41.60 13.28
C PHE J 720 37.40 41.31 14.51
N SER J 721 38.11 42.31 15.03
CA SER J 721 39.03 42.12 16.14
C SER J 721 38.38 42.60 17.44
N GLY J 722 39.11 42.37 18.54
CA GLY J 722 38.65 42.82 19.84
C GLY J 722 39.76 43.56 20.57
N ARG J 723 39.36 44.35 21.55
CA ARG J 723 40.27 45.28 22.23
C ARG J 723 41.26 44.61 23.17
N GLY J 724 41.04 43.33 23.53
CA GLY J 724 42.00 42.64 24.37
C GLY J 724 43.30 42.39 23.66
N TYR J 725 43.26 42.15 22.35
CA TYR J 725 44.50 42.08 21.57
C TYR J 725 45.21 43.42 21.56
N TRP J 726 44.46 44.50 21.32
CA TRP J 726 45.06 45.81 21.11
C TRP J 726 45.59 46.40 22.40
N GLN J 727 45.00 46.03 23.55
CA GLN J 727 45.53 46.51 24.81
C GLN J 727 46.84 45.81 25.16
N GLU J 728 46.97 44.51 24.83
CA GLU J 728 48.25 43.85 25.06
C GLU J 728 49.27 44.21 23.98
N LEU J 729 48.84 44.73 22.84
CA LEU J 729 49.81 45.23 21.89
C LEU J 729 50.35 46.58 22.33
N ILE J 730 49.51 47.37 23.01
CA ILE J 730 49.90 48.72 23.42
C ILE J 730 50.95 48.69 24.52
N GLU J 731 50.97 47.65 25.37
CA GLU J 731 51.85 47.65 26.55
C GLU J 731 53.31 47.54 26.13
N SER J 732 53.56 46.93 24.98
CA SER J 732 54.92 46.82 24.45
C SER J 732 55.38 48.13 23.85
N ILE J 733 54.48 48.87 23.21
CA ILE J 733 54.82 50.20 22.70
C ILE J 733 54.90 51.21 23.85
N VAL J 734 54.06 51.03 24.89
CA VAL J 734 54.21 51.81 26.12
C VAL J 734 55.56 51.50 26.77
N TRP J 735 56.01 50.25 26.69
CA TRP J 735 57.32 49.87 27.21
C TRP J 735 58.45 50.57 26.44
N ALA J 736 58.33 50.65 25.12
CA ALA J 736 59.38 51.28 24.33
C ALA J 736 59.38 52.80 24.47
N HIS J 737 58.21 53.40 24.74
CA HIS J 737 58.17 54.82 25.03
C HIS J 737 58.71 55.15 26.40
N ASN J 738 58.70 54.18 27.32
CA ASN J 738 59.18 54.45 28.67
C ASN J 738 60.69 54.27 28.77
N LYS J 739 61.26 53.43 27.90
CA LYS J 739 62.71 53.25 27.87
C LYS J 739 63.43 54.45 27.26
N LEU J 740 62.73 55.31 26.53
CA LEU J 740 63.32 56.55 26.04
C LEU J 740 62.76 57.78 26.74
N LYS J 741 62.10 57.58 27.89
CA LYS J 741 61.80 58.62 28.88
C LYS J 741 60.87 59.70 28.36
N ILE J 742 59.97 59.35 27.43
CA ILE J 742 59.12 60.35 26.78
C ILE J 742 57.66 60.06 27.07
N THR J 743 57.37 59.54 28.26
CA THR J 743 56.01 59.18 28.63
C THR J 743 55.13 60.40 28.83
N THR J 744 53.83 60.21 28.59
CA THR J 744 52.81 61.22 28.84
C THR J 744 51.93 60.79 30.00
N ALA J 745 51.18 61.76 30.54
CA ALA J 745 50.37 61.49 31.73
C ALA J 745 49.09 60.73 31.37
N ILE J 746 48.41 61.15 30.32
CA ILE J 746 47.18 60.48 29.90
C ILE J 746 47.55 59.11 29.33
N GLN J 747 46.98 58.09 29.91
CA GLN J 747 47.49 56.74 29.79
C GLN J 747 46.91 56.05 28.55
N PRO J 748 47.75 55.44 27.70
CA PRO J 748 47.30 54.96 26.38
C PRO J 748 46.47 53.69 26.51
N ARG J 749 45.19 53.80 26.17
CA ARG J 749 44.27 52.69 26.22
C ARG J 749 43.79 52.35 24.81
N ALA J 750 43.45 51.09 24.60
CA ALA J 750 42.71 50.72 23.41
C ALA J 750 41.29 51.27 23.51
N LEU J 751 40.63 51.37 22.36
CA LEU J 751 39.23 51.78 22.34
C LEU J 751 38.38 50.75 23.05
N SER J 752 37.26 51.20 23.61
CA SER J 752 36.36 50.29 24.29
C SER J 752 35.66 49.38 23.27
N ILE J 753 34.93 48.39 23.80
CA ILE J 753 34.24 47.43 22.95
C ILE J 753 33.14 48.11 22.15
N THR J 754 32.45 49.07 22.76
CA THR J 754 31.45 49.82 22.04
C THR J 754 32.06 50.86 21.12
N GLN J 755 33.21 51.43 21.49
CA GLN J 755 33.89 52.36 20.60
C GLN J 755 34.42 51.67 19.36
N GLY J 756 34.96 50.46 19.52
CA GLY J 756 35.45 49.71 18.36
C GLY J 756 34.35 49.26 17.43
N ARG J 757 33.14 49.04 17.96
CA ARG J 757 32.00 48.75 17.10
C ARG J 757 31.49 50.01 16.41
N ALA J 758 31.52 51.15 17.11
CA ALA J 758 31.05 52.40 16.53
C ALA J 758 32.00 52.91 15.46
N VAL J 759 33.31 52.74 15.67
CA VAL J 759 34.29 53.13 14.66
C VAL J 759 34.19 52.21 13.45
N GLY J 760 33.98 50.91 13.68
CA GLY J 760 33.93 49.97 12.58
C GLY J 760 32.68 50.13 11.72
N VAL J 761 31.55 50.46 12.33
CA VAL J 761 30.34 50.64 11.53
C VAL J 761 30.36 52.01 10.84
N ALA J 762 31.02 53.02 11.41
CA ALA J 762 31.05 54.33 10.78
C ALA J 762 31.97 54.31 9.56
N HIS J 763 33.10 53.62 9.65
CA HIS J 763 34.00 53.52 8.51
C HIS J 763 33.48 52.55 7.45
N TYR J 764 32.69 51.56 7.84
CA TYR J 764 32.05 50.67 6.87
C TYR J 764 31.04 51.43 6.03
N LEU J 765 30.20 52.22 6.68
CA LEU J 765 29.17 52.96 5.96
C LEU J 765 29.77 54.09 5.14
N LEU J 766 30.81 54.75 5.67
CA LEU J 766 31.50 55.78 4.91
C LEU J 766 32.22 55.19 3.71
N GLY J 767 32.86 54.03 3.89
CA GLY J 767 33.59 53.42 2.79
C GLY J 767 32.69 52.94 1.68
N GLY J 768 31.54 52.36 2.03
CA GLY J 768 30.64 51.85 1.03
C GLY J 768 29.84 52.90 0.29
N ILE J 769 29.44 53.97 0.98
CA ILE J 769 28.59 54.99 0.37
C ILE J 769 29.41 55.90 -0.55
N VAL J 770 30.64 56.24 -0.14
CA VAL J 770 31.54 57.04 -0.96
C VAL J 770 31.91 56.31 -2.25
N THR J 771 32.04 54.98 -2.18
CA THR J 771 32.30 54.18 -3.37
C THR J 771 31.14 54.24 -4.35
N THR J 772 29.91 54.08 -3.85
CA THR J 772 28.73 54.19 -4.69
C THR J 772 28.55 55.62 -5.20
N TRP J 773 28.89 56.60 -4.37
CA TRP J 773 28.78 58.01 -4.77
C TRP J 773 29.76 58.35 -5.89
N ALA J 774 30.98 57.83 -5.81
CA ALA J 774 31.95 58.07 -6.88
C ALA J 774 31.59 57.30 -8.14
N PHE J 775 31.00 56.11 -7.99
CA PHE J 775 30.61 55.31 -9.14
C PHE J 775 29.37 55.89 -9.81
N PHE J 776 28.43 56.42 -9.02
CA PHE J 776 27.22 57.00 -9.60
C PHE J 776 27.52 58.30 -10.32
N LEU J 777 28.41 59.11 -9.77
CA LEU J 777 28.61 60.46 -10.27
C LEU J 777 29.66 60.55 -11.37
N ALA J 778 30.58 59.59 -11.46
CA ALA J 778 31.52 59.59 -12.58
C ALA J 778 30.86 59.07 -13.85
N ARG J 779 29.97 58.09 -13.71
CA ARG J 779 29.28 57.55 -14.88
C ARG J 779 28.29 58.57 -15.44
N MET J 780 27.54 59.23 -14.56
CA MET J 780 26.51 60.16 -15.00
C MET J 780 27.06 61.50 -15.46
N ALA J 781 28.25 61.90 -14.99
CA ALA J 781 28.86 63.11 -15.52
C ALA J 781 29.55 62.89 -16.86
N ALA J 782 29.74 61.64 -17.27
CA ALA J 782 30.35 61.32 -18.56
C ALA J 782 29.31 61.06 -19.64
N ILE J 783 28.33 60.21 -19.37
CA ILE J 783 27.37 59.77 -20.38
C ILE J 783 25.95 60.22 -20.09
N GLY J 784 25.68 60.79 -18.91
CA GLY J 784 24.32 61.19 -18.58
C GLY J 784 23.92 62.54 -19.15
N ALA K 2 23.47 10.57 30.06
CA ALA K 2 24.18 11.36 29.05
C ALA K 2 24.28 10.58 27.74
N THR K 3 24.85 11.22 26.73
CA THR K 3 25.09 10.56 25.46
C THR K 3 26.43 9.85 25.50
N LYS K 4 26.61 8.90 24.57
CA LYS K 4 27.89 8.22 24.46
C LYS K 4 28.89 9.05 23.66
N PHE K 5 28.42 9.81 22.70
CA PHE K 5 29.27 10.67 21.88
C PHE K 5 29.45 12.02 22.55
N PRO K 6 30.67 12.55 22.63
CA PRO K 6 31.93 11.90 22.23
C PRO K 6 32.54 11.05 23.34
N LYS K 7 33.17 9.93 22.99
CA LYS K 7 33.69 9.03 24.02
C LYS K 7 34.95 9.55 24.70
N PHE K 8 35.59 10.59 24.16
CA PHE K 8 36.85 11.07 24.69
C PHE K 8 36.70 12.22 25.68
N SER K 9 35.48 12.73 25.88
CA SER K 9 35.26 13.88 26.76
C SER K 9 33.97 13.63 27.52
N GLN K 10 34.08 13.34 28.81
CA GLN K 10 32.87 13.08 29.60
C GLN K 10 32.12 14.38 29.86
N ASP K 11 32.82 15.52 29.90
CA ASP K 11 32.10 16.78 30.11
C ASP K 11 31.35 17.21 28.86
N LEU K 12 31.79 16.78 27.68
CA LEU K 12 31.01 17.04 26.48
C LEU K 12 29.83 16.10 26.36
N GLN K 13 29.92 14.90 26.97
CA GLN K 13 28.80 13.97 26.96
C GLN K 13 27.61 14.48 27.74
N ARG K 14 27.86 15.24 28.81
CA ARG K 14 26.80 15.77 29.65
C ARG K 14 26.31 17.14 29.20
N ASP K 15 26.92 17.70 28.16
CA ASP K 15 26.42 18.91 27.52
C ASP K 15 25.05 18.62 26.91
N PRO K 16 23.99 19.32 27.33
CA PRO K 16 22.65 19.05 26.78
C PRO K 16 22.28 19.87 25.55
N THR K 17 23.20 20.64 24.99
CA THR K 17 22.89 21.56 23.91
C THR K 17 23.51 21.07 22.60
N THR K 18 23.32 21.86 21.54
CA THR K 18 23.94 21.58 20.25
C THR K 18 25.42 21.93 20.23
N ARG K 19 25.93 22.56 21.28
CA ARG K 19 27.36 22.82 21.43
C ARG K 19 28.17 21.54 21.60
N ARG K 20 27.54 20.45 22.07
CA ARG K 20 28.22 19.17 22.25
C ARG K 20 28.72 18.62 20.92
N LEU K 21 27.93 18.75 19.86
CA LEU K 21 28.27 18.13 18.58
C LEU K 21 29.39 18.89 17.88
N PHE K 22 29.38 20.22 17.98
CA PHE K 22 30.41 21.02 17.31
C PHE K 22 31.73 20.95 18.04
N TYR K 23 31.72 20.97 19.37
CA TYR K 23 32.95 20.90 20.14
C TYR K 23 33.55 19.51 20.13
N ALA K 24 32.75 18.48 19.84
CA ALA K 24 33.30 17.14 19.70
C ALA K 24 34.10 16.99 18.42
N ILE K 25 33.69 17.69 17.36
CA ILE K 25 34.48 17.71 16.13
C ILE K 25 35.82 18.40 16.36
N ALA K 26 35.78 19.63 16.86
CA ALA K 26 36.96 20.48 16.93
C ALA K 26 37.98 20.04 17.97
N THR K 27 37.64 19.09 18.85
CA THR K 27 38.58 18.56 19.83
C THR K 27 38.84 17.07 19.62
N ALA K 28 38.45 16.51 18.47
CA ALA K 28 38.54 15.07 18.27
C ALA K 28 39.98 14.61 18.07
N HIS K 29 40.84 15.47 17.54
CA HIS K 29 42.22 15.12 17.28
C HIS K 29 43.19 15.80 18.25
N ASP K 30 42.67 16.36 19.34
CA ASP K 30 43.49 16.89 20.43
C ASP K 30 43.59 15.82 21.51
N PHE K 31 44.50 14.87 21.29
CA PHE K 31 44.51 13.64 22.06
C PHE K 31 44.90 13.85 23.53
N GLU K 32 45.73 14.86 23.82
CA GLU K 32 46.18 15.09 25.19
C GLU K 32 45.09 15.56 26.13
N SER K 33 44.07 16.27 25.63
CA SER K 33 42.96 16.71 26.45
C SER K 33 41.86 15.67 26.59
N HIS K 34 42.09 14.44 26.10
CA HIS K 34 41.06 13.43 26.18
C HIS K 34 41.09 12.75 27.55
N ASP K 35 39.99 12.07 27.86
CA ASP K 35 39.77 11.51 29.19
C ASP K 35 40.69 10.33 29.43
N GLY K 36 41.57 10.46 30.42
CA GLY K 36 42.43 9.36 30.81
C GLY K 36 43.53 9.02 29.83
N MET K 37 43.94 9.99 29.01
CA MET K 37 44.99 9.76 28.04
C MET K 37 46.33 9.69 28.76
N SER K 38 46.85 8.49 28.92
CA SER K 38 48.21 8.35 29.43
C SER K 38 49.19 8.79 28.34
N GLU K 39 50.34 9.29 28.78
CA GLU K 39 51.32 9.91 27.90
C GLU K 39 51.98 8.92 26.94
N GLU K 40 51.97 7.63 27.30
CA GLU K 40 52.48 6.60 26.40
C GLU K 40 51.44 6.19 25.36
N ASN K 41 50.15 6.17 25.75
CA ASN K 41 49.05 5.90 24.83
C ASN K 41 48.85 7.04 23.85
N LEU K 42 49.33 8.24 24.19
CA LEU K 42 49.28 9.38 23.28
C LEU K 42 50.15 9.14 22.05
N TYR K 43 51.37 8.63 22.26
CA TYR K 43 52.29 8.42 21.15
C TYR K 43 51.85 7.28 20.25
N GLN K 44 51.18 6.26 20.80
CA GLN K 44 50.78 5.12 19.99
C GLN K 44 49.59 5.45 19.10
N ARG K 45 48.70 6.34 19.55
CA ARG K 45 47.59 6.73 18.71
C ARG K 45 48.00 7.74 17.65
N ILE K 46 49.02 8.56 17.93
CA ILE K 46 49.57 9.46 16.92
C ILE K 46 50.27 8.66 15.83
N PHE K 47 51.00 7.61 16.23
CA PHE K 47 51.72 6.76 15.28
C PHE K 47 50.75 6.03 14.34
N ALA K 48 49.63 5.55 14.87
CA ALA K 48 48.63 4.90 14.03
C ALA K 48 47.81 5.90 13.21
N SER K 49 47.65 7.12 13.71
CA SER K 49 46.99 8.15 12.91
C SER K 49 47.88 8.60 11.77
N HIS K 50 49.20 8.54 11.96
CA HIS K 50 50.13 8.89 10.90
C HIS K 50 50.12 7.86 9.78
N PHE K 51 49.87 6.58 10.11
CA PHE K 51 49.69 5.57 9.08
C PHE K 51 48.37 5.76 8.33
N GLY K 52 47.36 6.29 9.00
CA GLY K 52 46.11 6.57 8.33
C GLY K 52 46.20 7.75 7.39
N HIS K 53 47.00 8.76 7.75
CA HIS K 53 47.20 9.89 6.87
C HIS K 53 48.08 9.53 5.67
N LEU K 54 49.00 8.58 5.86
CA LEU K 54 49.83 8.12 4.75
C LEU K 54 49.01 7.35 3.73
N ALA K 55 48.04 6.57 4.20
CA ALA K 55 47.21 5.78 3.29
C ALA K 55 46.23 6.66 2.52
N ILE K 56 45.81 7.77 3.11
CA ILE K 56 44.94 8.72 2.41
C ILE K 56 45.71 9.41 1.30
N ILE K 57 46.99 9.70 1.53
CA ILE K 57 47.84 10.33 0.51
C ILE K 57 48.06 9.37 -0.66
N PHE K 58 48.34 8.10 -0.36
CA PHE K 58 48.55 7.13 -1.43
C PHE K 58 47.27 6.79 -2.17
N LEU K 59 46.12 6.83 -1.48
CA LEU K 59 44.85 6.64 -2.18
C LEU K 59 44.50 7.84 -3.04
N TRP K 60 44.98 9.02 -2.65
CA TRP K 60 44.69 10.24 -3.40
C TRP K 60 45.43 10.26 -4.73
N ILE K 61 46.73 9.90 -4.71
CA ILE K 61 47.50 9.87 -5.95
C ILE K 61 47.12 8.65 -6.79
N SER K 62 46.64 7.57 -6.16
CA SER K 62 46.15 6.42 -6.90
C SER K 62 44.87 6.75 -7.65
N GLY K 63 44.06 7.67 -7.13
CA GLY K 63 42.86 8.09 -7.83
C GLY K 63 43.13 9.06 -8.94
N ILE K 64 44.17 9.89 -8.79
CA ILE K 64 44.59 10.77 -9.88
C ILE K 64 45.10 9.95 -11.05
N LEU K 65 45.90 8.92 -10.76
CA LEU K 65 46.41 8.05 -11.82
C LEU K 65 45.31 7.22 -12.45
N PHE K 66 44.32 6.80 -11.66
CA PHE K 66 43.24 5.97 -12.20
C PHE K 66 42.34 6.77 -13.12
N HIS K 67 42.01 8.02 -12.74
CA HIS K 67 41.08 8.80 -13.54
C HIS K 67 41.72 9.36 -14.81
N VAL K 68 43.03 9.54 -14.83
CA VAL K 68 43.71 9.89 -16.08
C VAL K 68 43.77 8.68 -17.00
N ALA K 69 44.05 7.49 -16.45
CA ALA K 69 44.14 6.29 -17.25
C ALA K 69 42.77 5.87 -17.79
N TRP K 70 41.70 6.19 -17.07
CA TRP K 70 40.35 5.80 -17.45
C TRP K 70 39.68 6.84 -18.34
N GLN K 71 39.78 8.12 -17.98
CA GLN K 71 39.00 9.16 -18.63
C GLN K 71 39.84 10.28 -19.23
N GLY K 72 41.16 10.27 -19.07
CA GLY K 72 42.01 11.32 -19.58
C GLY K 72 42.44 11.05 -21.02
N ASN K 73 43.42 11.84 -21.45
CA ASN K 73 43.94 11.78 -22.81
C ASN K 73 45.46 11.75 -22.80
N PHE K 74 46.05 10.92 -21.92
CA PHE K 74 47.49 10.95 -21.69
C PHE K 74 48.27 10.43 -22.89
N GLU K 75 47.76 9.38 -23.54
CA GLU K 75 48.45 8.87 -24.73
C GLU K 75 48.28 9.80 -25.94
N GLN K 76 47.21 10.60 -25.97
CA GLN K 76 47.06 11.59 -27.02
C GLN K 76 47.83 12.86 -26.73
N TRP K 77 48.07 13.16 -25.45
CA TRP K 77 48.73 14.41 -25.07
C TRP K 77 50.24 14.33 -25.27
N ILE K 78 50.83 13.14 -25.13
CA ILE K 78 52.28 12.99 -25.27
C ILE K 78 52.76 13.02 -26.71
N GLN K 79 51.85 13.06 -27.68
CA GLN K 79 52.23 13.22 -29.08
C GLN K 79 52.73 14.64 -29.32
N ASP K 80 51.95 15.64 -28.90
CA ASP K 80 52.34 17.04 -28.98
C ASP K 80 51.85 17.68 -27.70
N PRO K 81 52.68 17.79 -26.66
CA PRO K 81 52.22 18.42 -25.41
C PRO K 81 52.02 19.93 -25.51
N LEU K 82 52.42 20.58 -26.59
CA LEU K 82 52.22 22.01 -26.74
C LEU K 82 50.92 22.36 -27.45
N ASN K 83 50.37 21.47 -28.26
CA ASN K 83 49.12 21.71 -28.96
C ASN K 83 47.96 20.91 -28.39
N ASN K 84 48.18 20.16 -27.31
CA ASN K 84 47.14 19.39 -26.66
C ASN K 84 46.87 19.95 -25.27
N SER K 85 45.81 19.44 -24.65
CA SER K 85 45.37 19.92 -23.37
C SER K 85 45.10 18.73 -22.47
N PRO K 86 45.67 18.69 -21.26
CA PRO K 86 45.48 17.53 -20.38
C PRO K 86 44.07 17.50 -19.80
N ILE K 87 43.52 16.29 -19.69
CA ILE K 87 42.17 16.08 -19.18
C ILE K 87 42.28 15.55 -17.76
N ALA K 88 41.57 16.21 -16.83
CA ALA K 88 41.60 15.79 -15.43
C ALA K 88 40.75 14.54 -15.20
N HIS K 89 39.44 14.66 -15.41
CA HIS K 89 38.52 13.54 -15.35
C HIS K 89 37.29 13.90 -16.16
N ALA K 90 36.36 12.97 -16.24
CA ALA K 90 35.11 13.23 -16.95
C ALA K 90 34.11 13.91 -16.04
N ILE K 91 33.09 14.50 -16.65
CA ILE K 91 32.01 15.18 -15.94
C ILE K 91 30.76 14.34 -16.04
N TRP K 92 30.13 14.07 -14.90
CA TRP K 92 28.79 13.49 -14.87
C TRP K 92 27.93 14.37 -13.96
N ASP K 93 27.19 15.28 -14.57
CA ASP K 93 26.27 16.17 -13.87
C ASP K 93 24.99 16.16 -14.70
N ALA K 94 23.97 15.46 -14.21
CA ALA K 94 22.72 15.27 -14.96
C ALA K 94 21.84 16.50 -15.00
N GLN K 95 22.25 17.59 -14.37
CA GLN K 95 21.56 18.86 -14.48
C GLN K 95 22.10 19.73 -15.62
N PHE K 96 23.12 19.24 -16.34
CA PHE K 96 23.67 19.95 -17.49
C PHE K 96 22.64 20.05 -18.62
N GLY K 97 22.60 21.20 -19.27
CA GLY K 97 21.89 21.34 -20.52
C GLY K 97 22.82 21.06 -21.68
N PRO K 98 22.27 20.98 -22.89
CA PRO K 98 23.10 20.73 -24.09
C PRO K 98 24.13 21.82 -24.40
N PRO K 99 23.91 23.11 -24.10
CA PRO K 99 25.05 24.04 -24.25
C PRO K 99 26.17 23.82 -23.25
N ALA K 100 25.88 23.31 -22.05
CA ALA K 100 26.95 23.00 -21.11
C ALA K 100 27.66 21.70 -21.47
N ILE K 101 26.94 20.74 -22.05
CA ILE K 101 27.56 19.51 -22.53
C ILE K 101 28.50 19.79 -23.69
N ALA K 102 28.08 20.68 -24.61
CA ALA K 102 28.94 21.03 -25.73
C ALA K 102 30.14 21.86 -25.31
N ALA K 103 30.00 22.68 -24.27
CA ALA K 103 31.08 23.55 -23.84
C ALA K 103 32.20 22.78 -23.16
N TYR K 104 31.86 21.72 -22.43
CA TYR K 104 32.84 20.96 -21.69
C TYR K 104 33.30 19.71 -22.43
N THR K 105 32.70 19.41 -23.58
CA THR K 105 33.26 18.43 -24.52
C THR K 105 34.39 19.13 -25.26
N GLN K 106 35.56 19.15 -24.62
CA GLN K 106 36.70 19.94 -25.06
C GLN K 106 37.94 19.06 -25.11
N ALA K 107 39.02 19.66 -25.63
CA ALA K 107 40.36 19.05 -25.73
C ALA K 107 40.34 17.74 -26.51
N GLY K 108 39.49 17.67 -27.53
CA GLY K 108 39.41 16.48 -28.36
C GLY K 108 38.74 15.29 -27.71
N ALA K 109 38.00 15.50 -26.62
CA ALA K 109 37.29 14.41 -25.97
C ALA K 109 35.90 14.25 -26.58
N MET K 110 35.29 13.10 -26.33
CA MET K 110 33.95 12.79 -26.82
C MET K 110 32.90 12.79 -25.72
N ASN K 111 33.23 13.39 -24.57
CA ASN K 111 32.32 13.51 -23.44
C ASN K 111 32.74 14.76 -22.67
N PRO K 112 31.88 15.29 -21.80
CA PRO K 112 32.31 16.45 -20.98
C PRO K 112 33.44 16.10 -20.02
N VAL K 113 34.47 16.93 -20.02
CA VAL K 113 35.69 16.70 -19.25
C VAL K 113 36.16 18.00 -18.62
N ASP K 114 37.01 17.87 -17.61
CA ASP K 114 37.74 18.99 -17.04
C ASP K 114 39.15 19.00 -17.59
N ILE K 115 39.70 20.19 -17.79
CA ILE K 115 41.08 20.36 -18.20
C ILE K 115 41.97 20.27 -16.96
N CYS K 116 42.93 19.36 -16.97
CA CYS K 116 43.86 19.25 -15.86
C CYS K 116 44.78 20.47 -15.77
N TYR K 117 44.89 21.05 -14.57
CA TYR K 117 45.78 22.18 -14.33
C TYR K 117 46.77 21.90 -13.21
N SER K 118 46.89 20.66 -12.77
CA SER K 118 47.80 20.31 -11.69
C SER K 118 49.20 19.97 -12.17
N GLY K 119 49.39 19.72 -13.46
CA GLY K 119 50.70 19.42 -13.99
C GLY K 119 51.14 17.98 -13.87
N VAL K 120 50.24 17.07 -13.50
CA VAL K 120 50.64 15.68 -13.33
C VAL K 120 50.91 15.00 -14.67
N TYR K 121 50.40 15.55 -15.78
CA TYR K 121 50.76 15.03 -17.09
C TYR K 121 52.23 15.31 -17.40
N HIS K 122 52.69 16.52 -17.09
CA HIS K 122 54.08 16.89 -17.35
C HIS K 122 55.02 16.16 -16.40
N TRP K 123 54.55 15.80 -15.21
CA TRP K 123 55.38 15.10 -14.24
C TRP K 123 55.53 13.62 -14.61
N TRP K 124 54.43 12.97 -15.01
CA TRP K 124 54.52 11.56 -15.38
C TRP K 124 55.24 11.36 -16.69
N TYR K 125 55.16 12.34 -17.60
CA TYR K 125 55.82 12.23 -18.89
C TYR K 125 57.33 12.29 -18.75
N THR K 126 57.83 13.12 -17.82
CA THR K 126 59.26 13.26 -17.63
C THR K 126 59.85 12.02 -16.97
N ILE K 127 59.14 11.43 -16.01
CA ILE K 127 59.66 10.27 -15.28
C ILE K 127 59.45 8.96 -16.01
N GLY K 128 58.86 8.98 -17.20
CA GLY K 128 58.88 7.83 -18.09
C GLY K 128 57.55 7.16 -18.35
N MET K 129 56.44 7.69 -17.85
CA MET K 129 55.14 7.11 -18.17
C MET K 129 54.79 7.44 -19.62
N ARG K 130 54.33 6.42 -20.36
CA ARG K 130 54.05 6.62 -21.78
C ARG K 130 52.66 6.13 -22.14
N THR K 131 52.15 5.10 -21.46
CA THR K 131 50.88 4.50 -21.80
C THR K 131 49.91 4.59 -20.63
N ASN K 132 48.63 4.38 -20.93
CA ASN K 132 47.62 4.29 -19.89
C ASN K 132 47.73 3.00 -19.10
N ASN K 133 48.40 1.98 -19.64
CA ASN K 133 48.70 0.78 -18.87
C ASN K 133 49.80 1.06 -17.85
N ASP K 134 50.68 2.02 -18.11
CA ASP K 134 51.67 2.43 -17.11
C ASP K 134 51.00 3.12 -15.93
N LEU K 135 50.01 3.98 -16.22
CA LEU K 135 49.33 4.70 -15.15
C LEU K 135 48.39 3.81 -14.36
N PHE K 136 47.91 2.72 -14.97
CA PHE K 136 46.97 1.85 -14.28
C PHE K 136 47.67 1.00 -13.24
N MET K 137 48.79 0.37 -13.61
CA MET K 137 49.54 -0.43 -12.65
C MET K 137 50.22 0.42 -11.59
N GLY K 138 50.51 1.69 -11.91
CA GLY K 138 50.93 2.61 -10.87
C GLY K 138 49.80 2.92 -9.91
N SER K 139 48.56 2.99 -10.43
CA SER K 139 47.40 3.23 -9.58
C SER K 139 47.05 2.00 -8.76
N ILE K 140 47.30 0.80 -9.29
CA ILE K 140 47.04 -0.43 -8.54
C ILE K 140 48.09 -0.63 -7.47
N PHE K 141 49.34 -0.25 -7.76
CA PHE K 141 50.43 -0.39 -6.80
C PHE K 141 50.24 0.53 -5.59
N LEU K 142 49.79 1.75 -5.83
CA LEU K 142 49.49 2.65 -4.71
C LEU K 142 48.19 2.26 -4.02
N LEU K 143 47.32 1.53 -4.70
CA LEU K 143 46.09 1.04 -4.08
C LEU K 143 46.43 -0.07 -3.09
N LEU K 144 47.49 -0.83 -3.34
CA LEU K 144 48.00 -1.83 -2.41
C LEU K 144 48.99 -1.26 -1.41
N LEU K 145 49.71 -0.19 -1.78
CA LEU K 145 50.64 0.44 -0.85
C LEU K 145 49.90 1.16 0.26
N SER K 146 48.76 1.76 -0.05
CA SER K 146 47.92 2.38 0.96
C SER K 146 47.29 1.35 1.89
N SER K 147 46.96 0.16 1.37
CA SER K 147 46.43 -0.90 2.21
C SER K 147 47.51 -1.51 3.10
N VAL K 148 48.79 -1.37 2.73
CA VAL K 148 49.88 -1.75 3.61
C VAL K 148 50.00 -0.73 4.75
N MET K 149 49.78 0.55 4.44
CA MET K 149 49.80 1.60 5.47
C MET K 149 48.62 1.45 6.44
N LEU K 150 47.46 1.02 5.93
CA LEU K 150 46.33 0.76 6.81
C LEU K 150 46.56 -0.48 7.67
N TYR K 151 47.33 -1.44 7.15
CA TYR K 151 47.65 -2.61 7.95
C TYR K 151 48.63 -2.28 9.06
N ALA K 152 49.65 -1.48 8.76
CA ALA K 152 50.67 -1.14 9.75
C ALA K 152 50.13 -0.23 10.84
N GLY K 153 49.10 0.56 10.55
CA GLY K 153 48.46 1.33 11.60
C GLY K 153 47.64 0.45 12.52
N TRP K 154 46.94 -0.53 11.96
CA TRP K 154 46.22 -1.50 12.78
C TRP K 154 47.18 -2.41 13.53
N LEU K 155 48.30 -2.76 12.90
CA LEU K 155 49.24 -3.71 13.50
C LEU K 155 49.95 -3.08 14.70
N HIS K 156 50.42 -1.85 14.55
CA HIS K 156 51.13 -1.19 15.64
C HIS K 156 50.20 -0.61 16.71
N LEU K 157 48.91 -0.96 16.67
CA LEU K 157 47.99 -0.80 17.79
C LEU K 157 47.69 -2.10 18.51
N GLN K 158 48.10 -3.23 17.94
CA GLN K 158 47.94 -4.53 18.61
C GLN K 158 48.89 -4.60 19.80
N PRO K 159 48.49 -5.33 20.86
CA PRO K 159 49.27 -5.27 22.13
C PRO K 159 50.70 -5.79 22.05
N ARG K 160 50.98 -6.75 21.16
CA ARG K 160 52.36 -7.21 21.03
C ARG K 160 53.22 -6.22 20.23
N PHE K 161 52.60 -5.46 19.33
CA PHE K 161 53.33 -4.60 18.40
C PHE K 161 53.23 -3.13 18.76
N ARG K 162 52.58 -2.78 19.86
CA ARG K 162 52.54 -1.40 20.32
C ARG K 162 53.90 -0.99 20.83
N PRO K 163 54.53 0.04 20.26
CA PRO K 163 55.86 0.44 20.73
C PRO K 163 55.79 1.19 22.05
N GLY K 164 56.81 0.97 22.87
CA GLY K 164 56.90 1.65 24.15
C GLY K 164 57.36 3.09 23.99
N LEU K 165 57.33 3.81 25.12
CA LEU K 165 57.64 5.24 25.11
C LEU K 165 59.11 5.51 24.78
N ALA K 166 60.01 4.64 25.23
CA ALA K 166 61.44 4.85 24.97
C ALA K 166 61.79 4.68 23.51
N TRP K 167 61.01 3.90 22.76
CA TRP K 167 61.20 3.80 21.32
C TRP K 167 60.80 5.09 20.63
N PHE K 168 59.76 5.77 21.13
CA PHE K 168 59.30 7.01 20.53
C PHE K 168 60.24 8.17 20.82
N LYS K 169 60.91 8.13 21.96
CA LYS K 169 61.83 9.20 22.36
C LYS K 169 63.24 9.00 21.85
N ASN K 170 63.49 7.92 21.10
CA ASN K 170 64.82 7.67 20.56
C ASN K 170 65.11 8.62 19.40
N ALA K 171 65.59 9.81 19.72
CA ALA K 171 65.81 10.86 18.72
C ALA K 171 67.11 10.71 17.96
N GLU K 172 67.93 9.72 18.29
CA GLU K 172 69.14 9.40 17.54
C GLU K 172 68.93 8.30 16.51
N SER K 173 68.18 7.26 16.88
CA SER K 173 67.89 6.19 15.93
C SER K 173 66.90 6.63 14.86
N ARG K 174 66.07 7.64 15.15
CA ARG K 174 65.16 8.15 14.14
C ARG K 174 65.87 9.13 13.21
N LEU K 175 66.70 10.01 13.76
CA LEU K 175 67.39 11.01 12.95
C LEU K 175 68.48 10.38 12.08
N ASN K 176 69.03 9.24 12.50
CA ASN K 176 69.96 8.52 11.63
C ASN K 176 69.21 7.80 10.52
N HIS K 177 68.13 7.11 10.86
CA HIS K 177 67.38 6.33 9.88
C HIS K 177 66.64 7.21 8.89
N HIS K 178 66.22 8.40 9.30
CA HIS K 178 65.51 9.25 8.38
C HIS K 178 66.45 10.03 7.47
N LEU K 179 67.66 10.33 7.96
CA LEU K 179 68.66 10.98 7.10
C LEU K 179 69.19 10.01 6.05
N ALA K 180 69.54 8.79 6.47
CA ALA K 180 70.19 7.85 5.57
C ALA K 180 69.20 6.99 4.79
N GLY K 181 68.07 6.61 5.39
CA GLY K 181 67.12 5.76 4.72
C GLY K 181 65.99 6.50 4.04
N LEU K 182 65.33 7.40 4.78
CA LEU K 182 64.18 8.11 4.23
C LEU K 182 64.63 9.18 3.24
N PHE K 183 65.74 9.84 3.53
CA PHE K 183 66.25 10.90 2.66
C PHE K 183 67.35 10.42 1.73
N GLY K 184 68.14 9.44 2.13
CA GLY K 184 69.27 9.00 1.33
C GLY K 184 68.98 7.83 0.40
N VAL K 185 68.44 6.74 0.95
CA VAL K 185 68.16 5.55 0.16
C VAL K 185 67.02 5.81 -0.83
N SER K 186 66.04 6.62 -0.43
CA SER K 186 64.96 6.98 -1.35
C SER K 186 65.45 7.90 -2.46
N SER K 187 66.39 8.81 -2.16
CA SER K 187 67.01 9.60 -3.22
C SER K 187 67.98 8.77 -4.04
N LEU K 188 68.53 7.69 -3.48
CA LEU K 188 69.35 6.77 -4.27
C LEU K 188 68.49 5.92 -5.18
N ALA K 189 67.36 5.41 -4.65
CA ALA K 189 66.46 4.62 -5.47
C ALA K 189 65.76 5.46 -6.53
N TRP K 190 65.62 6.77 -6.29
CA TRP K 190 65.03 7.62 -7.33
C TRP K 190 66.01 7.87 -8.46
N THR K 191 67.30 7.97 -8.16
CA THR K 191 68.31 7.99 -9.22
C THR K 191 68.30 6.69 -10.01
N GLY K 192 68.11 5.57 -9.30
CA GLY K 192 67.97 4.28 -9.97
C GLY K 192 66.76 4.19 -10.87
N HIS K 193 65.69 4.92 -10.54
CA HIS K 193 64.58 5.01 -11.49
C HIS K 193 64.91 5.95 -12.63
N LEU K 194 65.67 7.02 -12.36
CA LEU K 194 65.93 8.02 -13.40
C LEU K 194 66.87 7.47 -14.48
N VAL K 195 67.90 6.72 -14.09
CA VAL K 195 68.86 6.25 -15.07
C VAL K 195 68.46 4.92 -15.71
N HIS K 196 67.63 4.12 -15.05
CA HIS K 196 67.19 2.86 -15.65
C HIS K 196 65.91 3.02 -16.47
N VAL K 197 65.05 3.96 -16.11
CA VAL K 197 63.72 4.03 -16.71
C VAL K 197 63.49 5.38 -17.39
N ALA K 198 63.64 6.47 -16.64
CA ALA K 198 63.21 7.77 -17.13
C ALA K 198 64.14 8.32 -18.22
N LEU K 199 65.42 7.98 -18.16
CA LEU K 199 66.33 8.40 -19.22
C LEU K 199 66.21 7.59 -20.51
N PRO K 200 66.02 6.25 -20.51
CA PRO K 200 65.76 5.59 -21.81
C PRO K 200 64.41 5.92 -22.43
N GLU K 201 63.36 6.11 -21.62
CA GLU K 201 62.07 6.49 -22.20
C GLU K 201 62.10 7.91 -22.75
N SER K 202 62.98 8.77 -22.22
CA SER K 202 63.23 10.07 -22.82
C SER K 202 63.99 9.96 -24.14
N ARG K 203 64.65 8.83 -24.40
CA ARG K 203 65.41 8.61 -25.62
C ARG K 203 64.81 7.51 -26.48
N GLY K 204 63.52 7.26 -26.34
CA GLY K 204 62.80 6.38 -27.22
C GLY K 204 62.84 4.91 -26.87
N GLN K 205 63.56 4.51 -25.83
CA GLN K 205 63.70 3.11 -25.46
C GLN K 205 62.71 2.79 -24.35
N HIS K 206 61.81 1.84 -24.62
CA HIS K 206 60.86 1.41 -23.61
C HIS K 206 61.56 0.49 -22.61
N VAL K 207 61.48 0.84 -21.32
CA VAL K 207 62.00 0.03 -20.24
C VAL K 207 60.88 -0.22 -19.26
N GLY K 208 60.42 -1.46 -19.16
CA GLY K 208 59.39 -1.84 -18.22
C GLY K 208 59.85 -2.95 -17.30
N TRP K 209 58.93 -3.56 -16.55
CA TRP K 209 59.31 -4.64 -15.65
C TRP K 209 59.63 -5.93 -16.39
N ASP K 210 59.30 -6.04 -17.68
CA ASP K 210 59.58 -7.24 -18.44
C ASP K 210 60.96 -7.23 -19.09
N ASN K 211 61.56 -6.06 -19.30
CA ASN K 211 62.81 -5.98 -20.04
C ASN K 211 63.86 -5.09 -19.39
N PHE K 212 63.75 -4.82 -18.08
CA PHE K 212 64.76 -3.99 -17.43
C PHE K 212 65.95 -4.77 -16.91
N LEU K 213 65.82 -6.09 -16.76
CA LEU K 213 66.98 -6.91 -16.42
C LEU K 213 67.88 -7.19 -17.61
N SER K 214 67.43 -6.91 -18.83
CA SER K 214 68.24 -7.08 -20.03
C SER K 214 68.94 -5.78 -20.42
N ILE K 215 68.17 -4.69 -20.54
CA ILE K 215 68.69 -3.43 -21.04
C ILE K 215 69.49 -2.73 -19.95
N ARG K 216 70.76 -2.45 -20.25
CA ARG K 216 71.59 -1.68 -19.33
C ARG K 216 71.25 -0.19 -19.42
N PRO K 217 71.46 0.55 -18.32
CA PRO K 217 71.35 2.02 -18.41
C PRO K 217 72.45 2.66 -19.23
N HIS K 218 73.60 2.00 -19.38
CA HIS K 218 74.72 2.57 -20.10
C HIS K 218 75.32 1.54 -21.05
N PRO K 219 75.82 1.99 -22.21
CA PRO K 219 76.58 1.07 -23.09
C PRO K 219 77.80 0.44 -22.43
N GLU K 220 78.57 1.22 -21.68
CA GLU K 220 79.58 0.67 -20.79
C GLU K 220 78.89 0.38 -19.46
N GLY K 221 78.30 -0.80 -19.38
CA GLY K 221 77.42 -1.11 -18.27
C GLY K 221 78.11 -1.46 -16.97
N LEU K 222 78.07 -0.52 -16.02
CA LEU K 222 78.37 -0.67 -14.58
C LEU K 222 79.85 -0.87 -14.28
N ALA K 223 80.66 -1.06 -15.32
CA ALA K 223 82.12 -1.17 -15.20
C ALA K 223 82.85 0.15 -14.99
N PRO K 224 82.45 1.31 -15.57
CA PRO K 224 83.11 2.56 -15.18
C PRO K 224 82.89 2.99 -13.73
N LEU K 225 81.88 2.47 -13.05
CA LEU K 225 81.71 2.78 -11.63
C LEU K 225 82.75 2.07 -10.78
N PHE K 226 83.01 0.79 -11.09
CA PHE K 226 83.95 -0.01 -10.31
C PHE K 226 85.40 0.38 -10.60
N THR K 227 85.72 0.67 -11.85
CA THR K 227 87.08 1.03 -12.23
C THR K 227 87.42 2.49 -11.99
N GLY K 228 86.50 3.24 -11.37
CA GLY K 228 86.79 4.62 -10.99
C GLY K 228 86.82 5.61 -12.13
N ASN K 229 86.45 5.21 -13.35
CA ASN K 229 86.39 6.14 -14.47
C ASN K 229 84.94 6.65 -14.58
N TRP K 230 84.57 7.47 -13.60
CA TRP K 230 83.19 7.93 -13.48
C TRP K 230 82.83 8.96 -14.54
N GLY K 231 83.82 9.57 -15.19
CA GLY K 231 83.57 10.47 -16.32
C GLY K 231 83.05 9.80 -17.57
N ALA K 232 83.06 8.46 -17.61
CA ALA K 232 82.42 7.69 -18.66
C ALA K 232 80.90 7.66 -18.53
N TYR K 233 80.35 8.20 -17.45
CA TYR K 233 78.91 8.44 -17.36
C TYR K 233 78.54 9.84 -17.83
N ALA K 234 79.50 10.76 -17.86
CA ALA K 234 79.31 12.06 -18.50
C ALA K 234 79.78 11.96 -19.96
N GLN K 235 78.98 11.22 -20.74
CA GLN K 235 79.18 11.01 -22.17
C GLN K 235 78.71 12.21 -22.97
N ASN K 236 78.46 12.00 -24.27
CA ASN K 236 77.69 12.95 -25.06
C ASN K 236 76.34 13.16 -24.37
N PRO K 237 76.12 14.32 -23.73
CA PRO K 237 74.98 14.46 -22.82
C PRO K 237 73.62 14.42 -23.50
N ASP K 238 73.38 15.38 -24.39
CA ASP K 238 72.21 15.52 -25.26
C ASP K 238 72.51 16.65 -26.22
N THR K 239 72.17 16.45 -27.49
CA THR K 239 72.38 17.50 -28.46
C THR K 239 71.34 18.62 -28.27
N ALA K 240 71.60 19.76 -28.90
CA ALA K 240 70.65 20.87 -28.85
C ALA K 240 69.43 20.65 -29.73
N GLU K 241 69.42 19.59 -30.53
CA GLU K 241 68.30 19.24 -31.38
C GLU K 241 67.65 17.93 -30.95
N HIS K 242 67.77 17.57 -29.67
CA HIS K 242 67.13 16.36 -29.17
C HIS K 242 65.64 16.58 -29.02
N ALA K 243 64.86 15.61 -29.48
CA ALA K 243 63.42 15.61 -29.27
C ALA K 243 63.10 14.65 -28.13
N PHE K 244 62.36 15.13 -27.14
CA PHE K 244 62.04 14.34 -25.95
C PHE K 244 61.14 13.16 -26.31
N GLY K 245 61.50 11.98 -25.79
CA GLY K 245 60.75 10.77 -26.07
C GLY K 245 61.17 10.03 -27.31
N THR K 246 62.05 10.59 -28.13
CA THR K 246 62.51 9.96 -29.36
C THR K 246 64.01 9.73 -29.30
N ALA K 247 64.48 8.82 -30.16
CA ALA K 247 65.89 8.45 -30.20
C ALA K 247 66.75 9.40 -31.00
N GLN K 248 66.15 10.28 -31.80
CA GLN K 248 66.91 11.20 -32.64
C GLN K 248 67.49 12.33 -31.80
N GLY K 249 68.79 12.58 -31.96
CA GLY K 249 69.48 13.61 -31.20
C GLY K 249 69.80 13.22 -29.78
N ALA K 250 69.65 11.95 -29.42
CA ALA K 250 69.80 11.50 -28.05
C ALA K 250 71.24 11.12 -27.74
N GLY K 251 71.56 11.16 -26.44
CA GLY K 251 72.86 10.75 -25.96
C GLY K 251 72.80 9.45 -25.18
N SER K 252 73.95 9.09 -24.61
CA SER K 252 74.04 7.93 -23.74
C SER K 252 74.41 8.29 -22.31
N ALA K 253 74.68 9.56 -22.03
CA ALA K 253 75.08 9.99 -20.70
C ALA K 253 73.93 9.86 -19.71
N ILE K 254 74.28 9.53 -18.47
CA ILE K 254 73.30 9.39 -17.42
C ILE K 254 73.54 10.32 -16.23
N LEU K 255 74.74 10.90 -16.10
CA LEU K 255 75.05 11.80 -15.00
C LEU K 255 75.92 12.92 -15.56
N THR K 256 75.34 14.11 -15.70
CA THR K 256 76.02 15.24 -16.33
C THR K 256 75.83 16.45 -15.42
N PHE K 257 76.59 17.51 -15.69
CA PHE K 257 76.65 18.72 -14.87
C PHE K 257 76.48 19.97 -15.74
N LEU K 258 75.45 19.94 -16.59
CA LEU K 258 75.27 20.97 -17.60
C LEU K 258 74.77 22.27 -17.00
N GLY K 259 73.63 22.23 -16.32
CA GLY K 259 72.93 23.42 -15.91
C GLY K 259 72.09 23.97 -17.05
N GLY K 260 71.26 24.97 -16.72
CA GLY K 260 70.40 25.54 -17.72
C GLY K 260 69.23 24.62 -18.05
N PHE K 261 68.80 24.68 -19.31
CA PHE K 261 67.59 24.00 -19.73
C PHE K 261 67.79 23.23 -21.03
N HIS K 262 67.15 22.07 -21.09
CA HIS K 262 66.86 21.40 -22.35
C HIS K 262 66.14 22.36 -23.29
N PRO K 263 66.61 22.57 -24.52
CA PRO K 263 66.08 23.67 -25.34
C PRO K 263 64.69 23.42 -25.89
N GLN K 264 64.30 22.17 -26.12
CA GLN K 264 62.97 21.90 -26.66
C GLN K 264 61.91 21.92 -25.56
N THR K 265 62.13 21.17 -24.49
CA THR K 265 61.17 21.06 -23.41
C THR K 265 61.16 22.27 -22.49
N GLU K 266 62.17 23.14 -22.59
CA GLU K 266 62.34 24.33 -21.75
C GLU K 266 62.46 23.99 -20.27
N SER K 267 62.96 22.80 -19.96
CA SER K 267 63.02 22.31 -18.59
C SER K 267 64.41 21.76 -18.30
N LEU K 268 64.61 21.35 -17.05
CA LEU K 268 65.89 20.84 -16.59
C LEU K 268 66.23 19.52 -17.27
N TRP K 269 67.53 19.30 -17.46
CA TRP K 269 68.00 18.05 -18.04
C TRP K 269 67.76 16.89 -17.08
N LEU K 270 67.41 15.73 -17.64
CA LEU K 270 67.24 14.55 -16.82
C LEU K 270 68.55 14.00 -16.31
N THR K 271 69.67 14.35 -16.95
CA THR K 271 70.98 13.96 -16.45
C THR K 271 71.45 14.87 -15.33
N ASP K 272 71.10 16.16 -15.37
CA ASP K 272 71.38 17.00 -14.21
C ASP K 272 70.49 16.62 -13.03
N MET K 273 69.28 16.14 -13.30
CA MET K 273 68.40 15.72 -12.21
C MET K 273 68.77 14.35 -11.66
N ALA K 274 69.46 13.52 -12.45
CA ALA K 274 69.93 12.24 -11.95
C ALA K 274 71.20 12.41 -11.12
N HIS K 275 72.12 13.27 -11.57
CA HIS K 275 73.30 13.57 -10.78
C HIS K 275 72.97 14.42 -9.56
N HIS K 276 71.83 15.13 -9.58
CA HIS K 276 71.36 15.81 -8.39
C HIS K 276 71.00 14.81 -7.30
N HIS K 277 70.08 13.89 -7.61
CA HIS K 277 69.57 12.95 -6.62
C HIS K 277 70.58 11.88 -6.24
N LEU K 278 71.66 11.73 -7.00
CA LEU K 278 72.73 10.83 -6.60
C LEU K 278 73.69 11.52 -5.63
N ALA K 279 74.00 12.79 -5.90
CA ALA K 279 74.82 13.57 -4.98
C ALA K 279 74.07 13.84 -3.69
N ILE K 280 72.76 14.03 -3.78
CA ILE K 280 71.92 14.25 -2.59
C ILE K 280 71.83 12.97 -1.77
N ALA K 281 71.83 11.81 -2.43
CA ALA K 281 71.66 10.54 -1.75
C ALA K 281 72.86 10.19 -0.88
N VAL K 282 74.06 10.21 -1.46
CA VAL K 282 75.26 9.78 -0.75
C VAL K 282 75.64 10.79 0.33
N ILE K 283 75.26 12.06 0.17
CA ILE K 283 75.45 13.04 1.22
C ILE K 283 74.48 12.78 2.38
N PHE K 284 73.24 12.41 2.07
CA PHE K 284 72.27 12.08 3.11
C PHE K 284 72.57 10.75 3.77
N ILE K 285 73.15 9.80 3.03
CA ILE K 285 73.55 8.53 3.64
C ILE K 285 74.75 8.74 4.54
N VAL K 286 75.66 9.64 4.16
CA VAL K 286 76.77 10.02 5.03
C VAL K 286 76.25 10.71 6.29
N ALA K 287 75.30 11.64 6.13
CA ALA K 287 74.75 12.38 7.27
C ALA K 287 73.98 11.48 8.24
N GLY K 288 73.44 10.37 7.75
CA GLY K 288 72.80 9.39 8.59
C GLY K 288 73.71 8.44 9.33
N HIS K 289 75.01 8.72 9.34
CA HIS K 289 76.00 7.94 10.06
C HIS K 289 76.74 8.81 11.06
N MET K 290 76.01 9.74 11.69
CA MET K 290 76.61 10.72 12.58
C MET K 290 76.34 10.47 14.05
N TYR K 291 75.21 9.88 14.40
CA TYR K 291 74.77 9.82 15.79
C TYR K 291 74.85 8.40 16.33
N ARG K 292 75.18 8.30 17.62
CA ARG K 292 75.37 7.01 18.27
C ARG K 292 74.01 6.39 18.62
N THR K 293 73.82 5.14 18.21
CA THR K 293 72.63 4.39 18.58
C THR K 293 72.95 3.14 19.39
N ASN K 294 73.73 2.22 18.82
CA ASN K 294 73.90 0.88 19.38
C ASN K 294 75.33 0.39 19.34
N PHE K 295 76.26 1.14 18.77
CA PHE K 295 77.57 0.58 18.39
C PHE K 295 78.74 1.43 18.88
N GLY K 296 78.52 2.37 19.78
CA GLY K 296 79.61 3.17 20.33
C GLY K 296 80.06 4.36 19.52
N ILE K 297 80.24 4.18 18.21
CA ILE K 297 80.60 5.30 17.34
C ILE K 297 79.39 6.20 17.15
N GLY K 298 79.64 7.49 17.01
CA GLY K 298 78.58 8.43 16.75
C GLY K 298 78.45 9.53 17.80
N HIS K 299 77.98 10.70 17.38
CA HIS K 299 77.77 11.81 18.29
C HIS K 299 76.50 11.59 19.10
N ASN K 300 76.36 12.36 20.18
CA ASN K 300 75.18 12.32 21.02
C ASN K 300 74.60 13.72 21.09
N ILE K 301 73.33 13.84 20.68
CA ILE K 301 72.74 15.15 20.38
C ILE K 301 72.56 15.99 21.63
N LYS K 302 72.33 15.36 22.78
CA LYS K 302 72.10 16.13 23.99
C LYS K 302 73.39 16.72 24.55
N GLU K 303 74.52 16.10 24.23
CA GLU K 303 75.81 16.61 24.66
C GLU K 303 76.20 17.91 23.95
N MET K 304 75.85 18.05 22.67
CA MET K 304 76.11 19.30 21.96
C MET K 304 75.19 20.41 22.42
N THR K 305 74.01 20.06 22.95
CA THR K 305 73.11 21.09 23.46
C THR K 305 73.43 21.44 24.90
N GLU K 306 73.74 20.45 25.75
CA GLU K 306 73.92 20.72 27.18
C GLU K 306 75.25 21.42 27.44
N ALA K 307 76.28 21.11 26.65
CA ALA K 307 77.58 21.76 26.80
C ALA K 307 77.70 22.93 25.83
N LEU K 308 76.70 23.81 25.85
CA LEU K 308 76.64 24.98 24.98
C LEU K 308 76.07 26.13 25.82
N GLN K 309 76.96 26.86 26.49
CA GLN K 309 76.59 27.97 27.36
C GLN K 309 77.65 29.05 27.23
N GLY K 310 77.64 30.00 28.15
CA GLY K 310 78.62 31.06 28.18
C GLY K 310 79.94 30.63 28.78
N GLY K 325 74.03 28.79 25.20
CA GLY K 325 72.87 29.02 26.04
C GLY K 325 71.76 28.01 25.83
N HIS K 326 72.15 26.79 25.42
CA HIS K 326 71.21 25.80 24.94
C HIS K 326 70.99 24.66 25.94
N LYS K 327 71.12 24.95 27.24
CA LYS K 327 70.89 23.93 28.25
C LYS K 327 69.41 23.62 28.38
N GLY K 328 69.07 22.33 28.33
CA GLY K 328 67.69 21.89 28.41
C GLY K 328 66.93 21.95 27.10
N ILE K 329 67.54 22.47 26.03
CA ILE K 329 66.85 22.62 24.75
C ILE K 329 66.57 21.27 24.11
N TYR K 330 67.45 20.29 24.35
CA TYR K 330 67.19 18.91 23.92
C TYR K 330 65.92 18.37 24.59
N ASP K 331 65.85 18.45 25.92
CA ASP K 331 64.71 17.90 26.64
C ASP K 331 63.45 18.72 26.41
N THR K 332 63.59 20.00 26.06
CA THR K 332 62.44 20.79 25.68
C THR K 332 61.88 20.32 24.34
N TYR K 333 62.77 20.07 23.38
CA TYR K 333 62.40 19.55 22.07
C TYR K 333 61.84 18.14 22.18
N ASN K 334 62.56 17.26 22.89
CA ASN K 334 62.28 15.82 22.82
C ASN K 334 61.02 15.45 23.59
N ASN K 335 60.65 16.21 24.61
CA ASN K 335 59.51 15.86 25.44
C ASN K 335 58.22 16.56 25.02
N SER K 336 58.30 17.59 24.18
CA SER K 336 57.14 18.37 23.77
C SER K 336 56.81 18.06 22.31
N LEU K 337 55.62 17.47 22.10
CA LEU K 337 55.18 17.22 20.73
C LEU K 337 54.74 18.49 20.03
N HIS K 338 54.29 19.49 20.79
CA HIS K 338 53.90 20.76 20.17
C HIS K 338 55.11 21.60 19.80
N PHE K 339 56.22 21.46 20.53
CA PHE K 339 57.46 22.10 20.11
C PHE K 339 57.98 21.48 18.82
N GLN K 340 57.89 20.15 18.71
CA GLN K 340 58.33 19.47 17.50
C GLN K 340 57.42 19.80 16.33
N LEU K 341 56.10 19.82 16.56
CA LEU K 341 55.15 20.13 15.50
C LEU K 341 55.30 21.55 15.00
N GLY K 342 55.47 22.51 15.92
CA GLY K 342 55.72 23.88 15.51
C GLY K 342 57.07 24.08 14.84
N TRP K 343 58.06 23.26 15.21
CA TRP K 343 59.36 23.34 14.54
C TRP K 343 59.29 22.76 13.14
N HIS K 344 58.58 21.64 12.98
CA HIS K 344 58.52 20.98 11.69
C HIS K 344 57.57 21.68 10.73
N LEU K 345 56.55 22.38 11.24
CA LEU K 345 55.71 23.18 10.37
C LEU K 345 56.44 24.41 9.85
N ALA K 346 57.39 24.93 10.63
CA ALA K 346 58.17 26.07 10.19
C ALA K 346 59.17 25.66 9.11
N CYS K 347 59.77 24.48 9.25
CA CYS K 347 60.71 24.00 8.25
C CYS K 347 59.98 23.57 6.98
N LEU K 348 58.81 22.94 7.12
CA LEU K 348 58.02 22.57 5.95
C LEU K 348 57.41 23.80 5.28
N GLY K 349 57.15 24.86 6.04
CA GLY K 349 56.59 26.06 5.47
C GLY K 349 57.59 26.86 4.66
N VAL K 350 58.87 26.84 5.06
CA VAL K 350 59.91 27.50 4.28
C VAL K 350 60.16 26.74 2.99
N ILE K 351 60.14 25.40 3.06
CA ILE K 351 60.43 24.56 1.90
C ILE K 351 59.33 24.66 0.86
N THR K 352 58.07 24.73 1.32
CA THR K 352 56.95 24.84 0.39
C THR K 352 56.94 26.19 -0.32
N SER K 353 57.45 27.23 0.34
CA SER K 353 57.73 28.48 -0.38
C SER K 353 58.86 28.28 -1.38
N LEU K 354 59.91 27.55 -0.99
CA LEU K 354 61.05 27.33 -1.87
C LEU K 354 60.70 26.45 -3.05
N VAL K 355 59.78 25.51 -2.86
CA VAL K 355 59.25 24.72 -3.97
C VAL K 355 58.54 25.62 -4.97
N ALA K 356 57.75 26.58 -4.47
CA ALA K 356 57.02 27.48 -5.36
C ALA K 356 57.95 28.47 -6.07
N GLN K 357 58.96 28.97 -5.38
CA GLN K 357 59.84 29.96 -5.99
C GLN K 357 60.82 29.35 -6.98
N HIS K 358 61.13 28.06 -6.84
CA HIS K 358 62.13 27.43 -7.71
C HIS K 358 61.53 26.61 -8.84
N MET K 359 60.29 26.12 -8.70
CA MET K 359 59.68 25.37 -9.78
C MET K 359 59.23 26.25 -10.93
N TYR K 360 58.95 27.52 -10.68
CA TYR K 360 58.62 28.41 -11.79
C TYR K 360 59.87 29.01 -12.43
N ALA K 361 60.91 29.26 -11.64
CA ALA K 361 62.11 29.86 -12.18
C ALA K 361 62.94 28.83 -12.95
N MET K 362 63.10 27.63 -12.39
CA MET K 362 63.77 26.52 -13.05
C MET K 362 62.74 25.40 -13.20
N PRO K 363 61.97 25.40 -14.29
CA PRO K 363 60.95 24.36 -14.48
C PRO K 363 61.59 23.00 -14.67
N PRO K 364 61.15 22.00 -13.93
CA PRO K 364 61.79 20.69 -14.02
C PRO K 364 61.06 19.68 -14.90
N TYR K 365 59.85 20.00 -15.33
CA TYR K 365 59.02 19.06 -16.07
C TYR K 365 58.88 19.52 -17.51
N ALA K 366 58.85 18.55 -18.42
CA ALA K 366 58.89 18.83 -19.85
C ALA K 366 57.64 19.56 -20.30
N PHE K 367 57.84 20.68 -21.01
CA PHE K 367 56.81 21.54 -21.60
C PHE K 367 55.87 22.14 -20.57
N MET K 368 56.27 22.22 -19.30
CA MET K 368 55.37 22.78 -18.30
C MET K 368 55.44 24.30 -18.26
N ALA K 369 56.58 24.88 -18.65
CA ALA K 369 56.74 26.32 -18.66
C ALA K 369 55.89 27.02 -19.73
N ARG K 370 55.33 26.27 -20.68
CA ARG K 370 54.43 26.84 -21.67
C ARG K 370 52.96 26.55 -21.36
N ASP K 371 52.68 25.71 -20.36
CA ASP K 371 51.34 25.59 -19.80
C ASP K 371 51.21 26.67 -18.74
N TYR K 372 50.69 27.84 -19.17
CA TYR K 372 50.71 29.02 -18.32
C TYR K 372 49.71 28.92 -17.16
N THR K 373 48.58 28.25 -17.39
CA THR K 373 47.59 28.11 -16.32
C THR K 373 48.07 27.14 -15.25
N THR K 374 48.85 26.12 -15.64
CA THR K 374 49.40 25.19 -14.68
C THR K 374 50.47 25.86 -13.82
N MET K 375 51.33 26.69 -14.42
CA MET K 375 52.36 27.41 -13.67
C MET K 375 51.74 28.42 -12.72
N SER K 376 50.64 29.07 -13.13
CA SER K 376 49.95 29.96 -12.21
C SER K 376 49.26 29.18 -11.09
N ALA K 377 48.66 28.04 -11.42
CA ALA K 377 47.97 27.24 -10.40
C ALA K 377 48.95 26.62 -9.42
N LEU K 378 50.11 26.16 -9.91
CA LEU K 378 51.06 25.47 -9.04
C LEU K 378 51.76 26.43 -8.09
N TYR K 379 52.07 27.64 -8.55
CA TYR K 379 52.70 28.63 -7.68
C TYR K 379 51.75 29.07 -6.58
N THR K 380 50.52 29.38 -6.94
CA THR K 380 49.52 29.84 -5.97
C THR K 380 49.15 28.74 -5.00
N HIS K 381 49.16 27.49 -5.45
CA HIS K 381 48.89 26.35 -4.56
C HIS K 381 49.93 26.23 -3.47
N HIS K 382 51.20 26.13 -3.85
CA HIS K 382 52.26 25.87 -2.89
C HIS K 382 52.62 27.11 -2.06
N GLN K 383 52.25 28.30 -2.51
CA GLN K 383 52.46 29.47 -1.67
C GLN K 383 51.39 29.60 -0.59
N TYR K 384 50.15 29.28 -0.93
CA TYR K 384 49.08 29.30 0.08
C TYR K 384 49.22 28.16 1.07
N ILE K 385 49.74 27.01 0.62
CA ILE K 385 50.07 25.93 1.54
C ILE K 385 51.17 26.38 2.51
N ALA K 386 52.19 27.06 1.98
CA ALA K 386 53.32 27.50 2.79
C ALA K 386 52.92 28.57 3.80
N GLY K 387 52.00 29.46 3.42
CA GLY K 387 51.49 30.43 4.37
C GLY K 387 50.67 29.80 5.48
N PHE K 388 49.99 28.69 5.19
CA PHE K 388 49.22 28.01 6.22
C PHE K 388 50.10 27.25 7.18
N LEU K 389 51.17 26.62 6.67
CA LEU K 389 52.10 25.93 7.55
C LEU K 389 52.91 26.91 8.39
N MET K 390 53.08 28.14 7.91
CA MET K 390 53.83 29.14 8.66
C MET K 390 53.06 29.63 9.88
N ILE K 391 51.74 29.87 9.72
CA ILE K 391 50.96 30.33 10.85
C ILE K 391 50.62 29.20 11.81
N GLY K 392 50.69 27.94 11.36
CA GLY K 392 50.53 26.82 12.26
C GLY K 392 51.77 26.48 13.03
N ALA K 393 52.94 26.89 12.53
CA ALA K 393 54.18 26.76 13.27
C ALA K 393 54.17 27.64 14.50
N PHE K 394 53.67 28.87 14.36
CA PHE K 394 53.55 29.79 15.48
C PHE K 394 52.39 29.43 16.40
N ALA K 395 51.32 28.85 15.84
CA ALA K 395 50.20 28.42 16.66
C ALA K 395 50.59 27.27 17.57
N HIS K 396 51.28 26.27 17.03
CA HIS K 396 51.71 25.15 17.85
C HIS K 396 52.93 25.49 18.69
N GLY K 397 53.69 26.52 18.31
CA GLY K 397 54.69 27.07 19.21
C GLY K 397 54.09 27.85 20.37
N ALA K 398 52.85 28.31 20.22
CA ALA K 398 52.14 28.98 21.30
C ALA K 398 51.40 28.00 22.19
N ILE K 399 50.92 26.89 21.64
CA ILE K 399 50.35 25.82 22.46
C ILE K 399 51.42 25.17 23.31
N PHE K 400 52.66 25.12 22.79
CA PHE K 400 53.79 24.60 23.58
C PHE K 400 54.07 25.48 24.79
N LEU K 401 54.01 26.80 24.63
CA LEU K 401 54.32 27.70 25.74
C LEU K 401 53.24 27.69 26.81
N ILE K 402 52.02 27.29 26.47
CA ILE K 402 50.96 27.18 27.46
C ILE K 402 50.96 25.82 28.14
N ARG K 403 51.12 24.75 27.37
CA ARG K 403 50.96 23.39 27.88
C ARG K 403 52.27 22.74 28.31
N ASP K 404 53.28 22.73 27.44
CA ASP K 404 54.47 21.91 27.66
C ASP K 404 55.66 22.67 28.22
N TYR K 405 55.65 24.00 28.20
CA TYR K 405 56.83 24.77 28.59
C TYR K 405 57.02 24.77 30.10
N ASP K 406 58.21 24.37 30.54
CA ASP K 406 58.56 24.37 31.95
C ASP K 406 59.54 25.50 32.22
N PRO K 407 59.18 26.48 33.05
CA PRO K 407 60.09 27.61 33.29
C PRO K 407 61.30 27.27 34.15
N GLU K 408 61.25 26.19 34.94
CA GLU K 408 62.40 25.77 35.73
C GLU K 408 63.34 24.84 34.98
N ALA K 409 62.83 23.99 34.09
CA ALA K 409 63.71 23.20 33.24
C ALA K 409 64.39 24.06 32.19
N ASN K 410 63.81 25.21 31.86
CA ASN K 410 64.45 26.12 30.90
C ASN K 410 64.78 27.45 31.58
N ARG K 411 65.43 27.41 32.73
CA ARG K 411 65.83 28.66 33.40
C ARG K 411 67.06 29.25 32.72
N ASP K 412 66.98 30.55 32.40
CA ASP K 412 68.06 31.39 31.89
C ASP K 412 68.63 30.89 30.55
N ASN K 413 67.93 30.02 29.84
CA ASN K 413 68.35 29.62 28.50
C ASN K 413 67.67 30.55 27.51
N VAL K 414 67.67 30.18 26.23
CA VAL K 414 67.24 31.14 25.21
C VAL K 414 65.72 31.31 25.21
N LEU K 415 64.98 30.25 25.54
CA LEU K 415 63.52 30.37 25.64
C LEU K 415 63.12 31.24 26.81
N ALA K 416 63.91 31.26 27.88
CA ALA K 416 63.68 32.20 28.98
C ALA K 416 64.06 33.62 28.59
N ARG K 417 64.96 33.80 27.62
CA ARG K 417 65.39 35.14 27.25
C ARG K 417 64.29 35.90 26.51
N MET K 418 63.66 35.27 25.50
CA MET K 418 62.68 36.02 24.72
C MET K 418 61.41 36.30 25.51
N LEU K 419 61.05 35.42 26.46
CA LEU K 419 59.90 35.70 27.31
C LEU K 419 60.18 36.87 28.25
N ALA K 420 61.46 37.10 28.57
CA ALA K 420 61.87 38.30 29.27
C ALA K 420 62.13 39.47 28.32
N HIS K 421 62.47 39.19 27.07
CA HIS K 421 62.69 40.19 26.03
C HIS K 421 61.44 40.56 25.25
N LYS K 422 60.26 40.13 25.71
CA LYS K 422 59.09 40.10 24.82
C LYS K 422 58.58 41.50 24.49
N GLU K 423 58.76 42.46 25.39
CA GLU K 423 58.37 43.83 25.09
C GLU K 423 59.34 44.51 24.13
N ALA K 424 60.54 43.97 23.94
CA ALA K 424 61.48 44.51 22.97
C ALA K 424 61.30 43.90 21.59
N ILE K 425 60.94 42.62 21.52
CA ILE K 425 60.73 41.96 20.24
C ILE K 425 59.46 42.46 19.57
N ILE K 426 58.39 42.63 20.35
CA ILE K 426 57.11 43.07 19.80
C ILE K 426 57.17 44.53 19.37
N SER K 427 57.82 45.38 20.17
CA SER K 427 57.96 46.79 19.83
C SER K 427 58.87 47.02 18.63
N HIS K 428 59.87 46.16 18.43
CA HIS K 428 60.71 46.29 17.24
C HIS K 428 60.01 45.73 16.00
N LEU K 429 59.17 44.70 16.17
CA LEU K 429 58.34 44.24 15.07
C LEU K 429 57.27 45.26 14.70
N SER K 430 56.82 46.06 15.68
CA SER K 430 55.80 47.05 15.42
C SER K 430 56.36 48.26 14.68
N TRP K 431 57.63 48.61 14.91
CA TRP K 431 58.21 49.74 14.20
C TRP K 431 58.45 49.42 12.74
N VAL K 432 58.96 48.22 12.44
CA VAL K 432 59.16 47.79 11.06
C VAL K 432 57.82 47.67 10.34
N SER K 433 56.79 47.25 11.06
CA SER K 433 55.45 47.19 10.49
C SER K 433 54.91 48.58 10.20
N LEU K 434 55.09 49.53 11.12
CA LEU K 434 54.57 50.87 10.88
C LEU K 434 55.41 51.66 9.90
N PHE K 435 56.73 51.40 9.83
CA PHE K 435 57.56 52.10 8.85
C PHE K 435 57.23 51.65 7.44
N LEU K 436 57.09 50.34 7.24
CA LEU K 436 56.80 49.81 5.92
C LEU K 436 55.40 50.21 5.47
N GLY K 437 54.44 50.24 6.39
CA GLY K 437 53.09 50.56 6.01
C GLY K 437 52.88 52.04 5.72
N PHE K 438 53.54 52.91 6.48
CA PHE K 438 53.42 54.34 6.25
C PHE K 438 54.05 54.74 4.92
N HIS K 439 55.19 54.17 4.58
CA HIS K 439 55.95 54.63 3.44
C HIS K 439 55.60 53.91 2.15
N THR K 440 55.14 52.65 2.20
CA THR K 440 54.69 52.00 0.98
C THR K 440 53.33 52.51 0.54
N LEU K 441 52.38 52.62 1.49
CA LEU K 441 51.08 53.19 1.17
C LEU K 441 51.19 54.68 0.85
N GLY K 442 52.14 55.38 1.49
CA GLY K 442 52.36 56.77 1.17
C GLY K 442 52.89 56.98 -0.24
N LEU K 443 53.77 56.08 -0.69
CA LEU K 443 54.28 56.17 -2.06
C LEU K 443 53.22 55.77 -3.08
N TYR K 444 52.36 54.80 -2.74
CA TYR K 444 51.32 54.37 -3.66
C TYR K 444 50.25 55.43 -3.83
N VAL K 445 49.84 56.08 -2.74
CA VAL K 445 48.82 57.11 -2.81
C VAL K 445 49.36 58.37 -3.48
N HIS K 446 50.65 58.67 -3.27
CA HIS K 446 51.29 59.78 -3.97
C HIS K 446 51.32 59.55 -5.47
N ASN K 447 51.69 58.33 -5.89
CA ASN K 447 51.68 58.01 -7.31
C ASN K 447 50.27 57.94 -7.87
N ASP K 448 49.29 57.58 -7.02
CA ASP K 448 47.89 57.61 -7.44
C ASP K 448 47.42 59.03 -7.72
N CYS K 449 47.77 59.97 -6.83
CA CYS K 449 47.35 61.35 -7.00
C CYS K 449 48.10 62.06 -8.12
N GLU K 450 49.30 61.59 -8.48
CA GLU K 450 50.02 62.20 -9.59
C GLU K 450 49.47 61.74 -10.93
N VAL K 451 49.15 60.45 -11.06
CA VAL K 451 48.61 59.93 -12.30
C VAL K 451 47.19 60.43 -12.52
N ALA K 452 46.41 60.54 -11.45
CA ALA K 452 45.03 61.04 -11.57
C ALA K 452 45.01 62.51 -11.97
N LEU K 453 45.94 63.31 -11.44
CA LEU K 453 45.97 64.74 -11.75
C LEU K 453 46.76 65.05 -13.02
N GLY K 454 47.02 64.05 -13.86
CA GLY K 454 47.55 64.27 -15.18
C GLY K 454 49.06 64.36 -15.28
N SER K 455 49.79 64.07 -14.21
CA SER K 455 51.25 64.18 -14.18
C SER K 455 51.85 62.84 -13.79
N PRO K 456 51.92 61.89 -14.73
CA PRO K 456 52.45 60.56 -14.38
C PRO K 456 53.97 60.49 -14.30
N GLU K 457 54.69 61.53 -14.69
CA GLU K 457 56.14 61.49 -14.53
C GLU K 457 56.60 62.11 -13.22
N LYS K 458 55.68 62.71 -12.46
CA LYS K 458 55.93 63.17 -11.10
C LYS K 458 55.83 62.04 -10.07
N GLN K 459 55.63 60.81 -10.52
CA GLN K 459 55.64 59.66 -9.62
C GLN K 459 57.01 59.47 -9.01
N ILE K 460 57.02 58.98 -7.77
CA ILE K 460 58.25 58.65 -7.08
C ILE K 460 58.58 57.19 -7.43
N LEU K 461 59.58 57.00 -8.28
CA LEU K 461 59.94 55.70 -8.82
C LEU K 461 61.36 55.35 -8.37
N ILE K 462 61.46 54.75 -7.18
CA ILE K 462 62.75 54.35 -6.64
C ILE K 462 63.21 53.09 -7.35
N GLU K 463 64.39 53.14 -7.95
CA GLU K 463 64.91 52.00 -8.70
C GLU K 463 65.39 50.93 -7.72
N PRO K 464 65.05 49.67 -7.92
CA PRO K 464 65.52 48.60 -7.02
C PRO K 464 66.97 48.20 -7.28
N VAL K 465 67.89 49.03 -6.76
CA VAL K 465 69.29 48.86 -7.09
C VAL K 465 69.95 47.70 -6.35
N PHE K 466 69.40 47.24 -5.23
CA PHE K 466 70.07 46.18 -4.48
C PHE K 466 69.82 44.81 -5.09
N ALA K 467 68.58 44.55 -5.54
CA ALA K 467 68.27 43.29 -6.18
C ALA K 467 68.57 43.30 -7.68
N GLN K 468 68.86 44.47 -8.26
CA GLN K 468 69.39 44.50 -9.61
C GLN K 468 70.87 44.13 -9.62
N TRP K 469 71.62 44.59 -8.62
CA TRP K 469 73.02 44.18 -8.48
C TRP K 469 73.12 42.72 -8.05
N THR K 470 72.13 42.24 -7.28
CA THR K 470 72.08 40.82 -6.94
C THR K 470 71.81 39.97 -8.16
N GLN K 471 71.03 40.50 -9.11
CA GLN K 471 70.81 39.80 -10.37
C GLN K 471 72.06 39.82 -11.25
N ALA K 472 72.84 40.90 -11.17
CA ALA K 472 74.10 40.95 -11.90
C ALA K 472 75.13 39.99 -11.32
N PHE K 473 75.11 39.80 -9.99
CA PHE K 473 76.03 38.86 -9.37
C PHE K 473 75.66 37.40 -9.61
N HIS K 474 74.50 37.15 -10.23
CA HIS K 474 74.08 35.80 -10.59
C HIS K 474 74.25 35.50 -12.08
N GLY K 475 74.46 36.53 -12.91
CA GLY K 475 74.72 36.27 -14.31
C GLY K 475 74.00 37.16 -15.30
N LYS K 476 73.17 38.10 -14.85
CA LYS K 476 72.52 39.02 -15.76
C LYS K 476 73.48 40.13 -16.16
N ALA K 477 73.72 40.26 -17.46
CA ALA K 477 74.41 41.41 -18.03
C ALA K 477 73.43 42.43 -18.58
N LEU K 478 72.17 42.36 -18.18
CA LEU K 478 71.12 43.21 -18.74
C LEU K 478 71.24 44.65 -18.25
N TYR K 479 71.79 44.86 -17.06
CA TYR K 479 71.96 46.20 -16.53
C TYR K 479 73.30 46.81 -16.89
N GLY K 480 74.25 46.02 -17.38
CA GLY K 480 75.50 46.54 -17.88
C GLY K 480 76.48 46.98 -16.80
N ILE K 481 76.52 46.28 -15.67
CA ILE K 481 77.38 46.66 -14.56
C ILE K 481 78.46 45.64 -14.24
N ASN K 482 78.49 44.51 -14.95
CA ASN K 482 79.72 44.02 -15.57
C ASN K 482 80.72 43.46 -14.55
N SER K 483 80.27 43.11 -13.34
CA SER K 483 81.15 42.87 -12.20
C SER K 483 80.76 41.58 -11.48
N LEU K 484 81.72 40.65 -11.38
CA LEU K 484 81.66 39.48 -10.51
C LEU K 484 80.47 38.56 -10.82
N LEU K 485 80.59 37.80 -11.91
CA LEU K 485 79.71 36.81 -12.57
C LEU K 485 78.72 37.49 -13.52
N SER K 486 78.70 38.81 -13.58
CA SER K 486 78.30 39.47 -14.82
C SER K 486 79.51 39.78 -15.69
N ASN K 487 80.70 39.37 -15.24
CA ASN K 487 82.05 39.61 -15.71
C ASN K 487 82.59 38.34 -16.37
N PRO K 488 83.19 38.43 -17.55
CA PRO K 488 83.84 37.22 -18.12
C PRO K 488 85.10 36.81 -17.36
N ASP K 489 86.01 37.72 -17.06
CA ASP K 489 87.27 37.35 -16.41
C ASP K 489 87.22 37.53 -14.88
N SER K 490 86.06 37.28 -14.28
CA SER K 490 85.95 37.27 -12.84
C SER K 490 86.59 36.01 -12.26
N VAL K 491 86.91 36.06 -10.98
CA VAL K 491 87.41 34.86 -10.30
C VAL K 491 86.25 33.98 -9.85
N ALA K 492 85.05 34.54 -9.71
CA ALA K 492 83.86 33.74 -9.45
C ALA K 492 83.32 33.08 -10.71
N SER K 493 83.68 33.59 -11.89
CA SER K 493 83.25 33.01 -13.15
C SER K 493 84.24 31.95 -13.65
N THR K 494 85.52 32.31 -13.72
CA THR K 494 86.52 31.39 -14.25
C THR K 494 86.79 30.25 -13.30
N ALA K 495 86.60 30.48 -11.99
CA ALA K 495 86.95 29.56 -10.91
C ALA K 495 88.41 29.14 -11.01
N TRP K 496 89.27 30.14 -10.80
CA TRP K 496 90.71 30.05 -11.05
C TRP K 496 91.44 28.83 -10.48
N PRO K 497 91.24 28.37 -9.24
CA PRO K 497 91.94 27.15 -8.82
C PRO K 497 91.39 25.88 -9.44
N ASN K 498 90.19 25.93 -10.03
CA ASN K 498 89.55 24.73 -10.54
C ASN K 498 89.40 24.75 -12.07
N TYR K 499 88.75 25.78 -12.63
CA TYR K 499 88.22 25.77 -14.01
C TYR K 499 87.33 24.54 -14.20
N GLY K 500 86.48 24.27 -13.21
CA GLY K 500 85.67 23.08 -13.16
C GLY K 500 84.22 23.38 -12.88
N ASN K 501 83.85 24.66 -13.00
CA ASN K 501 82.46 25.09 -12.96
C ASN K 501 81.81 24.76 -14.30
N VAL K 502 81.45 23.48 -14.46
CA VAL K 502 80.81 23.00 -15.68
C VAL K 502 79.38 23.52 -15.81
N TRP K 503 78.78 23.95 -14.70
CA TRP K 503 77.41 24.43 -14.72
C TRP K 503 77.25 25.73 -15.51
N LEU K 504 78.33 26.52 -15.60
CA LEU K 504 78.18 27.96 -15.88
C LEU K 504 77.80 28.24 -17.33
N SER K 505 78.43 27.54 -18.29
CA SER K 505 78.16 27.83 -19.70
C SER K 505 76.76 27.40 -20.11
N GLY K 506 76.18 26.43 -19.41
CA GLY K 506 74.76 26.14 -19.57
C GLY K 506 73.88 27.04 -18.73
N TRP K 507 74.40 27.52 -17.59
CA TRP K 507 73.61 28.36 -16.69
C TRP K 507 73.33 29.72 -17.31
N LEU K 508 74.34 30.33 -17.95
CA LEU K 508 74.22 31.69 -18.46
C LEU K 508 73.27 31.82 -19.64
N GLU K 509 72.84 30.72 -20.25
CA GLU K 509 71.77 30.87 -21.21
C GLU K 509 70.39 30.84 -20.57
N ALA K 510 70.30 30.33 -19.35
CA ALA K 510 69.05 30.47 -18.60
C ALA K 510 68.88 31.90 -18.09
N VAL K 511 69.96 32.60 -17.78
CA VAL K 511 69.82 33.95 -17.23
C VAL K 511 69.63 34.98 -18.34
N ASN K 512 70.42 34.88 -19.41
CA ASN K 512 70.46 35.92 -20.44
C ASN K 512 69.53 35.62 -21.62
N ASN K 513 68.42 34.93 -21.40
CA ASN K 513 67.41 34.80 -22.42
C ASN K 513 66.15 35.48 -21.88
N GLY K 514 65.31 35.96 -22.79
CA GLY K 514 64.14 36.72 -22.41
C GLY K 514 62.84 35.97 -22.34
N ALA K 515 62.85 34.66 -22.57
CA ALA K 515 61.62 33.86 -22.59
C ALA K 515 61.41 33.00 -21.36
N ASN K 516 62.45 32.75 -20.58
CA ASN K 516 62.34 31.92 -19.38
C ASN K 516 61.84 32.76 -18.21
N SER K 517 61.89 32.20 -16.99
CA SER K 517 61.30 32.89 -15.85
C SER K 517 62.20 32.83 -14.61
N LEU K 518 63.50 32.68 -14.78
CA LEU K 518 64.44 32.86 -13.68
C LEU K 518 65.15 34.20 -13.84
N PHE K 519 65.17 34.98 -12.75
CA PHE K 519 65.74 36.33 -12.69
C PHE K 519 65.13 37.25 -13.74
N LEU K 520 63.83 37.50 -13.59
CA LEU K 520 63.11 38.45 -14.42
C LEU K 520 63.60 39.87 -14.16
N THR K 521 63.34 40.75 -15.11
CA THR K 521 63.74 42.15 -14.99
C THR K 521 62.79 42.87 -14.04
N ILE K 522 63.36 43.56 -13.05
CA ILE K 522 62.58 44.28 -12.05
C ILE K 522 62.79 45.77 -12.21
N GLY K 523 61.72 46.53 -11.93
CA GLY K 523 61.75 47.96 -11.99
C GLY K 523 61.16 48.59 -10.75
N PRO K 524 60.79 49.86 -10.83
CA PRO K 524 60.28 50.55 -9.62
C PRO K 524 58.93 50.05 -9.15
N GLY K 525 58.11 49.48 -10.03
CA GLY K 525 56.90 48.81 -9.58
C GLY K 525 57.15 47.50 -8.89
N ASP K 526 58.32 46.91 -9.09
CA ASP K 526 58.69 45.69 -8.39
C ASP K 526 59.24 45.96 -7.00
N LEU K 527 59.82 47.15 -6.77
CA LEU K 527 60.31 47.50 -5.45
C LEU K 527 59.17 47.76 -4.48
N LEU K 528 58.13 48.46 -4.95
CA LEU K 528 57.01 48.84 -4.08
C LEU K 528 56.22 47.61 -3.63
N VAL K 529 56.12 46.59 -4.46
CA VAL K 529 55.38 45.40 -4.06
C VAL K 529 56.23 44.48 -3.19
N HIS K 530 57.56 44.49 -3.35
CA HIS K 530 58.41 43.73 -2.45
C HIS K 530 58.43 44.32 -1.05
N HIS K 531 58.24 45.64 -0.93
CA HIS K 531 58.13 46.26 0.38
C HIS K 531 56.74 46.06 0.97
N ALA K 532 55.71 45.92 0.14
CA ALA K 532 54.39 45.58 0.63
C ALA K 532 54.34 44.13 1.09
N ILE K 533 55.09 43.25 0.42
CA ILE K 533 55.22 41.87 0.85
C ILE K 533 55.98 41.81 2.18
N ALA K 534 57.04 42.62 2.31
CA ALA K 534 57.78 42.71 3.57
C ALA K 534 56.93 43.30 4.68
N LEU K 535 55.98 44.17 4.33
CA LEU K 535 55.01 44.66 5.32
C LEU K 535 54.10 43.53 5.78
N GLY K 536 53.61 42.72 4.83
CA GLY K 536 52.72 41.63 5.19
C GLY K 536 53.41 40.51 5.94
N LEU K 537 54.69 40.28 5.68
CA LEU K 537 55.44 39.28 6.44
C LEU K 537 55.66 39.75 7.88
N HIS K 538 55.96 41.03 8.07
CA HIS K 538 56.31 41.52 9.39
C HIS K 538 55.09 41.70 10.28
N VAL K 539 53.94 42.07 9.73
CA VAL K 539 52.75 42.19 10.56
C VAL K 539 52.24 40.82 10.96
N THR K 540 52.19 39.87 10.01
CA THR K 540 51.73 38.52 10.31
C THR K 540 52.63 37.83 11.33
N THR K 541 53.94 38.12 11.27
CA THR K 541 54.85 37.66 12.31
C THR K 541 54.57 38.38 13.63
N LEU K 542 54.25 39.68 13.56
CA LEU K 542 54.01 40.48 14.77
C LEU K 542 52.77 39.99 15.52
N ILE K 543 51.73 39.58 14.79
CA ILE K 543 50.54 39.06 15.44
C ILE K 543 50.82 37.69 16.06
N LEU K 544 51.64 36.89 15.39
CA LEU K 544 51.90 35.53 15.85
C LEU K 544 52.92 35.48 16.98
N VAL K 545 53.94 36.34 16.92
CA VAL K 545 54.95 36.38 17.98
C VAL K 545 54.36 36.95 19.26
N LYS K 546 53.62 38.06 19.15
CA LYS K 546 52.94 38.65 20.30
C LYS K 546 51.88 37.70 20.86
N GLY K 547 51.23 36.92 20.00
CA GLY K 547 50.30 35.93 20.50
C GLY K 547 50.99 34.77 21.20
N ALA K 548 52.22 34.46 20.80
CA ALA K 548 52.95 33.37 21.44
C ALA K 548 53.66 33.84 22.70
N LEU K 549 54.24 35.03 22.68
CA LEU K 549 54.99 35.51 23.85
C LEU K 549 54.09 36.02 24.97
N ASP K 550 52.87 36.44 24.66
CA ASP K 550 51.89 36.81 25.66
C ASP K 550 50.89 35.69 25.94
N ALA K 551 51.21 34.47 25.51
CA ALA K 551 50.29 33.35 25.69
C ALA K 551 50.23 32.88 27.14
N ARG K 552 51.34 33.02 27.87
CA ARG K 552 51.36 32.64 29.28
C ARG K 552 50.82 33.75 30.17
N GLY K 553 50.79 34.99 29.69
CA GLY K 553 50.25 36.07 30.47
C GLY K 553 50.71 37.44 30.04
N SER K 554 49.90 38.45 30.34
CA SER K 554 50.26 39.84 30.11
C SER K 554 49.99 40.64 31.36
N LYS K 555 50.05 41.97 31.28
CA LYS K 555 49.65 42.76 32.43
C LYS K 555 48.14 42.97 32.44
N LEU K 556 47.47 42.79 31.30
CA LEU K 556 46.02 42.75 31.27
C LEU K 556 45.47 41.44 31.84
N MET K 557 46.20 40.34 31.67
CA MET K 557 45.73 39.03 32.14
C MET K 557 46.93 38.19 32.55
N PRO K 558 47.35 38.27 33.81
CA PRO K 558 48.61 37.63 34.21
C PRO K 558 48.54 36.12 34.38
N ASP K 559 47.36 35.54 34.53
CA ASP K 559 47.22 34.11 34.75
C ASP K 559 46.61 33.41 33.53
N LYS K 560 47.01 33.87 32.34
CA LYS K 560 46.42 33.39 31.09
C LYS K 560 46.75 31.94 30.79
N LYS K 561 47.84 31.42 31.33
CA LYS K 561 48.19 30.03 31.08
C LYS K 561 47.26 29.06 31.79
N ASP K 562 46.53 29.48 32.83
CA ASP K 562 45.60 28.52 33.39
C ASP K 562 44.24 28.55 32.70
N PHE K 563 44.05 29.38 31.69
CA PHE K 563 42.81 29.42 30.93
C PHE K 563 42.89 28.67 29.61
N GLY K 564 44.08 28.23 29.21
CA GLY K 564 44.25 27.42 28.03
C GLY K 564 44.64 28.24 26.82
N TYR K 565 44.74 27.54 25.70
CA TYR K 565 45.12 28.17 24.44
C TYR K 565 43.96 28.94 23.84
N SER K 566 42.74 28.40 23.96
CA SER K 566 41.57 28.96 23.32
C SER K 566 40.50 29.20 24.37
N PHE K 567 40.12 30.46 24.54
CA PHE K 567 38.99 30.84 25.38
C PHE K 567 38.44 32.14 24.80
N PRO K 568 37.16 32.47 25.05
CA PRO K 568 36.58 33.66 24.39
C PRO K 568 37.21 34.98 24.81
N CYS K 569 37.27 35.25 26.10
CA CYS K 569 37.68 36.53 26.65
C CYS K 569 37.86 36.34 28.15
N ASP K 570 38.08 37.43 28.87
CA ASP K 570 38.01 37.44 30.32
C ASP K 570 36.89 38.35 30.83
N GLY K 571 35.91 38.65 29.98
CA GLY K 571 34.78 39.46 30.38
C GLY K 571 34.97 40.92 30.06
N PRO K 572 33.91 41.72 30.23
CA PRO K 572 33.97 43.14 29.89
C PRO K 572 34.69 44.00 30.92
N GLY K 573 35.09 43.42 32.04
CA GLY K 573 35.85 44.17 33.03
C GLY K 573 37.27 44.44 32.58
N ARG K 574 37.96 45.24 33.40
CA ARG K 574 39.33 45.70 33.18
C ARG K 574 39.50 46.42 31.84
N GLY K 575 38.46 47.13 31.40
CA GLY K 575 38.43 47.80 30.14
C GLY K 575 37.74 47.02 29.03
N GLY K 576 37.76 45.69 29.10
CA GLY K 576 37.22 44.83 28.05
C GLY K 576 38.35 44.00 27.49
N THR K 577 38.08 42.71 27.30
CA THR K 577 39.13 41.74 27.00
C THR K 577 38.76 40.86 25.81
N CYS K 578 38.08 41.41 24.80
CA CYS K 578 37.73 40.65 23.61
C CYS K 578 38.97 40.28 22.82
N ASP K 579 39.05 39.00 22.40
CA ASP K 579 40.15 38.47 21.57
C ASP K 579 41.49 38.60 22.28
N ILE K 580 41.57 38.07 23.49
CA ILE K 580 42.75 38.19 24.32
C ILE K 580 43.59 36.90 24.35
N SER K 581 43.02 35.77 23.97
CA SER K 581 43.74 34.51 24.05
C SER K 581 44.76 34.38 22.92
N ALA K 582 45.63 33.38 23.04
CA ALA K 582 46.62 33.12 22.01
C ALA K 582 45.98 32.51 20.76
N TRP K 583 44.84 31.83 20.91
CA TRP K 583 44.11 31.33 19.75
C TRP K 583 43.58 32.49 18.92
N ASP K 584 43.16 33.58 19.57
CA ASP K 584 42.58 34.65 18.78
C ASP K 584 43.65 35.48 18.07
N ALA K 585 44.92 35.35 18.48
CA ALA K 585 45.99 35.93 17.68
C ALA K 585 46.30 35.10 16.45
N PHE K 586 46.10 33.78 16.52
CA PHE K 586 46.11 32.98 15.30
C PHE K 586 45.00 33.40 14.36
N TYR K 587 43.82 33.67 14.93
CA TYR K 587 42.65 34.05 14.15
C TYR K 587 42.86 35.39 13.46
N LEU K 588 43.54 36.31 14.12
CA LEU K 588 43.81 37.61 13.51
C LEU K 588 44.89 37.53 12.45
N ALA K 589 45.91 36.68 12.67
CA ALA K 589 47.01 36.56 11.73
C ALA K 589 46.63 35.78 10.49
N THR K 590 45.54 35.01 10.52
CA THR K 590 45.09 34.32 9.33
C THR K 590 44.54 35.29 8.28
N PHE K 591 43.89 36.37 8.74
CA PHE K 591 43.50 37.45 7.81
C PHE K 591 44.73 38.11 7.21
N TRP K 592 45.77 38.32 8.02
CA TRP K 592 46.97 38.95 7.52
C TRP K 592 47.80 38.01 6.67
N MET K 593 47.74 36.70 6.93
CA MET K 593 48.42 35.74 6.07
C MET K 593 47.77 35.68 4.69
N LEU K 594 46.43 35.68 4.64
CA LEU K 594 45.73 35.63 3.36
C LEU K 594 45.93 36.93 2.58
N ASN K 595 45.96 38.06 3.27
CA ASN K 595 46.21 39.34 2.61
C ASN K 595 47.64 39.43 2.11
N THR K 596 48.59 38.85 2.84
CA THR K 596 49.99 38.83 2.39
C THR K 596 50.16 37.92 1.18
N LEU K 597 49.62 36.69 1.28
CA LEU K 597 49.66 35.78 0.15
C LEU K 597 48.77 36.23 -0.99
N GLY K 598 47.78 37.07 -0.71
CA GLY K 598 47.08 37.77 -1.78
C GLY K 598 47.99 38.71 -2.54
N TRP K 599 48.77 39.52 -1.81
CA TRP K 599 49.69 40.45 -2.45
C TRP K 599 50.80 39.73 -3.19
N VAL K 600 51.21 38.56 -2.70
CA VAL K 600 52.28 37.80 -3.34
C VAL K 600 51.80 37.23 -4.68
N THR K 601 50.67 36.53 -4.66
CA THR K 601 50.18 35.87 -5.85
C THR K 601 49.54 36.83 -6.85
N PHE K 602 49.11 38.01 -6.40
CA PHE K 602 48.71 39.06 -7.34
C PHE K 602 49.90 39.54 -8.15
N TYR K 603 51.05 39.70 -7.49
CA TYR K 603 52.24 40.20 -8.14
C TYR K 603 52.84 39.17 -9.08
N TRP K 604 52.87 37.90 -8.66
CA TRP K 604 53.37 36.83 -9.53
C TRP K 604 52.50 36.68 -10.77
N HIS K 605 51.19 36.77 -10.61
CA HIS K 605 50.29 36.56 -11.74
C HIS K 605 50.30 37.73 -12.70
N TRP K 606 50.30 38.96 -12.18
CA TRP K 606 50.28 40.12 -13.06
C TRP K 606 51.60 40.31 -13.78
N LYS K 607 52.72 39.99 -13.13
CA LYS K 607 54.01 40.05 -13.80
C LYS K 607 54.11 39.00 -14.90
N HIS K 608 53.61 37.79 -14.63
CA HIS K 608 53.71 36.73 -15.62
C HIS K 608 52.69 36.87 -16.74
N LEU K 609 51.51 37.43 -16.45
CA LEU K 609 50.56 37.71 -17.53
C LEU K 609 51.08 38.80 -18.45
N SER K 610 51.93 39.69 -17.95
CA SER K 610 52.55 40.70 -18.79
C SER K 610 53.74 40.15 -19.57
N VAL K 611 54.47 39.19 -18.99
CA VAL K 611 55.60 38.58 -19.67
C VAL K 611 55.12 37.63 -20.76
N TRP K 612 54.10 36.82 -20.44
CA TRP K 612 53.61 35.82 -21.40
C TRP K 612 52.88 36.47 -22.58
N SER K 613 52.29 37.64 -22.38
CA SER K 613 51.64 38.35 -23.48
C SER K 613 52.60 39.23 -24.26
N GLY K 614 53.85 39.36 -23.82
CA GLY K 614 54.77 40.30 -24.42
C GLY K 614 54.57 41.74 -24.00
N ASN K 615 53.51 42.04 -23.25
CA ASN K 615 53.21 43.39 -22.79
C ASN K 615 53.82 43.65 -21.41
N VAL K 616 55.13 43.37 -21.28
CA VAL K 616 55.83 43.56 -20.03
C VAL K 616 56.02 45.04 -19.72
N ALA K 617 55.93 45.90 -20.74
CA ALA K 617 55.99 47.33 -20.51
C ALA K 617 54.77 47.80 -19.74
N GLN K 618 53.58 47.27 -20.08
CA GLN K 618 52.33 47.74 -19.49
C GLN K 618 52.24 47.42 -18.00
N PHE K 619 52.95 46.39 -17.54
CA PHE K 619 53.13 46.20 -16.11
C PHE K 619 53.96 47.33 -15.51
N ASN K 620 54.94 47.86 -16.26
CA ASN K 620 55.91 48.76 -15.67
C ASN K 620 55.35 50.15 -15.41
N GLU K 621 54.41 50.67 -16.22
CA GLU K 621 53.86 51.96 -15.80
C GLU K 621 52.72 51.81 -14.82
N SER K 622 52.00 50.69 -14.86
CA SER K 622 50.77 50.57 -14.08
C SER K 622 50.97 49.98 -12.69
N SER K 623 52.08 49.30 -12.42
CA SER K 623 52.26 48.69 -11.11
C SER K 623 52.75 49.67 -10.05
N THR K 624 53.02 50.92 -10.41
CA THR K 624 53.55 51.89 -9.45
C THR K 624 52.45 52.68 -8.75
N TYR K 625 51.20 52.55 -9.16
CA TYR K 625 50.08 53.19 -8.48
C TYR K 625 48.93 52.19 -8.39
N LEU K 626 48.11 52.35 -7.35
CA LEU K 626 47.16 51.31 -6.97
C LEU K 626 45.96 51.20 -7.90
N MET K 627 45.65 52.26 -8.67
CA MET K 627 44.60 52.13 -9.67
C MET K 627 45.03 51.24 -10.82
N GLY K 628 46.34 51.18 -11.10
CA GLY K 628 46.84 50.30 -12.14
C GLY K 628 46.66 48.83 -11.80
N TRP K 629 46.81 48.48 -10.53
CA TRP K 629 46.46 47.12 -10.10
C TRP K 629 44.96 46.89 -10.17
N PHE K 630 44.18 47.92 -9.85
CA PHE K 630 42.73 47.79 -9.84
C PHE K 630 42.16 47.72 -11.26
N ARG K 631 42.65 48.60 -12.14
CA ARG K 631 42.08 48.69 -13.48
C ARG K 631 42.63 47.61 -14.41
N ASP K 632 43.95 47.40 -14.39
CA ASP K 632 44.59 46.60 -15.42
C ASP K 632 44.83 45.15 -15.00
N TYR K 633 44.79 44.83 -13.71
CA TYR K 633 44.88 43.45 -13.29
C TYR K 633 43.52 42.87 -12.88
N LEU K 634 42.81 43.54 -11.97
CA LEU K 634 41.56 42.99 -11.47
C LEU K 634 40.42 43.17 -12.48
N TRP K 635 40.24 44.38 -12.98
CA TRP K 635 39.12 44.67 -13.86
C TRP K 635 39.34 44.11 -15.26
N ALA K 636 40.57 44.22 -15.77
CA ALA K 636 40.84 43.83 -17.17
C ALA K 636 40.82 42.33 -17.36
N ASN K 637 41.25 41.56 -16.36
CA ASN K 637 41.31 40.12 -16.48
C ASN K 637 40.03 39.43 -16.03
N SER K 638 39.06 40.18 -15.52
CA SER K 638 37.77 39.61 -15.13
C SER K 638 36.82 39.46 -16.31
N ALA K 639 37.18 39.95 -17.49
CA ALA K 639 36.22 40.16 -18.58
C ALA K 639 35.68 38.84 -19.15
N GLN K 640 36.56 37.90 -19.52
CA GLN K 640 36.07 36.58 -19.89
C GLN K 640 35.66 35.68 -18.75
N LEU K 641 36.10 35.94 -17.51
CA LEU K 641 35.66 35.09 -16.41
C LEU K 641 34.16 35.29 -16.15
N ILE K 642 33.71 36.54 -16.07
CA ILE K 642 32.31 36.82 -15.79
C ILE K 642 31.42 36.69 -17.02
N ASN K 643 32.00 36.39 -18.19
CA ASN K 643 31.23 36.06 -19.38
C ASN K 643 31.19 34.55 -19.63
N GLY K 644 31.48 33.75 -18.60
CA GLY K 644 31.38 32.30 -18.73
C GLY K 644 29.97 31.83 -18.96
N TYR K 645 28.99 32.56 -18.42
CA TYR K 645 27.60 32.43 -18.82
C TYR K 645 26.97 33.81 -18.79
N SER K 646 26.02 34.02 -19.68
CA SER K 646 25.41 35.32 -19.92
C SER K 646 24.09 35.08 -20.65
N PRO K 647 23.27 36.11 -20.92
CA PRO K 647 22.15 35.91 -21.86
C PRO K 647 22.58 35.55 -23.28
N ALA K 648 23.84 35.79 -23.66
CA ALA K 648 24.36 35.39 -24.96
C ALA K 648 24.72 33.91 -25.03
N GLY K 649 24.76 33.21 -23.90
CA GLY K 649 25.04 31.79 -23.88
C GLY K 649 26.06 31.43 -22.81
N THR K 650 26.42 30.16 -22.79
CA THR K 650 27.36 29.62 -21.82
C THR K 650 28.53 28.97 -22.53
N ASN K 651 29.68 28.95 -21.88
CA ASN K 651 30.88 28.35 -22.46
C ASN K 651 31.63 27.61 -21.36
N SER K 652 32.88 27.24 -21.65
CA SER K 652 33.66 26.37 -20.76
C SER K 652 34.15 27.07 -19.50
N LEU K 653 34.01 28.39 -19.40
CA LEU K 653 34.36 29.12 -18.19
C LEU K 653 33.18 29.28 -17.25
N ALA K 654 32.09 28.54 -17.47
CA ALA K 654 30.89 28.73 -16.67
C ALA K 654 31.04 28.17 -15.27
N VAL K 655 31.82 27.10 -15.09
CA VAL K 655 32.03 26.58 -13.75
C VAL K 655 32.94 27.51 -12.96
N TRP K 656 33.82 28.24 -13.64
CA TRP K 656 34.68 29.18 -12.94
C TRP K 656 33.96 30.49 -12.66
N ALA K 657 33.01 30.88 -13.51
CA ALA K 657 32.16 32.03 -13.22
C ALA K 657 31.22 31.73 -12.06
N TRP K 658 30.70 30.51 -12.00
CA TRP K 658 29.82 30.13 -10.90
C TRP K 658 30.58 29.99 -9.60
N MET K 659 31.81 29.47 -9.66
CA MET K 659 32.66 29.38 -8.47
C MET K 659 33.15 30.75 -8.02
N PHE K 660 33.28 31.69 -8.97
CA PHE K 660 33.65 33.07 -8.66
C PHE K 660 32.60 33.73 -7.77
N LEU K 661 31.32 33.56 -8.12
CA LEU K 661 30.25 34.09 -7.29
C LEU K 661 30.08 33.27 -6.03
N PHE K 662 30.32 31.97 -6.11
CA PHE K 662 30.34 31.09 -4.93
C PHE K 662 31.36 31.57 -3.91
N GLY K 663 32.55 31.96 -4.39
CA GLY K 663 33.57 32.47 -3.48
C GLY K 663 33.21 33.83 -2.90
N HIS K 664 32.61 34.69 -3.72
CA HIS K 664 32.11 35.96 -3.21
C HIS K 664 30.99 35.77 -2.19
N LEU K 665 30.21 34.69 -2.35
CA LEU K 665 29.12 34.41 -1.42
C LEU K 665 29.64 33.90 -0.08
N ALA K 666 30.62 32.97 -0.10
CA ALA K 666 31.17 32.42 1.13
C ALA K 666 31.94 33.48 1.91
N TRP K 667 32.57 34.42 1.21
CA TRP K 667 33.26 35.53 1.86
C TRP K 667 32.28 36.48 2.54
N ALA K 668 31.06 36.57 2.02
CA ALA K 668 30.06 37.45 2.59
C ALA K 668 29.32 36.81 3.75
N VAL K 669 29.11 35.49 3.68
CA VAL K 669 28.58 34.72 4.81
C VAL K 669 29.55 34.80 5.99
N SER K 670 30.85 34.87 5.70
CA SER K 670 31.88 35.04 6.71
C SER K 670 31.68 36.29 7.55
N PHE K 671 31.28 37.40 6.91
CA PHE K 671 31.13 38.67 7.62
C PHE K 671 29.98 38.63 8.62
N MET K 672 28.99 37.77 8.40
CA MET K 672 27.92 37.58 9.39
C MET K 672 28.46 37.01 10.68
N PHE K 673 29.33 36.00 10.59
CA PHE K 673 29.89 35.38 11.78
C PHE K 673 30.95 36.24 12.44
N LEU K 674 31.57 37.16 11.71
CA LEU K 674 32.65 37.97 12.24
C LEU K 674 32.20 39.33 12.77
N ILE K 675 31.12 39.89 12.24
CA ILE K 675 30.63 41.19 12.70
C ILE K 675 29.55 41.03 13.76
N THR K 676 28.51 40.24 13.47
CA THR K 676 27.53 39.92 14.49
C THR K 676 28.13 38.92 15.46
N TRP K 677 27.87 39.13 16.74
CA TRP K 677 28.43 38.29 17.78
C TRP K 677 27.26 37.59 18.49
N ARG K 678 27.56 36.89 19.59
CA ARG K 678 26.76 35.73 19.99
C ARG K 678 25.37 36.10 20.50
N GLY K 679 25.31 37.02 21.47
CA GLY K 679 24.06 37.24 22.21
C GLY K 679 22.94 37.85 21.40
N TYR K 680 23.24 38.40 20.22
CA TYR K 680 22.17 38.68 19.26
C TYR K 680 21.48 37.38 18.86
N TRP K 681 22.25 36.37 18.50
CA TRP K 681 21.69 35.15 17.94
C TRP K 681 21.08 34.26 19.01
N GLN K 682 21.59 34.34 20.24
CA GLN K 682 21.06 33.50 21.32
C GLN K 682 19.66 33.95 21.71
N GLU K 683 19.41 35.26 21.71
CA GLU K 683 18.08 35.75 22.03
C GLU K 683 17.11 35.55 20.87
N LEU K 684 17.60 35.45 19.65
CA LEU K 684 16.73 35.11 18.52
C LEU K 684 16.29 33.66 18.57
N ILE K 685 17.15 32.78 19.08
CA ILE K 685 16.86 31.34 19.12
C ILE K 685 15.82 31.03 20.21
N GLU K 686 15.78 31.82 21.28
CA GLU K 686 14.71 31.69 22.28
C GLU K 686 13.33 31.98 21.70
N THR K 687 13.22 32.96 20.80
CA THR K 687 11.92 33.20 20.18
C THR K 687 11.53 32.07 19.23
N LEU K 688 12.52 31.47 18.56
CA LEU K 688 12.24 30.30 17.72
C LEU K 688 11.91 29.07 18.56
N MET K 689 12.56 28.93 19.72
CA MET K 689 12.19 27.86 20.64
C MET K 689 10.82 28.09 21.24
N TRP K 690 10.42 29.36 21.41
CA TRP K 690 9.03 29.64 21.80
C TRP K 690 8.07 29.23 20.70
N ALA K 691 8.40 29.55 19.45
CA ALA K 691 7.47 29.34 18.35
C ALA K 691 7.28 27.87 18.04
N HIS K 692 8.32 27.06 18.23
CA HIS K 692 8.19 25.64 17.94
C HIS K 692 7.34 24.94 19.00
N GLU K 693 7.49 25.32 20.27
CA GLU K 693 6.75 24.68 21.35
C GLU K 693 5.26 24.98 21.28
N ASN K 694 4.89 26.12 20.69
CA ASN K 694 3.50 26.57 20.67
C ASN K 694 2.87 26.47 19.28
N THR K 695 3.50 25.72 18.37
CA THR K 695 2.91 25.48 17.06
C THR K 695 2.28 24.10 17.01
N PRO K 696 1.04 23.98 16.55
CA PRO K 696 0.45 22.65 16.37
C PRO K 696 1.04 21.92 15.18
N LEU K 697 0.85 20.61 15.17
CA LEU K 697 1.26 19.64 14.14
C LEU K 697 2.78 19.54 13.96
N SER K 698 3.57 20.18 14.82
CA SER K 698 5.02 20.15 14.73
C SER K 698 5.54 19.20 15.81
N PHE K 699 5.50 17.91 15.50
CA PHE K 699 5.70 16.90 16.53
C PHE K 699 7.17 16.72 16.90
N GLY K 700 8.09 17.24 16.10
CA GLY K 700 9.50 17.17 16.43
C GLY K 700 9.84 18.03 17.63
N TYR K 701 10.94 17.67 18.28
CA TYR K 701 11.39 18.39 19.43
C TYR K 701 12.90 18.16 19.52
N PRO K 702 13.70 19.20 19.75
CA PRO K 702 15.15 19.02 19.71
C PRO K 702 15.65 18.26 20.94
N LYS K 703 16.35 17.15 20.70
CA LYS K 703 16.98 16.42 21.80
C LYS K 703 18.12 17.24 22.39
N ASP K 704 18.95 17.82 21.53
CA ASP K 704 19.96 18.78 21.94
C ASP K 704 19.33 20.16 21.91
N LYS K 705 19.48 20.91 22.99
CA LYS K 705 18.85 22.22 23.07
C LYS K 705 19.52 23.19 22.12
N PRO K 706 18.76 23.88 21.26
CA PRO K 706 19.38 24.82 20.30
C PRO K 706 19.94 26.03 21.02
N VAL K 707 21.23 26.26 20.87
CA VAL K 707 21.90 27.46 21.35
C VAL K 707 22.63 28.08 20.17
N ALA K 708 22.93 29.36 20.31
CA ALA K 708 23.80 30.03 19.35
C ALA K 708 25.20 29.44 19.42
N LEU K 709 25.94 29.58 18.32
CA LEU K 709 27.33 29.15 18.29
C LEU K 709 28.15 29.96 19.27
N SER K 710 29.17 29.33 19.84
CA SER K 710 29.97 29.97 20.87
C SER K 710 30.84 31.07 20.26
N ILE K 711 31.46 31.86 21.15
CA ILE K 711 32.26 33.01 20.74
C ILE K 711 33.48 32.56 19.95
N VAL K 712 34.14 31.49 20.40
CA VAL K 712 35.32 30.99 19.72
C VAL K 712 34.92 30.27 18.43
N GLN K 713 33.81 29.52 18.46
CA GLN K 713 33.39 28.70 17.32
C GLN K 713 33.05 29.56 16.11
N ALA K 714 32.36 30.68 16.32
CA ALA K 714 31.99 31.52 15.19
C ALA K 714 33.12 32.41 14.72
N ARG K 715 34.15 32.63 15.54
CA ARG K 715 35.39 33.17 15.01
C ARG K 715 36.04 32.17 14.08
N LEU K 716 35.96 30.87 14.42
CA LEU K 716 36.51 29.83 13.58
C LEU K 716 35.64 29.58 12.35
N VAL K 717 34.32 29.58 12.53
CA VAL K 717 33.40 29.40 11.42
C VAL K 717 33.47 30.59 10.47
N GLY K 718 33.60 31.81 11.02
CA GLY K 718 33.76 32.98 10.19
C GLY K 718 35.09 33.04 9.47
N LEU K 719 36.15 32.52 10.09
CA LEU K 719 37.44 32.43 9.42
C LEU K 719 37.43 31.35 8.34
N THR K 720 36.65 30.29 8.55
CA THR K 720 36.57 29.22 7.56
C THR K 720 35.83 29.69 6.30
N HIS K 721 34.72 30.41 6.48
CA HIS K 721 34.01 30.97 5.34
C HIS K 721 34.83 32.06 4.65
N PHE K 722 35.62 32.82 5.42
CA PHE K 722 36.51 33.83 4.85
C PHE K 722 37.58 33.17 3.99
N THR K 723 38.16 32.09 4.48
CA THR K 723 39.25 31.43 3.77
C THR K 723 38.76 30.68 2.54
N VAL K 724 37.64 29.96 2.66
CA VAL K 724 37.02 29.30 1.53
C VAL K 724 36.57 30.32 0.50
N GLY K 725 36.02 31.44 0.96
CA GLY K 725 35.66 32.52 0.06
C GLY K 725 36.84 33.22 -0.57
N TYR K 726 37.97 33.25 0.13
CA TYR K 726 39.20 33.83 -0.42
C TYR K 726 39.76 32.97 -1.55
N ILE K 727 39.80 31.66 -1.34
CA ILE K 727 40.53 30.76 -2.23
C ILE K 727 39.68 30.38 -3.43
N ALA K 728 38.38 30.17 -3.23
CA ALA K 728 37.49 29.84 -4.34
C ALA K 728 37.30 31.03 -5.28
N THR K 729 37.42 32.26 -4.76
CA THR K 729 37.31 33.44 -5.62
C THR K 729 38.56 33.60 -6.47
N TYR K 730 39.73 33.60 -5.84
CA TYR K 730 40.97 33.82 -6.59
C TYR K 730 41.33 32.60 -7.42
N GLY K 731 41.04 31.39 -6.93
CA GLY K 731 41.33 30.19 -7.69
C GLY K 731 40.51 30.10 -8.96
N ALA K 732 39.25 30.54 -8.91
CA ALA K 732 38.44 30.62 -10.12
C ALA K 732 38.93 31.74 -11.03
N PHE K 733 39.39 32.85 -10.45
CA PHE K 733 39.87 33.96 -11.25
C PHE K 733 41.23 33.64 -11.87
N LEU K 734 42.07 32.90 -11.15
CA LEU K 734 43.40 32.57 -11.67
C LEU K 734 43.31 31.58 -12.82
N ILE K 735 42.41 30.59 -12.72
CA ILE K 735 42.26 29.61 -13.78
C ILE K 735 41.63 30.26 -15.01
N ALA K 736 40.54 31.00 -14.81
CA ALA K 736 39.76 31.48 -15.95
C ALA K 736 40.43 32.64 -16.68
N SER K 737 41.18 33.48 -15.97
CA SER K 737 41.84 34.58 -16.68
C SER K 737 43.09 34.11 -17.42
N THR K 738 43.79 33.10 -16.90
CA THR K 738 44.99 32.62 -17.56
C THR K 738 44.66 31.68 -18.72
N SER K 739 43.68 30.79 -18.54
CA SER K 739 43.39 29.79 -19.57
C SER K 739 42.59 30.36 -20.74
N SER K 740 41.89 31.46 -20.53
CA SER K 740 41.17 32.11 -21.62
C SER K 740 42.02 33.10 -22.40
N ARG K 741 43.08 33.65 -21.79
CA ARG K 741 44.01 34.47 -22.54
C ARG K 741 45.05 33.62 -23.27
N PHE K 742 45.36 32.45 -22.74
CA PHE K 742 46.31 31.54 -23.37
C PHE K 742 45.71 30.15 -23.51
N SER L 2 29.94 22.46 35.20
CA SER L 2 29.81 23.73 35.90
C SER L 2 31.11 24.53 35.82
N HIS L 3 31.02 25.81 36.19
CA HIS L 3 32.20 26.66 36.24
C HIS L 3 32.90 26.48 37.59
N SER L 4 34.08 27.10 37.69
CA SER L 4 34.89 27.05 38.90
C SER L 4 35.17 28.47 39.35
N VAL L 5 34.79 28.81 40.57
CA VAL L 5 35.00 30.13 41.14
C VAL L 5 35.99 29.97 42.29
N LYS L 6 37.20 30.49 42.11
CA LYS L 6 38.25 30.40 43.12
C LYS L 6 38.43 31.76 43.79
N ILE L 7 38.49 31.75 45.11
CA ILE L 7 38.78 32.95 45.90
C ILE L 7 40.17 32.79 46.48
N TYR L 8 41.04 33.75 46.22
CA TYR L 8 42.42 33.72 46.66
C TYR L 8 42.58 34.57 47.93
N ASP L 9 43.69 34.36 48.62
CA ASP L 9 43.90 34.94 49.94
C ASP L 9 44.29 36.41 49.92
N THR L 10 44.30 37.06 48.76
CA THR L 10 44.46 38.50 48.68
C THR L 10 43.14 39.24 48.88
N CYS L 11 42.07 38.54 49.24
CA CYS L 11 40.76 39.15 49.38
C CYS L 11 40.71 40.04 50.61
N ILE L 12 40.27 41.29 50.40
CA ILE L 12 40.15 42.24 51.49
C ILE L 12 38.76 42.24 52.11
N GLY L 13 37.87 41.35 51.67
CA GLY L 13 36.56 41.19 52.28
C GLY L 13 35.61 42.36 52.10
N CYS L 14 35.62 42.99 50.92
CA CYS L 14 34.81 44.18 50.68
C CYS L 14 33.38 43.85 50.29
N THR L 15 33.02 42.56 50.18
CA THR L 15 31.69 42.03 49.87
C THR L 15 31.15 42.51 48.53
N GLN L 16 31.99 43.02 47.63
CA GLN L 16 31.48 43.60 46.40
C GLN L 16 31.21 42.55 45.34
N CYS L 17 31.91 41.41 45.39
CA CYS L 17 31.60 40.31 44.49
C CYS L 17 30.28 39.65 44.84
N VAL L 18 29.93 39.63 46.14
CA VAL L 18 28.65 39.06 46.56
C VAL L 18 27.49 39.95 46.14
N ARG L 19 27.70 41.27 46.20
CA ARG L 19 26.67 42.20 45.75
C ARG L 19 26.51 42.17 44.25
N ALA L 20 27.59 41.91 43.51
CA ALA L 20 27.54 41.96 42.06
C ALA L 20 26.96 40.69 41.43
N CYS L 21 26.95 39.58 42.15
CA CYS L 21 26.57 38.30 41.57
C CYS L 21 25.06 38.23 41.36
N PRO L 22 24.57 38.08 40.13
CA PRO L 22 23.13 37.99 39.90
C PRO L 22 22.55 36.60 40.10
N LEU L 23 23.37 35.62 40.46
CA LEU L 23 22.90 34.25 40.62
C LEU L 23 22.99 33.76 42.06
N ASP L 24 23.47 34.60 42.98
CA ASP L 24 23.72 34.29 44.38
C ASP L 24 24.57 33.02 44.51
N VAL L 25 25.75 33.11 43.91
CA VAL L 25 26.75 32.08 44.01
C VAL L 25 27.64 32.30 45.23
N LEU L 26 27.91 33.56 45.57
CA LEU L 26 28.94 33.91 46.54
C LEU L 26 28.33 34.36 47.86
N GLU L 27 29.02 34.03 48.94
CA GLU L 27 28.69 34.52 50.26
C GLU L 27 29.97 34.81 51.03
N MET L 28 29.83 35.55 52.12
CA MET L 28 30.96 35.92 52.97
C MET L 28 31.02 34.99 54.18
N VAL L 29 32.21 34.48 54.48
CA VAL L 29 32.45 33.64 55.64
C VAL L 29 33.53 34.30 56.49
N PRO L 30 33.56 34.12 57.81
CA PRO L 30 34.59 34.77 58.63
C PRO L 30 35.96 34.14 58.40
N TRP L 31 36.98 34.99 58.40
CA TRP L 31 38.28 34.47 57.96
C TRP L 31 39.44 34.75 58.91
N ASP L 32 39.53 35.96 59.48
CA ASP L 32 40.69 36.44 60.24
C ASP L 32 41.97 36.32 59.40
N GLY L 33 41.91 36.79 58.16
CA GLY L 33 43.07 36.79 57.29
C GLY L 33 43.25 38.13 56.63
N CYS L 34 42.35 39.06 56.95
CA CYS L 34 42.42 40.43 56.47
C CYS L 34 41.81 41.33 57.54
N LYS L 35 41.79 42.63 57.26
CA LYS L 35 41.33 43.59 58.24
C LYS L 35 39.82 43.49 58.47
N ALA L 36 39.06 43.19 57.42
CA ALA L 36 37.61 43.08 57.53
C ALA L 36 37.15 41.81 58.21
N GLY L 37 38.04 40.83 58.42
CA GLY L 37 37.71 39.61 59.10
C GLY L 37 36.88 38.63 58.32
N SER L 38 36.58 38.91 57.06
CA SER L 38 35.73 38.06 56.25
C SER L 38 36.37 37.86 54.88
N ILE L 39 36.03 36.74 54.25
CA ILE L 39 36.53 36.40 52.93
C ILE L 39 35.34 35.90 52.10
N ALA L 40 35.46 36.03 50.78
CA ALA L 40 34.44 35.51 49.89
C ALA L 40 34.58 34.00 49.77
N SER L 41 33.44 33.34 49.58
CA SER L 41 33.40 31.91 49.29
C SER L 41 32.42 31.70 48.16
N SER L 42 32.49 30.54 47.53
CA SER L 42 31.60 30.17 46.43
C SER L 42 30.96 28.82 46.71
N PRO L 43 29.93 28.76 47.57
CA PRO L 43 29.29 27.46 47.83
C PRO L 43 28.39 26.98 46.71
N ARG L 44 27.57 27.88 46.13
CA ARG L 44 26.60 27.49 45.12
C ARG L 44 27.16 27.74 43.72
N THR L 45 28.30 27.12 43.43
CA THR L 45 28.97 27.31 42.15
C THR L 45 28.31 26.55 41.02
N GLU L 46 27.37 25.64 41.32
CA GLU L 46 26.61 24.97 40.28
C GLU L 46 25.52 25.86 39.69
N ASP L 47 25.27 27.02 40.30
CA ASP L 47 24.36 28.02 39.74
C ASP L 47 25.10 29.12 38.98
N CYS L 48 26.43 29.06 38.92
CA CYS L 48 27.21 30.11 38.28
C CYS L 48 27.05 30.07 36.77
N VAL L 49 26.67 31.20 36.18
CA VAL L 49 26.51 31.25 34.74
C VAL L 49 27.80 31.67 34.04
N GLY L 50 28.75 32.27 34.75
CA GLY L 50 30.00 32.69 34.14
C GLY L 50 30.01 34.10 33.62
N CYS L 51 29.14 34.97 34.14
CA CYS L 51 29.03 36.34 33.66
C CYS L 51 30.24 37.20 34.02
N LYS L 52 31.02 36.78 35.02
CA LYS L 52 32.21 37.48 35.53
C LYS L 52 31.90 38.90 35.99
N ARG L 53 30.70 39.11 36.55
CA ARG L 53 30.39 40.38 37.18
C ARG L 53 31.13 40.54 38.49
N CYS L 54 31.47 39.42 39.14
CA CYS L 54 32.21 39.47 40.39
C CYS L 54 33.64 39.93 40.18
N GLU L 55 34.25 39.54 39.06
CA GLU L 55 35.61 39.99 38.76
C GLU L 55 35.65 41.45 38.38
N THR L 56 34.56 41.96 37.77
CA THR L 56 34.46 43.38 37.45
C THR L 56 34.36 44.21 38.72
N ALA L 57 33.83 43.64 39.79
CA ALA L 57 33.64 44.35 41.05
C ALA L 57 34.83 44.24 42.00
N CYS L 58 35.81 43.38 41.71
CA CYS L 58 36.88 43.13 42.67
C CYS L 58 37.92 44.24 42.60
N PRO L 59 38.21 44.92 43.71
CA PRO L 59 39.19 46.01 43.69
C PRO L 59 40.64 45.59 43.89
N THR L 60 40.89 44.31 44.18
CA THR L 60 42.24 43.84 44.46
C THR L 60 42.99 43.64 43.14
N ASP L 61 44.28 43.99 43.13
CA ASP L 61 45.13 43.89 41.95
C ASP L 61 46.26 42.89 42.25
N PHE L 62 46.24 41.71 41.63
CA PHE L 62 45.25 41.25 40.68
C PHE L 62 44.06 40.66 41.45
N LEU L 63 43.03 40.24 40.73
CA LEU L 63 41.74 39.89 41.32
C LEU L 63 41.85 38.73 42.30
N SER L 64 41.12 38.86 43.41
CA SER L 64 41.05 37.80 44.39
C SER L 64 40.06 36.73 44.01
N ILE L 65 39.14 37.03 43.10
CA ILE L 65 38.13 36.08 42.65
C ILE L 65 38.38 35.80 41.17
N ARG L 66 38.43 34.51 40.81
CA ARG L 66 38.65 34.09 39.45
C ARG L 66 37.61 33.07 39.06
N VAL L 67 36.98 33.28 37.90
CA VAL L 67 35.98 32.37 37.35
C VAL L 67 36.62 31.61 36.21
N TYR L 68 36.54 30.29 36.25
CA TYR L 68 37.06 29.41 35.21
C TYR L 68 35.87 28.73 34.56
N LEU L 69 35.64 29.04 33.28
CA LEU L 69 34.51 28.47 32.56
C LEU L 69 34.75 26.99 32.31
N GLY L 70 33.83 26.15 32.80
CA GLY L 70 34.00 24.71 32.73
C GLY L 70 32.97 24.04 31.84
N ALA L 71 32.48 22.89 32.30
CA ALA L 71 31.48 22.14 31.55
C ALA L 71 30.16 22.88 31.50
N GLU L 72 29.55 22.93 30.31
CA GLU L 72 28.30 23.65 30.14
C GLU L 72 27.13 22.75 30.53
N THR L 73 26.36 23.19 31.50
CA THR L 73 25.09 22.59 31.87
C THR L 73 23.96 23.50 31.43
N THR L 74 22.72 23.10 31.73
CA THR L 74 21.57 23.94 31.40
C THR L 74 21.57 25.22 32.25
N ARG L 75 21.99 25.12 33.50
CA ARG L 75 22.04 26.29 34.37
C ARG L 75 23.17 27.24 33.97
N SER L 76 24.34 26.69 33.62
CA SER L 76 25.48 27.55 33.29
C SER L 76 25.31 28.20 31.92
N MET L 77 24.55 27.57 31.02
CA MET L 77 24.23 28.19 29.74
C MET L 77 23.09 29.19 29.83
N GLY L 78 22.42 29.28 30.99
CA GLY L 78 21.38 30.27 31.18
C GLY L 78 20.14 30.05 30.36
N LEU L 79 19.76 28.79 30.12
CA LEU L 79 18.65 28.48 29.24
C LEU L 79 17.35 28.40 30.03
N ALA L 80 16.37 29.21 29.62
CA ALA L 80 15.02 29.12 30.16
C ALA L 80 14.17 28.07 29.47
N TYR L 81 14.70 27.43 28.42
CA TYR L 81 13.99 26.39 27.70
C TYR L 81 14.75 25.07 27.84
N THR M 4 2.57 23.87 50.46
CA THR M 4 3.83 24.14 51.14
C THR M 4 4.35 25.53 50.78
N LEU M 5 3.75 26.13 49.76
CA LEU M 5 4.08 27.48 49.33
C LEU M 5 2.80 28.29 49.27
N THR M 6 2.74 29.38 50.03
CA THR M 6 1.55 30.19 50.19
C THR M 6 1.74 31.50 49.43
N GLY M 7 0.66 32.00 48.84
CA GLY M 7 0.68 33.31 48.24
C GLY M 7 -0.30 33.46 47.10
N LYS M 8 -0.81 34.68 46.94
CA LYS M 8 -1.60 35.00 45.77
C LYS M 8 -0.68 35.16 44.56
N THR M 9 -1.13 34.66 43.43
CA THR M 9 -0.46 34.98 42.17
C THR M 9 -0.73 36.46 41.84
N PRO M 10 0.30 37.21 41.44
CA PRO M 10 0.09 38.61 41.05
C PRO M 10 -0.85 38.74 39.86
N VAL M 11 -1.55 39.88 39.83
CA VAL M 11 -2.53 40.13 38.76
C VAL M 11 -1.77 40.39 37.47
N PHE M 12 -1.99 39.53 36.49
CA PHE M 12 -1.15 39.48 35.30
C PHE M 12 -1.94 38.80 34.20
N GLY M 13 -1.89 39.37 33.00
CA GLY M 13 -2.60 38.79 31.89
C GLY M 13 -1.90 37.66 31.18
N GLY M 14 -0.72 37.28 31.65
CA GLY M 14 0.08 36.30 30.96
C GLY M 14 0.92 36.91 29.87
N SER M 15 1.97 36.18 29.48
CA SER M 15 2.85 36.64 28.43
C SER M 15 3.45 35.43 27.73
N THR M 16 4.21 35.71 26.68
CA THR M 16 4.93 34.67 25.95
C THR M 16 6.32 34.44 26.52
N GLY M 17 6.71 35.17 27.55
CA GLY M 17 8.01 35.02 28.17
C GLY M 17 8.05 34.14 29.40
N GLY M 18 6.96 33.45 29.72
CA GLY M 18 6.84 32.69 30.95
C GLY M 18 7.36 31.27 30.86
N LEU M 19 6.74 30.38 31.62
CA LEU M 19 7.21 29.01 31.78
C LEU M 19 7.06 28.20 30.50
N LEU M 20 8.01 27.31 30.27
CA LEU M 20 8.05 26.48 29.07
C LEU M 20 8.14 25.02 29.49
N THR M 21 8.48 24.16 28.52
CA THR M 21 8.60 22.72 28.75
C THR M 21 9.64 22.38 29.82
N ARG M 22 10.72 23.17 29.91
CA ARG M 22 11.76 22.96 30.91
C ARG M 22 11.22 23.12 32.34
N ALA M 23 10.23 23.98 32.54
CA ALA M 23 9.69 24.22 33.87
C ALA M 23 8.97 23.01 34.43
N ALA M 24 8.42 22.16 33.56
CA ALA M 24 7.70 20.99 34.03
C ALA M 24 8.54 19.71 34.02
N VAL M 25 9.62 19.66 33.24
CA VAL M 25 10.38 18.43 33.10
C VAL M 25 11.75 18.47 33.76
N GLU M 26 12.35 19.65 34.00
CA GLU M 26 13.64 19.69 34.67
C GLU M 26 13.58 20.34 36.05
N GLU M 27 13.17 21.61 36.12
CA GLU M 27 13.19 22.38 37.36
C GLU M 27 12.39 23.66 37.17
N LYS M 28 11.93 24.20 38.27
CA LYS M 28 11.13 25.41 38.30
C LYS M 28 11.60 26.26 39.47
N TYR M 29 11.16 27.51 39.49
CA TYR M 29 11.53 28.42 40.57
C TYR M 29 10.31 29.23 40.98
N ALA M 30 10.23 29.54 42.27
CA ALA M 30 9.16 30.37 42.80
C ALA M 30 9.74 31.38 43.76
N ILE M 31 9.28 32.62 43.64
CA ILE M 31 9.66 33.70 44.54
C ILE M 31 8.41 34.13 45.31
N THR M 32 8.54 34.19 46.64
CA THR M 32 7.45 34.57 47.52
C THR M 32 7.87 35.79 48.32
N TRP M 33 7.01 36.81 48.36
CA TRP M 33 7.32 38.00 49.15
C TRP M 33 6.03 38.58 49.71
N THR M 34 6.18 39.36 50.79
CA THR M 34 5.07 40.11 51.36
C THR M 34 5.19 41.58 50.95
N SER M 35 4.04 42.17 50.64
CA SER M 35 3.96 43.59 50.32
C SER M 35 2.97 44.26 51.26
N THR M 36 3.21 45.54 51.54
CA THR M 36 2.32 46.30 52.41
C THR M 36 1.23 47.03 51.64
N LYS M 37 1.31 47.07 50.30
CA LYS M 37 0.32 47.75 49.50
C LYS M 37 0.23 47.10 48.13
N GLN M 38 -0.88 47.36 47.45
CA GLN M 38 -1.06 46.96 46.07
C GLN M 38 -0.29 47.93 45.17
N GLN M 39 0.65 47.40 44.40
CA GLN M 39 1.48 48.25 43.56
C GLN M 39 1.94 47.48 42.33
N VAL M 40 2.42 48.21 41.34
CA VAL M 40 2.83 47.65 40.06
C VAL M 40 4.33 47.38 40.10
N PHE M 41 4.72 46.18 39.69
CA PHE M 41 6.11 45.85 39.44
C PHE M 41 6.28 45.40 37.99
N GLU M 42 7.53 45.32 37.56
CA GLU M 42 7.86 44.84 36.23
C GLU M 42 8.24 43.37 36.30
N MET M 43 7.59 42.56 35.47
CA MET M 43 7.94 41.16 35.39
C MET M 43 9.29 40.99 34.71
N PRO M 44 10.11 40.03 35.14
CA PRO M 44 11.35 39.75 34.40
C PRO M 44 11.12 39.12 33.04
N THR M 45 9.94 38.58 32.79
CA THR M 45 9.57 38.02 31.51
C THR M 45 8.97 39.06 30.56
N GLY M 46 8.95 40.33 30.95
CA GLY M 46 8.39 41.37 30.12
C GLY M 46 6.99 41.75 30.50
N GLY M 47 6.74 43.04 30.72
CA GLY M 47 5.42 43.53 31.07
C GLY M 47 5.32 43.90 32.53
N ALA M 48 4.14 44.39 32.90
CA ALA M 48 3.86 44.89 34.22
C ALA M 48 2.79 44.04 34.88
N ALA M 49 3.02 43.67 36.14
CA ALA M 49 2.04 42.94 36.94
C ALA M 49 1.76 43.73 38.21
N ILE M 50 0.70 43.33 38.90
CA ILE M 50 0.26 43.98 40.12
C ILE M 50 0.43 43.00 41.27
N MET M 51 1.29 43.35 42.23
CA MET M 51 1.41 42.56 43.43
C MET M 51 0.28 42.91 44.39
N HIS M 52 -0.08 41.94 45.23
CA HIS M 52 -1.16 42.11 46.19
C HIS M 52 -0.61 42.64 47.51
N GLU M 53 -1.49 43.27 48.28
CA GLU M 53 -1.16 43.57 49.67
C GLU M 53 -1.11 42.25 50.44
N GLY M 54 -0.01 42.00 51.12
CA GLY M 54 0.17 40.72 51.78
C GLY M 54 1.10 39.81 51.01
N GLU M 55 0.87 38.50 51.12
CA GLU M 55 1.83 37.51 50.64
C GLU M 55 1.60 37.20 49.17
N ASN M 56 2.69 37.19 48.40
CA ASN M 56 2.68 36.95 46.96
C ASN M 56 3.42 35.66 46.65
N LEU M 57 3.18 35.14 45.45
CA LEU M 57 3.85 33.93 44.98
C LEU M 57 3.86 33.93 43.47
N LEU M 58 5.05 33.81 42.88
CA LEU M 58 5.22 33.90 41.44
C LEU M 58 6.18 32.82 40.97
N TYR M 59 5.73 32.00 40.02
CA TYR M 59 6.56 30.94 39.46
C TYR M 59 7.33 31.46 38.25
N LEU M 60 8.65 31.23 38.26
CA LEU M 60 9.52 31.70 37.19
C LEU M 60 10.40 30.56 36.71
N ALA M 61 10.99 30.74 35.52
CA ALA M 61 11.68 29.67 34.84
C ALA M 61 13.14 29.52 35.29
N ARG M 62 13.82 30.62 35.55
CA ARG M 62 15.23 30.59 35.93
C ARG M 62 15.43 31.20 37.30
N LYS M 63 16.53 30.80 37.94
CA LYS M 63 16.92 31.39 39.22
C LYS M 63 17.34 32.85 39.04
N GLU M 64 17.90 33.18 37.87
CA GLU M 64 18.29 34.57 37.59
C GLU M 64 17.08 35.47 37.46
N GLN M 65 15.94 34.94 37.02
CA GLN M 65 14.73 35.75 36.92
C GLN M 65 14.16 36.07 38.29
N CYS M 66 14.26 35.12 39.23
CA CYS M 66 13.77 35.37 40.58
C CYS M 66 14.68 36.34 41.34
N LEU M 67 15.98 36.24 41.11
CA LEU M 67 16.91 37.15 41.80
C LEU M 67 16.91 38.53 41.17
N ALA M 68 16.57 38.65 39.88
CA ALA M 68 16.39 39.96 39.29
C ALA M 68 15.09 40.60 39.74
N LEU M 69 14.08 39.78 40.06
CA LEU M 69 12.86 40.33 40.64
C LEU M 69 13.10 40.78 42.07
N GLY M 70 13.85 40.00 42.84
CA GLY M 70 14.17 40.38 44.21
C GLY M 70 15.08 41.59 44.29
N THR M 71 15.91 41.80 43.27
CA THR M 71 16.71 43.02 43.19
C THR M 71 15.80 44.23 42.94
N GLN M 72 14.79 44.06 42.09
CA GLN M 72 13.82 45.13 41.85
C GLN M 72 12.97 45.41 43.08
N LEU M 73 12.64 44.36 43.84
CA LEU M 73 11.85 44.55 45.06
C LEU M 73 12.62 45.27 46.15
N ARG M 74 13.94 45.11 46.18
CA ARG M 74 14.77 45.76 47.17
C ARG M 74 15.12 47.20 46.80
N SER M 75 15.02 47.57 45.52
CA SER M 75 15.60 48.81 45.04
C SER M 75 14.61 49.78 44.42
N LYS M 76 13.44 49.33 43.97
CA LYS M 76 12.51 50.18 43.24
C LYS M 76 11.25 50.50 44.03
N PHE M 77 11.19 50.13 45.30
CA PHE M 77 10.00 50.34 46.10
C PHE M 77 10.37 50.97 47.43
N LYS M 78 9.68 52.04 47.80
CA LYS M 78 9.79 52.62 49.14
C LYS M 78 8.46 52.43 49.86
N PRO M 79 8.39 51.61 50.92
CA PRO M 79 9.49 50.91 51.61
C PRO M 79 10.01 49.69 50.86
N LYS M 80 11.24 49.30 51.16
CA LYS M 80 11.87 48.19 50.47
C LYS M 80 11.20 46.87 50.82
N ILE M 81 11.29 45.92 49.91
CA ILE M 81 10.79 44.57 50.11
C ILE M 81 12.01 43.66 50.15
N GLU M 82 12.40 43.27 51.36
CA GLU M 82 13.59 42.47 51.60
C GLU M 82 13.32 41.03 51.95
N ASP M 83 12.07 40.66 52.24
CA ASP M 83 11.76 39.37 52.83
C ASP M 83 11.47 38.29 51.80
N TYR M 84 11.95 38.45 50.57
CA TYR M 84 11.61 37.51 49.51
C TYR M 84 12.39 36.21 49.66
N LYS M 85 11.69 35.09 49.43
CA LYS M 85 12.27 33.76 49.51
C LYS M 85 12.14 33.10 48.15
N ILE M 86 13.21 32.41 47.72
CA ILE M 86 13.26 31.78 46.40
C ILE M 86 13.42 30.27 46.60
N TYR M 87 12.59 29.50 45.91
CA TYR M 87 12.58 28.05 46.02
C TYR M 87 12.87 27.44 44.66
N ARG M 88 13.40 26.23 44.67
CA ARG M 88 13.59 25.44 43.45
C ARG M 88 12.65 24.25 43.51
N ILE M 89 11.73 24.16 42.54
CA ILE M 89 10.71 23.11 42.49
C ILE M 89 11.09 22.13 41.40
N TYR M 90 11.16 20.86 41.77
CA TYR M 90 11.48 19.73 40.92
C TYR M 90 10.19 19.09 40.41
N PRO M 91 10.24 18.33 39.30
CA PRO M 91 8.98 17.81 38.72
C PRO M 91 8.24 16.80 39.58
N ASN M 92 8.88 16.18 40.56
CA ASN M 92 8.19 15.31 41.50
C ASN M 92 7.56 16.07 42.67
N GLY M 93 7.54 17.39 42.61
CA GLY M 93 7.00 18.21 43.67
C GLY M 93 7.97 18.53 44.78
N GLU M 94 9.22 18.06 44.69
CA GLU M 94 10.20 18.30 45.74
C GLU M 94 10.69 19.74 45.67
N THR M 95 10.45 20.49 46.74
CA THR M 95 10.73 21.92 46.79
C THR M 95 11.93 22.16 47.69
N GLN M 96 12.94 22.85 47.15
CA GLN M 96 14.18 23.14 47.87
C GLN M 96 14.33 24.64 48.05
N TYR M 97 14.55 25.06 49.29
CA TYR M 97 14.68 26.47 49.65
C TYR M 97 16.11 26.92 49.38
N VAL M 98 16.30 27.80 48.41
CA VAL M 98 17.64 28.14 47.94
C VAL M 98 18.05 29.58 48.21
N HIS M 99 17.12 30.52 48.37
CA HIS M 99 17.51 31.89 48.66
C HIS M 99 16.51 32.51 49.64
N PRO M 100 16.97 33.11 50.75
CA PRO M 100 18.35 33.16 51.25
C PRO M 100 18.83 31.83 51.84
N ALA M 101 20.11 31.54 51.67
CA ALA M 101 20.67 30.27 52.13
C ALA M 101 21.14 30.37 53.57
N VAL N 2 59.85 48.80 56.74
CA VAL N 2 58.66 49.21 56.01
C VAL N 2 57.66 49.88 56.93
N GLN N 3 57.43 51.17 56.70
CA GLN N 3 56.43 51.94 57.43
C GLN N 3 55.96 53.08 56.53
N ARG N 4 55.01 53.86 57.04
CA ARG N 4 54.45 54.98 56.28
C ARG N 4 55.50 56.06 56.06
N GLY N 5 55.67 56.47 54.81
CA GLY N 5 56.70 57.41 54.43
C GLY N 5 57.85 56.79 53.67
N SER N 6 57.70 55.56 53.19
CA SER N 6 58.72 54.86 52.44
C SER N 6 58.21 54.56 51.05
N LYS N 7 58.98 54.95 50.03
CA LYS N 7 58.62 54.67 48.65
C LYS N 7 59.21 53.32 48.28
N VAL N 8 58.34 52.35 48.03
CA VAL N 8 58.76 50.96 47.80
C VAL N 8 58.57 50.59 46.34
N ARG N 9 58.99 49.37 45.99
CA ARG N 9 59.08 48.89 44.63
C ARG N 9 58.54 47.47 44.61
N ILE N 10 57.55 47.21 43.76
CA ILE N 10 56.77 45.96 43.83
C ILE N 10 57.57 44.83 43.19
N LEU N 11 57.57 43.66 43.84
CA LEU N 11 58.15 42.46 43.29
C LEU N 11 57.12 41.42 42.88
N ARG N 12 55.83 41.78 42.85
CA ARG N 12 54.76 40.83 42.54
C ARG N 12 54.56 40.76 41.04
N PRO N 13 54.71 39.60 40.40
CA PRO N 13 54.61 39.53 38.93
C PRO N 13 53.20 39.63 38.38
N GLU N 14 52.19 39.26 39.17
CA GLU N 14 50.78 39.38 38.82
C GLU N 14 50.21 40.79 38.92
N SER N 15 50.96 41.73 39.49
CA SER N 15 50.48 43.07 39.72
C SER N 15 50.67 43.96 38.49
N TYR N 16 49.83 45.00 38.40
CA TYR N 16 49.96 46.01 37.36
C TYR N 16 51.22 46.84 37.54
N TRP N 17 51.62 47.09 38.78
CA TRP N 17 52.74 47.96 39.09
C TRP N 17 54.02 47.18 39.36
N TYR N 18 54.22 46.07 38.66
CA TYR N 18 55.45 45.31 38.76
C TYR N 18 56.61 46.14 38.21
N ARG N 19 57.71 46.20 38.98
CA ARG N 19 58.89 47.04 38.71
C ARG N 19 58.51 48.51 38.59
N ASP N 20 57.60 48.95 39.46
CA ASP N 20 57.19 50.35 39.52
C ASP N 20 57.22 50.82 40.96
N ILE N 21 57.26 52.15 41.13
CA ILE N 21 57.44 52.80 42.42
C ILE N 21 56.07 53.17 42.99
N GLY N 22 55.89 52.93 44.28
CA GLY N 22 54.65 53.30 44.94
C GLY N 22 54.91 53.79 46.35
N THR N 23 53.98 54.58 46.85
CA THR N 23 54.11 55.23 48.15
C THR N 23 53.27 54.46 49.17
N VAL N 24 53.87 54.12 50.30
CA VAL N 24 53.18 53.37 51.35
C VAL N 24 52.21 54.29 52.07
N ALA N 25 50.94 53.89 52.12
CA ALA N 25 49.95 54.65 52.87
C ALA N 25 49.92 54.25 54.34
N THR N 26 49.58 52.99 54.62
CA THR N 26 49.64 52.45 55.97
C THR N 26 50.26 51.06 55.92
N VAL N 27 50.84 50.64 57.05
CA VAL N 27 51.27 49.26 57.26
C VAL N 27 50.66 48.81 58.57
N ASP N 28 49.77 47.83 58.49
CA ASP N 28 49.03 47.32 59.63
C ASP N 28 49.96 46.55 60.55
N GLN N 29 49.56 46.42 61.83
CA GLN N 29 50.36 45.71 62.81
C GLN N 29 49.53 44.62 63.49
N SER N 30 48.38 44.28 62.91
CA SER N 30 47.47 43.34 63.57
C SER N 30 47.90 41.90 63.33
N GLY N 31 48.38 41.57 62.13
CA GLY N 31 48.83 40.23 61.84
C GLY N 31 48.18 39.63 60.61
N ILE N 32 47.62 40.48 59.75
CA ILE N 32 46.95 40.01 58.55
C ILE N 32 47.98 39.82 57.45
N ARG N 33 47.57 39.07 56.41
CA ARG N 33 48.54 38.51 55.46
C ARG N 33 49.06 39.51 54.44
N TYR N 34 48.38 40.64 54.25
CA TYR N 34 48.84 41.68 53.31
C TYR N 34 48.69 43.03 53.97
N PRO N 35 49.65 43.42 54.82
CA PRO N 35 49.48 44.63 55.64
C PRO N 35 49.88 45.93 54.96
N ALA N 36 50.79 45.86 53.98
CA ALA N 36 51.38 47.07 53.41
C ALA N 36 50.44 47.67 52.37
N ILE N 37 49.79 48.77 52.73
CA ILE N 37 48.90 49.49 51.83
C ILE N 37 49.75 50.48 51.04
N VAL N 38 49.90 50.24 49.74
CA VAL N 38 50.76 51.05 48.88
C VAL N 38 49.88 51.77 47.88
N ARG N 39 50.00 53.09 47.85
CA ARG N 39 49.22 53.90 46.95
C ARG N 39 50.10 54.18 45.72
N PHE N 40 49.48 54.45 44.57
CA PHE N 40 50.23 54.58 43.32
C PHE N 40 49.82 55.82 42.54
N ASP N 41 50.68 56.15 41.57
CA ASP N 41 50.55 57.28 40.65
C ASP N 41 49.82 56.89 39.36
N LYS N 42 50.26 55.80 38.71
CA LYS N 42 49.56 55.30 37.53
C LYS N 42 48.44 54.35 37.95
N VAL N 43 47.26 54.59 37.40
CA VAL N 43 46.09 53.79 37.69
C VAL N 43 46.13 52.52 36.84
N ASN N 44 45.49 51.46 37.33
CA ASN N 44 45.51 50.18 36.64
C ASN N 44 44.40 50.14 35.58
N TYR N 45 44.10 48.95 35.07
CA TYR N 45 43.13 48.81 34.00
C TYR N 45 41.68 48.94 34.47
N TYR N 46 41.42 48.97 35.78
CA TYR N 46 40.05 49.10 36.27
C TYR N 46 39.97 50.08 37.43
N GLY N 47 40.62 51.23 37.29
CA GLY N 47 40.37 52.37 38.15
C GLY N 47 40.89 52.25 39.57
N ILE N 48 41.87 51.40 39.81
CA ILE N 48 42.41 51.16 41.16
C ILE N 48 43.83 51.70 41.19
N SER N 49 44.13 52.50 42.22
CA SER N 49 45.46 53.09 42.38
C SER N 49 46.12 52.70 43.69
N SER N 50 45.52 51.79 44.46
CA SER N 50 46.09 51.36 45.73
C SER N 50 45.68 49.93 46.00
N ASN N 51 46.62 49.13 46.52
CA ASN N 51 46.40 47.71 46.72
C ASN N 51 47.33 47.22 47.82
N ASN N 52 46.85 46.24 48.58
CA ASN N 52 47.60 45.66 49.69
C ASN N 52 48.65 44.68 49.17
N PHE N 53 49.85 44.78 49.75
CA PHE N 53 50.96 43.88 49.44
C PHE N 53 51.52 43.33 50.73
N ALA N 54 52.23 42.21 50.63
CA ALA N 54 52.99 41.73 51.77
C ALA N 54 54.34 42.45 51.84
N LEU N 55 54.96 42.40 53.01
CA LEU N 55 56.26 43.06 53.17
C LEU N 55 57.36 42.33 52.43
N SER N 56 57.20 41.01 52.23
CA SER N 56 58.22 40.26 51.50
C SER N 56 58.20 40.51 50.01
N GLU N 57 57.15 41.12 49.47
CA GLU N 57 57.14 41.40 48.03
C GLU N 57 57.56 42.84 47.73
N LEU N 58 58.13 43.55 48.71
CA LEU N 58 58.53 44.95 48.53
C LEU N 58 60.02 45.11 48.73
N GLU N 59 60.59 46.09 48.01
CA GLU N 59 61.96 46.55 48.23
C GLU N 59 61.96 48.06 48.31
N GLU N 60 62.72 48.61 49.26
CA GLU N 60 62.70 50.03 49.51
C GLU N 60 63.52 50.80 48.47
N VAL N 61 63.17 52.08 48.31
CA VAL N 61 63.96 53.05 47.60
C VAL N 61 64.46 54.15 48.54
N GLU N 62 63.55 54.78 49.26
CA GLU N 62 63.99 55.71 50.29
C GLU N 62 63.38 55.24 51.60
N ASP O 3 25.75 12.64 -27.94
CA ASP O 3 27.09 13.19 -27.78
C ASP O 3 27.03 14.63 -27.28
N MET O 4 26.17 15.44 -27.90
CA MET O 4 26.03 16.84 -27.54
C MET O 4 24.71 17.17 -26.86
N THR O 5 23.78 16.23 -26.79
CA THR O 5 22.47 16.48 -26.21
C THR O 5 22.31 15.90 -24.81
N GLN O 6 23.20 15.02 -24.38
CA GLN O 6 23.05 14.35 -23.09
C GLN O 6 24.41 13.90 -22.60
N LEU O 7 24.44 13.41 -21.37
CA LEU O 7 25.66 12.88 -20.79
C LEU O 7 25.98 11.52 -21.39
N THR O 8 27.13 11.39 -22.03
CA THR O 8 27.64 10.13 -22.52
C THR O 8 29.04 9.92 -21.96
N GLY O 9 29.61 8.76 -22.26
CA GLY O 9 30.98 8.48 -21.89
C GLY O 9 31.67 7.63 -22.92
N ALA O 10 32.79 8.13 -23.47
CA ALA O 10 33.60 7.39 -24.43
C ALA O 10 34.73 6.63 -23.76
N TYR O 11 34.56 6.24 -22.51
CA TYR O 11 35.54 5.49 -21.75
C TYR O 11 34.96 4.14 -21.37
N ALA O 12 35.78 3.31 -20.74
CA ALA O 12 35.36 1.98 -20.36
C ALA O 12 34.35 2.03 -19.21
N ALA O 13 33.32 1.20 -19.31
CA ALA O 13 32.14 1.13 -18.44
C ALA O 13 31.52 2.51 -18.25
N PRO O 14 30.87 3.09 -19.27
CA PRO O 14 30.28 4.42 -19.10
C PRO O 14 29.00 4.42 -18.28
N TRP O 15 28.45 3.25 -17.97
CA TRP O 15 27.33 3.15 -17.05
C TRP O 15 27.74 3.34 -15.60
N LEU O 16 29.04 3.34 -15.30
CA LEU O 16 29.47 3.52 -13.91
C LEU O 16 29.21 4.92 -13.37
N PRO O 17 29.51 6.04 -14.06
CA PRO O 17 29.05 7.34 -13.53
C PRO O 17 27.55 7.53 -13.57
N TRP O 18 26.85 6.79 -14.44
CA TRP O 18 25.40 6.81 -14.50
C TRP O 18 24.76 6.34 -13.20
N ILE O 19 25.43 5.44 -12.47
CA ILE O 19 24.91 4.94 -11.21
C ILE O 19 25.67 5.44 -9.99
N MET O 20 26.97 5.77 -10.12
CA MET O 20 27.76 6.10 -8.93
C MET O 20 27.44 7.49 -8.41
N ILE O 21 27.28 8.46 -9.30
CA ILE O 21 26.91 9.83 -8.92
C ILE O 21 25.51 9.90 -8.31
N PRO O 22 24.47 9.19 -8.81
CA PRO O 22 23.25 9.08 -8.00
C PRO O 22 23.44 8.40 -6.65
N LEU O 23 24.28 7.35 -6.60
CA LEU O 23 24.47 6.62 -5.35
C LEU O 23 25.24 7.46 -4.33
N ILE O 24 26.35 8.07 -4.76
CA ILE O 24 27.21 8.80 -3.84
C ILE O 24 26.53 10.08 -3.35
N PHE O 25 25.80 10.76 -4.22
CA PHE O 25 25.41 12.14 -3.92
C PHE O 25 23.97 12.32 -3.47
N TYR O 26 23.02 11.48 -3.90
CA TYR O 26 21.67 11.71 -3.41
C TYR O 26 20.88 10.45 -3.06
N ILE O 27 21.48 9.27 -3.06
CA ILE O 27 20.80 8.05 -2.62
C ILE O 27 21.31 7.59 -1.26
N LEU O 28 22.61 7.33 -1.16
CA LEU O 28 23.28 7.01 0.09
C LEU O 28 23.46 8.09 1.17
N PRO O 29 23.55 9.43 0.89
CA PRO O 29 23.80 10.37 2.00
C PRO O 29 22.76 10.40 3.12
N PHE O 30 21.48 10.34 2.81
CA PHE O 30 20.46 10.37 3.87
C PHE O 30 20.48 9.11 4.74
N PRO O 31 20.73 7.89 4.21
CA PRO O 31 21.05 6.78 5.14
C PRO O 31 22.33 6.98 5.95
N ILE O 32 23.35 7.59 5.36
CA ILE O 32 24.59 7.81 6.11
C ILE O 32 24.40 8.90 7.15
N PHE O 33 23.63 9.95 6.81
CA PHE O 33 23.29 10.98 7.80
C PHE O 33 22.43 10.43 8.91
N ALA O 34 21.55 9.46 8.60
CA ALA O 34 20.72 8.86 9.63
C ALA O 34 21.54 7.94 10.53
N ILE O 35 22.51 7.22 9.96
CA ILE O 35 23.38 6.35 10.76
C ILE O 35 24.25 7.19 11.69
N ILE O 36 24.79 8.29 11.19
CA ILE O 36 25.63 9.18 11.98
C ILE O 36 24.80 9.88 13.06
N PHE O 37 23.54 10.21 12.73
CA PHE O 37 22.64 10.83 13.71
C PHE O 37 22.32 9.88 14.85
N LEU O 38 22.09 8.60 14.56
CA LEU O 38 21.83 7.65 15.63
C LEU O 38 23.07 7.37 16.46
N TRP O 39 24.26 7.54 15.87
CA TRP O 39 25.50 7.33 16.60
C TRP O 39 25.76 8.45 17.60
N ILE O 40 25.42 9.69 17.25
CA ILE O 40 25.69 10.83 18.11
C ILE O 40 24.56 11.14 19.07
N GLU O 41 23.41 10.48 18.95
CA GLU O 41 22.31 10.69 19.87
C GLU O 41 22.11 9.54 20.84
N ARG O 42 22.83 8.43 20.69
CA ARG O 42 22.56 7.26 21.49
C ARG O 42 23.13 7.42 22.89
N GLU O 43 22.44 6.84 23.87
CA GLU O 43 22.71 7.07 25.28
C GLU O 43 23.01 5.77 26.00
N CYS P 35 -25.81 80.85 3.03
CA CYS P 35 -26.48 81.32 4.22
C CYS P 35 -27.28 80.19 4.86
N ASN P 36 -27.90 79.35 4.03
CA ASN P 36 -28.77 78.30 4.52
C ASN P 36 -27.95 77.16 5.14
N LEU P 37 -26.67 77.06 4.80
CA LEU P 37 -25.77 76.10 5.46
C LEU P 37 -25.31 76.62 6.81
N PHE P 38 -25.19 77.95 6.94
CA PHE P 38 -24.83 78.54 8.22
C PHE P 38 -25.98 78.39 9.22
N VAL P 39 -27.23 78.53 8.76
CA VAL P 39 -28.39 78.28 9.61
C VAL P 39 -28.49 76.80 9.97
N LEU P 40 -28.08 75.91 9.05
CA LEU P 40 -28.01 74.49 9.37
C LEU P 40 -26.97 74.18 10.42
N ALA P 41 -25.86 74.92 10.43
CA ALA P 41 -24.80 74.68 11.40
C ALA P 41 -25.24 75.09 12.81
N ILE P 42 -25.92 76.23 12.94
CA ILE P 42 -26.44 76.61 14.26
C ILE P 42 -27.70 75.84 14.64
N GLY P 43 -28.21 75.00 13.75
CA GLY P 43 -29.40 74.21 14.04
C GLY P 43 -29.11 72.76 14.37
N LYS P 44 -27.89 72.28 14.07
CA LYS P 44 -27.53 70.89 14.33
C LYS P 44 -26.16 70.72 14.99
N TYR P 45 -25.56 71.80 15.50
CA TYR P 45 -24.28 71.70 16.21
C TYR P 45 -24.34 72.41 17.55
N ALA P 46 -25.55 72.70 18.03
CA ALA P 46 -25.84 72.81 19.46
C ALA P 46 -26.24 71.47 20.04
N ILE P 47 -26.02 70.38 19.30
CA ILE P 47 -26.43 69.03 19.65
C ILE P 47 -25.18 68.18 19.82
N GLN P 48 -24.12 68.56 19.11
CA GLN P 48 -22.95 67.71 18.89
C GLN P 48 -21.77 68.04 19.78
N ARG P 49 -21.77 69.17 20.48
CA ARG P 49 -20.56 69.72 21.06
C ARG P 49 -20.60 69.60 22.58
N PRO P 50 -19.65 68.89 23.20
CA PRO P 50 -19.61 68.81 24.66
C PRO P 50 -19.16 70.10 25.33
N GLY P 51 -18.08 70.69 24.82
CA GLY P 51 -17.60 71.94 25.38
C GLY P 51 -18.14 73.15 24.64
N ALA P 52 -19.21 73.74 25.15
CA ALA P 52 -19.83 74.93 24.57
C ALA P 52 -19.80 76.03 25.62
N GLY P 53 -19.05 77.09 25.34
CA GLY P 53 -18.85 78.15 26.30
C GLY P 53 -17.60 77.90 27.12
N PRO P 54 -16.58 78.76 26.94
CA PRO P 54 -15.33 78.57 27.68
C PRO P 54 -15.32 79.29 29.02
N GLY P 68 -21.92 80.99 23.46
CA GLY P 68 -20.78 81.81 23.86
C GLY P 68 -20.07 82.45 22.68
N LEU P 69 -18.95 83.11 22.95
CA LEU P 69 -18.22 83.81 21.91
C LEU P 69 -17.53 82.88 20.89
N PRO P 70 -16.70 81.90 21.28
CA PRO P 70 -15.94 81.18 20.24
C PRO P 70 -16.57 79.93 19.63
N GLU P 71 -17.58 79.29 20.21
CA GLU P 71 -18.25 78.28 19.39
C GLU P 71 -19.24 78.90 18.42
N LEU P 72 -19.55 80.21 18.55
CA LEU P 72 -20.19 80.90 17.44
C LEU P 72 -19.21 81.01 16.28
N LEU P 73 -17.96 81.35 16.56
CA LEU P 73 -16.94 81.49 15.53
C LEU P 73 -16.59 80.14 14.91
N ALA P 74 -16.77 79.05 15.64
CA ALA P 74 -16.60 77.73 15.06
C ALA P 74 -17.81 77.34 14.21
N THR P 75 -19.01 77.63 14.70
CA THR P 75 -20.22 77.29 13.97
C THR P 75 -20.37 78.16 12.72
N ALA P 76 -19.89 79.40 12.76
CA ALA P 76 -19.87 80.23 11.56
C ALA P 76 -18.78 79.77 10.60
N SER P 77 -17.68 79.23 11.12
CA SER P 77 -16.60 78.75 10.24
C SER P 77 -17.02 77.50 9.50
N LEU P 78 -17.71 76.57 10.19
CA LEU P 78 -18.17 75.35 9.54
C LEU P 78 -19.29 75.64 8.56
N GLY P 79 -20.08 76.69 8.81
CA GLY P 79 -21.07 77.11 7.84
C GLY P 79 -20.44 77.62 6.55
N HIS P 80 -19.31 78.31 6.67
CA HIS P 80 -18.58 78.74 5.47
C HIS P 80 -17.84 77.58 4.81
N ILE P 81 -17.57 76.50 5.54
CA ILE P 81 -16.92 75.34 4.94
C ILE P 81 -17.94 74.49 4.19
N LEU P 82 -19.00 74.06 4.88
CA LEU P 82 -20.09 73.34 4.24
C LEU P 82 -20.86 74.20 3.24
N GLY P 83 -20.83 75.52 3.39
CA GLY P 83 -21.42 76.38 2.38
C GLY P 83 -20.61 76.40 1.11
N ALA P 84 -19.28 76.43 1.22
CA ALA P 84 -18.43 76.44 0.03
C ALA P 84 -18.45 75.10 -0.69
N GLY P 85 -18.63 74.00 0.04
CA GLY P 85 -18.71 72.70 -0.59
C GLY P 85 -20.03 72.44 -1.28
N MET P 86 -21.13 72.98 -0.74
CA MET P 86 -22.43 72.75 -1.34
C MET P 86 -22.69 73.70 -2.51
N ILE P 87 -22.20 74.93 -2.42
CA ILE P 87 -22.34 75.88 -3.52
C ILE P 87 -21.55 75.41 -4.74
N LEU P 88 -20.32 74.94 -4.52
CA LEU P 88 -19.57 74.35 -5.61
C LEU P 88 -20.12 72.98 -6.01
N GLY P 89 -20.75 72.28 -5.07
CA GLY P 89 -21.40 71.02 -5.41
C GLY P 89 -22.65 71.22 -6.23
N LEU P 90 -23.44 72.24 -5.89
CA LEU P 90 -24.61 72.60 -6.69
C LEU P 90 -24.25 73.46 -7.90
N GLY P 91 -23.04 74.01 -7.95
CA GLY P 91 -22.62 74.80 -9.09
C GLY P 91 -22.43 74.01 -10.36
N ASN P 92 -22.16 72.71 -10.24
CA ASN P 92 -22.09 71.82 -11.39
C ASN P 92 -23.08 70.67 -11.33
N ALA P 93 -23.79 70.51 -10.21
CA ALA P 93 -24.79 69.45 -9.96
C ALA P 93 -24.24 68.05 -10.17
N THR Q 8 -5.06 54.56 38.55
CA THR Q 8 -4.92 54.66 37.10
C THR Q 8 -4.79 53.28 36.48
N TRP Q 9 -4.24 52.34 37.26
CA TRP Q 9 -4.10 50.96 36.84
C TRP Q 9 -5.01 50.02 37.62
N VAL Q 10 -5.82 50.54 38.54
CA VAL Q 10 -6.55 49.69 39.46
C VAL Q 10 -7.74 49.02 38.77
N ASP Q 11 -8.29 49.63 37.72
CA ASP Q 11 -9.38 49.03 36.98
C ASP Q 11 -8.92 48.25 35.75
N ALA Q 12 -7.60 48.20 35.50
CA ALA Q 12 -7.08 47.25 34.53
C ALA Q 12 -7.25 45.84 35.06
N TYR Q 13 -7.39 44.90 34.12
CA TYR Q 13 -7.72 43.49 34.36
C TYR Q 13 -9.04 43.29 35.12
N ASP Q 14 -9.96 44.25 35.03
CA ASP Q 14 -11.32 44.04 35.55
C ASP Q 14 -12.36 43.90 34.46
N GLN Q 15 -12.15 44.48 33.28
CA GLN Q 15 -13.10 44.33 32.20
C GLN Q 15 -12.74 43.10 31.38
N LYS Q 16 -13.70 42.62 30.60
CA LYS Q 16 -13.50 41.38 29.87
C LYS Q 16 -12.57 41.59 28.67
N ASP Q 17 -11.72 40.59 28.42
CA ASP Q 17 -10.75 40.63 27.35
C ASP Q 17 -10.79 39.30 26.61
N ILE Q 18 -10.71 39.37 25.28
CA ILE Q 18 -10.69 38.14 24.48
C ILE Q 18 -9.34 37.46 24.50
N ILE Q 19 -8.29 38.14 24.99
CA ILE Q 19 -6.98 37.55 25.15
C ILE Q 19 -6.80 37.23 26.64
N GLN Q 20 -6.65 35.95 26.94
CA GLN Q 20 -6.56 35.44 28.29
C GLN Q 20 -5.22 34.75 28.49
N PRO Q 21 -4.81 34.53 29.75
CA PRO Q 21 -3.64 33.65 29.98
C PRO Q 21 -3.95 32.23 29.56
N TYR Q 22 -2.91 31.54 29.08
CA TYR Q 22 -3.07 30.20 28.53
C TYR Q 22 -3.37 29.21 29.64
N ARG Q 23 -4.50 28.49 29.49
CA ARG Q 23 -5.04 27.54 30.48
C ARG Q 23 -5.25 28.19 31.85
N GLY Q 24 -5.62 29.48 31.86
CA GLY Q 24 -5.84 30.20 33.10
C GLY Q 24 -4.61 30.46 33.94
N ASN Q 25 -3.42 30.24 33.40
CA ASN Q 25 -2.18 30.39 34.16
C ASN Q 25 -1.34 31.50 33.56
N PRO Q 26 -1.24 32.67 34.22
CA PRO Q 26 -0.43 33.77 33.65
C PRO Q 26 1.07 33.52 33.70
N GLU Q 27 1.54 32.52 34.43
CA GLU Q 27 2.96 32.22 34.47
C GLU Q 27 3.41 31.38 33.28
N LEU Q 28 2.49 30.76 32.56
CA LEU Q 28 2.85 29.98 31.38
C LEU Q 28 3.23 30.91 30.23
N GLY Q 29 4.15 30.42 29.39
CA GLY Q 29 4.66 31.21 28.29
C GLY Q 29 3.84 31.15 27.02
N ASN Q 30 2.53 31.41 27.14
CA ASN Q 30 1.63 31.43 26.00
C ASN Q 30 0.41 32.25 26.38
N LEU Q 31 -0.36 32.63 25.36
CA LEU Q 31 -1.59 33.36 25.55
C LEU Q 31 -2.74 32.63 24.86
N ALA Q 32 -3.93 32.79 25.40
CA ALA Q 32 -5.15 32.25 24.79
C ALA Q 32 -5.72 33.31 23.85
N THR Q 33 -5.54 33.09 22.56
CA THR Q 33 -5.97 33.99 21.50
C THR Q 33 -7.07 33.32 20.68
N PRO Q 34 -7.76 34.07 19.81
CA PRO Q 34 -8.65 33.41 18.84
C PRO Q 34 -7.96 32.43 17.88
N VAL Q 35 -6.66 32.58 17.66
CA VAL Q 35 -5.98 31.69 16.71
C VAL Q 35 -5.65 30.34 17.35
N ASN Q 36 -5.41 30.29 18.66
CA ASN Q 36 -5.12 29.01 19.29
C ASN Q 36 -6.20 28.48 20.23
N SER Q 37 -7.23 29.27 20.53
CA SER Q 37 -8.18 28.86 21.56
C SER Q 37 -9.64 29.14 21.26
N SER Q 38 -10.00 29.64 20.08
CA SER Q 38 -11.41 29.78 19.76
C SER Q 38 -12.03 28.43 19.45
N ASN Q 39 -13.36 28.39 19.48
CA ASN Q 39 -14.07 27.13 19.29
C ASN Q 39 -13.96 26.63 17.85
N LEU Q 40 -13.80 27.53 16.89
CA LEU Q 40 -13.65 27.12 15.50
C LEU Q 40 -12.30 26.48 15.27
N VAL Q 41 -11.22 27.09 15.74
CA VAL Q 41 -9.90 26.52 15.51
C VAL Q 41 -9.64 25.32 16.41
N LYS Q 42 -10.34 25.20 17.54
CA LYS Q 42 -10.15 24.01 18.36
C LYS Q 42 -10.92 22.82 17.81
N THR Q 43 -12.07 23.07 17.18
CA THR Q 43 -12.81 21.99 16.54
C THR Q 43 -12.06 21.48 15.31
N TYR Q 44 -11.39 22.39 14.59
CA TYR Q 44 -10.68 22.01 13.38
C TYR Q 44 -9.35 21.31 13.69
N ILE Q 45 -8.55 21.89 14.57
CA ILE Q 45 -7.20 21.36 14.82
C ILE Q 45 -7.26 20.04 15.56
N ASN Q 46 -8.12 19.94 16.58
CA ASN Q 46 -8.21 18.71 17.37
C ASN Q 46 -8.90 17.57 16.63
N ASN Q 47 -9.48 17.81 15.46
CA ASN Q 47 -10.05 16.76 14.65
C ASN Q 47 -9.26 16.50 13.38
N LEU Q 48 -8.14 17.21 13.18
CA LEU Q 48 -7.13 16.79 12.23
C LEU Q 48 -6.56 15.44 12.68
N PRO Q 49 -6.10 14.60 11.74
CA PRO Q 49 -5.71 13.22 12.12
C PRO Q 49 -4.50 13.14 13.03
N ALA Q 50 -3.72 14.21 13.19
CA ALA Q 50 -2.68 14.21 14.20
C ALA Q 50 -3.23 14.26 15.61
N TYR Q 51 -4.43 14.83 15.79
CA TYR Q 51 -4.98 15.08 17.11
C TYR Q 51 -6.34 14.45 17.37
N ARG Q 52 -6.95 13.81 16.36
CA ARG Q 52 -8.31 13.29 16.47
C ARG Q 52 -8.41 12.22 17.54
N PRO Q 53 -9.30 12.36 18.53
CA PRO Q 53 -9.24 11.51 19.72
C PRO Q 53 -9.65 10.07 19.44
N GLY Q 54 -8.83 9.14 19.90
CA GLY Q 54 -9.12 7.72 19.83
C GLY Q 54 -8.47 6.99 18.68
N LEU Q 55 -7.83 7.69 17.76
CA LEU Q 55 -7.25 7.05 16.58
C LEU Q 55 -6.03 6.21 16.95
N THR Q 56 -5.88 5.09 16.25
CA THR Q 56 -4.65 4.32 16.33
C THR Q 56 -3.52 5.13 15.69
N PRO Q 57 -2.26 4.93 16.13
CA PRO Q 57 -1.15 5.68 15.54
C PRO Q 57 -0.93 5.42 14.07
N PHE Q 58 -1.29 4.23 13.59
CA PHE Q 58 -1.17 3.93 12.17
C PHE Q 58 -2.18 4.69 11.34
N LEU Q 59 -3.43 4.78 11.81
CA LEU Q 59 -4.47 5.46 11.02
C LEU Q 59 -4.28 6.96 11.04
N ARG Q 60 -3.66 7.52 12.09
CA ARG Q 60 -3.20 8.89 12.06
C ARG Q 60 -2.22 9.11 10.92
N GLY Q 61 -1.26 8.20 10.78
CA GLY Q 61 -0.27 8.32 9.72
C GLY Q 61 -0.84 8.13 8.33
N LEU Q 62 -1.84 7.27 8.19
CA LEU Q 62 -2.40 6.97 6.87
C LEU Q 62 -3.15 8.16 6.30
N GLU Q 63 -3.91 8.86 7.14
CA GLU Q 63 -4.63 10.04 6.66
C GLU Q 63 -3.68 11.21 6.41
N ILE Q 64 -2.66 11.37 7.25
CA ILE Q 64 -1.66 12.41 7.04
C ILE Q 64 -0.86 12.14 5.78
N GLY Q 65 -0.52 10.87 5.54
CA GLY Q 65 0.24 10.51 4.34
C GLY Q 65 -0.55 10.72 3.06
N MET Q 66 -1.79 10.20 3.02
CA MET Q 66 -2.64 10.27 1.82
C MET Q 66 -2.92 11.70 1.42
N ALA Q 67 -3.06 12.61 2.38
CA ALA Q 67 -3.23 14.01 2.05
C ALA Q 67 -1.94 14.61 1.50
N HIS Q 68 -0.80 14.18 2.02
CA HIS Q 68 0.45 14.86 1.71
C HIS Q 68 1.10 14.36 0.44
N GLY Q 69 1.15 13.04 0.23
CA GLY Q 69 1.69 12.50 -1.01
C GLY Q 69 0.90 12.86 -2.23
N TYR Q 70 -0.39 13.14 -2.07
CA TYR Q 70 -1.24 13.52 -3.18
C TYR Q 70 -0.84 14.88 -3.77
N PHE Q 71 -0.59 15.87 -2.91
CA PHE Q 71 -0.27 17.18 -3.46
C PHE Q 71 1.20 17.34 -3.80
N LEU Q 72 2.08 16.51 -3.24
CA LEU Q 72 3.51 16.64 -3.49
C LEU Q 72 3.92 16.17 -4.89
N VAL Q 73 3.04 15.46 -5.60
CA VAL Q 73 3.28 15.16 -7.01
C VAL Q 73 3.20 16.45 -7.84
N GLY Q 74 2.25 17.32 -7.50
CA GLY Q 74 1.90 18.52 -8.20
C GLY Q 74 2.97 19.49 -8.72
N PRO Q 75 3.86 19.99 -7.84
CA PRO Q 75 4.80 21.04 -8.29
C PRO Q 75 5.76 20.66 -9.41
N GLU Q 76 6.35 19.45 -9.37
CA GLU Q 76 7.28 19.09 -10.44
C GLU Q 76 6.58 18.75 -11.75
N VAL Q 77 5.28 18.44 -11.70
CA VAL Q 77 4.53 18.19 -12.93
C VAL Q 77 4.39 19.48 -13.73
N VAL Q 78 4.13 20.59 -13.06
CA VAL Q 78 3.79 21.83 -13.74
C VAL Q 78 5.01 22.72 -13.98
N VAL Q 79 5.91 22.85 -13.00
CA VAL Q 79 7.03 23.76 -13.11
C VAL Q 79 8.39 23.06 -13.12
N GLY Q 80 8.41 21.72 -13.11
CA GLY Q 80 9.67 20.99 -13.03
C GLY Q 80 10.37 20.88 -14.37
N PRO Q 81 11.51 20.19 -14.38
CA PRO Q 81 12.32 20.11 -15.61
C PRO Q 81 11.78 19.15 -16.66
N LEU Q 82 10.80 18.33 -16.33
CA LEU Q 82 10.21 17.39 -17.28
C LEU Q 82 8.90 17.90 -17.86
N ARG Q 83 8.56 19.17 -17.61
CA ARG Q 83 7.20 19.68 -17.82
C ARG Q 83 6.83 19.85 -19.30
N GLU Q 84 7.78 19.71 -20.22
CA GLU Q 84 7.45 19.91 -21.64
C GLU Q 84 6.66 18.74 -22.21
N THR Q 85 6.81 17.55 -21.64
CA THR Q 85 6.04 16.39 -22.04
C THR Q 85 5.21 15.91 -20.86
N ALA Q 86 4.01 15.38 -21.16
CA ALA Q 86 3.07 15.04 -20.11
C ALA Q 86 3.49 13.80 -19.33
N HIS Q 87 3.97 12.76 -20.05
CA HIS Q 87 4.32 11.51 -19.37
C HIS Q 87 5.59 11.68 -18.53
N GLY Q 88 6.54 12.47 -19.02
CA GLY Q 88 7.75 12.71 -18.26
C GLY Q 88 7.52 13.56 -17.03
N ALA Q 89 6.60 14.53 -17.12
CA ALA Q 89 6.33 15.41 -16.00
C ALA Q 89 5.60 14.67 -14.87
N ASN Q 90 4.73 13.72 -15.21
CA ASN Q 90 4.04 12.95 -14.18
C ASN Q 90 4.99 12.00 -13.46
N LEU Q 91 5.95 11.44 -14.19
CA LEU Q 91 6.91 10.51 -13.58
C LEU Q 91 7.85 11.25 -12.64
N SER Q 92 8.32 12.43 -13.03
CA SER Q 92 9.22 13.19 -12.18
C SER Q 92 8.50 13.76 -10.97
N GLY Q 93 7.20 14.03 -11.10
CA GLY Q 93 6.41 14.44 -9.95
C GLY Q 93 6.15 13.29 -8.98
N LEU Q 94 5.99 12.08 -9.50
CA LEU Q 94 5.81 10.91 -8.64
C LEU Q 94 7.08 10.59 -7.88
N ILE Q 95 8.22 10.65 -8.56
CA ILE Q 95 9.51 10.33 -7.94
C ILE Q 95 9.89 11.37 -6.90
N THR Q 96 9.50 12.63 -7.13
CA THR Q 96 9.71 13.67 -6.12
C THR Q 96 8.91 13.42 -4.86
N ALA Q 97 7.64 13.01 -5.02
CA ALA Q 97 6.82 12.69 -3.86
C ALA Q 97 7.29 11.42 -3.17
N ILE Q 98 7.85 10.47 -3.92
CA ILE Q 98 8.39 9.24 -3.32
C ILE Q 98 9.64 9.54 -2.51
N TYR Q 99 10.54 10.37 -3.07
CA TYR Q 99 11.81 10.68 -2.42
C TYR Q 99 11.61 11.51 -1.17
N ILE Q 100 10.66 12.45 -1.19
CA ILE Q 100 10.39 13.27 -0.02
C ILE Q 100 9.74 12.43 1.08
N THR Q 101 8.89 11.47 0.70
CA THR Q 101 8.21 10.62 1.66
C THR Q 101 9.17 9.68 2.37
N VAL Q 102 10.08 9.03 1.62
CA VAL Q 102 11.06 8.14 2.21
C VAL Q 102 12.01 8.91 3.13
N SER Q 103 12.40 10.11 2.71
CA SER Q 103 13.27 10.94 3.53
C SER Q 103 12.57 11.42 4.80
N ALA Q 104 11.30 11.79 4.70
CA ALA Q 104 10.56 12.25 5.87
C ALA Q 104 10.26 11.09 6.82
N CYS Q 105 9.93 9.92 6.28
CA CYS Q 105 9.64 8.77 7.12
C CYS Q 105 10.89 8.17 7.72
N LEU Q 106 12.04 8.32 7.05
CA LEU Q 106 13.30 7.99 7.68
C LEU Q 106 13.58 8.95 8.85
N GLY Q 107 13.20 10.22 8.68
CA GLY Q 107 13.37 11.17 9.76
C GLY Q 107 12.45 10.91 10.95
N ILE Q 108 11.22 10.44 10.67
CA ILE Q 108 10.29 10.09 11.75
C ILE Q 108 10.82 8.90 12.54
N SER Q 109 11.39 7.92 11.85
CA SER Q 109 11.90 6.72 12.52
C SER Q 109 13.14 7.01 13.35
N ILE Q 110 14.08 7.79 12.81
CA ILE Q 110 15.28 8.08 13.57
C ILE Q 110 15.04 9.14 14.64
N PHE Q 111 13.96 9.92 14.53
CA PHE Q 111 13.53 10.74 15.66
C PHE Q 111 13.12 9.86 16.83
N ALA Q 112 12.31 8.84 16.55
CA ALA Q 112 11.82 7.95 17.60
C ALA Q 112 12.93 7.10 18.19
N LEU Q 113 13.91 6.71 17.37
CA LEU Q 113 15.03 5.92 17.89
C LEU Q 113 15.95 6.76 18.76
N ALA Q 114 16.01 8.06 18.52
CA ALA Q 114 16.86 8.95 19.31
C ALA Q 114 16.14 9.49 20.55
N THR Q 115 14.85 9.81 20.44
CA THR Q 115 14.14 10.46 21.52
C THR Q 115 13.82 9.48 22.66
N PHE Q 116 13.24 8.33 22.33
CA PHE Q 116 12.72 7.41 23.34
C PHE Q 116 13.83 6.45 23.75
N GLN Q 117 14.76 6.98 24.54
CA GLN Q 117 15.83 6.22 25.17
C GLN Q 117 15.71 6.47 26.67
N GLY Q 118 15.09 5.55 27.39
CA GLY Q 118 14.76 5.82 28.77
C GLY Q 118 13.63 6.83 28.86
N ASP Q 119 13.70 7.71 29.85
CA ASP Q 119 12.79 8.85 29.90
C ASP Q 119 13.30 9.94 28.97
N PRO Q 120 12.54 10.33 27.95
CA PRO Q 120 13.04 11.32 27.00
C PRO Q 120 13.16 12.70 27.63
N ARG Q 121 14.01 13.52 27.02
CA ARG Q 121 14.13 14.91 27.42
C ARG Q 121 13.09 15.75 26.69
N GLY Q 122 12.72 16.86 27.31
CA GLY Q 122 11.85 17.81 26.65
C GLY Q 122 10.39 17.41 26.58
N ALA Q 123 9.77 17.60 25.42
CA ALA Q 123 8.33 17.50 25.28
C ALA Q 123 7.80 16.08 25.35
N TYR Q 124 8.65 15.06 25.25
CA TYR Q 124 8.20 13.69 25.31
C TYR Q 124 8.58 13.02 26.61
N ASN Q 125 9.02 13.81 27.59
CA ASN Q 125 9.19 13.35 28.97
C ASN Q 125 7.83 12.94 29.55
N SER Q 126 7.89 12.07 30.57
CA SER Q 126 6.68 11.62 31.25
C SER Q 126 5.98 12.73 32.03
N ASN Q 127 6.69 13.80 32.38
CA ASN Q 127 6.12 14.92 33.10
C ASN Q 127 5.67 16.06 32.19
N SER Q 128 5.76 15.89 30.88
CA SER Q 128 5.47 16.98 29.96
C SER Q 128 3.97 17.15 29.76
N PRO Q 129 3.40 18.32 30.07
CA PRO Q 129 1.98 18.57 29.75
C PRO Q 129 1.80 19.20 28.38
N ASP Q 130 2.47 18.65 27.37
CA ASP Q 130 2.41 19.23 26.03
C ASP Q 130 1.18 18.66 25.31
N ARG Q 131 0.13 19.47 25.23
CA ARG Q 131 -1.08 19.05 24.52
C ARG Q 131 -0.85 18.98 23.02
N LEU Q 132 0.09 19.77 22.50
CA LEU Q 132 0.38 19.79 21.08
C LEU Q 132 1.25 18.62 20.63
N ARG Q 133 1.85 17.88 21.56
CA ARG Q 133 2.69 16.72 21.23
C ARG Q 133 2.20 15.52 22.03
N PRO Q 134 1.13 14.86 21.59
CA PRO Q 134 0.51 13.80 22.40
C PRO Q 134 0.97 12.39 22.11
N LEU Q 135 1.81 12.17 21.09
CA LEU Q 135 2.28 10.83 20.73
C LEU Q 135 3.48 10.51 21.60
N ARG Q 136 3.22 9.90 22.75
CA ARG Q 136 4.18 9.88 23.86
C ARG Q 136 4.92 8.56 24.00
N SER Q 137 4.76 7.64 23.07
CA SER Q 137 5.48 6.38 23.13
C SER Q 137 6.14 6.12 21.78
N LYS Q 138 7.16 5.28 21.79
CA LYS Q 138 7.90 5.02 20.57
C LYS Q 138 7.13 4.10 19.62
N ASP Q 139 6.24 3.24 20.15
CA ASP Q 139 5.45 2.42 19.26
C ASP Q 139 4.34 3.21 18.58
N GLY Q 140 3.92 4.33 19.17
CA GLY Q 140 3.06 5.24 18.45
C GLY Q 140 3.78 5.98 17.34
N TRP Q 141 5.08 6.20 17.51
CA TRP Q 141 5.85 6.91 16.49
C TRP Q 141 6.22 6.00 15.33
N PHE Q 142 6.51 4.73 15.62
CA PHE Q 142 6.85 3.79 14.55
C PHE Q 142 5.62 3.40 13.74
N GLN Q 143 4.45 3.37 14.37
CA GLN Q 143 3.22 3.11 13.62
C GLN Q 143 2.79 4.32 12.81
N LEU Q 144 3.09 5.52 13.31
CA LEU Q 144 2.85 6.72 12.53
C LEU Q 144 3.80 6.80 11.34
N SER Q 145 5.03 6.33 11.52
CA SER Q 145 6.01 6.33 10.43
C SER Q 145 5.58 5.40 9.30
N GLY Q 146 5.12 4.19 9.65
CA GLY Q 146 4.64 3.27 8.64
C GLY Q 146 3.34 3.71 8.01
N GLY Q 147 2.49 4.40 8.79
CA GLY Q 147 1.26 4.93 8.23
C GLY Q 147 1.50 6.06 7.25
N ILE Q 148 2.43 6.96 7.56
CA ILE Q 148 2.73 8.08 6.68
C ILE Q 148 3.40 7.58 5.40
N LEU Q 149 4.24 6.54 5.52
CA LEU Q 149 4.88 5.97 4.34
C LEU Q 149 3.86 5.34 3.40
N LEU Q 150 2.96 4.51 3.93
CA LEU Q 150 2.00 3.83 3.07
C LEU Q 150 0.95 4.78 2.52
N GLY Q 151 0.55 5.78 3.31
CA GLY Q 151 -0.43 6.73 2.83
C GLY Q 151 0.13 7.67 1.78
N SER Q 152 1.33 8.19 2.00
CA SER Q 152 1.92 9.13 1.06
C SER Q 152 2.40 8.46 -0.21
N MET Q 153 2.80 7.19 -0.14
CA MET Q 153 3.05 6.43 -1.35
C MET Q 153 1.77 6.18 -2.12
N GLY Q 154 0.68 5.88 -1.40
CA GLY Q 154 -0.59 5.64 -2.07
C GLY Q 154 -1.20 6.91 -2.62
N GLY Q 155 -1.10 8.01 -1.88
CA GLY Q 155 -1.58 9.29 -2.38
C GLY Q 155 -0.78 9.80 -3.56
N ALA Q 156 0.52 9.52 -3.60
CA ALA Q 156 1.34 9.94 -4.73
C ALA Q 156 1.03 9.14 -5.98
N ILE Q 157 0.88 7.82 -5.84
CA ILE Q 157 0.57 7.00 -7.00
C ILE Q 157 -0.89 7.18 -7.42
N PHE Q 158 -1.75 7.65 -6.53
CA PHE Q 158 -3.11 8.02 -6.94
C PHE Q 158 -3.10 9.28 -7.79
N ALA Q 159 -2.34 10.30 -7.36
CA ALA Q 159 -2.20 11.50 -8.18
C ALA Q 159 -1.47 11.21 -9.47
N TYR Q 160 -0.53 10.25 -9.45
CA TYR Q 160 0.18 9.86 -10.67
C TYR Q 160 -0.75 9.16 -11.66
N VAL Q 161 -1.65 8.33 -11.16
CA VAL Q 161 -2.55 7.58 -12.05
C VAL Q 161 -3.60 8.52 -12.65
N LEU Q 162 -4.06 9.51 -11.86
CA LEU Q 162 -5.01 10.49 -12.38
C LEU Q 162 -4.36 11.40 -13.41
N LEU Q 163 -3.09 11.77 -13.21
CA LEU Q 163 -2.43 12.67 -14.15
C LEU Q 163 -1.93 11.94 -15.40
N GLU Q 164 -1.56 10.66 -15.27
CA GLU Q 164 -1.16 9.89 -16.44
C GLU Q 164 -2.35 9.59 -17.34
N ASN Q 165 -3.54 9.46 -16.76
CA ASN Q 165 -4.76 9.20 -17.51
C ASN Q 165 -5.62 10.44 -17.63
N PHE Q 166 -4.99 11.62 -17.74
CA PHE Q 166 -5.73 12.88 -17.76
C PHE Q 166 -6.56 13.03 -19.03
N GLY Q 167 -6.11 12.44 -20.14
CA GLY Q 167 -6.87 12.54 -21.37
C GLY Q 167 -8.19 11.78 -21.32
N ASP Q 168 -8.18 10.60 -20.70
CA ASP Q 168 -9.42 9.86 -20.52
C ASP Q 168 -10.24 10.40 -19.35
N LEU Q 169 -9.58 10.99 -18.36
CA LEU Q 169 -10.30 11.57 -17.22
C LEU Q 169 -10.96 12.89 -17.58
N ASP Q 170 -10.34 13.67 -18.48
CA ASP Q 170 -11.01 14.86 -19.00
C ASP Q 170 -12.19 14.50 -19.89
N ALA Q 171 -12.07 13.41 -20.65
CA ALA Q 171 -13.17 12.97 -21.49
C ALA Q 171 -14.33 12.41 -20.65
N ILE Q 172 -14.03 11.86 -19.47
CA ILE Q 172 -15.08 11.41 -18.56
C ILE Q 172 -15.86 12.59 -18.02
N LEU Q 173 -15.15 13.64 -17.60
CA LEU Q 173 -15.77 14.78 -16.93
C LEU Q 173 -16.44 15.75 -17.90
N ARG Q 174 -16.33 15.53 -19.21
CA ARG Q 174 -17.06 16.31 -20.19
C ARG Q 174 -18.08 15.47 -20.95
N GLY Q 175 -18.29 14.22 -20.55
CA GLY Q 175 -19.26 13.38 -21.21
C GLY Q 175 -18.86 12.87 -22.58
N ALA Q 176 -17.58 12.97 -22.95
CA ALA Q 176 -17.12 12.50 -24.25
C ALA Q 176 -17.10 10.98 -24.35
N VAL Q 177 -17.25 10.27 -23.24
CA VAL Q 177 -17.29 8.81 -23.25
C VAL Q 177 -18.67 8.26 -23.56
N ASN Q 178 -19.64 9.13 -23.85
CA ASN Q 178 -21.01 8.71 -24.15
C ASN Q 178 -21.32 8.78 -25.64
N VAL Q 179 -20.31 8.97 -26.49
CA VAL Q 179 -20.50 9.06 -27.93
C VAL Q 179 -20.84 7.69 -28.51
N MET R 1 45.50 3.45 -26.30
CA MET R 1 44.11 3.55 -25.87
C MET R 1 44.01 3.57 -24.34
N THR R 2 42.83 3.92 -23.84
CA THR R 2 42.61 4.01 -22.40
C THR R 2 42.24 2.63 -21.85
N LEU R 3 41.74 2.61 -20.62
CA LEU R 3 41.50 1.37 -19.89
C LEU R 3 40.40 0.54 -20.53
N SER R 4 40.43 -0.76 -20.23
CA SER R 4 39.38 -1.65 -20.68
C SER R 4 38.38 -1.85 -19.54
N GLU R 5 37.26 -2.50 -19.87
CA GLU R 5 36.24 -2.75 -18.86
C GLU R 5 36.70 -3.76 -17.83
N THR R 6 37.56 -4.71 -18.22
CA THR R 6 38.13 -5.62 -17.24
C THR R 6 39.19 -4.96 -16.37
N GLN R 7 39.81 -3.86 -16.84
CA GLN R 7 40.79 -3.18 -16.01
C GLN R 7 40.12 -2.33 -14.93
N VAL R 8 38.97 -1.74 -15.27
CA VAL R 8 38.24 -0.92 -14.31
C VAL R 8 37.63 -1.82 -13.22
N PHE R 9 37.14 -3.00 -13.60
CA PHE R 9 36.53 -3.90 -12.64
C PHE R 9 37.58 -4.53 -11.73
N VAL R 10 38.81 -4.71 -12.22
CA VAL R 10 39.91 -5.16 -11.38
C VAL R 10 40.24 -4.11 -10.31
N ALA R 11 40.26 -2.83 -10.70
CA ALA R 11 40.55 -1.78 -9.74
C ALA R 11 39.45 -1.61 -8.70
N LEU R 12 38.20 -1.88 -9.08
CA LEU R 12 37.10 -1.80 -8.12
C LEU R 12 37.14 -2.94 -7.12
N VAL R 13 37.54 -4.13 -7.56
CA VAL R 13 37.61 -5.28 -6.67
C VAL R 13 38.82 -5.16 -5.74
N ILE R 14 39.95 -4.67 -6.25
CA ILE R 14 41.15 -4.50 -5.45
C ILE R 14 40.93 -3.42 -4.38
N ALA R 15 40.20 -2.36 -4.71
CA ALA R 15 39.94 -1.27 -3.78
C ALA R 15 39.05 -1.65 -2.60
N LEU R 16 38.41 -2.81 -2.64
CA LEU R 16 37.74 -3.33 -1.46
C LEU R 16 38.71 -3.72 -0.36
N VAL R 17 39.96 -4.02 -0.71
CA VAL R 17 40.97 -4.41 0.27
C VAL R 17 41.42 -3.22 1.12
N PRO R 18 41.74 -2.02 0.60
CA PRO R 18 41.94 -0.89 1.52
C PRO R 18 40.64 -0.35 2.10
N ALA R 19 39.48 -0.69 1.55
CA ALA R 19 38.22 -0.31 2.18
C ALA R 19 38.01 -1.10 3.47
N ILE R 20 38.34 -2.39 3.46
CA ILE R 20 38.21 -3.22 4.65
C ILE R 20 39.30 -2.88 5.66
N LEU R 21 40.52 -2.63 5.17
CA LEU R 21 41.62 -2.34 6.07
C LEU R 21 41.52 -0.95 6.69
N ALA R 22 40.84 -0.01 6.03
CA ALA R 22 40.57 1.27 6.66
C ALA R 22 39.45 1.18 7.67
N PHE R 23 38.52 0.25 7.48
CA PHE R 23 37.46 0.04 8.47
C PHE R 23 38.02 -0.55 9.75
N ARG R 24 38.93 -1.52 9.64
CA ARG R 24 39.50 -2.12 10.84
C ARG R 24 40.55 -1.22 11.48
N LEU R 25 41.12 -0.27 10.73
CA LEU R 25 41.98 0.72 11.36
C LEU R 25 41.15 1.79 12.08
N SER R 26 40.01 2.17 11.49
CA SER R 26 39.16 3.19 12.10
C SER R 26 38.54 2.68 13.40
N THR R 27 38.06 1.43 13.41
CA THR R 27 37.48 0.87 14.63
C THR R 27 38.54 0.53 15.67
N GLU R 28 39.80 0.36 15.27
CA GLU R 28 40.87 0.13 16.23
C GLU R 28 41.38 1.43 16.82
N LEU R 29 41.29 2.52 16.07
CA LEU R 29 41.81 3.80 16.55
C LEU R 29 40.99 4.34 17.71
N TYR R 30 39.65 4.39 17.54
CA TYR R 30 38.60 4.01 18.51
C TYR R 30 37.22 4.12 17.89
N LYS R 31 36.20 4.00 18.73
CA LYS R 31 34.83 4.40 18.40
C LYS R 31 34.74 5.78 17.76
N THR S 44 30.48 -71.90 13.18
CA THR S 44 29.57 -71.39 12.15
C THR S 44 30.34 -70.87 10.95
N THR S 45 29.61 -70.53 9.88
CA THR S 45 30.23 -70.01 8.67
C THR S 45 30.65 -68.56 8.79
N THR S 46 30.27 -67.87 9.87
CA THR S 46 30.72 -66.50 10.08
C THR S 46 32.21 -66.45 10.40
N TRP S 47 32.73 -67.53 11.00
CA TRP S 47 34.15 -67.61 11.33
C TRP S 47 35.03 -67.65 10.09
N ILE S 48 34.51 -68.20 8.98
CA ILE S 48 35.26 -68.25 7.73
C ILE S 48 35.44 -66.86 7.15
N TRP S 49 34.36 -66.07 7.13
CA TRP S 49 34.43 -64.72 6.59
C TRP S 49 35.18 -63.77 7.53
N ASP S 50 35.09 -64.01 8.85
CA ASP S 50 35.74 -63.12 9.80
C ASP S 50 37.25 -63.30 9.82
N LEU S 51 37.74 -64.49 9.48
CA LEU S 51 39.17 -64.77 9.49
C LEU S 51 39.88 -64.06 8.35
N HIS S 52 39.26 -64.01 7.17
CA HIS S 52 39.84 -63.28 6.05
C HIS S 52 39.70 -61.77 6.21
N ALA S 53 38.80 -61.31 7.08
CA ALA S 53 38.65 -59.89 7.35
C ALA S 53 39.51 -59.42 8.52
N ASP S 54 39.93 -60.32 9.39
CA ASP S 54 40.79 -60.00 10.52
C ASP S 54 42.26 -60.28 10.21
N ALA S 55 42.62 -60.28 8.93
CA ALA S 55 43.92 -60.81 8.52
C ALA S 55 45.04 -59.79 8.72
N HIS S 56 44.86 -58.58 8.19
CA HIS S 56 45.96 -57.63 8.08
C HIS S 56 45.84 -56.42 8.99
N ASP S 57 44.85 -56.37 9.88
CA ASP S 57 44.81 -55.33 10.90
C ASP S 57 45.52 -55.84 12.14
N PHE S 58 46.59 -55.15 12.54
CA PHE S 58 47.55 -55.72 13.48
C PHE S 58 47.31 -55.27 14.93
N ASP S 59 46.68 -54.12 15.14
CA ASP S 59 46.30 -53.71 16.47
C ASP S 59 45.05 -54.42 16.98
N SER S 60 44.36 -55.18 16.12
CA SER S 60 43.28 -56.05 16.58
C SER S 60 43.81 -57.23 17.38
N HIS S 61 45.10 -57.53 17.28
CA HIS S 61 45.76 -58.52 18.12
C HIS S 61 46.27 -57.78 19.37
N THR S 62 47.20 -58.40 20.11
CA THR S 62 47.86 -57.71 21.22
C THR S 62 48.65 -56.50 20.72
N THR S 63 48.32 -55.33 21.25
CA THR S 63 48.81 -54.06 20.70
C THR S 63 50.11 -53.67 21.39
N ASP S 64 51.22 -54.03 20.76
CA ASP S 64 52.53 -53.48 21.07
C ASP S 64 53.06 -52.83 19.81
N LEU S 65 53.44 -51.56 19.92
CA LEU S 65 53.72 -50.73 18.75
C LEU S 65 55.02 -51.13 18.05
N GLU S 66 56.01 -51.60 18.81
CA GLU S 66 57.26 -52.02 18.19
C GLU S 66 57.09 -53.29 17.38
N ASP S 67 56.30 -54.23 17.90
CA ASP S 67 56.01 -55.46 17.16
C ASP S 67 55.02 -55.22 16.03
N ILE S 68 54.15 -54.23 16.17
CA ILE S 68 53.27 -53.85 15.07
C ILE S 68 54.07 -53.20 13.95
N SER S 69 55.03 -52.33 14.30
CA SER S 69 55.86 -51.65 13.32
C SER S 69 56.80 -52.59 12.59
N ARG S 70 57.17 -53.72 13.20
CA ARG S 70 58.04 -54.68 12.53
C ARG S 70 57.29 -55.52 11.52
N LYS S 71 56.05 -55.89 11.84
CA LYS S 71 55.23 -56.63 10.87
C LYS S 71 54.82 -55.75 9.70
N ILE S 72 54.69 -54.44 9.93
CA ILE S 72 54.39 -53.51 8.84
C ILE S 72 55.60 -53.36 7.93
N PHE S 73 56.79 -53.22 8.52
CA PHE S 73 58.01 -52.97 7.74
C PHE S 73 58.39 -54.15 6.87
N SER S 74 58.08 -55.38 7.30
CA SER S 74 58.42 -56.55 6.50
C SER S 74 57.33 -56.93 5.52
N ALA S 75 56.07 -56.56 5.80
CA ALA S 75 55.01 -56.75 4.82
C ALA S 75 55.18 -55.79 3.65
N HIS S 76 55.79 -54.63 3.89
CA HIS S 76 56.06 -53.69 2.81
C HIS S 76 57.13 -54.21 1.87
N PHE S 77 58.05 -55.03 2.37
CA PHE S 77 58.97 -55.73 1.48
C PHE S 77 58.25 -56.77 0.64
N GLY S 78 57.23 -57.41 1.20
CA GLY S 78 56.48 -58.41 0.46
C GLY S 78 55.61 -57.81 -0.63
N HIS S 79 55.06 -56.62 -0.40
CA HIS S 79 54.29 -55.96 -1.44
C HIS S 79 55.18 -55.42 -2.54
N LEU S 80 56.42 -55.04 -2.20
CA LEU S 80 57.38 -54.66 -3.22
C LEU S 80 57.78 -55.85 -4.08
N ALA S 81 57.79 -57.06 -3.50
CA ALA S 81 58.08 -58.26 -4.28
C ALA S 81 56.93 -58.61 -5.20
N VAL S 82 55.71 -58.21 -4.85
CA VAL S 82 54.56 -58.45 -5.72
C VAL S 82 54.59 -57.49 -6.91
N ILE S 83 54.98 -56.23 -6.67
CA ILE S 83 55.10 -55.26 -7.74
C ILE S 83 56.24 -55.62 -8.69
N PHE S 84 57.37 -56.09 -8.13
CA PHE S 84 58.48 -56.53 -8.97
C PHE S 84 58.15 -57.82 -9.71
N LEU S 85 57.27 -58.65 -9.17
CA LEU S 85 56.84 -59.84 -9.88
C LEU S 85 55.88 -59.50 -11.01
N TRP S 86 55.05 -58.47 -10.81
CA TRP S 86 54.14 -58.02 -11.85
C TRP S 86 54.87 -57.23 -12.92
N LEU S 87 55.86 -56.44 -12.53
CA LEU S 87 56.72 -55.76 -13.50
C LEU S 87 57.56 -56.75 -14.28
N SER S 88 57.93 -57.88 -13.68
CA SER S 88 58.63 -58.93 -14.41
C SER S 88 57.74 -59.55 -15.47
N GLY S 89 56.44 -59.62 -15.23
CA GLY S 89 55.54 -60.19 -16.22
C GLY S 89 55.32 -59.28 -17.41
N MET S 90 55.22 -57.97 -17.17
CA MET S 90 54.99 -57.04 -18.27
C MET S 90 56.21 -56.92 -19.16
N TYR S 91 57.41 -57.03 -18.58
CA TYR S 91 58.61 -57.03 -19.41
C TYR S 91 58.85 -58.37 -20.08
N PHE S 92 58.42 -59.48 -19.47
CA PHE S 92 58.58 -60.78 -20.12
C PHE S 92 57.58 -60.97 -21.24
N HIS S 93 56.31 -60.61 -21.00
CA HIS S 93 55.32 -60.65 -22.07
C HIS S 93 55.60 -59.61 -23.15
N GLY S 94 56.29 -58.52 -22.77
CA GLY S 94 56.81 -57.60 -23.76
C GLY S 94 58.02 -58.10 -24.52
N ALA S 95 58.76 -59.05 -23.94
CA ALA S 95 59.93 -59.61 -24.63
C ALA S 95 59.62 -60.88 -25.40
N ARG S 96 58.55 -61.60 -25.05
CA ARG S 96 58.31 -62.92 -25.62
C ARG S 96 56.99 -63.07 -26.37
N PHE S 97 55.97 -62.28 -26.03
CA PHE S 97 54.63 -62.49 -26.57
C PHE S 97 54.08 -61.21 -27.18
N SER S 98 54.88 -60.53 -28.00
CA SER S 98 54.51 -59.20 -28.46
C SER S 98 54.91 -59.00 -29.91
N ASN S 99 54.50 -57.85 -30.44
CA ASN S 99 54.94 -57.34 -31.73
C ASN S 99 55.78 -56.07 -31.55
N PHE S 100 56.60 -56.05 -30.50
CA PHE S 100 57.26 -54.81 -30.10
C PHE S 100 58.36 -54.41 -31.08
N SER S 101 59.09 -55.39 -31.63
CA SER S 101 60.09 -55.07 -32.65
C SER S 101 59.44 -54.60 -33.94
N SER S 102 58.26 -55.14 -34.26
CA SER S 102 57.52 -54.67 -35.43
C SER S 102 56.90 -53.31 -35.19
N TRP S 103 56.43 -53.05 -33.96
CA TRP S 103 55.84 -51.76 -33.62
C TRP S 103 56.88 -50.66 -33.62
N MET S 104 58.13 -50.99 -33.27
CA MET S 104 59.19 -49.98 -33.20
C MET S 104 59.63 -49.53 -34.58
N THR S 105 59.36 -50.30 -35.64
CA THR S 105 59.70 -49.85 -36.99
C THR S 105 58.80 -48.69 -37.42
N ASP S 106 57.50 -48.86 -37.29
CA ASP S 106 56.54 -47.84 -37.69
C ASP S 106 55.41 -47.85 -36.66
N PRO S 107 55.45 -46.93 -35.69
CA PRO S 107 54.48 -46.94 -34.59
C PRO S 107 53.18 -46.21 -34.89
N ILE S 108 52.99 -45.75 -36.12
CA ILE S 108 51.78 -45.06 -36.50
C ILE S 108 50.72 -46.04 -36.99
N HIS S 109 51.12 -47.04 -37.78
CA HIS S 109 50.20 -47.95 -38.43
C HIS S 109 50.14 -49.33 -37.77
N ILE S 110 50.94 -49.57 -36.74
CA ILE S 110 50.96 -50.84 -36.03
C ILE S 110 50.28 -50.64 -34.67
N LYS S 111 49.34 -51.52 -34.36
CA LYS S 111 48.71 -51.53 -33.04
C LYS S 111 49.56 -52.33 -32.06
N PRO S 112 49.72 -51.86 -30.83
CA PRO S 112 50.54 -52.57 -29.85
C PRO S 112 49.80 -53.79 -29.29
N SER S 113 50.47 -54.93 -29.29
CA SER S 113 49.94 -56.16 -28.70
C SER S 113 51.00 -56.81 -27.84
N ALA S 114 50.60 -57.28 -26.65
CA ALA S 114 51.54 -58.00 -25.80
C ALA S 114 50.88 -59.19 -25.08
N GLN S 115 49.78 -59.70 -25.59
CA GLN S 115 49.10 -60.87 -25.01
C GLN S 115 48.55 -61.73 -26.13
N VAL S 116 49.04 -62.97 -26.21
CA VAL S 116 48.55 -63.94 -27.18
C VAL S 116 47.68 -64.94 -26.42
N VAL S 117 46.73 -65.53 -27.13
CA VAL S 117 45.68 -66.35 -26.53
C VAL S 117 45.74 -67.74 -27.15
N TRP S 118 45.63 -68.77 -26.31
CA TRP S 118 45.70 -70.15 -26.79
C TRP S 118 44.45 -70.52 -27.58
N PRO S 119 44.58 -71.46 -28.55
CA PRO S 119 43.39 -71.89 -29.34
C PRO S 119 42.62 -73.03 -28.68
N ILE S 120 41.91 -72.71 -27.60
CA ILE S 120 41.01 -73.66 -26.94
C ILE S 120 39.63 -73.02 -26.84
N PHE S 121 38.59 -73.85 -26.95
CA PHE S 121 37.17 -73.46 -26.90
C PHE S 121 36.79 -72.39 -27.93
N GLY S 122 37.56 -72.26 -29.02
CA GLY S 122 37.32 -71.22 -29.99
C GLY S 122 37.68 -69.82 -29.57
N GLN S 123 38.39 -69.64 -28.45
CA GLN S 123 38.68 -68.31 -27.93
C GLN S 123 39.83 -67.61 -28.66
N GLU S 124 40.40 -68.23 -29.70
CA GLU S 124 41.45 -67.62 -30.50
C GLU S 124 40.93 -66.58 -31.49
N ILE S 125 39.61 -66.33 -31.51
CA ILE S 125 39.06 -65.22 -32.27
C ILE S 125 39.52 -63.87 -31.72
N LEU S 126 39.90 -63.82 -30.44
CA LEU S 126 40.36 -62.58 -29.83
C LEU S 126 41.76 -62.17 -30.28
N ASN S 127 42.51 -63.07 -30.92
CA ASN S 127 43.79 -62.70 -31.51
C ASN S 127 43.55 -61.90 -32.78
N ALA S 128 43.55 -60.58 -32.66
CA ALA S 128 43.22 -59.68 -33.76
C ALA S 128 44.47 -59.31 -34.56
N ASP S 129 44.26 -58.98 -35.83
CA ASP S 129 45.33 -58.44 -36.67
C ASP S 129 45.74 -57.08 -36.12
N MET S 130 46.99 -56.92 -35.73
CA MET S 130 47.49 -55.62 -35.32
C MET S 130 48.16 -54.86 -36.45
N GLY S 131 48.04 -55.35 -37.67
CA GLY S 131 49.02 -55.04 -38.69
C GLY S 131 50.19 -56.00 -38.54
N ASP S 132 51.13 -55.89 -39.49
CA ASP S 132 52.42 -56.63 -39.56
C ASP S 132 52.27 -58.15 -39.38
N GLY S 133 51.09 -58.70 -39.69
CA GLY S 133 50.85 -60.12 -39.59
C GLY S 133 50.80 -60.70 -38.19
N PHE S 134 50.83 -59.87 -37.15
CA PHE S 134 50.81 -60.35 -35.78
C PHE S 134 49.37 -60.45 -35.28
N ARG S 135 49.04 -61.57 -34.65
CA ARG S 135 47.70 -61.82 -34.14
C ARG S 135 47.74 -61.88 -32.62
N GLY S 136 47.07 -60.94 -31.98
CA GLY S 136 47.04 -60.90 -30.53
C GLY S 136 45.98 -59.95 -30.04
N ILE S 137 46.09 -59.60 -28.76
CA ILE S 137 45.16 -58.67 -28.11
C ILE S 137 45.82 -57.30 -28.05
N GLN S 138 45.11 -56.28 -28.55
CA GLN S 138 45.59 -54.91 -28.51
C GLN S 138 45.67 -54.41 -27.08
N ILE S 139 46.87 -54.22 -26.58
CA ILE S 139 47.06 -53.73 -25.22
C ILE S 139 46.84 -52.22 -25.21
N THR S 140 46.28 -51.72 -24.10
CA THR S 140 46.01 -50.31 -23.93
C THR S 140 46.76 -49.71 -22.75
N SER S 141 47.74 -50.42 -22.19
CA SER S 141 48.52 -49.90 -21.08
C SER S 141 49.57 -48.90 -21.52
N GLY S 142 49.95 -48.91 -22.79
CA GLY S 142 50.98 -48.01 -23.27
C GLY S 142 52.38 -48.39 -22.85
N LEU S 143 52.66 -49.70 -22.75
CA LEU S 143 54.01 -50.14 -22.42
C LEU S 143 54.97 -49.86 -23.56
N PHE S 144 54.51 -49.93 -24.80
CA PHE S 144 55.40 -49.79 -25.95
C PHE S 144 55.85 -48.35 -26.11
N GLN S 145 54.94 -47.41 -25.85
CA GLN S 145 55.31 -45.98 -25.89
C GLN S 145 56.20 -45.61 -24.70
N MET S 146 56.04 -46.30 -23.57
CA MET S 146 56.93 -46.07 -22.44
C MET S 146 58.31 -46.64 -22.72
N TRP S 147 58.38 -47.82 -23.34
CA TRP S 147 59.66 -48.46 -23.59
C TRP S 147 60.45 -47.76 -24.69
N ARG S 148 59.75 -47.20 -25.69
CA ARG S 148 60.43 -46.46 -26.74
C ARG S 148 61.05 -45.17 -26.21
N GLY S 149 60.33 -44.47 -25.33
CA GLY S 149 60.87 -43.25 -24.75
C GLY S 149 62.00 -43.50 -23.78
N GLU S 150 62.02 -44.67 -23.14
CA GLU S 150 63.10 -44.99 -22.22
C GLU S 150 64.38 -45.37 -22.95
N GLY S 151 64.26 -45.92 -24.16
CA GLY S 151 65.44 -46.23 -24.94
C GLY S 151 65.52 -47.69 -25.36
N PHE S 152 64.46 -48.45 -25.12
CA PHE S 152 64.43 -49.85 -25.53
C PHE S 152 64.32 -49.95 -27.05
N THR S 153 65.11 -50.84 -27.63
CA THR S 153 65.09 -51.07 -29.07
C THR S 153 64.97 -52.53 -29.48
N HIS S 154 65.22 -53.48 -28.59
CA HIS S 154 65.15 -54.90 -28.95
C HIS S 154 64.40 -55.66 -27.87
N GLU S 155 64.19 -56.95 -28.13
CA GLU S 155 63.46 -57.81 -27.21
C GLU S 155 64.38 -58.63 -26.30
N PHE S 156 65.68 -58.36 -26.30
CA PHE S 156 66.52 -58.89 -25.24
C PHE S 156 66.72 -57.88 -24.12
N GLN S 157 66.65 -56.59 -24.43
CA GLN S 157 66.71 -55.56 -23.40
C GLN S 157 65.50 -55.60 -22.49
N LEU S 158 64.32 -55.95 -23.04
CA LEU S 158 63.15 -56.20 -22.21
C LEU S 158 63.27 -57.52 -21.45
N PHE S 159 64.06 -58.46 -21.97
CA PHE S 159 64.23 -59.74 -21.29
C PHE S 159 65.10 -59.58 -20.05
N TRP S 160 66.23 -58.86 -20.18
CA TRP S 160 67.11 -58.64 -19.04
C TRP S 160 66.53 -57.65 -18.03
N THR S 161 65.51 -56.89 -18.41
CA THR S 161 64.75 -56.12 -17.44
C THR S 161 63.76 -57.00 -16.69
N ALA S 162 63.25 -58.05 -17.35
CA ALA S 162 62.36 -58.98 -16.69
C ALA S 162 63.11 -59.91 -15.74
N ILE S 163 64.38 -60.21 -16.05
CA ILE S 163 65.19 -61.00 -15.13
C ILE S 163 65.57 -60.16 -13.91
N GLY S 164 65.85 -58.87 -14.11
CA GLY S 164 66.19 -58.00 -13.01
C GLY S 164 65.03 -57.73 -12.07
N ALA S 165 63.80 -57.76 -12.59
CA ALA S 165 62.64 -57.66 -11.72
C ALA S 165 62.33 -58.98 -11.03
N LEU S 166 62.70 -60.10 -11.66
CA LEU S 166 62.55 -61.40 -11.00
C LEU S 166 63.62 -61.58 -9.93
N VAL S 167 64.79 -60.99 -10.11
CA VAL S 167 65.85 -61.05 -9.10
C VAL S 167 65.50 -60.15 -7.93
N MET S 168 65.06 -58.93 -8.21
CA MET S 168 64.78 -57.96 -7.16
C MET S 168 63.51 -58.29 -6.39
N ALA S 169 62.62 -59.12 -6.96
CA ALA S 169 61.49 -59.63 -6.19
C ALA S 169 61.96 -60.66 -5.17
N ALA S 170 62.97 -61.46 -5.52
CA ALA S 170 63.54 -62.39 -4.56
C ALA S 170 64.38 -61.66 -3.52
N LEU S 171 64.93 -60.50 -3.86
CA LEU S 171 65.66 -59.70 -2.89
C LEU S 171 64.71 -59.01 -1.92
N MET S 172 63.49 -58.70 -2.36
CA MET S 172 62.52 -58.09 -1.46
C MET S 172 61.94 -59.10 -0.48
N MET S 173 61.73 -60.34 -0.91
CA MET S 173 61.21 -61.36 -0.01
C MET S 173 62.33 -62.02 0.80
N PHE S 174 63.58 -61.57 0.63
CA PHE S 174 64.62 -61.87 1.60
C PHE S 174 64.80 -60.76 2.62
N ALA S 175 64.65 -59.50 2.20
CA ALA S 175 64.74 -58.39 3.13
C ALA S 175 63.55 -58.35 4.08
N GLY S 176 62.39 -58.84 3.65
CA GLY S 176 61.27 -58.96 4.57
C GLY S 176 61.45 -60.10 5.55
N TRP S 177 62.18 -61.14 5.15
CA TRP S 177 62.51 -62.20 6.09
C TRP S 177 63.63 -61.78 7.02
N PHE S 178 64.63 -61.05 6.50
CA PHE S 178 65.78 -60.67 7.30
C PHE S 178 65.43 -59.59 8.31
N HIS S 179 64.65 -58.59 7.90
CA HIS S 179 64.28 -57.51 8.80
C HIS S 179 63.05 -57.82 9.64
N TYR S 180 62.56 -59.07 9.61
CA TYR S 180 61.59 -59.52 10.61
C TYR S 180 62.08 -60.73 11.39
N HIS S 181 62.45 -61.81 10.71
CA HIS S 181 62.78 -63.05 11.38
C HIS S 181 64.20 -63.09 11.91
N VAL S 182 65.04 -62.10 11.58
CA VAL S 182 66.44 -62.13 12.02
C VAL S 182 66.81 -60.88 12.81
N ARG S 183 66.74 -59.70 12.16
CA ARG S 183 67.37 -58.49 12.68
C ARG S 183 66.42 -57.30 12.59
N ALA S 184 65.22 -57.48 13.15
CA ALA S 184 64.18 -56.45 13.08
C ALA S 184 64.57 -55.20 13.88
N PRO S 185 64.32 -54.00 13.34
CA PRO S 185 64.64 -52.78 14.07
C PRO S 185 63.65 -52.52 15.20
N LYS S 186 64.01 -51.57 16.05
CA LYS S 186 63.18 -51.22 17.19
C LYS S 186 62.56 -49.84 16.98
N LEU S 187 61.81 -49.37 17.98
CA LEU S 187 60.80 -48.34 17.76
C LEU S 187 61.41 -46.96 17.54
N ASP S 188 62.58 -46.67 18.12
CA ASP S 188 63.19 -45.36 17.90
C ASP S 188 63.76 -45.21 16.49
N TRP S 189 64.01 -46.33 15.81
CA TRP S 189 64.38 -46.27 14.40
C TRP S 189 63.18 -45.91 13.53
N PHE S 190 61.99 -46.37 13.91
CA PHE S 190 60.78 -46.03 13.17
C PHE S 190 60.32 -44.61 13.46
N ARG S 191 60.67 -44.07 14.62
CA ARG S 191 60.22 -42.75 15.04
C ARG S 191 61.14 -41.63 14.59
N ASN S 192 62.25 -41.96 13.93
CA ASN S 192 63.18 -40.95 13.44
C ASN S 192 62.60 -40.35 12.15
N TRP S 193 61.72 -39.37 12.34
CA TRP S 193 61.06 -38.72 11.19
C TRP S 193 62.05 -37.90 10.38
N GLU S 194 62.94 -37.18 11.07
CA GLU S 194 63.86 -36.26 10.39
C GLU S 194 64.87 -37.00 9.54
N SER S 195 65.31 -38.18 9.99
CA SER S 195 66.19 -38.99 9.16
C SER S 195 65.43 -39.65 8.02
N MET S 196 64.17 -40.03 8.27
CA MET S 196 63.35 -40.66 7.23
C MET S 196 62.97 -39.66 6.16
N MET S 197 62.67 -38.42 6.56
CA MET S 197 62.31 -37.40 5.58
C MET S 197 63.52 -36.97 4.77
N ASN S 198 64.69 -36.90 5.41
CA ASN S 198 65.91 -36.50 4.71
C ASN S 198 66.36 -37.57 3.72
N HIS S 199 66.24 -38.84 4.09
CA HIS S 199 66.68 -39.92 3.24
C HIS S 199 65.72 -40.25 2.12
N HIS S 200 64.45 -39.85 2.25
CA HIS S 200 63.49 -40.12 1.20
C HIS S 200 63.32 -38.95 0.24
N LEU S 201 63.66 -37.73 0.67
CA LEU S 201 63.67 -36.59 -0.24
C LEU S 201 64.95 -36.59 -1.08
N ALA S 202 66.10 -36.58 -0.42
CA ALA S 202 67.37 -36.51 -1.14
C ALA S 202 67.78 -37.86 -1.71
N GLY S 203 67.52 -38.94 -0.98
CA GLY S 203 68.04 -40.24 -1.36
C GLY S 203 67.14 -41.03 -2.28
N LEU S 204 65.84 -41.01 -2.03
CA LEU S 204 64.91 -41.77 -2.85
C LEU S 204 64.41 -40.98 -4.05
N LEU S 205 63.96 -39.75 -3.82
CA LEU S 205 63.44 -38.92 -4.90
C LEU S 205 64.52 -38.08 -5.57
N GLY S 206 65.51 -37.62 -4.81
CA GLY S 206 66.56 -36.80 -5.40
C GLY S 206 67.53 -37.62 -6.22
N LEU S 207 68.03 -38.71 -5.65
CA LEU S 207 68.94 -39.58 -6.38
C LEU S 207 68.22 -40.48 -7.37
N GLY S 208 66.92 -40.68 -7.19
CA GLY S 208 66.17 -41.45 -8.16
C GLY S 208 65.97 -40.70 -9.47
N SER S 209 65.70 -39.40 -9.38
CA SER S 209 65.51 -38.59 -10.57
C SER S 209 66.81 -38.05 -11.14
N LEU S 210 67.85 -37.92 -10.31
CA LEU S 210 69.18 -37.65 -10.84
C LEU S 210 69.73 -38.86 -11.57
N GLY S 211 69.52 -40.05 -11.01
CA GLY S 211 69.92 -41.27 -11.70
C GLY S 211 69.13 -41.52 -12.97
N TRP S 212 67.85 -41.13 -13.00
CA TRP S 212 67.10 -41.23 -14.24
C TRP S 212 67.52 -40.17 -15.23
N ALA S 213 67.98 -39.02 -14.74
CA ALA S 213 68.59 -38.02 -15.63
C ALA S 213 69.92 -38.50 -16.19
N GLY S 214 70.59 -39.43 -15.52
CA GLY S 214 71.75 -40.07 -16.12
C GLY S 214 71.37 -41.02 -17.24
N HIS S 215 70.26 -41.74 -17.08
CA HIS S 215 69.82 -42.64 -18.13
C HIS S 215 69.23 -41.88 -19.31
N LEU S 216 68.57 -40.74 -19.05
CA LEU S 216 68.01 -39.95 -20.14
C LEU S 216 69.11 -39.35 -20.99
N ILE S 217 70.13 -38.79 -20.34
CA ILE S 217 71.17 -38.04 -21.05
C ILE S 217 72.07 -38.97 -21.85
N HIS S 218 72.47 -40.10 -21.26
CA HIS S 218 73.47 -40.95 -21.87
C HIS S 218 72.87 -42.10 -22.69
N VAL S 219 71.59 -42.41 -22.52
CA VAL S 219 70.98 -43.52 -23.25
C VAL S 219 69.74 -43.05 -24.03
N ALA S 220 68.82 -42.38 -23.33
CA ALA S 220 67.52 -42.11 -23.93
C ALA S 220 67.52 -40.90 -24.86
N LEU S 221 68.33 -39.88 -24.56
CA LEU S 221 68.47 -38.78 -25.52
C LEU S 221 69.12 -39.16 -26.85
N PRO S 222 70.21 -39.94 -26.93
CA PRO S 222 70.71 -40.29 -28.28
C PRO S 222 69.82 -41.28 -29.02
N THR S 223 69.19 -42.22 -28.32
CA THR S 223 68.39 -43.25 -29.00
C THR S 223 67.11 -42.67 -29.59
N ASN S 224 66.50 -41.71 -28.90
CA ASN S 224 65.29 -41.08 -29.43
C ASN S 224 65.60 -39.97 -30.42
N LYS S 225 66.79 -39.38 -30.38
CA LYS S 225 67.16 -38.38 -31.38
C LYS S 225 67.42 -39.04 -32.73
N LEU S 226 68.01 -40.23 -32.73
CA LEU S 226 68.23 -40.94 -33.98
C LEU S 226 66.94 -41.52 -34.54
N LEU S 227 66.01 -41.91 -33.65
CA LEU S 227 64.75 -42.48 -34.13
C LEU S 227 63.85 -41.42 -34.72
N ASP S 228 63.86 -40.20 -34.16
CA ASP S 228 63.02 -39.14 -34.69
C ASP S 228 63.61 -38.52 -35.96
N ALA S 229 64.90 -38.71 -36.20
CA ALA S 229 65.53 -38.29 -37.44
C ALA S 229 65.52 -39.39 -38.49
N GLY S 230 64.74 -40.44 -38.30
CA GLY S 230 64.55 -41.48 -39.29
C GLY S 230 65.75 -42.36 -39.53
N VAL S 231 66.17 -43.11 -38.53
CA VAL S 231 67.28 -44.05 -38.65
C VAL S 231 66.74 -45.43 -38.29
N PRO S 232 66.88 -46.44 -39.15
CA PRO S 232 66.29 -47.76 -38.88
C PRO S 232 67.04 -48.49 -37.77
N LEU S 233 66.38 -49.52 -37.23
CA LEU S 233 66.79 -50.10 -35.97
C LEU S 233 68.00 -51.04 -36.07
N GLU S 234 68.45 -51.40 -37.28
CA GLU S 234 69.75 -52.08 -37.37
C GLU S 234 70.89 -51.11 -37.13
N ASP S 235 70.68 -49.85 -37.45
CA ASP S 235 71.71 -48.83 -37.44
C ASP S 235 71.71 -48.05 -36.14
N ILE S 236 70.77 -48.33 -35.25
CA ILE S 236 70.75 -47.72 -33.92
C ILE S 236 71.85 -48.38 -33.08
N PRO S 237 72.77 -47.63 -32.50
CA PRO S 237 73.79 -48.25 -31.65
C PRO S 237 73.19 -48.73 -30.35
N LEU S 238 73.75 -49.83 -29.84
CA LEU S 238 73.37 -50.33 -28.52
C LEU S 238 73.77 -49.31 -27.47
N PRO S 239 73.00 -49.14 -26.39
CA PRO S 239 73.11 -47.93 -25.56
C PRO S 239 74.40 -47.80 -24.75
N HIS S 240 75.24 -48.82 -24.68
CA HIS S 240 76.55 -48.63 -24.08
C HIS S 240 77.55 -48.00 -25.04
N GLU S 241 77.27 -48.02 -26.34
CA GLU S 241 78.16 -47.42 -27.32
C GLU S 241 78.07 -45.89 -27.34
N PHE S 242 77.08 -45.31 -26.66
CA PHE S 242 77.08 -43.86 -26.46
C PHE S 242 77.99 -43.43 -25.32
N ILE S 243 78.57 -44.38 -24.59
CA ILE S 243 79.49 -44.10 -23.51
C ILE S 243 80.91 -44.53 -23.86
N LEU S 244 81.07 -45.75 -24.39
CA LEU S 244 82.36 -46.24 -24.83
C LEU S 244 82.89 -45.43 -26.01
N ASN S 245 82.09 -45.32 -27.08
CA ASN S 245 82.39 -44.40 -28.17
C ASN S 245 81.79 -43.06 -27.77
N LYS S 246 82.58 -42.26 -27.05
CA LYS S 246 82.13 -40.93 -26.63
C LYS S 246 81.93 -40.00 -27.82
N SER S 247 82.70 -40.22 -28.90
CA SER S 247 82.60 -39.40 -30.10
C SER S 247 81.28 -39.59 -30.83
N LEU S 248 80.56 -40.69 -30.58
CA LEU S 248 79.30 -40.96 -31.25
C LEU S 248 78.18 -40.07 -30.72
N MET S 249 78.35 -39.50 -29.54
CA MET S 249 77.38 -38.56 -28.98
C MET S 249 77.76 -37.12 -29.26
N VAL S 250 78.94 -36.90 -29.83
CA VAL S 250 79.42 -35.55 -30.12
C VAL S 250 78.65 -34.97 -31.30
N ASP S 251 78.35 -35.78 -32.33
CA ASP S 251 77.67 -35.19 -33.47
C ASP S 251 76.17 -35.01 -33.23
N LEU S 252 75.61 -35.72 -32.24
CA LEU S 252 74.23 -35.41 -31.88
C LEU S 252 74.17 -34.22 -30.94
N TYR S 253 75.14 -34.11 -30.04
CA TYR S 253 75.19 -33.01 -29.07
C TYR S 253 76.63 -32.53 -28.97
N PRO S 254 76.95 -31.37 -29.58
CA PRO S 254 78.35 -30.91 -29.61
C PRO S 254 78.88 -30.45 -28.26
N SER S 255 78.02 -30.23 -27.27
CA SER S 255 78.47 -29.82 -25.93
C SER S 255 79.13 -30.95 -25.16
N PHE S 256 79.05 -32.20 -25.65
CA PHE S 256 79.68 -33.32 -24.99
C PHE S 256 81.18 -33.39 -25.25
N ALA S 257 81.67 -32.68 -26.27
CA ALA S 257 83.11 -32.61 -26.52
C ALA S 257 83.81 -31.77 -25.46
N GLU S 258 83.10 -30.85 -24.83
CA GLU S 258 83.62 -29.97 -23.79
C GLU S 258 83.40 -30.55 -22.39
N GLY S 259 82.74 -31.71 -22.30
CA GLY S 259 82.81 -32.58 -21.12
C GLY S 259 82.00 -32.10 -19.92
N VAL S 260 82.30 -32.70 -18.76
CA VAL S 260 81.69 -32.31 -17.50
C VAL S 260 82.27 -31.01 -16.94
N LYS S 261 83.25 -30.44 -17.62
CA LYS S 261 83.94 -29.24 -17.13
C LYS S 261 83.08 -27.99 -17.02
N PRO S 262 82.10 -27.68 -17.90
CA PRO S 262 81.22 -26.53 -17.62
C PRO S 262 80.27 -26.71 -16.46
N PHE S 263 80.04 -27.93 -15.99
CA PHE S 263 79.14 -28.10 -14.85
C PHE S 263 79.79 -27.62 -13.55
N PHE S 264 81.08 -27.95 -13.35
CA PHE S 264 81.76 -27.56 -12.13
C PHE S 264 82.14 -26.09 -12.10
N THR S 265 82.26 -25.45 -13.26
CA THR S 265 82.62 -24.04 -13.33
C THR S 265 81.41 -23.14 -13.50
N LEU S 266 80.19 -23.70 -13.39
CA LEU S 266 78.91 -22.98 -13.51
C LEU S 266 78.75 -22.29 -14.85
N ASN S 267 79.36 -22.82 -15.90
CA ASN S 267 79.09 -22.37 -17.27
C ASN S 267 78.01 -23.28 -17.87
N TRP S 268 76.84 -23.28 -17.21
CA TRP S 268 75.80 -24.24 -17.52
C TRP S 268 75.17 -24.01 -18.89
N SER S 269 75.26 -22.78 -19.43
CA SER S 269 74.73 -22.46 -20.75
C SER S 269 75.49 -23.13 -21.88
N ALA S 270 76.64 -23.74 -21.60
CA ALA S 270 77.30 -24.59 -22.59
C ALA S 270 76.47 -25.81 -22.92
N TYR S 271 75.70 -26.33 -21.96
CA TYR S 271 74.94 -27.55 -22.10
C TYR S 271 73.58 -27.35 -22.78
N ALA S 272 73.30 -26.16 -23.32
CA ALA S 272 71.93 -25.83 -23.74
C ALA S 272 71.58 -26.38 -25.12
N ASP S 273 71.82 -27.67 -25.34
CA ASP S 273 71.31 -28.38 -26.50
C ASP S 273 70.80 -29.76 -26.17
N PHE S 274 71.10 -30.29 -24.98
CA PHE S 274 70.49 -31.51 -24.48
C PHE S 274 69.71 -31.29 -23.19
N LEU S 275 69.83 -30.12 -22.57
CA LEU S 275 68.95 -29.68 -21.48
C LEU S 275 68.31 -28.38 -21.94
N THR S 276 67.09 -28.45 -22.44
CA THR S 276 66.48 -27.29 -23.06
C THR S 276 65.14 -26.98 -22.39
N PHE S 277 64.80 -25.70 -22.34
CA PHE S 277 63.49 -25.26 -21.86
C PHE S 277 62.56 -24.95 -23.03
N LYS S 278 62.23 -25.98 -23.81
CA LYS S 278 61.53 -25.75 -25.07
C LYS S 278 60.03 -25.56 -24.87
N GLY S 279 59.35 -26.59 -24.37
CA GLY S 279 57.90 -26.62 -24.37
C GLY S 279 57.36 -27.16 -25.68
N GLY S 280 56.04 -27.37 -25.69
CA GLY S 280 55.40 -27.93 -26.86
C GLY S 280 55.63 -29.42 -26.99
N LEU S 281 55.31 -29.92 -28.18
CA LEU S 281 55.45 -31.33 -28.48
C LEU S 281 56.43 -31.54 -29.62
N ASN S 282 56.98 -32.74 -29.68
CA ASN S 282 57.81 -33.15 -30.80
C ASN S 282 56.91 -33.35 -32.01
N PRO S 283 57.15 -32.68 -33.14
CA PRO S 283 56.26 -32.85 -34.32
C PRO S 283 56.40 -34.19 -35.02
N VAL S 284 57.36 -35.03 -34.64
CA VAL S 284 57.48 -36.36 -35.22
C VAL S 284 56.69 -37.38 -34.42
N THR S 285 56.79 -37.34 -33.10
CA THR S 285 56.17 -38.32 -32.23
C THR S 285 54.89 -37.85 -31.57
N GLY S 286 54.78 -36.56 -31.27
CA GLY S 286 53.69 -36.06 -30.46
C GLY S 286 53.98 -36.04 -28.98
N GLY S 287 55.06 -36.67 -28.54
CA GLY S 287 55.45 -36.64 -27.16
C GLY S 287 56.12 -35.33 -26.79
N LEU S 288 56.48 -35.22 -25.51
CA LEU S 288 57.25 -34.08 -25.06
C LEU S 288 58.68 -34.18 -25.60
N TRP S 289 59.36 -33.03 -25.63
CA TRP S 289 60.75 -33.00 -26.05
C TRP S 289 61.60 -33.70 -25.00
N MET S 290 62.47 -34.60 -25.46
CA MET S 290 63.28 -35.40 -24.55
C MET S 290 64.32 -34.56 -23.85
N THR S 291 64.77 -33.46 -24.46
CA THR S 291 65.70 -32.56 -23.79
C THR S 291 64.99 -31.71 -22.74
N ASP S 292 63.68 -31.52 -22.83
CA ASP S 292 62.95 -30.94 -21.72
C ASP S 292 62.77 -31.93 -20.60
N ILE S 293 62.64 -33.22 -20.93
CA ILE S 293 62.46 -34.26 -19.93
C ILE S 293 63.73 -34.44 -19.10
N ALA S 294 64.89 -34.35 -19.76
CA ALA S 294 66.16 -34.49 -19.06
C ALA S 294 66.41 -33.31 -18.13
N HIS S 295 66.18 -32.08 -18.60
CA HIS S 295 66.35 -30.90 -17.76
C HIS S 295 65.28 -30.82 -16.68
N HIS S 296 64.14 -31.49 -16.87
CA HIS S 296 63.16 -31.63 -15.79
C HIS S 296 63.71 -32.50 -14.67
N HIS S 297 64.19 -33.68 -15.00
CA HIS S 297 64.70 -34.62 -14.02
C HIS S 297 66.07 -34.22 -13.46
N VAL S 298 66.69 -33.21 -14.05
CA VAL S 298 67.87 -32.59 -13.44
C VAL S 298 67.47 -31.54 -12.42
N ALA S 299 66.49 -30.71 -12.77
CA ALA S 299 66.11 -29.59 -11.91
C ALA S 299 65.36 -30.05 -10.66
N ILE S 300 64.52 -31.07 -10.80
CA ILE S 300 63.85 -31.60 -9.61
C ILE S 300 64.79 -32.45 -8.78
N ALA S 301 65.87 -32.95 -9.36
CA ALA S 301 66.86 -33.69 -8.58
C ALA S 301 67.61 -32.77 -7.64
N VAL S 302 68.00 -31.60 -8.14
CA VAL S 302 68.65 -30.60 -7.29
C VAL S 302 67.67 -30.06 -6.26
N LEU S 303 66.40 -29.91 -6.65
CA LEU S 303 65.39 -29.39 -5.73
C LEU S 303 65.04 -30.41 -4.65
N PHE S 304 65.15 -31.71 -4.94
CA PHE S 304 64.82 -32.72 -3.93
C PHE S 304 66.01 -33.01 -3.01
N ILE S 305 67.24 -32.95 -3.53
CA ILE S 305 68.42 -33.15 -2.68
C ILE S 305 68.59 -31.96 -1.74
N ILE S 306 68.25 -30.76 -2.22
CA ILE S 306 68.19 -29.59 -1.33
C ILE S 306 67.12 -29.80 -0.27
N ALA S 307 65.96 -30.34 -0.67
CA ALA S 307 64.88 -30.61 0.27
C ALA S 307 65.26 -31.67 1.30
N GLY S 308 66.18 -32.56 0.97
CA GLY S 308 66.61 -33.59 1.91
C GLY S 308 67.72 -33.15 2.84
N HIS S 309 67.88 -31.84 3.01
CA HIS S 309 68.78 -31.27 4.02
C HIS S 309 68.01 -30.31 4.92
N PHE S 310 66.69 -30.41 4.93
CA PHE S 310 65.85 -29.50 5.68
C PHE S 310 65.75 -29.90 7.15
N TYR S 311 65.89 -31.19 7.46
CA TYR S 311 65.55 -31.71 8.77
C TYR S 311 66.81 -32.03 9.57
N ARG S 312 66.73 -31.79 10.88
CA ARG S 312 67.86 -31.94 11.78
C ARG S 312 67.93 -33.37 12.31
N THR S 313 69.02 -34.07 12.02
CA THR S 313 69.13 -35.48 12.35
C THR S 313 70.19 -35.76 13.42
N ASN S 314 71.45 -35.42 13.16
CA ASN S 314 72.53 -35.82 14.04
C ASN S 314 73.58 -34.73 14.22
N TRP S 315 73.37 -33.54 13.65
CA TRP S 315 74.46 -32.60 13.50
C TRP S 315 74.07 -31.16 13.82
N GLY S 316 72.94 -30.94 14.50
CA GLY S 316 72.57 -29.62 14.95
C GLY S 316 71.88 -28.74 13.92
N ILE S 317 72.28 -28.88 12.66
CA ILE S 317 71.72 -28.08 11.58
C ILE S 317 70.41 -28.68 11.12
N GLY S 318 69.42 -27.83 10.89
CA GLY S 318 68.14 -28.26 10.36
C GLY S 318 66.99 -27.88 11.26
N HIS S 319 65.80 -28.14 10.75
CA HIS S 319 64.55 -27.94 11.47
C HIS S 319 64.11 -29.27 12.07
N SER S 320 63.45 -29.19 13.22
CA SER S 320 62.85 -30.37 13.81
C SER S 320 61.34 -30.31 13.62
N PHE S 321 60.72 -31.49 13.58
CA PHE S 321 59.28 -31.57 13.38
C PHE S 321 58.50 -31.01 14.56
N ARG S 322 59.04 -31.16 15.78
CA ARG S 322 58.33 -30.71 16.97
C ARG S 322 58.35 -29.18 17.09
N GLU S 323 59.50 -28.57 16.82
CA GLU S 323 59.61 -27.11 16.84
C GLU S 323 58.81 -26.44 15.74
N LEU S 324 58.60 -27.13 14.61
CA LEU S 324 57.74 -26.57 13.59
C LEU S 324 56.27 -26.66 13.99
N LEU S 325 55.90 -27.75 14.67
CA LEU S 325 54.52 -27.93 15.08
C LEU S 325 54.19 -27.19 16.37
N ASP S 326 55.15 -27.03 17.27
CA ASP S 326 54.81 -26.33 18.51
C ASP S 326 54.74 -24.82 18.34
N ASP S 327 55.17 -24.28 17.19
CA ASP S 327 55.17 -22.85 16.99
C ASP S 327 53.96 -22.36 16.20
N ALA S 328 53.27 -23.26 15.49
CA ALA S 328 52.09 -22.88 14.69
C ALA S 328 50.89 -22.72 15.61
N ARG S 329 50.76 -21.53 16.19
CA ARG S 329 49.72 -21.23 17.18
C ARG S 329 49.65 -19.72 17.33
N THR S 330 48.61 -19.26 17.98
CA THR S 330 48.63 -17.85 18.35
C THR S 330 49.53 -17.67 19.58
N PRO S 331 50.26 -16.56 19.66
CA PRO S 331 50.28 -15.36 18.80
C PRO S 331 51.37 -15.38 17.73
N LYS S 332 51.83 -16.57 17.35
CA LYS S 332 52.91 -16.66 16.38
C LYS S 332 52.43 -16.69 14.93
N MET S 333 51.17 -17.06 14.69
CA MET S 333 50.65 -17.12 13.34
C MET S 333 50.31 -15.72 12.82
N LEU S 334 49.84 -15.66 11.59
CA LEU S 334 49.25 -14.44 11.06
C LEU S 334 47.97 -14.11 11.82
N PRO S 335 47.61 -12.83 11.91
CA PRO S 335 46.37 -12.45 12.60
C PRO S 335 45.10 -12.88 11.87
N ILE S 336 45.18 -13.28 10.60
CA ILE S 336 44.03 -13.86 9.93
C ILE S 336 43.72 -15.25 10.50
N PHE S 337 44.74 -15.93 11.04
CA PHE S 337 44.58 -17.26 11.61
C PHE S 337 44.57 -17.24 13.13
N ASN S 338 43.99 -16.21 13.74
CA ASN S 338 43.86 -16.18 15.20
C ASN S 338 42.81 -17.15 15.70
N PHE S 339 41.96 -17.69 14.83
CA PHE S 339 40.88 -18.57 15.28
C PHE S 339 41.40 -19.94 15.71
N ILE S 340 42.61 -20.35 15.28
CA ILE S 340 43.10 -21.68 15.64
C ILE S 340 43.57 -21.76 17.08
N GLY S 341 43.71 -20.63 17.78
CA GLY S 341 43.85 -20.64 19.21
C GLY S 341 45.27 -20.77 19.72
N PRO S 342 45.44 -20.78 21.04
CA PRO S 342 46.77 -20.71 21.63
C PRO S 342 47.56 -21.99 21.59
N VAL S 343 46.92 -23.15 21.50
CA VAL S 343 47.66 -24.40 21.43
C VAL S 343 48.08 -24.69 19.99
N GLY S 344 47.16 -24.54 19.05
CA GLY S 344 47.45 -24.69 17.64
C GLY S 344 47.79 -26.11 17.22
N HIS S 345 49.01 -26.33 16.78
CA HIS S 345 49.46 -27.64 16.32
C HIS S 345 50.34 -28.34 17.36
N ARG S 346 50.22 -27.97 18.63
CA ARG S 346 51.23 -28.36 19.61
C ARG S 346 51.12 -29.83 20.02
N GLY S 347 49.91 -30.37 20.10
CA GLY S 347 49.79 -31.75 20.50
C GLY S 347 49.84 -32.77 19.39
N LEU S 348 50.14 -32.34 18.16
CA LEU S 348 49.98 -33.22 17.00
C LEU S 348 51.14 -34.18 16.77
N ASP S 349 52.29 -33.95 17.40
CA ASP S 349 53.42 -34.84 17.12
C ASP S 349 53.27 -36.18 17.83
N LYS S 350 52.41 -36.27 18.84
CA LYS S 350 52.13 -37.56 19.47
C LYS S 350 51.25 -38.45 18.60
N ILE S 351 50.56 -37.87 17.62
CA ILE S 351 49.84 -38.68 16.62
C ILE S 351 50.83 -39.48 15.79
N PHE S 352 51.87 -38.81 15.30
CA PHE S 352 52.86 -39.41 14.41
C PHE S 352 53.86 -40.28 15.16
N GLU S 353 53.91 -40.17 16.49
CA GLU S 353 54.70 -41.10 17.29
C GLU S 353 54.01 -42.46 17.42
N THR S 354 52.68 -42.48 17.45
CA THR S 354 51.94 -43.65 17.88
C THR S 354 51.04 -44.26 16.81
N SER S 355 50.51 -43.48 15.89
CA SER S 355 49.44 -43.93 15.01
C SER S 355 49.97 -44.19 13.61
N TRP S 356 49.97 -45.46 13.21
CA TRP S 356 50.26 -45.83 11.84
C TRP S 356 49.07 -45.55 10.93
N HIS S 357 47.85 -45.66 11.47
CA HIS S 357 46.64 -45.41 10.69
C HIS S 357 46.53 -43.96 10.25
N ALA S 358 46.99 -43.03 11.10
CA ALA S 358 46.90 -41.62 10.76
C ALA S 358 47.91 -41.23 9.68
N ASN S 359 49.05 -41.91 9.63
CA ASN S 359 49.98 -41.68 8.53
C ASN S 359 49.50 -42.33 7.24
N LEU S 360 48.82 -43.48 7.34
CA LEU S 360 48.23 -44.10 6.16
C LEU S 360 47.09 -43.26 5.61
N ALA S 361 46.41 -42.50 6.48
CA ALA S 361 45.34 -41.62 6.03
C ALA S 361 45.87 -40.48 5.18
N ILE S 362 47.01 -39.90 5.56
CA ILE S 362 47.58 -38.80 4.80
C ILE S 362 48.20 -39.32 3.50
N HIS S 363 48.87 -40.47 3.56
CA HIS S 363 49.64 -40.93 2.41
C HIS S 363 48.73 -41.51 1.32
N LEU S 364 47.59 -42.08 1.69
CA LEU S 364 46.62 -42.51 0.70
C LEU S 364 45.94 -41.33 0.02
N VAL S 365 45.78 -40.22 0.74
CA VAL S 365 45.23 -39.00 0.15
C VAL S 365 46.19 -38.44 -0.89
N GLN S 366 47.49 -38.41 -0.58
CA GLN S 366 48.45 -37.82 -1.50
C GLN S 366 48.80 -38.74 -2.67
N PHE S 367 48.61 -40.05 -2.52
CA PHE S 367 48.67 -40.91 -3.71
C PHE S 367 47.47 -40.70 -4.61
N GLY S 368 46.34 -40.28 -4.03
CA GLY S 368 45.22 -39.84 -4.84
C GLY S 368 45.52 -38.52 -5.53
N THR S 369 46.22 -37.62 -4.85
CA THR S 369 46.61 -36.35 -5.46
C THR S 369 47.62 -36.56 -6.58
N ALA S 370 48.57 -37.48 -6.38
CA ALA S 370 49.58 -37.75 -7.39
C ALA S 370 48.98 -38.44 -8.61
N SER S 371 48.11 -39.43 -8.39
CA SER S 371 47.50 -40.16 -9.49
C SER S 371 46.50 -39.30 -10.26
N LEU S 372 45.88 -38.32 -9.60
CA LEU S 372 45.04 -37.36 -10.30
C LEU S 372 45.86 -36.41 -11.15
N LEU S 373 47.05 -36.04 -10.66
CA LEU S 373 47.95 -35.23 -11.47
C LEU S 373 48.49 -36.03 -12.65
N VAL S 374 48.72 -37.34 -12.45
CA VAL S 374 49.18 -38.19 -13.54
C VAL S 374 48.10 -38.31 -14.62
N ALA S 375 46.82 -38.32 -14.22
CA ALA S 375 45.75 -38.38 -15.20
C ALA S 375 45.65 -37.09 -16.00
N HIS S 376 45.61 -35.94 -15.32
CA HIS S 376 45.38 -34.67 -16.00
C HIS S 376 46.59 -34.21 -16.79
N HIS S 377 47.80 -34.48 -16.30
CA HIS S 377 48.97 -33.93 -16.95
C HIS S 377 49.49 -34.81 -18.09
N MET S 378 49.16 -36.09 -18.12
CA MET S 378 49.66 -36.95 -19.19
C MET S 378 48.79 -36.96 -20.43
N TYR S 379 47.51 -36.56 -20.34
CA TYR S 379 46.77 -36.38 -21.57
C TYR S 379 47.14 -35.07 -22.25
N ALA S 380 47.36 -34.02 -21.45
CA ALA S 380 47.52 -32.67 -22.00
C ALA S 380 48.98 -32.34 -22.31
N MET S 381 49.92 -32.94 -21.60
CA MET S 381 51.34 -32.88 -21.91
C MET S 381 51.83 -34.30 -22.08
N PRO S 382 51.56 -34.93 -23.22
CA PRO S 382 51.85 -36.37 -23.39
C PRO S 382 53.35 -36.62 -23.41
N PRO S 383 53.86 -37.41 -22.47
CA PRO S 383 55.31 -37.52 -22.26
C PRO S 383 55.99 -38.64 -23.04
N TYR S 384 55.24 -39.47 -23.75
CA TYR S 384 55.83 -40.62 -24.42
C TYR S 384 55.68 -40.49 -25.93
N PRO S 385 56.62 -41.04 -26.71
CA PRO S 385 56.51 -40.96 -28.17
C PRO S 385 55.35 -41.80 -28.69
N TYR S 386 54.59 -41.20 -29.61
CA TYR S 386 53.44 -41.82 -30.30
C TYR S 386 52.36 -42.26 -29.31
N LEU S 387 52.24 -41.54 -28.20
CA LEU S 387 51.25 -41.82 -27.18
C LEU S 387 49.94 -41.08 -27.46
N ALA S 388 50.03 -39.79 -27.79
CA ALA S 388 48.87 -38.92 -27.89
C ALA S 388 47.94 -39.27 -29.05
N THR S 389 48.44 -39.94 -30.08
CA THR S 389 47.61 -40.36 -31.20
C THR S 389 47.15 -41.80 -31.06
N ASP S 390 47.62 -42.52 -30.04
CA ASP S 390 47.06 -43.82 -29.67
C ASP S 390 45.91 -43.52 -28.73
N TYR S 391 44.70 -43.44 -29.29
CA TYR S 391 43.56 -42.96 -28.53
C TYR S 391 43.02 -43.98 -27.55
N ALA S 392 43.26 -45.27 -27.81
CA ALA S 392 42.88 -46.31 -26.85
C ALA S 392 43.76 -46.27 -25.61
N THR S 393 45.00 -45.83 -25.77
CA THR S 393 45.92 -45.76 -24.65
C THR S 393 45.69 -44.52 -23.79
N VAL S 394 45.45 -43.37 -24.45
CA VAL S 394 45.18 -42.12 -23.73
C VAL S 394 43.89 -42.23 -22.94
N THR S 395 42.88 -42.92 -23.49
CA THR S 395 41.65 -43.20 -22.77
C THR S 395 41.91 -44.07 -21.55
N SER S 396 42.62 -45.18 -21.75
CA SER S 396 42.84 -46.14 -20.68
C SER S 396 43.77 -45.60 -19.59
N LEU S 397 44.74 -44.75 -19.96
CA LEU S 397 45.67 -44.24 -18.95
C LEU S 397 45.04 -43.17 -18.08
N PHE S 398 44.18 -42.31 -18.66
CA PHE S 398 43.44 -41.34 -17.86
C PHE S 398 42.45 -42.05 -16.94
N THR S 399 41.72 -43.03 -17.48
CA THR S 399 40.65 -43.68 -16.73
C THR S 399 41.20 -44.53 -15.59
N HIS S 400 42.34 -45.20 -15.82
CA HIS S 400 42.95 -46.04 -14.78
C HIS S 400 43.44 -45.20 -13.60
N HIS S 401 44.19 -44.14 -13.88
CA HIS S 401 44.77 -43.36 -12.81
C HIS S 401 43.78 -42.43 -12.14
N VAL S 402 42.64 -42.17 -12.76
CA VAL S 402 41.55 -41.53 -12.04
C VAL S 402 40.95 -42.50 -11.02
N TRP S 403 40.71 -43.76 -11.44
CA TRP S 403 40.11 -44.74 -10.54
C TRP S 403 41.03 -45.16 -9.42
N ILE S 404 42.34 -45.23 -9.67
CA ILE S 404 43.31 -45.53 -8.62
C ILE S 404 43.29 -44.42 -7.57
N ALA S 405 43.15 -43.17 -8.02
CA ALA S 405 43.15 -42.03 -7.11
C ALA S 405 41.89 -41.99 -6.27
N GLY S 406 40.75 -42.38 -6.83
CA GLY S 406 39.51 -42.30 -6.10
C GLY S 406 39.37 -43.35 -5.02
N PHE S 407 39.92 -44.54 -5.24
CA PHE S 407 39.95 -45.54 -4.18
C PHE S 407 40.91 -45.13 -3.08
N CYS S 408 42.03 -44.50 -3.45
CA CYS S 408 43.02 -44.06 -2.47
C CYS S 408 42.50 -42.93 -1.59
N ILE S 409 41.62 -42.08 -2.12
CA ILE S 409 41.07 -40.98 -1.34
C ILE S 409 40.06 -41.51 -0.32
N VAL S 410 39.25 -42.49 -0.72
CA VAL S 410 38.29 -43.12 0.20
C VAL S 410 39.04 -43.89 1.29
N GLY S 411 40.17 -44.50 0.95
CA GLY S 411 40.99 -45.15 1.96
C GLY S 411 41.67 -44.17 2.89
N GLY S 412 41.98 -42.97 2.41
CA GLY S 412 42.50 -41.95 3.29
C GLY S 412 41.47 -41.49 4.31
N ALA S 413 40.20 -41.44 3.91
CA ALA S 413 39.14 -41.10 4.85
C ALA S 413 38.76 -42.28 5.73
N ALA S 414 38.97 -43.51 5.24
CA ALA S 414 38.67 -44.69 6.03
C ALA S 414 39.64 -44.83 7.19
N HIS S 415 40.94 -44.70 6.90
CA HIS S 415 41.96 -44.82 7.94
C HIS S 415 42.13 -43.55 8.75
N ALA S 416 41.47 -42.46 8.36
CA ALA S 416 41.33 -41.32 9.26
C ALA S 416 40.31 -41.61 10.34
N ALA S 417 39.25 -42.33 9.99
CA ALA S 417 38.22 -42.69 10.97
C ALA S 417 38.70 -43.81 11.88
N ILE S 418 39.57 -44.69 11.39
CA ILE S 418 40.14 -45.74 12.23
C ILE S 418 41.07 -45.14 13.28
N PHE S 419 41.79 -44.08 12.91
CA PHE S 419 42.66 -43.39 13.86
C PHE S 419 41.85 -42.75 14.98
N LEU S 420 40.75 -42.09 14.65
CA LEU S 420 39.95 -41.40 15.66
C LEU S 420 39.25 -42.38 16.59
N VAL S 421 38.92 -43.58 16.09
CA VAL S 421 38.26 -44.55 16.93
C VAL S 421 39.26 -45.30 17.81
N ARG S 422 40.40 -45.71 17.24
CA ARG S 422 41.32 -46.61 17.93
C ARG S 422 42.53 -45.91 18.54
N ASP S 423 43.18 -45.03 17.78
CA ASP S 423 44.49 -44.48 18.10
C ASP S 423 44.43 -43.11 18.77
N TYR S 424 43.32 -42.40 18.65
CA TYR S 424 43.21 -41.04 19.17
C TYR S 424 43.00 -41.05 20.68
N ASN S 425 43.86 -40.35 21.40
CA ASN S 425 43.76 -40.16 22.83
C ASN S 425 43.43 -38.70 23.10
N PRO S 426 42.29 -38.38 23.74
CA PRO S 426 41.91 -36.97 23.92
C PRO S 426 42.77 -36.20 24.91
N ALA S 427 43.58 -36.87 25.73
CA ALA S 427 44.46 -36.17 26.66
C ALA S 427 45.59 -35.46 25.91
N ASP S 428 46.02 -36.01 24.77
CA ASP S 428 47.04 -35.38 23.95
C ASP S 428 46.54 -34.15 23.22
N HIS S 429 45.23 -34.00 23.07
CA HIS S 429 44.63 -32.99 22.21
C HIS S 429 43.60 -32.20 23.00
N VAL S 430 44.08 -31.19 23.72
CA VAL S 430 43.22 -30.29 24.47
C VAL S 430 43.42 -28.91 23.87
N ASN S 431 42.37 -28.39 23.25
CA ASN S 431 42.30 -27.06 22.63
C ASN S 431 43.29 -26.88 21.47
N ASN S 432 43.76 -27.97 20.85
CA ASN S 432 44.57 -27.85 19.66
C ASN S 432 43.67 -27.98 18.42
N VAL S 433 44.29 -28.06 17.23
CA VAL S 433 43.50 -28.03 15.99
C VAL S 433 42.72 -29.31 15.77
N LEU S 434 43.13 -30.42 16.38
CA LEU S 434 42.31 -31.63 16.30
C LEU S 434 41.11 -31.55 17.24
N ASP S 435 41.32 -31.01 18.44
CA ASP S 435 40.24 -30.90 19.41
C ASP S 435 39.21 -29.85 18.99
N ARG S 436 39.67 -28.75 18.41
CA ARG S 436 38.76 -27.68 18.02
C ARG S 436 37.96 -28.03 16.76
N THR S 437 38.50 -28.92 15.91
CA THR S 437 37.74 -29.39 14.77
C THR S 437 36.58 -30.28 15.22
N LEU S 438 36.82 -31.13 16.22
CA LEU S 438 35.75 -31.96 16.76
C LEU S 438 34.73 -31.15 17.56
N ARG S 439 35.06 -29.93 17.96
CA ARG S 439 34.16 -29.10 18.74
C ARG S 439 33.34 -28.14 17.88
N HIS S 440 33.55 -28.11 16.57
CA HIS S 440 32.63 -27.39 15.69
C HIS S 440 32.26 -28.26 14.49
N ARG S 441 32.17 -29.57 14.71
CA ARG S 441 31.81 -30.50 13.63
C ARG S 441 30.39 -30.30 13.15
N ASP S 442 29.51 -29.75 13.98
CA ASP S 442 28.16 -29.43 13.52
C ASP S 442 28.16 -28.23 12.58
N THR S 443 29.06 -27.28 12.75
CA THR S 443 29.13 -26.20 11.78
C THR S 443 29.77 -26.67 10.48
N VAL S 444 30.70 -27.62 10.55
CA VAL S 444 31.41 -28.06 9.36
C VAL S 444 30.51 -28.89 8.48
N VAL S 445 29.76 -29.82 9.09
CA VAL S 445 28.93 -30.74 8.33
C VAL S 445 27.69 -30.02 7.78
N SER S 446 27.09 -29.12 8.56
CA SER S 446 25.91 -28.41 8.09
C SER S 446 26.25 -27.37 7.04
N HIS S 447 27.43 -26.75 7.10
CA HIS S 447 27.86 -25.86 6.03
C HIS S 447 28.20 -26.65 4.78
N LEU S 448 28.76 -27.85 4.93
CA LEU S 448 29.02 -28.70 3.79
C LEU S 448 27.73 -29.23 3.19
N ALA S 449 26.74 -29.54 4.04
CA ALA S 449 25.45 -30.00 3.56
C ALA S 449 24.71 -28.92 2.77
N TRP S 450 24.89 -27.65 3.16
CA TRP S 450 24.27 -26.57 2.41
C TRP S 450 24.90 -26.41 1.04
N VAL S 451 26.24 -26.43 0.97
CA VAL S 451 26.91 -26.17 -0.30
C VAL S 451 26.76 -27.37 -1.24
N CYS S 452 26.48 -28.57 -0.71
CA CYS S 452 26.14 -29.70 -1.57
C CYS S 452 24.75 -29.51 -2.18
N GLN S 453 23.83 -28.92 -1.43
CA GLN S 453 22.50 -28.65 -1.96
C GLN S 453 22.54 -27.50 -2.96
N PHE S 454 23.38 -26.49 -2.70
CA PHE S 454 23.55 -25.40 -3.64
C PHE S 454 24.15 -25.90 -4.95
N LEU S 455 25.16 -26.77 -4.85
CA LEU S 455 25.83 -27.26 -6.05
C LEU S 455 24.96 -28.25 -6.82
N GLY S 456 24.09 -28.99 -6.13
CA GLY S 456 23.20 -29.90 -6.83
C GLY S 456 22.08 -29.21 -7.56
N PHE S 457 21.57 -28.12 -6.99
CA PHE S 457 20.58 -27.31 -7.70
C PHE S 457 21.24 -26.56 -8.84
N HIS S 458 22.33 -25.86 -8.58
CA HIS S 458 22.94 -25.00 -9.58
C HIS S 458 23.96 -25.73 -10.46
N SER S 459 23.95 -27.07 -10.48
CA SER S 459 24.54 -27.79 -11.61
C SER S 459 23.55 -28.74 -12.25
N PHE S 460 22.98 -29.69 -11.51
CA PHE S 460 22.22 -30.77 -12.12
C PHE S 460 20.82 -30.33 -12.51
N ALA S 461 20.17 -29.50 -11.68
CA ALA S 461 18.84 -29.04 -12.00
C ALA S 461 18.83 -28.06 -13.19
N MET S 462 20.00 -27.51 -13.53
CA MET S 462 20.11 -26.75 -14.77
C MET S 462 20.15 -27.67 -15.99
N TYR S 463 20.60 -28.92 -15.83
CA TYR S 463 20.44 -29.89 -16.91
C TYR S 463 18.99 -30.28 -17.09
N CYS S 464 18.25 -30.41 -15.97
CA CYS S 464 16.83 -30.71 -16.05
C CYS S 464 16.04 -29.53 -16.61
N HIS S 465 16.49 -28.31 -16.31
CA HIS S 465 16.00 -27.13 -17.02
C HIS S 465 16.25 -27.25 -18.52
N ASN S 466 17.44 -27.73 -18.90
CA ASN S 466 17.80 -27.79 -20.31
C ASN S 466 17.06 -28.90 -21.04
N ASP S 467 16.82 -30.03 -20.36
CA ASP S 467 16.03 -31.12 -20.93
C ASP S 467 14.60 -30.66 -21.20
N THR S 468 14.04 -29.89 -20.26
CA THR S 468 12.67 -29.43 -20.38
C THR S 468 12.53 -28.35 -21.45
N MET S 469 13.51 -27.45 -21.54
CA MET S 469 13.48 -26.38 -22.53
C MET S 469 13.64 -26.92 -23.95
N ARG S 470 14.45 -27.96 -24.12
CA ARG S 470 14.64 -28.53 -25.45
C ARG S 470 13.42 -29.33 -25.88
N ALA S 471 12.78 -30.03 -24.94
CA ALA S 471 11.56 -30.76 -25.26
C ALA S 471 10.41 -29.84 -25.60
N PHE S 472 10.35 -28.66 -24.96
CA PHE S 472 9.37 -27.65 -25.29
C PHE S 472 9.60 -27.00 -26.64
N GLY S 473 10.78 -27.17 -27.24
CA GLY S 473 11.10 -26.42 -28.43
C GLY S 473 11.45 -24.98 -28.12
N ARG S 474 12.11 -24.73 -27.00
CA ARG S 474 12.59 -23.40 -26.62
C ARG S 474 14.10 -23.46 -26.40
N PRO S 475 14.90 -23.59 -27.48
CA PRO S 475 16.35 -23.67 -27.28
C PRO S 475 16.99 -22.36 -26.91
N GLN S 476 16.33 -21.23 -27.15
CA GLN S 476 16.82 -19.93 -26.69
C GLN S 476 16.71 -19.77 -25.18
N ASP S 477 15.93 -20.61 -24.51
CA ASP S 477 15.78 -20.57 -23.06
C ASP S 477 16.67 -21.57 -22.34
N MET S 478 17.54 -22.26 -23.06
CA MET S 478 18.47 -23.22 -22.49
C MET S 478 19.73 -22.52 -21.99
N PHE S 479 20.41 -23.19 -21.05
CA PHE S 479 21.77 -22.81 -20.69
C PHE S 479 22.70 -23.44 -21.73
N SER S 480 23.10 -22.64 -22.71
CA SER S 480 23.88 -23.14 -23.83
C SER S 480 24.70 -22.00 -24.40
N ASP S 481 25.55 -22.33 -25.37
CA ASP S 481 26.31 -21.31 -26.08
C ASP S 481 25.44 -20.48 -27.02
N THR S 482 24.27 -20.98 -27.39
CA THR S 482 23.34 -20.25 -28.24
C THR S 482 22.09 -19.81 -27.49
N GLY S 483 21.99 -20.08 -26.20
CA GLY S 483 20.87 -19.62 -25.40
C GLY S 483 21.30 -18.65 -24.32
N ILE S 484 21.10 -19.03 -23.06
CA ILE S 484 21.56 -18.24 -21.93
C ILE S 484 22.96 -18.75 -21.59
N GLN S 485 23.97 -17.97 -21.95
CA GLN S 485 25.35 -18.45 -21.87
C GLN S 485 25.88 -18.44 -20.45
N LEU S 486 26.60 -19.48 -20.09
CA LEU S 486 27.37 -19.53 -18.86
C LEU S 486 28.80 -19.76 -19.27
N GLN S 487 29.50 -18.69 -19.59
CA GLN S 487 30.86 -18.85 -20.05
C GLN S 487 31.78 -19.05 -18.86
N PRO S 488 32.63 -20.07 -18.87
CA PRO S 488 33.60 -20.22 -17.79
C PRO S 488 34.76 -19.25 -17.98
N ILE S 489 34.52 -18.00 -17.56
CA ILE S 489 35.43 -16.91 -17.89
C ILE S 489 36.71 -16.94 -17.08
N PHE S 490 36.71 -17.57 -15.91
CA PHE S 490 37.94 -17.65 -15.12
C PHE S 490 38.87 -18.73 -15.65
N ALA S 491 38.34 -19.81 -16.19
CA ALA S 491 39.17 -20.81 -16.85
C ALA S 491 39.62 -20.35 -18.23
N GLN S 492 38.78 -19.58 -18.92
CA GLN S 492 39.19 -18.99 -20.19
C GLN S 492 40.26 -17.92 -19.98
N TRP S 493 40.23 -17.24 -18.84
CA TRP S 493 41.25 -16.25 -18.53
C TRP S 493 42.59 -16.92 -18.22
N VAL S 494 42.56 -18.06 -17.54
CA VAL S 494 43.79 -18.79 -17.24
C VAL S 494 44.41 -19.34 -18.53
N GLN S 495 43.57 -19.86 -19.42
CA GLN S 495 44.03 -20.34 -20.72
C GLN S 495 44.69 -19.24 -21.54
N GLN S 496 44.19 -18.02 -21.40
CA GLN S 496 44.78 -16.92 -22.15
C GLN S 496 46.07 -16.46 -21.49
N ILE S 497 46.15 -16.59 -20.16
CA ILE S 497 47.39 -16.31 -19.43
C ILE S 497 48.46 -17.34 -19.76
N GLN S 498 48.08 -18.63 -19.78
CA GLN S 498 49.04 -19.70 -20.04
C GLN S 498 49.61 -19.61 -21.45
N THR S 499 48.86 -19.04 -22.39
CA THR S 499 49.37 -18.82 -23.75
C THR S 499 50.23 -17.58 -23.83
N MET S 500 49.81 -16.48 -23.20
CA MET S 500 50.60 -15.24 -23.22
C MET S 500 51.91 -15.36 -22.45
N ALA S 501 52.04 -16.34 -21.57
CA ALA S 501 53.24 -16.48 -20.76
C ALA S 501 54.44 -16.93 -21.59
N VAL S 502 54.21 -17.74 -22.63
CA VAL S 502 55.34 -18.29 -23.37
C VAL S 502 55.82 -17.32 -24.46
N GLY S 503 54.90 -16.64 -25.14
CA GLY S 503 55.22 -15.83 -26.29
C GLY S 503 55.78 -16.59 -27.48
N GLY S 528 56.26 -13.31 -24.46
CA GLY S 528 56.67 -14.12 -23.32
C GLY S 528 56.68 -13.26 -22.09
N VAL S 529 55.47 -12.89 -21.65
CA VAL S 529 55.32 -11.84 -20.65
C VAL S 529 55.87 -12.27 -19.30
N THR S 530 55.75 -13.56 -18.96
CA THR S 530 56.15 -14.04 -17.64
C THR S 530 57.00 -15.30 -17.66
N ALA S 531 57.17 -15.94 -18.81
CA ALA S 531 58.13 -17.03 -18.95
C ALA S 531 58.85 -16.91 -20.29
N PRO S 532 59.81 -15.98 -20.41
CA PRO S 532 60.49 -15.77 -21.70
C PRO S 532 61.32 -16.94 -22.21
N GLY S 533 61.58 -17.96 -21.38
CA GLY S 533 62.49 -19.02 -21.77
C GLY S 533 61.92 -20.11 -22.66
N LEU S 534 60.61 -20.19 -22.84
CA LEU S 534 60.07 -21.22 -23.73
C LEU S 534 60.02 -20.73 -25.17
N GLY S 535 60.04 -21.71 -26.08
CA GLY S 535 59.69 -21.45 -27.46
C GLY S 535 58.22 -21.73 -27.70
N GLY S 536 57.78 -22.93 -27.34
CA GLY S 536 56.41 -23.34 -27.52
C GLY S 536 55.61 -23.30 -26.24
N PRO S 537 54.33 -23.68 -26.31
CA PRO S 537 53.50 -23.67 -25.11
C PRO S 537 53.84 -24.81 -24.16
N VAL S 538 53.41 -24.65 -22.91
CA VAL S 538 53.55 -25.73 -21.93
C VAL S 538 52.69 -26.92 -22.34
N SER S 539 51.46 -26.64 -22.73
CA SER S 539 50.60 -27.64 -23.35
C SER S 539 49.85 -27.00 -24.48
N HIS S 540 49.54 -27.80 -25.49
CA HIS S 540 48.72 -27.30 -26.57
C HIS S 540 47.25 -27.28 -26.22
N ALA S 541 46.85 -27.88 -25.09
CA ALA S 541 45.48 -27.77 -24.61
C ALA S 541 45.15 -26.36 -24.15
N PHE S 542 46.15 -25.63 -23.65
CA PHE S 542 45.92 -24.25 -23.22
C PHE S 542 45.75 -23.32 -24.42
N GLY S 543 46.56 -23.52 -25.45
CA GLY S 543 46.58 -22.62 -26.58
C GLY S 543 47.69 -23.02 -27.52
N GLY S 544 47.95 -22.14 -28.48
CA GLY S 544 48.91 -22.43 -29.53
C GLY S 544 48.20 -23.02 -30.73
N GLY S 545 48.69 -24.16 -31.21
CA GLY S 545 48.13 -24.73 -32.42
C GLY S 545 47.81 -26.21 -32.36
N VAL S 546 47.59 -26.80 -33.52
CA VAL S 546 47.23 -28.20 -33.66
C VAL S 546 48.50 -28.99 -33.95
N VAL S 547 48.74 -30.04 -33.16
CA VAL S 547 49.86 -30.95 -33.39
C VAL S 547 49.30 -32.21 -34.03
N ALA S 548 49.83 -32.57 -35.20
CA ALA S 548 49.33 -33.68 -35.98
C ALA S 548 50.43 -34.70 -36.21
N ILE S 549 50.15 -35.96 -35.88
CA ILE S 549 51.07 -37.09 -36.11
C ILE S 549 50.32 -38.10 -36.95
N GLY S 550 50.75 -38.29 -38.20
CA GLY S 550 50.13 -39.27 -39.08
C GLY S 550 48.72 -38.92 -39.52
N ASP S 551 48.48 -37.64 -39.81
CA ASP S 551 47.14 -37.04 -40.00
C ASP S 551 46.18 -37.39 -38.86
N LYS S 552 46.69 -37.41 -37.63
CA LYS S 552 45.85 -37.62 -36.46
C LYS S 552 46.20 -36.56 -35.43
N ILE S 553 45.19 -36.04 -34.75
CA ILE S 553 45.41 -34.96 -33.80
C ILE S 553 46.04 -35.51 -32.54
N ALA S 554 47.18 -34.95 -32.15
CA ALA S 554 47.82 -35.30 -30.89
C ALA S 554 47.28 -34.45 -29.74
N MET S 555 47.31 -33.14 -29.90
CA MET S 555 46.78 -32.21 -28.91
C MET S 555 46.51 -30.88 -29.60
N MET S 556 45.36 -30.29 -29.30
CA MET S 556 44.93 -29.01 -29.85
C MET S 556 44.30 -28.22 -28.71
N PRO S 557 44.11 -26.90 -28.89
CA PRO S 557 43.43 -26.11 -27.85
C PRO S 557 42.01 -26.58 -27.57
N ILE S 558 41.71 -26.76 -26.30
CA ILE S 558 40.44 -27.30 -25.82
C ILE S 558 39.58 -26.11 -25.43
N GLN S 559 38.59 -25.80 -26.27
CA GLN S 559 37.72 -24.66 -26.03
C GLN S 559 36.72 -24.97 -24.93
N LEU S 560 36.49 -24.00 -24.06
CA LEU S 560 35.59 -24.14 -22.93
C LEU S 560 34.39 -23.23 -23.15
N GLY S 561 33.20 -23.80 -23.15
CA GLY S 561 31.96 -23.06 -23.28
C GLY S 561 31.01 -23.37 -22.14
N THR S 562 29.72 -23.18 -22.41
CA THR S 562 28.68 -23.40 -21.42
C THR S 562 28.59 -24.88 -21.02
N ALA S 563 28.89 -25.79 -21.95
CA ALA S 563 28.89 -27.21 -21.63
C ALA S 563 30.04 -27.58 -20.69
N ASP S 564 31.14 -26.82 -20.72
CA ASP S 564 32.26 -27.06 -19.83
C ASP S 564 32.10 -26.37 -18.48
N PHE S 565 31.38 -25.26 -18.44
CA PHE S 565 30.99 -24.65 -17.16
C PHE S 565 30.09 -25.61 -16.37
N LEU S 566 29.14 -26.24 -17.06
CA LEU S 566 28.15 -27.06 -16.38
C LEU S 566 28.76 -28.36 -15.85
N ILE S 567 29.60 -29.02 -16.65
CA ILE S 567 30.16 -30.30 -16.24
C ILE S 567 31.21 -30.12 -15.14
N HIS S 568 31.87 -28.96 -15.10
CA HIS S 568 32.83 -28.71 -14.04
C HIS S 568 32.15 -28.46 -12.70
N HIS S 569 30.97 -27.85 -12.73
CA HIS S 569 30.21 -27.69 -11.49
C HIS S 569 29.46 -28.95 -11.11
N ILE S 570 29.27 -29.89 -12.06
CA ILE S 570 28.85 -31.23 -11.71
C ILE S 570 29.96 -31.94 -10.93
N HIS S 571 31.21 -31.80 -11.39
CA HIS S 571 32.36 -32.37 -10.70
C HIS S 571 32.53 -31.78 -9.30
N ALA S 572 32.36 -30.47 -9.18
CA ALA S 572 32.43 -29.82 -7.88
C ALA S 572 31.29 -30.26 -6.97
N PHE S 573 30.13 -30.57 -7.54
CA PHE S 573 29.02 -31.08 -6.75
C PHE S 573 29.30 -32.49 -6.25
N THR S 574 29.72 -33.40 -7.14
CA THR S 574 29.87 -34.79 -6.76
C THR S 574 31.08 -35.02 -5.87
N ILE S 575 32.09 -34.14 -5.92
CA ILE S 575 33.21 -34.25 -5.00
C ILE S 575 32.81 -33.76 -3.61
N HIS S 576 32.07 -32.64 -3.54
CA HIS S 576 31.66 -32.07 -2.26
C HIS S 576 30.72 -32.99 -1.49
N VAL S 577 29.89 -33.77 -2.20
CA VAL S 577 29.04 -34.74 -1.51
C VAL S 577 29.88 -35.91 -1.02
N THR S 578 30.85 -36.35 -1.82
CA THR S 578 31.75 -37.42 -1.40
C THR S 578 32.58 -37.01 -0.19
N VAL S 579 32.97 -35.73 -0.14
CA VAL S 579 33.59 -35.20 1.08
C VAL S 579 32.59 -35.21 2.23
N LEU S 580 31.33 -34.88 1.96
CA LEU S 580 30.31 -34.80 3.00
C LEU S 580 30.03 -36.16 3.63
N VAL S 581 29.98 -37.22 2.82
CA VAL S 581 29.78 -38.55 3.37
C VAL S 581 30.99 -38.99 4.19
N LEU S 582 32.19 -38.70 3.70
CA LEU S 582 33.40 -39.19 4.37
C LEU S 582 33.77 -38.35 5.57
N LEU S 583 33.59 -37.02 5.51
CA LEU S 583 33.97 -36.17 6.63
C LEU S 583 33.00 -36.29 7.80
N LYS S 584 31.71 -36.48 7.51
CA LYS S 584 30.74 -36.71 8.58
C LYS S 584 30.98 -38.07 9.24
N GLY S 585 31.48 -39.04 8.48
CA GLY S 585 31.86 -40.31 9.08
C GLY S 585 33.09 -40.22 9.97
N VAL S 586 34.03 -39.34 9.63
CA VAL S 586 35.23 -39.19 10.45
C VAL S 586 34.94 -38.32 11.67
N LEU S 587 34.25 -37.20 11.47
CA LEU S 587 34.01 -36.26 12.56
C LEU S 587 33.03 -36.79 13.60
N PHE S 588 32.15 -37.72 13.23
CA PHE S 588 31.17 -38.29 14.16
C PHE S 588 31.46 -39.75 14.45
N SER S 589 32.73 -40.17 14.32
CA SER S 589 33.09 -41.56 14.50
C SER S 589 33.11 -42.00 15.96
N ARG S 590 33.41 -41.08 16.88
CA ARG S 590 33.48 -41.45 18.29
C ARG S 590 32.14 -41.26 19.00
N ASN S 591 31.42 -40.20 18.68
CA ASN S 591 30.13 -39.93 19.32
C ASN S 591 29.33 -38.98 18.44
N SER S 592 28.06 -38.84 18.80
CA SER S 592 27.15 -37.89 18.18
C SER S 592 26.05 -37.61 19.19
N ARG S 593 25.10 -36.75 18.81
CA ARG S 593 23.92 -36.55 19.65
C ARG S 593 23.02 -37.77 19.65
N LEU S 594 23.10 -38.62 18.62
CA LEU S 594 22.32 -39.85 18.59
C LEU S 594 22.96 -40.94 19.43
N ILE S 595 24.23 -41.24 19.16
CA ILE S 595 24.96 -42.30 19.84
C ILE S 595 26.12 -41.66 20.59
N PRO S 596 25.95 -41.37 21.90
CA PRO S 596 27.04 -40.74 22.66
C PRO S 596 28.23 -41.64 22.95
N ASP S 597 28.10 -42.96 22.78
CA ASP S 597 29.22 -43.88 22.96
C ASP S 597 29.51 -44.67 21.69
N LYS S 598 29.51 -43.97 20.54
CA LYS S 598 29.71 -44.64 19.26
C LYS S 598 31.12 -45.19 19.10
N GLY S 599 32.10 -44.52 19.71
CA GLY S 599 33.48 -45.00 19.64
C GLY S 599 33.71 -46.26 20.46
N GLU S 600 32.91 -46.46 21.52
CA GLU S 600 32.99 -47.71 22.27
C GLU S 600 32.39 -48.89 21.51
N LEU S 601 31.53 -48.65 20.52
CA LEU S 601 30.98 -49.73 19.71
C LEU S 601 31.92 -50.13 18.59
N GLY S 602 32.95 -49.34 18.32
CA GLY S 602 34.00 -49.69 17.39
C GLY S 602 33.96 -48.83 16.14
N PHE S 603 34.87 -49.16 15.23
CA PHE S 603 34.89 -48.53 13.91
C PHE S 603 33.88 -49.18 12.98
N ARG S 604 33.72 -50.49 13.08
CA ARG S 604 32.87 -51.27 12.20
C ARG S 604 31.86 -52.04 13.04
N PHE S 605 30.60 -51.61 12.96
CA PHE S 605 29.48 -52.30 13.60
C PHE S 605 28.24 -51.98 12.77
N PRO S 606 27.22 -52.85 12.78
CA PRO S 606 26.07 -52.61 11.89
C PRO S 606 25.20 -51.44 12.30
N CYS S 607 24.87 -51.33 13.59
CA CYS S 607 23.91 -50.36 14.10
C CYS S 607 23.99 -50.39 15.62
N ASP S 608 23.09 -49.63 16.25
CA ASP S 608 22.80 -49.78 17.67
C ASP S 608 21.31 -50.04 17.88
N GLY S 609 20.74 -50.90 17.04
CA GLY S 609 19.38 -51.34 17.23
C GLY S 609 18.34 -50.48 16.55
N PRO S 610 17.09 -50.95 16.53
CA PRO S 610 16.02 -50.19 15.87
C PRO S 610 15.52 -48.99 16.67
N GLY S 611 16.06 -48.75 17.86
CA GLY S 611 15.63 -47.66 18.68
C GLY S 611 16.19 -46.33 18.22
N ARG S 612 15.77 -45.28 18.95
CA ARG S 612 15.98 -43.87 18.61
C ARG S 612 15.47 -43.55 17.21
N GLY S 613 14.39 -44.21 16.80
CA GLY S 613 13.90 -44.17 15.44
C GLY S 613 14.52 -45.21 14.52
N GLY S 614 15.77 -45.61 14.79
CA GLY S 614 16.51 -46.51 13.94
C GLY S 614 17.90 -45.97 13.71
N THR S 615 18.92 -46.77 14.02
CA THR S 615 20.30 -46.32 14.00
C THR S 615 21.14 -47.14 13.03
N CYS S 616 20.55 -47.54 11.92
CA CYS S 616 21.24 -48.31 10.89
C CYS S 616 22.30 -47.43 10.23
N GLN S 617 23.51 -47.98 10.06
CA GLN S 617 24.61 -47.32 9.35
C GLN S 617 25.06 -46.03 10.02
N VAL S 618 25.26 -46.09 11.35
CA VAL S 618 25.83 -44.96 12.06
C VAL S 618 27.34 -45.05 12.18
N SER S 619 27.93 -46.23 11.99
CA SER S 619 29.35 -46.43 12.19
C SER S 619 30.17 -45.72 11.12
N ALA S 620 31.44 -45.48 11.45
CA ALA S 620 32.34 -44.84 10.50
C ALA S 620 32.67 -45.75 9.33
N TRP S 621 32.57 -47.07 9.52
CA TRP S 621 32.75 -47.99 8.40
C TRP S 621 31.65 -47.84 7.37
N ASP S 622 30.41 -47.63 7.82
CA ASP S 622 29.30 -47.56 6.88
C ASP S 622 29.27 -46.23 6.13
N HIS S 623 29.98 -45.21 6.61
CA HIS S 623 30.17 -44.00 5.83
C HIS S 623 31.21 -44.20 4.74
N VAL S 624 32.21 -45.03 4.97
CA VAL S 624 33.12 -45.45 3.92
C VAL S 624 32.37 -46.30 2.90
N PHE S 625 31.41 -47.09 3.36
CA PHE S 625 30.56 -47.89 2.49
C PHE S 625 29.69 -47.01 1.59
N LEU S 626 29.11 -45.95 2.16
CA LEU S 626 28.35 -45.00 1.34
C LEU S 626 29.26 -44.10 0.53
N GLY S 627 30.46 -43.81 1.03
CA GLY S 627 31.39 -42.98 0.28
C GLY S 627 31.98 -43.66 -0.94
N LEU S 628 31.94 -44.99 -0.99
CA LEU S 628 32.43 -45.71 -2.16
C LEU S 628 31.48 -45.57 -3.34
N PHE S 629 30.17 -45.55 -3.07
CA PHE S 629 29.20 -45.31 -4.12
C PHE S 629 29.32 -43.90 -4.68
N TRP S 630 29.55 -42.93 -3.81
CA TRP S 630 29.61 -41.54 -4.23
C TRP S 630 30.92 -41.21 -4.92
N MET S 631 32.01 -41.87 -4.52
CA MET S 631 33.24 -41.78 -5.29
C MET S 631 33.06 -42.38 -6.68
N TYR S 632 32.34 -43.50 -6.77
CA TYR S 632 32.07 -44.14 -8.05
C TYR S 632 31.22 -43.24 -8.94
N ASN S 633 30.19 -42.62 -8.36
CA ASN S 633 29.34 -41.71 -9.10
C ASN S 633 30.10 -40.46 -9.54
N SER S 634 31.03 -40.00 -8.69
CA SER S 634 31.82 -38.82 -9.02
C SER S 634 32.80 -39.09 -10.16
N LEU S 635 33.53 -40.21 -10.07
CA LEU S 635 34.58 -40.49 -11.05
C LEU S 635 34.05 -41.04 -12.35
N SER S 636 32.82 -41.57 -12.35
CA SER S 636 32.22 -42.01 -13.61
C SER S 636 31.91 -40.82 -14.51
N ILE S 637 31.42 -39.73 -13.91
CA ILE S 637 31.15 -38.51 -14.67
C ILE S 637 32.44 -37.84 -15.10
N VAL S 638 33.52 -38.02 -14.33
CA VAL S 638 34.81 -37.45 -14.67
C VAL S 638 35.37 -38.11 -15.92
N ILE S 639 35.36 -39.45 -15.96
CA ILE S 639 35.86 -40.14 -17.14
C ILE S 639 34.87 -40.08 -18.31
N PHE S 640 33.58 -39.84 -18.05
CA PHE S 640 32.64 -39.63 -19.13
C PHE S 640 32.81 -38.24 -19.74
N HIS S 641 33.11 -37.25 -18.91
CA HIS S 641 33.48 -35.93 -19.39
C HIS S 641 34.74 -35.99 -20.24
N PHE S 642 35.73 -36.79 -19.82
CA PHE S 642 36.96 -36.93 -20.59
C PHE S 642 36.70 -37.63 -21.91
N PHE S 643 35.95 -38.73 -21.89
CA PHE S 643 35.79 -39.56 -23.08
C PHE S 643 34.98 -38.85 -24.16
N TRP S 644 33.96 -38.07 -23.76
CA TRP S 644 33.18 -37.37 -24.76
C TRP S 644 33.92 -36.14 -25.30
N LYS S 645 34.53 -35.34 -24.42
CA LYS S 645 35.14 -34.08 -24.85
C LYS S 645 36.39 -34.30 -25.70
N MET S 646 37.14 -35.38 -25.44
CA MET S 646 38.30 -35.66 -26.27
C MET S 646 37.90 -36.16 -27.65
N GLN S 647 36.85 -36.98 -27.73
CA GLN S 647 36.34 -37.44 -29.02
C GLN S 647 35.68 -36.31 -29.79
N SER S 648 35.09 -35.35 -29.10
CA SER S 648 34.30 -34.32 -29.75
C SER S 648 35.11 -33.09 -30.14
N ASP S 649 36.06 -32.67 -29.33
CA ASP S 649 36.75 -31.42 -29.56
C ASP S 649 38.26 -31.54 -29.72
N VAL S 650 38.85 -32.71 -29.48
CA VAL S 650 40.30 -32.82 -29.57
C VAL S 650 40.70 -33.86 -30.62
N TRP S 651 40.34 -35.12 -30.39
CA TRP S 651 40.81 -36.21 -31.23
C TRP S 651 40.11 -36.20 -32.58
N GLY S 652 40.81 -36.70 -33.59
CA GLY S 652 40.23 -36.80 -34.91
C GLY S 652 41.24 -36.90 -36.03
N THR S 653 40.93 -36.25 -37.15
CA THR S 653 41.73 -36.35 -38.35
C THR S 653 41.86 -34.98 -39.00
N VAL S 654 43.09 -34.58 -39.29
CA VAL S 654 43.32 -33.44 -40.17
C VAL S 654 43.23 -33.94 -41.60
N GLY S 655 42.27 -33.41 -42.35
CA GLY S 655 42.08 -33.83 -43.71
C GLY S 655 43.12 -33.24 -44.64
N ALA S 656 43.06 -33.68 -45.91
CA ALA S 656 43.92 -33.13 -46.94
C ALA S 656 43.52 -31.70 -47.29
N ASP S 657 42.28 -31.30 -46.98
CA ASP S 657 41.86 -29.92 -47.14
C ASP S 657 42.59 -29.00 -46.16
N GLY S 658 42.80 -29.48 -44.94
CA GLY S 658 43.29 -28.67 -43.85
C GLY S 658 42.30 -28.49 -42.72
N THR S 659 41.13 -29.14 -42.81
CA THR S 659 40.08 -29.02 -41.81
C THR S 659 40.07 -30.26 -40.91
N ILE S 660 39.68 -30.05 -39.66
CA ILE S 660 39.69 -31.10 -38.64
C ILE S 660 38.30 -31.71 -38.57
N SER S 661 38.22 -33.03 -38.74
CA SER S 661 36.99 -33.77 -38.54
C SER S 661 37.18 -34.64 -37.30
N HIS S 662 36.51 -34.26 -36.22
CA HIS S 662 36.65 -34.97 -34.95
C HIS S 662 35.89 -36.30 -34.99
N ILE S 663 36.01 -37.06 -33.91
CA ILE S 663 35.46 -38.42 -33.88
C ILE S 663 33.93 -38.38 -33.80
N THR S 664 33.39 -37.59 -32.87
CA THR S 664 31.94 -37.40 -32.80
C THR S 664 31.50 -36.05 -33.35
N GLY S 665 32.40 -35.32 -34.01
CA GLY S 665 32.00 -34.19 -34.83
C GLY S 665 31.60 -32.93 -34.10
N GLY S 666 32.16 -32.68 -32.91
CA GLY S 666 31.89 -31.44 -32.22
C GLY S 666 30.55 -31.35 -31.55
N ASN S 667 29.96 -32.48 -31.15
CA ASN S 667 28.61 -32.49 -30.61
C ASN S 667 28.56 -32.33 -29.10
N PHE S 668 29.70 -32.12 -28.43
CA PHE S 668 29.70 -31.93 -26.98
C PHE S 668 29.06 -30.61 -26.57
N ALA S 669 29.22 -29.57 -27.39
CA ALA S 669 28.75 -28.24 -26.99
C ALA S 669 27.23 -28.15 -26.98
N GLN S 670 26.54 -28.89 -27.84
CA GLN S 670 25.10 -28.81 -27.93
C GLN S 670 24.37 -29.99 -27.32
N ALA S 671 25.00 -31.15 -27.22
CA ALA S 671 24.30 -32.33 -26.72
C ALA S 671 24.63 -32.69 -25.28
N SER S 672 25.79 -32.31 -24.77
CA SER S 672 26.13 -32.68 -23.40
C SER S 672 25.47 -31.80 -22.35
N ILE S 673 24.62 -30.85 -22.75
CA ILE S 673 23.97 -29.96 -21.79
C ILE S 673 22.64 -30.48 -21.30
N THR S 674 22.18 -31.63 -21.80
CA THR S 674 20.97 -32.28 -21.32
C THR S 674 21.28 -33.70 -20.90
N ASN S 675 20.39 -34.26 -20.07
CA ASN S 675 20.51 -35.67 -19.72
C ASN S 675 20.15 -36.56 -20.90
N ASN S 676 19.26 -36.09 -21.77
CA ASN S 676 18.88 -36.85 -22.96
C ASN S 676 20.03 -36.96 -23.95
N GLY S 677 20.88 -35.93 -24.03
CA GLY S 677 22.02 -35.99 -24.93
C GLY S 677 23.10 -36.91 -24.42
N TRP S 678 23.29 -36.98 -23.10
CA TRP S 678 24.20 -37.96 -22.53
C TRP S 678 23.67 -39.37 -22.70
N LEU S 679 22.35 -39.53 -22.69
CA LEU S 679 21.76 -40.85 -22.88
C LEU S 679 21.83 -41.28 -24.34
N ARG S 680 21.53 -40.37 -25.27
CA ARG S 680 21.42 -40.70 -26.68
C ARG S 680 22.75 -40.58 -27.43
N ASP S 681 23.43 -39.45 -27.30
CA ASP S 681 24.62 -39.19 -28.09
C ASP S 681 25.88 -39.76 -27.47
N PHE S 682 25.91 -39.96 -26.15
CA PHE S 682 27.06 -40.59 -25.50
C PHE S 682 26.80 -42.06 -25.19
N LEU S 683 25.75 -42.37 -24.44
CA LEU S 683 25.58 -43.74 -23.98
C LEU S 683 25.00 -44.65 -25.07
N TRP S 684 23.97 -44.20 -25.77
CA TRP S 684 23.35 -45.05 -26.79
C TRP S 684 24.20 -45.13 -28.06
N ALA S 685 24.77 -44.00 -28.48
CA ALA S 685 25.47 -43.96 -29.76
C ALA S 685 26.83 -44.64 -29.67
N GLN S 686 27.61 -44.34 -28.63
CA GLN S 686 28.98 -44.82 -28.57
C GLN S 686 29.09 -46.26 -28.07
N ALA S 687 28.00 -46.87 -27.61
CA ALA S 687 28.03 -48.27 -27.20
C ALA S 687 27.70 -49.22 -28.34
N SER S 688 27.64 -48.74 -29.58
CA SER S 688 27.37 -49.63 -30.70
C SER S 688 28.58 -50.50 -31.03
N GLN S 689 29.78 -50.10 -30.64
CA GLN S 689 30.96 -50.93 -30.86
C GLN S 689 30.98 -52.11 -29.89
N VAL S 690 30.52 -51.89 -28.65
CA VAL S 690 30.61 -52.95 -27.66
C VAL S 690 29.45 -53.95 -27.78
N ILE S 691 28.32 -53.53 -28.34
CA ILE S 691 27.20 -54.45 -28.53
C ILE S 691 27.18 -55.07 -29.92
N GLY S 692 27.95 -54.52 -30.86
CA GLY S 692 28.05 -55.10 -32.18
C GLY S 692 29.36 -55.82 -32.35
N SER S 693 29.91 -56.32 -31.25
CA SER S 693 31.22 -56.96 -31.25
C SER S 693 31.13 -58.48 -31.26
N TYR S 694 29.94 -59.04 -31.15
CA TYR S 694 29.77 -60.50 -31.14
C TYR S 694 30.15 -61.09 -32.49
N GLY S 695 30.96 -62.13 -32.47
CA GLY S 695 31.44 -62.73 -33.70
C GLY S 695 32.63 -62.03 -34.31
N SER S 696 33.39 -61.28 -33.51
CA SER S 696 34.58 -60.59 -34.00
C SER S 696 35.66 -60.72 -32.92
N ALA S 697 36.73 -59.95 -33.08
CA ALA S 697 37.85 -60.01 -32.16
C ALA S 697 37.63 -59.18 -30.91
N LEU S 698 36.69 -58.23 -30.93
CA LEU S 698 36.34 -57.44 -29.76
C LEU S 698 35.23 -58.06 -28.95
N SER S 699 34.94 -59.35 -29.15
CA SER S 699 33.78 -59.98 -28.54
C SER S 699 33.95 -60.23 -27.05
N ALA S 700 35.19 -60.27 -26.56
CA ALA S 700 35.40 -60.37 -25.12
C ALA S 700 34.95 -59.11 -24.41
N TYR S 701 35.04 -57.95 -25.06
CA TYR S 701 34.48 -56.73 -24.51
C TYR S 701 32.96 -56.79 -24.50
N GLY S 702 32.36 -57.39 -25.52
CA GLY S 702 30.91 -57.55 -25.52
C GLY S 702 30.41 -58.50 -24.47
N LEU S 703 31.21 -59.52 -24.14
CA LEU S 703 30.84 -60.42 -23.05
C LEU S 703 31.06 -59.76 -21.69
N PHE S 704 32.14 -58.98 -21.56
CA PHE S 704 32.41 -58.27 -20.31
C PHE S 704 31.45 -57.10 -20.10
N PHE S 705 30.86 -56.58 -21.18
CA PHE S 705 29.85 -55.54 -21.07
C PHE S 705 28.60 -56.07 -20.40
N LEU S 706 28.13 -57.24 -20.84
CA LEU S 706 26.95 -57.85 -20.23
C LEU S 706 27.27 -58.47 -18.88
N ALA S 707 28.52 -58.92 -18.68
CA ALA S 707 28.91 -59.46 -17.39
C ALA S 707 28.96 -58.39 -16.32
N GLY S 708 29.40 -57.18 -16.69
CA GLY S 708 29.36 -56.07 -15.76
C GLY S 708 27.95 -55.61 -15.46
N HIS S 709 27.05 -55.76 -16.42
CA HIS S 709 25.63 -55.46 -16.17
C HIS S 709 25.02 -56.47 -15.21
N PHE S 710 25.50 -57.71 -15.25
CA PHE S 710 24.97 -58.77 -14.38
C PHE S 710 25.34 -58.52 -12.92
N ILE S 711 26.60 -58.20 -12.67
CA ILE S 711 27.10 -58.07 -11.30
C ILE S 711 26.54 -56.81 -10.64
N PHE S 712 26.19 -55.80 -11.43
CA PHE S 712 25.51 -54.62 -10.91
C PHE S 712 24.13 -54.98 -10.38
N GLY S 713 23.33 -55.70 -11.18
CA GLY S 713 22.03 -56.13 -10.71
C GLY S 713 22.12 -57.16 -9.61
N PHE S 714 23.16 -57.99 -9.65
CA PHE S 714 23.38 -59.00 -8.61
C PHE S 714 23.74 -58.35 -7.27
N SER S 715 24.41 -57.20 -7.31
CA SER S 715 24.80 -56.51 -6.08
C SER S 715 23.61 -55.95 -5.33
N LEU S 716 22.51 -55.65 -6.04
CA LEU S 716 21.36 -55.05 -5.40
C LEU S 716 20.58 -56.04 -4.55
N MET S 717 20.81 -57.35 -4.71
CA MET S 717 20.27 -58.32 -3.78
C MET S 717 20.86 -58.15 -2.39
N PHE S 718 22.17 -57.86 -2.33
CA PHE S 718 22.83 -57.69 -1.04
C PHE S 718 22.58 -56.31 -0.45
N LEU S 719 22.42 -55.29 -1.30
CA LEU S 719 22.24 -53.94 -0.80
C LEU S 719 20.82 -53.66 -0.35
N PHE S 720 19.83 -54.26 -1.00
CA PHE S 720 18.45 -53.90 -0.70
C PHE S 720 17.82 -54.79 0.36
N SER S 721 18.35 -55.99 0.57
CA SER S 721 17.77 -56.94 1.49
C SER S 721 18.53 -56.96 2.82
N GLY S 722 18.03 -57.73 3.76
CA GLY S 722 18.67 -57.89 5.05
C GLY S 722 18.79 -59.36 5.41
N ARG S 723 19.72 -59.64 6.34
CA ARG S 723 20.09 -61.00 6.66
C ARG S 723 19.04 -61.75 7.48
N GLY S 724 18.07 -61.06 8.06
CA GLY S 724 17.02 -61.75 8.79
C GLY S 724 16.12 -62.56 7.88
N TYR S 725 15.89 -62.09 6.66
CA TYR S 725 15.19 -62.90 5.66
C TYR S 725 16.02 -64.14 5.32
N TRP S 726 17.31 -63.96 5.06
CA TRP S 726 18.14 -65.04 4.55
C TRP S 726 18.43 -66.08 5.60
N GLN S 727 18.45 -65.69 6.88
CA GLN S 727 18.64 -66.67 7.93
C GLN S 727 17.39 -67.54 8.12
N GLU S 728 16.20 -66.95 7.97
CA GLU S 728 15.00 -67.78 8.02
C GLU S 728 14.76 -68.54 6.73
N LEU S 729 15.39 -68.14 5.63
CA LEU S 729 15.32 -68.97 4.43
C LEU S 729 16.24 -70.17 4.55
N ILE S 730 17.36 -70.00 5.26
CA ILE S 730 18.35 -71.06 5.37
C ILE S 730 17.85 -72.22 6.24
N GLU S 731 16.95 -71.95 7.21
CA GLU S 731 16.55 -72.99 8.17
C GLU S 731 15.72 -74.07 7.50
N SER S 732 15.03 -73.70 6.42
CA SER S 732 14.24 -74.67 5.66
C SER S 732 15.14 -75.54 4.78
N ILE S 733 16.21 -74.96 4.23
CA ILE S 733 17.17 -75.75 3.47
C ILE S 733 18.05 -76.58 4.42
N VAL S 734 18.35 -76.04 5.61
CA VAL S 734 18.99 -76.85 6.66
C VAL S 734 18.08 -78.01 7.08
N TRP S 735 16.76 -77.77 7.09
CA TRP S 735 15.80 -78.84 7.38
C TRP S 735 15.82 -79.92 6.32
N ALA S 736 15.91 -79.54 5.05
CA ALA S 736 15.91 -80.52 3.98
C ALA S 736 17.23 -81.27 3.89
N HIS S 737 18.33 -80.64 4.29
CA HIS S 737 19.61 -81.35 4.36
C HIS S 737 19.66 -82.30 5.53
N ASN S 738 18.86 -82.06 6.57
CA ASN S 738 18.90 -82.92 7.74
C ASN S 738 18.00 -84.14 7.57
N LYS S 739 16.96 -84.02 6.74
CA LYS S 739 16.08 -85.15 6.44
C LYS S 739 16.75 -86.17 5.53
N LEU S 740 17.83 -85.80 4.83
CA LEU S 740 18.59 -86.76 4.05
C LEU S 740 19.97 -87.05 4.65
N LYS S 741 20.15 -86.68 5.93
CA LYS S 741 21.23 -87.17 6.80
C LYS S 741 22.62 -86.76 6.31
N ILE S 742 22.72 -85.60 5.65
CA ILE S 742 23.98 -85.20 5.04
C ILE S 742 24.47 -83.89 5.66
N THR S 743 24.21 -83.70 6.94
CA THR S 743 24.58 -82.47 7.63
C THR S 743 26.09 -82.35 7.81
N THR S 744 26.55 -81.11 7.86
CA THR S 744 27.94 -80.79 8.16
C THR S 744 28.04 -80.13 9.53
N ALA S 745 29.26 -80.08 10.05
CA ALA S 745 29.48 -79.57 11.40
C ALA S 745 29.43 -78.04 11.43
N ILE S 746 30.11 -77.40 10.49
CA ILE S 746 30.12 -75.94 10.42
C ILE S 746 28.73 -75.46 10.01
N GLN S 747 28.14 -74.63 10.84
CA GLN S 747 26.71 -74.40 10.81
C GLN S 747 26.36 -73.28 9.83
N PRO S 748 25.39 -73.49 8.93
CA PRO S 748 25.15 -72.56 7.82
C PRO S 748 24.47 -71.29 8.30
N ARG S 749 25.18 -70.17 8.22
CA ARG S 749 24.67 -68.87 8.62
C ARG S 749 24.58 -67.96 7.40
N ALA S 750 23.63 -67.03 7.46
CA ALA S 750 23.65 -65.94 6.50
C ALA S 750 24.83 -65.02 6.80
N LEU S 751 25.21 -64.23 5.80
CA LEU S 751 26.25 -63.23 6.01
C LEU S 751 25.80 -62.19 7.02
N SER S 752 26.77 -61.59 7.71
CA SER S 752 26.44 -60.58 8.69
C SER S 752 25.97 -59.30 7.99
N ILE S 753 25.48 -58.35 8.79
CA ILE S 753 24.96 -57.10 8.24
C ILE S 753 26.07 -56.30 7.60
N THR S 754 27.27 -56.32 8.18
CA THR S 754 28.40 -55.64 7.56
C THR S 754 28.96 -56.43 6.39
N GLN S 755 28.90 -57.76 6.43
CA GLN S 755 29.35 -58.57 5.30
C GLN S 755 28.44 -58.37 4.09
N GLY S 756 27.13 -58.29 4.32
CA GLY S 756 26.20 -58.07 3.23
C GLY S 756 26.32 -56.69 2.60
N ARG S 757 26.75 -55.70 3.39
CA ARG S 757 27.03 -54.38 2.83
C ARG S 757 28.35 -54.38 2.07
N ALA S 758 29.35 -55.11 2.57
CA ALA S 758 30.65 -55.15 1.92
C ALA S 758 30.60 -55.94 0.62
N VAL S 759 29.81 -57.01 0.58
CA VAL S 759 29.62 -57.78 -0.64
C VAL S 759 28.84 -56.97 -1.67
N GLY S 760 27.82 -56.24 -1.20
CA GLY S 760 27.00 -55.46 -2.11
C GLY S 760 27.71 -54.28 -2.72
N VAL S 761 28.59 -53.62 -1.96
CA VAL S 761 29.32 -52.50 -2.52
C VAL S 761 30.48 -52.99 -3.40
N ALA S 762 31.05 -54.16 -3.11
CA ALA S 762 32.14 -54.65 -3.94
C ALA S 762 31.64 -55.12 -5.30
N HIS S 763 30.48 -55.76 -5.33
CA HIS S 763 29.91 -56.20 -6.60
C HIS S 763 29.29 -55.04 -7.38
N TYR S 764 28.83 -53.98 -6.68
CA TYR S 764 28.34 -52.80 -7.38
C TYR S 764 29.48 -52.09 -8.10
N LEU S 765 30.61 -51.91 -7.42
CA LEU S 765 31.73 -51.21 -8.03
C LEU S 765 32.38 -52.06 -9.10
N LEU S 766 32.46 -53.37 -8.89
CA LEU S 766 32.99 -54.26 -9.92
C LEU S 766 32.08 -54.30 -11.14
N GLY S 767 30.76 -54.33 -10.92
CA GLY S 767 29.84 -54.38 -12.04
C GLY S 767 29.82 -53.12 -12.87
N GLY S 768 29.90 -51.96 -12.21
CA GLY S 768 29.87 -50.71 -12.93
C GLY S 768 31.16 -50.35 -13.63
N ILE S 769 32.31 -50.69 -13.04
CA ILE S 769 33.59 -50.30 -13.62
C ILE S 769 33.95 -51.19 -14.81
N VAL S 770 33.64 -52.50 -14.71
CA VAL S 770 33.88 -53.43 -15.81
C VAL S 770 33.02 -53.08 -17.02
N THR S 771 31.80 -52.58 -16.78
CA THR S 771 30.93 -52.13 -17.86
C THR S 771 31.52 -50.93 -18.59
N THR S 772 32.02 -49.95 -17.83
CA THR S 772 32.66 -48.78 -18.42
C THR S 772 33.98 -49.18 -19.10
N TRP S 773 34.70 -50.14 -18.51
CA TRP S 773 35.96 -50.62 -19.08
C TRP S 773 35.73 -51.32 -20.42
N ALA S 774 34.68 -52.14 -20.52
CA ALA S 774 34.36 -52.80 -21.77
C ALA S 774 33.85 -51.82 -22.80
N PHE S 775 33.10 -50.80 -22.36
CA PHE S 775 32.57 -49.81 -23.29
C PHE S 775 33.65 -48.85 -23.77
N PHE S 776 34.61 -48.51 -22.90
CA PHE S 776 35.70 -47.62 -23.30
C PHE S 776 36.65 -48.31 -24.26
N LEU S 777 36.94 -49.58 -24.02
CA LEU S 777 37.99 -50.26 -24.75
C LEU S 777 37.51 -50.92 -26.04
N ALA S 778 36.22 -51.23 -26.16
CA ALA S 778 35.72 -51.74 -27.43
C ALA S 778 35.55 -50.63 -28.45
N ARG S 779 35.14 -49.44 -28.00
CA ARG S 779 34.99 -48.31 -28.90
C ARG S 779 36.34 -47.82 -29.41
N MET S 780 37.31 -47.71 -28.51
CA MET S 780 38.61 -47.17 -28.87
C MET S 780 39.48 -48.16 -29.62
N ALA S 781 39.26 -49.47 -29.47
CA ALA S 781 40.00 -50.43 -30.28
C ALA S 781 39.42 -50.57 -31.68
N ALA S 782 38.23 -50.04 -31.93
CA ALA S 782 37.61 -50.09 -33.25
C ALA S 782 37.86 -48.82 -34.06
N ILE S 783 37.61 -47.65 -33.47
CA ILE S 783 37.68 -46.39 -34.19
C ILE S 783 38.79 -45.47 -33.69
N GLY S 784 39.45 -45.79 -32.59
CA GLY S 784 40.48 -44.93 -32.05
C GLY S 784 41.83 -45.08 -32.72
N ALA T 2 -1.48 -32.33 22.82
CA ALA T 2 -1.17 -33.05 21.59
C ALA T 2 -1.94 -32.45 20.41
N THR T 3 -1.70 -32.98 19.22
CA THR T 3 -2.44 -32.55 18.05
C THR T 3 -3.72 -33.36 17.92
N LYS T 4 -4.65 -32.84 17.12
CA LYS T 4 -5.89 -33.57 16.87
C LYS T 4 -5.69 -34.61 15.77
N PHE T 5 -4.82 -34.33 14.82
CA PHE T 5 -4.53 -35.24 13.72
C PHE T 5 -3.42 -36.20 14.13
N PRO T 6 -3.56 -37.52 13.88
CA PRO T 6 -4.76 -38.18 13.35
C PRO T 6 -5.77 -38.57 14.43
N LYS T 7 -7.07 -38.47 14.13
CA LYS T 7 -8.06 -38.74 15.16
C LYS T 7 -8.22 -40.23 15.49
N PHE T 8 -7.65 -41.12 14.68
CA PHE T 8 -7.84 -42.55 14.87
C PHE T 8 -6.73 -43.21 15.69
N SER T 9 -5.68 -42.47 16.04
CA SER T 9 -4.55 -43.05 16.77
C SER T 9 -4.09 -42.03 17.80
N GLN T 10 -4.36 -42.30 19.08
CA GLN T 10 -3.97 -41.35 20.11
C GLN T 10 -2.45 -41.40 20.32
N ASP T 11 -1.81 -42.54 20.04
CA ASP T 11 -0.35 -42.58 20.21
C ASP T 11 0.36 -41.83 19.09
N LEU T 12 -0.28 -41.72 17.92
CA LEU T 12 0.30 -40.88 16.88
C LEU T 12 0.05 -39.40 17.14
N GLN T 13 -1.00 -39.07 17.89
CA GLN T 13 -1.26 -37.67 18.24
C GLN T 13 -0.19 -37.11 19.16
N ARG T 14 0.37 -37.94 20.03
CA ARG T 14 1.38 -37.51 20.97
C ARG T 14 2.80 -37.63 20.43
N ASP T 15 2.95 -38.14 19.22
CA ASP T 15 4.23 -38.14 18.51
C ASP T 15 4.63 -36.69 18.25
N PRO T 16 5.78 -36.22 18.75
CA PRO T 16 6.19 -34.84 18.54
C PRO T 16 7.04 -34.60 17.30
N THR T 17 7.24 -35.60 16.45
CA THR T 17 8.15 -35.51 15.32
C THR T 17 7.38 -35.47 14.01
N THR T 18 8.12 -35.42 12.91
CA THR T 18 7.53 -35.50 11.58
C THR T 18 7.10 -36.91 11.21
N ARG T 19 7.43 -37.91 12.03
CA ARG T 19 6.96 -39.27 11.85
C ARG T 19 5.45 -39.39 12.03
N ARG T 20 4.83 -38.46 12.79
CA ARG T 20 3.40 -38.48 13.01
C ARG T 20 2.62 -38.31 11.72
N LEU T 21 3.09 -37.43 10.83
CA LEU T 21 2.34 -37.12 9.61
C LEU T 21 2.43 -38.25 8.59
N PHE T 22 3.58 -38.89 8.49
CA PHE T 22 3.75 -39.97 7.52
C PHE T 22 3.05 -41.24 7.97
N TYR T 23 3.13 -41.57 9.26
CA TYR T 23 2.48 -42.78 9.77
C TYR T 23 0.97 -42.62 9.84
N ALA T 24 0.47 -41.39 9.88
CA ALA T 24 -0.97 -41.18 9.84
C ALA T 24 -1.54 -41.46 8.46
N ILE T 25 -0.76 -41.19 7.41
CA ILE T 25 -1.18 -41.56 6.06
C ILE T 25 -1.24 -43.08 5.92
N ALA T 26 -0.12 -43.76 6.22
CA ALA T 26 0.03 -45.17 5.92
C ALA T 26 -0.83 -46.08 6.80
N THR T 27 -1.46 -45.56 7.85
CA THR T 27 -2.35 -46.35 8.69
C THR T 27 -3.78 -45.81 8.67
N ALA T 28 -4.10 -44.92 7.71
CA ALA T 28 -5.42 -44.28 7.72
C ALA T 28 -6.53 -45.22 7.30
N HIS T 29 -6.22 -46.23 6.50
CA HIS T 29 -7.23 -47.17 6.02
C HIS T 29 -7.08 -48.54 6.66
N ASP T 30 -6.30 -48.64 7.74
CA ASP T 30 -6.20 -49.86 8.54
C ASP T 30 -7.15 -49.70 9.72
N PHE T 31 -8.43 -49.98 9.48
CA PHE T 31 -9.49 -49.58 10.41
C PHE T 31 -9.45 -50.38 11.71
N GLU T 32 -8.97 -51.63 11.68
CA GLU T 32 -8.94 -52.47 12.88
C GLU T 32 -7.97 -51.99 13.94
N SER T 33 -6.88 -51.34 13.55
CA SER T 33 -5.90 -50.81 14.50
C SER T 33 -6.27 -49.44 15.02
N HIS T 34 -7.45 -48.92 14.68
CA HIS T 34 -7.83 -47.60 15.12
C HIS T 34 -8.38 -47.63 16.54
N ASP T 35 -8.42 -46.46 17.17
CA ASP T 35 -8.75 -46.34 18.58
C ASP T 35 -10.23 -46.61 18.81
N GLY T 36 -10.53 -47.67 19.57
CA GLY T 36 -11.89 -47.97 19.94
C GLY T 36 -12.74 -48.50 18.82
N MET T 37 -12.14 -49.10 17.80
CA MET T 37 -12.90 -49.65 16.68
C MET T 37 -13.59 -50.92 17.13
N SER T 38 -14.90 -50.84 17.36
CA SER T 38 -15.67 -52.05 17.60
C SER T 38 -15.82 -52.81 16.28
N GLU T 39 -15.93 -54.13 16.40
CA GLU T 39 -15.90 -55.03 15.26
C GLU T 39 -17.12 -54.88 14.36
N GLU T 40 -18.22 -54.35 14.89
CA GLU T 40 -19.39 -54.07 14.07
C GLU T 40 -19.27 -52.74 13.34
N ASN T 41 -18.66 -51.74 13.97
CA ASN T 41 -18.36 -50.45 13.34
C ASN T 41 -17.31 -50.59 12.25
N LEU T 42 -16.49 -51.63 12.32
CA LEU T 42 -15.51 -51.91 11.28
C LEU T 42 -16.18 -52.23 9.95
N TYR T 43 -17.22 -53.06 9.98
CA TYR T 43 -17.90 -53.47 8.76
C TYR T 43 -18.71 -52.34 8.14
N GLN T 44 -19.24 -51.43 8.96
CA GLN T 44 -20.05 -50.35 8.43
C GLN T 44 -19.21 -49.28 7.75
N ARG T 45 -17.98 -49.06 8.23
CA ARG T 45 -17.12 -48.09 7.58
C ARG T 45 -16.48 -48.66 6.32
N ILE T 46 -16.26 -49.98 6.27
CA ILE T 46 -15.79 -50.61 5.05
C ILE T 46 -16.86 -50.56 3.97
N PHE T 47 -18.12 -50.78 4.37
CA PHE T 47 -19.24 -50.74 3.44
C PHE T 47 -19.42 -49.35 2.83
N ALA T 48 -19.27 -48.31 3.64
CA ALA T 48 -19.37 -46.95 3.12
C ALA T 48 -18.14 -46.53 2.35
N SER T 49 -16.97 -47.09 2.68
CA SER T 49 -15.78 -46.82 1.88
C SER T 49 -15.86 -47.50 0.52
N HIS T 50 -16.56 -48.63 0.45
CA HIS T 50 -16.75 -49.32 -0.81
C HIS T 50 -17.69 -48.54 -1.73
N PHE T 51 -18.65 -47.82 -1.17
CA PHE T 51 -19.48 -46.93 -1.99
C PHE T 51 -18.69 -45.73 -2.48
N GLY T 52 -17.69 -45.28 -1.69
CA GLY T 52 -16.85 -44.19 -2.14
C GLY T 52 -15.91 -44.59 -3.26
N HIS T 53 -15.42 -45.83 -3.21
CA HIS T 53 -14.56 -46.32 -4.29
C HIS T 53 -15.35 -46.59 -5.55
N LEU T 54 -16.62 -46.98 -5.42
CA LEU T 54 -17.47 -47.18 -6.59
C LEU T 54 -17.77 -45.87 -7.30
N ALA T 55 -17.95 -44.80 -6.53
CA ALA T 55 -18.25 -43.50 -7.13
C ALA T 55 -17.03 -42.89 -7.81
N ILE T 56 -15.84 -43.21 -7.31
CA ILE T 56 -14.61 -42.74 -7.96
C ILE T 56 -14.42 -43.45 -9.30
N ILE T 57 -14.80 -44.73 -9.37
CA ILE T 57 -14.70 -45.48 -10.62
C ILE T 57 -15.68 -44.94 -11.65
N PHE T 58 -16.92 -44.64 -11.24
CA PHE T 58 -17.90 -44.11 -12.17
C PHE T 58 -17.58 -42.68 -12.58
N LEU T 59 -16.96 -41.89 -11.69
CA LEU T 59 -16.52 -40.55 -12.07
C LEU T 59 -15.32 -40.61 -13.01
N TRP T 60 -14.53 -41.67 -12.92
CA TRP T 60 -13.35 -41.82 -13.76
C TRP T 60 -13.76 -42.12 -15.20
N ILE T 61 -14.70 -43.05 -15.39
CA ILE T 61 -15.15 -43.38 -16.74
C ILE T 61 -16.04 -42.29 -17.30
N SER T 62 -16.73 -41.53 -16.42
CA SER T 62 -17.50 -40.37 -16.87
C SER T 62 -16.60 -39.26 -17.40
N GLY T 63 -15.39 -39.14 -16.86
CA GLY T 63 -14.47 -38.15 -17.37
C GLY T 63 -13.78 -38.57 -18.65
N ILE T 64 -13.57 -39.87 -18.83
CA ILE T 64 -13.05 -40.38 -20.10
C ILE T 64 -14.05 -40.14 -21.22
N LEU T 65 -15.34 -40.38 -20.94
CA LEU T 65 -16.37 -40.15 -21.94
C LEU T 65 -16.58 -38.67 -22.20
N PHE T 66 -16.42 -37.83 -21.18
CA PHE T 66 -16.62 -36.40 -21.36
C PHE T 66 -15.50 -35.79 -22.19
N HIS T 67 -14.26 -36.19 -21.95
CA HIS T 67 -13.15 -35.57 -22.65
C HIS T 67 -13.02 -36.05 -24.09
N VAL T 68 -13.51 -37.25 -24.40
CA VAL T 68 -13.58 -37.68 -25.80
C VAL T 68 -14.69 -36.93 -26.52
N ALA T 69 -15.84 -36.75 -25.86
CA ALA T 69 -16.96 -36.04 -26.49
C ALA T 69 -16.67 -34.57 -26.66
N TRP T 70 -15.83 -33.99 -25.80
CA TRP T 70 -15.52 -32.57 -25.85
C TRP T 70 -14.31 -32.27 -26.72
N GLN T 71 -13.24 -33.05 -26.59
CA GLN T 71 -11.97 -32.72 -27.22
C GLN T 71 -11.42 -33.81 -28.13
N GLY T 72 -12.08 -34.96 -28.24
CA GLY T 72 -11.61 -36.04 -29.07
C GLY T 72 -12.10 -35.93 -30.50
N ASN T 73 -11.92 -37.03 -31.24
CA ASN T 73 -12.28 -37.10 -32.64
C ASN T 73 -13.06 -38.38 -32.93
N PHE T 74 -14.03 -38.71 -32.07
CA PHE T 74 -14.72 -39.99 -32.14
C PHE T 74 -15.59 -40.10 -33.38
N GLU T 75 -16.27 -39.01 -33.76
CA GLU T 75 -17.08 -39.06 -34.97
C GLU T 75 -16.24 -39.05 -36.23
N GLN T 76 -15.02 -38.53 -36.17
CA GLN T 76 -14.12 -38.60 -37.33
C GLN T 76 -13.38 -39.93 -37.38
N TRP T 77 -13.20 -40.59 -36.24
CA TRP T 77 -12.44 -41.83 -36.19
C TRP T 77 -13.26 -43.02 -36.67
N ILE T 78 -14.58 -42.99 -36.47
CA ILE T 78 -15.42 -44.12 -36.87
C ILE T 78 -15.69 -44.18 -38.36
N GLN T 79 -15.23 -43.17 -39.13
CA GLN T 79 -15.32 -43.23 -40.58
C GLN T 79 -14.36 -44.26 -41.14
N ASP T 80 -13.09 -44.18 -40.72
CA ASP T 80 -12.07 -45.16 -41.08
C ASP T 80 -11.21 -45.36 -39.85
N PRO T 81 -11.52 -46.38 -39.02
CA PRO T 81 -10.69 -46.61 -37.83
C PRO T 81 -9.28 -47.11 -38.10
N LEU T 82 -8.95 -47.50 -39.33
CA LEU T 82 -7.61 -47.97 -39.65
C LEU T 82 -6.69 -46.86 -40.12
N ASN T 83 -7.22 -45.77 -40.66
CA ASN T 83 -6.42 -44.65 -41.12
C ASN T 83 -6.52 -43.43 -40.21
N ASN T 84 -7.25 -43.53 -39.11
CA ASN T 84 -7.38 -42.45 -38.16
C ASN T 84 -6.71 -42.82 -36.84
N SER T 85 -6.61 -41.84 -35.96
CA SER T 85 -5.92 -42.01 -34.69
C SER T 85 -6.81 -41.45 -33.58
N PRO T 86 -7.07 -42.21 -32.53
CA PRO T 86 -7.96 -41.72 -31.47
C PRO T 86 -7.28 -40.66 -30.62
N ILE T 87 -8.05 -39.65 -30.22
CA ILE T 87 -7.55 -38.53 -29.43
C ILE T 87 -8.01 -38.72 -27.98
N ALA T 88 -7.07 -38.68 -27.04
CA ALA T 88 -7.39 -38.85 -25.63
C ALA T 88 -8.05 -37.60 -25.06
N HIS T 89 -7.30 -36.50 -25.01
CA HIS T 89 -7.82 -35.20 -24.60
C HIS T 89 -6.92 -34.13 -25.19
N ALA T 90 -7.27 -32.87 -24.95
CA ALA T 90 -6.46 -31.77 -25.43
C ALA T 90 -5.34 -31.48 -24.43
N ILE T 91 -4.34 -30.74 -24.91
CA ILE T 91 -3.19 -30.33 -24.12
C ILE T 91 -3.32 -28.85 -23.83
N TRP T 92 -3.19 -28.48 -22.57
CA TRP T 92 -3.03 -27.08 -22.18
C TRP T 92 -1.81 -26.98 -21.26
N ASP T 93 -0.68 -26.63 -21.84
CA ASP T 93 0.57 -26.45 -21.11
C ASP T 93 1.17 -25.16 -21.66
N ALA T 94 1.09 -24.08 -20.87
CA ALA T 94 1.51 -22.75 -21.33
C ALA T 94 3.02 -22.58 -21.37
N GLN T 95 3.78 -23.60 -21.01
CA GLN T 95 5.23 -23.60 -21.17
C GLN T 95 5.67 -24.17 -22.51
N PHE T 96 4.73 -24.62 -23.34
CA PHE T 96 5.03 -25.13 -24.66
C PHE T 96 5.58 -24.03 -25.57
N GLY T 97 6.58 -24.39 -26.37
CA GLY T 97 7.02 -23.54 -27.45
C GLY T 97 6.27 -23.91 -28.71
N PRO T 98 6.45 -23.10 -29.77
CA PRO T 98 5.78 -23.39 -31.07
C PRO T 98 6.20 -24.70 -31.73
N PRO T 99 7.44 -25.20 -31.58
CA PRO T 99 7.67 -26.57 -32.10
C PRO T 99 6.96 -27.66 -31.32
N ALA T 100 6.71 -27.47 -30.02
CA ALA T 100 5.93 -28.46 -29.28
C ALA T 100 4.45 -28.35 -29.58
N ILE T 101 3.95 -27.15 -29.86
CA ILE T 101 2.56 -26.98 -30.26
C ILE T 101 2.30 -27.61 -31.61
N ALA T 102 3.24 -27.46 -32.55
CA ALA T 102 3.09 -28.06 -33.86
C ALA T 102 3.23 -29.58 -33.82
N ALA T 103 4.05 -30.10 -32.90
CA ALA T 103 4.28 -31.54 -32.84
C ALA T 103 3.08 -32.29 -32.29
N TYR T 104 2.35 -31.68 -31.36
CA TYR T 104 1.22 -32.34 -30.72
C TYR T 104 -0.12 -31.95 -31.34
N THR T 105 -0.11 -31.01 -32.28
CA THR T 105 -1.26 -30.79 -33.17
C THR T 105 -1.24 -31.89 -34.21
N GLN T 106 -1.79 -33.05 -33.83
CA GLN T 106 -1.67 -34.27 -34.60
C GLN T 106 -3.05 -34.90 -34.76
N ALA T 107 -3.09 -35.96 -35.58
CA ALA T 107 -4.28 -36.78 -35.85
C ALA T 107 -5.44 -35.96 -36.41
N GLY T 108 -5.12 -34.95 -37.21
CA GLY T 108 -6.13 -34.12 -37.81
C GLY T 108 -6.81 -33.15 -36.87
N ALA T 109 -6.23 -32.90 -35.71
CA ALA T 109 -6.79 -31.93 -34.77
C ALA T 109 -6.26 -30.53 -35.07
N MET T 110 -6.95 -29.53 -34.52
CA MET T 110 -6.58 -28.14 -34.69
C MET T 110 -6.02 -27.53 -33.41
N ASN T 111 -5.63 -28.37 -32.45
CA ASN T 111 -5.04 -27.94 -31.19
C ASN T 111 -4.14 -29.07 -30.72
N PRO T 112 -3.22 -28.82 -29.78
CA PRO T 112 -2.40 -29.92 -29.24
C PRO T 112 -3.23 -30.95 -28.49
N VAL T 113 -3.02 -32.22 -28.82
CA VAL T 113 -3.80 -33.33 -28.29
C VAL T 113 -2.88 -34.50 -27.97
N ASP T 114 -3.39 -35.41 -27.13
CA ASP T 114 -2.75 -36.70 -26.91
C ASP T 114 -3.47 -37.76 -27.72
N ILE T 115 -2.70 -38.73 -28.20
CA ILE T 115 -3.26 -39.88 -28.89
C ILE T 115 -3.73 -40.89 -27.86
N CYS T 116 -5.01 -41.28 -27.93
CA CYS T 116 -5.52 -42.29 -27.01
C CYS T 116 -4.92 -43.66 -27.31
N TYR T 117 -4.42 -44.33 -26.26
CA TYR T 117 -3.87 -45.67 -26.37
C TYR T 117 -4.57 -46.66 -25.44
N SER T 118 -5.70 -46.29 -24.85
CA SER T 118 -6.42 -47.15 -23.93
C SER T 118 -7.42 -48.06 -24.62
N GLY T 119 -7.77 -47.77 -25.87
CA GLY T 119 -8.69 -48.61 -26.60
C GLY T 119 -10.16 -48.34 -26.36
N VAL T 120 -10.50 -47.23 -25.68
CA VAL T 120 -11.90 -46.96 -25.40
C VAL T 120 -12.66 -46.54 -26.64
N TYR T 121 -11.97 -46.09 -27.69
CA TYR T 121 -12.65 -45.82 -28.96
C TYR T 121 -13.13 -47.12 -29.59
N HIS T 122 -12.30 -48.16 -29.58
CA HIS T 122 -12.68 -49.45 -30.15
C HIS T 122 -13.75 -50.13 -29.32
N TRP T 123 -13.78 -49.86 -28.02
CA TRP T 123 -14.77 -50.46 -27.14
C TRP T 123 -16.14 -49.81 -27.30
N TRP T 124 -16.18 -48.47 -27.37
CA TRP T 124 -17.46 -47.78 -27.53
C TRP T 124 -18.03 -47.97 -28.92
N TYR T 125 -17.18 -48.14 -29.93
CA TYR T 125 -17.64 -48.33 -31.29
C TYR T 125 -18.32 -49.68 -31.47
N THR T 126 -17.82 -50.71 -30.79
CA THR T 126 -18.40 -52.04 -30.91
C THR T 126 -19.75 -52.12 -30.21
N ILE T 127 -19.88 -51.47 -29.05
CA ILE T 127 -21.12 -51.54 -28.27
C ILE T 127 -22.18 -50.57 -28.74
N GLY T 128 -21.91 -49.78 -29.78
CA GLY T 128 -22.94 -49.04 -30.47
C GLY T 128 -22.88 -47.53 -30.36
N MET T 129 -21.85 -46.97 -29.73
CA MET T 129 -21.72 -45.51 -29.70
C MET T 129 -21.31 -45.01 -31.07
N ARG T 130 -21.99 -43.96 -31.54
CA ARG T 130 -21.73 -43.46 -32.89
C ARG T 130 -21.47 -41.96 -32.90
N THR T 131 -22.09 -41.23 -31.98
CA THR T 131 -21.99 -39.77 -31.97
C THR T 131 -21.40 -39.29 -30.64
N ASN T 132 -20.97 -38.03 -30.65
CA ASN T 132 -20.50 -37.39 -29.43
C ASN T 132 -21.66 -37.07 -28.49
N ASN T 133 -22.88 -37.02 -29.00
CA ASN T 133 -24.04 -36.91 -28.13
C ASN T 133 -24.32 -38.22 -27.40
N ASP T 134 -23.93 -39.35 -27.98
CA ASP T 134 -24.03 -40.62 -27.26
C ASP T 134 -23.06 -40.68 -26.10
N LEU T 135 -21.84 -40.18 -26.30
CA LEU T 135 -20.83 -40.21 -25.25
C LEU T 135 -21.12 -39.20 -24.16
N PHE T 136 -21.84 -38.12 -24.49
CA PHE T 136 -22.12 -37.08 -23.50
C PHE T 136 -23.18 -37.53 -22.50
N MET T 137 -24.28 -38.09 -22.99
CA MET T 137 -25.32 -38.58 -22.10
C MET T 137 -24.88 -39.82 -21.34
N GLY T 138 -23.94 -40.59 -21.89
CA GLY T 138 -23.31 -41.63 -21.10
C GLY T 138 -22.44 -41.06 -20.00
N SER T 139 -21.79 -39.92 -20.27
CA SER T 139 -20.98 -39.27 -19.25
C SER T 139 -21.84 -38.59 -18.19
N ILE T 140 -23.03 -38.11 -18.58
CA ILE T 140 -23.93 -37.49 -17.61
C ILE T 140 -24.60 -38.55 -16.76
N PHE T 141 -24.89 -39.71 -17.34
CA PHE T 141 -25.53 -40.80 -16.62
C PHE T 141 -24.60 -41.38 -15.55
N LEU T 142 -23.32 -41.52 -15.87
CA LEU T 142 -22.36 -41.96 -14.87
C LEU T 142 -22.04 -40.85 -13.87
N LEU T 143 -22.25 -39.60 -14.26
CA LEU T 143 -22.07 -38.49 -13.33
C LEU T 143 -23.15 -38.49 -12.27
N LEU T 144 -24.34 -38.97 -12.61
CA LEU T 144 -25.43 -39.16 -11.66
C LEU T 144 -25.40 -40.52 -10.98
N LEU T 145 -24.84 -41.54 -11.65
CA LEU T 145 -24.72 -42.85 -11.02
C LEU T 145 -23.70 -42.83 -9.90
N SER T 146 -22.61 -42.07 -10.07
CA SER T 146 -21.63 -41.92 -9.01
C SER T 146 -22.19 -41.12 -7.83
N SER T 147 -23.07 -40.16 -8.09
CA SER T 147 -23.70 -39.42 -7.01
C SER T 147 -24.74 -40.26 -6.27
N VAL T 148 -25.26 -41.31 -6.92
CA VAL T 148 -26.09 -42.28 -6.22
C VAL T 148 -25.24 -43.14 -5.29
N MET T 149 -24.03 -43.49 -5.74
CA MET T 149 -23.10 -44.24 -4.91
C MET T 149 -22.61 -43.42 -3.71
N LEU T 150 -22.43 -42.12 -3.91
CA LEU T 150 -22.06 -41.25 -2.79
C LEU T 150 -23.22 -41.07 -1.82
N TYR T 151 -24.45 -41.15 -2.32
CA TYR T 151 -25.62 -41.05 -1.44
C TYR T 151 -25.76 -42.32 -0.60
N ALA T 152 -25.58 -43.49 -1.23
CA ALA T 152 -25.76 -44.76 -0.53
C ALA T 152 -24.67 -44.99 0.51
N GLY T 153 -23.48 -44.43 0.30
CA GLY T 153 -22.47 -44.51 1.34
C GLY T 153 -22.80 -43.64 2.53
N TRP T 154 -23.33 -42.43 2.27
CA TRP T 154 -23.77 -41.57 3.36
C TRP T 154 -25.02 -42.15 4.02
N LEU T 155 -25.90 -42.77 3.24
CA LEU T 155 -27.16 -43.26 3.79
C LEU T 155 -26.94 -44.46 4.70
N HIS T 156 -26.10 -45.40 4.29
CA HIS T 156 -25.84 -46.58 5.09
C HIS T 156 -24.84 -46.34 6.23
N LEU T 157 -24.52 -45.07 6.50
CA LEU T 157 -23.87 -44.65 7.74
C LEU T 157 -24.84 -43.96 8.70
N GLN T 158 -26.05 -43.63 8.24
CA GLN T 158 -27.06 -43.04 9.10
C GLN T 158 -27.57 -44.10 10.09
N PRO T 159 -27.97 -43.69 11.30
CA PRO T 159 -28.26 -44.68 12.36
C PRO T 159 -29.41 -45.63 12.07
N ARG T 160 -30.41 -45.20 11.31
CA ARG T 160 -31.51 -46.11 10.96
C ARG T 160 -31.10 -47.10 9.88
N PHE T 161 -30.16 -46.72 9.01
CA PHE T 161 -29.81 -47.52 7.84
C PHE T 161 -28.47 -48.22 7.98
N ARG T 162 -27.81 -48.10 9.13
CA ARG T 162 -26.57 -48.82 9.37
C ARG T 162 -26.88 -50.32 9.53
N PRO T 163 -26.31 -51.19 8.70
CA PRO T 163 -26.61 -52.61 8.84
C PRO T 163 -25.88 -53.24 10.01
N GLY T 164 -26.55 -54.20 10.65
CA GLY T 164 -25.96 -54.91 11.75
C GLY T 164 -24.95 -55.94 11.30
N LEU T 165 -24.27 -56.53 12.28
CA LEU T 165 -23.18 -57.47 11.99
C LEU T 165 -23.68 -58.76 11.34
N ALA T 166 -24.87 -59.23 11.73
CA ALA T 166 -25.40 -60.46 11.16
C ALA T 166 -25.77 -60.32 9.70
N TRP T 167 -26.09 -59.11 9.25
CA TRP T 167 -26.32 -58.87 7.83
C TRP T 167 -25.01 -58.97 7.04
N PHE T 168 -23.90 -58.53 7.64
CA PHE T 168 -22.62 -58.58 6.96
C PHE T 168 -22.06 -60.00 6.89
N LYS T 169 -22.39 -60.83 7.86
CA LYS T 169 -21.91 -62.20 7.90
C LYS T 169 -22.79 -63.18 7.15
N ASN T 170 -23.88 -62.70 6.54
CA ASN T 170 -24.78 -63.57 5.78
C ASN T 170 -24.12 -63.97 4.46
N ALA T 171 -23.32 -65.02 4.50
CA ALA T 171 -22.55 -65.44 3.33
C ALA T 171 -23.35 -66.30 2.36
N GLU T 172 -24.61 -66.61 2.66
CA GLU T 172 -25.50 -67.29 1.73
C GLU T 172 -26.38 -66.33 0.95
N SER T 173 -26.91 -65.30 1.61
CA SER T 173 -27.72 -64.31 0.91
C SER T 173 -26.88 -63.42 0.01
N ARG T 174 -25.59 -63.26 0.31
CA ARG T 174 -24.73 -62.49 -0.57
C ARG T 174 -24.27 -63.33 -1.75
N LEU T 175 -23.89 -64.58 -1.52
CA LEU T 175 -23.39 -65.43 -2.60
C LEU T 175 -24.50 -65.84 -3.55
N ASN T 176 -25.75 -65.87 -3.09
CA ASN T 176 -26.86 -66.10 -4.02
C ASN T 176 -27.16 -64.85 -4.83
N HIS T 177 -27.21 -63.69 -4.17
CA HIS T 177 -27.56 -62.45 -4.86
C HIS T 177 -26.46 -62.00 -5.80
N HIS T 178 -25.19 -62.30 -5.50
CA HIS T 178 -24.12 -61.88 -6.38
C HIS T 178 -23.96 -62.82 -7.56
N LEU T 179 -24.27 -64.10 -7.38
CA LEU T 179 -24.23 -65.03 -8.50
C LEU T 179 -25.37 -64.77 -9.48
N ALA T 180 -26.59 -64.60 -8.97
CA ALA T 180 -27.76 -64.47 -9.83
C ALA T 180 -28.04 -63.04 -10.25
N GLY T 181 -27.79 -62.06 -9.38
CA GLY T 181 -28.09 -60.69 -9.73
C GLY T 181 -26.91 -59.91 -10.26
N LEU T 182 -25.77 -59.95 -9.55
CA LEU T 182 -24.61 -59.18 -9.96
C LEU T 182 -23.92 -59.82 -11.16
N PHE T 183 -23.88 -61.15 -11.22
CA PHE T 183 -23.25 -61.86 -12.31
C PHE T 183 -24.24 -62.34 -13.36
N GLY T 184 -25.48 -62.64 -12.99
CA GLY T 184 -26.45 -63.19 -13.92
C GLY T 184 -27.35 -62.16 -14.59
N VAL T 185 -28.01 -61.32 -13.77
CA VAL T 185 -28.93 -60.32 -14.30
C VAL T 185 -28.17 -59.25 -15.08
N SER T 186 -26.96 -58.89 -14.62
CA SER T 186 -26.15 -57.92 -15.35
C SER T 186 -25.64 -58.50 -16.66
N SER T 187 -25.30 -59.80 -16.69
CA SER T 187 -24.96 -60.43 -17.96
C SER T 187 -26.18 -60.65 -18.83
N LEU T 188 -27.37 -60.74 -18.23
CA LEU T 188 -28.59 -60.81 -19.02
C LEU T 188 -28.95 -59.45 -19.59
N ALA T 189 -28.80 -58.40 -18.80
CA ALA T 189 -29.08 -57.06 -19.29
C ALA T 189 -28.03 -56.60 -20.29
N TRP T 190 -26.82 -57.16 -20.24
CA TRP T 190 -25.83 -56.80 -21.24
C TRP T 190 -26.13 -57.47 -22.57
N THR T 191 -26.68 -58.68 -22.56
CA THR T 191 -27.18 -59.28 -23.80
C THR T 191 -28.33 -58.46 -24.36
N GLY T 192 -29.19 -57.94 -23.47
CA GLY T 192 -30.26 -57.06 -23.89
C GLY T 192 -29.76 -55.76 -24.51
N HIS T 193 -28.60 -55.28 -24.08
CA HIS T 193 -28.00 -54.16 -24.79
C HIS T 193 -27.38 -54.60 -26.11
N LEU T 194 -26.82 -55.81 -26.17
CA LEU T 194 -26.13 -56.25 -27.37
C LEU T 194 -27.09 -56.52 -28.51
N VAL T 195 -28.24 -57.14 -28.24
CA VAL T 195 -29.16 -57.48 -29.31
C VAL T 195 -30.14 -56.36 -29.64
N HIS T 196 -30.40 -55.43 -28.72
CA HIS T 196 -31.29 -54.32 -29.03
C HIS T 196 -30.56 -53.11 -29.58
N VAL T 197 -29.29 -52.91 -29.20
CA VAL T 197 -28.59 -51.67 -29.54
C VAL T 197 -27.33 -51.95 -30.35
N ALA T 198 -26.44 -52.77 -29.81
CA ALA T 198 -25.10 -52.91 -30.41
C ALA T 198 -25.13 -53.68 -31.72
N LEU T 199 -26.05 -54.61 -31.87
CA LEU T 199 -26.18 -55.33 -33.14
C LEU T 199 -26.86 -54.51 -34.25
N PRO T 200 -27.94 -53.72 -34.01
CA PRO T 200 -28.42 -52.87 -35.12
C PRO T 200 -27.49 -51.74 -35.49
N GLU T 201 -26.77 -51.13 -34.53
CA GLU T 201 -25.82 -50.08 -34.88
C GLU T 201 -24.62 -50.64 -35.64
N SER T 202 -24.30 -51.91 -35.43
CA SER T 202 -23.31 -52.60 -36.26
C SER T 202 -23.83 -52.86 -37.67
N ARG T 203 -25.14 -52.82 -37.88
CA ARG T 203 -25.74 -53.06 -39.18
C ARG T 203 -26.44 -51.83 -39.72
N GLY T 204 -25.99 -50.64 -39.30
CA GLY T 204 -26.44 -49.39 -39.87
C GLY T 204 -27.72 -48.82 -39.32
N GLN T 205 -28.39 -49.50 -38.41
CA GLN T 205 -29.67 -49.05 -37.86
C GLN T 205 -29.42 -48.33 -36.54
N HIS T 206 -29.81 -47.06 -36.47
CA HIS T 206 -29.68 -46.30 -35.24
C HIS T 206 -30.79 -46.70 -34.27
N VAL T 207 -30.41 -47.12 -33.07
CA VAL T 207 -31.35 -47.45 -32.01
C VAL T 207 -30.95 -46.63 -30.78
N GLY T 208 -31.82 -45.68 -30.42
CA GLY T 208 -31.60 -44.86 -29.25
C GLY T 208 -32.76 -44.95 -28.28
N TRP T 209 -32.80 -44.07 -27.28
CA TRP T 209 -33.91 -44.10 -26.32
C TRP T 209 -35.21 -43.58 -26.91
N ASP T 210 -35.17 -42.93 -28.07
CA ASP T 210 -36.39 -42.41 -28.69
C ASP T 210 -37.09 -43.42 -29.59
N ASN T 211 -36.37 -44.43 -30.09
CA ASN T 211 -36.96 -45.35 -31.08
C ASN T 211 -36.67 -46.81 -30.79
N PHE T 212 -36.34 -47.17 -29.54
CA PHE T 212 -36.10 -48.58 -29.24
C PHE T 212 -37.35 -49.35 -28.84
N LEU T 213 -38.43 -48.65 -28.49
CA LEU T 213 -39.69 -49.33 -28.26
C LEU T 213 -40.43 -49.67 -29.55
N SER T 214 -40.00 -49.11 -30.67
CA SER T 214 -40.58 -49.42 -31.97
C SER T 214 -39.81 -50.53 -32.68
N ILE T 215 -38.50 -50.36 -32.81
CA ILE T 215 -37.67 -51.27 -33.60
C ILE T 215 -37.43 -52.55 -32.81
N ARG T 216 -37.82 -53.69 -33.39
CA ARG T 216 -37.53 -54.98 -32.78
C ARG T 216 -36.08 -55.37 -33.02
N PRO T 217 -35.49 -56.17 -32.12
CA PRO T 217 -34.17 -56.75 -32.41
C PRO T 217 -34.19 -57.79 -33.51
N HIS T 218 -35.33 -58.40 -33.79
CA HIS T 218 -35.42 -59.45 -34.80
C HIS T 218 -36.65 -59.23 -35.67
N PRO T 219 -36.55 -59.58 -36.97
CA PRO T 219 -37.74 -59.56 -37.83
C PRO T 219 -38.86 -60.46 -37.34
N GLU T 220 -38.55 -61.66 -36.89
CA GLU T 220 -39.49 -62.49 -36.15
C GLU T 220 -39.37 -62.10 -34.69
N GLY T 221 -40.10 -61.06 -34.30
CA GLY T 221 -39.90 -60.44 -33.01
C GLY T 221 -40.50 -61.17 -31.83
N LEU T 222 -39.63 -61.83 -31.05
CA LEU T 222 -39.86 -62.36 -29.70
C LEU T 222 -40.76 -63.60 -29.68
N ALA T 223 -41.37 -63.94 -30.81
CA ALA T 223 -42.18 -65.14 -30.97
C ALA T 223 -41.38 -66.45 -31.11
N PRO T 224 -40.19 -66.50 -31.77
CA PRO T 224 -39.42 -67.76 -31.71
C PRO T 224 -38.89 -68.14 -30.33
N LEU T 225 -38.82 -67.20 -29.38
CA LEU T 225 -38.42 -67.55 -28.03
C LEU T 225 -39.53 -68.30 -27.31
N PHE T 226 -40.77 -67.84 -27.46
CA PHE T 226 -41.90 -68.46 -26.77
C PHE T 226 -42.30 -69.79 -27.39
N THR T 227 -42.24 -69.89 -28.72
CA THR T 227 -42.63 -71.11 -29.42
C THR T 227 -41.51 -72.15 -29.47
N GLY T 228 -40.38 -71.89 -28.80
CA GLY T 228 -39.31 -72.87 -28.70
C GLY T 228 -38.51 -73.10 -29.96
N ASN T 229 -38.71 -72.29 -30.99
CA ASN T 229 -37.91 -72.38 -32.22
C ASN T 229 -36.76 -71.38 -32.11
N TRP T 230 -35.83 -71.71 -31.21
CA TRP T 230 -34.74 -70.78 -30.88
C TRP T 230 -33.70 -70.69 -31.99
N GLY T 231 -33.68 -71.66 -32.91
CA GLY T 231 -32.82 -71.60 -34.08
C GLY T 231 -33.19 -70.53 -35.08
N ALA T 232 -34.35 -69.90 -34.92
CA ALA T 232 -34.73 -68.73 -35.71
C ALA T 232 -34.02 -67.47 -35.27
N TYR T 233 -33.23 -67.52 -34.20
CA TYR T 233 -32.31 -66.45 -33.85
C TYR T 233 -30.93 -66.67 -34.44
N ALA T 234 -30.60 -67.90 -34.80
CA ALA T 234 -29.41 -68.21 -35.59
C ALA T 234 -29.77 -68.20 -37.07
N GLN T 235 -30.04 -66.98 -37.56
CA GLN T 235 -30.36 -66.70 -38.95
C GLN T 235 -29.11 -66.66 -39.82
N ASN T 236 -29.22 -66.04 -41.00
CA ASN T 236 -28.03 -65.63 -41.75
C ASN T 236 -27.17 -64.75 -40.84
N PRO T 237 -26.03 -65.29 -40.36
CA PRO T 237 -25.30 -64.61 -39.26
C PRO T 237 -24.69 -63.27 -39.64
N ASP T 238 -23.77 -63.30 -40.60
CA ASP T 238 -23.10 -62.16 -41.22
C ASP T 238 -22.30 -62.71 -42.39
N THR T 239 -22.35 -62.02 -43.53
CA THR T 239 -21.56 -62.44 -44.67
C THR T 239 -20.08 -62.15 -44.44
N ALA T 240 -19.23 -62.75 -45.27
CA ALA T 240 -17.80 -62.49 -45.20
C ALA T 240 -17.42 -61.14 -45.78
N GLU T 241 -18.36 -60.42 -46.39
CA GLU T 241 -18.13 -59.09 -46.93
C GLU T 241 -18.94 -58.03 -46.19
N HIS T 242 -19.27 -58.29 -44.93
CA HIS T 242 -19.99 -57.30 -44.13
C HIS T 242 -19.05 -56.17 -43.72
N ALA T 243 -19.51 -54.94 -43.86
CA ALA T 243 -18.81 -53.78 -43.36
C ALA T 243 -19.45 -53.34 -42.05
N PHE T 244 -18.62 -53.18 -41.02
CA PHE T 244 -19.11 -52.84 -39.69
C PHE T 244 -19.71 -51.44 -39.69
N GLY T 245 -20.88 -51.30 -39.08
CA GLY T 245 -21.57 -50.03 -39.02
C GLY T 245 -22.47 -49.72 -40.19
N THR T 246 -22.44 -50.53 -41.24
CA THR T 246 -23.26 -50.31 -42.42
C THR T 246 -24.20 -51.50 -42.65
N ALA T 247 -25.25 -51.24 -43.43
CA ALA T 247 -26.27 -52.25 -43.68
C ALA T 247 -25.89 -53.23 -44.79
N GLN T 248 -24.86 -52.94 -45.57
CA GLN T 248 -24.48 -53.82 -46.67
C GLN T 248 -23.75 -55.05 -46.14
N GLY T 249 -24.18 -56.22 -46.59
CA GLY T 249 -23.59 -57.47 -46.15
C GLY T 249 -24.05 -57.93 -44.78
N ALA T 250 -25.06 -57.28 -44.21
CA ALA T 250 -25.49 -57.53 -42.84
C ALA T 250 -26.52 -58.65 -42.78
N GLY T 251 -26.61 -59.26 -41.59
CA GLY T 251 -27.58 -60.28 -41.32
C GLY T 251 -28.66 -59.81 -40.36
N SER T 252 -29.52 -60.75 -39.98
CA SER T 252 -30.55 -60.50 -38.98
C SER T 252 -30.37 -61.33 -37.73
N ALA T 253 -29.39 -62.23 -37.70
CA ALA T 253 -29.18 -63.11 -36.56
C ALA T 253 -28.69 -62.32 -35.35
N ILE T 254 -29.11 -62.77 -34.17
CA ILE T 254 -28.71 -62.13 -32.93
C ILE T 254 -27.99 -63.08 -31.98
N LEU T 255 -28.06 -64.39 -32.17
CA LEU T 255 -27.40 -65.36 -31.31
C LEU T 255 -26.88 -66.48 -32.20
N THR T 256 -25.56 -66.52 -32.39
CA THR T 256 -24.95 -67.47 -33.30
C THR T 256 -23.76 -68.11 -32.58
N PHE T 257 -23.23 -69.19 -33.14
CA PHE T 257 -22.19 -70.01 -32.54
C PHE T 257 -21.05 -70.23 -33.53
N LEU T 258 -20.59 -69.14 -34.15
CA LEU T 258 -19.63 -69.22 -35.25
C LEU T 258 -18.24 -69.56 -34.76
N GLY T 259 -17.70 -68.75 -33.86
CA GLY T 259 -16.29 -68.82 -33.52
C GLY T 259 -15.44 -68.09 -34.53
N GLY T 260 -14.16 -67.95 -34.19
CA GLY T 260 -13.26 -67.24 -35.07
C GLY T 260 -13.49 -65.74 -35.03
N PHE T 261 -13.26 -65.09 -36.16
CA PHE T 261 -13.28 -63.64 -36.22
C PHE T 261 -14.08 -63.12 -37.41
N HIS T 262 -14.77 -62.00 -37.17
CA HIS T 262 -15.25 -61.14 -38.23
C HIS T 262 -14.08 -60.75 -39.14
N PRO T 263 -14.19 -60.95 -40.45
CA PRO T 263 -13.00 -60.81 -41.31
C PRO T 263 -12.53 -59.38 -41.52
N GLN T 264 -13.44 -58.41 -41.48
CA GLN T 264 -13.03 -57.02 -41.70
C GLN T 264 -12.46 -56.41 -40.43
N THR T 265 -13.19 -56.51 -39.32
CA THR T 265 -12.76 -55.90 -38.06
C THR T 265 -11.69 -56.69 -37.34
N GLU T 266 -11.42 -57.94 -37.78
CA GLU T 266 -10.44 -58.86 -37.18
C GLU T 266 -10.76 -59.15 -35.72
N SER T 267 -12.03 -59.10 -35.34
CA SER T 267 -12.44 -59.26 -33.96
C SER T 267 -13.60 -60.25 -33.87
N LEU T 268 -14.01 -60.53 -32.64
CA LEU T 268 -15.06 -61.49 -32.37
C LEU T 268 -16.41 -60.98 -32.90
N TRP T 269 -17.25 -61.93 -33.31
CA TRP T 269 -18.58 -61.60 -33.79
C TRP T 269 -19.44 -61.09 -32.63
N LEU T 270 -20.29 -60.10 -32.93
CA LEU T 270 -21.21 -59.59 -31.92
C LEU T 270 -22.32 -60.57 -31.60
N THR T 271 -22.59 -61.52 -32.51
CA THR T 271 -23.57 -62.57 -32.23
C THR T 271 -22.97 -63.67 -31.36
N ASP T 272 -21.68 -63.98 -31.53
CA ASP T 272 -21.05 -64.90 -30.58
C ASP T 272 -20.90 -64.26 -29.21
N MET T 273 -20.72 -62.95 -29.16
CA MET T 273 -20.62 -62.27 -27.87
C MET T 273 -21.97 -62.08 -27.21
N ALA T 274 -23.06 -62.07 -27.98
CA ALA T 274 -24.39 -61.99 -27.40
C ALA T 274 -24.84 -63.34 -26.87
N HIS T 275 -24.56 -64.41 -27.61
CA HIS T 275 -24.86 -65.76 -27.14
C HIS T 275 -23.92 -66.18 -26.02
N HIS T 276 -22.75 -65.54 -25.91
CA HIS T 276 -21.88 -65.77 -24.76
C HIS T 276 -22.53 -65.26 -23.49
N HIS T 277 -22.89 -63.97 -23.47
CA HIS T 277 -23.41 -63.34 -22.27
C HIS T 277 -24.83 -63.78 -21.94
N LEU T 278 -25.53 -64.43 -22.88
CA LEU T 278 -26.83 -65.01 -22.55
C LEU T 278 -26.67 -66.38 -21.92
N ALA T 279 -25.73 -67.18 -22.43
CA ALA T 279 -25.43 -68.47 -21.81
C ALA T 279 -24.77 -68.29 -20.46
N ILE T 280 -23.96 -67.25 -20.32
CA ILE T 280 -23.32 -66.94 -19.04
C ILE T 280 -24.36 -66.47 -18.03
N ALA T 281 -25.39 -65.75 -18.49
CA ALA T 281 -26.39 -65.18 -17.60
C ALA T 281 -27.25 -66.25 -16.95
N VAL T 282 -27.86 -67.12 -17.76
CA VAL T 282 -28.80 -68.11 -17.24
C VAL T 282 -28.07 -69.17 -16.42
N ILE T 283 -26.79 -69.41 -16.70
CA ILE T 283 -26.00 -70.31 -15.86
C ILE T 283 -25.72 -69.64 -14.51
N PHE T 284 -25.42 -68.34 -14.52
CA PHE T 284 -25.19 -67.63 -13.26
C PHE T 284 -26.48 -67.40 -12.48
N ILE T 285 -27.61 -67.26 -13.17
CA ILE T 285 -28.89 -67.15 -12.47
C ILE T 285 -29.28 -68.50 -11.87
N VAL T 286 -28.96 -69.60 -12.55
CA VAL T 286 -29.15 -70.93 -11.99
C VAL T 286 -28.25 -71.13 -10.77
N ALA T 287 -26.98 -70.72 -10.88
CA ALA T 287 -26.03 -70.89 -9.77
C ALA T 287 -26.40 -70.06 -8.55
N GLY T 288 -27.11 -68.95 -8.74
CA GLY T 288 -27.61 -68.15 -7.65
C GLY T 288 -28.87 -68.67 -6.98
N HIS T 289 -29.27 -69.90 -7.28
CA HIS T 289 -30.42 -70.55 -6.65
C HIS T 289 -29.99 -71.83 -5.96
N MET T 290 -28.81 -71.81 -5.35
CA MET T 290 -28.22 -73.00 -4.76
C MET T 290 -28.26 -73.01 -3.23
N TYR T 291 -28.19 -71.86 -2.59
CA TYR T 291 -27.99 -71.81 -1.15
C TYR T 291 -29.24 -71.33 -0.42
N ARG T 292 -29.45 -71.89 0.77
CA ARG T 292 -30.64 -71.61 1.56
C ARG T 292 -30.50 -70.25 2.26
N THR T 293 -31.50 -69.40 2.10
CA THR T 293 -31.55 -68.12 2.80
C THR T 293 -32.77 -68.01 3.71
N ASN T 294 -33.98 -68.09 3.14
CA ASN T 294 -35.20 -67.74 3.85
C ASN T 294 -36.35 -68.71 3.61
N PHE T 295 -36.17 -69.71 2.74
CA PHE T 295 -37.31 -70.46 2.20
C PHE T 295 -37.14 -71.96 2.31
N GLY T 296 -36.18 -72.44 3.09
CA GLY T 296 -36.00 -73.89 3.29
C GLY T 296 -35.22 -74.62 2.23
N ILE T 297 -35.51 -74.38 0.95
CA ILE T 297 -34.75 -74.99 -0.12
C ILE T 297 -33.37 -74.35 -0.21
N GLY T 298 -32.38 -75.13 -0.59
CA GLY T 298 -31.04 -74.61 -0.76
C GLY T 298 -30.00 -75.29 0.11
N HIS T 299 -28.76 -75.34 -0.37
CA HIS T 299 -27.67 -75.91 0.38
C HIS T 299 -27.19 -74.93 1.45
N ASN T 300 -26.43 -75.44 2.40
CA ASN T 300 -25.85 -74.64 3.46
C ASN T 300 -24.34 -74.82 3.44
N ILE T 301 -23.62 -73.72 3.27
CA ILE T 301 -22.21 -73.75 2.90
C ILE T 301 -21.34 -74.31 4.02
N LYS T 302 -21.74 -74.11 5.28
CA LYS T 302 -20.91 -74.57 6.39
C LYS T 302 -21.03 -76.07 6.58
N GLU T 303 -22.14 -76.66 6.14
CA GLU T 303 -22.32 -78.11 6.22
C GLU T 303 -21.41 -78.86 5.25
N MET T 304 -21.16 -78.31 4.07
CA MET T 304 -20.23 -78.96 3.14
C MET T 304 -18.78 -78.82 3.61
N THR T 305 -18.48 -77.79 4.40
CA THR T 305 -17.13 -77.63 4.93
C THR T 305 -16.93 -78.45 6.21
N GLU T 306 -17.92 -78.44 7.11
CA GLU T 306 -17.73 -79.07 8.41
C GLU T 306 -17.77 -80.59 8.30
N ALA T 307 -18.58 -81.11 7.38
CA ALA T 307 -18.66 -82.56 7.15
C ALA T 307 -17.73 -82.98 6.02
N LEU T 308 -16.46 -82.55 6.11
CA LEU T 308 -15.45 -82.84 5.11
C LEU T 308 -14.14 -83.11 5.86
N GLN T 309 -13.92 -84.37 6.22
CA GLN T 309 -12.75 -84.80 6.98
C GLN T 309 -12.35 -86.18 6.47
N GLY T 310 -11.48 -86.85 7.22
CA GLY T 310 -11.04 -88.19 6.89
C GLY T 310 -12.06 -89.25 7.28
N GLY T 325 -10.84 -82.49 5.27
CA GLY T 325 -10.04 -81.83 6.28
C GLY T 325 -10.38 -80.37 6.45
N HIS T 326 -11.64 -80.02 6.16
CA HIS T 326 -12.06 -78.63 6.03
C HIS T 326 -12.90 -78.15 7.21
N LYS T 327 -12.67 -78.72 8.39
CA LYS T 327 -13.41 -78.29 9.58
C LYS T 327 -12.94 -76.93 10.03
N GLY T 328 -13.89 -76.02 10.27
CA GLY T 328 -13.59 -74.67 10.68
C GLY T 328 -13.21 -73.72 9.56
N ILE T 329 -13.09 -74.22 8.32
CA ILE T 329 -12.65 -73.40 7.20
C ILE T 329 -13.72 -72.36 6.83
N TYR T 330 -15.00 -72.69 7.04
CA TYR T 330 -16.08 -71.71 6.89
C TYR T 330 -15.90 -70.55 7.85
N ASP T 331 -15.76 -70.86 9.15
CA ASP T 331 -15.64 -69.82 10.16
C ASP T 331 -14.31 -69.08 10.07
N THR T 332 -13.28 -69.72 9.51
CA THR T 332 -12.03 -69.02 9.25
C THR T 332 -12.21 -67.99 8.14
N TYR T 333 -12.89 -68.39 7.06
CA TYR T 333 -13.21 -67.51 5.95
C TYR T 333 -14.16 -66.40 6.38
N ASN T 334 -15.25 -66.76 7.06
CA ASN T 334 -16.36 -65.83 7.27
C ASN T 334 -16.04 -64.78 8.32
N ASN T 335 -15.16 -65.08 9.26
CA ASN T 335 -14.86 -64.16 10.35
C ASN T 335 -13.64 -63.29 10.09
N SER T 336 -12.81 -63.64 9.11
CA SER T 336 -11.58 -62.93 8.83
C SER T 336 -11.72 -62.13 7.53
N LEU T 337 -11.66 -60.82 7.65
CA LEU T 337 -11.71 -59.97 6.45
C LEU T 337 -10.41 -60.02 5.67
N HIS T 338 -9.28 -60.31 6.33
CA HIS T 338 -8.01 -60.43 5.63
C HIS T 338 -7.89 -61.76 4.90
N PHE T 339 -8.54 -62.81 5.41
CA PHE T 339 -8.62 -64.05 4.66
C PHE T 339 -9.45 -63.88 3.40
N GLN T 340 -10.56 -63.15 3.51
CA GLN T 340 -11.41 -62.90 2.34
C GLN T 340 -10.71 -61.99 1.34
N LEU T 341 -10.04 -60.94 1.84
CA LEU T 341 -9.33 -60.02 0.95
C LEU T 341 -8.19 -60.71 0.22
N GLY T 342 -7.41 -61.53 0.94
CA GLY T 342 -6.35 -62.28 0.29
C GLY T 342 -6.87 -63.35 -0.67
N TRP T 343 -8.06 -63.89 -0.38
CA TRP T 343 -8.65 -64.87 -1.30
C TRP T 343 -9.17 -64.18 -2.56
N HIS T 344 -9.79 -63.01 -2.40
CA HIS T 344 -10.39 -62.33 -3.54
C HIS T 344 -9.34 -61.62 -4.39
N LEU T 345 -8.21 -61.22 -3.79
CA LEU T 345 -7.13 -60.66 -4.58
C LEU T 345 -6.44 -61.74 -5.42
N ALA T 346 -6.43 -62.98 -4.93
CA ALA T 346 -5.84 -64.08 -5.69
C ALA T 346 -6.73 -64.46 -6.87
N CYS T 347 -8.05 -64.44 -6.67
CA CYS T 347 -8.96 -64.75 -7.77
C CYS T 347 -9.01 -63.62 -8.78
N LEU T 348 -8.98 -62.38 -8.31
CA LEU T 348 -8.94 -61.25 -9.23
C LEU T 348 -7.60 -61.14 -9.95
N GLY T 349 -6.52 -61.60 -9.31
CA GLY T 349 -5.22 -61.56 -9.94
C GLY T 349 -5.05 -62.58 -11.04
N VAL T 350 -5.69 -63.76 -10.90
CA VAL T 350 -5.65 -64.75 -11.97
C VAL T 350 -6.48 -64.28 -13.15
N ILE T 351 -7.63 -63.65 -12.88
CA ILE T 351 -8.54 -63.22 -13.93
C ILE T 351 -7.93 -62.07 -14.73
N THR T 352 -7.25 -61.15 -14.05
CA THR T 352 -6.62 -60.03 -14.75
C THR T 352 -5.47 -60.49 -15.63
N SER T 353 -4.79 -61.57 -15.26
CA SER T 353 -3.88 -62.21 -16.19
C SER T 353 -4.64 -62.83 -17.36
N LEU T 354 -5.78 -63.46 -17.07
CA LEU T 354 -6.56 -64.11 -18.13
C LEU T 354 -7.19 -63.11 -19.07
N VAL T 355 -7.54 -61.93 -18.55
CA VAL T 355 -8.00 -60.83 -19.41
C VAL T 355 -6.90 -60.42 -20.37
N ALA T 356 -5.66 -60.33 -19.88
CA ALA T 356 -4.55 -59.91 -20.73
C ALA T 356 -4.18 -60.98 -21.74
N GLN T 357 -4.21 -62.25 -21.35
CA GLN T 357 -3.81 -63.32 -22.27
C GLN T 357 -4.87 -63.61 -23.33
N HIS T 358 -6.14 -63.29 -23.07
CA HIS T 358 -7.19 -63.63 -24.01
C HIS T 358 -7.65 -62.45 -24.86
N MET T 359 -7.45 -61.21 -24.40
CA MET T 359 -7.85 -60.07 -25.21
C MET T 359 -6.90 -59.82 -26.38
N TYR T 360 -5.63 -60.24 -26.26
CA TYR T 360 -4.74 -60.11 -27.41
C TYR T 360 -4.86 -61.29 -28.36
N ALA T 361 -5.13 -62.48 -27.84
CA ALA T 361 -5.23 -63.65 -28.70
C ALA T 361 -6.56 -63.68 -29.46
N MET T 362 -7.65 -63.38 -28.77
CA MET T 362 -8.98 -63.25 -29.38
C MET T 362 -9.43 -61.82 -29.15
N PRO T 363 -9.09 -60.90 -30.04
CA PRO T 363 -9.50 -59.49 -29.87
C PRO T 363 -11.00 -59.34 -29.98
N PRO T 364 -11.63 -58.68 -29.03
CA PRO T 364 -13.09 -58.59 -29.05
C PRO T 364 -13.64 -57.27 -29.59
N TYR T 365 -12.77 -56.30 -29.82
CA TYR T 365 -13.19 -54.96 -30.23
C TYR T 365 -12.77 -54.71 -31.65
N ALA T 366 -13.63 -54.00 -32.39
CA ALA T 366 -13.46 -53.81 -33.82
C ALA T 366 -12.21 -52.98 -34.13
N PHE T 367 -11.38 -53.51 -35.02
CA PHE T 367 -10.14 -52.90 -35.52
C PHE T 367 -9.11 -52.64 -34.41
N MET T 368 -9.20 -53.33 -33.28
CA MET T 368 -8.24 -53.08 -32.21
C MET T 368 -6.96 -53.87 -32.42
N ALA T 369 -7.02 -55.02 -33.11
CA ALA T 369 -5.84 -55.82 -33.37
C ALA T 369 -4.86 -55.17 -34.34
N ARG T 370 -5.27 -54.11 -35.04
CA ARG T 370 -4.36 -53.36 -35.89
C ARG T 370 -3.87 -52.07 -35.25
N ASP T 371 -4.43 -51.68 -34.11
CA ASP T 371 -3.85 -50.63 -33.28
C ASP T 371 -2.80 -51.30 -32.40
N TYR T 372 -1.55 -51.30 -32.87
CA TYR T 372 -0.51 -52.09 -32.24
C TYR T 372 -0.06 -51.49 -30.92
N THR T 373 -0.09 -50.16 -30.80
CA THR T 373 0.31 -49.51 -29.54
C THR T 373 -0.73 -49.72 -28.46
N THR T 374 -2.01 -49.81 -28.85
CA THR T 374 -3.07 -50.07 -27.87
C THR T 374 -2.99 -51.51 -27.35
N MET T 375 -2.71 -52.47 -28.25
CA MET T 375 -2.57 -53.86 -27.83
C MET T 375 -1.36 -54.06 -26.93
N SER T 376 -0.27 -53.35 -27.21
CA SER T 376 0.88 -53.40 -26.31
C SER T 376 0.58 -52.73 -24.97
N ALA T 377 -0.13 -51.59 -25.00
CA ALA T 377 -0.43 -50.90 -23.76
C ALA T 377 -1.43 -51.67 -22.91
N LEU T 378 -2.42 -52.31 -23.54
CA LEU T 378 -3.46 -53.01 -22.78
C LEU T 378 -2.95 -54.29 -22.15
N TYR T 379 -2.06 -55.01 -22.84
CA TYR T 379 -1.48 -56.23 -22.28
C TYR T 379 -0.59 -55.91 -21.08
N THR T 380 0.28 -54.92 -21.24
CA THR T 380 1.19 -54.54 -20.17
C THR T 380 0.46 -53.93 -18.99
N HIS T 381 -0.66 -53.25 -19.24
CA HIS T 381 -1.48 -52.69 -18.16
C HIS T 381 -2.06 -53.80 -17.29
N HIS T 382 -2.79 -54.72 -17.90
CA HIS T 382 -3.51 -55.74 -17.13
C HIS T 382 -2.59 -56.83 -16.60
N GLN T 383 -1.38 -56.97 -17.13
CA GLN T 383 -0.44 -57.91 -16.54
C GLN T 383 0.23 -57.34 -15.30
N TYR T 384 0.55 -56.04 -15.33
CA TYR T 384 1.13 -55.41 -14.15
C TYR T 384 0.11 -55.23 -13.04
N ILE T 385 -1.15 -55.02 -13.40
CA ILE T 385 -2.23 -55.02 -12.41
C ILE T 385 -2.35 -56.39 -11.77
N ALA T 386 -2.28 -57.44 -12.58
CA ALA T 386 -2.44 -58.81 -12.09
C ALA T 386 -1.28 -59.22 -11.19
N GLY T 387 -0.06 -58.77 -11.51
CA GLY T 387 1.06 -59.04 -10.64
C GLY T 387 0.96 -58.33 -9.31
N PHE T 388 0.32 -57.16 -9.28
CA PHE T 388 0.15 -56.43 -8.03
C PHE T 388 -0.91 -57.06 -7.16
N LEU T 389 -2.01 -57.53 -7.77
CA LEU T 389 -3.04 -58.22 -7.01
C LEU T 389 -2.57 -59.57 -6.50
N MET T 390 -1.60 -60.18 -7.20
CA MET T 390 -1.08 -61.48 -6.76
C MET T 390 -0.22 -61.35 -5.50
N ILE T 391 0.63 -60.32 -5.42
CA ILE T 391 1.45 -60.17 -4.24
C ILE T 391 0.67 -59.57 -3.07
N GLY T 392 -0.47 -58.92 -3.33
CA GLY T 392 -1.34 -58.48 -2.26
C GLY T 392 -2.23 -59.56 -1.71
N ALA T 393 -2.46 -60.61 -2.50
CA ALA T 393 -3.17 -61.78 -2.00
C ALA T 393 -2.35 -62.50 -0.94
N PHE T 394 -1.04 -62.63 -1.17
CA PHE T 394 -0.15 -63.24 -0.19
C PHE T 394 0.14 -62.31 0.97
N ALA T 395 0.14 -60.99 0.74
CA ALA T 395 0.37 -60.04 1.82
C ALA T 395 -0.80 -60.06 2.80
N HIS T 396 -2.03 -60.03 2.29
CA HIS T 396 -3.19 -60.08 3.16
C HIS T 396 -3.48 -61.48 3.68
N GLY T 397 -2.96 -62.51 3.01
CA GLY T 397 -2.96 -63.83 3.59
C GLY T 397 -1.95 -63.99 4.71
N ALA T 398 -0.94 -63.12 4.75
CA ALA T 398 0.04 -63.11 5.84
C ALA T 398 -0.42 -62.24 7.00
N ILE T 399 -1.17 -61.17 6.73
CA ILE T 399 -1.79 -60.37 7.79
C ILE T 399 -2.86 -61.20 8.50
N PHE T 400 -3.53 -62.09 7.77
CA PHE T 400 -4.51 -62.99 8.37
C PHE T 400 -3.85 -63.94 9.37
N LEU T 401 -2.68 -64.49 9.02
CA LEU T 401 -2.01 -65.44 9.89
C LEU T 401 -1.45 -64.79 11.15
N ILE T 402 -1.21 -63.48 11.13
CA ILE T 402 -0.75 -62.77 12.30
C ILE T 402 -1.91 -62.32 13.18
N ARG T 403 -2.94 -61.74 12.56
CA ARG T 403 -4.02 -61.10 13.29
C ARG T 403 -5.22 -62.00 13.54
N ASP T 404 -5.76 -62.64 12.49
CA ASP T 404 -7.05 -63.31 12.59
C ASP T 404 -6.96 -64.82 12.78
N TYR T 405 -5.80 -65.43 12.57
CA TYR T 405 -5.71 -66.89 12.59
C TYR T 405 -5.75 -67.42 14.03
N ASP T 406 -6.68 -68.35 14.26
CA ASP T 406 -6.81 -68.99 15.56
C ASP T 406 -6.30 -70.42 15.46
N PRO T 407 -5.25 -70.79 16.18
CA PRO T 407 -4.70 -72.15 16.06
C PRO T 407 -5.56 -73.23 16.70
N GLU T 408 -6.45 -72.87 17.63
CA GLU T 408 -7.37 -73.83 18.24
C GLU T 408 -8.67 -74.01 17.46
N ALA T 409 -9.18 -72.95 16.83
CA ALA T 409 -10.33 -73.12 15.97
C ALA T 409 -9.95 -73.83 14.67
N ASN T 410 -8.68 -73.81 14.29
CA ASN T 410 -8.23 -74.54 13.11
C ASN T 410 -7.22 -75.62 13.49
N ARG T 411 -7.54 -76.45 14.48
CA ARG T 411 -6.63 -77.52 14.86
C ARG T 411 -6.74 -78.68 13.88
N ASP T 412 -5.60 -79.14 13.39
CA ASP T 412 -5.42 -80.34 12.54
C ASP T 412 -6.16 -80.25 11.21
N ASN T 413 -6.61 -79.06 10.80
CA ASN T 413 -7.20 -78.90 9.48
C ASN T 413 -6.09 -78.52 8.51
N VAL T 414 -6.44 -78.03 7.32
CA VAL T 414 -5.44 -77.86 6.28
C VAL T 414 -4.54 -76.65 6.56
N LEU T 415 -5.08 -75.60 7.19
CA LEU T 415 -4.25 -74.46 7.55
C LEU T 415 -3.25 -74.83 8.64
N ALA T 416 -3.60 -75.77 9.52
CA ALA T 416 -2.63 -76.28 10.48
C ALA T 416 -1.60 -77.18 9.82
N ARG T 417 -1.92 -77.79 8.67
CA ARG T 417 -0.98 -78.70 8.02
C ARG T 417 0.20 -77.95 7.41
N MET T 418 -0.07 -76.87 6.66
CA MET T 418 1.04 -76.18 5.98
C MET T 418 1.93 -75.44 6.96
N LEU T 419 1.38 -74.96 8.08
CA LEU T 419 2.22 -74.33 9.09
C LEU T 419 3.12 -75.35 9.77
N ALA T 420 2.70 -76.62 9.79
CA ALA T 420 3.57 -77.71 10.20
C ALA T 420 4.42 -78.25 9.07
N HIS T 421 3.97 -78.10 7.82
CA HIS T 421 4.70 -78.51 6.63
C HIS T 421 5.61 -77.42 6.07
N LYS T 422 5.83 -76.33 6.81
CA LYS T 422 6.37 -75.12 6.18
C LYS T 422 7.82 -75.27 5.77
N GLU T 423 8.59 -76.11 6.46
CA GLU T 423 9.97 -76.33 6.03
C GLU T 423 10.05 -77.23 4.81
N ALA T 424 8.97 -77.94 4.46
CA ALA T 424 8.95 -78.75 3.26
C ALA T 424 8.46 -77.97 2.04
N ILE T 425 7.53 -77.05 2.25
CA ILE T 425 7.01 -76.24 1.15
C ILE T 425 8.06 -75.24 0.67
N ILE T 426 8.76 -74.61 1.62
CA ILE T 426 9.76 -73.60 1.29
C ILE T 426 10.98 -74.23 0.63
N SER T 427 11.42 -75.39 1.15
CA SER T 427 12.57 -76.08 0.58
C SER T 427 12.27 -76.66 -0.80
N HIS T 428 11.02 -77.05 -1.06
CA HIS T 428 10.69 -77.52 -2.41
C HIS T 428 10.50 -76.36 -3.37
N LEU T 429 10.05 -75.21 -2.89
CA LEU T 429 10.01 -74.02 -3.73
C LEU T 429 11.41 -73.50 -4.02
N SER T 430 12.35 -73.74 -3.11
CA SER T 430 13.73 -73.29 -3.30
C SER T 430 14.47 -74.15 -4.31
N TRP T 431 14.15 -75.44 -4.39
CA TRP T 431 14.82 -76.30 -5.37
C TRP T 431 14.38 -75.98 -6.78
N VAL T 432 13.07 -75.77 -6.99
CA VAL T 432 12.55 -75.39 -8.30
C VAL T 432 13.09 -74.03 -8.71
N SER T 433 13.26 -73.13 -7.74
CA SER T 433 13.85 -71.82 -8.02
C SER T 433 15.32 -71.95 -8.41
N LEU T 434 16.08 -72.79 -7.69
CA LEU T 434 17.50 -72.93 -8.01
C LEU T 434 17.73 -73.76 -9.26
N PHE T 435 16.86 -74.74 -9.55
CA PHE T 435 17.03 -75.53 -10.77
C PHE T 435 16.74 -74.70 -12.00
N LEU T 436 15.66 -73.91 -11.96
CA LEU T 436 15.31 -73.08 -13.11
C LEU T 436 16.34 -71.98 -13.33
N GLY T 437 16.86 -71.41 -12.25
CA GLY T 437 17.81 -70.31 -12.40
C GLY T 437 19.19 -70.77 -12.85
N PHE T 438 19.64 -71.94 -12.39
CA PHE T 438 20.93 -72.45 -12.80
C PHE T 438 20.93 -72.84 -14.27
N HIS T 439 19.84 -73.45 -14.73
CA HIS T 439 19.84 -74.03 -16.07
C HIS T 439 19.34 -73.06 -17.14
N THR T 440 18.49 -72.09 -16.80
CA THR T 440 18.10 -71.11 -17.81
C THR T 440 19.20 -70.08 -18.03
N LEU T 441 19.80 -69.58 -16.94
CA LEU T 441 20.93 -68.67 -17.09
C LEU T 441 22.15 -69.38 -17.63
N GLY T 442 22.31 -70.67 -17.30
CA GLY T 442 23.41 -71.44 -17.87
C GLY T 442 23.27 -71.63 -19.37
N LEU T 443 22.04 -71.84 -19.85
CA LEU T 443 21.82 -71.98 -21.28
C LEU T 443 21.96 -70.64 -22.01
N TYR T 444 21.57 -69.54 -21.35
CA TYR T 444 21.67 -68.23 -21.98
C TYR T 444 23.12 -67.78 -22.09
N VAL T 445 23.92 -68.01 -21.04
CA VAL T 445 25.32 -67.61 -21.06
C VAL T 445 26.13 -68.51 -22.01
N HIS T 446 25.75 -69.79 -22.11
CA HIS T 446 26.39 -70.68 -23.07
C HIS T 446 26.12 -70.23 -24.50
N ASN T 447 24.86 -69.86 -24.80
CA ASN T 447 24.54 -69.34 -26.12
C ASN T 447 25.16 -67.98 -26.37
N ASP T 448 25.36 -67.20 -25.31
CA ASP T 448 26.06 -65.92 -25.44
C ASP T 448 27.52 -66.13 -25.82
N CYS T 449 28.19 -67.08 -25.17
CA CYS T 449 29.59 -67.34 -25.46
C CYS T 449 29.80 -68.03 -26.81
N GLU T 450 28.79 -68.73 -27.31
CA GLU T 450 28.93 -69.37 -28.63
C GLU T 450 28.75 -68.35 -29.75
N VAL T 451 27.79 -67.44 -29.61
CA VAL T 451 27.56 -66.42 -30.64
C VAL T 451 28.69 -65.40 -30.65
N ALA T 452 29.22 -65.07 -29.46
CA ALA T 452 30.32 -64.11 -29.38
C ALA T 452 31.60 -64.68 -29.98
N LEU T 453 31.86 -65.97 -29.78
CA LEU T 453 33.06 -66.60 -30.30
C LEU T 453 32.89 -67.11 -31.73
N GLY T 454 31.88 -66.63 -32.44
CA GLY T 454 31.76 -66.86 -33.87
C GLY T 454 31.09 -68.16 -34.27
N SER T 455 30.51 -68.90 -33.34
CA SER T 455 29.89 -70.19 -33.62
C SER T 455 28.43 -70.17 -33.17
N PRO T 456 27.55 -69.55 -33.94
CA PRO T 456 26.14 -69.46 -33.52
C PRO T 456 25.32 -70.72 -33.72
N GLU T 457 25.85 -71.74 -34.41
CA GLU T 457 25.11 -72.97 -34.54
C GLU T 457 25.47 -73.98 -33.45
N LYS T 458 26.48 -73.67 -32.62
CA LYS T 458 26.79 -74.43 -31.41
C LYS T 458 25.90 -74.07 -30.23
N GLN T 459 24.90 -73.22 -30.45
CA GLN T 459 23.93 -72.90 -29.41
C GLN T 459 23.11 -74.12 -29.05
N ILE T 460 22.73 -74.22 -27.78
CA ILE T 460 21.84 -75.27 -27.31
C ILE T 460 20.41 -74.77 -27.49
N LEU T 461 19.72 -75.32 -28.50
CA LEU T 461 18.39 -74.86 -28.89
C LEU T 461 17.41 -76.01 -28.69
N ILE T 462 16.87 -76.10 -27.47
CA ILE T 462 15.91 -77.15 -27.14
C ILE T 462 14.55 -76.75 -27.73
N GLU T 463 14.00 -77.62 -28.57
CA GLU T 463 12.73 -77.35 -29.21
C GLU T 463 11.59 -77.50 -28.21
N PRO T 464 10.66 -76.55 -28.14
CA PRO T 464 9.52 -76.67 -27.20
C PRO T 464 8.45 -77.65 -27.68
N VAL T 465 8.73 -78.94 -27.49
CA VAL T 465 7.89 -79.97 -28.06
C VAL T 465 6.56 -80.16 -27.31
N PHE T 466 6.48 -79.75 -26.03
CA PHE T 466 5.26 -80.00 -25.28
C PHE T 466 4.18 -78.99 -25.62
N ALA T 467 4.54 -77.72 -25.77
CA ALA T 467 3.58 -76.70 -26.15
C ALA T 467 3.40 -76.58 -27.65
N GLN T 468 4.25 -77.23 -28.45
CA GLN T 468 3.96 -77.36 -29.87
C GLN T 468 2.91 -78.43 -30.12
N TRP T 469 2.97 -79.54 -29.37
CA TRP T 469 1.93 -80.55 -29.45
C TRP T 469 0.63 -80.06 -28.83
N THR T 470 0.72 -79.19 -27.82
CA THR T 470 -0.47 -78.57 -27.27
C THR T 470 -1.12 -77.62 -28.27
N GLN T 471 -0.31 -76.98 -29.11
CA GLN T 471 -0.85 -76.16 -30.18
C GLN T 471 -1.47 -77.00 -31.28
N ALA T 472 -0.93 -78.19 -31.53
CA ALA T 472 -1.53 -79.10 -32.49
C ALA T 472 -2.84 -79.66 -31.99
N PHE T 473 -2.97 -79.88 -30.68
CA PHE T 473 -4.22 -80.37 -30.12
C PHE T 473 -5.29 -79.30 -30.04
N HIS T 474 -4.97 -78.06 -30.38
CA HIS T 474 -5.94 -76.98 -30.45
C HIS T 474 -6.32 -76.60 -31.88
N GLY T 475 -5.58 -77.06 -32.88
CA GLY T 475 -5.96 -76.81 -34.25
C GLY T 475 -4.87 -76.37 -35.20
N LYS T 476 -3.64 -76.23 -34.73
CA LYS T 476 -2.54 -75.89 -35.63
C LYS T 476 -2.06 -77.13 -36.37
N ALA T 477 -2.12 -77.07 -37.70
CA ALA T 477 -1.47 -78.06 -38.56
C ALA T 477 -0.12 -77.58 -39.06
N LEU T 478 0.46 -76.57 -38.39
CA LEU T 478 1.69 -75.96 -38.86
C LEU T 478 2.90 -76.85 -38.63
N TYR T 479 2.85 -77.71 -37.62
CA TYR T 479 3.95 -78.62 -37.33
C TYR T 479 3.81 -79.96 -38.05
N GLY T 480 2.63 -80.25 -38.59
CA GLY T 480 2.43 -81.45 -39.40
C GLY T 480 2.38 -82.74 -38.63
N ILE T 481 1.78 -82.74 -37.43
CA ILE T 481 1.73 -83.92 -36.58
C ILE T 481 0.32 -84.42 -36.34
N ASN T 482 -0.70 -83.74 -36.87
CA ASN T 482 -1.77 -84.39 -37.62
C ASN T 482 -2.71 -85.23 -36.76
N SER T 483 -2.74 -84.98 -35.45
CA SER T 483 -3.35 -85.89 -34.49
C SER T 483 -4.25 -85.13 -33.52
N LEU T 484 -5.53 -85.53 -33.47
CA LEU T 484 -6.50 -85.14 -32.44
C LEU T 484 -6.72 -83.63 -32.36
N LEU T 485 -7.47 -83.10 -33.33
CA LEU T 485 -7.92 -81.73 -33.64
C LEU T 485 -6.87 -80.97 -34.46
N SER T 486 -5.71 -81.56 -34.72
CA SER T 486 -4.99 -81.23 -35.94
C SER T 486 -5.34 -82.19 -37.07
N ASN T 487 -6.27 -83.11 -36.81
CA ASN T 487 -6.75 -84.24 -37.57
C ASN T 487 -8.13 -83.93 -38.12
N PRO T 488 -8.40 -84.19 -39.41
CA PRO T 488 -9.77 -84.04 -39.89
C PRO T 488 -10.74 -85.09 -39.36
N ASP T 489 -10.38 -86.38 -39.39
CA ASP T 489 -11.31 -87.41 -38.95
C ASP T 489 -11.09 -87.83 -37.49
N SER T 490 -10.70 -86.88 -36.64
CA SER T 490 -10.61 -87.14 -35.22
C SER T 490 -12.01 -87.23 -34.60
N VAL T 491 -12.08 -87.85 -33.43
CA VAL T 491 -13.34 -87.87 -32.69
C VAL T 491 -13.53 -86.59 -31.89
N ALA T 492 -12.43 -85.87 -31.60
CA ALA T 492 -12.54 -84.55 -30.99
C ALA T 492 -12.88 -83.47 -32.01
N SER T 493 -12.67 -83.73 -33.29
CA SER T 493 -13.00 -82.77 -34.34
C SER T 493 -14.41 -82.98 -34.87
N THR T 494 -14.73 -84.21 -35.24
CA THR T 494 -16.05 -84.49 -35.82
C THR T 494 -17.14 -84.43 -34.77
N ALA T 495 -16.80 -84.70 -33.51
CA ALA T 495 -17.74 -84.82 -32.38
C ALA T 495 -18.84 -85.83 -32.71
N TRP T 496 -18.38 -87.08 -32.83
CA TRP T 496 -19.18 -88.20 -33.35
C TRP T 496 -20.58 -88.38 -32.76
N PRO T 497 -20.85 -88.30 -31.45
CA PRO T 497 -22.24 -88.43 -31.01
C PRO T 497 -23.09 -87.20 -31.31
N ASN T 498 -22.48 -86.07 -31.65
CA ASN T 498 -23.21 -84.83 -31.83
C ASN T 498 -23.17 -84.33 -33.28
N TYR T 499 -21.97 -84.12 -33.85
CA TYR T 499 -21.76 -83.34 -35.08
C TYR T 499 -22.40 -81.96 -34.91
N GLY T 500 -22.17 -81.37 -33.73
CA GLY T 500 -22.81 -80.12 -33.34
C GLY T 500 -21.82 -79.11 -32.83
N ASN T 501 -20.53 -79.38 -33.07
CA ASN T 501 -19.46 -78.40 -32.81
C ASN T 501 -19.47 -77.36 -33.92
N VAL T 502 -20.41 -76.42 -33.81
CA VAL T 502 -20.56 -75.35 -34.79
C VAL T 502 -19.40 -74.36 -34.72
N TRP T 503 -18.69 -74.33 -33.59
CA TRP T 503 -17.59 -73.38 -33.40
C TRP T 503 -16.41 -73.67 -34.33
N LEU T 504 -16.25 -74.93 -34.77
CA LEU T 504 -14.96 -75.42 -35.22
C LEU T 504 -14.57 -74.87 -36.58
N SER T 505 -15.52 -74.83 -37.53
CA SER T 505 -15.18 -74.40 -38.89
C SER T 505 -14.87 -72.90 -38.94
N GLY T 506 -15.41 -72.12 -38.00
CA GLY T 506 -14.95 -70.76 -37.83
C GLY T 506 -13.71 -70.64 -36.97
N TRP T 507 -13.51 -71.59 -36.04
CA TRP T 507 -12.36 -71.54 -35.15
C TRP T 507 -11.06 -71.80 -35.90
N LEU T 508 -11.06 -72.79 -36.80
CA LEU T 508 -9.84 -73.19 -37.48
C LEU T 508 -9.28 -72.16 -38.45
N GLU T 509 -10.05 -71.12 -38.78
CA GLU T 509 -9.42 -70.05 -39.53
C GLU T 509 -8.75 -69.03 -38.63
N ALA T 510 -9.10 -69.01 -37.35
CA ALA T 510 -8.34 -68.22 -36.40
C ALA T 510 -6.99 -68.86 -36.08
N VAL T 511 -6.91 -70.20 -36.10
CA VAL T 511 -5.65 -70.84 -35.74
C VAL T 511 -4.70 -70.90 -36.94
N ASN T 512 -5.21 -71.25 -38.11
CA ASN T 512 -4.37 -71.52 -39.28
C ASN T 512 -4.20 -70.32 -40.18
N ASN T 513 -4.25 -69.09 -39.65
CA ASN T 513 -3.89 -67.93 -40.43
C ASN T 513 -2.66 -67.32 -39.75
N GLY T 514 -1.86 -66.61 -40.53
CA GLY T 514 -0.60 -66.08 -40.04
C GLY T 514 -0.62 -64.63 -39.60
N ALA T 515 -1.77 -63.97 -39.63
CA ALA T 515 -1.85 -62.55 -39.29
C ALA T 515 -2.45 -62.26 -37.92
N ASN T 516 -3.16 -63.23 -37.33
CA ASN T 516 -3.79 -63.03 -36.03
C ASN T 516 -2.77 -63.30 -34.93
N SER T 517 -3.24 -63.39 -33.67
CA SER T 517 -2.32 -63.49 -32.55
C SER T 517 -2.76 -64.52 -31.52
N LEU T 518 -3.55 -65.52 -31.92
CA LEU T 518 -3.82 -66.67 -31.07
C LEU T 518 -3.01 -67.86 -31.57
N PHE T 519 -2.31 -68.51 -30.63
CA PHE T 519 -1.42 -69.65 -30.89
C PHE T 519 -0.34 -69.31 -31.93
N LEU T 520 0.51 -68.36 -31.55
CA LEU T 520 1.66 -68.00 -32.36
C LEU T 520 2.66 -69.15 -32.41
N THR T 521 3.53 -69.11 -33.43
CA THR T 521 4.54 -70.13 -33.60
C THR T 521 5.67 -69.91 -32.59
N ILE T 522 6.03 -70.97 -31.85
CA ILE T 522 7.06 -70.90 -30.83
C ILE T 522 8.26 -71.74 -31.26
N GLY T 523 9.44 -71.26 -30.89
CA GLY T 523 10.67 -71.95 -31.17
C GLY T 523 11.55 -72.06 -29.93
N PRO T 524 12.84 -72.33 -30.13
CA PRO T 524 13.73 -72.52 -28.97
C PRO T 524 13.98 -71.25 -28.16
N GLY T 525 13.86 -70.07 -28.76
CA GLY T 525 13.90 -68.85 -27.99
C GLY T 525 12.66 -68.60 -27.16
N ASP T 526 11.55 -69.28 -27.51
CA ASP T 526 10.33 -69.18 -26.72
C ASP T 526 10.35 -70.12 -25.53
N LEU T 527 11.10 -71.22 -25.61
CA LEU T 527 11.19 -72.14 -24.47
C LEU T 527 12.02 -71.54 -23.34
N LEU T 528 13.13 -70.87 -23.70
CA LEU T 528 14.04 -70.31 -22.69
C LEU T 528 13.38 -69.19 -21.91
N VAL T 529 12.51 -68.41 -22.54
CA VAL T 529 11.86 -67.32 -21.83
C VAL T 529 10.66 -67.81 -21.01
N HIS T 530 10.02 -68.91 -21.44
CA HIS T 530 8.95 -69.48 -20.62
C HIS T 530 9.51 -70.13 -19.36
N HIS T 531 10.75 -70.62 -19.41
CA HIS T 531 11.38 -71.14 -18.20
C HIS T 531 11.93 -70.03 -17.32
N ALA T 532 12.29 -68.89 -17.92
CA ALA T 532 12.66 -67.73 -17.11
C ALA T 532 11.44 -67.12 -16.45
N ILE T 533 10.28 -67.17 -17.12
CA ILE T 533 9.03 -66.74 -16.50
C ILE T 533 8.64 -67.68 -15.37
N ALA T 534 8.83 -68.99 -15.58
CA ALA T 534 8.59 -69.97 -14.52
C ALA T 534 9.56 -69.80 -13.35
N LEU T 535 10.77 -69.33 -13.63
CA LEU T 535 11.70 -68.99 -12.56
C LEU T 535 11.20 -67.79 -11.76
N GLY T 536 10.71 -66.76 -12.46
CA GLY T 536 10.21 -65.59 -11.78
C GLY T 536 8.92 -65.82 -11.01
N LEU T 537 8.08 -66.73 -11.49
CA LEU T 537 6.86 -67.09 -10.76
C LEU T 537 7.20 -67.84 -9.48
N HIS T 538 8.17 -68.75 -9.55
CA HIS T 538 8.46 -69.61 -8.40
C HIS T 538 9.26 -68.89 -7.32
N VAL T 539 10.13 -67.94 -7.69
CA VAL T 539 10.86 -67.21 -6.66
C VAL T 539 9.93 -66.22 -5.96
N THR T 540 9.10 -65.50 -6.73
CA THR T 540 8.16 -64.54 -6.15
C THR T 540 7.14 -65.24 -5.25
N THR T 541 6.75 -66.46 -5.61
CA THR T 541 5.94 -67.27 -4.70
C THR T 541 6.75 -67.71 -3.48
N LEU T 542 8.03 -68.03 -3.69
CA LEU T 542 8.87 -68.50 -2.58
C LEU T 542 9.10 -67.41 -1.54
N ILE T 543 9.23 -66.16 -1.97
CA ILE T 543 9.39 -65.06 -1.02
C ILE T 543 8.08 -64.81 -0.27
N LEU T 544 6.96 -64.97 -0.97
CA LEU T 544 5.66 -64.65 -0.37
C LEU T 544 5.15 -65.77 0.52
N VAL T 545 5.39 -67.02 0.13
CA VAL T 545 4.96 -68.16 0.95
C VAL T 545 5.79 -68.24 2.22
N LYS T 546 7.12 -68.12 2.09
CA LYS T 546 8.00 -68.10 3.26
C LYS T 546 7.72 -66.90 4.15
N GLY T 547 7.34 -65.77 3.58
CA GLY T 547 6.95 -64.64 4.39
C GLY T 547 5.63 -64.84 5.10
N ALA T 548 4.73 -65.64 4.52
CA ALA T 548 3.45 -65.90 5.16
C ALA T 548 3.54 -67.04 6.17
N LEU T 549 4.30 -68.09 5.86
CA LEU T 549 4.36 -69.23 6.76
C LEU T 549 5.30 -68.99 7.95
N ASP T 550 6.26 -68.08 7.83
CA ASP T 550 7.09 -67.67 8.94
C ASP T 550 6.62 -66.37 9.58
N ALA T 551 5.39 -65.95 9.27
CA ALA T 551 4.88 -64.69 9.80
C ALA T 551 4.56 -64.79 11.28
N ARG T 552 4.14 -65.96 11.76
CA ARG T 552 3.86 -66.15 13.17
C ARG T 552 5.12 -66.45 13.98
N GLY T 553 6.19 -66.88 13.33
CA GLY T 553 7.42 -67.13 14.04
C GLY T 553 8.37 -68.06 13.32
N SER T 554 9.66 -67.94 13.62
CA SER T 554 10.68 -68.84 13.10
C SER T 554 11.54 -69.30 14.26
N LYS T 555 12.67 -69.95 13.97
CA LYS T 555 13.59 -70.28 15.04
C LYS T 555 14.52 -69.11 15.33
N LEU T 556 14.66 -68.17 14.39
CA LEU T 556 15.35 -66.91 14.66
C LEU T 556 14.50 -65.96 15.51
N MET T 557 13.17 -66.02 15.37
CA MET T 557 12.29 -65.12 16.10
C MET T 557 10.97 -65.85 16.38
N PRO T 558 10.88 -66.56 17.52
CA PRO T 558 9.70 -67.41 17.75
C PRO T 558 8.44 -66.68 18.15
N ASP T 559 8.52 -65.44 18.63
CA ASP T 559 7.35 -64.69 19.08
C ASP T 559 7.02 -63.56 18.12
N LYS T 560 7.17 -63.81 16.81
CA LYS T 560 7.02 -62.78 15.80
C LYS T 560 5.58 -62.30 15.66
N LYS T 561 4.60 -63.12 16.04
CA LYS T 561 3.21 -62.69 15.95
C LYS T 561 2.85 -61.61 16.96
N ASP T 562 3.62 -61.46 18.04
CA ASP T 562 3.27 -60.35 18.93
C ASP T 562 3.93 -59.05 18.53
N PHE T 563 4.72 -59.03 17.45
CA PHE T 563 5.34 -57.81 16.97
C PHE T 563 4.61 -57.20 15.79
N GLY T 564 3.63 -57.90 15.23
CA GLY T 564 2.81 -57.36 14.17
C GLY T 564 3.28 -57.78 12.79
N TYR T 565 2.58 -57.26 11.79
CA TYR T 565 2.91 -57.56 10.40
C TYR T 565 4.14 -56.80 9.94
N SER T 566 4.26 -55.55 10.37
CA SER T 566 5.31 -54.65 9.91
C SER T 566 6.08 -54.12 11.11
N PHE T 567 7.38 -54.44 11.16
CA PHE T 567 8.29 -53.88 12.14
C PHE T 567 9.68 -53.89 11.50
N PRO T 568 10.60 -53.02 11.95
CA PRO T 568 11.90 -52.93 11.25
C PRO T 568 12.75 -54.19 11.33
N CYS T 569 12.99 -54.69 12.52
CA CYS T 569 13.93 -55.78 12.78
C CYS T 569 13.72 -56.20 14.23
N ASP T 570 14.59 -57.09 14.71
CA ASP T 570 14.67 -57.39 16.13
C ASP T 570 16.02 -57.00 16.71
N GLY T 571 16.75 -56.10 16.04
CA GLY T 571 18.01 -55.63 16.53
C GLY T 571 19.19 -56.40 15.97
N PRO T 572 20.40 -55.92 16.21
CA PRO T 572 21.61 -56.57 15.66
C PRO T 572 22.02 -57.84 16.39
N GLY T 573 21.37 -58.19 17.48
CA GLY T 573 21.67 -59.42 18.17
C GLY T 573 21.19 -60.64 17.41
N ARG T 574 21.57 -61.80 17.95
CA ARG T 574 21.27 -63.12 17.39
C ARG T 574 21.77 -63.28 15.96
N GLY T 575 22.89 -62.62 15.63
CA GLY T 575 23.45 -62.60 14.30
C GLY T 575 23.08 -61.38 13.50
N GLY T 576 21.91 -60.79 13.77
CA GLY T 576 21.41 -59.65 12.98
C GLY T 576 20.10 -60.08 12.33
N THR T 577 19.10 -59.19 12.40
CA THR T 577 17.73 -59.55 12.04
C THR T 577 17.12 -58.53 11.09
N CYS T 578 17.90 -57.97 10.17
CA CYS T 578 17.37 -57.01 9.20
C CYS T 578 16.42 -57.69 8.25
N ASP T 579 15.25 -57.05 8.02
CA ASP T 579 14.22 -57.52 7.08
C ASP T 579 13.69 -58.89 7.47
N ILE T 580 13.23 -59.00 8.71
CA ILE T 580 12.77 -60.27 9.26
C ILE T 580 11.25 -60.38 9.32
N SER T 581 10.53 -59.27 9.23
CA SER T 581 9.08 -59.30 9.35
C SER T 581 8.43 -59.82 8.07
N ALA T 582 7.13 -60.10 8.17
CA ALA T 582 6.38 -60.56 7.01
C ALA T 582 6.13 -59.44 6.01
N TRP T 583 6.10 -58.19 6.50
CA TRP T 583 6.00 -57.05 5.59
C TRP T 583 7.23 -56.93 4.72
N ASP T 584 8.42 -57.25 5.27
CA ASP T 584 9.61 -57.08 4.46
C ASP T 584 9.77 -58.20 3.44
N ALA T 585 9.05 -59.31 3.60
CA ALA T 585 9.00 -60.29 2.52
C ALA T 585 8.08 -59.85 1.39
N PHE T 586 7.03 -59.08 1.69
CA PHE T 586 6.29 -58.41 0.62
C PHE T 586 7.18 -57.44 -0.11
N TYR T 587 8.02 -56.71 0.63
CA TYR T 587 8.90 -55.70 0.06
C TYR T 587 9.93 -56.33 -0.86
N LEU T 588 10.43 -57.52 -0.50
CA LEU T 588 11.40 -58.21 -1.33
C LEU T 588 10.76 -58.82 -2.57
N ALA T 589 9.53 -59.34 -2.42
CA ALA T 589 8.84 -59.98 -3.54
C ALA T 589 8.31 -58.98 -4.56
N THR T 590 8.19 -57.70 -4.19
CA THR T 590 7.77 -56.70 -5.14
C THR T 590 8.86 -56.43 -6.19
N PHE T 591 10.13 -56.51 -5.78
CA PHE T 591 11.22 -56.46 -6.76
C PHE T 591 11.17 -57.65 -7.69
N TRP T 592 10.86 -58.83 -7.14
CA TRP T 592 10.81 -60.03 -7.96
C TRP T 592 9.54 -60.08 -8.81
N MET T 593 8.45 -59.46 -8.35
CA MET T 593 7.25 -59.37 -9.17
C MET T 593 7.48 -58.46 -10.37
N LEU T 594 8.14 -57.32 -10.15
CA LEU T 594 8.40 -56.38 -11.24
C LEU T 594 9.40 -56.97 -12.24
N ASN T 595 10.39 -57.70 -11.74
CA ASN T 595 11.36 -58.36 -12.62
C ASN T 595 10.71 -59.48 -13.41
N THR T 596 9.76 -60.20 -12.81
CA THR T 596 9.04 -61.25 -13.51
C THR T 596 8.12 -60.67 -14.58
N LEU T 597 7.33 -59.65 -14.20
CA LEU T 597 6.47 -58.98 -15.16
C LEU T 597 7.27 -58.16 -16.16
N GLY T 598 8.51 -57.79 -15.81
CA GLY T 598 9.42 -57.25 -16.81
C GLY T 598 9.77 -58.28 -17.87
N TRP T 599 10.10 -59.50 -17.44
CA TRP T 599 10.43 -60.56 -18.39
C TRP T 599 9.24 -60.99 -19.22
N VAL T 600 8.04 -60.90 -18.66
CA VAL T 600 6.83 -61.28 -19.37
C VAL T 600 6.52 -60.27 -20.48
N THR T 601 6.48 -58.99 -20.13
CA THR T 601 6.10 -57.97 -21.10
C THR T 601 7.23 -57.63 -22.07
N PHE T 602 8.48 -57.94 -21.73
CA PHE T 602 9.56 -57.86 -22.72
C PHE T 602 9.36 -58.90 -23.81
N TYR T 603 8.95 -60.11 -23.42
CA TYR T 603 8.78 -61.19 -24.38
C TYR T 603 7.54 -60.98 -25.25
N TRP T 604 6.44 -60.50 -24.65
CA TRP T 604 5.24 -60.21 -25.43
C TRP T 604 5.50 -59.10 -26.44
N HIS T 605 6.24 -58.07 -26.04
CA HIS T 605 6.45 -56.93 -26.91
C HIS T 605 7.44 -57.25 -28.02
N TRP T 606 8.53 -57.97 -27.70
CA TRP T 606 9.52 -58.28 -28.73
C TRP T 606 9.01 -59.31 -29.72
N LYS T 607 8.19 -60.26 -29.27
CA LYS T 607 7.59 -61.22 -30.19
C LYS T 607 6.58 -60.53 -31.10
N HIS T 608 5.79 -59.61 -30.57
CA HIS T 608 4.78 -58.95 -31.38
C HIS T 608 5.38 -57.87 -32.28
N LEU T 609 6.46 -57.20 -31.86
CA LEU T 609 7.15 -56.26 -32.74
C LEU T 609 7.80 -56.98 -33.92
N SER T 610 8.17 -58.26 -33.73
CA SER T 610 8.71 -59.06 -34.82
C SER T 610 7.61 -59.60 -35.73
N VAL T 611 6.44 -59.91 -35.17
CA VAL T 611 5.33 -60.41 -35.97
C VAL T 611 4.70 -59.28 -36.78
N TRP T 612 4.51 -58.11 -36.15
CA TRP T 612 3.86 -56.99 -36.82
C TRP T 612 4.74 -56.39 -37.92
N SER T 613 6.06 -56.49 -37.79
CA SER T 613 6.96 -56.01 -38.82
C SER T 613 7.22 -57.03 -39.91
N GLY T 614 6.75 -58.27 -39.75
CA GLY T 614 7.08 -59.35 -40.66
C GLY T 614 8.44 -59.96 -40.42
N ASN T 615 9.25 -59.40 -39.53
CA ASN T 615 10.59 -59.89 -39.22
C ASN T 615 10.55 -60.87 -38.05
N VAL T 616 9.67 -61.88 -38.15
CA VAL T 616 9.53 -62.87 -37.10
C VAL T 616 10.73 -63.81 -37.06
N ALA T 617 11.48 -63.88 -38.16
CA ALA T 617 12.70 -64.67 -38.16
C ALA T 617 13.74 -64.05 -37.25
N GLN T 618 13.86 -62.72 -37.26
CA GLN T 618 14.90 -62.02 -36.50
C GLN T 618 14.72 -62.16 -35.00
N PHE T 619 13.49 -62.38 -34.54
CA PHE T 619 13.27 -62.81 -33.17
C PHE T 619 13.87 -64.20 -32.92
N ASN T 620 13.82 -65.08 -33.92
CA ASN T 620 14.14 -66.47 -33.68
C ASN T 620 15.64 -66.73 -33.52
N GLU T 621 16.52 -65.97 -34.20
CA GLU T 621 17.93 -66.24 -33.88
C GLU T 621 18.39 -65.44 -32.67
N SER T 622 17.79 -64.28 -32.40
CA SER T 622 18.30 -63.38 -31.38
C SER T 622 17.74 -63.62 -29.99
N SER T 623 16.62 -64.30 -29.85
CA SER T 623 16.03 -64.49 -28.53
C SER T 623 16.68 -65.63 -27.74
N THR T 624 17.62 -66.36 -28.33
CA THR T 624 18.23 -67.50 -27.65
C THR T 624 19.48 -67.12 -26.87
N TYR T 625 19.97 -65.89 -27.00
CA TYR T 625 21.11 -65.42 -26.22
C TYR T 625 20.81 -64.01 -25.75
N LEU T 626 21.39 -63.64 -24.60
CA LEU T 626 20.97 -62.44 -23.89
C LEU T 626 21.45 -61.14 -24.54
N MET T 627 22.49 -61.19 -25.37
CA MET T 627 22.87 -60.00 -26.12
C MET T 627 21.83 -59.65 -27.18
N GLY T 628 21.13 -60.66 -27.70
CA GLY T 628 20.08 -60.41 -28.68
C GLY T 628 18.91 -59.65 -28.09
N TRP T 629 18.56 -59.92 -26.84
CA TRP T 629 17.57 -59.09 -26.15
C TRP T 629 18.12 -57.70 -25.88
N PHE T 630 19.41 -57.61 -25.57
CA PHE T 630 20.01 -56.32 -25.25
C PHE T 630 20.20 -55.46 -26.50
N ARG T 631 20.69 -56.06 -27.59
CA ARG T 631 21.00 -55.29 -28.78
C ARG T 631 19.76 -55.02 -29.63
N ASP T 632 18.93 -56.04 -29.85
CA ASP T 632 17.87 -55.95 -30.84
C ASP T 632 16.51 -55.56 -30.28
N TYR T 633 16.30 -55.70 -28.97
CA TYR T 633 15.06 -55.22 -28.37
C TYR T 633 15.25 -53.90 -27.62
N LEU T 634 16.21 -53.84 -26.69
CA LEU T 634 16.37 -52.65 -25.88
C LEU T 634 17.06 -51.53 -26.65
N TRP T 635 18.19 -51.83 -27.28
CA TRP T 635 18.96 -50.79 -27.96
C TRP T 635 18.31 -50.37 -29.27
N ALA T 636 17.78 -51.33 -30.03
CA ALA T 636 17.27 -51.03 -31.37
C ALA T 636 15.97 -50.26 -31.33
N ASN T 637 15.13 -50.51 -30.34
CA ASN T 637 13.84 -49.83 -30.25
C ASN T 637 13.89 -48.55 -29.45
N SER T 638 15.04 -48.20 -28.87
CA SER T 638 15.18 -46.95 -28.16
C SER T 638 15.50 -45.77 -29.08
N ALA T 639 15.70 -46.03 -30.38
CA ALA T 639 16.32 -45.03 -31.27
C ALA T 639 15.43 -43.83 -31.51
N GLN T 640 14.17 -44.03 -31.90
CA GLN T 640 13.24 -42.91 -31.97
C GLN T 640 12.71 -42.41 -30.64
N LEU T 641 12.75 -43.21 -29.58
CA LEU T 641 12.28 -42.70 -28.30
C LEU T 641 13.19 -41.60 -27.77
N ILE T 642 14.51 -41.84 -27.79
CA ILE T 642 15.46 -40.85 -27.28
C ILE T 642 15.74 -39.73 -28.28
N ASN T 643 15.15 -39.79 -29.48
CA ASN T 643 15.21 -38.68 -30.43
C ASN T 643 13.92 -37.87 -30.43
N GLY T 644 13.11 -38.00 -29.38
CA GLY T 644 11.90 -37.20 -29.27
C GLY T 644 12.18 -35.72 -29.14
N TYR T 645 13.31 -35.37 -28.52
CA TYR T 645 13.87 -34.03 -28.62
C TYR T 645 15.39 -34.17 -28.66
N SER T 646 16.02 -33.23 -29.37
CA SER T 646 17.44 -33.28 -29.68
C SER T 646 17.85 -31.87 -30.08
N PRO T 647 19.14 -31.60 -30.34
CA PRO T 647 19.49 -30.32 -30.99
C PRO T 647 18.92 -30.17 -32.40
N ALA T 648 18.50 -31.25 -33.06
CA ALA T 648 17.85 -31.17 -34.35
C ALA T 648 16.38 -30.75 -34.27
N GLY T 649 15.79 -30.74 -33.08
CA GLY T 649 14.42 -30.32 -32.90
C GLY T 649 13.65 -31.28 -32.03
N THR T 650 12.36 -30.98 -31.88
CA THR T 650 11.46 -31.76 -31.04
C THR T 650 10.29 -32.26 -31.89
N ASN T 651 9.71 -33.39 -31.47
CA ASN T 651 8.59 -33.99 -32.18
C ASN T 651 7.61 -34.54 -31.15
N SER T 652 6.66 -35.35 -31.63
CA SER T 652 5.55 -35.81 -30.80
C SER T 652 5.96 -36.87 -29.78
N LEU T 653 7.17 -37.40 -29.86
CA LEU T 653 7.67 -38.34 -28.87
C LEU T 653 8.43 -37.66 -27.74
N ALA T 654 8.32 -36.33 -27.63
CA ALA T 654 9.11 -35.60 -26.63
C ALA T 654 8.59 -35.81 -25.22
N VAL T 655 7.28 -36.01 -25.05
CA VAL T 655 6.77 -36.27 -23.71
C VAL T 655 7.14 -37.68 -23.27
N TRP T 656 7.33 -38.60 -24.21
CA TRP T 656 7.74 -39.94 -23.85
C TRP T 656 9.25 -40.02 -23.63
N ALA T 657 10.03 -39.19 -24.33
CA ALA T 657 11.45 -39.09 -24.04
C ALA T 657 11.70 -38.45 -22.69
N TRP T 658 10.90 -37.44 -22.34
CA TRP T 658 11.04 -36.78 -21.05
C TRP T 658 10.58 -37.69 -19.91
N MET T 659 9.52 -38.47 -20.15
CA MET T 659 9.06 -39.44 -19.15
C MET T 659 10.03 -40.61 -19.03
N PHE T 660 10.74 -40.93 -20.11
CA PHE T 660 11.76 -41.97 -20.08
C PHE T 660 12.88 -41.62 -19.11
N LEU T 661 13.36 -40.37 -19.17
CA LEU T 661 14.37 -39.92 -18.23
C LEU T 661 13.80 -39.70 -16.85
N PHE T 662 12.54 -39.28 -16.78
CA PHE T 662 11.81 -39.16 -15.51
C PHE T 662 11.75 -40.51 -14.80
N GLY T 663 11.48 -41.58 -15.56
CA GLY T 663 11.45 -42.91 -14.96
C GLY T 663 12.82 -43.39 -14.54
N HIS T 664 13.85 -43.09 -15.34
CA HIS T 664 15.22 -43.40 -14.94
C HIS T 664 15.63 -42.61 -13.69
N LEU T 665 15.08 -41.40 -13.53
CA LEU T 665 15.41 -40.58 -12.37
C LEU T 665 14.74 -41.11 -11.10
N ALA T 666 13.46 -41.48 -11.18
CA ALA T 666 12.75 -42.00 -10.01
C ALA T 666 13.30 -43.35 -9.57
N TRP T 667 13.79 -44.16 -10.51
CA TRP T 667 14.44 -45.41 -10.19
C TRP T 667 15.77 -45.21 -9.48
N ALA T 668 16.44 -44.09 -9.76
CA ALA T 668 17.72 -43.80 -9.14
C ALA T 668 17.56 -43.17 -7.76
N VAL T 669 16.51 -42.34 -7.59
CA VAL T 669 16.15 -41.81 -6.28
C VAL T 669 15.77 -42.95 -5.33
N SER T 670 15.19 -44.02 -5.90
CA SER T 670 14.85 -45.22 -5.14
C SER T 670 16.07 -45.85 -4.48
N PHE T 671 17.20 -45.88 -5.18
CA PHE T 671 18.40 -46.53 -4.66
C PHE T 671 18.97 -45.79 -3.46
N MET T 672 18.71 -44.49 -3.34
CA MET T 672 19.11 -43.74 -2.15
C MET T 672 18.39 -44.26 -0.91
N PHE T 673 17.08 -44.48 -1.02
CA PHE T 673 16.29 -44.95 0.10
C PHE T 673 16.54 -46.42 0.41
N LEU T 674 17.01 -47.20 -0.56
CA LEU T 674 17.20 -48.63 -0.37
C LEU T 674 18.61 -49.02 0.02
N ILE T 675 19.62 -48.24 -0.38
CA ILE T 675 21.00 -48.55 -0.02
C ILE T 675 21.43 -47.84 1.25
N THR T 676 21.25 -46.51 1.29
CA THR T 676 21.49 -45.78 2.53
C THR T 676 20.36 -46.05 3.50
N TRP T 677 20.72 -46.26 4.76
CA TRP T 677 19.74 -46.58 5.78
C TRP T 677 19.73 -45.44 6.80
N ARG T 678 19.02 -45.64 7.92
CA ARG T 678 18.42 -44.50 8.62
C ARG T 678 19.44 -43.65 9.35
N GLY T 679 20.30 -44.26 10.17
CA GLY T 679 21.13 -43.50 11.10
C GLY T 679 22.19 -42.64 10.44
N TYR T 680 22.48 -42.86 9.16
CA TYR T 680 23.22 -41.85 8.41
C TYR T 680 22.44 -40.55 8.35
N TRP T 681 21.15 -40.63 7.99
CA TRP T 681 20.35 -39.43 7.75
C TRP T 681 19.92 -38.78 9.04
N GLN T 682 19.77 -39.55 10.12
CA GLN T 682 19.35 -38.97 11.40
C GLN T 682 20.44 -38.10 11.99
N GLU T 683 21.70 -38.50 11.85
CA GLU T 683 22.80 -37.69 12.34
C GLU T 683 23.07 -36.48 11.45
N LEU T 684 22.70 -36.54 10.17
CA LEU T 684 22.80 -35.38 9.31
C LEU T 684 21.75 -34.33 9.67
N ILE T 685 20.58 -34.77 10.13
CA ILE T 685 19.48 -33.84 10.42
C ILE T 685 19.75 -33.09 11.73
N GLU T 686 20.50 -33.70 12.67
CA GLU T 686 20.95 -32.98 13.86
C GLU T 686 21.87 -31.81 13.54
N THR T 687 22.74 -31.95 12.54
CA THR T 687 23.57 -30.82 12.17
C THR T 687 22.75 -29.72 11.49
N LEU T 688 21.71 -30.10 10.74
CA LEU T 688 20.82 -29.10 10.15
C LEU T 688 19.94 -28.46 11.21
N MET T 689 19.54 -29.22 12.24
CA MET T 689 18.81 -28.64 13.36
C MET T 689 19.72 -27.74 14.19
N TRP T 690 21.02 -28.03 14.24
CA TRP T 690 21.95 -27.09 14.85
C TRP T 690 22.04 -25.81 14.03
N ALA T 691 22.12 -25.93 12.71
CA ALA T 691 22.36 -24.77 11.86
C ALA T 691 21.17 -23.84 11.83
N HIS T 692 19.95 -24.39 11.92
CA HIS T 692 18.78 -23.54 11.88
C HIS T 692 18.63 -22.74 13.18
N GLU T 693 18.93 -23.36 14.32
CA GLU T 693 18.76 -22.70 15.61
C GLU T 693 19.77 -21.57 15.80
N ASN T 694 20.92 -21.65 15.13
CA ASN T 694 21.99 -20.68 15.31
C ASN T 694 22.18 -19.76 14.11
N THR T 695 21.19 -19.71 13.22
CA THR T 695 21.23 -18.78 12.10
C THR T 695 20.34 -17.58 12.39
N PRO T 696 20.84 -16.35 12.21
CA PRO T 696 19.96 -15.18 12.36
C PRO T 696 19.01 -15.04 11.19
N LEU T 697 17.95 -14.26 11.42
CA LEU T 697 16.88 -13.89 10.49
C LEU T 697 16.04 -15.08 10.03
N SER T 698 16.23 -16.27 10.59
CA SER T 698 15.47 -17.46 10.22
C SER T 698 14.44 -17.71 11.31
N PHE T 699 13.32 -17.00 11.21
CA PHE T 699 12.37 -16.95 12.32
C PHE T 699 11.50 -18.20 12.41
N GLY T 700 11.47 -19.02 11.37
CA GLY T 700 10.73 -20.25 11.43
C GLY T 700 11.35 -21.26 12.38
N TYR T 701 10.51 -22.17 12.86
CA TYR T 701 10.96 -23.19 13.78
C TYR T 701 10.01 -24.36 13.59
N PRO T 702 10.52 -25.59 13.50
CA PRO T 702 9.64 -26.73 13.20
C PRO T 702 8.78 -27.09 14.41
N LYS T 703 7.47 -27.10 14.19
CA LYS T 703 6.55 -27.56 15.24
C LYS T 703 6.71 -29.06 15.46
N ASP T 704 6.77 -29.82 14.38
CA ASP T 704 7.13 -31.23 14.43
C ASP T 704 8.63 -31.34 14.32
N LYS T 705 9.25 -32.09 15.22
CA LYS T 705 10.70 -32.20 15.24
C LYS T 705 11.18 -33.00 14.02
N PRO T 706 12.13 -32.47 13.25
CA PRO T 706 12.60 -33.19 12.06
C PRO T 706 13.41 -34.42 12.46
N VAL T 707 12.95 -35.58 12.01
CA VAL T 707 13.68 -36.82 12.17
C VAL T 707 13.82 -37.45 10.79
N ALA T 708 14.79 -38.35 10.66
CA ALA T 708 14.91 -39.15 9.47
C ALA T 708 13.71 -40.08 9.34
N LEU T 709 13.42 -40.50 8.11
CA LEU T 709 12.37 -41.46 7.86
C LEU T 709 12.69 -42.79 8.53
N SER T 710 11.66 -43.49 8.97
CA SER T 710 11.85 -44.72 9.71
C SER T 710 12.36 -45.83 8.78
N ILE T 711 12.76 -46.94 9.40
CA ILE T 711 13.35 -48.06 8.66
C ILE T 711 12.34 -48.68 7.72
N VAL T 712 11.10 -48.84 8.20
CA VAL T 712 10.05 -49.43 7.37
C VAL T 712 9.58 -48.45 6.31
N GLN T 713 9.49 -47.16 6.68
CA GLN T 713 8.95 -46.14 5.79
C GLN T 713 9.82 -45.96 4.55
N ALA T 714 11.13 -45.95 4.71
CA ALA T 714 12.01 -45.75 3.58
C ALA T 714 12.22 -47.02 2.76
N ARG T 715 11.92 -48.19 3.31
CA ARG T 715 11.76 -49.36 2.46
C ARG T 715 10.53 -49.21 1.59
N LEU T 716 9.47 -48.62 2.13
CA LEU T 716 8.26 -48.38 1.36
C LEU T 716 8.43 -47.21 0.38
N VAL T 717 9.09 -46.14 0.83
CA VAL T 717 9.36 -45.00 -0.04
C VAL T 717 10.32 -45.40 -1.15
N GLY T 718 11.33 -46.22 -0.82
CA GLY T 718 12.24 -46.70 -1.84
C GLY T 718 11.61 -47.67 -2.81
N LEU T 719 10.67 -48.48 -2.34
CA LEU T 719 9.92 -49.36 -3.24
C LEU T 719 8.96 -48.58 -4.12
N THR T 720 8.43 -47.46 -3.61
CA THR T 720 7.50 -46.64 -4.39
C THR T 720 8.23 -45.93 -5.53
N HIS T 721 9.41 -45.37 -5.24
CA HIS T 721 10.22 -44.77 -6.29
C HIS T 721 10.74 -45.79 -7.28
N PHE T 722 11.03 -47.01 -6.81
CA PHE T 722 11.44 -48.10 -7.69
C PHE T 722 10.33 -48.48 -8.65
N THR T 723 9.10 -48.58 -8.12
CA THR T 723 7.97 -49.03 -8.92
C THR T 723 7.52 -47.94 -9.90
N VAL T 724 7.47 -46.69 -9.44
CA VAL T 724 7.15 -45.57 -10.33
C VAL T 724 8.23 -45.42 -11.39
N GLY T 725 9.49 -45.60 -11.00
CA GLY T 725 10.57 -45.57 -11.96
C GLY T 725 10.57 -46.75 -12.91
N TYR T 726 10.06 -47.90 -12.46
CA TYR T 726 9.94 -49.07 -13.33
C TYR T 726 8.89 -48.86 -14.41
N ILE T 727 7.74 -48.32 -14.02
CA ILE T 727 6.57 -48.30 -14.89
C ILE T 727 6.61 -47.10 -15.82
N ALA T 728 7.08 -45.95 -15.34
CA ALA T 728 7.20 -44.77 -16.19
C ALA T 728 8.31 -44.94 -17.23
N THR T 729 9.32 -45.75 -16.94
CA THR T 729 10.37 -46.00 -17.93
C THR T 729 9.87 -46.91 -19.03
N TYR T 730 9.32 -48.07 -18.65
CA TYR T 730 8.86 -49.03 -19.66
C TYR T 730 7.59 -48.56 -20.35
N GLY T 731 6.71 -47.86 -19.63
CA GLY T 731 5.50 -47.34 -20.25
C GLY T 731 5.79 -46.29 -21.30
N ALA T 732 6.80 -45.45 -21.07
CA ALA T 732 7.21 -44.51 -22.09
C ALA T 732 7.93 -45.22 -23.24
N PHE T 733 8.67 -46.27 -22.92
CA PHE T 733 9.37 -47.01 -23.97
C PHE T 733 8.41 -47.86 -24.79
N LEU T 734 7.37 -48.40 -24.15
CA LEU T 734 6.41 -49.24 -24.87
C LEU T 734 5.55 -48.41 -25.82
N ILE T 735 5.14 -47.21 -25.39
CA ILE T 735 4.33 -46.35 -26.25
C ILE T 735 5.17 -45.82 -27.40
N ALA T 736 6.36 -45.29 -27.10
CA ALA T 736 7.12 -44.57 -28.13
C ALA T 736 7.77 -45.52 -29.14
N SER T 737 8.17 -46.73 -28.73
CA SER T 737 8.76 -47.62 -29.71
C SER T 737 7.72 -48.28 -30.61
N THR T 738 6.51 -48.51 -30.09
CA THR T 738 5.47 -49.13 -30.91
C THR T 738 4.78 -48.13 -31.82
N SER T 739 4.50 -46.92 -31.31
CA SER T 739 3.75 -45.95 -32.10
C SER T 739 4.59 -45.26 -33.15
N SER T 740 5.91 -45.24 -32.99
CA SER T 740 6.78 -44.67 -33.99
C SER T 740 7.20 -45.67 -35.06
N ARG T 741 7.17 -46.96 -34.76
CA ARG T 741 7.40 -47.96 -35.81
C ARG T 741 6.13 -48.25 -36.60
N PHE T 742 4.97 -48.10 -35.96
CA PHE T 742 3.69 -48.31 -36.63
C PHE T 742 2.77 -47.11 -36.43
N SER U 2 5.85 -44.64 24.75
CA SER U 2 7.03 -45.32 25.26
C SER U 2 7.09 -46.77 24.80
N HIS U 3 8.25 -47.39 24.97
CA HIS U 3 8.40 -48.80 24.67
C HIS U 3 7.96 -49.65 25.85
N SER U 4 7.91 -50.96 25.63
CA SER U 4 7.51 -51.93 26.64
C SER U 4 8.62 -52.94 26.80
N VAL U 5 9.14 -53.08 28.01
CA VAL U 5 10.21 -54.02 28.32
C VAL U 5 9.63 -55.07 29.26
N LYS U 6 9.48 -56.29 28.77
CA LYS U 6 8.92 -57.39 29.54
C LYS U 6 10.03 -58.35 29.94
N ILE U 7 10.04 -58.73 31.22
CA ILE U 7 10.96 -59.73 31.74
C ILE U 7 10.15 -60.98 32.06
N TYR U 8 10.56 -62.10 31.47
CA TYR U 8 9.87 -63.37 31.65
C TYR U 8 10.57 -64.21 32.71
N ASP U 9 9.86 -65.23 33.18
CA ASP U 9 10.30 -66.01 34.34
C ASP U 9 11.39 -67.03 34.02
N THR U 10 11.90 -67.04 32.79
CA THR U 10 13.08 -67.84 32.45
C THR U 10 14.38 -67.13 32.80
N CYS U 11 14.30 -65.98 33.47
CA CYS U 11 15.49 -65.19 33.77
C CYS U 11 16.34 -65.87 34.84
N ILE U 12 17.63 -66.03 34.53
CA ILE U 12 18.56 -66.66 35.46
C ILE U 12 19.27 -65.64 36.34
N GLY U 13 18.91 -64.36 36.23
CA GLY U 13 19.44 -63.32 37.10
C GLY U 13 20.92 -63.03 36.94
N CYS U 14 21.42 -63.04 35.70
CA CYS U 14 22.84 -62.85 35.44
C CYS U 14 23.26 -61.38 35.40
N THR U 15 22.30 -60.45 35.57
CA THR U 15 22.50 -59.00 35.61
C THR U 15 23.14 -58.43 34.35
N GLN U 16 23.12 -59.16 33.23
CA GLN U 16 23.84 -58.70 32.05
C GLN U 16 23.02 -57.71 31.24
N CYS U 17 21.69 -57.78 31.32
CA CYS U 17 20.86 -56.78 30.69
C CYS U 17 20.95 -55.44 31.39
N VAL U 18 21.15 -55.45 32.71
CA VAL U 18 21.29 -54.21 33.46
C VAL U 18 22.63 -53.55 33.15
N ARG U 19 23.68 -54.36 32.97
CA ARG U 19 24.97 -53.81 32.60
C ARG U 19 24.98 -53.28 31.17
N ALA U 20 24.18 -53.89 30.29
CA ALA U 20 24.21 -53.51 28.88
C ALA U 20 23.38 -52.27 28.59
N CYS U 21 22.44 -51.92 29.45
CA CYS U 21 21.49 -50.85 29.16
C CYS U 21 22.16 -49.48 29.27
N PRO U 22 22.24 -48.70 28.20
CA PRO U 22 22.86 -47.37 28.27
C PRO U 22 21.96 -46.28 28.80
N LEU U 23 20.71 -46.60 29.14
CA LEU U 23 19.75 -45.60 29.59
C LEU U 23 19.34 -45.80 31.04
N ASP U 24 19.87 -46.82 31.71
CA ASP U 24 19.51 -47.25 33.07
C ASP U 24 18.00 -47.39 33.21
N VAL U 25 17.48 -48.29 32.39
CA VAL U 25 16.08 -48.68 32.45
C VAL U 25 15.88 -49.83 33.41
N LEU U 26 16.85 -50.74 33.49
CA LEU U 26 16.68 -52.02 34.17
C LEU U 26 17.42 -52.04 35.50
N GLU U 27 16.83 -52.74 36.47
CA GLU U 27 17.47 -53.02 37.74
C GLU U 27 17.11 -54.42 38.17
N MET U 28 17.86 -54.93 39.15
CA MET U 28 17.66 -56.26 39.69
C MET U 28 16.86 -56.19 40.99
N VAL U 29 15.85 -57.02 41.11
CA VAL U 29 15.03 -57.12 42.33
C VAL U 29 15.10 -58.55 42.83
N PRO U 30 14.98 -58.81 44.14
CA PRO U 30 15.05 -60.20 44.63
C PRO U 30 13.84 -61.01 44.23
N TRP U 31 14.07 -62.27 43.88
CA TRP U 31 12.97 -63.01 43.28
C TRP U 31 12.66 -64.36 43.94
N ASP U 32 13.68 -65.15 44.28
CA ASP U 32 13.55 -66.55 44.70
C ASP U 32 12.79 -67.37 43.67
N GLY U 33 13.19 -67.23 42.41
CA GLY U 33 12.58 -68.00 41.33
C GLY U 33 13.64 -68.62 40.45
N CYS U 34 14.89 -68.38 40.79
CA CYS U 34 16.03 -68.96 40.10
C CYS U 34 17.15 -69.13 41.12
N LYS U 35 18.28 -69.66 40.66
CA LYS U 35 19.39 -69.96 41.56
C LYS U 35 20.05 -68.70 42.09
N ALA U 36 20.12 -67.66 41.28
CA ALA U 36 20.76 -66.41 41.69
C ALA U 36 19.89 -65.58 42.64
N GLY U 37 18.62 -65.94 42.80
CA GLY U 37 17.74 -65.24 43.72
C GLY U 37 17.26 -63.88 43.27
N SER U 38 17.63 -63.45 42.07
CA SER U 38 17.28 -62.13 41.58
C SER U 38 16.74 -62.23 40.17
N ILE U 39 15.91 -61.26 39.79
CA ILE U 39 15.32 -61.19 38.47
C ILE U 39 15.45 -59.75 37.97
N ALA U 40 15.46 -59.59 36.66
CA ALA U 40 15.47 -58.26 36.08
C ALA U 40 14.09 -57.63 36.16
N SER U 41 14.07 -56.31 36.31
CA SER U 41 12.84 -55.54 36.24
C SER U 41 13.10 -54.31 35.38
N SER U 42 12.03 -53.67 34.94
CA SER U 42 12.12 -52.47 34.11
C SER U 42 11.27 -51.36 34.71
N PRO U 43 11.75 -50.69 35.76
CA PRO U 43 10.95 -49.60 36.34
C PRO U 43 10.94 -48.33 35.50
N ARG U 44 12.10 -47.92 34.97
CA ARG U 44 12.21 -46.66 34.24
C ARG U 44 12.11 -46.89 32.74
N THR U 45 10.99 -47.50 32.33
CA THR U 45 10.79 -47.84 30.93
C THR U 45 10.41 -46.64 30.08
N GLU U 46 10.09 -45.49 30.69
CA GLU U 46 9.85 -44.28 29.93
C GLU U 46 11.14 -43.62 29.45
N ASP U 47 12.30 -44.11 29.91
CA ASP U 47 13.60 -43.68 29.40
C ASP U 47 14.15 -44.63 28.35
N CYS U 48 13.44 -45.71 28.04
CA CYS U 48 13.95 -46.72 27.10
C CYS U 48 13.94 -46.18 25.68
N VAL U 49 15.08 -46.24 25.02
CA VAL U 49 15.16 -45.79 23.64
C VAL U 49 14.86 -46.89 22.63
N GLY U 50 14.93 -48.15 23.05
CA GLY U 50 14.66 -49.26 22.15
C GLY U 50 15.87 -49.81 21.44
N CYS U 51 17.07 -49.61 21.96
CA CYS U 51 18.29 -50.04 21.31
C CYS U 51 18.45 -51.56 21.28
N LYS U 52 17.74 -52.27 22.18
CA LYS U 52 17.78 -53.74 22.31
C LYS U 52 19.19 -54.25 22.62
N ARG U 53 19.98 -53.47 23.35
CA ARG U 53 21.26 -53.96 23.83
C ARG U 53 21.08 -54.99 24.94
N CYS U 54 19.95 -54.91 25.66
CA CYS U 54 19.67 -55.87 26.73
C CYS U 54 19.37 -57.25 26.16
N GLU U 55 18.69 -57.30 25.01
CA GLU U 55 18.39 -58.59 24.39
C GLU U 55 19.63 -59.22 23.79
N THR U 56 20.58 -58.39 23.33
CA THR U 56 21.85 -58.89 22.83
C THR U 56 22.68 -59.52 23.95
N ALA U 57 22.48 -59.06 25.19
CA ALA U 57 23.24 -59.55 26.33
C ALA U 57 22.59 -60.74 27.03
N CYS U 58 21.35 -61.09 26.69
CA CYS U 58 20.63 -62.12 27.44
C CYS U 58 21.07 -63.51 27.00
N PRO U 59 21.57 -64.36 27.91
CA PRO U 59 22.03 -65.69 27.53
C PRO U 59 20.95 -66.76 27.50
N THR U 60 19.73 -66.45 27.92
CA THR U 60 18.66 -67.44 27.99
C THR U 60 18.07 -67.64 26.61
N ASP U 61 17.74 -68.89 26.28
CA ASP U 61 17.18 -69.28 24.98
C ASP U 61 15.78 -69.84 25.21
N PHE U 62 14.74 -69.12 24.78
CA PHE U 62 14.79 -67.82 24.13
C PHE U 62 14.90 -66.73 25.21
N LEU U 63 15.01 -65.47 24.78
CA LEU U 63 15.36 -64.37 25.66
C LEU U 63 14.35 -64.17 26.77
N SER U 64 14.86 -63.88 27.96
CA SER U 64 14.00 -63.57 29.09
C SER U 64 13.54 -62.13 29.08
N ILE U 65 14.23 -61.27 28.34
CA ILE U 65 13.89 -59.86 28.25
C ILE U 65 13.47 -59.56 26.81
N ARG U 66 12.31 -58.91 26.66
CA ARG U 66 11.79 -58.56 25.34
C ARG U 66 11.41 -57.09 25.33
N VAL U 67 11.86 -56.38 24.31
CA VAL U 67 11.53 -54.97 24.11
C VAL U 67 10.52 -54.87 22.98
N TYR U 68 9.42 -54.19 23.26
CA TYR U 68 8.36 -53.96 22.28
C TYR U 68 8.34 -52.46 21.99
N LEU U 69 8.68 -52.09 20.75
CA LEU U 69 8.72 -50.69 20.36
C LEU U 69 7.30 -50.13 20.30
N GLY U 70 7.04 -49.09 21.09
CA GLY U 70 5.71 -48.54 21.19
C GLY U 70 5.59 -47.13 20.64
N ALA U 71 4.86 -46.27 21.37
CA ALA U 71 4.67 -44.90 20.94
C ALA U 71 5.97 -44.12 21.05
N GLU U 72 6.27 -43.34 20.02
CA GLU U 72 7.51 -42.57 19.99
C GLU U 72 7.32 -41.26 20.73
N THR U 73 8.13 -41.04 21.76
CA THR U 73 8.24 -39.78 22.47
C THR U 73 9.57 -39.14 22.12
N THR U 74 9.84 -37.99 22.72
CA THR U 74 11.13 -37.33 22.51
C THR U 74 12.27 -38.13 23.12
N ARG U 75 12.01 -38.76 24.27
CA ARG U 75 13.04 -39.57 24.92
C ARG U 75 13.29 -40.87 24.17
N SER U 76 12.23 -41.52 23.69
CA SER U 76 12.40 -42.80 23.00
C SER U 76 13.00 -42.62 21.61
N MET U 77 12.80 -41.46 20.99
CA MET U 77 13.45 -41.17 19.71
C MET U 77 14.88 -40.69 19.88
N GLY U 78 15.34 -40.46 21.11
CA GLY U 78 16.71 -40.09 21.37
C GLY U 78 17.11 -38.73 20.85
N LEU U 79 16.20 -37.76 20.89
CA LEU U 79 16.44 -36.45 20.30
C LEU U 79 17.05 -35.52 21.33
N ALA U 80 18.21 -34.96 21.02
CA ALA U 80 18.83 -33.92 21.82
C ALA U 80 18.31 -32.53 21.47
N TYR U 81 17.46 -32.42 20.45
CA TYR U 81 16.87 -31.15 20.06
C TYR U 81 15.36 -31.20 20.23
N THR V 4 21.20 -25.90 44.75
CA THR V 4 20.83 -27.27 45.12
C THR V 4 21.76 -28.27 44.46
N LEU V 5 22.54 -27.80 43.49
CA LEU V 5 23.54 -28.62 42.80
C LEU V 5 24.87 -27.90 42.87
N THR V 6 25.87 -28.56 43.45
CA THR V 6 27.17 -27.98 43.70
C THR V 6 28.18 -28.57 42.73
N GLY V 7 29.13 -27.76 42.30
CA GLY V 7 30.25 -28.26 41.52
C GLY V 7 30.82 -27.21 40.59
N LYS V 8 32.11 -27.32 40.34
CA LYS V 8 32.74 -26.52 39.30
C LYS V 8 32.39 -27.07 37.94
N THR V 9 32.14 -26.18 36.99
CA THR V 9 32.04 -26.59 35.61
C THR V 9 33.43 -26.99 35.11
N PRO V 10 33.55 -28.11 34.40
CA PRO V 10 34.85 -28.51 33.86
C PRO V 10 35.40 -27.49 32.86
N VAL V 11 36.72 -27.42 32.79
CA VAL V 11 37.40 -26.46 31.91
C VAL V 11 37.20 -26.90 30.48
N PHE V 12 36.52 -26.07 29.70
CA PHE V 12 36.02 -26.46 28.39
C PHE V 12 35.78 -25.20 27.58
N GLY V 13 36.20 -25.21 26.32
CA GLY V 13 36.02 -24.06 25.47
C GLY V 13 34.67 -23.94 24.82
N GLY V 14 33.77 -24.87 25.10
CA GLY V 14 32.49 -24.92 24.45
C GLY V 14 32.56 -25.66 23.12
N SER V 15 31.40 -26.08 22.65
CA SER V 15 31.31 -26.79 21.39
C SER V 15 29.94 -26.55 20.79
N THR V 16 29.76 -27.06 19.57
CA THR V 16 28.48 -27.01 18.88
C THR V 16 27.60 -28.20 19.20
N GLY V 17 28.07 -29.14 20.01
CA GLY V 17 27.32 -30.31 20.38
C GLY V 17 26.58 -30.23 21.70
N GLY V 18 26.54 -29.06 22.33
CA GLY V 18 25.99 -28.91 23.66
C GLY V 18 24.50 -28.65 23.68
N LEU V 19 24.07 -27.88 24.68
CA LEU V 19 22.65 -27.67 24.95
C LEU V 19 21.99 -26.83 23.87
N LEU V 20 20.72 -27.16 23.60
CA LEU V 20 19.95 -26.50 22.56
C LEU V 20 18.65 -25.99 23.17
N THR V 21 17.70 -25.63 22.30
CA THR V 21 16.40 -25.10 22.72
C THR V 21 15.63 -26.08 23.60
N ARG V 22 15.77 -27.38 23.35
CA ARG V 22 15.12 -28.42 24.16
C ARG V 22 15.57 -28.39 25.62
N ALA V 23 16.82 -28.00 25.87
CA ALA V 23 17.35 -28.00 27.23
C ALA V 23 16.67 -26.95 28.10
N ALA V 24 16.18 -25.86 27.50
CA ALA V 24 15.54 -24.81 28.28
C ALA V 24 14.03 -24.91 28.29
N VAL V 25 13.41 -25.61 27.34
CA VAL V 25 11.95 -25.62 27.24
C VAL V 25 11.33 -26.98 27.60
N GLU V 26 12.06 -28.09 27.55
CA GLU V 26 11.48 -29.36 27.93
C GLU V 26 12.13 -29.96 29.18
N GLU V 27 13.43 -30.23 29.13
CA GLU V 27 14.13 -30.93 30.21
C GLU V 27 15.62 -30.81 29.97
N LYS V 28 16.37 -30.95 31.07
CA LYS V 28 17.83 -30.87 31.06
C LYS V 28 18.37 -31.95 31.97
N TYR V 29 19.67 -32.19 31.88
CA TYR V 29 20.31 -33.19 32.71
C TYR V 29 21.63 -32.65 33.23
N ALA V 30 21.98 -33.05 34.45
CA ALA V 30 23.26 -32.66 35.03
C ALA V 30 23.88 -33.88 35.70
N ILE V 31 25.18 -34.05 35.48
CA ILE V 31 25.96 -35.11 36.11
C ILE V 31 26.98 -34.45 37.03
N THR V 32 27.02 -34.91 38.29
CA THR V 32 27.92 -34.39 39.30
C THR V 32 28.80 -35.51 39.80
N TRP V 33 30.11 -35.29 39.86
CA TRP V 33 31.01 -36.31 40.38
C TRP V 33 32.19 -35.65 41.09
N THR V 34 32.81 -36.40 41.98
CA THR V 34 34.05 -35.97 42.63
C THR V 34 35.24 -36.66 41.99
N SER V 35 36.33 -35.91 41.83
CA SER V 35 37.58 -36.43 41.30
C SER V 35 38.69 -36.14 42.30
N THR V 36 39.68 -37.02 42.33
CA THR V 36 40.82 -36.84 43.23
C THR V 36 41.96 -36.08 42.59
N LYS V 37 41.90 -35.84 41.28
CA LYS V 37 42.97 -35.13 40.59
C LYS V 37 42.40 -34.42 39.37
N GLN V 38 43.16 -33.43 38.90
CA GLN V 38 42.84 -32.74 37.65
C GLN V 38 43.26 -33.63 36.48
N GLN V 39 42.30 -33.99 35.63
CA GLN V 39 42.60 -34.88 34.53
C GLN V 39 41.65 -34.60 33.36
N VAL V 40 42.02 -35.11 32.20
CA VAL V 40 41.28 -34.88 30.97
C VAL V 40 40.30 -36.02 30.76
N PHE V 41 39.05 -35.68 30.47
CA PHE V 41 38.05 -36.64 30.00
C PHE V 41 37.53 -36.21 28.65
N GLU V 42 36.82 -37.12 27.99
CA GLU V 42 36.20 -36.85 26.71
C GLU V 42 34.74 -36.48 26.93
N MET V 43 34.33 -35.35 26.37
CA MET V 43 32.94 -34.95 26.45
C MET V 43 32.10 -35.84 25.54
N PRO V 44 30.87 -36.18 25.94
CA PRO V 44 29.98 -36.93 25.03
C PRO V 44 29.50 -36.10 23.85
N THR V 45 29.61 -34.77 23.93
CA THR V 45 29.27 -33.88 22.85
C THR V 45 30.44 -33.63 21.88
N GLY V 46 31.55 -34.32 22.08
CA GLY V 46 32.71 -34.14 21.22
C GLY V 46 33.75 -33.23 21.81
N GLY V 47 35.00 -33.69 21.86
CA GLY V 47 36.09 -32.89 22.38
C GLY V 47 36.52 -33.35 23.76
N ALA V 48 37.55 -32.67 24.27
CA ALA V 48 38.16 -33.00 25.54
C ALA V 48 37.99 -31.85 26.51
N ALA V 49 37.59 -32.17 27.74
CA ALA V 49 37.48 -31.21 28.82
C ALA V 49 38.35 -31.65 29.99
N ILE V 50 38.55 -30.74 30.92
CA ILE V 50 39.40 -30.98 32.10
C ILE V 50 38.50 -30.94 33.33
N MET V 51 38.41 -32.06 34.03
CA MET V 51 37.70 -32.08 35.29
C MET V 51 38.61 -31.53 36.40
N HIS V 52 37.98 -30.98 37.42
CA HIS V 52 38.69 -30.38 38.54
C HIS V 52 38.93 -31.42 39.62
N GLU V 53 39.94 -31.17 40.45
CA GLU V 53 40.08 -31.93 41.68
C GLU V 53 38.95 -31.53 42.62
N GLY V 54 38.21 -32.51 43.10
CA GLY V 54 37.04 -32.22 43.91
C GLY V 54 35.76 -32.38 43.12
N GLU V 55 34.74 -31.60 43.47
CA GLU V 55 33.39 -31.81 42.97
C GLU V 55 33.18 -31.10 41.64
N ASN V 56 32.59 -31.83 40.69
CA ASN V 56 32.35 -31.36 39.33
C ASN V 56 30.85 -31.29 39.08
N LEU V 57 30.48 -30.54 38.04
CA LEU V 57 29.08 -30.42 37.65
C LEU V 57 29.02 -30.05 36.18
N LEU V 58 28.30 -30.86 35.39
CA LEU V 58 28.23 -30.69 33.96
C LEU V 58 26.80 -30.86 33.48
N TYR V 59 26.29 -29.87 32.76
CA TYR V 59 24.93 -29.93 32.23
C TYR V 59 24.94 -30.52 30.82
N LEU V 60 24.10 -31.53 30.61
CA LEU V 60 24.03 -32.22 29.33
C LEU V 60 22.58 -32.32 28.87
N ALA V 61 22.41 -32.60 27.58
CA ALA V 61 21.10 -32.51 26.94
C ALA V 61 20.26 -33.77 27.11
N ARG V 62 20.89 -34.95 27.07
CA ARG V 62 20.17 -36.21 27.16
C ARG V 62 20.65 -37.01 28.37
N LYS V 63 19.77 -37.90 28.83
CA LYS V 63 20.14 -38.83 29.90
C LYS V 63 21.17 -39.84 29.41
N GLU V 64 21.15 -40.18 28.12
CA GLU V 64 22.14 -41.10 27.57
C GLU V 64 23.53 -40.47 27.53
N GLN V 65 23.63 -39.14 27.41
CA GLN V 65 24.93 -38.49 27.42
C GLN V 65 25.54 -38.49 28.82
N CYS V 66 24.70 -38.36 29.86
CA CYS V 66 25.21 -38.40 31.22
C CYS V 66 25.62 -39.81 31.63
N LEU V 67 24.88 -40.82 31.17
CA LEU V 67 25.22 -42.19 31.51
C LEU V 67 26.40 -42.70 30.70
N ALA V 68 26.62 -42.15 29.50
CA ALA V 68 27.83 -42.48 28.75
C ALA V 68 29.05 -41.79 29.34
N LEU V 69 28.86 -40.63 29.97
CA LEU V 69 29.96 -40.00 30.70
C LEU V 69 30.29 -40.77 31.96
N GLY V 70 29.25 -41.22 32.68
CA GLY V 70 29.47 -42.01 33.88
C GLY V 70 30.07 -43.37 33.60
N THR V 71 29.80 -43.93 32.42
CA THR V 71 30.46 -45.16 32.01
C THR V 71 31.95 -44.92 31.75
N GLN V 72 32.28 -43.77 31.15
CA GLN V 72 33.68 -43.40 30.94
C GLN V 72 34.39 -43.12 32.26
N LEU V 73 33.68 -42.53 33.22
CA LEU V 73 34.27 -42.24 34.53
C LEU V 73 34.56 -43.51 35.31
N ARG V 74 33.75 -44.56 35.11
CA ARG V 74 33.95 -45.81 35.81
C ARG V 74 35.00 -46.71 35.15
N SER V 75 35.32 -46.48 33.89
CA SER V 75 36.09 -47.44 33.12
C SER V 75 37.41 -46.91 32.55
N LYS V 76 37.58 -45.60 32.42
CA LYS V 76 38.76 -45.05 31.77
C LYS V 76 39.69 -44.33 32.73
N PHE V 77 39.45 -44.41 34.03
CA PHE V 77 40.25 -43.69 35.00
C PHE V 77 40.66 -44.63 36.13
N LYS V 78 41.95 -44.66 36.45
CA LYS V 78 42.44 -45.36 37.64
C LYS V 78 42.96 -44.32 38.62
N PRO V 79 42.33 -44.14 39.80
CA PRO V 79 41.20 -44.89 40.35
C PRO V 79 39.86 -44.56 39.71
N LYS V 80 38.91 -45.49 39.83
CA LYS V 80 37.61 -45.33 39.20
C LYS V 80 36.82 -44.23 39.88
N ILE V 81 35.91 -43.63 39.12
CA ILE V 81 35.01 -42.61 39.62
C ILE V 81 33.62 -43.21 39.56
N GLU V 82 33.12 -43.65 40.72
CA GLU V 82 31.85 -44.34 40.84
C GLU V 82 30.75 -43.51 41.44
N ASP V 83 31.06 -42.36 42.03
CA ASP V 83 30.13 -41.61 42.87
C ASP V 83 29.29 -40.60 42.08
N TYR V 84 29.14 -40.78 40.77
CA TYR V 84 28.46 -39.79 39.97
C TYR V 84 26.95 -39.86 40.16
N LYS V 85 26.32 -38.69 40.24
CA LYS V 85 24.89 -38.55 40.40
C LYS V 85 24.32 -37.80 39.21
N ILE V 86 23.19 -38.26 38.70
CA ILE V 86 22.56 -37.69 37.52
C ILE V 86 21.19 -37.16 37.91
N TYR V 87 20.91 -35.92 37.52
CA TYR V 87 19.67 -35.24 37.85
C TYR V 87 18.94 -34.86 36.56
N ARG V 88 17.62 -34.74 36.66
CA ARG V 88 16.81 -34.22 35.56
C ARG V 88 16.25 -32.87 35.98
N ILE V 89 16.59 -31.82 35.24
CA ILE V 89 16.19 -30.45 35.55
C ILE V 89 15.10 -30.04 34.58
N TYR V 90 13.99 -29.58 35.11
CA TYR V 90 12.82 -29.10 34.40
C TYR V 90 12.89 -27.59 34.26
N PRO V 91 12.17 -26.98 33.29
CA PRO V 91 12.32 -25.53 33.05
C PRO V 91 11.85 -24.64 34.19
N ASN V 92 11.03 -25.13 35.10
CA ASN V 92 10.65 -24.36 36.28
C ASN V 92 11.66 -24.48 37.42
N GLY V 93 12.83 -25.07 37.17
CA GLY V 93 13.84 -25.28 38.17
C GLY V 93 13.67 -26.52 39.01
N GLU V 94 12.65 -27.32 38.75
CA GLU V 94 12.39 -28.53 39.53
C GLU V 94 13.40 -29.60 39.15
N THR V 95 14.21 -30.03 40.12
CA THR V 95 15.30 -30.95 39.90
C THR V 95 14.95 -32.32 40.50
N GLN V 96 15.02 -33.36 39.67
CA GLN V 96 14.68 -34.71 40.07
C GLN V 96 15.92 -35.59 39.99
N TYR V 97 16.21 -36.30 41.09
CA TYR V 97 17.38 -37.16 41.20
C TYR V 97 17.04 -38.52 40.59
N VAL V 98 17.68 -38.86 39.47
CA VAL V 98 17.28 -40.03 38.70
C VAL V 98 18.34 -41.13 38.66
N HIS V 99 19.63 -40.83 38.86
CA HIS V 99 20.63 -41.89 38.85
C HIS V 99 21.69 -41.57 39.90
N PRO V 100 22.03 -42.53 40.79
CA PRO V 100 21.40 -43.84 41.00
C PRO V 100 20.03 -43.75 41.68
N ALA V 101 19.13 -44.65 41.31
CA ALA V 101 17.78 -44.64 41.83
C ALA V 101 17.68 -45.43 43.13
N VAL W 2 14.63 -87.74 35.74
CA VAL W 2 15.54 -86.75 35.20
C VAL W 2 16.67 -86.45 36.19
N GLN W 3 17.90 -86.82 35.80
CA GLN W 3 19.08 -86.52 36.57
C GLN W 3 20.27 -86.45 35.62
N ARG W 4 21.45 -86.15 36.18
CA ARG W 4 22.66 -86.02 35.38
C ARG W 4 23.06 -87.37 34.79
N GLY W 5 23.29 -87.40 33.48
CA GLY W 5 23.56 -88.62 32.76
C GLY W 5 22.42 -89.09 31.89
N SER W 6 21.41 -88.26 31.66
CA SER W 6 20.26 -88.62 30.84
C SER W 6 20.20 -87.68 29.65
N LYS W 7 20.12 -88.27 28.45
CA LYS W 7 20.00 -87.49 27.23
C LYS W 7 18.52 -87.24 26.96
N VAL W 8 18.10 -85.98 27.04
CA VAL W 8 16.69 -85.62 26.96
C VAL W 8 16.39 -84.93 25.64
N ARG W 9 15.13 -84.61 25.43
CA ARG W 9 14.62 -84.11 24.16
C ARG W 9 13.65 -82.97 24.47
N ILE W 10 13.89 -81.80 23.88
CA ILE W 10 13.20 -80.58 24.30
C ILE W 10 11.80 -80.54 23.71
N LEU W 11 10.82 -80.15 24.53
CA LEU W 11 9.45 -79.93 24.07
C LEU W 11 9.07 -78.45 24.05
N ARG W 12 10.02 -77.54 24.21
CA ARG W 12 9.72 -76.11 24.27
C ARG W 12 9.71 -75.53 22.86
N PRO W 13 8.60 -74.93 22.42
CA PRO W 13 8.53 -74.46 21.02
C PRO W 13 9.30 -73.18 20.75
N GLU W 14 9.53 -72.35 21.77
CA GLU W 14 10.32 -71.13 21.68
C GLU W 14 11.82 -71.35 21.67
N SER W 15 12.29 -72.57 21.92
CA SER W 15 13.70 -72.87 22.03
C SER W 15 14.32 -73.15 20.67
N TYR W 16 15.63 -72.91 20.58
CA TYR W 16 16.39 -73.24 19.38
C TYR W 16 16.49 -74.75 19.17
N TRP W 17 16.55 -75.51 20.26
CA TRP W 17 16.75 -76.95 20.20
C TRP W 17 15.45 -77.72 20.33
N TYR W 18 14.36 -77.18 19.80
CA TYR W 18 13.09 -77.89 19.77
C TYR W 18 13.20 -79.12 18.87
N ARG W 19 12.74 -80.26 19.40
CA ARG W 19 12.86 -81.58 18.76
C ARG W 19 14.33 -81.95 18.49
N ASP W 20 15.20 -81.60 19.44
CA ASP W 20 16.61 -81.94 19.36
C ASP W 20 17.06 -82.55 20.68
N ILE W 21 18.19 -83.26 20.61
CA ILE W 21 18.72 -84.05 21.73
C ILE W 21 19.74 -83.22 22.47
N GLY W 22 19.69 -83.26 23.81
CA GLY W 22 20.65 -82.56 24.63
C GLY W 22 21.00 -83.38 25.86
N THR W 23 22.18 -83.08 26.41
CA THR W 23 22.73 -83.83 27.53
C THR W 23 22.52 -83.01 28.80
N VAL W 24 21.97 -83.64 29.84
CA VAL W 24 21.70 -82.96 31.11
C VAL W 24 23.02 -82.76 31.85
N ALA W 25 23.31 -81.51 32.22
CA ALA W 25 24.50 -81.22 33.01
C ALA W 25 24.23 -81.37 34.50
N THR W 26 23.32 -80.56 35.04
CA THR W 26 22.88 -80.69 36.43
C THR W 26 21.36 -80.54 36.47
N VAL W 27 20.76 -81.10 37.52
CA VAL W 27 19.36 -80.86 37.85
C VAL W 27 19.33 -80.45 39.31
N ASP W 28 18.92 -79.21 39.57
CA ASP W 28 18.89 -78.63 40.90
C ASP W 28 17.80 -79.29 41.74
N GLN W 29 17.95 -79.21 43.06
CA GLN W 29 16.96 -79.79 43.97
C GLN W 29 16.48 -78.73 44.96
N SER W 30 16.73 -77.45 44.68
CA SER W 30 16.40 -76.40 45.64
C SER W 30 14.93 -76.02 45.57
N GLY W 31 14.36 -75.98 44.36
CA GLY W 31 12.96 -75.62 44.21
C GLY W 31 12.72 -74.49 43.24
N ILE W 32 13.70 -74.21 42.38
CA ILE W 32 13.59 -73.12 41.43
C ILE W 32 12.85 -73.62 40.19
N ARG W 33 12.37 -72.68 39.38
CA ARG W 33 11.37 -72.97 38.36
C ARG W 33 11.93 -73.64 37.12
N TYR W 34 13.23 -73.57 36.88
CA TYR W 34 13.86 -74.20 35.73
C TYR W 34 15.14 -74.89 36.18
N PRO W 35 15.02 -76.10 36.74
CA PRO W 35 16.19 -76.73 37.38
C PRO W 35 17.08 -77.53 36.43
N ALA W 36 16.53 -78.02 35.31
CA ALA W 36 17.25 -78.94 34.46
C ALA W 36 18.21 -78.18 33.54
N ILE W 37 19.50 -78.26 33.84
CA ILE W 37 20.52 -77.62 33.03
C ILE W 37 20.92 -78.61 31.94
N VAL W 38 20.59 -78.30 30.69
CA VAL W 38 20.82 -79.19 29.56
C VAL W 38 21.84 -78.55 28.64
N ARG W 39 22.92 -79.26 28.39
CA ARG W 39 23.98 -78.77 27.54
C ARG W 39 23.73 -79.34 26.14
N PHE W 40 24.23 -78.66 25.11
CA PHE W 40 23.91 -79.04 23.73
C PHE W 40 25.15 -79.10 22.85
N ASP W 41 24.97 -79.73 21.70
CA ASP W 41 25.97 -79.93 20.64
C ASP W 41 25.95 -78.82 19.60
N LYS W 42 24.77 -78.50 19.06
CA LYS W 42 24.63 -77.38 18.14
C LYS W 42 24.39 -76.09 18.91
N VAL W 43 25.18 -75.08 18.58
CA VAL W 43 25.08 -73.77 19.22
C VAL W 43 23.92 -73.00 18.59
N ASN W 44 23.35 -72.07 19.35
CA ASN W 44 22.20 -71.31 18.88
C ASN W 44 22.68 -70.09 18.10
N TYR W 45 21.78 -69.14 17.84
CA TYR W 45 22.11 -67.99 17.02
C TYR W 45 22.96 -66.94 17.74
N TYR W 46 23.18 -67.07 19.05
CA TYR W 46 23.99 -66.09 19.77
C TYR W 46 24.94 -66.78 20.74
N GLY W 47 25.59 -67.85 20.30
CA GLY W 47 26.74 -68.39 21.02
C GLY W 47 26.44 -69.13 22.30
N ILE W 48 25.21 -69.60 22.49
CA ILE W 48 24.80 -70.28 23.71
C ILE W 48 24.55 -71.75 23.38
N SER W 49 25.12 -72.64 24.19
CA SER W 49 24.99 -74.08 23.99
C SER W 49 24.36 -74.78 25.18
N SER W 50 23.91 -74.04 26.20
CA SER W 50 23.30 -74.63 27.38
C SER W 50 22.27 -73.66 27.96
N ASN W 51 21.14 -74.20 28.40
CA ASN W 51 20.04 -73.39 28.86
C ASN W 51 19.19 -74.22 29.82
N ASN W 52 18.61 -73.52 30.81
CA ASN W 52 17.77 -74.16 31.82
C ASN W 52 16.38 -74.45 31.27
N PHE W 53 15.89 -75.65 31.58
CA PHE W 53 14.56 -76.08 31.21
C PHE W 53 13.85 -76.61 32.44
N ALA W 54 12.52 -76.65 32.38
CA ALA W 54 11.77 -77.35 33.41
C ALA W 54 11.72 -78.84 33.09
N LEU W 55 11.40 -79.64 34.11
CA LEU W 55 11.33 -81.08 33.91
C LEU W 55 10.12 -81.48 33.09
N SER W 56 9.05 -80.67 33.13
CA SER W 56 7.86 -80.99 32.36
C SER W 56 8.03 -80.71 30.87
N GLU W 57 9.06 -79.98 30.46
CA GLU W 57 9.26 -79.75 29.04
C GLU W 57 10.26 -80.73 28.42
N LEU W 58 10.63 -81.79 29.14
CA LEU W 58 11.64 -82.74 28.67
C LEU W 58 11.04 -84.13 28.55
N GLU W 59 11.56 -84.90 27.59
CA GLU W 59 11.29 -86.32 27.46
C GLU W 59 12.59 -87.07 27.29
N GLU W 60 12.72 -88.20 27.97
CA GLU W 60 13.98 -88.94 27.98
C GLU W 60 14.18 -89.73 26.70
N VAL W 61 15.46 -89.99 26.42
CA VAL W 61 15.87 -90.97 25.42
C VAL W 61 16.61 -92.13 26.05
N GLU W 62 17.65 -91.85 26.83
CA GLU W 62 18.28 -92.92 27.58
C GLU W 62 18.24 -92.50 29.05
N ASP X 3 -2.69 -20.84 -34.11
CA ASP X 3 -2.87 -22.28 -34.30
C ASP X 3 -1.58 -23.04 -34.03
N MET X 4 -0.47 -22.54 -34.57
CA MET X 4 0.84 -23.18 -34.40
C MET X 4 1.79 -22.39 -33.53
N THR X 5 1.44 -21.17 -33.13
CA THR X 5 2.33 -20.32 -32.34
C THR X 5 1.95 -20.26 -30.87
N GLN X 6 0.76 -20.70 -30.50
CA GLN X 6 0.29 -20.58 -29.12
C GLN X 6 -0.76 -21.64 -28.86
N LEU X 7 -1.16 -21.74 -27.60
CA LEU X 7 -2.20 -22.67 -27.19
C LEU X 7 -3.56 -22.14 -27.64
N THR X 8 -4.26 -22.90 -28.46
CA THR X 8 -5.63 -22.61 -28.85
C THR X 8 -6.48 -23.83 -28.56
N GLY X 9 -7.79 -23.70 -28.79
CA GLY X 9 -8.68 -24.81 -28.67
C GLY X 9 -9.81 -24.74 -29.68
N ALA X 10 -9.94 -25.78 -30.50
CA ALA X 10 -11.01 -25.87 -31.48
C ALA X 10 -12.21 -26.64 -30.96
N TYR X 11 -12.43 -26.62 -29.64
CA TYR X 11 -13.54 -27.29 -28.99
C TYR X 11 -14.41 -26.25 -28.31
N ALA X 12 -15.52 -26.71 -27.73
CA ALA X 12 -16.46 -25.82 -27.08
C ALA X 12 -15.87 -25.28 -25.78
N ALA X 13 -16.09 -23.98 -25.54
CA ALA X 13 -15.53 -23.18 -24.46
C ALA X 13 -14.02 -23.34 -24.34
N PRO X 14 -13.24 -22.81 -25.30
CA PRO X 14 -11.78 -22.99 -25.22
C PRO X 14 -11.12 -22.12 -24.17
N TRP X 15 -11.85 -21.18 -23.58
CA TRP X 15 -11.37 -20.39 -22.45
C TRP X 15 -11.35 -21.20 -21.15
N LEU X 16 -11.98 -22.37 -21.12
CA LEU X 16 -12.00 -23.17 -19.90
C LEU X 16 -10.62 -23.73 -19.52
N PRO X 17 -9.83 -24.35 -20.42
CA PRO X 17 -8.45 -24.71 -20.01
C PRO X 17 -7.55 -23.52 -19.79
N TRP X 18 -7.88 -22.36 -20.38
CA TRP X 18 -7.14 -21.14 -20.14
C TRP X 18 -7.19 -20.70 -18.69
N ILE X 19 -8.28 -21.02 -17.97
CA ILE X 19 -8.42 -20.64 -16.59
C ILE X 19 -8.32 -21.84 -15.63
N MET X 20 -8.68 -23.05 -16.06
CA MET X 20 -8.74 -24.17 -15.12
C MET X 20 -7.36 -24.69 -14.76
N ILE X 21 -6.46 -24.80 -15.74
CA ILE X 21 -5.08 -25.23 -15.50
C ILE X 21 -4.31 -24.22 -14.64
N PRO X 22 -4.43 -22.88 -14.81
CA PRO X 22 -3.89 -22.00 -13.76
C PRO X 22 -4.54 -22.18 -12.39
N LEU X 23 -5.86 -22.39 -12.34
CA LEU X 23 -6.55 -22.53 -11.07
C LEU X 23 -6.17 -23.84 -10.36
N ILE X 24 -6.20 -24.95 -11.09
CA ILE X 24 -5.96 -26.26 -10.49
C ILE X 24 -4.50 -26.40 -10.06
N PHE X 25 -3.57 -25.89 -10.87
CA PHE X 25 -2.18 -26.29 -10.70
C PHE X 25 -1.30 -25.26 -10.01
N TYR X 26 -1.56 -23.96 -10.11
CA TYR X 26 -0.68 -23.04 -9.40
C TYR X 26 -1.37 -21.87 -8.71
N ILE X 27 -2.69 -21.82 -8.65
CA ILE X 27 -3.40 -20.77 -7.91
C ILE X 27 -4.01 -21.34 -6.63
N LEU X 28 -4.87 -22.33 -6.75
CA LEU X 28 -5.45 -23.05 -5.62
C LEU X 28 -4.56 -23.99 -4.77
N PRO X 29 -3.45 -24.62 -5.26
CA PRO X 29 -2.73 -25.56 -4.38
C PRO X 29 -2.15 -24.98 -3.10
N PHE X 30 -1.57 -23.78 -3.13
CA PHE X 30 -1.01 -23.20 -1.91
C PHE X 30 -2.09 -22.83 -0.88
N PRO X 31 -3.28 -22.34 -1.25
CA PRO X 31 -4.37 -22.31 -0.25
C PRO X 31 -4.80 -23.68 0.25
N ILE X 32 -4.80 -24.70 -0.62
CA ILE X 32 -5.20 -26.03 -0.19
C ILE X 32 -4.12 -26.65 0.71
N PHE X 33 -2.85 -26.41 0.37
CA PHE X 33 -1.75 -26.86 1.23
C PHE X 33 -1.77 -26.13 2.58
N ALA X 34 -2.17 -24.87 2.59
CA ALA X 34 -2.26 -24.13 3.85
C ALA X 34 -3.44 -24.60 4.70
N ILE X 35 -4.56 -24.95 4.06
CA ILE X 35 -5.71 -25.47 4.78
C ILE X 35 -5.39 -26.83 5.38
N ILE X 36 -4.72 -27.69 4.62
CA ILE X 36 -4.34 -29.02 5.10
C ILE X 36 -3.29 -28.91 6.19
N PHE X 37 -2.38 -27.93 6.08
CA PHE X 37 -1.36 -27.70 7.11
C PHE X 37 -1.99 -27.26 8.43
N LEU X 38 -3.01 -26.40 8.39
CA LEU X 38 -3.66 -25.98 9.61
C LEU X 38 -4.50 -27.11 10.21
N TRP X 39 -4.95 -28.05 9.38
CA TRP X 39 -5.73 -29.18 9.86
C TRP X 39 -4.85 -30.17 10.61
N ILE X 40 -3.62 -30.39 10.16
CA ILE X 40 -2.74 -31.37 10.76
C ILE X 40 -1.87 -30.80 11.88
N GLU X 41 -1.89 -29.48 12.09
CA GLU X 41 -1.13 -28.88 13.17
C GLU X 41 -2.00 -28.40 14.32
N ARG X 42 -3.32 -28.46 14.20
CA ARG X 42 -4.18 -27.86 15.21
C ARG X 42 -4.27 -28.78 16.42
N GLU X 43 -4.40 -28.15 17.59
CA GLU X 43 -4.29 -28.85 18.86
C GLU X 43 -5.54 -28.67 19.70
N CYS Y 35 83.07 -17.19 -4.06
CA CYS Y 35 83.84 -17.14 -2.83
C CYS Y 35 83.28 -16.09 -1.88
N ASN Y 36 82.84 -14.96 -2.44
CA ASN Y 36 82.36 -13.85 -1.63
C ASN Y 36 80.99 -14.16 -1.02
N LEU Y 37 80.26 -15.12 -1.60
CA LEU Y 37 79.01 -15.58 -1.00
C LEU Y 37 79.27 -16.55 0.14
N PHE Y 38 80.36 -17.32 0.05
CA PHE Y 38 80.75 -18.21 1.13
C PHE Y 38 81.21 -17.42 2.36
N VAL Y 39 81.93 -16.32 2.13
CA VAL Y 39 82.33 -15.42 3.22
C VAL Y 39 81.11 -14.72 3.81
N LEU Y 40 80.10 -14.44 2.97
CA LEU Y 40 78.84 -13.89 3.48
C LEU Y 40 78.10 -14.89 4.34
N ALA Y 41 78.18 -16.18 4.01
CA ALA Y 41 77.49 -17.20 4.78
C ALA Y 41 78.10 -17.37 6.17
N ILE Y 42 79.43 -17.37 6.27
CA ILE Y 42 80.06 -17.44 7.59
C ILE Y 42 80.03 -16.10 8.32
N GLY Y 43 79.53 -15.04 7.69
CA GLY Y 43 79.43 -13.75 8.32
C GLY Y 43 78.04 -13.39 8.80
N LYS Y 44 77.02 -14.12 8.34
CA LYS Y 44 75.64 -13.83 8.73
C LYS Y 44 74.84 -15.08 9.13
N TYR Y 45 75.49 -16.22 9.33
CA TYR Y 45 74.79 -17.42 9.78
C TYR Y 45 75.49 -18.05 10.98
N ALA Y 46 76.34 -17.28 11.64
CA ALA Y 46 76.63 -17.44 13.06
C ALA Y 46 75.68 -16.61 13.92
N ILE Y 47 74.61 -16.10 13.32
CA ILE Y 47 73.66 -15.20 13.95
C ILE Y 47 72.30 -15.90 13.98
N GLN Y 48 72.09 -16.80 13.02
CA GLN Y 48 70.76 -17.33 12.71
C GLN Y 48 70.48 -18.71 13.28
N ARG Y 49 71.50 -19.41 13.79
CA ARG Y 49 71.39 -20.84 14.03
C ARG Y 49 71.35 -21.12 15.53
N PRO Y 50 70.28 -21.75 16.04
CA PRO Y 50 70.25 -22.10 17.47
C PRO Y 50 71.16 -23.26 17.83
N GLY Y 51 71.13 -24.33 17.03
CA GLY Y 51 71.99 -25.46 17.29
C GLY Y 51 73.28 -25.40 16.49
N ALA Y 52 74.34 -24.88 17.12
CA ALA Y 52 75.66 -24.79 16.51
C ALA Y 52 76.63 -25.59 17.34
N GLY Y 53 77.17 -26.66 16.76
CA GLY Y 53 78.02 -27.57 17.49
C GLY Y 53 77.22 -28.71 18.07
N PRO Y 54 77.45 -29.93 17.57
CA PRO Y 54 76.69 -31.09 18.05
C PRO Y 54 77.36 -31.77 19.24
N GLY Y 68 81.93 -25.61 14.93
CA GLY Y 68 82.08 -27.06 14.96
C GLY Y 68 82.25 -27.67 13.59
N LEU Y 69 82.28 -29.01 13.53
CA LEU Y 69 82.49 -29.69 12.25
C LEU Y 69 81.31 -29.58 11.28
N PRO Y 70 80.06 -29.92 11.63
CA PRO Y 70 79.03 -29.96 10.59
C PRO Y 70 78.23 -28.69 10.31
N GLU Y 71 78.20 -27.67 11.17
CA GLU Y 71 77.62 -26.42 10.65
C GLU Y 71 78.63 -25.64 9.83
N LEU Y 72 79.91 -26.02 9.83
CA LEU Y 72 80.80 -25.55 8.77
C LEU Y 72 80.37 -26.12 7.43
N LEU Y 73 80.06 -27.42 7.41
CA LEU Y 73 79.64 -28.09 6.18
C LEU Y 73 78.27 -27.60 5.71
N ALA Y 74 77.44 -27.11 6.63
CA ALA Y 74 76.19 -26.48 6.23
C ALA Y 74 76.42 -25.07 5.71
N THR Y 75 77.28 -24.31 6.37
CA THR Y 75 77.56 -22.95 5.96
C THR Y 75 78.34 -22.91 4.65
N ALA Y 76 79.20 -23.92 4.41
CA ALA Y 76 79.86 -24.03 3.12
C ALA Y 76 78.90 -24.49 2.03
N SER Y 77 77.90 -25.31 2.39
CA SER Y 77 76.92 -25.77 1.41
C SER Y 77 76.01 -24.63 0.96
N LEU Y 78 75.58 -23.80 1.90
CA LEU Y 78 74.72 -22.67 1.55
C LEU Y 78 75.49 -21.61 0.78
N GLY Y 79 76.80 -21.50 1.03
CA GLY Y 79 77.63 -20.61 0.21
C GLY Y 79 77.72 -21.07 -1.23
N HIS Y 80 77.76 -22.38 -1.45
CA HIS Y 80 77.73 -22.91 -2.81
C HIS Y 80 76.34 -22.83 -3.43
N ILE Y 81 75.29 -22.72 -2.62
CA ILE Y 81 73.94 -22.58 -3.15
C ILE Y 81 73.68 -21.12 -3.54
N LEU Y 82 73.85 -20.20 -2.59
CA LEU Y 82 73.76 -18.77 -2.90
C LEU Y 82 74.84 -18.28 -3.83
N GLY Y 83 75.99 -18.98 -3.89
CA GLY Y 83 76.99 -18.63 -4.88
C GLY Y 83 76.57 -19.01 -6.29
N ALA Y 84 75.94 -20.17 -6.44
CA ALA Y 84 75.48 -20.60 -7.77
C ALA Y 84 74.30 -19.78 -8.26
N GLY Y 85 73.47 -19.28 -7.35
CA GLY Y 85 72.36 -18.44 -7.75
C GLY Y 85 72.76 -17.03 -8.11
N MET Y 86 73.79 -16.50 -7.45
CA MET Y 86 74.21 -15.13 -7.74
C MET Y 86 75.12 -15.08 -8.96
N ILE Y 87 75.97 -16.10 -9.16
CA ILE Y 87 76.82 -16.15 -10.34
C ILE Y 87 75.98 -16.30 -11.60
N LEU Y 88 74.98 -17.16 -11.58
CA LEU Y 88 74.04 -17.26 -12.69
C LEU Y 88 73.13 -16.04 -12.76
N GLY Y 89 72.85 -15.41 -11.62
CA GLY Y 89 72.07 -14.18 -11.63
C GLY Y 89 72.85 -13.01 -12.20
N LEU Y 90 74.13 -12.91 -11.86
CA LEU Y 90 74.99 -11.90 -12.46
C LEU Y 90 75.52 -12.30 -13.83
N GLY Y 91 75.40 -13.58 -14.20
CA GLY Y 91 75.84 -14.03 -15.51
C GLY Y 91 75.02 -13.48 -16.66
N ASN Y 92 73.76 -13.13 -16.40
CA ASN Y 92 72.91 -12.49 -17.40
C ASN Y 92 72.41 -11.13 -16.98
N ALA Y 93 72.66 -10.72 -15.72
CA ALA Y 93 72.24 -9.44 -15.12
C ALA Y 93 70.74 -9.19 -15.22
N THR Z 8 51.12 -31.11 30.14
CA THR Z 8 51.09 -30.92 28.70
C THR Z 8 49.81 -30.22 28.28
N TRP Z 9 48.75 -30.43 29.06
CA TRP Z 9 47.46 -29.80 28.83
C TRP Z 9 47.12 -28.78 29.91
N VAL Z 10 48.00 -28.57 30.88
CA VAL Z 10 47.66 -27.77 32.05
C VAL Z 10 47.63 -26.28 31.72
N ASP Z 11 48.41 -25.85 30.72
CA ASP Z 11 48.40 -24.45 30.31
C ASP Z 11 47.47 -24.18 29.14
N ALA Z 12 46.76 -25.20 28.66
CA ALA Z 12 45.65 -24.96 27.75
C ALA Z 12 44.52 -24.27 28.51
N TYR Z 13 43.74 -23.47 27.77
CA TYR Z 13 42.69 -22.59 28.28
C TYR Z 13 43.19 -21.56 29.30
N ASP Z 14 44.48 -21.22 29.26
CA ASP Z 14 44.99 -20.10 30.06
C ASP Z 14 45.34 -18.88 29.24
N GLN Z 15 45.71 -19.05 27.97
CA GLN Z 15 46.01 -17.90 27.14
C GLN Z 15 44.74 -17.43 26.45
N LYS Z 16 44.77 -16.19 25.96
CA LYS Z 16 43.57 -15.59 25.40
C LYS Z 16 43.26 -16.19 24.03
N ASP Z 17 41.97 -16.36 23.77
CA ASP Z 17 41.47 -16.94 22.53
C ASP Z 17 40.32 -16.09 22.02
N ILE Z 18 40.30 -15.86 20.70
CA ILE Z 18 39.19 -15.10 20.11
C ILE Z 18 37.93 -15.93 19.96
N ILE Z 19 38.03 -17.25 20.12
CA ILE Z 19 36.86 -18.13 20.11
C ILE Z 19 36.55 -18.48 21.55
N GLN Z 20 35.37 -18.08 22.01
CA GLN Z 20 34.93 -18.26 23.38
C GLN Z 20 33.67 -19.12 23.41
N PRO Z 21 33.32 -19.68 24.57
CA PRO Z 21 31.99 -20.30 24.70
C PRO Z 21 30.89 -19.26 24.56
N TYR Z 22 29.76 -19.69 24.00
CA TYR Z 22 28.66 -18.80 23.70
C TYR Z 22 27.98 -18.34 24.99
N ARG Z 23 27.92 -17.02 25.17
CA ARG Z 23 27.39 -16.36 26.37
C ARG Z 23 28.10 -16.82 27.64
N GLY Z 24 29.40 -17.12 27.54
CA GLY Z 24 30.17 -17.58 28.67
C GLY Z 24 29.82 -18.95 29.20
N ASN Z 25 29.02 -19.73 28.47
CA ASN Z 25 28.55 -21.03 28.95
C ASN Z 25 29.10 -22.11 28.02
N PRO Z 26 30.08 -22.91 28.47
CA PRO Z 26 30.62 -23.97 27.59
C PRO Z 26 29.66 -25.14 27.38
N GLU Z 27 28.58 -25.25 28.14
CA GLU Z 27 27.62 -26.32 27.93
C GLU Z 27 26.62 -26.01 26.83
N LEU Z 28 26.53 -24.75 26.40
CA LEU Z 28 25.63 -24.41 25.30
C LEU Z 28 26.20 -24.87 23.97
N GLY Z 29 25.31 -25.22 23.05
CA GLY Z 29 25.71 -25.75 21.76
C GLY Z 29 26.01 -24.71 20.71
N ASN Z 30 26.90 -23.77 21.05
CA ASN Z 30 27.31 -22.72 20.13
C ASN Z 30 28.64 -22.17 20.61
N LEU Z 31 29.32 -21.45 19.73
CA LEU Z 31 30.58 -20.79 20.04
C LEU Z 31 30.49 -19.31 19.71
N ALA Z 32 31.24 -18.51 20.46
CA ALA Z 32 31.34 -17.08 20.18
C ALA Z 32 32.51 -16.87 19.23
N THR Z 33 32.20 -16.60 17.98
CA THR Z 33 33.15 -16.39 16.90
C THR Z 33 33.09 -14.93 16.44
N PRO Z 34 34.05 -14.49 15.61
CA PRO Z 34 33.89 -13.18 14.95
C PRO Z 34 32.68 -13.07 14.04
N VAL Z 35 32.15 -14.19 13.52
CA VAL Z 35 31.01 -14.10 12.61
C VAL Z 35 29.70 -13.90 13.37
N ASN Z 36 29.58 -14.41 14.60
CA ASN Z 36 28.33 -14.21 15.35
C ASN Z 36 28.45 -13.28 16.54
N SER Z 37 29.65 -12.85 16.92
CA SER Z 37 29.80 -12.12 18.17
C SER Z 37 30.75 -10.93 18.13
N SER Z 38 31.32 -10.58 16.98
CA SER Z 38 32.14 -9.38 16.94
C SER Z 38 31.26 -8.13 16.95
N ASN Z 39 31.89 -6.99 17.27
CA ASN Z 39 31.14 -5.74 17.41
C ASN Z 39 30.60 -5.25 16.07
N LEU Z 40 31.28 -5.57 14.98
CA LEU Z 40 30.81 -5.15 13.65
C LEU Z 40 29.56 -5.94 13.25
N VAL Z 41 29.58 -7.26 13.42
CA VAL Z 41 28.42 -8.04 13.02
C VAL Z 41 27.28 -7.92 14.01
N LYS Z 42 27.56 -7.56 15.27
CA LYS Z 42 26.46 -7.36 16.20
C LYS Z 42 25.80 -6.00 16.00
N THR Z 43 26.55 -4.99 15.58
CA THR Z 43 25.95 -3.70 15.27
C THR Z 43 25.11 -3.79 14.00
N TYR Z 44 25.54 -4.60 13.04
CA TYR Z 44 24.82 -4.73 11.78
C TYR Z 44 23.57 -5.59 11.92
N ILE Z 45 23.70 -6.77 12.53
CA ILE Z 45 22.58 -7.72 12.58
C ILE Z 45 21.48 -7.23 13.51
N ASN Z 46 21.86 -6.71 14.69
CA ASN Z 46 20.86 -6.25 15.65
C ASN Z 46 20.19 -4.94 15.24
N ASN Z 47 20.66 -4.28 14.19
CA ASN Z 47 19.99 -3.09 13.67
C ASN Z 47 19.34 -3.33 12.32
N LEU Z 48 19.40 -4.55 11.80
CA LEU Z 48 18.50 -4.98 10.74
C LEU Z 48 17.07 -4.93 11.26
N PRO Z 49 16.07 -4.69 10.39
CA PRO Z 49 14.70 -4.46 10.89
C PRO Z 49 14.05 -5.67 11.55
N ALA Z 50 14.60 -6.88 11.38
CA ALA Z 50 14.11 -8.02 12.15
C ALA Z 50 14.49 -7.91 13.62
N TYR Z 51 15.58 -7.21 13.94
CA TYR Z 51 16.11 -7.20 15.30
C TYR Z 51 16.24 -5.81 15.91
N ARG Z 52 15.95 -4.74 15.16
CA ARG Z 52 16.19 -3.36 15.61
C ARG Z 52 15.33 -3.04 16.83
N PRO Z 53 15.93 -2.61 17.94
CA PRO Z 53 15.20 -2.55 19.22
C PRO Z 53 14.15 -1.46 19.24
N GLY Z 54 12.94 -1.83 19.66
CA GLY Z 54 11.86 -0.89 19.86
C GLY Z 54 10.86 -0.80 18.73
N LEU Z 55 11.12 -1.45 17.59
CA LEU Z 55 10.24 -1.34 16.45
C LEU Z 55 8.92 -2.07 16.69
N THR Z 56 7.85 -1.50 16.14
CA THR Z 56 6.58 -2.19 16.09
C THR Z 56 6.69 -3.38 15.12
N PRO Z 57 5.91 -4.44 15.33
CA PRO Z 57 6.00 -5.61 14.42
C PRO Z 57 5.61 -5.30 12.99
N PHE Z 58 4.74 -4.31 12.77
CA PHE Z 58 4.38 -3.93 11.42
C PHE Z 58 5.52 -3.22 10.70
N LEU Z 59 6.23 -2.32 11.40
CA LEU Z 59 7.30 -1.57 10.75
C LEU Z 59 8.52 -2.44 10.49
N ARG Z 60 8.71 -3.49 11.30
CA ARG Z 60 9.68 -4.53 10.97
C ARG Z 60 9.35 -5.17 9.64
N GLY Z 61 8.08 -5.52 9.45
CA GLY Z 61 7.66 -6.15 8.21
C GLY Z 61 7.74 -5.23 7.01
N LEU Z 62 7.48 -3.95 7.21
CA LEU Z 62 7.45 -3.01 6.08
C LEU Z 62 8.83 -2.79 5.50
N GLU Z 63 9.85 -2.69 6.36
CA GLU Z 63 11.22 -2.52 5.86
C GLU Z 63 11.76 -3.81 5.25
N ILE Z 64 11.42 -4.96 5.84
CA ILE Z 64 11.82 -6.25 5.29
C ILE Z 64 11.14 -6.48 3.94
N GLY Z 65 9.86 -6.11 3.83
CA GLY Z 65 9.14 -6.28 2.58
C GLY Z 65 9.68 -5.40 1.46
N MET Z 66 9.83 -4.09 1.75
CA MET Z 66 10.27 -3.11 0.76
C MET Z 66 11.65 -3.44 0.19
N ALA Z 67 12.53 -4.00 1.03
CA ALA Z 67 13.83 -4.44 0.52
C ALA Z 67 13.69 -5.67 -0.36
N HIS Z 68 12.77 -6.58 -0.01
CA HIS Z 68 12.73 -7.87 -0.67
C HIS Z 68 11.93 -7.86 -1.96
N GLY Z 69 10.75 -7.23 -1.97
CA GLY Z 69 9.97 -7.13 -3.19
C GLY Z 69 10.63 -6.32 -4.28
N TYR Z 70 11.53 -5.41 -3.90
CA TYR Z 70 12.24 -4.59 -4.87
C TYR Z 70 13.20 -5.42 -5.71
N PHE Z 71 13.97 -6.31 -5.09
CA PHE Z 71 14.94 -7.07 -5.88
C PHE Z 71 14.32 -8.30 -6.53
N LEU Z 72 13.18 -8.79 -6.03
CA LEU Z 72 12.59 -10.00 -6.59
C LEU Z 72 11.94 -9.78 -7.95
N VAL Z 73 11.74 -8.52 -8.36
CA VAL Z 73 11.30 -8.24 -9.73
C VAL Z 73 12.43 -8.57 -10.70
N GLY Z 74 13.67 -8.26 -10.30
CA GLY Z 74 14.87 -8.37 -11.11
C GLY Z 74 15.16 -9.59 -11.97
N PRO Z 75 15.18 -10.81 -11.37
CA PRO Z 75 15.62 -11.99 -12.15
C PRO Z 75 14.77 -12.33 -13.36
N GLU Z 76 13.44 -12.28 -13.27
CA GLU Z 76 12.62 -12.62 -14.42
C GLU Z 76 12.63 -11.55 -15.51
N VAL Z 77 13.00 -10.31 -15.16
CA VAL Z 77 13.13 -9.26 -16.16
C VAL Z 77 14.29 -9.55 -17.11
N VAL Z 78 15.41 -10.03 -16.56
CA VAL Z 78 16.63 -10.16 -17.35
C VAL Z 78 16.78 -11.55 -17.95
N VAL Z 79 16.48 -12.61 -17.20
CA VAL Z 79 16.72 -13.97 -17.67
C VAL Z 79 15.43 -14.77 -17.84
N GLY Z 80 14.25 -14.17 -17.64
CA GLY Z 80 13.01 -14.90 -17.70
C GLY Z 80 12.52 -15.11 -19.12
N PRO Z 81 11.36 -15.75 -19.25
CA PRO Z 81 10.85 -16.09 -20.59
C PRO Z 81 10.25 -14.92 -21.37
N LEU Z 82 10.03 -13.78 -20.73
CA LEU Z 82 9.48 -12.60 -21.39
C LEU Z 82 10.55 -11.59 -21.76
N ARG Z 83 11.83 -11.96 -21.64
CA ARG Z 83 12.93 -11.01 -21.65
C ARG Z 83 13.22 -10.41 -23.03
N GLU Z 84 12.60 -10.92 -24.10
CA GLU Z 84 12.89 -10.38 -25.43
C GLU Z 84 12.25 -9.02 -25.66
N THR Z 85 11.16 -8.72 -24.95
CA THR Z 85 10.51 -7.42 -25.01
C THR Z 85 10.55 -6.78 -23.63
N ALA Z 86 10.67 -5.46 -23.61
CA ALA Z 86 10.87 -4.75 -22.35
C ALA Z 86 9.61 -4.71 -21.50
N HIS Z 87 8.46 -4.45 -22.12
CA HIS Z 87 7.22 -4.33 -21.34
C HIS Z 87 6.76 -5.69 -20.83
N GLY Z 88 6.96 -6.75 -21.60
CA GLY Z 88 6.59 -8.07 -21.14
C GLY Z 88 7.49 -8.57 -20.02
N ALA Z 89 8.78 -8.23 -20.09
CA ALA Z 89 9.72 -8.69 -19.07
C ALA Z 89 9.47 -8.02 -17.73
N ASN Z 90 9.06 -6.75 -17.74
CA ASN Z 90 8.78 -6.05 -16.49
C ASN Z 90 7.50 -6.58 -15.84
N LEU Z 91 6.52 -6.95 -16.65
CA LEU Z 91 5.26 -7.47 -16.12
C LEU Z 91 5.45 -8.86 -15.51
N SER Z 92 6.24 -9.71 -16.16
CA SER Z 92 6.49 -11.05 -15.63
C SER Z 92 7.38 -11.00 -14.40
N GLY Z 93 8.26 -10.00 -14.30
CA GLY Z 93 9.03 -9.81 -13.08
C GLY Z 93 8.20 -9.29 -11.93
N LEU Z 94 7.21 -8.45 -12.22
CA LEU Z 94 6.31 -7.96 -11.17
C LEU Z 94 5.42 -9.07 -10.64
N ILE Z 95 4.89 -9.91 -11.54
CA ILE Z 95 3.99 -10.99 -11.15
C ILE Z 95 4.75 -12.06 -10.36
N THR Z 96 6.02 -12.27 -10.69
CA THR Z 96 6.86 -13.19 -9.93
C THR Z 96 7.08 -12.70 -8.51
N ALA Z 97 7.34 -11.40 -8.35
CA ALA Z 97 7.51 -10.84 -7.01
C ALA Z 97 6.19 -10.81 -6.24
N ILE Z 98 5.07 -10.65 -6.94
CA ILE Z 98 3.76 -10.67 -6.29
C ILE Z 98 3.42 -12.08 -5.80
N TYR Z 99 3.68 -13.08 -6.64
CA TYR Z 99 3.34 -14.46 -6.31
C TYR Z 99 4.20 -15.01 -5.18
N ILE Z 100 5.49 -14.64 -5.16
CA ILE Z 100 6.37 -15.08 -4.09
C ILE Z 100 5.99 -14.42 -2.78
N THR Z 101 5.57 -13.15 -2.83
CA THR Z 101 5.20 -12.40 -1.63
C THR Z 101 3.93 -12.95 -0.99
N VAL Z 102 2.90 -13.23 -1.81
CA VAL Z 102 1.65 -13.79 -1.30
C VAL Z 102 1.88 -15.17 -0.71
N SER Z 103 2.72 -15.97 -1.38
CA SER Z 103 3.04 -17.31 -0.88
C SER Z 103 3.83 -17.25 0.41
N ALA Z 104 4.79 -16.32 0.51
CA ALA Z 104 5.59 -16.21 1.73
C ALA Z 104 4.77 -15.63 2.88
N CYS Z 105 3.89 -14.68 2.60
CA CYS Z 105 3.07 -14.09 3.65
C CYS Z 105 1.94 -15.01 4.07
N LEU Z 106 1.49 -15.89 3.17
CA LEU Z 106 0.60 -16.97 3.57
C LEU Z 106 1.33 -17.94 4.51
N GLY Z 107 2.61 -18.18 4.23
CA GLY Z 107 3.39 -19.04 5.10
C GLY Z 107 3.65 -18.43 6.47
N ILE Z 108 3.85 -17.11 6.52
CA ILE Z 108 4.04 -16.42 7.80
C ILE Z 108 2.77 -16.50 8.64
N SER Z 109 1.61 -16.34 8.00
CA SER Z 109 0.34 -16.37 8.73
C SER Z 109 0.01 -17.76 9.25
N ILE Z 110 0.19 -18.80 8.41
CA ILE Z 110 -0.12 -20.15 8.86
C ILE Z 110 0.95 -20.70 9.80
N PHE Z 111 2.16 -20.14 9.78
CA PHE Z 111 3.13 -20.44 10.84
C PHE Z 111 2.61 -19.96 12.19
N ALA Z 112 2.10 -18.72 12.24
CA ALA Z 112 1.62 -18.15 13.48
C ALA Z 112 0.35 -18.83 13.96
N LEU Z 113 -0.51 -19.27 13.03
CA LEU Z 113 -1.73 -19.97 13.42
C LEU Z 113 -1.43 -21.36 13.95
N ALA Z 114 -0.34 -21.98 13.52
CA ALA Z 114 0.05 -23.31 13.97
C ALA Z 114 0.90 -23.27 15.23
N THR Z 115 1.82 -22.30 15.33
CA THR Z 115 2.78 -22.27 16.44
C THR Z 115 2.12 -21.82 17.74
N PHE Z 116 1.39 -20.71 17.71
CA PHE Z 116 0.89 -20.08 18.93
C PHE Z 116 -0.49 -20.67 19.25
N GLN Z 117 -0.45 -21.89 19.76
CA GLN Z 117 -1.63 -22.59 20.27
C GLN Z 117 -1.30 -23.00 21.70
N GLY Z 118 -1.76 -22.21 22.66
CA GLY Z 118 -1.32 -22.41 24.03
C GLY Z 118 0.12 -21.95 24.18
N ASP Z 119 0.87 -22.67 24.99
CA ASP Z 119 2.31 -22.45 25.06
C ASP Z 119 2.97 -23.17 23.89
N PRO Z 120 3.66 -22.45 23.00
CA PRO Z 120 4.24 -23.11 21.83
C PRO Z 120 5.41 -24.01 22.21
N ARG Z 121 5.67 -24.97 21.33
CA ARG Z 121 6.83 -25.83 21.48
C ARG Z 121 8.05 -25.17 20.85
N GLY Z 122 9.22 -25.53 21.35
CA GLY Z 122 10.45 -25.09 20.76
C GLY Z 122 10.82 -23.65 21.04
N ALA Z 123 11.26 -22.93 20.01
CA ALA Z 123 11.89 -21.62 20.18
C ALA Z 123 10.92 -20.52 20.55
N TYR Z 124 9.61 -20.74 20.45
CA TYR Z 124 8.63 -19.72 20.81
C TYR Z 124 7.91 -20.05 22.10
N ASN Z 125 8.41 -21.03 22.84
CA ASN Z 125 7.98 -21.29 24.21
C ASN Z 125 8.31 -20.10 25.10
N SER Z 126 7.56 -19.99 26.20
CA SER Z 126 7.78 -18.92 27.17
C SER Z 126 9.12 -19.05 27.90
N ASN Z 127 9.71 -20.25 27.94
CA ASN Z 127 10.99 -20.47 28.58
C ASN Z 127 12.17 -20.41 27.61
N SER Z 128 11.94 -20.07 26.35
CA SER Z 128 13.00 -20.12 25.35
C SER Z 128 13.88 -18.88 25.45
N PRO Z 129 15.20 -19.03 25.68
CA PRO Z 129 16.10 -17.88 25.62
C PRO Z 129 16.69 -17.67 24.24
N ASP Z 130 15.86 -17.72 23.20
CA ASP Z 130 16.34 -17.62 21.82
C ASP Z 130 16.43 -16.14 21.47
N ARG Z 131 17.66 -15.60 21.48
CA ARG Z 131 17.87 -14.21 21.09
C ARG Z 131 17.63 -14.00 19.60
N LEU Z 132 17.84 -15.03 18.80
CA LEU Z 132 17.67 -14.93 17.36
C LEU Z 132 16.21 -15.01 16.93
N ARG Z 133 15.30 -15.40 17.82
CA ARG Z 133 13.87 -15.47 17.50
C ARG Z 133 13.09 -14.70 18.55
N PRO Z 134 13.04 -13.37 18.45
CA PRO Z 134 12.45 -12.55 19.51
C PRO Z 134 10.98 -12.19 19.34
N LEU Z 135 10.35 -12.54 18.23
CA LEU Z 135 8.94 -12.22 17.98
C LEU Z 135 8.09 -13.30 18.64
N ARG Z 136 7.73 -13.08 19.90
CA ARG Z 136 7.28 -14.15 20.78
C ARG Z 136 5.77 -14.19 20.97
N SER Z 137 5.01 -13.39 20.24
CA SER Z 137 3.57 -13.42 20.34
C SER Z 137 2.98 -13.51 18.94
N LYS Z 138 1.73 -13.99 18.87
CA LYS Z 138 1.11 -14.19 17.58
C LYS Z 138 0.66 -12.86 16.95
N ASP Z 139 0.38 -11.84 17.77
CA ASP Z 139 0.03 -10.56 17.19
C ASP Z 139 1.23 -9.82 16.64
N GLY Z 140 2.43 -10.15 17.13
CA GLY Z 140 3.63 -9.67 16.46
C GLY Z 140 3.87 -10.35 15.13
N TRP Z 141 3.44 -11.60 15.01
CA TRP Z 141 3.64 -12.33 13.77
C TRP Z 141 2.62 -11.93 12.70
N PHE Z 142 1.38 -11.65 13.10
CA PHE Z 142 0.36 -11.23 12.14
C PHE Z 142 0.60 -9.81 11.66
N GLN Z 143 1.18 -8.95 12.52
CA GLN Z 143 1.53 -7.61 12.07
C GLN Z 143 2.78 -7.62 11.20
N LEU Z 144 3.69 -8.55 11.44
CA LEU Z 144 4.83 -8.72 10.54
C LEU Z 144 4.39 -9.27 9.20
N SER Z 145 3.37 -10.14 9.19
CA SER Z 145 2.85 -10.70 7.94
C SER Z 145 2.22 -9.61 7.07
N GLY Z 146 1.41 -8.74 7.69
CA GLY Z 146 0.82 -7.65 6.94
C GLY Z 146 1.82 -6.59 6.54
N GLY Z 147 2.86 -6.40 7.34
CA GLY Z 147 3.92 -5.47 6.97
C GLY Z 147 4.75 -5.96 5.81
N ILE Z 148 5.07 -7.26 5.79
CA ILE Z 148 5.86 -7.82 4.70
C ILE Z 148 5.07 -7.82 3.41
N LEU Z 149 3.76 -8.08 3.50
CA LEU Z 149 2.89 -8.06 2.33
C LEU Z 149 2.82 -6.67 1.71
N LEU Z 150 2.58 -5.65 2.53
CA LEU Z 150 2.42 -4.30 2.00
C LEU Z 150 3.76 -3.72 1.54
N GLY Z 151 4.85 -4.06 2.22
CA GLY Z 151 6.14 -3.56 1.82
C GLY Z 151 6.65 -4.21 0.54
N SER Z 152 6.50 -5.53 0.44
CA SER Z 152 7.00 -6.24 -0.74
C SER Z 152 6.14 -6.01 -1.96
N MET Z 153 4.84 -5.76 -1.77
CA MET Z 153 4.02 -5.32 -2.89
C MET Z 153 4.42 -3.93 -3.34
N GLY Z 154 4.71 -3.04 -2.39
CA GLY Z 154 5.11 -1.70 -2.74
C GLY Z 154 6.50 -1.63 -3.35
N GLY Z 155 7.43 -2.42 -2.81
CA GLY Z 155 8.77 -2.50 -3.39
C GLY Z 155 8.78 -3.12 -4.77
N ALA Z 156 7.88 -4.08 -5.02
CA ALA Z 156 7.81 -4.70 -6.34
C ALA Z 156 7.23 -3.74 -7.37
N ILE Z 157 6.15 -3.03 -7.01
CA ILE Z 157 5.56 -2.09 -7.95
C ILE Z 157 6.42 -0.84 -8.09
N PHE Z 158 7.30 -0.55 -7.12
CA PHE Z 158 8.27 0.52 -7.30
C PHE Z 158 9.33 0.13 -8.32
N ALA Z 159 9.86 -1.09 -8.21
CA ALA Z 159 10.80 -1.58 -9.21
C ALA Z 159 10.14 -1.74 -10.57
N TYR Z 160 8.85 -2.09 -10.59
CA TYR Z 160 8.12 -2.21 -11.85
C TYR Z 160 7.94 -0.84 -12.52
N VAL Z 161 7.67 0.20 -11.73
CA VAL Z 161 7.45 1.53 -12.30
C VAL Z 161 8.76 2.12 -12.80
N LEU Z 162 9.87 1.85 -12.11
CA LEU Z 162 11.18 2.32 -12.57
C LEU Z 162 11.62 1.59 -13.83
N LEU Z 163 11.32 0.29 -13.95
CA LEU Z 163 11.74 -0.46 -15.12
C LEU Z 163 10.82 -0.22 -16.31
N GLU Z 164 9.53 0.03 -16.07
CA GLU Z 164 8.62 0.36 -17.17
C GLU Z 164 8.93 1.72 -17.77
N ASN Z 165 9.41 2.65 -16.95
CA ASN Z 165 9.77 3.98 -17.39
C ASN Z 165 11.27 4.16 -17.52
N PHE Z 166 11.98 3.09 -17.93
CA PHE Z 166 13.43 3.13 -17.99
C PHE Z 166 13.95 4.07 -19.08
N GLY Z 167 13.17 4.25 -20.15
CA GLY Z 167 13.60 5.16 -21.20
C GLY Z 167 13.58 6.60 -20.77
N ASP Z 168 12.57 7.01 -20.01
CA ASP Z 168 12.55 8.36 -19.46
C ASP Z 168 13.46 8.51 -18.26
N LEU Z 169 13.69 7.42 -17.51
CA LEU Z 169 14.58 7.48 -16.35
C LEU Z 169 16.04 7.50 -16.77
N ASP Z 170 16.38 6.83 -17.88
CA ASP Z 170 17.73 6.96 -18.43
C ASP Z 170 17.97 8.34 -19.01
N ALA Z 171 16.94 8.96 -19.59
CA ALA Z 171 17.07 10.31 -20.12
C ALA Z 171 17.19 11.33 -19.00
N ILE Z 172 16.60 11.05 -17.84
CA ILE Z 172 16.76 11.93 -16.68
C ILE Z 172 18.20 11.89 -16.18
N LEU Z 173 18.77 10.69 -16.06
CA LEU Z 173 20.08 10.51 -15.46
C LEU Z 173 21.22 10.86 -16.41
N ARG Z 174 20.94 11.20 -17.66
CA ARG Z 174 21.95 11.69 -18.59
C ARG Z 174 21.70 13.14 -18.99
N GLY Z 175 20.73 13.80 -18.37
CA GLY Z 175 20.45 15.19 -18.70
C GLY Z 175 19.77 15.43 -20.02
N ALA Z 176 19.21 14.39 -20.65
CA ALA Z 176 18.53 14.54 -21.93
C ALA Z 176 17.20 15.27 -21.82
N VAL Z 177 16.69 15.45 -20.60
CA VAL Z 177 15.44 16.19 -20.38
C VAL Z 177 15.65 17.68 -20.33
N ASN Z 178 16.86 18.17 -20.54
CA ASN Z 178 17.18 19.59 -20.50
C ASN Z 178 17.34 20.20 -21.89
N VAL Z 179 16.97 19.46 -22.93
CA VAL Z 179 17.10 19.94 -24.30
C VAL Z 179 16.06 21.03 -24.59
N MET AA 1 -20.37 -33.71 -35.05
CA MET AA 1 -19.59 -32.68 -34.37
C MET AA 1 -19.46 -32.98 -32.88
N THR AA 2 -18.56 -32.27 -32.22
CA THR AA 2 -18.32 -32.47 -30.80
C THR AA 2 -19.32 -31.65 -29.98
N LEU AA 3 -19.05 -31.50 -28.69
CA LEU AA 3 -19.98 -30.90 -27.75
C LEU AA 3 -20.20 -29.42 -28.03
N SER AA 4 -21.32 -28.91 -27.55
CA SER AA 4 -21.59 -27.48 -27.66
C SER AA 4 -21.23 -26.82 -26.32
N GLU AA 5 -21.26 -25.49 -26.32
CA GLU AA 5 -20.94 -24.76 -25.10
C GLU AA 5 -22.03 -24.92 -24.04
N THR AA 6 -23.27 -25.11 -24.45
CA THR AA 6 -24.32 -25.40 -23.47
C THR AA 6 -24.23 -26.83 -22.95
N GLN AA 7 -23.61 -27.75 -23.67
CA GLN AA 7 -23.46 -29.10 -23.17
C GLN AA 7 -22.36 -29.19 -22.12
N VAL AA 8 -21.28 -28.42 -22.31
CA VAL AA 8 -20.18 -28.41 -21.36
C VAL AA 8 -20.62 -27.75 -20.06
N PHE AA 9 -21.42 -26.68 -20.15
CA PHE AA 9 -21.88 -25.97 -18.96
C PHE AA 9 -22.91 -26.79 -18.19
N VAL AA 10 -23.68 -27.63 -18.88
CA VAL AA 10 -24.59 -28.56 -18.21
C VAL AA 10 -23.80 -29.59 -17.39
N ALA AA 11 -22.72 -30.11 -17.97
CA ALA AA 11 -21.90 -31.10 -17.26
C ALA AA 11 -21.18 -30.49 -16.05
N LEU AA 12 -20.81 -29.21 -16.14
CA LEU AA 12 -20.16 -28.55 -15.01
C LEU AA 12 -21.14 -28.29 -13.87
N VAL AA 13 -22.40 -27.97 -14.20
CA VAL AA 13 -23.40 -27.70 -13.18
C VAL AA 13 -23.86 -29.01 -12.54
N ILE AA 14 -24.00 -30.08 -13.33
CA ILE AA 14 -24.42 -31.37 -12.80
C ILE AA 14 -23.34 -31.96 -11.90
N ALA AA 15 -22.07 -31.74 -12.23
CA ALA AA 15 -20.96 -32.27 -11.44
C ALA AA 15 -20.81 -31.63 -10.06
N LEU AA 16 -21.51 -30.52 -9.80
CA LEU AA 16 -21.58 -29.99 -8.44
C LEU AA 16 -22.37 -30.90 -7.52
N VAL AA 17 -23.24 -31.74 -8.05
CA VAL AA 17 -24.06 -32.66 -7.24
C VAL AA 17 -23.20 -33.81 -6.68
N PRO AA 18 -22.34 -34.52 -7.44
CA PRO AA 18 -21.42 -35.43 -6.75
C PRO AA 18 -20.29 -34.73 -6.02
N ALA AA 19 -20.04 -33.45 -6.27
CA ALA AA 19 -19.08 -32.72 -5.46
C ALA AA 19 -19.60 -32.48 -4.06
N ILE AA 20 -20.89 -32.15 -3.94
CA ILE AA 20 -21.51 -31.94 -2.63
C ILE AA 20 -21.72 -33.26 -1.93
N LEU AA 21 -22.11 -34.30 -2.67
CA LEU AA 21 -22.37 -35.60 -2.05
C LEU AA 21 -21.09 -36.32 -1.65
N ALA AA 22 -19.96 -36.02 -2.29
CA ALA AA 22 -18.69 -36.54 -1.83
C ALA AA 22 -18.19 -35.80 -0.61
N PHE AA 23 -18.55 -34.52 -0.47
CA PHE AA 23 -18.17 -33.77 0.72
C PHE AA 23 -18.91 -34.29 1.94
N ARG AA 24 -20.20 -34.56 1.81
CA ARG AA 24 -20.95 -35.06 2.95
C ARG AA 24 -20.68 -36.53 3.23
N LEU AA 25 -20.16 -37.28 2.25
CA LEU AA 25 -19.70 -38.63 2.54
C LEU AA 25 -18.34 -38.60 3.23
N SER AA 26 -17.47 -37.67 2.83
CA SER AA 26 -16.14 -37.58 3.44
C SER AA 26 -16.24 -37.13 4.89
N THR AA 27 -17.09 -36.15 5.19
CA THR AA 27 -17.24 -35.68 6.57
C THR AA 27 -18.02 -36.67 7.42
N GLU AA 28 -18.81 -37.55 6.81
CA GLU AA 28 -19.50 -38.59 7.56
C GLU AA 28 -18.61 -39.79 7.83
N LEU AA 29 -17.62 -40.04 6.97
CA LEU AA 29 -16.76 -41.21 7.14
C LEU AA 29 -15.84 -41.03 8.35
N TYR AA 30 -15.16 -39.88 8.44
CA TYR AA 30 -14.93 -39.06 9.64
C TYR AA 30 -14.17 -37.78 9.29
N LYS AA 31 -13.74 -37.07 10.32
CA LYS AA 31 -12.73 -36.01 10.21
C LYS AA 31 -11.51 -36.42 9.40
MG CL0 BA . -55.69 8.45 -15.76
CHA CL0 BA . -55.89 5.02 -15.18
CHB CL0 BA . -55.72 8.95 -12.44
CHC CL0 BA . -54.85 11.68 -16.40
CHD CL0 BA . -55.33 7.71 -19.33
NA CL0 BA . -55.73 7.22 -14.11
C1A CL0 BA . -55.91 5.94 -13.99
C2A CL0 BA . -56.13 5.40 -12.61
C3A CL0 BA . -56.17 6.68 -11.84
C4A CL0 BA . -55.82 7.69 -12.86
CMA CL0 BA . -57.67 6.82 -11.86
CAA CL0 BA . -54.88 4.77 -11.99
CBA CL0 BA . -55.10 4.27 -10.57
CGA CL0 BA . -53.86 3.57 -10.03
O1A CL0 BA . -53.71 3.39 -8.83
O2A CL0 BA . -52.82 3.11 -10.92
NB CL0 BA . -55.36 10.07 -14.58
C1B CL0 BA . -55.38 10.13 -13.25
C2B CL0 BA . -54.97 11.45 -12.67
C3B CL0 BA . -54.70 12.24 -13.90
C4B CL0 BA . -54.99 11.29 -14.99
CMB CL0 BA . -54.86 11.86 -11.23
CAB CL0 BA . -54.28 13.63 -14.12
CBB CL0 BA . -54.81 14.66 -13.48
NC CL0 BA . -55.16 9.45 -17.49
C1C CL0 BA . -54.93 10.76 -17.54
C2C CL0 BA . -54.72 11.32 -18.91
C3C CL0 BA . -54.88 10.13 -19.77
C4C CL0 BA . -55.14 9.06 -18.78
CMC CL0 BA . -54.45 12.74 -19.31
CAC CL0 BA . -54.78 10.02 -21.27
CBC CL0 BA . -56.19 10.09 -21.82
ND CL0 BA . -55.59 6.85 -17.01
C1D CL0 BA . -55.51 6.60 -18.40
C2D CL0 BA . -55.61 5.20 -18.81
C3D CL0 BA . -55.76 4.55 -17.48
C4D CL0 BA . -55.70 5.56 -16.53
CMD CL0 BA . -55.58 4.50 -20.14
CAD CL0 BA . -55.95 3.26 -16.77
OBD CL0 BA . -56.01 2.10 -17.31
CBD CL0 BA . -56.01 3.53 -15.31
CGD CL0 BA . -54.88 2.75 -14.71
O1D CL0 BA . -53.72 3.09 -14.79
O2D CL0 BA . -55.20 1.54 -13.99
CED CL0 BA . -54.13 0.76 -13.49
C1 CL0 BA . -51.60 2.62 -10.39
C2 CL0 BA . -50.51 2.94 -11.39
C3 CL0 BA . -50.08 2.02 -12.25
C4 CL0 BA . -50.62 0.62 -12.26
C5 CL0 BA . -49.00 2.38 -13.23
C6 CL0 BA . -49.48 2.21 -14.67
C7 CL0 BA . -48.88 3.28 -15.57
C8 CL0 BA . -47.37 3.17 -15.63
C9 CL0 BA . -46.78 4.33 -16.42
C10 CL0 BA . -46.97 1.84 -16.24
C11 CL0 BA . -45.49 1.56 -15.99
C12 CL0 BA . -45.22 0.06 -16.07
C13 CL0 BA . -43.76 -0.27 -15.81
C14 CL0 BA . -43.43 -1.69 -16.26
C15 CL0 BA . -43.39 -0.05 -14.35
C16 CL0 BA . -44.35 -0.73 -13.36
C17 CL0 BA . -43.60 -1.23 -12.13
C18 CL0 BA . -44.27 -0.93 -10.81
C19 CL0 BA . -43.68 -1.79 -9.71
C20 CL0 BA . -45.79 -1.11 -10.83
MG CLA CA . -47.15 2.98 -8.50
CHA CLA CA . -47.42 5.79 -10.43
CHB CLA CA . -44.03 2.54 -9.69
CHC CLA CA . -46.66 0.70 -6.02
CHD CLA CA . -50.46 3.72 -7.08
NA CLA CA . -45.90 4.02 -9.80
C1A CLA CA . -46.20 4.93 -10.64
C2A CLA CA . -45.16 5.24 -11.70
C3A CLA CA . -44.14 4.15 -11.44
C4A CLA CA . -44.73 3.53 -10.23
CMA CLA CA . -44.23 3.16 -12.59
CAA CLA CA . -44.30 6.45 -11.29
CBA CLA CA . -43.72 7.23 -12.46
CGA CLA CA . -42.25 6.93 -12.58
O1A CLA CA . -41.67 6.26 -11.74
O2A CLA CA . -41.50 7.43 -13.70
NB CLA CA . -45.64 1.72 -8.02
C1B CLA CA . -44.40 1.82 -8.48
C2B CLA CA . -43.34 1.31 -7.57
C3B CLA CA . -44.14 0.77 -6.45
C4B CLA CA . -45.53 1.07 -6.87
CMB CLA CA . -41.87 1.34 -7.78
CAB CLA CA . -43.80 0.07 -5.19
CBB CLA CA . -42.64 -0.44 -4.90
NC CLA CA . -48.28 2.41 -6.86
C1C CLA CA . -47.96 1.37 -6.07
C2C CLA CA . -49.04 0.86 -5.19
C3C CLA CA . -50.17 1.76 -5.52
C4C CLA CA . -49.58 2.67 -6.54
CMC CLA CA . -49.01 -0.28 -4.22
CAC CLA CA . -51.56 1.76 -4.95
CBC CLA CA . -52.35 0.80 -5.80
ND CLA CA . -48.65 4.34 -8.67
C1D CLA CA . -49.88 4.67 -8.03
C2D CLA CA . -50.46 5.97 -8.40
C3D CLA CA . -49.44 6.44 -9.38
C4D CLA CA . -48.45 5.47 -9.43
CMD CLA CA . -51.70 6.74 -8.01
CAD CLA CA . -49.01 7.53 -10.30
OBD CLA CA . -49.61 8.64 -10.53
CBD CLA CA . -47.76 7.13 -10.97
CGD CLA CA . -48.16 6.92 -12.40
O1D CLA CA . -48.70 5.89 -12.76
O2D CLA CA . -47.90 7.94 -13.40
CED CLA CA . -48.50 7.81 -14.69
C1 CLA CA . -40.11 7.09 -13.79
C2 CLA CA . -39.28 8.02 -12.94
C3 CLA CA . -38.38 8.84 -13.49
C4 CLA CA . -38.13 8.87 -14.97
C5 CLA CA . -37.59 9.72 -12.58
C6 CLA CA . -36.50 8.85 -11.96
C7 CLA CA . -36.04 9.35 -10.60
C8 CLA CA . -35.04 8.35 -10.06
C9 CLA CA . -35.70 7.00 -9.83
C10 CLA CA . -34.45 8.85 -8.75
C11 CLA CA . -33.63 10.10 -9.02
C12 CLA CA . -32.44 10.19 -8.08
C13 CLA CA . -31.69 11.46 -8.42
C14 CLA CA . -30.98 11.31 -9.77
C15 CLA CA . -30.70 11.82 -7.34
C16 CLA CA . -30.38 13.30 -7.44
C17 CLA CA . -29.47 13.76 -6.30
C18 CLA CA . -29.01 15.18 -6.54
C19 CLA CA . -28.24 15.29 -7.85
C20 CLA CA . -28.15 15.66 -5.38
MG CLA DA . -63.39 15.83 -0.10
CHA CLA DA . -65.21 17.92 2.02
CHB CLA DA . -66.00 15.78 -2.20
CHC CLA DA . -61.36 14.32 -2.37
CHD CLA DA . -60.56 16.21 2.18
NA CLA DA . -65.25 16.73 -0.13
C1A CLA DA . -65.87 17.42 0.76
C2A CLA DA . -67.32 17.73 0.44
C3A CLA DA . -67.51 16.97 -0.84
C4A CLA DA . -66.14 16.46 -1.07
CMA CLA DA . -68.37 15.76 -0.48
CAA CLA DA . -67.36 19.21 -0.01
CBA CLA DA . -68.74 19.87 -0.12
CGA CLA DA . -69.31 19.69 -1.51
O1A CLA DA . -68.71 20.11 -2.48
O2A CLA DA . -70.53 18.93 -1.67
NB CLA DA . -63.66 15.12 -1.99
C1B CLA DA . -64.77 15.19 -2.70
C2B CLA DA . -64.66 14.75 -4.11
C3B CLA DA . -63.24 14.31 -4.16
C4B CLA DA . -62.74 14.59 -2.78
CMB CLA DA . -65.78 14.76 -5.11
CAB CLA DA . -62.39 13.73 -5.24
CBB CLA DA . -62.82 13.39 -6.43
NC CLA DA . -61.38 15.43 -0.10
C1C CLA DA . -60.78 14.73 -1.07
C2C CLA DA . -59.39 14.33 -0.76
C3C CLA DA . -59.15 14.88 0.58
C4C CLA DA . -60.44 15.53 0.88
CMC CLA DA . -58.44 13.54 -1.60
CAC CLA DA . -57.91 14.82 1.44
CBC CLA DA . -58.14 13.71 2.44
ND CLA DA . -62.90 16.79 1.62
C1D CLA DA . -61.80 16.87 2.51
C2D CLA DA . -61.97 17.67 3.72
C3D CLA DA . -63.38 18.12 3.52
C4D CLA DA . -63.81 17.59 2.30
CMD CLA DA . -61.05 17.97 4.86
CAD CLA DA . -64.52 18.89 4.10
OBD CLA DA . -64.50 19.55 5.20
CBD CLA DA . -65.64 18.81 3.14
CGD CLA DA . -67.00 18.63 3.74
O1D CLA DA . -67.47 17.54 3.99
O2D CLA DA . -67.81 19.81 3.97
CED CLA DA . -69.20 19.69 4.27
C1 CLA DA . -70.91 18.38 -2.93
C2 CLA DA . -70.61 16.90 -3.03
C3 CLA DA . -69.79 16.40 -3.97
C4 CLA DA . -69.14 17.29 -4.98
C5 CLA DA . -69.53 14.91 -4.00
C6 CLA DA . -70.79 14.10 -3.78
C7 CLA DA . -70.94 13.03 -4.85
C8 CLA DA . -72.01 13.32 -5.91
C9 CLA DA . -73.19 14.11 -5.36
C10 CLA DA . -72.49 11.98 -6.49
C11 CLA DA . -73.30 11.18 -5.47
MG CLA EA . -80.05 -2.93 4.72
CHA CLA EA . -80.07 0.47 5.48
CHB CLA EA . -78.67 -2.18 1.74
CHC CLA EA . -80.50 -6.19 3.87
CHD CLA EA . -81.84 -3.54 7.90
NA CLA EA . -79.50 -1.17 3.75
C1A CLA EA . -79.47 0.05 4.16
C2A CLA EA . -78.84 1.06 3.22
C3A CLA EA . -78.42 0.18 2.06
C4A CLA EA . -78.90 -1.16 2.56
CMA CLA EA . -79.18 0.55 0.79
CAA CLA EA . -77.54 1.69 3.74
CBA CLA EA . -77.65 3.22 3.76
CGA CLA EA . -78.19 3.73 2.45
O1A CLA EA . -77.60 3.56 1.40
O2A CLA EA . -79.46 4.46 2.43
NB CLA EA . -79.66 -4.01 3.03
C1B CLA EA . -79.03 -3.60 1.94
C2B CLA EA . -78.71 -4.66 0.95
C3B CLA EA . -79.26 -5.85 1.61
C4B CLA EA . -79.84 -5.33 2.89
CMB CLA EA . -77.99 -4.55 -0.37
CAB CLA EA . -79.27 -7.26 1.15
CBB CLA EA . -80.10 -7.65 0.18
NC CLA EA . -81.00 -4.49 5.67
C1C CLA EA . -81.02 -5.75 5.19
C2C CLA EA . -81.63 -6.76 6.09
C3C CLA EA . -82.03 -5.97 7.26
C4C CLA EA . -81.58 -4.60 6.90
CMC CLA EA . -81.82 -8.24 5.86
CAC CLA EA . -82.70 -6.42 8.53
CBC CLA EA . -84.19 -6.32 8.28
ND CLA EA . -80.81 -1.91 6.31
C1D CLA EA . -81.48 -2.17 7.55
C2D CLA EA . -81.76 -0.98 8.39
C3D CLA EA . -81.18 0.08 7.52
C4D CLA EA . -80.68 -0.53 6.38
CMD CLA EA . -82.41 -0.73 9.72
CAD CLA EA . -80.93 1.54 7.41
OBD CLA EA . -81.27 2.43 8.28
CBD CLA EA . -80.25 1.82 6.12
CGD CLA EA . -81.27 2.56 5.29
O1D CLA EA . -81.31 3.78 5.29
O2D CLA EA . -82.24 1.80 4.53
CED CLA EA . -83.63 1.99 4.73
MG CLA FA . -77.33 -12.30 3.15
CHA CLA FA . -78.99 -12.93 6.16
CHB CLA FA . -77.89 -15.50 2.26
CHC CLA FA . -76.14 -11.50 0.06
CHD CLA FA . -77.09 -8.75 4.14
NA CLA FA . -78.31 -13.92 4.02
C1A CLA FA . -78.82 -14.07 5.19
C2A CLA FA . -79.25 -15.49 5.54
C3A CLA FA . -78.85 -16.26 4.30
C4A CLA FA . -78.31 -15.14 3.47
CMA CLA FA . -77.68 -17.17 4.63
CAA CLA FA . -80.76 -15.71 5.70
CBA CLA FA . -81.59 -15.23 4.50
CGA CLA FA . -82.97 -15.83 4.50
O1A CLA FA . -83.14 -17.02 4.73
O2A CLA FA . -84.12 -14.99 4.20
NB CLA FA . -77.03 -13.35 1.43
C1B CLA FA . -77.33 -14.63 1.22
C2B CLA FA . -77.12 -15.12 -0.16
C3B CLA FA . -76.59 -13.90 -0.82
C4B CLA FA . -76.58 -12.88 0.27
CMB CLA FA . -77.37 -16.51 -0.71
CAB CLA FA . -76.16 -13.73 -2.23
CBB CLA FA . -75.27 -14.53 -2.77
NC CLA FA . -76.78 -10.50 2.31
C1C CLA FA . -76.26 -10.40 1.06
C2C CLA FA . -75.79 -9.03 0.70
C3C CLA FA . -76.06 -8.24 1.90
C4C CLA FA . -76.68 -9.25 2.82
CMC CLA FA . -75.16 -8.54 -0.57
CAC CLA FA . -75.82 -6.77 2.16
CBC CLA FA . -74.46 -6.65 2.82
ND CLA FA . -77.88 -11.07 4.67
C1D CLA FA . -77.74 -9.69 5.06
C2D CLA FA . -78.28 -9.33 6.38
C3D CLA FA . -78.80 -10.66 6.82
C4D CLA FA . -78.54 -11.56 5.79
CMD CLA FA . -78.37 -8.06 7.20
CAD CLA FA . -79.49 -11.39 7.91
OBD CLA FA . -79.88 -10.87 9.02
CBD CLA FA . -79.64 -12.81 7.50
CGD CLA FA . -79.12 -13.72 8.58
O1D CLA FA . -79.59 -14.83 8.75
O2D CLA FA . -78.09 -13.26 9.50
CED CLA FA . -77.94 -13.93 10.75
MG CLA GA . -69.39 -20.50 1.75
CHA CLA GA . -67.57 -22.25 -0.65
CHB CLA GA . -71.17 -19.11 -0.74
CHC CLA GA . -70.87 -18.52 4.08
CHD CLA GA . -66.92 -21.58 4.27
NA CLA GA . -69.35 -20.61 -0.32
C1A CLA GA . -68.69 -21.36 -1.12
C2A CLA GA . -69.14 -21.34 -2.57
C3A CLA GA . -70.22 -20.27 -2.51
C4A CLA GA . -70.24 -19.98 -1.07
CMA CLA GA . -69.62 -19.06 -3.20
CAA CLA GA . -69.88 -22.68 -2.90
CBA CLA GA . -71.16 -22.65 -3.75
CGA CLA GA . -70.82 -22.28 -5.16
O1A CLA GA . -71.52 -21.52 -5.80
O2A CLA GA . -69.58 -22.79 -5.71
NB CLA GA . -70.80 -19.02 1.66
C1B CLA GA . -71.45 -18.58 0.59
C2B CLA GA . -72.53 -17.59 0.83
C3B CLA GA . -72.44 -17.42 2.30
C4B CLA GA . -71.33 -18.36 2.69
CMB CLA GA . -73.46 -16.94 -0.15
CAB CLA GA . -73.27 -16.53 3.15
CBB CLA GA . -73.90 -16.94 4.22
NC CLA GA . -68.96 -20.15 3.73
C1C CLA GA . -69.70 -19.30 4.48
C2C CLA GA . -69.23 -19.17 5.88
C3C CLA GA . -68.07 -20.05 5.94
C4C CLA GA . -68.00 -20.61 4.56
CMC CLA GA . -69.79 -18.32 6.98
CAC CLA GA . -67.19 -20.29 7.14
CBC CLA GA . -65.98 -19.41 6.98
ND CLA GA . -67.64 -21.55 1.88
C1D CLA GA . -66.78 -22.07 2.90
C2D CLA GA . -65.80 -23.08 2.45
C3D CLA GA . -66.13 -23.15 1.00
C4D CLA GA . -67.18 -22.26 0.78
CMD CLA GA . -64.72 -23.91 3.11
CAD CLA GA . -65.80 -23.79 -0.29
OBD CLA GA . -64.88 -24.67 -0.47
CBD CLA GA . -66.69 -23.24 -1.35
CGD CLA GA . -65.83 -22.57 -2.37
O1D CLA GA . -66.19 -22.46 -3.54
O2D CLA GA . -64.55 -22.03 -2.00
CED CLA GA . -64.13 -20.79 -2.54
C1 CLA GA . -68.86 -22.02 -6.65
C2 CLA GA . -69.39 -22.35 -8.01
C3 CLA GA . -68.77 -23.21 -8.83
C4 CLA GA . -67.48 -23.87 -8.44
C5 CLA GA . -69.38 -23.48 -10.18
C6 CLA GA . -70.90 -23.46 -10.13
C7 CLA GA . -71.49 -24.12 -11.36
C8 CLA GA . -72.89 -23.57 -11.60
C9 CLA GA . -73.88 -24.15 -10.62
C10 CLA GA . -73.30 -23.84 -13.04
C11 CLA GA . -73.24 -25.31 -13.37
C12 CLA GA . -73.80 -25.55 -14.76
C13 CLA GA . -73.66 -27.02 -15.13
C14 CLA GA . -73.52 -27.13 -16.65
C15 CLA GA . -74.86 -27.79 -14.62
C16 CLA GA . -74.76 -29.29 -14.83
C17 CLA GA . -75.66 -30.01 -13.82
C18 CLA GA . -76.23 -31.30 -14.39
C19 CLA GA . -77.08 -32.02 -13.36
C20 CLA GA . -75.14 -32.22 -14.91
MG CLA HA . -70.57 -15.04 -5.72
CHA CLA HA . -71.75 -12.98 -3.18
CHB CLA HA . -67.98 -15.88 -3.76
CHC CLA HA . -69.35 -16.79 -8.37
CHD CLA HA . -73.16 -13.59 -7.94
NA CLA HA . -69.94 -14.50 -3.82
C1A CLA HA . -70.51 -13.80 -2.91
C2A CLA HA . -69.85 -13.81 -1.55
C3A CLA HA . -68.65 -14.70 -1.80
C4A CLA HA . -68.88 -15.06 -3.23
CMA CLA HA . -67.39 -13.84 -1.74
CAA CLA HA . -70.70 -14.57 -0.53
CBA CLA HA . -70.00 -14.87 0.78
CGA CLA HA . -69.98 -13.66 1.66
O1A CLA HA . -71.00 -13.27 2.22
O2A CLA HA . -68.74 -12.94 1.89
NB CLA HA . -68.91 -16.18 -6.02
C1B CLA HA . -67.94 -16.41 -5.13
C2B CLA HA . -66.83 -17.27 -5.64
C3B CLA HA . -67.27 -17.53 -7.03
C4B CLA HA . -68.56 -16.81 -7.13
CMB CLA HA . -65.59 -17.74 -4.94
CAB CLA HA . -66.60 -18.33 -8.10
CBB CLA HA . -66.66 -19.64 -8.12
NC CLA HA . -71.13 -15.12 -7.71
C1C CLA HA . -70.53 -15.94 -8.60
C2C CLA HA . -71.14 -15.94 -9.95
C3C CLA HA . -72.26 -15.00 -9.80
C4C CLA HA . -72.15 -14.57 -8.40
CMC CLA HA . -70.72 -16.72 -11.18
CAC CLA HA . -73.27 -14.56 -10.82
CBC CLA HA . -72.64 -13.37 -11.52
ND CLA HA . -72.05 -13.64 -5.70
C1D CLA HA . -73.10 -13.16 -6.54
C2D CLA HA . -74.07 -12.23 -5.91
C3D CLA HA . -73.50 -12.18 -4.55
C4D CLA HA . -72.38 -13.00 -4.52
CMD CLA HA . -75.30 -11.49 -6.36
CAD CLA HA . -73.67 -11.59 -3.20
OBD CLA HA . -74.62 -10.79 -2.88
CBD CLA HA . -72.59 -12.08 -2.32
CGD CLA HA . -71.83 -10.95 -1.71
O1D CLA HA . -71.81 -10.80 -0.50
O2D CLA HA . -71.07 -10.05 -2.55
CED CLA HA . -69.83 -9.56 -2.06
C1 CLA HA . -68.79 -11.52 1.88
C2 CLA HA . -67.75 -11.00 0.93
C3 CLA HA . -66.67 -10.34 1.39
C4 CLA HA . -66.48 -10.10 2.85
C5 CLA HA . -65.64 -9.84 0.42
C6 CLA HA . -66.25 -9.26 -0.85
C7 CLA HA . -65.52 -9.83 -2.06
C8 CLA HA . -65.36 -8.79 -3.16
C9 CLA HA . -66.70 -8.19 -3.59
C10 CLA HA . -64.63 -9.43 -4.34
C11 CLA HA . -65.49 -10.53 -4.95
C12 CLA HA . -64.65 -11.62 -5.59
C13 CLA HA . -65.55 -12.81 -5.94
C14 CLA HA . -64.74 -14.01 -6.41
C15 CLA HA . -66.55 -12.37 -6.99
C16 CLA HA . -67.95 -12.87 -6.68
C17 CLA HA . -69.01 -12.27 -7.59
C18 CLA HA . -69.41 -10.86 -7.19
C19 CLA HA . -69.80 -10.78 -5.72
C20 CLA HA . -70.56 -10.37 -8.06
MG CLA IA . -82.94 -9.43 -18.10
CHA CLA IA . -84.48 -6.89 -19.89
CHB CLA IA . -80.48 -7.26 -17.26
CHC CLA IA . -81.74 -11.80 -15.99
CHD CLA IA . -85.91 -11.52 -18.70
NA CLA IA . -82.56 -7.42 -18.46
C1A CLA IA . -83.18 -6.57 -19.21
C2A CLA IA . -82.52 -5.22 -19.37
C3A CLA IA . -81.25 -5.40 -18.56
C4A CLA IA . -81.44 -6.80 -18.07
CMA CLA IA . -80.04 -5.34 -19.48
CAA CLA IA . -83.29 -4.11 -18.63
CBA CLA IA . -83.96 -4.60 -17.35
CGA CLA IA . -84.76 -3.55 -16.64
O1A CLA IA . -85.01 -2.47 -17.15
O2A CLA IA . -85.26 -3.85 -15.32
NB CLA IA . -81.33 -9.52 -16.84
C1B CLA IA . -80.44 -8.57 -16.61
C2B CLA IA . -79.44 -8.88 -15.54
C3B CLA IA . -79.84 -10.26 -15.17
C4B CLA IA . -81.01 -10.53 -16.04
CMB CLA IA . -78.31 -8.03 -15.02
CAB CLA IA . -79.25 -11.18 -14.17
CBB CLA IA . -77.99 -11.58 -14.27
NC CLA IA . -83.70 -11.24 -17.47
C1C CLA IA . -83.03 -12.08 -16.65
C2C CLA IA . -83.69 -13.40 -16.42
C3C CLA IA . -84.92 -13.30 -17.23
C4C CLA IA . -84.81 -11.93 -17.82
CMC CLA IA . -83.22 -14.54 -15.58
CAC CLA IA . -86.00 -14.33 -17.41
CBC CLA IA . -87.11 -14.00 -16.42
ND CLA IA . -84.77 -9.32 -18.98
C1D CLA IA . -85.87 -10.18 -19.29
C2D CLA IA . -86.90 -9.62 -20.19
C3D CLA IA . -86.31 -8.28 -20.44
C4D CLA IA . -85.14 -8.20 -19.71
CMD CLA IA . -88.19 -10.11 -20.79
CAD CLA IA . -86.50 -6.98 -21.13
OBD CLA IA . -87.48 -6.69 -21.90
CBD CLA IA . -85.35 -6.10 -20.82
CGD CLA IA . -84.62 -5.82 -22.10
O1D CLA IA . -83.64 -6.46 -22.42
O2D CLA IA . -85.09 -4.76 -22.98
CED CLA IA . -84.63 -4.70 -24.32
C1 CLA IA . -85.13 -2.91 -14.26
C2 CLA IA . -85.82 -3.53 -13.06
C3 CLA IA . -87.14 -3.42 -12.89
C4 CLA IA . -88.00 -2.69 -13.88
C5 CLA IA . -87.79 -4.06 -11.68
C6 CLA IA . -88.89 -5.03 -12.08
MG CLA JA . -74.23 -4.47 -19.94
CHA CLA JA . -73.08 -7.70 -20.51
CHB CLA JA . -76.66 -5.77 -17.98
CHC CLA JA . -74.94 -1.31 -18.95
CHD CLA JA . -71.32 -3.21 -21.81
NA CLA JA . -74.75 -6.38 -19.31
C1A CLA JA . -74.31 -7.53 -19.64
C2A CLA JA . -75.04 -8.72 -19.07
C3A CLA JA . -76.20 -8.06 -18.35
C4A CLA JA . -75.84 -6.64 -18.56
CMA CLA JA . -77.47 -8.36 -19.15
CAA CLA JA . -74.15 -9.37 -17.97
CBA CLA JA . -74.65 -9.49 -16.52
CGA CLA JA . -73.95 -8.58 -15.55
O1A CLA JA . -73.33 -7.60 -15.92
O2A CLA JA . -74.02 -8.88 -14.13
NB CLA JA . -75.60 -3.67 -18.66
C1B CLA JA . -76.55 -4.31 -17.97
C2B CLA JA . -77.40 -3.44 -17.13
C3B CLA JA . -76.86 -2.10 -17.43
C4B CLA JA . -75.77 -2.38 -18.40
CMB CLA JA . -78.53 -3.85 -16.22
CAB CLA JA . -77.24 -0.76 -16.95
CBB CLA JA . -78.49 -0.33 -16.97
NC CLA JA . -73.30 -2.67 -20.29
C1C CLA JA . -73.78 -1.50 -19.83
C2C CLA JA . -73.02 -0.29 -20.28
C3C CLA JA . -71.96 -0.87 -21.13
C4C CLA JA . -72.23 -2.32 -21.06
CMC CLA JA . -73.27 1.16 -19.97
CAC CLA JA . -70.87 -0.15 -21.88
CBC CLA JA . -71.36 0.06 -23.30
ND CLA JA . -72.58 -5.16 -20.90
C1D CLA JA . -71.49 -4.66 -21.68
C2D CLA JA . -70.60 -5.66 -22.29
C3D CLA JA . -71.27 -6.90 -21.81
C4D CLA JA . -72.35 -6.52 -21.03
CMD CLA JA . -69.38 -5.64 -23.16
CAD CLA JA . -71.21 -8.39 -21.84
OBD CLA JA . -70.34 -9.09 -22.45
CBD CLA JA . -72.33 -8.90 -21.02
CGD CLA JA . -73.15 -9.91 -21.76
O1D CLA JA . -72.72 -11.03 -21.94
O2D CLA JA . -74.48 -9.58 -22.23
CED CLA JA . -75.45 -10.61 -22.29
MG CLA KA . -79.92 4.34 -18.69
CHA CLA KA . -80.74 1.00 -19.11
CHB CLA KA . -82.62 4.70 -16.70
CHC CLA KA . -78.89 7.53 -18.15
CHD CLA KA . -76.71 3.66 -20.40
NA CLA KA . -81.41 3.06 -17.99
C1A CLA KA . -81.67 1.83 -18.25
C2A CLA KA . -82.95 1.25 -17.68
C3A CLA KA . -83.49 2.45 -16.88
C4A CLA KA . -82.45 3.48 -17.23
CMA CLA KA . -84.94 2.79 -17.15
CAA CLA KA . -82.90 0.05 -16.74
CBA CLA KA . -81.78 0.16 -15.71
CGA CLA KA . -81.59 -1.22 -15.12
O1A CLA KA . -81.89 -2.21 -15.75
O2A CLA KA . -81.03 -1.35 -13.78
NB CLA KA . -80.65 5.88 -17.58
C1B CLA KA . -81.75 5.88 -16.81
C2B CLA KA . -82.02 7.16 -16.12
C3B CLA KA . -80.88 7.99 -16.57
C4B CLA KA . -80.12 7.10 -17.47
CMB CLA KA . -83.14 7.53 -15.19
CAB CLA KA . -80.55 9.40 -16.24
CBB CLA KA . -81.31 10.39 -16.68
NC CLA KA . -78.16 5.33 -19.14
C1C CLA KA . -77.97 6.64 -18.88
C2C CLA KA . -76.71 7.22 -19.41
C3C CLA KA . -76.07 6.07 -20.08
C4C CLA KA . -77.06 4.98 -19.85
CMC CLA KA . -76.19 8.63 -19.30
CAC CLA KA . -74.75 6.01 -20.81
CBC CLA KA . -73.72 5.58 -19.80
ND CLA KA . -78.88 2.80 -19.49
C1D CLA KA . -77.69 2.59 -20.26
C2D CLA KA . -77.54 1.26 -20.86
C3D CLA KA . -78.80 0.62 -20.39
C4D CLA KA . -79.49 1.56 -19.65
CMD CLA KA . -76.51 0.60 -21.71
CAD CLA KA . -79.59 -0.62 -20.41
OBD CLA KA . -79.28 -1.71 -21.03
CBD CLA KA . -80.84 -0.40 -19.64
CGD CLA KA . -81.94 -0.46 -20.65
O1D CLA KA . -82.15 0.44 -21.44
O2D CLA KA . -82.77 -1.65 -20.69
CED CLA KA . -83.13 -2.22 -21.94
MG CLA LA . -80.05 -33.84 -0.58
CHA CLA LA . -81.41 -36.31 1.44
CHB CLA LA . -77.00 -34.65 0.61
CHC CLA LA . -78.73 -31.78 -2.96
CHD CLA LA . -83.39 -33.36 -2.08
NA CLA LA . -79.31 -35.25 0.74
C1A CLA LA . -79.92 -36.08 1.52
C2A CLA LA . -79.06 -36.83 2.49
C3A CLA LA . -77.69 -36.25 2.25
C4A CLA LA . -78.03 -35.32 1.12
CMA CLA LA . -77.36 -35.41 3.46
CAA CLA LA . -78.92 -38.28 2.03
CBA CLA LA . -78.42 -39.18 3.15
CGA CLA LA . -77.48 -40.18 2.53
O1A CLA LA . -76.73 -40.85 3.23
O2A CLA LA . -77.45 -40.34 1.09
NB CLA LA . -78.15 -33.28 -1.08
C1B CLA LA . -77.03 -33.71 -0.51
C2B CLA LA . -75.79 -33.21 -1.16
C3B CLA LA . -76.31 -32.36 -2.23
C4B CLA LA . -77.78 -32.48 -2.08
CMB CLA LA . -74.37 -33.52 -0.78
CAB CLA LA . -75.59 -31.55 -3.24
CBB CLA LA . -74.81 -30.55 -2.88
NC CLA LA . -80.89 -32.82 -2.17
C1C CLA LA . -80.19 -32.03 -3.00
C2C CLA LA . -80.98 -31.37 -4.07
C3C CLA LA . -82.35 -31.84 -3.80
C4C CLA LA . -82.17 -32.71 -2.61
CMC CLA LA . -80.50 -30.45 -5.16
CAC CLA LA . -83.62 -31.52 -4.55
CBC CLA LA . -84.25 -30.32 -3.88
ND CLA LA . -81.93 -34.60 -0.47
C1D CLA LA . -83.24 -34.34 -1.01
C2D CLA LA . -84.34 -35.13 -0.41
C3D CLA LA . -83.58 -35.93 0.59
C4D CLA LA . -82.24 -35.57 0.47
CMD CLA LA . -85.83 -35.23 -0.62
CAD CLA LA . -83.69 -36.96 1.65
OBD CLA LA . -84.77 -37.53 2.03
CBD CLA LA . -82.34 -37.22 2.19
CGD CLA LA . -82.29 -37.11 3.68
O1D CLA LA . -82.65 -36.11 4.28
O2D CLA LA . -81.77 -38.25 4.41
CED CLA LA . -81.83 -38.29 5.84
MG CLA MA . -84.97 -19.42 6.46
CHA CLA MA . -82.98 -18.34 9.09
CHB CLA MA . -87.65 -18.12 8.05
CHC CLA MA . -86.74 -19.90 3.60
CHD CLA MA . -81.90 -20.48 4.70
NA CLA MA . -85.28 -18.37 8.23
C1A CLA MA . -84.46 -18.07 9.18
C2A CLA MA . -85.09 -17.45 10.42
C3A CLA MA . -86.57 -17.46 10.06
C4A CLA MA . -86.48 -18.03 8.68
CMA CLA MA . -87.27 -18.47 10.95
CAA CLA MA . -84.69 -15.98 10.66
CBA CLA MA . -85.31 -14.92 9.74
CGA CLA MA . -84.28 -14.07 9.05
O1A CLA MA . -83.42 -13.49 9.68
O2A CLA MA . -84.31 -13.94 7.60
NB CLA MA . -86.90 -19.04 5.91
C1B CLA MA . -87.89 -18.62 6.69
C2B CLA MA . -89.25 -18.62 6.08
C3B CLA MA . -88.95 -19.16 4.73
C4B CLA MA . -87.47 -19.37 4.74
CMB CLA MA . -90.56 -18.20 6.67
CAB CLA MA . -89.88 -19.43 3.61
CBB CLA MA . -90.41 -18.41 2.94
NC CLA MA . -84.41 -20.04 4.57
C1C CLA MA . -85.30 -20.19 3.56
C2C CLA MA . -84.71 -20.68 2.30
C3C CLA MA . -83.28 -20.85 2.62
C4C CLA MA . -83.23 -20.43 4.04
CMC CLA MA . -85.44 -20.94 1.01
CAC CLA MA . -82.17 -21.33 1.71
CBC CLA MA . -81.54 -20.10 1.10
ND CLA MA . -82.95 -19.42 6.70
C1D CLA MA . -81.77 -19.89 6.03
C2D CLA MA . -80.50 -19.73 6.77
C3D CLA MA . -81.02 -19.09 8.02
C4D CLA MA . -82.38 -18.94 7.88
CMD CLA MA . -79.06 -20.05 6.52
CAD CLA MA . -80.62 -18.54 9.34
OBD CLA MA . -79.43 -18.49 9.81
CBD CLA MA . -81.84 -18.05 10.02
CGD CLA MA . -81.98 -18.66 11.39
O1D CLA MA . -82.64 -19.65 11.59
O2D CLA MA . -81.29 -18.00 12.49
CED CLA MA . -80.66 -18.78 13.50
C1 CLA MA . -84.42 -12.65 7.01
C2 CLA MA . -83.26 -12.43 6.08
C3 CLA MA . -83.38 -11.68 4.97
C4 CLA MA . -84.68 -11.04 4.59
C5 CLA MA . -82.18 -11.50 4.06
C6 CLA MA . -82.44 -12.04 2.66
C7 CLA MA . -81.26 -11.79 1.73
C8 CLA MA . -81.51 -12.50 0.39
C9 CLA MA . -80.71 -13.80 0.31
C10 CLA MA . -81.19 -11.57 -0.78
C11 CLA MA . -79.71 -11.25 -0.89
C12 CLA MA . -79.18 -11.56 -2.29
C13 CLA MA . -79.95 -10.82 -3.38
C14 CLA MA . -79.76 -11.50 -4.74
C15 CLA MA . -79.49 -9.36 -3.41
C16 CLA MA . -78.05 -9.24 -3.87
C17 CLA MA . -77.52 -7.83 -3.65
C18 CLA MA . -78.06 -6.84 -4.68
C19 CLA MA . -77.66 -7.25 -6.08
C20 CLA MA . -77.58 -5.43 -4.36
MG CLA NA . -72.48 -42.32 -2.58
CHA CLA NA . -72.99 -41.48 0.75
CHB CLA NA . -70.72 -44.99 -1.57
CHC CLA NA . -72.37 -43.25 -5.83
CHD CLA NA . -74.65 -39.48 -3.51
NA CLA NA . -71.97 -43.13 -0.73
C1A CLA NA . -72.17 -42.72 0.47
C2A CLA NA . -71.51 -43.52 1.57
C3A CLA NA . -70.78 -44.60 0.77
C4A CLA NA . -71.19 -44.21 -0.60
CMA CLA NA . -69.28 -44.38 0.94
CAA CLA NA . -72.46 -44.24 2.55
CBA CLA NA . -73.17 -45.49 2.02
CGA CLA NA . -74.60 -45.15 1.71
O1A CLA NA . -75.43 -46.03 1.48
O2A CLA NA . -75.01 -43.77 1.66
NB CLA NA . -71.66 -43.91 -3.57
C1B CLA NA . -70.95 -44.88 -3.01
C2B CLA NA . -70.44 -45.90 -3.96
C3B CLA NA . -70.92 -45.39 -5.26
C4B CLA NA . -71.67 -44.14 -4.88
CMB CLA NA . -69.62 -47.12 -3.67
CAB CLA NA . -70.67 -46.04 -6.58
CBB CLA NA . -70.79 -45.49 -7.78
NC CLA NA . -73.37 -41.55 -4.26
C1C CLA NA . -73.13 -42.04 -5.50
C2C CLA NA . -73.72 -41.26 -6.62
C3C CLA NA . -74.39 -40.14 -5.92
C4C CLA NA . -74.11 -40.43 -4.50
CMC CLA NA . -73.65 -41.52 -8.10
CAC CLA NA . -75.17 -38.99 -6.51
CBC CLA NA . -76.64 -39.40 -6.51
ND CLA NA . -73.59 -40.86 -1.72
C1D CLA NA . -74.39 -39.73 -2.10
C2D CLA NA . -74.89 -38.88 -1.00
C3D CLA NA . -74.31 -39.61 0.16
C4D CLA NA . -73.62 -40.71 -0.33
CMD CLA NA . -75.72 -37.64 -0.89
CAD CLA NA . -74.19 -39.63 1.64
OBD CLA NA . -74.71 -38.77 2.44
CBD CLA NA . -73.37 -40.80 2.03
CGD CLA NA . -72.19 -40.32 2.81
O1D CLA NA . -71.07 -40.28 2.33
O2D CLA NA . -72.38 -39.93 4.20
CED CLA NA . -71.26 -39.59 5.01
C1 CLA NA . -76.34 -43.46 1.24
C2 CLA NA . -76.38 -43.32 -0.26
C3 CLA NA . -76.93 -42.24 -0.85
C4 CLA NA . -77.54 -41.14 -0.03
C5 CLA NA . -76.96 -42.14 -2.35
C6 CLA NA . -76.71 -43.46 -3.06
C7 CLA NA . -76.33 -43.25 -4.52
C8 CLA NA . -77.55 -42.89 -5.35
C9 CLA NA . -77.62 -43.76 -6.60
MG CLA OA . -71.03 -32.65 -2.34
CHA CLA OA . -71.06 -29.23 -1.80
CHB CLA OA . -71.59 -32.07 -5.61
CHC CLA OA . -71.50 -35.99 -2.70
CHD CLA OA . -70.78 -33.11 1.32
NA CLA OA . -71.32 -30.97 -3.50
C1A CLA OA . -71.18 -29.74 -3.21
C2A CLA OA . -71.18 -28.79 -4.38
C3A CLA OA . -71.43 -29.70 -5.55
C4A CLA OA . -71.44 -31.00 -4.83
CMA CLA OA . -72.85 -29.45 -6.01
CAA CLA OA . -69.75 -28.28 -4.56
CBA CLA OA . -69.73 -26.77 -4.55
CGA CLA OA . -70.22 -26.34 -5.89
O1A CLA OA . -70.90 -25.34 -6.05
O2A CLA OA . -69.91 -27.18 -7.03
NB CLA OA . -71.48 -33.85 -3.93
C1B CLA OA . -71.66 -33.47 -5.19
C2B CLA OA . -71.92 -34.58 -6.15
C3B CLA OA . -71.89 -35.76 -5.25
C4B CLA OA . -71.61 -35.17 -3.92
CMB CLA OA . -72.16 -34.52 -7.63
CAB CLA OA . -72.08 -37.20 -5.57
CBB CLA OA . -71.26 -37.82 -6.39
NC CLA OA . -71.14 -34.19 -0.97
C1C CLA OA . -71.27 -35.47 -1.33
C2C CLA OA . -71.20 -36.45 -0.21
C3C CLA OA . -70.99 -35.60 0.97
C4C CLA OA . -70.97 -34.24 0.38
CMC CLA OA . -71.30 -37.94 -0.26
CAC CLA OA . -70.83 -36.01 2.41
CBC CLA OA . -69.42 -36.48 2.64
ND CLA OA . -70.96 -31.55 -0.63
C1D CLA OA . -70.85 -31.75 0.79
C2D CLA OA . -70.81 -30.51 1.60
C3D CLA OA . -70.90 -29.48 0.53
C4D CLA OA . -70.99 -30.16 -0.68
CMD CLA OA . -70.70 -30.17 3.06
CAD CLA OA . -70.94 -28.04 0.23
OBD CLA OA . -70.89 -27.09 1.10
CBD CLA OA . -71.05 -27.84 -1.23
CGD CLA OA . -72.29 -27.08 -1.59
O1D CLA OA . -72.21 -26.11 -2.31
O2D CLA OA . -73.58 -27.50 -1.12
CED CLA OA . -74.72 -26.89 -1.69
C1 CLA OA . -69.94 -26.61 -8.32
C2 CLA OA . -71.23 -26.92 -9.05
C3 CLA OA . -71.21 -27.63 -10.19
C4 CLA OA . -69.91 -28.14 -10.76
C5 CLA OA . -72.49 -27.91 -10.92
C6 CLA OA . -73.01 -29.33 -10.82
C7 CLA OA . -73.78 -29.52 -9.52
C8 CLA OA . -75.27 -29.74 -9.68
C9 CLA OA . -76.01 -28.47 -10.08
C10 CLA OA . -75.79 -30.26 -8.34
C11 CLA OA . -77.23 -30.75 -8.43
C12 CLA OA . -77.41 -31.88 -9.46
C13 CLA OA . -77.32 -33.29 -8.87
C14 CLA OA . -77.74 -33.40 -7.41
C15 CLA OA . -75.92 -33.85 -9.08
C16 CLA OA . -75.91 -34.98 -10.11
C17 CLA OA . -76.45 -36.28 -9.50
C18 CLA OA . -77.66 -36.79 -10.29
C19 CLA OA . -78.32 -37.95 -9.56
C20 CLA OA . -77.27 -37.16 -11.71
MG CLA PA . -76.04 -32.26 -23.56
CHA CLA PA . -78.32 -30.38 -25.38
CHB CLA PA . -75.26 -29.52 -21.79
CHC CLA PA . -74.33 -34.28 -21.42
CHD CLA PA . -77.16 -35.25 -25.41
NA CLA PA . -76.71 -30.29 -23.54
C1A CLA PA . -77.50 -29.66 -24.33
C2A CLA PA . -77.53 -28.15 -24.14
C3A CLA PA . -76.54 -27.94 -23.02
C4A CLA PA . -76.15 -29.36 -22.77
CMA CLA PA . -75.30 -27.24 -23.58
CAA CLA PA . -78.88 -27.56 -23.68
CBA CLA PA . -79.28 -27.84 -22.23
CGA CLA PA . -80.74 -27.61 -22.04
O1A CLA PA . -81.42 -27.06 -22.89
O2A CLA PA . -81.39 -28.06 -20.81
NB CLA PA . -74.96 -31.94 -21.86
C1B CLA PA . -74.70 -30.78 -21.29
C2B CLA PA . -73.84 -30.85 -20.08
C3B CLA PA . -73.57 -32.30 -19.98
C4B CLA PA . -74.32 -32.85 -21.14
CMB CLA PA . -73.38 -29.71 -19.22
CAB CLA PA . -72.79 -33.13 -19.03
CBB CLA PA . -71.71 -32.71 -18.39
NC CLA PA . -75.83 -34.31 -23.45
C1C CLA PA . -75.07 -34.92 -22.52
C2C CLA PA . -74.98 -36.39 -22.65
C3C CLA PA . -75.82 -36.67 -23.82
C4C CLA PA . -76.28 -35.33 -24.23
CMC CLA PA . -74.21 -37.33 -21.76
CAC CLA PA . -76.13 -38.01 -24.47
CBC CLA PA . -74.95 -38.33 -25.34
ND CLA PA . -77.38 -32.79 -25.00
C1D CLA PA . -77.77 -33.96 -25.72
C2D CLA PA . -78.82 -33.75 -26.75
C3D CLA PA . -79.04 -32.29 -26.59
C4D CLA PA . -78.21 -31.83 -25.57
CMD CLA PA . -79.54 -34.62 -27.74
CAD CLA PA . -79.80 -31.11 -27.08
OBD CLA PA . -80.69 -31.14 -28.01
CBD CLA PA . -79.38 -29.92 -26.33
CGD CLA PA . -78.94 -28.84 -27.25
O1D CLA PA . -79.60 -27.82 -27.37
O2D CLA PA . -77.67 -28.95 -27.95
CED CLA PA . -76.97 -27.75 -28.23
MG CLA QA . -71.58 -42.95 -26.28
CHA CLA QA . -73.05 -44.98 -28.70
CHB CLA QA . -74.60 -42.56 -24.86
CHC CLA QA . -70.00 -41.32 -23.75
CHD CLA QA . -68.29 -43.83 -27.72
NA CLA QA . -73.49 -43.67 -26.66
C1A CLA QA . -73.95 -44.38 -27.63
C2A CLA QA . -75.47 -44.56 -27.67
C3A CLA QA . -75.90 -43.77 -26.46
C4A CLA QA . -74.57 -43.30 -25.97
CMA CLA QA . -76.73 -42.56 -26.88
CAA CLA QA . -75.94 -46.00 -27.44
CBA CLA QA . -75.14 -46.70 -26.34
CGA CLA QA . -75.81 -47.99 -25.95
O1A CLA QA . -77.00 -48.16 -26.12
O2A CLA QA . -75.01 -49.04 -25.34
NB CLA QA . -72.22 -42.08 -24.55
C1B CLA QA . -73.47 -41.97 -24.14
C2B CLA QA . -73.66 -41.22 -22.87
C3B CLA QA . -72.28 -40.85 -22.53
C4B CLA QA . -71.47 -41.43 -23.65
CMB CLA QA . -74.95 -40.93 -22.14
CAB CLA QA . -71.82 -40.06 -21.35
CBB CLA QA . -70.86 -40.46 -20.54
NC CLA QA . -69.58 -42.67 -25.84
C1C CLA QA . -69.16 -41.97 -24.77
C2C CLA QA . -67.69 -41.85 -24.64
C3C CLA QA . -67.19 -42.60 -25.82
C4C CLA QA . -68.44 -43.04 -26.47
CMC CLA QA . -66.91 -41.15 -23.57
CAC CLA QA . -65.75 -42.84 -26.26
CBC CLA QA . -65.31 -44.17 -25.72
ND CLA QA . -70.77 -44.12 -27.74
C1D CLA QA . -69.49 -44.36 -28.34
C2D CLA QA . -69.51 -45.16 -29.58
C3D CLA QA . -70.97 -45.41 -29.71
C4D CLA QA . -71.59 -44.78 -28.64
CMD CLA QA . -68.47 -45.67 -30.54
CAD CLA QA . -72.02 -46.06 -30.53
OBD CLA QA . -71.82 -46.72 -31.60
CBD CLA QA . -73.34 -45.80 -29.92
CGD CLA QA . -74.20 -45.08 -30.91
O1D CLA QA . -75.35 -45.42 -31.10
O2D CLA QA . -73.67 -43.93 -31.62
CED CLA QA . -74.51 -42.81 -31.86
MG CLA RA . -83.62 -33.64 -26.68
CHA CLA RA . -86.16 -31.78 -28.13
CHB CLA RA . -82.74 -30.93 -24.88
CHC CLA RA . -81.47 -35.65 -24.96
CHD CLA RA . -84.95 -36.63 -28.39
NA CLA RA . -84.35 -31.70 -26.48
C1A CLA RA . -85.26 -31.07 -27.14
C2A CLA RA . -85.38 -29.58 -26.86
C3A CLA RA . -84.26 -29.36 -25.85
C4A CLA RA . -83.75 -30.76 -25.74
CMA CLA RA . -83.19 -28.47 -26.45
CAA CLA RA . -86.67 -29.19 -26.12
CBA CLA RA . -87.10 -30.25 -25.10
CGA CLA RA . -88.36 -29.89 -24.37
O1A CLA RA . -89.02 -28.91 -24.67
O2A CLA RA . -88.81 -30.75 -23.29
NB CLA RA . -82.28 -33.32 -25.19
C1B CLA RA . -82.08 -32.18 -24.54
C2B CLA RA . -81.18 -32.29 -23.36
C3B CLA RA . -80.81 -33.73 -23.39
C4B CLA RA . -81.54 -34.24 -24.56
CMB CLA RA . -80.79 -31.20 -22.43
CAB CLA RA . -79.93 -34.54 -22.52
CBB CLA RA . -78.75 -34.12 -22.12
NC CLA RA . -83.33 -35.68 -26.66
C1C CLA RA . -82.35 -36.28 -25.95
C2C CLA RA . -82.17 -37.72 -26.19
C3C CLA RA . -83.21 -38.01 -27.21
C4C CLA RA . -83.84 -36.68 -27.41
CMC CLA RA . -81.17 -38.66 -25.57
CAC CLA RA . -83.54 -39.32 -27.89
CBC CLA RA . -82.46 -39.52 -28.93
ND CLA RA . -85.16 -34.18 -27.90
C1D CLA RA . -85.61 -35.34 -28.61
C2D CLA RA . -86.75 -35.12 -29.52
C3D CLA RA . -86.97 -33.66 -29.32
C4D CLA RA . -86.04 -33.23 -28.38
CMD CLA RA . -87.57 -35.98 -30.47
CAD CLA RA . -87.79 -32.49 -29.70
OBD CLA RA . -88.76 -32.51 -30.55
CBD CLA RA . -87.31 -31.30 -28.96
CGD CLA RA . -86.92 -30.23 -29.93
O1D CLA RA . -86.06 -30.40 -30.79
O2D CLA RA . -87.60 -28.95 -29.84
CED CLA RA . -88.07 -28.29 -31.02
C1 CLA RA . -89.05 -30.22 -21.98
C2 CLA RA . -88.24 -31.03 -21.00
C3 CLA RA . -88.66 -32.27 -20.68
C4 CLA RA . -87.88 -33.10 -19.71
MG CLA SA . -56.50 -42.35 -24.99
CHA CLA SA . -54.33 -42.43 -27.72
CHB CLA SA . -58.85 -43.84 -26.88
CHC CLA SA . -58.37 -42.67 -22.16
CHD CLA SA . -53.66 -41.23 -22.94
NA CLA SA . -56.58 -43.07 -26.93
C1A CLA SA . -55.74 -42.95 -27.91
C2A CLA SA . -56.23 -43.43 -29.27
C3A CLA SA . -57.66 -43.84 -28.95
C4A CLA SA . -57.70 -43.55 -27.49
CMA CLA SA . -58.68 -43.00 -29.70
CAA CLA SA . -55.51 -44.68 -29.79
CBA CLA SA . -55.41 -45.86 -28.81
CGA CLA SA . -54.16 -45.81 -27.96
O1A CLA SA . -53.05 -45.69 -28.43
O2A CLA SA . -54.35 -45.87 -26.52
NB CLA SA . -58.36 -43.11 -24.59
C1B CLA SA . -59.17 -43.71 -25.46
C2B CLA SA . -60.38 -44.33 -24.86
C3B CLA SA . -60.22 -43.97 -23.42
C4B CLA SA . -58.94 -43.22 -23.40
CMB CLA SA . -61.47 -45.09 -25.57
CAB CLA SA . -61.07 -44.26 -22.23
CBB CLA SA . -62.39 -44.25 -22.26
NC CLA SA . -56.09 -42.00 -23.00
C1C CLA SA . -56.97 -42.23 -22.00
C2C CLA SA . -56.41 -42.00 -20.64
C3C CLA SA . -55.03 -41.57 -20.89
C4C CLA SA . -54.96 -41.61 -22.37
CMC CLA SA . -57.05 -42.15 -19.29
CAC CLA SA . -53.96 -41.21 -19.89
CBC CLA SA . -54.02 -39.71 -19.73
ND CLA SA . -54.52 -41.97 -25.16
C1D CLA SA . -53.46 -41.45 -24.35
C2D CLA SA . -52.18 -41.18 -25.03
C3D CLA SA . -52.55 -41.59 -26.41
C4D CLA SA . -53.87 -42.01 -26.38
CMD CLA SA . -50.86 -40.65 -24.57
CAD CLA SA . -52.07 -41.73 -27.80
OBD CLA SA . -50.88 -41.43 -28.20
CBD CLA SA . -53.16 -42.24 -28.65
CGD CLA SA . -53.40 -41.25 -29.75
O1D CLA SA . -52.48 -40.89 -30.48
O2D CLA SA . -54.70 -40.67 -30.03
CED CLA SA . -55.08 -40.53 -31.40
C1 CLA SA . -53.37 -45.47 -25.59
C2 CLA SA . -54.11 -45.31 -24.29
C3 CLA SA . -53.50 -45.17 -23.10
C4 CLA SA . -52.01 -45.19 -22.99
C5 CLA SA . -54.35 -45.03 -21.87
C6 CLA SA . -53.74 -45.75 -20.67
C7 CLA SA . -54.82 -46.53 -19.91
C8 CLA SA . -55.35 -45.73 -18.73
C9 CLA SA . -54.92 -46.37 -17.41
MG CLA TA . -55.46 -31.96 -21.92
CHA CLA TA . -55.41 -28.54 -22.46
CHB CLA TA . -56.11 -32.38 -25.20
CHC CLA TA . -55.22 -35.29 -21.36
CHD CLA TA . -54.28 -31.32 -18.48
NA CLA TA . -55.67 -30.70 -23.57
C1A CLA TA . -55.71 -29.41 -23.65
C2A CLA TA . -56.05 -28.86 -25.01
C3A CLA TA . -56.32 -30.11 -25.82
C4A CLA TA . -56.01 -31.13 -24.79
CMA CLA TA . -57.82 -30.14 -26.13
CAA CLA TA . -54.84 -28.11 -25.64
CBA CLA TA . -54.22 -28.59 -26.97
CGA CLA TA . -53.05 -29.51 -26.73
O1A CLA TA . -52.19 -29.68 -27.58
O2A CLA TA . -52.92 -30.23 -25.47
NB CLA TA . -55.63 -33.60 -23.12
C1B CLA TA . -55.89 -33.61 -24.42
C2B CLA TA . -55.95 -34.94 -25.05
C3B CLA TA . -55.69 -35.83 -23.89
C4B CLA TA . -55.49 -34.87 -22.75
CMB CLA TA . -56.22 -35.27 -26.49
CAB CLA TA . -55.60 -37.30 -23.87
CBB CLA TA . -54.50 -37.90 -23.48
NC CLA TA . -54.81 -33.04 -20.29
C1C CLA TA . -54.91 -34.38 -20.23
C2C CLA TA . -54.65 -34.95 -18.88
C3C CLA TA . -54.39 -33.77 -18.05
C4C CLA TA . -54.50 -32.67 -19.02
CMC CLA TA . -54.67 -36.37 -18.43
CAC CLA TA . -54.05 -33.71 -16.58
CBC CLA TA . -55.37 -33.59 -15.82
ND CLA TA . -54.91 -30.42 -20.71
C1D CLA TA . -54.54 -30.19 -19.35
C2D CLA TA . -54.46 -28.77 -18.93
C3D CLA TA . -54.81 -28.12 -20.22
C4D CLA TA . -55.05 -29.12 -21.15
CMD CLA TA . -54.14 -28.04 -17.66
CAD CLA TA . -55.03 -26.82 -20.88
OBD CLA TA . -54.90 -25.68 -20.30
CBD CLA TA . -55.41 -27.05 -22.29
CGD CLA TA . -56.73 -26.42 -22.58
O1D CLA TA . -57.78 -27.00 -22.37
O2D CLA TA . -56.76 -25.08 -23.15
CED CLA TA . -57.94 -24.29 -23.07
C1 CLA TA . -52.46 -31.57 -25.49
C2 CLA TA . -52.65 -32.19 -24.13
C3 CLA TA . -51.63 -32.22 -23.25
C4 CLA TA . -50.29 -31.64 -23.59
C5 CLA TA . -51.82 -32.84 -21.89
C6 CLA TA . -50.84 -33.98 -21.66
C7 CLA TA . -51.57 -35.20 -21.10
C8 CLA TA . -50.63 -36.37 -20.89
C9 CLA TA . -50.80 -36.97 -19.50
MG CLA UA . -63.49 -28.91 -19.33
CHA CLA UA . -65.17 -27.05 -21.69
CHB CLA UA . -60.58 -27.82 -20.62
CHC CLA UA . -61.93 -30.28 -16.62
CHD CLA UA . -66.75 -29.73 -17.79
NA CLA UA . -62.94 -27.62 -20.85
C1A CLA UA . -63.66 -27.08 -21.77
C2A CLA UA . -62.87 -26.39 -22.86
C3A CLA UA . -61.44 -26.72 -22.55
C4A CLA UA . -61.68 -27.44 -21.26
CMA CLA UA . -60.94 -27.72 -23.60
CAA CLA UA . -63.00 -24.84 -22.67
CBA CLA UA . -62.00 -23.99 -21.87
CGA CLA UA . -61.87 -24.20 -20.37
O1A CLA UA . -62.71 -24.85 -19.76
O2A CLA UA . -60.69 -23.67 -19.71
NB CLA UA . -61.55 -29.09 -18.75
C1B CLA UA . -60.51 -28.51 -19.34
C2B CLA UA . -59.27 -28.50 -18.53
C3B CLA UA . -59.68 -29.24 -17.32
C4B CLA UA . -61.11 -29.56 -17.58
CMB CLA UA . -57.95 -27.92 -18.86
CAB CLA UA . -58.88 -29.61 -16.13
CBB CLA UA . -57.95 -30.53 -16.21
NC CLA UA . -64.21 -29.77 -17.58
C1C CLA UA . -63.40 -30.32 -16.65
C2C CLA UA . -64.09 -31.01 -15.55
C3C CLA UA . -65.50 -30.84 -15.89
C4C CLA UA . -65.46 -30.07 -17.16
CMC CLA UA . -63.48 -31.71 -14.36
CAC CLA UA . -66.70 -31.34 -15.12
CBC CLA UA . -67.13 -30.19 -14.23
ND CLA UA . -65.47 -28.54 -19.58
C1D CLA UA . -66.73 -28.88 -18.97
C2D CLA UA . -67.93 -28.30 -19.63
C3D CLA UA . -67.27 -27.55 -20.74
C4D CLA UA . -65.90 -27.72 -20.60
CMD CLA UA . -69.42 -28.35 -19.40
CAD CLA UA . -67.50 -26.68 -21.91
OBD CLA UA . -68.64 -26.28 -22.34
CBD CLA UA . -66.21 -26.35 -22.52
CGD CLA UA . -66.18 -26.83 -23.94
O1D CLA UA . -65.55 -27.82 -24.28
O2D CLA UA . -66.95 -26.12 -24.93
CED CLA UA . -67.20 -26.76 -26.17
C1 CLA UA . -59.63 -24.56 -19.40
C2 CLA UA . -59.47 -24.71 -17.90
C3 CLA UA . -58.29 -24.56 -17.30
C4 CLA UA . -57.05 -24.23 -18.08
C5 CLA UA . -58.20 -24.71 -15.80
C6 CLA UA . -58.64 -26.09 -15.32
C7 CLA UA . -59.53 -25.95 -14.09
C8 CLA UA . -59.86 -27.31 -13.49
C9 CLA UA . -61.19 -27.28 -12.74
C10 CLA UA . -58.73 -27.80 -12.58
C11 CLA UA . -58.33 -26.74 -11.55
C12 CLA UA . -57.47 -27.33 -10.44
C13 CLA UA . -56.74 -26.22 -9.70
C14 CLA UA . -55.38 -25.93 -10.34
C15 CLA UA . -56.59 -26.61 -8.22
C16 CLA UA . -55.62 -27.77 -8.02
C17 CLA UA . -55.43 -28.05 -6.53
C18 CLA UA . -54.51 -29.25 -6.31
C19 CLA UA . -55.08 -30.49 -6.99
C20 CLA UA . -54.30 -29.51 -4.83
MG CLA VA . -66.34 -47.06 -7.31
CHA CLA VA . -65.80 -47.26 -3.86
CHB CLA VA . -65.40 -50.26 -7.58
CHC CLA VA . -67.19 -46.83 -10.58
CHD CLA VA . -67.65 -43.64 -6.78
NA CLA VA . -65.74 -48.53 -5.95
C1A CLA VA . -65.50 -48.50 -4.68
C2A CLA VA . -64.88 -49.76 -4.09
C3A CLA VA . -64.79 -50.67 -5.32
C4A CLA VA . -65.35 -49.75 -6.35
CMA CLA VA . -63.34 -50.98 -5.65
CAA CLA VA . -65.60 -50.49 -2.94
CBA CLA VA . -66.68 -51.48 -3.33
CGA CLA VA . -67.98 -50.72 -3.40
O1A CLA VA . -68.25 -50.04 -4.37
O2A CLA VA . -68.89 -50.83 -2.28
NB CLA VA . -66.34 -48.39 -8.86
C1B CLA VA . -65.86 -49.63 -8.83
C2B CLA VA . -65.77 -50.28 -10.17
C3B CLA VA . -66.31 -49.23 -11.06
C4B CLA VA . -66.62 -48.11 -10.13
CMB CLA VA . -65.29 -51.66 -10.53
CAB CLA VA . -66.49 -49.32 -12.54
CBB CLA VA . -67.60 -49.01 -13.17
NC CLA VA . -67.26 -45.57 -8.40
C1C CLA VA . -67.44 -45.66 -9.73
C2C CLA VA . -67.96 -44.43 -10.38
C3C CLA VA . -68.10 -43.49 -9.25
C4C CLA VA . -67.63 -44.31 -8.11
CMC CLA VA . -68.26 -44.19 -11.83
CAC CLA VA . -68.57 -42.05 -9.28
CBC CLA VA . -70.04 -42.07 -8.91
ND CLA VA . -66.71 -45.75 -5.80
C1D CLA VA . -67.17 -44.41 -5.64
C2D CLA VA . -67.11 -43.87 -4.27
C3D CLA VA . -66.56 -45.05 -3.56
C4D CLA VA . -66.37 -46.05 -4.49
CMD CLA VA . -67.47 -42.56 -3.64
CAD CLA VA . -66.13 -45.55 -2.23
OBD CLA VA . -66.17 -44.89 -1.13
CBD CLA VA . -65.66 -46.95 -2.40
CGD CLA VA . -64.26 -47.09 -1.88
O1D CLA VA . -64.04 -47.75 -0.88
O2D CLA VA . -63.15 -46.47 -2.58
CED CLA VA . -61.83 -46.76 -2.14
C1 CLA VA . -69.68 -52.01 -2.15
C2 CLA VA . -70.40 -52.22 -3.45
C3 CLA VA . -71.54 -51.57 -3.75
C4 CLA VA . -72.17 -50.61 -2.79
C5 CLA VA . -72.20 -51.83 -5.08
C6 CLA VA . -72.18 -50.58 -5.95
C7 CLA VA . -70.78 -50.31 -6.50
C8 CLA VA . -70.51 -51.10 -7.78
C9 CLA VA . -69.44 -52.16 -7.56
C10 CLA VA . -70.10 -50.14 -8.89
C11 CLA VA . -70.66 -50.61 -10.22
C12 CLA VA . -70.60 -49.50 -11.26
C13 CLA VA . -71.56 -48.36 -10.94
C14 CLA VA . -73.00 -48.87 -10.86
C15 CLA VA . -71.43 -47.27 -11.99
C16 CLA VA . -71.83 -45.91 -11.44
MG CLA WA . -55.56 -35.33 -5.05
CHA CLA WA . -53.74 -35.74 -2.12
CHB CLA WA . -56.93 -32.55 -3.73
CHC CLA WA . -56.95 -34.76 -8.11
CHD CLA WA . -53.65 -38.14 -6.51
NA CLA WA . -55.35 -34.29 -3.26
C1A CLA WA . -54.68 -34.57 -2.20
C2A CLA WA . -54.88 -33.63 -1.03
C3A CLA WA . -55.92 -32.66 -1.56
C4A CLA WA . -56.07 -33.21 -2.95
CMA CLA WA . -57.20 -32.89 -0.77
CAA CLA WA . -53.64 -32.80 -0.64
CBA CLA WA . -53.05 -31.95 -1.76
CGA CLA WA . -51.94 -32.68 -2.49
O1A CLA WA . -51.19 -33.45 -1.89
O2A CLA WA . -51.76 -32.44 -3.91
NB CLA WA . -56.75 -33.86 -5.80
C1B CLA WA . -57.27 -32.84 -5.13
C2B CLA WA . -58.20 -32.00 -5.92
C3B CLA WA . -58.19 -32.67 -7.24
C4B CLA WA . -57.26 -33.80 -7.03
CMB CLA WA . -58.96 -30.78 -5.52
CAB CLA WA . -58.92 -32.31 -8.46
CBB CLA WA . -58.61 -31.21 -9.13
NC CLA WA . -55.31 -36.25 -6.89
C1C CLA WA . -56.00 -35.88 -7.99
C2C CLA WA . -55.74 -36.72 -9.19
C3C CLA WA . -54.77 -37.71 -8.71
C4C CLA WA . -54.59 -37.31 -7.29
CMC CLA WA . -56.32 -36.59 -10.58
CAC CLA WA . -54.09 -38.83 -9.47
CBC CLA WA . -55.03 -40.01 -9.48
ND CLA WA . -54.06 -36.62 -4.57
C1D CLA WA . -53.40 -37.76 -5.12
C2D CLA WA . -52.49 -38.48 -4.21
C3D CLA WA . -52.65 -37.65 -2.98
C4D CLA WA . -53.54 -36.62 -3.28
CMD CLA WA . -51.60 -39.68 -4.33
CAD CLA WA . -52.21 -37.47 -1.57
OBD CLA WA . -51.38 -38.22 -0.95
CBD CLA WA . -52.88 -36.29 -1.02
CGD CLA WA . -53.58 -36.56 0.28
O1D CLA WA . -54.78 -36.81 0.33
O2D CLA WA . -52.81 -36.44 1.50
CED CLA WA . -53.39 -35.82 2.65
C1 CLA WA . -52.69 -32.98 -4.85
C2 CLA WA . -52.07 -34.16 -5.57
C3 CLA WA . -52.04 -34.25 -6.90
C4 CLA WA . -51.40 -35.45 -7.53
C5 CLA WA . -52.66 -33.18 -7.77
C6 CLA WA . -53.31 -33.75 -9.02
C7 CLA WA . -53.99 -32.66 -9.85
C8 CLA WA . -54.66 -33.31 -11.06
C9 CLA WA . -53.67 -33.52 -12.20
C10 CLA WA . -55.93 -32.55 -11.45
C11 CLA WA . -55.77 -31.57 -12.61
C12 CLA WA . -55.65 -30.13 -12.10
C13 CLA WA . -54.76 -29.24 -12.96
C14 CLA WA . -55.50 -28.70 -14.18
C15 CLA WA . -53.51 -29.99 -13.38
C16 CLA WA . -52.35 -29.06 -13.71
C17 CLA WA . -51.67 -29.45 -15.02
C18 CLA WA . -50.54 -30.48 -14.91
C19 CLA WA . -50.99 -31.88 -15.32
C20 CLA WA . -49.85 -30.51 -13.54
MG CLA XA . -52.36 -46.09 -2.87
CHA CLA XA . -53.08 -48.80 -0.80
CHB CLA XA . -49.16 -46.22 -1.87
CHC CLA XA . -51.68 -43.76 -5.25
CHD CLA XA . -55.81 -46.30 -4.14
NA CLA XA . -51.28 -47.32 -1.60
C1A CLA XA . -51.66 -48.30 -0.83
C2A CLA XA . -50.55 -48.88 0.04
C3A CLA XA . -49.36 -48.01 -0.29
C4A CLA XA . -49.98 -47.12 -1.33
CMA CLA XA . -48.97 -47.19 0.93
CAA CLA XA . -50.24 -50.34 -0.37
CBA CLA XA . -48.90 -50.66 -1.04
CGA CLA XA . -48.99 -50.60 -2.54
O1A CLA XA . -48.19 -51.20 -3.26
O2A CLA XA . -50.03 -49.81 -3.16
NB CLA XA . -50.66 -45.15 -3.48
C1B CLA XA . -49.46 -45.23 -2.91
C2B CLA XA . -48.45 -44.29 -3.44
C3B CLA XA . -49.22 -43.56 -4.47
C4B CLA XA . -50.57 -44.18 -4.39
CMB CLA XA . -47.01 -44.10 -3.05
CAB CLA XA . -48.81 -42.46 -5.38
CBB CLA XA . -48.47 -41.28 -4.89
NC CLA XA . -53.50 -45.25 -4.36
C1C CLA XA . -53.04 -44.32 -5.22
C2C CLA XA . -54.03 -43.82 -6.20
C3C CLA XA . -55.23 -44.59 -5.86
C4C CLA XA . -54.79 -45.41 -4.72
CMC CLA XA . -53.85 -42.79 -7.28
CAC CLA XA . -56.60 -44.55 -6.47
CBC CLA XA . -56.67 -45.64 -7.53
ND CLA XA . -54.04 -47.23 -2.66
C1D CLA XA . -55.39 -47.22 -3.10
C2D CLA XA . -56.31 -48.17 -2.44
C3D CLA XA . -55.35 -48.80 -1.49
C4D CLA XA . -54.10 -48.22 -1.69
CMD CLA XA . -57.78 -48.46 -2.60
CAD CLA XA . -55.19 -49.83 -0.44
OBD CLA XA . -56.16 -50.56 0.00
CBD CLA XA . -53.78 -49.83 0.04
CGD CLA XA . -53.83 -49.44 1.50
O1D CLA XA . -54.55 -50.04 2.28
O2D CLA XA . -53.06 -48.33 2.01
CED CLA XA . -53.37 -47.76 3.29
MG CLA YA . -45.59 -38.57 0.58
CHA CLA YA . -46.37 -41.66 1.91
CHB CLA YA . -42.82 -38.51 2.48
CHC CLA YA . -44.74 -35.69 -1.01
CHD CLA YA . -48.35 -39.04 -1.86
NA CLA YA . -44.70 -39.87 1.93
C1A CLA YA . -45.13 -40.97 2.42
C2A CLA YA . -44.30 -41.57 3.53
C3A CLA YA . -43.21 -40.52 3.70
C4A CLA YA . -43.62 -39.56 2.62
CMA CLA YA . -43.40 -39.81 5.04
CAA CLA YA . -43.57 -42.86 3.14
CBA CLA YA . -42.90 -42.83 1.77
CGA CLA YA . -43.73 -43.51 0.70
O1A CLA YA . -43.87 -44.72 0.69
O2A CLA YA . -44.36 -42.74 -0.34
NB CLA YA . -44.03 -37.28 0.74
C1B CLA YA . -42.96 -37.41 1.51
C2B CLA YA . -41.89 -36.42 1.29
C3B CLA YA . -42.47 -35.58 0.23
C4B CLA YA . -43.80 -36.20 -0.01
CMB CLA YA . -40.56 -36.32 1.96
CAB CLA YA . -41.90 -34.38 -0.44
CBB CLA YA . -42.40 -33.18 -0.21
NC CLA YA . -46.40 -37.60 -1.07
C1C CLA YA . -45.88 -36.46 -1.55
C2C CLA YA . -46.56 -35.93 -2.75
C3C CLA YA . -47.61 -36.93 -2.99
C4C CLA YA . -47.42 -37.90 -1.89
CMC CLA YA . -46.21 -34.69 -3.52
CAC CLA YA . -48.65 -36.95 -4.09
CBC CLA YA . -49.68 -35.95 -3.63
ND CLA YA . -46.97 -39.95 0.03
C1D CLA YA . -48.11 -40.07 -0.83
C2D CLA YA . -48.98 -41.24 -0.60
C3D CLA YA . -48.25 -41.88 0.52
C4D CLA YA . -47.14 -41.08 0.80
CMD CLA YA . -50.23 -41.81 -1.21
CAD CLA YA . -48.23 -43.03 1.46
OBD CLA YA . -49.12 -43.95 1.49
CBD CLA YA . -47.07 -42.90 2.36
CGD CLA YA . -47.58 -42.76 3.76
O1D CLA YA . -47.63 -41.67 4.31
O2D CLA YA . -48.02 -43.94 4.48
CED CLA YA . -49.25 -43.91 5.17
C1 CLA YA . -43.58 -41.81 -1.08
C2 CLA YA . -44.42 -41.24 -2.21
C3 CLA YA . -44.16 -40.05 -2.77
C4 CLA YA . -43.00 -39.21 -2.30
C5 CLA YA . -45.05 -39.56 -3.88
C6 CLA YA . -44.32 -38.70 -4.91
MG CLA ZA . -46.84 -29.72 4.31
CHA CLA ZA . -49.05 -31.91 2.76
CHB CLA ZA . -44.31 -31.24 2.68
CHC CLA ZA . -44.82 -27.21 5.41
CHD CLA ZA . -49.73 -27.98 5.78
NA CLA ZA . -46.70 -31.28 2.93
C1A CLA ZA . -47.58 -32.07 2.45
C2A CLA ZA . -47.06 -33.20 1.58
C3A CLA ZA . -45.57 -32.96 1.64
C4A CLA ZA . -45.52 -31.73 2.49
CMA CLA ZA . -45.00 -34.08 2.49
CAA CLA ZA . -47.47 -33.10 0.10
CBA CLA ZA . -47.33 -31.68 -0.43
CGA CLA ZA . -47.99 -31.42 -1.75
O1A CLA ZA . -47.48 -31.78 -2.79
O2A CLA ZA . -49.24 -30.70 -1.86
NB CLA ZA . -44.87 -29.29 4.06
C1B CLA ZA . -43.95 -30.05 3.46
C2B CLA ZA . -42.56 -29.57 3.59
C3B CLA ZA . -42.72 -28.36 4.41
C4B CLA ZA . -44.19 -28.28 4.63
CMB CLA ZA . -41.30 -30.18 3.03
CAB CLA ZA . -41.69 -27.42 4.89
CBB CLA ZA . -41.67 -26.17 4.47
NC CLA ZA . -47.23 -27.99 5.36
C1C CLA ZA . -46.26 -27.12 5.69
C2C CLA ZA . -46.72 -25.93 6.43
C3C CLA ZA . -48.18 -26.14 6.55
C4C CLA ZA . -48.36 -27.44 5.85
CMC CLA ZA . -45.92 -24.76 6.95
CAC CLA ZA . -49.19 -25.26 7.21
CBC CLA ZA . -49.22 -25.66 8.66
ND CLA ZA . -48.87 -29.80 4.31
C1D CLA ZA . -49.97 -29.14 4.95
C2D CLA ZA . -51.30 -29.73 4.67
C3D CLA ZA . -50.90 -30.86 3.77
C4D CLA ZA . -49.53 -30.80 3.61
CMD CLA ZA . -52.72 -29.42 5.08
CAD CLA ZA . -51.42 -32.00 2.98
OBD CLA ZA . -52.65 -32.34 2.86
CBD CLA ZA . -50.27 -32.66 2.32
CGD CLA ZA . -50.20 -34.11 2.62
O1D CLA ZA . -50.32 -34.93 1.72
O2D CLA ZA . -49.92 -34.57 3.96
CED CLA ZA . -48.87 -35.50 4.11
C1 CLA ZA . -49.55 -30.11 -3.12
C2 CLA ZA . -50.26 -28.79 -2.97
C3 CLA ZA . -49.62 -27.61 -2.96
C4 CLA ZA . -48.12 -27.54 -3.10
C5 CLA ZA . -50.41 -26.35 -2.83
C6 CLA ZA . -50.26 -25.69 -1.48
C7 CLA ZA . -51.34 -24.63 -1.30
C8 CLA ZA . -51.12 -23.81 -0.04
C9 CLA ZA . -52.40 -23.05 0.30
C10 CLA ZA . -49.95 -22.86 -0.24
C11 CLA ZA . -48.95 -22.92 0.92
C12 CLA ZA . -49.33 -21.94 2.04
C13 CLA ZA . -48.30 -20.84 2.34
C14 CLA ZA . -47.19 -20.69 1.31
C15 CLA ZA . -47.71 -21.06 3.72
C16 CLA ZA . -48.71 -20.84 4.85
C17 CLA ZA . -47.99 -20.99 6.19
C18 CLA ZA . -48.76 -20.39 7.37
C19 CLA ZA . -49.87 -21.31 7.86
C20 CLA ZA . -49.30 -19.01 7.06
CAA F6C AB . -61.57 -27.35 -2.85
CAB F6C AB . -52.95 -29.41 1.19
CAC F6C AB . -58.61 -33.53 5.32
CAD F6C AB . -63.46 -31.17 -0.75
NA F6C AB . -59.12 -29.25 -1.11
CBA F6C AB . -61.89 -26.91 -4.28
CBB F6C AB . -51.85 -29.52 0.46
CBC F6C AB . -57.93 -33.37 6.65
CBD F6C AB . -62.82 -30.24 -1.70
NB F6C AB . -56.62 -29.42 0.38
OBD F6C AB . -64.66 -31.63 -0.82
CGA F6C AB . -63.11 -26.03 -4.26
CGD F6C AB . -62.84 -30.89 -3.06
ND F6C AB . -60.28 -31.01 0.97
CED F6C AB . -61.94 -32.50 -4.71
CHA F6C AB . -61.44 -30.02 -1.16
CHB F6C AB . -57.08 -28.14 -1.66
CHC F6C AB . -55.58 -30.56 2.32
CHD F6C AB . -60.15 -32.38 3.04
CMA F6C AB . -58.27 -27.70 -4.29
CMB F6C AB . -53.84 -27.68 -1.60
CMC F6C AB . -55.37 -32.28 4.88
CMD F6C AB . -63.33 -33.18 2.23
OMB F6C AB . -54.36 -27.06 -2.51
C1 F6C AB . -65.52 -25.94 -4.86
C1A F6C AB . -60.29 -29.20 -1.66
C1B F6C AB . -56.17 -28.67 -0.63
C1C F6C AB . -56.76 -31.26 2.84
C1D F6C AB . -60.90 -31.92 1.89
O1A F6C AB . -63.21 -25.14 -3.44
O1D F6C AB . -63.81 -30.76 -3.78
C2 F6C AB . -65.89 -26.79 -3.66
C2A F6C AB . -60.43 -28.35 -2.90
C2B F6C AB . -54.69 -28.46 -0.64
C2C F6C AB . -56.62 -32.08 4.07
C2D F6C AB . -62.30 -32.30 1.58
O2A F6C AB . -64.17 -26.24 -5.21
O2D F6C AB . -61.73 -31.69 -3.54
C3 F6C AB . -66.17 -28.09 -3.79
C3A F6C AB . -59.04 -27.70 -2.97
C3B F6C AB . -54.28 -29.21 0.58
C3C F6C AB . -57.99 -32.61 4.28
C3D F6C AB . -62.50 -31.52 0.33
C4 F6C AB . -66.11 -28.74 -5.15
C4A F6C AB . -58.37 -28.43 -1.84
C4B F6C AB . -55.55 -29.75 1.10
C4C F6C AB . -58.72 -32.02 3.13
C4D F6C AB . -61.32 -30.85 0.05
C5 F6C AB . -66.54 -28.91 -2.59
C6 F6C AB . -66.49 -28.12 -1.28
C7 F6C AB . -67.43 -28.72 -0.26
C8 F6C AB . -67.19 -28.13 1.12
C9 F6C AB . -67.53 -26.64 1.12
C10 F6C AB . -65.75 -28.37 1.53
C11 F6C AB . -65.62 -28.64 3.03
C12 F6C AB . -64.32 -29.40 3.31
C13 F6C AB . -63.91 -29.28 4.78
C14 F6C AB . -62.76 -30.23 5.08
C15 F6C AB . -65.10 -29.56 5.68
NC F6C AB . -58.00 -31.24 2.30
MG F6C AB . -58.53 -30.02 0.73
C16 F6C AB . -64.76 -29.28 7.15
C17 F6C AB . -66.03 -29.18 7.98
C18 F6C AB . -65.72 -29.00 9.45
C19 F6C AB . -66.97 -29.17 10.30
C20 F6C AB . -65.07 -27.65 9.71
CAA F6C BB . -46.23 -18.90 -11.00
CAB F6C BB . -47.75 -17.60 -2.03
CAC F6C BB . -51.45 -11.49 -5.94
CAD F6C BB . -49.50 -15.93 -12.62
NA F6C BB . -48.19 -18.04 -8.59
CBA F6C BB . -45.23 -20.01 -11.25
CBB F6C BB . -46.60 -17.65 -1.40
CBC F6C BB . -50.44 -10.50 -6.47
CBD F6C BB . -48.84 -17.22 -12.28
NB F6C BB . -48.32 -17.46 -5.75
OBD F6C BB . -49.78 -15.51 -13.80
CGA F6C BB . -43.94 -19.40 -11.72
CGD F6C BB . -49.76 -18.31 -12.73
ND F6C BB . -49.61 -15.49 -9.04
CED F6C BB . -50.89 -19.58 -14.54
CHA F6C BB . -48.78 -17.20 -10.80
CHB F6C BB . -47.36 -19.44 -6.83
CHC F6C BB . -49.06 -15.70 -4.17
CHD F6C BB . -50.71 -13.39 -8.27
CMA F6C BB . -47.90 -21.44 -9.01
CMB F6C BB . -46.56 -20.19 -3.75
CMC F6C BB . -50.34 -13.01 -3.18
CMD F6C BB . -51.10 -12.87 -11.60
OMB F6C BB . -46.27 -21.11 -4.49
C1 F6C BB . -41.56 -19.84 -12.25
C1A F6C BB . -48.20 -18.21 -9.85
C1B F6C BB . -47.69 -18.62 -5.66
C1C F6C BB . -49.65 -14.75 -5.12
C1D F6C BB . -50.29 -14.25 -9.36
O1A F6C BB . -43.92 -18.37 -12.35
O1D F6C BB . -50.40 -18.98 -11.92
C2 F6C BB . -41.32 -21.11 -13.04
C2A F6C BB . -47.53 -19.42 -10.40
C2B F6C BB . -47.28 -18.99 -4.27
C2C F6C BB . -50.25 -13.49 -4.60
C2D F6C BB . -50.49 -13.98 -10.79
O2A F6C BB . -42.67 -20.03 -11.39
O2D F6C BB . -49.91 -18.62 -14.13
C3 F6C BB . -40.35 -21.95 -12.66
C3A F6C BB . -47.11 -20.14 -9.14
C3B F6C BB . -47.81 -17.85 -3.49
C3C F6C BB . -50.74 -12.82 -5.82
C3D F6C BB . -49.85 -15.21 -11.37
C4 F6C BB . -39.50 -21.64 -11.46
C4A F6C BB . -47.59 -19.14 -8.12
C4B F6C BB . -48.41 -16.97 -4.51
C4C F6C BB . -50.37 -13.78 -6.89
C4D F6C BB . -49.40 -15.97 -10.32
C5 F6C BB . -40.13 -23.21 -13.46
C6 F6C BB . -39.82 -24.41 -12.56
C7 F6C BB . -41.09 -25.15 -12.18
C8 F6C BB . -41.13 -26.55 -12.77
C9 F6C BB . -41.43 -26.47 -14.26
C10 F6C BB . -39.81 -27.28 -12.53
NC F6C BB . -49.73 -14.89 -6.46
MG F6C BB . -49.12 -16.61 -7.42
MG CLA CB . -49.36 -23.73 -18.26
CHA CLA CB . -48.26 -22.76 -15.13
CHB CLA CB . -49.72 -26.88 -17.10
CHC CLA CB . -49.85 -24.68 -21.46
CHD CLA CB . -48.52 -20.32 -19.47
NA CLA CB . -49.03 -24.67 -16.44
C1A CLA CB . -48.69 -24.19 -15.30
C2A CLA CB . -48.71 -25.17 -14.14
C3A CLA CB . -49.14 -26.45 -14.82
C4A CLA CB . -49.32 -25.96 -16.22
CMA CLA CB . -47.99 -27.44 -14.81
CAA CLA CB . -49.78 -24.85 -13.11
CBA CLA CB . -49.48 -25.63 -11.83
CGA CLA CB . -50.46 -25.24 -10.77
O1A CLA CB . -50.28 -24.26 -10.07
O2A CLA CB . -51.65 -26.05 -10.57
NB CLA CB . -49.69 -25.54 -19.15
C1B CLA CB . -49.94 -26.70 -18.54
C2B CLA CB . -50.43 -27.78 -19.44
C3B CLA CB . -50.46 -27.10 -20.75
C4B CLA CB . -49.99 -25.73 -20.44
CMB CLA CB . -50.81 -29.20 -19.08
CAB CLA CB . -50.86 -27.59 -22.09
CBB CLA CB . -52.00 -28.20 -22.31
NC CLA CB . -49.19 -22.71 -20.04
C1C CLA CB . -49.47 -23.29 -21.22
C2C CLA CB . -49.38 -22.37 -22.37
C3C CLA CB . -48.99 -21.08 -21.78
C4C CLA CB . -48.91 -21.43 -20.35
CMC CLA CB . -49.64 -22.69 -23.80
CAC CLA CB . -48.74 -19.74 -22.43
CBC CLA CB . -47.28 -19.71 -22.83
ND CLA CB . -48.59 -21.97 -17.59
C1D CLA CB . -48.31 -20.65 -18.07
C2D CLA CB . -47.80 -19.68 -17.07
C3D CLA CB . -47.79 -20.58 -15.88
C4D CLA CB . -48.25 -21.83 -16.26
CMD CLA CB . -47.39 -18.24 -17.08
CAD CLA CB . -47.48 -20.63 -14.45
OBD CLA CB . -47.04 -19.63 -13.78
CBD CLA CB . -47.76 -21.99 -13.94
CGD CLA CB . -46.53 -22.57 -13.31
O1D CLA CB . -46.53 -22.88 -12.13
O2D CLA CB . -45.32 -22.78 -14.08
CED CLA CB . -44.17 -23.29 -13.41
C1 CLA CB . -51.79 -26.70 -9.31
C2 CLA CB . -50.89 -27.92 -9.34
C3 CLA CB . -50.44 -28.51 -8.24
C4 CLA CB . -50.79 -27.97 -6.88
C5 CLA CB . -49.55 -29.72 -8.35
C6 CLA CB . -49.85 -30.76 -7.28
C7 CLA CB . -48.58 -31.19 -6.55
C8 CLA CB . -47.85 -32.28 -7.33
C9 CLA CB . -48.14 -33.64 -6.73
C10 CLA CB . -46.35 -31.99 -7.33
C11 CLA CB . -45.80 -31.87 -5.91
C12 CLA CB . -44.32 -31.53 -5.92
C13 CLA CB . -43.72 -31.63 -4.52
C14 CLA CB . -44.38 -30.65 -3.57
C15 CLA CB . -42.22 -31.38 -4.61
MG CLA DB . -65.64 -8.95 -15.15
CHA CLA DB . -68.58 -10.20 -16.50
CHB CLA DB . -64.49 -8.46 -18.29
CHC CLA DB . -63.08 -7.19 -13.80
CHD CLA DB . -67.16 -9.26 -11.81
NA CLA DB . -66.41 -9.22 -17.06
C1A CLA DB . -67.46 -9.85 -17.45
C2A CLA DB . -67.56 -10.12 -18.93
C3A CLA DB . -66.22 -9.62 -19.44
C4A CLA DB . -65.66 -9.07 -18.17
CMA CLA DB . -65.43 -10.87 -19.82
CAA CLA DB . -68.61 -9.26 -19.68
CBA CLA DB . -68.33 -7.77 -19.91
CGA CLA DB . -68.50 -6.95 -18.65
O1A CLA DB . -67.77 -6.01 -18.41
O2A CLA DB . -69.53 -7.31 -17.69
NB CLA DB . -64.00 -8.03 -15.92
C1B CLA DB . -63.74 -7.82 -17.21
C2B CLA DB . -62.71 -6.78 -17.49
C3B CLA DB . -62.30 -6.40 -16.12
C4B CLA DB . -63.16 -7.25 -15.25
CMB CLA DB . -62.23 -6.30 -18.84
CAB CLA DB . -61.30 -5.43 -15.58
CBB CLA DB . -60.87 -4.36 -16.20
NC CLA DB . -65.26 -8.31 -13.23
C1C CLA DB . -64.10 -7.71 -12.88
C2C CLA DB . -63.88 -7.56 -11.42
C3C CLA DB . -65.10 -8.17 -10.84
C4C CLA DB . -65.86 -8.59 -12.04
CMC CLA DB . -62.72 -6.95 -10.70
CAC CLA DB . -65.46 -8.34 -9.39
CBC CLA DB . -66.33 -7.16 -9.00
ND CLA DB . -67.38 -9.55 -14.28
C1D CLA DB . -67.96 -9.63 -12.97
C2D CLA DB . -69.35 -10.11 -12.91
C3D CLA DB . -69.60 -10.32 -14.37
C4D CLA DB . -68.46 -9.95 -15.05
CMD CLA DB . -70.37 -10.37 -11.83
CAD CLA DB . -70.60 -10.76 -15.36
OBD CLA DB . -71.80 -11.15 -15.10
CBD CLA DB . -70.00 -10.66 -16.70
CGD CLA DB . -70.12 -11.97 -17.42
O1D CLA DB . -69.51 -12.94 -17.06
O2D CLA DB . -71.00 -12.05 -18.57
CED CLA DB . -71.49 -13.32 -19.00
C1 CLA DB . -70.84 -6.79 -17.88
C2 CLA DB . -70.84 -5.28 -17.82
C3 CLA DB . -71.85 -4.64 -17.22
C4 CLA DB . -71.02 -3.45 -17.60
C5 CLA DB . -72.71 -3.50 -16.75
C6 CLA DB . -73.03 -3.64 -15.27
C7 CLA DB . -74.53 -3.48 -15.04
C8 CLA DB . -74.81 -3.34 -13.55
C9 CLA DB . -76.29 -3.54 -13.25
C10 CLA DB . -74.31 -1.99 -13.07
C11 CLA DB . -74.92 -0.80 -13.82
C12 CLA DB . -74.34 0.50 -13.26
C13 CLA DB . -74.40 1.64 -14.26
C14 CLA DB . -73.83 2.91 -13.65
C15 CLA DB . -75.85 1.87 -14.71
C16 CLA DB . -75.95 2.96 -15.77
C17 CLA DB . -77.41 3.23 -16.11
C18 CLA DB . -78.09 4.00 -14.98
C19 CLA DB . -79.59 3.70 -14.94
C20 CLA DB . -77.84 5.49 -15.13
CAA F6C EB . -68.75 -17.69 -19.63
CAB F6C EB . -66.97 -15.21 -10.75
CAC F6C EB . -61.81 -21.16 -12.28
CAD F6C EB . -65.13 -20.76 -19.81
NA F6C EB . -66.65 -17.28 -16.96
CBA F6C EB . -69.72 -18.04 -18.50
CBB F6C EB . -67.16 -13.99 -10.28
CBC F6C EB . -62.63 -22.40 -11.99
CBD F6C EB . -66.03 -19.60 -19.97
NB F6C EB . -66.13 -16.39 -14.23
OBD F6C EB . -64.85 -21.63 -20.71
CGA F6C EB . -70.10 -19.50 -18.66
CGD F6C EB . -65.58 -18.73 -21.10
ND F6C EB . -64.76 -19.47 -16.45
CED F6C EB . -66.03 -17.85 -23.38
CHA F6C EB . -65.99 -18.90 -18.66
CHB F6C EB . -67.66 -15.41 -15.88
CHC F6C EB . -64.92 -17.07 -12.17
CHD F6C EB . -63.24 -20.81 -14.98
CMA F6C EB . -67.41 -14.48 -18.72
CMB F6C EB . -68.93 -13.99 -13.21
CMC F6C EB . -62.91 -18.65 -10.35
CMD F6C EB . -62.91 -22.70 -17.64
OMB F6C EB . -69.37 -13.48 -14.22
C1 F6C EB . -69.33 -21.87 -18.52
C1A F6C EB . -66.71 -17.68 -18.18
C1B F6C EB . -67.16 -15.60 -14.50
C1C F6C EB . -64.22 -18.25 -12.68
C1D F6C EB . -63.89 -20.59 -16.26
O1A F6C EB . -71.26 -19.85 -18.74
O1D F6C EB . -64.48 -18.23 -21.12
C2 F6C EB . -68.03 -22.58 -18.21
C2A F6C EB . -67.56 -16.88 -19.13
C2B F6C EB . -67.77 -14.94 -13.30
C2C F6C EB . -63.28 -18.97 -11.78
C2D F6C EB . -63.71 -21.46 -17.43
O2A F6C EB . -69.04 -20.49 -18.76
O2D F6C EB . -66.50 -18.48 -22.20
C3 F6C EB . -67.54 -23.44 -19.10
C3A F6C EB . -68.05 -15.77 -18.23
C3B F6C EB . -66.92 -15.45 -12.21
C3C F6C EB . -62.80 -20.07 -12.62
C3D F6C EB . -64.59 -20.77 -18.41
C4 F6C EB . -68.27 -23.69 -20.38
C4A F6C EB . -67.41 -16.18 -16.94
C4B F6C EB . -65.95 -16.33 -12.90
C4C F6C EB . -63.51 -19.85 -13.89
C4D F6C EB . -65.13 -19.68 -17.76
C5 F6C EB . -66.24 -24.16 -18.84
C6 F6C EB . -66.20 -24.80 -17.45
C7 F6C EB . -65.04 -25.80 -17.37
C8 F6C EB . -64.40 -25.80 -16.00
C9 F6C EB . -63.00 -26.40 -16.08
C10 F6C EB . -65.27 -26.56 -15.01
C11 F6C EB . -64.66 -26.56 -13.61
C12 F6C EB . -65.73 -26.82 -12.56
C13 F6C EB . -65.14 -27.32 -11.25
C14 F6C EB . -66.25 -27.68 -10.27
C15 F6C EB . -64.23 -26.25 -10.63
NC F6C EB . -64.34 -18.78 -13.91
MG F6C EB . -65.34 -17.81 -15.45
C16 F6C EB . -63.13 -26.87 -9.78
C17 F6C EB . -62.37 -25.78 -9.00
C18 F6C EB . -61.01 -26.27 -8.53
C19 F6C EB . -61.07 -27.69 -7.98
C20 F6C EB . -60.45 -25.31 -7.49
MG CLA FB . -64.51 -13.18 3.33
CHA CLA FB . -65.16 -11.53 6.32
CHB CLA FB . -67.14 -15.18 3.95
CHC CLA FB . -64.26 -14.27 0.12
CHD CLA FB . -61.86 -10.74 2.65
NA CLA FB . -65.93 -13.32 4.84
C1A CLA FB . -66.06 -12.67 5.95
C2A CLA FB . -67.16 -13.15 6.87
C3A CLA FB . -67.73 -14.33 6.10
C4A CLA FB . -66.87 -14.28 4.88
CMA CLA FB . -67.36 -15.57 6.89
CAA CLA FB . -68.31 -12.12 6.97
CBA CLA FB . -68.67 -11.50 5.63
CGA CLA FB . -69.59 -10.32 5.78
O1A CLA FB . -70.25 -10.14 6.79
O2A CLA FB . -69.69 -9.37 4.69
NB CLA FB . -65.58 -14.48 2.19
C1B CLA FB . -66.47 -15.34 2.65
C2B CLA FB . -66.79 -16.45 1.74
C3B CLA FB . -65.91 -16.17 0.57
C4B CLA FB . -65.23 -14.93 0.99
CMB CLA FB . -67.76 -17.54 2.02
CAB CLA FB . -65.67 -16.85 -0.73
CBB CLA FB . -66.19 -18.01 -1.09
NC CLA FB . -63.29 -12.63 1.77
C1C CLA FB . -63.41 -13.14 0.53
C2C CLA FB . -62.61 -12.49 -0.52
C3C CLA FB . -61.90 -11.43 0.23
C4C CLA FB . -62.38 -11.63 1.62
CMC CLA FB . -62.56 -12.84 -1.98
CAC CLA FB . -60.91 -10.41 -0.28
CBC CLA FB . -61.70 -9.16 -0.61
ND CLA FB . -63.67 -11.53 4.17
C1D CLA FB . -62.60 -10.63 3.90
C2D CLA FB . -62.33 -9.63 4.95
C3D CLA FB . -63.37 -10.00 5.94
C4D CLA FB . -64.09 -11.07 5.40
CMD CLA FB . -61.32 -8.53 5.07
CAD CLA FB . -63.97 -9.68 7.26
OBD CLA FB . -63.58 -8.74 8.05
CBD CLA FB . -65.09 -10.61 7.50
CGD CLA FB . -65.09 -11.22 8.87
O1D CLA FB . -65.87 -10.79 9.71
O2D CLA FB . -64.20 -12.29 9.22
CED CLA FB . -64.05 -12.61 10.60
C1 CLA FB . -70.99 -9.03 4.21
C2 CLA FB . -70.89 -8.48 2.81
C3 CLA FB . -70.70 -7.17 2.60
C4 CLA FB . -70.60 -6.20 3.74
C5 CLA FB . -70.62 -6.65 1.18
C6 CLA FB . -69.49 -5.66 0.93
C7 CLA FB . -68.58 -6.18 -0.18
C8 CLA FB . -68.06 -5.05 -1.07
C9 CLA FB . -67.43 -3.93 -0.26
C10 CLA FB . -69.19 -4.51 -1.95
C11 CLA FB . -69.18 -5.18 -3.32
C12 CLA FB . -68.52 -4.30 -4.37
C13 CLA FB . -69.15 -4.54 -5.73
C14 CLA FB . -68.66 -5.85 -6.34
C15 CLA FB . -68.86 -3.37 -6.66
C16 CLA FB . -70.13 -2.85 -7.32
C17 CLA FB . -70.39 -1.40 -6.92
C18 CLA FB . -71.77 -0.95 -7.37
C19 CLA FB . -71.98 0.54 -7.07
C20 CLA FB . -72.86 -1.78 -6.72
CAA F6C GB . -34.93 -24.66 9.17
CAB F6C GB . -37.36 -17.59 3.45
CAC F6C GB . -44.12 -21.95 4.53
CAD F6C GB . -39.46 -25.98 10.05
NA F6C GB . -37.16 -22.39 7.98
CBA F6C GB . -34.69 -24.72 7.67
CBB F6C GB . -36.53 -17.56 2.43
CBC F6C GB . -44.07 -23.13 3.59
CBD F6C GB . -38.10 -25.40 10.18
NB F6C GB . -37.78 -20.34 6.00
OBD F6C GB . -39.93 -26.95 10.72
CGA F6C GB . -33.45 -25.52 7.34
CGD F6C GB . -37.94 -24.88 11.57
ND F6C GB . -39.90 -23.41 7.54
CED F6C GB . -38.59 -23.27 13.32
CHA F6C GB . -38.08 -24.29 9.20
CHB F6C GB . -35.67 -20.69 7.21
CHC F6C GB . -39.58 -19.58 4.47
CHD F6C GB . -42.15 -23.37 6.44
CMA F6C GB . -34.78 -21.14 10.00
CMB F6C GB . -34.65 -18.28 5.27
CMC F6C GB . -42.41 -19.40 3.21
CMD F6C GB . -42.71 -26.01 8.54
OMB F6C GB . -33.99 -18.28 6.28
C1 F6C GB . -32.05 -25.92 5.32
C1A F6C GB . -37.01 -23.31 8.85
C1B F6C GB . -36.51 -20.01 6.21
C1C F6C GB . -40.61 -20.55 4.84
C1D F6C GB . -41.22 -23.97 7.41
O1A F6C GB . -32.58 -25.70 8.16
O1D F6C GB . -37.38 -25.54 12.42
C2 F6C GB . -32.33 -25.59 3.87
C2A F6C GB . -35.68 -23.38 9.55
C2B F6C GB . -36.00 -18.92 5.33
C2C F6C GB . -41.94 -20.43 4.20
C2D F6C GB . -41.52 -25.11 8.30
O2A F6C GB . -33.28 -26.11 6.01
O2D F6C GB . -38.47 -23.59 11.94
C3 F6C GB . -31.35 -25.41 2.99
C3A F6C GB . -34.95 -22.21 8.94
C3B F6C GB . -37.19 -18.59 4.52
C3C F6C GB . -42.70 -21.55 4.79
C3D F6C GB . -40.22 -25.22 9.02
C4 F6C GB . -29.91 -25.50 3.42
C4A F6C GB . -36.00 -21.74 7.98
C4B F6C GB . -38.22 -19.54 5.02
C4C F6C GB . -41.70 -22.18 5.69
C4D F6C GB . -39.39 -24.25 8.52
C5 F6C GB . -31.68 -25.10 1.55
NC F6C GB . -40.49 -21.58 5.71
MG F6C GB . -38.86 -21.77 6.96
MG CLA HB . -30.59 -16.35 4.92
CHA CLA HB . -30.57 -18.14 7.90
CHB CLA HB . -29.23 -13.75 6.57
CHC CLA HB . -30.27 -14.83 1.91
CHD CLA HB . -31.73 -19.42 3.21
NA CLA HB . -29.97 -16.00 6.88
C1A CLA HB . -30.03 -16.74 7.92
C2A CLA HB . -29.55 -16.10 9.21
C3A CLA HB . -29.19 -14.71 8.75
C4A CLA HB . -29.49 -14.83 7.29
CMA CLA HB . -30.19 -13.74 9.37
CAA CLA HB . -28.22 -16.69 9.72
CBA CLA HB . -27.36 -17.25 8.59
CGA CLA HB . -25.89 -17.42 8.86
O1A CLA HB . -25.47 -17.84 9.92
O2A CLA HB . -24.97 -17.05 7.81
NB CLA HB . -29.82 -14.57 4.33
C1B CLA HB . -29.42 -13.58 5.12
C2B CLA HB . -29.18 -12.28 4.43
C3B CLA HB . -29.49 -12.63 3.02
C4B CLA HB . -29.87 -14.06 3.10
CMB CLA HB . -28.73 -10.99 5.07
CAB CLA HB . -29.48 -11.80 1.79
CBB CLA HB . -28.48 -11.01 1.49
NC CLA HB . -30.90 -17.01 3.00
C1C CLA HB . -30.75 -16.22 1.92
C2C CLA HB . -31.12 -16.84 0.62
C3C CLA HB . -31.55 -18.20 1.02
C4C CLA HB . -31.37 -18.18 2.49
CMC CLA HB . -31.06 -16.24 -0.76
CAC CLA HB . -32.04 -19.32 0.15
CBC CLA HB . -33.54 -19.13 0.04
ND CLA HB . -31.00 -18.31 5.32
C1D CLA HB . -31.54 -19.46 4.66
C2D CLA HB . -31.86 -20.61 5.53
C3D CLA HB . -31.46 -20.04 6.85
C4D CLA HB . -31.00 -18.77 6.62
CMD CLA HB . -32.44 -21.99 5.32
CAD CLA HB . -31.37 -20.32 8.29
OBD CLA HB . -31.72 -21.42 8.85
CBD CLA HB . -30.81 -19.14 8.98
CGD CLA HB . -31.76 -18.66 10.03
O1D CLA HB . -32.48 -17.70 9.85
O2D CLA HB . -31.81 -19.34 11.32
CED CLA HB . -32.70 -18.90 12.32
C1 CLA HB . -23.81 -17.82 7.55
C2 CLA HB . -24.17 -19.00 6.67
C3 CLA HB . -23.62 -19.16 5.45
C4 CLA HB . -22.65 -18.16 4.91
C5 CLA HB . -24.01 -20.34 4.61
C6 CLA HB . -22.88 -20.79 3.69
C7 CLA HB . -23.26 -20.70 2.22
C8 CLA HB . -22.31 -19.85 1.36
C9 CLA HB . -20.90 -19.72 1.92
C10 CLA HB . -22.91 -18.47 1.12
C11 CLA HB . -23.11 -18.22 -0.38
C12 CLA HB . -24.31 -18.99 -0.92
C13 CLA HB . -24.06 -19.57 -2.32
C14 CLA HB . -22.85 -20.50 -2.33
C15 CLA HB . -24.01 -18.41 -3.34
C16 CLA HB . -22.68 -18.24 -4.10
C17 CLA HB . -22.84 -17.26 -5.26
C18 CLA HB . -21.65 -17.34 -6.21
C19 CLA HB . -21.56 -18.71 -6.86
C20 CLA HB . -20.34 -16.99 -5.49
MG CLA IB . -27.12 -5.93 -7.80
CHA CLA IB . -28.13 -5.80 -4.48
CHB CLA IB . -27.03 -2.57 -7.84
CHC CLA IB . -25.58 -6.16 -10.82
CHD CLA IB . -26.94 -9.61 -7.49
NA CLA IB . -27.46 -4.44 -6.40
C1A CLA IB . -27.93 -4.49 -5.21
C2A CLA IB . -28.27 -3.17 -4.58
C3A CLA IB . -27.96 -2.20 -5.68
C4A CLA IB . -27.44 -3.14 -6.71
CMA CLA IB . -29.31 -1.73 -6.19
CAA CLA IB . -27.29 -2.80 -3.46
CBA CLA IB . -27.65 -1.48 -2.80
CGA CLA IB . -28.67 -1.67 -1.71
O1A CLA IB . -29.19 -2.75 -1.48
O2A CLA IB . -29.07 -0.55 -0.89
NB CLA IB . -26.43 -4.56 -9.13
C1B CLA IB . -26.46 -3.23 -9.02
C2B CLA IB . -25.80 -2.50 -10.14
C3B CLA IB . -25.38 -3.60 -11.01
C4B CLA IB . -25.81 -4.82 -10.28
CMB CLA IB . -25.64 -1.02 -10.36
CAB CLA IB . -24.67 -3.53 -12.32
CBB CLA IB . -23.36 -3.67 -12.35
NC CLA IB . -26.39 -7.54 -8.86
C1C CLA IB . -25.87 -7.42 -10.10
C2C CLA IB . -25.57 -8.70 -10.80
C3C CLA IB . -25.99 -9.71 -9.80
C4C CLA IB . -26.47 -8.87 -8.67
CMC CLA IB . -25.00 -8.91 -12.17
CAC CLA IB . -25.94 -11.21 -9.89
CBC CLA IB . -27.25 -11.63 -10.53
ND CLA IB . -27.40 -7.39 -6.42
C1D CLA IB . -27.36 -8.83 -6.33
C2D CLA IB . -27.78 -9.40 -5.03
C3D CLA IB . -28.08 -8.14 -4.29
C4D CLA IB . -27.82 -7.08 -5.13
CMD CLA IB . -27.90 -10.77 -4.45
CAD CLA IB . -28.53 -7.60 -2.99
OBD CLA IB . -28.85 -8.28 -1.96
CBD CLA IB . -28.57 -6.13 -3.10
CGD CLA IB . -29.98 -5.69 -2.85
O1D CLA IB . -30.77 -5.50 -3.76
O2D CLA IB . -30.40 -5.48 -1.48
CED CLA IB . -31.78 -5.51 -1.16
C1 CLA IB . -30.33 -0.61 -0.22
C2 CLA IB . -30.75 0.80 0.09
C3 CLA IB . -31.49 1.10 1.16
C4 CLA IB . -31.95 0.04 2.12
C5 CLA IB . -31.86 2.54 1.40
C6 CLA IB . -30.65 3.46 1.30
C7 CLA IB . -31.01 4.78 0.64
C8 CLA IB . -30.73 5.93 1.61
C9 CLA IB . -31.32 7.24 1.09
C10 CLA IB . -29.23 6.06 1.83
C11 CLA IB . -28.93 6.75 3.15
C12 CLA IB . -29.48 5.93 4.31
C13 CLA IB . -29.21 6.56 5.67
C14 CLA IB . -29.79 5.70 6.78
C15 CLA IB . -29.82 7.97 5.70
C16 CLA IB . -29.56 8.67 7.02
C17 CLA IB . -30.30 10.00 7.09
C18 CLA IB . -30.48 10.45 8.54
C19 CLA IB . -31.55 11.53 8.62
C20 CLA IB . -29.16 10.93 9.14
MG CLA JB . -27.71 2.16 -13.79
CHA CLA JB . -24.77 2.93 -15.45
CHB CLA JB . -26.85 -1.11 -13.92
CHC CLA JB . -30.32 1.52 -11.71
CHD CLA JB . -28.28 5.77 -13.32
NA CLA JB . -26.08 1.09 -14.51
C1A CLA JB . -25.05 1.48 -15.18
C2A CLA JB . -24.12 0.39 -15.67
C3A CLA JB . -24.84 -0.86 -15.21
C4A CLA JB . -26.02 -0.24 -14.50
CMA CLA JB . -25.34 -1.57 -16.46
CAA CLA JB . -22.78 0.36 -14.91
CBA CLA JB . -22.91 0.55 -13.39
CGA CLA JB . -21.96 -0.26 -12.56
O1A CLA JB . -21.11 -0.98 -13.07
O2A CLA JB . -22.03 -0.18 -11.11
NB CLA JB . -28.47 0.46 -12.96
C1B CLA JB . -28.03 -0.79 -13.13
C2B CLA JB . -28.78 -1.82 -12.38
C3B CLA JB . -29.82 -1.02 -11.72
C4B CLA JB . -29.52 0.37 -12.14
CMB CLA JB . -28.57 -3.31 -12.32
CAB CLA JB . -30.89 -1.46 -10.81
CBB CLA JB . -30.57 -1.92 -9.61
NC CLA JB . -28.99 3.39 -12.74
C1C CLA JB . -30.00 2.93 -11.98
C2C CLA JB . -30.87 3.98 -11.38
C3C CLA JB . -30.25 5.23 -11.87
C4C CLA JB . -29.12 4.74 -12.69
CMC CLA JB . -32.06 3.82 -10.50
CAC CLA JB . -30.67 6.65 -11.60
CBC CLA JB . -31.81 6.94 -12.54
ND CLA JB . -26.82 3.94 -14.17
C1D CLA JB . -27.11 5.34 -14.08
C2D CLA JB . -26.17 6.25 -14.77
C3D CLA JB . -25.24 5.24 -15.33
C4D CLA JB . -25.67 3.99 -14.94
CMD CLA JB . -26.06 7.74 -14.96
CAD CLA JB . -24.01 5.05 -16.14
OBD CLA JB . -23.32 5.99 -16.68
CBD CLA JB . -23.72 3.60 -16.26
CGD CLA JB . -23.94 3.26 -17.69
O1D CLA JB . -24.74 3.86 -18.37
O2D CLA JB . -23.22 2.17 -18.31
CED CLA JB . -23.94 1.45 -19.30
C1 CLA JB . -21.04 -0.81 -10.32
C2 CLA JB . -21.61 -1.96 -9.53
C3 CLA JB . -20.94 -2.49 -8.48
C4 CLA JB . -19.60 -1.97 -8.08
C5 CLA JB . -21.53 -3.65 -7.70
C6 CLA JB . -22.55 -4.46 -8.48
C7 CLA JB . -23.36 -5.37 -7.57
C8 CLA JB . -22.71 -6.75 -7.41
C9 CLA JB . -22.46 -7.40 -8.76
C10 CLA JB . -23.60 -7.63 -6.55
C11 CLA JB . -22.96 -9.00 -6.29
C12 CLA JB . -23.70 -9.80 -5.23
C13 CLA JB . -23.18 -11.23 -5.13
C14 CLA JB . -23.58 -12.04 -6.36
C15 CLA JB . -23.71 -11.87 -3.85
C16 CLA JB . -22.61 -12.55 -3.02
C17 CLA JB . -22.52 -14.04 -3.28
C18 CLA JB . -21.36 -14.71 -2.54
C19 CLA JB . -21.60 -14.74 -1.03
C20 CLA JB . -20.04 -14.03 -2.86
MG CLA KB . -42.65 -28.35 -20.42
CHA CLA KB . -44.13 -30.93 -22.18
CHB CLA KB . -45.72 -27.04 -19.88
CHC CLA KB . -41.18 -26.14 -18.27
CHD CLA KB . -39.46 -30.18 -20.58
NA CLA KB . -44.60 -28.91 -20.89
C1A CLA KB . -45.04 -29.86 -21.63
C2A CLA KB . -46.53 -29.83 -21.95
C3A CLA KB . -46.96 -28.57 -21.24
C4A CLA KB . -45.67 -28.14 -20.63
CMA CLA KB . -47.30 -27.54 -22.31
CAA CLA KB . -47.31 -30.98 -21.32
CBA CLA KB . -46.91 -31.28 -19.88
CGA CLA KB . -47.48 -32.61 -19.43
O1A CLA KB . -48.53 -32.66 -18.81
O2A CLA KB . -46.76 -33.83 -19.71
NB CLA KB . -43.36 -26.82 -19.28
C1B CLA KB . -44.61 -26.42 -19.16
C2B CLA KB . -44.80 -25.32 -18.18
C3B CLA KB . -43.44 -25.08 -17.70
C4B CLA KB . -42.63 -26.05 -18.46
CMB CLA KB . -46.05 -24.63 -17.77
CAB CLA KB . -42.94 -24.09 -16.71
CBB CLA KB . -43.07 -22.81 -16.95
NC CLA KB . -40.76 -28.23 -19.60
C1C CLA KB . -40.36 -27.25 -18.78
C2C CLA KB . -38.94 -27.29 -18.37
C3C CLA KB . -38.44 -28.49 -19.06
C4C CLA KB . -39.64 -28.97 -19.78
CMC CLA KB . -38.19 -26.36 -17.46
CAC CLA KB . -37.04 -29.08 -19.04
CBC CLA KB . -37.02 -30.11 -17.94
ND CLA KB . -41.91 -30.10 -21.09
C1D CLA KB . -40.64 -30.73 -21.25
C2D CLA KB . -40.61 -31.92 -22.09
C3D CLA KB . -42.05 -32.00 -22.48
C4D CLA KB . -42.70 -30.94 -21.86
CMD CLA KB . -39.52 -32.86 -22.51
CAD CLA KB . -43.06 -32.77 -23.25
OBD CLA KB . -42.83 -33.82 -23.95
CBD CLA KB . -44.37 -32.11 -23.06
CGD CLA KB . -45.02 -31.82 -24.36
O1D CLA KB . -44.88 -30.77 -24.97
O2D CLA KB . -45.91 -32.85 -24.86
CED CLA KB . -47.18 -32.48 -25.38
MG CLA LB . -42.37 -38.06 -23.34
CHA CLA LB . -45.09 -39.68 -24.74
CHB CLA LB . -44.51 -36.10 -21.61
CHC CLA LB . -39.68 -36.87 -21.66
CHD CLA LB . -40.18 -40.53 -25.01
NA CLA LB . -44.44 -37.93 -23.16
C1A CLA LB . -45.37 -38.55 -23.79
C2A CLA LB . -46.78 -38.05 -23.50
C3A CLA LB . -46.55 -36.91 -22.54
C4A CLA LB . -45.06 -36.99 -22.44
CMA CLA LB . -46.95 -35.60 -23.21
CAA CLA LB . -47.70 -39.00 -22.70
CBA CLA LB . -47.14 -40.29 -22.08
CGA CLA LB . -46.19 -40.10 -20.92
O1A CLA LB . -45.26 -40.87 -20.77
O2A CLA LB . -46.38 -39.02 -19.98
NB CLA LB . -42.15 -36.67 -21.87
C1B CLA LB . -43.09 -35.96 -21.28
C2B CLA LB . -42.62 -35.06 -20.19
C3B CLA LB . -41.15 -35.30 -20.22
C4B CLA LB . -41.00 -36.32 -21.30
CMB CLA LB . -43.44 -34.13 -19.33
CAB CLA LB . -40.04 -34.74 -19.41
CBB CLA LB . -39.97 -33.48 -19.04
NC CLA LB . -40.39 -38.62 -23.31
C1C CLA LB . -39.45 -37.97 -22.61
C2C CLA LB . -38.06 -38.43 -22.84
C3C CLA LB . -38.21 -39.51 -23.84
C4C CLA LB . -39.69 -39.54 -24.05
CMC CLA LB . -36.78 -37.92 -22.22
CAC CLA LB . -37.16 -40.39 -24.46
CBC CLA LB . -36.68 -39.70 -25.72
ND CLA LB . -42.49 -39.72 -24.52
C1D CLA LB . -41.63 -40.61 -25.22
C2D CLA LB . -42.29 -41.59 -26.12
C3D CLA LB . -43.70 -41.19 -25.91
C4D CLA LB . -43.72 -40.15 -25.00
CMD CLA LB . -41.84 -42.69 -27.03
CAD CLA LB . -45.11 -41.48 -26.29
OBD CLA LB . -45.49 -42.38 -27.11
CBD CLA LB . -45.99 -40.54 -25.57
CGD CLA LB . -46.80 -39.75 -26.55
O1D CLA LB . -46.38 -39.44 -27.63
O2D CLA LB . -48.14 -39.39 -26.18
CED CLA LB . -49.00 -38.93 -27.22
MG CLA MB . -45.24 -15.36 -18.60
CHA CLA MB . -43.46 -17.97 -20.03
CHB CLA MB . -44.45 -16.57 -15.57
CHC CLA MB . -47.38 -13.06 -17.30
CHD CLA MB . -46.41 -14.46 -21.98
NA CLA MB . -44.18 -17.01 -17.91
C1A CLA MB . -43.45 -17.86 -18.53
C2A CLA MB . -42.62 -18.80 -17.66
C3A CLA MB . -42.99 -18.33 -16.26
C4A CLA MB . -43.94 -17.23 -16.61
CMA CLA MB . -43.77 -19.43 -15.55
CAA CLA MB . -41.11 -18.61 -17.79
CBA CLA MB . -40.46 -19.92 -18.18
CGA CLA MB . -39.86 -20.62 -16.99
O1A CLA MB . -40.55 -21.15 -16.14
O2A CLA MB . -38.42 -20.64 -16.83
NB CLA MB . -45.83 -14.89 -16.71
C1B CLA MB . -45.41 -15.47 -15.58
C2B CLA MB . -46.00 -14.90 -14.35
C3B CLA MB . -46.88 -13.83 -14.90
C4B CLA MB . -46.68 -13.94 -16.36
CMB CLA MB . -45.70 -15.35 -12.94
CAB CLA MB . -47.80 -12.83 -14.28
CBB CLA MB . -47.79 -12.53 -13.00
NC CLA MB . -46.58 -14.05 -19.47
C1C CLA MB . -47.37 -13.22 -18.76
C2C CLA MB . -48.32 -12.41 -19.57
C3C CLA MB . -48.02 -12.84 -20.94
C4C CLA MB . -46.95 -13.84 -20.75
CMC CLA MB . -49.34 -11.41 -19.11
CAC CLA MB . -48.66 -12.38 -22.23
CBC CLA MB . -47.81 -11.22 -22.70
ND CLA MB . -45.07 -15.98 -20.52
C1D CLA MB . -45.50 -15.58 -21.83
C2D CLA MB . -44.97 -16.39 -22.95
C3D CLA MB . -44.15 -17.36 -22.19
C4D CLA MB . -44.26 -17.05 -20.85
CMD CLA MB . -45.10 -16.38 -24.44
CAD CLA MB . -43.23 -18.52 -22.31
OBD CLA MB . -42.90 -19.06 -23.42
CBD CLA MB . -42.79 -18.93 -20.97
CGD CLA MB . -43.28 -20.33 -20.71
O1D CLA MB . -42.48 -21.21 -20.50
O2D CLA MB . -44.70 -20.61 -20.67
CED CLA MB . -45.13 -21.81 -20.05
C1 CLA MB . -37.64 -21.75 -17.26
C2 CLA MB . -37.62 -22.91 -16.28
C3 CLA MB . -36.67 -23.03 -15.35
C4 CLA MB . -35.57 -22.01 -15.18
C5 CLA MB . -36.69 -24.22 -14.42
C6 CLA MB . -35.41 -25.03 -14.54
MG CLA NB . -35.35 -14.37 -12.65
CHA CLA NB . -36.82 -15.70 -15.49
CHB CLA NB . -38.31 -14.69 -11.06
CHC CLA NB . -33.72 -13.58 -9.79
CHD CLA NB . -32.11 -14.47 -14.43
NA CLA NB . -37.23 -15.10 -13.16
C1A CLA NB . -37.71 -15.48 -14.29
C2A CLA NB . -39.18 -15.83 -14.33
C3A CLA NB . -39.62 -15.47 -12.92
C4A CLA NB . -38.29 -15.05 -12.34
CMA CLA NB . -40.59 -14.31 -12.97
CAA CLA NB . -39.50 -17.33 -14.50
CBA CLA NB . -38.78 -18.34 -13.60
CGA CLA NB . -37.34 -18.63 -13.97
O1A CLA NB . -37.00 -19.00 -15.07
O2A CLA NB . -36.31 -18.39 -12.99
NB CLA NB . -35.94 -14.18 -10.72
C1B CLA NB . -37.17 -14.26 -10.24
C2B CLA NB . -37.31 -13.92 -8.80
C3B CLA NB . -35.92 -13.60 -8.44
C4B CLA NB . -35.16 -13.79 -9.69
CMB CLA NB . -38.51 -13.91 -7.94
CAB CLA NB . -35.41 -13.16 -7.11
CBB CLA NB . -34.48 -13.86 -6.46
NC CLA NB . -33.34 -14.12 -12.23
C1C CLA NB . -32.91 -13.75 -11.01
C2C CLA NB . -31.44 -13.52 -10.91
C3C CLA NB . -30.97 -13.78 -12.29
C4C CLA NB . -32.23 -14.14 -13.00
CMC CLA NB . -30.63 -13.11 -9.71
CAC CLA NB . -29.56 -13.71 -12.82
CBC CLA NB . -28.99 -15.11 -12.76
ND CLA NB . -34.56 -14.93 -14.44
C1D CLA NB . -33.30 -14.93 -15.13
C2D CLA NB . -33.33 -15.39 -16.53
C3D CLA NB . -34.78 -15.71 -16.66
C4D CLA NB . -35.38 -15.41 -15.44
CMD CLA NB . -32.31 -15.56 -17.63
CAD CLA NB . -35.84 -16.22 -17.56
OBD CLA NB . -35.70 -16.60 -18.77
CBD CLA NB . -37.13 -16.19 -16.86
CGD CLA NB . -38.00 -15.20 -17.57
O1D CLA NB . -37.73 -14.00 -17.57
O2D CLA NB . -39.20 -15.64 -18.26
CED CLA NB . -39.87 -14.73 -19.12
C1 CLA NB . -34.95 -18.61 -13.36
C2 CLA NB . -34.12 -17.75 -12.45
C3 CLA NB . -32.90 -18.10 -12.07
C4 CLA NB . -32.28 -19.39 -12.49
C5 CLA NB . -32.13 -17.18 -11.17
C6 CLA NB . -31.70 -17.93 -9.92
C7 CLA NB . -32.34 -17.32 -8.68
C8 CLA NB . -31.78 -18.02 -7.45
C9 CLA NB . -32.84 -18.91 -6.81
C10 CLA NB . -31.26 -16.97 -6.46
C11 CLA NB . -30.28 -16.01 -7.12
C12 CLA NB . -29.36 -15.37 -6.09
C13 CLA NB . -30.15 -14.58 -5.06
C14 CLA NB . -30.82 -13.37 -5.70
C15 CLA NB . -29.25 -14.13 -3.91
C16 CLA NB . -28.16 -15.11 -3.49
C17 CLA NB . -27.20 -14.43 -2.53
C18 CLA NB . -27.36 -14.98 -1.12
C19 CLA NB . -26.42 -14.28 -0.15
C20 CLA NB . -27.13 -16.49 -1.10
MG CLA OB . -39.90 -16.48 -4.09
CHA CLA OB . -41.11 -17.44 -7.19
CHB CLA OB . -43.02 -16.83 -2.86
CHC CLA OB . -38.58 -15.91 -1.03
CHD CLA OB . -36.48 -16.78 -5.46
NA CLA OB . -41.73 -17.08 -4.85
C1A CLA OB . -42.10 -17.31 -6.06
C2A CLA OB . -43.58 -17.51 -6.30
C3A CLA OB . -44.13 -17.25 -4.92
C4A CLA OB . -42.88 -17.04 -4.16
CMA CLA OB . -44.95 -15.97 -4.89
CAA CLA OB . -43.91 -19.01 -6.25
CBA CLA OB . -43.87 -19.92 -7.46
CGA CLA OB . -43.81 -21.32 -6.91
O1A CLA OB . -44.82 -22.01 -6.85
O2A CLA OB . -42.56 -21.88 -6.44
NB CLA OB . -40.70 -16.34 -2.21
C1B CLA OB . -41.95 -16.60 -1.88
C2B CLA OB . -42.21 -16.70 -0.42
C3B CLA OB . -40.88 -16.43 0.15
C4B CLA OB . -40.02 -16.21 -1.07
CMB CLA OB . -43.49 -16.98 0.31
CAB CLA OB . -40.54 -16.39 1.60
CBB CLA OB . -39.68 -15.56 2.15
NC CLA OB . -37.95 -16.44 -3.41
C1C CLA OB . -37.64 -16.08 -2.14
C2C CLA OB . -36.20 -15.87 -1.89
C3C CLA OB . -35.59 -16.12 -3.20
C4C CLA OB . -36.76 -16.46 -4.05
CMC CLA OB . -35.51 -15.48 -0.60
CAC CLA OB . -34.13 -16.06 -3.59
CBC CLA OB . -33.58 -17.45 -3.40
ND CLA OB . -38.94 -17.02 -5.80
C1D CLA OB . -37.61 -17.03 -6.35
C2D CLA OB . -37.50 -17.29 -7.80
C3D CLA OB . -38.95 -17.44 -8.13
C4D CLA OB . -39.67 -17.29 -6.94
CMD CLA OB . -36.38 -17.38 -8.80
CAD CLA OB . -39.92 -17.72 -9.20
OBD CLA OB . -39.64 -17.90 -10.43
CBD CLA OB . -41.29 -17.68 -8.64
CGD CLA OB . -41.91 -16.43 -9.21
O1D CLA OB . -41.35 -15.36 -9.14
O2D CLA OB . -43.22 -16.47 -9.81
CED CLA OB . -44.06 -15.34 -9.65
C1 CLA OB . -42.40 -22.15 -5.04
C2 CLA OB . -41.39 -21.14 -4.49
C3 CLA OB . -41.40 -20.74 -3.23
C4 CLA OB . -42.43 -21.22 -2.25
C5 CLA OB . -40.36 -19.73 -2.78
C6 CLA OB . -38.97 -20.34 -2.62
C7 CLA OB . -38.18 -19.66 -1.49
C8 CLA OB . -38.33 -20.40 -0.17
C9 CLA OB . -39.33 -19.72 0.75
C10 CLA OB . -36.96 -20.52 0.49
C11 CLA OB . -37.06 -21.07 1.92
C12 CLA OB . -35.70 -21.30 2.58
C13 CLA OB . -35.54 -22.70 3.21
C14 CLA OB . -35.26 -23.75 2.13
C15 CLA OB . -36.73 -23.04 4.12
C16 CLA OB . -37.64 -24.20 3.69
C17 CLA OB . -39.06 -23.69 3.53
C18 CLA OB . -39.76 -24.06 2.23
C19 CLA OB . -38.82 -24.22 1.04
C20 CLA OB . -40.84 -23.03 1.91
MG CLA PB . -79.45 18.02 6.48
CHA CLA PB . -77.54 20.92 6.11
CHB CLA PB . -82.22 19.93 6.53
CHC CLA PB . -81.25 15.13 6.26
CHD CLA PB . -76.35 16.07 6.07
NA CLA PB . -79.84 20.05 6.30
C1A CLA PB . -79.04 21.06 6.25
C2A CLA PB . -79.71 22.42 6.30
C3A CLA PB . -81.17 22.06 6.48
C4A CLA PB . -81.06 20.57 6.43
CMA CLA PB . -81.58 22.48 7.88
CAA CLA PB . -79.63 23.21 4.98
CBA CLA PB . -80.26 22.59 3.73
CGA CLA PB . -79.22 21.69 3.09
O1A CLA PB . -78.10 22.12 2.90
O2A CLA PB . -79.52 20.31 2.79
NB CLA PB . -81.44 17.60 6.40
C1B CLA PB . -82.44 18.47 6.50
C2B CLA PB . -83.81 17.88 6.46
C3B CLA PB . -83.49 16.44 6.38
C4B CLA PB . -82.00 16.39 6.34
CMB CLA PB . -85.15 18.55 6.53
CAB CLA PB . -84.42 15.28 6.33
CBB CLA PB . -84.50 14.54 5.24
NC CLA PB . -78.90 16.05 6.21
C1C CLA PB . -79.78 15.04 6.16
C2C CLA PB . -79.17 13.69 5.98
C3C CLA PB . -77.73 13.97 5.92
C4C CLA PB . -77.69 15.44 6.08
CMC CLA PB . -79.87 12.36 5.87
CAC CLA PB . -76.58 13.00 5.74
CBC CLA PB . -76.24 12.99 4.27
ND CLA PB . -77.45 18.31 6.14
C1D CLA PB . -76.27 17.53 6.03
C2D CLA PB . -74.99 18.28 5.90
C3D CLA PB . -75.53 19.67 5.93
C4D CLA PB . -76.91 19.58 6.05
CMD CLA PB . -73.54 17.89 5.78
CAD CLA PB . -75.18 21.11 5.87
OBD CLA PB . -73.99 21.59 5.75
CBD CLA PB . -76.43 21.90 5.98
CGD CLA PB . -76.34 22.91 7.08
O1D CLA PB . -75.76 22.66 8.12
O2D CLA PB . -76.96 24.22 6.89
CED CLA PB . -76.51 25.35 7.61
C1 CLA PB . -78.44 19.45 2.46
C2 CLA PB . -78.98 18.06 2.22
C3 CLA PB . -78.20 16.97 2.25
C4 CLA PB . -76.72 17.07 2.50
C5 CLA PB . -78.82 15.61 2.01
MG CLA QB . -79.26 10.53 9.13
CHA CLA QB . -82.71 10.41 8.76
CHB CLA QB . -79.13 7.27 8.31
CHC CLA QB . -75.88 10.87 8.95
CHD CLA QB . -79.56 14.18 9.62
NA CLA QB . -80.65 9.09 8.57
C1A CLA QB . -81.93 9.13 8.57
C2A CLA QB . -82.63 7.80 8.34
C3A CLA QB . -81.47 6.84 8.24
C4A CLA QB . -80.34 7.81 8.38
CMA CLA QB . -81.52 5.96 9.49
CAA CLA QB . -83.28 7.72 6.95
CBA CLA QB . -84.07 6.44 6.79
CGA CLA QB . -85.16 6.64 5.77
O1A CLA QB . -86.00 7.53 5.92
O2A CLA QB . -85.25 5.79 4.60
NB CLA QB . -77.74 9.24 8.72
C1B CLA QB . -77.85 7.97 8.37
C2B CLA QB . -76.58 7.30 7.98
C3B CLA QB . -75.60 8.38 8.16
C4B CLA QB . -76.44 9.54 8.63
CMB CLA QB . -76.37 5.88 7.52
CAB CLA QB . -74.14 8.33 7.94
CBB CLA QB . -73.28 8.62 8.89
NC CLA QB . -78.02 12.17 9.24
C1C CLA QB . -76.67 12.09 9.17
C2C CLA QB . -75.95 13.39 9.33
C3C CLA QB . -77.05 14.35 9.53
C4C CLA QB . -78.26 13.50 9.45
CMC CLA QB . -74.47 13.65 9.29
CAC CLA QB . -76.98 15.84 9.73
CBC CLA QB . -77.00 16.10 11.22
ND CLA QB . -80.68 12.00 9.16
C1D CLA QB . -80.77 13.41 9.41
C2D CLA QB . -82.13 13.97 9.42
C3D CLA QB . -82.92 12.73 9.16
C4D CLA QB . -82.02 11.69 9.01
CMD CLA QB . -82.74 15.33 9.63
CAD CLA QB . -84.28 12.19 8.97
OBD CLA QB . -85.37 12.87 9.02
CBD CLA QB . -84.16 10.74 8.71
CGD CLA QB . -85.04 9.95 9.63
O1D CLA QB . -85.23 10.28 10.79
O2D CLA QB . -85.70 8.76 9.09
CED CLA QB . -87.11 8.61 9.18
MG CLA RB . -69.90 4.63 -2.05
CHA CLA RB . -69.84 1.77 -0.09
CHB CLA RB . -69.84 2.67 -4.79
CHC CLA RB . -70.47 7.43 -3.87
CHD CLA RB . -70.39 6.60 1.05
NA CLA RB . -69.90 2.58 -2.40
C1A CLA RB . -69.78 1.58 -1.59
C2A CLA RB . -69.57 0.22 -2.23
C3A CLA RB . -69.52 0.57 -3.71
C4A CLA RB . -69.77 2.04 -3.62
CMA CLA RB . -68.09 0.33 -4.15
CAA CLA RB . -70.74 -0.78 -2.05
CBA CLA RB . -72.00 -0.55 -2.88
CGA CLA RB . -73.03 0.21 -2.08
O1A CLA RB . -74.14 0.42 -2.54
O2A CLA RB . -72.70 0.66 -0.74
NB CLA RB . -70.09 4.99 -4.05
C1B CLA RB . -70.08 4.10 -5.03
C2B CLA RB . -70.39 4.63 -6.37
C3B CLA RB . -70.59 6.08 -6.09
C4B CLA RB . -70.37 6.17 -4.62
CMB CLA RB . -70.47 3.90 -7.67
CAB CLA RB . -70.92 7.16 -7.05
CBB CLA RB . -70.20 8.26 -7.17
NC CLA RB . -70.35 6.57 -1.51
C1C CLA RB . -70.52 7.56 -2.40
C2C CLA RB . -70.79 8.89 -1.82
C3C CLA RB . -70.75 8.64 -0.37
C4C CLA RB . -70.48 7.19 -0.30
CMC CLA RB . -71.04 10.19 -2.54
CAC CLA RB . -70.97 9.62 0.77
CBC CLA RB . -69.60 10.13 1.18
ND CLA RB . -70.12 4.37 -0.05
C1D CLA RB . -70.24 5.15 1.14
C2D CLA RB . -70.21 4.40 2.41
C3D CLA RB . -70.04 3.02 1.88
C4D CLA RB . -70.03 3.10 0.50
CMD CLA RB . -70.28 4.76 3.87
CAD CLA RB . -69.91 1.59 2.26
OBD CLA RB . -69.89 1.15 3.46
CBD CLA RB . -69.77 0.78 1.03
CGD CLA RB . -68.41 0.15 1.07
O1D CLA RB . -67.45 0.68 0.52
O2D CLA RB . -68.22 -1.09 1.78
CED CLA RB . -66.98 -1.35 2.42
C1 CLA RB . -73.58 1.57 -0.09
C2 CLA RB . -73.41 2.93 -0.71
C3 CLA RB . -73.66 4.07 -0.04
C4 CLA RB . -74.13 4.03 1.39
C5 CLA RB . -73.46 5.39 -0.73
C6 CLA RB . -74.74 6.24 -0.72
CAA F6C SB . -28.53 -7.70 4.04
CAB F6C SB . -23.99 -0.86 8.76
CAC F6C SB . -31.42 2.14 6.76
CAD F6C SB . -32.79 -5.64 4.36
NA F6C SB . -28.43 -5.01 6.13
CBA F6C SB . -27.89 -6.62 3.19
CBB F6C SB . -24.05 0.45 8.60
CBC F6C SB . -31.45 2.54 5.30
CBD F6C SB . -31.60 -6.51 4.55
NB F6C SB . -26.86 -2.77 7.13
OBD F6C SB . -33.90 -6.00 3.84
CGA F6C SB . -28.85 -6.29 2.09
CGD F6C SB . -31.94 -7.71 5.38
ND F6C SB . -30.70 -3.12 5.89
CED F6C SB . -32.52 -10.14 5.47
CHA F6C SB . -30.60 -5.63 5.21
CHB F6C SB . -26.19 -5.13 6.91
CHC F6C SB . -27.01 -0.36 7.58
CHD F6C SB . -31.76 -0.87 6.15
CMA F6C SB . -27.25 -7.85 7.41
CMB F6C SB . -23.48 -4.12 8.29
CMC F6C SB . -28.24 2.52 7.71
CMD F6C SB . -34.40 -2.46 4.68
OMB F6C SB . -22.51 -3.59 8.78
C1 F6C SB . -29.21 -3.91 1.59
C1A F6C SB . -29.20 -5.91 5.64
C1B F6C SB . -25.96 -3.73 7.31
C1C F6C SB . -28.41 -0.12 7.22
C1D F6C SB . -31.84 -2.27 5.71
O1A F6C SB . -28.95 -7.01 1.11
O1D F6C SB . -32.10 -7.62 6.59
C2 F6C SB . -28.63 -3.03 2.66
C2A F6C SB . -28.64 -7.29 5.51
C2B F6C SB . -24.69 -3.30 7.95
C2C F6C SB . -28.95 1.26 7.30
C2D F6C SB . -33.02 -2.90 5.08
O2A F6C SB . -29.69 -5.11 2.19
O2D F6C SB . -32.06 -9.00 4.75
C3 F6C SB . -27.48 -2.37 2.44
C3A F6C SB . -27.26 -7.11 6.07
C3B F6C SB . -24.93 -1.85 8.15
C3C F6C SB . -30.35 1.09 6.88
C3D F6C SB . -32.49 -4.29 4.88
C4 F6C SB . -26.76 -2.55 1.14
C4A F6C SB . -27.29 -5.65 6.39
C4B F6C SB . -26.31 -1.65 7.60
C4C F6C SB . -30.44 -0.37 6.61
C4D F6C SB . -31.19 -4.29 5.34
C5 F6C SB . -26.90 -1.49 3.51
C6 F6C SB . -25.45 -1.85 3.82
C7 F6C SB . -24.63 -0.62 4.16
C8 F6C SB . -23.13 -0.96 4.18
C9 F6C SB . -22.86 -2.24 4.96
C10 F6C SB . -22.34 0.21 4.75
C11 F6C SB . -21.94 1.16 3.62
C12 F6C SB . -21.70 2.56 4.19
C13 F6C SB . -21.30 3.56 3.12
C14 F6C SB . -20.54 2.89 1.98
C15 F6C SB . -20.47 4.65 3.79
NC F6C SB . -29.29 -1.06 6.81
MG F6C SB . -28.83 -3.06 6.69
C16 F6C SB . -20.77 6.04 3.26
C17 F6C SB . -20.47 7.08 4.34
C18 F6C SB . -20.77 8.49 3.87
C19 F6C SB . -20.73 9.47 5.04
C20 F6C SB . -22.11 8.56 3.15
C1 PQN TB . -64.17 10.43 5.31
O1 PQN TB . -63.34 10.72 4.42
C2 PQN TB . -65.55 10.97 5.24
C2M PQN TB . -65.95 11.86 4.08
C3 PQN TB . -66.53 10.65 6.30
C4 PQN TB . -66.14 9.77 7.44
O4 PQN TB . -66.96 9.50 8.33
C5 PQN TB . -64.75 9.24 7.51
C6 PQN TB . -64.36 8.43 8.56
C7 PQN TB . -63.06 7.93 8.59
C8 PQN TB . -62.13 8.25 7.61
C9 PQN TB . -62.49 9.06 6.53
C10 PQN TB . -63.77 9.57 6.45
C11 PQN TB . -67.93 11.20 6.23
C12 PQN TB . -68.82 10.21 5.51
C13 PQN TB . -70.04 9.88 5.94
C14 PQN TB . -70.62 10.51 7.17
C15 PQN TB . -70.84 8.87 5.14
C16 PQN TB . -72.29 9.30 4.97
C17 PQN TB . -72.97 8.32 4.03
C18 PQN TB . -74.48 8.25 4.21
C19 PQN TB . -74.99 6.95 3.58
C20 PQN TB . -75.12 9.49 3.63
C21 PQN TB . -76.63 9.37 3.40
C22 PQN TB . -77.45 9.49 4.69
C23 PQN TB . -78.83 8.88 4.49
C24 PQN TB . -78.71 7.37 4.25
C25 PQN TB . -79.55 9.60 3.34
C26 PQN TB . -80.77 8.84 2.84
C27 PQN TB . -80.85 8.95 1.32
C28 PQN TB . -81.69 7.83 0.72
C29 PQN TB . -83.18 8.10 0.93
C30 PQN TB . -81.37 7.64 -0.76
FE1 SF4 UB . -56.28 6.67 14.55
FE2 SF4 UB . -53.74 5.68 14.52
FE3 SF4 UB . -55.58 4.68 16.28
FE4 SF4 UB . -54.60 7.20 16.62
S1 SF4 UB . -53.43 5.25 16.75
S2 SF4 UB . -56.78 6.56 16.77
S3 SF4 UB . -54.34 7.88 14.47
S4 SF4 UB . -55.64 4.55 14.01
C1 BCR VB . -78.62 -26.39 -17.14
C2 BCR VB . -78.72 -24.90 -16.81
C3 BCR VB . -77.89 -23.98 -17.65
C4 BCR VB . -76.54 -24.55 -17.98
C5 BCR VB . -76.67 -25.90 -18.56
C6 BCR VB . -77.61 -26.76 -18.17
C7 BCR VB . -77.74 -28.11 -18.77
C8 BCR VB . -77.07 -29.17 -18.32
C9 BCR VB . -77.40 -30.54 -18.69
C10 BCR VB . -76.66 -31.56 -18.23
C11 BCR VB . -76.83 -32.93 -18.64
C33 BCR VB . -75.67 -26.21 -19.59
C31 BCR VB . -80.01 -26.81 -17.57
C32 BCR VB . -78.31 -27.05 -15.82
C34 BCR VB . -78.53 -30.76 -19.61
C12 BCR VB . -76.13 -33.87 -18.00
C13 BCR VB . -76.09 -35.27 -18.33
C14 BCR VB . -75.26 -36.05 -17.62
C15 BCR VB . -75.04 -37.45 -17.88
C16 BCR VB . -74.12 -38.10 -17.17
C17 BCR VB . -73.78 -39.45 -17.54
C18 BCR VB . -72.81 -40.18 -16.97
C19 BCR VB . -72.90 -41.62 -17.02
C20 BCR VB . -72.04 -42.41 -16.37
C21 BCR VB . -71.95 -43.81 -16.75
C22 BCR VB . -70.95 -44.63 -16.40
C23 BCR VB . -70.84 -45.91 -17.08
C24 BCR VB . -70.75 -47.08 -16.44
C25 BCR VB . -70.67 -48.41 -17.03
C26 BCR VB . -69.49 -48.98 -17.27
C27 BCR VB . -69.31 -50.34 -17.84
C28 BCR VB . -70.44 -51.23 -17.41
C29 BCR VB . -71.75 -50.58 -17.78
C30 BCR VB . -71.96 -49.15 -17.29
C35 BCR VB . -76.98 -35.83 -19.36
C36 BCR VB . -71.75 -39.56 -16.16
C37 BCR VB . -70.19 -44.41 -15.16
C38 BCR VB . -68.20 -48.33 -17.01
C39 BCR VB . -72.81 -49.11 -16.03
C40 BCR VB . -72.79 -48.52 -18.40
C1 BCR WB . -77.05 -43.05 -15.06
C2 BCR WB . -78.05 -44.19 -15.08
C3 BCR WB . -79.29 -43.83 -14.33
C4 BCR WB . -78.99 -43.48 -12.89
C5 BCR WB . -77.71 -42.75 -12.71
C6 BCR WB . -76.82 -42.52 -13.68
C7 BCR WB . -75.57 -41.80 -13.43
C8 BCR WB . -75.44 -40.49 -13.64
C9 BCR WB . -74.63 -39.61 -12.81
C10 BCR WB . -74.20 -38.46 -13.35
C11 BCR WB . -73.52 -37.41 -12.64
C33 BCR WB . -77.51 -42.26 -11.34
C31 BCR WB . -77.59 -42.00 -16.00
C32 BCR WB . -75.75 -43.60 -15.61
C34 BCR WB . -74.61 -39.85 -11.36
C12 BCR WB . -73.40 -36.22 -13.24
C13 BCR WB . -72.62 -35.11 -12.76
C14 BCR WB . -72.35 -34.12 -13.62
C15 BCR WB . -71.85 -32.82 -13.25
C16 BCR WB . -71.59 -31.92 -14.21
C17 BCR WB . -71.03 -30.64 -13.88
C18 BCR WB . -70.68 -29.71 -14.77
C19 BCR WB . -70.33 -28.38 -14.30
C20 BCR WB . -69.69 -27.49 -15.07
C21 BCR WB . -69.60 -26.12 -14.64
C22 BCR WB . -69.50 -25.07 -15.46
C23 BCR WB . -68.70 -23.94 -15.01
C24 BCR WB . -68.94 -23.34 -13.84
C25 BCR WB . -68.47 -22.02 -13.42
C26 BCR WB . -67.34 -21.87 -12.72
C27 BCR WB . -66.78 -20.60 -12.23
C28 BCR WB . -67.62 -19.38 -12.58
C29 BCR WB . -69.07 -19.73 -12.73
C30 BCR WB . -69.33 -20.83 -13.74
C35 BCR WB . -72.40 -34.92 -11.31
C36 BCR WB . -70.69 -29.97 -16.22
C37 BCR WB . -70.52 -24.82 -16.49
C38 BCR WB . -66.46 -23.00 -12.37
C39 BCR WB . -69.08 -20.36 -15.15
C40 BCR WB . -70.80 -21.15 -13.64
C1 BCR XB . -53.86 -24.06 7.02
C2 BCR XB . -54.68 -23.02 7.76
C3 BCR XB . -53.92 -21.74 7.79
C4 BCR XB . -53.77 -21.21 6.39
C5 BCR XB . -53.34 -22.25 5.45
C6 BCR XB . -53.36 -23.57 5.71
C7 BCR XB . -52.94 -24.56 4.72
C8 BCR XB . -51.67 -24.98 4.64
C9 BCR XB . -51.09 -25.53 3.44
C10 BCR XB . -49.76 -25.50 3.31
C11 BCR XB . -49.06 -26.28 2.32
C33 BCR XB . -52.87 -21.70 4.15
C31 BCR XB . -54.74 -25.28 6.85
C32 BCR XB . -52.73 -24.43 7.96
C34 BCR XB . -51.94 -26.40 2.60
C12 BCR XB . -47.73 -26.38 2.41
C13 BCR XB . -46.97 -27.34 1.66
C14 BCR XB . -45.64 -27.17 1.54
C15 BCR XB . -44.82 -27.95 0.67
C16 BCR XB . -43.51 -27.69 0.56
C17 BCR XB . -42.72 -28.59 -0.24
C18 BCR XB . -41.43 -28.46 -0.52
C19 BCR XB . -40.85 -29.34 -1.51
C20 BCR XB . -39.59 -29.24 -1.94
C21 BCR XB . -39.17 -30.12 -3.00
C22 BCR XB . -37.91 -30.45 -3.29
C23 BCR XB . -37.67 -31.75 -3.89
C24 BCR XB . -36.81 -31.95 -4.89
C25 BCR XB . -35.92 -33.09 -5.08
C26 BCR XB . -36.32 -34.21 -5.69
C27 BCR XB . -35.49 -35.41 -5.94
C28 BCR XB . -34.29 -35.47 -5.05
C29 BCR XB . -33.61 -34.13 -4.94
C30 BCR XB . -34.50 -32.93 -4.63
C35 BCR XB . -47.68 -28.24 0.74
C36 BCR XB . -40.55 -27.55 0.24
C37 BCR XB . -36.82 -29.45 -3.25
C38 BCR XB . -37.70 -34.43 -6.19
C39 BCR XB . -33.93 -31.67 -5.26
C40 BCR XB . -34.36 -32.75 -3.11
C1 BCR YB . -50.16 -15.95 1.72
C2 BCR YB . -50.35 -15.30 3.07
C3 BCR YB . -50.54 -16.34 4.13
C4 BCR YB . -51.75 -17.20 3.85
C5 BCR YB . -51.93 -17.51 2.41
C6 BCR YB . -51.20 -16.98 1.42
C7 BCR YB . -51.43 -17.33 0.03
C8 BCR YB . -50.75 -18.31 -0.58
C9 BCR YB . -50.97 -18.74 -1.94
C10 BCR YB . -50.37 -19.87 -2.34
C11 BCR YB . -50.40 -20.38 -3.68
C33 BCR YB . -52.98 -18.51 2.17
C31 BCR YB . -48.75 -16.51 1.71
C32 BCR YB . -50.24 -14.83 0.70
C34 BCR YB . -51.63 -17.83 -2.88
C12 BCR YB . -49.84 -21.58 -3.91
C13 BCR YB . -49.75 -22.22 -5.19
C14 BCR YB . -48.94 -23.28 -5.31
C15 BCR YB . -48.66 -23.93 -6.55
C16 BCR YB . -47.70 -24.87 -6.62
C17 BCR YB . -47.45 -25.48 -7.90
C18 BCR YB . -46.61 -26.49 -8.14
C19 BCR YB . -46.36 -26.86 -9.52
C20 BCR YB . -45.55 -27.86 -9.87
C21 BCR YB . -45.32 -28.09 -11.28
C22 BCR YB . -44.79 -29.21 -11.80
C23 BCR YB . -44.60 -29.27 -13.25
C24 BCR YB . -44.45 -30.42 -13.92
C25 BCR YB . -43.69 -30.62 -15.16
C26 BCR YB . -44.21 -30.36 -16.36
C27 BCR YB . -43.53 -30.55 -17.67
C28 BCR YB . -42.03 -30.65 -17.49
C29 BCR YB . -41.72 -31.60 -16.37
C30 BCR YB . -42.30 -31.18 -15.03
C35 BCR YB . -50.34 -21.59 -6.38
C36 BCR YB . -46.11 -27.37 -7.06
C37 BCR YB . -44.58 -30.42 -10.99
C38 BCR YB . -45.57 -29.83 -16.58
C39 BCR YB . -41.36 -30.22 -14.32
C40 BCR YB . -42.30 -32.45 -14.20
C1 BCR ZB . -67.38 -3.05 -14.47
C2 BCR ZB . -65.88 -3.27 -14.55
C3 BCR ZB . -65.50 -4.55 -13.88
C4 BCR ZB . -65.88 -4.54 -12.42
C5 BCR ZB . -67.18 -3.90 -12.17
C6 BCR ZB . -67.89 -3.18 -13.06
C7 BCR ZB . -69.21 -2.58 -12.77
C8 BCR ZB . -69.39 -1.44 -12.09
C9 BCR ZB . -70.59 -1.17 -11.32
C10 BCR ZB . -70.87 0.09 -10.97
C11 BCR ZB . -70.01 1.22 -11.24
C33 BCR ZB . -67.63 -4.12 -10.77
C31 BCR ZB . -68.03 -4.07 -15.38
C32 BCR ZB . -67.63 -1.68 -15.06
C34 BCR ZB . -71.38 -2.32 -10.83
C12 BCR ZB . -70.50 2.44 -11.05
C13 BCR ZB . -69.78 3.67 -11.32
C14 BCR ZB . -70.40 4.84 -11.13
C15 BCR ZB . -69.76 6.12 -11.25
C16 BCR ZB . -70.21 7.21 -10.64
C17 BCR ZB . -69.50 8.44 -10.85
C18 BCR ZB . -69.98 9.68 -10.72
C19 BCR ZB . -71.38 9.86 -10.36
C20 BCR ZB . -71.84 11.03 -9.94
C21 BCR ZB . -72.89 11.69 -10.69
C22 BCR ZB . -74.11 11.94 -10.23
C23 BCR ZB . -74.38 13.25 -9.67
C24 BCR ZB . -75.10 13.42 -8.54
C25 BCR ZB . -76.27 14.27 -8.37
C26 BCR ZB . -76.18 15.57 -8.07
C27 BCR ZB . -77.30 16.51 -7.85
C28 BCR ZB . -78.62 15.94 -8.30
C29 BCR ZB . -78.72 14.48 -7.89
C30 BCR ZB . -77.61 13.62 -8.49
C35 BCR ZB . -68.45 3.61 -11.95
C36 BCR ZB . -69.22 10.86 -11.15
C37 BCR ZB . -75.05 10.83 -9.95
C38 BCR ZB . -74.89 16.28 -7.91
C39 BCR ZB . -77.94 13.27 -9.94
C40 BCR ZB . -77.67 12.31 -7.71
O1 LHG AC . -67.69 -2.82 17.25
C1 LHG AC . -66.91 -3.06 16.08
C2 LHG AC . -67.83 -3.49 14.96
O2 LHG AC . -68.90 -4.29 15.46
C3 LHG AC . -67.16 -4.32 13.91
O3 LHG AC . -67.24 -3.45 12.80
P LHG AC . -66.12 -2.32 12.52
O4 LHG AC . -66.80 -0.99 12.59
O5 LHG AC . -64.90 -2.86 13.18
O6 LHG AC . -66.00 -2.59 10.88
C4 LHG AC . -67.16 -2.70 10.09
C5 LHG AC . -66.65 -2.54 8.65
C6 LHG AC . -65.69 -3.65 8.26
O7 LHG AC . -67.79 -2.66 7.82
C7 LHG AC . -67.88 -1.70 6.86
O9 LHG AC . -66.94 -1.04 6.48
C8 LHG AC . -69.31 -1.37 6.60
C9 LHG AC . -69.65 -1.72 5.17
C10 LHG AC . -71.14 -1.83 5.01
O8 LHG AC . -66.55 -4.69 7.76
C23 LHG AC . -65.97 -5.84 7.33
O10 LHG AC . -64.79 -6.03 7.57
C24 LHG AC . -66.63 -6.68 6.26
C11 LHG AC . -71.29 -1.86 3.52
C12 LHG AC . -72.74 -1.79 3.15
C13 LHG AC . -72.85 -1.84 1.64
C14 LHG AC . -74.13 -2.51 1.21
C15 LHG AC . -74.03 -2.68 -0.30
C16 LHG AC . -73.05 -3.78 -0.61
C17 LHG AC . -73.21 -4.25 -2.05
C18 LHG AC . -73.00 -5.74 -1.94
C19 LHG AC . -72.66 -6.44 -3.23
C20 LHG AC . -73.99 -6.50 -3.94
C21 LHG AC . -73.98 -7.59 -4.97
C22 LHG AC . -73.01 -7.20 -6.08
C25 LHG AC . -66.16 -6.40 4.85
C26 LHG AC . -64.89 -7.14 4.43
C27 LHG AC . -64.44 -6.42 3.18
C28 LHG AC . -63.63 -5.17 3.41
C29 LHG AC . -62.73 -5.05 2.19
C30 LHG AC . -63.16 -4.05 1.14
C31 LHG AC . -63.76 -4.62 -0.11
C32 LHG AC . -62.79 -4.88 -1.25
C33 LHG AC . -63.60 -5.31 -2.44
C34 LHG AC . -64.20 -4.18 -3.26
C35 LHG AC . -63.65 -4.19 -4.68
C36 LHG AC . -64.50 -3.24 -5.52
C37 LHG AC . -65.14 -4.05 -6.59
C38 LHG AC . -64.49 -3.91 -7.95
C1B LMT BC . -23.38 -6.17 -25.43
C2B LMT BC . -22.77 -6.61 -26.74
C3B LMT BC . -21.27 -6.37 -26.69
C4B LMT BC . -20.94 -4.93 -26.30
C5B LMT BC . -21.81 -4.36 -25.20
C6B LMT BC . -21.78 -2.88 -25.49
O1B LMT BC . -22.80 -6.91 -24.35
O2B LMT BC . -23.03 -8.00 -26.95
O3B LMT BC . -20.74 -6.59 -28.00
O4' LMT BC . -19.57 -4.86 -25.85
O5B LMT BC . -23.17 -4.75 -25.27
O6B LMT BC . -20.45 -2.42 -25.27
C1' LMT BC . -24.33 -8.26 -20.62
C2' LMT BC . -25.32 -8.14 -21.78
C3' LMT BC . -24.73 -7.88 -23.16
C4' LMT BC . -23.52 -6.93 -23.11
C5' LMT BC . -22.54 -7.42 -22.05
C6' LMT BC . -21.31 -6.52 -21.96
O1' LMT BC . -25.03 -7.77 -19.48
O2' LMT BC . -26.13 -9.31 -21.87
O3' LMT BC . -25.84 -7.35 -23.89
O5' LMT BC . -23.17 -7.44 -20.76
O6' LMT BC . -21.74 -5.16 -21.94
C1 LMT BC . -25.28 -8.76 -18.48
C2 LMT BC . -25.17 -8.10 -17.11
C3 LMT BC . -25.74 -6.69 -17.06
C4 LMT BC . -27.01 -6.73 -16.22
C5 LMT BC . -26.93 -5.85 -14.99
C6 LMT BC . -27.51 -6.57 -13.78
C7 LMT BC . -28.86 -7.21 -14.07
C8 LMT BC . -29.23 -8.22 -13.00
C9 LMT BC . -30.67 -8.68 -13.19
C10 LMT BC . -31.11 -9.53 -12.01
C11 LMT BC . -32.42 -10.24 -12.31
C12 LMT BC . -33.34 -10.18 -11.12
MG CLA CC . -51.02 12.27 -14.87
CHA CLA CC . -51.23 15.49 -13.60
CHB CLA CC . -51.46 11.06 -11.77
CHC CLA CC . -51.57 9.25 -16.31
CHD CLA CC . -50.83 13.77 -18.25
NA CLA CC . -51.35 13.11 -13.01
C1A CLA CC . -51.25 14.34 -12.62
C2A CLA CC . -51.20 14.57 -11.13
C3A CLA CC . -51.19 13.16 -10.64
C4A CLA CC . -51.36 12.39 -11.89
CMA CLA CC . -49.69 13.06 -10.42
CAA CLA CC . -52.52 15.10 -10.56
CBA CLA CC . -52.36 15.38 -9.07
CGA CLA CC . -53.71 15.56 -8.43
O1A CLA CC . -53.85 15.50 -7.22
O2A CLA CC . -54.86 15.80 -9.27
NB CLA CC . -51.41 10.41 -14.14
C1B CLA CC . -51.63 10.08 -12.86
C2B CLA CC . -52.14 8.68 -12.66
C3B CLA CC . -52.17 8.19 -14.06
C4B CLA CC . -51.69 9.33 -14.85
CMB CLA CC . -52.54 7.92 -11.44
CAB CLA CC . -52.55 6.86 -14.57
CBB CLA CC . -51.79 5.80 -14.34
NC CLA CC . -51.19 11.68 -16.83
C1C CLA CC . -51.37 10.40 -17.21
C2C CLA CC . -51.34 10.17 -18.67
C3C CLA CC . -51.12 11.51 -19.23
C4C CLA CC . -51.05 12.34 -18.01
CMC CLA CC . -51.50 8.89 -19.43
CAC CLA CC . -51.00 11.93 -20.67
CBC CLA CC . -49.55 11.74 -21.02
ND CLA CC . -51.01 14.10 -15.78
C1D CLA CC . -50.99 14.65 -17.09
C2D CLA CC . -51.12 16.11 -17.20
C3D CLA CC . -51.23 16.44 -15.75
C4D CLA CC . -51.22 15.25 -15.04
CMD CLA CC . -51.14 17.10 -18.31
CAD CLA CC . -51.39 17.56 -14.80
OBD CLA CC . -51.50 18.81 -15.09
CBD CLA CC . -51.45 16.96 -13.46
CGD CLA CC . -50.79 17.77 -12.40
O1D CLA CC . -49.63 18.08 -12.46
O2D CLA CC . -51.60 18.23 -11.30
CED CLA CC . -51.23 19.48 -10.73
C1 CLA CC . -55.98 16.52 -8.78
C2 CLA CC . -57.02 16.43 -9.86
C3 CLA CC . -57.26 17.44 -10.69
C4 CLA CC . -56.49 18.72 -10.60
C5 CLA CC . -58.31 17.27 -11.75
C6 CLA CC . -57.69 17.54 -13.12
C7 CLA CC . -58.50 16.92 -14.26
C8 CLA CC . -59.82 17.63 -14.48
C9 CLA CC . -60.56 17.02 -15.65
C10 CLA CC . -59.57 19.12 -14.72
C11 CLA CC . -60.90 19.85 -14.76
C12 CLA CC . -60.77 21.25 -14.21
C13 CLA CC . -62.16 21.77 -13.87
C14 CLA CC . -62.20 23.29 -13.95
C15 CLA CC . -62.56 21.29 -12.48
C16 CLA CC . -64.07 21.31 -12.30
C17 CLA CC . -64.43 21.08 -10.84
C18 CLA CC . -65.92 20.77 -10.69
C19 CLA CC . -66.38 21.02 -9.26
C20 CLA CC . -66.21 19.33 -11.12
MG CLA DC . -60.89 15.99 -7.86
CHA CLA DC . -60.32 13.78 -10.45
CHB CLA DC . -63.80 16.83 -9.33
CHC CLA DC . -61.70 17.63 -5.00
CHD CLA DC . -57.83 14.75 -6.25
NA CLA DC . -61.93 15.37 -9.56
C1A CLA DC . -61.54 14.68 -10.56
C2A CLA DC . -62.41 14.73 -11.79
C3A CLA DC . -63.45 15.73 -11.40
C4A CLA DC . -63.03 15.99 -10.00
CMA CLA DC . -63.19 16.99 -12.23
CAA CLA DC . -63.28 13.47 -11.88
CBA CLA DC . -63.52 12.96 -13.30
CGA CLA DC . -64.66 13.69 -13.94
O1A CLA DC . -64.50 14.27 -15.00
O2A CLA DC . -65.95 13.75 -13.26
NB CLA DC . -62.46 17.16 -7.30
C1B CLA DC . -63.62 17.21 -7.94
C2B CLA DC . -64.80 17.56 -7.12
C3B CLA DC . -64.17 17.80 -5.80
C4B CLA DC . -62.72 17.53 -6.04
CMB CLA DC . -66.24 17.65 -7.57
CAB CLA DC . -64.74 18.19 -4.48
CBB CLA DC . -65.77 19.01 -4.35
NC CLA DC . -60.00 16.08 -6.01
C1C CLA DC . -60.40 16.93 -5.04
C2C CLA DC . -59.42 17.16 -3.96
C3C CLA DC . -58.27 16.32 -4.34
C4C CLA DC . -58.75 15.70 -5.59
CMC CLA DC . -59.52 18.04 -2.75
CAC CLA DC . -56.96 16.13 -3.63
CBC CLA DC . -55.94 17.07 -4.22
ND CLA DC . -59.41 14.65 -8.18
C1D CLA DC . -58.26 14.13 -7.50
C2D CLA DC . -57.57 13.01 -8.16
C3D CLA DC . -58.45 12.84 -9.35
C4D CLA DC . -59.46 13.78 -9.26
CMD CLA DC . -56.38 12.16 -7.83
CAD CLA DC . -58.68 12.07 -10.59
OBD CLA DC . -57.99 11.07 -11.02
CBD CLA DC . -59.87 12.61 -11.27
CGD CLA DC . -59.52 12.96 -12.68
O1D CLA DC . -60.33 12.79 -13.58
O2D CLA DC . -58.22 13.43 -13.07
CED CLA DC . -57.93 13.31 -14.45
C1 CLA DC . -66.93 12.74 -13.49
C2 CLA DC . -67.19 12.68 -14.98
C3 CLA DC . -68.27 12.15 -15.56
C4 CLA DC . -68.36 12.18 -17.04
C5 CLA DC . -69.40 11.56 -14.74
C6 CLA DC . -69.88 10.22 -15.29
C7 CLA DC . -71.31 10.33 -15.81
C8 CLA DC . -72.21 9.20 -15.31
C9 CLA DC . -72.49 9.39 -13.82
C10 CLA DC . -71.56 7.85 -15.61
C11 CLA DC . -72.40 6.69 -15.07
C12 CLA DC . -73.69 6.51 -15.85
MG CLA EC . -44.29 1.22 -1.30
CHA CLA EC . -42.92 -1.51 0.34
CHB CLA EC . -41.32 1.83 -2.72
CHC CLA EC . -45.90 3.21 -3.51
CHD CLA EC . -47.46 0.49 0.33
NA CLA EC . -42.45 0.30 -1.26
C1A CLA EC . -42.01 -0.67 -0.54
C2A CLA EC . -40.55 -0.95 -0.67
C3A CLA EC . -40.09 0.16 -1.57
C4A CLA EC . -41.38 0.81 -1.87
CMA CLA EC . -39.25 1.11 -0.72
CAA CLA EC . -40.41 -2.18 -1.58
CBA CLA EC . -39.02 -2.80 -1.69
CGA CLA EC . -38.24 -2.31 -2.90
O1A CLA EC . -38.72 -2.39 -4.02
O2A CLA EC . -36.94 -1.71 -2.74
NB CLA EC . -43.68 2.34 -2.88
C1B CLA EC . -42.44 2.59 -3.26
C2B CLA EC . -42.29 3.53 -4.40
C3B CLA EC . -43.70 3.93 -4.61
C4B CLA EC . -44.45 3.13 -3.63
CMB CLA EC . -41.05 4.00 -5.09
CAB CLA EC . -44.30 4.89 -5.58
CBB CLA EC . -44.08 4.75 -6.87
NC CLA EC . -46.27 1.67 -1.56
C1C CLA EC . -46.68 2.57 -2.46
C2C CLA EC . -48.08 2.96 -2.33
C3C CLA EC . -48.59 2.18 -1.20
C4C CLA EC . -47.36 1.43 -0.81
CMC CLA EC . -48.77 3.93 -3.21
CAC CLA EC . -49.97 2.19 -0.60
CBC CLA EC . -50.66 0.93 -1.03
ND CLA EC . -45.08 -0.11 0.01
C1D CLA EC . -46.34 -0.40 0.59
C2D CLA EC . -46.43 -1.60 1.43
C3D CLA EC . -45.02 -2.08 1.32
C4D CLA EC . -44.36 -1.19 0.46
CMD CLA EC . -47.54 -2.23 2.21
CAD CLA EC . -44.04 -3.11 1.74
OBD CLA EC . -44.29 -4.12 2.50
CBD CLA EC . -42.75 -2.79 1.09
CGD CLA EC . -41.51 -3.05 1.88
O1D CLA EC . -41.11 -2.30 2.75
O2D CLA EC . -40.74 -4.22 1.53
CED CLA EC . -39.52 -4.53 2.20
C1 CLA EC . -36.32 -1.04 -3.82
C2 CLA EC . -36.67 0.43 -3.79
C3 CLA EC . -37.40 1.02 -4.75
C4 CLA EC . -37.92 0.25 -5.93
C5 CLA EC . -37.71 2.49 -4.63
C6 CLA EC . -37.17 3.31 -5.81
C7 CLA EC . -35.65 3.26 -5.84
C8 CLA EC . -35.09 4.12 -6.96
C9 CLA EC . -35.65 3.67 -8.30
C10 CLA EC . -33.57 4.01 -6.95
C11 CLA EC . -32.88 5.34 -7.21
C12 CLA EC . -32.62 6.10 -5.92
C13 CLA EC . -31.21 6.68 -5.91
C14 CLA EC . -30.20 5.65 -5.44
C15 CLA EC . -31.18 7.92 -5.02
C16 CLA EC . -29.86 8.66 -5.13
MG CLA FC . -32.00 26.26 10.73
CHA CLA FC . -30.66 25.47 13.84
CHB CLA FC . -31.36 29.51 11.33
CHC CLA FC . -32.72 26.85 7.45
CHD CLA FC . -32.35 22.64 10.11
NA CLA FC . -31.12 27.32 12.29
C1A CLA FC . -30.72 26.94 13.45
C2A CLA FC . -30.34 28.06 14.40
C3A CLA FC . -30.60 29.30 13.58
C4A CLA FC . -31.06 28.65 12.31
CMA CLA FC . -31.76 30.08 14.18
CAA CLA FC . -28.88 28.20 14.86
CBA CLA FC . -27.75 27.35 14.25
CGA CLA FC . -27.52 27.56 12.79
O1A CLA FC . -27.52 28.67 12.30
O2A CLA FC . -27.25 26.40 11.95
NB CLA FC . -32.03 27.94 9.57
C1B CLA FC . -31.81 29.19 9.97
C2B CLA FC . -32.01 30.24 8.92
C3B CLA FC . -32.42 29.41 7.77
C4B CLA FC . -32.39 28.01 8.29
CMB CLA FC . -31.86 31.73 9.03
CAB CLA FC . -32.78 29.80 6.38
CBB CLA FC . -33.66 30.75 6.11
NC CLA FC . -32.46 25.00 9.15
C1C CLA FC . -32.68 25.44 7.89
C2C CLA FC . -32.87 24.35 6.88
C3C CLA FC . -32.76 23.12 7.69
C4C CLA FC . -32.51 23.65 9.05
CMC CLA FC . -33.13 24.46 5.41
CAC CLA FC . -32.86 21.67 7.26
CBC CLA FC . -34.30 21.32 7.03
ND CLA FC . -31.62 24.47 11.63
C1D CLA FC . -31.78 23.08 11.38
C2D CLA FC . -31.37 22.16 12.46
C3D CLA FC . -30.90 23.16 13.45
C4D CLA FC . -31.06 24.42 12.90
CMD CLA FC . -31.35 20.68 12.67
CAD CLA FC . -30.32 23.32 14.81
OBD CLA FC . -30.02 22.37 15.61
CBD CLA FC . -30.14 24.77 15.05
CGD CLA FC . -30.68 25.22 16.36
O1D CLA FC . -29.98 25.20 17.36
O2D CLA FC . -32.02 25.76 16.45
CED CLA FC . -32.33 26.59 17.57
C1 CLA FC . -28.27 25.92 11.08
C2 CLA FC . -28.15 24.43 10.88
C3 CLA FC . -28.44 23.86 9.69
C4 CLA FC . -28.92 24.67 8.52
C5 CLA FC . -28.30 22.36 9.55
MG CLA GC . -39.75 35.28 11.13
CHA CLA GC . -41.35 37.62 9.14
CHB CLA GC . -37.77 34.54 8.50
CHC CLA GC . -38.60 32.62 12.90
CHD CLA GC . -42.40 35.77 13.66
NA CLA GC . -39.62 35.91 9.17
C1A CLA GC . -40.20 36.89 8.55
C2A CLA GC . -39.62 37.28 7.20
C3A CLA GC . -38.56 36.21 7.03
C4A CLA GC . -38.66 35.50 8.33
CMA CLA GC . -39.15 35.26 5.99
CAA CLA GC . -38.88 38.63 7.31
CBA CLA GC . -37.49 38.80 6.67
CGA CLA GC . -37.65 38.94 5.18
O1A CLA GC . -36.83 38.48 4.39
O2A CLA GC . -38.84 39.60 4.69
NB CLA GC . -38.42 33.80 10.74
C1B CLA GC . -37.64 33.66 9.66
C2B CLA GC . -36.62 32.59 9.73
C3B CLA GC . -36.89 32.02 11.07
C4B CLA GC . -38.00 32.85 11.58
CMB CLA GC . -35.60 32.22 8.69
CAB CLA GC . -36.26 30.90 11.82
CBB CLA GC . -34.96 30.70 11.85
NC CLA GC . -40.39 34.40 12.89
C1C CLA GC . -39.77 33.34 13.44
C2C CLA GC . -40.36 32.86 14.70
C3C CLA GC . -41.48 33.78 14.93
C4C CLA GC . -41.39 34.69 13.75
CMC CLA GC . -39.92 31.71 15.56
CAC CLA GC . -42.47 33.82 16.07
CBC CLA GC . -43.68 33.02 15.65
ND CLA GC . -41.48 36.32 11.41
C1D CLA GC . -42.44 36.57 12.44
C2D CLA GC . -43.42 37.65 12.17
C3D CLA GC . -42.96 38.06 10.80
C4D CLA GC . -41.87 37.27 10.48
CMD CLA GC . -44.57 38.27 12.90
CAD CLA GC . -43.18 38.99 9.68
OBD CLA GC . -44.08 39.87 9.59
CBD CLA GC . -42.21 38.72 8.60
CGD CLA GC . -43.01 38.26 7.42
O1D CLA GC . -42.60 38.41 6.28
O2D CLA GC . -44.32 37.65 7.61
CED CLA GC . -45.06 37.21 6.49
C1 CLA GC . -39.46 39.13 3.50
C2 CLA GC . -40.88 39.57 3.59
C3 CLA GC . -41.37 40.59 2.87
C4 CLA GC . -40.49 41.34 1.92
C5 CLA GC . -42.82 40.99 3.00
C6 CLA GC . -43.03 42.24 3.86
C7 CLA GC . -42.82 41.95 5.35
C8 CLA GC . -42.95 43.16 6.27
C9 CLA GC . -42.50 44.47 5.63
C10 CLA GC . -42.12 42.87 7.51
C11 CLA GC . -42.43 43.85 8.63
C12 CLA GC . -41.61 43.57 9.88
C13 CLA GC . -42.26 42.55 10.80
C14 CLA GC . -43.71 42.90 11.12
C15 CLA GC . -41.45 42.43 12.07
C16 CLA GC . -41.93 41.32 12.99
C17 CLA GC . -40.73 40.62 13.62
C18 CLA GC . -40.76 40.50 15.15
C19 CLA GC . -41.46 41.66 15.83
C20 CLA GC . -39.34 40.36 15.68
MG CLA HC . -38.05 32.24 2.52
CHA CLA HC . -37.18 29.62 4.61
CHB CLA HC . -40.91 32.59 4.27
CHC CLA HC . -38.98 34.55 0.22
CHD CLA HC . -35.11 31.41 0.43
NA CLA HC . -38.93 31.26 4.14
C1A CLA HC . -38.47 30.35 4.91
C2A CLA HC . -39.30 30.02 6.13
C3A CLA HC . -40.48 30.95 5.96
C4A CLA HC . -40.07 31.64 4.70
CMA CLA HC . -41.70 30.09 5.64
CAA CLA HC . -38.59 30.51 7.40
CBA CLA HC . -39.41 30.32 8.67
CGA CLA HC . -39.53 28.86 9.02
O1A CLA HC . -38.60 28.23 9.48
O2A CLA HC . -40.81 28.19 8.82
NB CLA HC . -39.72 33.38 2.29
C1B CLA HC . -40.77 33.45 3.09
C2B CLA HC . -41.78 34.47 2.72
C3B CLA HC . -41.18 35.05 1.50
C4B CLA HC . -39.91 34.30 1.34
CMB CLA HC . -43.08 34.82 3.40
CAB CLA HC . -41.69 36.12 0.63
CBB CLA HC . -41.58 37.39 0.99
NC CLA HC . -37.23 32.81 0.72
C1C CLA HC . -37.73 33.80 -0.03
C2C CLA HC . -36.94 34.14 -1.24
C3C CLA HC . -35.81 33.20 -1.17
C4C CLA HC . -36.10 32.45 0.08
CMC CLA HC . -37.21 35.17 -2.30
CAC CLA HC . -34.64 33.04 -2.09
CBC CLA HC . -35.07 32.02 -3.12
ND CLA HC . -36.54 30.89 2.42
C1D CLA HC . -35.36 30.63 1.64
C2D CLA HC . -34.47 29.56 2.13
C3D CLA HC . -35.25 29.17 3.35
C4D CLA HC . -36.37 29.96 3.43
CMD CLA HC . -33.18 28.93 1.71
CAD CLA HC . -35.25 28.25 4.51
OBD CLA HC . -34.36 27.38 4.76
CBD CLA HC . -36.46 28.53 5.31
CGD CLA HC . -37.26 27.29 5.56
O1D CLA HC . -37.96 26.78 4.71
O2D CLA HC . -37.15 26.69 6.88
CED CLA HC . -36.46 25.46 6.98
C1 CLA HC . -40.89 26.78 8.88
C2 CLA HC . -40.90 26.18 7.50
C3 CLA HC . -42.05 25.91 6.86
C4 CLA HC . -43.37 26.18 7.51
C5 CLA HC . -42.00 25.31 5.48
C6 CLA HC . -43.15 25.77 4.59
C7 CLA HC . -42.60 26.48 3.36
C8 CLA HC . -43.24 25.89 2.09
C9 CLA HC . -42.20 25.09 1.32
C10 CLA HC . -43.84 26.95 1.16
C11 CLA HC . -44.05 28.33 1.77
C12 CLA HC . -43.74 29.42 0.75
C13 CLA HC . -42.89 30.52 1.37
C14 CLA HC . -42.89 31.78 0.52
C15 CLA HC . -41.47 30.01 1.70
C16 CLA HC . -40.42 30.15 0.61
C17 CLA HC . -40.22 28.85 -0.16
C18 CLA HC . -38.83 28.23 0.00
C19 CLA HC . -38.50 27.86 1.44
C20 CLA HC . -37.75 29.12 -0.60
MG CLA IC . -23.47 29.69 -8.92
CHA CLA IC . -22.17 27.05 -10.76
CHB CLA IC . -26.41 28.03 -8.75
CHC CLA IC . -24.53 32.10 -6.81
CHD CLA IC . -20.10 31.15 -8.84
NA CLA IC . -24.17 27.85 -9.59
C1A CLA IC . -23.63 26.97 -10.36
C2A CLA IC . -24.49 25.82 -10.78
C3A CLA IC . -25.82 26.19 -10.18
C4A CLA IC . -25.43 27.44 -9.45
CMA CLA IC . -26.69 26.59 -11.35
CAA CLA IC . -24.11 24.46 -10.14
CBA CLA IC . -23.89 24.42 -8.63
CGA CLA IC . -22.48 24.79 -8.26
O1A CLA IC . -21.51 24.14 -8.64
O2A CLA IC . -22.26 25.98 -7.46
NB CLA IC . -25.22 30.02 -7.94
C1B CLA IC . -26.31 29.25 -7.94
C2B CLA IC . -27.38 29.70 -7.02
C3B CLA IC . -26.79 30.93 -6.45
C4B CLA IC . -25.46 31.01 -7.09
CMB CLA IC . -28.72 29.09 -6.74
CAB CLA IC . -27.37 31.87 -5.45
CBB CLA IC . -27.46 31.53 -4.18
NC CLA IC . -22.48 31.22 -7.96
C1C CLA IC . -23.13 32.17 -7.27
C2C CLA IC . -22.37 33.41 -6.98
C3C CLA IC . -21.06 33.11 -7.58
C4C CLA IC . -21.25 31.76 -8.15
CMC CLA IC . -22.80 34.64 -6.24
CAC CLA IC . -19.82 33.99 -7.63
CBC CLA IC . -18.95 33.52 -6.48
ND CLA IC . -21.60 29.29 -9.55
C1D CLA IC . -20.30 29.90 -9.55
C2D CLA IC . -19.25 29.20 -10.32
C3D CLA IC . -20.05 28.04 -10.81
C4D CLA IC . -21.33 28.17 -10.32
CMD CLA IC . -17.81 29.44 -10.61
CAD CLA IC . -19.99 26.79 -11.60
OBD CLA IC . -18.95 26.36 -12.20
CBD CLA IC . -21.33 26.17 -11.62
CGD CLA IC . -21.86 26.29 -13.02
O1D CLA IC . -22.22 27.37 -13.46
O2D CLA IC . -22.00 25.12 -13.88
CED CLA IC . -22.75 25.21 -15.09
C1 CLA IC . -20.95 26.43 -7.16
C2 CLA IC . -21.06 27.63 -6.25
C3 CLA IC . -20.07 28.51 -6.08
C4 CLA IC . -18.75 28.34 -6.77
C5 CLA IC . -20.25 29.69 -5.15
C6 CLA IC . -21.68 29.88 -4.66
C7 CLA IC . -21.81 31.20 -3.95
C8 CLA IC . -23.23 31.38 -3.40
C9 CLA IC . -23.44 32.82 -2.98
C10 CLA IC . -23.45 30.43 -2.24
C11 CLA IC . -24.94 30.35 -1.90
C12 CLA IC . -25.17 29.59 -0.60
C13 CLA IC . -26.65 29.56 -0.24
C14 CLA IC . -27.25 30.95 -0.18
C15 CLA IC . -26.81 28.83 1.09
C16 CLA IC . -28.17 28.16 1.22
MG CLA JC . -31.61 26.32 -12.84
CHA CLA JC . -33.05 29.45 -13.27
CHB CLA JC . -29.98 27.49 -10.15
CHC CLA JC . -30.80 23.09 -12.11
CHD CLA JC . -33.79 25.07 -15.55
NA CLA JC . -31.56 28.13 -11.84
C1A CLA JC . -31.99 29.29 -12.21
C2A CLA JC . -31.58 30.43 -11.31
C3A CLA JC . -30.57 29.79 -10.39
C4A CLA JC . -30.70 28.37 -10.84
CMA CLA JC . -29.18 30.31 -10.76
CAA CLA JC . -32.74 30.81 -10.34
CBA CLA JC . -33.50 29.76 -9.50
CGA CLA JC . -34.40 28.78 -10.27
O1A CLA JC . -35.26 29.16 -11.02
O2A CLA JC . -34.17 27.35 -10.26
NB CLA JC . -30.50 25.44 -11.39
C1B CLA JC . -29.98 26.04 -10.33
C2B CLA JC . -29.51 25.14 -9.26
C3B CLA JC . -29.76 23.80 -9.85
C4B CLA JC . -30.37 24.13 -11.17
CMB CLA JC . -28.90 25.50 -7.95
CAB CLA JC . -29.50 22.45 -9.32
CBB CLA JC . -28.34 22.10 -8.82
NC CLA JC . -32.20 24.51 -13.64
C1C CLA JC . -31.72 23.33 -13.22
C2C CLA JC . -32.21 22.15 -13.98
C3C CLA JC . -33.09 22.74 -15.00
C4C CLA JC . -33.00 24.18 -14.70
CMC CLA JC . -31.89 20.70 -13.75
CAC CLA JC . -33.89 22.06 -16.07
CBC CLA JC . -35.22 21.73 -15.46
ND CLA JC . -33.04 26.98 -14.12
C1D CLA JC . -33.90 26.47 -15.13
C2D CLA JC . -34.86 27.41 -15.70
C3D CLA JC . -34.52 28.63 -14.92
C4D CLA JC . -33.49 28.29 -14.05
CMD CLA JC . -35.92 27.29 -16.73
CAD CLA JC . -34.86 30.06 -14.73
OBD CLA JC . -35.76 30.72 -15.34
CBD CLA JC . -33.97 30.57 -13.66
CGD CLA JC . -33.35 31.90 -13.95
O1D CLA JC . -33.98 32.93 -13.78
O2D CLA JC . -31.97 31.99 -14.41
CED CLA JC . -31.44 33.28 -14.61
C1 CLA JC . -34.93 26.57 -11.19
C2 CLA JC . -34.55 25.12 -11.07
C3 CLA JC . -35.25 24.12 -11.62
C4 CLA JC . -36.50 24.37 -12.41
C5 CLA JC . -34.76 22.71 -11.41
C6 CLA JC . -34.75 22.37 -9.92
C7 CLA JC . -33.33 22.11 -9.42
C8 CLA JC . -33.14 22.58 -7.98
C9 CLA JC . -34.13 21.88 -7.05
C10 CLA JC . -33.31 24.09 -7.91
C11 CLA JC . -33.01 24.69 -6.55
C12 CLA JC . -33.86 25.93 -6.30
C13 CLA JC . -33.05 27.17 -5.97
C14 CLA JC . -32.00 27.44 -7.04
C15 CLA JC . -32.38 27.03 -4.61
C16 CLA JC . -31.70 28.32 -4.18
C17 CLA JC . -32.55 29.07 -3.15
C18 CLA JC . -31.67 29.67 -2.07
C19 CLA JC . -30.69 30.68 -2.65
C20 CLA JC . -30.93 28.59 -1.31
MG CLA KC . -29.07 16.24 -15.01
CHA CLA KC . -28.25 19.55 -14.47
CHB CLA KC . -27.39 15.43 -12.20
CHC CLA KC . -30.54 13.18 -15.20
CHD CLA KC . -30.99 17.30 -17.94
NA CLA KC . -28.04 17.29 -13.55
C1A CLA KC . -27.70 18.53 -13.52
C2A CLA KC . -26.77 18.91 -12.38
C3A CLA KC . -26.47 17.59 -11.76
C4A CLA KC . -27.37 16.71 -12.56
CMA CLA KC . -25.05 17.37 -12.28
CAA CLA KC . -27.50 19.60 -11.21
CBA CLA KC . -29.03 19.46 -11.19
CGA CLA KC . -29.57 18.51 -10.16
O1A CLA KC . -29.38 17.31 -10.23
O2A CLA KC . -30.36 19.06 -9.08
NB CLA KC . -28.97 14.56 -13.86
C1B CLA KC . -28.20 14.37 -12.81
C2B CLA KC . -28.33 13.02 -12.21
C3B CLA KC . -29.28 12.35 -13.11
C4B CLA KC . -29.60 13.41 -14.10
CMB CLA KC . -27.65 12.47 -11.00
CAB CLA KC . -29.81 10.97 -13.11
CBB CLA KC . -29.00 9.93 -13.19
NC CLA KC . -30.49 15.46 -16.26
C1C CLA KC . -30.88 14.18 -16.23
C2C CLA KC . -31.75 13.74 -17.34
C3C CLA KC . -31.88 14.96 -18.16
C4C CLA KC . -31.07 15.94 -17.39
CMC CLA KC . -32.32 12.38 -17.57
CAC CLA KC . -32.64 15.16 -19.44
CBC CLA KC . -31.66 14.91 -20.56
ND CLA KC . -29.55 17.93 -16.03
C1D CLA KC . -30.33 18.32 -17.14
C2D CLA KC . -30.41 19.77 -17.40
C3D CLA KC . -29.55 20.26 -16.29
C4D CLA KC . -29.15 19.16 -15.55
CMD CLA KC . -31.11 20.61 -18.43
CAD CLA KC . -28.98 21.46 -15.62
OBD CLA KC . -29.14 22.67 -15.97
CBD CLA KC . -28.17 21.03 -14.46
CGD CLA KC . -26.78 21.57 -14.58
O1D CLA KC . -26.00 21.15 -15.42
O2D CLA KC . -26.32 22.54 -13.61
CED CLA KC . -24.98 22.47 -13.15
C1 CLA KC . -30.15 18.60 -7.75
C2 CLA KC . -30.98 19.44 -6.83
MG CLA LC . -28.90 48.34 13.66
CHA CLA LC . -27.93 50.09 16.49
CHB CLA LC . -32.09 48.52 14.74
CHC CLA LC . -29.86 47.16 10.60
CHD CLA LC . -25.44 48.63 12.40
NA CLA LC . -29.86 49.20 15.28
C1A CLA LC . -29.39 49.77 16.34
C2A CLA LC . -30.37 50.09 17.43
C3A CLA LC . -31.64 49.52 16.87
C4A CLA LC . -31.17 49.05 15.54
CMA CLA LC . -31.84 48.28 17.74
CAA CLA LC . -30.66 51.59 17.59
CBA CLA LC . -30.56 52.38 16.29
CGA CLA LC . -31.14 53.77 16.43
O1A CLA LC . -31.15 54.54 15.50
O2A CLA LC . -31.71 54.18 17.71
NB CLA LC . -30.70 47.89 12.82
C1B CLA LC . -31.90 48.01 13.38
C2B CLA LC . -33.03 47.68 12.49
C3B CLA LC . -32.35 47.28 11.24
C4B CLA LC . -30.91 47.45 11.58
CMB CLA LC . -34.49 47.71 12.78
CAB CLA LC . -32.90 46.81 9.94
CBB CLA LC . -33.64 45.73 9.85
NC CLA LC . -27.87 48.00 11.90
C1C CLA LC . -28.45 47.51 10.78
C2C CLA LC . -27.53 47.31 9.63
C3C CLA LC . -26.23 47.73 10.18
C4C CLA LC . -26.56 48.14 11.57
CMC CLA LC . -27.84 46.79 8.26
CAC CLA LC . -24.89 47.76 9.49
CBC CLA LC . -24.27 46.41 9.74
ND CLA LC . -27.13 49.16 14.17
C1D CLA LC . -25.76 49.19 13.71
C2D CLA LC . -24.78 49.80 14.65
C3D CLA LC . -25.69 50.16 15.76
C4D CLA LC . -26.98 49.78 15.41
CMD CLA LC . -23.30 50.05 14.63
CAD CLA LC . -25.76 50.77 17.11
OBD CLA LC . -24.76 51.25 17.75
CBD CLA LC . -27.15 50.75 17.58
CGD CLA LC . -27.24 50.02 18.89
O1D CLA LC . -27.56 48.84 18.95
O2D CLA LC . -26.99 50.75 20.13
CED CLA LC . -27.74 50.43 21.30
MG CLA MC . -35.66 56.99 12.72
CHA CLA MC . -35.45 55.36 15.79
CHB CLA MC . -37.25 59.53 14.28
CHC CLA MC . -35.47 58.70 9.80
CHD CLA MC . -33.57 54.32 11.27
NA CLA MC . -36.22 57.41 14.69
C1A CLA MC . -36.14 56.69 15.76
C2A CLA MC . -36.83 57.27 16.98
C3A CLA MC . -37.41 58.56 16.45
C4A CLA MC . -36.93 58.49 15.04
CMA CLA MC . -38.93 58.44 16.46
CAA CLA MC . -35.87 57.68 18.11
CBA CLA MC . -34.68 58.50 17.63
CGA CLA MC . -33.40 57.77 17.97
O1A CLA MC . -32.37 57.97 17.34
O2A CLA MC . -33.39 56.82 19.07
NB CLA MC . -36.28 58.85 12.14
C1B CLA MC . -36.91 59.76 12.87
C2B CLA MC . -37.20 61.04 12.18
C3B CLA MC . -36.66 60.77 10.83
C4B CLA MC . -36.12 59.39 10.93
CMB CLA MC . -37.87 62.28 12.71
CAB CLA MC . -36.63 61.67 9.65
CBB CLA MC . -35.48 62.07 9.12
NC CLA MC . -34.72 56.58 10.94
C1C CLA MC . -34.76 57.40 9.88
C2C CLA MC . -33.99 56.96 8.70
C3C CLA MC . -33.43 55.66 9.13
C4C CLA MC . -33.96 55.54 10.52
CMC CLA MC . -33.84 57.66 7.38
CAC CLA MC . -32.54 54.69 8.38
CBC CLA MC . -33.34 53.98 7.31
ND CLA MC . -34.68 55.31 13.28
C1D CLA MC . -33.93 54.24 12.67
C2D CLA MC . -33.59 53.11 13.57
C3D CLA MC . -34.21 53.59 14.83
C4D CLA MC . -34.79 54.83 14.58
CMD CLA MC . -32.85 51.81 13.41
CAD CLA MC . -34.45 53.26 16.26
OBD CLA MC . -34.05 52.18 16.85
CBD CLA MC . -35.21 54.36 16.87
CGD CLA MC . -36.45 53.84 17.53
O1D CLA MC . -37.55 53.92 16.99
O2D CLA MC . -36.35 53.24 18.85
CED CLA MC . -37.52 52.81 19.53
MG CLA NC . -37.54 47.85 10.52
CHA CLA NC . -37.56 44.42 10.05
CHB CLA NC . -36.78 48.21 7.24
CHC CLA NC . -37.05 51.12 11.15
CHD CLA NC . -38.05 47.27 14.14
NA CLA NC . -37.19 46.55 8.93
C1A CLA NC . -37.33 45.28 8.84
C2A CLA NC . -37.20 44.69 7.44
C3A CLA NC . -36.93 45.92 6.60
C4A CLA NC . -36.97 46.96 7.67
CMA CLA NC . -35.52 45.84 6.01
CAA CLA NC . -38.53 44.11 6.93
CBA CLA NC . -38.30 42.83 6.15
CGA CLA NC . -38.09 43.19 4.70
O1A CLA NC . -36.99 43.11 4.18
O2A CLA NC . -39.19 43.66 3.89
NB CLA NC . -36.97 49.42 9.37
C1B CLA NC . -36.75 49.43 8.06
C2B CLA NC . -36.49 50.78 7.48
C3B CLA NC . -36.57 51.64 8.68
C4B CLA NC . -36.88 50.68 9.77
CMB CLA NC . -36.21 51.14 6.05
CAB CLA NC . -36.42 53.10 8.85
CBB CLA NC . -37.13 53.95 8.15
NC CLA NC . -37.53 48.93 12.28
C1C CLA NC . -37.36 50.26 12.30
C2C CLA NC . -37.50 50.89 13.64
C3C CLA NC . -37.81 49.76 14.52
C4C CLA NC . -37.80 48.61 13.58
CMC CLA NC . -37.38 52.34 14.02
CAC CLA NC . -38.04 49.81 16.02
CBC CLA NC . -39.44 50.27 16.35
ND CLA NC . -37.75 46.31 11.83
C1D CLA NC . -37.96 46.11 13.24
C2D CLA NC . -38.06 44.70 13.67
C3D CLA NC . -37.89 44.02 12.35
C4D CLA NC . -37.72 45.00 11.39
CMD CLA NC . -38.27 43.97 14.96
CAD CLA NC . -37.84 42.71 11.66
OBD CLA NC . -37.95 41.57 12.22
CBD CLA NC . -37.62 42.93 10.21
CGD CLA NC . -36.35 42.28 9.77
O1D CLA NC . -36.36 41.51 8.83
O2D CLA NC . -35.10 42.56 10.44
CED CLA NC . -33.92 42.08 9.84
C1 CLA NC . -38.94 44.71 2.98
C2 CLA NC . -40.25 45.28 2.51
C3 CLA NC . -40.33 46.09 1.45
C4 CLA NC . -39.10 46.50 0.71
C5 CLA NC . -41.67 46.61 1.02
C6 CLA NC . -42.54 45.49 0.51
C7 CLA NC . -43.94 46.00 0.19
C8 CLA NC . -44.78 44.97 -0.55
C9 CLA NC . -44.87 43.67 0.24
C10 CLA NC . -44.16 44.75 -1.92
C11 CLA NC . -44.25 46.04 -2.74
C12 CLA NC . -43.03 46.22 -3.63
C13 CLA NC . -43.26 45.97 -5.12
C14 CLA NC . -44.73 45.94 -5.54
C15 CLA NC . -42.55 44.69 -5.52
C16 CLA NC . -41.48 44.96 -6.56
C17 CLA NC . -40.28 44.05 -6.38
C18 CLA NC . -40.01 43.24 -7.64
C19 CLA NC . -38.73 42.44 -7.50
C20 CLA NC . -39.94 44.11 -8.88
MG CLA OC . -30.36 52.84 -9.04
CHA CLA OC . -27.89 51.53 -11.11
CHB CLA OC . -31.42 49.70 -8.41
CHC CLA OC . -32.28 54.13 -6.56
CHD CLA OC . -28.89 56.19 -9.56
NA CLA OC . -29.74 50.94 -9.61
C1A CLA OC . -28.84 50.57 -10.45
C2A CLA OC . -28.78 49.09 -10.74
C3A CLA OC . -29.94 48.57 -9.92
C4A CLA OC . -30.41 49.83 -9.28
CMA CLA OC . -31.03 48.12 -10.90
CAA CLA OC . -27.51 48.45 -10.14
CBA CLA OC . -27.24 48.87 -8.69
CGA CLA OC . -25.79 48.91 -8.27
O1A CLA OC . -25.06 47.94 -8.43
O2A CLA OC . -25.26 50.11 -7.66
NB CLA OC . -31.67 52.03 -7.71
C1B CLA OC . -32.03 50.75 -7.60
C2B CLA OC . -33.00 50.47 -6.50
C3B CLA OC . -33.23 51.82 -5.94
C4B CLA OC . -32.36 52.69 -6.78
CMB CLA OC . -33.60 49.15 -6.07
CAB CLA OC . -34.10 52.30 -4.84
CBB CLA OC . -35.35 51.91 -4.69
NC CLA OC . -30.52 54.74 -8.24
C1C CLA OC . -31.37 55.05 -7.25
C2C CLA OC . -31.38 56.47 -6.84
C3C CLA OC . -30.38 57.08 -7.75
C4C CLA OC . -29.93 55.92 -8.55
CMC CLA OC . -32.20 57.14 -5.79
CAC CLA OC . -29.91 58.51 -7.83
CBC CLA OC . -30.93 59.22 -8.68
ND CLA OC . -28.81 53.72 -10.00
C1D CLA OC . -28.29 55.03 -10.23
C2D CLA OC . -27.15 55.12 -11.18
C3D CLA OC . -27.01 53.68 -11.52
C4D CLA OC . -27.95 52.98 -10.80
CMD CLA OC . -26.30 56.23 -11.73
CAD CLA OC . -26.22 52.71 -12.32
OBD CLA OC . -25.24 52.99 -13.10
CBD CLA OC . -26.76 51.36 -12.08
CGD CLA OC . -27.25 50.80 -13.38
O1D CLA OC . -26.58 50.03 -14.03
O2D CLA OC . -28.56 51.17 -13.86
CED CLA OC . -29.17 50.32 -14.82
C1 CLA OC . -24.13 50.05 -6.79
C2 CLA OC . -24.36 50.86 -5.55
C3 CLA OC . -23.65 51.99 -5.31
C4 CLA OC . -22.59 52.46 -6.27
C5 CLA OC . -23.90 52.79 -4.05
C6 CLA OC . -25.33 53.32 -3.95
C7 CLA OC . -25.32 54.79 -3.53
C8 CLA OC . -25.06 54.95 -2.04
C9 CLA OC . -26.36 54.82 -1.25
C10 CLA OC . -24.40 56.30 -1.78
C11 CLA OC . -24.15 56.54 -0.30
MG CLA PC . -33.28 63.71 -8.71
CHA CLA PC . -31.48 66.28 -10.19
CHB CLA PC . -30.67 63.16 -6.63
CHC CLA PC . -35.32 61.70 -6.89
CHD CLA PC . -36.17 64.64 -10.83
NA CLA PC . -31.42 64.59 -8.41
C1A CLA PC . -30.82 65.52 -9.07
C2A CLA PC . -29.39 65.79 -8.66
C3A CLA PC . -29.17 64.76 -7.57
C4A CLA PC . -30.52 64.11 -7.55
CMA CLA PC . -28.16 63.74 -8.07
CAA CLA PC . -29.22 67.15 -7.94
CBA CLA PC . -30.43 67.50 -7.06
CGA CLA PC . -30.15 68.57 -6.04
O1A CLA PC . -29.02 68.75 -5.62
O2A CLA PC . -31.25 69.37 -5.54
NB CLA PC . -33.03 62.62 -7.00
C1B CLA PC . -31.90 62.40 -6.35
C2B CLA PC . -31.95 61.39 -5.26
C3B CLA PC . -33.37 60.96 -5.35
C4B CLA PC . -33.93 61.79 -6.45
CMB CLA PC . -30.87 60.92 -4.33
CAB CLA PC . -34.07 59.93 -4.51
CBB CLA PC . -35.15 60.20 -3.82
NC CLA PC . -35.30 63.28 -8.85
C1C CLA PC . -35.92 62.45 -8.01
C2C CLA PC . -37.37 62.28 -8.23
C3C CLA PC . -37.63 63.15 -9.40
C4C CLA PC . -36.27 63.70 -9.69
CMC CLA PC . -38.33 61.43 -7.45
CAC CLA PC . -38.93 63.40 -10.12
CBC CLA PC . -39.54 64.63 -9.48
ND CLA PC . -33.81 65.08 -10.11
C1D CLA PC . -34.92 65.39 -10.97
C2D CLA PC . -34.69 66.46 -11.96
C3D CLA PC . -33.28 66.83 -11.63
C4D CLA PC . -32.88 66.01 -10.58
CMD CLA PC . -35.51 67.11 -13.04
CAD CLA PC . -32.14 67.71 -11.97
OBD CLA PC . -32.14 68.61 -12.89
CBD CLA PC . -31.02 67.40 -11.07
CGD CLA PC . -29.71 67.26 -11.77
O1D CLA PC . -29.02 68.25 -11.98
O2D CLA PC . -29.22 65.96 -12.18
CED CLA PC . -27.81 65.77 -12.31
MG CLA QC . -49.40 63.94 -9.71
CHA CLA QC . -50.96 64.95 -12.64
CHB CLA QC . -46.67 65.69 -10.64
CHC CLA QC . -48.14 63.33 -6.61
CHD CLA QC . -52.61 62.46 -8.62
NA CLA QC . -48.90 65.16 -11.32
C1A CLA QC . -49.53 65.40 -12.42
C2A CLA QC . -48.76 66.18 -13.47
C3A CLA QC . -47.41 66.36 -12.80
C4A CLA QC . -47.68 65.69 -11.50
CMA CLA QC . -46.34 65.61 -13.58
CAA CLA QC . -49.30 67.57 -13.82
CBA CLA QC . -49.05 68.68 -12.79
CGA CLA QC . -50.30 68.89 -11.98
O1A CLA QC . -50.34 69.73 -11.10
O2A CLA QC . -51.46 68.08 -12.27
NB CLA QC . -47.65 64.42 -8.77
C1B CLA QC . -46.65 65.13 -9.28
C2B CLA QC . -45.51 65.37 -8.35
C3B CLA QC . -45.96 64.65 -7.14
C4B CLA QC . -47.30 64.11 -7.52
CMB CLA QC . -44.23 66.13 -8.59
CAB CLA QC . -45.28 64.50 -5.84
CBB CLA QC . -45.77 65.10 -4.77
NC CLA QC . -50.22 63.10 -8.01
C1C CLA QC . -49.53 62.92 -6.86
C2C CLA QC . -50.29 62.24 -5.78
C3C CLA QC . -51.61 62.00 -6.39
C4C CLA QC . -51.44 62.56 -7.74
CMC CLA QC . -49.89 61.88 -4.38
CAC CLA QC . -52.81 61.33 -5.78
CBC CLA QC . -53.60 62.41 -5.08
ND CLA QC . -51.32 63.75 -10.34
C1D CLA QC . -52.53 63.09 -9.94
C2D CLA QC . -53.64 63.11 -10.92
C3D CLA QC . -52.98 63.87 -12.02
C4D CLA QC . -51.69 64.20 -11.60
CMD CLA QC . -55.05 62.58 -10.98
CAD CLA QC . -53.17 64.43 -13.37
OBD CLA QC . -54.24 64.32 -14.06
CBD CLA QC . -51.91 65.09 -13.78
CGD CLA QC . -51.44 64.46 -15.07
O1D CLA QC . -50.37 63.90 -15.17
O2D CLA QC . -52.30 64.56 -16.22
CED CLA QC . -51.83 65.16 -17.43
C1 CLA QC . -52.68 68.34 -11.59
C2 CLA QC . -52.67 67.62 -10.26
C3 CLA QC . -53.68 66.83 -9.86
C4 CLA QC . -54.90 66.64 -10.72
C5 CLA QC . -53.60 66.14 -8.52
C6 CLA QC . -52.79 66.93 -7.50
C7 CLA QC . -52.12 66.01 -6.50
C8 CLA QC . -50.81 66.63 -6.04
C9 CLA QC . -49.80 66.61 -7.17
C10 CLA QC . -50.28 65.87 -4.81
MG CLA RC . -51.12 53.16 -9.55
CHA CLA RC . -51.38 50.00 -10.94
CHB CLA RC . -50.08 54.31 -12.53
CHC CLA RC . -51.20 56.29 -8.21
CHD CLA RC . -52.61 51.81 -6.46
NA CLA RC . -50.82 52.32 -11.41
C1A CLA RC . -50.88 51.12 -11.82
C2A CLA RC . -50.49 50.88 -13.27
C3A CLA RC . -50.02 52.26 -13.68
C4A CLA RC . -50.33 53.02 -12.46
CMA CLA RC . -48.50 52.24 -13.86
CAA CLA RC . -51.78 50.65 -14.06
CBA CLA RC . -51.75 51.02 -15.54
CGA CLA RC . -53.14 51.29 -16.04
O1A CLA RC . -53.46 51.02 -17.19
O2A CLA RC . -54.13 51.85 -15.15
NB CLA RC . -50.70 55.02 -10.27
C1B CLA RC . -50.27 55.32 -11.49
C2B CLA RC . -50.01 56.76 -11.75
C3B CLA RC . -50.34 57.35 -10.43
C4B CLA RC . -50.76 56.18 -9.61
CMB CLA RC . -49.53 57.41 -13.01
CAB CLA RC . -50.30 58.77 -10.03
CBB CLA RC . -51.43 59.41 -9.78
NC CLA RC . -51.81 53.88 -7.74
C1C CLA RC . -51.68 55.17 -7.38
C2C CLA RC . -52.08 55.45 -5.98
C3C CLA RC . -52.50 54.13 -5.46
C4C CLA RC . -52.28 53.25 -6.63
CMC CLA RC . -52.07 56.78 -5.25
CAC CLA RC . -53.02 53.77 -4.09
CBC CLA RC . -54.53 53.80 -4.17
ND CLA RC . -51.87 51.43 -8.81
C1D CLA RC . -52.38 50.91 -7.58
C2D CLA RC . -52.64 49.45 -7.55
C3D CLA RC . -52.23 49.10 -8.94
C4D CLA RC . -51.81 50.27 -9.56
CMD CLA RC . -53.15 48.46 -6.54
CAD CLA RC . -52.08 47.98 -9.91
OBD CLA RC . -52.36 46.75 -9.68
CBD CLA RC . -51.54 48.52 -11.17
CGD CLA RC . -50.24 47.85 -11.50
O1D CLA RC . -49.24 48.04 -10.84
O2D CLA RC . -50.19 46.95 -12.64
CED CLA RC . -49.11 46.03 -12.81
C1 CLA RC . -55.11 52.75 -15.67
C2 CLA RC . -55.44 53.79 -14.64
C3 CLA RC . -56.31 53.53 -13.64
C4 CLA RC . -56.98 52.20 -13.51
C5 CLA RC . -56.61 54.60 -12.63
C6 CLA RC . -55.84 54.39 -11.35
C7 CLA RC . -55.84 55.68 -10.54
C8 CLA RC . -55.45 55.45 -9.09
C9 CLA RC . -56.68 55.03 -8.26
C10 CLA RC . -54.76 56.67 -8.48
C11 CLA RC . -55.12 58.02 -9.09
C12 CLA RC . -56.25 58.73 -8.35
C13 CLA RC . -55.95 58.84 -6.87
C14 CLA RC . -57.10 58.31 -6.03
MG CLA SC . -43.56 49.06 -7.22
CHA CLA SC . -41.82 47.86 -9.96
CHB CLA SC . -46.43 48.59 -8.91
CHC CLA SC . -45.21 49.87 -4.37
CHD CLA SC . -40.37 49.19 -5.39
NA CLA SC . -44.07 48.31 -9.09
C1A CLA SC . -43.32 48.00 -10.09
C2A CLA SC . -44.05 47.75 -11.39
C3A CLA SC . -45.50 48.04 -11.04
C4A CLA SC . -45.31 48.33 -9.58
CMA CLA SC . -45.99 49.28 -11.77
CAA CLA SC . -44.07 46.31 -11.89
CBA CLA SC . -43.74 45.12 -10.99
CGA CLA SC . -44.74 44.96 -9.89
O1A CLA SC . -44.41 45.40 -8.80
O2A CLA SC . -46.01 44.28 -10.09
NB CLA SC . -45.52 49.25 -6.73
C1B CLA SC . -46.56 48.92 -7.49
C2B CLA SC . -47.86 48.90 -6.79
C3B CLA SC . -47.48 49.30 -5.42
C4B CLA SC . -46.01 49.49 -5.52
CMB CLA SC . -49.21 48.58 -7.36
CAB CLA SC . -48.29 49.50 -4.21
CBB CLA SC . -49.35 50.28 -4.20
NC CLA SC . -42.91 49.38 -5.30
C1C CLA SC . -43.74 49.80 -4.32
C2C CLA SC . -43.07 50.24 -3.07
C3C CLA SC . -41.64 50.04 -3.38
C4C CLA SC . -41.68 49.51 -4.77
CMC CLA SC . -43.69 50.76 -1.81
CAC CLA SC . -40.45 50.29 -2.52
CBC CLA SC . -40.12 49.00 -1.82
ND CLA SC . -41.58 48.64 -7.48
C1D CLA SC . -40.36 48.70 -6.76
C2D CLA SC . -39.15 48.25 -7.49
C3D CLA SC . -39.77 47.90 -8.79
C4D CLA SC . -41.14 48.13 -8.69
CMD CLA SC . -37.68 48.13 -7.18
CAD CLA SC . -39.51 47.38 -10.15
OBD CLA SC . -38.37 47.03 -10.62
CBD CLA SC . -40.78 47.35 -10.90
CGD CLA SC . -40.67 48.36 -12.01
O1D CLA SC . -41.10 49.49 -11.86
O2D CLA SC . -40.07 47.98 -13.27
CED CLA SC . -40.36 48.77 -14.42
C1 CLA SC . -47.29 44.87 -9.78
C2 CLA SC . -47.44 45.14 -8.31
C3 CLA SC . -48.50 44.85 -7.55
C4 CLA SC . -49.73 44.20 -8.10
C5 CLA SC . -48.39 45.24 -6.09
C6 CLA SC . -49.26 44.46 -5.12
C7 CLA SC . -50.15 45.38 -4.27
C8 CLA SC . -49.45 46.29 -3.25
C9 CLA SC . -48.30 45.63 -2.49
C10 CLA SC . -50.45 46.82 -2.23
C11 CLA SC . -51.75 47.33 -2.83
C12 CLA SC . -52.82 47.44 -1.75
C13 CLA SC . -54.16 47.91 -2.31
C14 CLA SC . -54.69 46.93 -3.34
C15 CLA SC . -54.01 49.31 -2.90
MG CLA TC . -52.94 52.76 7.51
CHA CLA TC . -55.14 52.83 10.19
CHB CLA TC . -52.04 49.64 8.42
CHC CLA TC . -51.24 52.56 4.58
CHD CLA TC . -54.28 56.04 6.47
NA CLA TC . -53.51 51.44 9.00
C1A CLA TC . -54.33 51.58 9.99
C2A CLA TC . -54.42 50.41 10.96
C3A CLA TC . -53.40 49.45 10.38
C4A CLA TC . -52.95 50.24 9.20
CMA CLA TC . -52.24 49.30 11.35
CAA CLA TC . -55.76 49.66 10.84
CBA CLA TC . -56.33 49.69 9.43
CGA CLA TC . -57.34 48.61 9.10
O1A CLA TC . -58.17 48.22 9.90
O2A CLA TC . -57.30 48.04 7.76
NB CLA TC . -51.83 51.30 6.62
C1B CLA TC . -51.46 50.15 7.18
C2B CLA TC . -50.48 49.38 6.40
C3B CLA TC . -50.23 50.25 5.24
C4B CLA TC . -51.13 51.41 5.49
CMB CLA TC . -49.88 48.05 6.74
CAB CLA TC . -49.32 50.00 4.08
CBB CLA TC . -49.80 49.93 2.86
NC CLA TC . -52.81 54.03 5.90
C1C CLA TC . -52.05 53.76 4.81
C2C CLA TC . -52.09 54.81 3.77
C3C CLA TC . -52.98 55.85 4.34
C4C CLA TC . -53.36 55.24 5.64
CMC CLA TC . -51.37 54.83 2.46
CAC CLA TC . -53.42 57.16 3.73
CBC CLA TC . -52.53 58.27 4.27
ND CLA TC . -54.34 54.11 8.07
C1D CLA TC . -54.78 55.42 7.69
C2D CLA TC . -55.76 56.07 8.60
C3D CLA TC . -55.89 54.99 9.63
C4D CLA TC . -55.07 53.94 9.23
CMD CLA TC . -56.47 57.38 8.61
CAD CLA TC . -56.56 54.59 10.88
OBD CLA TC . -57.40 55.31 11.54
CBD CLA TC . -56.09 53.24 11.26
CGD CLA TC . -55.42 53.31 12.60
O1D CLA TC . -54.25 53.60 12.70
O2D CLA TC . -56.19 52.94 13.77
CED CLA TC . -55.75 51.87 14.59
C1 CLA TC . -58.03 46.87 7.43
C2 CLA TC . -57.68 46.54 6.00
C3 CLA TC . -58.61 46.21 5.09
C4 CLA TC . -60.07 46.13 5.45
C5 CLA TC . -58.16 45.91 3.68
C6 CLA TC . -58.89 46.75 2.64
C7 CLA TC . -58.07 47.98 2.24
C8 CLA TC . -58.65 48.61 0.98
C9 CLA TC . -58.50 47.66 -0.21
C10 CLA TC . -57.98 49.94 0.70
C11 CLA TC . -58.73 50.66 -0.42
C12 CLA TC . -58.28 52.11 -0.59
C13 CLA TC . -58.88 53.04 0.45
C14 CLA TC . -60.38 52.84 0.65
C15 CLA TC . -58.58 54.49 0.06
C16 CLA TC . -59.32 54.88 -1.22
C17 CLA TC . -59.22 56.37 -1.53
C18 CLA TC . -60.11 57.24 -0.65
C19 CLA TC . -61.54 56.72 -0.60
C20 CLA TC . -60.09 58.68 -1.13
MG CLA UC . -40.66 63.17 9.59
CHA CLA UC . -41.61 62.41 12.86
CHB CLA UC . -41.09 66.42 10.27
CHC CLA UC . -39.37 63.82 6.51
CHD CLA UC . -40.00 59.58 9.07
NA CLA UC . -41.21 64.25 11.27
C1A CLA UC . -41.61 63.88 12.44
C2A CLA UC . -42.05 64.99 13.38
C3A CLA UC . -41.93 66.21 12.49
C4A CLA UC . -41.37 65.58 11.26
CMA CLA UC . -43.32 66.76 12.19
CAA CLA UC . -41.05 65.14 14.56
CBA CLA UC . -40.34 66.48 14.79
CGA CLA UC . -38.94 66.48 14.21
O1A CLA UC . -38.69 65.96 13.13
O2A CLA UC . -37.85 67.10 14.94
NB CLA UC . -40.27 64.88 8.55
C1B CLA UC . -40.55 66.12 8.94
C2B CLA UC . -40.26 67.18 7.94
C3B CLA UC . -39.73 66.37 6.81
C4B CLA UC . -39.80 64.97 7.31
CMB CLA UC . -40.43 68.66 8.03
CAB CLA UC . -39.25 66.82 5.48
CBB CLA UC . -40.12 67.01 4.50
NC CLA UC . -39.84 61.95 8.15
C1C CLA UC . -39.42 62.41 6.95
C2C CLA UC . -38.98 61.36 5.99
C3C CLA UC . -39.17 60.11 6.75
C4C CLA UC . -39.70 60.60 8.05
CMC CLA UC . -38.46 61.51 4.59
CAC CLA UC . -38.90 58.69 6.33
CBC CLA UC . -37.49 58.36 6.79
ND CLA UC . -40.72 61.42 10.60
C1D CLA UC . -40.50 60.03 10.36
C2D CLA UC . -40.81 59.12 11.48
C3D CLA UC . -41.26 60.10 12.50
C4D CLA UC . -41.17 61.37 11.93
CMD CLA UC . -40.73 57.64 11.68
CAD CLA UC . -41.75 60.27 13.89
OBD CLA UC . -41.95 59.32 14.72
CBD CLA UC . -41.98 61.71 14.14
CGD CLA UC . -43.42 61.92 14.49
O1D CLA UC . -43.80 61.86 15.66
O2D CLA UC . -44.39 62.18 13.44
CED CLA UC . -45.77 61.95 13.73
C1 CLA UC . -36.51 66.69 14.69
C2 CLA UC . -36.32 65.31 15.29
MG CLA VC . -54.96 62.78 12.51
CHA CLA VC . -54.16 64.63 15.35
CHB CLA VC . -58.21 63.08 13.27
CHC CLA VC . -55.64 61.26 9.53
CHD CLA VC . -51.39 62.91 11.57
NA CLA VC . -56.02 63.73 14.02
C1A CLA VC . -55.62 64.34 15.07
C2A CLA VC . -56.72 64.76 16.04
C3A CLA VC . -57.97 64.24 15.35
C4A CLA VC . -57.35 63.64 14.13
CMA CLA VC . -58.65 63.16 16.18
CAA CLA VC . -56.89 66.27 16.23
CBA CLA VC . -57.33 67.06 15.00
CGA CLA VC . -57.88 68.38 15.47
O1A CLA VC . -58.23 69.23 14.67
O2A CLA VC . -57.98 68.66 16.90
NB CLA VC . -56.68 62.25 11.56
C1B CLA VC . -57.92 62.42 12.00
C2B CLA VC . -58.99 61.90 11.09
C3B CLA VC . -58.18 61.36 9.97
C4B CLA VC . -56.78 61.63 10.38
CMB CLA VC . -60.48 61.92 11.27
CAB CLA VC . -58.62 60.69 8.72
CBB CLA VC . -59.27 59.55 8.78
NC CLA VC . -53.77 62.25 10.91
C1C CLA VC . -54.24 61.60 9.82
C2C CLA VC . -53.20 61.22 8.82
C3C CLA VC . -51.96 61.72 9.45
C4C CLA VC . -52.43 62.32 10.71
CMC CLA VC . -53.36 60.50 7.51
CAC CLA VC . -50.55 61.64 8.93
CBC CLA VC . -50.26 62.93 8.19
ND CLA VC . -53.20 63.57 13.16
C1D CLA VC . -51.81 63.53 12.83
C2D CLA VC . -50.87 64.13 13.82
C3D CLA VC . -51.86 64.56 14.83
C4D CLA VC . -53.13 64.22 14.39
CMD CLA VC . -49.38 64.32 13.92
CAD CLA VC . -52.01 65.25 16.15
OBD CLA VC . -51.04 65.70 16.86
CBD CLA VC . -53.45 65.27 16.50
CGD CLA VC . -53.64 64.44 17.73
O1D CLA VC . -53.56 64.93 18.84
O2D CLA VC . -53.97 63.03 17.59
CED CLA VC . -54.85 62.42 18.53
MG CLA WC . -62.89 55.58 13.47
CHA CLA WC . -61.70 57.64 16.01
CHB CLA WC . -65.54 54.82 15.39
CHC CLA WC . -64.13 53.88 10.80
CHD CLA WC . -60.21 56.92 11.29
NA CLA WC . -63.55 56.15 15.36
C1A CLA WC . -63.00 56.89 16.26
C2A CLA WC . -63.72 56.96 17.60
C3A CLA WC . -64.92 56.05 17.36
C4A CLA WC . -64.64 55.65 15.93
CMA CLA WC . -64.89 54.84 18.28
CAA CLA WC . -64.27 58.33 18.01
CBA CLA WC . -64.99 59.02 16.87
CGA CLA WC . -64.43 60.42 16.70
O1A CLA WC . -64.98 61.38 17.22
O2A CLA WC . -63.22 60.62 15.94
NB CLA WC . -64.60 54.51 13.15
C1B CLA WC . -65.56 54.27 14.03
C2B CLA WC . -66.65 53.39 13.53
C3B CLA WC . -66.21 53.11 12.14
C4B CLA WC . -64.93 53.86 12.04
CMB CLA WC . -67.88 52.89 14.25
CAB CLA WC . -66.88 52.28 11.11
CBB CLA WC . -66.28 51.24 10.54
NC CLA WC . -62.29 55.46 11.49
C1C CLA WC . -62.92 54.70 10.57
C2C CLA WC . -62.34 54.72 9.21
C3C CLA WC . -61.17 55.62 9.36
C4C CLA WC . -61.25 56.00 10.80
CMC CLA WC . -62.82 54.00 7.98
CAC CLA WC . -60.17 56.07 8.34
CBC CLA WC . -59.21 54.93 8.07
ND CLA WC . -61.38 56.95 13.50
C1D CLA WC . -60.28 57.36 12.68
C2D CLA WC . -59.27 58.23 13.34
C3D CLA WC . -59.87 58.33 14.70
C4D CLA WC . -61.04 57.58 14.70
CMD CLA WC . -57.99 58.90 12.92
CAD CLA WC . -59.71 58.92 16.05
OBD CLA WC . -58.72 59.66 16.40
CBD CLA WC . -60.83 58.48 16.91
CGD CLA WC . -60.25 57.71 18.06
O1D CLA WC . -60.58 56.56 18.32
O2D CLA WC . -59.25 58.34 18.91
CED CLA WC . -58.76 57.65 20.06
C1 CLA WC . -63.28 61.29 14.68
C2 CLA WC . -63.20 60.25 13.60
C3 CLA WC . -64.29 59.75 12.98
C4 CLA WC . -65.67 60.20 13.37
C5 CLA WC . -64.09 58.71 11.91
C6 CLA WC . -65.25 58.66 10.91
C7 CLA WC . -65.58 57.22 10.55
C8 CLA WC . -66.84 57.15 9.70
C9 CLA WC . -68.09 57.23 10.55
C10 CLA WC . -66.81 55.86 8.88
MG CLA XC . -62.33 45.65 13.41
CHA CLA XC . -59.76 47.93 13.05
CHB CLA XC . -64.48 47.95 12.17
CHC CLA XC . -64.76 43.36 13.81
CHD CLA XC . -59.79 43.05 14.09
NA CLA XC . -62.16 47.58 12.68
C1A CLA XC . -61.16 48.38 12.68
C2A CLA XC . -61.45 49.79 12.22
C3A CLA XC . -62.94 49.77 12.00
C4A CLA XC . -63.20 48.34 12.30
CMA CLA XC . -63.64 50.65 13.04
CAA CLA XC . -60.85 50.04 10.85
CBA CLA XC . -60.93 51.50 10.45
CGA CLA XC . -60.03 51.68 9.26
O1A CLA XC . -60.45 51.55 8.11
O2A CLA XC . -58.62 52.01 9.46
NB CLA XC . -64.35 45.68 13.09
C1B CLA XC . -65.03 46.60 12.43
C2B CLA XC . -66.39 46.20 11.97
C3B CLA XC . -66.46 44.81 12.48
C4B CLA XC . -65.15 44.62 13.16
CMB CLA XC . -67.41 46.99 11.21
CAB CLA XC . -67.57 43.84 12.36
CBB CLA XC . -68.30 43.55 13.42
NC CLA XC . -62.25 43.63 13.75
C1C CLA XC . -63.37 42.94 14.07
C2C CLA XC . -63.10 41.65 14.74
C3C CLA XC . -61.64 41.56 14.82
C4C CLA XC . -61.23 42.83 14.17
CMC CLA XC . -64.07 40.64 15.22
CAC CLA XC . -60.79 40.46 15.41
CBC CLA XC . -60.40 39.53 14.29
ND CLA XC . -60.32 45.41 13.48
C1D CLA XC . -59.35 44.43 13.89
C2D CLA XC . -57.96 44.90 14.07
C3D CLA XC . -58.16 46.33 13.73
C4D CLA XC . -59.50 46.53 13.43
CMD CLA XC . -56.65 44.29 14.47
CAD CLA XC . -57.48 47.65 13.58
OBD CLA XC . -56.23 47.85 13.80
CBD CLA XC . -58.48 48.66 13.19
CGD CLA XC . -58.58 49.64 14.32
O1D CLA XC . -58.29 49.30 15.46
O2D CLA XC . -59.02 50.99 14.08
CED CLA XC . -59.75 51.69 15.08
MG CLA YC . -50.29 45.59 11.41
CHA CLA YC . -47.13 45.61 9.92
CHB CLA YC . -51.59 44.52 8.52
CHC CLA YC . -53.38 46.06 12.80
CHD CLA YC . -48.81 47.32 14.32
NA CLA YC . -49.52 45.20 9.51
C1A CLA YC . -48.28 45.07 9.10
C2A CLA YC . -48.09 44.45 7.70
C3A CLA YC . -49.54 44.07 7.38
C4A CLA YC . -50.26 44.64 8.55
CMA CLA YC . -50.13 44.54 6.06
CAA CLA YC . -47.12 43.27 7.57
CBA CLA YC . -46.99 42.62 6.18
CGA CLA YC . -46.79 43.59 5.04
O1A CLA YC . -45.85 44.36 5.00
O2A CLA YC . -47.75 43.57 3.94
NB CLA YC . -52.19 45.26 10.77
C1B CLA YC . -52.55 44.98 9.53
C2B CLA YC . -53.98 45.24 9.19
C3B CLA YC . -54.50 45.70 10.49
C4B CLA YC . -53.31 45.65 11.38
CMB CLA YC . -54.70 45.06 7.88
CAB CLA YC . -55.87 46.11 10.89
CBB CLA YC . -56.91 45.32 10.72
NC CLA YC . -50.94 46.56 13.14
C1C CLA YC . -52.21 46.51 13.57
C2C CLA YC . -52.42 46.97 14.97
C3C CLA YC . -51.07 47.35 15.40
C4C CLA YC . -50.25 47.05 14.20
CMC CLA YC . -53.70 47.06 15.77
CAC CLA YC . -50.62 47.89 16.73
CBC CLA YC . -50.24 46.70 17.58
ND CLA YC . -48.51 46.34 12.03
C1D CLA YC . -47.95 46.96 13.20
C2D CLA YC . -46.50 47.18 13.17
C3D CLA YC . -46.19 46.64 11.82
C4D CLA YC . -47.37 46.21 11.25
CMD CLA YC . -45.52 47.77 14.12
CAD CLA YC . -45.09 46.37 10.85
OBD CLA YC . -43.85 46.65 11.02
CBD CLA YC . -45.67 45.76 9.65
CGD CLA YC . -45.42 46.72 8.53
O1D CLA YC . -44.29 46.87 8.09
O2D CLA YC . -46.49 47.50 7.95
CED CLA YC . -46.19 48.41 6.88
C1 CLA YC . -47.67 44.42 2.81
C2 CLA YC . -48.66 45.56 2.89
C3 CLA YC . -49.99 45.40 2.71
C4 CLA YC . -50.59 44.06 2.45
C5 CLA YC . -50.92 46.59 2.82
C6 CLA YC . -52.26 46.24 3.48
C7 CLA YC . -53.24 47.40 3.39
C8 CLA YC . -53.42 48.07 4.74
C9 CLA YC . -54.00 49.46 4.57
CAA F6C ZC . -60.89 37.47 -4.15
CAB F6C ZC . -60.97 33.20 3.95
CAC F6C ZC . -56.10 28.80 -0.75
CAD F6C ZC . -57.10 35.12 -6.02
NA F6C ZC . -59.27 35.82 -1.85
CBA F6C ZC . -62.10 38.32 -3.75
CBB F6C ZC . -61.17 33.84 5.08
CBC F6C ZC . -57.02 28.00 -1.64
CBD F6C ZC . -57.95 36.20 -5.44
NB F6C ZC . -59.53 34.38 0.67
OBD F6C ZC . -56.59 35.15 -7.19
CGA F6C ZC . -63.29 38.09 -4.64
CGD F6C ZC . -57.25 37.51 -5.55
ND F6C ZC . -57.61 33.55 -2.79
CED F6C ZC . -56.20 39.49 -4.51
CHA F6C ZC . -58.26 35.73 -4.07
CHB F6C ZC . -60.46 36.57 0.07
CHC F6C ZC . -58.97 32.23 1.75
CHD F6C ZC . -56.50 31.34 -2.48
CMA F6C ZC . -59.56 39.10 -1.22
CMB F6C ZC . -62.02 36.22 2.86
CMC F6C ZC . -57.77 29.40 2.10
CMD F6C ZC . -55.46 31.93 -5.68
OMB F6C ZC . -61.75 37.39 2.76
C1 F6C ZC . -65.58 38.94 -5.30
C1A F6C ZC . -59.07 36.37 -2.99
C1B F6C ZC . -60.30 35.42 0.97
C1C F6C ZC . -58.16 31.64 0.68
C1D F6C ZC . -56.79 32.51 -3.32
O1A F6C ZC . -63.50 37.01 -5.16
O1D F6C ZC . -57.10 38.04 -6.63
C2 F6C ZC . -66.41 38.55 -4.12
C2A F6C ZC . -59.71 37.71 -3.22
C2B F6C ZC . -61.06 35.27 2.23
C2C F6C ZC . -57.62 30.28 0.90
C2D F6C ZC . -56.32 32.71 -4.71
O2A F6C ZC . -64.23 39.18 -4.87
O2D F6C ZC . -56.75 38.18 -4.37
C3 F6C ZC . -67.73 38.79 -4.09
C3A F6C ZC . -60.34 37.97 -1.88
C3B F6C ZC . -60.60 33.95 2.72
C3C F6C ZC . -56.89 30.02 -0.36
C3D F6C ZC . -56.92 34.04 -5.00
C4 F6C ZC . -68.40 39.48 -5.25
C4A F6C ZC . -60.00 36.71 -1.17
C4B F6C ZC . -59.66 33.52 1.68
C4C F6C ZC . -57.11 31.27 -1.14
C4D F6C ZC . -57.64 34.42 -3.88
C5 F6C ZC . -68.55 38.39 -2.88
C6 F6C ZC . -68.02 39.02 -1.61
C7 F6C ZC . -68.04 38.03 -0.46
C8 F6C ZC . -69.46 37.77 0.02
C9 F6C ZC . -70.16 39.07 0.37
C10 F6C ZC . -69.43 36.83 1.23
C11 F6C ZC . -68.59 37.41 2.36
C12 F6C ZC . -68.64 36.52 3.59
NC F6C ZC . -57.87 32.20 -0.51
MG F6C ZC . -58.43 34.12 -1.02
MG CLA AD . -57.82 44.32 -9.74
CHA CLA AD . -58.93 42.56 -6.96
CHB CLA AD . -57.58 47.07 -7.82
CHC CLA AD . -57.05 46.00 -12.56
CHD CLA AD . -58.49 41.30 -11.78
NA CLA AD . -58.21 44.76 -7.74
C1A CLA AD . -58.59 44.01 -6.77
C2A CLA AD . -58.67 44.68 -5.41
C3A CLA AD . -58.27 46.11 -5.74
C4A CLA AD . -58.00 45.96 -7.20
CMA CLA AD . -59.48 47.01 -5.56
CAA CLA AD . -57.60 44.22 -4.43
CBA CLA AD . -58.10 44.26 -2.99
CGA CLA AD . -56.92 44.02 -2.07
O1A CLA AD . -56.05 43.23 -2.37
O2A CLA AD . -56.81 44.75 -0.82
NB CLA AD . -57.44 46.28 -10.13
C1B CLA AD . -57.24 47.25 -9.24
C2B CLA AD . -56.61 48.49 -9.77
C3B CLA AD . -56.45 48.14 -11.22
C4B CLA AD . -57.00 46.76 -11.30
CMB CLA AD . -56.23 49.75 -9.04
CAB CLA AD . -55.91 48.92 -12.36
CBB CLA AD . -54.76 49.57 -12.28
NC CLA AD . -57.80 43.76 -11.72
C1C CLA AD . -57.44 44.60 -12.71
C2C CLA AD . -57.45 44.00 -14.07
C3C CLA AD . -57.88 42.61 -13.83
C4C CLA AD . -58.06 42.59 -12.36
CMC CLA AD . -57.10 44.68 -15.36
CAC CLA AD . -58.07 41.46 -14.80
CBC CLA AD . -59.53 41.35 -15.17
ND CLA AD . -58.55 42.44 -9.54
C1D CLA AD . -58.72 41.25 -10.34
C2D CLA AD . -59.14 40.04 -9.62
C3D CLA AD . -59.22 40.60 -8.24
C4D CLA AD . -58.86 41.93 -8.30
CMD CLA AD . -59.44 38.61 -9.98
CAD CLA AD . -59.51 40.27 -6.84
OBD CLA AD . -59.86 39.11 -6.43
CBD CLA AD . -59.33 41.48 -6.01
CGD CLA AD . -60.63 41.79 -5.31
O1D CLA AD . -60.67 41.90 -4.10
O2D CLA AD . -61.85 41.95 -6.08
CED CLA AD . -63.06 42.29 -5.39
C1 CLA AD . -55.81 44.33 0.11
C2 CLA AD . -56.43 43.40 1.12
C3 CLA AD . -55.75 42.90 2.16
C4 CLA AD . -54.30 43.24 2.37
C5 CLA AD . -56.45 41.98 3.12
C6 CLA AD . -56.18 42.34 4.58
C7 CLA AD . -56.44 41.13 5.46
C8 CLA AD . -56.58 41.51 6.93
C9 CLA AD . -56.40 40.29 7.81
C10 CLA AD . -57.93 42.19 7.18
C11 CLA AD . -59.10 41.33 6.70
C12 CLA AD . -60.28 41.42 7.67
C13 CLA AD . -61.60 41.32 6.92
C14 CLA AD . -62.38 42.63 7.02
C15 CLA AD . -62.43 40.16 7.48
C16 CLA AD . -62.22 38.90 6.66
C17 CLA AD . -63.42 37.94 6.69
C18 CLA AD . -64.56 38.34 5.76
C19 CLA AD . -65.48 37.14 5.53
C20 CLA AD . -64.10 38.90 4.43
MG CLA BD . -41.69 28.76 -8.29
CHA CLA BD . -38.63 30.14 -9.11
CHB CLA BD . -42.53 28.79 -11.53
CHC CLA BD . -44.49 27.05 -7.41
CHD CLA BD . -40.44 28.34 -4.84
NA CLA BD . -40.74 29.32 -10.04
C1A CLA BD . -39.64 29.97 -10.22
C2A CLA BD . -39.38 30.43 -11.64
C3A CLA BD . -40.66 30.05 -12.33
C4A CLA BD . -41.35 29.34 -11.22
CMA CLA BD . -41.42 31.34 -12.62
CAA CLA BD . -38.30 29.50 -12.27
CBA CLA BD . -38.40 29.07 -13.74
CGA CLA BD . -38.81 27.61 -13.86
O1A CLA BD . -38.58 26.95 -14.86
O2A CLA BD . -39.50 26.95 -12.77
NB CLA BD . -43.30 28.08 -9.33
C1B CLA BD . -43.42 28.05 -10.64
C2B CLA BD . -44.51 27.18 -11.16
C3B CLA BD . -45.09 26.66 -9.91
C4B CLA BD . -44.26 27.28 -8.84
CMB CLA BD . -44.89 26.92 -12.58
CAB CLA BD . -46.23 25.73 -9.68
CBB CLA BD . -46.26 24.53 -10.24
NC CLA BD . -42.27 27.83 -6.53
C1C CLA BD . -43.50 27.32 -6.36
C2C CLA BD . -43.86 27.01 -4.95
C3C CLA BD . -42.66 27.38 -4.20
C4C CLA BD . -41.75 27.87 -5.28
CMC CLA BD . -45.14 26.44 -4.41
CAC CLA BD . -42.40 27.31 -2.71
CBC CLA BD . -41.63 26.04 -2.42
ND CLA BD . -40.02 29.07 -7.18
C1D CLA BD . -39.57 28.93 -5.84
C2D CLA BD . -38.21 29.41 -5.55
C3D CLA BD . -37.84 29.90 -6.89
C4D CLA BD . -38.90 29.65 -7.75
CMD CLA BD . -37.34 29.45 -4.33
CAD CLA BD . -36.76 30.52 -7.68
OBD CLA BD . -35.61 30.88 -7.23
CBD CLA BD . -37.24 30.67 -9.07
CGD CLA BD . -37.14 32.11 -9.44
O1D CLA BD . -37.66 32.96 -8.75
O2D CLA BD . -36.36 32.50 -10.60
CED CLA BD . -35.66 33.75 -10.58
C1 CLA BD . -40.67 26.18 -13.06
C2 CLA BD . -40.96 25.31 -11.87
C3 CLA BD . -40.93 23.97 -11.97
C4 CLA BD . -40.64 23.30 -13.27
C5 CLA BD . -41.19 23.12 -10.76
C6 CLA BD . -39.99 22.25 -10.45
C7 CLA BD . -40.16 21.57 -9.10
C8 CLA BD . -38.87 20.91 -8.64
C9 CLA BD . -38.52 19.72 -9.54
C10 CLA BD . -39.05 20.46 -7.20
C11 CLA BD . -37.79 19.83 -6.63
C12 CLA BD . -38.01 19.50 -5.15
C13 CLA BD . -36.98 18.53 -4.61
C14 CLA BD . -36.91 17.26 -5.43
C15 CLA BD . -37.29 18.21 -3.15
C16 CLA BD . -37.44 19.45 -2.28
MG CLA CD . -42.09 37.21 -6.56
CHA CLA CD . -41.18 39.08 -9.33
CHB CLA CD . -39.68 35.00 -7.33
CHC CLA CD . -42.75 35.69 -3.59
CHD CLA CD . -44.36 39.94 -5.58
NA CLA CD . -40.63 37.08 -8.03
C1A CLA CD . -40.44 37.79 -9.08
C2A CLA CD . -39.42 37.24 -10.06
C3A CLA CD . -39.05 35.93 -9.44
C4A CLA CD . -39.85 36.01 -8.18
CMA CLA CD . -39.69 34.90 -10.35
CAA CLA CD . -38.14 38.11 -10.14
CBA CLA CD . -36.99 37.83 -9.17
CGA CLA CD . -36.90 38.81 -8.02
O1A CLA CD . -37.90 39.18 -7.41
O2A CLA CD . -35.59 39.31 -7.65
NB CLA CD . -41.36 35.55 -5.63
C1B CLA CD . -40.32 34.83 -6.02
C2B CLA CD . -39.82 33.86 -5.02
C3B CLA CD . -40.75 34.08 -3.89
C4B CLA CD . -41.66 35.14 -4.40
CMB CLA CD . -38.67 32.90 -5.15
CAB CLA CD . -40.82 33.44 -2.57
CBB CLA CD . -40.95 32.14 -2.46
NC CLA CD . -43.28 37.74 -4.94
C1C CLA CD . -43.44 36.97 -3.85
C2C CLA CD . -44.40 37.48 -2.85
C3C CLA CD . -44.87 38.75 -3.45
C4C CLA CD . -44.11 38.78 -4.73
CMC CLA CD . -44.79 36.87 -1.54
CAC CLA CD . -45.87 39.74 -2.92
CBC CLA CD . -45.08 40.78 -2.16
ND CLA CD . -42.64 39.05 -7.18
C1D CLA CD . -43.58 40.05 -6.81
C2D CLA CD . -43.70 41.17 -7.74
C3D CLA CD . -42.71 40.77 -8.79
C4D CLA CD . -42.15 39.58 -8.36
CMD CLA CD . -44.57 42.38 -7.69
CAD CLA CD . -42.07 41.15 -10.07
OBD CLA CD . -42.32 42.20 -10.76
CBD CLA CD . -41.09 40.10 -10.42
CGD CLA CD . -41.32 39.55 -11.79
O1D CLA CD . -42.29 38.84 -12.06
O2D CLA CD . -40.32 39.80 -12.81
CED CLA CD . -40.39 39.12 -14.05
C1 CLA CD . -35.34 39.71 -6.31
C2 CLA CD . -35.63 41.19 -6.17
C3 CLA CD . -35.19 41.92 -5.14
C4 CLA CD . -34.39 41.32 -4.03
C5 CLA CD . -35.56 43.39 -5.14
C6 CLA CD . -35.14 44.16 -3.90
C7 CLA CD . -35.43 45.65 -4.05
C8 CLA CD . -36.44 46.13 -3.01
C9 CLA CD . -37.86 45.72 -3.37
C10 CLA CD . -36.36 47.65 -2.88
C11 CLA CD . -35.04 48.09 -2.26
C12 CLA CD . -35.14 49.55 -1.82
C13 CLA CD . -33.78 50.20 -1.66
C14 CLA CD . -32.90 49.43 -0.66
C15 CLA CD . -33.97 51.64 -1.21
C16 CLA CD . -32.66 52.41 -1.05
C17 CLA CD . -32.95 53.83 -0.56
C18 CLA CD . -31.67 54.56 -0.17
C19 CLA CD . -32.00 55.92 0.44
C20 CLA CD . -30.75 54.73 -1.36
MG CLA DD . -45.07 28.31 9.87
CHA CLA DD . -44.83 26.00 12.46
CHB CLA DD . -42.56 30.03 11.26
CHC CLA DD . -45.07 30.26 7.09
CHD CLA DD . -47.57 26.12 8.26
NA CLA DD . -43.88 28.05 11.54
C1A CLA DD . -43.88 27.17 12.47
C2A CLA DD . -42.91 27.38 13.61
C3A CLA DD . -42.23 28.67 13.21
C4A CLA DD . -42.93 28.93 11.91
CMA CLA DD . -42.69 29.73 14.21
CAA CLA DD . -41.82 26.33 13.74
CBA CLA DD . -41.28 25.88 12.41
CGA CLA DD . -40.35 24.73 12.63
O1A CLA DD . -39.81 24.53 13.70
O2A CLA DD . -40.08 23.81 11.56
NB CLA DD . -43.94 29.87 9.24
C1B CLA DD . -43.07 30.53 9.99
C2B CLA DD . -42.68 31.84 9.44
C3B CLA DD . -43.43 31.91 8.16
C4B CLA DD . -44.16 30.63 8.18
CMB CLA DD . -41.73 32.78 10.09
CAB CLA DD . -43.55 32.92 7.07
CBB CLA DD . -42.85 34.03 7.00
NC CLA DD . -46.13 28.21 8.09
C1C CLA DD . -45.92 29.07 7.07
C2C CLA DD . -46.60 28.75 5.81
C3C CLA DD . -47.34 27.52 6.15
C4C CLA DD . -46.98 27.29 7.57
CMC CLA DD . -46.54 29.51 4.52
CAC CLA DD . -48.25 26.71 5.25
CBC CLA DD . -47.34 25.79 4.46
ND CLA DD . -45.98 26.52 10.15
C1D CLA DD . -47.01 25.75 9.56
C2D CLA DD . -47.45 24.57 10.36
C3D CLA DD . -46.55 24.70 11.53
C4D CLA DD . -45.76 25.81 11.33
CMD CLA DD . -48.44 23.49 10.24
CAD CLA DD . -46.18 24.09 12.82
OBD CLA DD . -46.72 23.04 13.32
CBD CLA DD . -45.10 24.90 13.44
CGD CLA DD . -45.53 25.34 14.80
O1D CLA DD . -45.67 26.52 15.10
O2D CLA DD . -45.80 24.34 15.82
CED CLA DD . -46.66 24.68 16.90
C1 CLA DD . -38.78 23.85 10.99
C2 CLA DD . -38.86 23.22 9.63
C3 CLA DD . -37.76 22.76 9.00
C4 CLA DD . -36.41 22.91 9.63
C5 CLA DD . -37.89 22.13 7.64
C6 CLA DD . -39.32 21.76 7.26
C7 CLA DD . -39.38 21.41 5.78
C8 CLA DD . -40.79 21.01 5.36
C9 CLA DD . -41.32 19.86 6.20
C10 CLA DD . -40.78 20.64 3.88
MG CLA ED . -72.29 37.14 15.03
CHA CLA ED . -74.10 38.87 17.44
CHB CLA ED . -75.00 35.28 14.36
CHC CLA ED . -70.60 35.89 12.34
CHD CLA ED . -69.43 39.41 15.67
NA CLA ED . -74.24 37.11 15.74
C1A CLA ED . -74.81 37.76 16.69
C2A CLA ED . -76.24 37.36 17.00
C3A CLA ED . -76.44 36.19 16.05
C4A CLA ED . -75.13 36.19 15.34
CMA CLA ED . -76.54 34.93 16.90
CAA CLA ED . -77.24 38.46 16.61
CBA CLA ED . -78.30 38.20 15.52
CGA CLA ED . -78.36 39.33 14.53
O1A CLA ED . -79.31 39.44 13.76
O2A CLA ED . -77.29 40.32 14.46
NB CLA ED . -72.75 35.80 13.57
C1B CLA ED . -73.86 35.07 13.48
C2B CLA ED . -73.84 34.07 12.35
C3B CLA ED . -72.50 34.29 11.78
C4B CLA ED . -71.94 35.37 12.60
CMB CLA ED . -74.84 33.09 11.89
CAB CLA ED . -71.87 33.60 10.62
CBB CLA ED . -71.87 34.19 9.45
NC CLA ED . -70.45 37.59 14.20
C1C CLA ED . -69.96 36.93 13.13
C2C CLA ED . -68.61 37.31 12.69
C3C CLA ED . -68.26 38.34 13.67
C4C CLA ED . -69.45 38.44 14.56
CMC CLA ED . -67.78 36.78 11.55
CAC CLA ED . -66.97 39.09 13.71
CBC CLA ED . -67.09 40.25 12.74
ND CLA ED . -71.80 38.75 16.19
C1D CLA ED . -70.66 39.59 16.46
C2D CLA ED . -70.85 40.58 17.54
C3D CLA ED . -72.26 40.27 17.93
C4D CLA ED . -72.71 39.25 17.11
CMD CLA ED . -70.02 41.64 18.19
CAD CLA ED . -73.37 40.65 18.84
OBD CLA ED . -73.32 41.56 19.74
CBD CLA ED . -74.53 39.77 18.56
CGD CLA ED . -74.91 39.01 19.79
O1D CLA ED . -76.06 38.95 20.16
O2D CLA ED . -73.89 38.31 20.56
CED CLA ED . -74.26 37.54 21.70
MG CLA FD . -78.31 31.42 7.97
CHA CLA FD . -78.70 32.20 11.32
CHB CLA FD . -79.66 28.40 8.58
CHC CLA FD . -78.27 30.89 4.61
CHD CLA FD . -77.21 34.91 7.38
NA CLA FD . -79.09 30.47 9.64
C1A CLA FD . -79.11 30.82 10.88
C2A CLA FD . -79.59 29.76 11.86
C3A CLA FD . -79.85 28.58 10.96
C4A CLA FD . -79.50 29.20 9.63
CMA CLA FD . -78.88 27.46 11.27
CAA CLA FD . -80.94 30.09 12.53
CBA CLA FD . -81.93 30.66 11.53
CGA CLA FD . -83.20 31.18 12.15
O1A CLA FD . -83.66 30.69 13.17
O2A CLA FD . -83.89 32.29 11.51
NB CLA FD . -78.85 29.87 6.78
C1B CLA FD . -79.44 28.73 7.17
C2B CLA FD . -79.88 27.84 6.08
C3B CLA FD . -79.46 28.59 4.88
C4B CLA FD . -78.85 29.82 5.45
CMB CLA FD . -80.59 26.52 6.19
CAB CLA FD . -79.63 28.24 3.45
CBB CLA FD . -80.42 28.96 2.69
NC CLA FD . -77.87 32.66 6.37
C1C CLA FD . -77.87 32.22 5.09
C2C CLA FD . -77.42 33.21 4.08
C3C CLA FD . -77.10 34.40 4.91
C4C CLA FD . -77.42 33.93 6.28
CMC CLA FD . -77.30 33.04 2.60
CAC CLA FD . -76.59 35.76 4.46
CBC CLA FD . -75.08 35.70 4.56
ND CLA FD . -78.04 33.17 8.97
C1D CLA FD . -77.56 34.50 8.74
C2D CLA FD . -77.44 35.36 9.93
C3D CLA FD . -77.92 34.42 10.98
C4D CLA FD . -78.23 33.22 10.35
CMD CLA FD . -77.00 36.78 10.20
CAD CLA FD . -78.18 34.25 12.43
OBD CLA FD . -78.01 35.15 13.32
CBD CLA FD . -78.67 32.88 12.67
CGD CLA FD . -77.82 32.15 13.68
O1D CLA FD . -77.07 31.25 13.37
O2D CLA FD . -77.93 32.48 15.08
CED CLA FD . -77.61 31.48 16.04
C1 CLA FD . -85.19 32.08 10.97
C2 CLA FD . -85.09 31.15 9.79
C3 CLA FD . -85.42 31.53 8.54
C4 CLA FD . -85.92 32.91 8.25
MG CLA GD . -80.82 22.62 -6.31
CHA CLA GD . -80.23 22.32 -2.91
CHB CLA GD . -80.72 19.25 -6.54
CHC CLA GD . -81.85 22.95 -9.53
CHD CLA GD . -81.36 26.24 -5.81
NA CLA GD . -80.58 21.04 -4.98
C1A CLA GD . -80.29 21.04 -3.72
C2A CLA GD . -80.02 19.69 -3.10
C3A CLA GD . -80.11 18.78 -4.30
C4A CLA GD . -80.50 19.77 -5.34
CMA CLA GD . -78.70 18.28 -4.62
CAA CLA GD . -81.26 19.06 -2.45
CBA CLA GD . -81.85 19.60 -1.16
CGA CLA GD . -83.01 20.52 -1.48
O1A CLA GD . -83.91 20.18 -2.23
O2A CLA GD . -83.04 21.83 -0.85
NB CLA GD . -81.19 21.29 -7.82
C1B CLA GD . -81.14 19.97 -7.75
C2B CLA GD . -81.66 19.25 -8.95
C3B CLA GD . -82.00 20.38 -9.84
C4B CLA GD . -81.67 21.59 -9.03
CMB CLA GD . -81.77 17.77 -9.20
CAB CLA GD . -82.56 20.33 -11.21
CBB CLA GD . -83.76 20.82 -11.45
NC CLA GD . -81.50 24.24 -7.39
C1C CLA GD . -81.80 24.17 -8.70
C2C CLA GD . -82.12 25.46 -9.35
C3C CLA GD . -81.97 26.44 -8.24
C4C CLA GD . -81.58 25.57 -7.10
CMC CLA GD . -82.49 25.73 -10.78
CAC CLA GD . -82.16 27.93 -8.26
CBC CLA GD . -80.86 28.50 -8.79
ND CLA GD . -80.88 23.99 -4.81
C1D CLA GD . -80.99 25.42 -4.66
C2D CLA GD . -80.70 25.93 -3.29
C3D CLA GD . -80.40 24.65 -2.61
C4D CLA GD . -80.54 23.63 -3.53
CMD CLA GD . -80.68 27.28 -2.62
CAD CLA GD . -80.02 24.05 -1.30
OBD CLA GD . -79.82 24.71 -0.23
CBD CLA GD . -79.88 22.58 -1.48
CGD CLA GD . -78.44 22.27 -1.23
O1D CLA GD . -77.71 21.74 -2.05
O2D CLA GD . -77.84 22.61 0.04
CED CLA GD . -76.42 22.53 0.15
C1 CLA GD . -84.25 22.36 -0.34
C2 CLA GD . -84.92 23.22 -1.39
C3 CLA GD . -84.58 24.52 -1.56
C4 CLA GD . -83.52 25.16 -0.71
C5 CLA GD . -85.30 25.33 -2.60
C6 CLA GD . -84.39 25.71 -3.76
C7 CLA GD . -84.21 27.23 -3.81
C8 CLA GD . -85.52 27.94 -4.11
C9 CLA GD . -85.85 27.85 -5.59
C10 CLA GD . -85.43 29.39 -3.65
C11 CLA GD . -84.21 30.11 -4.21
MG CLA HD . -79.91 16.84 -16.03
CHA CLA HD . -82.31 16.27 -18.49
CHB CLA HD . -81.46 19.71 -15.26
CHC CLA HD . -77.86 17.05 -13.32
CHD CLA HD . -78.44 13.55 -16.85
NA CLA HD . -81.60 17.82 -16.72
C1A CLA HD . -82.44 17.52 -17.66
C2A CLA HD . -83.55 18.54 -17.89
C3A CLA HD . -83.20 19.62 -16.88
C4A CLA HD . -82.01 19.00 -16.24
CMA CLA HD . -82.78 20.88 -17.60
CAA CLA HD . -84.91 17.93 -17.47
CBA CLA HD . -85.93 18.90 -16.85
CGA CLA HD . -87.15 18.14 -16.39
O1A CLA HD . -88.26 18.51 -16.75
O2A CLA HD . -87.03 16.98 -15.53
NB CLA HD . -79.74 18.16 -14.47
C1B CLA HD . -80.29 19.38 -14.44
C2B CLA HD . -79.64 20.35 -13.53
C3B CLA HD . -78.56 19.53 -12.95
C4B CLA HD . -78.74 18.19 -13.60
CMB CLA HD . -79.98 21.79 -13.25
CAB CLA HD . -77.54 19.91 -11.94
CBB CLA HD . -77.85 20.01 -10.66
NC CLA HD . -78.48 15.55 -15.27
C1C CLA HD . -77.76 15.83 -14.17
C2C CLA HD . -76.76 14.80 -13.79
C3C CLA HD . -76.93 13.77 -14.83
C4C CLA HD . -78.01 14.35 -15.69
CMC CLA HD . -75.81 14.81 -12.63
CAC CLA HD . -76.19 12.46 -14.99
CBC CLA HD . -77.03 11.38 -14.35
ND CLA HD . -80.22 15.26 -17.26
C1D CLA HD . -79.59 14.02 -17.63
C2D CLA HD . -80.18 13.30 -18.78
C3D CLA HD . -81.28 14.24 -19.12
C4D CLA HD . -81.23 15.30 -18.22
CMD CLA HD . -79.89 12.03 -19.52
CAD CLA HD . -82.42 14.48 -20.05
OBD CLA HD . -82.77 13.71 -21.01
CBD CLA HD . -83.07 15.76 -19.68
CGD CLA HD . -83.00 16.72 -20.82
O1D CLA HD . -84.00 17.07 -21.42
O2D CLA HD . -81.71 17.28 -21.21
CED CLA HD . -81.55 18.69 -21.22
MG CLA ID . -64.62 48.44 -11.09
CHA CLA ID . -62.83 51.19 -12.21
CHB CLA ID . -61.70 46.89 -10.43
CHC CLA ID . -66.43 46.00 -9.56
CHD CLA ID . -67.72 50.37 -11.63
NA CLA ID . -62.62 48.96 -11.24
C1A CLA ID . -62.05 50.01 -11.73
C2A CLA ID . -60.53 49.95 -11.83
C3A CLA ID . -60.27 48.55 -11.35
C4A CLA ID . -61.63 48.11 -10.98
CMA CLA ID . -60.04 47.81 -12.65
CAA CLA ID . -59.80 50.92 -10.86
CBA CLA ID . -59.80 50.52 -9.38
CGA CLA ID . -59.28 51.58 -8.44
O1A CLA ID . -59.44 52.77 -8.69
O2A CLA ID . -58.60 51.18 -7.23
NB CLA ID . -64.13 46.70 -10.14
C1B CLA ID . -62.90 46.19 -9.99
C2B CLA ID . -62.84 44.88 -9.27
C3B CLA ID . -64.27 44.63 -9.01
C4B CLA ID . -64.97 45.81 -9.60
CMB CLA ID . -61.63 44.06 -8.92
CAB CLA ID . -64.86 43.45 -8.33
CBB CLA ID . -65.77 42.69 -8.91
NC CLA ID . -66.63 48.26 -10.67
C1C CLA ID . -67.16 47.17 -10.07
C2C CLA ID . -68.63 47.20 -9.93
C3C CLA ID . -69.01 48.50 -10.54
C4C CLA ID . -67.70 49.05 -10.96
CMC CLA ID . -69.54 46.17 -9.30
CAC CLA ID . -70.38 49.11 -10.70
CBC CLA ID . -70.60 50.02 -9.52
ND CLA ID . -65.23 50.28 -11.70
C1D CLA ID . -66.44 51.00 -11.97
C2D CLA ID . -66.29 52.35 -12.57
C3D CLA ID . -64.80 52.40 -12.66
C4D CLA ID . -64.30 51.22 -12.12
CMD CLA ID . -67.19 53.45 -13.01
CAD CLA ID . -63.66 53.25 -13.06
OBD CLA ID . -63.73 54.42 -13.58
CBD CLA ID . -62.40 52.50 -12.80
CGD CLA ID . -61.73 52.28 -14.11
O1D CLA ID . -62.24 51.62 -14.99
O2D CLA ID . -60.43 52.88 -14.33
CED CLA ID . -59.91 52.88 -15.65
MG CLA JD . -65.49 57.08 -9.86
CHA CLA JD . -63.62 59.94 -10.45
CHB CLA JD . -62.64 55.39 -9.28
CHC CLA JD . -67.40 54.27 -9.57
CHD CLA JD . -68.49 58.92 -11.01
NA CLA JD . -63.47 57.56 -9.89
C1A CLA JD . -62.86 58.69 -10.07
C2A CLA JD . -61.34 58.65 -9.89
C3A CLA JD . -61.09 57.20 -9.52
C4A CLA JD . -62.50 56.69 -9.57
CMA CLA JD . -60.25 56.47 -10.56
CAA CLA JD . -60.71 59.55 -8.82
CBA CLA JD . -60.90 59.12 -7.37
CGA CLA JD . -60.61 60.29 -6.48
O1A CLA JD . -59.46 60.68 -6.31
O2A CLA JD . -61.70 60.98 -5.80
NB CLA JD . -65.07 55.13 -9.52
C1B CLA JD . -63.89 54.60 -9.22
C2B CLA JD . -63.91 53.19 -8.79
C3B CLA JD . -65.35 52.86 -8.89
C4B CLA JD . -65.96 54.13 -9.34
CMB CLA JD . -62.77 52.33 -8.39
CAB CLA JD . -66.02 51.57 -8.58
CBB CLA JD . -66.88 51.47 -7.59
NC CLA JD . -67.49 56.69 -10.26
C1C CLA JD . -68.06 55.50 -10.00
C2C CLA JD . -69.53 55.45 -10.18
C3C CLA JD . -69.86 56.82 -10.61
C4C CLA JD . -68.53 57.49 -10.63
CMC CLA JD . -70.45 54.27 -9.97
CAC CLA JD . -71.21 57.41 -10.95
CBC CLA JD . -71.59 56.93 -12.33
ND CLA JD . -66.01 58.89 -10.61
C1D CLA JD . -67.22 59.62 -10.94
C2D CLA JD . -67.03 61.07 -11.20
C3D CLA JD . -65.56 61.18 -10.99
C4D CLA JD . -65.08 59.91 -10.65
CMD CLA JD . -67.92 62.23 -11.57
CAD CLA JD . -64.41 62.13 -10.99
OBD CLA JD . -64.47 63.38 -11.25
CBD CLA JD . -63.19 61.36 -10.65
CGD CLA JD . -62.18 61.55 -11.74
O1D CLA JD . -62.38 61.14 -12.87
O2D CLA JD . -60.93 62.23 -11.43
CED CLA JD . -60.10 62.72 -12.47
MG CLA KD . -67.17 64.25 -7.91
CHA CLA KD . -65.44 67.16 -7.21
CHB CLA KD . -64.37 62.50 -7.27
CHC CLA KD . -69.04 61.42 -8.18
CHD CLA KD . -70.27 66.26 -8.10
NA CLA KD . -65.24 64.72 -7.29
C1A CLA KD . -64.66 65.86 -7.16
C2A CLA KD . -63.17 65.83 -6.92
C3A CLA KD . -62.87 64.35 -6.98
C4A CLA KD . -64.26 63.82 -7.19
CMA CLA KD . -62.03 64.05 -8.22
CAA CLA KD . -62.84 66.21 -5.48
CBA CLA KD . -61.34 66.17 -5.18
CGA CLA KD . -60.64 67.26 -5.95
O1A CLA KD . -60.69 68.42 -5.57
O2A CLA KD . -59.90 66.94 -7.15
NB CLA KD . -66.75 62.25 -7.78
C1B CLA KD . -65.58 61.69 -7.46
C2B CLA KD . -65.62 60.22 -7.25
C3B CLA KD . -67.04 59.91 -7.54
C4B CLA KD . -67.63 61.25 -7.83
CMB CLA KD . -64.53 59.27 -6.88
CAB CLA KD . -67.73 58.60 -7.49
CBB CLA KD . -68.67 58.35 -6.60
NC CLA KD . -69.21 63.93 -8.05
C1C CLA KD . -69.75 62.71 -8.23
C2C CLA KD . -71.21 62.69 -8.50
C3C CLA KD . -71.56 64.12 -8.47
C4C CLA KD . -70.26 64.78 -8.20
CMC CLA KD . -72.10 61.50 -8.74
CAC CLA KD . -72.91 64.77 -8.68
CBC CLA KD . -73.13 64.83 -10.18
ND CLA KD . -67.80 66.16 -7.68
C1D CLA KD . -69.01 66.94 -7.84
C2D CLA KD . -68.85 68.41 -7.70
C3D CLA KD . -67.39 68.48 -7.45
C4D CLA KD . -66.89 67.18 -7.44
CMD CLA KD . -69.76 69.60 -7.77
CAD CLA KD . -66.25 69.39 -7.18
OBD CLA KD . -66.33 70.68 -7.11
CBD CLA KD . -65.02 68.60 -7.03
CGD CLA KD . -64.02 69.03 -8.07
O1D CLA KD . -64.23 68.87 -9.27
O2D CLA KD . -62.78 69.65 -7.64
CED CLA KD . -61.78 69.97 -8.59
MG CLA LD . -61.66 35.71 -12.22
CHA CLA LD . -63.70 38.34 -13.16
CHB CLA LD . -62.57 36.26 -9.02
CHC CLA LD . -59.46 33.30 -11.36
CHD CLA LD . -60.28 35.69 -15.66
NA CLA LD . -62.88 37.08 -11.24
C1A CLA LD . -63.68 37.98 -11.70
C2A CLA LD . -64.58 38.67 -10.70
C3A CLA LD . -64.18 37.98 -9.40
C4A CLA LD . -63.14 37.04 -9.94
CMA CLA LD . -63.51 38.99 -8.48
CAA CLA LD . -66.09 38.43 -10.85
CBA CLA LD . -66.78 39.79 -10.86
CGA CLA LD . -68.24 39.67 -10.45
O1A CLA LD . -68.98 38.89 -11.02
O2A CLA LD . -68.76 40.48 -9.37
NB CLA LD . -61.11 34.89 -10.44
C1B CLA LD . -61.54 35.25 -9.23
C2B CLA LD . -60.92 34.51 -8.10
C3B CLA LD . -59.99 33.61 -8.81
C4B CLA LD . -60.19 33.95 -10.25
CMB CLA LD . -61.17 34.63 -6.63
CAB CLA LD . -59.08 32.63 -8.20
CBB CLA LD . -57.79 32.63 -8.45
NC CLA LD . -60.19 34.74 -13.30
C1C CLA LD . -59.43 33.77 -12.76
C2C CLA LD . -58.46 33.15 -13.70
C3C CLA LD . -58.71 33.85 -14.97
C4C CLA LD . -59.79 34.80 -14.59
CMC CLA LD . -57.47 32.05 -13.42
CAC CLA LD . -58.00 33.66 -16.31
CBC CLA LD . -58.83 32.85 -17.28
ND CLA LD . -61.81 36.73 -13.97
C1D CLA LD . -61.35 36.62 -15.32
C2D CLA LD . -62.02 37.50 -16.30
C3D CLA LD . -62.96 38.19 -15.39
C4D CLA LD . -62.79 37.68 -14.12
CMD CLA LD . -61.89 37.75 -17.78
CAD CLA LD . -64.05 39.19 -15.33
OBD CLA LD . -64.48 39.85 -16.32
CBD CLA LD . -64.51 39.34 -13.93
CGD CLA LD . -64.05 40.71 -13.52
O1D CLA LD . -64.81 41.66 -13.52
O2D CLA LD . -62.67 40.90 -13.14
CED CLA LD . -62.28 42.09 -12.44
C1 CLA LD . -70.07 41.04 -9.49
C2 CLA LD . -70.33 41.99 -8.36
C3 CLA LD . -71.56 42.18 -7.85
C4 CLA LD . -72.76 41.47 -8.42
C5 CLA LD . -71.75 43.15 -6.69
C6 CLA LD . -70.57 43.15 -5.74
MG CLA MD . -72.76 32.68 -8.67
CHA CLA MD . -70.95 34.78 -10.74
CHB CLA MD . -70.19 32.75 -6.49
CHC CLA MD . -74.76 31.00 -6.49
CHD CLA MD . -75.60 32.99 -10.99
NA CLA MD . -70.90 33.62 -8.60
C1A CLA MD . -70.29 34.34 -9.47
C2A CLA MD . -68.86 34.73 -9.13
C3A CLA MD . -68.66 34.04 -7.80
C4A CLA MD . -70.02 33.44 -7.62
CMA CLA MD . -67.65 32.93 -8.00
CAA CLA MD . -68.62 36.24 -8.88
CBA CLA MD . -69.27 36.89 -7.66
CGA CLA MD . -70.75 37.13 -7.87
O1A CLA MD . -71.16 38.09 -8.49
O2A CLA MD . -71.69 36.17 -7.32
NB CLA MD . -72.50 31.98 -6.77
C1B CLA MD . -71.40 32.06 -6.03
C2B CLA MD . -71.49 31.43 -4.69
C3B CLA MD . -72.88 30.92 -4.70
C4B CLA MD . -73.40 31.32 -6.03
CMB CLA MD . -70.45 31.35 -3.60
CAB CLA MD . -73.59 30.17 -3.64
CBB CLA MD . -73.95 30.77 -2.52
NC CLA MD . -74.75 32.15 -8.73
C1C CLA MD . -75.35 31.43 -7.77
C2C CLA MD . -76.77 31.07 -8.06
C3C CLA MD . -77.00 31.66 -9.39
C4C CLA MD . -75.69 32.29 -9.69
CMC CLA MD . -77.73 30.28 -7.22
CAC CLA MD . -78.25 31.63 -10.23
CBC CLA MD . -78.15 30.44 -11.15
ND CLA MD . -73.26 33.62 -10.39
C1D CLA MD . -74.36 33.69 -11.31
C2D CLA MD . -74.13 34.49 -12.53
C3D CLA MD . -72.72 34.93 -12.28
C4D CLA MD . -72.33 34.41 -11.06
CMD CLA MD . -74.93 34.85 -13.74
CAD CLA MD . -71.59 35.72 -12.81
OBD CLA MD . -71.56 36.36 -13.91
CBD CLA MD . -70.45 35.62 -11.88
CGD CLA MD . -69.32 34.95 -12.59
O1D CLA MD . -69.46 33.85 -13.09
O2D CLA MD . -68.03 35.61 -12.68
CED CLA MD . -67.06 35.13 -13.59
C1 CLA MD . -73.08 36.41 -7.37
C2 CLA MD . -73.75 35.47 -6.40
C3 CLA MD . -75.07 35.28 -6.37
C4 CLA MD . -75.99 36.02 -7.29
C5 CLA MD . -75.67 34.31 -5.37
C6 CLA MD . -75.77 34.91 -3.98
C7 CLA MD . -76.14 33.84 -2.96
C8 CLA MD . -77.64 33.75 -2.78
C9 CLA MD . -78.07 34.36 -1.45
C10 CLA MD . -78.09 32.29 -2.86
MG CLA ND . -68.22 33.38 0.96
CHA CLA ND . -66.59 34.58 -1.83
CHB CLA ND . -65.26 33.29 2.57
CHC CLA ND . -69.95 32.62 3.77
CHD CLA ND . -71.42 34.03 -0.78
NA CLA ND . -66.27 33.90 0.49
C1A CLA ND . -65.75 34.24 -0.63
C2A CLA ND . -64.23 34.32 -0.69
C3A CLA ND . -63.87 33.86 0.72
C4A CLA ND . -65.23 33.66 1.29
CMA CLA ND . -63.15 32.52 0.64
CAA CLA ND . -63.69 35.76 -0.77
CBA CLA ND . -64.54 36.78 -0.02
CGA CLA ND . -63.98 38.18 -0.11
O1A CLA ND . -63.31 38.66 0.78
O2A CLA ND . -64.24 39.02 -1.26
NB CLA ND . -67.67 32.96 2.89
C1B CLA ND . -66.45 33.04 3.39
C2B CLA ND . -66.37 32.93 4.88
C3B CLA ND . -67.80 32.74 5.24
C4B CLA ND . -68.49 32.77 3.92
CMB CLA ND . -65.16 33.00 5.77
CAB CLA ND . -68.36 32.56 6.60
CBB CLA ND . -69.20 31.59 6.92
NC CLA ND . -70.24 33.39 1.40
C1C CLA ND . -70.73 32.96 2.57
C2C CLA ND . -72.21 32.84 2.64
C3C CLA ND . -72.63 33.25 1.28
C4C CLA ND . -71.34 33.56 0.62
CMC CLA ND . -73.07 32.39 3.80
CAC CLA ND . -74.03 33.33 0.72
CBC CLA ND . -74.49 34.77 0.86
ND CLA ND . -68.93 34.14 -0.78
C1D CLA ND . -70.17 34.32 -1.47
C2D CLA ND . -70.08 34.79 -2.87
C3D CLA ND . -68.61 34.89 -3.00
C4D CLA ND . -68.05 34.52 -1.78
CMD CLA ND . -71.07 35.11 -3.96
CAD CLA ND . -67.50 35.26 -3.91
OBD CLA ND . -67.61 35.64 -5.11
CBD CLA ND . -66.20 35.04 -3.21
CGD CLA ND . -65.56 33.89 -3.91
O1D CLA ND . -65.81 32.74 -3.61
O2D CLA ND . -64.63 34.13 -5.00
CED CLA ND . -64.49 33.14 -6.02
C1 CLA ND . -63.97 40.42 -1.16
C2 CLA ND . -65.06 41.08 -0.36
MG CLA OD . -30.27 3.22 10.66
CHA CLA OD . -26.85 3.47 11.19
CHB CLA OD . -30.39 6.56 10.32
CHC CLA OD . -33.54 2.83 9.85
CHD CLA OD . -29.84 -0.45 10.51
NA CLA OD . -28.88 4.76 10.71
C1A CLA OD . -27.62 4.75 10.97
C2A CLA OD . -26.92 6.09 11.02
C3A CLA OD . -28.09 7.04 10.77
C4A CLA OD . -29.19 6.05 10.59
CMA CLA OD . -28.31 7.89 12.00
CAA CLA OD . -25.93 6.30 9.86
CBA CLA OD . -26.46 5.95 8.48
CGA CLA OD . -25.68 4.84 7.82
O1A CLA OD . -24.96 4.08 8.46
O2A CLA OD . -25.77 4.66 6.40
NB CLA OD . -31.74 4.52 10.14
C1B CLA OD . -31.64 5.83 10.10
C2B CLA OD . -32.92 6.55 9.82
C3B CLA OD . -33.87 5.41 9.67
C4B CLA OD . -33.02 4.21 9.90
CMB CLA OD . -33.14 8.02 9.73
CAB CLA OD . -35.32 5.46 9.41
CBB CLA OD . -36.17 5.01 10.30
NC CLA OD . -31.41 1.55 10.26
C1C CLA OD . -32.73 1.60 9.95
C2C CLA OD . -33.37 0.28 9.72
C3C CLA OD . -32.26 -0.67 9.93
C4C CLA OD . -31.13 0.22 10.25
CMC CLA OD . -34.79 -0.03 9.37
CAC CLA OD . -32.27 -2.18 9.83
CBC CLA OD . -32.81 -2.72 11.13
ND CLA OD . -28.81 1.82 10.74
C1D CLA OD . -28.69 0.39 10.79
C2D CLA OD . -27.36 -0.11 11.14
C3D CLA OD . -26.62 1.15 11.31
C4D CLA OD . -27.52 2.18 11.08
CMD CLA OD . -26.74 -1.45 11.32
CAD CLA OD . -25.31 1.74 11.63
OBD CLA OD . -24.26 1.07 11.91
CBD CLA OD . -25.43 3.21 11.59
CGD CLA OD . -25.08 3.81 12.91
O1D CLA OD . -25.93 4.21 13.68
O2D CLA OD . -23.68 3.93 13.29
CED CLA OD . -23.31 4.44 14.56
C1 CLA OD . -25.24 3.47 5.81
C2 CLA OD . -25.16 3.64 4.31
C3 CLA OD . -26.06 3.08 3.49
C4 CLA OD . -27.21 2.27 4.02
C5 CLA OD . -25.92 3.29 2.00
C6 CLA OD . -24.71 2.55 1.43
C7 CLA OD . -25.08 1.72 0.21
C8 CLA OD . -23.82 1.35 -0.58
C9 CLA OD . -24.17 1.07 -2.04
C10 CLA OD . -23.14 0.14 0.06
C11 CLA OD . -21.79 -0.14 -0.60
C12 CLA OD . -21.05 -1.22 0.19
C13 CLA OD . -19.71 -1.59 -0.43
C14 CLA OD . -19.91 -2.21 -1.81
C15 CLA OD . -18.98 -2.54 0.51
C16 CLA OD . -17.53 -2.15 0.80
C17 CLA OD . -16.56 -2.90 -0.10
C18 CLA OD . -15.13 -2.91 0.43
C19 CLA OD . -15.03 -3.65 1.76
C20 CLA OD . -14.52 -1.52 0.51
MG CLA PD . -38.70 10.55 -0.13
CHA CLA PD . -38.29 13.07 2.22
CHB CLA PD . -38.48 12.86 -2.56
CHC CLA PD . -38.72 7.98 -2.35
CHD CLA PD . -38.49 8.10 2.61
NA CLA PD . -38.38 12.61 -0.19
C1A CLA PD . -38.32 13.48 0.76
C2A CLA PD . -38.27 14.93 0.34
C3A CLA PD . -38.37 14.81 -1.18
C4A CLA PD . -38.41 13.32 -1.31
CMA CLA PD . -39.71 15.37 -1.62
CAA CLA PD . -36.95 15.65 0.65
CBA CLA PD . -35.71 15.05 0.00
CGA CLA PD . -34.50 15.21 0.89
O1A CLA PD . -34.35 16.19 1.58
O2A CLA PD . -33.49 14.15 0.92
NB CLA PD . -38.62 10.45 -2.16
C1B CLA PD . -38.53 11.46 -3.00
C2B CLA PD . -38.48 11.07 -4.42
C3B CLA PD . -38.54 9.59 -4.35
C4B CLA PD . -38.63 9.34 -2.90
CMB CLA PD . -38.39 11.94 -5.63
CAB CLA PD . -38.54 8.59 -5.45
CBB CLA PD . -37.56 7.71 -5.57
NC CLA PD . -38.60 8.51 0.10
C1C CLA PD . -38.66 7.64 -0.93
C2C CLA PD . -38.65 6.20 -0.55
C3C CLA PD . -38.58 6.26 0.91
C4C CLA PD . -38.56 7.72 1.19
CMC CLA PD . -38.69 5.01 -1.47
CAC CLA PD . -38.53 5.15 1.92
CBC CLA PD . -39.95 4.68 2.02
ND CLA PD . -38.41 10.48 1.88
C1D CLA PD . -38.43 9.52 2.94
C2D CLA PD . -38.38 10.07 4.31
C3D CLA PD . -38.32 11.52 4.00
C4D CLA PD . -38.34 11.65 2.62
CMD CLA PD . -38.37 9.51 5.70
CAD CLA PD . -38.24 12.88 4.58
OBD CLA PD . -38.20 13.14 5.83
CBD CLA PD . -38.24 13.87 3.48
CGD CLA PD . -39.48 14.70 3.62
O1D CLA PD . -40.51 14.41 3.02
O2D CLA PD . -39.46 15.86 4.49
CED CLA PD . -40.68 16.35 5.03
C1 PQN QD . -44.68 4.58 5.45
O1 PQN QD . -45.41 4.67 4.44
C2 PQN QD . -43.31 4.05 5.33
C2M PQN QD . -42.83 3.63 3.97
C3 PQN QD . -42.41 3.93 6.51
C4 PQN QD . -42.90 4.35 7.84
O4 PQN QD . -42.17 4.25 8.85
C5 PQN QD . -44.29 4.89 7.97
C6 PQN QD . -44.78 5.28 9.20
C7 PQN QD . -46.07 5.79 9.28
C8 PQN QD . -46.91 5.86 8.17
C9 PQN QD . -46.45 5.49 6.91
C10 PQN QD . -45.17 5.00 6.78
C11 PQN QD . -41.02 3.37 6.34
C12 PQN QD . -40.03 4.48 6.09
C13 PQN QD . -39.04 4.71 6.95
C14 PQN QD . -38.87 3.89 8.20
C15 PQN QD . -38.07 5.82 6.65
C16 PQN QD . -36.98 5.29 5.74
C17 PQN QD . -35.92 6.37 5.58
C18 PQN QD . -34.67 5.83 4.89
C19 PQN QD . -33.45 5.97 5.78
C20 PQN QD . -34.48 6.55 3.55
C21 PQN QD . -34.56 8.07 3.69
C22 PQN QD . -34.57 8.74 2.31
C23 PQN QD . -34.96 10.21 2.42
C24 PQN QD . -35.05 10.84 1.03
C25 PQN QD . -33.97 10.96 3.29
C1 BCR RD . -36.25 65.68 -5.22
C2 BCR RD . -35.10 65.85 -6.20
C3 BCR RD . -33.85 66.21 -5.44
C4 BCR RD . -33.47 65.11 -4.48
C5 BCR RD . -34.63 64.49 -3.81
C6 BCR RD . -35.91 64.74 -4.12
C7 BCR RD . -37.02 64.07 -3.44
C8 BCR RD . -37.64 64.59 -2.38
C9 BCR RD . -39.06 64.46 -2.14
C10 BCR RD . -39.48 64.25 -0.89
C11 BCR RD . -40.86 64.37 -0.44
C33 BCR RD . -34.25 63.56 -2.74
C31 BCR RD . -37.44 65.19 -6.02
C32 BCR RD . -36.57 67.06 -4.68
C34 BCR RD . -39.99 64.81 -3.23
C12 BCR RD . -41.10 64.20 0.85
C13 BCR RD . -42.23 64.75 1.56
C14 BCR RD . -42.24 64.71 2.90
C15 BCR RD . -43.30 65.23 3.71
C16 BCR RD . -43.32 65.04 5.04
C17 BCR RD . -44.59 65.08 5.70
C18 BCR RD . -44.82 65.50 6.95
C19 BCR RD . -46.19 65.40 7.44
C20 BCR RD . -46.62 66.02 8.53
C21 BCR RD . -48.05 66.17 8.72
C22 BCR RD . -48.65 66.64 9.82
C23 BCR RD . -50.06 67.03 9.71
C24 BCR RD . -51.01 66.60 10.56
C25 BCR RD . -52.41 66.99 10.58
C26 BCR RD . -53.33 66.41 9.79
C27 BCR RD . -54.78 66.73 9.77
C28 BCR RD . -55.23 67.29 11.09
C29 BCR RD . -54.31 68.41 11.49
C30 BCR RD . -52.83 68.05 11.56
C35 BCR RD . -43.26 65.51 0.83
C36 BCR RD . -43.87 66.36 7.66
C37 BCR RD . -47.95 66.74 11.11
C38 BCR RD . -53.03 65.35 8.82
C39 BCR RD . -52.44 67.61 12.96
C40 BCR RD . -52.11 69.39 11.34
C1 BCR SD . -27.65 58.82 5.37
C2 BCR SD . -26.70 59.93 5.74
C3 BCR SD . -27.15 60.63 6.99
C4 BCR SD . -28.55 61.19 6.85
C5 BCR SD . -29.45 60.36 6.02
C6 BCR SD . -29.08 59.27 5.35
C7 BCR SD . -30.02 58.50 4.53
C8 BCR SD . -30.65 57.41 4.99
C9 BCR SD . -31.75 56.78 4.29
C10 BCR SD . -31.84 55.44 4.30
C11 BCR SD . -32.93 54.68 3.75
C33 BCR SD . -30.84 60.84 6.02
C31 BCR SD . -27.40 57.70 6.35
C32 BCR SD . -27.24 58.35 3.98
C34 BCR SD . -32.82 57.63 3.73
C12 BCR SD . -32.82 53.35 3.73
C13 BCR SD . -33.87 52.46 3.32
C14 BCR SD . -33.64 51.14 3.34
C15 BCR SD . -34.58 50.13 2.92
C16 BCR SD . -34.25 48.83 2.93
C17 BCR SD . -35.05 47.90 2.20
C18 BCR SD . -34.78 46.62 2.00
C19 BCR SD . -35.57 45.89 1.01
C20 BCR SD . -35.60 44.56 0.92
C21 BCR SD . -36.56 43.95 0.04
C22 BCR SD . -36.83 42.64 -0.05
C23 BCR SD . -37.54 42.15 -1.22
C24 BCR SD . -38.55 41.28 -1.16
C25 BCR SD . -39.32 40.76 -2.30
C26 BCR SD . -40.33 41.44 -2.86
C27 BCR SD . -41.15 40.99 -4.00
C28 BCR SD . -40.44 39.92 -4.78
C29 BCR SD . -39.95 38.87 -3.82
C30 BCR SD . -38.96 39.39 -2.80
C35 BCR SD . -35.20 53.00 2.98
C36 BCR SD . -33.69 45.91 2.69
C37 BCR SD . -36.49 41.70 1.03
C38 BCR SD . -40.76 42.78 -2.42
C39 BCR SD . -37.55 39.32 -3.36
C40 BCR SD . -39.01 38.38 -1.67
C1 BCR TD . -28.84 65.30 -2.45
C2 BCR TD . -29.14 66.31 -1.36
C3 BCR TD . -28.68 65.78 -0.03
C4 BCR TD . -27.19 65.59 -0.03
C5 BCR TD . -26.69 64.99 -1.30
C6 BCR TD . -27.42 64.83 -2.40
C7 BCR TD . -26.87 64.26 -3.63
C8 BCR TD . -26.92 62.95 -3.91
C9 BCR TD . -26.09 62.31 -4.90
C10 BCR TD . -26.19 60.99 -5.09
C11 BCR TD . -27.17 60.13 -4.44
C33 BCR TD . -25.28 64.57 -1.22
C31 BCR TD . -29.15 65.97 -3.77
C32 BCR TD . -29.80 64.14 -2.25
C34 BCR TD . -24.97 63.08 -5.49
C12 BCR TD . -27.19 58.85 -4.79
C13 BCR TD . -28.06 57.84 -4.24
C14 BCR TD . -28.15 56.67 -4.89
C15 BCR TD . -28.80 55.49 -4.36
C16 BCR TD . -28.72 54.34 -5.03
C17 BCR TD . -29.26 53.15 -4.44
C18 BCR TD . -29.08 51.90 -4.86
C19 BCR TD . -29.65 50.81 -4.10
C20 BCR TD . -29.90 49.61 -4.62
C21 BCR TD . -30.47 48.58 -3.78
C22 BCR TD . -30.87 47.37 -4.19
C23 BCR TD . -30.73 47.01 -5.60
C24 BCR TD . -30.80 45.74 -6.03
C25 BCR TD . -30.83 45.30 -7.43
C26 BCR TD . -29.73 45.18 -8.17
C27 BCR TD . -29.65 44.71 -9.59
C28 BCR TD . -30.91 44.05 -10.05
C29 BCR TD . -32.12 44.79 -9.53
C30 BCR TD . -32.16 44.89 -8.02
C35 BCR TD . -28.63 58.00 -2.88
C36 BCR TD . -28.40 51.60 -6.15
C37 BCR TD . -31.69 46.51 -3.30
C38 BCR TD . -28.37 45.52 -7.70
C39 BCR TD . -32.57 43.56 -7.40
C40 BCR TD . -33.29 45.86 -7.73
C1 BCR UD . -62.65 49.23 -3.57
C2 BCR UD . -62.72 50.29 -4.65
C3 BCR UD . -62.04 49.77 -5.88
C4 BCR UD . -62.83 48.62 -6.44
C5 BCR UD . -63.15 47.64 -5.39
C6 BCR UD . -63.06 47.87 -4.08
C7 BCR UD . -63.39 46.86 -3.06
C8 BCR UD . -62.51 45.97 -2.61
C9 BCR UD . -62.28 45.71 -1.20
C10 BCR UD . -61.61 44.61 -0.86
C11 BCR UD . -61.40 44.17 0.50
C33 BCR UD . -63.56 46.32 -5.94
C31 BCR UD . -63.57 49.68 -2.44
C32 BCR UD . -61.23 49.22 -3.07
C34 BCR UD . -62.62 46.76 -0.22
C12 BCR UD . -60.65 43.10 0.72
C13 BCR UD . -60.94 42.10 1.72
C14 BCR UD . -59.95 41.27 2.09
C15 BCR UD . -60.12 40.19 3.02
C16 BCR UD . -59.08 39.41 3.34
C17 BCR UD . -59.28 38.51 4.44
C18 BCR UD . -58.47 37.50 4.78
C19 BCR UD . -58.76 36.78 5.99
C20 BCR UD . -57.89 35.98 6.60
C21 BCR UD . -57.94 35.88 8.03
C22 BCR UD . -57.19 35.07 8.78
C23 BCR UD . -57.48 34.98 10.20
C24 BCR UD . -56.82 34.18 11.03
C25 BCR UD . -56.99 34.13 12.48
C26 BCR UD . -57.78 33.22 13.05
C27 BCR UD . -58.03 33.06 14.50
C28 BCR UD . -57.41 34.13 15.35
C29 BCR UD . -56.14 34.69 14.75
C30 BCR UD . -56.24 35.12 13.31
C35 BCR UD . -62.34 41.83 2.11
C36 BCR UD . -57.15 37.33 4.16
C37 BCR UD . -56.29 34.08 8.17
C38 BCR UD . -58.53 32.21 12.27
C39 BCR UD . -54.86 35.37 12.71
C40 BCR UD . -56.93 36.48 13.36
C1 BCR VD . -34.41 17.31 -11.75
C2 BCR VD . -34.30 17.43 -13.26
C3 BCR VD . -32.92 17.20 -13.77
C4 BCR VD . -32.43 15.85 -13.31
C5 BCR VD . -32.48 15.78 -11.83
C6 BCR VD . -33.40 16.43 -11.09
C7 BCR VD . -33.40 16.36 -9.62
C8 BCR VD . -33.99 15.38 -8.92
C9 BCR VD . -33.83 15.19 -7.50
C10 BCR VD . -33.96 13.95 -7.01
C11 BCR VD . -34.24 13.61 -5.64
C33 BCR VD . -31.44 14.91 -11.27
C31 BCR VD . -34.35 18.71 -11.18
C32 BCR VD . -35.82 16.79 -11.53
C34 BCR VD . -33.45 16.34 -6.66
C12 BCR VD . -34.36 12.31 -5.37
C13 BCR VD . -34.82 11.74 -4.12
C14 BCR VD . -35.00 10.42 -4.06
C15 BCR VD . -35.08 9.64 -2.86
C16 BCR VD . -35.10 8.30 -2.96
C17 BCR VD . -35.18 7.50 -1.77
C18 BCR VD . -35.10 6.17 -1.72
C19 BCR VD . -35.15 5.52 -0.43
C20 BCR VD . -34.87 4.22 -0.28
C21 BCR VD . -35.67 3.47 0.66
C22 BCR VD . -35.41 2.26 1.15
C23 BCR VD . -35.87 2.02 2.51
C24 BCR VD . -35.90 0.82 3.09
C25 BCR VD . -36.77 0.46 4.22
C26 BCR VD . -36.44 0.70 5.49
C27 BCR VD . -37.26 0.38 6.68
C28 BCR VD . -38.64 -0.11 6.34
C29 BCR VD . -38.61 -0.96 5.10
C30 BCR VD . -38.07 -0.21 3.89
C35 BCR VD . -34.83 12.56 -2.88
C36 BCR VD . -34.73 5.38 -2.91
C37 BCR VD . -35.16 1.11 0.26
C38 BCR VD . -35.18 1.36 5.90
C39 BCR VD . -39.09 0.78 3.37
C40 BCR VD . -37.88 -1.26 2.81
C1 LMG WD . -43.76 18.59 17.47
O1 LMG WD . -44.05 17.85 16.32
C2 LMG WD . -45.16 19.13 17.93
O2 LMG WD . -45.38 20.24 17.12
C3 LMG WD . -45.03 19.62 19.40
O3 LMG WD . -46.35 19.88 19.81
C4 LMG WD . -44.40 18.51 20.30
O4 LMG WD . -45.25 17.41 20.28
C5 LMG WD . -43.06 18.11 19.65
O5 LMG WD . -41.03 17.10 20.19
C6 LMG WD . -42.39 17.03 20.51
O6 LMG WD . -43.28 17.59 18.36
C7 LMG WD . -43.11 17.99 15.29
C8 LMG WD . -43.72 17.25 14.08
C9 LMG WD . -44.54 18.23 13.26
O7 LMG WD . -42.67 16.84 13.25
C10 LMG WD . -42.53 15.52 12.96
O9 LMG WD . -43.38 14.73 13.37
C11 LMG WD . -41.20 15.18 12.39
C12 LMG WD . -41.15 15.57 10.93
C13 LMG WD . -39.83 15.21 10.28
C14 LMG WD . -39.55 16.26 9.24
C15 LMG WD . -38.17 16.02 8.67
C16 LMG WD . -37.91 17.05 7.60
C17 LMG WD . -36.74 16.55 6.80
C18 LMG WD . -36.19 17.74 6.03
O8 LMG WD . -43.60 19.02 12.55
C28 LMG WD . -44.10 19.96 11.71
O10 LMG WD . -45.31 20.05 11.55
C29 LMG WD . -43.11 20.97 11.28
C30 LMG WD . -43.81 22.28 10.96
C31 LMG WD . -43.48 22.67 9.53
C32 LMG WD . -44.76 22.54 8.72
C33 LMG WD . -44.32 22.20 7.31
C34 LMG WD . -45.38 22.64 6.35
C35 LMG WD . -45.28 21.71 5.15
C36 LMG WD . -46.17 22.25 4.09
C37 LMG WD . -46.28 21.23 2.99
C38 LMG WD . -45.38 21.79 1.95
C39 LMG WD . -44.47 20.70 1.45
C40 LMG WD . -43.23 21.48 1.10
C41 LMG WD . -42.76 21.05 -0.26
C42 LMG WD . -42.87 22.30 -1.07
C43 LMG WD . -42.85 21.93 -2.53
C44 LMG WD . -41.46 22.28 -3.05
C45 LMG WD . -41.42 21.90 -4.50
C1 BCR XD . -27.88 54.90 20.34
C2 BCR XD . -27.81 54.73 21.85
C3 BCR XD . -26.63 53.93 22.32
C4 BCR XD . -25.37 54.47 21.71
C5 BCR XD . -25.49 54.33 20.24
C6 BCR XD . -26.64 54.53 19.59
C7 BCR XD . -26.75 54.33 18.13
C8 BCR XD . -26.51 55.29 17.23
C9 BCR XD . -26.43 55.02 15.82
C10 BCR XD . -27.34 54.19 15.28
C11 BCR XD . -27.16 53.44 14.07
C33 BCR XD . -24.23 53.94 19.59
C31 BCR XD . -28.25 56.36 20.12
C32 BCR XD . -29.03 54.05 19.86
C34 BCR XD . -25.15 55.27 15.13
C12 BCR XD . -28.22 52.83 13.53
C13 BCR XD . -28.19 52.04 12.32
C14 BCR XD . -29.35 51.60 11.82
C15 BCR XD . -29.50 51.04 10.51
C16 BCR XD . -30.70 50.68 10.03
C17 BCR XD . -30.83 50.64 8.61
C18 BCR XD . -31.60 49.82 7.90
C19 BCR XD . -30.99 49.19 6.74
C20 BCR XD . -31.68 48.71 5.70
C21 BCR XD . -31.02 48.55 4.43
C22 BCR XD . -29.81 49.03 4.10
C23 BCR XD . -29.77 50.15 3.16
C24 BCR XD . -28.72 50.96 2.97
C25 BCR XD . -27.58 50.81 2.05
C26 BCR XD . -26.33 50.71 2.52
C27 BCR XD . -25.09 50.58 1.73
C28 BCR XD . -25.35 50.44 0.25
C29 BCR XD . -26.56 51.23 -0.17
C30 BCR XD . -27.82 50.83 0.56
C35 BCR XD . -26.95 51.90 11.55
C36 BCR XD . -33.07 49.90 7.96
C37 BCR XD . -28.64 48.14 4.20
C38 BCR XD . -26.03 50.73 3.97
C39 BCR XD . -28.32 49.50 0.02
C40 BCR XD . -28.86 51.87 0.16
FE1 SF4 YD . -51.69 2.41 28.37
FE2 SF4 YD . -51.60 1.77 31.02
FE3 SF4 YD . -53.07 3.92 30.18
FE4 SF4 YD . -50.34 4.02 30.12
S1 SF4 YD . -51.66 3.84 31.97
S2 SF4 YD . -51.78 4.68 28.48
S3 SF4 YD . -49.84 1.85 29.59
S4 SF4 YD . -53.44 1.72 29.67
FE1 SF4 ZD . -61.99 6.11 35.28
FE2 SF4 ZD . -60.15 4.54 36.56
FE3 SF4 ZD . -62.82 4.11 36.97
FE4 SF4 ZD . -61.63 6.35 37.98
S1 SF4 ZD . -61.19 4.18 38.55
S2 SF4 ZD . -63.61 6.25 36.88
S3 SF4 ZD . -60.11 6.81 36.34
S4 SF4 ZD . -61.68 3.86 35.00
C1 BCR AE . -26.77 25.72 -3.63
C2 BCR AE . -26.59 27.13 -4.19
C3 BCR AE . -25.19 27.47 -4.63
C4 BCR AE . -24.12 26.83 -3.78
C5 BCR AE . -24.35 25.38 -3.71
C6 BCR AE . -25.57 24.84 -3.64
C7 BCR AE . -25.79 23.38 -3.61
C8 BCR AE . -25.81 22.65 -2.50
C9 BCR AE . -26.40 21.33 -2.41
C10 BCR AE . -25.74 20.26 -2.86
C11 BCR AE . -26.25 18.91 -2.78
C33 BCR AE . -23.11 24.59 -3.74
C31 BCR AE . -27.89 25.10 -4.44
C32 BCR AE . -27.29 25.89 -2.22
C34 BCR AE . -27.70 21.20 -1.71
C12 BCR AE . -25.47 17.86 -3.05
C13 BCR AE . -25.83 16.49 -2.77
C14 BCR AE . -25.14 15.48 -3.32
C15 BCR AE . -25.50 14.09 -3.24
C16 BCR AE . -24.64 13.13 -3.59
C17 BCR AE . -25.11 11.79 -3.83
C18 BCR AE . -24.42 10.80 -4.43
C19 BCR AE . -24.96 9.46 -4.38
C20 BCR AE . -24.56 8.48 -5.21
C21 BCR AE . -25.18 7.18 -5.09
C22 BCR AE . -25.07 6.17 -5.95
C23 BCR AE . -26.24 5.34 -6.20
C24 BCR AE . -26.21 4.01 -6.38
C25 BCR AE . -27.40 3.17 -6.57
C26 BCR AE . -28.13 2.72 -5.55
C27 BCR AE . -29.33 1.88 -5.64
C28 BCR AE . -29.91 1.87 -7.04
C29 BCR AE . -28.79 1.69 -8.03
C30 BCR AE . -27.76 2.80 -7.98
C35 BCR AE . -26.95 16.20 -1.84
C36 BCR AE . -23.19 11.06 -5.20
C37 BCR AE . -23.84 5.97 -6.76
C38 BCR AE . -27.85 3.01 -4.13
C39 BCR AE . -28.24 3.99 -8.79
C40 BCR AE . -26.56 2.24 -8.73
C30 UNL BE . -6.41 26.56 -18.25
C31 UNL BE . -6.85 25.83 -16.98
C32 UNL BE . -6.46 26.62 -15.74
C33 UNL BE . -6.85 25.87 -14.47
C34 UNL BE . -6.38 26.61 -13.23
C35 UNL BE . -6.97 25.99 -11.97
C36 UNL BE . -6.46 26.68 -10.72
C37 UNL BE . -7.34 26.33 -9.52
C38 UNL BE . -6.72 26.78 -8.22
MG CLA CE . -63.51 -57.39 -17.55
CHA CLA CE . -61.64 -60.01 -18.82
CHB CLA CE . -64.91 -59.53 -15.37
CHC CLA CE . -65.60 -54.87 -16.66
CHD CLA CE . -62.12 -55.24 -20.23
NA CLA CE . -63.35 -59.42 -17.17
C1A CLA CE . -62.54 -60.31 -17.65
C2A CLA CE . -62.58 -61.68 -17.00
C3A CLA CE . -63.63 -61.47 -15.93
C4A CLA CE . -63.99 -60.04 -16.18
CMA CLA CE . -64.86 -62.33 -16.21
CAA CLA CE . -61.29 -62.10 -16.28
CBA CLA CE . -60.80 -61.10 -15.23
NB CLA CE . -65.06 -57.24 -16.23
C1B CLA CE . -65.45 -58.16 -15.36
C2B CLA CE . -66.47 -57.72 -14.37
C3B CLA CE . -66.68 -56.31 -14.78
C4B CLA CE . -65.75 -56.13 -15.93
CMB CLA CE . -67.12 -58.50 -13.26
CAB CLA CE . -67.58 -55.30 -14.17
CBB CLA CE . -67.09 -54.19 -13.63
NC CLA CE . -63.81 -55.49 -18.32
C1C CLA CE . -64.67 -54.61 -17.78
C2C CLA CE . -64.66 -53.26 -18.39
C3C CLA CE . -63.63 -53.38 -19.44
C4C CLA CE . -63.18 -54.78 -19.29
CMC CLA CE . -65.49 -52.06 -18.02
CAC CLA CE . -63.15 -52.33 -20.41
CBC CLA CE . -61.96 -51.65 -19.77
ND CLA CE . -62.25 -57.49 -19.14
C1D CLA CE . -61.70 -56.64 -20.16
C2D CLA CE . -60.73 -57.27 -21.08
C3D CLA CE . -60.73 -58.66 -20.52
C4D CLA CE . -61.61 -58.68 -19.45
CMD CLA CE . -59.91 -56.83 -22.26
CAD CLA CE . -60.15 -60.02 -20.66
OBD CLA CE . -59.30 -60.37 -21.55
CBD CLA CE . -60.73 -60.89 -19.61
C1 BCR DE . -69.48 -46.04 -23.10
C2 BCR DE . -70.71 -45.93 -23.97
C3 BCR DE . -71.94 -46.19 -23.16
C4 BCR DE . -72.08 -45.16 -22.07
C5 BCR DE . -70.79 -44.82 -21.42
C6 BCR DE . -69.58 -45.22 -21.86
C7 BCR DE . -68.33 -44.83 -21.20
C8 BCR DE . -67.77 -45.52 -20.20
C9 BCR DE . -66.64 -45.02 -19.44
C10 BCR DE . -66.58 -45.28 -18.12
C11 BCR DE . -65.43 -44.99 -17.28
C33 BCR DE . -70.94 -44.00 -20.22
C31 BCR DE . -68.30 -45.61 -23.96
C32 BCR DE . -69.31 -47.51 -22.75
C34 BCR DE . -65.48 -44.49 -20.17
C12 BCR DE . -65.30 -45.62 -16.11
C13 BCR DE . -64.08 -45.63 -15.32
C14 BCR DE . -64.05 -46.28 -14.16
C15 BCR DE . -62.83 -46.51 -13.41
C16 BCR DE . -62.85 -47.07 -12.19
C17 BCR DE . -61.59 -47.34 -11.53
C18 BCR DE . -61.45 -48.00 -10.37
C19 BCR DE . -60.13 -48.18 -9.79
C20 BCR DE . -59.97 -48.47 -8.50
C21 BCR DE . -58.71 -48.93 -7.97
C22 BCR DE . -58.58 -49.49 -6.75
C23 BCR DE . -57.29 -49.51 -6.08
C24 BCR DE . -56.41 -50.53 -6.17
C25 BCR DE . -55.29 -50.84 -5.28
C26 BCR DE . -54.13 -50.17 -5.28
C27 BCR DE . -52.95 -50.45 -4.43
C28 BCR DE . -53.25 -51.40 -3.30
C29 BCR DE . -54.13 -52.52 -3.81
C30 BCR DE . -55.45 -52.04 -4.37
C35 BCR DE . -62.86 -45.06 -15.90
C36 BCR DE . -62.61 -48.53 -9.64
C37 BCR DE . -59.79 -49.80 -5.96
C38 BCR DE . -53.84 -49.00 -6.13
C39 BCR DE . -56.43 -51.77 -3.25
C40 BCR DE . -56.00 -53.24 -5.10
MG CLA EE . -47.74 -48.23 -20.33
CHA CLA EE . -47.73 -45.24 -22.07
CHB CLA EE . -45.33 -49.37 -22.40
CHC CLA EE . -47.61 -51.01 -18.40
CHD CLA EE . -50.05 -46.70 -17.90
NA CLA EE . -46.68 -47.44 -21.95
C1A CLA EE . -46.76 -46.30 -22.53
C2A CLA EE . -45.88 -46.14 -23.77
C3A CLA EE . -45.14 -47.45 -23.81
C4A CLA EE . -45.77 -48.13 -22.63
CMA CLA EE . -45.42 -48.24 -25.09
CAA CLA EE . -44.87 -44.97 -23.80
CBA CLA EE . -44.21 -44.69 -22.46
CGA CLA EE . -43.01 -43.83 -22.77
O1A CLA EE . -42.09 -44.26 -23.45
O2A CLA EE . -42.93 -42.47 -22.29
NB CLA EE . -46.58 -49.92 -20.37
C1B CLA EE . -45.75 -50.29 -21.34
C2B CLA EE . -45.33 -51.71 -21.30
C3B CLA EE . -46.03 -52.20 -20.09
C4B CLA EE . -46.76 -51.00 -19.59
CMB CLA EE . -44.42 -52.47 -22.23
CAB CLA EE . -46.00 -53.55 -19.47
CBB CLA EE . -45.53 -53.74 -18.26
NC CLA EE . -48.64 -48.71 -18.54
C1C CLA EE . -48.45 -49.90 -17.93
C2C CLA EE . -49.19 -50.06 -16.65
C3C CLA EE . -49.91 -48.79 -16.51
C4C CLA EE . -49.49 -48.05 -17.73
CMC CLA EE . -49.18 -51.26 -15.73
CAC CLA EE . -50.83 -48.34 -15.39
CBC CLA EE . -52.25 -48.62 -15.82
ND CLA EE . -48.63 -46.45 -19.94
C1D CLA EE . -49.64 -45.92 -19.07
C2D CLA EE . -50.19 -44.59 -19.42
C3D CLA EE . -49.40 -44.34 -20.66
C4D CLA EE . -48.56 -45.43 -20.87
CMD CLA EE . -51.20 -43.66 -18.85
CAD CLA EE . -49.15 -43.36 -21.74
OBD CLA EE . -49.76 -42.24 -21.86
CBD CLA EE . -48.12 -43.92 -22.65
CGD CLA EE . -48.64 -44.08 -24.05
O1D CLA EE . -49.07 -45.15 -24.44
O2D CLA EE . -48.58 -42.96 -24.96
CED CLA EE . -48.72 -43.20 -26.36
C1 CLA EE . -41.67 -41.95 -21.89
C2 CLA EE . -41.88 -40.69 -21.07
C3 CLA EE . -42.19 -40.71 -19.77
C4 CLA EE . -42.31 -42.00 -19.01
C5 CLA EE . -42.38 -39.39 -19.04
C6 CLA EE . -41.07 -38.81 -18.53
C29 UNL FE . -20.71 -10.22 -20.38
C30 UNL FE . -21.32 -10.71 -19.08
C31 UNL FE . -21.42 -9.57 -18.07
C32 UNL FE . -22.18 -10.01 -16.83
C33 UNL FE . -21.41 -11.00 -15.97
C34 UNL FE . -22.00 -11.03 -14.56
C35 UNL FE . -21.05 -11.76 -13.63
C36 UNL FE . -21.67 -11.95 -12.25
C37 UNL FE . -20.74 -12.78 -11.37
C38 UNL FE . -21.37 -13.06 -10.03
CAA F6C GE . -19.86 8.27 -15.96
CAB F6C GE . -23.94 15.10 -10.05
CAC F6C GE . -27.46 8.03 -8.08
CAD F6C GE . -22.15 4.94 -13.39
NA F6C GE . -21.82 9.66 -13.18
CBA F6C GE . -18.35 8.28 -16.29
CBB F6C GE . -25.13 15.12 -9.49
CBC F6C GE . -28.72 7.97 -8.92
CBD F6C GE . -21.26 5.95 -14.02
NB F6C GE . -22.98 11.72 -11.49
OBD F6C GE . -22.04 3.67 -13.52
CGA F6C GE . -17.41 7.50 -15.36
CGD F6C GE . -19.86 5.59 -13.66
ND F6C GE . -23.82 7.81 -12.01
CED F6C GE . -18.20 5.06 -12.00
CHA F6C GE . -21.78 7.26 -13.55
CHB F6C GE . -21.34 12.02 -13.26
CHC F6C GE . -24.55 11.96 -9.60
CHD F6C GE . -25.79 7.26 -10.57
CMA F6C GE . -18.72 11.11 -14.09
CMB F6C GE . -21.78 15.20 -12.56
CMC F6C GE . -26.64 11.20 -7.41
CMD F6C GE . -24.95 4.08 -11.36
OMB F6C GE . -21.50 15.19 -13.75
C1 F6C GE . -16.87 8.57 -13.15
C1A F6C GE . -21.32 8.66 -13.80
C1B F6C GE . -22.29 12.55 -12.28
C1C F6C GE . -25.14 10.63 -9.56
C1D F6C GE . -24.68 6.83 -11.42
O1A F6C GE . -16.54 6.79 -15.84
O1D F6C GE . -19.13 5.05 -14.47
C2 F6C GE . -15.37 8.54 -13.34
C2A F6C GE . -20.09 8.98 -14.63
C2B F6C GE . -22.41 13.99 -11.93
C2C F6C GE . -26.13 10.31 -8.51
C2D F6C GE . -24.37 5.41 -11.72
O2A F6C GE . -17.50 7.54 -13.91
O2D F6C GE . -19.34 5.82 -12.33
C3 F6C GE . -14.61 9.51 -12.80
C3A F6C GE . -20.03 10.50 -14.60
C3B F6C GE . -23.38 13.95 -10.81
C3C F6C GE . -26.50 8.92 -8.81
C3D F6C GE . -23.17 5.62 -12.59
C4 F6C GE . -13.12 9.46 -13.00
C4A F6C GE . -21.14 10.74 -13.61
C4B F6C GE . -23.65 12.50 -10.63
C4C F6C GE . -25.67 8.62 -10.01
C4D F6C GE . -22.93 6.98 -12.68
C5 F6C GE . -15.23 10.64 -12.03
C6 F6C GE . -14.18 11.35 -11.17
C7 F6C GE . -14.18 10.74 -9.78
C8 F6C GE . -12.96 11.13 -8.96
C9 F6C GE . -11.70 11.11 -9.81
C10 F6C GE . -12.84 10.14 -7.80
C11 F6C GE . -12.32 10.80 -6.53
C12 F6C GE . -11.58 9.78 -5.68
C13 F6C GE . -11.41 10.28 -4.25
C14 F6C GE . -10.21 9.60 -3.59
C15 F6C GE . -12.69 10.01 -3.48
NC F6C GE . -24.88 9.63 -10.43
MG F6C GE . -23.50 9.81 -11.96
C16 F6C GE . -12.88 10.94 -2.29
C17 F6C GE . -14.31 11.47 -2.25
C18 F6C GE . -15.07 10.98 -1.02
C19 F6C GE . -14.25 11.20 0.24
C20 F6C GE . -15.46 9.51 -1.15
C1 BCR HE . -20.16 8.34 -8.81
C2 BCR HE . -19.39 9.57 -9.23
C3 BCR HE . -18.12 9.65 -8.44
C4 BCR HE . -17.23 8.48 -8.72
C5 BCR HE . -17.98 7.21 -8.80
C6 BCR HE . -19.32 7.12 -8.83
C7 BCR HE . -20.00 5.82 -8.97
C8 BCR HE . -20.43 5.10 -7.94
C9 BCR HE . -21.24 3.91 -8.11
C10 BCR HE . -21.28 2.99 -7.15
C11 BCR HE . -21.94 1.71 -7.30
C33 BCR HE . -17.12 6.03 -8.86
C31 BCR HE . -21.33 8.21 -9.76
C32 BCR HE . -20.70 8.61 -7.42
C34 BCR HE . -21.91 3.71 -9.41
C12 BCR HE . -22.08 0.93 -6.22
C13 BCR HE . -22.95 -0.21 -6.15
C14 BCR HE . -22.83 -1.05 -5.12
C15 BCR HE . -23.66 -2.20 -4.91
C16 BCR HE . -23.52 -2.93 -3.79
C17 BCR HE . -24.03 -4.27 -3.75
C18 BCR HE . -24.21 -4.97 -2.62
C19 BCR HE . -24.81 -6.29 -2.71
C20 BCR HE . -24.85 -7.12 -1.68
C21 BCR HE . -25.38 -8.45 -1.86
C22 BCR HE . -25.33 -9.43 -0.96
C23 BCR HE . -24.42 -9.30 0.16
C24 BCR HE . -24.31 -10.19 1.16
C25 BCR HE . -23.32 -10.16 2.23
C26 BCR HE . -22.12 -10.73 2.10
C27 BCR HE . -21.05 -10.78 3.12
C28 BCR HE . -21.33 -9.81 4.25
C29 BCR HE . -22.78 -9.88 4.66
C30 BCR HE . -23.72 -9.50 3.52
C35 BCR HE . -24.08 -0.33 -7.09
C36 BCR HE . -23.70 -4.51 -1.33
C37 BCR HE . -26.05 -10.70 -1.17
C38 BCR HE . -21.67 -11.42 0.87
C39 BCR HE . -23.78 -7.98 3.39
C40 BCR HE . -25.08 -9.96 3.99
MG CLA IE . -8.16 -15.96 2.72
CHA CLA IE . -4.96 -14.66 2.44
CHB CLA IE . -9.00 -14.35 -0.11
CHC CLA IE . -11.18 -17.49 2.93
CHD CLA IE . -6.93 -18.13 5.46
NA CLA IE . -7.15 -14.74 1.37
C1A CLA IE . -5.96 -14.26 1.40
C2A CLA IE . -5.62 -13.27 0.29
C3A CLA IE . -6.93 -13.20 -0.49
C4A CLA IE . -7.74 -14.16 0.31
CMA CLA IE . -7.55 -11.81 -0.47
CAA CLA IE . -4.48 -13.64 -0.68
CBA CLA IE . -4.57 -14.97 -1.43
CGA CLA IE . -4.20 -16.14 -0.53
O1A CLA IE . -3.07 -16.34 -0.14
O2A CLA IE . -5.28 -17.00 -0.10
NB CLA IE . -9.82 -15.95 1.56
C1B CLA IE . -10.04 -15.20 0.48
C2B CLA IE . -11.42 -15.27 -0.06
C3B CLA IE . -12.07 -16.22 0.88
C4B CLA IE . -10.98 -16.56 1.83
CMB CLA IE . -11.98 -14.52 -1.25
CAB CLA IE . -13.45 -16.77 0.99
CBB CLA IE . -14.22 -16.99 -0.05
NC CLA IE . -8.86 -17.49 3.92
C1C CLA IE . -10.13 -17.95 3.87
C2C CLA IE . -10.47 -19.00 4.86
C3C CLA IE . -9.20 -19.17 5.59
C4C CLA IE . -8.30 -18.20 4.93
CMC CLA IE . -11.78 -19.71 5.06
CAC CLA IE . -8.90 -20.11 6.74
CBC CLA IE . -8.33 -21.36 6.10
ND CLA IE . -6.43 -16.41 3.71
C1D CLA IE . -6.02 -17.17 4.84
C2D CLA IE . -4.64 -16.92 5.33
C3D CLA IE . -4.22 -15.88 4.34
C4D CLA IE . -5.29 -15.66 3.48
CMD CLA IE . -3.80 -17.44 6.45
CAD CLA IE . -3.12 -15.00 3.92
OBD CLA IE . -1.97 -14.92 4.49
CBD CLA IE . -3.55 -14.23 2.73
CGD CLA IE . -3.40 -12.75 2.95
O1D CLA IE . -2.71 -12.09 2.19
O2D CLA IE . -4.07 -12.07 4.05
CED CLA IE . -3.81 -10.68 4.23
C1 CLA IE . -5.04 -18.05 0.83
C2 CLA IE . -6.35 -18.76 1.03
C3 CLA IE . -6.52 -19.70 1.96
C4 CLA IE . -5.39 -20.14 2.85
C5 CLA IE . -7.85 -20.37 2.11
C6 CLA IE . -8.92 -19.91 1.13
C7 CLA IE . -10.18 -20.71 1.38
C8 CLA IE . -11.34 -20.21 0.54
C9 CLA IE . -12.63 -20.91 0.95
C10 CLA IE . -11.02 -20.40 -0.93
C11 CLA IE . -12.20 -20.04 -1.82
C12 CLA IE . -11.77 -20.00 -3.27
C13 CLA IE . -12.68 -20.84 -4.15
C14 CLA IE . -12.62 -22.31 -3.75
C15 CLA IE . -12.30 -20.66 -5.61
C16 CLA IE . -12.64 -19.26 -6.10
C17 CLA IE . -11.40 -18.58 -6.66
C18 CLA IE . -11.63 -17.99 -8.04
C19 CLA IE . -12.20 -19.01 -9.01
C20 CLA IE . -10.31 -17.44 -8.57
MG CLA JE . -18.14 -9.15 1.56
CHA CLA JE . -16.10 -11.47 3.13
CHB CLA JE . -18.09 -11.07 -1.21
CHC CLA JE . -20.44 -7.04 0.23
CHD CLA JE . -18.49 -7.41 4.80
NA CLA JE . -17.29 -10.97 1.05
C1A CLA JE . -16.49 -11.73 1.70
C2A CLA JE . -15.96 -12.93 0.93
C3A CLA JE . -16.57 -12.73 -0.45
C4A CLA JE . -17.37 -11.51 -0.17
CMA CLA JE . -15.46 -12.41 -1.44
CAA CLA JE . -16.44 -14.29 1.48
CBA CLA JE . -17.82 -14.79 1.04
CGA CLA JE . -18.90 -14.45 2.04
O1A CLA JE . -18.99 -13.33 2.51
O2A CLA JE . -19.84 -15.46 2.45
NB CLA JE . -19.12 -9.07 -0.22
C1B CLA JE . -18.96 -9.89 -1.26
C2B CLA JE . -19.76 -9.55 -2.47
C3B CLA JE . -20.46 -8.33 -2.02
C4B CLA JE . -19.99 -8.14 -0.62
CMB CLA JE . -19.82 -10.24 -3.79
CAB CLA JE . -21.42 -7.48 -2.77
CBB CLA JE . -21.03 -6.32 -3.25
NC CLA JE . -19.23 -7.60 2.37
C1C CLA JE . -20.09 -6.84 1.64
C2C CLA JE . -20.71 -5.72 2.39
C3C CLA JE . -20.13 -5.84 3.74
C4C CLA JE . -19.24 -7.01 3.60
CMC CLA JE . -21.70 -4.70 1.89
CAC CLA JE . -20.37 -4.97 4.95
CBC CLA JE . -21.47 -5.64 5.74
ND CLA JE . -17.56 -9.34 3.50
C1D CLA JE . -17.62 -8.58 4.71
C2D CLA JE . -16.76 -9.06 5.81
C3D CLA JE . -16.13 -10.24 5.14
C4D CLA JE . -16.65 -10.32 3.86
CMD CLA JE . -16.51 -8.59 7.21
CAD CLA JE . -15.20 -11.37 5.31
OBD CLA JE . -14.52 -11.63 6.37
CBD CLA JE . -15.13 -12.13 4.04
CGD CLA JE . -13.77 -11.94 3.45
O1D CLA JE . -13.32 -10.83 3.24
O2D CLA JE . -12.96 -13.09 3.07
CED CLA JE . -11.72 -12.83 2.43
C1 CLA JE . -20.56 -15.33 3.67
C2 CLA JE . -21.98 -14.92 3.39
C3 CLA JE . -22.82 -14.53 4.36
C4 CLA JE . -22.38 -14.50 5.80
C5 CLA JE . -24.24 -14.13 4.04
C6 CLA JE . -25.20 -15.24 4.43
C7 CLA JE . -26.34 -15.36 3.42
C8 CLA JE . -27.16 -16.66 3.50
C9 CLA JE . -27.15 -17.32 4.87
C10 CLA JE . -26.66 -17.64 2.45
C11 CLA JE . -27.82 -18.51 1.98
C12 CLA JE . -27.50 -20.00 2.10
C13 CLA JE . -28.41 -20.81 1.19
C14 CLA JE . -29.11 -21.91 1.97
C15 CLA JE . -27.59 -21.39 0.05
C16 CLA JE . -28.41 -21.51 -1.22
C17 CLA JE . -28.48 -20.17 -1.95
C18 CLA JE . -29.75 -20.03 -2.78
C19 CLA JE . -29.91 -21.18 -3.77
C20 CLA JE . -29.78 -18.69 -3.48
MG CLA KE . -15.71 -10.22 -11.39
CHA CLA KE . -12.63 -11.22 -12.61
CHB CLA KE . -16.33 -8.70 -14.35
CHC CLA KE . -18.83 -9.56 -10.22
CHD CLA KE . -15.14 -12.41 -8.48
NA CLA KE . -14.70 -10.03 -13.18
C1A CLA KE . -13.51 -10.37 -13.51
C2A CLA KE . -13.03 -9.94 -14.87
C3A CLA KE . -14.19 -9.10 -15.35
C4A CLA KE . -15.13 -9.29 -14.21
CMA CLA KE . -13.70 -7.66 -15.42
CAA CLA KE . -13.10 -11.20 -15.74
CBA CLA KE . -13.24 -11.01 -17.25
CGA CLA KE . -11.89 -11.20 -17.85
O1A CLA KE . -11.74 -11.80 -18.90
O2A CLA KE . -10.74 -10.67 -17.15
NB CLA KE . -17.32 -9.23 -12.16
C1B CLA KE . -17.44 -8.74 -13.40
C2B CLA KE . -18.82 -8.32 -13.75
C3B CLA KE . -19.56 -8.59 -12.50
C4B CLA KE . -18.52 -9.13 -11.59
CMB CLA KE . -19.35 -7.75 -15.03
CAB CLA KE . -20.99 -8.36 -12.18
CBB CLA KE . -21.52 -7.15 -12.22
NC CLA KE . -16.74 -10.88 -9.73
C1C CLA KE . -17.98 -10.46 -9.42
C2C CLA KE . -18.53 -10.98 -8.14
C3C CLA KE . -17.43 -11.82 -7.63
C4C CLA KE . -16.40 -11.67 -8.69
CMC CLA KE . -19.87 -10.72 -7.51
CAC CLA KE . -17.36 -12.65 -6.36
CBC CLA KE . -16.74 -11.78 -5.29
ND CLA KE . -14.35 -11.55 -10.68
C1D CLA KE . -14.10 -12.29 -9.48
C2D CLA KE . -12.75 -12.89 -9.36
C3D CLA KE . -12.15 -12.43 -10.65
C4D CLA KE . -13.13 -11.69 -11.31
CMD CLA KE . -12.07 -13.71 -8.32
CAD CLA KE . -10.95 -12.46 -11.50
OBD CLA KE . -9.84 -13.03 -11.22
CBD CLA KE . -11.21 -11.68 -12.74
CGD CLA KE . -10.27 -10.51 -12.79
O1D CLA KE . -10.43 -9.52 -12.10
O2D CLA KE . -9.12 -10.56 -13.67
CED CLA KE . -8.13 -9.55 -13.60
C1 CLA KE . -9.48 -11.21 -17.48
C2 CLA KE . -9.24 -12.48 -16.70
C3 CLA KE . -8.02 -12.75 -16.20
C4 CLA KE . -6.90 -11.78 -16.44
C5 CLA KE . -7.76 -14.02 -15.43
C6 CLA KE . -7.60 -13.86 -13.92
C7 CLA KE . -6.12 -13.78 -13.50
C8 CLA KE . -5.64 -14.98 -12.68
C9 CLA KE . -5.52 -16.24 -13.52
C10 CLA KE . -6.52 -15.17 -11.46
C11 CLA KE . -5.65 -15.18 -10.22
C12 CLA KE . -6.24 -14.31 -9.11
C13 CLA KE . -7.23 -15.10 -8.27
C14 CLA KE . -8.45 -14.24 -8.02
C15 CLA KE . -6.55 -15.54 -6.97
C16 CLA KE . -7.48 -15.73 -5.78
C17 CLA KE . -7.89 -17.18 -5.59
C18 CLA KE . -7.67 -17.65 -4.16
C19 CLA KE . -8.64 -16.96 -3.19
C20 CLA KE . -6.23 -17.41 -3.72
C1 BCR LE . -29.54 15.89 9.88
C2 BCR LE . -29.96 17.05 10.79
C3 BCR LE . -29.58 18.40 10.25
C4 BCR LE . -29.99 18.52 8.81
C5 BCR LE . -29.25 17.50 8.06
C6 BCR LE . -29.03 16.27 8.53
C7 BCR LE . -28.25 15.27 7.79
C8 BCR LE . -28.77 14.40 6.92
C9 BCR LE . -27.98 13.35 6.31
C10 BCR LE . -26.95 12.84 7.00
C11 BCR LE . -26.00 11.91 6.44
C33 BCR LE . -28.76 17.96 6.74
C31 BCR LE . -28.51 15.08 10.64
C32 BCR LE . -30.75 15.00 9.77
C34 BCR LE . -28.14 13.11 4.87
C12 BCR LE . -25.47 10.98 7.23
C13 BCR LE . -24.84 9.78 6.74
C14 BCR LE . -24.14 9.01 7.59
C15 BCR LE . -23.54 7.76 7.22
C16 BCR LE . -22.85 7.04 8.11
C17 BCR LE . -22.30 5.79 7.69
C18 BCR LE . -21.82 4.82 8.48
C19 BCR LE . -21.35 3.60 7.89
C20 BCR LE . -20.96 2.55 8.62
C21 BCR LE . -20.27 1.46 7.97
C22 BCR LE . -20.01 0.27 8.52
C23 BCR LE . -18.95 -0.53 7.96
C24 BCR LE . -19.07 -1.83 7.62
C25 BCR LE . -18.03 -2.70 7.05
C26 BCR LE . -17.65 -2.64 5.77
C27 BCR LE . -16.64 -3.49 5.11
C28 BCR LE . -16.23 -4.69 5.92
C29 BCR LE . -16.18 -4.37 7.38
C30 BCR LE . -17.43 -3.73 7.95
C35 BCR LE . -25.06 9.35 5.34
C36 BCR LE . -21.80 4.98 9.95
C37 BCR LE . -20.47 -0.03 9.90
C38 BCR LE . -18.18 -1.69 4.77
C39 BCR LE . -18.49 -4.79 8.23
C40 BCR LE . -17.01 -3.19 9.31
C1 BCR ME . -0.02 -4.20 -5.54
C2 BCR ME . 0.30 -2.72 -5.51
C3 BCR ME . 0.79 -2.27 -4.17
C4 BCR ME . -0.22 -2.57 -3.10
C5 BCR ME . -0.67 -3.98 -3.16
C6 BCR ME . -0.61 -4.75 -4.26
C7 BCR ME . -1.03 -6.16 -4.30
C8 BCR ME . -2.30 -6.58 -4.36
C9 BCR ME . -2.67 -7.97 -4.34
C10 BCR ME . -3.94 -8.29 -4.06
C11 BCR ME . -4.51 -9.60 -4.29
C33 BCR ME . -1.19 -4.46 -1.86
C31 BCR ME . 1.27 -4.90 -5.90
C32 BCR ME . -0.93 -4.40 -6.72
C34 BCR ME . -1.75 -8.94 -4.97
C12 BCR ME . -5.83 -9.75 -4.19
C13 BCR ME . -6.50 -11.02 -4.34
C14 BCR ME . -7.84 -11.01 -4.33
C15 BCR ME . -8.64 -12.16 -4.65
C16 BCR ME . -9.94 -12.16 -4.36
C17 BCR ME . -10.73 -13.29 -4.77
C18 BCR ME . -12.06 -13.36 -4.69
C19 BCR ME . -12.69 -14.66 -4.79
C20 BCR ME . -13.91 -14.89 -4.30
C21 BCR ME . -14.45 -16.23 -4.36
C22 BCR ME . -15.63 -16.58 -3.85
C23 BCR ME . -15.80 -17.95 -3.38
C24 BCR ME . -17.00 -18.50 -3.14
C25 BCR ME . -17.25 -19.91 -2.87
C26 BCR ME . -17.46 -20.79 -3.85
C27 BCR ME . -17.73 -22.24 -3.68
C28 BCR ME . -17.50 -22.72 -2.27
C29 BCR ME . -18.00 -21.68 -1.29
C30 BCR ME . -17.31 -20.34 -1.44
C35 BCR ME . -5.74 -12.27 -4.34
C36 BCR ME . -12.89 -12.20 -4.37
C37 BCR ME . -16.70 -15.59 -3.61
C38 BCR ME . -17.42 -20.45 -5.29
C39 BCR ME . -15.93 -20.37 -0.80
C40 BCR ME . -18.15 -19.37 -0.61
CA CA NE . -19.90 4.78 -23.76
C23 UNL OE . -8.09 -13.60 -27.08
C24 UNL OE . -8.20 -13.52 -25.57
C25 UNL OE . -8.81 -14.81 -25.02
C26 UNL OE . -8.56 -14.86 -23.52
C27 UNL OE . -9.49 -15.83 -22.79
C28 UNL OE . -9.75 -15.27 -21.41
C29 UNL OE . -10.84 -16.04 -20.68
C30 UNL OE . -11.31 -15.21 -19.49
C31 UNL OE . -11.97 -16.09 -18.43
C32 UNL OE . -12.14 -15.29 -17.15
C33 UNL OE . -12.76 -16.17 -16.06
C34 UNL OE . -13.68 -15.33 -15.18
C35 UNL OE . -13.45 -15.66 -13.71
C36 UNL OE . -12.02 -15.35 -13.33
C37 UNL OE . -11.60 -16.13 -12.08
C38 UNL OE . -10.10 -16.27 -12.05
O10 UNL OE . -7.60 -14.57 -27.62
O8 UNL OE . -8.55 -12.48 -27.90
C27 UNL PE . -16.64 -9.73 -21.66
C28 UNL PE . -15.34 -10.27 -21.06
C29 UNL PE . -15.62 -11.42 -20.10
C30 UNL PE . -16.54 -10.98 -18.97
C31 UNL PE . -16.71 -12.11 -17.96
C32 UNL PE . -18.02 -11.97 -17.20
C33 UNL PE . -17.80 -11.67 -15.72
C34 UNL PE . -17.05 -12.79 -15.03
C35 UNL PE . -17.31 -12.76 -13.53
C36 UNL PE . -16.65 -13.94 -12.84
C37 UNL PE . -17.00 -13.97 -11.36
C38 UNL PE . -16.34 -15.14 -10.68
C23 UNL QE . -16.76 13.68 20.68
C24 UNL QE . -16.10 14.35 19.50
C25 UNL QE . -16.78 13.90 18.21
C26 UNL QE . -17.43 15.07 17.47
C27 UNL QE . -16.41 16.16 17.16
C28 UNL QE . -17.04 17.25 16.29
C29 UNL QE . -17.19 16.75 14.85
C30 UNL QE . -15.98 17.13 14.01
C31 UNL QE . -16.20 18.49 13.36
C32 UNL QE . -15.01 18.90 12.50
C33 UNL QE . -15.37 20.05 11.57
C34 UNL QE . -14.14 20.56 10.83
C35 UNL QE . -14.53 21.62 9.81
C6 UNL QE . -14.92 11.99 20.83
O10 UNL QE . -17.84 14.09 21.10
O8 UNL QE . -16.15 12.53 21.32
C1 BCR RE . -27.58 31.05 7.90
C2 BCR RE . -28.38 30.48 9.05
C3 BCR RE . -28.23 28.99 9.12
C4 BCR RE . -28.73 28.34 7.86
C5 BCR RE . -28.20 29.01 6.66
C6 BCR RE . -27.66 30.23 6.65
C7 BCR RE . -27.16 30.85 5.42
C8 BCR RE . -25.92 30.69 4.97
C9 BCR RE . -25.37 31.45 3.87
C10 BCR RE . -24.30 30.98 3.25
C11 BCR RE . -23.56 31.67 2.21
C33 BCR RE . -28.31 28.18 5.45
C31 BCR RE . -26.17 31.23 8.43
C32 BCR RE . -28.17 32.42 7.62
C34 BCR RE . -25.85 32.84 3.71
C12 BCR RE . -22.58 31.00 1.60
C13 BCR RE . -21.58 31.58 0.74
C14 BCR RE . -20.67 30.77 0.21
C15 BCR RE . -19.63 31.21 -0.69
C16 BCR RE . -18.67 30.36 -1.07
C17 BCR RE . -17.55 30.91 -1.79
C18 BCR RE . -16.60 30.21 -2.41
C19 BCR RE . -15.56 30.93 -3.10
C20 BCR RE . -14.53 30.33 -3.69
C21 BCR RE . -13.30 31.06 -3.85
C22 BCR RE . -12.21 30.62 -4.50
C23 BCR RE . -11.08 31.52 -4.65
C24 BCR RE . -9.98 31.18 -5.33
C25 BCR RE . -9.11 32.06 -6.12
C26 BCR RE . -8.13 32.77 -5.56
C27 BCR RE . -7.19 33.64 -6.29
C28 BCR RE . -6.96 33.10 -7.67
C29 BCR RE . -8.29 32.92 -8.37
C30 BCR RE . -9.32 32.09 -7.62
C35 BCR RE . -21.64 33.00 0.39
C36 BCR RE . -16.57 28.74 -2.39
C37 BCR RE . -12.29 29.41 -5.37
C38 BCR RE . -7.83 32.77 -4.12
C39 BCR RE . -10.71 32.58 -7.98
C40 BCR RE . -9.21 30.69 -8.22
MG CL0 SE . 34.39 47.00 -5.35
CHA CL0 SE . 31.52 48.65 -4.24
CHB CL0 SE . 34.94 45.95 -2.21
CHC CL0 SE . 36.74 44.91 -6.63
CHD CL0 SE . 33.44 47.93 -8.78
NA CL0 SE . 33.39 47.20 -3.55
C1A CL0 SE . 32.36 47.93 -3.23
C2A CL0 SE . 32.05 48.02 -1.76
C3A CL0 SE . 33.20 47.26 -1.20
C4A CL0 SE . 33.88 46.75 -2.40
CMA CL0 SE . 34.07 48.47 -0.94
CAA CL0 SE . 30.90 47.12 -1.32
CBA CL0 SE . 30.62 47.18 0.18
CGA CL0 SE . 29.43 46.32 0.56
O1A CL0 SE . 29.23 46.00 1.71
O2A CL0 SE . 28.48 45.90 -0.45
NB CL0 SE . 35.67 45.65 -4.52
C1B CL0 SE . 35.78 45.32 -3.24
C2B CL0 SE . 36.72 44.20 -2.96
C3B CL0 SE . 37.24 43.90 -4.31
C4B CL0 SE . 36.52 44.87 -5.18
CMB CL0 SE . 37.08 43.55 -1.65
CAB CL0 SE . 38.24 42.94 -4.83
CBB CL0 SE . 39.41 42.74 -4.24
NC CL0 SE . 34.93 46.51 -7.28
C1C CL0 SE . 35.95 45.69 -7.58
C2C CL0 SE . 36.29 45.60 -9.03
C3C CL0 SE . 35.32 46.50 -9.65
C4C CL0 SE . 34.54 46.99 -8.49
CMC CL0 SE . 37.39 44.79 -9.68
CAC CL0 SE . 35.12 46.85 -11.10
CBC CL0 SE . 35.87 48.15 -11.36
ND CL0 SE . 32.91 47.97 -6.34
C1D CL0 SE . 32.60 48.37 -7.67
C2D CL0 SE . 31.42 49.22 -7.84
C3D CL0 SE . 30.98 49.33 -6.42
C4D CL0 SE . 31.85 48.56 -5.67
CMD CL0 SE . 30.76 49.86 -9.02
CAD CL0 SE . 29.99 49.91 -5.50
OBD CL0 SE . 28.99 50.65 -5.84
CBD CL0 SE . 30.29 49.48 -4.12
CGD CL0 SE . 29.07 48.75 -3.65
O1D CL0 SE . 28.78 47.62 -4.02
O2D CL0 SE . 28.20 49.41 -2.70
CED CL0 SE . 27.00 48.76 -2.32
C1 CL0 SE . 27.46 44.96 -0.10
C2 CL0 SE . 27.18 44.15 -1.34
C3 CL0 SE . 26.12 44.43 -2.12
C4 CL0 SE . 25.18 45.56 -1.80
C5 CL0 SE . 25.88 43.59 -3.34
C6 CL0 SE . 25.93 44.43 -4.60
C7 CL0 SE . 26.53 43.64 -5.76
C8 CL0 SE . 25.68 42.43 -6.10
C9 CL0 SE . 26.37 41.58 -7.16
C10 CL0 SE . 24.30 42.88 -6.57
C11 CL0 SE . 23.34 41.69 -6.60
C12 CL0 SE . 21.91 42.19 -6.50
C13 CL0 SE . 20.90 41.05 -6.49
C14 CL0 SE . 19.49 41.56 -6.77
C15 CL0 SE . 20.95 40.27 -5.17
C16 CL0 SE . 20.87 41.15 -3.93
C17 CL0 SE . 20.09 40.46 -2.82
C18 CL0 SE . 20.74 40.56 -1.44
C19 CL0 SE . 19.73 40.18 -0.36
C20 CL0 SE . 21.33 41.93 -1.15
MG CLA TE . 25.64 40.56 0.79
CHA CLA TE . 28.14 39.95 -1.46
CHB CLA TE . 23.67 38.43 -0.94
CHC CLA TE . 23.49 40.62 3.42
CHD CLA TE . 27.96 42.65 2.71
NA CLA TE . 25.87 39.34 -0.88
C1A CLA TE . 26.80 39.36 -1.78
C2A CLA TE . 26.50 38.60 -3.05
C3A CLA TE . 25.07 38.19 -2.84
C4A CLA TE . 24.86 38.69 -1.46
CMA CLA TE . 24.22 39.03 -3.80
CAA CLA TE . 27.14 37.21 -3.01
CBA CLA TE . 27.50 36.64 -4.37
CGA CLA TE . 26.50 35.57 -4.73
O1A CLA TE . 25.65 35.18 -3.94
O2A CLA TE . 26.52 34.97 -6.06
NB CLA TE . 23.80 39.76 1.13
C1B CLA TE . 23.27 38.78 0.42
C2B CLA TE . 22.33 37.91 1.17
C3B CLA TE . 22.28 38.56 2.49
C4B CLA TE . 23.22 39.69 2.32
CMB CLA TE . 21.61 36.70 0.65
CAB CLA TE . 21.56 38.29 3.75
CBB CLA TE . 20.54 37.47 3.88
NC CLA TE . 25.76 41.38 2.69
C1C CLA TE . 24.72 41.41 3.53
C2C CLA TE . 24.84 42.34 4.67
C3C CLA TE . 26.16 42.95 4.45
C4C CLA TE . 26.62 42.28 3.21
CMC CLA TE . 23.86 42.61 5.79
CAC CLA TE . 26.87 43.99 5.28
CBC CLA TE . 26.41 45.32 4.76
ND CLA TE . 27.55 41.23 0.71
C1D CLA TE . 28.47 41.95 1.53
C2D CLA TE . 29.87 41.93 1.09
C3D CLA TE . 29.74 41.08 -0.13
C4D CLA TE . 28.41 40.71 -0.24
CMD CLA TE . 31.17 42.51 1.61
CAD CLA TE . 30.45 40.42 -1.26
OBD CLA TE . 31.69 40.46 -1.54
CBD CLA TE . 29.47 39.73 -2.11
CGD CLA TE . 29.43 40.51 -3.39
O1D CLA TE . 28.79 41.55 -3.47
O2D CLA TE . 30.15 40.07 -4.55
CED CLA TE . 30.30 40.95 -5.66
C1 CLA TE . 25.55 33.98 -6.37
C2 CLA TE . 25.97 32.63 -5.85
C3 CLA TE . 26.22 31.62 -6.69
C4 CLA TE . 26.07 31.75 -8.18
C5 CLA TE . 26.61 30.30 -6.10
C6 CLA TE . 25.34 29.65 -5.58
C7 CLA TE . 25.59 28.68 -4.44
C8 CLA TE . 24.24 28.17 -3.95
C9 CLA TE . 23.40 29.31 -3.41
C10 CLA TE . 24.42 27.10 -2.89
C11 CLA TE . 25.09 25.89 -3.51
C12 CLA TE . 24.61 24.61 -2.84
C13 CLA TE . 25.33 23.46 -3.52
C14 CLA TE . 24.81 23.27 -4.93
C15 CLA TE . 25.18 22.18 -2.72
C16 CLA TE . 26.31 21.24 -3.10
C17 CLA TE . 26.29 19.98 -2.25
C18 CLA TE . 27.29 18.97 -2.79
C19 CLA TE . 26.96 18.60 -4.22
C20 CLA TE . 27.31 17.72 -1.91
MG CLA UE . 45.10 46.12 10.25
CHA CLA UE . 47.88 46.15 12.35
CHB CLA UE . 46.29 48.86 8.75
CHC CLA UE . 42.71 45.67 7.87
CHD CLA UE . 44.10 42.98 11.83
NA CLA UE . 46.80 47.26 10.46
C1A CLA UE . 47.74 47.25 11.33
C2A CLA UE . 48.71 48.39 11.27
C3A CLA UE . 48.10 49.24 10.19
C4A CLA UE . 46.98 48.38 9.76
CMA CLA UE . 47.49 50.44 10.89
CAA CLA UE . 50.00 47.85 10.62
CBA CLA UE . 51.26 48.73 10.69
CGA CLA UE . 51.35 49.64 9.48
O1A CLA UE . 51.38 49.18 8.36
O2A CLA UE . 51.27 51.07 9.69
NB CLA UE . 44.57 47.14 8.58
C1B CLA UE . 45.14 48.22 8.10
C2B CLA UE . 44.66 48.70 6.79
C3B CLA UE . 43.57 47.71 6.51
C4B CLA UE . 43.62 46.82 7.69
CMB CLA UE . 45.19 49.87 6.04
CAB CLA UE . 42.62 47.55 5.39
CBB CLA UE . 42.50 48.36 4.36
NC CLA UE . 43.75 44.60 9.91
C1C CLA UE . 42.81 44.67 8.94
C2C CLA UE . 41.79 43.60 9.03
C3C CLA UE . 42.20 42.81 10.19
C4C CLA UE . 43.41 43.52 10.64
CMC CLA UE . 40.61 43.38 8.14
CAC CLA UE . 41.56 41.59 10.79
CBC CLA UE . 40.74 42.05 11.97
ND CLA UE . 45.75 44.82 11.68
C1D CLA UE . 45.30 43.63 12.29
C2D CLA UE . 46.11 43.10 13.39
C3D CLA UE . 47.19 44.13 13.41
C4D CLA UE . 46.91 45.04 12.39
CMD CLA UE . 45.96 41.89 14.26
CAD CLA UE . 48.45 44.58 14.07
OBD CLA UE . 49.04 43.98 15.03
CBD CLA UE . 48.90 45.81 13.38
CGD CLA UE . 49.45 46.89 14.27
O1D CLA UE . 48.73 47.73 14.77
O2D CLA UE . 50.88 46.96 14.47
CED CLA UE . 51.46 48.11 15.06
C1 CLA UE . 50.96 51.96 8.63
C2 CLA UE . 49.52 52.43 8.70
C3 CLA UE . 48.65 52.21 7.70
C4 CLA UE . 49.06 51.49 6.45
C5 CLA UE . 47.23 52.71 7.84
C6 CLA UE . 47.15 54.10 8.43
C7 CLA UE . 46.26 55.01 7.58
C8 CLA UE . 47.01 56.04 6.73
C9 CLA UE . 48.30 56.52 7.38
C10 CLA UE . 46.07 57.21 6.46
C11 CLA UE . 45.80 58.02 7.73
MG CLA VE . 37.23 67.88 21.06
CHA CLA VE . 40.21 66.11 21.30
CHB CLA VE . 37.09 67.10 17.79
CHC CLA VE . 34.58 70.01 20.83
CHD CLA VE . 37.68 68.89 24.59
NA CLA VE . 38.45 66.82 19.75
C1A CLA VE . 39.51 66.12 19.97
C2A CLA VE . 40.03 65.34 18.78
C3A CLA VE . 39.03 65.70 17.69
C4A CLA VE . 38.13 66.60 18.47
CMA CLA VE . 39.69 66.48 16.56
CAA CLA VE . 39.97 63.81 18.92
CBA CLA VE . 41.34 63.18 18.73
CGA CLA VE . 42.02 63.72 17.49
O1A CLA VE . 41.54 63.56 16.38
O2A CLA VE . 43.27 64.46 17.62
NB CLA VE . 36.04 68.49 19.52
C1B CLA VE . 36.06 68.02 18.27
C2B CLA VE . 34.94 68.50 17.41
C3B CLA VE . 34.19 69.37 18.34
C4B CLA VE . 34.98 69.29 19.61
CMB CLA VE . 34.65 68.18 15.96
CAB CLA VE . 32.96 70.16 18.10
CBB CLA VE . 33.01 71.27 17.39
NC CLA VE . 36.37 69.18 22.41
C1C CLA VE . 35.27 69.92 22.14
C2C CLA VE . 34.73 70.70 23.28
C3C CLA VE . 35.65 70.36 24.38
C4C CLA VE . 36.60 69.42 23.73
CMC CLA VE . 33.53 71.61 23.32
CAC CLA VE . 35.63 70.82 25.82
CBC CLA VE . 36.45 72.09 25.85
ND CLA VE . 38.54 67.65 22.60
C1D CLA VE . 38.69 68.03 23.97
C2D CLA VE . 39.88 67.49 24.67
C3D CLA VE . 40.50 66.71 23.55
C4D CLA VE . 39.68 66.86 22.44
CMD CLA VE . 40.46 67.59 26.05
CAD CLA VE . 41.63 65.83 23.17
OBD CLA VE . 42.59 65.49 23.95
CBD CLA VE . 41.49 65.46 21.75
CGD CLA VE . 42.61 66.16 21.05
O1D CLA VE . 43.69 65.63 20.87
O2D CLA VE . 42.40 67.54 20.61
CED CLA VE . 43.28 68.57 21.06
MG CLA WE . 27.70 70.40 20.41
CHA CLA WE . 28.07 71.36 23.75
CHB CLA WE . 25.17 72.62 20.13
CHC CLA WE . 27.71 69.78 17.06
CHD CLA WE . 30.69 68.28 20.79
NA CLA WE . 26.81 71.79 21.68
C1A CLA WE . 26.96 72.01 22.94
C2A CLA WE . 25.95 72.95 23.58
C3A CLA WE . 25.05 73.28 22.41
C4A CLA WE . 25.73 72.50 21.34
CMA CLA WE . 23.68 72.65 22.64
CAA CLA WE . 26.52 74.29 24.07
CBA CLA WE . 27.31 75.06 23.00
CGA CLA WE . 27.46 76.51 23.37
O1A CLA WE . 26.53 77.15 23.81
O2A CLA WE . 28.75 77.16 23.20
NB CLA WE . 26.58 71.09 18.84
C1B CLA WE . 25.61 72.00 18.89
C2B CLA WE . 25.03 72.39 17.58
C3B CLA WE . 25.81 71.53 16.65
C4B CLA WE . 26.73 70.77 17.55
CMB CLA WE . 23.95 73.39 17.32
CAB CLA WE . 25.71 71.43 15.17
CBB CLA WE . 24.55 71.19 14.59
NC CLA WE . 28.97 69.31 19.20
C1C CLA WE . 28.75 69.13 17.88
C2C CLA WE . 29.69 68.16 17.23
C3C CLA WE . 30.55 67.73 18.34
C4C CLA WE . 30.02 68.50 19.49
CMC CLA WE . 29.76 67.71 15.80
CAC CLA WE . 31.71 66.76 18.31
CBC CLA WE . 31.16 65.39 18.66
ND CLA WE . 29.09 69.91 21.81
C1D CLA WE . 30.23 69.05 21.95
C2D CLA WE . 30.85 69.00 23.28
C3D CLA WE . 29.96 69.96 24.01
C4D CLA WE . 29.02 70.43 23.10
CMD CLA WE . 32.02 68.27 23.90
CAD CLA WE . 29.70 70.62 25.30
OBD CLA WE . 30.38 70.43 26.38
CBD CLA WE . 28.54 71.51 25.16
CGD CLA WE . 27.52 71.24 26.23
O1D CLA WE . 26.80 72.12 26.66
O2D CLA WE . 27.44 69.92 26.84
CED CLA WE . 26.82 69.81 28.12
MG CLA XE . 16.60 67.92 18.68
CHA CLA XE . 14.09 67.82 16.26
CHB CLA XE . 18.62 69.39 16.42
CHC CLA XE . 19.12 67.66 20.93
CHD CLA XE . 14.52 65.73 20.78
NA CLA XE . 16.42 68.46 16.69
C1A CLA XE . 15.40 68.46 15.90
C2A CLA XE . 15.61 69.20 14.58
C3A CLA XE . 17.07 69.58 14.70
C4A CLA XE . 17.38 69.10 16.04
CMA CLA XE . 17.81 68.67 13.72
CAA CLA XE . 14.81 70.52 14.61
CBA CLA XE . 15.43 71.80 14.05
CGA CLA XE . 15.54 71.70 12.54
O1A CLA XE . 16.54 72.10 11.96
O2A CLA XE . 14.47 71.02 11.85
NB CLA XE . 18.58 68.45 18.66
C1B CLA XE . 19.25 69.06 17.69
C2B CLA XE . 20.64 69.44 17.99
C3B CLA XE . 20.80 68.91 19.36
C4B CLA XE . 19.46 68.32 19.66
CMB CLA XE . 21.64 70.16 17.13
CAB CLA XE . 22.01 68.97 20.22
CBB CLA XE . 22.00 69.43 21.45
NC CLA XE . 16.75 66.92 20.46
C1C CLA XE . 17.87 66.94 21.22
C2C CLA XE . 17.81 66.14 22.45
C3C CLA XE . 16.47 65.56 22.40
C4C CLA XE . 15.90 66.11 21.14
CMC CLA XE . 18.85 65.94 23.51
CAC CLA XE . 15.86 64.65 23.42
CBC CLA XE . 16.02 63.24 22.90
ND CLA XE . 14.82 66.92 18.61
C1D CLA XE . 13.98 66.18 19.50
C2D CLA XE . 12.59 65.94 19.02
C3D CLA XE . 12.66 66.62 17.69
C4D CLA XE . 13.94 67.14 17.56
CMD CLA XE . 11.37 65.26 19.57
CAD CLA XE . 11.90 66.96 16.47
OBD CLA XE . 10.67 66.64 16.25
CBD CLA XE . 12.78 67.71 15.55
CGD CLA XE . 12.91 66.93 14.28
O1D CLA XE . 13.13 67.46 13.22
O2D CLA XE . 12.75 65.49 14.32
CED CLA XE . 13.61 64.69 13.51
C1 CLA XE . 14.75 70.28 10.68
C2 CLA XE . 14.68 71.23 9.51
C3 CLA XE . 13.60 71.31 8.72
C4 CLA XE . 12.40 70.44 8.95
C5 CLA XE . 13.63 72.29 7.58
C6 CLA XE . 14.40 73.55 7.93
C7 CLA XE . 14.08 74.67 6.95
C8 CLA XE . 15.24 75.64 6.92
C9 CLA XE . 15.26 76.53 8.15
C10 CLA XE . 15.17 76.49 5.65
C11 CLA XE . 13.86 77.22 5.54
C12 CLA XE . 13.88 78.15 4.34
C13 CLA XE . 12.52 78.82 4.16
C14 CLA XE . 12.31 79.12 2.69
C15 CLA XE . 12.47 80.06 5.03
C16 CLA XE . 11.10 80.74 5.03
C17 CLA XE . 10.96 81.59 6.28
C18 CLA XE . 10.10 82.84 6.05
C19 CLA XE . 9.93 83.64 7.33
C20 CLA XE . 8.75 82.48 5.46
MG CLA YE . 21.69 68.20 10.87
CHA CLA YE . 24.14 67.59 13.26
CHB CLA YE . 19.73 65.92 12.37
CHC CLA YE . 19.47 68.66 8.33
CHD CLA YE . 24.16 70.25 9.03
NA CLA YE . 21.90 66.94 12.50
C1A CLA YE . 22.82 66.85 13.40
C2A CLA YE . 22.53 65.97 14.57
C3A CLA YE . 21.15 65.44 14.22
C4A CLA YE . 20.92 66.16 12.94
CMA CLA YE . 21.28 63.95 13.91
CAA CLA YE . 22.32 66.80 15.85
CBA CLA YE . 21.75 66.02 17.02
CGA CLA YE . 22.82 65.21 17.69
O1A CLA YE . 23.68 65.74 18.38
O2A CLA YE . 22.85 63.77 17.56
NB CLA YE . 19.87 67.40 10.42
C1B CLA YE . 19.21 66.47 11.11
C2B CLA YE . 17.90 66.08 10.53
C3B CLA YE . 17.84 66.91 9.31
C4B CLA YE . 19.11 67.69 9.36
CMB CLA YE . 16.90 65.07 11.03
CAB CLA YE . 16.80 66.98 8.26
CBB CLA YE . 15.68 67.67 8.46
NC CLA YE . 21.82 69.20 9.07
C1C CLA YE . 20.79 69.30 8.21
C2C CLA YE . 21.05 70.15 7.02
C3C CLA YE . 22.43 70.61 7.24
C4C CLA YE . 22.79 69.97 8.53
CMC CLA YE . 20.13 70.48 5.87
CAC CLA YE . 23.28 71.51 6.39
CBC CLA YE . 23.98 70.59 5.43
ND CLA YE . 23.63 68.77 10.97
C1D CLA YE . 24.55 69.65 10.30
C2D CLA YE . 25.85 69.88 10.97
C3D CLA YE . 25.66 69.02 12.16
C4D CLA YE . 24.40 68.45 12.10
CMD CLA YE . 27.09 70.67 10.67
CAD CLA YE . 26.30 68.55 13.41
OBD CLA YE . 27.47 68.90 13.80
CBD CLA YE . 25.36 67.66 14.12
CGD CLA YE . 25.99 66.33 14.39
O1D CLA YE . 26.14 65.94 15.53
O2D CLA YE . 26.37 65.47 13.30
CED CLA YE . 26.19 64.06 13.45
C1 CLA YE . 24.10 63.13 17.34
C2 CLA YE . 24.00 62.24 16.13
C3 CLA YE . 24.06 60.91 16.27
C4 CLA YE . 24.22 60.27 17.62
C5 CLA YE . 23.95 60.04 15.04
C6 CLA YE . 24.71 60.59 13.86
C7 CLA YE . 23.83 60.56 12.62
C8 CLA YE . 24.61 60.19 11.36
C9 CLA YE . 25.78 61.15 11.12
C10 CLA YE . 23.66 60.18 10.17
C11 CLA YE . 23.10 61.57 9.93
C12 CLA YE . 21.72 61.55 9.30
C13 CLA YE . 21.13 62.94 9.31
C14 CLA YE . 19.67 62.95 8.88
C15 CLA YE . 21.98 63.85 8.42
C16 CLA YE . 22.25 65.19 9.10
C17 CLA YE . 23.25 66.03 8.33
C18 CLA YE . 24.69 65.60 8.58
C19 CLA YE . 25.00 65.52 10.07
C20 CLA YE . 25.66 66.56 7.90
MG CLA ZE . 32.29 79.07 0.53
CHA CLA ZE . 35.20 79.61 -1.27
CHB CLA ZE . 32.98 75.75 0.51
CHC CLA ZE . 29.71 78.65 2.69
CHD CLA ZE . 31.94 82.72 0.85
NA CLA ZE . 33.83 77.89 -0.20
C1A CLA ZE . 34.85 78.19 -0.93
C2A CLA ZE . 35.70 77.03 -1.42
C3A CLA ZE . 34.94 75.85 -0.86
C4A CLA ZE . 33.83 76.55 -0.14
CMA CLA ZE . 34.36 75.02 -2.02
CAA CLA ZE . 37.07 76.99 -0.72
CBA CLA ZE . 37.01 77.45 0.74
CGA CLA ZE . 38.35 77.45 1.42
O1A CLA ZE . 39.39 77.28 0.82
O2A CLA ZE . 38.37 77.69 2.85
NB CLA ZE . 31.46 77.44 1.43
C1B CLA ZE . 31.86 76.17 1.34
C2B CLA ZE . 31.11 75.21 2.21
C3B CLA ZE . 30.14 76.11 2.87
C4B CLA ZE . 30.44 77.44 2.30
CMB CLA ZE . 31.31 73.73 2.37
CAB CLA ZE . 29.08 75.80 3.86
CBB CLA ZE . 28.10 74.96 3.57
NC CLA ZE . 31.12 80.41 1.57
C1C CLA ZE . 30.09 80.03 2.34
C2C CLA ZE . 29.28 81.15 2.90
C3C CLA ZE . 29.94 82.35 2.35
C4C CLA ZE . 31.05 81.76 1.55
CMC CLA ZE . 28.07 81.09 3.79
CAC CLA ZE . 29.58 83.81 2.55
CBC CLA ZE . 30.44 84.33 3.68
ND CLA ZE . 33.26 80.78 0.03
C1D CLA ZE . 33.06 82.20 0.08
C2D CLA ZE . 34.02 83.03 -0.67
C3D CLA ZE . 34.90 81.95 -1.23
C4D CLA ZE . 34.39 80.74 -0.77
CMD CLA ZE . 34.22 84.50 -0.93
CAD CLA ZE . 36.08 81.67 -2.06
OBD CLA ZE . 36.81 82.55 -2.66
CBD CLA ZE . 36.29 80.20 -2.12
CGD CLA ZE . 36.14 79.77 -3.55
O1D CLA ZE . 35.08 79.33 -3.96
O2D CLA ZE . 37.26 79.88 -4.46
CED CLA ZE . 37.05 79.81 -5.87
C1 CLA ZE . 39.15 76.88 3.71
C2 CLA ZE . 39.00 77.45 5.09
C3 CLA ZE . 39.75 78.48 5.51
C4 CLA ZE . 40.78 79.12 4.61
C5 CLA ZE . 39.56 79.03 6.91
C6 CLA ZE . 39.25 80.51 6.90
MG CLA AF . 32.22 69.82 -3.74
CHA CLA AF . 28.83 70.52 -4.05
CHB CLA AF . 32.37 71.99 -1.17
CHC CLA AF . 35.36 68.67 -3.13
CHD CLA AF . 31.82 67.22 -6.33
NA CLA AF . 30.84 71.01 -2.74
C1A CLA AF . 29.61 71.26 -2.99
C2A CLA AF . 28.97 72.30 -2.09
C3A CLA AF . 30.13 72.79 -1.27
C4A CLA AF . 31.18 71.86 -1.77
CMA CLA AF . 30.47 74.19 -1.75
CAA CLA AF . 28.00 71.58 -1.12
CBA CLA AF . 28.18 71.70 0.40
CGA CLA AF . 28.66 70.43 1.07
O1A CLA AF . 29.19 69.54 0.44
O2A CLA AF . 28.47 70.28 2.50
NB CLA AF . 33.65 70.28 -2.36
C1B CLA AF . 33.58 71.20 -1.41
C2B CLA AF . 34.78 71.32 -0.54
C3B CLA AF . 35.66 70.30 -1.15
C4B CLA AF . 34.85 69.74 -2.25
CMB CLA AF . 35.02 72.24 0.63
CAB CLA AF . 37.03 69.86 -0.80
CBB CLA AF . 38.01 70.71 -0.64
NC CLA AF . 33.32 68.26 -4.54
C1C CLA AF . 34.58 68.00 -4.18
C2C CLA AF . 35.24 66.90 -4.95
C3C CLA AF . 34.19 66.49 -5.89
C4C CLA AF . 33.06 67.39 -5.55
CMC CLA AF . 36.63 66.35 -4.81
CAC CLA AF . 34.24 65.41 -6.95
CBC CLA AF . 34.62 66.08 -8.25
ND CLA AF . 30.78 68.98 -4.90
C1D CLA AF . 30.65 68.02 -5.95
C2D CLA AF . 29.32 67.90 -6.57
C3D CLA AF . 28.59 68.93 -5.79
C4D CLA AF . 29.48 69.47 -4.86
CMD CLA AF . 28.70 67.06 -7.66
CAD CLA AF . 27.28 69.59 -5.60
OBD CLA AF . 26.21 69.33 -6.26
CBD CLA AF . 27.40 70.58 -4.51
CGD CLA AF . 26.91 71.93 -4.91
O1D CLA AF . 25.72 72.15 -5.00
O2D CLA AF . 27.84 73.01 -5.15
CED CLA AF . 27.42 74.34 -4.85
MG CLA BF . 42.73 70.14 -2.71
CHA CLA BF . 40.23 72.52 -2.46
CHB CLA BF . 44.44 71.76 -0.29
CHC CLA BF . 45.00 67.62 -2.87
CHD CLA BF . 40.50 68.17 -4.91
NA CLA BF . 42.39 71.83 -1.54
C1A CLA BF . 41.43 72.70 -1.56
C2A CLA BF . 41.59 73.92 -0.67
C3A CLA BF . 42.91 73.61 0.03
C4A CLA BF . 43.28 72.32 -0.66
CMA CLA BF . 43.92 74.74 0.01
CAA CLA BF . 40.55 74.20 0.41
CBA CLA BF . 40.11 72.96 1.17
CGA CLA BF . 38.84 73.30 1.91
O1A CLA BF . 38.11 74.19 1.52
O2A CLA BF . 38.49 72.56 3.11
NB CLA BF . 44.47 69.76 -1.73
C1B CLA BF . 45.03 70.49 -0.77
C2B CLA BF . 46.31 69.94 -0.23
C3B CLA BF . 46.45 68.70 -1.02
C4B CLA BF . 45.27 68.70 -1.91
CMB CLA BF . 47.21 70.48 0.84
CAB CLA BF . 47.51 67.67 -0.98
CBB CLA BF . 48.73 67.95 -1.41
NC CLA BF . 42.71 68.30 -3.65
C1C CLA BF . 43.76 67.45 -3.64
C2C CLA BF . 43.62 66.24 -4.49
C3C CLA BF . 42.28 66.42 -5.09
C4C CLA BF . 41.83 67.71 -4.50
CMC CLA BF . 44.58 65.11 -4.70
CAC CLA BF . 41.56 65.51 -6.06
CBC CLA BF . 40.70 64.59 -5.22
ND CLA BF . 40.85 70.19 -3.47
C1D CLA BF . 40.06 69.47 -4.42
C2D CLA BF . 38.81 70.14 -4.83
C3D CLA BF . 38.90 71.38 -4.03
C4D CLA BF . 40.08 71.33 -3.31
CMD CLA BF . 37.70 69.78 -5.76
CAD CLA BF . 38.21 72.64 -3.70
OBD CLA BF . 37.09 73.04 -4.20
CBD CLA BF . 39.05 73.40 -2.74
CGD CLA BF . 39.50 74.61 -3.48
O1D CLA BF . 40.36 74.55 -4.34
O2D CLA BF . 38.88 75.88 -3.19
CED CLA BF . 38.53 76.77 -4.24
MG CLA CF . 10.24 83.83 20.56
CHA CLA CF . 8.83 85.65 23.17
CHB CLA CF . 8.05 81.34 21.22
CHC CLA CF . 11.29 82.33 17.69
CHD CLA CF . 12.25 86.79 19.71
NA CLA CF . 8.68 83.56 21.91
C1A CLA CF . 8.29 84.27 22.91
C2A CLA CF . 7.24 83.65 23.79
C3A CLA CF . 7.05 82.28 23.18
C4A CLA CF . 7.99 82.40 22.03
CMA CLA CF . 7.66 81.29 24.18
CAA CLA CF . 5.89 84.32 23.54
CBA CLA CF . 4.90 84.05 24.65
CGA CLA CF . 3.55 83.89 24.01
O1A CLA CF . 2.62 83.40 24.64
O2A CLA CF . 3.35 84.30 22.63
NB CLA CF . 9.76 82.08 19.62
C1B CLA CF . 8.85 81.19 20.00
C2B CLA CF . 8.64 80.08 19.05
C3B CLA CF . 9.61 80.39 17.99
C4B CLA CF . 10.25 81.65 18.46
CMB CLA CF . 7.69 78.92 19.18
CAB CLA CF . 9.91 79.64 16.75
CBB CLA CF . 10.42 78.42 16.79
NC CLA CF . 11.49 84.45 19.05
C1C CLA CF . 11.79 83.69 17.97
C2C CLA CF . 12.72 84.31 17.01
C3C CLA CF . 13.00 85.62 17.61
C4C CLA CF . 12.19 85.60 18.85
CMC CLA CF . 13.26 83.74 15.72
CAC CLA CF . 13.89 86.74 17.09
CBC CLA CF . 15.26 86.53 17.68
ND CLA CF . 10.51 85.76 21.16
C1D CLA CF . 11.36 86.87 20.87
C2D CLA CF . 11.25 88.03 21.79
C3D CLA CF . 10.20 87.51 22.72
C4D CLA CF . 9.85 86.25 22.28
CMD CLA CF . 11.89 89.38 21.89
CAD CLA CF . 9.40 87.83 23.92
OBD CLA CF . 9.44 88.92 24.59
CBD CLA CF . 8.53 86.67 24.21
CGD CLA CF . 8.64 86.20 25.63
O1D CLA CF . 9.70 85.90 26.13
O2D CLA CF . 7.41 86.12 26.40
CED CLA CF . 7.45 85.85 27.80
MG CLA DF . 25.40 79.42 26.20
CHA CLA DF . 25.45 76.57 28.19
CHB CLA DF . 27.91 80.67 28.09
CHC CLA DF . 25.77 81.85 23.87
CHD CLA DF . 22.91 77.76 24.04
NA CLA DF . 26.53 78.73 27.82
C1A CLA DF . 26.40 77.68 28.54
C2A CLA DF . 27.30 77.61 29.77
C3A CLA DF . 28.01 78.94 29.71
C4A CLA DF . 27.43 79.48 28.45
CMA CLA DF . 27.51 79.80 30.87
CAA CLA DF . 28.39 76.51 29.70
CBA CLA DF . 29.58 76.77 28.78
CGA CLA DF . 29.79 75.65 27.77
O1A CLA DF . 29.88 74.49 28.12
O2A CLA DF . 29.88 75.98 26.36
NB CLA DF . 26.68 81.00 26.01
C1B CLA DF . 27.56 81.44 26.89
C2B CLA DF . 28.21 82.74 26.57
C3B CLA DF . 27.54 83.09 25.30
C4B CLA DF . 26.64 81.94 25.05
CMB CLA DF . 29.24 83.50 27.35
CAB CLA DF . 27.74 84.28 24.43
CBB CLA DF . 28.86 84.41 23.74
NC CLA DF . 24.53 79.70 24.35
C1C CLA DF . 24.81 80.76 23.58
C2C CLA DF . 24.05 80.83 22.32
C3C CLA DF . 23.20 79.62 22.36
C4C CLA DF . 23.59 79.02 23.66
CMC CLA DF . 24.16 81.88 21.25
CAC CLA DF . 22.20 79.13 21.34
CBC CLA DF . 22.94 78.16 20.43
ND CLA DF . 24.41 77.65 26.04
C1D CLA DF . 23.40 77.04 25.21
C2D CLA DF . 22.93 75.71 25.66
C3D CLA DF . 23.77 75.53 26.87
C4D CLA DF . 24.58 76.65 27.00
CMD CLA DF . 21.93 74.69 25.18
CAD CLA DF . 24.11 74.61 27.99
OBD CLA DF . 23.58 73.46 28.20
CBD CLA DF . 25.16 75.24 28.82
CGD CLA DF . 24.74 75.29 30.26
O1D CLA DF . 24.21 76.28 30.74
O2D CLA DF . 25.00 74.13 31.09
CED CLA DF . 24.05 73.72 32.07
C1 CLA DF . 31.03 75.61 25.61
C2 CLA DF . 30.61 74.76 24.44
C3 CLA DF . 31.28 74.77 23.28
C4 CLA DF . 32.47 75.66 23.08
C5 CLA DF . 30.82 73.90 22.13
C6 CLA DF . 30.43 74.72 20.92
C7 CLA DF . 30.03 73.84 19.74
C8 CLA DF . 29.51 74.72 18.60
C9 CLA DF . 27.98 74.68 18.55
C10 CLA DF . 30.11 74.30 17.26
C11 CLA DF . 29.65 72.91 16.81
C12 CLA DF . 29.08 72.97 15.40
C13 CLA DF . 30.06 73.54 14.38
C14 CLA DF . 29.35 74.05 13.13
C15 CLA DF . 31.11 72.48 14.04
C16 CLA DF . 30.49 71.30 13.29
C17 CLA DF . 31.46 70.14 13.20
C18 CLA DF . 32.55 70.37 12.16
C19 CLA DF . 31.95 70.58 10.77
C20 CLA DF . 33.55 69.24 12.15
MG CLA EF . -0.95 81.95 18.38
CHA CLA EF . 0.14 81.15 21.59
CHB CLA EF . -4.10 81.48 19.40
CHC CLA EF . -1.91 83.10 15.35
CHD CLA EF . 2.56 82.67 17.49
NA CLA EF . -1.85 81.45 20.18
C1A CLA EF . -1.34 81.12 21.33
C2A CLA EF . -2.34 80.66 22.38
C3A CLA EF . -3.65 80.75 21.64
C4A CLA EF . -3.16 81.26 20.32
CMA CLA EF . -4.20 79.34 21.45
CAA CLA EF . -2.46 81.58 23.62
CBA CLA EF . -3.21 82.89 23.46
CGA CLA EF . -2.22 84.02 23.38
O1A CLA EF . -2.58 85.18 23.46
O2A CLA EF . -0.82 83.72 23.21
NB CLA EF . -2.77 82.25 17.50
C1B CLA EF . -3.94 81.98 18.04
C2B CLA EF . -5.11 82.26 17.17
C3B CLA EF . -4.47 82.75 15.93
C4B CLA EF . -3.00 82.70 16.26
CMB CLA EF . -6.57 82.07 17.48
CAB CLA EF . -5.19 83.18 14.70
CBB CLA EF . -4.70 83.31 13.48
NC CLA EF . 0.11 82.75 16.81
C1C CLA EF . -0.48 83.09 15.64
C2C CLA EF . 0.46 83.49 14.56
C3C CLA EF . 1.79 83.36 15.20
C4C CLA EF . 1.44 82.90 16.57
CMC CLA EF . 0.15 83.92 13.15
CAC CLA EF . 3.15 83.63 14.61
CBC CLA EF . 3.53 85.05 14.97
ND CLA EF . 0.90 81.98 19.22
C1D CLA EF . 2.26 82.22 18.84
C2D CLA EF . 3.28 81.96 19.89
C3D CLA EF . 2.39 81.53 21.00
C4D CLA EF . 1.08 81.59 20.54
CMD CLA EF . 4.77 82.06 19.96
CAD CLA EF . 2.36 81.07 22.40
OBD CLA EF . 3.39 80.91 23.16
CBD CLA EF . 0.96 80.84 22.80
CGD CLA EF . 0.82 79.42 23.24
O1D CLA EF . 0.29 78.57 22.54
O2D CLA EF . 1.30 79.05 24.56
CED CLA EF . 1.06 77.74 25.07
C1 CLA EF . 0.10 84.79 23.03
C2 CLA EF . 0.20 85.14 21.56
C3 CLA EF . 1.39 85.24 20.94
C4 CLA EF . 2.67 85.04 21.69
C5 CLA EF . 1.44 85.59 19.47
C6 CLA EF . 0.15 86.18 18.94
C7 CLA EF . 0.09 86.12 17.41
C8 CLA EF . 0.99 87.19 16.80
C9 CLA EF . 0.23 87.98 15.74
MG CLA FF . 6.73 76.08 16.88
CHA CLA FF . 9.73 74.34 16.88
CHB CLA FF . 7.41 77.10 13.74
CHC CLA FF . 4.06 78.14 17.13
CHD CLA FF . 6.34 75.18 20.43
NA CLA FF . 8.30 75.82 15.56
C1A CLA FF . 9.32 75.05 15.62
C2A CLA FF . 10.11 74.89 14.36
C3A CLA FF . 9.39 75.81 13.41
C4A CLA FF . 8.29 76.26 14.30
CMA CLA FF . 10.31 77.01 13.21
CAA CLA FF . 9.82 73.49 13.81
CBA CLA FF . 11.13 72.74 13.60
CGA CLA FF . 11.70 73.30 12.33
O1A CLA FF . 12.90 73.43 12.16
O2A CLA FF . 10.78 73.71 11.28
NB CLA FF . 5.87 77.43 15.61
C1B CLA FF . 6.24 77.71 14.36
C2B CLA FF . 5.38 78.69 13.66
C3B CLA FF . 4.37 79.01 14.69
C4B CLA FF . 4.78 78.16 15.85
CMB CLA FF . 5.51 79.23 12.26
CAB CLA FF . 3.21 79.93 14.64
CBB CLA FF . 2.23 79.73 13.77
NC CLA FF . 5.49 76.56 18.46
C1C CLA FF . 4.43 77.37 18.33
C2C CLA FF . 3.59 77.49 19.54
C3C CLA FF . 4.26 76.62 20.51
C4C CLA FF . 5.42 76.11 19.74
CMC CLA FF . 2.34 78.30 19.73
CAC CLA FF . 3.87 76.32 21.93
CBC CLA FF . 2.77 75.29 21.94
ND CLA FF . 7.70 75.07 18.35
C1D CLA FF . 7.52 74.72 19.73
C2D CLA FF . 8.61 73.89 20.32
C3D CLA FF . 9.51 73.76 19.14
C4D CLA FF . 8.92 74.46 18.10
CMD CLA FF . 8.89 73.29 21.66
CAD CLA FF . 10.78 73.18 18.65
OBD CLA FF . 11.60 72.47 19.35
CBD CLA FF . 10.95 73.55 17.24
CGD CLA FF . 12.22 74.32 17.02
O1D CLA FF . 13.00 73.97 16.16
O2D CLA FF . 12.51 75.50 17.80
CED CLA FF . 13.58 76.31 17.37
C1 CLA FF . 11.24 73.79 9.96
C2 CLA FF . 11.59 75.20 9.56
C3 CLA FF . 10.94 75.80 8.56
C4 CLA FF . 9.83 75.09 7.82
C5 CLA FF . 11.31 77.21 8.15
C6 CLA FF . 10.33 78.29 8.57
C7 CLA FF . 10.58 78.71 10.00
C8 CLA FF . 11.14 80.12 10.18
C9 CLA FF . 12.58 80.23 9.75
C10 CLA FF . 10.99 80.46 11.66
C11 CLA FF . 11.27 81.94 11.93
C12 CLA FF . 10.35 82.88 11.15
C13 CLA FF . 9.09 83.32 11.91
C14 CLA FF . 9.25 83.37 13.43
C15 CLA FF . 7.90 82.46 11.50
C16 CLA FF . 6.89 83.25 10.68
C17 CLA FF . 6.05 84.16 11.57
C18 CLA FF . 6.18 85.61 11.12
C19 CLA FF . 5.52 86.55 12.13
C20 CLA FF . 5.62 85.83 9.73
MG CLA GF . 8.89 85.40 -2.72
CHA CLA GF . 11.59 86.88 -4.32
CHB CLA GF . 10.93 83.00 -1.58
CHC CLA GF . 6.35 84.39 -0.70
CHD CLA GF . 6.79 88.22 -3.84
NA CLA GF . 10.92 85.03 -2.87
C1A CLA GF . 11.85 85.60 -3.57
C2A CLA GF . 13.18 84.87 -3.60
C3A CLA GF . 12.90 83.64 -2.75
C4A CLA GF . 11.48 83.92 -2.37
CMA CLA GF . 12.88 82.41 -3.65
CAA CLA GF . 14.37 85.62 -2.98
CBA CLA GF . 14.37 85.71 -1.45
CGA CLA GF . 15.30 86.80 -1.01
O1A CLA GF . 16.09 87.32 -1.78
O2A CLA GF . 15.27 87.25 0.38
NB CLA GF . 8.69 83.92 -1.35
C1B CLA GF . 9.58 83.00 -1.03
C2B CLA GF . 9.13 82.00 -0.01
C3B CLA GF . 7.74 82.45 0.25
C4B CLA GF . 7.59 83.63 -0.64
CMB CLA GF . 9.92 80.87 0.55
CAB CLA GF . 6.67 81.94 1.14
CBB CLA GF . 6.52 80.67 1.47
NC CLA GF . 7.01 86.17 -2.36
C1C CLA GF . 6.13 85.58 -1.52
C2C CLA GF . 4.80 86.23 -1.43
C3C CLA GF . 4.93 87.37 -2.36
C4C CLA GF . 6.32 87.22 -2.87
CMC CLA GF . 3.63 85.80 -0.60
CAC CLA GF . 3.92 88.43 -2.72
CBC CLA GF . 3.02 87.80 -3.77
ND CLA GF . 9.04 87.14 -3.77
C1D CLA GF . 8.21 88.21 -4.22
C2D CLA GF . 8.87 89.25 -5.03
C3D CLA GF . 10.25 88.70 -5.06
C4D CLA GF . 10.27 87.53 -4.29
CMD CLA GF . 8.44 90.52 -5.72
CAD CLA GF . 11.63 88.92 -5.55
OBD CLA GF . 12.03 89.91 -6.27
CBD CLA GF . 12.49 87.81 -5.08
CGD CLA GF . 13.17 87.14 -6.22
O1D CLA GF . 14.39 87.25 -6.37
O2D CLA GF . 12.43 86.31 -7.15
CED CLA GF . 13.11 85.21 -7.73
MG CLA HF . -2.69 87.37 -4.65
CHA CLA HF . -3.79 90.18 -6.39
CHB CLA HF . -0.81 89.39 -2.72
CHC CLA HF . -1.97 84.64 -2.76
CHD CLA HF . -5.13 85.36 -6.57
NA CLA HF . -2.37 89.42 -4.54
C1A CLA HF . -2.80 90.39 -5.28
C2A CLA HF . -2.20 91.76 -4.98
C3A CLA HF . -1.26 91.45 -3.84
C4A CLA HF . -1.50 89.98 -3.69
CMA CLA HF . 0.19 91.69 -4.25
CAA CLA HF . -3.22 92.79 -4.44
CBA CLA HF . -4.18 92.17 -3.43
CGA CLA HF . -4.96 93.24 -2.72
O1A CLA HF . -4.53 94.38 -2.62
O2A CLA HF . -6.26 92.91 -2.14
NB CLA HF . -1.56 87.07 -2.98
C1B CLA HF . -0.83 87.98 -2.34
C2B CLA HF . -0.05 87.47 -1.19
C3B CLA HF . -0.39 86.03 -1.20
C4B CLA HF . -1.34 85.90 -2.35
CMB CLA HF . 0.87 88.23 -0.27
CAB CLA HF . 0.09 84.97 -0.26
CBB CLA HF . -0.70 84.16 0.39
NC CLA HF . -3.42 85.44 -4.67
C1C CLA HF . -2.99 84.49 -3.83
C2C CLA HF . -3.61 83.16 -4.01
C3C CLA HF . -4.54 83.37 -5.14
C4C CLA HF . -4.33 84.81 -5.46
CMC CLA HF . -3.35 81.89 -3.24
CAC CLA HF . -5.48 82.39 -5.81
CBC CLA HF . -6.84 82.50 -5.17
ND CLA HF . -4.14 87.60 -6.06
C1D CLA HF . -5.01 86.79 -6.85
C2D CLA HF . -5.74 87.49 -7.93
C3D CLA HF . -5.22 88.87 -7.73
C4D CLA HF . -4.35 88.83 -6.66
CMD CLA HF . -6.72 87.09 -8.99
CAD CLA HF . -5.30 90.27 -8.22
OBD CLA HF . -6.02 90.68 -9.20
CBD CLA HF . -4.41 91.11 -7.39
CGD CLA HF . -3.38 91.74 -8.28
O1D CLA HF . -3.12 92.93 -8.19
O2D CLA HF . -2.67 90.93 -9.25
CED CLA HF . -1.29 91.16 -9.49
MG CLA IF . 11.34 93.24 -4.02
CHA CLA IF . 14.17 94.86 -5.18
CHB CLA IF . 13.33 90.77 -2.85
CHC CLA IF . 8.59 91.94 -2.49
CHD CLA IF . 9.35 96.19 -4.96
NA CLA IF . 13.39 92.88 -3.97
C1A CLA IF . 14.38 93.52 -4.52
C2A CLA IF . 15.73 92.85 -4.45
C3A CLA IF . 15.40 91.55 -3.73
C4A CLA IF . 13.94 91.75 -3.51
CMA CLA IF . 15.63 90.36 -4.66
CAA CLA IF . 16.74 93.57 -3.53
CBA CLA IF . 16.06 94.18 -2.31
CGA CLA IF . 17.02 94.88 -1.39
O1A CLA IF . 18.18 95.06 -1.69
O2A CLA IF . 16.54 95.40 -0.12
NB CLA IF . 11.01 91.58 -2.89
C1B CLA IF . 11.91 90.71 -2.47
C2B CLA IF . 11.42 89.72 -1.50
C3B CLA IF . 9.98 90.08 -1.39
C4B CLA IF . 9.87 91.24 -2.30
CMB CLA IF . 12.20 88.63 -0.84
CAB CLA IF . 8.86 89.51 -0.60
CBB CLA IF . 8.66 88.21 -0.50
NC CLA IF . 9.43 93.95 -3.75
C1C CLA IF . 8.45 93.23 -3.17
C2C CLA IF . 7.10 93.83 -3.23
C3C CLA IF . 7.33 95.09 -3.96
C4C CLA IF . 8.79 95.05 -4.22
CMC CLA IF . 5.81 93.27 -2.67
CAC CLA IF . 6.34 96.15 -4.36
CBC CLA IF . 5.59 95.59 -5.54
ND CLA IF . 11.59 95.09 -4.81
C1D CLA IF . 10.80 96.20 -5.23
C2D CLA IF . 11.52 97.29 -5.93
C3D CLA IF . 12.90 96.72 -5.90
C4D CLA IF . 12.85 95.50 -5.24
CMD CLA IF . 11.16 98.62 -6.54
CAD CLA IF . 14.31 96.97 -6.28
OBD CLA IF . 14.75 98.00 -6.89
CBD CLA IF . 15.12 95.80 -5.84
CGD CLA IF . 15.84 95.21 -7.01
O1D CLA IF . 15.24 94.78 -7.98
O2D CLA IF . 17.29 95.17 -6.98
CED CLA IF . 18.05 95.54 -8.12
C1 CLA IF . 17.16 95.04 1.11
C2 CLA IF . 16.08 94.50 2.02
C3 CLA IF . 15.22 95.35 2.59
C4 CLA IF . 14.14 94.85 3.50
MG CLA JF . -9.60 74.03 -6.52
CHA CLA JF . -10.83 72.90 -9.59
CHB CLA JF . -9.79 77.19 -7.66
CHC CLA JF . -8.86 75.04 -3.35
CHD CLA JF . -9.97 70.58 -5.27
NA CLA JF . -10.25 74.91 -8.27
C1A CLA JF . -10.60 74.39 -9.41
C2A CLA JF . -10.81 75.36 -10.55
C3A CLA JF . -10.45 76.69 -9.89
C4A CLA JF . -10.13 76.23 -8.51
CMA CLA JF . -9.24 77.34 -10.55
CAA CLA JF . -12.27 75.48 -11.01
CBA CLA JF . -13.31 75.71 -9.92
CGA CLA JF . -13.85 74.42 -9.34
O1A CLA JF . -14.32 73.54 -10.04
O2A CLA JF . -13.77 74.26 -7.91
NB CLA JF . -9.33 75.85 -5.65
C1B CLA JF . -9.48 77.03 -6.23
C2B CLA JF . -9.39 78.21 -5.31
C3B CLA JF . -9.12 77.54 -4.01
C4B CLA JF . -9.10 76.10 -4.35
CMB CLA JF . -9.54 79.67 -5.68
CAB CLA JF . -8.91 78.10 -2.64
CBB CLA JF . -8.24 79.21 -2.40
NC CLA JF . -9.43 73.01 -4.73
C1C CLA JF . -9.17 73.62 -3.55
C2C CLA JF . -9.20 72.71 -2.37
C3C CLA JF . -9.53 71.39 -2.96
C4C CLA JF . -9.64 71.71 -4.40
CMC CLA JF . -8.97 72.98 -0.92
CAC CLA JF . -9.71 70.07 -2.26
CBC CLA JF . -8.38 69.37 -2.32
ND CLA JF . -10.25 72.21 -7.14
C1D CLA JF . -10.31 70.86 -6.64
C2D CLA JF . -10.73 69.83 -7.60
C3D CLA JF . -10.94 70.68 -8.80
C4D CLA JF . -10.65 71.99 -8.44
CMD CLA JF . -10.91 68.34 -7.50
CAD CLA JF . -11.36 70.68 -10.23
OBD CLA JF . -11.68 69.64 -10.89
CBD CLA JF . -11.28 72.06 -10.74
CGD CLA JF . -10.33 72.06 -11.92
O1D CLA JF . -10.50 71.30 -12.85
O2D CLA JF . -9.19 72.96 -12.01
CED CLA JF . -8.93 73.55 -13.28
C1 CLA JF . -13.89 72.99 -7.25
C2 CLA JF . -13.34 73.23 -5.88
C3 CLA JF . -13.48 72.37 -4.87
C4 CLA JF . -14.23 71.08 -5.06
C5 CLA JF . -12.89 72.69 -3.52
C6 CLA JF . -13.78 72.23 -2.37
C7 CLA JF . -13.90 73.31 -1.31
C8 CLA JF . -12.90 73.10 -0.18
C9 CLA JF . -13.64 72.71 1.10
MG CLA KF . -1.00 67.45 -5.32
CHA CLA KF . 1.93 65.93 -6.35
CHB CLA KF . -1.16 69.02 -8.29
CHC CLA KF . -3.99 68.69 -4.32
CHD CLA KF . -0.92 65.31 -2.30
NA CLA KF . 0.15 67.45 -7.04
C1A CLA KF . 1.27 66.90 -7.31
C2A CLA KF . 1.89 67.25 -8.65
C3A CLA KF . 0.91 68.28 -9.18
C4A CLA KF . -0.10 68.25 -8.09
CMA CLA KF . 1.62 69.64 -9.18
CAA CLA KF . 1.91 66.04 -9.61
CBA CLA KF . 1.15 66.07 -10.95
CGA CLA KF . -0.23 65.45 -10.81
O1A CLA KF . -0.82 65.02 -11.79
O2A CLA KF . -0.86 65.38 -9.51
NB CLA KF . -2.38 68.68 -6.19
C1B CLA KF . -2.30 69.23 -7.40
C2B CLA KF . -3.45 70.07 -7.79
C3B CLA KF . -4.30 69.97 -6.59
C4B CLA KF . -3.54 69.08 -5.67
CMB CLA KF . -3.64 70.80 -9.08
CAB CLA KF . -5.63 70.59 -6.37
CBB CLA KF . -6.69 69.84 -6.12
NC CLA KF . -2.20 67.02 -3.70
C1C CLA KF . -3.33 67.72 -3.42
C2C CLA KF . -3.90 67.44 -2.08
C3C CLA KF . -2.99 66.45 -1.50
C4C CLA KF . -2.00 66.27 -2.58
CMC CLA KF . -5.12 68.02 -1.42
CAC CLA KF . -3.05 65.78 -0.15
CBC CLA KF . -2.26 66.63 0.82
ND CLA KF . 0.10 65.96 -4.49
C1D CLA KF . 0.17 65.21 -3.27
C2D CLA KF . 1.37 64.37 -3.09
C3D CLA KF . 2.06 64.67 -4.37
C4D CLA KF . 1.29 65.58 -5.08
CMD CLA KF . 1.88 63.43 -2.03
CAD CLA KF . 3.28 64.40 -5.16
OBD CLA KF . 4.22 63.61 -4.80
CBD CLA KF . 3.22 65.17 -6.41
CGD CLA KF . 4.41 66.08 -6.53
O1D CLA KF . 4.43 67.18 -6.02
O2D CLA KF . 5.58 65.61 -7.26
CED CLA KF . 6.84 66.21 -7.07
C1 CLA KF . -2.26 65.63 -9.43
C2 CLA KF . -2.67 65.74 -7.98
C3 CLA KF . -3.16 64.68 -7.32
C4 CLA KF . -3.33 63.35 -8.01
C5 CLA KF . -3.57 64.79 -5.88
C6 CLA KF . -5.04 64.45 -5.67
C7 CLA KF . -5.71 65.50 -4.81
C8 CLA KF . -7.20 65.21 -4.62
C9 CLA KF . -7.58 65.30 -3.15
MG CLA LF . 5.71 72.17 -1.64
CHA CLA LF . 8.07 73.28 -3.89
CHB CLA LF . 5.17 69.50 -3.64
CHC CLA LF . 3.83 70.82 0.87
CHD CLA LF . 6.66 74.92 0.62
NA CLA LF . 6.51 71.46 -3.42
C1A CLA LF . 7.31 72.04 -4.25
C2A CLA LF . 7.49 71.33 -5.57
C3A CLA LF . 6.49 70.20 -5.51
C4A CLA LF . 6.02 70.41 -4.10
CMA CLA LF . 5.34 70.49 -6.47
CAA CLA LF . 8.89 70.65 -5.59
CBA CLA LF . 9.16 69.20 -5.14
CGA CLA LF . 8.96 68.82 -3.69
O1A CLA LF . 8.83 69.68 -2.84
O2A CLA LF . 8.85 67.41 -3.37
NB CLA LF . 4.61 70.46 -1.45
C1B CLA LF . 4.58 69.45 -2.31
C2B CLA LF . 4.00 68.20 -1.77
C3B CLA LF . 3.60 68.60 -0.42
C4B CLA LF . 4.03 70.01 -0.34
CMB CLA LF . 3.84 66.88 -2.46
CAB CLA LF . 2.93 67.79 0.63
CBB CLA LF . 1.65 67.47 0.50
NC CLA LF . 5.37 72.74 0.32
C1C CLA LF . 4.53 72.08 1.13
C2C CLA LF . 4.31 72.71 2.45
C3C CLA LF . 5.14 73.92 2.37
C4C CLA LF . 5.74 73.83 1.02
CMC CLA LF . 3.44 72.24 3.58
CAC CLA LF . 5.32 74.97 3.44
CBC CLA LF . 6.56 74.58 4.21
ND CLA LF . 7.00 73.72 -1.54
C1D CLA LF . 7.35 74.79 -0.66
C2D CLA LF . 8.43 75.69 -1.14
C3D CLA LF . 8.72 75.07 -2.45
C4D CLA LF . 7.90 73.95 -2.58
CMD CLA LF . 9.13 76.92 -0.61
CAD CLA LF . 9.55 75.14 -3.68
OBD CLA LF . 10.45 76.02 -3.93
CBD CLA LF . 9.17 74.03 -4.58
CGD CLA LF . 8.70 74.59 -5.88
O1D CLA LF . 7.52 74.61 -6.19
O2D CLA LF . 9.67 75.15 -6.80
CED CLA LF . 9.20 75.98 -7.84
C1 CLA LF . 7.56 66.85 -3.14
C2 CLA LF . 7.40 66.43 -1.70
C3 CLA LF . 6.97 65.21 -1.37
C4 CLA LF . 6.61 64.19 -2.42
C5 CLA LF . 6.83 64.82 0.08
C6 CLA LF . 5.88 65.73 0.84
C7 CLA LF . 6.48 66.12 2.19
C8 CLA LF . 5.47 66.88 3.04
C9 CLA LF . 6.19 67.79 4.03
C10 CLA LF . 4.53 65.93 3.76
C11 CLA LF . 5.29 64.84 4.51
C12 CLA LF . 4.38 64.12 5.51
C13 CLA LF . 5.00 62.78 5.93
C14 CLA LF . 4.56 61.66 4.99
C15 CLA LF . 4.63 62.48 7.37
C16 CLA LF . 3.16 62.16 7.56
C17 CLA LF . 2.87 61.76 8.99
C18 CLA LF . 1.38 61.50 9.21
C19 CLA LF . 0.57 62.74 8.85
C20 CLA LF . 1.10 61.08 10.64
MG CLA MF . -8.26 80.18 13.28
CHA CLA MF . -8.59 78.95 16.54
CHB CLA MF . -11.50 80.98 13.30
CHC CLA MF . -7.74 81.59 10.25
CHD CLA MF . -4.63 79.54 13.54
NA CLA MF . -9.79 80.02 14.68
C1A CLA MF . -9.83 79.50 15.87
C2A CLA MF . -11.21 79.43 16.50
C3A CLA MF . -12.09 80.07 15.44
C4A CLA MF . -11.05 80.38 14.41
CMA CLA MF . -13.09 79.08 14.87
CAA CLA MF . -11.46 80.08 17.88
CBA CLA MF . -11.79 81.56 17.86
CGA CLA MF . -10.50 82.33 17.95
O1A CLA MF . -9.80 82.48 16.96
O2A CLA MF . -10.11 82.87 19.22
NB CLA MF . -9.45 81.18 11.98
C1B CLA MF . -10.76 81.37 12.09
C2B CLA MF . -11.43 81.93 10.89
C3B CLA MF . -10.28 82.11 9.96
C4B CLA MF . -9.12 81.62 10.76
CMB CLA MF . -12.87 82.26 10.64
CAB CLA MF . -10.30 82.67 8.58
CBB CLA MF . -9.51 83.63 8.15
NC CLA MF . -6.55 80.52 12.19
C1C CLA MF . -6.56 81.04 10.95
C2C CLA MF . -5.27 81.06 10.24
C3C CLA MF . -4.34 80.45 11.21
C4C CLA MF . -5.24 80.16 12.36
CMC CLA MF . -4.95 81.56 8.86
CAC CLA MF . -2.87 80.18 11.07
CBC CLA MF . -2.15 81.33 11.72
ND CLA MF . -6.89 79.49 14.62
C1D CLA MF . -5.49 79.21 14.67
C2D CLA MF . -5.01 78.56 15.89
C3D CLA MF . -6.28 78.48 16.66
C4D CLA MF . -7.28 79.02 15.86
CMD CLA MF . -3.67 78.10 16.38
CAD CLA MF . -6.89 78.02 17.93
OBD CLA MF . -6.26 77.48 18.90
CBD CLA MF . -8.34 78.33 17.88
CGD CLA MF . -9.14 77.09 18.11
O1D CLA MF . -9.78 76.95 19.14
O2D CLA MF . -9.17 76.02 17.13
CED CLA MF . -10.08 74.94 17.34
C1 CLA MF . -10.72 84.07 19.70
C2 CLA MF . -10.60 85.10 18.60
C3 CLA MF . -9.49 85.83 18.45
C4 CLA MF . -8.30 85.65 19.35
C5 CLA MF . -9.41 86.84 17.33
C6 CLA MF . -8.37 86.43 16.30
C7 CLA MF . -8.85 85.27 15.44
C8 CLA MF . -9.71 85.74 14.27
C9 CLA MF . -11.16 85.28 14.43
C10 CLA MF . -9.11 85.21 12.98
C11 CLA MF . -9.29 86.22 11.85
C12 CLA MF . -8.39 85.91 10.67
C13 CLA MF . -6.91 86.11 11.01
C14 CLA MF . -6.64 87.54 11.45
C15 CLA MF . -6.07 85.74 9.81
C16 CLA MF . -4.66 85.30 10.21
MG CLA NF . -3.34 64.95 11.54
CHA CLA NF . -4.51 62.88 14.09
CHB CLA NF . -0.22 64.47 12.68
CHC CLA NF . -2.25 66.62 8.78
CHD CLA NF . -6.77 65.04 10.18
NA CLA NF . -2.49 63.84 13.09
C1A CLA NF . -3.03 63.13 14.01
C2A CLA NF . -2.07 62.58 15.06
C3A CLA NF . -0.74 63.12 14.59
C4A CLA NF . -1.18 63.86 13.38
CMA CLA NF . -0.27 64.12 15.65
CAA CLA NF . -1.95 61.04 15.05
CBA CLA NF . -1.55 60.41 13.72
CGA CLA NF . -2.76 60.00 12.91
O1A CLA NF . -3.77 59.59 13.44
O2A CLA NF . -2.69 60.10 11.46
NB CLA NF . -1.50 65.44 10.83
C1B CLA NF . -0.34 65.24 11.44
C2B CLA NF . 0.83 65.81 10.73
C3B CLA NF . 0.20 66.45 9.56
C4B CLA NF . -1.24 66.16 9.73
CMB CLA NF . 2.27 65.79 11.09
CAB CLA NF . 0.84 67.21 8.47
CBB CLA NF . 1.61 66.59 7.59
NC CLA NF . -4.32 65.64 9.85
C1C CLA NF . -3.69 66.31 8.87
C2C CLA NF . -4.58 66.79 7.77
C3C CLA NF . -5.91 66.32 8.20
C4C CLA NF . -5.62 65.62 9.48
CMC CLA NF . -4.23 67.56 6.53
CAC CLA NF . -7.24 66.47 7.50
CBC CLA NF . -7.80 67.82 7.85
ND CLA NF . -5.19 64.17 11.91
C1D CLA NF . -6.52 64.29 11.41
C2D CLA NF . -7.57 63.63 12.22
C3D CLA NF . -6.73 63.07 13.31
C4D CLA NF . -5.41 63.41 13.05
CMD CLA NF . -9.05 63.48 12.10
CAD CLA NF . -6.76 62.27 14.57
OBD CLA NF . -7.80 61.77 15.11
CBD CLA NF . -5.37 62.14 15.06
CGD CLA NF . -5.22 62.54 16.49
O1D CLA NF . -4.85 63.65 16.82
O2D CLA NF . -5.46 61.53 17.51
CED CLA NF . -4.61 61.44 18.64
C1 CLA NF . -2.72 61.37 10.82
C2 CLA NF . -4.07 61.57 10.17
C3 CLA NF . -4.21 61.93 8.89
C4 CLA NF . -5.59 62.11 8.33
C5 CLA NF . -3.00 62.16 8.01
C6 CLA NF . -3.20 63.29 7.02
C7 CLA NF . -1.96 63.55 6.18
C8 CLA NF . -2.23 64.73 5.26
C9 CLA NF . -2.94 64.27 3.97
C10 CLA NF . -0.95 65.54 5.01
C11 CLA NF . -0.21 65.23 3.71
C12 CLA NF . 0.99 64.33 3.97
C13 CLA NF . 1.30 63.35 2.82
C14 CLA NF . 2.09 64.03 1.71
C15 CLA NF . 0.01 62.75 2.28
C16 CLA NF . 0.23 61.43 1.57
C17 CLA NF . -0.49 61.36 0.23
C18 CLA NF . -1.93 60.85 0.27
C19 CLA NF . -2.93 62.00 0.17
C20 CLA NF . -2.25 59.94 1.45
MG CLA OF . -14.20 66.80 14.63
CHA CLA OF . -16.14 68.18 17.18
CHB CLA OF . -15.87 63.92 14.97
CHC CLA OF . -12.60 65.71 11.83
CHD CLA OF . -12.72 70.13 14.11
NA CLA OF . -15.77 66.15 15.83
C1A CLA OF . -16.40 66.74 16.79
C2A CLA OF . -17.43 65.88 17.50
C3A CLA OF . -17.26 64.53 16.81
C4A CLA OF . -16.23 64.90 15.80
CMA CLA OF . -16.72 63.50 17.79
CAA CLA OF . -18.86 66.40 17.25
CBA CLA OF . -19.83 65.59 16.39
CGA CLA OF . -19.78 66.01 14.94
O1A CLA OF . -20.71 65.80 14.19
O2A CLA OF . -18.60 66.67 14.43
NB CLA OF . -14.25 65.07 13.55
C1B CLA OF . -14.90 63.96 13.88
C2B CLA OF . -14.59 62.78 13.02
C3B CLA OF . -13.61 63.36 12.07
C4B CLA OF . -13.49 64.76 12.51
CMB CLA OF . -15.13 61.37 13.08
CAB CLA OF . -12.89 62.71 10.95
CBB CLA OF . -12.02 61.74 11.17
NC CLA OF . -12.96 67.74 13.28
C1C CLA OF . -12.40 67.12 12.23
C2C CLA OF . -11.51 67.96 11.40
C3C CLA OF . -11.57 69.26 12.09
C4C CLA OF . -12.47 69.00 13.23
CMC CLA OF . -10.74 67.59 10.16
CAC CLA OF . -10.87 70.56 11.77
CBC CLA OF . -11.82 71.38 10.92
ND CLA OF . -14.35 68.70 15.34
C1D CLA OF . -13.68 69.95 15.19
C2D CLA OF . -14.03 71.02 16.15
C3D CLA OF . -15.03 70.27 16.96
C4D CLA OF . -15.15 68.99 16.44
CMD CLA OF . -13.57 72.44 16.33
CAD CLA OF . -15.96 70.36 18.12
OBD CLA OF . -16.10 71.42 18.84
CBD CLA OF . -16.65 69.05 18.29
CGD CLA OF . -16.24 68.54 19.65
O1D CLA OF . -16.37 69.24 20.64
O2D CLA OF . -15.63 67.24 19.83
CED CLA OF . -14.95 66.92 21.04
MG CLA PF . -10.91 56.67 15.48
CHA CLA PF . -13.18 58.45 17.39
CHB CLA PF . -12.18 53.82 16.76
CHC CLA PF . -8.89 54.98 13.34
CHD CLA PF . -10.04 59.82 13.75
NA CLA PF . -12.44 56.20 16.80
C1A CLA PF . -13.18 56.95 17.52
C2A CLA PF . -14.07 56.24 18.53
C3A CLA PF . -13.69 54.80 18.31
C4A CLA PF . -12.69 54.95 17.22
CMA CLA PF . -12.94 54.29 19.54
CAA CLA PF . -15.56 56.35 18.20
CBA CLA PF . -15.91 56.11 16.73
CGA CLA PF . -16.13 57.40 15.97
O1A CLA PF . -17.11 58.09 16.17
O2A CLA PF . -15.17 57.82 14.96
NB CLA PF . -10.56 54.70 15.14
C1B CLA PF . -11.19 53.67 15.68
C2B CLA PF . -10.86 52.34 15.11
C3B CLA PF . -9.87 52.70 14.07
C4B CLA PF . -9.76 54.17 14.20
CMB CLA PF . -11.41 51.00 15.48
CAB CLA PF . -9.14 51.82 13.13
CBB CLA PF . -7.85 51.61 13.27
NC CLA PF . -9.73 57.29 13.91
C1C CLA PF . -9.01 56.44 13.17
C2C CLA PF . -8.26 57.05 12.05
C3C CLA PF . -8.60 58.48 12.18
C4C CLA PF . -9.50 58.51 13.35
CMC CLA PF . -7.37 56.37 11.05
CAC CLA PF . -8.15 59.65 11.34
CBC CLA PF . -6.75 59.92 11.83
ND CLA PF . -11.45 58.62 15.43
C1D CLA PF . -11.01 59.86 14.85
C2D CLA PF . -11.60 61.08 15.42
C3D CLA PF . -12.48 60.49 16.46
C4D CLA PF . -12.33 59.12 16.39
CMD CLA PF . -11.49 62.55 15.18
CAD CLA PF . -13.44 60.79 17.53
OBD CLA PF . -13.82 61.96 17.87
CBD CLA PF . -13.89 59.52 18.15
CGD CLA PF . -13.47 59.53 19.59
O1D CLA PF . -12.47 58.92 19.96
O2D CLA PF . -14.25 60.28 20.55
CED CLA PF . -13.58 61.15 21.47
C1 CLA PF . -14.78 56.90 13.95
C2 CLA PF . -13.90 57.63 12.96
C3 CLA PF . -13.02 56.98 12.17
C4 CLA PF . -12.84 55.49 12.27
C5 CLA PF . -12.20 57.78 11.20
C6 CLA PF . -11.84 57.01 9.94
MG CLA QF . -2.50 52.60 18.01
CHA CLA QF . -3.35 55.89 17.29
CHB CLA QF . -5.13 51.58 16.17
CHC CLA QF . -1.29 49.45 18.31
CHD CLA QF . 0.49 53.85 19.77
NA CLA QF . -3.96 53.55 16.88
C1A CLA QF . -4.23 54.81 16.73
C2A CLA QF . -5.50 55.12 15.95
C3A CLA QF . -6.03 53.73 15.66
C4A CLA QF . -4.96 52.90 16.29
CMA CLA QF . -7.26 53.55 16.55
CAA CLA QF . -5.25 55.78 14.58
CBA CLA QF . -4.10 55.12 13.82
CGA CLA QF . -3.59 55.89 12.63
O1A CLA QF . -4.20 55.88 11.58
O2A CLA QF . -2.35 56.63 12.68
NB CLA QF . -3.11 50.78 17.31
C1B CLA QF . -4.24 50.53 16.67
C2B CLA QF . -4.52 49.09 16.44
C3B CLA QF . -3.36 48.45 17.08
C4B CLA QF . -2.56 49.61 17.58
CMB CLA QF . -5.68 48.46 15.74
CAB CLA QF . -3.03 47.01 17.21
CBB CLA QF . -1.97 46.51 16.61
NC CLA QF . -0.77 51.84 18.85
C1C CLA QF . -0.48 50.53 18.85
C2C CLA QF . 0.80 50.18 19.48
C3C CLA QF . 1.33 51.48 19.92
C4C CLA QF . 0.28 52.42 19.49
CMC CLA QF . 1.43 48.82 19.65
CAC CLA QF . 2.63 51.75 20.63
CBC CLA QF . 2.34 51.61 22.11
ND CLA QF . -1.56 54.35 18.44
C1D CLA QF . -0.42 54.82 19.18
C2D CLA QF . -0.29 56.29 19.26
C3D CLA QF . -1.49 56.71 18.48
C4D CLA QF . -2.13 55.56 18.05
CMD CLA QF . 0.69 57.24 19.89
CAD CLA QF . -2.24 57.89 17.98
OBD CLA QF . -1.94 59.11 18.18
CBD CLA QF . -3.41 57.38 17.22
CGD CLA QF . -4.70 57.94 17.72
O1D CLA QF . -5.38 58.65 16.99
O2D CLA QF . -5.19 57.59 19.03
CED CLA QF . -6.52 57.10 19.10
C1 CLA QF . -1.73 56.92 11.43
C2 CLA QF . -0.23 56.86 11.53
C3 CLA QF . 0.48 55.76 11.22
C4 CLA QF . -0.20 54.50 10.78
C5 CLA QF . 1.98 55.80 11.32
C6 CLA QF . 2.52 55.02 12.51
C7 CLA QF . 3.98 55.39 12.73
C8 CLA QF . 4.62 54.50 13.79
C9 CLA QF . 5.92 55.14 14.25
C10 CLA QF . 4.85 53.11 13.21
C11 CLA QF . 4.35 52.01 14.14
C12 CLA QF . 5.41 51.59 15.15
C13 CLA QF . 5.87 50.13 15.07
C14 CLA QF . 5.42 49.37 13.82
C15 CLA QF . 5.42 49.38 16.33
C16 CLA QF . 6.15 49.84 17.59
C17 CLA QF . 5.70 48.97 18.77
C18 CLA QF . 6.65 49.04 19.97
C19 CLA QF . 6.41 50.29 20.81
C20 CLA QF . 8.11 48.93 19.57
CAA F6C RF . 6.63 65.71 13.68
CAB F6C RF . 0.69 58.39 16.18
CAC F6C RF . 0.06 64.10 21.92
CAD F6C RF . 4.32 68.59 16.67
NA F6C RF . 3.82 64.11 15.16
CBA F6C RF . 7.12 66.12 12.30
CBB F6C RF . 0.04 57.70 15.27
CBC F6C RF . -0.11 63.12 23.06
CBD F6C RF . 4.77 67.84 15.48
NB F6C RF . 2.49 61.70 16.13
OBD F6C RF . 4.51 69.84 16.91
CGA F6C RF . 8.49 66.73 12.43
CGD F6C RF . 4.18 68.50 14.27
ND F6C RF . 2.93 65.41 17.67
CED F6C RF . 2.28 68.91 12.73
CHA F6C RF . 4.30 66.45 15.70
CHB F6C RF . 3.76 61.99 14.06
CHC F6C RF . 1.04 60.87 17.98
CHD F6C RF . 1.75 65.43 19.86
CMA F6C RF . 4.65 63.43 11.69
CMB F6C RF . 2.55 59.03 13.40
CMC F6C RF . -0.48 60.88 20.67
CMD F6C RF . 2.60 68.69 19.83
OMB F6C RF . 3.32 59.38 12.53
C1 F6C RF . 9.75 68.87 12.33
C1A F6C RF . 4.42 65.20 14.86
C1B F6C RF . 2.88 61.21 14.96
C1C F6C RF . 1.03 62.08 18.82
C1D F6C RF . 2.49 66.13 18.82
O1A F6C RF . 9.34 66.19 13.12
O1D F6C RF . 4.75 69.43 13.75
C2 F6C RF . 9.23 69.29 13.69
C2A F6C RF . 5.19 65.23 13.57
C2B F6C RF . 2.33 59.87 14.62
C2C F6C RF . 0.29 62.04 20.11
C2D F6C RF . 2.83 67.56 18.87
O2A F6C RF . 8.81 67.97 11.75
O2D F6C RF . 2.92 68.08 13.71
C3 F6C RF . 8.23 70.17 13.80
C3A F6C RF . 5.07 63.77 13.11
C3B F6C RF . 1.52 59.57 15.82
C3C F6C RF . 0.52 63.40 20.66
C3D F6C RF . 3.58 67.68 17.58
C4 F6C RF . 7.60 70.76 12.58
C4A F6C RF . 4.14 63.26 14.18
C4B F6C RF . 1.69 60.76 16.67
C4C F6C RF . 1.35 64.03 19.61
C4D F6C RF . 3.55 66.43 16.96
C5 F6C RF . 7.74 70.57 15.18
C6 F6C RF . 8.45 69.83 16.31
C7 F6C RF . 8.42 70.67 17.58
C8 F6C RF . 8.86 69.85 18.78
C9 F6C RF . 10.31 69.42 18.63
C10 F6C RF . 7.96 68.63 18.92
C11 F6C RF . 7.70 68.28 20.38
C12 F6C RF . 6.41 67.48 20.51
C13 F6C RF . 6.35 66.70 21.83
C14 F6C RF . 4.97 66.10 22.03
C15 F6C RF . 6.73 67.61 22.98
NC F6C RF . 1.64 63.25 18.54
MG F6C RF . 2.92 63.51 16.94
C16 F6C RF . 6.86 66.84 24.29
C17 F6C RF . 7.60 67.66 25.33
C18 F6C RF . 7.64 66.94 26.68
C19 F6C RF . 8.14 67.87 27.78
C20 F6C RF . 8.50 65.68 26.60
CAA F6C SF . 6.11 50.77 1.46
CAB F6C SF . 8.27 49.21 10.24
CAC F6C SF . 15.28 50.42 6.28
CAD F6C SF . 10.25 52.54 0.09
NA F6C SF . 7.89 51.42 4.05
CBA F6C SF . 4.64 50.51 1.18
CBB F6C SF . 7.68 48.09 10.63
CBC F6C SF . 15.63 49.22 5.43
CBD F6C SF . 8.82 52.49 0.48
NB F6C SF . 8.56 50.54 6.74
OBD F6C SF . 10.72 52.86 -1.06
CGA F6C SF . 4.51 49.24 0.37
CGD F6C SF . 8.30 53.89 0.41
ND F6C SF . 10.81 51.53 3.52
CED F6C SF . 7.73 55.91 -0.94
CHA F6C SF . 8.84 52.06 1.90
CHB F6C SF . 6.33 50.93 5.80
CHC F6C SF . 10.51 49.95 8.15
CHD F6C SF . 13.20 51.26 4.18
CMA F6C SF . 4.79 52.89 4.10
CMB F6C SF . 5.37 49.86 8.74
CMC F6C SF . 13.50 49.51 8.97
CMD F6C SF . 13.73 52.17 0.95
OMB F6C SF . 4.41 50.23 8.09
C1 F6C SF . 2.94 47.58 -0.55
C1A F6C SF . 7.73 51.81 2.86
C1B F6C SF . 7.23 50.54 6.88
C1C F6C SF . 11.59 50.24 7.21
C1D F6C SF . 12.19 51.58 3.16
O1A F6C SF . 5.38 48.89 -0.40
O1D F6C SF . 8.08 54.55 1.42
C2 F6C SF . 1.69 48.16 -1.18
C2A F6C SF . 6.32 51.96 2.38
C2B F6C SF . 6.75 50.03 8.20
C2C F6C SF . 13.00 50.01 7.65
C2D F6C SF . 12.49 51.98 1.77
O2A F6C SF . 3.35 48.39 0.53
O2D F6C SF . 8.08 54.52 -0.88
C3 F6C SF . 0.49 47.66 -0.88
C3A F6C SF . 5.53 51.64 3.63
C3B F6C SF . 8.04 49.73 8.89
C3C F6C SF . 13.79 50.41 6.46
C3D F6C SF . 11.09 52.17 1.26
C4 F6C SF . 0.38 46.50 0.07
C4A F6C SF . 6.66 51.31 4.55
C4B F6C SF . 9.07 50.09 7.88
C4C F6C SF . 12.73 50.80 5.49
C4D F6C SF . 10.24 51.89 2.32
C5 F6C SF . -0.74 48.25 -1.49
C6 F6C SF . -1.90 48.35 -0.51
C7 F6C SF . -1.90 49.68 0.22
C8 F6C SF . -3.12 50.52 -0.14
C9 F6C SF . -2.95 51.11 -1.53
C10 F6C SF . -4.40 49.68 -0.06
NC F6C SF . 11.46 50.69 5.95
MG F6C SF . 9.63 51.24 5.16
MG CLA TF . 3.23 57.50 -4.22
CHA CLA TF . 3.63 55.33 -1.56
CHB CLA TF . 0.72 59.01 -2.56
CHC CLA TF . 2.55 59.16 -7.08
CHD CLA TF . 5.74 55.48 -6.07
NA CLA TF . 2.31 57.22 -2.39
C1A CLA TF . 2.60 56.42 -1.43
C2A CLA TF . 1.79 56.61 -0.15
C3A CLA TF . 0.88 57.76 -0.53
C4A CLA TF . 1.34 58.01 -1.92
CMA CLA TF . -0.56 57.24 -0.60
CAA CLA TF . 2.63 57.10 1.02
CBA CLA TF . 1.85 56.90 2.30
CGA CLA TF . 2.71 57.29 3.48
O1A CLA TF . 3.50 56.50 3.97
O2A CLA TF . 2.60 58.62 4.03
NB CLA TF . 1.80 58.86 -4.75
C1B CLA TF . 0.94 59.47 -3.94
C2B CLA TF . 0.21 60.63 -4.54
C3B CLA TF . 0.78 60.66 -5.91
C4B CLA TF . 1.75 59.52 -5.91
CMB CLA TF . -0.82 61.51 -3.90
CAB CLA TF . 0.51 61.55 -7.06
CBB CLA TF . 0.53 62.86 -6.95
NC CLA TF . 3.97 57.32 -6.13
C1C CLA TF . 3.58 58.12 -7.14
C2C CLA TF . 4.30 57.89 -8.40
C3C CLA TF . 5.24 56.81 -8.10
C4C CLA TF . 4.95 56.55 -6.69
CMC CLA TF . 4.10 58.61 -9.69
CAC CLA TF . 6.25 56.13 -8.99
CBC CLA TF . 5.55 54.98 -9.67
ND CLA TF . 4.40 55.85 -3.99
C1D CLA TF . 5.40 55.11 -4.70
C2D CLA TF . 6.01 53.97 -4.00
C3D CLA TF . 5.27 54.09 -2.72
C4D CLA TF . 4.40 55.16 -2.80
CMD CLA TF . 7.06 52.94 -4.30
CAD CLA TF . 5.11 53.49 -1.37
OBD CLA TF . 5.78 52.48 -0.98
CBD CLA TF . 4.09 54.25 -0.63
CGD CLA TF . 2.99 53.33 -0.18
O1D CLA TF . 2.76 53.18 1.01
O2D CLA TF . 2.19 52.60 -1.13
CED CLA TF . 1.20 51.70 -0.63
C1 CLA TF . 2.14 58.74 5.37
C2 CLA TF . 0.64 58.57 5.34
C3 CLA TF . -0.06 58.18 6.42
C4 CLA TF . 0.62 57.89 7.73
C5 CLA TF . -1.56 58.04 6.31
C6 CLA TF . -2.27 58.51 7.57
C7 CLA TF . -3.25 57.46 8.07
C8 CLA TF . -4.58 57.55 7.34
C9 CLA TF . -5.61 58.30 8.19
C10 CLA TF . -5.09 56.15 7.00
C11 CLA TF . -5.21 55.28 8.23
C12 CLA TF . -5.64 53.86 7.88
C13 CLA TF . -5.98 53.06 9.12
C14 CLA TF . -4.77 52.92 10.04
C15 CLA TF . -6.51 51.70 8.72
MG CLA UF . 24.23 63.49 -0.16
CHA CLA UF . 24.56 66.90 -0.68
CHB CLA UF . 23.98 63.06 -3.51
CHC CLA UF . 24.54 60.15 0.37
CHD CLA UF . 24.83 64.08 3.42
NA CLA UF . 24.31 64.74 -1.82
C1A CLA UF . 24.29 66.03 -1.89
C2A CLA UF . 24.05 66.60 -3.27
C3A CLA UF . 23.81 65.36 -4.10
C4A CLA UF . 24.05 64.32 -3.06
CMA CLA UF . 22.32 65.38 -4.43
CAA CLA UF . 25.29 67.27 -3.89
CBA CLA UF . 26.44 66.39 -4.40
CGA CLA UF . 27.27 65.83 -3.28
O1A CLA UF . 27.73 64.70 -3.33
O2A CLA UF . 27.50 66.63 -2.09
NB CLA UF . 24.18 61.85 -1.39
C1B CLA UF . 24.21 61.86 -2.71
C2B CLA UF . 24.58 60.57 -3.35
C3B CLA UF . 24.76 59.70 -2.15
C4B CLA UF . 24.48 60.61 -1.02
CMB CLA UF . 24.73 60.27 -4.82
CAB CLA UF . 25.12 58.27 -1.97
CBB CLA UF . 25.81 57.55 -2.83
NC CLA UF . 24.66 62.38 1.52
C1C CLA UF . 24.63 61.04 1.54
C2C CLA UF . 24.69 60.42 2.90
C3C CLA UF . 24.76 61.59 3.79
C4C CLA UF . 24.75 62.73 2.84
CMC CLA UF . 24.67 58.97 3.26
CAC CLA UF . 24.85 61.61 5.30
CBC CLA UF . 26.31 61.70 5.67
ND CLA UF . 24.61 65.02 1.12
C1D CLA UF . 24.86 65.23 2.52
C2D CLA UF . 25.13 66.62 2.92
C3D CLA UF . 25.02 67.29 1.60
C4D CLA UF . 24.77 66.32 0.65
CMD CLA UF . 25.45 67.33 4.21
CAD CLA UF . 25.11 68.59 0.91
OBD CLA UF . 25.37 69.72 1.46
CBD CLA UF . 24.86 68.36 -0.53
CGD CLA UF . 23.77 69.26 -1.01
O1D CLA UF . 22.62 69.13 -0.64
O2D CLA UF . 24.09 70.33 -1.94
CED CLA UF . 23.21 71.45 -2.07
C1 CLA UF . 28.60 67.53 -2.08
C2 CLA UF . 29.91 66.80 -2.25
C3 CLA UF . 30.99 67.21 -1.57
C4 CLA UF . 31.60 66.04 -2.27
C5 CLA UF . 32.41 67.28 -1.10
C6 CLA UF . 32.49 67.26 0.41
C7 CLA UF . 33.39 68.38 0.91
C8 CLA UF . 33.69 68.18 2.38
C9 CLA UF . 34.27 69.46 3.00
C10 CLA UF . 34.64 67.00 2.55
C11 CLA UF . 35.94 67.14 1.77
C12 CLA UF . 36.80 65.91 2.00
C13 CLA UF . 37.80 65.66 0.87
C14 CLA UF . 38.64 64.42 1.16
C15 CLA UF . 38.69 66.88 0.69
C16 CLA UF . 39.66 66.72 -0.48
C17 CLA UF . 40.60 67.91 -0.55
C18 CLA UF . 41.64 67.83 0.55
C19 CLA UF . 42.13 69.22 0.95
C20 CLA UF . 42.82 66.96 0.14
CAA F6C VF . 18.04 71.37 -2.55
CAB F6C VF . 19.60 66.49 5.30
CAC F6C VF . 11.83 65.31 3.68
CAD F6C VF . 13.58 69.80 -3.00
NA F6C VF . 17.44 68.73 -0.47
CBA F6C VF . 18.26 72.08 -1.22
CBB F6C VF . 20.76 65.94 5.62
CBC F6C VF . 11.17 66.53 4.32
CBD F6C VF . 15.03 70.06 -3.15
NB F6C VF . 18.05 67.20 1.95
OBD F6C VF . 12.66 70.20 -3.80
CGA F6C VF . 17.18 73.12 -1.09
CGD F6C VF . 15.52 69.55 -4.47
ND F6C VF . 14.62 68.05 -0.01
CED F6C VF . 16.43 70.08 -6.73
CHA F6C VF . 15.66 69.37 -2.00
CHB F6C VF . 19.60 68.44 0.51
CHC F6C VF . 16.92 65.97 3.80
CHD F6C VF . 12.75 67.03 1.30
CMA F6C VF . 20.19 68.49 -2.43
CMB F6C VF . 21.54 68.17 3.13
CMC F6C VF . 14.61 64.59 5.39
CMD F6C VF . 10.87 68.31 -1.06
OMB F6C VF . 22.18 68.55 2.17
C1 F6C VF . 14.75 73.56 -0.74
C1A F6C VF . 17.09 69.28 -1.57
C1B F6C VF . 19.24 67.76 1.77
C1C F6C VF . 15.53 66.08 3.34
C1D F6C VF . 13.22 67.79 0.16
O1A F6C VF . 17.44 74.29 -0.88
O1D F6C VF . 15.41 68.38 -4.78
C2 F6C VF . 13.50 72.73 -0.60
C2A F6C VF . 18.17 69.86 -2.44
C2B F6C VF . 20.15 67.66 2.95
C2C F6C VF . 14.48 65.40 4.14
C2D F6C VF . 12.35 68.34 -0.88
O2A F6C VF . 15.79 72.72 -1.24
O2D F6C VF . 16.16 70.48 -5.39
C3 F6C VF . 12.47 72.94 -1.43
C3A F6C VF . 19.40 69.52 -1.63
C3B F6C VF . 19.30 66.92 3.92
C3C F6C VF . 13.24 65.72 3.38
C3D F6C VF . 13.35 69.00 -1.76
C4 F6C VF . 12.59 73.99 -2.49
C4A F6C VF . 18.78 68.86 -0.46
C4B F6C VF . 18.05 66.68 3.18
C4C F6C VF . 13.75 66.53 2.26
C4D F6C VF . 14.59 68.79 -1.18
C5 F6C VF . 11.21 72.12 -1.32
C6 F6C VF . 10.68 72.03 0.09
C7 F6C VF . 9.24 71.52 0.09
C8 F6C VF . 8.97 70.63 1.29
C9 F6C VF . 7.75 69.75 1.03
C10 F6C VF . 8.77 71.48 2.54
C11 F6C VF . 8.50 70.62 3.77
C12 F6C VF . 8.85 71.38 5.05
C13 F6C VF . 8.16 70.80 6.27
C14 F6C VF . 8.42 71.67 7.50
C15 F6C VF . 8.65 69.37 6.52
NC F6C VF . 15.10 66.73 2.25
MG F6C VF . 16.38 67.50 0.82
C16 F6C VF . 7.60 68.51 7.21
C17 F6C VF . 8.19 67.18 7.65
C18 F6C VF . 7.11 66.13 7.92
C19 F6C VF . 5.93 66.72 8.68
C20 F6C VF . 7.70 64.94 8.68
MG CLA WF . 20.58 59.94 18.14
CHA CLA WF . 22.43 58.96 20.92
CHB CLA WF . 20.16 62.96 19.56
CHC CLA WF . 19.41 61.04 15.14
CHD CLA WF . 21.37 56.71 16.59
NA CLA WF . 21.21 60.84 19.91
C1A CLA WF . 21.87 60.36 20.90
C2A CLA WF . 22.04 61.29 22.09
C3A CLA WF . 21.27 62.51 21.64
C4A CLA WF . 20.85 62.07 20.28
CMA CLA WF . 20.03 62.60 22.51
CAA CLA WF . 23.50 61.75 22.26
CBA CLA WF . 24.18 62.09 20.94
CGA CLA WF . 25.66 62.28 21.09
O1A CLA WF . 26.16 62.50 22.18
O2A CLA WF . 26.50 62.18 19.92
NB CLA WF . 19.94 61.74 17.45
C1B CLA WF . 19.65 62.80 18.20
C2B CLA WF . 18.82 63.81 17.54
C3B CLA WF . 18.60 63.23 16.20
C4B CLA WF . 19.35 61.97 16.28
CMB CLA WF . 18.37 65.08 18.17
CAB CLA WF . 17.84 63.67 14.99
CBB CLA WF . 17.08 64.75 14.92
NC CLA WF . 20.40 59.04 16.29
C1C CLA WF . 19.98 59.69 15.21
C2C CLA WF . 20.12 58.97 13.92
C3C CLA WF . 20.72 57.69 14.35
C4C CLA WF . 20.82 57.84 15.82
CMC CLA WF . 19.75 59.46 12.55
CAC CLA WF . 21.09 56.49 13.50
CBC CLA WF . 22.55 56.64 13.15
ND CLA WF . 21.62 58.26 18.53
C1D CLA WF . 21.86 56.99 17.93
C2D CLA WF . 22.63 56.02 18.73
C3D CLA WF . 22.86 56.84 19.95
C4D CLA WF . 22.27 58.08 19.75
CMD CLA WF . 23.08 54.61 18.49
CAD CLA WF . 23.48 56.85 21.30
OBD CLA WF . 24.12 55.90 21.86
CBD CLA WF . 23.24 58.19 21.91
CGD CLA WF . 22.76 58.13 23.32
O1D CLA WF . 23.53 58.38 24.23
O2D CLA WF . 21.39 57.80 23.64
CED CLA WF . 21.08 57.48 24.99
C1 CLA WF . 27.42 63.24 19.66
C2 CLA WF . 27.81 63.24 18.21
C3 CLA WF . 28.85 62.52 17.77
C4 CLA WF . 29.67 61.68 18.71
C5 CLA WF . 29.21 62.56 16.31
C6 CLA WF . 29.50 61.19 15.68
C7 CLA WF . 28.57 60.94 14.50
C8 CLA WF . 29.26 60.19 13.37
C9 CLA WF . 29.94 58.92 13.86
C10 CLA WF . 30.25 61.10 12.67
C11 CLA WF . 29.64 61.76 11.44
C12 CLA WF . 30.04 61.04 10.15
C13 CLA WF . 30.10 62.03 9.00
C14 CLA WF . 28.69 62.38 8.51
C15 CLA WF . 30.94 61.45 7.88
C16 CLA WF . 32.00 62.44 7.40
C17 CLA WF . 33.39 61.88 7.62
C18 CLA WF . 34.46 62.95 7.40
C19 CLA WF . 35.86 62.35 7.51
C20 CLA WF . 34.30 64.10 8.37
CAA F6C XF . -3.85 38.93 19.59
CAB F6C XF . 3.30 39.06 13.47
CAC F6C XF . 2.90 46.57 16.53
CAD F6C XF . -2.73 43.16 21.54
NA F6C XF . -0.82 40.04 18.53
CBA F6C XF . -4.08 39.14 18.08
CBB F6C XF . 2.87 38.60 12.31
CBC F6C XF . 1.82 47.32 15.78
CBD F6C XF . -2.89 41.71 21.30
NB F6C XF . 1.20 40.08 16.43
OBD F6C XF . -3.32 43.85 22.43
CGA F6C XF . -5.39 38.55 17.64
CGD F6C XF . -2.48 40.99 22.54
ND F6C XF . -0.36 42.95 18.81
CED F6C XF . -0.70 40.34 24.13
CHA F6C XF . -1.97 41.42 20.18
CHB F6C XF . -0.10 38.17 17.24
CHC F6C XF . 2.72 41.62 15.21
CHD F6C XF . 0.75 45.09 18.19
CMA F6C XF . -0.85 36.93 19.83
CMB F6C XF . 1.41 36.65 14.79
CMC F6C XF . 4.22 44.24 14.51
CMD F6C XF . -1.19 46.30 20.73
OMB F6C XF . 1.13 35.84 15.64
C1 F6C XF . -6.50 38.05 15.47
C1A F6C XF . -1.67 40.13 19.48
C1B F6C XF . 0.87 38.80 16.33
C1C F6C XF . 2.39 42.87 15.91
C1D F6C XF . -0.19 44.36 19.03
O1A F6C XF . -5.96 37.69 18.29
O1D F6C XF . -3.32 40.61 23.35
C2 F6C XF . -6.12 38.49 14.07
C2A F6C XF . -2.36 38.87 19.91
C2B F6C XF . 1.54 38.08 15.21
C2C F6C XF . 3.14 44.09 15.55
C2D F6C XF . -1.01 44.94 20.13
O2A F6C XF . -6.03 39.01 16.41
O2D F6C XF . -1.08 40.73 22.82
C3 F6C XF . -6.48 37.80 12.99
C3A F6C XF . -1.73 37.86 18.98
C3B F6C XF . 2.37 39.13 14.63
C3C F6C XF . 2.56 45.11 16.43
C3D F6C XF . -1.72 43.71 20.58
C4 F6C XF . -7.25 36.52 13.12
C4A F6C XF . -0.82 38.75 18.19
C4B F6C XF . 2.08 40.32 15.46
C4C F6C XF . 1.54 44.35 17.20
C4D F6C XF . -1.31 42.66 19.78
C5 F6C XF . -6.09 38.29 11.62
NC F6C XF . 1.46 43.03 16.87
MG F6C XF . 0.52 41.43 17.80
MG CLA YF . 1.07 32.39 13.35
CHA CLA YF . -0.40 32.48 16.49
CHB CLA YF . 2.71 29.60 14.28
CHC CLA YF . 2.14 32.14 10.15
CHD CLA YF . -1.08 35.22 12.38
NA CLA YF . 1.13 31.21 15.06
C1A CLA YF . 0.56 31.35 16.21
C2A CLA YF . 0.91 30.32 17.26
C3A CLA YF . 1.93 29.48 16.54
C4A CLA YF . 1.92 30.15 15.20
CMA CLA YF . 3.28 29.71 17.19
CAA CLA YF . -0.25 29.34 17.57
CBA CLA YF . -1.19 29.17 16.39
CGA CLA YF . -2.06 27.94 16.38
O1A CLA YF . -2.60 27.52 17.39
O2A CLA YF . -2.23 27.25 15.12
NB CLA YF . 2.21 31.03 12.36
C1B CLA YF . 2.90 30.04 12.89
C2B CLA YF . 3.88 29.39 11.99
C3B CLA YF . 3.70 30.17 10.74
C4B CLA YF . 2.64 31.15 11.09
CMB CLA YF . 4.81 28.24 12.32
CAB CLA YF . 4.37 30.07 9.42
CBB CLA YF . 4.55 28.92 8.81
NC CLA YF . 0.59 33.44 11.65
C1C CLA YF . 1.17 33.20 10.46
C2C CLA YF . 0.77 34.13 9.37
C3C CLA YF . -0.18 35.04 10.04
C4C CLA YF . -0.20 34.52 11.43
CMC CLA YF . 1.22 34.14 7.93
CAC CLA YF . -0.94 36.20 9.46
CBC CLA YF . -0.04 37.40 9.64
ND CLA YF . -0.41 33.56 14.12
C1D CLA YF . -1.16 34.72 13.75
C2D CLA YF . -1.98 35.34 14.83
C3D CLA YF . -1.64 34.40 15.94
C4D CLA YF . -0.77 33.44 15.45
CMD CLA YF . -2.89 36.52 14.95
CAD CLA YF . -1.88 34.08 17.37
OBD CLA YF . -2.64 34.76 18.14
CBD CLA YF . -1.12 32.88 17.75
CGD CLA YF . -0.19 33.20 18.88
O1D CLA YF . 0.99 33.41 18.69
O2D CLA YF . -0.72 33.24 20.23
CED CLA YF . 0.15 33.54 21.32
C1 CLA YF . -3.49 26.70 14.75
C2 CLA YF . -4.36 27.77 14.15
C3 CLA YF . -4.80 27.69 12.89
C4 CLA YF . -4.43 26.53 12.02
C5 CLA YF . -5.67 28.80 12.33
C6 CLA YF . -6.65 28.28 11.28
C7 CLA YF . -6.43 28.92 9.91
C8 CLA YF . -6.18 27.94 8.76
C9 CLA YF . -6.75 26.53 9.01
C10 CLA YF . -4.69 27.85 8.44
C11 CLA YF . -4.42 28.26 7.00
C12 CLA YF . -4.53 29.77 6.82
C13 CLA YF . -5.18 30.19 5.51
C14 CLA YF . -6.60 29.60 5.40
C15 CLA YF . -4.24 29.85 4.33
C16 CLA YF . -4.77 28.84 3.32
C17 CLA YF . -3.88 28.79 2.08
C18 CLA YF . -4.58 28.06 0.94
C19 CLA YF . -5.83 28.80 0.49
C20 CLA YF . -4.89 26.62 1.31
MG CLA ZF . 7.99 27.69 -1.23
CHA CLA ZF . 8.71 27.65 2.17
CHB CLA ZF . 10.87 26.02 -1.79
CHC CLA ZF . 6.93 27.24 -4.42
CHD CLA ZF . 4.72 29.20 -0.41
NA CLA ZF . 9.50 26.91 -0.03
C1A CLA ZF . 9.72 27.05 1.23
C2A CLA ZF . 11.06 26.55 1.71
C3A CLA ZF . 11.72 26.10 0.44
C4A CLA ZF . 10.61 26.35 -0.52
CMA CLA ZF . 12.77 27.14 0.14
CAA CLA ZF . 10.94 25.26 2.54
CBA CLA ZF . 12.28 24.77 3.06
CGA CLA ZF . 12.65 25.47 4.34
O1A CLA ZF . 11.97 26.35 4.83
O2A CLA ZF . 13.84 25.07 5.06
NB CLA ZF . 8.79 26.78 -2.86
C1B CLA ZF . 9.96 26.15 -2.94
C2B CLA ZF . 10.25 25.53 -4.26
C3B CLA ZF . 9.05 25.90 -5.04
C4B CLA ZF . 8.23 26.66 -4.06
CMB CLA ZF . 11.44 24.74 -4.74
CAB CLA ZF . 8.71 25.59 -6.44
CBB CLA ZF . 7.94 24.56 -6.73
NC CLA ZF . 6.21 28.08 -2.16
C1C CLA ZF . 6.01 27.90 -3.48
C2C CLA ZF . 4.73 28.43 -4.02
C3C CLA ZF . 4.09 29.01 -2.82
C4C CLA ZF . 5.08 28.73 -1.75
CMC CLA ZF . 4.21 28.40 -5.43
CAC CLA ZF . 2.76 29.70 -2.70
CBC CLA ZF . 3.02 31.16 -2.98
ND CLA ZF . 6.91 28.27 0.39
C1D CLA ZF . 5.65 28.89 0.69
C2D CLA ZF . 5.40 29.18 2.11
C3D CLA ZF . 6.66 28.67 2.70
C4D CLA ZF . 7.43 28.15 1.67
CMD CLA ZF . 4.29 29.80 2.91
CAD CLA ZF . 7.40 28.46 3.96
OBD CLA ZF . 7.00 28.81 5.13
CBD CLA ZF . 8.70 27.83 3.65
CGD CLA ZF . 9.78 28.75 4.10
O1D CLA ZF . 10.31 29.55 3.35
O2D CLA ZF . 10.21 28.67 5.48
CED CLA ZF . 10.88 29.78 6.07
C1 CLA ZF . 14.44 25.99 5.95
C2 CLA ZF . 15.88 25.61 6.12
C3 CLA ZF . 16.54 25.82 7.27
C4 CLA ZF . 15.88 26.47 8.45
C5 CLA ZF . 17.99 25.39 7.36
C6 CLA ZF . 18.18 23.96 6.89
C7 CLA ZF . 19.49 23.80 6.13
C8 CLA ZF . 20.38 22.77 6.83
C9 CLA ZF . 21.78 22.78 6.25
C10 CLA ZF . 19.75 21.39 6.72
C11 CLA ZF . 20.24 20.48 7.85
C12 CLA ZF . 19.84 21.05 9.19
C13 CLA ZF . 20.31 20.19 10.36
C14 CLA ZF . 19.88 20.81 11.68
C15 CLA ZF . 21.82 20.03 10.31
C16 CLA ZF . 22.34 19.14 11.43
C17 CLA ZF . 23.86 19.13 11.44
C18 CLA ZF . 24.39 18.71 12.81
C19 CLA ZF . 25.87 19.07 12.94
C20 CLA ZF . 24.17 17.22 13.06
MG CLA AG . 15.12 25.84 -8.12
CHA CLA AG . 14.28 23.40 -10.43
CHB CLA AG . 11.85 26.69 -7.93
CHC CLA AG . 15.93 27.83 -5.48
CHD CLA AG . 18.55 24.49 -8.09
NA CLA AG . 13.36 25.15 -8.98
C1A CLA AG . 13.17 24.25 -9.89
C2A CLA AG . 11.75 24.11 -10.38
C3A CLA AG . 11.03 25.19 -9.61
C4A CLA AG . 12.17 25.73 -8.80
CMA CLA AG . 10.62 26.27 -10.61
CAA CLA AG . 11.07 22.80 -9.91
CBA CLA AG . 11.36 22.45 -8.46
CGA CLA AG . 10.20 21.81 -7.72
O1A CLA AG . 9.14 21.57 -8.26
O2A CLA AG . 10.36 21.47 -6.31
NB CLA AG . 14.04 27.08 -6.91
C1B CLA AG . 12.73 27.34 -6.97
C2B CLA AG . 12.23 28.27 -5.94
C3B CLA AG . 13.47 28.61 -5.21
C4B CLA AG . 14.51 27.80 -5.89
CMB CLA AG . 10.84 28.79 -5.70
CAB CLA AG . 13.65 29.50 -4.05
CBB CLA AG . 13.13 29.15 -2.89
NC CLA AG . 16.85 26.07 -7.03
C1C CLA AG . 16.98 26.97 -6.02
C2C CLA AG . 18.34 27.05 -5.43
C3C CLA AG . 19.10 26.06 -6.21
C4C CLA AG . 18.08 25.53 -7.16
CMC CLA AG . 18.82 27.92 -4.30
CAC CLA AG . 20.55 25.67 -6.08
CBC CLA AG . 21.35 26.73 -6.80
ND CLA AG . 16.21 24.33 -8.93
C1D CLA AG . 17.57 23.89 -8.99
C2D CLA AG . 17.88 22.85 -9.99
C3D CLA AG . 16.52 22.67 -10.57
C4D CLA AG . 15.65 23.53 -9.92
CMD CLA AG . 19.11 22.09 -10.42
CAD CLA AG . 15.72 21.92 -11.57
OBD CLA AG . 16.17 21.03 -12.37
CBD CLA AG . 14.31 22.39 -11.52
CGD CLA AG . 14.08 23.10 -12.82
O1D CLA AG . 14.99 23.67 -13.41
O2D CLA AG . 12.76 23.16 -13.39
CED CLA AG . 12.46 24.34 -14.10
C1 CLA AG . 9.35 20.74 -5.64
C2 CLA AG . 8.66 21.58 -4.60
C3 CLA AG . 7.89 21.00 -3.64
C4 CLA AG . 7.69 19.51 -3.60
C5 CLA AG . 7.21 21.85 -2.59
C6 CLA AG . 6.98 23.30 -3.02
C7 CLA AG . 6.62 24.18 -1.84
C8 CLA AG . 5.11 24.24 -1.60
C9 CLA AG . 4.38 24.67 -2.87
C10 CLA AG . 4.81 25.20 -0.46
C11 CLA AG . 3.31 25.24 -0.14
C12 CLA AG . 3.03 25.99 1.15
C13 CLA AG . 1.53 26.20 1.36
C14 CLA AG . 0.99 27.22 0.38
C15 CLA AG . 1.27 26.63 2.80
C16 CLA AG . 0.17 25.82 3.50
C17 CLA AG . -1.19 26.52 3.44
C18 CLA AG . -2.31 25.67 4.03
C19 CLA AG . -2.18 25.51 5.55
C20 CLA AG . -2.39 24.31 3.35
MG CLA BG . -4.16 54.55 -6.97
CHA CLA BG . -5.73 57.47 -7.98
CHB CLA BG . -1.49 56.40 -6.03
CHC CLA BG . -2.92 51.74 -5.51
CHD CLA BG . -7.34 52.77 -7.49
NA CLA BG . -3.70 56.58 -6.95
C1A CLA BG . -4.33 57.60 -7.43
C2A CLA BG . -3.58 58.91 -7.45
C3A CLA BG . -2.24 58.51 -6.87
C4A CLA BG . -2.50 57.06 -6.59
CMA CLA BG . -1.22 58.58 -7.98
CAA CLA BG . -4.17 59.97 -6.50
CBA CLA BG . -4.58 59.40 -5.15
CGA CLA BG . -5.44 60.40 -4.40
O1A CLA BG . -4.94 61.16 -3.59
O2A CLA BG . -6.87 60.45 -4.63
NB CLA BG . -2.45 54.14 -5.96
C1B CLA BG . -1.48 54.98 -5.63
C2B CLA BG . -0.41 54.38 -4.82
C3B CLA BG . -0.86 53.00 -4.67
C4B CLA BG . -2.12 52.97 -5.42
CMB CLA BG . 0.83 55.00 -4.28
CAB CLA BG . -0.21 51.86 -3.95
CBB CLA BG . 0.96 51.43 -4.36
NC CLA BG . -4.97 52.70 -6.58
C1C CLA BG . -4.30 51.69 -6.01
C2C CLA BG . -5.03 50.41 -5.88
C3C CLA BG . -6.34 50.72 -6.48
C4C CLA BG . -6.18 52.15 -6.86
CMC CLA BG . -4.55 49.11 -5.30
CAC CLA BG . -7.53 49.82 -6.65
CBC CLA BG . -8.41 50.02 -5.43
ND CLA BG . -6.08 54.93 -7.50
C1D CLA BG . -7.26 54.19 -7.82
C2D CLA BG . -8.34 54.94 -8.46
C3D CLA BG . -7.71 56.28 -8.54
C4D CLA BG . -6.45 56.18 -7.96
CMD CLA BG . -9.70 54.56 -8.94
CAD CLA BG . -7.89 57.69 -8.96
OBD CLA BG . -8.94 58.17 -9.52
CBD CLA BG . -6.66 58.43 -8.61
CGD CLA BG . -6.14 59.18 -9.80
O1D CLA BG . -5.32 58.71 -10.56
O2D CLA BG . -6.59 60.54 -9.95
CED CLA BG . -5.67 61.57 -10.24
MG CLA CG . -12.83 59.64 -8.40
CHA CLA CG . -12.92 63.05 -8.97
CHB CLA CG . -10.01 60.09 -6.58
CHC CLA CG . -13.07 56.38 -7.49
CHD CLA CG . -16.12 59.38 -10.08
NA CLA CG . -11.69 61.28 -7.82
C1A CLA CG . -11.78 62.52 -8.15
C2A CLA CG . -10.64 63.41 -7.67
C3A CLA CG . -9.73 62.43 -6.96
C4A CLA CG . -10.54 61.18 -7.14
CMA CLA CG . -8.42 62.31 -7.72
CAA CLA CG . -10.98 64.44 -6.56
CBA CLA CG . -12.36 64.41 -5.89
CGA CLA CG . -12.63 63.24 -4.98
O1A CLA CG . -13.75 62.77 -4.90
O2A CLA CG . -11.56 62.65 -4.19
NB CLA CG . -11.69 58.42 -7.23
C1B CLA CG . -10.58 58.74 -6.57
C2B CLA CG . -9.99 57.65 -5.74
C3B CLA CG . -10.95 56.53 -6.03
C4B CLA CG . -11.94 57.14 -6.95
CMB CLA CG . -8.77 57.69 -4.88
CAB CLA CG . -10.98 55.13 -5.55
CBB CLA CG . -9.91 54.37 -5.40
NC CLA CG . -14.30 58.23 -8.69
C1C CLA CG . -14.17 56.95 -8.29
C2C CLA CG . -15.27 56.04 -8.72
C3C CLA CG . -16.15 56.94 -9.49
C4C CLA CG . -15.45 58.24 -9.40
CMC CLA CG . -15.45 54.57 -8.46
CAC CLA CG . -17.46 56.62 -10.18
CBC CLA CG . -17.15 56.19 -11.60
ND CLA CG . -14.25 60.82 -9.27
C1D CLA CG . -15.48 60.69 -9.98
C2D CLA CG . -16.02 61.93 -10.57
C3D CLA CG . -14.96 62.88 -10.15
C4D CLA CG . -14.02 62.18 -9.42
CMD CLA CG . -17.23 62.30 -11.39
CAD CLA CG . -14.53 64.31 -10.20
OBD CLA CG . -15.16 65.26 -10.78
CBD CLA CG . -13.26 64.43 -9.45
CGD CLA CG . -12.21 64.98 -10.36
O1D CLA CG . -12.16 64.74 -11.55
O2D CLA CG . -11.21 65.85 -9.79
CED CLA CG . -10.43 66.61 -10.70
MG CLA DG . 8.45 50.13 -6.63
CHA CLA DG . 5.25 50.22 -7.97
CHB CLA DG . 7.10 49.29 -3.67
CHC CLA DG . 11.54 50.54 -5.29
CHD CLA DG . 9.71 51.54 -9.81
NA CLA DG . 6.52 49.85 -5.92
C1A CLA DG . 5.39 49.79 -6.54
C2A CLA DG . 4.20 49.32 -5.73
C3A CLA DG . 4.83 49.07 -4.37
C4A CLA DG . 6.24 49.42 -4.68
CMA CLA DG . 4.28 50.07 -3.37
CAA CLA DG . 3.61 47.99 -6.19
CBA CLA DG . 2.13 48.16 -6.51
CGA CLA DG . 1.26 47.68 -5.36
O1A CLA DG . 1.17 48.30 -4.32
O2A CLA DG . 0.54 46.44 -5.50
NB CLA DG . 9.20 49.95 -4.76
C1B CLA DG . 8.54 49.59 -3.66
C2B CLA DG . 9.36 49.50 -2.43
C3B CLA DG . 10.70 49.88 -2.94
C4B CLA DG . 10.46 50.13 -4.38
CMB CLA DG . 8.87 49.12 -1.07
CAB CLA DG . 12.04 50.04 -2.32
CBB CLA DG . 12.34 49.57 -1.12
NC CLA DG . 10.22 50.87 -7.40
C1C CLA DG . 11.35 50.97 -6.68
C2C CLA DG . 12.50 51.59 -7.39
C3C CLA DG . 11.94 51.89 -8.72
C4C CLA DG . 10.55 51.39 -8.61
CMC CLA DG . 13.89 51.87 -6.90
CAC CLA DG . 12.61 52.52 -9.91
CBC CLA DG . 13.18 51.38 -10.71
ND CLA DG . 7.76 50.77 -8.43
C1D CLA DG . 8.27 51.27 -9.67
C2D CLA DG . 7.29 51.47 -10.74
C3D CLA DG . 6.05 51.05 -10.03
C4D CLA DG . 6.43 50.67 -8.75
CMD CLA DG . 7.30 51.96 -12.16
CAD CLA DG . 4.60 50.86 -10.16
OBD CLA DG . 3.92 51.12 -11.21
CBD CLA DG . 4.06 50.36 -8.88
CGD CLA DG . 3.10 51.36 -8.32
O1D CLA DG . 1.94 51.06 -8.16
O2D CLA DG . 3.55 52.67 -7.96
CED CLA DG . 2.74 53.45 -7.08
C1 CLA DG . -0.82 46.41 -5.90
C2 CLA DG . -1.81 46.69 -4.79
C3 CLA DG . -2.36 45.72 -4.05
C4 CLA DG . -2.01 44.27 -4.26
C5 CLA DG . -3.34 46.07 -2.97
C6 CLA DG . -4.68 45.40 -3.23
MG CLA EG . 4.59 39.84 -3.01
CHA CLA EG . 4.08 42.41 -5.26
CHB CLA EG . 5.84 42.10 -0.83
CHC CLA EG . 4.56 37.37 -0.69
CHD CLA EG . 2.85 37.58 -5.37
NA CLA EG . 4.87 41.90 -3.01
C1A CLA EG . 4.74 42.76 -3.95
C2A CLA EG . 5.17 44.18 -3.64
C3A CLA EG . 5.74 44.03 -2.25
C4A CLA EG . 5.47 42.57 -2.02
CMA CLA EG . 7.24 44.31 -2.28
CAA CLA EG . 4.02 45.20 -3.52
CBA CLA EG . 2.82 44.85 -2.63
CGA CLA EG . 1.84 43.86 -3.24
O1A CLA EG . 1.32 44.03 -4.33
O2A CLA EG . 1.57 42.63 -2.54
NB CLA EG . 5.11 39.75 -1.04
C1B CLA EG . 5.67 40.72 -0.32
C2B CLA EG . 6.07 40.32 1.05
C3B CLA EG . 5.68 38.90 1.08
C4B CLA EG . 5.10 38.67 -0.26
CMB CLA EG . 6.71 41.12 2.13
CAB CLA EG . 5.84 37.94 2.20
CBB CLA EG . 4.79 37.34 2.73
NC CLA EG . 3.84 37.92 -3.03
C1C CLA EG . 3.97 37.07 -2.00
C2C CLA EG . 3.44 35.70 -2.23
C3C CLA EG . 2.94 35.77 -3.62
C4C CLA EG . 3.24 37.18 -4.01
CMC CLA EG . 3.44 34.53 -1.29
CAC CLA EG . 2.29 34.68 -4.43
CBC CLA EG . 0.80 34.84 -4.27
ND CLA EG . 3.66 39.88 -4.82
C1D CLA EG . 3.02 38.98 -5.73
C2D CLA EG . 2.58 39.58 -7.01
C3D CLA EG . 3.03 40.98 -6.80
C4D CLA EG . 3.61 41.05 -5.55
CMD CLA EG . 1.89 39.07 -8.25
CAD CLA EG . 3.07 42.34 -7.39
OBD CLA EG . 2.63 42.70 -8.52
CBD CLA EG . 3.75 43.25 -6.46
CGD CLA EG . 5.04 43.69 -7.11
O1D CLA EG . 5.93 42.90 -7.34
O2D CLA EG . 5.22 45.08 -7.48
CED CLA EG . 6.32 45.44 -8.31
C1 CLA EG . 0.69 41.69 -3.13
C2 CLA EG . 1.06 40.35 -2.55
C3 CLA EG . 0.16 39.39 -2.37
C4 CLA EG . -1.28 39.58 -2.72
C5 CLA EG . 0.61 38.08 -1.79
C6 CLA EG . -0.22 37.76 -0.55
C7 CLA EG . 0.66 37.71 0.68
C8 CLA EG . -0.17 37.25 1.87
C9 CLA EG . -0.41 38.42 2.82
C10 CLA EG . 0.50 36.08 2.55
C11 CLA EG . 0.83 34.95 1.58
C12 CLA EG . 0.97 33.61 2.29
C13 CLA EG . 2.07 33.65 3.33
C14 CLA EG . 3.43 33.81 2.66
C15 CLA EG . 2.05 32.40 4.19
C16 CLA EG . 0.67 31.84 4.53
C17 CLA EG . 0.82 30.46 5.17
C18 CLA EG . 0.47 30.51 6.65
C19 CLA EG . 0.64 29.14 7.29
C20 CLA EG . -0.96 31.01 6.85
MG CLA FG . 5.28 42.55 6.51
CHA CLA FG . 4.96 44.80 3.91
CHB CLA FG . 6.57 45.05 8.39
CHC CLA FG . 5.22 40.42 9.13
CHD CLA FG . 3.28 40.15 4.55
NA CLA FG . 5.65 44.58 6.23
C1A CLA FG . 5.59 45.30 5.16
C2A CLA FG . 6.14 46.70 5.27
C3A CLA FG . 6.69 46.71 6.68
C4A CLA FG . 6.27 45.35 7.12
CMA CLA FG . 8.20 46.78 6.67
CAA CLA FG . 5.02 47.67 5.61
CBA CLA FG . 4.17 48.37 4.56
CGA CLA FG . 2.93 48.86 5.29
O1A CLA FG . 2.83 50.02 5.65
O2A CLA FG . 1.84 47.94 5.58
NB CLA FG . 5.86 42.70 8.47
C1B CLA FG . 6.27 43.80 9.09
C2B CLA FG . 6.36 43.70 10.57
C3B CLA FG . 5.96 42.30 10.80
C4B CLA FG . 5.67 41.78 9.42
CMB CLA FG . 6.77 44.74 11.57
CAB CLA FG . 5.86 41.64 12.13
CBB CLA FG . 6.16 40.38 12.37
NC CLA FG . 4.38 40.71 6.78
C1C CLA FG . 4.57 39.98 7.88
C2C CLA FG . 4.05 38.58 7.81
C3C CLA FG . 3.49 38.52 6.45
C4C CLA FG . 3.75 39.88 5.92
CMC CLA FG . 4.09 37.50 8.85
CAC CLA FG . 2.81 37.36 5.78
CBC CLA FG . 1.33 37.50 6.06
ND CLA FG . 4.28 42.42 4.75
C1D CLA FG . 3.60 41.44 3.95
C2D CLA FG . 3.28 41.83 2.56
C3D CLA FG . 3.86 43.21 2.56
C4D CLA FG . 4.38 43.45 3.82
CMD CLA FG . 2.61 41.18 1.38
CAD CLA FG . 4.06 44.44 1.76
OBD CLA FG . 3.72 44.59 0.52
CBD CLA FG . 4.79 45.43 2.57
CGD CLA FG . 6.16 45.51 1.96
O1D CLA FG . 6.81 44.49 1.75
O2D CLA FG . 6.75 46.78 1.64
CED CLA FG . 8.16 46.91 1.80
C1 CLA FG . 1.58 47.58 6.94
C2 CLA FG . 1.97 46.13 7.11
C3 CLA FG . 2.37 45.62 8.29
C4 CLA FG . 2.49 46.48 9.52
C5 CLA FG . 2.73 44.16 8.37
C6 CLA FG . 1.52 43.23 8.32
C7 CLA FG . 1.75 41.97 9.15
C8 CLA FG . 1.23 42.11 10.59
C9 CLA FG . 2.36 42.41 11.57
C10 CLA FG . 0.47 40.84 10.96
C11 CLA FG . 0.09 40.82 12.44
C12 CLA FG . -0.77 39.62 12.85
C13 CLA FG . -2.03 40.00 13.63
C14 CLA FG . -3.12 40.52 12.70
C15 CLA FG . -1.72 40.94 14.81
C16 CLA FG . -2.28 42.36 14.75
C17 CLA FG . -1.14 43.37 14.80
C18 CLA FG . -1.16 44.45 13.75
C19 CLA FG . -1.81 44.03 12.42
C20 CLA FG . 0.25 44.96 13.49
MG CLA GG . 55.17 57.01 19.51
CHA CLA GG . 56.72 54.13 18.33
CHB CLA GG . 58.19 58.44 19.84
CHC CLA GG . 53.55 59.95 20.08
CHD CLA GG . 51.93 55.42 18.78
NA CLA GG . 57.11 56.42 19.11
C1A CLA GG . 57.59 55.29 18.75
C2A CLA GG . 59.11 55.19 18.73
C3A CLA GG . 59.53 56.56 19.24
C4A CLA GG . 58.17 57.18 19.41
CMA CLA GG . 60.14 56.35 20.62
CAA CLA GG . 59.71 55.08 17.31
CBA CLA GG . 59.45 56.22 16.32
CGA CLA GG . 58.14 55.93 15.63
O1A CLA GG . 57.94 54.83 15.16
O2A CLA GG . 57.08 56.91 15.60
NB CLA GG . 55.79 58.92 19.90
C1B CLA GG . 57.05 59.32 20.05
C2B CLA GG . 57.20 60.77 20.39
C3B CLA GG . 55.79 61.21 20.46
C4B CLA GG . 55.02 59.97 20.13
CMB CLA GG . 58.46 61.56 20.62
CAB CLA GG . 55.25 62.55 20.77
CBB CLA GG . 54.60 63.25 19.84
NC CLA GG . 53.17 57.54 19.43
C1C CLA GG . 52.73 58.78 19.71
C2C CLA GG . 51.25 58.96 19.62
C3C CLA GG . 50.78 57.62 19.23
C4C CLA GG . 52.05 56.84 19.15
CMC CLA GG . 50.43 60.20 19.86
CAC CLA GG . 49.37 57.15 18.97
CBC CLA GG . 49.15 57.23 17.48
ND CLA GG . 54.42 55.29 18.73
C1D CLA GG . 53.14 54.67 18.52
C2D CLA GG . 53.17 53.28 18.01
C3D CLA GG . 54.64 53.06 17.95
C4D CLA GG . 55.25 54.25 18.34
CMD CLA GG . 52.11 52.27 17.67
CAD CLA GG . 55.72 52.09 17.60
OBD CLA GG . 55.54 50.90 17.18
CBD CLA GG . 57.03 52.75 17.83
CGD CLA GG . 57.89 51.93 18.73
O1D CLA GG . 57.42 51.29 19.66
O2D CLA GG . 59.32 51.88 18.47
CED CLA GG . 60.11 50.78 18.93
C1 CLA GG . 55.78 56.49 15.19
C2 CLA GG . 54.84 57.65 15.29
C3 CLA GG . 53.50 57.51 15.32
C4 CLA GG . 52.87 56.15 15.25
C5 CLA GG . 52.63 58.74 15.42
MG CLA HG . 48.66 59.75 23.15
CHA CLA HG . 50.24 62.81 23.52
CHB CLA HG . 45.73 61.39 22.82
CHC CLA HG . 47.27 56.77 22.25
CHD CLA HG . 51.99 58.14 23.15
NA CLA HG . 48.08 61.74 23.11
C1A CLA HG . 48.75 62.80 23.36
C2A CLA HG . 47.93 64.08 23.48
C3A CLA HG . 46.52 63.58 23.29
C4A CLA HG . 46.81 62.14 23.06
CMA CLA HG . 45.82 63.73 24.64
CAA CLA HG . 48.14 65.01 22.28
CBA CLA HG . 47.41 66.32 22.47
CGA CLA HG . 48.11 67.41 21.67
O1A CLA HG . 49.29 67.66 21.85
O2A CLA HG . 47.36 68.17 20.68
NB CLA HG . 46.77 59.16 22.65
C1B CLA HG . 45.70 59.96 22.53
C2B CLA HG . 44.49 59.30 21.99
C3B CLA HG . 44.96 57.91 21.81
C4B CLA HG . 46.38 57.94 22.26
CMB CLA HG . 43.14 59.90 21.73
CAB CLA HG . 44.17 56.75 21.31
CBB CLA HG . 44.03 55.65 22.02
NC CLA HG . 49.47 57.88 22.77
C1C CLA HG . 48.73 56.81 22.44
C2C CLA HG . 49.50 55.55 22.25
C3C CLA HG . 50.88 55.97 22.53
C4C CLA HG . 50.74 57.42 22.83
CMC CLA HG . 49.00 54.18 21.88
CAC CLA HG . 52.16 55.15 22.49
CBC CLA HG . 52.43 54.67 23.90
ND CLA HG . 50.64 60.24 23.25
C1D CLA HG . 51.92 59.59 23.30
C2D CLA HG . 53.08 60.48 23.51
C3D CLA HG . 52.38 61.79 23.58
C4D CLA HG . 51.02 61.56 23.41
CMD CLA HG . 54.57 60.29 23.62
CAD CLA HG . 52.58 63.24 23.76
OBD CLA HG . 53.72 63.83 23.93
CBD CLA HG . 51.26 63.89 23.70
CGD CLA HG . 51.03 64.78 24.88
O1D CLA HG . 51.45 64.49 26.00
O2D CLA HG . 50.31 66.03 24.67
CED CLA HG . 50.88 67.28 25.07
MG CLA IG . 38.54 57.41 11.34
CHA CLA IG . 36.08 58.23 13.65
CHB CLA IG . 36.72 58.95 8.96
CHC CLA IG . 41.20 57.02 9.28
CHD CLA IG . 40.59 56.11 14.14
NA CLA IG . 36.75 58.46 11.30
C1A CLA IG . 35.85 58.63 12.22
C2A CLA IG . 34.55 59.26 11.76
C3A CLA IG . 34.78 59.43 10.27
C4A CLA IG . 36.19 58.90 10.18
CMA CLA IG . 33.84 58.43 9.59
CAA CLA IG . 34.26 60.68 12.32
CBA CLA IG . 35.06 61.85 11.74
CGA CLA IG . 36.25 62.16 12.61
O1A CLA IG . 36.98 63.10 12.35
O2A CLA IG . 36.53 61.33 13.77
NB CLA IG . 38.89 57.89 9.40
C1B CLA IG . 38.08 58.54 8.58
C2B CLA IG . 38.65 58.89 7.25
C3B CLA IG . 40.01 58.31 7.35
C4B CLA IG . 40.03 57.71 8.72
CMB CLA IG . 38.01 59.63 6.13
CAB CLA IG . 41.09 58.31 6.32
CBB CLA IG . 41.67 57.21 5.90
NC CLA IG . 40.46 56.73 11.66
C1C CLA IG . 41.38 56.63 10.69
C2C CLA IG . 42.69 56.08 11.10
C3C CLA IG . 42.50 55.81 12.54
C4C CLA IG . 41.11 56.25 12.77
CMC CLA IG . 43.92 55.85 10.27
CAC CLA IG . 43.50 55.24 13.53
CBC CLA IG . 43.27 53.75 13.58
ND CLA IG . 38.49 57.22 13.37
C1D CLA IG . 39.27 56.66 14.43
C2D CLA IG . 38.63 56.66 15.75
C3D CLA IG . 37.34 57.31 15.42
C4D CLA IG . 37.35 57.61 14.06
CMD CLA IG . 39.04 56.20 17.13
CAD CLA IG . 36.05 57.79 15.97
OBD CLA IG . 35.70 57.68 17.20
CBD CLA IG . 35.24 58.35 14.87
CGD CLA IG . 34.02 57.49 14.74
O1D CLA IG . 33.98 56.57 13.93
O2D CLA IG . 32.86 57.74 15.58
CED CLA IG . 32.04 56.65 15.99
C1 CLA IG . 37.78 61.47 14.44
C2 CLA IG . 38.86 60.84 13.60
C3 CLA IG . 39.98 60.34 14.13
C4 CLA IG . 40.23 60.42 15.61
C5 CLA IG . 41.01 59.73 13.22
C6 CLA IG . 42.38 60.40 13.36
CAA F6C JG . 7.52 26.77 10.79
CAB F6C JG . 11.36 18.52 13.43
CAC F6C JG . 17.60 23.87 12.52
CAD F6C JG . 11.44 29.32 11.64
NA F6C JG . 9.88 24.90 12.38
CBA F6C JG . 8.12 25.92 9.68
CBB F6C JG . 12.53 17.99 13.09
CBC F6C JG . 17.91 24.08 11.05
CBD F6C JG . 10.10 28.67 11.71
NB F6C JG . 11.08 22.25 12.70
OBD F6C JG . 11.66 30.56 11.41
CGA F6C JG . 8.85 26.85 8.75
CGD F6C JG . 9.25 29.31 12.78
ND F6C JG . 12.64 25.97 12.33
CED F6C JG . 7.44 30.95 13.33
CHA F6C JG . 10.39 27.25 12.02
CHB F6C JG . 8.69 22.86 12.71
CHC F6C JG . 13.26 21.12 12.81
CHD F6C JG . 15.12 25.74 12.46
CMA F6C JG . 6.88 24.92 13.81
CMB F6C JG . 8.27 19.75 13.35
CMC F6C JG . 16.37 20.78 12.75
CMD F6C JG . 15.01 29.09 11.81
OMB F6C JG . 8.26 18.56 13.55
C1 F6C JG . 11.08 26.16 7.98
C1A F6C JG . 9.48 26.09 12.21
C1B F6C JG . 9.80 21.90 12.85
C1C F6C JG . 14.15 22.30 12.70
C1D F6C JG . 13.94 26.58 12.26
O1A F6C JG . 8.24 27.53 7.93
O1D F6C JG . 9.45 29.11 13.96
C2 F6C JG . 11.59 24.98 8.77
C2A F6C JG . 7.98 26.31 12.17
C2B F6C JG . 9.57 20.47 13.14
C2C F6C JG . 15.61 22.08 12.68
C2D F6C JG . 13.95 28.03 11.97
O2A F6C JG . 10.29 26.98 8.84
O2D F6C JG . 8.17 30.19 12.36
C3 F6C JG . 11.58 23.76 8.23
C3A F6C JG . 7.48 24.92 12.42
C3B F6C JG . 10.95 19.93 13.17
C3C F6C JG . 16.16 23.44 12.59
C3D F6C JG . 12.49 28.29 11.88
C4 F6C JG . 11.03 23.55 6.85
C4A F6C JG . 8.77 24.17 12.50
C4B F6C JG . 11.79 21.14 12.89
C4C F6C JG . 14.92 24.28 12.56
C4D F6C JG . 11.85 27.08 12.07
C5 F6C JG . 12.10 22.57 9.02
C6 F6C JG . 11.07 21.45 9.08
C7 F6C JG . 11.74 20.08 9.06
C8 F6C JG . 10.70 18.99 8.82
C9 F6C JG . 9.49 19.16 9.73
C10 F6C JG . 11.36 17.62 9.04
C11 F6C JG . 11.95 17.11 7.74
C12 F6C JG . 13.05 16.10 8.03
C13 F6C JG . 13.69 15.56 6.76
C14 F6C JG . 12.70 15.50 5.60
C15 F6C JG . 14.25 14.18 7.08
NC F6C JG . 13.77 23.58 12.62
MG F6C JG . 11.79 24.16 12.72
C16 F6C JG . 15.59 13.90 6.42
C17 F6C JG . 16.37 12.90 7.24
C18 F6C JG . 17.73 12.59 6.64
C19 F6C JG . 18.59 11.80 7.62
C20 F6C JG . 18.43 13.87 6.20
C1 PQN KG . 40.98 47.98 16.45
O1 PQN KG . 40.78 47.37 15.38
C2 PQN KG . 42.13 48.91 16.58
C2M PQN KG . 43.05 49.12 15.40
C3 PQN KG . 42.36 49.64 17.85
C4 PQN KG . 41.45 49.43 19.00
O4 PQN KG . 41.64 50.04 20.08
C5 PQN KG . 40.29 48.50 18.87
C6 PQN KG . 39.42 48.29 19.94
C7 PQN KG . 38.36 47.41 19.78
C8 PQN KG . 38.14 46.73 18.59
C9 PQN KG . 38.98 46.91 17.50
C10 PQN KG . 40.06 47.77 17.60
C11 PQN KG . 43.53 50.58 17.97
C12 PQN KG . 43.09 51.97 17.60
C13 PQN KG . 43.43 53.05 18.31
C14 PQN KG . 44.29 52.94 19.54
C15 PQN KG . 42.91 54.40 17.86
C16 PQN KG . 44.00 55.47 17.92
C17 PQN KG . 43.45 56.73 17.28
C18 PQN KG . 44.15 58.01 17.78
C19 PQN KG . 43.27 59.21 17.47
C20 PQN KG . 45.53 58.10 17.16
C21 PQN KG . 46.16 59.50 17.26
C22 PQN KG . 46.72 59.81 18.65
C23 PQN KG . 46.86 61.31 18.83
C24 PQN KG . 45.49 61.98 18.80
C25 PQN KG . 47.80 61.87 17.76
C26 PQN KG . 47.74 63.39 17.63
C27 PQN KG . 47.82 63.77 16.16
C28 PQN KG . 47.26 65.17 15.91
C29 PQN KG . 48.23 66.25 16.37
C30 PQN KG . 46.89 65.35 14.45
FE1 SF4 LG . 34.09 40.80 24.37
FE2 SF4 LG . 31.98 39.13 24.00
FE3 SF4 LG . 32.07 40.73 26.21
FE4 SF4 LG . 33.78 38.61 25.97
S1 SF4 LG . 31.51 38.52 26.14
S2 SF4 LG . 34.31 40.72 26.64
S3 SF4 LG . 34.18 38.62 23.73
S4 SF4 LG . 31.92 41.41 24.04
C1 BCR MG . 15.47 83.20 3.13
C2 BCR MG . 16.82 82.51 3.25
C3 BCR MG . 17.18 81.57 2.13
C4 BCR MG . 16.00 80.79 1.61
C5 BCR MG . 14.87 81.68 1.30
C6 BCR MG . 14.61 82.80 1.98
C7 BCR MG . 13.48 83.68 1.63
C8 BCR MG . 12.24 83.51 2.09
C9 BCR MG . 11.21 84.52 2.00
C10 BCR MG . 9.97 84.27 2.45
C11 BCR MG . 8.85 85.17 2.30
C33 BCR MG . 14.08 81.23 0.14
C31 BCR MG . 15.76 84.69 3.06
C32 BCR MG . 14.78 82.93 4.45
C34 BCR MG . 11.55 85.81 1.37
C12 BCR MG . 7.72 84.86 2.92
C13 BCR MG . 6.46 85.57 2.80
C14 BCR MG . 5.40 85.07 3.44
C15 BCR MG . 4.07 85.60 3.34
C16 BCR MG . 3.06 84.96 3.96
C17 BCR MG . 1.71 85.40 3.74
C18 BCR MG . 0.62 84.79 4.19
C19 BCR MG . -0.60 85.56 4.38
C20 BCR MG . -1.68 85.05 4.95
C21 BCR MG . -2.95 85.72 4.78
C22 BCR MG . -4.15 85.18 5.04
C23 BCR MG . -5.33 85.86 4.55
C24 BCR MG . -6.37 86.17 5.33
C25 BCR MG . -7.58 86.89 4.94
C26 BCR MG . -8.68 86.23 4.55
C27 BCR MG . -9.96 86.85 4.17
C28 BCR MG . -10.16 88.12 4.94
C29 BCR MG . -8.96 89.01 4.76
C30 BCR MG . -7.59 88.39 5.06
C35 BCR MG . 6.38 86.85 2.07
C36 BCR MG . 0.66 83.39 4.67
C37 BCR MG . -4.29 84.12 6.06
C38 BCR MG . -8.74 84.75 4.45
C39 BCR MG . -7.10 88.78 6.43
C40 BCR MG . -6.67 89.07 4.06
C1 BCR NG . 0.29 89.26 7.33
C2 BCR NG . -0.20 90.65 7.67
C3 BCR NG . 0.74 91.34 8.60
C4 BCR NG . 0.94 90.55 9.88
C5 BCR NG . 0.95 89.09 9.69
C6 BCR NG . 0.68 88.47 8.53
C7 BCR NG . 0.69 87.00 8.43
C8 BCR NG . 1.76 86.32 7.99
C9 BCR NG . 2.15 85.02 8.49
C10 BCR NG . 2.92 84.25 7.72
C11 BCR NG . 3.51 82.99 8.12
C33 BCR NG . 1.33 88.35 10.91
C31 BCR NG . 1.44 89.45 6.36
C32 BCR NG . -0.85 88.56 6.61
C34 BCR NG . 1.98 84.75 9.94
C12 BCR NG . 4.46 82.48 7.34
C13 BCR NG . 5.06 81.18 7.47
C14 BCR NG . 5.76 80.69 6.44
C15 BCR NG . 6.65 79.56 6.50
C16 BCR NG . 7.27 79.16 5.39
C17 BCR NG . 8.11 77.99 5.40
C18 BCR NG . 8.72 77.48 4.33
C19 BCR NG . 9.71 76.44 4.51
C20 BCR NG . 10.14 75.67 3.51
C21 BCR NG . 11.31 74.84 3.69
C22 BCR NG . 12.14 74.46 2.73
C23 BCR NG . 12.75 73.14 2.84
C24 BCR NG . 13.43 72.76 3.92
C25 BCR NG . 14.34 71.64 4.05
C26 BCR NG . 13.94 70.44 4.46
C27 BCR NG . 14.78 69.24 4.65
C28 BCR NG . 16.24 69.46 4.28
C29 BCR NG . 16.66 70.89 4.48
C30 BCR NG . 15.78 71.87 3.73
C35 BCR NG . 5.15 80.54 8.80
C36 BCR NG . 8.45 77.98 2.97
C37 BCR NG . 12.82 75.47 1.89
C38 BCR NG . 12.53 70.13 4.79
C39 BCR NG . 16.04 71.80 2.23
C40 BCR NG . 16.25 73.26 4.17
C1 BCR OG . 5.97 55.19 21.21
C2 BCR OG . 7.30 55.20 21.93
C3 BCR OG . 8.05 53.94 21.62
C4 BCR OG . 8.39 53.91 20.16
C5 BCR OG . 7.24 54.28 19.30
C6 BCR OG . 6.11 54.84 19.76
C7 BCR OG . 5.01 55.20 18.88
C8 BCR OG . 4.02 54.36 18.60
C9 BCR OG . 3.22 54.42 17.41
C10 BCR OG . 2.58 53.32 17.00
C11 BCR OG . 1.52 53.33 16.03
C33 BCR OG . 7.44 53.94 17.88
C31 BCR OG . 5.34 56.55 21.39
C32 BCR OG . 5.13 54.16 21.94
C34 BCR OG . 2.86 55.76 16.89
C12 BCR OG . 0.78 52.24 15.86
C13 BCR OG . -0.45 52.24 15.12
C14 BCR OG . -0.96 51.07 14.73
C15 BCR OG . -2.08 50.97 13.82
C16 BCR OG . -2.50 49.77 13.42
C17 BCR OG . -3.70 49.72 12.62
C18 BCR OG . -4.24 48.63 12.08
C19 BCR OG . -5.32 48.81 11.13
C20 BCR OG . -5.87 47.80 10.44
C21 BCR OG . -6.88 48.12 9.46
C22 BCR OG . -7.81 47.29 8.98
C23 BCR OG . -9.07 47.85 8.55
C24 BCR OG . -9.69 47.47 7.43
C25 BCR OG . -11.14 47.29 7.24
C26 BCR OG . -11.93 48.32 6.90
C27 BCR OG . -13.39 48.25 6.67
C28 BCR OG . -14.01 47.04 7.31
C29 BCR OG . -13.18 45.80 7.06
C30 BCR OG . -11.69 45.90 7.38
C35 BCR OG . -0.90 53.50 14.51
C36 BCR OG . -3.87 47.27 12.49
C37 BCR OG . -7.47 45.88 8.64
C38 BCR OG . -11.44 49.70 6.73
C39 BCR OG . -10.89 44.99 6.46
C40 BCR OG . -11.55 45.34 8.78
C1 BCR PG . 11.02 49.53 14.12
C2 BCR PG . 11.71 49.04 15.37
C3 BCR PG . 10.94 49.44 16.59
C4 BCR PG . 10.79 50.94 16.68
C5 BCR PG . 10.56 51.59 15.37
C6 BCR PG . 10.64 50.97 14.19
C7 BCR PG . 10.39 51.67 12.93
C8 BCR PG . 9.19 51.71 12.36
C9 BCR PG . 8.88 52.44 11.15
C10 BCR PG . 7.59 52.58 10.81
C11 BCR PG . 7.12 53.17 9.59
C33 BCR PG . 10.20 53.01 15.50
C31 BCR PG . 9.83 48.61 13.91
C32 BCR PG . 12.00 49.33 12.98
C34 BCR PG . 9.98 52.80 10.24
C12 BCR PG . 5.80 53.32 9.45
C13 BCR PG . 5.15 53.87 8.28
C14 BCR PG . 3.83 53.71 8.17
C15 BCR PG . 3.08 54.10 7.01
C16 BCR PG . 1.79 53.74 6.88
C17 BCR PG . 1.10 54.14 5.69
C18 BCR PG . -0.20 53.97 5.44
C19 BCR PG . -0.69 54.28 4.11
C20 BCR PG . -1.97 54.15 3.75
C21 BCR PG . -2.34 54.42 2.38
C22 BCR PG . -3.58 54.62 1.93
C23 BCR PG . -3.77 54.86 0.51
C24 BCR PG . -4.87 55.44 0.00
C25 BCR PG . -5.46 55.21 -1.32
C26 BCR PG . -5.01 55.82 -2.43
C27 BCR PG . -5.56 55.65 -3.79
C28 BCR PG . -6.38 54.40 -3.92
C29 BCR PG . -7.32 54.31 -2.75
C30 BCR PG . -6.63 54.26 -1.39
C35 BCR PG . 5.96 54.36 7.15
C36 BCR PG . -1.17 53.69 6.51
C37 BCR PG . -4.71 54.82 2.86
C38 BCR PG . -3.89 56.77 -2.44
C39 BCR PG . -6.23 52.83 -1.05
C40 BCR PG . -7.70 54.66 -0.39
C1 BCR QG . 30.23 61.99 -0.04
C2 BCR QG . 29.30 60.86 -0.39
C3 BCR QG . 28.02 60.96 0.38
C4 BCR QG . 28.26 60.92 1.86
C5 BCR QG . 29.48 61.65 2.28
C6 BCR QG . 30.42 62.15 1.45
C7 BCR QG . 31.60 62.90 1.91
C8 BCR QG . 32.71 62.35 2.43
C9 BCR QG . 33.56 63.03 3.38
C10 BCR QG . 34.80 62.59 3.58
C11 BCR QG . 35.34 61.39 2.98
C33 BCR QG . 29.55 61.79 3.76
C31 BCR QG . 29.65 63.26 -0.63
C32 BCR QG . 31.53 61.70 -0.77
C34 BCR QG . 32.96 64.12 4.18
C12 BCR QG . 36.66 61.18 3.09
C13 BCR QG . 37.35 60.06 2.50
C14 BCR QG . 38.69 59.98 2.62
C15 BCR QG . 39.47 58.87 2.17
C16 BCR QG . 40.67 58.58 2.71
C17 BCR QG . 41.38 57.46 2.16
C18 BCR QG . 42.69 57.24 2.20
C19 BCR QG . 43.55 58.24 2.80
C20 BCR QG . 44.81 57.98 3.14
C21 BCR QG . 45.86 58.74 2.52
C22 BCR QG . 46.72 59.54 3.17
C23 BCR QG . 48.00 58.99 3.58
C24 BCR QG . 48.54 59.25 4.78
C25 BCR QG . 49.87 59.79 5.06
C26 BCR QG . 50.96 59.02 5.14
C27 BCR QG . 52.34 59.47 5.43
C28 BCR QG . 52.48 60.97 5.34
C29 BCR QG . 51.28 61.63 5.97
C30 BCR QG . 49.97 61.27 5.30
C35 BCR QG . 36.61 59.12 1.63
C36 BCR QG . 43.33 56.14 1.46
C37 BCR QG . 46.23 60.79 3.80
C38 BCR QG . 50.93 57.56 4.93
C39 BCR QG . 49.77 62.07 4.03
C40 BCR QG . 48.89 61.74 6.28
O1 LHG RG . 31.59 54.27 30.71
C1 LHG RG . 30.95 54.02 29.46
C2 LHG RG . 31.01 55.27 28.62
O2 LHG RG . 30.85 56.43 29.43
C3 LHG RG . 29.91 55.36 27.58
O3 LHG RG . 30.68 55.29 26.39
P LHG RG . 31.10 53.88 25.74
O4 LHG RG . 32.59 53.81 25.73
O5 LHG RG . 30.05 52.94 26.21
O6 LHG RG . 30.75 54.32 24.16
C4 LHG RG . 31.20 55.54 23.64
C5 LHG RG . 31.05 55.40 22.12
C6 LHG RG . 29.60 55.21 21.72
O7 LHG RG . 31.48 56.62 21.57
C7 LHG RG . 32.33 56.48 20.52
O9 LHG RG . 32.42 55.47 19.86
C8 LHG RG . 33.31 57.60 20.50
C9 LHG RG . 33.14 58.40 19.23
C10 LHG RG . 33.77 59.76 19.40
O8 LHG RG . 29.11 56.55 21.56
C23 LHG RG . 27.80 56.70 21.20
O10 LHG RG . 27.07 55.74 21.22
C24 LHG RG . 27.37 57.93 20.42
C11 LHG RG . 33.77 60.28 17.98
C12 LHG RG . 34.54 61.55 17.91
C13 LHG RG . 34.51 62.04 16.48
C14 LHG RG . 34.54 63.55 16.41
C15 LHG RG . 34.30 63.92 14.96
C16 LHG RG . 32.85 63.68 14.62
C17 LHG RG . 32.48 64.41 13.34
C18 LHG RG . 31.07 64.91 13.63
C19 LHG RG . 30.26 65.28 12.41
C20 LHG RG . 30.85 66.60 12.00
C21 LHG RG . 29.87 67.36 11.15
C22 LHG RG . 29.69 66.63 9.84
C25 LHG RG . 27.32 57.76 18.92
C26 LHG RG . 26.04 57.14 18.37
C27 LHG RG . 26.41 56.72 16.97
C28 LHG RG . 27.10 55.39 16.83
C29 LHG RG . 26.72 54.87 15.46
C30 LHG RG . 27.76 55.02 14.38
C31 LHG RG . 27.53 56.12 13.38
C32 LHG RG . 26.79 55.69 12.12
C33 LHG RG . 26.78 56.89 11.19
C34 LHG RG . 28.04 57.05 10.34
C35 LHG RG . 27.71 56.96 8.86
C36 LHG RG . 28.91 57.42 8.08
C37 LHG RG . 28.50 58.63 7.29
C38 LHG RG . 28.27 58.34 5.83
C1B LMT SG . 5.38 29.01 -19.00
C2B LMT SG . 4.65 29.04 -20.33
C3B LMT SG . 4.12 27.64 -20.62
C4B LMT SG . 5.21 26.57 -20.53
C5B LMT SG . 6.17 26.77 -19.36
C6B LMT SG . 7.43 26.12 -19.88
O1B LMT SG . 4.48 28.61 -17.97
O2B LMT SG . 3.57 29.97 -20.28
O3B LMT SG . 3.62 27.62 -21.96
O4' LMT SG . 4.60 25.28 -20.37
O5B LMT SG . 6.50 28.13 -19.10
O6B LMT SG . 7.18 24.72 -20.01
C1' LMT SG . 4.18 29.62 -13.85
C2' LMT SG . 4.74 30.67 -14.79
C3' LMT SG . 4.63 30.39 -16.29
C4' LMT SG . 4.86 28.92 -16.62
C5' LMT SG . 3.98 28.06 -15.71
C6' LMT SG . 4.16 26.57 -16.02
O1' LMT SG . 4.99 29.68 -12.68
O2' LMT SG . 4.13 31.94 -14.53
O3' LMT SG . 5.62 31.27 -16.84
O5' LMT SG . 4.32 28.28 -14.34
O6' LMT SG . 5.55 26.28 -16.11
C1 LMT SG . 4.30 30.11 -11.52
C2 LMT SG . 4.85 29.37 -10.31
C3 LMT SG . 6.36 29.18 -10.35
C4 LMT SG . 6.97 30.05 -9.28
C5 LMT SG . 7.74 29.26 -8.23
C6 LMT SG . 7.44 29.79 -6.83
C7 LMT SG . 7.54 31.31 -6.75
C8 LMT SG . 6.90 31.83 -5.49
C9 LMT SG . 7.20 33.32 -5.32
C10 LMT SG . 6.71 33.81 -3.95
C11 LMT SG . 6.73 35.32 -3.89
C12 LMT SG . 7.28 35.77 -2.55
MG CLA TG . 35.42 41.01 -6.01
CHA CLA TG . 38.35 39.35 -5.21
CHB CLA TG . 34.67 41.19 -2.73
CHC CLA TG . 33.01 43.27 -6.84
CHD CLA TG . 36.51 40.98 -9.53
NA CLA TG . 36.36 40.43 -4.26
C1A CLA TG . 37.39 39.66 -4.09
C2A CLA TG . 37.61 39.16 -2.69
C3A CLA TG . 36.40 39.69 -2.00
C4A CLA TG . 35.78 40.51 -3.06
CMA CLA TG . 35.57 38.41 -2.08
CAA CLA TG . 38.74 39.88 -1.95
CBA CLA TG . 38.95 39.25 -0.58
CGA CLA TG . 39.80 40.13 0.29
O1A CLA TG . 39.86 39.98 1.49
O2A CLA TG . 40.55 41.20 -0.35
NB CLA TG . 34.02 42.04 -4.93
C1B CLA TG . 33.88 42.06 -3.61
C2B CLA TG . 32.93 43.11 -3.10
C3B CLA TG . 32.46 43.72 -4.37
C4B CLA TG . 33.20 42.97 -5.41
CMB CLA TG . 32.50 43.51 -1.72
CAB CLA TG . 31.48 44.80 -4.59
CBB CLA TG . 30.20 44.59 -4.37
NC CLA TG . 34.92 41.94 -7.78
C1C CLA TG . 33.88 42.77 -7.92
C2C CLA TG . 33.63 43.23 -9.30
C3C CLA TG . 34.66 42.55 -10.08
C4C CLA TG . 35.38 41.79 -9.05
CMC CLA TG . 32.57 44.16 -9.81
CAC CLA TG . 34.92 42.60 -11.56
CBC CLA TG . 34.02 41.55 -12.17
ND CLA TG . 36.97 40.37 -7.15
C1D CLA TG . 37.38 40.41 -8.52
C2D CLA TG . 38.71 39.85 -8.81
C3D CLA TG . 39.12 39.44 -7.44
C4D CLA TG . 38.10 39.81 -6.58
CMD CLA TG . 39.55 39.67 -10.03
CAD CLA TG . 40.19 38.81 -6.65
OBD CLA TG . 41.30 38.38 -7.11
CBD CLA TG . 39.74 38.81 -5.25
CGD CLA TG . 40.15 37.60 -4.48
O1D CLA TG . 39.83 36.49 -4.82
O2D CLA TG . 40.99 37.79 -3.32
CED CLA TG . 41.90 36.75 -3.03
C1 CLA TG . 41.74 41.68 0.25
C2 CLA TG . 42.15 42.88 -0.56
C3 CLA TG . 43.12 42.80 -1.48
C4 CLA TG . 43.86 41.53 -1.74
C5 CLA TG . 43.47 44.03 -2.27
C6 CLA TG . 43.35 43.72 -3.76
C7 CLA TG . 43.18 44.97 -4.60
C8 CLA TG . 44.44 45.81 -4.66
C9 CLA TG . 44.24 47.02 -5.56
C10 CLA TG . 45.59 44.96 -5.17
C11 CLA TG . 46.88 45.75 -5.05
C12 CLA TG . 48.06 44.85 -4.75
C13 CLA TG . 49.21 45.69 -4.22
C14 CLA TG . 50.55 45.03 -4.52
C15 CLA TG . 49.04 45.91 -2.73
C16 CLA TG . 49.81 47.13 -2.24
C17 CLA TG . 49.83 47.18 -0.73
C18 CLA TG . 50.30 48.54 -0.24
C19 CLA TG . 50.79 48.47 1.20
C20 CLA TG . 49.18 49.58 -0.38
MG CLA UG . 43.75 45.86 2.20
CHA CLA UG . 41.47 47.06 -0.07
CHB CLA UG . 45.88 48.28 1.24
CHC CLA UG . 45.67 45.06 4.89
CHD CLA UG . 41.22 43.45 3.33
NA CLA UG . 43.68 47.45 0.87
C1A CLA UG . 42.84 47.68 -0.07
C2A CLA UG . 43.28 48.72 -1.10
C3A CLA UG . 44.68 49.02 -0.67
C4A CLA UG . 44.75 48.19 0.56
CMA CLA UG . 45.62 48.41 -1.71
CAA CLA UG . 42.63 50.07 -0.82
CBA CLA UG . 42.26 50.86 -2.07
CGA CLA UG . 43.44 51.64 -2.58
O1A CLA UG . 43.82 51.48 -3.72
O2A CLA UG . 44.15 52.54 -1.67
NB CLA UG . 45.56 46.50 2.89
C1B CLA UG . 46.17 47.60 2.50
C2B CLA UG . 47.07 48.23 3.48
C3B CLA UG . 47.01 47.26 4.59
C4B CLA UG . 46.06 46.23 4.10
CMB CLA UG . 47.85 49.52 3.32
CAB CLA UG . 47.68 47.23 5.92
CBB CLA UG . 48.90 47.67 6.14
NC CLA UG . 43.44 44.60 3.81
C1C CLA UG . 44.42 44.30 4.70
C2C CLA UG . 44.17 43.09 5.51
C3C CLA UG . 42.86 42.62 5.04
C4C CLA UG . 42.52 43.63 4.02
CMC CLA UG . 45.02 42.45 6.57
CAC CLA UG . 42.05 41.41 5.50
CBC CLA UG . 42.35 40.25 4.58
ND CLA UG . 41.85 45.31 1.80
C1D CLA UG . 40.85 44.42 2.31
C2D CLA UG . 39.51 44.54 1.71
C3D CLA UG . 39.76 45.65 0.74
C4D CLA UG . 41.09 46.04 0.90
CMD CLA UG . 38.20 43.85 1.91
CAD CLA UG . 39.16 46.53 -0.29
OBD CLA UG . 37.96 46.52 -0.70
CBD CLA UG . 40.22 47.43 -0.79
CGD CLA UG . 40.29 47.33 -2.28
O1D CLA UG . 40.51 48.31 -2.96
O2D CLA UG . 40.03 46.10 -2.99
CED CLA UG . 39.75 46.26 -4.36
C1 CLA UG . 43.76 53.90 -1.54
C2 CLA UG . 43.77 54.51 -2.93
C3 CLA UG . 43.85 55.82 -3.18
C4 CLA UG . 43.86 56.25 -4.62
C5 CLA UG . 43.91 56.86 -2.08
C6 CLA UG . 42.97 58.03 -2.32
C7 CLA UG . 43.76 59.31 -2.55
C8 CLA UG . 43.24 60.48 -1.71
C9 CLA UG . 43.58 60.26 -0.25
C10 CLA UG . 41.74 60.65 -1.93
C11 CLA UG . 41.16 61.77 -1.07
C12 CLA UG . 41.62 63.15 -1.54
MG CLA VG . 22.91 37.19 7.44
CHA CLA VG . 19.92 36.91 9.17
CHB CLA VG . 21.92 34.74 5.38
CHC CLA VG . 25.37 38.16 5.32
CHD CLA VG . 23.91 39.80 9.77
NA CLA VG . 21.20 36.06 7.26
C1A CLA VG . 20.17 35.98 8.01
C2A CLA VG . 19.20 34.90 7.63
C3A CLA VG . 19.91 34.20 6.50
C4A CLA VG . 21.10 35.07 6.38
CMA CLA VG . 20.35 32.84 7.01
CAA CLA VG . 18.04 35.58 6.90
CBA CLA VG . 16.81 34.73 6.62
CGA CLA VG . 16.80 34.16 5.21
O1A CLA VG . 16.95 34.87 4.24
O2A CLA VG . 16.68 32.72 5.02
NB CLA VG . 23.54 36.53 5.62
C1B CLA VG . 23.12 35.47 4.97
C2B CLA VG . 23.83 35.18 3.70
C3B CLA VG . 24.87 36.23 3.70
C4B CLA VG . 24.57 37.00 4.94
CMB CLA VG . 23.60 34.08 2.70
CAB CLA VG . 25.96 36.52 2.75
CBB CLA VG . 25.69 36.73 1.48
NC CLA VG . 24.27 38.71 7.53
C1C CLA VG . 25.23 38.86 6.60
C2C CLA VG . 26.27 39.83 6.94
C3C CLA VG . 25.88 40.34 8.25
C4C CLA VG . 24.63 39.57 8.51
CMC CLA VG . 27.43 40.17 6.08
CAC CLA VG . 26.59 41.35 9.11
CBC CLA VG . 25.83 42.64 9.03
ND CLA VG . 22.19 38.16 9.07
C1D CLA VG . 22.59 39.22 9.93
C2D CLA VG . 21.61 39.65 10.94
C3D CLA VG . 20.50 38.71 10.62
C4D CLA VG . 20.91 37.95 9.53
CMD CLA VG . 21.64 40.70 12.01
CAD CLA VG . 19.13 38.27 10.99
OBD CLA VG . 18.40 38.77 11.91
CBD CLA VG . 18.74 37.19 10.05
CGD CLA VG . 17.93 36.07 10.60
O1D CLA VG . 18.41 35.17 11.25
O2D CLA VG . 16.51 36.07 10.29
CED CLA VG . 15.67 35.02 10.73
C1 CLA VG . 16.92 32.15 3.73
C2 CLA VG . 18.37 31.74 3.62
C3 CLA VG . 19.23 32.32 2.75
C4 CLA VG . 18.77 33.41 1.83
C5 CLA VG . 20.66 31.85 2.70
C6 CLA VG . 21.05 31.31 1.35
C7 CLA VG . 20.27 30.05 1.01
C8 CLA VG . 20.69 29.44 -0.32
C9 CLA VG . 20.53 30.47 -1.43
C10 CLA VG . 19.84 28.22 -0.60
C11 CLA VG . 20.65 27.07 -1.18
C12 CLA VG . 21.22 26.17 -0.10
C13 CLA VG . 21.03 24.69 -0.46
C14 CLA VG . 19.65 24.20 -0.05
C15 CLA VG . 22.11 23.86 0.21
C16 CLA VG . 22.10 22.42 -0.28
MG CLA WG . 38.94 11.96 12.87
CHA CLA WG . 37.69 10.42 15.73
CHB CLA WG . 41.47 9.74 12.84
CHC CLA WG . 39.71 13.11 9.76
CHD CLA WG . 35.95 14.12 12.88
NA CLA WG . 39.47 10.33 14.04
C1A CLA WG . 38.99 9.88 15.14
C2A CLA WG . 39.79 8.79 15.83
C3A CLA WG . 40.98 8.63 14.88
C4A CLA WG . 40.60 9.64 13.85
CMA CLA WG . 42.24 9.09 15.59
CAA CLA WG . 39.20 7.38 15.95
CBA CLA WG . 37.90 6.97 15.26
CGA CLA WG . 37.91 7.05 13.77
O1A CLA WG . 38.86 6.65 13.13
O2A CLA WG . 36.74 7.58 13.08
NB CLA WG . 40.38 11.48 11.50
C1B CLA WG . 41.37 10.61 11.66
C2B CLA WG . 42.34 10.54 10.53
C3B CLA WG . 41.79 11.56 9.61
C4B CLA WG . 40.58 12.06 10.33
CMB CLA WG . 43.57 9.68 10.38
CAB CLA WG . 42.26 12.03 8.28
CBB CLA WG . 43.50 12.39 8.07
NC CLA WG . 38.02 13.33 11.63
C1C CLA WG . 38.47 13.62 10.39
C2C CLA WG . 37.60 14.55 9.62
C3C CLA WG . 36.49 14.85 10.55
C4C CLA WG . 36.88 14.05 11.74
CMC CLA WG . 37.76 15.09 8.21
CAC CLA WG . 35.28 15.71 10.37
CBC CLA WG . 35.67 17.17 10.49
ND CLA WG . 37.23 12.27 13.93
C1D CLA WG . 36.09 13.13 13.94
C2D CLA WG . 35.12 12.94 15.04
C3D CLA WG . 35.79 11.82 15.75
C4D CLA WG . 36.95 11.49 15.06
CMD CLA WG . 33.83 13.57 15.46
CAD CLA WG . 35.68 10.92 16.93
OBD CLA WG . 34.73 10.91 17.78
CBD CLA WG . 36.86 10.02 16.90
CGD CLA WG . 37.56 9.93 18.21
O1D CLA WG . 37.22 9.11 19.04
O2D CLA WG . 38.70 10.79 18.50
CED CLA WG . 39.60 10.37 19.50
C1 CLA WG . 36.80 8.88 12.51
C2 CLA WG . 35.44 9.53 12.51
C3 CLA WG . 35.06 10.35 11.52
C4 CLA WG . 35.96 10.66 10.36
C5 CLA WG . 33.68 10.97 11.57
MG CLA XG . 50.63 14.15 13.47
CHA CLA XG . 53.39 14.88 11.51
CHB CLA XG . 48.92 13.48 10.63
CHC CLA XG . 47.80 13.99 15.34
CHD CLA XG . 52.44 15.52 16.36
NA CLA XG . 51.05 14.22 11.43
C1A CLA XG . 52.15 14.39 10.81
C2A CLA XG . 52.16 14.06 9.34
C3A CLA XG . 50.71 13.72 9.12
C4A CLA XG . 50.19 13.81 10.50
CMA CLA XG . 50.15 14.91 8.37
CAA CLA XG . 52.97 12.76 9.10
CBA CLA XG . 52.42 11.68 8.16
CGA CLA XG . 52.57 12.11 6.73
O1A CLA XG . 51.74 11.83 5.88
O2A CLA XG . 53.71 12.93 6.39
NB CLA XG . 48.66 13.81 13.03
C1B CLA XG . 48.13 13.49 11.85
C2B CLA XG . 46.69 13.11 11.88
C3B CLA XG . 46.37 13.27 13.32
C4B CLA XG . 47.66 13.70 13.91
CMB CLA XG . 45.83 12.70 10.73
CAB CLA XG . 45.11 13.10 14.09
CBB CLA XG . 44.29 12.07 13.89
NC CLA XG . 50.23 14.66 15.42
C1C CLA XG . 49.02 14.51 15.98
C2C CLA XG . 48.94 14.92 17.41
C3C CLA XG . 50.30 15.37 17.70
C4C CLA XG . 51.00 15.16 16.42
CMC CLA XG . 47.75 14.87 18.33
CAC CLA XG . 50.85 15.90 19.01
CBC CLA XG . 50.75 17.41 18.97
ND CLA XG . 52.39 15.03 13.92
C1D CLA XG . 53.12 15.48 15.07
C2D CLA XG . 54.52 15.86 14.85
C3D CLA XG . 54.61 15.62 13.38
C4D CLA XG . 53.38 15.16 12.95
CMD CLA XG . 55.65 16.35 15.70
CAD CLA XG . 55.50 15.64 12.19
OBD CLA XG . 56.71 16.01 12.15
CBD CLA XG . 54.74 15.22 11.00
CGD CLA XG . 54.71 16.41 10.07
O1D CLA XG . 54.61 16.27 8.87
O2D CLA XG . 54.83 17.75 10.62
CED CLA XG . 54.78 18.87 9.74
C1 CLA XG . 53.57 13.96 5.43
C2 CLA XG . 54.67 14.95 5.75
C3 CLA XG . 55.77 15.05 5.00
C4 CLA XG . 55.95 14.18 3.79
C5 CLA XG . 56.84 16.05 5.35
C6 CLA XG . 58.06 15.42 6.04
C7 CLA XG . 57.75 15.01 7.48
C8 CLA XG . 58.89 14.31 8.22
C9 CLA XG . 59.79 13.48 7.30
C10 CLA XG . 58.27 13.44 9.31
C11 CLA XG . 59.32 12.97 10.29
C12 CLA XG . 58.69 12.09 11.38
C13 CLA XG . 58.15 12.91 12.55
C14 CLA XG . 59.20 13.88 13.10
C15 CLA XG . 57.69 11.95 13.65
C16 CLA XG . 57.00 12.67 14.80
C17 CLA XG . 55.83 11.82 15.28
C18 CLA XG . 55.78 11.53 16.77
C19 CLA XG . 57.16 11.39 17.40
C20 CLA XG . 54.97 10.26 17.02
MG CLA YG . 46.86 16.29 5.24
CHA CLA YG . 44.23 16.26 7.48
CHB CLA YG . 48.64 18.08 7.46
CHC CLA YG . 49.26 16.54 2.86
CHD CLA YG . 44.62 14.71 2.75
NA CLA YG . 46.51 17.08 7.13
C1A CLA YG . 45.50 16.94 7.92
C2A CLA YG . 45.68 17.49 9.32
C3A CLA YG . 47.06 18.09 9.24
C4A CLA YG . 47.42 17.72 7.85
CMA CLA YG . 46.91 19.60 9.32
CAA CLA YG . 45.80 16.35 10.33
CBA CLA YG . 46.06 16.80 11.75
CGA CLA YG . 44.88 17.53 12.34
O1A CLA YG . 43.89 16.92 12.69
O2A CLA YG . 44.92 18.96 12.50
NB CLA YG . 48.68 17.20 5.17
C1B CLA YG . 49.28 17.87 6.16
C2B CLA YG . 50.66 18.33 5.85
C3B CLA YG . 50.82 17.85 4.46
C4B CLA YG . 49.55 17.17 4.16
CMB CLA YG . 51.62 19.09 6.72
CAB CLA YG . 51.99 17.99 3.56
CBB CLA YG . 53.04 17.21 3.70
NC CLA YG . 46.89 15.77 3.25
C1C CLA YG . 47.99 15.91 2.47
C2C CLA YG . 47.84 15.39 1.09
C3C CLA YG . 46.47 14.85 1.08
C4C CLA YG . 46.00 15.14 2.46
CMC CLA YG . 48.84 15.38 -0.03
CAC CLA YG . 45.72 14.17 -0.03
CBC CLA YG . 45.03 15.26 -0.79
ND CLA YG . 44.94 15.66 5.04
C1D CLA YG . 44.11 14.99 4.09
C2D CLA YG . 42.76 14.62 4.56
C3D CLA YG . 42.83 15.15 5.94
C4D CLA YG . 44.08 15.71 6.13
CMD CLA YG . 41.55 13.94 3.97
CAD CLA YG . 42.08 15.31 7.20
OBD CLA YG . 40.90 14.91 7.39
CBD CLA YG . 42.94 16.00 8.18
CGD CLA YG . 42.27 17.20 8.77
O1D CLA YG . 42.15 18.25 8.17
O2D CLA YG . 41.75 17.06 10.11
CED CLA YG . 40.34 17.05 10.26
C1 CLA YG . 43.73 19.69 12.79
C2 CLA YG . 43.18 20.32 11.54
C3 CLA YG . 43.49 21.58 11.20
C4 CLA YG . 44.41 22.41 12.05
C5 CLA YG . 42.91 22.17 9.94
C6 CLA YG . 43.84 23.14 9.24
C7 CLA YG . 44.14 22.65 7.83
C8 CLA YG . 43.92 23.78 6.82
C9 CLA YG . 42.68 23.47 5.99
C10 CLA YG . 45.10 24.01 5.89
C11 CLA YG . 46.43 23.39 6.31
C12 CLA YG . 47.19 22.86 5.10
C13 CLA YG . 47.74 21.47 5.36
C14 CLA YG . 48.80 21.09 4.33
C15 CLA YG . 46.61 20.44 5.46
C16 CLA YG . 46.17 19.74 4.17
C17 CLA YG . 44.92 20.38 3.59
C18 CLA YG . 43.69 19.46 3.56
C19 CLA YG . 43.26 19.00 4.95
C20 CLA YG . 43.91 18.27 2.63
MG CLA ZG . 37.07 8.01 -8.38
CHA CLA ZG . 34.08 8.62 -10.04
CHB CLA ZG . 37.08 11.23 -7.37
CHC CLA ZG . 39.75 7.23 -6.48
CHD CLA ZG . 36.66 4.45 -9.19
NA CLA ZG . 35.79 9.64 -8.61
C1A CLA ZG . 34.75 9.78 -9.34
C2A CLA ZG . 34.16 11.17 -9.39
C3A CLA ZG . 35.16 11.97 -8.60
C4A CLA ZG . 36.07 10.87 -8.16
CMA CLA ZG . 35.90 12.80 -9.62
CAA CLA ZG . 32.80 11.33 -8.65
CBA CLA ZG . 32.71 10.79 -7.22
CGA CLA ZG . 32.35 9.33 -7.20
O1A CLA ZG . 31.29 8.91 -7.67
O2A CLA ZG . 33.30 8.38 -6.65
NB CLA ZG . 38.25 9.09 -7.13
C1B CLA ZG . 38.12 10.37 -6.79
C2B CLA ZG . 39.07 10.84 -5.75
C3B CLA ZG . 39.87 9.62 -5.50
C4B CLA ZG . 39.26 8.61 -6.40
CMB CLA ZG . 39.22 12.18 -5.12
CAB CLA ZG . 41.00 9.41 -4.57
CBB CLA ZG . 40.79 9.33 -3.26
NC CLA ZG . 37.94 6.21 -7.87
C1C CLA ZG . 39.11 6.14 -7.22
C2C CLA ZG . 39.80 4.84 -7.28
C3C CLA ZG . 38.88 4.01 -8.09
C4C CLA ZG . 37.79 4.97 -8.38
CMC CLA ZG . 41.11 4.44 -6.66
CAC CLA ZG . 39.03 2.57 -8.50
CBC CLA ZG . 38.23 1.77 -7.50
ND CLA ZG . 35.76 6.77 -9.30
C1D CLA ZG . 35.65 5.39 -9.66
C2D CLA ZG . 34.50 5.03 -10.50
C3D CLA ZG . 33.87 6.36 -10.65
C4D CLA ZG . 34.64 7.27 -9.94
CMD CLA ZG . 33.99 3.75 -11.11
CAD CLA ZG . 32.74 7.10 -11.24
OBD CLA ZG . 31.83 6.58 -11.96
CBD CLA ZG . 32.86 8.54 -10.89
CGD CLA ZG . 33.19 9.27 -12.16
O1D CLA ZG . 34.29 9.17 -12.68
O2D CLA ZG . 32.22 10.15 -12.78
CED CLA ZG . 32.62 11.05 -13.82
C1 CLA ZG . 33.04 6.98 -6.70
C2 CLA ZG . 34.16 6.29 -5.96
C3 CLA ZG . 34.45 4.98 -6.13
C4 CLA ZG . 33.61 4.12 -7.04
C5 CLA ZG . 35.59 4.35 -5.38
C6 CLA ZG . 36.47 5.35 -4.64
C7 CLA ZG . 37.72 4.65 -4.11
C8 CLA ZG . 38.58 5.63 -3.35
C9 CLA ZG . 39.96 5.03 -3.11
C10 CLA ZG . 37.91 5.98 -2.02
C11 CLA ZG . 38.59 7.19 -1.40
C12 CLA ZG . 38.09 7.42 0.03
C13 CLA ZG . 38.80 8.60 0.69
C14 CLA ZG . 40.31 8.43 0.66
C15 CLA ZG . 38.29 8.75 2.12
C16 CLA ZG . 38.39 10.20 2.61
MG CLA AH . 38.05 17.46 -10.04
CHA CLA AH . 41.47 17.30 -10.63
CHB CLA AH . 38.35 14.86 -7.94
CHC CLA AH . 34.87 18.12 -9.01
CHD CLA AH . 37.96 20.56 -12.03
NA CLA AH . 39.63 16.30 -9.35
C1A CLA AH . 40.84 16.21 -9.79
C2A CLA AH . 41.65 15.10 -9.17
C3A CLA AH . 40.62 14.32 -8.39
C4A CLA AH . 39.45 15.21 -8.59
CMA CLA AH . 40.38 12.99 -9.10
CAA CLA AH . 42.59 15.67 -8.06
CBA CLA AH . 42.07 16.60 -6.94
CGA CLA AH . 41.64 18.00 -7.36
O1A CLA AH . 42.39 18.75 -7.97
O2A CLA AH . 40.29 18.50 -7.17
NB CLA AH . 36.78 16.57 -8.72
C1B CLA AH . 37.08 15.59 -7.90
C2B CLA AH . 36.10 15.35 -6.82
C3B CLA AH . 35.05 16.35 -7.14
C4B CLA AH . 35.59 17.03 -8.33
CMB CLA AH . 36.16 14.34 -5.72
CAB CLA AH . 33.76 16.64 -6.47
CBB CLA AH . 32.89 15.69 -6.16
NC CLA AH . 36.74 19.01 -10.43
C1C CLA AH . 35.50 19.07 -9.93
C2C CLA AH . 34.69 20.22 -10.39
C3C CLA AH . 35.61 20.94 -11.29
C4C CLA AH . 36.83 20.11 -11.23
CMC CLA AH . 33.29 20.58 -10.01
CAC CLA AH . 35.38 22.20 -12.07
CBC CLA AH . 35.77 23.34 -11.16
ND CLA AH . 39.30 18.66 -11.09
C1D CLA AH . 39.23 19.89 -11.81
C2D CLA AH . 40.52 20.39 -12.31
C3D CLA AH . 41.43 19.34 -11.82
C4D CLA AH . 40.66 18.42 -11.13
CMD CLA AH . 40.90 21.61 -13.08
CAD CLA AH . 42.85 18.90 -11.76
OBD CLA AH . 43.85 19.50 -12.28
CBD CLA AH . 42.89 17.64 -10.99
CGD CLA AH . 43.71 16.56 -11.60
O1D CLA AH . 44.93 16.56 -11.47
O2D CLA AH . 43.10 15.47 -12.33
CED CLA AH . 43.96 14.46 -12.82
C1 CLA AH . 39.96 19.73 -7.81
C2 CLA AH . 38.53 20.07 -7.54
C3 CLA AH . 37.98 21.27 -7.79
C4 CLA AH . 38.80 22.40 -8.34
C5 CLA AH . 36.52 21.47 -7.47
C6 CLA AH . 36.27 21.25 -5.98
C7 CLA AH . 35.36 20.06 -5.74
C8 CLA AH . 35.72 19.32 -4.46
C9 CLA AH . 35.63 20.25 -3.26
C10 CLA AH . 37.12 18.73 -4.59
C11 CLA AH . 37.53 17.85 -3.41
C12 CLA AH . 39.04 17.92 -3.19
C13 CLA AH . 39.71 16.56 -3.23
C14 CLA AH . 39.40 15.82 -4.51
C15 CLA AH . 39.31 15.73 -2.02
C16 CLA AH . 40.11 14.43 -1.92
C17 CLA AH . 41.20 14.54 -0.88
C18 CLA AH . 41.34 13.25 -0.09
C19 CLA AH . 41.70 12.08 -1.01
C20 CLA AH . 40.04 12.94 0.66
MG CLA BH . 27.97 20.62 -11.13
CHA CLA BH . 30.46 18.22 -11.27
CHB CLA BH . 26.53 18.89 -8.63
CHC CLA BH . 26.04 23.35 -10.56
CHD CLA BH . 29.76 22.48 -13.75
NA CLA BH . 28.42 18.89 -10.09
C1A CLA BH . 29.32 18.01 -10.30
C2A CLA BH . 29.24 16.76 -9.46
C3A CLA BH . 27.96 16.97 -8.71
C4A CLA BH . 27.62 18.34 -9.18
CMA CLA BH . 27.05 16.02 -9.47
CAA CLA BH . 30.22 16.76 -8.27
CBA CLA BH . 30.88 18.11 -7.93
CGA CLA BH . 30.34 18.76 -6.68
O1A CLA BH . 29.20 19.19 -6.60
O2A CLA BH . 31.24 18.90 -5.56
NB CLA BH . 26.50 21.05 -9.80
C1B CLA BH . 25.99 20.23 -8.90
C2B CLA BH . 24.90 20.82 -8.09
C3B CLA BH . 24.76 22.17 -8.68
C4B CLA BH . 25.81 22.18 -9.72
CMB CLA BH . 24.13 20.21 -6.97
CAB CLA BH . 23.82 23.27 -8.35
CBB CLA BH . 22.52 23.09 -8.44
NC CLA BH . 27.96 22.51 -11.95
C1C CLA BH . 27.04 23.43 -11.64
C2C CLA BH . 27.05 24.64 -12.48
C3C CLA BH . 28.15 24.38 -13.43
C4C CLA BH . 28.63 23.05 -12.99
CMC CLA BH . 26.16 25.84 -12.38
CAC CLA BH . 28.67 25.25 -14.54
CBC CLA BH . 27.93 24.81 -15.78
ND CLA BH . 29.64 20.48 -12.28
C1D CLA BH . 30.34 21.24 -13.25
C2D CLA BH . 31.63 20.68 -13.71
C3D CLA BH . 31.67 19.44 -12.88
C4D CLA BH . 30.54 19.44 -12.08
CMD CLA BH . 32.67 21.12 -14.68
CAD CLA BH . 32.44 18.23 -12.52
OBD CLA BH . 33.56 17.88 -13.01
CBD CLA BH . 31.70 17.46 -11.50
CGD CLA BH . 31.47 16.05 -11.97
O1D CLA BH . 30.71 15.81 -12.89
O2D CLA BH . 32.13 14.97 -11.28
CED CLA BH . 31.41 13.75 -11.09
C1 CLA BH . 30.79 18.61 -4.25
C2 CLA BH . 31.97 18.69 -3.30
MG CLA CH . 56.65 -1.83 11.78
CHA CLA CH . 57.79 -4.20 14.06
CHB CLA CH . 58.43 0.51 13.44
CHC CLA CH . 56.02 0.29 9.18
CHD CLA CH . 55.16 -4.59 9.83
NA CLA CH . 57.93 -1.84 13.42
C1A CLA CH . 58.22 -2.77 14.26
C2A CLA CH . 59.03 -2.36 15.47
C3A CLA CH . 59.14 -0.88 15.26
C4A CLA CH . 58.45 -0.73 13.95
CMA CLA CH . 58.19 -0.34 16.32
CAA CLA CH . 60.48 -2.86 15.44
CBA CLA CH . 61.07 -3.01 14.04
CGA CLA CH . 62.57 -3.20 14.10
O1A CLA CH . 63.22 -3.33 13.08
O2A CLA CH . 63.25 -3.24 15.39
NB CLA CH . 57.13 0.11 11.39
C1B CLA CH . 57.84 0.93 12.15
C2B CLA CH . 58.09 2.26 11.57
C3B CLA CH . 57.37 2.18 10.28
C4B CLA CH . 56.81 0.80 10.30
CMB CLA CH . 58.87 3.40 12.15
CAB CLA CH . 57.20 3.19 9.21
CBB CLA CH . 56.62 4.35 9.44
NC CLA CH . 55.80 -2.11 9.93
C1C CLA CH . 55.62 -1.11 9.03
C2C CLA CH . 54.95 -1.52 7.77
C3C CLA CH . 54.69 -2.95 7.96
C4C CLA CH . 55.26 -3.20 9.31
CMC CLA CH . 54.61 -0.66 6.58
CAC CLA CH . 54.04 -3.93 7.02
CBC CLA CH . 52.56 -3.86 7.34
ND CLA CH . 56.51 -3.86 11.80
C1D CLA CH . 55.84 -4.91 11.07
C2D CLA CH . 55.92 -6.25 11.68
C3D CLA CH . 56.71 -5.93 12.90
C4D CLA CH . 57.02 -4.58 12.87
CMD CLA CH . 55.40 -7.63 11.35
CAD CLA CH . 57.32 -6.50 14.13
OBD CLA CH . 57.26 -7.74 14.48
CBD CLA CH . 58.01 -5.43 14.87
CGD CLA CH . 57.45 -5.34 16.26
O1D CLA CH . 56.60 -4.53 16.56
O2D CLA CH . 58.01 -6.20 17.30
CED CLA CH . 58.15 -5.71 18.63
MG CLA DH . 67.49 0.00 10.93
CHA CLA DH . 66.06 -0.16 14.09
CHB CLA DH . 70.54 -0.24 12.38
CHC CLA DH . 68.78 -0.23 7.82
CHD CLA DH . 64.09 -0.14 9.50
NA CLA DH . 68.19 -0.22 12.88
C1A CLA DH . 67.57 -0.20 14.01
C2A CLA DH . 68.44 -0.19 15.25
C3A CLA DH . 69.83 -0.18 14.66
C4A CLA DH . 69.49 -0.21 13.20
CMA CLA DH . 70.49 1.15 14.98
CAA CLA DH . 68.36 -1.48 16.09
CBA CLA DH . 68.46 -2.76 15.26
CGA CLA DH . 67.21 -3.58 15.44
O1A CLA DH . 66.85 -4.38 14.60
O2A CLA DH . 66.40 -3.40 16.65
NB CLA DH . 69.39 -0.19 10.21
C1B CLA DH . 70.52 -0.28 10.91
C2B CLA DH . 71.75 -0.48 10.11
C3B CLA DH . 71.21 -0.47 8.73
C4B CLA DH . 69.74 -0.30 8.93
CMB CLA DH . 73.17 -0.64 10.57
CAB CLA DH . 71.94 -0.62 7.45
CBB CLA DH . 71.70 -1.65 6.65
NC CLA DH . 66.61 -0.15 9.08
C1C CLA DH . 67.31 -0.24 7.94
C2C CLA DH . 66.50 -0.39 6.70
C3C CLA DH . 65.11 -0.36 7.20
C4C CLA DH . 65.31 -0.20 8.68
CMC CLA DH . 67.00 -0.52 5.28
CAC CLA DH . 63.81 -0.46 6.45
CBC CLA DH . 63.55 0.81 5.69
ND CLA DH . 65.56 -0.16 11.53
C1D CLA DH . 64.24 -0.14 10.95
C2D CLA DH . 63.12 -0.11 11.91
C3D CLA DH . 63.88 -0.12 13.20
C4D CLA DH . 65.23 -0.16 12.87
CMD CLA DH . 61.62 -0.09 11.81
CAD CLA DH . 63.75 -0.12 14.68
OBD CLA DH . 62.65 -0.09 15.33
CBD CLA DH . 65.12 -0.15 15.26
CGD CLA DH . 65.29 0.98 16.22
O1D CLA DH . 65.89 2.00 15.90
O2D CLA DH . 64.77 0.84 17.55
CED CLA DH . 64.99 1.87 18.51
MG CLA EH . 60.41 6.47 10.54
CHA CLA EH . 57.44 8.24 10.60
CHB CLA EH . 60.25 6.47 7.17
CHC CLA EH . 63.03 4.34 10.57
CHD CLA EH . 60.28 6.28 14.24
NA CLA EH . 59.06 7.19 9.13
C1A CLA EH . 58.03 7.93 9.25
C2A CLA EH . 57.41 8.45 7.97
C3A CLA EH . 58.31 7.84 6.92
C4A CLA EH . 59.28 7.12 7.81
CMA CLA EH . 57.54 6.84 6.08
CAA CLA EH . 57.54 9.97 7.83
CBA CLA EH . 56.30 10.58 7.22
CGA CLA EH . 56.45 10.59 5.71
O1A CLA EH . 55.83 9.83 5.00
O2A CLA EH . 57.38 11.50 5.09
NB CLA EH . 61.46 5.53 9.08
C1B CLA EH . 61.33 5.67 7.77
C2B CLA EH . 62.34 4.96 6.95
C3B CLA EH . 63.16 4.32 8.00
C4B CLA EH . 62.53 4.75 9.27
CMB CLA EH . 62.48 4.90 5.45
CAB CLA EH . 64.36 3.45 7.92
CBB CLA EH . 65.44 3.82 7.25
NC CLA EH . 61.40 5.51 12.08
C1C CLA EH . 62.48 4.73 11.88
C2C CLA EH . 63.13 4.22 13.10
C3C CLA EH . 62.33 4.80 14.19
C4C CLA EH . 61.30 5.57 13.44
CMC CLA EH . 64.34 3.34 13.23
CAC CLA EH . 62.54 4.61 15.67
CBC CLA EH . 63.63 5.49 16.21
ND CLA EH . 59.23 7.05 12.09
C1D CLA EH . 59.20 6.97 13.52
C2D CLA EH . 58.03 7.62 14.17
C3D CLA EH . 57.32 8.12 12.96
C4D CLA EH . 58.06 7.75 11.85
CMD CLA EH . 57.55 7.82 15.58
CAD CLA EH . 56.13 8.87 12.48
OBD CLA EH . 55.21 9.36 13.22
CBD CLA EH . 56.18 8.95 11.00
CGD CLA EH . 54.97 8.29 10.42
O1D CLA EH . 54.27 8.89 9.61
O2D CLA EH . 54.61 6.94 10.78
CED CLA EH . 53.60 6.31 10.02
C1 CLA EH . 58.14 11.02 4.00
C2 CLA EH . 59.27 11.98 3.72
C3 CLA EH . 59.98 11.91 2.59
C4 CLA EH . 59.70 10.86 1.56
C5 CLA EH . 61.09 12.91 2.37
C6 CLA EH . 60.53 14.31 2.21
C7 CLA EH . 61.65 15.31 2.11
C8 CLA EH . 61.15 16.70 1.71
C9 CLA EH . 60.10 17.20 2.69
C10 CLA EH . 60.61 16.62 0.29
C11 CLA EH . 61.75 16.30 -0.67
C12 CLA EH . 61.28 15.40 -1.81
C13 CLA EH . 61.13 16.08 -3.17
C14 CLA EH . 61.81 17.45 -3.27
C15 CLA EH . 59.64 16.18 -3.50
C16 CLA EH . 59.33 15.41 -4.76
C17 CLA EH . 57.95 14.79 -4.70
C18 CLA EH . 57.06 15.25 -5.85
C19 CLA EH . 55.74 14.51 -5.84
C20 CLA EH . 57.74 15.09 -7.20
MG CLA FH . 60.57 2.90 -10.58
CHA CLA FH . 58.14 1.94 -12.88
CHB CLA FH . 58.39 5.12 -9.29
CHC CLA FH . 62.72 3.30 -7.98
CHD CLA FH . 62.73 0.19 -11.88
NA CLA FH . 58.60 3.41 -10.97
C1A CLA FH . 57.80 3.04 -11.91
C2A CLA FH . 56.48 3.76 -11.98
C3A CLA FH . 56.62 4.79 -10.87
C4A CLA FH . 57.97 4.43 -10.35
CMA CLA FH . 56.75 6.15 -11.54
CAA CLA FH . 55.31 2.85 -11.55
CBA CLA FH . 55.59 2.05 -10.27
CGA CLA FH . 54.92 0.71 -10.17
O1A CLA FH . 53.72 0.58 -10.32
O2A CLA FH . 55.72 -0.46 -9.86
NB CLA FH . 60.56 4.05 -8.90
C1B CLA FH . 59.64 4.94 -8.53
C2B CLA FH . 59.90 5.62 -7.23
C3B CLA FH . 61.21 5.03 -6.85
C4B CLA FH . 61.50 4.10 -7.96
CMB CLA FH . 59.07 6.64 -6.50
CAB CLA FH . 62.08 5.27 -5.68
CBB CLA FH . 62.38 6.48 -5.23
NC CLA FH . 62.32 1.93 -10.06
C1C CLA FH . 63.05 2.26 -8.97
C2C CLA FH . 64.30 1.49 -8.80
C3C CLA FH . 64.29 0.58 -9.95
C4C CLA FH . 63.03 0.95 -10.65
CMC CLA FH . 65.32 1.60 -7.70
CAC CLA FH . 65.30 -0.47 -10.34
CBC CLA FH . 66.40 0.26 -11.08
ND CLA FH . 60.54 1.40 -11.95
C1D CLA FH . 61.42 0.40 -12.48
C2D CLA FH . 60.89 -0.36 -13.64
C3D CLA FH . 59.56 0.28 -13.79
C4D CLA FH . 59.44 1.24 -12.79
CMD CLA FH . 61.41 -1.46 -14.50
CAD CLA FH . 58.30 0.27 -14.57
OBD CLA FH . 58.03 -0.49 -15.56
CBD CLA FH . 57.40 1.31 -14.02
CGD CLA FH . 57.12 2.31 -15.10
O1D CLA FH . 56.09 2.27 -15.75
O2D CLA FH . 58.07 3.37 -15.36
CED CLA FH . 57.62 4.53 -16.04
C1 CLA FH . 55.12 -1.60 -9.24
C2 CLA FH . 55.99 -2.10 -8.11
C3 CLA FH . 56.62 -3.29 -8.18
C4 CLA FH . 56.48 -4.17 -9.40
C5 CLA FH . 57.48 -3.77 -7.03
C6 CLA FH . 58.65 -2.84 -6.73
C7 CLA FH . 59.93 -3.65 -6.55
C8 CLA FH . 59.99 -4.31 -5.18
C9 CLA FH . 60.55 -3.35 -4.14
C10 CLA FH . 60.85 -5.57 -5.27
C11 CLA FH . 60.97 -6.27 -3.92
MG CLA GH . 71.46 0.14 -11.29
CHA CLA GH . 72.76 -2.23 -13.48
CHB CLA GH . 69.77 -2.32 -9.73
CHC CLA GH . 70.79 2.36 -8.83
CHD CLA GH . 73.64 2.66 -12.91
NA CLA GH . 71.32 -1.92 -11.52
C1A CLA GH . 71.80 -2.70 -12.42
C2A CLA GH . 71.34 -4.15 -12.35
C3A CLA GH . 70.37 -4.11 -11.19
C4A CLA GH . 70.49 -2.67 -10.79
CMA CLA GH . 68.97 -4.36 -11.71
CAA CLA GH . 72.46 -5.10 -11.89
CBA CLA GH . 73.39 -4.47 -10.85
CGA CLA GH . 74.21 -5.47 -10.07
O1A CLA GH . 73.83 -6.62 -9.93
O2A CLA GH . 75.47 -5.04 -9.49
NB CLA GH . 70.45 0.02 -9.53
C1B CLA GH . 69.71 -1.00 -9.10
C2B CLA GH . 68.90 -0.74 -7.88
C3B CLA GH . 69.22 0.68 -7.62
C4B CLA GH . 70.19 1.03 -8.70
CMB CLA GH . 67.99 -1.67 -7.14
CAB CLA GH . 68.71 1.55 -6.52
CBB CLA GH . 69.51 2.17 -5.67
NC CLA GH . 72.09 2.08 -10.97
C1C CLA GH . 71.70 2.79 -9.90
C2C CLA GH . 72.26 4.15 -9.80
C3C CLA GH . 73.11 4.25 -11.02
C4C CLA GH . 72.91 2.92 -11.64
CMC CLA GH . 72.02 5.18 -8.74
CAC CLA GH . 73.95 5.41 -11.49
CBC CLA GH . 75.33 5.19 -10.93
ND CLA GH . 72.87 0.28 -12.76
C1D CLA GH . 73.66 1.29 -13.41
C2D CLA GH . 74.45 0.83 -14.58
C3D CLA GH . 74.07 -0.61 -14.59
C4D CLA GH . 73.20 -0.82 -13.53
CMD CLA GH . 75.39 1.49 -15.56
CAD CLA GH . 74.27 -1.90 -15.29
OBD CLA GH . 75.01 -2.10 -16.31
CBD CLA GH . 73.48 -2.94 -14.59
CGD CLA GH . 72.68 -3.79 -15.52
O1D CLA GH . 73.18 -4.80 -16.00
O2D CLA GH . 71.29 -3.50 -15.81
CED CLA GH . 70.43 -4.56 -16.20
MG CLA HH . 79.62 13.90 -9.07
CHA CLA HH . 81.17 15.47 -11.75
CHB CLA HH . 79.76 11.00 -10.78
CHC CLA HH . 78.56 12.35 -6.23
CHD CLA HH . 79.97 17.05 -7.15
NA CLA HH . 80.38 13.31 -10.91
C1A CLA HH . 80.87 14.00 -11.88
C2A CLA HH . 81.12 13.23 -13.18
C3A CLA HH . 80.63 11.84 -12.83
C4A CLA HH . 80.22 12.07 -11.40
CMA CLA HH . 79.44 11.49 -13.69
CAA CLA HH . 82.60 13.11 -13.62
CBA CLA HH . 83.46 12.12 -12.83
CGA CLA HH . 84.28 12.88 -11.83
O1A CLA HH . 85.06 12.29 -11.09
O2A CLA HH . 84.15 14.32 -11.76
NB CLA HH . 79.21 11.96 -8.60
C1B CLA HH . 79.30 10.90 -9.39
C2B CLA HH . 78.97 9.60 -8.76
C3B CLA HH . 78.61 10.03 -7.39
C4B CLA HH . 78.81 11.50 -7.41
CMB CLA HH . 78.98 8.22 -9.35
CAB CLA HH . 78.19 9.19 -6.24
CBB CLA HH . 78.98 9.05 -5.19
NC CLA HH . 79.35 14.57 -7.13
C1C CLA HH . 78.89 13.79 -6.13
C2C CLA HH . 78.71 14.48 -4.83
C3C CLA HH . 79.13 15.86 -5.12
C4C CLA HH . 79.50 15.79 -6.55
CMC CLA HH . 78.24 13.96 -3.51
CAC CLA HH . 79.16 17.05 -4.19
CBC CLA HH . 80.52 17.02 -3.51
ND CLA HH . 80.39 15.78 -9.26
C1D CLA HH . 80.43 17.00 -8.54
C2D CLA HH . 80.96 18.18 -9.27
C3D CLA HH . 81.26 17.53 -10.57
C4D CLA HH . 80.92 16.18 -10.47
CMD CLA HH . 81.21 19.63 -8.96
CAD CLA HH . 81.79 17.76 -11.93
OBD CLA HH . 82.21 18.89 -12.38
CBD CLA HH . 81.74 16.49 -12.69
CGD CLA HH . 80.92 16.71 -13.93
O1D CLA HH . 79.90 16.09 -14.16
O2D CLA HH . 81.39 17.68 -14.89
CED CLA HH . 81.64 17.28 -16.24
C1 CLA HH . 85.01 15.06 -10.89
C2 CLA HH . 84.41 15.06 -9.50
C3 CLA HH . 84.24 16.19 -8.80
C4 CLA HH . 84.65 17.52 -9.35
C5 CLA HH . 83.64 16.12 -7.41
C6 CLA HH . 83.96 14.80 -6.71
C7 CLA HH . 82.87 14.42 -5.72
C8 CLA HH . 82.77 12.91 -5.63
C9 CLA HH . 82.22 12.35 -6.94
C10 CLA HH . 81.89 12.51 -4.45
MG CLA IH . 71.12 20.41 -6.95
CHA CLA IH . 68.46 22.48 -7.78
CHB CLA IH . 71.51 19.73 -10.23
CHC CLA IH . 73.92 18.67 -6.11
CHD CLA IH . 70.79 21.54 -3.46
NA CLA IH . 70.19 21.02 -8.70
C1A CLA IH . 69.16 21.76 -8.90
C2A CLA IH . 68.71 21.89 -10.34
C3A CLA IH . 69.66 20.94 -11.05
C4A CLA IH . 70.51 20.54 -9.90
CMA CLA IH . 68.88 19.71 -11.51
CAA CLA IH . 69.12 23.28 -10.82
CBA CLA IH . 69.39 23.45 -12.31
CGA CLA IH . 70.29 24.62 -12.55
O1A CLA IH . 70.17 25.30 -13.56
O2A CLA IH . 71.30 24.98 -11.58
NB CLA IH . 72.50 19.36 -8.02
C1B CLA IH . 72.52 19.15 -9.33
C2B CLA IH . 73.62 18.32 -9.85
C3B CLA IH . 74.35 18.00 -8.60
C4B CLA IH . 73.56 18.70 -7.53
CMB CLA IH . 73.91 17.92 -11.26
CAB CLA IH . 75.57 17.19 -8.44
CBB CLA IH . 76.69 17.77 -8.05
NC CLA IH . 72.14 20.21 -5.18
C1C CLA IH . 73.21 19.40 -5.03
C2C CLA IH . 73.70 19.26 -3.64
C3C CLA IH . 72.77 20.10 -2.87
C4C CLA IH . 71.86 20.63 -3.91
CMC CLA IH . 74.86 18.44 -3.15
CAC CLA IH . 72.76 20.38 -1.39
CBC CLA IH . 73.53 21.66 -1.16
ND CLA IH . 70.01 21.69 -5.83
C1D CLA IH . 69.85 22.06 -4.46
C2D CLA IH . 68.71 22.97 -4.16
C3D CLA IH . 68.16 23.13 -5.53
C4D CLA IH . 68.95 22.38 -6.40
CMD CLA IH . 68.14 23.62 -2.93
CAD CLA IH . 67.09 23.77 -6.34
OBD CLA IH . 66.17 24.53 -5.88
CBD CLA IH . 67.25 23.37 -7.75
CGD CLA IH . 66.01 22.67 -8.23
O1D CLA IH . 65.70 21.57 -7.82
O2D CLA IH . 65.17 23.34 -9.21
CED CLA IH . 63.84 22.91 -9.44
C1 CLA IH . 72.55 25.51 -12.02
C2 CLA IH . 73.65 25.03 -11.11
C3 CLA IH . 73.89 25.65 -9.94
C4 CLA IH . 73.06 26.81 -9.46
C5 CLA IH . 75.00 25.14 -9.06
C6 CLA IH . 74.47 24.28 -7.93
C7 CLA IH . 75.62 23.46 -7.36
C8 CLA IH . 75.27 22.89 -5.98
C9 CLA IH . 75.54 23.90 -4.88
C10 CLA IH . 76.00 21.57 -5.71
C11 CLA IH . 77.33 21.39 -6.44
C12 CLA IH . 78.54 21.82 -5.61
C13 CLA IH . 78.53 21.14 -4.24
C14 CLA IH . 78.67 22.16 -3.13
MG CLA JH . 63.88 15.39 -5.61
CHA CLA JH . 61.89 15.17 -8.42
CHB CLA JH . 64.85 18.46 -6.59
CHC CLA JH . 65.50 15.68 -2.64
CHD CLA JH . 62.47 12.18 -4.49
NA CLA JH . 63.42 16.64 -7.20
C1A CLA JH . 62.76 16.40 -8.27
C2A CLA JH . 62.86 17.46 -9.35
C3A CLA JH . 63.84 18.47 -8.75
C4A CLA JH . 64.05 17.81 -7.43
CMA CLA JH . 65.14 18.47 -9.55
CAA CLA JH . 61.60 18.28 -9.61
CBA CLA JH . 60.44 18.35 -8.62
CGA CLA JH . 60.83 18.99 -7.33
O1A CLA JH . 61.08 18.24 -6.41
O2A CLA JH . 60.86 20.44 -7.17
NB CLA JH . 65.03 16.84 -4.77
C1B CLA JH . 65.25 18.06 -5.25
C2B CLA JH . 65.90 19.00 -4.31
C3B CLA JH . 66.10 18.15 -3.12
C4B CLA JH . 65.53 16.84 -3.53
CMB CLA JH . 66.27 20.43 -4.54
CAB CLA JH . 66.70 18.43 -1.80
CBB CLA JH . 67.91 18.95 -1.70
NC CLA JH . 63.90 14.22 -3.93
C1C CLA JH . 64.71 14.47 -2.88
C2C CLA JH . 64.80 13.39 -1.87
C3C CLA JH . 63.90 12.36 -2.42
C4C CLA JH . 63.42 12.98 -3.68
CMC CLA JH . 65.60 13.36 -0.60
CAC CLA JH . 63.56 11.00 -1.87
CBC CLA JH . 62.30 11.17 -1.05
ND CLA JH . 62.55 13.99 -6.20
C1D CLA JH . 62.01 12.74 -5.75
C2D CLA JH . 60.99 12.11 -6.63
C3D CLA JH . 60.95 13.13 -7.72
C4D CLA JH . 61.83 14.15 -7.37
CMD CLA JH . 60.17 10.85 -6.60
CAD CLA JH . 60.34 13.49 -9.01
OBD CLA JH . 59.45 12.81 -9.63
CBD CLA JH . 60.91 14.77 -9.47
CGD CLA JH . 61.70 14.47 -10.71
O1D CLA JH . 62.90 14.26 -10.65
O2D CLA JH . 61.04 14.46 -12.00
CED CLA JH . 61.83 14.61 -13.17
C1 CLA JH . 62.01 21.17 -6.71
C2 CLA JH . 62.38 20.79 -5.29
C3 CLA JH . 62.67 21.64 -4.29
C4 CLA JH . 62.70 23.13 -4.48
C5 CLA JH . 63.01 21.01 -2.97
C6 CLA JH . 62.79 21.86 -1.74
C7 CLA JH . 64.05 21.97 -0.87
C8 CLA JH . 64.52 20.70 -0.16
C9 CLA JH . 63.40 19.85 0.44
C10 CLA JH . 65.52 21.04 0.95
C11 CLA JH . 66.58 22.05 0.55
C12 CLA JH . 67.25 22.62 1.80
C13 CLA JH . 68.30 23.67 1.45
C14 CLA JH . 67.69 24.85 0.70
C15 CLA JH . 69.42 23.03 0.64
MG CLA KH . 72.21 17.91 9.99
CHA CLA KH . 73.46 19.07 13.01
CHB CLA KH . 69.09 18.40 11.16
CHC CLA KH . 71.10 17.28 6.84
CHD CLA KH . 75.70 17.74 8.76
NA CLA KH . 71.40 18.64 11.75
C1A CLA KH . 71.95 19.02 12.85
C2A CLA KH . 71.02 19.42 13.97
C3A CLA KH . 69.66 19.15 13.35
C4A CLA KH . 70.08 18.69 12.00
CMA CLA KH . 68.98 18.00 14.08
CAA CLA KH . 71.03 20.93 14.25
CBA CLA KH . 71.29 21.76 12.99
CGA CLA KH . 70.84 23.19 13.03
O1A CLA KH . 70.94 23.89 14.03
O2A CLA KH . 70.29 23.76 11.81
NB CLA KH . 70.37 17.88 9.12
C1B CLA KH . 69.20 17.98 9.76
C2B CLA KH . 68.02 17.71 8.92
C3B CLA KH . 68.61 17.38 7.61
C4B CLA KH . 70.08 17.52 7.87
CMB CLA KH . 66.59 17.74 9.33
CAB CLA KH . 67.92 17.00 6.36
CBB CLA KH . 68.05 17.76 5.28
NC CLA KH . 73.21 17.60 8.21
C1C CLA KH . 72.56 17.36 7.05
C2C CLA KH . 73.46 17.15 5.88
C3C CLA KH . 74.82 17.27 6.45
C4C CLA KH . 74.53 17.55 7.88
CMC CLA KH . 73.07 16.86 4.47
CAC CLA KH . 76.16 17.17 5.76
CBC CLA KH . 76.69 15.76 5.94
ND CLA KH . 74.11 18.31 10.60
C1D CLA KH . 75.45 18.16 10.14
C2D CLA KH . 76.52 18.46 11.11
C3D CLA KH . 75.69 18.82 12.29
C4D CLA KH . 74.35 18.71 11.90
CMD CLA KH . 78.02 18.43 11.08
CAD CLA KH . 75.70 19.26 13.71
OBD CLA KH . 76.76 19.47 14.40
CBD CLA KH . 74.32 19.42 14.17
CGD CLA KH . 74.08 18.49 15.33
O1D CLA KH . 73.75 17.33 15.14
O2D CLA KH . 74.18 19.02 16.67
CED CLA KH . 73.06 18.96 17.54
C1 CLA KH . 69.62 25.02 11.81
C2 CLA KH . 69.11 25.23 10.41
C3 CLA KH . 69.27 26.40 9.75
C4 CLA KH . 69.92 27.58 10.41
C5 CLA KH . 68.74 26.52 8.35
C6 CLA KH . 69.79 26.99 7.37
C7 CLA KH . 70.44 25.82 6.63
C8 CLA KH . 71.23 26.33 5.43
C9 CLA KH . 70.30 26.94 4.39
C10 CLA KH . 72.05 25.19 4.81
C11 CLA KH . 73.01 25.77 3.77
C12 CLA KH . 74.04 24.74 3.31
C13 CLA KH . 75.19 24.54 4.30
C14 CLA KH . 75.75 25.86 4.82
C15 CLA KH . 76.28 23.71 3.64
C16 CLA KH . 76.94 24.47 2.50
C17 CLA KH . 78.18 23.74 1.95
C18 CLA KH . 79.39 23.87 2.86
C19 CLA KH . 79.65 25.31 3.27
C20 CLA KH . 80.62 23.29 2.17
MG CLA LH . 75.23 2.08 7.98
CHA CLA LH . 75.15 2.43 11.45
CHB CLA LH . 78.29 0.74 8.24
CHC CLA LH . 75.05 1.46 4.64
CHD CLA LH . 71.77 3.36 7.88
NA CLA LH . 76.50 1.63 9.56
C1A CLA LH . 76.40 1.85 10.83
C2A CLA LH . 77.61 1.45 11.66
C3A CLA LH . 78.59 1.00 10.58
C4A CLA LH . 77.72 1.13 9.38
CMA CLA LH . 79.75 1.99 10.49
CAA CLA LH . 77.29 0.25 12.57
CBA CLA LH . 78.11 -1.05 12.45
CGA CLA LH . 77.40 -2.09 11.61
O1A CLA LH . 76.79 -1.78 10.59
O2A CLA LH . 77.42 -3.48 12.01
NB CLA LH . 76.49 1.21 6.64
C1B CLA LH . 77.72 0.76 6.88
C2B CLA LH . 78.45 0.26 5.69
C3B CLA LH . 77.45 0.47 4.62
C4B CLA LH . 76.29 1.08 5.33
CMB CLA LH . 79.84 -0.32 5.59
CAB CLA LH . 77.57 0.19 3.17
CBB CLA LH . 78.14 1.08 2.37
NC CLA LH . 73.72 2.32 6.59
C1C CLA LH . 73.87 2.06 5.28
C2C CLA LH . 72.70 2.42 4.43
C3C CLA LH . 71.75 2.98 5.40
C4C CLA LH . 72.48 2.87 6.68
CMC CLA LH . 72.55 2.25 2.94
CAC CLA LH . 70.37 3.53 5.14
CBC CLA LH . 69.40 2.38 5.35
ND CLA LH . 73.77 2.71 9.24
C1D CLA LH . 72.44 3.25 9.17
C2D CLA LH . 71.85 3.66 10.44
C3D CLA LH . 72.96 3.32 11.37
C4D CLA LH . 73.99 2.78 10.60
CMD CLA LH . 70.54 4.25 10.84
CAD CLA LH . 73.39 3.32 12.79
OBD CLA LH . 72.68 3.73 13.78
CBD CLA LH . 74.76 2.76 12.86
CGD CLA LH . 75.67 3.80 13.46
O1D CLA LH . 75.84 3.85 14.67
O2D CLA LH . 76.34 4.75 12.61
CED CLA LH . 76.82 5.96 13.19
C1 CLA LH . 76.39 -4.35 11.56
C2 CLA LH . 75.13 -4.01 12.30
MG CLA MH . 82.06 13.62 13.72
CHA CLA MH . 83.37 11.37 16.04
CHB CLA MH . 83.97 16.05 15.08
CHC CLA MH . 80.99 15.66 11.21
CHD CLA MH . 80.38 10.78 12.09
NA CLA MH . 83.46 13.71 15.26
C1A CLA MH . 83.85 12.81 16.11
C2A CLA MH . 84.77 13.31 17.21
C3A CLA MH . 84.92 14.78 16.87
C4A CLA MH . 84.05 14.85 15.65
CMA CLA MH . 84.35 15.66 17.97
CAA CLA MH . 86.18 12.68 17.20
CBA CLA MH . 87.03 12.98 15.98
CGA CLA MH . 88.47 12.71 16.35
O1A CLA MH . 89.36 12.80 15.52
O2A CLA MH . 88.80 12.30 17.70
NB CLA MH . 82.44 15.56 13.23
C1B CLA MH . 83.21 16.43 13.88
C2B CLA MH . 83.26 17.80 13.30
C3B CLA MH . 82.36 17.66 12.12
C4B CLA MH . 81.91 16.24 12.20
CMB CLA MH . 84.02 19.00 13.76
CAB CLA MH . 81.96 18.66 11.11
CBB CLA MH . 81.29 19.73 11.47
NC CLA MH . 80.96 13.27 12.03
C1C CLA MH . 80.60 14.23 11.16
C2C CLA MH . 79.73 13.80 10.04
C3C CLA MH . 79.56 12.36 10.32
C4C CLA MH . 80.36 12.15 11.55
CMC CLA MH . 79.15 14.60 8.91
CAC CLA MH . 78.79 11.34 9.55
CBC CLA MH . 79.73 10.66 8.58
ND CLA MH . 81.90 11.61 13.89
C1D CLA MH . 81.16 10.53 13.29
C2D CLA MH . 81.26 9.21 13.97
C3D CLA MH . 82.16 9.58 15.09
C4D CLA MH . 82.47 10.93 14.96
CMD CLA MH . 80.69 7.84 13.74
CAD CLA MH . 82.87 9.06 16.29
OBD CLA MH . 82.81 7.86 16.72
CBD CLA MH . 83.61 10.18 16.91
CGD CLA MH . 83.02 10.43 18.27
O1D CLA MH . 83.44 9.85 19.25
O2D CLA MH . 81.96 11.41 18.41
CED CLA MH . 81.90 12.22 19.58
MG CLA NH . 79.79 23.50 17.32
CHA CLA NH . 81.07 20.89 19.25
CHB CLA NH . 80.50 25.63 19.83
CHC CLA NH . 78.84 26.01 15.24
CHD CLA NH . 79.55 21.14 14.48
NA CLA NH . 80.67 23.32 19.20
C1A CLA NH . 81.06 22.28 19.86
C2A CLA NH . 81.52 22.53 21.29
C3A CLA NH . 81.32 24.03 21.42
C4A CLA NH . 80.78 24.34 20.06
CMA CLA NH . 80.28 24.34 22.50
CAA CLA NH . 82.99 22.24 21.59
CBA CLA NH . 83.92 22.80 20.52
CGA CLA NH . 84.85 21.71 20.04
O1A CLA NH . 85.97 21.59 20.50
O2A CLA NH . 84.40 20.77 19.03
NB CLA NH . 79.70 25.53 17.52
C1B CLA NH . 79.98 26.24 18.60
C2B CLA NH . 79.74 27.70 18.48
C3B CLA NH . 79.24 27.81 17.09
C4B CLA NH . 79.26 26.40 16.60
CMB CLA NH . 79.95 28.80 19.49
CAB CLA NH . 78.82 29.03 16.34
CBB CLA NH . 77.61 29.16 15.82
NC CLA NH . 79.31 23.54 15.31
C1C CLA NH . 78.94 24.66 14.66
C2C CLA NH . 78.63 24.50 13.23
C3C CLA NH . 78.84 23.06 13.00
C4C CLA NH . 79.25 22.58 14.36
CMC CLA NH . 78.20 25.55 12.24
CAC CLA NH . 78.70 22.24 11.73
CBC CLA NH . 77.22 22.03 11.47
ND CLA NH . 80.22 21.57 16.86
C1D CLA NH . 80.01 20.65 15.77
C2D CLA NH . 80.29 19.22 16.08
C3D CLA NH . 80.71 19.35 17.50
C4D CLA NH . 80.64 20.69 17.85
CMD CLA NH . 80.22 17.92 15.32
CAD CLA NH . 81.18 18.60 18.69
OBD CLA NH . 81.35 17.32 18.71
CBD CLA NH . 81.39 19.54 19.81
CGD CLA NH . 80.47 19.13 20.92
O1D CLA NH . 79.64 19.87 21.41
O2D CLA NH . 80.55 17.77 21.45
CED CLA NH . 79.74 17.39 22.56
C1 CLA NH . 84.97 20.83 17.73
C2 CLA NH . 83.99 21.53 16.82
C3 CLA NH . 84.08 22.83 16.51
C4 CLA NH . 85.17 23.69 17.09
C5 CLA NH . 83.05 23.43 15.59
C6 CLA NH . 83.54 24.67 14.86
C7 CLA NH . 82.44 25.73 14.80
C8 CLA NH . 82.97 27.03 14.23
C9 CLA NH . 83.69 27.84 15.30
C10 CLA NH . 81.82 27.83 13.63
MG CLA OH . 70.89 27.75 18.65
CHA CLA OH . 71.58 24.59 17.43
CHB CLA OH . 73.90 28.78 17.53
CHC CLA OH . 70.12 30.78 19.87
CHD CLA OH . 67.39 26.65 19.18
NA CLA OH . 72.46 26.87 17.62
C1A CLA OH . 72.64 25.65 17.29
C2A CLA OH . 74.00 25.33 16.71
C3A CLA OH . 74.72 26.66 16.79
C4A CLA OH . 73.61 27.48 17.35
CMA CLA OH . 75.85 26.59 17.79
CAA CLA OH . 73.87 25.06 15.21
CBA CLA OH . 75.17 24.52 14.62
CGA CLA OH . 74.84 23.97 13.26
O1A CLA OH . 74.91 24.67 12.26
O2A CLA OH . 74.45 22.59 13.13
NB CLA OH . 71.90 29.52 18.74
C1B CLA OH . 73.03 29.82 18.09
C2B CLA OH . 73.33 31.27 17.98
C3B CLA OH . 72.18 31.86 18.70
C4B CLA OH . 71.38 30.68 19.13
CMB CLA OH . 74.49 31.96 17.32
CAB CLA OH . 71.88 33.29 18.95
CBB CLA OH . 72.02 33.78 20.17
NC CLA OH . 69.10 28.55 19.26
C1C CLA OH . 69.07 29.73 19.89
C2C CLA OH . 67.84 29.96 20.68
C3C CLA OH . 67.04 28.75 20.48
C4C CLA OH . 67.91 27.96 19.58
CMC CLA OH . 67.47 31.13 21.49
CAC CLA OH . 65.68 28.40 21.04
CBC CLA OH . 64.64 28.79 20.02
ND CLA OH . 69.68 26.14 18.34
C1D CLA OH . 68.37 25.69 18.69
C2D CLA OH . 68.10 24.24 18.52
C3D CLA OH . 69.43 23.81 18.01
C4D CLA OH . 70.24 24.94 17.96
CMD CLA OH . 66.92 23.32 18.74
CAD CLA OH . 70.22 22.66 17.54
OBD CLA OH . 69.79 21.46 17.47
CBD CLA OH . 71.58 23.12 17.20
CGD CLA OH . 72.51 22.46 18.17
O1D CLA OH . 72.12 22.09 19.27
O2D CLA OH . 73.90 22.25 17.83
CED CLA OH . 74.89 22.29 18.85
MG CLA PH . 64.81 18.10 14.30
CHA CLA PH . 63.21 15.78 12.23
CHB CLA PH . 64.43 20.42 11.92
CHC CLA PH . 66.78 20.14 16.19
CHD CLA PH . 65.66 15.30 16.56
NA CLA PH . 64.01 18.10 12.37
C1A CLA PH . 63.29 17.22 11.74
C2A CLA PH . 62.60 17.69 10.45
C3A CLA PH . 62.98 19.18 10.47
C4A CLA PH . 63.87 19.22 11.67
CMA CLA PH . 63.65 19.78 9.26
CAA CLA PH . 61.09 17.48 10.30
CBA CLA PH . 60.42 18.02 9.03
CGA CLA PH . 61.13 17.67 7.74
O1A CLA PH . 61.33 16.52 7.39
O2A CLA PH . 61.55 18.77 6.88
NB CLA PH . 65.43 20.02 14.12
C1B CLA PH . 65.33 20.76 13.02
C2B CLA PH . 66.26 21.92 12.94
C3B CLA PH . 66.95 21.82 14.25
C4B CLA PH . 66.36 20.63 14.87
CMB CLA PH . 66.41 22.95 11.84
CAB CLA PH . 68.00 22.69 14.84
CBB CLA PH . 67.83 23.98 15.00
NC CLA PH . 66.01 17.76 15.96
C1C CLA PH . 66.63 18.75 16.64
C2C CLA PH . 67.18 18.36 17.96
C3C CLA PH . 66.84 16.93 18.06
C4C CLA PH . 66.14 16.68 16.78
CMC CLA PH . 67.90 19.20 18.99
CAC CLA PH . 67.13 15.96 19.17
CBC CLA PH . 65.93 15.99 20.11
ND CLA PH . 64.60 16.08 14.43
C1D CLA PH . 64.89 15.03 15.35
C2D CLA PH . 64.36 13.71 15.00
C3D CLA PH . 63.69 14.02 13.71
C4D CLA PH . 63.89 15.37 13.46
CMD CLA PH . 64.41 12.36 15.64
CAD CLA PH . 62.89 13.47 12.60
OBD CLA PH . 62.52 12.25 12.48
CBD CLA PH . 62.60 14.55 11.64
CGD CLA PH . 63.28 14.16 10.36
O1D CLA PH . 62.84 13.24 9.69
O2D CLA PH . 64.47 14.84 9.90
CED CLA PH . 65.08 14.40 8.68
C1 CLA PH . 62.22 18.57 5.63
C2 CLA PH . 63.70 18.85 5.74
C3 CLA PH . 64.21 20.09 5.85
C4 CLA PH . 63.34 21.30 5.92
C5 CLA PH . 65.71 20.29 5.97
C6 CLA PH . 66.09 21.41 6.93
C7 CLA PH . 67.57 21.73 6.85
C8 CLA PH . 68.29 21.22 8.10
C9 CLA PH . 69.79 21.10 7.85
CAA F6C QH . 62.51 34.77 2.57
CAB F6C QH . 59.11 34.83 11.07
CAC F6C QH . 52.72 33.99 6.22
CAD F6C QH . 58.54 33.13 0.37
NA F6C QH . 60.34 33.60 4.73
CBA F6C QH . 63.86 35.28 3.08
CBB F6C QH . 59.79 34.42 12.12
CBC F6C QH . 52.46 35.35 5.66
CBD F6C QH . 59.91 33.21 0.92
NB F6C QH . 59.31 33.87 7.44
OBD F6C QH . 58.27 32.98 -0.88
CGA F6C QH . 64.23 36.63 2.50
CGD F6C QH . 60.70 32.01 0.49
ND F6C QH . 57.53 33.50 3.82
CED F6C QH . 61.94 29.94 0.99
CHA F6C QH . 59.71 33.34 2.40
CHB F6C QH . 61.66 33.78 6.72
CHC F6C QH . 57.21 34.15 8.70
CHD F6C QH . 55.07 33.54 4.23
CMA F6C QH . 63.37 32.14 4.90
CMB F6C QH . 62.22 34.58 9.78
CMC F6C QH . 54.16 34.39 9.22
CMD F6C QH . 54.97 33.18 0.84
OMB F6C QH . 63.09 33.81 9.45
C1 F6C QH . 66.08 38.31 2.19
C1A F6C QH . 60.70 33.45 3.51
C1B F6C QH . 60.60 33.96 7.73
C1C F6C QH . 56.25 34.02 7.58
C1D F6C QH . 56.20 33.44 3.30
O1A F6C QH . 63.38 37.44 2.19
O1D F6C QH . 61.06 31.92 -0.67
C2 F6C QH . 66.20 38.91 3.57
C2A F6C QH . 62.16 33.42 3.21
C2B F6C QH . 60.89 34.37 9.12
C2C F6C QH . 54.82 34.15 7.89
C2D F6C QH . 56.10 33.28 1.83
O2A F6C QH . 65.63 36.96 2.30
O2D F6C QH . 61.07 30.97 1.43
C3 F6C QH . 67.06 39.90 3.81
C3A F6C QH . 62.75 33.50 4.60
C3B F6C QH . 59.54 34.48 9.71
C3C F6C QH . 54.18 33.96 6.57
C3D F6C QH . 57.55 33.24 1.47
C4 F6C QH . 67.94 40.43 2.72
C4A F6C QH . 61.50 33.64 5.40
C4B F6C QH . 58.66 34.15 8.56
C4C F6C QH . 55.36 33.76 5.66
C4D F6C QH . 58.26 33.39 2.65
C5 F6C QH . 67.16 40.49 5.20
C6 F6C QH . 67.49 39.42 6.25
C7 F6C QH . 66.66 39.62 7.51
C8 F6C QH . 67.15 40.83 8.30
C9 F6C QH . 68.65 40.71 8.58
C10 F6C QH . 66.36 40.95 9.60
C11 F6C QH . 66.48 39.67 10.43
C12 F6C QH . 65.77 39.84 11.78
NC F6C QH . 56.55 33.80 6.29
MG F6C QH . 58.48 33.49 5.62
MG CLA RH . 66.76 30.30 -4.47
CHA CLA RH . 65.87 31.40 -1.29
CHB CLA RH . 69.09 28.33 -3.07
CHC CLA RH . 67.76 29.57 -7.62
CHD CLA RH . 64.42 32.81 -5.85
NA CLA RH . 67.40 29.94 -2.52
C1A CLA RH . 66.97 30.37 -1.40
C2A CLA RH . 67.64 29.78 -0.17
C3A CLA RH . 68.66 28.85 -0.78
C4A CLA RH . 68.36 29.05 -2.23
CMA CLA RH . 70.05 29.40 -0.50
CAA CLA RH . 66.73 28.86 0.65
CBA CLA RH . 67.06 28.90 2.13
CGA CLA RH . 66.30 27.79 2.81
O1A CLA RH . 65.18 27.50 2.47
O2A CLA RH . 66.92 27.03 3.90
NB CLA RH . 68.26 29.15 -5.23
C1B CLA RH . 69.03 28.32 -4.54
C2B CLA RH . 69.78 27.32 -5.37
C3B CLA RH . 69.35 27.72 -6.75
C4B CLA RH . 68.42 28.85 -6.52
CMB CLA RH . 70.70 26.22 -4.93
CAB CLA RH . 69.72 27.17 -8.08
CBB CLA RH . 69.72 25.87 -8.33
NC CLA RH . 66.21 31.06 -6.31
C1C CLA RH . 66.72 30.60 -7.47
C2C CLA RH . 66.16 31.22 -8.70
C3C CLA RH . 65.18 32.20 -8.17
C4C CLA RH . 65.29 31.99 -6.69
CMC CLA RH . 66.54 30.93 -10.12
CAC CLA RH . 64.25 33.14 -8.90
CBC CLA RH . 64.85 34.52 -8.94
ND CLA RH . 65.50 31.77 -3.86
C1D CLA RH . 64.52 32.68 -4.41
C2D CLA RH . 63.70 33.43 -3.44
C3D CLA RH . 64.26 32.88 -2.19
C4D CLA RH . 65.24 31.95 -2.50
CMD CLA RH . 62.60 34.45 -3.53
CAD CLA RH . 64.18 32.93 -0.71
OBD CLA RH . 63.36 33.68 -0.08
CBD CLA RH . 65.16 32.01 -0.13
CGD CLA RH . 66.10 32.78 0.76
O1D CLA RH . 66.25 32.46 1.93
O2D CLA RH . 66.82 33.93 0.24
CED CLA RH . 67.72 34.62 1.10
C1 CLA RH . 66.08 26.17 4.66
C2 CLA RH . 65.61 26.89 5.89
C3 CLA RH . 64.88 26.28 6.84
C4 CLA RH . 64.46 24.84 6.70
C5 CLA RH . 64.46 27.07 8.05
C6 CLA RH . 64.68 26.31 9.35
C7 CLA RH . 63.79 26.88 10.44
C8 CLA RH . 64.25 26.45 11.83
C9 CLA RH . 63.12 26.67 12.84
C10 CLA RH . 65.50 27.20 12.25
C11 CLA RH . 65.32 28.72 12.15
C12 CLA RH . 66.01 29.44 13.31
C13 CLA RH . 66.56 30.79 12.87
C14 CLA RH . 68.08 30.80 12.91
C15 CLA RH . 65.99 31.90 13.74
C16 CLA RH . 64.75 32.53 13.10
C17 CLA RH . 64.52 33.98 13.52
C18 CLA RH . 65.39 35.00 12.79
C19 CLA RH . 64.81 36.40 12.92
C20 CLA RH . 65.63 34.68 11.32
MG CLA SH . 45.31 23.69 -3.96
CHA CLA SH . 44.97 20.66 -5.58
CHB CLA SH . 45.66 25.18 -6.95
CHC CLA SH . 45.24 26.65 -2.31
CHD CLA SH . 44.43 21.98 -0.82
NA CLA SH . 45.26 23.06 -5.94
C1A CLA SH . 45.28 21.86 -6.43
C2A CLA SH . 45.50 21.77 -7.93
C3A CLA SH . 45.80 23.21 -8.28
C4A CLA SH . 45.55 23.86 -6.97
CMA CLA SH . 47.29 23.32 -8.61
CAA CLA SH . 44.15 21.46 -8.62
CBA CLA SH . 43.78 22.12 -9.96
CGA CLA SH . 42.70 23.18 -9.77
O1A CLA SH . 42.00 23.55 -10.69
O2A CLA SH . 42.52 23.82 -8.48
NB CLA SH . 45.48 25.63 -4.55
C1B CLA SH . 45.48 26.07 -5.80
C2B CLA SH . 45.24 27.53 -5.95
C3B CLA SH . 45.12 27.96 -4.53
C4B CLA SH . 45.28 26.70 -3.78
CMB CLA SH . 45.16 28.33 -7.21
CAB CLA SH . 44.88 29.31 -3.95
CBB CLA SH . 43.84 30.03 -4.32
NC CLA SH . 44.84 24.18 -2.01
C1C CLA SH . 45.01 25.43 -1.52
C2C CLA SH . 44.97 25.52 -0.04
C3C CLA SH . 44.72 24.14 0.39
C4C CLA SH . 44.67 23.42 -0.90
CMC CLA SH . 45.12 26.74 0.82
CAC CLA SH . 44.57 23.60 1.79
CBC CLA SH . 43.10 23.47 2.11
ND CLA SH . 44.79 21.85 -3.28
C1D CLA SH . 44.48 21.21 -2.05
C2D CLA SH . 44.23 19.76 -2.11
C3D CLA SH . 44.43 19.55 -3.56
C4D CLA SH . 44.71 20.78 -4.15
CMD CLA SH . 43.88 18.71 -1.11
CAD CLA SH . 44.40 18.54 -4.64
OBD CLA SH . 44.16 17.29 -4.48
CBD CLA SH . 44.74 19.22 -5.90
CGD CLA SH . 45.92 18.54 -6.51
O1D CLA SH . 46.94 18.41 -5.86
O2D CLA SH . 45.84 17.98 -7.84
CED CLA SH . 46.58 16.81 -8.14
C1 CLA SH . 42.41 25.23 -8.41
C2 CLA SH . 41.83 25.59 -7.06
C3 CLA SH . 40.66 26.22 -6.97
C4 CLA SH . 39.89 26.62 -8.20
C5 CLA SH . 40.08 26.56 -5.62
C6 CLA SH . 38.74 25.87 -5.42
C7 CLA SH . 38.29 26.00 -3.98
C8 CLA SH . 37.08 25.12 -3.71
C9 CLA SH . 35.85 25.60 -4.47
C10 CLA SH . 36.83 25.12 -2.20
C11 CLA SH . 35.67 24.21 -1.81
C12 CLA SH . 35.55 24.18 -0.29
C13 CLA SH . 34.22 23.63 0.18
C14 CLA SH . 33.05 24.39 -0.44
C15 CLA SH . 34.13 23.69 1.71
C16 CLA SH . 35.31 23.02 2.39
MG CLA TH . 52.90 19.60 -3.47
CHA CLA TH . 53.97 18.62 -6.64
CHB CLA TH . 49.76 18.80 -4.38
CHC CLA TH . 52.00 20.13 -0.25
CHD CLA TH . 56.43 19.97 -2.50
NA CLA TH . 52.01 18.79 -5.18
C1A CLA TH . 52.49 18.56 -6.35
C2A CLA TH . 51.49 18.19 -7.41
C3A CLA TH . 50.19 18.34 -6.69
C4A CLA TH . 50.70 18.67 -5.32
CMA CLA TH . 49.58 19.60 -7.29
CAA CLA TH . 51.60 16.72 -7.88
CBA CLA TH . 50.82 15.64 -7.12
CGA CLA TH . 51.67 14.82 -6.18
O1A CLA TH . 52.49 15.33 -5.44
O2A CLA TH . 51.47 13.39 -6.16
NB CLA TH . 51.13 19.53 -2.48
C1B CLA TH . 49.97 19.10 -2.96
C2B CLA TH . 48.91 18.89 -1.94
C3B CLA TH . 49.61 19.28 -0.71
C4B CLA TH . 50.96 19.67 -1.17
CMB CLA TH . 47.51 18.39 -2.15
CAB CLA TH . 49.13 19.32 0.69
CBB CLA TH . 48.06 20.02 1.01
NC CLA TH . 53.99 19.95 -1.76
C1C CLA TH . 53.43 20.17 -0.55
C2C CLA TH . 54.39 20.50 0.53
C3C CLA TH . 55.70 20.44 -0.15
C4C CLA TH . 55.32 20.10 -1.54
CMC CLA TH . 54.09 20.80 1.97
CAC CLA TH . 57.08 20.69 0.42
CBC CLA TH . 57.61 19.33 0.84
ND CLA TH . 54.75 19.34 -4.24
C1D CLA TH . 56.09 19.57 -3.85
C2D CLA TH . 57.09 19.38 -4.89
C3D CLA TH . 56.23 18.99 -6.05
C4D CLA TH . 54.93 18.97 -5.57
CMD CLA TH . 58.57 19.52 -4.86
CAD CLA TH . 56.19 18.59 -7.48
OBD CLA TH . 57.20 18.47 -8.25
CBD CLA TH . 54.79 18.35 -7.85
CGD CLA TH . 54.37 19.14 -9.05
O1D CLA TH . 54.24 20.35 -9.02
O2D CLA TH . 54.07 18.43 -10.28
CED CLA TH . 53.48 19.12 -11.37
C1 CLA TH . 51.73 12.64 -4.97
C2 CLA TH . 53.15 12.15 -4.99
C3 CLA TH . 53.62 11.18 -4.20
C4 CLA TH . 52.73 10.51 -3.19
C5 CLA TH . 55.08 10.80 -4.34
C6 CLA TH . 55.57 9.77 -3.34
C7 CLA TH . 57.00 9.35 -3.66
C8 CLA TH . 57.96 9.71 -2.52
C9 CLA TH . 58.28 11.20 -2.52
C10 CLA TH . 59.23 8.89 -2.64
C11 CLA TH . 58.99 7.42 -2.36
C12 CLA TH . 60.31 6.71 -2.14
C13 CLA TH . 60.20 5.19 -2.35
C14 CLA TH . 59.14 4.58 -1.44
C15 CLA TH . 61.57 4.57 -2.09
C16 CLA TH . 61.59 3.07 -2.32
C17 CLA TH . 62.97 2.51 -2.00
C18 CLA TH . 62.99 0.99 -1.98
C19 CLA TH . 64.35 0.47 -1.53
C20 CLA TH . 62.65 0.42 -3.35
MG CLA UH . 47.17 22.26 14.34
CHA CLA UH . 45.13 22.49 17.15
CHB CLA UH . 47.45 18.97 14.95
CHC CLA UH . 48.77 22.01 11.37
CHD CLA UH . 46.46 25.80 13.62
NA CLA UH . 46.40 20.94 15.77
C1A CLA UH . 45.66 21.14 16.81
C2A CLA UH . 45.41 19.94 17.68
C3A CLA UH . 46.19 18.85 16.96
C4A CLA UH . 46.71 19.64 15.81
CMA CLA UH . 47.36 18.49 17.86
CAA CLA UH . 43.96 19.49 17.75
CBA CLA UH . 43.26 19.56 16.42
CGA CLA UH . 41.80 19.27 16.62
O1A CLA UH . 41.40 18.65 17.58
O2A CLA UH . 40.83 19.75 15.66
NB CLA UH . 47.93 20.70 13.29
C1B CLA UH . 48.11 19.48 13.73
C2B CLA UH . 49.03 18.66 12.92
C3B CLA UH . 49.43 19.59 11.84
C4B CLA UH . 48.68 20.81 12.18
CMB CLA UH . 49.40 17.26 13.23
CAB CLA UH . 50.33 19.48 10.65
CBB CLA UH . 50.95 18.38 10.27
NC CLA UH . 47.54 23.63 12.85
C1C CLA UH . 48.15 23.29 11.70
C2C CLA UH . 48.18 24.34 10.66
C3C CLA UH . 47.49 25.47 11.32
C4C CLA UH . 47.16 24.91 12.66
CMC CLA UH . 48.76 24.25 9.29
CAC CLA UH . 47.21 26.83 10.75
CBC CLA UH . 45.93 26.71 9.96
ND CLA UH . 46.06 23.79 15.08
C1D CLA UH . 45.89 25.18 14.82
C2D CLA UH . 45.11 25.90 15.87
C3D CLA UH . 44.83 24.80 16.80
C4D CLA UH . 45.39 23.65 16.27
CMD CLA UH . 44.66 27.29 16.11
CAD CLA UH . 44.15 24.45 18.07
OBD CLA UH . 43.52 25.28 18.82
CBD CLA UH . 44.34 23.01 18.32
CGD CLA UH . 44.98 22.82 19.66
O1D CLA UH . 46.08 22.32 19.81
O2D CLA UH . 44.27 23.27 20.85
CED CLA UH . 45.02 23.57 22.01
C1 CLA UH . 40.21 18.77 14.84
C2 CLA UH . 39.66 19.47 13.63
C3 CLA UH . 38.70 18.92 12.88
C4 CLA UH . 38.17 17.55 13.20
C5 CLA UH . 38.18 19.67 11.69
C6 CLA UH . 38.56 21.14 11.66
C7 CLA UH . 38.23 21.73 10.29
C8 CLA UH . 38.58 23.21 10.22
C9 CLA UH . 37.86 24.00 11.32
C10 CLA UH . 38.19 23.74 8.84
MG CLA VH . 68.49 39.78 23.49
CHA CLA VH . 70.96 39.90 25.92
CHB CLA VH . 68.20 43.12 23.66
CHC CLA VH . 66.48 39.63 20.73
CHD CLA VH . 69.06 36.15 23.19
NA CLA VH . 69.44 41.28 24.57
C1A CLA VH . 70.32 41.21 25.51
C2A CLA VH . 70.69 42.53 26.15
C3A CLA VH . 69.74 43.49 25.44
C4A CLA VH . 69.08 42.56 24.49
CMA CLA VH . 68.73 43.96 26.48
CAA CLA VH . 72.15 42.95 25.81
CBA CLA VH . 72.40 44.25 25.01
CGA CLA VH . 73.38 44.00 23.89
O1A CLA VH . 73.92 44.94 23.33
O2A CLA VH . 73.70 42.65 23.47
NB CLA VH . 67.50 41.18 22.36
C1B CLA VH . 67.42 42.47 22.61
C2B CLA VH . 66.51 43.21 21.67
C3B CLA VH . 66.01 42.13 20.81
C4B CLA VH . 66.70 40.94 21.33
CMB CLA VH . 66.13 44.65 21.57
CAB CLA VH . 65.07 42.20 19.67
CBB CLA VH . 65.54 42.20 18.43
NC CLA VH . 67.93 38.23 22.25
C1C CLA VH . 67.09 38.39 21.22
C2C CLA VH . 66.73 37.17 20.46
C3C CLA VH . 67.49 36.15 21.19
C4C CLA VH . 68.19 36.90 22.27
CMC CLA VH . 65.83 37.02 19.27
CAC CLA VH . 67.50 34.70 20.85
CBC CLA VH . 68.54 34.49 19.77
ND CLA VH . 69.67 38.33 24.26
C1D CLA VH . 69.85 36.91 24.18
C2D CLA VH . 70.84 36.32 25.12
C3D CLA VH . 71.28 37.57 25.82
C4D CLA VH . 70.59 38.64 25.27
CMD CLA VH . 71.37 34.95 25.42
CAD CLA VH . 72.18 38.09 26.87
OBD CLA VH . 72.99 37.40 27.59
CBD CLA VH . 72.00 39.56 26.96
CGD CLA VH . 71.55 39.93 28.34
O1D CLA VH . 72.10 40.85 28.94
O2D CLA VH . 70.47 39.21 28.99
CED CLA VH . 70.03 39.61 30.28
MG CLA WH . 66.29 49.33 18.71
CHA CLA WH . 67.26 48.45 21.92
CHB CLA WH . 64.35 51.76 20.04
CHC CLA WH . 65.69 50.39 15.54
CHD CLA WH . 68.74 46.90 17.40
NA CLA WH . 65.90 50.04 20.64
C1A CLA WH . 66.26 49.57 21.79
C2A CLA WH . 65.61 50.24 22.99
C3A CLA WH . 64.68 51.24 22.34
C4A CLA WH . 64.99 50.98 20.90
CMA CLA WH . 63.23 50.87 22.62
CAA CLA WH . 66.58 51.05 23.86
CBA CLA WH . 67.54 51.87 22.99
CGA CLA WH . 68.63 52.54 23.78
O1A CLA WH . 68.46 52.91 24.93
O2A CLA WH . 69.91 52.76 23.12
NB CLA WH . 65.15 50.83 17.91
C1B CLA WH . 64.48 51.76 18.58
C2B CLA WH . 63.90 52.83 17.74
C3B CLA WH . 64.30 52.41 16.38
C4B CLA WH . 65.08 51.17 16.62
CMB CLA WH . 63.10 54.02 18.19
CAB CLA WH . 64.03 53.08 15.08
CBB CLA WH . 65.02 53.60 14.39
NC CLA WH . 67.09 48.78 16.89
C1C CLA WH . 66.66 49.30 15.72
C2C CLA WH . 67.27 48.70 14.51
C3C CLA WH . 68.17 47.66 15.07
C4C CLA WH . 67.97 47.81 16.53
CMC CLA WH . 67.02 49.05 13.07
CAC CLA WH . 69.07 46.71 14.33
CBC CLA WH . 68.29 45.43 14.12
ND CLA WH . 67.70 48.03 19.37
C1D CLA WH . 68.60 47.05 18.85
C2D CLA WH . 69.34 46.25 19.85
C3D CLA WH . 68.78 46.84 21.10
C4D CLA WH . 67.88 47.83 20.73
CMD CLA WH . 70.36 45.14 19.81
CAD CLA WH . 68.81 46.78 22.58
OBD CLA WH . 69.54 45.99 23.27
CBD CLA WH . 67.87 47.79 23.12
CGD CLA WH . 66.85 47.17 24.03
O1D CLA WH . 65.69 47.03 23.71
O2D CLA WH . 67.24 46.74 25.37
CED CLA WH . 66.24 46.73 26.38
C1 CLA WH . 70.35 54.09 22.90
C2 CLA WH . 69.46 54.75 21.87
C3 CLA WH . 69.91 55.16 20.68
C4 CLA WH . 71.36 54.99 20.28
MG CLA XH . 59.43 59.17 6.72
CHA CLA XH . 58.99 57.98 9.93
CHB CLA XH . 56.45 60.75 6.97
CHC CLA XH . 60.13 60.69 3.76
CHD CLA XH . 62.87 57.79 6.77
NA CLA XH . 57.99 59.38 8.20
C1A CLA XH . 57.89 58.82 9.35
C2A CLA XH . 56.60 59.08 10.10
C3A CLA XH . 55.81 59.89 9.09
C4A CLA XH . 56.83 60.01 8.02
CMA CLA XH . 54.66 59.02 8.58
CAA CLA XH . 56.68 60.26 11.07
CBA CLA XH . 57.48 60.20 12.36
CGA CLA XH . 58.84 60.82 12.15
O1A CLA XH . 58.98 61.93 11.65
O2A CLA XH . 60.01 60.07 12.56
NB CLA XH . 58.41 60.48 5.52
C1B CLA XH . 57.25 61.07 5.79
C2B CLA XH . 56.85 62.13 4.84
C3B CLA XH . 57.96 62.10 3.87
C4B CLA XH . 58.87 61.05 4.40
CMB CLA XH . 55.61 62.99 4.84
CAB CLA XH . 58.15 62.94 2.66
CBB CLA XH . 59.17 63.79 2.60
NC CLA XH . 61.15 59.25 5.56
C1C CLA XH . 61.19 59.86 4.36
C2C CLA XH . 62.46 59.68 3.61
C3C CLA XH . 63.26 58.81 4.50
C4C CLA XH . 62.35 58.62 5.66
CMC CLA XH . 62.82 60.23 2.26
CAC CLA XH . 64.64 58.27 4.30
CBC CLA XH . 64.49 57.04 3.44
ND CLA XH . 60.71 58.20 7.97
C1D CLA XH . 62.00 57.58 7.93
C2D CLA XH . 62.35 56.77 9.12
C3D CLA XH . 61.11 56.93 9.91
C4D CLA XH . 60.25 57.76 9.20
CMD CLA XH . 63.53 55.93 9.56
CAD CLA XH . 60.43 56.57 11.18
OBD CLA XH . 60.94 55.83 12.09
CBD CLA XH . 59.09 57.20 11.20
CGD CLA XH . 58.11 56.06 11.21
O1D CLA XH . 57.26 55.91 10.34
O2D CLA XH . 58.15 55.08 12.26
CED CLA XH . 57.37 53.90 12.10
C1 CLA XH . 61.09 60.72 13.22
C2 CLA XH . 62.15 61.12 12.22
C3 CLA XH . 63.10 60.27 11.79
C4 CLA XH . 63.15 58.86 12.29
C5 CLA XH . 64.12 60.75 10.79
C6 CLA XH . 63.96 60.09 9.43
C7 CLA XH . 65.18 59.24 9.12
C8 CLA XH . 66.45 60.08 8.98
C9 CLA XH . 66.49 60.77 7.63
C10 CLA XH . 67.68 59.21 9.20
C11 CLA XH . 67.68 57.97 8.30
MG CLA YH . 53.65 63.55 -2.01
CHA CLA YH . 54.27 66.46 -3.82
CHB CLA YH . 56.94 63.32 -1.39
CHC CLA YH . 52.91 61.05 0.16
CHD CLA YH . 50.05 64.07 -2.62
NA CLA YH . 55.32 64.69 -2.49
C1A CLA YH . 55.46 65.77 -3.18
C2A CLA YH . 56.88 66.29 -3.34
C3A CLA YH . 57.67 65.23 -2.59
C4A CLA YH . 56.56 64.35 -2.12
CMA CLA YH . 58.54 64.45 -3.57
CAA CLA YH . 57.04 67.62 -2.57
CBA CLA YH . 58.40 67.87 -1.91
CGA CLA YH . 58.37 69.15 -1.11
O1A CLA YH . 59.22 69.99 -1.29
O2A CLA YH . 57.33 69.39 -0.12
NB CLA YH . 54.78 62.40 -0.74
C1B CLA YH . 56.10 62.28 -0.78
C2B CLA YH . 56.65 61.05 -0.16
C3B CLA YH . 55.42 60.38 0.29
C4B CLA YH . 54.33 61.32 -0.09
CMB CLA YH . 58.08 60.57 -0.05
CAB CLA YH . 55.29 59.08 1.00
CBB CLA YH . 55.56 58.98 2.29
NC CLA YH . 51.85 62.77 -1.37
C1C CLA YH . 51.78 61.75 -0.49
C2C CLA YH . 50.40 61.30 -0.17
C3C CLA YH . 49.55 62.20 -0.99
C4C CLA YH . 50.57 63.05 -1.69
CMC CLA YH . 49.97 60.20 0.76
CAC CLA YH . 48.05 62.22 -1.10
CBC CLA YH . 47.55 63.28 -0.14
ND CLA YH . 52.40 64.88 -2.91
C1D CLA YH . 51.00 65.01 -3.20
C2D CLA YH . 50.64 66.14 -4.09
C3D CLA YH . 51.99 66.71 -4.34
C4D CLA YH . 52.91 65.95 -3.64
CMD CLA YH . 49.36 66.69 -4.68
CAD CLA YH . 52.73 67.79 -5.05
OBD CLA YH . 52.20 68.68 -5.79
CBD CLA YH . 54.18 67.64 -4.75
CGD CLA YH . 54.93 67.41 -6.02
O1D CLA YH . 55.72 68.24 -6.44
O2D CLA YH . 54.77 66.15 -6.73
CED CLA YH . 55.92 65.34 -6.98
MG CLA ZH . 73.66 34.45 -5.04
CHA CLA ZH . 75.13 31.90 -6.89
CHB CLA ZH . 70.90 32.54 -4.75
CHC CLA ZH . 72.49 36.75 -2.83
CHD CLA ZH . 76.85 36.29 -5.22
NA CLA ZH . 73.12 32.55 -5.66
C1A CLA ZH . 73.72 31.69 -6.41
C2A CLA ZH . 72.93 30.46 -6.79
C3A CLA ZH . 71.59 30.78 -6.17
C4A CLA ZH . 71.90 32.05 -5.47
CMA CLA ZH . 70.81 31.26 -7.37
CAA CLA ZH . 73.44 29.14 -6.15
CBA CLA ZH . 73.13 28.96 -4.65
CGA CLA ZH . 73.83 27.79 -4.01
O1A CLA ZH . 74.93 27.41 -4.39
O2A CLA ZH . 73.19 27.10 -2.91
NB CLA ZH . 71.94 34.61 -3.95
C1B CLA ZH . 70.90 33.78 -3.97
C2B CLA ZH . 69.76 34.17 -3.10
C3B CLA ZH . 70.25 35.43 -2.52
C4B CLA ZH . 71.60 35.61 -3.13
CMB CLA ZH . 68.45 33.46 -2.88
CAB CLA ZH . 69.55 36.33 -1.56
CBB CLA ZH . 69.31 37.60 -1.82
NC CLA ZH . 74.52 36.12 -4.21
C1C CLA ZH . 73.86 36.93 -3.35
C2C CLA ZH . 74.62 38.14 -2.92
C3C CLA ZH . 75.90 37.99 -3.63
C4C CLA ZH . 75.72 36.72 -4.38
CMC CLA ZH . 74.19 39.23 -1.98
CAC CLA ZH . 77.11 38.90 -3.60
CBC CLA ZH . 78.05 38.35 -2.54
ND CLA ZH . 75.54 34.24 -5.78
C1D CLA ZH . 76.76 34.99 -5.90
C2D CLA ZH . 77.83 34.37 -6.71
C3D CLA ZH . 77.15 33.10 -7.11
C4D CLA ZH . 75.89 33.12 -6.52
CMD CLA ZH . 79.23 34.73 -7.13
CAD CLA ZH . 77.30 31.84 -7.85
OBD CLA ZH . 78.34 31.47 -8.51
CBD CLA ZH . 76.04 31.08 -7.74
CGD CLA ZH . 75.47 30.93 -9.11
O1D CLA ZH . 75.11 31.90 -9.76
O2D CLA ZH . 75.34 29.60 -9.67
CED CLA ZH . 75.05 29.50 -11.06
MG CLA AI . 81.64 30.79 -4.96
CHA CLA AI . 83.17 27.99 -6.35
CHB CLA AI . 78.78 29.04 -4.72
CHC CLA AI . 80.15 33.66 -3.88
CHD CLA AI . 84.68 32.74 -5.75
NA CLA AI . 81.05 28.86 -5.47
C1A CLA AI . 81.72 27.85 -5.93
C2A CLA AI . 80.94 26.55 -6.06
C3A CLA AI . 79.57 26.93 -5.53
C4A CLA AI . 79.83 28.37 -5.22
CMA CLA AI . 78.49 26.82 -6.60
CAA CLA AI . 81.44 25.32 -5.28
CBA CLA AI . 81.20 25.33 -3.78
CGA CLA AI . 82.10 24.29 -3.15
O1A CLA AI . 81.89 23.10 -3.27
O2A CLA AI . 83.26 24.72 -2.37
NB CLA AI . 79.73 31.27 -4.42
C1B CLA AI . 78.72 30.43 -4.30
C2B CLA AI . 77.52 31.02 -3.67
C3B CLA AI . 77.92 32.41 -3.42
C4B CLA AI . 79.32 32.44 -3.92
CMB CLA AI . 76.21 30.37 -3.36
CAB CLA AI . 77.15 33.52 -2.79
CBB CLA AI . 77.54 34.06 -1.65
NC CLA AI . 82.27 32.76 -4.89
C1C CLA AI . 81.54 33.75 -4.36
C2C CLA AI . 82.21 35.06 -4.22
C3C CLA AI . 83.55 34.79 -4.78
C4C CLA AI . 83.46 33.35 -5.16
CMC CLA AI . 81.65 36.33 -3.65
CAC CLA AI . 84.72 35.73 -4.92
CBC CLA AI . 84.44 36.62 -6.12
ND CLA AI . 83.45 30.55 -5.85
C1D CLA AI . 84.66 31.30 -6.05
C2D CLA AI . 85.82 30.53 -6.55
C3D CLA AI . 85.19 29.19 -6.66
C4D CLA AI . 83.87 29.28 -6.23
CMD CLA AI . 87.25 30.83 -6.90
CAD CLA AI . 85.44 27.77 -7.03
OBD CLA AI . 86.55 27.29 -7.46
CBD CLA AI . 84.19 27.00 -6.83
CGD CLA AI . 83.80 26.33 -8.11
O1D CLA AI . 83.52 26.97 -9.11
O2D CLA AI . 83.79 24.89 -8.16
CED CLA AI . 83.77 24.19 -9.41
MG CLA BI . 88.75 28.32 -3.81
CHA CLA BI . 90.45 25.30 -3.92
CHB CLA BI . 85.86 26.62 -3.49
CHC CLA BI . 87.22 31.32 -3.27
CHD CLA BI . 92.02 30.05 -3.68
NA CLA BI . 88.23 26.32 -3.67
C1A CLA BI . 88.94 25.26 -3.84
C2A CLA BI . 88.18 23.95 -3.88
C3A CLA BI . 86.74 24.42 -3.79
C4A CLA BI . 86.96 25.89 -3.64
CMA CLA BI . 86.02 24.16 -5.11
CAA CLA BI . 88.38 23.13 -2.61
CBA CLA BI . 87.61 21.82 -2.63
CGA CLA BI . 88.19 20.89 -3.67
O1A CLA BI . 89.23 20.29 -3.47
O2A CLA BI . 87.50 20.72 -4.94
NB CLA BI . 86.81 28.88 -3.48
C1B CLA BI . 85.76 28.08 -3.31
C2B CLA BI . 84.51 28.76 -2.88
C3B CLA BI . 84.94 30.18 -2.82
C4B CLA BI . 86.38 30.11 -3.20
CMB CLA BI . 83.16 28.19 -2.59
CAB CLA BI . 84.14 31.36 -2.45
CBB CLA BI . 84.41 32.05 -1.36
NC CLA BI . 89.48 30.23 -3.50
C1C CLA BI . 88.68 31.31 -3.37
C2C CLA BI . 89.38 32.63 -3.34
C3C CLA BI . 90.80 32.24 -3.46
C4C CLA BI . 90.73 30.76 -3.55
CMC CLA BI . 88.78 34.00 -3.21
CAC CLA BI . 92.02 33.13 -3.48
CBC CLA BI . 92.14 33.64 -4.90
ND CLA BI . 90.74 27.90 -3.75
C1D CLA BI . 92.00 28.58 -3.78
C2D CLA BI . 93.20 27.72 -3.90
C3D CLA BI . 92.54 26.39 -3.96
C4D CLA BI . 91.17 26.58 -3.86
CMD CLA BI . 94.69 27.95 -3.97
CAD CLA BI . 92.79 24.92 -4.06
OBD CLA BI . 93.94 24.37 -4.16
CBD CLA BI . 91.48 24.23 -4.05
CGD CLA BI . 91.34 23.44 -5.31
O1D CLA BI . 91.26 23.98 -6.41
O2D CLA BI . 91.28 21.99 -5.24
CED CLA BI . 91.02 21.22 -6.42
MG CLA CI . 61.12 38.25 -4.81
CHA CLA CI . 64.38 38.96 -5.72
CHB CLA CI . 62.15 37.97 -1.62
CHC CLA CI . 57.96 37.32 -4.07
CHD CLA CI . 60.30 37.95 -8.42
NA CLA CI . 62.94 38.39 -3.83
C1A CLA CI . 64.10 38.76 -4.25
C2A CLA CI . 65.18 38.94 -3.20
C3A CLA CI . 64.42 38.61 -1.92
C4A CLA CI . 63.08 38.31 -2.50
CMA CLA CI . 65.00 37.34 -1.31
CAA CLA CI . 65.72 40.36 -2.99
CBA CLA CI . 67.24 40.31 -3.09
CGA CLA CI . 67.86 41.49 -2.38
O1A CLA CI . 67.54 42.63 -2.65
O2A CLA CI . 68.87 41.29 -1.35
NB CLA CI . 60.19 37.72 -3.08
C1B CLA CI . 60.75 37.62 -1.87
C2B CLA CI . 59.83 37.18 -0.80
C3B CLA CI . 58.58 36.99 -1.54
C4B CLA CI . 58.92 37.35 -2.94
CMB CLA CI . 60.10 36.96 0.66
CAB CLA CI . 57.29 36.53 -0.98
CBB CLA CI . 56.64 35.51 -1.48
NC CLA CI . 59.51 37.73 -6.01
C1C CLA CI . 58.31 37.41 -5.50
C2C CLA CI . 57.25 37.13 -6.51
C3C CLA CI . 57.94 37.32 -7.80
C4C CLA CI . 59.32 37.68 -7.36
CMC CLA CI . 55.83 36.74 -6.27
CAC CLA CI . 57.39 37.14 -9.20
CBC CLA CI . 57.06 38.47 -9.84
ND CLA CI . 62.02 38.33 -6.63
C1D CLA CI . 61.65 38.33 -8.02
C2D CLA CI . 62.71 38.72 -8.96
C3D CLA CI . 63.81 38.97 -8.00
C4D CLA CI . 63.33 38.75 -6.72
CMD CLA CI . 62.82 38.85 -10.45
CAD CLA CI . 65.22 39.39 -7.86
OBD CLA CI . 65.98 39.69 -8.83
CBD CLA CI . 65.62 39.36 -6.44
CGD CLA CI . 66.59 38.23 -6.35
O1D CLA CI . 67.79 38.42 -6.33
O2D CLA CI . 66.09 36.86 -6.27
CED CLA CI . 66.95 35.81 -5.86
C1 CLA CI . 69.99 42.16 -1.29
C2 CLA CI . 70.98 41.65 -0.27
C3 CLA CI . 71.78 42.47 0.43
C4 CLA CI . 71.74 43.95 0.23
C5 CLA CI . 72.74 41.89 1.44
C6 CLA CI . 72.19 40.64 2.14
MG CLA DI . 64.09 48.18 1.31
CHA CLA DI . 64.96 46.17 -1.39
CHB CLA DI . 62.95 45.43 2.89
CHC CLA DI . 63.69 50.13 4.07
CHD CLA DI . 65.70 51.02 -0.42
NA CLA DI . 64.00 46.15 0.86
C1A CLA DI . 64.28 45.51 -0.21
C2A CLA DI . 63.93 44.03 -0.23
C3A CLA DI . 63.27 43.86 1.12
C4A CLA DI . 63.42 45.25 1.65
CMA CLA DI . 61.80 43.58 0.89
CAA CLA DI . 65.13 43.05 -0.27
CBA CLA DI . 66.05 42.99 0.95
CGA CLA DI . 67.00 44.17 1.01
O1A CLA DI . 68.01 44.23 0.35
O2A CLA DI . 66.64 45.29 1.87
NB CLA DI . 63.42 47.82 3.20
C1B CLA DI . 62.96 46.66 3.68
C2B CLA DI . 62.52 46.71 5.10
C3B CLA DI . 62.74 48.13 5.43
C4B CLA DI . 63.31 48.71 4.19
CMB CLA DI . 61.97 45.60 5.95
CAB CLA DI . 62.49 48.83 6.72
CBB CLA DI . 63.22 48.57 7.78
NC CLA DI . 64.62 50.13 1.73
C1C CLA DI . 64.32 50.74 2.89
C2C CLA DI . 64.70 52.18 2.94
C3C CLA DI . 65.29 52.43 1.61
C4C CLA DI . 65.18 51.10 0.96
CMC CLA DI . 64.52 53.16 4.07
CAC CLA DI . 65.86 53.71 1.05
CBC CLA DI . 64.74 54.42 0.33
ND CLA DI . 65.10 48.59 -0.40
C1D CLA DI . 65.69 49.71 -1.08
C2D CLA DI . 66.23 49.44 -2.43
C3D CLA DI . 65.92 47.98 -2.53
C4D CLA DI . 65.30 47.61 -1.36
CMD CLA DI . 66.90 50.25 -3.49
CAD CLA DI . 66.02 46.79 -3.40
OBD CLA DI . 66.53 46.73 -4.56
CBD CLA DI . 65.42 45.63 -2.70
CGD CLA DI . 64.24 45.18 -3.51
O1D CLA DI . 63.34 45.94 -3.82
O2D CLA DI . 64.17 43.80 -3.97
CED CLA DI . 63.24 43.43 -4.97
C1 CLA DI . 67.53 46.38 2.07
C2 CLA DI . 67.07 47.14 3.28
C3 CLA DI . 67.57 48.34 3.61
C4 CLA DI . 68.64 48.98 2.79
C5 CLA DI . 67.07 49.05 4.83
C6 CLA DI . 67.67 48.51 6.12
C7 CLA DI . 66.96 49.07 7.33
C8 CLA DI . 67.63 50.35 7.83
C9 CLA DI . 68.42 50.08 9.10
C10 CLA DI . 66.59 51.43 8.05
MG CLA EI . 62.76 41.62 9.61
CHA CLA EI . 62.90 40.36 6.40
CHB CLA EI . 61.26 38.76 10.60
CHC CLA EI . 63.05 42.74 12.80
CHD CLA EI . 64.85 44.45 8.48
NA CLA EI . 62.22 39.86 8.69
C1A CLA EI . 62.22 39.52 7.44
C2A CLA EI . 61.54 38.22 7.08
C3A CLA EI . 61.01 37.78 8.43
C4A CLA EI . 61.53 38.88 9.29
CMA CLA EI . 59.49 37.83 8.41
CAA CLA EI . 62.53 37.10 6.67
CBA CLA EI . 63.86 37.15 7.42
CGA CLA EI . 64.79 36.04 7.01
O1A CLA EI . 64.90 35.02 7.67
O2A CLA EI . 65.61 36.14 5.82
NB CLA EI . 62.18 40.88 11.43
C1B CLA EI . 61.67 39.69 11.67
C2B CLA EI . 61.58 39.30 13.10
C3B CLA EI . 62.12 40.50 13.76
C4B CLA EI . 62.46 41.41 12.63
CMB CLA EI . 61.07 38.02 13.72
CAB CLA EI . 62.29 40.73 15.23
CBB CLA EI . 61.89 41.82 15.85
NC CLA EI . 63.78 43.23 10.44
C1C CLA EI . 63.70 43.54 11.74
C2C CLA EI . 64.32 44.84 12.12
C3C CLA EI . 64.85 45.34 10.83
C4C CLA EI . 64.46 44.26 9.89
CMC CLA EI . 64.39 45.48 13.47
CAC CLA EI . 65.59 46.61 10.55
CBC CLA EI . 67.07 46.29 10.56
ND CLA EI . 63.71 42.29 7.95
C1D CLA EI . 64.46 43.43 7.51
C2D CLA EI . 64.79 43.48 6.07
C3D CLA EI . 64.14 42.22 5.63
C4D CLA EI . 63.58 41.63 6.75
CMD CLA EI . 65.52 44.43 5.17
CAD CLA EI . 63.86 41.33 4.47
OBD CLA EI . 64.22 41.55 3.27
CBD CLA EI . 63.07 40.18 4.93
CGD CLA EI . 61.73 40.35 4.28
O1D CLA EI . 60.87 41.03 4.81
O2D CLA EI . 61.45 39.72 3.01
CED CLA EI . 60.48 40.32 2.15
C1 CLA EI . 66.70 35.23 5.65
C2 CLA EI . 67.84 35.64 6.55
MG CLA FI . 18.08 21.43 15.92
CHA CLA FI . 16.62 18.28 15.70
CHB CLA FI . 21.03 20.03 15.11
CHC CLA FI . 19.34 24.57 15.83
CHD CLA FI . 14.68 22.85 16.23
NA CLA FI . 18.73 19.51 15.44
C1A CLA FI . 18.10 18.39 15.45
C2A CLA FI . 18.93 17.15 15.15
C3A CLA FI . 20.31 17.74 15.00
C4A CLA FI . 20.00 19.19 15.21
CMA CLA FI . 21.22 17.22 16.12
CAA CLA FI . 18.58 16.50 13.80
CBA CLA FI . 18.49 17.46 12.62
CGA CLA FI . 17.11 17.48 12.00
O1A CLA FI . 16.13 17.07 12.59
O2A CLA FI . 16.96 18.01 10.66
NB CLA FI . 19.92 22.19 15.50
C1B CLA FI . 21.02 21.49 15.25
C2B CLA FI . 22.24 22.30 15.14
C3B CLA FI . 21.74 23.66 15.35
C4B CLA FI . 20.28 23.47 15.57
CMB CLA FI . 23.64 21.81 14.86
CAB CLA FI . 22.50 24.94 15.37
CBB CLA FI . 22.55 25.65 16.48
NC CLA FI . 17.17 23.29 16.00
C1C CLA FI . 17.87 24.44 15.96
C2C CLA FI . 17.03 25.66 16.06
C3C CLA FI . 15.67 25.14 16.18
C4C CLA FI . 15.88 23.68 16.13
CMC CLA FI . 17.46 27.10 16.06
CAC CLA FI . 14.35 25.88 16.30
CBC CLA FI . 14.19 26.26 17.76
ND CLA FI . 16.14 20.84 15.91
C1D CLA FI . 14.85 21.40 16.15
C2D CLA FI . 13.76 20.43 16.30
C3D CLA FI . 14.50 19.17 16.12
C4D CLA FI . 15.82 19.49 15.92
CMD CLA FI . 12.30 20.49 16.54
CAD CLA FI . 14.37 17.69 16.08
OBD CLA FI . 13.28 17.05 16.24
CBD CLA FI . 15.69 17.11 15.83
CGD CLA FI . 16.09 16.20 16.97
O1D CLA FI . 16.89 16.54 17.82
O2D CLA FI . 15.52 14.86 17.03
CED CLA FI . 15.82 14.00 18.11
C1 CLA FI . 15.65 18.26 10.17
C2 CLA FI . 15.71 18.48 8.67
C3 CLA FI . 15.65 19.71 8.14
C4 CLA FI . 15.52 20.93 9.01
C5 CLA FI . 15.70 19.87 6.65
C6 CLA FI . 14.45 19.33 5.96
C7 CLA FI . 13.87 20.34 4.97
C8 CLA FI . 12.91 19.66 4.02
C9 CLA FI . 12.78 20.44 2.71
C10 CLA FI . 11.55 19.49 4.67
C11 CLA FI . 10.60 18.65 3.82
C12 CLA FI . 9.32 18.35 4.59
C13 CLA FI . 8.33 17.53 3.77
C14 CLA FI . 7.83 18.34 2.57
C15 CLA FI . 7.17 17.13 4.67
C16 CLA FI . 6.79 15.65 4.61
C17 CLA FI . 5.63 15.41 3.66
C18 CLA FI . 4.93 14.08 3.89
C19 CLA FI . 4.28 14.00 5.27
C20 CLA FI . 5.84 12.88 3.64
MG CLA GI . 28.28 27.76 6.06
CHA CLA GI . 30.34 25.63 7.87
CHB CLA GI . 30.10 27.08 3.31
CHC CLA GI . 25.99 29.54 4.30
CHD CLA GI . 26.14 28.07 9.05
NA CLA GI . 29.91 26.53 5.63
C1A CLA GI . 30.65 25.82 6.41
C2A CLA GI . 31.89 25.21 5.77
C3A CLA GI . 31.77 25.72 4.33
C4A CLA GI . 30.50 26.49 4.44
CMA CLA GI . 32.91 26.69 4.10
CAA CLA GI . 31.87 23.66 5.70
CBA CLA GI . 30.71 23.07 4.91
CGA CLA GI . 30.27 21.75 5.50
O1A CLA GI . 31.07 20.98 6.00
O2A CLA GI . 28.86 21.39 5.48
NB CLA GI . 28.08 28.24 4.10
C1B CLA GI . 28.90 27.90 3.10
C2B CLA GI . 28.48 28.39 1.77
C3B CLA GI . 27.24 29.14 2.08
C4B CLA GI . 27.09 28.96 3.54
CMB CLA GI . 29.15 28.20 0.46
CAB CLA GI . 26.33 29.86 1.16
CBB CLA GI . 25.08 29.49 0.98
NC CLA GI . 26.47 28.58 6.57
C1C CLA GI . 25.71 29.30 5.71
C2C CLA GI . 24.47 29.88 6.28
C3C CLA GI . 24.53 29.43 7.68
C4C CLA GI . 25.79 28.65 7.73
CMC CLA GI . 23.42 30.71 5.59
CAC CLA GI . 23.57 29.67 8.82
CBC CLA GI . 23.87 31.07 9.27
ND CLA GI . 28.14 27.06 7.95
C1D CLA GI . 27.35 27.25 9.13
C2D CLA GI . 27.84 26.61 10.36
C3D CLA GI . 29.07 25.96 9.82
C4D CLA GI . 29.14 26.25 8.47
CMD CLA GI . 27.40 26.52 11.79
CAD CLA GI . 30.22 25.10 10.18
OBD CLA GI . 30.47 24.64 11.34
CBD CLA GI . 31.05 24.90 8.96
CGD CLA GI . 32.38 25.52 9.22
O1D CLA GI . 32.63 26.67 8.89
O2D CLA GI . 33.41 24.74 9.88
CED CLA GI . 34.46 25.40 10.58
C1 PQN HI . 26.24 34.25 13.56
O1 PQN HI . 26.65 35.07 12.71
C2 PQN HI . 25.09 33.38 13.24
C2M PQN HI . 24.45 33.50 11.89
C3 PQN HI . 24.59 32.38 14.21
C4 PQN HI . 25.24 32.27 15.55
O4 PQN HI . 24.82 31.44 16.38
C5 PQN HI . 26.38 33.15 15.86
C6 PQN HI . 27.01 33.07 17.10
C7 PQN HI . 28.10 33.90 17.35
C8 PQN HI . 28.54 34.85 16.44
C9 PQN HI . 27.96 34.95 15.19
C10 PQN HI . 26.88 34.13 14.87
C11 PQN HI . 23.41 31.52 13.86
C12 PQN HI . 23.87 30.22 13.25
C13 PQN HI . 23.60 29.05 13.85
C14 PQN HI . 22.84 28.98 15.15
C15 PQN HI . 24.08 27.78 13.21
C16 PQN HI . 23.05 27.33 12.19
C17 PQN HI . 23.45 25.97 11.66
C18 PQN HI . 22.35 25.35 10.81
C19 PQN HI . 21.90 24.02 11.41
C20 PQN HI . 22.84 25.17 9.37
C21 PQN HI . 24.20 24.49 9.29
C22 PQN HI . 24.73 24.51 7.87
C23 PQN HI . 26.21 24.13 7.82
C24 PQN HI . 26.76 24.26 6.40
C25 PQN HI . 26.40 22.72 8.35
C1 BCR II . 74.75 0.85 -7.63
C2 BCR II . 74.30 0.04 -8.82
C3 BCR II . 74.02 -1.38 -8.40
C4 BCR II . 72.90 -1.42 -7.38
C5 BCR II . 72.96 -0.30 -6.41
C6 BCR II . 73.80 0.74 -6.48
C7 BCR II . 73.80 1.82 -5.50
C8 BCR II . 74.59 1.84 -4.43
C9 BCR II . 75.18 3.04 -3.89
C10 BCR II . 75.26 3.18 -2.56
C11 BCR II . 76.05 4.17 -1.88
C33 BCR II . 71.99 -0.45 -5.30
C31 BCR II . 74.89 2.28 -8.09
C32 BCR II . 76.13 0.33 -7.24
C34 BCR II . 75.92 3.93 -4.81
C12 BCR II . 76.06 4.15 -0.55
C13 BCR II . 77.13 4.67 0.28
C14 BCR II . 77.14 4.35 1.58
C15 BCR II . 78.14 4.80 2.51
C16 BCR II . 78.02 4.58 3.82
C17 BCR II . 78.70 5.47 4.70
C18 BCR II . 79.24 5.17 5.90
C19 BCR II . 79.84 6.23 6.66
C20 BCR II . 80.63 6.03 7.72
C21 BCR II . 81.46 7.12 8.17
C22 BCR II . 82.21 7.14 9.27
C23 BCR II . 83.24 8.18 9.40
C24 BCR II . 83.36 8.97 10.48
C25 BCR II . 84.41 9.96 10.72
C26 BCR II . 84.33 11.21 10.23
C27 BCR II . 85.32 12.28 10.45
C28 BCR II . 86.06 12.07 11.74
C29 BCR II . 86.61 10.67 11.77
C30 BCR II . 85.56 9.56 11.59
C35 BCR II . 78.28 5.35 -0.34
C36 BCR II . 79.53 3.77 6.27
C37 BCR II . 81.99 6.18 10.37
C38 BCR II . 83.22 11.70 9.38
C39 BCR II . 85.02 9.10 12.93
C40 BCR II . 86.36 8.39 11.03
C1 BCR JI . 64.87 -5.80 1.93
C2 BCR JI . 65.39 -7.22 1.93
C3 BCR JI . 66.25 -7.48 3.13
C4 BCR JI . 67.42 -6.53 3.19
C5 BCR JI . 67.12 -5.17 2.69
C6 BCR JI . 65.96 -4.80 2.13
C7 BCR JI . 65.75 -3.43 1.65
C8 BCR JI . 65.12 -2.50 2.37
C9 BCR JI . 65.09 -1.10 2.02
C10 BCR JI . 63.98 -0.40 2.25
C11 BCR JI . 63.85 1.02 2.04
C33 BCR JI . 68.22 -4.22 2.89
C31 BCR JI . 63.80 -5.73 3.00
C32 BCR JI . 64.22 -5.57 0.58
C34 BCR JI . 66.35 -0.47 1.57
C12 BCR JI . 62.63 1.56 2.20
C13 BCR JI . 62.37 2.98 2.14
C14 BCR JI . 61.11 3.41 2.32
C15 BCR JI . 60.69 4.78 2.25
C16 BCR JI . 59.40 5.11 2.40
C17 BCR JI . 58.97 6.41 1.98
C18 BCR JI . 57.70 6.85 1.92
C19 BCR JI . 57.43 8.10 1.25
C20 BCR JI . 56.29 8.77 1.35
C21 BCR JI . 56.21 10.10 0.79
C22 BCR JI . 55.21 10.96 0.94
C23 BCR JI . 55.10 12.09 0.03
C24 BCR JI . 54.84 13.34 0.43
C25 BCR JI . 54.73 14.51 -0.44
C26 BCR JI . 55.81 15.18 -0.89
C27 BCR JI . 55.79 16.37 -1.76
C28 BCR JI . 54.48 16.47 -2.49
C29 BCR JI . 53.36 16.32 -1.52
C30 BCR JI . 53.36 14.99 -0.80
C35 BCR JI . 63.48 3.93 2.01
C36 BCR JI . 56.58 6.08 2.48
C37 BCR JI . 54.25 10.85 2.07
C38 BCR JI . 57.21 14.81 -0.58
C39 BCR JI . 52.58 13.96 -1.61
C40 BCR JI . 52.53 15.22 0.46
C1 BCR KI . 70.85 -5.92 -6.37
C2 BCR KI . 71.90 -6.41 -5.41
C3 BCR KI . 71.25 -6.88 -4.13
C4 BCR KI . 70.35 -8.06 -4.40
C5 BCR KI . 69.54 -7.87 -5.64
C6 BCR KI . 69.73 -6.91 -6.55
C7 BCR KI . 68.92 -6.80 -7.76
C8 BCR KI . 67.81 -6.06 -7.82
C9 BCR KI . 66.80 -6.22 -8.85
C10 BCR KI . 65.70 -5.46 -8.81
C11 BCR KI . 65.46 -4.40 -7.86
C33 BCR KI . 68.48 -8.89 -5.77
C31 BCR KI . 71.54 -5.64 -7.69
C32 BCR KI . 70.32 -4.61 -5.81
C34 BCR KI . 66.90 -7.38 -9.75
C12 BCR KI . 64.34 -3.68 -8.00
C13 BCR KI . 63.92 -2.60 -7.14
C14 BCR KI . 62.93 -1.81 -7.57
C15 BCR KI . 62.24 -0.84 -6.76
C16 BCR KI . 61.18 -0.19 -7.26
C17 BCR KI . 60.45 0.69 -6.38
C18 BCR KI . 59.25 1.22 -6.65
C19 BCR KI . 58.62 2.04 -5.64
C20 BCR KI . 57.67 2.94 -5.91
C21 BCR KI . 57.09 3.70 -4.83
C22 BCR KI . 56.23 4.72 -4.96
C23 BCR KI . 55.80 5.11 -6.30
C24 BCR KI . 54.73 5.89 -6.52
C25 BCR KI . 54.31 6.47 -7.80
C26 BCR KI . 53.63 5.78 -8.72
C27 BCR KI . 53.15 6.28 -10.03
C28 BCR KI . 53.18 7.79 -10.12
C29 BCR KI . 54.44 8.31 -9.50
C30 BCR KI . 54.58 7.93 -8.03
C35 BCR KI . 64.39 -2.54 -5.74
C36 BCR KI . 58.62 1.11 -7.97
C37 BCR KI . 55.92 5.60 -3.82
C38 BCR KI . 53.27 4.35 -8.58
C39 BCR KI . 53.66 8.76 -7.17
C40 BCR KI . 56.00 8.35 -7.67
C1 BCR LI . 73.61 30.55 1.74
C2 BCR LI . 74.53 30.36 0.55
C3 BCR LI . 73.71 30.33 -0.71
C4 BCR LI . 73.09 31.69 -0.92
C5 BCR LI . 72.42 32.17 0.31
C6 BCR LI . 72.62 31.65 1.53
C7 BCR LI . 71.94 32.16 2.73
C8 BCR LI . 70.74 31.72 3.13
C9 BCR LI . 70.45 31.30 4.48
C10 BCR LI . 69.17 31.17 4.85
C11 BCR LI . 68.73 30.86 6.19
C33 BCR LI . 71.47 33.27 0.06
C31 BCR LI . 74.49 30.82 2.94
C32 BCR LI . 72.91 29.21 1.93
C34 BCR LI . 71.56 30.85 5.33
C12 BCR LI . 67.43 30.69 6.40
C13 BCR LI . 66.74 31.15 7.58
C14 BCR LI . 65.55 30.62 7.86
C15 BCR LI . 64.73 31.04 8.96
C16 BCR LI . 63.55 30.47 9.19
C17 BCR LI . 62.89 30.78 10.41
C18 BCR LI . 61.62 30.48 10.74
C19 BCR LI . 61.18 30.78 12.08
C20 BCR LI . 60.08 30.26 12.61
C21 BCR LI . 60.06 29.99 14.02
C22 BCR LI . 59.01 29.56 14.72
C23 BCR LI . 59.12 29.50 16.16
C24 BCR LI . 58.12 29.11 16.95
C25 BCR LI . 58.21 28.92 18.40
C26 BCR LI . 57.83 29.88 19.24
C27 BCR LI . 57.86 29.81 20.72
C28 BCR LI . 58.51 28.55 21.26
C29 BCR LI . 58.34 27.37 20.35
C30 BCR LI . 58.72 27.61 18.90
C35 BCR LI . 67.21 32.37 8.29
C36 BCR LI . 60.80 29.60 9.88
C37 BCR LI . 57.68 29.42 14.09
C38 BCR LI . 57.30 31.18 18.79
C39 BCR LI . 58.23 26.47 18.02
C40 BCR LI . 60.25 27.55 18.89
C1 BCR MI . 31.66 23.82 -7.07
C2 BCR MI . 31.66 24.04 -8.57
C3 BCR MI . 30.75 23.11 -9.30
C4 BCR MI . 29.36 23.22 -8.76
C5 BCR MI . 29.36 22.93 -7.31
C6 BCR MI . 30.40 23.21 -6.50
C7 BCR MI . 30.39 22.88 -5.07
C8 BCR MI . 29.86 23.67 -4.13
C9 BCR MI . 29.66 23.28 -2.75
C10 BCR MI . 28.66 23.85 -2.07
C11 BCR MI . 28.54 23.90 -0.63
C33 BCR MI . 28.11 22.32 -6.84
C31 BCR MI . 32.86 22.95 -6.74
C32 BCR MI . 31.92 25.20 -6.49
C34 BCR MI . 30.50 22.20 -2.19
C12 BCR MI . 27.49 24.57 -0.15
C13 BCR MI . 27.26 24.90 1.24
C14 BCR MI . 26.20 25.67 1.52
C15 BCR MI . 25.61 25.81 2.82
C16 BCR MI . 24.45 26.48 2.93
C17 BCR MI . 23.84 26.63 4.22
C18 BCR MI . 22.64 27.19 4.44
C19 BCR MI . 22.14 27.21 5.80
C20 BCR MI . 20.88 27.55 6.09
C21 BCR MI . 20.66 28.35 7.27
C22 BCR MI . 19.50 28.59 7.88
C23 BCR MI . 19.55 28.74 9.32
C24 BCR MI . 18.55 29.20 10.08
C25 BCR MI . 18.71 29.82 11.39
C26 BCR MI . 18.79 29.12 12.52
C27 BCR MI . 18.94 29.66 13.88
C28 BCR MI . 19.21 31.15 13.91
C29 BCR MI . 18.41 31.83 12.82
C30 BCR MI . 18.76 31.32 11.44
C35 BCR MI . 28.02 24.22 2.31
C36 BCR MI . 21.74 27.55 3.35
C37 BCR MI . 18.35 29.14 7.15
C38 BCR MI . 18.74 27.64 12.56
C39 BCR MI . 20.11 31.84 10.99
C40 BCR MI . 17.71 31.92 10.51
C1 LMG NI . 38.32 23.86 22.90
O1 LMG NI . 37.79 24.74 21.96
C2 LMG NI . 39.49 24.67 23.55
O2 LMG NI . 40.55 24.53 22.65
C3 LMG NI . 39.91 23.96 24.88
O3 LMG NI . 40.79 24.85 25.50
C4 LMG NI . 38.67 23.74 25.78
O4 LMG NI . 38.12 24.97 26.11
C5 LMG NI . 37.63 22.94 24.95
O5 LMG NI . 35.75 21.58 25.21
C6 LMG NI . 36.39 22.68 25.80
O6 LMG NI . 37.24 23.69 23.82
C7 LMG NI . 37.41 24.13 20.75
C8 LMG NI . 37.03 25.30 19.83
C9 LMG NI . 38.26 25.72 19.03
O7 LMG NI . 36.12 24.80 18.86
C10 LMG NI . 34.90 25.40 18.76
O9 LMG NI . 34.66 26.38 19.44
C11 LMG NI . 33.94 24.57 17.99
C12 LMG NI . 34.20 24.71 16.50
C13 LMG NI . 33.21 23.92 15.67
C14 LMG NI . 33.95 23.44 14.44
C15 LMG NI . 33.04 22.54 13.66
C16 LMG NI . 33.77 22.09 12.41
C17 LMG NI . 32.74 21.53 11.47
C18 LMG NI . 33.46 20.70 10.44
O8 LMG NI . 38.47 24.74 18.04
C28 LMG NI . 39.50 24.93 17.20
O10 LMG NI . 40.17 25.95 17.27
C29 LMG NI . 39.87 23.72 16.42
C30 LMG NI . 41.34 23.76 16.06
C31 LMG NI . 41.48 23.66 14.56
C32 LMG NI . 41.96 25.01 14.04
C33 LMG NI . 41.41 25.14 12.64
C34 LMG NI . 42.29 26.07 11.86
C35 LMG NI . 41.39 26.72 10.81
C36 LMG NI . 42.28 27.49 9.89
C37 LMG NI . 41.40 28.33 9.00
C38 LMG NI . 41.40 27.57 7.73
C39 LMG NI . 39.99 27.43 7.22
C40 LMG NI . 40.05 26.11 6.51
C41 LMG NI . 39.39 26.25 5.17
C42 LMG NI . 40.51 25.95 4.22
C43 LMG NI . 40.14 26.46 2.87
C44 LMG NI . 39.74 25.26 2.02
C45 LMG NI . 39.34 25.77 0.66
C1 BCR OI . 62.05 -7.47 17.05
C2 BCR OI . 61.93 -7.82 18.53
C3 BCR OI . 60.66 -8.56 18.87
C4 BCR OI . 60.49 -9.73 17.94
C5 BCR OI . 60.37 -9.19 16.57
C6 BCR OI . 61.09 -8.16 16.13
C7 BCR OI . 60.94 -7.61 14.79
C8 BCR OI . 61.62 -8.04 13.71
C9 BCR OI . 61.30 -7.62 12.37
C10 BCR OI . 61.01 -6.33 12.16
C11 BCR OI . 60.23 -5.83 11.06
C33 BCR OI . 59.38 -9.91 15.73
C31 BCR OI . 63.49 -7.80 16.70
C32 BCR OI . 61.87 -5.98 16.95
C34 BCR OI . 60.85 -8.66 11.42
C12 BCR OI . 60.21 -4.51 10.84
C13 BCR OI . 59.47 -3.85 9.78
C14 BCR OI . 59.65 -2.54 9.61
C15 BCR OI . 59.20 -1.83 8.44
C16 BCR OI . 59.46 -0.53 8.27
C17 BCR OI . 59.46 -0.05 6.93
C18 BCR OI . 59.10 1.18 6.52
C19 BCR OI . 58.20 1.25 5.37
C20 BCR OI . 58.11 2.31 4.58
C21 BCR OI . 57.60 2.14 3.24
C22 BCR OI . 57.40 0.98 2.60
C23 BCR OI . 58.33 0.64 1.53
C24 BCR OI . 58.51 -0.58 1.00
C25 BCR OI . 57.79 -1.25 -0.09
C26 BCR OI . 57.10 -2.37 0.13
C27 BCR OI . 56.34 -3.16 -0.88
C28 BCR OI . 56.29 -2.50 -2.24
C29 BCR OI . 57.57 -1.76 -2.51
C30 BCR OI . 57.87 -0.67 -1.49
C35 BCR OI . 58.71 -4.66 8.81
C36 BCR OI . 59.90 2.36 6.86
C37 BCR OI . 56.05 0.38 2.60
C38 BCR OI . 57.00 -2.99 1.45
C39 BCR OI . 56.95 0.51 -1.71
C40 BCR OI . 59.27 -0.20 -1.83
FE1 SF4 PI . 28.67 35.61 37.40
FE2 SF4 PI . 28.16 35.19 40.06
FE3 SF4 PI . 30.73 35.60 39.20
FE4 SF4 PI . 29.43 33.27 38.60
S1 SF4 PI . 30.01 34.01 40.68
S2 SF4 PI . 30.68 34.55 37.19
S3 SF4 PI . 27.30 34.03 38.30
S4 SF4 PI . 29.01 37.09 39.10
FE1 SF4 QI . 37.26 40.81 45.57
FE2 SF4 QI . 35.02 39.71 46.67
FE3 SF4 QI . 36.02 42.06 47.66
FE4 SF4 QI . 37.37 39.73 48.08
S1 SF4 QI . 35.30 40.27 48.87
S2 SF4 QI . 38.25 41.72 47.41
S3 SF4 QI . 36.95 38.62 46.13
S4 SF4 QI . 35.17 41.70 45.58
C1 BCR RI . 35.43 11.37 -2.00
C2 BCR RI . 36.53 10.68 -2.79
C3 BCR RI . 36.12 9.44 -3.55
C4 BCR RI . 35.07 8.63 -2.83
C5 BCR RI . 33.93 9.50 -2.51
C6 BCR RI . 34.06 10.77 -2.12
C7 BCR RI . 32.91 11.63 -1.83
C8 BCR RI . 32.32 11.72 -0.64
C9 BCR RI . 31.47 12.82 -0.23
C10 BCR RI . 30.20 12.89 -0.65
C11 BCR RI . 29.29 13.94 -0.26
C33 BCR RI . 32.62 8.84 -2.67
C31 BCR RI . 35.42 12.81 -2.46
C32 BCR RI . 35.87 11.38 -0.55
C34 BCR RI . 32.02 13.81 0.72
C12 BCR RI . 27.98 13.85 -0.52
C13 BCR RI . 26.97 14.73 0.02
C14 BCR RI . 25.74 14.75 -0.50
C15 BCR RI . 24.71 15.70 -0.13
C16 BCR RI . 23.44 15.51 -0.50
C17 BCR RI . 22.50 16.60 -0.45
C18 BCR RI . 21.28 16.64 -1.01
C19 BCR RI . 20.39 17.73 -0.66
C20 BCR RI . 19.32 18.05 -1.39
C21 BCR RI . 18.50 19.16 -0.95
C22 BCR RI . 17.53 19.76 -1.65
C23 BCR RI . 17.39 21.20 -1.54
C24 BCR RI . 16.22 21.86 -1.52
C25 BCR RI . 16.07 23.30 -1.35
C26 BCR RI . 16.08 23.88 -0.14
C27 BCR RI . 15.93 25.32 0.14
C28 BCR RI . 16.16 26.15 -1.09
C29 BCR RI . 15.42 25.55 -2.25
C30 BCR RI . 15.88 24.13 -2.58
C35 BCR RI . 27.30 15.59 1.19
C36 BCR RI . 20.87 15.67 -2.03
C37 BCR RI . 16.73 19.03 -2.66
C38 BCR RI . 16.23 23.15 1.14
C39 BCR RI . 17.13 24.18 -3.45
C40 BCR RI . 14.78 23.56 -3.46
C30 UNL SI . 25.64 -2.65 -20.38
C31 UNL SI . 25.25 -2.24 -18.96
C32 UNL SI . 25.78 -3.26 -17.95
C33 UNL SI . 25.38 -2.88 -16.53
C34 UNL SI . 25.83 -3.94 -15.53
C35 UNL SI . 25.62 -3.45 -14.10
C36 UNL SI . 26.01 -4.53 -13.09
C37 UNL SI . 26.18 -3.92 -11.71
C38 UNL SI . 26.30 -4.99 -10.64
MG CLA TI . -18.94 85.21 4.35
CHA CLA TI . -22.19 85.20 3.12
CHB CLA TI . -20.04 86.87 7.06
CHC CLA TI . -15.69 85.58 5.25
CHD CLA TI . -17.85 83.70 1.15
NA CLA TI . -20.78 85.94 4.98
C1A CLA TI . -21.96 85.80 4.49
C2A CLA TI . -23.11 86.33 5.34
C3A CLA TI . -22.37 86.85 6.55
C4A CLA TI . -20.97 86.54 6.16
CMA CLA TI . -22.53 88.37 6.66
CAA CLA TI . -24.09 85.25 5.84
CBA CLA TI . -23.43 84.11 6.60
NB CLA TI . -18.01 86.12 5.91
C1B CLA TI . -18.59 86.68 6.97
C2B CLA TI . -17.67 87.09 8.07
C3B CLA TI . -16.35 86.70 7.51
C4B CLA TI . -16.69 86.11 6.17
CMB CLA TI . -17.98 87.73 9.39
CAB CLA TI . -15.00 86.83 8.11
CBB CLA TI . -14.28 85.76 8.38
NC CLA TI . -17.18 84.76 3.38
C1C CLA TI . -15.97 84.95 3.94
C2C CLA TI . -14.82 84.44 3.15
C3C CLA TI . -15.46 83.89 1.94
C4C CLA TI . -16.90 84.14 2.20
CMC CLA TI . -13.35 84.48 3.48
CAC CLA TI . -14.82 83.23 0.74
CBC CLA TI . -14.80 81.74 1.03
ND CLA TI . -19.71 84.60 2.56
C1D CLA TI . -19.27 83.99 1.34
C2D CLA TI . -20.33 83.69 0.35
C3D CLA TI . -21.52 84.21 1.09
C4D CLA TI . -21.07 84.69 2.32
CMD CLA TI . -20.40 83.08 -1.03
CAD CLA TI . -22.99 84.40 1.05
OBD CLA TI . -23.75 84.06 0.07
CBD CLA TI . -23.42 85.04 2.31
C1 BCR UI . -6.31 86.27 -1.54
C2 BCR UI . -5.63 87.47 -2.15
C3 BCR UI . -5.23 88.43 -1.07
C4 BCR UI . -4.23 87.79 -0.14
C5 BCR UI . -4.56 86.38 0.17
C6 BCR UI . -5.51 85.66 -0.43
C7 BCR UI . -5.77 84.25 -0.10
C8 BCR UI . -6.62 83.85 0.86
C9 BCR UI . -6.72 82.48 1.30
C10 BCR UI . -6.94 82.22 2.60
C11 BCR UI . -7.23 80.92 3.13
C33 BCR UI . -3.71 85.83 1.25
C31 BCR UI . -6.56 85.28 -2.66
C32 BCR UI . -7.65 86.74 -1.00
C34 BCR UI . -6.85 81.43 0.27
C12 BCR UI . -7.79 80.80 4.34
C13 BCR UI . -8.38 79.58 4.85
C14 BCR UI . -8.93 79.57 6.08
C15 BCR UI . -9.70 78.47 6.59
C16 BCR UI . -10.14 78.44 7.86
C17 BCR UI . -10.98 77.35 8.29
C18 BCR UI . -11.60 77.25 9.47
C19 BCR UI . -12.37 76.07 9.79
C20 BCR UI . -12.68 75.76 11.06
C21 BCR UI . -13.68 74.78 11.39
C22 BCR UI . -14.19 74.64 12.63
C23 BCR UI . -14.83 73.39 13.03
C24 BCR UI . -16.14 73.15 12.92
C25 BCR UI . -16.95 72.12 13.60
C26 BCR UI . -16.94 70.82 13.26
C27 BCR UI . -17.73 69.76 13.89
C28 BCR UI . -18.38 70.17 15.18
C29 BCR UI . -18.93 71.56 15.04
C30 BCR UI . -17.88 72.60 14.68
C35 BCR UI . -8.51 78.42 3.96
C36 BCR UI . -11.45 78.30 10.49
C37 BCR UI . -13.83 75.60 13.68
C38 BCR UI . -16.10 70.24 12.21
C39 BCR UI . -17.13 73.03 15.93
C40 BCR UI . -18.67 73.83 14.26
MG CLA VI . -18.91 68.25 -2.89
CHA CLA VI . -16.36 67.25 -5.02
CHB CLA VI . -21.15 67.26 -5.20
CHC CLA VI . -21.31 68.97 -0.62
CHD CLA VI . -16.34 68.87 -0.29
NA CLA VI . -18.79 67.38 -4.78
C1A CLA VI . -17.77 67.05 -5.50
C2A CLA VI . -18.11 66.53 -6.89
C3A CLA VI . -19.62 66.54 -6.89
C4A CLA VI . -19.87 67.10 -5.52
CMA CLA VI . -20.21 67.47 -7.95
CAA CLA VI . -17.61 65.15 -7.31
CBA CLA VI . -17.64 64.12 -6.18
CGA CLA VI . -17.50 62.77 -6.86
O1A CLA VI . -18.35 62.36 -7.63
O2A CLA VI . -16.33 61.93 -6.61
NB CLA VI . -20.94 68.08 -2.89
C1B CLA VI . -21.70 67.79 -3.94
C2B CLA VI . -23.15 68.10 -3.77
C3B CLA VI . -23.18 68.62 -2.39
C4B CLA VI . -21.76 68.54 -1.95
CMB CLA VI . -24.29 67.92 -4.75
CAB CLA VI . -24.35 69.08 -1.60
CBB CLA VI . -24.71 68.48 -0.49
NC CLA VI . -18.82 68.79 -0.90
C1C CLA VI . -19.91 69.04 -0.17
C2C CLA VI . -19.65 69.42 1.24
C3C CLA VI . -18.18 69.40 1.33
C4C CLA VI . -17.79 69.00 -0.03
CMC CLA VI . -20.66 69.75 2.31
CAC CLA VI . -17.31 69.69 2.53
CBC CLA VI . -16.86 71.12 2.45
ND CLA VI . -16.90 68.07 -2.59
C1D CLA VI . -15.92 68.44 -1.62
C2D CLA VI . -14.50 68.37 -2.05
C3D CLA VI . -14.71 67.88 -3.45
C4D CLA VI . -16.08 67.75 -3.66
CMD CLA VI . -13.17 68.64 -1.44
CAD CLA VI . -14.02 67.49 -4.69
OBD CLA VI . -12.75 67.49 -4.85
CBD CLA VI . -15.05 67.10 -5.69
CGD CLA VI . -14.96 67.97 -6.92
O1D CLA VI . -15.69 68.93 -7.06
O2D CLA VI . -14.06 67.61 -7.99
CED CLA VI . -14.24 68.18 -9.28
C1 CLA VI . -16.50 60.52 -6.55
C2 CLA VI . -15.28 59.91 -5.90
C3 CLA VI . -15.11 59.85 -4.58
C4 CLA VI . -16.14 60.39 -3.62
C5 CLA VI . -13.84 59.22 -4.04
C6 CLA VI . -13.97 57.71 -3.89
C29 UNL WI . 0.69 27.42 -14.05
C30 UNL WI . 0.61 27.84 -12.59
C31 UNL WI . 1.68 27.14 -11.76
C32 UNL WI . 1.72 27.68 -10.34
C33 UNL WI . 0.51 27.28 -9.52
C34 UNL WI . 0.82 27.45 -8.03
C35 UNL WI . -0.26 26.75 -7.21
C36 UNL WI . -0.08 27.02 -5.72
C37 UNL WI . -1.23 26.42 -4.94
C38 UNL WI . -1.12 26.75 -3.46
CAA F6C XI . 16.45 16.85 -12.72
CAB F6C XI . 24.59 15.60 -7.20
CAC F6C XI . 20.27 21.44 -3.52
CAD F6C XI . 14.78 19.72 -9.26
NA F6C XI . 18.73 17.14 -9.82
CBA F6C XI . 15.71 15.64 -13.33
CBB F6C XI . 25.23 16.45 -6.41
CBC F6C XI . 20.82 22.73 -4.07
CBD F6C XI . 15.20 18.65 -10.20
NB F6C XI . 21.15 16.74 -8.27
OBD F6C XI . 13.63 20.26 -9.21
CGA F6C XI . 14.60 14.99 -12.50
CGD F6C XI . 14.21 17.55 -10.08
ND F6C XI . 18.14 19.44 -8.02
CED F6C XI . 12.97 15.99 -8.73
CHA F6C XI . 16.62 18.35 -9.84
CHB F6C XI . 20.54 15.66 -10.37
CHC F6C XI . 22.20 17.49 -6.17
CHD F6C XI . 18.69 21.00 -6.15
CMA F6C XI . 18.41 14.08 -11.55
CMB F6C XI . 23.54 14.35 -10.07
CMC F6C XI . 22.64 19.07 -3.50
CMD F6C XI . 15.50 21.99 -6.61
OMB F6C XI . 23.35 14.41 -11.28
C1 F6C XI . 15.33 13.48 -10.63
C1A F6C XI . 17.60 17.35 -10.38
C1B F6C XI . 21.50 15.96 -9.29
C1C F6C XI . 21.33 18.60 -5.81
C1D F6C XI . 17.74 20.48 -7.13
O1A F6C XI . 13.54 14.71 -13.04
O1D F6C XI . 13.36 17.39 -10.93
C2 F6C XI . 14.55 12.28 -11.10
C2A F6C XI . 17.23 16.38 -11.48
C2B F6C XI . 22.82 15.30 -9.16
C2C F6C XI . 21.58 19.33 -4.55
C2D F6C XI . 16.36 20.96 -7.28
O2A F6C XI . 14.72 14.68 -11.08
O2D F6C XI . 14.20 16.67 -8.93
C3 F6C XI . 15.03 11.05 -10.89
C3A F6C XI . 18.52 15.59 -11.68
C3B F6C XI . 23.30 15.86 -7.87
C3C F6C XI . 20.54 20.38 -4.54
C3D F6C XI . 15.91 20.07 -8.38
C4 F6C XI . 14.25 9.86 -11.37
C4A F6C XI . 19.31 16.18 -10.55
C4B F6C XI . 22.17 16.72 -7.42
C4C F6C XI . 19.83 20.11 -5.83
C4D F6C XI . 16.97 19.25 -8.72
C5 F6C XI . 16.35 10.83 -10.19
C6 F6C XI . 16.47 9.40 -9.67
C7 F6C XI . 15.98 9.35 -8.23
C8 F6C XI . 15.75 7.93 -7.74
C9 F6C XI . 15.08 7.08 -8.82
C10 F6C XI . 14.86 8.01 -6.50
C11 F6C XI . 15.22 6.94 -5.47
C12 F6C XI . 13.99 6.59 -4.64
C13 F6C XI . 14.38 5.85 -3.37
C14 F6C XI . 13.23 4.99 -2.86
C15 F6C XI . 14.81 6.88 -2.32
NC F6C XI . 20.31 19.07 -6.55
MG F6C XI . 19.73 18.21 -8.33
C16 F6C XI . 15.76 6.28 -1.28
C17 F6C XI . 16.92 7.24 -1.03
C18 F6C XI . 16.90 7.81 0.39
C19 F6C XI . 16.74 6.70 1.41
C20 F6C XI . 15.83 8.87 0.55
C1 BCR YI . 16.90 15.29 -5.74
C2 BCR YI . 17.57 14.17 -6.48
C3 BCR YI . 17.04 12.85 -5.99
C4 BCR YI . 15.57 12.73 -6.26
C5 BCR YI . 14.84 13.98 -6.01
C6 BCR YI . 15.41 15.16 -5.74
C7 BCR YI . 14.63 16.38 -5.54
C8 BCR YI . 14.25 16.84 -4.35
C9 BCR YI . 13.61 18.13 -4.18
C10 BCR YI . 12.86 18.37 -3.11
C11 BCR YI . 12.07 19.55 -2.92
C33 BCR YI . 13.38 13.83 -6.04
C31 BCR YI . 17.32 16.58 -6.40
C32 BCR YI . 17.45 15.28 -4.33
C34 BCR YI . 13.73 19.11 -5.28
C12 BCR YI . 11.50 19.78 -1.74
C13 BCR YI . 10.94 21.04 -1.32
C14 BCR YI . 10.19 21.08 -0.22
C15 BCR YI . 9.61 22.28 0.32
C16 BCR YI . 8.94 22.21 1.48
C17 BCR YI . 8.04 23.28 1.84
C18 BCR YI . 7.54 23.48 3.06
C19 BCR YI . 6.71 24.63 3.29
C20 BCR YI . 6.02 24.81 4.43
C21 BCR YI . 5.13 25.92 4.55
C22 BCR YI . 4.29 26.12 5.57
C23 BCR YI . 3.99 25.00 6.45
C24 BCR YI . 3.19 25.10 7.52
C25 BCR YI . 2.76 23.99 8.37
C26 BCR YI . 1.66 23.27 8.08
C27 BCR YI . 1.12 22.14 8.86
C28 BCR YI . 2.13 21.63 9.86
C29 BCR YI . 2.80 22.78 10.55
C30 BCR YI . 3.56 23.67 9.59
C35 BCR YI . 11.37 22.28 -1.98
C36 BCR YI . 7.74 22.51 4.14
C37 BCR YI . 3.52 27.39 5.70
C38 BCR YI . 0.80 23.53 6.90
C39 BCR YI . 4.90 23.06 9.25
C40 BCR YI . 3.86 24.94 10.39
MG CLA ZI . -9.78 13.78 6.67
CHA CLA ZI . -10.25 10.54 5.56
CHB CLA ZI . -8.06 14.44 3.84
CHC CLA ZI . -9.60 17.02 7.70
CHD CLA ZI . -12.18 13.10 9.38
NA CLA ZI . -9.26 12.70 4.97
C1A CLA ZI . -9.43 11.46 4.69
C2A CLA ZI . -8.78 10.97 3.39
C3A CLA ZI . -8.09 12.25 2.89
C4A CLA ZI . -8.50 13.19 3.98
CMA CLA ZI . -6.58 12.10 2.82
CAA CLA ZI . -9.70 10.43 2.29
CBA CLA ZI . -10.83 11.32 1.78
CGA CLA ZI . -11.99 11.34 2.75
O1A CLA ZI . -12.71 10.38 2.93
O2A CLA ZI . -12.20 12.54 3.51
NB CLA ZI . -8.98 15.48 5.86
C1B CLA ZI . -8.26 15.59 4.76
C2B CLA ZI . -7.65 16.91 4.52
C3B CLA ZI . -8.13 17.67 5.70
C4B CLA ZI . -8.93 16.68 6.44
CMB CLA ZI . -6.77 17.33 3.37
CAB CLA ZI . -7.91 19.07 6.16
CBB CLA ZI . -7.76 20.10 5.35
NC CLA ZI . -10.73 14.81 8.19
C1C CLA ZI . -10.48 16.11 8.46
C2C CLA ZI . -11.19 16.65 9.65
C3C CLA ZI . -11.95 15.48 10.13
C4C CLA ZI . -11.58 14.42 9.16
CMC CLA ZI . -11.16 18.04 10.21
CAC CLA ZI . -12.88 15.38 11.32
CBC CLA ZI . -14.27 15.65 10.78
ND CLA ZI . -10.99 12.30 7.34
C1D CLA ZI . -11.83 12.03 8.47
C2D CLA ZI . -12.27 10.63 8.63
C3D CLA ZI . -11.61 10.03 7.43
C4D CLA ZI . -10.91 11.04 6.78
CMD CLA ZI . -13.11 9.89 9.61
CAD CLA ZI . -11.41 8.78 6.66
OBD CLA ZI . -11.89 7.63 6.97
CBD CLA ZI . -10.56 9.08 5.49
CGD CLA ZI . -9.34 8.19 5.45
O1D CLA ZI . -9.14 7.50 4.48
O2D CLA ZI . -8.39 8.16 6.54
CED CLA ZI . -7.30 7.24 6.46
C1 CLA ZI . -13.19 12.61 4.52
C2 CLA ZI . -13.16 14.01 5.08
C3 CLA ZI . -13.87 14.36 6.15
C4 CLA ZI . -14.77 13.40 6.85
C5 CLA ZI . -13.79 15.77 6.67
C6 CLA ZI . -12.88 16.70 5.87
C7 CLA ZI . -12.94 18.09 6.48
C8 CLA ZI . -11.95 19.03 5.83
C9 CLA ZI . -11.91 20.35 6.58
C10 CLA ZI . -12.33 19.22 4.36
C11 CLA ZI . -11.45 20.27 3.69
C12 CLA ZI . -11.68 20.25 2.18
C13 CLA ZI . -11.99 21.63 1.65
C14 CLA ZI . -13.28 22.18 2.24
C15 CLA ZI . -12.07 21.58 0.13
C16 CLA ZI . -10.70 21.34 -0.49
C17 CLA ZI . -10.74 20.10 -1.38
C18 CLA ZI . -10.15 20.35 -2.76
C19 CLA ZI . -10.79 21.57 -3.43
C20 CLA ZI . -10.35 19.11 -3.61
MG CLA AJ . 1.05 19.30 6.52
CHA CLA AJ . -1.92 18.28 7.98
CHB CLA AJ . -0.74 20.85 4.11
CHC CLA AJ . 3.98 20.57 5.37
CHD CLA AJ . 2.82 17.96 9.46
NA CLA AJ . -0.97 19.56 6.12
C1A CLA AJ . -2.02 19.08 6.70
C2A CLA AJ . -3.34 19.39 6.04
C3A CLA AJ . -2.91 20.15 4.80
C4A CLA AJ . -1.44 20.19 5.04
CMA CLA AJ . -3.21 19.31 3.57
CAA CLA AJ . -4.26 20.31 6.88
CBA CLA AJ . -4.03 21.82 6.80
CGA CLA AJ . -3.16 22.32 7.93
O1A CLA AJ . -2.13 21.76 8.25
O2A CLA AJ . -3.57 23.50 8.66
NB CLA AJ . 1.54 20.52 4.97
C1B CLA AJ . 0.72 21.04 4.06
C2B CLA AJ . 1.37 21.84 3.01
C3B CLA AJ . 2.79 21.76 3.41
C4B CLA AJ . 2.76 20.92 4.63
CMB CLA AJ . 0.76 22.56 1.83
CAB CLA AJ . 3.98 22.34 2.73
CBB CLA AJ . 4.79 21.59 2.02
NC CLA AJ . 2.97 19.27 7.28
C1C CLA AJ . 4.02 19.82 6.65
C2C CLA AJ . 5.32 19.64 7.31
C3C CLA AJ . 4.97 18.86 8.52
C4C CLA AJ . 3.51 18.70 8.39
CMC CLA AJ . 6.68 20.11 6.89
CAC CLA AJ . 5.88 18.36 9.62
CBC CLA AJ . 5.88 19.40 10.71
ND CLA AJ . 0.65 18.41 8.31
C1D CLA AJ . 1.38 17.80 9.38
C2D CLA AJ . 0.57 17.03 10.34
C3D CLA AJ . -0.78 17.22 9.76
C4D CLA AJ . -0.63 18.01 8.63
CMD CLA AJ . 0.90 16.24 11.58
CAD CLA AJ . -2.23 16.92 9.90
OBD CLA AJ . -2.75 16.21 10.82
CBD CLA AJ . -2.96 17.54 8.77
CGD CLA AJ . -3.48 16.44 7.89
O1D CLA AJ . -2.75 15.59 7.43
O2D CLA AJ . -4.90 16.40 7.54
CED CLA AJ . -5.32 15.39 6.63
C1 CLA AJ . -3.06 23.75 9.97
C2 CLA AJ . -2.01 24.83 9.93
C3 CLA AJ . -1.22 25.09 10.98
C4 CLA AJ . -1.36 24.36 12.28
C5 CLA AJ . -0.19 26.20 10.89
C6 CLA AJ . -0.66 27.44 11.62
C7 CLA AJ . -0.23 28.70 10.90
C8 CLA AJ . -0.94 29.98 11.33
C9 CLA AJ . -1.49 29.96 12.76
C10 CLA AJ . -2.07 30.30 10.36
C11 CLA AJ . -2.27 31.81 10.27
C12 CLA AJ . -3.71 32.20 10.54
C13 CLA AJ . -4.00 33.58 9.97
C14 CLA AJ . -4.59 34.50 11.03
C15 CLA AJ . -4.95 33.44 8.78
C16 CLA AJ . -4.68 34.51 7.73
C17 CLA AJ . -3.51 34.11 6.84
C18 CLA AJ . -2.78 35.33 6.29
C19 CLA AJ . -3.73 36.25 5.52
C20 CLA AJ . -1.62 34.90 5.41
MG CLA BJ . -1.50 20.97 -6.34
CHA CLA BJ . -3.93 19.13 -7.99
CHB CLA BJ . 0.03 21.50 -9.31
CHC CLA BJ . 0.66 22.99 -4.69
CHD CLA BJ . -3.60 20.80 -3.31
NA CLA BJ . -1.89 20.46 -8.31
C1A CLA BJ . -2.79 19.70 -8.81
C2A CLA BJ . -2.69 19.43 -10.29
C3A CLA BJ . -1.40 20.13 -10.65
C4A CLA BJ . -1.07 20.74 -9.33
CMA CLA BJ . -0.40 19.05 -11.04
CAA CLA BJ . -3.78 20.31 -10.94
CBA CLA BJ . -3.59 20.70 -12.39
CGA CLA BJ . -4.44 19.81 -13.23
O1A CLA BJ . -5.08 20.22 -14.18
O2A CLA BJ . -4.53 18.41 -12.85
NB CLA BJ . 0.13 22.03 -6.91
C1B CLA BJ . 0.58 22.23 -8.16
C2B CLA BJ . 1.62 23.27 -8.29
C3B CLA BJ . 1.79 23.71 -6.90
C4B CLA BJ . 0.83 22.87 -6.14
CMB CLA BJ . 2.34 23.78 -9.50
CAB CLA BJ . 2.71 24.75 -6.33
CBB CLA BJ . 4.02 24.62 -6.44
NC CLA BJ . -1.51 21.73 -4.43
C1C CLA BJ . -0.52 22.51 -3.94
C2C CLA BJ . -0.66 22.90 -2.52
C3C CLA BJ . -1.92 22.23 -2.12
C4C CLA BJ . -2.34 21.56 -3.38
CMC CLA BJ . 0.25 23.75 -1.68
CAC CLA BJ . -2.63 22.26 -0.78
CBC CLA BJ . -2.16 21.06 0.00
ND CLA BJ . -3.30 20.26 -5.73
C1D CLA BJ . -4.04 20.11 -4.52
C2D CLA BJ . -5.21 19.22 -4.57
C3D CLA BJ . -5.15 18.81 -6.01
C4D CLA BJ . -4.05 19.45 -6.57
CMD CLA BJ . -6.24 18.77 -3.58
CAD CLA BJ . -5.80 18.02 -7.08
OBD CLA BJ . -6.85 17.29 -6.93
CBD CLA BJ . -5.03 18.18 -8.33
CGD CLA BJ . -4.49 16.84 -8.74
O1D CLA BJ . -3.53 16.35 -8.20
O2D CLA BJ . -5.14 16.12 -9.82
CED CLA BJ . -4.74 14.78 -10.10
C1 CLA BJ . -5.65 17.68 -13.34
C2 CLA BJ . -6.84 17.88 -12.44
C3 CLA BJ . -7.66 16.85 -12.16
C4 CLA BJ . -7.38 15.50 -12.77
C5 CLA BJ . -8.86 17.05 -11.28
C6 CLA BJ . -8.75 16.45 -9.87
C7 CLA BJ . -9.41 15.08 -9.78
C8 CLA BJ . -10.66 15.02 -8.91
C9 CLA BJ . -11.84 15.73 -9.56
C10 CLA BJ . -10.36 15.56 -7.51
C11 CLA BJ . -10.75 14.52 -6.49
C12 CLA BJ . -9.67 14.34 -5.43
C13 CLA BJ . -9.84 15.33 -4.29
C14 CLA BJ . -8.48 15.89 -3.94
C15 CLA BJ . -10.52 14.65 -3.11
C16 CLA BJ . -10.18 15.22 -1.74
C17 CLA BJ . -11.24 16.21 -1.26
C18 CLA BJ . -11.69 15.88 0.16
C19 CLA BJ . -10.60 16.14 1.18
C20 CLA BJ . -12.19 14.44 0.26
C1 BCR CJ . 28.69 15.00 13.12
C2 BCR CJ . 29.94 14.59 13.90
C3 BCR CJ . 30.90 13.76 13.10
C4 BCR CJ . 31.17 14.40 11.77
C5 BCR CJ . 29.89 14.45 11.05
C6 BCR CJ . 28.73 14.73 11.65
C7 BCR CJ . 27.45 14.73 10.93
C8 BCR CJ . 26.93 15.79 10.31
C9 BCR CJ . 25.61 15.77 9.72
C10 BCR CJ . 24.67 14.98 10.26
C11 BCR CJ . 23.37 14.75 9.67
C33 BCR CJ . 30.00 14.14 9.61
C31 BCR CJ . 27.50 14.33 13.77
C32 BCR CJ . 28.51 16.47 13.38
C34 BCR CJ . 25.43 16.39 8.39
C12 BCR CJ . 22.33 14.54 10.46
C13 BCR CJ . 20.95 14.70 10.04
C14 BCR CJ . 19.97 14.26 10.84
C15 BCR CJ . 18.58 14.44 10.54
C16 BCR CJ . 17.64 13.98 11.38
C17 BCR CJ . 16.26 14.21 11.05
C18 BCR CJ . 15.22 14.07 11.87
C19 BCR CJ . 13.89 14.39 11.38
C20 BCR CJ . 12.81 14.38 12.16
C21 BCR CJ . 11.51 14.47 11.56
C22 BCR CJ . 10.37 14.68 12.23
C23 BCR CJ . 9.12 14.31 11.59
C24 BCR CJ . 8.05 15.11 11.48
C25 BCR CJ . 6.76 14.79 10.84
C26 BCR CJ . 6.59 14.75 9.51
C27 BCR CJ . 5.32 14.46 8.80
C28 BCR CJ . 4.10 14.49 9.69
C29 BCR CJ . 4.40 13.92 11.05
C30 BCR CJ . 5.60 14.55 11.75
C35 BCR CJ . 20.65 15.44 8.80
C36 BCR CJ . 15.38 13.61 13.26
C37 BCR CJ . 10.38 14.88 13.70
C38 BCR CJ . 7.65 15.00 8.51
C39 BCR CJ . 5.21 15.86 12.39
C40 BCR CJ . 5.90 13.58 12.89
C1 BCR DJ . -3.87 3.39 -4.74
C2 BCR DJ . -2.72 2.43 -4.99
C3 BCR DJ . -2.55 1.45 -3.86
C4 BCR DJ . -2.28 2.19 -2.58
C5 BCR DJ . -3.28 3.25 -2.33
C6 BCR DJ . -4.01 3.83 -3.30
C7 BCR DJ . -5.02 4.87 -3.03
C8 BCR DJ . -4.76 6.16 -2.77
C9 BCR DJ . -5.78 7.13 -2.48
C10 BCR DJ . -5.43 8.28 -1.90
C11 BCR DJ . -6.29 9.44 -1.82
C33 BCR DJ . -3.39 3.59 -0.89
C31 BCR DJ . -5.13 2.73 -5.23
C32 BCR DJ . -3.63 4.56 -5.67
C34 BCR DJ . -7.10 6.96 -3.13
C12 BCR DJ . -5.76 10.59 -1.42
C13 BCR DJ . -6.52 11.81 -1.25
C14 BCR DJ . -5.87 12.94 -0.97
C15 BCR DJ . -6.48 14.23 -0.96
C16 BCR DJ . -5.82 15.26 -0.41
C17 BCR DJ . -6.42 16.56 -0.48
C18 BCR DJ . -5.83 17.70 -0.13
C19 BCR DJ . -6.64 18.87 0.12
C20 BCR DJ . -6.22 19.89 0.86
C21 BCR DJ . -7.11 20.99 1.12
C22 BCR DJ . -6.83 22.04 1.89
C23 BCR DJ . -7.92 22.71 2.58
C24 BCR DJ . -7.79 23.92 3.14
C25 BCR DJ . -8.88 24.73 3.66
C26 BCR DJ . -9.58 25.57 2.88
C27 BCR DJ . -10.68 26.45 3.33
C28 BCR DJ . -11.17 26.13 4.71
C29 BCR DJ . -10.00 25.81 5.61
C30 BCR DJ . -9.17 24.64 5.12
C35 BCR DJ . -8.00 11.75 -1.21
C36 BCR DJ . -4.39 17.77 0.19
C37 BCR DJ . -5.43 22.41 2.18
C38 BCR DJ . -9.33 25.74 1.43
C39 BCR DJ . -9.87 23.34 5.48
C40 BCR DJ . -7.89 24.68 5.95
CA CA EJ . 13.21 20.47 -19.72
C23 UNL FJ . -8.70 20.01 -22.55
C24 UNL FJ . -8.54 19.70 -21.09
C25 UNL FJ . -9.34 20.69 -20.24
C26 UNL FJ . -9.46 20.12 -18.83
C27 UNL FJ . -9.81 21.19 -17.80
C28 UNL FJ . -9.15 20.80 -16.49
C29 UNL FJ . -9.25 21.91 -15.44
C30 UNL FJ . -8.27 21.61 -14.32
C31 UNL FJ . -8.67 22.33 -13.04
C32 UNL FJ . -7.85 21.79 -11.87
C33 UNL FJ . -8.26 22.44 -10.57
C34 UNL FJ . -7.06 22.61 -9.66
C35 UNL FJ . -7.41 22.21 -8.23
C36 UNL FJ . -7.85 20.75 -8.19
C37 UNL FJ . -8.68 20.47 -6.96
C38 UNL FJ . -9.55 19.25 -7.21
O10 UNL FJ . -9.81 20.21 -23.03
O8 UNL FJ . -7.53 20.08 -23.42
C27 UNL GJ . -0.94 24.07 -16.17
C28 UNL GJ . -2.03 23.08 -15.77
C29 UNL GJ . -2.87 23.61 -14.61
C30 UNL GJ . -1.99 23.90 -13.40
C31 UNL GJ . -2.85 24.33 -12.22
C32 UNL GJ . -2.05 25.18 -11.25
C33 UNL GJ . -1.85 24.48 -9.91
C34 UNL GJ . -3.18 24.21 -9.22
C35 UNL GJ . -2.98 24.05 -7.72
C36 UNL GJ . -4.31 23.88 -7.00
C37 UNL GJ . -4.11 23.82 -5.50
C38 UNL GJ . -5.44 23.65 -4.79
C23 UNL HJ . 20.84 2.55 21.31
C24 UNL HJ . 21.05 1.96 19.94
C25 UNL HJ . 20.96 3.07 18.89
C26 UNL HJ . 22.27 3.24 18.13
C27 UNL HJ . 22.71 1.95 17.47
C28 UNL HJ . 23.92 2.18 16.59
C29 UNL HJ . 23.53 2.90 15.31
C30 UNL HJ . 23.25 1.90 14.18
C31 UNL HJ . 24.51 1.61 13.39
C32 UNL HJ . 24.24 0.63 12.27
C33 UNL HJ . 25.39 0.62 11.26
C34 UNL HJ . 25.20 -0.48 10.22
C35 UNL HJ . 26.28 -0.41 9.15
C6 UNL HJ . 18.47 1.74 21.34
O10 UNL HJ . 21.73 3.15 21.88
O8 UNL HJ . 19.56 2.41 21.99
C1 BCR IJ . 40.92 6.62 8.50
C2 BCR IJ . 40.87 7.28 9.86
C3 BCR IJ . 39.51 7.84 10.13
C4 BCR IJ . 39.15 8.88 9.11
C5 BCR IJ . 39.42 8.41 7.73
C6 BCR IJ . 40.20 7.38 7.43
C7 BCR IJ . 40.46 6.97 6.05
C8 BCR IJ . 39.68 6.11 5.39
C9 BCR IJ . 40.03 5.56 4.10
C10 BCR IJ . 39.06 5.03 3.36
C11 BCR IJ . 39.25 4.35 2.10
C33 BCR IJ . 38.72 9.22 6.71
C31 BCR IJ . 40.40 5.21 8.71
C32 BCR IJ . 42.40 6.52 8.14
C34 BCR IJ . 41.46 5.34 3.83
C12 BCR IJ . 38.16 4.00 1.42
C13 BCR IJ . 38.13 3.08 0.31
C14 BCR IJ . 36.96 2.83 -0.28
C15 BCR IJ . 36.79 1.97 -1.42
C16 BCR IJ . 35.57 1.66 -1.84
C17 BCR IJ . 35.46 0.64 -2.85
C18 BCR IJ . 34.35 0.32 -3.53
C19 BCR IJ . 34.43 -0.73 -4.52
C20 BCR IJ . 33.37 -1.17 -5.20
C21 BCR IJ . 33.38 -2.52 -5.71
C22 BCR IJ . 32.44 -3.05 -6.49
C23 BCR IJ . 32.65 -4.40 -6.99
C24 BCR IJ . 31.78 -5.01 -7.82
C25 BCR IJ . 32.08 -5.96 -8.89
C26 BCR IJ . 32.22 -7.26 -8.66
C27 BCR IJ . 32.49 -8.29 -9.68
C28 BCR IJ . 31.85 -7.89 -10.98
C29 BCR IJ . 32.35 -6.51 -11.36
C30 BCR IJ . 32.17 -5.43 -10.30
C35 BCR IJ . 39.39 2.54 -0.24
C36 BCR IJ . 33.06 0.99 -3.29
C37 BCR IJ . 31.41 -2.21 -7.12
C38 BCR IJ . 32.13 -7.87 -7.31
C39 BCR IJ . 33.27 -4.39 -10.45
C40 BCR IJ . 30.88 -4.71 -10.69
MG CL0 JJ . 23.59 -50.00 -19.12
CHA CL0 JJ . 26.48 -48.64 -17.71
CHB CL0 JJ . 22.53 -50.76 -16.03
CHC CL0 JJ . 20.58 -50.69 -20.51
CHD CL0 JJ . 24.76 -48.80 -22.39
NA CL0 JJ . 24.33 -49.70 -17.21
C1A CL0 JJ . 25.47 -49.26 -16.80
C2A CL0 JJ . 25.76 -49.41 -15.33
C3A CL0 JJ . 24.54 -50.16 -14.90
C4A CL0 JJ . 23.74 -50.19 -16.13
CMA CL0 JJ . 25.18 -51.54 -15.01
CAA CL0 JJ . 25.55 -48.11 -14.53
CBA CL0 JJ . 25.80 -48.28 -13.03
CGA CL0 JJ . 25.66 -46.96 -12.31
O1A CL0 JJ . 25.51 -46.92 -11.10
O2A CL0 JJ . 25.72 -45.71 -13.02
NB CL0 JJ . 21.82 -50.66 -18.37
C1B CL0 JJ . 21.52 -50.91 -17.10
C2B CL0 JJ . 20.09 -51.25 -16.84
C3B CL0 JJ . 19.54 -51.20 -18.22
C4B CL0 JJ . 20.71 -50.85 -19.05
CMB CL0 JJ . 19.39 -51.56 -15.55
CAB CL0 JJ . 18.18 -51.47 -18.77
CBB CL0 JJ . 17.45 -52.51 -18.41
NC CL0 JJ . 22.84 -49.75 -21.03
C1C CL0 JJ . 21.62 -50.16 -21.40
C2C CL0 JJ . 21.32 -50.04 -22.84
C3C CL0 JJ . 22.58 -49.49 -23.40
C4C CL0 JJ . 23.42 -49.35 -22.19
CMC CL0 JJ . 20.06 -50.42 -23.58
CAC CL0 JJ . 22.92 -49.13 -24.82
CBC CL0 JJ . 23.67 -50.31 -25.41
ND CL0 JJ . 25.14 -48.96 -19.92
C1D CL0 JJ . 25.60 -48.57 -21.22
C2D CL0 JJ . 26.92 -47.94 -21.27
C3D CL0 JJ . 27.28 -47.96 -19.83
C4D CL0 JJ . 26.20 -48.52 -19.15
CMD CL0 JJ . 27.76 -47.38 -22.37
CAD CL0 JJ . 28.32 -47.62 -18.81
OBD CL0 JJ . 29.43 -47.04 -19.06
CBD CL0 JJ . 27.82 -48.02 -17.48
CGD CL0 JJ . 27.81 -46.76 -16.66
O1D CL0 JJ . 26.95 -45.89 -16.80
O2D CL0 JJ . 28.84 -46.57 -15.68
CED CL0 JJ . 28.88 -45.34 -14.97
C1 CL0 JJ . 25.43 -44.49 -12.35
C2 CL0 JJ . 24.83 -43.56 -13.36
C3 CL0 JJ . 25.56 -42.61 -13.95
C4 CL0 JJ . 27.02 -42.42 -13.63
C5 CL0 JJ . 24.92 -41.70 -14.96
C6 CL0 JJ . 25.58 -41.82 -16.32
C7 CL0 JJ . 24.56 -41.67 -17.44
C8 CL0 JJ . 23.91 -40.30 -17.42
C9 CL0 JJ . 22.80 -40.20 -18.45
C10 CL0 JJ . 24.97 -39.22 -17.67
C11 CL0 JJ . 24.43 -37.85 -17.31
C12 CL0 JJ . 25.58 -36.89 -17.01
C13 CL0 JJ . 25.07 -35.51 -16.64
C14 CL0 JJ . 26.20 -34.49 -16.71
C15 CL0 JJ . 24.42 -35.51 -15.25
C16 CL0 JJ . 25.26 -36.17 -14.17
C17 CL0 JJ . 25.08 -35.46 -12.83
C18 CL0 JJ . 24.89 -36.39 -11.64
C19 CL0 JJ . 25.10 -35.62 -10.34
C20 CL0 JJ . 25.80 -37.62 -11.68
MG CLA KJ . 22.54 -41.08 -10.46
CHA CLA KJ . 20.69 -42.35 -13.04
CHB CLA KJ . 21.62 -37.98 -11.41
CHC CLA KJ . 23.74 -39.94 -7.49
CHD CLA KJ . 23.27 -44.51 -9.38
NA CLA KJ . 21.31 -40.30 -11.94
C1A CLA KJ . 20.85 -40.86 -12.99
C2A CLA KJ . 20.29 -39.94 -14.05
C3A CLA KJ . 20.65 -38.58 -13.50
C4A CLA KJ . 21.23 -38.98 -12.20
CMA CLA KJ . 21.76 -38.01 -14.38
CAA CLA KJ . 18.76 -39.84 -13.93
CBA CLA KJ . 18.05 -39.52 -15.24
CGA CLA KJ . 17.60 -38.08 -15.23
O1A CLA KJ . 17.71 -37.38 -14.24
O2A CLA KJ . 17.03 -37.49 -16.42
NB CLA KJ . 22.77 -39.24 -9.64
C1B CLA KJ . 22.16 -38.15 -10.07
C2B CLA KJ . 21.89 -37.13 -9.03
C3B CLA KJ . 22.52 -37.73 -7.84
C4B CLA KJ . 23.04 -39.01 -8.35
CMB CLA KJ . 21.18 -35.82 -9.20
CAB CLA KJ . 22.68 -37.29 -6.44
CBB CLA KJ . 22.48 -36.08 -5.98
NC CLA KJ . 23.26 -42.04 -8.77
C1C CLA KJ . 23.83 -41.39 -7.74
C2C CLA KJ . 24.61 -42.22 -6.80
C3C CLA KJ . 24.49 -43.57 -7.37
C4C CLA KJ . 23.63 -43.33 -8.56
CMC CLA KJ . 25.37 -41.79 -5.58
CAC CLA KJ . 25.05 -44.86 -6.86
CBC CLA KJ . 26.42 -44.97 -7.48
ND CLA KJ . 22.18 -43.00 -11.01
C1D CLA KJ . 22.38 -44.32 -10.51
C2D CLA KJ . 21.63 -45.39 -11.22
C3D CLA KJ . 20.92 -44.57 -12.25
C4D CLA KJ . 21.27 -43.25 -12.03
CMD CLA KJ . 21.52 -46.88 -11.06
CAD CLA KJ . 19.98 -44.58 -13.39
OBD CLA KJ . 19.39 -45.57 -13.92
CBD CLA KJ . 19.83 -43.20 -13.90
CGD CLA KJ . 20.49 -43.24 -15.25
O1D CLA KJ . 21.71 -43.16 -15.36
O2D CLA KJ . 19.71 -43.34 -16.47
CED CLA KJ . 20.36 -43.61 -17.69
C1 CLA KJ . 16.64 -36.13 -16.38
C2 CLA KJ . 15.28 -35.97 -15.76
C3 CLA KJ . 14.25 -35.49 -16.46
C4 CLA KJ . 14.39 -35.06 -17.89
C5 CLA KJ . 12.93 -35.35 -15.77
C6 CLA KJ . 13.00 -34.09 -14.93
C7 CLA KJ . 12.08 -34.13 -13.72
C8 CLA KJ . 12.32 -32.87 -12.91
C9 CLA KJ . 13.74 -32.83 -12.39
C10 CLA KJ . 11.34 -32.78 -11.75
C11 CLA KJ . 9.93 -32.62 -12.31
C12 CLA KJ . 9.09 -31.77 -11.38
C13 CLA KJ . 7.71 -31.67 -12.00
C14 CLA KJ . 7.76 -30.79 -13.24
C15 CLA KJ . 6.70 -31.14 -11.00
C16 CLA KJ . 5.30 -31.55 -11.46
C17 CLA KJ . 4.25 -31.16 -10.44
C18 CLA KJ . 2.86 -31.39 -11.01
C19 CLA KJ . 2.66 -30.58 -12.28
C20 CLA KJ . 1.79 -31.04 -9.98
MG CLA LJ . 18.04 -62.51 -6.02
CHA CLA LJ . 16.76 -65.39 -4.54
CHB CLA LJ . 19.79 -64.44 -8.13
CHC CLA LJ . 18.76 -59.70 -7.78
CHD CLA LJ . 15.87 -60.58 -3.82
NA CLA LJ . 18.20 -64.55 -6.34
C1A CLA LJ . 17.75 -65.56 -5.67
C2A CLA LJ . 18.26 -66.89 -6.11
C3A CLA LJ . 19.26 -66.51 -7.15
C4A CLA LJ . 19.06 -65.06 -7.21
CMA CLA LJ . 20.63 -66.75 -6.53
CAA CLA LJ . 17.13 -67.58 -6.90
CBA CLA LJ . 17.27 -69.07 -7.22
CGA CLA LJ . 17.98 -69.27 -8.54
O1A CLA LJ . 17.53 -68.80 -9.56
O2A CLA LJ . 19.27 -69.94 -8.54
NB CLA LJ . 19.14 -62.13 -7.69
C1B CLA LJ . 19.78 -63.02 -8.43
C2B CLA LJ . 20.38 -62.51 -9.67
C3B CLA LJ . 20.06 -61.06 -9.57
C4B CLA LJ . 19.30 -60.96 -8.31
CMB CLA LJ . 21.13 -63.32 -10.69
CAB CLA LJ . 20.35 -59.89 -10.45
CBB CLA LJ . 21.09 -59.92 -11.54
NC CLA LJ . 17.38 -60.58 -5.86
C1C CLA LJ . 17.87 -59.57 -6.61
C2C CLA LJ . 17.45 -58.23 -6.17
C3C CLA LJ . 16.61 -58.49 -5.00
C4C CLA LJ . 16.64 -59.97 -4.92
CMC CLA LJ . 17.82 -56.90 -6.76
CAC CLA LJ . 15.87 -57.51 -4.11
CBC CLA LJ . 16.73 -57.33 -2.88
ND CLA LJ . 16.64 -62.80 -4.58
C1D CLA LJ . 15.84 -62.01 -3.71
C2D CLA LJ . 15.02 -62.72 -2.73
C3D CLA LJ . 15.38 -64.13 -3.09
C4D CLA LJ . 16.27 -64.06 -4.15
CMD CLA LJ . 14.08 -62.24 -1.68
CAD CLA LJ . 15.17 -65.56 -2.76
OBD CLA LJ . 14.39 -66.03 -1.85
CBD CLA LJ . 15.99 -66.36 -3.70
CGD CLA LJ . 16.68 -67.55 -3.11
O1D CLA LJ . 17.79 -67.47 -2.62
O2D CLA LJ . 16.04 -68.84 -3.22
CED CLA LJ . 16.77 -70.04 -2.93
C1 CLA LJ . 20.16 -69.82 -9.64
C2 CLA LJ . 21.29 -68.85 -9.36
C3 CLA LJ . 21.50 -67.76 -10.12
C4 CLA LJ . 20.62 -67.47 -11.30
C5 CLA LJ . 22.63 -66.83 -9.78
C6 CLA LJ . 23.90 -67.57 -9.40
C7 CLA LJ . 25.10 -67.04 -10.17
C8 CLA LJ . 25.59 -67.95 -11.30
C9 CLA LJ . 25.39 -69.43 -11.01
C10 CLA LJ . 27.07 -67.64 -11.55
C11 CLA LJ . 27.94 -68.11 -10.39
MG CLA MJ . 41.18 -68.83 2.75
CHA CLA MJ . 38.17 -70.57 2.65
CHB CLA MJ . 40.47 -67.54 -0.28
CHC CLA MJ . 44.33 -67.54 2.73
CHD CLA MJ . 41.95 -70.56 5.93
NA CLA MJ . 39.62 -69.04 1.40
C1A CLA MJ . 38.49 -69.65 1.50
C2A CLA MJ . 37.51 -69.43 0.35
C3A CLA MJ . 38.29 -68.49 -0.55
C4A CLA MJ . 39.54 -68.35 0.26
CMA CLA MJ . 38.60 -69.14 -1.89
CAA CLA MJ . 36.23 -68.68 0.75
CBA CLA MJ . 34.99 -69.51 0.38
CGA CLA MJ . 35.08 -70.03 -1.04
O1A CLA MJ . 35.14 -69.27 -1.99
O2A CLA MJ . 35.10 -71.46 -1.27
NB CLA MJ . 42.24 -67.73 1.41
C1B CLA MJ . 41.80 -67.21 0.26
C2B CLA MJ . 42.73 -66.28 -0.42
C3B CLA MJ . 43.89 -66.29 0.50
C4B CLA MJ . 43.47 -67.23 1.58
CMB CLA MJ . 42.55 -65.52 -1.71
CAB CLA MJ . 45.18 -65.57 0.39
CBB CLA MJ . 46.10 -65.96 -0.47
NC CLA MJ . 42.79 -69.06 4.04
C1C CLA MJ . 43.95 -68.40 3.87
C2C CLA MJ . 44.94 -68.60 4.98
C3C CLA MJ . 44.22 -69.49 5.91
C4C CLA MJ . 42.92 -69.70 5.22
CMC CLA MJ . 46.32 -68.03 5.11
CAC CLA MJ . 44.69 -70.05 7.22
CBC CLA MJ . 45.38 -71.35 6.90
ND CLA MJ . 40.38 -70.21 4.01
C1D CLA MJ . 40.68 -70.85 5.26
C2D CLA MJ . 39.64 -71.78 5.77
C3D CLA MJ . 38.64 -71.66 4.68
C4D CLA MJ . 39.13 -70.76 3.75
CMD CLA MJ . 39.49 -72.66 6.98
CAD CLA MJ . 37.30 -72.10 4.22
OBD CLA MJ . 36.54 -72.95 4.83
CBD CLA MJ . 36.99 -71.45 2.92
CGD CLA MJ . 37.03 -72.57 1.91
O1D CLA MJ . 36.02 -73.17 1.61
O2D CLA MJ . 38.31 -72.93 1.33
CED CLA MJ . 38.79 -74.26 1.44
MG CLA NJ . 48.07 -61.80 3.64
CHA CLA NJ . 48.82 -63.40 6.65
CHB CLA NJ . 51.24 -60.65 3.55
CHC CLA NJ . 47.42 -60.69 0.49
CHD CLA NJ . 44.76 -63.42 3.73
NA CLA NJ . 49.75 -62.02 4.85
C1A CLA NJ . 49.91 -62.57 6.01
C2A CLA NJ . 51.25 -62.31 6.68
C3A CLA NJ . 51.94 -61.42 5.68
C4A CLA NJ . 50.89 -61.36 4.63
CMA CLA NJ . 52.07 -60.02 6.27
CAA CLA NJ . 52.15 -63.55 6.84
CBA CLA NJ . 52.39 -64.31 5.53
CGA CLA NJ . 53.59 -65.23 5.64
O1A CLA NJ . 54.62 -64.86 6.16
O2A CLA NJ . 53.50 -66.58 5.12
NB CLA NJ . 49.16 -60.80 2.24
C1B CLA NJ . 50.43 -60.41 2.34
C2B CLA NJ . 51.02 -59.79 1.14
C3B CLA NJ . 49.87 -59.81 0.21
C4B CLA NJ . 48.78 -60.45 1.01
CMB CLA NJ . 52.42 -59.27 0.95
CAB CLA NJ . 49.78 -59.31 -1.18
CBB CLA NJ . 50.12 -58.08 -1.49
NC CLA NJ . 46.46 -62.05 2.38
C1C CLA NJ . 46.36 -61.47 1.17
C2C CLA NJ . 45.04 -61.64 0.51
C3C CLA NJ . 44.27 -62.44 1.47
C4C CLA NJ . 45.24 -62.63 2.58
CMC CLA NJ . 44.57 -61.14 -0.82
CAC CLA NJ . 42.85 -62.95 1.36
CBC CLA NJ . 41.94 -61.93 2.01
ND CLA NJ . 46.99 -63.10 4.80
C1D CLA NJ . 45.69 -63.68 4.83
C2D CLA NJ . 45.38 -64.52 6.01
C3D CLA NJ . 46.68 -64.40 6.74
C4D CLA NJ . 47.53 -63.60 5.97
CMD CLA NJ . 44.19 -65.31 6.48
CAD CLA NJ . 47.42 -64.81 7.96
OBD CLA NJ . 46.96 -65.57 8.89
CBD CLA NJ . 48.77 -64.21 7.91
CGD CLA NJ . 49.07 -63.49 9.19
O1D CLA NJ . 50.21 -63.40 9.61
O2D CLA NJ . 48.00 -62.95 10.00
CED CLA NJ . 48.24 -62.69 11.38
MG CLA OJ . 51.36 -50.81 4.56
CHA CLA OJ . 52.42 -48.05 2.74
CHB CLA OJ . 51.56 -52.65 1.75
CHC CLA OJ . 49.95 -53.39 6.27
CHD CLA OJ . 50.55 -48.54 7.35
NA CLA OJ . 51.85 -50.42 2.60
C1A CLA OJ . 52.32 -49.37 2.02
C2A CLA OJ . 52.82 -49.56 0.61
C3A CLA OJ . 52.43 -51.00 0.36
C4A CLA OJ . 51.91 -51.37 1.67
CMA CLA OJ . 51.25 -50.96 -0.60
CAA CLA OJ . 54.36 -49.52 0.59
CBA CLA OJ . 55.15 -50.52 -0.28
CGA CLA OJ . 54.96 -50.19 -1.73
O1A CLA OJ . 54.80 -51.07 -2.56
O2A CLA OJ . 54.88 -48.78 -2.09
NB CLA OJ . 50.82 -52.73 4.07
C1B CLA OJ . 51.00 -53.34 2.90
C2B CLA OJ . 50.65 -54.78 2.86
C3B CLA OJ . 50.16 -55.01 4.24
C4B CLA OJ . 50.32 -53.67 4.88
CMB CLA OJ . 50.75 -55.76 1.72
CAB CLA OJ . 49.64 -56.27 4.81
CBB CLA OJ . 50.09 -56.78 5.94
NC CLA OJ . 50.46 -50.92 6.42
C1C CLA OJ . 49.95 -52.06 6.91
C2C CLA OJ . 49.33 -51.93 8.24
C3C CLA OJ . 49.49 -50.51 8.55
C4C CLA OJ . 50.20 -49.98 7.36
CMC CLA OJ . 48.68 -52.98 9.08
CAC CLA OJ . 49.03 -49.82 9.80
CBC CLA OJ . 47.71 -49.16 9.47
ND CLA OJ . 51.36 -48.82 5.00
C1D CLA OJ . 51.17 -47.99 6.15
C2D CLA OJ . 51.63 -46.58 6.00
C3D CLA OJ . 52.14 -46.62 4.60
C4D CLA OJ . 51.95 -47.92 4.13
CMD CLA OJ . 51.66 -45.35 6.86
CAD CLA OJ . 52.78 -45.84 3.52
OBD CLA OJ . 53.10 -44.60 3.59
CBD CLA OJ . 52.96 -46.71 2.33
CGD CLA OJ . 52.17 -46.14 1.19
O1D CLA OJ . 52.49 -46.32 0.03
O2D CLA OJ . 51.00 -45.33 1.47
CED CLA OJ . 49.86 -45.47 0.64
C1 CLA OJ . 54.06 -48.38 -3.18
C2 CLA OJ . 54.87 -48.49 -4.43
C3 CLA OJ . 55.45 -47.41 -4.99
C4 CLA OJ . 55.30 -46.04 -4.39
C5 CLA OJ . 56.26 -47.62 -6.24
C6 CLA OJ . 56.99 -48.96 -6.25
C7 CLA OJ . 58.08 -48.97 -7.30
C8 CLA OJ . 58.35 -50.41 -7.72
C9 CLA OJ . 59.15 -51.14 -6.66
C10 CLA OJ . 59.07 -50.43 -9.05
C11 CLA OJ . 60.37 -49.63 -9.01
C12 CLA OJ . 61.12 -49.80 -10.32
C13 CLA OJ . 62.36 -48.91 -10.31
C14 CLA OJ . 62.68 -48.52 -11.73
C15 CLA OJ . 63.51 -49.68 -9.65
C16 CLA OJ . 64.76 -48.84 -9.48
C17 CLA OJ . 65.62 -49.44 -8.37
C18 CLA OJ . 67.12 -49.24 -8.61
C19 CLA OJ . 67.94 -49.79 -7.46
C20 CLA OJ . 67.45 -47.78 -8.86
MG CLA PJ . 48.83 -53.32 -4.06
CHA CLA PJ . 47.15 -55.70 -2.14
CHB CLA PJ . 47.86 -50.96 -1.87
CHC CLA PJ . 50.23 -51.02 -6.15
CHD CLA PJ . 49.32 -55.91 -6.64
NA CLA PJ . 47.67 -53.30 -2.33
C1A CLA PJ . 47.18 -54.27 -1.64
C2A CLA PJ . 46.59 -53.88 -0.30
C3A CLA PJ . 46.80 -52.38 -0.29
C4A CLA PJ . 47.49 -52.21 -1.59
CMA CLA PJ . 45.44 -51.72 -0.40
CAA CLA PJ . 47.44 -54.42 0.85
CBA CLA PJ . 47.10 -53.86 2.22
CGA CLA PJ . 45.89 -54.56 2.77
O1A CLA PJ . 45.94 -55.71 3.18
O2A CLA PJ . 44.62 -53.85 2.85
NB CLA PJ . 49.01 -51.29 -4.01
C1B CLA PJ . 48.56 -50.46 -3.07
C2B CLA PJ . 48.84 -49.01 -3.31
C3B CLA PJ . 49.55 -49.07 -4.60
C4B CLA PJ . 49.60 -50.51 -4.93
CMB CLA PJ . 48.48 -47.82 -2.47
CAB CLA PJ . 50.11 -47.96 -5.41
CBB CLA PJ . 51.26 -47.39 -5.12
NC CLA PJ . 49.57 -53.45 -5.98
C1C CLA PJ . 50.13 -52.42 -6.62
C2C CLA PJ . 50.71 -52.74 -7.95
C3C CLA PJ . 50.44 -54.19 -8.08
C4C CLA PJ . 49.74 -54.51 -6.82
CMC CLA PJ . 51.41 -51.84 -8.93
CAC CLA PJ . 50.76 -55.11 -9.20
CBC CLA PJ . 49.59 -55.04 -10.14
ND CLA PJ . 48.36 -55.26 -4.43
C1D CLA PJ . 48.64 -56.27 -5.40
C2D CLA PJ . 48.21 -57.64 -5.06
C3D CLA PJ . 47.61 -57.38 -3.72
C4D CLA PJ . 47.74 -56.03 -3.45
CMD CLA PJ . 48.29 -59.00 -5.70
CAD CLA PJ . 46.92 -58.01 -2.57
OBD CLA PJ . 46.66 -59.26 -2.48
CBD CLA PJ . 46.64 -56.98 -1.56
CGD CLA PJ . 45.19 -56.93 -1.23
O1D CLA PJ . 44.81 -57.17 -0.09
O2D CLA PJ . 44.21 -56.58 -2.24
CED CLA PJ . 43.09 -55.80 -1.84
C1 CLA PJ . 43.45 -54.57 2.49
C2 CLA PJ . 42.68 -53.76 1.48
C3 CLA PJ . 41.49 -53.21 1.79
C4 CLA PJ . 40.90 -53.38 3.16
C5 CLA PJ . 40.75 -52.40 0.75
C6 CLA PJ . 40.81 -53.01 -0.64
C7 CLA PJ . 41.18 -51.94 -1.65
C8 CLA PJ . 40.43 -52.12 -2.97
C9 CLA PJ . 40.69 -53.50 -3.57
C10 CLA PJ . 40.86 -51.02 -3.92
C11 CLA PJ . 42.34 -51.15 -4.26
C12 CLA PJ . 42.98 -49.81 -4.59
C13 CLA PJ . 44.49 -49.98 -4.66
C14 CLA PJ . 45.20 -48.63 -4.80
C15 CLA PJ . 44.82 -50.90 -5.83
C16 CLA PJ . 45.88 -51.91 -5.43
C17 CLA PJ . 46.08 -52.98 -6.51
C18 CLA PJ . 45.00 -54.06 -6.48
C19 CLA PJ . 44.84 -54.65 -5.09
C20 CLA PJ . 45.34 -55.16 -7.48
MG CLA QJ . 52.68 -64.85 -17.83
CHA CLA QJ . 51.65 -67.13 -20.24
CHB CLA QJ . 49.45 -63.87 -17.49
CHC CLA QJ . 53.66 -63.01 -15.15
CHD CLA QJ . 56.03 -66.36 -17.99
NA CLA QJ . 50.86 -65.42 -18.66
C1A CLA QJ . 50.59 -66.24 -19.61
C2A CLA QJ . 49.16 -66.29 -20.08
C3A CLA QJ . 48.51 -65.22 -19.22
C4A CLA QJ . 49.70 -64.80 -18.41
CMA CLA QJ . 48.06 -64.06 -20.10
CAA CLA QJ . 48.46 -67.60 -19.66
CBA CLA QJ . 48.95 -68.14 -18.33
CGA CLA QJ . 48.31 -69.44 -17.93
O1A CLA QJ . 47.62 -70.09 -18.69
O2A CLA QJ . 48.55 -69.92 -16.59
NB CLA QJ . 51.70 -63.61 -16.53
C1B CLA QJ . 50.40 -63.32 -16.52
C2B CLA QJ . 49.96 -62.45 -15.38
C3B CLA QJ . 51.25 -62.22 -14.68
C4B CLA QJ . 52.24 -62.96 -15.50
CMB CLA QJ . 48.59 -61.96 -15.05
CAB CLA QJ . 51.54 -61.41 -13.48
CBB CLA QJ . 51.28 -60.13 -13.43
NC CLA QJ . 54.45 -64.76 -16.79
C1C CLA QJ . 54.66 -63.90 -15.77
C2C CLA QJ . 56.05 -63.87 -15.24
C3C CLA QJ . 56.75 -64.87 -16.09
C4C CLA QJ . 55.67 -65.33 -17.00
CMC CLA QJ . 56.63 -63.06 -14.12
CAC CLA QJ . 58.19 -65.30 -16.04
CBC CLA QJ . 58.26 -66.56 -15.20
ND CLA QJ . 53.67 -66.36 -18.76
C1D CLA QJ . 55.00 -66.87 -18.88
C2D CLA QJ . 55.21 -67.89 -19.93
C3D CLA QJ . 53.83 -67.99 -20.49
C4D CLA QJ . 53.05 -67.10 -19.75
CMD CLA QJ . 56.38 -68.69 -20.44
CAD CLA QJ . 52.97 -68.65 -21.48
OBD CLA QJ . 53.37 -69.53 -22.33
CBD CLA QJ . 51.59 -68.12 -21.36
CGD CLA QJ . 51.25 -67.43 -22.65
O1D CLA QJ . 51.38 -66.22 -22.76
O2D CLA QJ . 50.76 -68.21 -23.77
CED CLA QJ . 50.76 -67.64 -25.08
C1 CLA QJ . 47.48 -70.42 -15.79
C2 CLA QJ . 48.10 -70.90 -14.50
C3 CLA QJ . 48.64 -72.12 -14.41
C4 CLA QJ . 48.64 -73.07 -15.58
C5 CLA QJ . 49.25 -72.57 -13.10
C6 CLA QJ . 50.69 -73.00 -13.27
MG CLA RJ . 44.54 -59.36 -20.56
CHA CLA RJ . 46.81 -56.75 -20.28
CHB CLA RJ . 46.44 -61.15 -18.42
CHC CLA RJ . 42.01 -61.62 -20.42
CHD CLA RJ . 42.40 -57.15 -22.59
NA CLA RJ . 46.29 -59.01 -19.49
C1A CLA RJ . 47.11 -58.02 -19.52
C2A CLA RJ . 48.36 -58.19 -18.69
C3A CLA RJ . 48.23 -59.61 -18.19
C4A CLA RJ . 46.89 -59.95 -18.74
CMA CLA RJ . 49.27 -60.45 -18.94
CAA CLA RJ . 48.24 -57.28 -17.44
CBA CLA RJ . 48.30 -57.87 -16.02
CGA CLA RJ . 47.00 -57.84 -15.28
O1A CLA RJ . 45.93 -57.71 -15.86
O2A CLA RJ . 46.99 -57.95 -13.83
NB CLA RJ . 44.28 -61.12 -19.57
C1B CLA RJ . 45.15 -61.75 -18.77
C2B CLA RJ . 44.68 -63.03 -18.18
C3B CLA RJ . 43.34 -63.14 -18.80
C4B CLA RJ . 43.21 -61.91 -19.63
CMB CLA RJ . 45.40 -63.95 -17.24
CAB CLA RJ . 42.29 -64.18 -18.68
CBB CLA RJ . 42.54 -65.45 -18.84
NC CLA RJ . 42.62 -59.35 -21.31
C1C CLA RJ . 41.78 -60.39 -21.19
C2C CLA RJ . 40.47 -60.24 -21.89
C3C CLA RJ . 40.61 -58.92 -22.54
C4C CLA RJ . 41.95 -58.47 -22.11
CMC CLA RJ . 39.31 -61.19 -21.96
CAC CLA RJ . 39.61 -58.19 -23.40
CBC CLA RJ . 39.96 -58.50 -24.84
ND CLA RJ . 44.49 -57.46 -21.26
C1D CLA RJ . 43.68 -56.64 -22.10
C2D CLA RJ . 44.22 -55.30 -22.43
C3D CLA RJ . 45.50 -55.36 -21.68
C4D CLA RJ . 45.56 -56.60 -21.04
CMD CLA RJ . 43.77 -54.11 -23.23
CAD CLA RJ . 46.73 -54.61 -21.33
OBD CLA RJ . 47.01 -53.43 -21.72
CBD CLA RJ . 47.55 -55.45 -20.44
CGD CLA RJ . 48.97 -55.58 -20.94
O1D CLA RJ . 49.74 -54.65 -20.82
O2D CLA RJ . 49.44 -56.81 -21.53
CED CLA RJ . 50.80 -57.17 -21.35
MG CLA SJ . 39.65 -68.66 -21.71
CHA CLA SJ . 42.96 -67.72 -21.31
CHB CLA SJ . 40.29 -71.47 -19.95
CHC CLA SJ . 36.33 -69.34 -21.94
CHD CLA SJ . 38.98 -65.29 -23.10
NA CLA SJ . 41.32 -69.45 -20.76
C1A CLA SJ . 42.56 -69.04 -20.72
C2A CLA SJ . 43.56 -69.99 -20.07
C3A CLA SJ . 42.66 -71.13 -19.61
C4A CLA SJ . 41.33 -70.66 -20.16
CMA CLA SJ . 43.14 -72.51 -20.00
CAA CLA SJ . 44.36 -69.51 -18.86
CBA CLA SJ . 43.52 -68.74 -17.85
CGA CLA SJ . 44.46 -68.01 -16.93
O1A CLA SJ . 45.58 -67.71 -17.30
O2A CLA SJ . 44.04 -67.66 -15.59
NB CLA SJ . 38.49 -70.19 -21.04
C1B CLA SJ . 38.88 -71.25 -20.34
C2B CLA SJ . 37.78 -72.20 -19.99
C3B CLA SJ . 36.61 -71.54 -20.59
C4B CLA SJ . 37.18 -70.32 -21.23
CMB CLA SJ . 37.85 -73.49 -19.21
CAB CLA SJ . 35.18 -71.96 -20.61
CBB CLA SJ . 34.82 -73.02 -21.31
NC CLA SJ . 38.03 -67.54 -22.34
C1C CLA SJ . 36.77 -68.03 -22.41
C2C CLA SJ . 35.77 -67.12 -23.02
C3C CLA SJ . 36.56 -65.93 -23.36
C4C CLA SJ . 37.93 -66.30 -22.90
CMC CLA SJ . 34.30 -67.36 -23.25
CAC CLA SJ . 36.11 -64.65 -24.01
CBC CLA SJ . 35.75 -63.69 -22.89
ND CLA SJ . 40.60 -66.90 -22.07
C1D CLA SJ . 40.34 -65.66 -22.73
C2D CLA SJ . 41.51 -64.81 -22.98
C3D CLA SJ . 42.58 -65.67 -22.40
C4D CLA SJ . 41.98 -66.82 -21.94
CMD CLA SJ . 41.74 -63.47 -23.61
CAD CLA SJ . 44.03 -65.77 -22.13
OBD CLA SJ . 44.91 -64.89 -22.46
CBD CLA SJ . 44.30 -67.07 -21.48
CGD CLA SJ . 45.10 -67.85 -22.47
O1D CLA SJ . 44.60 -68.34 -23.47
O2D CLA SJ . 46.53 -68.00 -22.26
CED CLA SJ . 47.44 -67.85 -23.34
MG CLA TJ . 68.38 -53.42 5.28
CHA CLA TJ . 70.73 -53.75 7.80
CHB CLA TJ . 67.32 -50.57 6.72
CHC CLA TJ . 66.46 -52.90 2.50
CHD CLA TJ . 69.92 -56.32 3.59
NA CLA TJ . 68.95 -52.30 6.93
C1A CLA TJ . 69.79 -52.56 7.86
C2A CLA TJ . 69.80 -51.61 9.02
C3A CLA TJ . 68.69 -50.66 8.68
C4A CLA TJ . 68.30 -51.22 7.35
CMA CLA TJ . 67.57 -50.94 9.66
CAA CLA TJ . 71.05 -50.72 8.94
CBA CLA TJ . 71.35 -50.03 10.26
CGA CLA TJ . 71.85 -48.65 9.94
O1A CLA TJ . 71.90 -47.80 10.81
O2A CLA TJ . 72.26 -48.34 8.58
NB CLA TJ . 67.07 -51.97 4.71
C1B CLA TJ . 66.76 -50.87 5.40
C2B CLA TJ . 65.86 -49.92 4.70
C3B CLA TJ . 65.61 -50.64 3.42
C4B CLA TJ . 66.41 -51.88 3.56
CMB CLA TJ . 65.33 -48.61 5.17
CAB CLA TJ . 64.77 -50.23 2.26
CBB CLA TJ . 63.47 -50.08 2.39
NC CLA TJ . 68.25 -54.40 3.46
C1C CLA TJ . 67.40 -54.03 2.48
C2C CLA TJ . 67.45 -54.88 1.26
C3C CLA TJ . 68.47 -55.89 1.59
C4C CLA TJ . 68.89 -55.49 2.96
CMC CLA TJ . 66.64 -54.73 -0.01
CAC CLA TJ . 68.98 -57.03 0.75
CBC CLA TJ . 68.14 -58.24 1.07
ND CLA TJ . 69.93 -54.72 5.51
C1D CLA TJ . 70.47 -55.88 4.88
C2D CLA TJ . 71.57 -56.56 5.62
C3D CLA TJ . 71.66 -55.68 6.81
C4D CLA TJ . 70.72 -54.66 6.64
CMD CLA TJ . 72.42 -57.78 5.40
CAD CLA TJ . 72.37 -55.44 8.09
OBD CLA TJ . 73.32 -56.16 8.56
CBD CLA TJ . 71.81 -54.23 8.72
CGD CLA TJ . 71.39 -54.45 10.14
O1D CLA TJ . 70.62 -55.33 10.46
O2D CLA TJ . 71.96 -53.57 11.15
CED CLA TJ . 71.75 -53.82 12.54
MG CLA UJ . 57.22 -65.56 8.36
CHA CLA UJ . 54.79 -64.74 10.70
CHB CLA UJ . 57.13 -68.74 9.50
CHC CLA UJ . 59.07 -66.44 5.65
CHD CLA UJ . 56.94 -62.13 7.02
NA CLA UJ . 56.12 -66.59 9.80
C1A CLA UJ . 55.28 -66.17 10.68
C2A CLA UJ . 54.83 -67.19 11.70
C3A CLA UJ . 55.63 -68.41 11.32
C4A CLA UJ . 56.35 -67.86 10.12
CMA CLA UJ . 56.66 -68.68 12.40
CAA CLA UJ . 53.33 -67.58 11.58
CBA CLA UJ . 52.92 -68.48 10.41
CGA CLA UJ . 51.83 -67.88 9.57
O1A CLA UJ . 50.78 -67.50 10.06
O2A CLA UJ . 52.03 -67.75 8.13
NB CLA UJ . 57.96 -67.33 7.67
C1B CLA UJ . 57.94 -68.51 8.30
C2B CLA UJ . 58.73 -69.60 7.66
C3B CLA UJ . 59.31 -68.88 6.50
C4B CLA UJ . 58.76 -67.50 6.61
CMB CLA UJ . 58.91 -71.03 8.09
CAB CLA UJ . 60.23 -69.40 5.45
CBB CLA UJ . 59.77 -70.24 4.54
NC CLA UJ . 57.84 -64.50 6.71
C1C CLA UJ . 58.60 -65.05 5.73
C2C CLA UJ . 58.99 -64.12 4.65
C3C CLA UJ . 58.36 -62.85 5.05
C4C CLA UJ . 57.69 -63.20 6.33
CMC CLA UJ . 59.82 -64.44 3.45
CAC CLA UJ . 58.40 -61.51 4.33
CBC CLA UJ . 57.17 -61.46 3.45
ND CLA UJ . 56.16 -63.85 8.66
C1D CLA UJ . 56.12 -62.50 8.16
C2D CLA UJ . 55.20 -61.59 8.88
C3D CLA UJ . 54.67 -62.51 9.92
C4D CLA UJ . 55.25 -63.76 9.70
CMD CLA UJ . 54.80 -60.14 8.76
CAD CLA UJ . 53.74 -62.64 11.07
OBD CLA UJ . 53.01 -61.69 11.55
CBD CLA UJ . 53.80 -64.03 11.56
CGD CLA UJ . 54.09 -64.06 13.03
O1D CLA UJ . 55.23 -64.20 13.46
O2D CLA UJ . 52.99 -63.93 13.97
CED CLA UJ . 53.14 -63.18 15.16
C1 CLA UJ . 51.11 -68.37 7.24
C2 CLA UJ . 50.54 -67.32 6.31
C3 CLA UJ . 50.18 -67.61 5.05
C4 CLA UJ . 50.36 -68.99 4.49
C5 CLA UJ . 49.61 -66.52 4.17
C6 CLA UJ . 50.48 -66.28 2.94
C7 CLA UJ . 49.88 -65.23 2.01
C8 CLA UJ . 50.86 -64.92 0.89
C9 CLA UJ . 51.58 -63.60 1.15
C10 CLA UJ . 50.16 -64.91 -0.47
C11 CLA UJ . 49.17 -63.76 -0.61
C12 CLA UJ . 49.45 -62.94 -1.87
C13 CLA UJ . 49.42 -63.79 -3.13
C14 CLA UJ . 50.19 -63.12 -4.27
C15 CLA UJ . 47.98 -64.08 -3.52
C16 CLA UJ . 47.24 -62.82 -3.94
C17 CLA UJ . 45.74 -63.06 -4.05
C18 CLA UJ . 45.38 -63.84 -5.31
C19 CLA UJ . 45.81 -63.09 -6.57
C20 CLA UJ . 43.89 -64.15 -5.34
MG CLA VJ . 72.21 -42.54 5.67
CHA CLA VJ . 71.08 -43.88 8.68
CHB CLA VJ . 73.40 -39.90 7.37
CHC CLA VJ . 73.59 -41.51 2.76
CHD CLA VJ . 71.08 -45.63 4.00
NA CLA VJ . 72.27 -41.99 7.67
C1A CLA VJ . 71.78 -42.54 8.73
C2A CLA VJ . 71.92 -41.75 10.02
C3A CLA VJ . 72.62 -40.48 9.55
C4A CLA VJ . 72.77 -40.83 8.10
CMA CLA VJ . 71.65 -39.31 9.69
CAA CLA VJ . 72.80 -42.38 11.11
CBA CLA VJ . 74.32 -42.33 10.90
CGA CLA VJ . 74.80 -43.68 10.46
O1A CLA VJ . 75.99 -43.96 10.44
O2A CLA VJ . 73.84 -44.69 10.06
NB CLA VJ . 73.34 -40.93 5.14
C1B CLA VJ . 73.71 -39.93 5.94
C2B CLA VJ . 74.49 -38.86 5.28
C3B CLA VJ . 74.56 -39.33 3.89
C4B CLA VJ . 73.81 -40.63 3.92
CMB CLA VJ . 75.07 -37.62 5.91
CAB CLA VJ . 75.26 -38.62 2.77
CBB CLA VJ . 75.09 -38.79 1.47
NC CLA VJ . 72.33 -43.42 3.82
C1C CLA VJ . 72.88 -42.80 2.76
C2C CLA VJ . 72.72 -43.51 1.46
C3C CLA VJ . 71.98 -44.73 1.84
C4C CLA VJ . 71.80 -44.56 3.31
CMC CLA VJ . 73.20 -43.11 0.10
CAC CLA VJ . 71.51 -45.86 0.95
CBC CLA VJ . 72.57 -46.93 1.02
ND CLA VJ . 71.35 -44.32 6.11
C1D CLA VJ . 70.87 -45.49 5.44
C2D CLA VJ . 70.18 -46.49 6.28
C3D CLA VJ . 70.27 -45.82 7.61
C4D CLA VJ . 70.96 -44.62 7.41
CMD CLA VJ . 69.52 -47.82 6.04
CAD CLA VJ . 69.95 -45.92 9.04
OBD CLA VJ . 69.31 -46.90 9.59
CBD CLA VJ . 70.44 -44.71 9.74
CGD CLA VJ . 69.29 -44.03 10.41
O1D CLA VJ . 68.80 -43.02 9.97
O2D CLA VJ . 68.77 -44.60 11.65
CED CLA VJ . 67.78 -43.90 12.38
C1 CLA VJ . 74.31 -45.92 9.54
C2 CLA VJ . 74.51 -45.81 8.05
C3 CLA VJ . 74.00 -46.71 7.19
C4 CLA VJ . 73.21 -47.88 7.70
C5 CLA VJ . 74.22 -46.56 5.71
C6 CLA VJ . 75.36 -45.60 5.36
C7 CLA VJ . 75.28 -45.16 3.91
C8 CLA VJ . 75.76 -46.26 2.97
C9 CLA VJ . 76.77 -45.73 1.97
MG CLA WJ . 63.27 -45.88 3.57
CHA CLA WJ . 60.27 -47.60 3.23
CHB CLA WJ . 63.70 -46.16 0.23
CHC CLA WJ . 66.38 -44.66 4.03
CHD CLA WJ . 62.80 -46.00 7.22
NA CLA WJ . 62.22 -46.75 2.01
C1A CLA WJ . 61.05 -47.27 1.99
C2A CLA WJ . 60.48 -47.54 0.63
C3A CLA WJ . 61.61 -47.14 -0.29
C4A CLA WJ . 62.58 -46.65 0.73
CMA CLA WJ . 62.19 -48.43 -0.83
CAA CLA WJ . 59.39 -46.52 0.36
CBA CLA WJ . 58.08 -47.21 0.01
CGA CLA WJ . 58.24 -47.64 -1.41
O1A CLA WJ . 57.76 -48.67 -1.83
O2A CLA WJ . 59.02 -46.80 -2.30
NB CLA WJ . 64.81 -45.48 2.30
C1B CLA WJ . 64.85 -45.62 0.98
C2B CLA WJ . 66.10 -45.18 0.32
C3B CLA WJ . 66.90 -44.73 1.48
C4B CLA WJ . 66.00 -44.96 2.64
CMB CLA WJ . 66.45 -45.19 -1.13
CAB CLA WJ . 68.27 -44.17 1.52
CBB CLA WJ . 68.56 -43.03 0.91
NC CLA WJ . 64.35 -45.46 5.27
C1C CLA WJ . 65.57 -44.91 5.23
C2C CLA WJ . 66.13 -44.55 6.56
C3C CLA WJ . 65.08 -44.95 7.49
C4C CLA WJ . 64.03 -45.49 6.59
CMC CLA WJ . 67.46 -43.93 6.88
CAC CLA WJ . 65.06 -44.83 9.00
CBC CLA WJ . 64.71 -43.42 9.38
ND CLA WJ . 61.96 -46.60 4.95
C1D CLA WJ . 61.78 -46.62 6.37
C2D CLA WJ . 60.56 -47.29 6.85
C3D CLA WJ . 59.95 -47.69 5.56
C4D CLA WJ . 60.82 -47.27 4.55
CMD CLA WJ . 59.93 -47.58 8.19
CAD CLA WJ . 58.80 -48.38 4.91
OBD CLA WJ . 57.80 -48.91 5.52
CBD CLA WJ . 58.98 -48.34 3.45
CGD CLA WJ . 59.03 -49.72 2.88
O1D CLA WJ . 58.31 -50.02 1.93
O2D CLA WJ . 59.93 -50.72 3.39
CED CLA WJ . 60.09 -51.92 2.64
C1 CLA WJ . 58.82 -46.90 -3.70
C2 CLA WJ . 59.86 -47.76 -4.36
C3 CLA WJ . 60.67 -47.25 -5.29
C4 CLA WJ . 60.58 -45.79 -5.67
C5 CLA WJ . 61.69 -48.12 -5.96
C6 CLA WJ . 63.14 -47.90 -5.54
C7 CLA WJ . 63.41 -48.68 -4.26
C8 CLA WJ . 64.38 -49.85 -4.40
C9 CLA WJ . 63.74 -51.03 -5.12
C10 CLA WJ . 64.80 -50.26 -3.00
C11 CLA WJ . 65.94 -51.26 -3.01
C12 CLA WJ . 67.19 -50.73 -3.72
C13 CLA WJ . 68.23 -50.07 -2.81
C14 CLA WJ . 68.22 -50.61 -1.38
C15 CLA WJ . 68.05 -48.56 -2.83
C16 CLA WJ . 69.21 -47.87 -3.54
C17 CLA WJ . 70.45 -47.81 -2.65
C18 CLA WJ . 71.62 -48.50 -3.32
C19 CLA WJ . 72.80 -48.63 -2.36
C20 CLA WJ . 72.04 -47.78 -4.60
MG CLA XJ . 69.66 -47.25 -17.24
CHA CLA XJ . 69.56 -49.85 -19.54
CHB CLA XJ . 66.59 -48.13 -16.18
CHC CLA XJ . 70.11 -45.14 -14.62
CHD CLA XJ . 73.11 -46.54 -18.34
NA CLA XJ . 68.32 -48.76 -17.74
C1A CLA XJ . 68.33 -49.64 -18.67
C2A CLA XJ . 67.04 -50.41 -18.87
C3A CLA XJ . 66.14 -49.80 -17.81
C4A CLA XJ . 67.09 -48.84 -17.20
CMA CLA XJ . 65.04 -48.99 -18.49
CAA CLA XJ . 67.12 -51.92 -18.62
CBA CLA XJ . 67.25 -52.35 -17.15
CGA CLA XJ . 67.75 -53.76 -17.07
O1A CLA XJ . 67.78 -54.48 -18.06
O2A CLA XJ . 68.20 -54.29 -15.79
NB CLA XJ . 68.51 -46.72 -15.65
C1B CLA XJ . 67.28 -47.12 -15.38
C2B CLA XJ . 66.67 -46.53 -14.16
C3B CLA XJ . 67.76 -45.62 -13.69
C4B CLA XJ . 68.83 -45.84 -14.69
CMB CLA XJ . 65.31 -46.80 -13.60
CAB CLA XJ . 67.87 -44.69 -12.53
CBB CLA XJ . 66.85 -44.06 -12.00
NC CLA XJ . 71.27 -46.11 -16.62
C1C CLA XJ . 71.22 -45.31 -15.55
C2C CLA XJ . 72.44 -44.52 -15.30
C3C CLA XJ . 73.33 -44.93 -16.40
C4C CLA XJ . 72.50 -45.91 -17.14
CMC CLA XJ . 72.67 -43.53 -14.19
CAC CLA XJ . 74.73 -44.47 -16.70
CBC CLA XJ . 74.61 -43.17 -17.44
ND CLA XJ . 71.05 -47.95 -18.54
C1D CLA XJ . 72.39 -47.63 -18.97
C2D CLA XJ . 72.93 -48.48 -20.06
C3D CLA XJ . 71.76 -49.38 -20.28
C4D CLA XJ . 70.77 -49.04 -19.36
CMD CLA XJ . 74.21 -48.55 -20.82
CAD CLA XJ . 71.26 -50.54 -21.07
OBD CLA XJ . 71.90 -51.15 -21.98
CBD CLA XJ . 69.89 -50.85 -20.61
CGD CLA XJ . 68.92 -50.84 -21.75
O1D CLA XJ . 68.42 -51.87 -22.16
O2D CLA XJ . 68.54 -49.59 -22.37
CED CLA XJ . 67.23 -49.49 -22.91
MG CLA YJ . 77.03 -37.92 -17.09
CHA CLA YJ . 79.96 -37.88 -18.98
CHB CLA YJ . 77.91 -40.94 -15.90
CHC CLA YJ . 74.37 -37.70 -14.99
CHD CLA YJ . 76.43 -34.42 -18.16
NA CLA YJ . 78.67 -39.18 -17.35
C1A CLA YJ . 79.69 -39.10 -18.13
C2A CLA YJ . 80.59 -40.32 -18.16
C3A CLA YJ . 79.89 -41.26 -17.20
C4A CLA YJ . 78.75 -40.40 -16.79
CMA CLA YJ . 79.37 -42.49 -17.93
CAA CLA YJ . 82.00 -40.08 -17.60
CBA CLA YJ . 81.97 -39.24 -16.33
CGA CLA YJ . 83.32 -39.25 -15.65
O1A CLA YJ . 84.09 -40.18 -15.81
O2A CLA YJ . 83.70 -38.14 -14.78
NB CLA YJ . 76.27 -39.14 -15.65
C1B CLA YJ . 76.71 -40.34 -15.31
C2B CLA YJ . 75.92 -41.06 -14.28
C3B CLA YJ . 74.84 -40.07 -14.01
C4B CLA YJ . 75.16 -38.93 -14.91
CMB CLA YJ . 76.16 -42.41 -13.68
CAB CLA YJ . 73.72 -40.22 -13.04
CBB CLA YJ . 73.42 -39.32 -12.12
NC CLA YJ . 75.72 -36.38 -16.68
C1C CLA YJ . 74.70 -36.51 -15.80
C2C CLA YJ . 73.85 -35.30 -15.66
C3C CLA YJ . 74.46 -34.33 -16.59
C4C CLA YJ . 75.59 -35.12 -17.16
CMC CLA YJ . 72.66 -35.12 -14.77
CAC CLA YJ . 74.05 -32.92 -16.91
CBC CLA YJ . 74.85 -31.98 -16.04
ND CLA YJ . 77.91 -36.45 -18.19
C1D CLA YJ . 77.61 -35.14 -18.67
C2D CLA YJ . 78.54 -34.57 -19.67
C3D CLA YJ . 79.49 -35.71 -19.78
C4D CLA YJ . 79.07 -36.71 -18.92
CMD CLA YJ . 78.64 -33.30 -20.44
CAD CLA YJ . 80.73 -36.20 -20.46
OBD CLA YJ . 81.40 -35.54 -21.32
CBD CLA YJ . 81.04 -37.55 -19.97
CGD CLA YJ . 81.05 -38.50 -21.12
O1D CLA YJ . 81.96 -39.30 -21.26
O2D CLA YJ . 79.96 -38.47 -22.09
CED CLA YJ . 79.47 -39.70 -22.62
MG CLA ZJ . 75.20 -52.72 -20.17
CHA CLA ZJ . 75.17 -55.59 -22.11
CHB CLA ZJ . 72.11 -53.50 -19.07
CHC CLA ZJ . 75.49 -50.15 -17.94
CHD CLA ZJ . 78.73 -52.20 -21.12
NA CLA ZJ . 73.87 -54.29 -20.48
C1A CLA ZJ . 73.93 -55.29 -21.30
C2A CLA ZJ . 72.67 -56.13 -21.40
C3A CLA ZJ . 71.74 -55.43 -20.44
C4A CLA ZJ . 72.63 -54.33 -19.97
CMA CLA ZJ . 70.57 -54.82 -21.21
CAA CLA ZJ . 72.83 -57.56 -20.82
CBA CLA ZJ . 73.74 -57.57 -19.59
CGA CLA ZJ . 73.91 -58.95 -19.01
O1A CLA ZJ . 73.47 -59.94 -19.56
O2A CLA ZJ . 74.64 -59.09 -17.75
NB CLA ZJ . 73.96 -51.93 -18.76
C1B CLA ZJ . 72.77 -52.39 -18.40
C2B CLA ZJ . 72.19 -51.73 -17.20
C3B CLA ZJ . 73.22 -50.72 -16.87
C4B CLA ZJ . 74.25 -50.94 -17.90
CMB CLA ZJ . 70.88 -52.06 -16.56
CAB CLA ZJ . 73.30 -49.70 -15.79
CBB CLA ZJ . 72.28 -48.94 -15.48
NC CLA ZJ . 76.78 -51.51 -19.63
C1C CLA ZJ . 76.65 -50.47 -18.76
C2C CLA ZJ . 77.84 -49.60 -18.64
C3C CLA ZJ . 78.80 -50.21 -19.59
C4C CLA ZJ . 78.03 -51.36 -20.13
CMC CLA ZJ . 78.01 -48.38 -17.77
CAC CLA ZJ . 80.20 -49.78 -19.92
CBC CLA ZJ . 80.04 -48.59 -20.85
ND CLA ZJ . 76.66 -53.61 -21.26
C1D CLA ZJ . 78.01 -53.35 -21.67
C2D CLA ZJ . 78.57 -54.30 -22.65
C3D CLA ZJ . 77.39 -55.21 -22.82
C4D CLA ZJ . 76.38 -54.75 -21.99
CMD CLA ZJ . 79.88 -54.48 -23.37
CAD CLA ZJ . 76.89 -56.43 -23.51
OBD CLA ZJ . 77.55 -57.14 -24.35
CBD CLA ZJ . 75.50 -56.68 -23.07
CGD CLA ZJ . 74.59 -56.71 -24.26
O1D CLA ZJ . 74.49 -55.76 -25.02
O2D CLA ZJ . 73.84 -57.92 -24.51
CED CLA ZJ . 73.74 -58.46 -25.83
C1 CLA ZJ . 74.05 -59.75 -16.63
C2 CLA ZJ . 74.14 -58.82 -15.45
C3 CLA ZJ . 75.32 -58.63 -14.86
C4 CLA ZJ . 75.46 -57.71 -13.69
MG CLA AK . 68.81 -25.31 -15.50
CHA CLA AK . 68.35 -22.97 -18.06
CHB CLA AK . 71.61 -26.36 -17.05
CHC CLA AK . 69.44 -27.19 -12.74
CHD CLA AK . 66.04 -23.67 -13.71
NA CLA AK . 69.84 -24.73 -17.22
C1A CLA AK . 69.52 -23.92 -18.17
C2A CLA AK . 70.43 -23.92 -19.37
C3A CLA AK . 71.44 -25.00 -19.01
C4A CLA AK . 70.91 -25.40 -17.66
CMA CLA AK . 71.38 -26.17 -19.99
CAA CLA AK . 71.25 -22.62 -19.54
CBA CLA AK . 71.99 -22.13 -18.31
CGA CLA AK . 71.17 -21.19 -17.46
O1A CLA AK . 70.60 -20.21 -17.92
O2A CLA AK . 71.03 -21.54 -16.06
NB CLA AK . 70.29 -26.61 -15.00
C1B CLA AK . 71.37 -26.90 -15.71
C2B CLA AK . 72.38 -27.76 -15.02
C3B CLA AK . 71.70 -28.00 -13.71
C4B CLA AK . 70.43 -27.24 -13.83
CMB CLA AK . 73.69 -28.23 -15.56
CAB CLA AK . 72.13 -28.78 -12.51
CBB CLA AK . 72.77 -29.93 -12.57
NC CLA AK . 67.91 -25.40 -13.66
C1C CLA AK . 68.33 -26.20 -12.66
C2C CLA AK . 67.60 -26.04 -11.38
C3C CLA AK . 66.60 -25.00 -11.69
C4C CLA AK . 66.89 -24.70 -13.11
CMC CLA AK . 67.77 -26.72 -10.07
CAC CLA AK . 65.56 -24.40 -10.77
CBC CLA AK . 64.30 -25.18 -10.99
ND CLA AK . 67.53 -23.74 -15.71
C1D CLA AK . 66.41 -23.17 -15.02
C2D CLA AK . 65.69 -22.10 -15.70
C3D CLA AK . 66.49 -22.02 -16.95
C4D CLA AK . 67.51 -22.98 -16.86
CMD CLA AK . 64.49 -21.27 -15.35
CAD CLA AK . 66.64 -21.31 -18.25
OBD CLA AK . 65.88 -20.38 -18.67
CBD CLA AK . 67.79 -21.91 -18.97
CGD CLA AK . 67.28 -22.42 -20.30
O1D CLA AK . 66.68 -21.68 -21.07
O2D CLA AK . 67.50 -23.78 -20.75
CED CLA AK . 67.84 -23.97 -22.12
C1 CLA AK . 70.02 -21.01 -15.22
C2 CLA AK . 69.99 -21.93 -14.02
C3 CLA AK . 69.34 -21.64 -12.88
C4 CLA AK . 68.59 -20.35 -12.73
C5 CLA AK . 69.38 -22.64 -11.75
C6 CLA AK . 69.45 -21.95 -10.39
C7 CLA AK . 70.49 -22.62 -9.51
C8 CLA AK . 69.84 -23.64 -8.58
C9 CLA AK . 69.91 -23.16 -7.13
MG CLA BK . 58.89 -29.77 -15.08
CHA CLA BK . 56.08 -31.26 -16.44
CHB CLA BK . 60.22 -29.64 -18.16
CHC CLA BK . 61.47 -28.06 -13.70
CHD CLA BK . 57.08 -29.56 -11.86
NA CLA BK . 58.26 -30.30 -16.98
C1A CLA BK . 57.21 -30.93 -17.39
C2A CLA BK . 57.16 -31.29 -18.86
C3A CLA BK . 58.53 -30.82 -19.34
C4A CLA BK . 59.03 -30.21 -18.07
CMA CLA BK . 59.35 -32.05 -19.67
CAA CLA BK . 56.07 -30.48 -19.61
CBA CLA BK . 56.43 -29.54 -20.76
CGA CLA BK . 56.59 -28.11 -20.26
O1A CLA BK . 56.47 -27.16 -21.02
O2A CLA BK . 56.88 -27.85 -18.86
NB CLA BK . 60.60 -28.97 -15.84
C1B CLA BK . 60.99 -28.99 -17.10
C2B CLA BK . 62.28 -28.31 -17.38
C3B CLA BK . 62.66 -27.84 -16.03
C4B CLA BK . 61.54 -28.29 -15.16
CMB CLA BK . 62.98 -28.18 -18.70
CAB CLA BK . 63.87 -27.07 -15.65
CBB CLA BK . 63.75 -25.88 -15.08
NC CLA BK . 59.15 -28.94 -13.21
C1C CLA BK . 60.32 -28.40 -12.82
C2C CLA BK . 60.42 -28.11 -11.37
C3C CLA BK . 59.11 -28.55 -10.84
C4C CLA BK . 58.44 -29.04 -12.06
CMC CLA BK . 61.53 -27.51 -10.57
CAC CLA BK . 58.60 -28.52 -9.42
CBC CLA BK . 59.00 -29.83 -8.77
ND CLA BK . 57.07 -30.19 -14.27
C1D CLA BK . 56.42 -30.19 -13.00
C2D CLA BK . 55.10 -30.85 -12.94
C3D CLA BK . 54.98 -31.27 -14.36
C4D CLA BK . 56.12 -30.87 -15.02
CMD CLA BK . 54.07 -31.11 -11.88
CAD CLA BK . 54.12 -31.98 -15.33
OBD CLA BK . 52.98 -32.49 -15.05
CBD CLA BK . 54.79 -31.99 -16.65
CGD CLA BK . 54.96 -33.40 -17.13
O1D CLA BK . 55.94 -34.06 -16.81
O2D CLA BK . 53.95 -33.97 -18.00
CED CLA BK . 53.86 -35.37 -18.16
C1 CLA BK . 57.80 -26.81 -18.53
C2 CLA BK . 58.14 -26.88 -17.07
C3 CLA BK . 57.48 -26.13 -16.17
C4 CLA BK . 56.39 -25.19 -16.61
C5 CLA BK . 57.83 -26.20 -14.72
C6 CLA BK . 58.26 -24.84 -14.17
C7 CLA BK . 59.54 -24.98 -13.36
C8 CLA BK . 60.03 -23.63 -12.83
C9 CLA BK . 60.34 -23.72 -11.35
MG CLA CK . 59.77 -38.57 -13.57
CHA CLA CK . 59.49 -40.56 -16.38
CHB CLA CK . 57.66 -36.36 -15.01
CHC CLA CK . 59.61 -36.98 -10.57
CHD CLA CK . 61.77 -41.24 -11.98
NA CLA CK . 58.71 -38.48 -15.36
C1A CLA CK . 58.79 -39.22 -16.40
C2A CLA CK . 58.03 -38.71 -17.61
C3A CLA CK . 57.55 -37.34 -17.18
C4A CLA CK . 58.01 -37.40 -15.75
CMA CLA CK . 58.34 -36.28 -17.93
CAA CLA CK . 56.75 -39.57 -17.81
CBA CLA CK . 55.37 -39.22 -17.20
CGA CLA CK . 55.19 -39.24 -15.71
O1A CLA CK . 56.02 -39.74 -14.98
O2A CLA CK . 54.03 -38.57 -15.16
NB CLA CK . 58.84 -36.89 -12.92
C1B CLA CK . 57.96 -36.17 -13.59
C2B CLA CK . 57.17 -35.22 -12.77
C3B CLA CK . 57.75 -35.41 -11.43
C4B CLA CK . 58.78 -36.45 -11.65
CMB CLA CK . 56.08 -34.29 -13.20
CAB CLA CK . 57.43 -34.71 -10.16
CBB CLA CK . 57.77 -33.46 -9.98
NC CLA CK . 60.50 -39.04 -11.70
C1C CLA CK . 60.37 -38.22 -10.64
C2C CLA CK . 61.08 -38.66 -9.41
C3C CLA CK . 61.71 -39.92 -9.83
C4C CLA CK . 61.28 -40.06 -11.25
CMC CLA CK . 61.13 -37.98 -8.08
CAC CLA CK . 62.56 -40.83 -9.00
CBC CLA CK . 61.64 -41.88 -8.44
ND CLA CK . 60.48 -40.43 -13.97
C1D CLA CK . 61.26 -41.46 -13.34
C2D CLA CK . 61.51 -42.67 -14.16
C3D CLA CK . 60.77 -42.28 -15.40
C4D CLA CK . 60.21 -41.03 -15.18
CMD CLA CK . 62.24 -43.97 -13.97
CAD CLA CK . 60.38 -42.72 -16.76
OBD CLA CK . 60.69 -43.84 -17.31
CBD CLA CK . 59.59 -41.66 -17.39
CGD CLA CK . 60.26 -41.21 -18.64
O1D CLA CK . 60.85 -40.13 -18.70
O2D CLA CK . 60.23 -42.06 -19.80
CED CLA CK . 61.16 -41.79 -20.84
C1 CLA CK . 54.19 -37.26 -14.60
C2 CLA CK . 53.94 -37.28 -13.11
C3 CLA CK . 53.11 -36.41 -12.52
C4 CLA CK . 52.37 -35.37 -13.31
C5 CLA CK . 52.89 -36.48 -11.03
C6 CLA CK . 54.17 -36.29 -10.24
C7 CLA CK . 54.26 -37.31 -9.11
C8 CLA CK . 55.45 -37.05 -8.20
C9 CLA CK . 55.92 -38.33 -7.53
C10 CLA CK . 55.12 -35.97 -7.17
C11 CLA CK . 53.83 -36.28 -6.43
C12 CLA CK . 53.67 -35.42 -5.18
C13 CLA CK . 52.22 -35.42 -4.69
C14 CLA CK . 51.43 -34.29 -5.34
C15 CLA CK . 52.19 -35.33 -3.18
C16 CLA CK . 52.64 -33.96 -2.65
C17 CLA CK . 52.49 -33.88 -1.14
C18 CLA CK . 53.01 -32.56 -0.60
C19 CLA CK . 54.47 -32.37 -0.97
C20 CLA CK . 52.82 -32.47 0.91
MG CLA DK . 74.13 -34.25 2.47
CHA CLA DK . 73.33 -34.21 5.87
CHB CLA DK . 76.43 -31.89 3.01
CHC CLA DK . 75.00 -34.61 -0.78
CHD CLA DK . 71.78 -37.09 2.09
NA CLA DK . 74.79 -33.23 4.15
C1A CLA DK . 74.40 -33.25 5.38
C2A CLA DK . 75.04 -32.20 6.29
C3A CLA DK . 76.00 -31.50 5.34
C4A CLA DK . 75.71 -32.27 4.08
CMA CLA DK . 75.62 -30.05 5.14
CAA CLA DK . 75.77 -32.65 7.57
CBA CLA DK . 77.23 -33.06 7.40
CGA CLA DK . 77.25 -34.53 7.11
O1A CLA DK . 77.00 -34.95 5.98
O2A CLA DK . 77.57 -35.44 8.18
NB CLA DK . 75.55 -33.39 1.29
C1B CLA DK . 76.36 -32.40 1.64
C2B CLA DK . 77.13 -31.81 0.52
C3B CLA DK . 76.70 -32.64 -0.63
C4B CLA DK . 75.71 -33.59 -0.02
CMB CLA DK . 78.13 -30.69 0.52
CAB CLA DK . 77.15 -32.54 -2.05
CBB CLA DK . 77.57 -33.56 -2.76
NC CLA DK . 73.54 -35.60 1.01
C1C CLA DK . 73.97 -35.51 -0.27
C2C CLA DK . 73.31 -36.45 -1.22
C3C CLA DK . 72.36 -37.18 -0.36
C4C CLA DK . 72.59 -36.57 0.98
CMC CLA DK . 73.55 -36.61 -2.69
CAC CLA DK . 71.39 -38.27 -0.76
CBC CLA DK . 72.05 -39.59 -0.44
ND CLA DK . 72.90 -35.42 3.59
C1D CLA DK . 71.95 -36.49 3.40
C2D CLA DK . 71.20 -36.89 4.60
C3D CLA DK . 71.77 -35.96 5.59
C4D CLA DK . 72.72 -35.17 4.95
CMD CLA DK . 70.15 -37.91 4.86
CAD CLA DK . 71.73 -35.55 7.01
OBD CLA DK . 70.97 -36.06 7.91
CBD CLA DK . 72.71 -34.45 7.21
CGD CLA DK . 72.03 -33.25 7.79
O1D CLA DK . 72.28 -32.90 8.93
O2D CLA DK . 71.09 -32.47 7.00
CED CLA DK . 70.61 -31.25 7.54
C1 CLA DK . 78.93 -35.60 8.58
C2 CLA DK . 79.73 -35.92 7.34
C3 CLA DK . 79.81 -37.17 6.86
C4 CLA DK . 79.09 -38.32 7.54
C5 CLA DK . 80.61 -37.44 5.62
C6 CLA DK . 79.71 -37.87 4.47
C7 CLA DK . 78.91 -36.69 3.91
C8 CLA DK . 79.70 -35.90 2.88
C9 CLA DK . 80.02 -34.50 3.39
C10 CLA DK . 78.90 -35.84 1.58
C11 CLA DK . 79.85 -35.89 0.39
C12 CLA DK . 79.08 -36.21 -0.90
C13 CLA DK . 78.55 -37.64 -0.89
C14 CLA DK . 79.66 -38.66 -0.74
C15 CLA DK . 77.75 -37.88 -2.17
C16 CLA DK . 76.69 -38.96 -2.00
MG CLA EK . 58.41 -30.78 2.09
CHA CLA EK . 57.28 -29.44 5.09
CHB CLA EK . 56.47 -33.48 2.64
CHC CLA EK . 59.23 -31.80 -1.06
CHD CLA EK . 60.14 -27.58 1.44
NA CLA EK . 57.08 -31.36 3.57
C1A CLA EK . 56.77 -30.81 4.69
C2A CLA EK . 55.84 -31.60 5.59
C3A CLA EK . 55.64 -32.87 4.80
C4A CLA EK . 56.46 -32.54 3.59
CMA CLA EK . 56.30 -34.00 5.57
CAA CLA EK . 54.44 -30.98 5.79
CBA CLA EK . 53.66 -30.69 4.52
CGA CLA EK . 53.88 -29.27 4.04
O1A CLA EK . 54.03 -28.35 4.82
O2A CLA EK . 53.87 -29.02 2.61
NB CLA EK . 57.91 -32.39 0.96
C1B CLA EK . 57.18 -33.43 1.34
C2B CLA EK . 57.07 -34.51 0.34
C3B CLA EK . 57.90 -34.00 -0.76
C4B CLA EK . 58.36 -32.68 -0.27
CMB CLA EK . 56.35 -35.82 0.41
CAB CLA EK . 58.21 -34.62 -2.07
CBB CLA EK . 57.26 -34.77 -2.98
NC CLA EK . 59.44 -29.86 0.54
C1C CLA EK . 59.69 -30.47 -0.64
C2C CLA EK . 60.50 -29.66 -1.59
C3C CLA EK . 60.76 -28.42 -0.85
C4C CLA EK . 60.07 -28.67 0.45
CMC CLA EK . 60.96 -30.02 -2.97
CAC CLA EK . 61.53 -27.19 -1.27
CBC CLA EK . 63.00 -27.45 -1.02
ND CLA EK . 58.66 -28.95 2.93
C1D CLA EK . 59.41 -27.75 2.70
C2D CLA EK . 59.39 -26.75 3.78
C3D CLA EK . 58.51 -27.46 4.76
C4D CLA EK . 58.16 -28.68 4.19
CMD CLA EK . 59.99 -25.40 4.00
CAD CLA EK . 57.87 -27.37 6.10
OBD CLA EK . 57.97 -26.39 6.91
CBD CLA EK . 57.09 -28.61 6.31
CGD CLA EK . 57.41 -29.29 7.61
O1D CLA EK . 58.20 -30.20 7.69
O2D CLA EK . 56.69 -28.86 8.80
CED CLA EK . 56.22 -29.81 9.74
C1 CLA EK . 54.97 -29.43 1.79
C2 CLA EK . 55.79 -28.23 1.41
C3 CLA EK . 56.14 -27.96 0.15
C4 CLA EK . 56.96 -26.74 -0.15
C5 CLA EK . 55.70 -28.87 -0.98
C6 CLA EK . 56.75 -28.98 -2.07
C7 CLA EK . 56.34 -29.96 -3.16
C8 CLA EK . 57.46 -30.06 -4.20
C9 CLA EK . 57.37 -28.93 -5.22
C10 CLA EK . 57.53 -31.46 -4.81
C11 CLA EK . 56.85 -31.62 -6.16
C12 CLA EK . 55.48 -32.27 -6.02
C13 CLA EK . 54.45 -31.79 -7.05
C14 CLA EK . 54.60 -32.50 -8.39
C15 CLA EK . 54.55 -30.28 -7.23
C16 CLA EK . 53.26 -29.67 -7.76
C17 CLA EK . 53.52 -28.69 -8.90
C18 CLA EK . 53.80 -27.24 -8.50
C19 CLA EK . 55.29 -26.91 -8.56
C20 CLA EK . 53.20 -26.83 -7.14
MG CLA FK . 65.50 -23.24 6.97
CHA CLA FK . 67.73 -22.89 9.62
CHB CLA FK . 63.83 -20.55 8.07
CHC CLA FK . 63.67 -23.39 4.10
CHD CLA FK . 67.64 -25.94 5.68
NA CLA FK . 65.75 -21.91 8.54
C1A CLA FK . 66.60 -21.89 9.51
C2A CLA FK . 66.38 -20.79 10.53
C3A CLA FK . 65.11 -20.11 10.03
C4A CLA FK . 64.89 -20.92 8.79
CMA CLA FK . 63.99 -20.34 11.03
CAA CLA FK . 67.54 -19.76 10.51
CBA CLA FK . 67.28 -18.34 9.99
CGA CLA FK . 67.59 -18.22 8.50
O1A CLA FK . 67.84 -17.15 7.99
O2A CLA FK . 67.54 -19.41 7.68
NB CLA FK . 63.98 -22.11 6.20
C1B CLA FK . 63.34 -21.12 6.81
C2B CLA FK . 62.15 -20.60 6.09
C3B CLA FK . 62.12 -21.47 4.89
C4B CLA FK . 63.30 -22.36 5.08
CMB CLA FK . 61.20 -19.50 6.47
CAB CLA FK . 61.17 -21.50 3.76
CBB CLA FK . 59.91 -21.83 3.94
NC CLA FK . 65.65 -24.40 5.27
C1C CLA FK . 64.80 -24.32 4.23
C2C CLA FK . 65.07 -25.26 3.12
C3C CLA FK . 66.24 -26.00 3.61
C4C CLA FK . 66.50 -25.40 4.93
CMC CLA FK . 64.33 -25.43 1.83
CAC CLA FK . 67.01 -27.11 2.97
CBC CLA FK . 68.17 -26.50 2.21
ND CLA FK . 67.25 -24.18 7.40
C1D CLA FK . 68.00 -25.31 6.93
C2D CLA FK . 69.12 -25.76 7.77
C3D CLA FK . 68.99 -24.75 8.88
C4D CLA FK . 67.92 -23.92 8.58
CMD CLA FK . 70.14 -26.86 7.65
CAD CLA FK . 69.57 -24.30 10.16
OBD CLA FK . 70.58 -24.86 10.73
CBD CLA FK . 68.78 -23.14 10.67
CGD CLA FK . 68.18 -23.58 11.97
O1D CLA FK . 68.89 -24.04 12.86
O2D CLA FK . 66.76 -23.52 12.23
CED CLA FK . 66.18 -24.25 13.31
MG CLA GK . 55.10 -21.43 8.66
CHA CLA GK . 57.83 -20.84 10.69
CHB CLA GK . 53.29 -19.34 10.58
CHC CLA GK . 52.56 -21.83 6.43
CHD CLA GK . 57.35 -23.24 6.34
NA CLA GK . 55.49 -20.25 10.31
C1A CLA GK . 56.53 -20.17 11.05
C2A CLA GK . 56.40 -19.33 12.30
C3A CLA GK . 54.94 -18.91 12.24
C4A CLA GK . 54.55 -19.55 10.95
CMA CLA GK . 54.17 -19.61 13.35
CAA CLA GK . 57.22 -18.03 12.27
CBA CLA GK . 57.13 -17.26 10.96
CGA CLA GK . 58.34 -17.49 10.06
O1A CLA GK . 59.43 -17.05 10.35
O2A CLA GK . 58.20 -18.26 8.84
NB CLA GK . 53.20 -20.72 8.55
C1B CLA GK . 52.64 -19.83 9.36
C2B CLA GK . 51.31 -19.34 8.93
C3B CLA GK . 51.10 -20.09 7.68
C4B CLA GK . 52.32 -20.91 7.55
CMB CLA GK . 50.43 -18.33 9.61
CAB CLA GK . 49.93 -20.06 6.75
CBB CLA GK . 49.12 -21.10 6.67
NC CLA GK . 55.00 -22.34 6.81
C1C CLA GK . 53.87 -22.37 6.07
C2C CLA GK . 54.01 -23.02 4.75
C3C CLA GK . 55.42 -23.43 4.73
C4C CLA GK . 55.93 -22.97 6.04
CMC CLA GK . 52.94 -23.19 3.71
CAC CLA GK . 56.18 -24.16 3.65
CBC CLA GK . 55.75 -25.60 3.80
ND CLA GK . 57.06 -21.90 8.43
C1D CLA GK . 57.89 -22.70 7.58
C2D CLA GK . 59.27 -22.93 8.07
C3D CLA GK . 59.22 -22.17 9.35
C4D CLA GK . 57.95 -21.63 9.46
CMD CLA GK . 60.49 -23.67 7.59
CAD CLA GK . 60.00 -21.75 10.53
OBD CLA GK . 61.21 -22.09 10.76
CBD CLA GK . 59.14 -20.93 11.41
CGD CLA GK . 58.98 -21.65 12.72
O1D CLA GK . 57.98 -22.29 12.97
O2D CLA GK . 60.05 -21.59 13.69
CED CLA GK . 60.51 -22.78 14.32
C1 CLA GK . 57.17 -17.91 7.91
C2 CLA GK . 57.33 -18.74 6.66
C3 CLA GK . 56.31 -18.99 5.83
C4 CLA GK . 54.93 -18.45 6.11
C5 CLA GK . 56.57 -19.83 4.60
C6 CLA GK . 55.68 -19.45 3.42
MG CLA HK . 47.48 -27.25 10.04
CHA CLA HK . 50.74 -27.91 9.01
CHB CLA HK . 47.84 -24.10 8.93
CHC CLA HK . 44.15 -26.86 10.55
CHD CLA HK . 47.15 -30.82 10.95
NA CLA HK . 49.00 -26.19 9.09
C1A CLA HK . 50.21 -26.52 8.80
C2A CLA HK . 51.09 -25.40 8.26
C3A CLA HK . 50.14 -24.22 8.30
C4A CLA HK . 48.91 -24.90 8.82
CMA CLA HK . 50.62 -23.32 9.42
CAA CLA HK . 51.50 -25.58 6.79
CBA CLA HK . 50.33 -26.05 5.92
CGA CLA HK . 50.70 -26.55 4.55
O1A CLA HK . 50.96 -25.78 3.66
O2A CLA HK . 50.73 -27.97 4.24
NB CLA HK . 46.20 -25.71 9.76
C1B CLA HK . 46.50 -24.47 9.40
C2B CLA HK . 45.39 -23.50 9.45
C3B CLA HK . 44.27 -24.34 9.94
C4B CLA HK . 44.90 -25.69 10.08
CMB CLA HK . 45.38 -22.05 9.10
CAB CLA HK . 42.87 -23.97 10.20
CBB CLA HK . 41.89 -24.48 9.48
NC CLA HK . 46.00 -28.57 10.62
C1C CLA HK . 44.71 -28.20 10.76
C2C CLA HK . 43.79 -29.28 11.17
C3C CLA HK . 44.68 -30.45 11.28
C4C CLA HK . 46.01 -29.88 10.93
CMC CLA HK . 42.31 -29.20 11.40
CAC CLA HK . 44.29 -31.85 11.68
CBC CLA HK . 44.36 -31.90 13.18
ND CLA HK . 48.56 -28.98 10.00
C1D CLA HK . 48.42 -30.35 10.42
C2D CLA HK . 49.63 -31.18 10.25
C3D CLA HK . 50.56 -30.17 9.67
C4D CLA HK . 49.87 -28.98 9.55
CMD CLA HK . 49.99 -32.61 10.52
CAD CLA HK . 51.95 -29.97 9.17
OBD CLA HK . 52.87 -30.85 9.11
CBD CLA HK . 52.06 -28.56 8.73
CGD CLA HK . 53.21 -27.85 9.39
O1D CLA HK . 54.13 -27.43 8.72
O2D CLA HK . 53.18 -27.60 10.81
CED CLA HK . 53.42 -26.26 11.22
C1 CLA HK . 50.64 -28.32 2.86
C2 CLA HK . 49.84 -29.59 2.66
C3 CLA HK . 48.53 -29.58 2.39
C4 CLA HK . 47.76 -28.30 2.29
C5 CLA HK . 47.82 -30.90 2.18
C6 CLA HK . 46.92 -31.27 3.34
C7 CLA HK . 46.53 -32.74 3.20
C8 CLA HK . 45.47 -33.12 4.23
C9 CLA HK . 45.41 -34.65 4.34
C10 CLA HK . 44.13 -32.52 3.84
C11 CLA HK . 43.45 -31.81 5.01
C12 CLA HK . 42.59 -32.76 5.84
C13 CLA HK . 41.09 -32.44 5.89
C14 CLA HK . 40.62 -31.38 4.88
C15 CLA HK . 40.71 -32.02 7.31
C16 CLA HK . 40.79 -33.16 8.31
C17 CLA HK . 40.30 -32.68 9.67
C18 CLA HK . 39.93 -33.79 10.64
C19 CLA HK . 41.16 -34.39 11.31
C20 CLA HK . 39.09 -34.88 9.97
CAA F6C IK . 54.21 -40.10 2.05
CAB F6C IK . 50.87 -32.24 6.75
CAC F6C IK . 56.33 -35.83 11.58
CAD F6C IK . 57.95 -40.25 4.98
NA F6C IK . 54.26 -37.34 4.29
CBA F6C IK . 54.27 -40.37 0.56
CBB F6C IK . 50.57 -31.13 6.12
CBC F6C IK . 55.60 -35.51 12.87
CBD F6C IK . 57.03 -39.99 3.84
NB F6C IK . 52.85 -35.31 5.85
OBD F6C IK . 58.95 -41.06 4.98
CGA F6C IK . 54.13 -41.85 0.32
CGD F6C IK . 57.86 -39.50 2.69
ND F6C IK . 55.90 -37.82 6.69
CED F6C IK . 59.10 -37.71 1.52
CHA F6C IK . 56.06 -38.98 4.36
CHB F6C IK . 52.40 -36.01 3.55
CHC F6C IK . 52.92 -34.16 8.05
CHD F6C IK . 56.58 -37.36 9.06
CMA F6C IK . 53.14 -36.86 0.85
CMB F6C IK . 50.41 -33.42 3.59
CMC F6C IK . 53.76 -33.54 10.96
CMD F6C IK . 58.98 -39.64 8.36
OMB F6C IK . 50.32 -34.03 2.54
C1 F6C IK . 55.37 -43.90 -0.36
C1A F6C IK . 54.90 -38.29 3.71
C1B F6C IK . 52.19 -35.12 4.72
C1C F6C IK . 54.00 -34.94 8.68
C1D F6C IK . 56.79 -38.07 7.80
O1A F6C IK . 53.27 -42.49 0.90
O1D F6C IK . 58.37 -40.29 1.93
C2 F6C IK . 56.02 -44.00 1.00
C2A F6C IK . 54.50 -38.63 2.30
C2B F6C IK . 51.29 -33.94 4.69
C2C F6C IK . 54.37 -34.60 10.08
C2D F6C IK . 57.86 -39.06 7.55
O2A F6C IK . 55.02 -42.54 -0.60
O2D F6C IK . 58.10 -38.09 2.45
C3 F6C IK . 57.29 -43.60 1.18
C3A F6C IK . 53.28 -37.72 2.10
C3B F6C IK . 51.48 -33.41 6.06
C3C F6C IK . 55.46 -35.58 10.38
C3D F6C IK . 57.56 -39.41 6.13
C4 F6C IK . 58.08 -43.04 0.03
C4A F6C IK . 53.32 -36.96 3.40
C4B F6C IK . 52.45 -34.33 6.67
C4C F6C IK . 55.55 -36.31 9.09
C4D F6C IK . 56.47 -38.66 5.74
C5 F6C IK . 57.93 -43.72 2.55
C6 F6C IK . 56.97 -44.24 3.61
C7 F6C IK . 57.75 -44.92 4.72
C8 F6C IK . 56.85 -45.22 5.92
C9 F6C IK . 55.76 -46.20 5.54
C10 F6C IK . 56.26 -43.90 6.42
C11 F6C IK . 56.12 -43.88 7.93
C12 F6C IK . 56.07 -42.44 8.45
C13 F6C IK . 55.46 -42.36 9.84
C14 F6C IK . 55.64 -40.95 10.42
C15 F6C IK . 56.11 -43.39 10.75
NC F6C IK . 54.70 -35.93 8.12
MG F6C IK . 54.24 -36.73 6.27
C16 F6C IK . 55.41 -43.46 12.10
C17 F6C IK . 55.80 -44.73 12.85
C18 F6C IK . 55.20 -44.76 14.25
C19 F6C IK . 55.78 -45.89 15.07
C20 F6C IK . 53.67 -44.87 14.19
CAA F6C JK . 41.09 -29.57 -7.44
CAB F6C JK . 38.95 -32.83 0.87
CAC F6C JK . 36.40 -38.35 -4.55
CAD F6C JK . 40.53 -33.57 -9.85
NA F6C JK . 40.86 -32.02 -5.38
CBA F6C JK . 41.59 -28.13 -7.38
CBB F6C JK . 38.30 -31.91 1.53
CBC F6C JK . 35.17 -37.86 -5.26
CBD F6C JK . 41.21 -32.43 -9.18
NB F6C JK . 39.86 -32.84 -2.79
OBD F6C JK . 40.55 -33.83 -11.11
CGA F6C JK . 40.52 -27.22 -7.94
CGD F6C JK . 42.69 -32.64 -9.36
ND F6C JK . 39.49 -34.41 -6.50
CED F6C JK . 44.68 -32.76 -10.85
CHA F6C JK . 40.87 -32.60 -7.75
CHB F6C JK . 41.28 -30.91 -3.31
CHC F6C JK . 38.42 -34.55 -1.70
CHD F6C JK . 38.10 -36.47 -6.30
CMA F6C JK . 43.67 -30.11 -4.94
CMB F6C JK . 40.90 -30.31 -0.10
CMC F6C JK . 36.58 -37.08 -1.45
CMD F6C JK . 38.52 -36.55 -9.66
OMB F6C JK . 41.68 -29.52 -0.60
C1 F6C JK . 39.83 -24.87 -8.27
C1A F6C JK . 41.25 -31.77 -6.56
C1B F6C JK . 40.51 -31.75 -2.38
C1C F6C JK . 38.10 -35.38 -2.89
C1D F6C JK . 38.85 -35.52 -7.13
O1A F6C JK . 39.77 -27.60 -8.81
O1D F6C JK . 43.40 -33.00 -8.44
C2 F6C JK . 40.93 -23.95 -8.71
C2A F6C JK . 42.05 -30.54 -6.77
C2B F6C JK . 40.35 -31.43 -0.93
C2C F6C JK . 37.23 -36.57 -2.71
C2D F6C JK . 39.00 -35.61 -8.60
O2A F6C JK . 40.37 -25.88 -7.42
O2D F6C JK . 43.31 -32.42 -10.66
C3 F6C JK . 41.10 -22.77 -8.11
C3A F6C JK . 42.21 -30.02 -5.35
C3B F6C JK . 39.48 -32.55 -0.48
C3C F6C JK . 37.15 -37.12 -4.07
C3D F6C JK . 39.83 -34.40 -8.83
C4 F6C JK . 40.18 -22.36 -7.00
C4A F6C JK . 41.39 -31.05 -4.63
C4B F6C JK . 39.25 -33.34 -1.71
C4C F6C JK . 37.99 -36.19 -4.86
C4D F6C JK . 40.05 -33.80 -7.60
C5 F6C JK . 42.21 -21.84 -8.55
C6 F6C JK . 42.89 -21.16 -7.38
C7 F6C JK . 44.07 -21.97 -6.86
C8 F6C JK . 45.39 -21.25 -7.10
C9 F6C JK . 45.77 -21.33 -8.57
C10 F6C JK . 45.30 -19.80 -6.64
NC F6C JK . 38.53 -35.17 -4.15
MG F6C JK . 39.87 -33.69 -4.63
MG CLA KK . 48.18 -28.91 -13.38
CHA CLA KK . 46.18 -28.88 -10.54
CHB CLA KK . 50.79 -27.91 -11.49
CHC CLA KK . 49.87 -28.40 -16.25
CHD CLA KK . 45.12 -29.62 -15.36
NA CLA KK . 48.45 -28.45 -11.37
C1A CLA KK . 47.65 -28.56 -10.38
C2A CLA KK . 48.25 -28.28 -9.02
C3A CLA KK . 49.69 -27.95 -9.36
C4A CLA KK . 49.63 -28.12 -10.84
CMA CLA KK . 49.95 -26.47 -9.06
CAA CLA KK . 48.30 -29.51 -8.12
CBA CLA KK . 48.56 -29.07 -6.69
CGA CLA KK . 48.51 -30.27 -5.78
O1A CLA KK . 47.45 -30.69 -5.34
O2A CLA KK . 49.74 -30.96 -5.42
NB CLA KK . 50.05 -28.22 -13.80
C1B CLA KK . 51.03 -27.97 -12.94
C2B CLA KK . 52.37 -27.76 -13.54
C3B CLA KK . 52.07 -27.91 -14.99
C4B CLA KK . 50.61 -28.18 -15.01
CMB CLA KK . 53.69 -27.46 -12.86
CAB CLA KK . 52.95 -27.81 -16.18
CBB CLA KK . 54.09 -28.48 -16.28
NC CLA KK . 47.60 -28.97 -15.35
C1C CLA KK . 48.45 -28.77 -16.35
C2C CLA KK . 47.86 -28.96 -17.70
C3C CLA KK . 46.46 -29.32 -17.43
C4C CLA KK . 46.42 -29.29 -15.95
CMC CLA KK . 48.54 -28.81 -19.00
CAC CLA KK . 45.34 -29.64 -18.39
CBC CLA KK . 44.67 -28.32 -18.73
ND CLA KK . 46.18 -29.17 -13.14
C1D CLA KK . 45.02 -29.48 -13.92
C2D CLA KK . 43.75 -29.65 -13.18
C3D CLA KK . 44.25 -29.39 -11.81
C4D CLA KK . 45.61 -29.14 -11.88
CMD CLA KK . 42.32 -29.96 -13.53
CAD CLA KK . 43.86 -29.31 -10.39
OBD CLA KK . 42.67 -29.50 -9.99
CBD CLA KK . 45.06 -28.99 -9.57
CGD CLA KK . 44.81 -27.74 -8.78
O1D CLA KK . 44.84 -27.77 -7.57
O2D CLA KK . 44.54 -26.48 -9.44
CED CLA KK . 44.27 -25.34 -8.62
C1 CLA KK . 50.11 -30.94 -4.05
C2 CLA KK . 50.70 -29.58 -3.75
C3 CLA KK . 50.75 -29.08 -2.52
C4 CLA KK . 50.20 -29.85 -1.34
C5 CLA KK . 51.36 -27.72 -2.30
C6 CLA KK . 52.17 -27.65 -1.01
C7 CLA KK . 51.76 -26.45 -0.17
C8 CLA KK . 52.47 -25.19 -0.62
C9 CLA KK . 53.66 -24.88 0.28
C10 CLA KK . 51.48 -24.02 -0.65
C11 CLA KK . 50.83 -23.81 0.72
C12 CLA KK . 49.82 -22.68 0.66
C13 CLA KK . 49.32 -22.33 2.06
C14 CLA KK . 48.63 -23.51 2.73
C15 CLA KK . 48.39 -21.13 1.97
MG CLA LK . 43.12 -50.50 -14.54
CHA CLA LK . 45.90 -52.26 -15.62
CHB CLA LK . 42.76 -49.26 -17.67
CHC CLA LK . 40.09 -49.31 -13.58
CHD CLA LK . 43.45 -52.17 -11.28
NA CLA LK . 44.11 -50.75 -16.35
C1A CLA LK . 45.23 -51.31 -16.60
C2A CLA LK . 45.81 -51.04 -17.98
C3A CLA LK . 44.82 -50.05 -18.55
C4A CLA LK . 43.83 -50.02 -17.44
CMA CLA LK . 45.56 -48.71 -18.58
CAA CLA LK . 45.75 -52.26 -18.94
CBA CLA LK . 44.40 -52.69 -19.53
CGA CLA LK . 43.55 -53.41 -18.52
O1A CLA LK . 42.34 -53.25 -18.49
O2A CLA LK . 44.16 -54.28 -17.53
NB CLA LK . 41.69 -49.38 -15.47
C1B CLA LK . 41.62 -49.07 -16.76
C2B CLA LK . 40.30 -48.64 -17.26
C3B CLA LK . 39.50 -48.66 -16.00
C4B CLA LK . 40.47 -49.13 -14.99
CMB CLA LK . 39.92 -48.24 -18.66
CAB CLA LK . 38.08 -48.34 -15.68
CBB CLA LK . 37.08 -48.37 -16.54
NC CLA LK . 42.00 -50.76 -12.83
C1C CLA LK . 40.85 -50.10 -12.60
C2C CLA LK . 40.33 -50.19 -11.21
C3C CLA LK . 41.32 -51.04 -10.54
C4C CLA LK . 42.30 -51.32 -11.63
CMC CLA LK . 39.08 -49.58 -10.63
CAC CLA LK . 41.36 -51.50 -9.11
CBC CLA LK . 40.71 -52.86 -9.04
ND CLA LK . 44.31 -51.86 -13.60
C1D CLA LK . 44.40 -52.52 -12.34
C2D CLA LK . 45.49 -53.51 -12.21
C3D CLA LK . 46.09 -53.41 -13.57
C4D CLA LK . 45.34 -52.48 -14.28
CMD CLA LK . 45.99 -54.43 -11.12
CAD CLA LK . 47.14 -53.92 -14.46
OBD CLA LK . 48.02 -54.81 -14.14
CBD CLA LK . 47.03 -53.24 -15.75
CGD CLA LK . 48.34 -52.62 -16.13
O1D CLA LK . 48.79 -51.68 -15.52
O2D CLA LK . 49.07 -53.18 -17.26
CED CLA LK . 50.47 -52.93 -17.38
C1 CLA LK . 44.40 -55.63 -17.88
C2 CLA LK . 43.11 -56.35 -18.20
C3 CLA LK . 42.95 -57.62 -17.81
C4 CLA LK . 41.62 -57.40 -18.44
C5 CLA LK . 42.33 -58.98 -17.66
C6 CLA LK . 42.32 -59.41 -16.20
C7 CLA LK . 42.87 -60.82 -16.07
C8 CLA LK . 42.59 -61.35 -14.67
C9 CLA LK . 43.42 -62.59 -14.38
C10 CLA LK . 41.10 -61.64 -14.52
C11 CLA LK . 40.55 -62.60 -15.56
C12 CLA LK . 39.06 -62.81 -15.32
C13 CLA LK . 38.32 -63.25 -16.58
C14 CLA LK . 36.83 -63.44 -16.28
C15 CLA LK . 38.94 -64.54 -17.12
C16 CLA LK . 38.27 -64.99 -18.42
C17 CLA LK . 38.83 -66.34 -18.85
C18 CLA LK . 38.29 -67.46 -17.98
C19 CLA LK . 39.27 -68.62 -17.92
C20 CLA LK . 36.93 -67.93 -18.49
CAA F6C MK . 52.94 -48.40 -16.81
CAB F6C MK . 48.19 -49.35 -8.77
CAC F6C MK . 50.97 -41.83 -8.61
CAD F6C MK . 53.78 -43.78 -16.11
NA F6C MK . 51.02 -47.16 -14.27
CBA F6C MK . 53.50 -49.25 -15.67
CBB F6C MK . 47.16 -50.15 -8.63
CBC F6C MK . 52.36 -42.00 -8.05
CBD F6C MK . 53.28 -45.09 -16.59
NB F6C MK . 49.46 -47.55 -11.82
OBD F6C MK . 54.55 -42.99 -16.76
CGA F6C MK . 54.94 -48.86 -15.47
CGD F6C MK . 52.54 -44.94 -17.88
ND F6C MK . 51.84 -44.57 -13.16
CED F6C MK . 52.49 -45.40 -20.32
CHA F6C MK . 52.40 -45.58 -15.48
CHB F6C MK . 49.73 -49.09 -13.70
CHC F6C MK . 49.02 -46.48 -9.62
CHD F6C MK . 51.92 -42.83 -11.36
CMA F6C MK . 49.39 -48.88 -16.68
CMB F6C MK . 48.62 -51.26 -11.51
CMC F6C MK . 49.01 -44.26 -7.41
CMD F6C MK . 53.88 -41.25 -13.47
OMB F6C MK . 48.60 -51.74 -12.63
C1 F6C MK . 56.54 -47.09 -14.72
C1A F6C MK . 51.63 -46.85 -15.34
C1B F6C MK . 49.36 -48.77 -12.32
C1C F6C MK . 49.78 -45.23 -9.80
C1D F6C MK . 52.31 -43.31 -12.67
O1A F6C MK . 55.83 -49.69 -15.49
O1D F6C MK . 51.57 -44.21 -17.99
C2 F6C MK . 56.44 -45.67 -14.21
C2A F6C MK . 51.57 -47.81 -16.49
C2B F6C MK . 48.86 -49.80 -11.34
C2C F6C MK . 49.74 -44.22 -8.72
C2D F6C MK . 53.20 -42.57 -13.58
O2A F6C MK . 55.28 -47.46 -15.28
O2D F6C MK . 53.01 -45.69 -19.04
C3 F6C MK . 57.09 -44.71 -14.84
C3A F6C MK . 50.70 -48.91 -15.91
C3B F6C MK . 48.67 -48.98 -10.12
C3C F6C MK . 50.60 -43.14 -9.25
C3D F6C MK . 53.23 -43.51 -14.74
C4 F6C MK . 57.92 -45.03 -16.05
C4A F6C MK . 50.47 -48.35 -14.54
C4B F6C MK . 49.06 -47.62 -10.55
C4C F6C MK . 51.03 -43.69 -10.56
C4D F6C MK . 52.46 -44.60 -14.40
C5 F6C MK . 57.02 -43.28 -14.35
C6 F6C MK . 57.25 -43.14 -12.86
C7 F6C MK . 57.52 -41.68 -12.51
C8 F6C MK . 56.92 -41.32 -11.15
C9 F6C MK . 56.75 -39.82 -11.03
C10 F6C MK . 57.80 -41.88 -10.04
C11 F6C MK . 57.21 -41.55 -8.66
C12 F6C MK . 57.76 -42.52 -7.61
C13 F6C MK . 57.62 -41.97 -6.20
C14 F6C MK . 58.29 -42.90 -5.19
C15 F6C MK . 56.15 -41.77 -5.84
NC F6C MK . 50.53 -44.92 -10.87
MG F6C MK . 50.52 -46.01 -12.62
C16 F6C MK . 55.95 -40.65 -4.82
C17 F6C MK . 54.51 -40.62 -4.32
C18 F6C MK . 54.15 -39.28 -3.69
C19 F6C MK . 55.26 -38.75 -2.81
C20 F6C MK . 52.85 -39.40 -2.89
MG CLA NK . 42.44 -50.28 4.44
CHA CLA NK . 40.76 -52.07 6.90
CHB CLA NK . 45.31 -51.71 5.45
CHC CLA NK . 43.87 -49.07 1.62
CHD CLA NK . 39.19 -49.03 3.27
NA CLA NK . 42.95 -51.67 5.89
C1A CLA NK . 42.26 -52.25 6.80
C2A CLA NK . 43.02 -53.13 7.77
C3A CLA NK . 44.44 -52.95 7.31
C4A CLA NK . 44.22 -52.03 6.14
CMA CLA NK . 45.16 -52.15 8.38
CAA CLA NK . 42.70 -54.62 7.58
CBA CLA NK . 42.61 -55.03 6.11
CGA CLA NK . 42.05 -56.41 5.93
O1A CLA NK . 42.02 -57.21 6.85
O2A CLA NK . 41.50 -56.79 4.65
NB CLA NK . 44.29 -50.42 3.63
C1B CLA NK . 45.37 -50.86 4.26
C2B CLA NK . 46.65 -50.47 3.63
C3B CLA NK . 46.21 -49.67 2.46
C4B CLA NK . 44.74 -49.74 2.58
CMB CLA NK . 47.99 -50.84 4.14
CAB CLA NK . 46.93 -48.94 1.37
CBB CLA NK . 48.23 -48.79 1.30
NC CLA NK . 41.68 -49.24 2.83
C1C CLA NK . 42.42 -48.92 1.76
C2C CLA NK . 41.68 -48.38 0.60
C3C CLA NK . 40.28 -48.38 1.08
C4C CLA NK . 40.43 -48.91 2.46
CMC CLA NK . 42.24 -47.96 -0.73
CAC CLA NK . 39.03 -47.92 0.37
CBC CLA NK . 38.43 -49.14 -0.29
ND CLA NK . 40.47 -50.45 4.86
C1D CLA NK . 39.23 -49.91 4.42
C2D CLA NK . 38.03 -50.30 5.19
C3D CLA NK . 38.67 -51.18 6.21
C4D CLA NK . 40.03 -51.22 5.94
CMD CLA NK . 36.58 -49.96 5.08
CAD CLA NK . 38.42 -52.05 7.39
OBD CLA NK . 37.29 -52.28 7.94
CBD CLA NK . 39.72 -52.63 7.82
CGD CLA NK . 39.95 -52.54 9.29
O1D CLA NK . 39.83 -53.54 9.99
O2D CLA NK . 40.35 -51.30 9.93
CED CLA NK . 40.27 -51.23 11.35
C1 CLA NK . 41.96 -58.00 4.05
C2 CLA NK . 41.72 -57.96 2.57
C3 CLA NK . 40.57 -58.40 2.04
C4 CLA NK . 39.47 -58.93 2.92
C5 CLA NK . 40.37 -58.36 0.55
C6 CLA NK . 39.03 -57.81 0.10
C7 CLA NK . 39.23 -56.60 -0.82
C8 CLA NK . 38.20 -56.54 -1.95
C9 CLA NK . 36.78 -56.65 -1.42
C10 CLA NK . 38.47 -57.65 -2.97
C11 CLA NK . 39.31 -57.13 -4.12
C12 CLA NK . 38.45 -56.81 -5.34
C13 CLA NK . 39.24 -57.04 -6.62
C14 CLA NK . 40.22 -55.90 -6.88
C15 CLA NK . 38.28 -57.20 -7.80
C16 CLA NK . 38.61 -58.45 -8.62
C17 CLA NK . 37.44 -59.42 -8.60
C18 CLA NK . 37.82 -60.77 -9.18
C19 CLA NK . 36.62 -61.69 -9.27
C20 CLA NK . 38.94 -61.42 -8.39
CAA F6C OK . 36.34 -20.04 13.89
CAB F6C OK . 32.70 -24.63 6.51
CAC F6C OK . 39.53 -28.61 8.42
CAD F6C OK . 39.51 -23.48 14.91
NA F6C OK . 35.76 -22.86 12.08
CBA F6C OK . 36.58 -19.57 12.45
CBB F6C OK . 32.48 -23.76 5.54
CBC F6C OK . 40.69 -27.86 7.80
CBD F6C OK . 38.33 -22.59 14.93
NB F6C OK . 34.73 -24.08 9.65
OBD F6C OK . 40.44 -23.52 15.79
CGA F6C OK . 36.70 -18.07 12.36
CGD F6C OK . 37.54 -22.90 16.16
ND F6C OK . 38.07 -24.70 11.83
CED F6C OK . 36.14 -24.49 17.43
CHA F6C OK . 37.58 -22.95 13.70
CHB F6C OK . 33.74 -22.27 10.98
CHC F6C OK . 35.28 -25.78 7.93
CHD F6C OK . 39.37 -26.50 10.69
CMA F6C OK . 33.13 -21.70 13.82
CMB F6C OK . 31.60 -22.23 8.53
CMC F6C OK . 36.79 -28.12 6.56
CMD F6C OK . 41.45 -26.06 13.36
OMB F6C OK . 31.06 -21.81 9.53
C1 F6C OK . 36.75 -16.36 10.56
C1A F6C OK . 36.30 -22.43 13.16
C1B F6C OK . 33.78 -23.16 9.81
C1C F6C OK . 36.55 -26.27 8.48
C1D F6C OK . 39.21 -25.56 11.80
O1A F6C OK . 36.27 -17.35 13.23
O1D F6C OK . 37.65 -22.23 17.17
C2 F6C OK . 36.90 -16.54 9.06
C2A F6C OK . 35.56 -21.35 13.92
C2B F6C OK . 32.79 -23.11 8.70
C2C F6C OK . 37.23 -27.39 7.79
C2D F6C OK . 40.16 -25.42 12.93
O2A F6C OK . 37.38 -17.45 11.23
O2D F6C OK . 36.63 -24.03 16.18
C3 F6C OK . 36.43 -15.64 8.19
C3A F6C OK . 34.33 -21.19 13.04
C3B F6C OK . 33.27 -24.18 7.80
C3C F6C OK . 38.43 -27.59 8.61
C3D F6C OK . 39.47 -24.35 13.70
C4 F6C OK . 35.71 -14.41 8.67
C4A F6C OK . 34.64 -22.18 11.96
C4B F6C OK . 34.47 -24.69 8.49
C4C F6C OK . 38.29 -26.57 9.67
C4D F6C OK . 38.33 -24.00 13.00
C5 F6C OK . 36.63 -15.87 6.71
NC F6C OK . 37.18 -25.80 9.58
MG F6C OK . 36.29 -24.48 10.89
MG CLA PK . 28.02 -19.56 7.85
CHA CLA PK . 28.93 -19.14 11.16
CHB CLA PK . 24.82 -19.86 8.83
CHC CLA PK . 27.17 -19.55 4.56
CHD CLA PK . 31.52 -18.84 6.91
NA CLA PK . 27.03 -19.48 9.67
C1A CLA PK . 27.46 -19.34 10.87
C2A CLA PK . 26.43 -19.42 11.98
C3A CLA PK . 25.17 -19.70 11.19
C4A CLA PK . 25.71 -19.68 9.80
CMA CLA PK . 24.71 -21.11 11.52
CAA CLA PK . 26.17 -18.06 12.65
CBA CLA PK . 26.44 -16.88 11.72
CGA CLA PK . 25.81 -15.57 12.08
O1A CLA PK . 25.74 -15.16 13.22
O2A CLA PK . 25.25 -14.78 10.99
NB CLA PK . 26.24 -19.64 6.85
C1B CLA PK . 25.05 -19.88 7.39
C2B CLA PK . 23.97 -20.19 6.42
C3B CLA PK . 24.71 -20.09 5.13
C4B CLA PK . 26.09 -19.75 5.53
CMB CLA PK . 22.54 -20.50 6.72
CAB CLA PK . 24.25 -20.28 3.72
CBB CLA PK . 23.14 -19.74 3.27
NC CLA PK . 29.12 -19.23 6.13
C1C CLA PK . 28.58 -19.31 4.89
C2C CLA PK . 29.55 -19.15 3.79
C3C CLA PK . 30.83 -18.94 4.49
C4C CLA PK . 30.43 -19.01 5.92
CMC CLA PK . 29.29 -19.18 2.30
CAC CLA PK . 32.20 -18.70 3.91
CBC CLA PK . 32.80 -20.07 3.71
ND CLA PK . 29.79 -19.06 8.71
C1D CLA PK . 31.17 -18.88 8.32
C2D CLA PK . 32.13 -18.75 9.45
C3D CLA PK . 31.19 -18.86 10.59
C4D CLA PK . 29.92 -19.03 10.08
CMD CLA PK . 33.62 -18.56 9.57
CAD CLA PK . 31.09 -18.87 12.07
OBD CLA PK . 32.07 -18.73 12.86
CBD CLA PK . 29.67 -19.04 12.46
CGD CLA PK . 29.52 -20.26 13.33
O1D CLA PK . 29.12 -21.31 12.88
O2D CLA PK . 29.86 -20.16 14.74
CED CLA PK . 29.73 -21.30 15.57
C1 CLA PK . 25.37 -13.37 10.97
C2 CLA PK . 26.72 -12.99 10.40
C3 CLA PK . 26.84 -12.26 9.28
C4 CLA PK . 25.61 -11.81 8.54
C5 CLA PK . 28.21 -11.92 8.74
C6 CLA PK . 28.20 -10.58 8.00
C7 CLA PK . 28.60 -10.74 6.53
C8 CLA PK . 27.59 -10.19 5.52
C9 CLA PK . 26.66 -9.11 6.08
C10 CLA PK . 26.77 -11.33 4.93
C11 CLA PK . 26.95 -11.39 3.41
C12 CLA PK . 28.31 -11.98 3.04
C13 CLA PK . 28.94 -11.29 1.83
C14 CLA PK . 29.14 -9.80 2.09
C15 CLA PK . 28.15 -11.63 0.56
C16 CLA PK . 27.51 -10.46 -0.17
C17 CLA PK . 26.98 -10.88 -1.54
C18 CLA PK . 26.65 -9.66 -2.39
C19 CLA PK . 27.90 -8.84 -2.69
C20 CLA PK . 25.57 -8.80 -1.75
MG CLA QK . 20.04 -19.58 -6.94
CHA CLA QK . 19.76 -21.02 -3.80
CHB CLA QK . 17.15 -21.08 -7.82
CHC CLA QK . 20.06 -17.67 -9.76
CHD CLA QK . 22.99 -17.74 -5.72
NA CLA QK . 18.65 -20.78 -5.97
C1A CLA QK . 18.70 -21.34 -4.81
C2A CLA QK . 17.62 -22.37 -4.54
C3A CLA QK . 16.86 -22.38 -5.84
C4A CLA QK . 17.61 -21.34 -6.59
CMA CLA QK . 17.24 -23.71 -6.50
CAA CLA QK . 16.60 -21.85 -3.52
CBA CLA QK . 15.52 -22.89 -3.22
CGA CLA QK . 15.98 -23.85 -2.15
O1A CLA QK . 17.10 -23.82 -1.67
O2A CLA QK . 15.07 -24.84 -1.64
NB CLA QK . 18.79 -19.43 -8.55
C1B CLA QK . 17.66 -20.09 -8.77
C2B CLA QK . 16.94 -19.71 -10.02
C3B CLA QK . 17.84 -18.68 -10.57
C4B CLA QK . 18.93 -18.59 -9.59
CMB CLA QK . 15.66 -20.23 -10.59
CAB CLA QK . 17.69 -17.91 -11.83
CBB CLA QK . 17.17 -16.69 -11.80
NC CLA QK . 21.23 -18.02 -7.55
C1C CLA QK . 21.13 -17.45 -8.77
C2C CLA QK . 22.20 -16.48 -9.11
C3C CLA QK . 23.06 -16.50 -7.91
C4C CLA QK . 22.37 -17.48 -7.03
CMC CLA QK . 22.38 -15.67 -10.36
CAC CLA QK . 24.33 -15.74 -7.63
CBC CLA QK . 25.46 -16.58 -8.18
ND CLA QK . 21.13 -19.34 -5.25
C1D CLA QK . 22.30 -18.64 -4.81
C2D CLA QK . 22.73 -18.93 -3.43
C3D CLA QK . 21.67 -19.89 -3.02
C4D CLA QK . 20.81 -20.03 -4.10
CMD CLA QK . 23.84 -18.47 -2.53
CAD CLA QK . 21.17 -20.73 -1.92
OBD CLA QK . 21.71 -20.84 -0.76
CBD CLA QK . 19.97 -21.45 -2.39
CGD CLA QK . 20.25 -22.92 -2.30
O1D CLA QK . 20.66 -23.55 -3.25
O2D CLA QK . 20.00 -23.59 -1.04
CED CLA QK . 20.66 -24.81 -0.77
C1 CLA QK . 15.60 -26.01 -1.03
C2 CLA QK . 14.56 -27.10 -1.10
C3 CLA QK . 14.45 -28.04 -0.15
C4 CLA QK . 15.38 -28.07 1.03
C5 CLA QK . 13.37 -29.07 -0.28
C6 CLA QK . 12.02 -28.44 -0.57
C7 CLA QK . 11.21 -29.28 -1.54
C8 CLA QK . 9.90 -29.72 -0.89
C9 CLA QK . 9.19 -30.77 -1.73
C10 CLA QK . 9.01 -28.51 -0.66
C11 CLA QK . 8.01 -28.78 0.47
C12 CLA QK . 8.75 -29.04 1.77
C13 CLA QK . 7.80 -29.32 2.93
C14 CLA QK . 8.60 -29.58 4.20
C15 CLA QK . 6.91 -30.51 2.61
C16 CLA QK . 5.93 -30.81 3.72
C17 CLA QK . 5.15 -32.10 3.44
C18 CLA QK . 4.58 -32.67 4.71
C19 CLA QK . 4.16 -34.12 4.50
C20 CLA QK . 3.40 -31.85 5.22
MG CLA RK . 14.68 -23.02 -14.77
CHA CLA RK . 12.91 -20.58 -16.48
CHB CLA RK . 17.04 -20.71 -14.06
CHC CLA RK . 16.09 -25.29 -12.67
CHD CLA RK . 11.81 -25.29 -15.23
NA CLA RK . 14.92 -20.99 -15.15
C1A CLA RK . 14.21 -20.19 -15.85
C2A CLA RK . 14.78 -18.79 -16.03
C3A CLA RK . 16.10 -18.90 -15.30
C4A CLA RK . 16.02 -20.30 -14.81
CMA CLA RK . 17.20 -18.80 -16.35
CAA CLA RK . 13.99 -17.72 -15.25
CBA CLA RK . 13.59 -18.15 -13.83
CGA CLA RK . 13.63 -17.06 -12.78
O1A CLA RK . 13.92 -15.91 -13.07
O2A CLA RK . 13.30 -17.39 -11.41
NB CLA RK . 16.33 -22.99 -13.57
C1B CLA RK . 17.20 -22.00 -13.41
C2B CLA RK . 18.29 -22.27 -12.44
C3B CLA RK . 17.99 -23.65 -12.04
C4B CLA RK . 16.75 -23.99 -12.78
CMB CLA RK . 19.44 -21.40 -12.01
CAB CLA RK . 18.72 -24.51 -11.08
CBB CLA RK . 18.71 -24.20 -9.80
NC CLA RK . 14.06 -24.87 -14.09
C1C CLA RK . 14.80 -25.65 -13.28
C2C CLA RK . 14.23 -26.98 -12.99
C3C CLA RK . 12.96 -26.97 -13.74
C4C CLA RK . 12.98 -25.63 -14.38
CMC CLA RK . 14.77 -28.08 -12.12
CAC CLA RK . 11.91 -28.04 -13.85
CBC CLA RK . 12.41 -29.03 -14.86
ND CLA RK . 12.81 -23.03 -15.55
C1D CLA RK . 11.75 -23.96 -15.81
C2D CLA RK . 10.66 -23.47 -16.68
C3D CLA RK . 11.15 -22.10 -16.95
C4D CLA RK . 12.35 -21.94 -16.27
CMD CLA RK . 9.37 -24.05 -17.23
CAD CLA RK . 10.86 -20.82 -17.65
OBD CLA RK . 9.84 -20.59 -18.38
CBD CLA RK . 11.98 -19.87 -17.39
CGD CLA RK . 12.66 -19.68 -18.70
O1D CLA RK . 12.69 -20.57 -19.53
O2D CLA RK . 13.36 -18.45 -18.99
CED CLA RK . 14.51 -18.58 -19.80
C1 CLA RK . 13.19 -16.34 -10.45
C2 CLA RK . 14.29 -16.42 -9.42
C3 CLA RK . 14.20 -15.74 -8.26
C4 CLA RK . 13.01 -14.87 -7.95
C5 CLA RK . 15.32 -15.82 -7.23
C6 CLA RK . 16.66 -16.20 -7.83
C7 CLA RK . 17.65 -16.62 -6.74
C8 CLA RK . 18.46 -15.42 -6.23
C9 CLA RK . 19.15 -14.69 -7.36
C10 CLA RK . 19.48 -15.90 -5.19
C11 CLA RK . 20.26 -14.74 -4.60
C12 CLA RK . 21.10 -15.16 -3.39
C13 CLA RK . 22.02 -14.05 -2.93
C14 CLA RK . 23.14 -13.83 -3.93
C15 CLA RK . 22.58 -14.39 -1.54
C16 CLA RK . 22.44 -13.25 -0.53
C17 CLA RK . 23.72 -12.42 -0.42
C18 CLA RK . 23.55 -11.22 0.50
C19 CLA RK . 23.40 -11.63 1.97
C20 CLA RK . 22.39 -10.34 0.07
MG CLA SK . 49.20 -20.58 -14.11
CHA CLA SK . 52.46 -20.38 -15.22
CHB CLA SK . 49.50 -23.94 -14.01
CHC CLA SK . 46.18 -20.66 -12.52
CHD CLA SK . 49.20 -16.92 -13.71
NA CLA SK . 50.73 -21.94 -14.48
C1A CLA SK . 51.90 -21.76 -14.99
C2A CLA SK . 52.67 -23.01 -15.34
C3A CLA SK . 51.67 -24.09 -14.98
C4A CLA SK . 50.56 -23.27 -14.46
CMA CLA SK . 51.19 -24.72 -16.29
CAA CLA SK . 53.91 -23.26 -14.48
CBA CLA SK . 53.68 -22.97 -13.00
CGA CLA SK . 54.98 -22.91 -12.25
O1A CLA SK . 55.43 -23.89 -11.67
O2A CLA SK . 55.72 -21.65 -12.19
NB CLA SK . 48.02 -22.08 -13.41
C1B CLA SK . 48.28 -23.38 -13.43
C2B CLA SK . 47.25 -24.21 -12.75
C3B CLA SK . 46.27 -23.22 -12.31
C4B CLA SK . 46.85 -21.94 -12.78
CMB CLA SK . 47.20 -25.69 -12.58
CAB CLA SK . 44.99 -23.39 -11.58
CBB CLA SK . 44.02 -24.08 -12.15
NC CLA SK . 48.00 -19.11 -13.29
C1C CLA SK . 46.80 -19.35 -12.72
C2C CLA SK . 46.05 -18.16 -12.27
C3C CLA SK . 46.96 -17.05 -12.62
C4C CLA SK . 48.10 -17.76 -13.24
CMC CLA SK . 44.71 -18.08 -11.60
CAC CLA SK . 46.77 -15.57 -12.41
CBC CLA SK . 47.41 -15.23 -11.09
ND CLA SK . 50.45 -19.01 -14.30
C1D CLA SK . 50.38 -17.58 -14.25
C2D CLA SK . 51.55 -16.86 -14.77
C3D CLA SK . 52.40 -18.01 -15.18
C4D CLA SK . 51.71 -19.17 -14.86
CMD CLA SK . 51.87 -15.41 -14.92
CAD CLA SK . 53.70 -18.42 -15.76
OBD CLA SK . 54.62 -17.62 -16.18
CBD CLA SK . 53.76 -19.90 -15.79
CGD CLA SK . 54.10 -20.40 -17.14
O1D CLA SK . 53.26 -20.68 -17.99
O2D CLA SK . 55.50 -20.62 -17.41
CED CLA SK . 55.93 -21.81 -18.03
MG CLA TK . 57.86 -15.30 -14.53
CHA CLA TK . 60.85 -16.69 -15.57
CHB CLA TK . 56.91 -18.35 -13.40
CHC CLA TK . 55.18 -13.78 -13.11
CHD CLA TK . 59.19 -11.99 -15.45
NA CLA TK . 58.73 -17.19 -14.45
C1A CLA TK . 59.84 -17.62 -14.93
C2A CLA TK . 60.06 -19.11 -14.82
C3A CLA TK . 58.79 -19.59 -14.17
C4A CLA TK . 58.10 -18.28 -14.00
CMA CLA TK . 58.02 -20.46 -15.15
CAA CLA TK . 61.16 -19.59 -13.83
CBA CLA TK . 61.85 -18.57 -12.91
CGA CLA TK . 60.99 -18.02 -11.80
O1A CLA TK . 61.14 -16.87 -11.44
O2A CLA TK . 59.98 -18.83 -11.16
NB CLA TK . 56.28 -15.98 -13.44
C1B CLA TK . 56.02 -17.23 -13.07
C2B CLA TK . 54.80 -17.41 -12.22
C3B CLA TK . 54.30 -16.02 -12.14
C4B CLA TK . 55.28 -15.24 -12.93
CMB CLA TK . 54.27 -18.69 -11.64
CAB CLA TK . 53.11 -15.43 -11.46
CBB CLA TK . 51.93 -16.03 -11.43
NC CLA TK . 57.35 -13.32 -14.30
C1C CLA TK . 56.19 -12.92 -13.74
C2C CLA TK . 55.93 -11.45 -13.81
C3C CLA TK . 57.13 -10.94 -14.52
C4C CLA TK . 57.91 -12.17 -14.76
CMC CLA TK . 54.75 -10.68 -13.30
CAC CLA TK . 57.47 -9.51 -14.88
CBC CLA TK . 56.89 -9.23 -16.24
ND CLA TK . 59.55 -14.45 -15.26
C1D CLA TK . 60.02 -13.16 -15.69
C2D CLA TK . 61.35 -13.14 -16.35
C3D CLA TK . 61.67 -14.60 -16.28
C4D CLA TK . 60.61 -15.25 -15.66
CMD CLA TK . 62.24 -12.10 -16.94
CAD CLA TK . 62.69 -15.63 -16.63
OBD CLA TK . 63.81 -15.40 -17.21
CBD CLA TK . 62.19 -16.94 -16.18
CGD CLA TK . 62.12 -17.87 -17.35
O1D CLA TK . 61.86 -17.50 -18.48
O2D CLA TK . 62.40 -19.27 -17.13
CED CLA TK . 62.64 -20.06 -18.27
MG CLA UK . 39.12 -29.24 -15.65
CHA CLA UK . 40.74 -26.24 -16.32
CHB CLA UK . 39.16 -28.43 -12.38
CHC CLA UK . 37.99 -32.37 -15.02
CHD CLA UK . 39.62 -30.18 -19.18
NA CLA UK . 39.86 -27.64 -14.53
C1A CLA UK . 40.33 -26.51 -14.90
C2A CLA UK . 40.55 -25.49 -13.80
C3A CLA UK . 40.06 -26.23 -12.57
C4A CLA UK . 39.66 -27.52 -13.21
CMA CLA UK . 41.24 -26.49 -11.64
CAA CLA UK . 39.67 -24.25 -13.92
CBA CLA UK . 40.54 -22.99 -13.96
CGA CLA UK . 40.60 -22.32 -12.61
O1A CLA UK . 41.21 -22.79 -11.67
O2A CLA UK . 39.87 -21.08 -12.41
NB CLA UK . 38.65 -30.25 -13.94
C1B CLA UK . 38.69 -29.79 -12.71
C2B CLA UK . 38.26 -30.75 -11.66
C3B CLA UK . 37.91 -31.94 -12.49
C4B CLA UK . 38.19 -31.49 -13.87
CMB CLA UK . 38.21 -30.49 -10.18
CAB CLA UK . 37.39 -33.30 -12.17
CBB CLA UK . 36.87 -33.62 -11.00
NC CLA UK . 38.86 -30.89 -16.85
C1C CLA UK . 38.41 -32.08 -16.40
C2C CLA UK . 38.36 -33.17 -17.41
C3C CLA UK . 38.84 -32.50 -18.62
C4C CLA UK . 39.11 -31.11 -18.16
CMC CLA UK . 37.92 -34.59 -17.25
CAC CLA UK . 39.03 -33.08 -20.01
CBC CLA UK . 37.73 -32.82 -20.72
ND CLA UK . 39.96 -28.52 -17.34
C1D CLA UK . 40.10 -28.88 -18.72
C2D CLA UK . 40.73 -27.87 -19.59
C3D CLA UK . 41.00 -26.80 -18.59
C4D CLA UK . 40.52 -27.26 -17.36
CMD CLA UK . 41.09 -27.76 -21.04
CAD CLA UK . 41.55 -25.45 -18.40
OBD CLA UK . 42.07 -24.74 -19.32
CBD CLA UK . 41.41 -25.07 -16.98
CGD CLA UK . 42.77 -24.87 -16.40
O1D CLA UK . 43.10 -23.79 -15.95
O2D CLA UK . 43.72 -25.97 -16.33
CED CLA UK . 44.82 -25.87 -15.44
C1 CLA UK . 40.50 -19.82 -12.52
C2 CLA UK . 41.27 -19.40 -11.29
C3 CLA UK . 40.72 -18.66 -10.32
C4 CLA UK . 39.30 -18.21 -10.37
C5 CLA UK . 41.55 -18.26 -9.13
C6 CLA UK . 41.63 -16.73 -9.01
MG CLA VK . 32.21 -22.00 -9.82
CHA CLA VK . 34.63 -22.23 -12.28
CHB CLA VK . 33.62 -24.66 -8.29
CHC CLA VK . 30.16 -21.39 -7.20
CHD CLA VK . 31.04 -18.88 -11.41
NA CLA VK . 33.86 -23.22 -10.19
C1A CLA VK . 34.64 -23.28 -11.20
C2A CLA VK . 35.68 -24.39 -11.19
C3A CLA VK . 35.30 -25.14 -9.94
C4A CLA VK . 34.18 -24.29 -9.44
CMA CLA VK . 34.81 -26.54 -10.31
CAA CLA VK . 37.13 -23.94 -11.00
CBA CLA VK . 37.45 -22.97 -9.85
CGA CLA VK . 37.06 -21.53 -10.10
O1A CLA VK . 37.42 -20.89 -11.06
O2A CLA VK . 36.15 -20.89 -9.18
NB CLA VK . 31.94 -22.89 -8.01
C1B CLA VK . 32.53 -24.00 -7.57
C2B CLA VK . 32.02 -24.49 -6.26
C3B CLA VK . 30.98 -23.50 -5.94
C4B CLA VK . 31.04 -22.56 -7.08
CMB CLA VK . 32.44 -25.68 -5.47
CAB CLA VK . 30.10 -23.45 -4.74
CBB CLA VK . 30.12 -22.42 -3.92
NC CLA VK . 30.92 -20.45 -9.40
C1C CLA VK . 30.15 -20.42 -8.30
C2C CLA VK . 29.20 -19.27 -8.22
C3C CLA VK . 29.48 -18.53 -9.46
C4C CLA VK . 30.53 -19.35 -10.11
CMC CLA VK . 28.22 -18.96 -7.13
CAC CLA VK . 28.82 -17.27 -9.96
CBC CLA VK . 29.70 -16.12 -9.53
ND CLA VK . 32.65 -20.79 -11.39
C1D CLA VK . 32.16 -19.60 -12.01
C2D CLA VK . 32.85 -19.19 -13.25
C3D CLA VK . 33.86 -20.28 -13.35
C4D CLA VK . 33.66 -21.12 -12.27
CMD CLA VK . 32.71 -18.06 -14.24
CAD CLA VK . 35.00 -20.82 -14.12
OBD CLA VK . 35.49 -20.34 -15.19
CBD CLA VK . 35.48 -22.06 -13.50
CGD CLA VK . 35.20 -23.19 -14.46
O1D CLA VK . 34.06 -23.52 -14.74
O2D CLA VK . 36.31 -23.91 -15.06
CED CLA VK . 36.05 -24.80 -16.14
C1 CLA VK . 35.74 -19.56 -9.43
C2 CLA VK . 34.42 -19.38 -8.74
C3 CLA VK . 34.03 -18.21 -8.25
C4 CLA VK . 34.90 -16.99 -8.32
C5 CLA VK . 32.69 -18.11 -7.58
C6 CLA VK . 32.87 -17.57 -6.17
C7 CLA VK . 32.42 -18.59 -5.14
C8 CLA VK . 32.48 -17.96 -3.76
C9 CLA VK . 33.64 -18.55 -2.96
C10 CLA VK . 31.15 -18.15 -3.04
C11 CLA VK . 29.98 -17.65 -3.89
C12 CLA VK . 28.77 -17.31 -3.03
C13 CLA VK . 28.29 -18.53 -2.24
C14 CLA VK . 27.73 -19.59 -3.19
C15 CLA VK . 27.25 -18.13 -1.22
C16 CLA VK . 27.45 -16.78 -0.53
C17 CLA VK . 26.20 -16.42 0.26
C18 CLA VK . 26.46 -16.50 1.76
C19 CLA VK . 25.21 -16.16 2.56
C20 CLA VK . 27.61 -15.58 2.16
MG CLA WK . 34.53 -26.24 -1.15
CHA CLA WK . 36.56 -26.37 -3.94
CHB CLA WK . 36.12 -28.96 0.04
CHC CLA WK . 32.80 -25.82 1.72
CHD CLA WK . 33.37 -22.92 -2.29
NA CLA WK . 36.10 -27.43 -1.80
C1A CLA WK . 36.72 -27.46 -2.92
C2A CLA WK . 37.67 -28.62 -3.14
C3A CLA WK . 37.45 -29.43 -1.89
C4A CLA WK . 36.49 -28.54 -1.17
CMA CLA WK . 36.76 -30.74 -2.21
CAA CLA WK . 39.09 -28.21 -2.74
CBA CLA WK . 40.07 -27.55 -3.68
CGA CLA WK . 41.13 -26.92 -2.80
O1A CLA WK . 42.20 -27.48 -2.61
O2A CLA WK . 40.89 -25.64 -2.16
NB CLA WK . 34.44 -27.28 0.61
C1B CLA WK . 35.21 -28.30 0.96
C2B CLA WK . 35.12 -28.69 2.39
C3B CLA WK . 34.13 -27.74 2.91
C4B CLA WK . 33.77 -26.92 1.71
CMB CLA WK . 35.86 -29.78 3.13
CAB CLA WK . 33.63 -27.69 4.32
CBB CLA WK . 32.40 -27.41 4.68
NC CLA WK . 33.39 -24.67 -0.43
C1C CLA WK . 32.69 -24.75 0.71
C2C CLA WK . 31.74 -23.64 0.96
C3C CLA WK . 31.92 -22.79 -0.24
C4C CLA WK . 32.96 -23.52 -1.01
CMC CLA WK . 30.82 -23.42 2.12
CAC CLA WK . 31.22 -21.50 -0.58
CBC CLA WK . 32.09 -20.39 -0.04
ND CLA WK . 34.86 -24.89 -2.63
C1D CLA WK . 34.32 -23.65 -3.12
C2D CLA WK . 34.77 -23.22 -4.47
C3D CLA WK . 35.67 -24.35 -4.78
C4D CLA WK . 35.67 -25.23 -3.71
CMD CLA WK . 34.50 -22.06 -5.37
CAD CLA WK . 36.61 -24.92 -5.79
OBD CLA WK . 36.88 -24.39 -6.93
CBD CLA WK . 37.15 -26.20 -5.30
CGD CLA WK . 36.52 -27.24 -6.18
O1D CLA WK . 35.31 -27.26 -6.36
O2D CLA WK . 37.32 -28.27 -6.80
CED CLA WK . 36.74 -29.56 -6.94
C1 CLA WK . 40.75 -25.59 -0.75
C2 CLA WK . 39.31 -25.27 -0.44
C3 CLA WK . 38.70 -25.67 0.70
C4 CLA WK . 39.42 -26.47 1.73
C5 CLA WK . 37.25 -25.30 0.91
C6 CLA WK . 37.04 -23.82 1.26
C7 CLA WK . 35.87 -23.63 2.21
C8 CLA WK . 36.28 -23.61 3.67
C9 CLA WK . 36.02 -24.95 4.36
C10 CLA WK . 35.58 -22.46 4.39
C11 CLA WK . 35.79 -22.50 5.90
C12 CLA WK . 35.20 -21.31 6.64
C13 CLA WK . 36.18 -20.61 7.59
C14 CLA WK . 37.14 -19.70 6.82
C15 CLA WK . 36.87 -21.61 8.54
C16 CLA WK . 38.38 -21.79 8.38
C17 CLA WK . 38.69 -23.25 8.04
C18 CLA WK . 39.61 -23.48 6.86
C19 CLA WK . 39.52 -22.40 5.77
C20 CLA WK . 39.34 -24.86 6.25
MG CLA XK . 22.81 -78.47 -0.71
CHA CLA XK . 19.50 -78.14 -1.72
CHB CLA XK . 22.57 -81.79 -1.22
CHC CLA XK . 26.19 -78.64 -0.26
CHD CLA XK . 23.01 -74.80 -0.53
NA CLA XK . 21.33 -79.75 -1.39
C1A CLA XK . 20.09 -79.52 -1.67
C2A CLA XK . 19.26 -80.75 -1.98
C3A CLA XK . 20.25 -81.88 -1.76
C4A CLA XK . 21.46 -81.08 -1.43
CMA CLA XK . 19.82 -82.64 -0.52
CAA CLA XK . 18.82 -80.86 -3.45
CBA CLA XK . 19.90 -80.93 -4.53
CGA CLA XK . 20.27 -79.52 -4.89
O1A CLA XK . 19.40 -78.71 -5.15
O2A CLA XK . 21.65 -79.07 -4.85
NB CLA XK . 24.17 -80.00 -0.74
C1B CLA XK . 23.92 -81.29 -0.90
C2B CLA XK . 25.10 -82.19 -0.83
C3B CLA XK . 26.18 -81.22 -0.54
C4B CLA XK . 25.49 -79.90 -0.52
CMB CLA XK . 25.18 -83.68 -0.97
CAB CLA XK . 27.63 -81.48 -0.33
CBB CLA XK . 28.51 -81.03 -1.21
NC CLA XK . 24.27 -77.02 -0.46
C1C CLA XK . 25.56 -77.30 -0.29
C2C CLA XK . 26.45 -76.11 -0.12
C3C CLA XK . 25.50 -74.99 -0.20
C4C CLA XK . 24.20 -75.67 -0.41
CMC CLA XK . 27.93 -76.07 0.09
CAC CLA XK . 25.79 -73.50 -0.08
CBC CLA XK . 25.93 -72.99 -1.50
ND CLA XK . 21.66 -76.83 -1.05
C1D CLA XK . 21.75 -75.41 -0.91
C2D CLA XK . 20.51 -74.64 -1.19
C3D CLA XK . 19.59 -75.78 -1.53
C4D CLA XK . 20.33 -76.96 -1.44
CMD CLA XK . 20.15 -73.19 -1.17
CAD CLA XK . 18.22 -76.14 -1.93
OBD CLA XK . 17.25 -75.32 -2.12
CBD CLA XK . 18.14 -77.62 -2.06
CGD CLA XK . 17.02 -78.18 -1.23
O1D CLA XK . 16.74 -77.71 -0.15
O2D CLA XK . 16.27 -79.30 -1.77
CED CLA XK . 14.94 -79.56 -1.32
C1 CLA XK . 21.92 -77.67 -4.93
C2 CLA XK . 23.41 -77.45 -4.83
C3 CLA XK . 23.93 -76.26 -4.50
C4 CLA XK . 23.06 -75.06 -4.24
C5 CLA XK . 25.44 -76.12 -4.42
MG CLA YK . 28.53 -75.16 3.71
CHA CLA YK . 30.41 -78.05 3.29
CHB CLA YK . 31.39 -73.39 3.73
CHC CLA YK . 26.61 -72.36 3.57
CHD CLA YK . 25.49 -77.22 3.28
NA CLA YK . 30.55 -75.61 3.49
C1A CLA YK . 31.15 -76.74 3.44
C2A CLA YK . 32.66 -76.68 3.52
C3A CLA YK . 32.93 -75.21 3.70
C4A CLA YK . 31.52 -74.71 3.63
CMA CLA YK . 33.44 -75.02 5.13
CAA CLA YK . 33.33 -77.00 2.18
CBA CLA YK . 34.84 -77.06 2.31
CGA CLA YK . 35.41 -77.96 1.24
O1A CLA YK . 35.05 -79.11 1.14
O2A CLA YK . 36.40 -77.45 0.31
NB CLA YK . 28.94 -73.18 3.69
C1B CLA YK . 30.15 -72.62 3.67
C2B CLA YK . 30.17 -71.14 3.49
C3B CLA YK . 28.73 -70.84 3.43
C4B CLA YK . 28.06 -72.17 3.57
CMB CLA YK . 31.35 -70.22 3.41
CAB CLA YK . 28.10 -69.50 3.28
CBB CLA YK . 27.23 -69.04 4.14
NC CLA YK . 26.50 -74.88 3.46
C1C CLA YK . 25.92 -73.66 3.45
C2C CLA YK . 24.43 -73.67 3.30
C3C CLA YK . 24.12 -75.11 3.22
C4C CLA YK . 25.46 -75.74 3.32
CMC CLA YK . 23.49 -72.51 3.25
CAC CLA YK . 22.79 -75.79 3.06
CBC CLA YK . 22.28 -76.14 4.44
ND CLA YK . 27.98 -77.09 3.34
C1D CLA YK . 26.79 -77.88 3.23
C2D CLA YK . 26.98 -79.34 3.06
C3D CLA YK . 28.47 -79.39 3.08
C4D CLA YK . 28.94 -78.08 3.22
CMD CLA YK . 26.09 -80.53 2.91
CAD CLA YK . 29.65 -80.29 2.99
OBD CLA YK . 29.60 -81.56 2.84
CBD CLA YK . 30.86 -79.47 3.10
CGD CLA YK . 31.78 -79.98 4.16
O1D CLA YK . 31.36 -80.47 5.19
O2D CLA YK . 33.22 -79.92 3.91
CED CLA YK . 34.03 -81.08 3.99
MG CLA ZK . 31.13 -62.58 -5.35
CHA CLA ZK . 33.12 -61.46 -2.75
CHB CLA ZK . 33.29 -61.18 -7.52
CHC CLA ZK . 29.40 -64.13 -7.83
CHD CLA ZK . 29.08 -64.40 -2.86
NA CLA ZK . 32.93 -61.55 -5.18
C1A CLA ZK . 33.55 -61.10 -4.15
C2A CLA ZK . 34.72 -60.18 -4.42
C3A CLA ZK . 34.70 -60.08 -5.94
C4A CLA ZK . 33.55 -61.01 -6.23
CMA CLA ZK . 34.28 -58.66 -6.26
CAA CLA ZK . 36.11 -60.75 -4.04
CBA CLA ZK . 36.71 -61.83 -4.94
CGA CLA ZK . 36.42 -63.20 -4.38
O1A CLA ZK . 36.87 -64.20 -4.92
O2A CLA ZK . 35.60 -63.33 -3.19
NB CLA ZK . 31.31 -62.62 -7.38
C1B CLA ZK . 32.25 -62.03 -8.11
C2B CLA ZK . 32.22 -62.37 -9.55
C3B CLA ZK . 31.05 -63.26 -9.65
C4B CLA ZK . 30.56 -63.33 -8.24
CMB CLA ZK . 33.15 -61.89 -10.63
CAB CLA ZK . 30.48 -63.91 -10.86
CBB CLA ZK . 29.22 -63.78 -11.21
NC CLA ZK . 29.60 -63.96 -5.31
C1C CLA ZK . 29.03 -64.46 -6.43
C2C CLA ZK . 27.91 -65.40 -6.21
C3C CLA ZK . 27.82 -65.47 -4.74
C4C CLA ZK . 28.89 -64.55 -4.31
CMC CLA ZK . 27.08 -66.12 -7.23
CAC CLA ZK . 26.86 -66.28 -3.89
CBC CLA ZK . 25.68 -65.40 -3.58
ND CLA ZK . 31.05 -62.94 -3.36
C1D CLA ZK . 30.21 -63.60 -2.40
C2D CLA ZK . 30.57 -63.40 -0.98
C3D CLA ZK . 31.76 -62.53 -1.15
C4D CLA ZK . 31.97 -62.34 -2.51
CMD CLA ZK . 30.02 -63.86 0.33
CAD CLA ZK . 32.83 -61.80 -0.43
OBD CLA ZK . 32.96 -61.75 0.84
CBD CLA ZK . 33.69 -61.11 -1.41
CGD CLA ZK . 33.55 -59.63 -1.17
O1D CLA ZK . 32.74 -58.97 -1.80
O2D CLA ZK . 34.36 -58.99 -0.17
CED CLA ZK . 33.83 -57.88 0.56
C1 CLA ZK . 35.14 -64.62 -2.81
C2 CLA ZK . 34.02 -65.03 -3.74
C3 CLA ZK . 33.05 -65.87 -3.38
C4 CLA ZK . 33.04 -66.48 -2.01
C5 CLA ZK . 31.97 -66.24 -4.37
C6 CLA ZK . 31.89 -67.73 -4.62
CAA F6C AL . 19.85 -21.74 4.91
CAB F6C AL . 10.89 -21.73 7.95
CAC F6C AL . 12.42 -29.30 5.01
CAD F6C AL . 20.16 -26.45 4.58
NA F6C AL . 17.11 -23.23 6.27
CBA F6C AL . 18.79 -21.56 3.85
CBB F6C AL . 9.84 -22.38 7.47
CBC F6C AL . 12.40 -29.30 3.51
CBD F6C AL . 20.27 -25.04 5.01
NB F6C AL . 14.24 -23.07 6.75
OBD F6C AL . 21.12 -27.17 4.12
CGA F6C AL . 19.21 -22.39 2.67
CGD F6C AL . 21.28 -24.89 6.11
ND F6C AL . 16.69 -26.06 5.51
CED F6C AL . 23.61 -24.27 6.76
CHA F6C AL . 18.89 -24.69 5.47
CHB F6C AL . 15.95 -21.34 7.13
CHC F6C AL . 12.18 -24.41 6.57
CHD F6C AL . 15.26 -28.07 5.17
CMA F6C AL . 18.67 -21.05 8.25
CMB F6C AL . 13.49 -19.68 8.30
CMC F6C AL . 10.34 -26.86 5.94
CMD F6C AL . 18.19 -29.41 4.06
OMB F6C AL . 12.46 -19.15 8.68
C1 F6C AL . 17.48 -23.76 1.58
C1A F6C AL . 18.35 -23.40 6.00
C1B F6C AL . 14.57 -21.86 7.18
C1C F6C AL . 12.76 -25.69 6.12
C1D F6C AL . 16.56 -27.42 5.09
O1A F6C AL . 20.07 -21.98 1.89
O1D F6C AL . 21.04 -25.26 7.25
C2 F6C AL . 16.23 -23.82 2.41
C2A F6C AL . 19.28 -22.24 6.23
C2B F6C AL . 13.45 -21.06 7.73
C2C F6C AL . 11.84 -26.82 5.84
C2D F6C AL . 17.81 -28.05 4.59
O2A F6C AL . 18.61 -23.68 2.45
O2D F6C AL . 22.56 -24.28 5.80
C3 F6C AL . 15.15 -23.10 2.08
C3A F6C AL . 18.32 -21.21 6.78
C3B F6C AL . 12.30 -21.99 7.57
C3C F6C AL . 12.75 -27.89 5.43
C3D F6C AL . 18.76 -26.91 4.75
C4 F6C AL . 15.20 -22.20 0.89
C4A F6C AL . 17.04 -21.98 6.71
C4B F6C AL . 12.93 -23.20 6.93
C4C F6C AL . 14.09 -27.25 5.53
C4D F6C AL . 18.03 -25.85 5.25
C5 F6C AL . 13.90 -23.17 2.92
C6 F6C AL . 13.43 -21.79 3.35
C7 F6C AL . 11.91 -21.70 3.41
C8 F6C AL . 11.46 -20.26 3.55
C9 F6C AL . 12.25 -19.53 4.64
C10 F6C AL . 9.96 -20.21 3.83
C11 F6C AL . 9.18 -20.14 2.54
C12 F6C AL . 7.78 -20.68 2.74
C13 F6C AL . 6.94 -20.64 1.46
C14 F6C AL . 7.35 -19.49 0.55
C15 F6C AL . 5.47 -20.53 1.87
NC F6C AL . 14.06 -25.96 5.92
MG F6C AL . 15.54 -24.59 6.32
C16 F6C AL . 4.55 -21.37 1.00
C17 F6C AL . 3.32 -21.77 1.80
C18 F6C AL . 2.36 -22.62 0.99
C19 F6C AL . 1.28 -23.22 1.88
C20 F6C AL . 3.11 -23.72 0.23
C1 PQN BL . 21.90 -61.44 0.53
O1 PQN BL . 21.43 -60.73 -0.38
C2 PQN BL . 22.14 -62.89 0.27
C2M PQN BL . 21.83 -63.48 -1.08
C3 PQN BL . 22.69 -63.75 1.35
C4 PQN BL . 23.01 -63.16 2.68
O4 PQN BL . 23.47 -63.89 3.59
C5 PQN BL . 22.77 -61.71 2.93
C6 PQN BL . 23.05 -61.14 4.16
C7 PQN BL . 22.81 -59.79 4.36
C8 PQN BL . 22.29 -58.99 3.35
C9 PQN BL . 21.99 -59.51 2.10
C10 PQN BL . 22.21 -60.86 1.86
C11 PQN BL . 22.94 -65.21 1.09
C12 PQN BL . 24.36 -65.40 0.62
C13 PQN BL . 25.15 -66.38 1.08
C14 PQN BL . 24.66 -67.37 2.10
C15 PQN BL . 26.56 -66.47 0.53
C16 PQN BL . 26.95 -67.90 0.22
C17 PQN BL . 28.31 -67.89 -0.48
C18 PQN BL . 29.07 -69.20 -0.32
C19 PQN BL . 30.55 -68.94 -0.63
C20 PQN BL . 28.45 -70.26 -1.22
C21 PQN BL . 29.36 -71.47 -1.46
C22 PQN BL . 29.40 -72.44 -0.27
C23 PQN BL . 30.65 -73.32 -0.35
C24 PQN BL . 31.90 -72.47 -0.20
C25 PQN BL . 30.62 -74.10 -1.66
C26 PQN BL . 31.96 -74.74 -2.01
C27 PQN BL . 32.21 -74.63 -3.50
C28 PQN BL . 33.69 -74.75 -3.84
C29 PQN BL . 34.16 -76.20 -3.75
C30 PQN BL . 33.99 -74.16 -5.21
FE1 SF4 CL . 19.33 -54.19 10.65
FE2 SF4 CL . 18.92 -51.53 10.95
FE3 SF4 CL . 20.33 -52.91 12.84
FE4 SF4 CL . 17.64 -53.29 12.58
S1 SF4 CL . 18.68 -51.37 13.22
S2 SF4 CL . 19.24 -54.91 12.81
S3 SF4 CL . 17.38 -53.07 10.33
S4 SF4 CL . 20.92 -52.56 10.67
C1 BCR DL . 64.68 -53.23 -12.55
C2 BCR DL . 63.41 -54.08 -12.61
C3 BCR DL . 62.39 -53.66 -13.63
C4 BCR DL . 62.27 -52.16 -13.77
C5 BCR DL . 63.59 -51.55 -13.99
C6 BCR DL . 64.71 -52.02 -13.44
C7 BCR DL . 66.02 -51.41 -13.69
C8 BCR DL . 66.51 -50.40 -12.97
C9 BCR DL . 67.90 -49.97 -13.00
C10 BCR DL . 68.30 -48.92 -12.28
C11 BCR DL . 69.63 -48.37 -12.34
C33 BCR DL . 63.55 -50.38 -14.89
C31 BCR DL . 65.81 -54.17 -12.91
C32 BCR DL . 64.83 -52.85 -11.10
C34 BCR DL . 68.82 -50.71 -13.88
C12 BCR DL . 69.95 -47.41 -11.47
C13 BCR DL . 71.18 -46.66 -11.44
C14 BCR DL . 71.29 -45.67 -10.53
C15 BCR DL . 72.41 -44.77 -10.43
C16 BCR DL . 72.37 -43.78 -9.54
C17 BCR DL . 73.41 -42.79 -9.55
C18 BCR DL . 73.44 -41.69 -8.81
C19 BCR DL . 74.71 -41.07 -8.50
C20 BCR DL . 74.83 -40.06 -7.65
C21 BCR DL . 76.03 -39.25 -7.66
C22 BCR DL . 76.16 -38.05 -7.09
C23 BCR DL . 77.33 -37.25 -7.44
C24 BCR DL . 78.14 -36.72 -6.51
C25 BCR DL . 79.35 -35.93 -6.75
C26 BCR DL . 79.30 -34.60 -6.82
C27 BCR DL . 80.47 -33.71 -7.01
C28 BCR DL . 81.70 -34.34 -6.42
C29 BCR DL . 81.87 -35.73 -6.98
C30 BCR DL . 80.66 -36.66 -6.87
C35 BCR DL . 72.30 -47.01 -12.32
C36 BCR DL . 72.22 -41.17 -8.14
C37 BCR DL . 75.35 -37.68 -5.92
C38 BCR DL . 78.05 -33.82 -6.68
C39 BCR DL . 80.80 -37.60 -5.68
C40 BCR DL . 80.77 -37.52 -8.12
C1 BCR EL . 77.58 -44.30 -6.37
C2 BCR EL . 79.05 -44.62 -6.15
C3 BCR EL . 79.20 -45.99 -5.54
C4 BCR EL . 78.47 -46.11 -4.23
C5 BCR EL . 77.18 -45.36 -4.19
C6 BCR EL . 76.74 -44.55 -5.16
C7 BCR EL . 75.46 -43.85 -5.05
C8 BCR EL . 74.32 -44.32 -5.58
C9 BCR EL . 73.03 -44.16 -4.97
C10 BCR EL . 71.95 -44.26 -5.76
C11 BCR EL . 70.58 -44.26 -5.30
C33 BCR EL . 76.40 -45.63 -2.98
C31 BCR EL . 77.15 -45.12 -7.57
C32 BCR EL . 77.52 -42.83 -6.74
C34 BCR EL . 72.92 -44.25 -3.50
C12 BCR EL . 69.64 -44.62 -6.18
C13 BCR EL . 68.21 -44.54 -5.97
C14 BCR EL . 67.41 -44.64 -7.04
C15 BCR EL . 66.00 -44.88 -6.99
C16 BCR EL . 65.30 -44.95 -8.13
C17 BCR EL . 63.88 -45.11 -8.11
C18 BCR EL . 63.09 -45.12 -9.19
C19 BCR EL . 61.69 -45.51 -9.06
C20 BCR EL . 60.78 -45.26 -10.00
C21 BCR EL . 59.49 -45.90 -9.92
C22 BCR EL . 58.71 -46.18 -10.97
C23 BCR EL . 57.27 -46.09 -10.79
C24 BCR EL . 56.65 -46.77 -9.82
C25 BCR EL . 55.23 -47.03 -9.72
C26 BCR EL . 54.40 -46.23 -9.05
C27 BCR EL . 52.94 -46.43 -8.86
C28 BCR EL . 52.40 -47.67 -9.53
C29 BCR EL . 53.45 -48.75 -9.64
C30 BCR EL . 54.71 -48.29 -10.34
C35 BCR EL . 67.66 -44.65 -4.61
C36 BCR EL . 63.61 -44.79 -10.53
C37 BCR EL . 59.23 -47.03 -12.06
C38 BCR EL . 54.84 -44.98 -8.40
C39 BCR EL . 54.46 -48.10 -11.83
C40 BCR EL . 55.69 -49.45 -10.22
C1 BCR FL . 45.64 -36.44 11.05
C2 BCR FL . 45.01 -37.75 11.48
C3 BCR FL . 43.54 -37.70 11.22
C4 BCR FL . 43.29 -37.62 9.73
C5 BCR FL . 44.16 -36.60 9.09
C6 BCR FL . 45.23 -36.04 9.67
C7 BCR FL . 46.05 -35.05 8.98
C8 BCR FL . 45.80 -33.75 9.04
C9 BCR FL . 46.22 -32.80 8.03
C10 BCR FL . 45.57 -31.65 7.94
C11 BCR FL . 46.06 -30.51 7.20
C33 BCR FL . 43.71 -36.26 7.72
C31 BCR FL . 47.14 -36.59 11.15
C32 BCR FL . 45.19 -35.42 12.08
C34 BCR FL . 47.54 -33.00 7.41
C12 BCR FL . 45.47 -29.33 7.36
C13 BCR FL . 46.07 -28.11 6.88
C14 BCR FL . 45.29 -27.01 6.78
C15 BCR FL . 45.72 -25.81 6.14
C16 BCR FL . 44.88 -24.77 6.01
C17 BCR FL . 45.40 -23.55 5.49
C18 BCR FL . 44.70 -22.43 5.24
C19 BCR FL . 45.36 -21.37 4.50
C20 BCR FL . 44.74 -20.27 4.10
C21 BCR FL . 45.49 -19.32 3.31
C22 BCR FL . 45.20 -18.02 3.16
C23 BCR FL . 46.30 -17.11 2.90
C24 BCR FL . 46.25 -16.12 2.00
C25 BCR FL . 46.80 -14.78 2.13
C26 BCR FL . 48.07 -14.50 1.80
C27 BCR FL . 48.73 -13.19 1.89
C28 BCR FL . 48.00 -12.24 2.80
C29 BCR FL . 46.52 -12.30 2.60
C30 BCR FL . 45.87 -13.68 2.58
C35 BCR FL . 47.37 -28.16 6.20
C36 BCR FL . 43.36 -22.22 5.77
C37 BCR FL . 43.81 -17.56 2.97
C38 BCR FL . 49.04 -15.52 1.34
C39 BCR FL . 44.66 -13.70 1.67
C40 BCR FL . 45.36 -13.89 4.00
C1 BCR GL . 38.00 -36.27 4.02
C2 BCR GL . 37.27 -36.93 5.17
C3 BCR GL . 38.04 -36.77 6.45
C4 BCR GL . 39.41 -37.39 6.35
C5 BCR GL . 40.05 -37.16 5.03
C6 BCR GL . 39.44 -36.64 3.96
C7 BCR GL . 40.14 -36.46 2.68
C8 BCR GL . 40.74 -35.32 2.37
C9 BCR GL . 41.50 -35.10 1.14
C10 BCR GL . 42.24 -33.99 1.05
C11 BCR GL . 42.95 -33.57 -0.12
C33 BCR GL . 41.47 -37.57 5.00
C31 BCR GL . 37.78 -34.77 4.19
C32 BCR GL . 37.30 -36.72 2.76
C34 BCR GL . 41.23 -35.97 -0.02
C12 BCR GL . 43.73 -32.49 -0.02
C13 BCR GL . 44.49 -31.91 -1.10
C14 BCR GL . 45.00 -30.69 -0.93
C15 BCR GL . 45.67 -29.95 -1.97
C16 BCR GL . 46.00 -28.66 -1.77
C17 BCR GL . 46.64 -27.97 -2.85
C18 BCR GL . 47.13 -26.73 -2.81
C19 BCR GL . 47.59 -26.13 -4.05
C20 BCR GL . 48.10 -24.90 -4.11
C21 BCR GL . 48.48 -24.38 -5.41
C22 BCR GL . 49.25 -23.32 -5.62
C23 BCR GL . 49.50 -22.91 -7.00
C24 BCR GL . 50.54 -22.13 -7.36
C25 BCR GL . 50.58 -21.19 -8.48
C26 BCR GL . 50.86 -21.58 -9.73
C27 BCR GL . 50.94 -20.71 -10.92
C28 BCR GL . 50.26 -19.39 -10.69
C29 BCR GL . 50.68 -18.84 -9.35
C30 BCR GL . 50.34 -19.74 -8.18
C35 BCR GL . 44.48 -32.55 -2.44
C36 BCR GL . 47.40 -26.04 -1.53
C37 BCR GL . 50.01 -22.69 -4.52
C38 BCR GL . 51.14 -22.98 -10.12
C39 BCR GL . 48.92 -19.48 -7.71
C40 BCR GL . 51.25 -19.27 -7.05
C1 BCR HL . 38.84 -54.90 -15.39
C2 BCR HL . 38.32 -53.49 -15.38
C3 BCR HL . 39.07 -52.64 -14.39
C4 BCR HL . 38.96 -53.20 -13.00
C5 BCR HL . 39.01 -54.68 -12.94
C6 BCR HL . 38.95 -55.50 -14.02
C7 BCR HL . 39.02 -56.96 -13.92
C8 BCR HL . 38.01 -57.76 -13.55
C9 BCR HL . 38.22 -59.05 -12.91
C10 BCR HL . 37.23 -59.94 -12.90
C11 BCR HL . 35.90 -59.69 -13.41
C33 BCR HL . 39.14 -55.16 -11.56
C31 BCR HL . 40.21 -54.86 -16.04
C32 BCR HL . 37.93 -55.68 -16.31
C34 BCR HL . 39.48 -59.26 -12.19
C12 BCR HL . 35.06 -60.72 -13.54
C13 BCR HL . 33.73 -60.63 -14.08
C14 BCR HL . 33.00 -61.76 -14.20
C15 BCR HL . 31.64 -61.79 -14.63
C16 BCR HL . 30.81 -62.80 -14.32
C17 BCR HL . 29.46 -62.72 -14.81
C18 BCR HL . 28.63 -63.74 -15.00
C19 BCR HL . 29.08 -65.09 -14.74
C20 BCR HL . 28.25 -66.12 -14.64
C21 BCR HL . 28.36 -67.21 -15.56
C22 BCR HL . 28.66 -68.47 -15.22
C23 BCR HL . 27.56 -69.40 -15.00
C24 BCR HL . 27.55 -70.28 -13.98
C25 BCR HL . 27.38 -71.73 -14.05
C26 BCR HL . 26.17 -72.30 -14.09
C27 BCR HL . 25.89 -73.76 -14.14
C28 BCR HL . 27.12 -74.56 -14.47
C29 BCR HL . 28.31 -74.02 -13.73
C30 BCR HL . 28.62 -72.57 -14.06
C35 BCR HL . 33.25 -59.35 -14.63
C36 BCR HL . 27.33 -63.57 -15.68
C37 BCR HL . 30.01 -68.80 -14.71
C38 BCR HL . 24.91 -71.54 -14.07
C39 BCR HL . 29.37 -72.47 -15.38
C40 BCR HL . 29.59 -72.12 -12.97
O1 LHG IL . 32.47 -60.02 15.26
C1 LHG IL . 32.52 -59.05 14.20
C2 LHG IL . 33.57 -59.48 13.20
O2 LHG IL . 34.66 -60.10 13.85
C3 LHG IL . 34.15 -58.34 12.40
O3 LHG IL . 33.67 -58.67 11.11
P LHG IL . 32.21 -58.19 10.61
O4 LHG IL . 31.41 -59.41 10.31
O5 LHG IL . 31.93 -56.97 11.41
O6 LHG IL . 32.71 -57.71 9.08
C4 LHG IL . 33.53 -58.54 8.31
C5 LHG IL . 33.44 -57.96 6.89
C6 LHG IL . 33.98 -56.55 6.81
O7 LHG IL . 34.26 -58.77 6.08
C7 LHG IL . 33.70 -59.16 4.91
O9 LHG IL . 32.74 -58.59 4.42
C8 LHG IL . 34.18 -60.52 4.53
C9 LHG IL . 34.92 -60.43 3.22
C10 LHG IL . 35.80 -61.65 3.05
O8 LHG IL . 35.38 -56.74 6.55
C23 LHG IL . 36.15 -55.61 6.45
O10 LHG IL . 35.68 -54.53 6.77
C24 LHG IL . 37.41 -55.64 5.59
C11 LHG IL . 36.19 -61.55 1.60
C12 LHG IL . 36.91 -62.79 1.18
C13 LHG IL . 37.32 -62.63 -0.26
C14 LHG IL . 38.61 -63.36 -0.57
C15 LHG IL . 39.00 -62.96 -1.98
C16 LHG IL . 39.50 -61.54 -1.98
C17 LHG IL . 40.27 -61.25 -3.25
C18 LHG IL . 41.40 -60.39 -2.77
C19 LHG IL . 42.08 -59.56 -3.84
C20 LHG IL . 42.94 -60.58 -4.56
C21 LHG IL . 44.06 -59.90 -5.29
C22 LHG IL . 43.47 -59.08 -6.42
C25 LHG IL . 37.22 -55.14 4.18
C26 LHG IL . 37.30 -53.62 3.99
C27 LHG IL . 36.72 -53.39 2.63
C28 LHG IL . 35.22 -53.32 2.56
C29 LHG IL . 34.91 -52.40 1.38
C30 LHG IL . 34.48 -53.10 0.10
C31 LHG IL . 35.52 -53.16 -0.99
C32 LHG IL . 35.48 -52.03 -1.99
C33 LHG IL . 36.49 -52.35 -3.08
C34 LHG IL . 35.98 -53.27 -4.16
C35 LHG IL . 36.02 -52.59 -5.51
C36 LHG IL . 35.80 -53.64 -6.59
C37 LHG IL . 37.01 -53.66 -7.45
C38 LHG IL . 36.84 -52.96 -8.78
C1B LMT JL . 21.90 -13.59 -23.84
C2B LMT JL . 22.24 -12.65 -24.98
C3B LMT JL . 21.28 -11.47 -24.95
C4B LMT JL . 19.82 -11.91 -24.91
C5B LMT JL . 19.55 -13.10 -24.01
C6B LMT JL . 18.35 -13.73 -24.66
O1B LMT JL . 22.03 -12.89 -22.59
O2B LMT JL . 23.59 -12.19 -24.85
O3B LMT JL . 21.46 -10.70 -26.14
O4' LMT JL . 19.00 -10.83 -24.44
O5B LMT JL . 20.58 -14.10 -24.02
O6B LMT JL . 17.25 -12.83 -24.52
C1' LMT JL . 23.19 -14.14 -18.70
C2' LMT JL . 23.80 -14.88 -19.88
C3' LMT JL . 23.56 -14.28 -21.26
C4' LMT JL . 22.15 -13.69 -21.41
C5' LMT JL . 21.87 -12.76 -20.23
C6' LMT JL . 20.49 -12.14 -20.33
O1' LMT JL . 22.89 -15.14 -17.73
O2' LMT JL . 25.21 -15.02 -19.70
O3' LMT JL . 23.81 -15.39 -22.13
O5' LMT JL . 21.95 -13.50 -19.00
O6' LMT JL . 19.54 -13.16 -20.65
C1 LMT JL . 23.64 -15.05 -16.53
C2 LMT JL . 22.76 -15.47 -15.36
C3 LMT JL . 21.84 -16.64 -15.68
C4 LMT JL . 22.34 -17.84 -14.90
C5 LMT JL . 21.30 -18.37 -13.92
C6 LMT JL . 21.96 -18.72 -12.59
C7 LMT JL . 23.22 -19.54 -12.75
C8 LMT JL . 24.04 -19.55 -11.48
C9 LMT JL . 25.19 -20.55 -11.60
C10 LMT JL . 25.89 -20.71 -10.25
C11 LMT JL . 27.20 -21.47 -10.41
C12 LMT JL . 27.36 -22.46 -9.31
MG CLA KL . 17.87 -47.88 -19.06
CHA CLA KL . 15.00 -49.77 -18.62
CHB CLA KL . 18.51 -48.16 -15.76
CHC CLA KL . 21.00 -46.71 -19.72
CHD CLA KL . 17.19 -47.92 -22.69
NA CLA KL . 16.96 -48.84 -17.47
C1A CLA KL . 15.79 -49.39 -17.40
C2A CLA KL . 15.28 -49.68 -16.02
C3A CLA KL . 16.36 -49.08 -15.18
C4A CLA KL . 17.35 -48.68 -16.21
CMA CLA KL . 15.66 -47.76 -14.90
CAA CLA KL . 15.37 -51.16 -15.64
CBA CLA KL . 14.76 -51.37 -14.26
CGA CLA KL . 15.15 -52.73 -13.72
O1A CLA KL . 15.03 -53.01 -12.53
O2A CLA KL . 15.68 -53.72 -14.63
NB CLA KL . 19.49 -47.45 -17.89
C1B CLA KL . 19.63 -47.68 -16.59
C2B CLA KL . 21.03 -47.49 -16.07
C3B CLA KL . 21.73 -47.07 -17.29
C4B CLA KL . 20.69 -47.08 -18.33
CMB CLA KL . 21.63 -47.66 -14.70
CAB CLA KL . 23.16 -46.69 -17.47
CBB CLA KL . 23.62 -45.57 -16.97
NC CLA KL . 18.86 -47.46 -20.82
C1C CLA KL . 20.10 -46.95 -20.86
C2C CLA KL . 20.57 -46.59 -22.22
C3C CLA KL . 19.45 -46.95 -23.08
C4C CLA KL . 18.47 -47.46 -22.11
CMC CLA KL . 21.89 -46.02 -22.65
CAC CLA KL . 19.32 -46.84 -24.58
CBC CLA KL . 18.83 -45.42 -24.83
ND CLA KL . 16.51 -48.60 -20.38
C1D CLA KL . 16.30 -48.64 -21.79
C2D CLA KL . 15.14 -49.42 -22.26
C3D CLA KL . 14.63 -49.91 -20.96
C4D CLA KL . 15.49 -49.43 -19.97
CMD CLA KL . 14.54 -49.75 -23.59
CAD CLA KL . 13.58 -50.72 -20.31
OBD CLA KL . 12.63 -51.34 -20.90
CBD CLA KL . 13.84 -50.68 -18.86
CGD CLA KL . 12.62 -50.65 -18.02
O1D CLA KL . 11.80 -49.77 -18.11
O2D CLA KL . 12.40 -51.74 -17.09
CED CLA KL . 11.06 -52.09 -16.84
C1 CLA KL . 15.52 -55.10 -14.37
C2 CLA KL . 16.34 -55.81 -15.42
C3 CLA KL . 15.76 -56.37 -16.49
C4 CLA KL . 14.27 -56.33 -16.69
C5 CLA KL . 16.64 -57.05 -17.51
C6 CLA KL . 16.38 -56.42 -18.87
C7 CLA KL . 17.52 -56.67 -19.84
C8 CLA KL . 17.62 -58.12 -20.29
C9 CLA KL . 18.74 -58.29 -21.30
C10 CLA KL . 16.29 -58.56 -20.88
C11 CLA KL . 16.34 -60.06 -21.14
C12 CLA KL . 14.97 -60.70 -20.96
C13 CLA KL . 15.16 -62.20 -20.80
C14 CLA KL . 13.92 -62.94 -21.24
C15 CLA KL . 15.49 -62.53 -19.35
C16 CLA KL . 16.18 -63.87 -19.22
C17 CLA KL . 16.27 -64.29 -17.75
C18 CLA KL . 17.23 -65.46 -17.59
C19 CLA KL . 16.97 -66.19 -16.27
C20 CLA KL . 18.67 -64.97 -17.65
MG CLA LL . 18.22 -59.26 -13.50
CHA CLA LL . 20.33 -57.33 -15.44
CHB CLA LL . 19.24 -61.97 -15.23
CHC CLA LL . 16.67 -61.17 -11.16
CHD CLA LL . 17.43 -56.26 -11.55
NA CLA LL . 19.60 -59.61 -15.02
C1A CLA LL . 20.19 -58.79 -15.81
C2A CLA LL . 20.83 -59.38 -17.04
C3A CLA LL . 20.41 -60.83 -16.95
C4A CLA LL . 19.70 -60.80 -15.65
CMA CLA LL . 19.39 -61.07 -18.05
CAA CLA LL . 22.33 -59.55 -16.85
CBA CLA LL . 23.17 -59.30 -18.10
CGA CLA LL . 23.24 -60.54 -18.93
O1A CLA LL . 22.87 -60.50 -20.10
O2A CLA LL . 23.69 -61.79 -18.33
NB CLA LL . 17.90 -61.26 -13.30
C1B CLA LL . 18.55 -62.20 -13.97
C2B CLA LL . 18.67 -63.51 -13.30
C3B CLA LL . 17.90 -63.27 -12.06
C4B CLA LL . 17.46 -61.85 -12.19
CMB CLA LL . 19.41 -64.73 -13.80
CAB CLA LL . 17.59 -64.15 -10.90
CBB CLA LL . 17.38 -65.45 -11.01
NC CLA LL . 17.33 -58.80 -11.69
C1C CLA LL . 16.62 -59.70 -11.00
C2C CLA LL . 15.72 -59.12 -9.97
C3C CLA LL . 15.94 -57.67 -10.09
C4C CLA LL . 16.95 -57.61 -11.17
CMC CLA LL . 14.78 -59.81 -9.01
CAC CLA LL . 15.31 -56.54 -9.32
CBC CLA LL . 14.13 -56.01 -10.08
ND CLA LL . 18.68 -57.28 -13.43
C1D CLA LL . 18.41 -56.15 -12.61
C2D CLA LL . 19.16 -54.93 -12.94
C3D CLA LL . 19.96 -55.42 -14.09
C4D CLA LL . 19.66 -56.77 -14.27
CMD CLA LL . 19.21 -53.54 -12.38
CAD CLA LL . 20.99 -55.08 -15.11
OBD CLA LL . 21.56 -53.95 -15.25
CBD CLA LL . 21.24 -56.26 -15.94
CGD CLA LL . 21.07 -55.92 -17.38
O1D CLA LL . 21.79 -56.40 -18.23
O2D CLA LL . 20.10 -54.95 -17.82
CED CLA LL . 20.34 -54.43 -19.13
C1 CLA LL . 25.08 -62.12 -18.35
C2 CLA LL . 25.56 -62.10 -19.77
C3 CLA LL . 26.65 -62.71 -20.24
C4 CLA LL . 26.98 -62.57 -21.69
C5 CLA LL . 27.55 -63.53 -19.34
C6 CLA LL . 29.02 -63.23 -19.56
C7 CLA LL . 29.75 -64.44 -20.14
C8 CLA LL . 31.05 -64.77 -19.39
C9 CLA LL . 30.73 -65.32 -18.01
C10 CLA LL . 31.93 -63.53 -19.33
C11 CLA LL . 33.22 -63.78 -18.54
C12 CLA LL . 34.16 -64.69 -19.31
MG CLA ML . 21.18 -38.84 -2.95
CHA CLA ML . 22.48 -36.61 -0.66
CHB CLA ML . 19.48 -36.33 -4.40
CHC CLA ML . 20.74 -40.85 -5.66
CHD CLA ML . 23.04 -41.49 -1.31
NA CLA ML . 21.04 -36.81 -2.64
C1A CLA ML . 21.50 -36.08 -1.68
C2A CLA ML . 21.03 -34.66 -1.70
C3A CLA ML . 20.05 -34.65 -2.83
C4A CLA ML . 20.20 -36.04 -3.32
CMA CLA ML . 18.66 -34.50 -2.21
CAA CLA ML . 22.19 -33.82 -2.28
CBA CLA ML . 22.04 -32.30 -2.18
CGA CLA ML . 21.50 -31.68 -3.45
O1A CLA ML . 22.01 -31.90 -4.53
O2A CLA ML . 20.31 -30.86 -3.40
NB CLA ML . 20.24 -38.61 -4.76
C1B CLA ML . 19.50 -37.58 -5.14
C2B CLA ML . 18.85 -37.74 -6.47
C3B CLA ML . 19.26 -39.12 -6.83
C4B CLA ML . 20.12 -39.52 -5.71
CMB CLA ML . 17.98 -36.77 -7.23
CAB CLA ML . 18.94 -39.93 -8.01
CBB CLA ML . 19.21 -39.49 -9.23
NC CLA ML . 21.83 -40.74 -3.39
C1C CLA ML . 21.45 -41.37 -4.50
C2C CLA ML . 21.79 -42.80 -4.52
C3C CLA ML . 22.47 -43.03 -3.24
C4C CLA ML . 22.43 -41.68 -2.63
CMC CLA ML . 21.49 -43.73 -5.63
CAC CLA ML . 23.03 -44.33 -2.72
CBC CLA ML . 24.52 -44.27 -2.84
ND CLA ML . 22.44 -39.08 -1.39
C1D CLA ML . 23.19 -40.14 -0.79
C2D CLA ML . 24.07 -39.77 0.32
C3D CLA ML . 23.80 -38.30 0.37
C4D CLA ML . 22.91 -38.02 -0.66
CMD CLA ML . 25.00 -40.55 1.18
CAD CLA ML . 24.11 -37.03 1.06
OBD CLA ML . 24.94 -36.88 2.03
CBD CLA ML . 23.33 -35.96 0.39
CGD CLA ML . 22.78 -34.88 1.26
O1D CLA ML . 21.78 -35.02 1.92
O2D CLA ML . 23.47 -33.60 1.24
CED CLA ML . 22.98 -32.50 2.00
C1 CLA ML . 19.65 -30.47 -4.60
C2 CLA ML . 18.58 -31.47 -4.94
C3 CLA ML . 18.63 -32.25 -6.03
C4 CLA ML . 19.77 -32.16 -7.01
C5 CLA ML . 17.51 -33.23 -6.30
C6 CLA ML . 16.79 -32.97 -7.62
C7 CLA ML . 16.08 -31.62 -7.59
C8 CLA ML . 15.30 -31.38 -8.87
C9 CLA ML . 16.24 -31.45 -10.07
C10 CLA ML . 14.65 -30.00 -8.79
C11 CLA ML . 13.23 -30.00 -9.35
C12 CLA ML . 12.20 -30.32 -8.27
C13 CLA ML . 11.00 -29.38 -8.37
C14 CLA ML . 11.27 -28.08 -7.62
C15 CLA ML . 9.77 -30.07 -7.80
C16 CLA ML . 8.51 -29.26 -8.06
MG CLA NL . -8.49 -41.80 2.88
CHA CLA NL . -9.11 -40.73 6.13
CHB CLA NL . -11.66 -42.88 2.67
CHC CLA NL . -7.96 -42.22 -0.46
CHD CLA NL . -5.12 -40.30 3.16
NA CLA NL . -10.12 -41.77 4.15
C1A CLA NL . -10.23 -41.43 5.39
C2A CLA NL . -11.55 -41.76 6.04
C3A CLA NL . -12.31 -42.44 4.93
C4A CLA NL . -11.29 -42.36 3.84
CMA CLA NL . -12.53 -43.91 5.29
CAA CLA NL . -12.49 -40.62 6.49
CBA CLA NL . -12.21 -39.15 6.16
CGA CLA NL . -12.20 -38.83 4.69
O1A CLA NL . -13.05 -39.29 3.94
O2A CLA NL . -11.19 -37.93 4.17
NB CLA NL . -9.66 -42.45 1.34
C1B CLA NL . -10.90 -42.92 1.42
C2B CLA NL . -11.48 -43.43 0.14
C3B CLA NL . -10.34 -43.21 -0.79
C4B CLA NL . -9.28 -42.61 0.06
CMB CLA NL . -12.84 -44.02 -0.12
CAB CLA NL . -10.22 -43.51 -2.23
CBB CLA NL . -10.52 -44.68 -2.75
NC CLA NL . -6.88 -41.37 1.64
C1C CLA NL . -6.88 -41.57 0.31
C2C CLA NL . -5.67 -41.09 -0.40
C3C CLA NL . -4.85 -40.53 0.69
C4C CLA NL . -5.69 -40.76 1.88
CMC CLA NL . -5.33 -41.14 -1.87
CAC CLA NL . -3.49 -39.87 0.62
CBC CLA NL . -2.42 -40.92 0.44
ND CLA NL . -7.35 -40.77 4.20
C1D CLA NL . -6.02 -40.21 4.30
C2D CLA NL . -5.68 -39.58 5.59
C3D CLA NL . -6.95 -39.79 6.32
C4D CLA NL . -7.82 -40.44 5.46
CMD CLA NL . -4.47 -38.89 6.16
CAD CLA NL . -7.65 -39.56 7.60
OBD CLA NL . -7.15 -38.97 8.63
CBD CLA NL . -9.01 -40.12 7.49
CGD CLA NL . -9.39 -41.01 8.63
O1D CLA NL . -9.91 -40.54 9.63
O2D CLA NL . -9.20 -42.44 8.54
CED CLA NL . -9.98 -43.27 9.40
C1 CLA NL . -10.11 -38.45 3.41
C2 CLA NL . -8.87 -37.62 3.59
C3 CLA NL . -8.00 -37.42 2.59
C4 CLA NL . -8.22 -38.05 1.24
C5 CLA NL . -6.78 -36.57 2.81
MG CLA OL . -12.35 -52.87 0.78
CHA CLA OL . -13.14 -55.07 -1.78
CHB CLA OL . -12.19 -50.40 -1.51
CHC CLA OL . -11.03 -50.87 3.19
CHD CLA OL . -11.96 -55.76 3.03
NA CLA OL . -12.56 -52.75 -1.28
C1A CLA OL . -12.98 -53.61 -2.12
C2A CLA OL . -13.32 -53.10 -3.51
C3A CLA OL . -12.91 -51.66 -3.37
C4A CLA OL . -12.53 -51.61 -1.95
CMA CLA OL . -11.62 -51.56 -4.16
CAA CLA OL . -14.85 -53.11 -3.71
CBA CLA OL . -15.55 -51.90 -4.33
CGA CLA OL . -15.30 -51.87 -5.82
O1A CLA OL . -15.16 -50.84 -6.44
O2A CLA OL . -15.17 -53.15 -6.49
NB CLA OL . -11.68 -50.93 0.81
C1B CLA OL . -11.73 -50.04 -0.17
C2B CLA OL . -11.35 -48.66 0.20
C3B CLA OL . -11.00 -48.82 1.63
C4B CLA OL . -11.25 -50.26 1.87
CMB CLA OL . -11.33 -47.44 -0.69
CAB CLA OL . -10.51 -47.85 2.65
CBB CLA OL . -10.99 -46.64 2.77
NC CLA OL . -11.65 -53.25 2.68
C1C CLA OL . -11.16 -52.31 3.49
C2C CLA OL . -10.73 -52.78 4.83
C3C CLA OL . -10.99 -54.23 4.77
C4C CLA OL . -11.57 -54.40 3.42
CMC CLA OL . -10.14 -51.98 5.96
CAC CLA OL . -10.76 -55.26 5.84
CBC CLA OL . -9.40 -55.88 5.60
ND CLA OL . -12.43 -54.89 0.73
C1D CLA OL . -12.38 -56.00 1.65
C2D CLA OL . -12.75 -57.32 1.08
C3D CLA OL . -13.05 -56.91 -0.31
C4D CLA OL . -12.86 -55.54 -0.41
CMD CLA OL . -12.85 -58.72 1.62
CAD CLA OL . -13.50 -57.38 -1.65
OBD CLA OL . -13.79 -58.56 -1.98
CBD CLA OL . -13.54 -56.24 -2.59
CGD CLA OL . -12.52 -56.55 -3.65
O1D CLA OL . -12.62 -56.09 -4.78
O2D CLA OL . -11.40 -57.42 -3.35
CED CLA OL . -10.43 -57.69 -4.36
C1 CLA OL . -14.23 -53.28 -7.55
C2 CLA OL . -13.91 -54.75 -7.62
C3 CLA OL . -14.39 -55.54 -8.58
C4 CLA OL . -15.27 -54.98 -9.66
C5 CLA OL . -14.04 -57.02 -8.59
C6 CLA OL . -15.16 -57.91 -8.09
C7 CLA OL . -15.32 -57.82 -6.57
C8 CLA OL . -16.46 -58.63 -5.97
C9 CLA OL . -17.66 -58.77 -6.91
C10 CLA OL . -16.87 -57.96 -4.67
C11 CLA OL . -17.78 -58.87 -3.85
C12 CLA OL . -18.20 -58.20 -2.54
C13 CLA OL . -17.19 -58.42 -1.42
C14 CLA OL . -16.84 -59.89 -1.24
C15 CLA OL . -17.75 -57.85 -0.13
C16 CLA OL . -16.75 -57.89 1.02
C17 CLA OL . -16.88 -56.61 1.85
C18 CLA OL . -17.06 -56.80 3.35
C19 CLA OL . -17.84 -58.07 3.71
C20 CLA OL . -17.76 -55.59 3.94
MG CLA PL . -8.90 -48.66 -6.74
CHA CLA PL . -7.54 -46.98 -4.05
CHB CLA PL . -8.14 -51.57 -5.22
CHC CLA PL . -9.94 -50.22 -9.57
CHD CLA PL . -9.24 -45.40 -8.47
NA CLA PL . -7.97 -49.20 -4.97
C1A CLA PL . -7.57 -48.48 -3.98
C2A CLA PL . -7.14 -49.23 -2.75
C3A CLA PL . -7.30 -50.67 -3.17
C4A CLA PL . -7.84 -50.45 -4.55
CMA CLA PL . -5.91 -51.28 -3.31
CAA CLA PL . -8.15 -49.05 -1.62
CBA CLA PL . -7.83 -49.84 -0.36
CGA CLA PL . -6.61 -49.32 0.33
O1A CLA PL . -6.64 -48.28 0.97
O2A CLA PL . -5.37 -50.08 0.27
NB CLA PL . -9.01 -50.61 -7.30
C1B CLA PL . -8.69 -51.68 -6.58
C2B CLA PL . -8.98 -52.99 -7.22
C3B CLA PL . -9.52 -52.55 -8.53
C4B CLA PL . -9.49 -51.07 -8.47
CMB CLA PL . -8.78 -54.37 -6.69
CAB CLA PL . -10.01 -53.38 -9.66
CBB CLA PL . -11.20 -53.93 -9.62
NC CLA PL . -9.43 -47.95 -8.60
C1C CLA PL . -9.86 -48.74 -9.60
C2C CLA PL . -10.30 -48.03 -10.83
C3C CLA PL . -10.09 -46.62 -10.48
C4C CLA PL . -9.56 -46.69 -9.10
CMC CLA PL . -10.83 -48.60 -12.12
CAC CLA PL . -10.34 -45.39 -11.30
CBC CLA PL . -9.07 -45.12 -12.06
ND CLA PL . -8.49 -46.69 -6.46
C1D CLA PL . -8.70 -45.43 -7.12
C2D CLA PL . -8.33 -44.23 -6.34
C3D CLA PL . -7.86 -44.89 -5.10
C4D CLA PL . -7.99 -46.25 -5.25
CMD CLA PL . -8.35 -42.74 -6.56
CAD CLA PL . -7.31 -44.65 -3.75
OBD CLA PL . -7.07 -43.49 -3.26
CBD CLA PL . -7.11 -45.94 -3.07
CGD CLA PL . -5.72 -46.08 -2.55
O1D CLA PL . -4.77 -46.33 -3.26
O2D CLA PL . -5.53 -45.91 -1.12
CED CLA PL . -4.85 -44.74 -0.69
C1 CLA PL . -4.14 -49.49 0.68
C2 CLA PL . -3.36 -49.01 -0.51
C3 CLA PL . -2.44 -49.79 -1.10
C4 CLA PL . -2.14 -51.17 -0.59
C5 CLA PL . -1.67 -49.26 -2.29
C6 CLA PL . -1.33 -50.34 -3.30
C7 CLA PL . -1.93 -50.01 -4.65
C8 CLA PL . -0.88 -50.10 -5.76
C9 CLA PL . -0.56 -48.70 -6.26
C10 CLA PL . -1.29 -50.99 -6.93
C11 CLA PL . -2.48 -51.91 -6.69
C12 CLA PL . -3.35 -52.00 -7.94
C13 CLA PL . -4.82 -51.87 -7.58
C14 CLA PL . -5.71 -52.34 -8.73
C15 CLA PL . -5.17 -50.46 -7.10
C16 CLA PL . -5.59 -49.44 -8.17
C17 CLA PL . -4.43 -48.54 -8.57
C18 CLA PL . -4.62 -47.05 -8.21
C19 CLA PL . -4.76 -46.82 -6.72
C20 CLA PL . -5.80 -46.45 -8.98
MG CLA QL . -11.67 -33.09 -16.73
CHA CLA QL . -9.72 -30.44 -17.83
CHB CLA QL . -8.85 -34.87 -16.24
CHC CLA QL . -13.61 -35.45 -15.30
CHD CLA QL . -14.60 -30.85 -16.90
NA CLA QL . -9.64 -32.72 -16.94
C1A CLA QL . -9.01 -31.72 -17.46
C2A CLA QL . -7.52 -31.86 -17.60
C3A CLA QL . -7.30 -33.28 -17.16
C4A CLA QL . -8.70 -33.65 -16.75
CMA CLA QL . -6.97 -34.05 -18.43
CAA CLA QL . -6.69 -30.99 -16.64
CBA CLA QL . -7.07 -31.00 -15.16
CGA CLA QL . -8.15 -30.00 -14.84
O1A CLA QL . -8.01 -28.80 -15.02
O2A CLA QL . -9.44 -30.50 -14.35
NB CLA QL . -11.28 -34.91 -15.91
C1B CLA QL . -10.10 -35.49 -15.75
C2B CLA QL . -10.13 -36.77 -15.01
C3B CLA QL . -11.57 -36.92 -14.74
C4B CLA QL . -12.17 -35.71 -15.35
CMB CLA QL . -9.00 -37.68 -14.64
CAB CLA QL . -12.28 -38.02 -14.03
CBB CLA QL . -12.21 -38.13 -12.72
NC CLA QL . -13.65 -33.09 -16.14
C1C CLA QL . -14.27 -34.22 -15.74
C2C CLA QL . -15.74 -34.17 -15.73
C3C CLA QL . -16.04 -32.80 -16.21
C4C CLA QL . -14.67 -32.25 -16.42
CMC CLA QL . -16.72 -35.24 -15.35
CAC CLA QL . -17.37 -32.15 -16.42
CBC CLA QL . -17.64 -31.34 -15.17
ND CLA QL . -12.14 -31.16 -17.17
C1D CLA QL . -13.30 -30.34 -17.30
C2D CLA QL . -13.07 -28.98 -17.83
C3D CLA QL . -11.60 -29.04 -18.04
C4D CLA QL . -11.16 -30.30 -17.65
CMD CLA QL . -13.94 -27.79 -18.12
CAD CLA QL . -10.41 -28.29 -18.49
OBD CLA QL . -10.44 -27.09 -18.94
CBD CLA QL . -9.21 -29.16 -18.40
CGD CLA QL . -8.78 -29.46 -19.81
O1D CLA QL . -9.43 -30.22 -20.52
O2D CLA QL . -7.55 -28.91 -20.35
CED CLA QL . -7.01 -29.41 -21.57
C1 CLA QL . -10.52 -29.62 -14.14
C2 CLA QL . -11.66 -30.41 -13.56
C3 CLA QL . -12.94 -29.99 -13.58
C4 CLA QL . -13.30 -28.66 -14.16
C5 CLA QL . -14.02 -30.84 -12.98
C6 CLA QL . -13.57 -32.25 -12.60
C7 CLA QL . -14.77 -33.10 -12.23
C8 CLA QL . -14.33 -34.49 -11.80
C9 CLA QL . -15.52 -35.42 -11.76
C10 CLA QL . -13.64 -34.42 -10.44
C11 CLA QL . -12.90 -35.71 -10.14
C12 CLA QL . -12.42 -35.75 -8.70
C13 CLA QL . -11.72 -37.07 -8.39
C14 CLA QL . -12.62 -38.27 -8.69
C15 CLA QL . -11.30 -37.08 -6.93
C16 CLA QL . -10.08 -37.95 -6.69
MG CLA RL . -4.01 -37.97 -19.95
CHA CLA RL . -5.87 -40.64 -21.19
CHB CLA RL . -6.35 -37.51 -17.59
CHC CLA RL . -1.84 -35.86 -18.41
CHD CLA RL . -1.34 -38.87 -22.33
NA CLA RL . -5.77 -38.93 -19.43
C1A CLA RL . -6.47 -39.80 -20.09
C2A CLA RL . -7.81 -40.11 -19.49
C3A CLA RL . -7.96 -39.07 -18.41
C4A CLA RL . -6.60 -38.45 -18.50
CMA CLA RL . -9.01 -38.06 -18.84
CAA CLA RL . -7.76 -41.45 -18.68
CBA CLA RL . -6.65 -41.73 -17.63
CGA CLA RL . -5.23 -41.94 -18.15
O1A CLA RL . -4.97 -42.76 -19.01
O2A CLA RL . -4.12 -41.07 -17.78
NB CLA RL . -4.11 -36.80 -18.29
C1B CLA RL . -5.08 -36.80 -17.41
C2B CLA RL . -4.77 -36.12 -16.13
C3B CLA RL . -3.40 -35.63 -16.38
C4B CLA RL . -3.11 -36.11 -17.75
CMB CLA RL . -5.64 -35.97 -14.92
CAB CLA RL . -2.49 -34.84 -15.52
CBB CLA RL . -2.87 -33.74 -14.91
NC CLA RL . -2.03 -37.51 -20.30
C1C CLA RL . -1.35 -36.60 -19.59
C2C CLA RL . 0.04 -36.35 -20.04
C3C CLA RL . 0.18 -37.24 -21.20
C4C CLA RL . -1.15 -37.89 -21.26
CMC CLA RL . 1.05 -35.42 -19.45
CAC CLA RL . 1.37 -37.46 -22.11
CBC CLA RL . 2.19 -38.55 -21.46
ND CLA RL . -3.61 -39.33 -21.40
C1D CLA RL . -2.55 -39.68 -22.28
C2D CLA RL . -2.76 -40.88 -23.09
C3D CLA RL . -4.12 -41.28 -22.64
C4D CLA RL . -4.51 -40.36 -21.68
CMD CLA RL . -1.91 -41.59 -24.10
CAD CLA RL . -5.20 -42.28 -22.81
OBD CLA RL . -5.18 -43.29 -23.59
CBD CLA RL . -6.28 -41.91 -21.88
CGD CLA RL . -7.65 -41.95 -22.47
O1D CLA RL . -8.25 -43.01 -22.57
O2D CLA RL . -8.31 -40.73 -22.87
CED CLA RL . -9.63 -40.85 -23.38
C1 CLA RL . -2.91 -41.22 -18.52
C2 CLA RL . -1.90 -40.23 -18.03
C3 CLA RL . -0.59 -40.28 -18.34
C4 CLA RL . -0.04 -41.36 -19.21
C5 CLA RL . 0.31 -39.21 -17.77
C6 CLA RL . 0.30 -39.27 -16.24
C7 CLA RL . -0.28 -37.99 -15.64
C8 CLA RL . -1.06 -38.26 -14.36
C9 CLA RL . -0.17 -38.93 -13.33
C10 CLA RL . -2.27 -39.13 -14.69
C11 CLA RL . -3.20 -39.36 -13.50
C12 CLA RL . -3.88 -40.73 -13.59
C13 CLA RL . -5.40 -40.65 -13.56
C14 CLA RL . -5.93 -39.70 -14.63
C15 CLA RL . -5.88 -40.20 -12.18
C16 CLA RL . -7.40 -40.29 -12.06
C17 CLA RL . -7.81 -41.53 -11.28
C18 CLA RL . -8.97 -41.22 -10.35
C19 CLA RL . -10.19 -40.76 -11.13
C20 CLA RL . -8.57 -40.17 -9.32
MG CLA SL . 3.69 -30.68 -19.47
CHA CLA SL . 0.37 -31.60 -19.74
CHB CLA SL . 2.98 -29.25 -16.50
CHC CLA SL . 7.03 -30.48 -18.95
CHD CLA SL . 4.33 -32.41 -22.64
NA CLA SL . 2.00 -30.50 -18.30
C1A CLA SL . 0.77 -30.79 -18.55
C2A CLA SL . -0.23 -30.33 -17.52
C3A CLA SL . 0.61 -29.53 -16.58
C4A CLA SL . 1.95 -29.78 -17.17
CMA CLA SL . 0.20 -28.14 -16.99
CAA CLA SL . -0.69 -31.47 -16.58
CBA CLA SL . 0.18 -32.73 -16.57
CGA CLA SL . 1.05 -32.90 -15.36
O1A CLA SL . 1.98 -32.17 -15.12
O2A CLA SL . 0.76 -34.01 -14.47
NB CLA SL . 4.83 -29.96 -17.95
C1B CLA SL . 4.40 -29.37 -16.85
C2B CLA SL . 5.49 -28.93 -15.94
C3B CLA SL . 6.70 -29.31 -16.69
C4B CLA SL . 6.16 -29.93 -17.91
CMB CLA SL . 5.36 -28.26 -14.62
CAB CLA SL . 8.13 -29.12 -16.35
CBB CLA SL . 8.62 -27.91 -16.15
NC CLA SL . 5.30 -31.35 -20.54
C1C CLA SL . 6.57 -31.09 -20.20
C2C CLA SL . 7.59 -31.47 -21.20
C3C CLA SL . 6.79 -32.04 -22.29
C4C CLA SL . 5.41 -31.91 -21.77
CMC CLA SL . 9.08 -31.30 -21.10
CAC CLA SL . 7.26 -32.60 -23.60
CBC CLA SL . 7.20 -31.47 -24.60
ND CLA SL . 2.70 -31.73 -20.89
C1D CLA SL . 2.98 -32.44 -22.09
C2D CLA SL . 1.85 -33.15 -22.71
C3D CLA SL . 0.77 -32.80 -21.73
C4D CLA SL . 1.36 -32.04 -20.74
CMD CLA SL . 1.68 -34.00 -23.93
CAD CLA SL . -0.65 -32.98 -21.35
OBD CLA SL . -1.52 -33.63 -22.00
CBD CLA SL . -0.92 -32.25 -20.10
CGD CLA SL . -2.03 -31.26 -20.31
O1D CLA SL . -1.90 -30.27 -20.99
O2D CLA SL . -3.29 -31.47 -19.60
CED CLA SL . -3.98 -30.35 -19.09
C1 CLA SL . 0.77 -33.81 -13.07
C2 CLA SL . 0.30 -35.08 -12.40
MG CLA TL . -29.26 -49.99 0.35
CHA CLA TL . -31.80 -50.39 2.68
CHB CLA TL . -28.06 -53.01 1.25
CHC CLA TL . -27.19 -49.81 -2.36
CHD CLA TL . -30.97 -46.94 -0.84
NA CLA TL . -29.85 -51.47 1.67
C1A CLA TL . -30.78 -51.49 2.57
C2A CLA TL . -30.78 -52.67 3.52
C3A CLA TL . -29.55 -53.40 3.08
C4A CLA TL . -29.12 -52.57 1.92
CMA CLA TL . -28.58 -53.12 4.22
CAA CLA TL . -31.93 -53.65 3.29
CBA CLA TL . -32.39 -53.74 1.84
CGA CLA TL . -33.31 -54.92 1.62
O1A CLA TL . -33.78 -55.16 0.52
O2A CLA TL . -33.63 -55.79 2.73
NB CLA TL . -27.83 -51.22 -0.41
C1B CLA TL . -27.45 -52.40 0.06
C2B CLA TL . -26.43 -53.09 -0.76
C3B CLA TL . -26.19 -52.13 -1.85
C4B CLA TL . -27.10 -51.01 -1.52
CMB CLA TL . -25.80 -54.42 -0.52
CAB CLA TL . -25.26 -52.19 -3.01
CBB CLA TL . -23.95 -52.31 -2.84
NC CLA TL . -29.14 -48.67 -1.23
C1C CLA TL . -28.22 -48.77 -2.22
C2C CLA TL . -28.27 -47.71 -3.25
C3C CLA TL . -29.39 -46.86 -2.79
C4C CLA TL . -29.84 -47.55 -1.55
CMC CLA TL . -27.40 -47.53 -4.46
CAC CLA TL . -29.94 -45.61 -3.42
CBC CLA TL . -29.15 -44.46 -2.82
ND CLA TL . -30.96 -48.92 0.70
C1D CLA TL . -31.55 -47.67 0.29
C2D CLA TL . -32.74 -47.25 1.07
C3D CLA TL . -32.82 -48.37 2.04
C4D CLA TL . -31.79 -49.26 1.74
CMD CLA TL . -33.69 -46.08 1.05
CAD CLA TL . -33.57 -48.93 3.19
OBD CLA TL . -34.60 -48.37 3.73
CBD CLA TL . -32.96 -50.20 3.61
CGD CLA TL . -32.56 -50.12 5.06
O1D CLA TL . -31.42 -49.85 5.39
O2D CLA TL . -33.55 -50.43 6.07
CED CLA TL . -33.15 -51.11 7.26
MG CLA UL . -33.06 -59.82 -2.91
CHA CLA UL . -32.39 -59.31 0.46
CHB CLA UL . -34.73 -62.63 -2.09
CHC CLA UL . -34.01 -60.01 -6.16
CHD CLA UL . -31.55 -56.51 -3.61
NA CLA UL . -33.53 -60.78 -1.13
C1A CLA UL . -33.17 -60.55 0.08
C2A CLA UL . -33.56 -61.59 1.11
C3A CLA UL . -34.26 -62.63 0.25
C4A CLA UL . -34.15 -61.97 -1.09
CMA CLA UL . -33.41 -63.89 0.23
CAA CLA UL . -34.61 -61.12 2.13
CBA CLA UL . -35.80 -60.40 1.49
CGA CLA UL . -35.89 -59.00 2.05
O1A CLA UL . -36.44 -58.10 1.42
O2A CLA UL . -35.29 -58.70 3.35
NB CLA UL . -34.20 -61.15 -3.96
C1B CLA UL . -34.81 -62.23 -3.49
C2B CLA UL . -35.62 -62.98 -4.49
C3B CLA UL . -35.39 -62.18 -5.72
C4B CLA UL . -34.50 -61.07 -5.26
CMB CLA UL . -36.44 -64.23 -4.31
CAB CLA UL . -35.92 -62.41 -7.09
CBB CLA UL . -36.73 -61.53 -7.65
NC CLA UL . -32.81 -58.53 -4.51
C1C CLA UL . -33.29 -58.80 -5.74
C2C CLA UL . -33.04 -57.74 -6.76
C3C CLA UL . -32.31 -56.71 -5.99
C4C CLA UL . -32.23 -57.31 -4.63
CMC CLA UL . -33.46 -57.75 -8.21
CAC CLA UL . -31.79 -55.36 -6.45
CBC CLA UL . -30.58 -55.56 -7.33
ND CLA UL . -32.23 -58.24 -1.93
C1D CLA UL . -31.57 -57.00 -2.23
C2D CLA UL . -30.96 -56.31 -1.08
C3D CLA UL . -31.31 -57.26 0.02
C4D CLA UL . -32.03 -58.31 -0.55
CMD CLA UL . -30.20 -55.03 -0.88
CAD CLA UL . -31.20 -57.53 1.47
OBD CLA UL . -30.61 -56.76 2.33
CBD CLA UL . -31.88 -58.80 1.77
CGD CLA UL . -30.95 -59.72 2.49
O1D CLA UL . -30.38 -60.64 1.91
O2D CLA UL . -30.77 -59.55 3.92
CED CLA UL . -29.96 -60.46 4.65
MG CLA VL . -23.95 -56.79 -2.85
CHA CLA VL . -20.95 -55.12 -2.45
CHB CLA VL . -23.98 -55.81 -6.09
CHC CLA VL . -27.10 -58.01 -3.02
CHD CLA VL . -23.93 -57.50 0.78
NA CLA VL . -22.71 -55.63 -4.06
C1A CLA VL . -21.55 -55.15 -3.84
C2A CLA VL . -20.83 -54.56 -5.03
C3A CLA VL . -21.84 -54.76 -6.15
C4A CLA VL . -22.92 -55.45 -5.37
CMA CLA VL . -22.36 -53.42 -6.65
CAA CLA VL . -19.58 -55.35 -5.42
CBA CLA VL . -18.46 -54.43 -5.86
CGA CLA VL . -18.58 -54.19 -7.35
O1A CLA VL . -18.95 -53.13 -7.80
O2A CLA VL . -18.27 -55.25 -8.28
NB CLA VL . -25.34 -56.88 -4.34
C1B CLA VL . -25.19 -56.50 -5.60
C2B CLA VL . -26.34 -56.81 -6.49
C3B CLA VL . -27.27 -57.47 -5.54
C4B CLA VL . -26.53 -57.45 -4.26
CMB CLA VL . -26.51 -56.53 -7.95
CAB CLA VL . -28.62 -58.05 -5.73
CBB CLA VL . -28.85 -58.97 -6.65
NC CLA VL . -25.22 -57.56 -1.41
C1C CLA VL . -26.45 -58.04 -1.71
C2C CLA VL . -27.17 -58.67 -0.58
C3C CLA VL . -26.24 -58.52 0.54
C4C CLA VL . -25.08 -57.83 -0.08
CMC CLA VL . -28.54 -59.29 -0.56
CAC CLA VL . -26.45 -58.98 1.98
CBC CLA VL . -26.22 -60.46 2.14
ND CLA VL . -22.81 -56.45 -1.19
C1D CLA VL . -22.83 -56.74 0.21
C2D CLA VL . -21.66 -56.22 0.96
C3D CLA VL . -20.91 -55.56 -0.14
C4D CLA VL . -21.64 -55.73 -1.30
CMD CLA VL . -21.21 -56.26 2.40
CAD CLA VL . -19.69 -54.79 -0.48
OBD CLA VL . -18.78 -54.42 0.35
CBD CLA VL . -19.70 -54.49 -1.93
CGD CLA VL . -19.68 -53.01 -2.15
O1D CLA VL . -18.85 -52.51 -2.88
O2D CLA VL . -20.67 -52.17 -1.53
CED CLA VL . -20.74 -50.82 -1.97
C1 CLA VL . -19.10 -55.40 -9.41
C2 CLA VL . -18.83 -56.73 -10.05
C3 CLA VL . -19.28 -57.03 -11.28
C4 CLA VL . -20.08 -56.04 -12.07
C5 CLA VL . -18.97 -58.37 -11.87
C6 CLA VL . -17.48 -58.52 -12.11
C7 CLA VL . -17.17 -59.93 -12.60
C8 CLA VL . -15.73 -60.06 -13.08
C9 CLA VL . -14.74 -59.65 -12.00
C10 CLA VL . -15.58 -59.21 -14.34
C11 CLA VL . -16.45 -59.78 -15.45
C12 CLA VL . -17.03 -58.67 -16.32
C13 CLA VL . -16.41 -58.53 -17.71
C14 CLA VL . -15.57 -59.73 -18.16
C15 CLA VL . -15.60 -57.25 -17.75
C16 CLA VL . -16.15 -56.30 -18.80
C17 CLA VL . -16.00 -54.85 -18.36
C18 CLA VL . -15.20 -54.04 -19.37
C19 CLA VL . -15.19 -52.57 -18.99
C20 CLA VL . -15.72 -54.21 -20.79
MG CLA WL . -27.82 -49.99 -22.80
CHA CLA WL . -27.53 -46.92 -24.39
CHB CLA WL . -24.76 -49.52 -21.45
CHC CLA WL . -28.46 -52.65 -20.77
CHD CLA WL . -31.28 -50.22 -24.08
NA CLA WL . -26.41 -48.48 -22.85
C1A CLA WL . -26.37 -47.39 -23.55
C2A CLA WL . -25.09 -46.60 -23.46
C3A CLA WL . -24.24 -47.48 -22.58
C4A CLA WL . -25.20 -48.58 -22.28
CMA CLA WL . -23.13 -48.06 -23.45
CAA CLA WL . -25.29 -45.28 -22.68
CBA CLA WL . -26.08 -45.46 -21.37
CGA CLA WL . -26.91 -44.29 -20.94
O1A CLA WL . -26.42 -43.17 -20.83
O2A CLA WL . -28.32 -44.48 -20.62
NB CLA WL . -26.75 -50.94 -21.34
C1B CLA WL . -25.52 -50.67 -20.93
C2B CLA WL . -25.02 -51.54 -19.83
C3B CLA WL . -26.15 -52.47 -19.63
C4B CLA WL . -27.16 -52.00 -20.63
CMB CLA WL . -23.70 -51.50 -19.11
CAB CLA WL . -26.35 -53.62 -18.71
CBB CLA WL . -25.43 -54.54 -18.51
NC CLA WL . -29.51 -51.14 -22.49
C1C CLA WL . -29.54 -52.18 -21.64
C2C CLA WL . -30.83 -52.93 -21.61
C3C CLA WL . -31.65 -52.20 -22.58
C4C CLA WL . -30.74 -51.14 -23.07
CMC CLA WL . -31.20 -54.12 -20.77
CAC CLA WL . -33.09 -52.46 -23.00
CBC CLA WL . -33.02 -53.55 -24.05
ND CLA WL . -29.15 -48.92 -23.90
C1D CLA WL . -30.47 -49.06 -24.42
C2D CLA WL . -30.91 -47.97 -25.32
C3D CLA WL . -29.69 -47.11 -25.30
C4D CLA WL . -28.77 -47.71 -24.46
CMD CLA WL . -32.15 -47.67 -26.10
CAD CLA WL . -29.10 -45.85 -25.80
OBD CLA WL . -29.67 -45.01 -26.60
CBD CLA WL . -27.74 -45.72 -25.25
CGD CLA WL . -26.77 -45.68 -26.40
O1D CLA WL . -26.32 -44.63 -26.81
O2D CLA WL . -26.33 -46.92 -26.99
CED CLA WL . -25.12 -46.92 -27.73
C1 CLA WL . -28.98 -43.60 -19.73
C2 CLA WL . -29.82 -44.37 -18.74
C3 CLA WL . -31.17 -44.33 -18.76
C4 CLA WL . -31.89 -43.49 -19.77
C5 CLA WL . -31.96 -45.10 -17.74
C6 CLA WL . -31.73 -46.61 -17.83
C7 CLA WL . -33.06 -47.36 -17.78
C8 CLA WL . -33.62 -47.43 -16.37
C9 CLA WL . -33.03 -48.61 -15.60
C10 CLA WL . -35.14 -47.54 -16.44
C11 CLA WL . -35.77 -47.65 -15.05
MG CLA XL . -35.63 -57.73 -25.26
CHA CLA XL . -38.40 -57.15 -27.27
CHB CLA XL . -36.87 -55.51 -23.03
CHC CLA XL . -33.29 -58.81 -23.07
CHD CLA XL . -34.57 -60.35 -27.62
NA CLA XL . -37.35 -56.56 -25.13
C1A CLA XL . -38.31 -56.38 -25.97
C2A CLA XL . -39.33 -55.33 -25.59
C3A CLA XL . -38.78 -54.82 -24.28
C4A CLA XL . -37.58 -55.69 -24.15
CMA CLA XL . -38.32 -53.38 -24.48
CAA CLA XL . -40.70 -55.93 -25.24
CBA CLA XL . -40.58 -57.28 -24.51
CGA CLA XL . -41.82 -57.69 -23.78
O1A CLA XL . -42.62 -56.87 -23.38
O2A CLA XL . -42.06 -59.11 -23.53
NB CLA XL . -35.17 -57.24 -23.32
C1B CLA XL . -35.69 -56.25 -22.60
C2B CLA XL . -35.01 -55.99 -21.31
C3B CLA XL . -33.93 -56.99 -21.32
C4B CLA XL . -34.14 -57.71 -22.61
CMB CLA XL . -35.34 -54.96 -20.25
CAB CLA XL . -32.90 -57.25 -20.29
CBB CLA XL . -32.72 -58.42 -19.72
NC CLA XL . -34.25 -59.25 -25.35
C1C CLA XL . -33.40 -59.52 -24.34
C2C CLA XL . -32.50 -60.67 -24.58
C3C CLA XL . -32.87 -61.13 -25.93
C4C CLA XL . -33.95 -60.17 -26.30
CMC CLA XL . -31.45 -61.21 -23.64
CAC CLA XL . -32.30 -62.27 -26.73
CBC CLA XL . -33.16 -63.48 -26.43
ND CLA XL . -36.26 -58.62 -26.97
C1D CLA XL . -35.79 -59.59 -27.91
C2D CLA XL . -36.62 -59.77 -29.14
C3D CLA XL . -37.68 -58.76 -28.86
C4D CLA XL . -37.41 -58.18 -27.62
CMD CLA XL . -36.54 -60.62 -30.37
CAD CLA XL . -38.92 -58.13 -29.38
OBD CLA XL . -39.50 -58.42 -30.48
CBD CLA XL . -39.40 -57.16 -28.38
CGD CLA XL . -39.78 -55.84 -28.99
O1D CLA XL . -40.92 -55.67 -29.41
O2D CLA XL . -38.85 -54.73 -29.04
CED CLA XL . -39.36 -53.40 -29.08
MG CLA YL . -27.65 -71.68 -26.79
CHA CLA YL . -27.15 -73.07 -29.93
CHB CLA YL . -30.29 -70.00 -28.04
CHC CLA YL . -28.38 -70.76 -23.60
CHD CLA YL . -25.02 -73.93 -25.48
NA CLA YL . -28.59 -71.58 -28.64
C1A CLA YL . -28.27 -72.08 -29.78
C2A CLA YL . -29.10 -71.62 -30.97
C3A CLA YL . -30.07 -70.63 -30.32
C4A CLA YL . -29.62 -70.75 -28.91
CMA CLA YL . -29.81 -69.23 -30.87
CAA CLA YL . -29.95 -72.69 -31.67
CBA CLA YL . -31.21 -73.15 -30.94
CGA CLA YL . -30.94 -74.46 -30.25
O1A CLA YL . -31.80 -75.02 -29.60
O2A CLA YL . -29.61 -75.04 -30.36
NB CLA YL . -29.11 -70.53 -25.96
C1B CLA YL . -30.11 -69.92 -26.59
C2B CLA YL . -31.06 -69.17 -25.71
C3B CLA YL . -30.46 -69.42 -24.38
C4B CLA YL . -29.28 -70.27 -24.66
CMB CLA YL . -32.28 -68.38 -26.09
CAB CLA YL . -30.94 -68.94 -23.06
CBB CLA YL . -31.42 -69.80 -22.18
NC CLA YL . -26.88 -72.25 -24.97
C1C CLA YL . -27.29 -71.73 -23.79
C2C CLA YL . -26.56 -72.24 -22.60
C3C CLA YL . -25.57 -73.17 -23.17
C4C CLA YL . -25.86 -73.09 -24.62
CMC CLA YL . -26.74 -71.92 -21.14
CAC CLA YL . -24.54 -73.99 -22.44
CBC CLA YL . -25.20 -75.29 -22.06
ND CLA YL . -26.41 -73.17 -27.42
C1D CLA YL . -25.34 -73.96 -26.91
C2D CLA YL . -24.61 -74.78 -27.90
C3D CLA YL . -25.36 -74.41 -29.12
C4D CLA YL . -26.36 -73.51 -28.76
CMD CLA YL . -23.46 -75.75 -27.87
CAD CLA YL . -25.47 -74.63 -30.58
OBD CLA YL . -24.71 -75.41 -31.27
CBD CLA YL . -26.57 -73.80 -31.11
CGD CLA YL . -26.02 -72.90 -32.18
O1D CLA YL . -26.05 -71.69 -32.11
O2D CLA YL . -25.43 -73.52 -33.35
CED CLA YL . -25.94 -73.21 -34.65
C1 CLA YL . -29.37 -76.33 -29.80
C2 CLA YL . -29.03 -76.17 -28.35
C3 CLA YL . -27.94 -76.73 -27.80
C4 CLA YL . -27.01 -77.57 -28.63
C5 CLA YL . -27.67 -76.54 -26.33
C6 CLA YL . -28.93 -76.37 -25.51
C7 CLA YL . -28.69 -75.50 -24.29
C8 CLA YL . -29.95 -74.72 -23.95
C9 CLA YL . -30.21 -73.67 -25.01
C10 CLA YL . -29.84 -74.09 -22.56
MG CLA ZL . -17.72 -68.10 -24.03
CHA CLA ZL . -14.63 -66.62 -24.60
CHB CLA ZL . -18.61 -67.29 -27.17
CHC CLA ZL . -20.59 -69.84 -23.51
CHD CLA ZL . -16.46 -69.21 -20.75
NA CLA ZL . -16.79 -67.16 -25.63
C1A CLA ZL . -15.65 -66.58 -25.72
C2A CLA ZL . -15.36 -65.91 -27.04
C3A CLA ZL . -16.67 -66.09 -27.78
C4A CLA ZL . -17.40 -66.90 -26.78
CMA CLA ZL . -17.36 -64.74 -27.89
CAA CLA ZL . -14.36 -66.80 -27.80
CBA CLA ZL . -14.40 -66.73 -29.33
CGA CLA ZL . -13.83 -67.99 -29.91
O1A CLA ZL . -13.22 -67.97 -30.96
O2A CLA ZL . -14.00 -69.26 -29.22
NB CLA ZL . -19.35 -68.50 -25.17
C1B CLA ZL . -19.58 -68.09 -26.42
C2B CLA ZL . -20.86 -68.51 -27.01
C3B CLA ZL . -21.46 -69.27 -25.89
C4B CLA ZL . -20.43 -69.21 -24.83
CMB CLA ZL . -21.41 -68.21 -28.37
CAB CLA ZL . -22.78 -69.96 -25.86
CBB CLA ZL . -22.81 -71.28 -25.80
NC CLA ZL . -18.34 -69.30 -22.48
C1C CLA ZL . -19.57 -69.86 -22.43
C2C CLA ZL . -19.89 -70.55 -21.17
C3C CLA ZL . -18.67 -70.36 -20.36
C4C CLA ZL . -17.79 -69.58 -21.26
CMC CLA ZL . -21.15 -71.28 -20.79
CAC CLA ZL . -18.38 -70.85 -18.95
CBC CLA ZL . -17.64 -72.16 -19.09
ND CLA ZL . -16.03 -68.04 -22.90
C1D CLA ZL . -15.58 -68.42 -21.60
C2D CLA ZL . -14.22 -67.96 -21.22
C3D CLA ZL . -13.85 -67.22 -22.47
C4D CLA ZL . -14.91 -67.33 -23.34
CMD CLA ZL . -13.33 -68.09 -20.02
CAD CLA ZL . -12.79 -66.42 -23.13
OBD CLA ZL . -11.65 -66.13 -22.61
CBD CLA ZL . -13.26 -66.03 -24.47
CGD CLA ZL . -13.27 -64.53 -24.58
O1D CLA ZL . -14.06 -63.85 -23.95
O2D CLA ZL . -12.30 -63.90 -25.46
CED CLA ZL . -12.02 -62.50 -25.35
C1 CLA ZL . -14.17 -70.45 -29.98
C2 CLA ZL . -15.09 -71.39 -29.25
C3 CLA ZL . -14.65 -72.17 -28.25
C4 CLA ZL . -13.21 -72.14 -27.80
C5 CLA ZL . -15.60 -73.08 -27.55
C6 CLA ZL . -16.05 -72.51 -26.22
C7 CLA ZL . -17.32 -73.23 -25.77
C8 CLA ZL . -17.59 -73.01 -24.28
C9 CLA ZL . -16.80 -74.00 -23.42
C10 CLA ZL . -19.10 -73.07 -23.97
C11 CLA ZL . -19.93 -73.94 -24.92
C12 CLA ZL . -20.12 -75.36 -24.41
C13 CLA ZL . -20.67 -75.38 -22.99
C14 CLA ZL . -19.80 -76.25 -22.09
MG CLA AM . -18.45 -59.93 -20.52
CHA CLA AM . -17.75 -57.45 -22.81
CHB CLA AM . -16.29 -61.96 -22.13
CHC CLA AM . -18.90 -62.18 -18.01
CHD CLA AM . -20.50 -57.51 -18.67
NA CLA AM . -17.20 -59.74 -22.17
C1A CLA AM . -17.11 -58.81 -23.02
C2A CLA AM . -16.28 -59.13 -24.24
C3A CLA AM . -15.86 -60.57 -24.02
C4A CLA AM . -16.49 -60.77 -22.68
CMA CLA AM . -16.54 -61.47 -25.05
CAA CLA AM . -14.94 -58.38 -24.37
CBA CLA AM . -14.28 -57.67 -23.20
CGA CLA AM . -13.87 -58.63 -22.12
O1A CLA AM . -14.62 -58.71 -21.16
O2A CLA AM . -12.62 -59.38 -22.19
NB CLA AM . -17.73 -61.81 -20.15
C1B CLA AM . -16.80 -62.44 -20.84
C2B CLA AM . -16.27 -63.67 -20.20
C3B CLA AM . -17.08 -63.73 -18.96
C4B CLA AM . -17.95 -62.52 -19.06
CMB CLA AM . -15.23 -64.60 -20.71
CAB CLA AM . -17.08 -64.71 -17.85
CBB CLA AM . -17.22 -65.99 -18.08
NC CLA AM . -19.43 -59.82 -18.71
C1C CLA AM . -19.58 -60.88 -17.90
C2C CLA AM . -20.52 -60.69 -16.78
C3C CLA AM . -21.00 -59.31 -16.98
C4C CLA AM . -20.25 -58.88 -18.20
CMC CLA AM . -20.91 -61.67 -15.70
CAC CLA AM . -21.98 -58.52 -16.17
CBC CLA AM . -21.18 -57.73 -15.16
ND CLA AM . -19.03 -58.00 -20.61
C1D CLA AM . -19.83 -57.06 -19.88
C2D CLA AM . -19.90 -55.69 -20.43
C3D CLA AM . -19.04 -55.87 -21.63
C4D CLA AM . -18.57 -57.17 -21.63
CMD CLA AM . -20.58 -54.41 -20.07
CAD CLA AM . -18.45 -55.19 -22.81
OBD CLA AM . -18.63 -53.97 -23.15
CBD CLA AM . -17.65 -56.17 -23.57
CGD CLA AM . -18.34 -56.39 -24.88
O1D CLA AM . -19.11 -57.31 -25.04
O2D CLA AM . -18.06 -55.51 -26.00
CED CLA AM . -18.36 -55.96 -27.32
C1 CLA AM . -12.55 -60.81 -22.08
C2 CLA AM . -13.00 -61.30 -20.73
C3 CLA AM . -12.39 -62.19 -19.94
C4 CLA AM . -11.11 -62.87 -20.36
C5 CLA AM . -13.06 -62.50 -18.64
C6 CLA AM . -12.17 -63.04 -17.53
C7 CLA AM . -12.66 -64.36 -16.96
C8 CLA AM . -13.98 -64.34 -16.17
C9 CLA AM . -14.15 -63.14 -15.24
C10 CLA AM . -14.14 -65.61 -15.34
C11 CLA AM . -13.81 -66.90 -16.09
C12 CLA AM . -13.60 -68.04 -15.11
C13 CLA AM . -13.22 -69.34 -15.82
C14 CLA AM . -11.92 -69.18 -16.59
C15 CLA AM . -14.35 -69.77 -16.73
MG CLA BM . -19.89 -72.04 -7.46
CHA CLA BM . -19.40 -74.38 -4.96
CHB CLA BM . -17.88 -69.92 -5.79
CHC CLA BM . -19.98 -70.02 -10.19
CHD CLA BM . -21.79 -74.60 -9.32
NA CLA BM . -18.78 -72.13 -5.70
C1A CLA BM . -18.70 -73.06 -4.81
C2A CLA BM . -17.85 -72.73 -3.60
C3A CLA BM . -17.43 -71.30 -3.89
C4A CLA BM . -18.08 -71.10 -5.21
CMA CLA BM . -18.07 -70.36 -2.87
CAA CLA BM . -16.54 -73.52 -3.56
CBA CLA BM . -15.99 -73.83 -4.96
CGA CLA BM . -14.51 -74.13 -5.04
O1A CLA BM . -13.93 -74.78 -4.19
O2A CLA BM . -13.79 -73.63 -6.19
NB CLA BM . -19.03 -70.25 -7.93
C1B CLA BM . -18.34 -69.47 -7.10
C2B CLA BM . -18.02 -68.13 -7.62
C3B CLA BM . -18.65 -68.16 -8.96
C4B CLA BM . -19.23 -69.53 -9.03
CMB CLA BM . -17.27 -67.04 -6.95
CAB CLA BM . -18.66 -67.08 -9.98
CBB CLA BM . -18.11 -67.28 -11.17
NC CLA BM . -20.70 -72.29 -9.34
C1C CLA BM . -20.63 -71.34 -10.30
C2C CLA BM . -21.30 -71.71 -11.57
C3C CLA BM . -21.84 -73.06 -11.31
C4C CLA BM . -21.40 -73.29 -9.91
CMC CLA BM . -21.39 -70.90 -12.82
CAC CLA BM . -22.61 -73.97 -12.23
CBC CLA BM . -24.09 -73.80 -11.96
ND CLA BM . -20.45 -73.98 -7.31
C1D CLA BM . -21.26 -74.93 -8.01
C2D CLA BM . -21.50 -76.21 -7.32
C3D CLA BM . -20.74 -75.97 -6.07
C4D CLA BM . -20.18 -74.70 -6.16
CMD CLA BM . -22.27 -77.46 -7.65
CAD CLA BM . -20.32 -76.55 -4.77
OBD CLA BM . -20.63 -77.72 -4.33
CBD CLA BM . -19.48 -75.56 -4.06
CGD CLA BM . -20.13 -75.22 -2.75
O1D CLA BM . -20.99 -74.35 -2.69
O2D CLA BM . -19.68 -75.89 -1.55
CED CLA BM . -19.15 -75.11 -0.49
C1 CLA BM . -12.37 -73.65 -6.25
C2 CLA BM . -11.97 -72.99 -7.54
C3 CLA BM . -11.06 -73.50 -8.38
C4 CLA BM . -10.34 -74.78 -8.04
C5 CLA BM . -10.74 -72.76 -9.65
C6 CLA BM . -10.88 -73.64 -10.88
C7 CLA BM . -12.25 -73.45 -11.55
C8 CLA BM . -12.24 -74.05 -12.94
C9 CLA BM . -11.28 -73.30 -13.86
C10 CLA BM . -13.65 -74.06 -13.53
C11 CLA BM . -13.66 -74.89 -14.82
C12 CLA BM . -15.08 -75.16 -15.33
C13 CLA BM . -15.78 -76.28 -14.56
C14 CLA BM . -14.90 -77.51 -14.37
C15 CLA BM . -17.07 -76.64 -15.30
C16 CLA BM . -16.77 -77.27 -16.65
C17 CLA BM . -18.03 -77.84 -17.31
C18 CLA BM . -18.50 -79.16 -16.70
C19 CLA BM . -17.36 -80.16 -16.57
C20 CLA BM . -19.63 -79.74 -17.53
MG CLA CM . -35.18 -66.61 -7.64
CHA CLA CM . -34.72 -67.56 -4.31
CHB CLA CM . -37.86 -68.63 -7.80
CHC CLA CM . -35.75 -65.33 -10.74
CHD CLA CM . -32.36 -64.27 -7.23
NA CLA CM . -36.15 -67.85 -6.28
C1A CLA CM . -35.87 -68.19 -5.07
C2A CLA CM . -36.79 -69.24 -4.46
C3A CLA CM . -37.70 -69.58 -5.62
C4A CLA CM . -37.20 -68.61 -6.64
CMA CLA CM . -37.42 -71.00 -6.09
CAA CLA CM . -37.65 -68.62 -3.33
CBA CLA CM . -39.18 -68.67 -3.41
CGA CLA CM . -39.76 -67.37 -3.92
O1A CLA CM . -39.22 -66.75 -4.84
O2A CLA CM . -40.97 -66.83 -3.33
NB CLA CM . -36.62 -66.93 -9.05
C1B CLA CM . -37.60 -67.81 -9.00
C2B CLA CM . -38.44 -67.90 -10.22
C3B CLA CM . -37.79 -66.90 -11.10
C4B CLA CM . -36.67 -66.37 -10.27
CMB CLA CM . -39.63 -68.77 -10.51
CAB CLA CM . -38.14 -66.50 -12.48
CBB CLA CM . -37.67 -67.20 -13.50
NC CLA CM . -34.26 -65.10 -8.70
C1C CLA CM . -34.62 -64.77 -9.97
C2C CLA CM . -33.76 -63.74 -10.61
C3C CLA CM . -32.77 -63.44 -9.58
C4C CLA CM . -33.18 -64.33 -8.46
CMC CLA CM . -33.87 -63.16 -12.00
CAC CLA CM . -31.61 -62.47 -9.62
CBC CLA CM . -32.13 -61.16 -9.06
ND CLA CM . -33.88 -65.99 -6.23
C1D CLA CM . -32.75 -65.10 -6.11
C2D CLA CM . -32.07 -65.10 -4.81
C3D CLA CM . -32.88 -66.11 -4.08
C4D CLA CM . -33.87 -66.54 -4.95
CMD CLA CM . -30.89 -64.37 -4.25
CAD CLA CM . -33.05 -66.83 -2.80
OBD CLA CM . -32.31 -66.67 -1.75
CBD CLA CM . -34.21 -67.74 -2.91
CGD CLA CM . -33.73 -69.14 -2.67
O1D CLA CM . -33.74 -69.61 -1.55
O2D CLA CM . -33.27 -69.95 -3.78
CED CLA CM . -32.44 -71.08 -3.50
C1 CLA CM . -41.23 -65.43 -3.43
C2 CLA CM . -40.28 -64.71 -2.51
MG CLA DM . -28.37 -79.27 -5.17
CHA CLA DM . -30.88 -79.88 -2.86
CHB CLA DM . -27.16 -82.36 -4.61
CHC CLA DM . -26.14 -78.70 -7.70
CHD CLA DM . -30.05 -76.10 -6.00
NA CLA DM . -28.93 -80.87 -3.97
C1A CLA DM . -29.87 -80.98 -3.09
C2A CLA DM . -29.87 -82.26 -2.30
C3A CLA DM . -28.67 -83.00 -2.87
C4A CLA DM . -28.22 -82.00 -3.89
CMA CLA DM . -27.58 -83.21 -1.82
CAA CLA DM . -31.10 -83.17 -2.49
CBA CLA DM . -31.30 -83.73 -3.89
CGA CLA DM . -32.25 -84.90 -3.78
O1A CLA DM . -32.63 -85.49 -4.77
O2A CLA DM . -32.71 -85.32 -2.47
NB CLA DM . -26.88 -80.38 -6.03
C1B CLA DM . -26.49 -81.60 -5.67
C2B CLA DM . -25.34 -82.14 -6.45
C3B CLA DM . -25.06 -81.02 -7.39
C4B CLA DM . -26.06 -79.99 -7.01
CMB CLA DM . -24.66 -83.48 -6.34
CAB CLA DM . -24.02 -80.91 -8.43
CBB CLA DM . -22.74 -80.94 -8.12
NC CLA DM . -28.18 -77.75 -6.54
C1C CLA DM . -27.19 -77.69 -7.46
C2C CLA DM . -27.17 -76.46 -8.30
C3C CLA DM . -28.33 -75.71 -7.78
C4C CLA DM . -28.86 -76.59 -6.72
CMC CLA DM . -26.23 -76.07 -9.40
CAC CLA DM . -28.86 -74.37 -8.21
CBC CLA DM . -29.95 -74.63 -9.24
ND CLA DM . -30.03 -78.22 -4.68
C1D CLA DM . -30.62 -76.93 -4.94
C2D CLA DM . -31.78 -76.56 -4.11
C3D CLA DM . -31.88 -77.78 -3.26
C4D CLA DM . -30.87 -78.64 -3.65
CMD CLA DM . -32.70 -75.37 -4.02
CAD CLA DM . -32.64 -78.42 -2.16
OBD CLA DM . -33.63 -77.91 -1.55
CBD CLA DM . -32.01 -79.74 -1.88
CGD CLA DM . -31.46 -79.70 -0.49
O1D CLA DM . -32.14 -80.02 0.48
O2D CLA DM . -30.08 -79.29 -0.29
CED CLA DM . -29.30 -79.92 0.74
MG CLA EM . -18.55 -82.90 -2.72
CHA CLA EM . -21.37 -83.23 -0.72
CHB CLA EM . -16.96 -85.14 -0.75
CHC CLA EM . -15.96 -82.78 -4.92
CHD CLA EM . -20.56 -80.88 -5.06
NA CLA EM . -19.08 -84.03 -1.05
C1A CLA EM . -20.15 -84.04 -0.33
C2A CLA EM . -20.11 -84.89 0.92
C3A CLA EM . -18.70 -85.47 0.87
C4A CLA EM . -18.21 -84.82 -0.40
CMA CLA EM . -17.88 -85.00 2.06
CAA CLA EM . -21.08 -86.07 0.96
CBA CLA EM . -21.09 -86.86 -0.34
CGA CLA EM . -22.51 -87.01 -0.82
O1A CLA EM . -23.16 -88.02 -0.59
O2A CLA EM . -23.13 -85.94 -1.58
NB CLA EM . -16.73 -83.83 -2.81
C1B CLA EM . -16.21 -84.69 -1.93
C2B CLA EM . -14.83 -85.14 -2.22
C3B CLA EM . -14.54 -84.42 -3.48
C4B CLA EM . -15.79 -83.65 -3.74
CMB CLA EM . -13.95 -86.09 -1.45
CAB CLA EM . -13.29 -84.45 -4.31
CBB CLA EM . -12.61 -83.37 -4.58
NC CLA EM . -18.34 -82.03 -4.58
C1C CLA EM . -17.20 -82.08 -5.30
C2C CLA EM . -17.24 -81.38 -6.60
C3C CLA EM . -18.59 -80.82 -6.64
C4C CLA EM . -19.17 -81.28 -5.35
CMC CLA EM . -16.14 -81.28 -7.63
CAC CLA EM . -19.27 -80.00 -7.72
CBC CLA EM . -18.73 -78.59 -7.65
ND CLA EM . -20.45 -82.25 -2.97
C1D CLA EM . -21.19 -81.36 -3.83
C2D CLA EM . -22.54 -80.99 -3.38
C3D CLA EM . -22.60 -81.76 -2.10
C4D CLA EM . -21.39 -82.43 -1.95
CMD CLA EM . -23.66 -80.13 -3.91
CAD CLA EM . -23.45 -82.11 -0.94
OBD CLA EM . -24.63 -81.65 -0.76
CBD CLA EM . -22.69 -83.01 -0.03
CGD CLA EM . -22.56 -82.31 1.29
O1D CLA EM . -21.49 -82.08 1.82
O2D CLA EM . -23.76 -81.86 1.99
CED CLA EM . -23.65 -81.29 3.29
C1 CLA EM . -23.42 -86.12 -2.96
C2 CLA EM . -22.36 -85.40 -3.75
C3 CLA EM . -21.28 -86.02 -4.25
C4 CLA EM . -21.05 -87.48 -4.04
C5 CLA EM . -20.27 -85.19 -5.03
C6 CLA EM . -19.46 -86.02 -6.02
C7 CLA EM . -18.00 -85.57 -6.02
C8 CLA EM . -17.15 -86.50 -6.87
C9 CLA EM . -16.76 -87.76 -6.10
C10 CLA EM . -15.92 -85.75 -7.35
MG CLA FM . -10.41 -77.72 -0.29
CHA CLA FM . -13.52 -76.50 -1.13
CHB CLA FM . -11.04 -80.47 -2.13
CHC CLA FM . -7.35 -78.80 0.59
CHD CLA FM . -9.61 -74.37 1.09
NA CLA FM . -11.98 -78.37 -1.47
C1A CLA FM . -13.14 -77.87 -1.65
C2A CLA FM . -14.11 -78.72 -2.43
C3A CLA FM . -13.30 -79.97 -2.70
C4A CLA FM . -12.02 -79.57 -2.06
CMA CLA FM . -13.91 -81.16 -1.93
CAA CLA FM . -14.33 -78.11 -3.81
CBA CLA FM . -15.46 -78.81 -4.56
CGA CLA FM . -15.81 -77.94 -5.74
O1A CLA FM . -15.27 -78.08 -6.82
O2A CLA FM . -16.83 -76.91 -5.58
NB CLA FM . -9.37 -79.44 -0.68
C1B CLA FM . -9.69 -80.36 -1.57
C2B CLA FM . -8.58 -81.28 -1.95
C3B CLA FM . -7.46 -80.76 -1.12
C4B CLA FM . -8.09 -79.63 -0.37
CMB CLA FM . -8.58 -82.43 -2.93
CAB CLA FM . -6.07 -81.25 -1.03
CBB CLA FM . -5.68 -81.91 0.05
NC CLA FM . -8.80 -76.73 0.54
C1C CLA FM . -7.74 -77.43 0.98
C2C CLA FM . -6.91 -76.68 1.96
C3C CLA FM . -7.57 -75.39 2.11
C4C CLA FM . -8.72 -75.54 1.18
CMC CLA FM . -5.68 -77.13 2.64
CAC CLA FM . -7.18 -74.21 2.98
CBC CLA FM . -6.36 -73.26 2.13
ND CLA FM . -11.22 -75.86 -0.10
C1D CLA FM . -10.94 -74.62 0.57
C2D CLA FM . -12.07 -73.66 0.67
C3D CLA FM . -13.12 -74.46 -0.02
C4D CLA FM . -12.55 -75.67 -0.40
CMD CLA FM . -12.27 -72.29 1.25
CAD CLA FM . -14.52 -74.47 -0.46
OBD CLA FM . -15.36 -73.51 -0.26
CBD CLA FM . -14.82 -75.75 -1.13
CGD CLA FM . -15.81 -76.47 -0.27
O1D CLA FM . -15.91 -76.24 0.92
O2D CLA FM . -16.70 -77.47 -0.86
CED CLA FM . -17.13 -78.57 -0.08
MG CLA GM . -15.92 -66.93 -1.83
CHA CLA GM . -17.20 -63.97 -3.18
CHB CLA GM . -13.79 -67.12 -4.41
CHC CLA GM . -15.06 -70.04 -0.70
CHD CLA GM . -18.69 -66.90 0.60
NA CLA GM . -15.58 -65.78 -3.54
C1A CLA GM . -16.00 -64.60 -3.88
C2A CLA GM . -15.30 -63.93 -5.06
C3A CLA GM . -14.19 -64.95 -5.34
C4A CLA GM . -14.56 -66.02 -4.36
CMA CLA GM . -14.03 -65.50 -6.74
CAA CLA GM . -14.74 -62.50 -4.88
CBA CLA GM . -13.98 -61.88 -6.05
CGA CLA GM . -14.67 -61.99 -7.39
O1A CLA GM . -15.79 -61.53 -7.59
O2A CLA GM . -13.96 -62.65 -8.48
NB CLA GM . -14.56 -68.33 -2.43
C1B CLA GM . -13.90 -68.32 -3.58
C2B CLA GM . -13.35 -69.64 -4.02
C3B CLA GM . -13.75 -70.50 -2.88
C4B CLA GM . -14.47 -69.58 -1.97
CMB CLA GM . -12.57 -69.97 -5.26
CAB CLA GM . -13.49 -71.94 -2.64
CBB CLA GM . -12.27 -72.44 -2.65
NC CLA GM . -16.75 -68.20 -0.43
C1C CLA GM . -16.17 -69.35 -0.02
C2C CLA GM . -16.74 -69.97 1.20
C3C CLA GM . -17.80 -69.03 1.58
C4C CLA GM . -17.72 -68.00 0.51
CMC CLA GM . -16.34 -71.23 1.91
CAC CLA GM . -18.76 -69.09 2.75
CBC CLA GM . -18.11 -68.33 3.88
ND CLA GM . -17.56 -65.84 -1.36
C1D CLA GM . -18.59 -65.82 -0.37
C2D CLA GM . -19.49 -64.65 -0.41
C3D CLA GM . -18.91 -63.91 -1.56
C4D CLA GM . -17.85 -64.67 -2.05
CMD CLA GM . -20.66 -64.22 0.40
CAD CLA GM . -19.04 -62.70 -2.40
OBD CLA GM . -19.92 -61.78 -2.27
CBD CLA GM . -17.99 -62.73 -3.43
CGD CLA GM . -18.70 -62.80 -4.76
O1D CLA GM . -19.30 -61.84 -5.17
O2D CLA GM . -18.72 -64.02 -5.54
CED CLA GM . -19.44 -64.02 -6.78
C1 CLA GM . -14.50 -62.82 -9.79
C2 CLA GM . -14.99 -64.24 -10.02
C3 CLA GM . -14.17 -65.28 -10.19
C4 CLA GM . -12.68 -65.13 -10.14
C5 CLA GM . -14.73 -66.66 -10.41
C6 CLA GM . -13.91 -67.76 -9.74
C7 CLA GM . -14.38 -69.15 -10.14
C8 CLA GM . -15.13 -69.82 -9.00
C9 CLA GM . -15.99 -70.97 -9.52
CAA F6C HM . -0.68 -69.97 -15.22
CAB F6C HM . 1.34 -69.23 -6.33
CAC F6C HM . 3.60 -62.22 -9.63
CAD F6C HM . -0.21 -65.29 -16.33
NA F6C HM . -0.56 -68.12 -12.54
CBA F6C HM . -0.89 -71.48 -15.09
CBB F6C HM . 0.67 -69.88 -5.39
CBC F6C HM . 4.91 -62.50 -10.33
CBD F6C HM . -0.80 -66.62 -16.07
NB F6C HM . 0.28 -68.04 -9.75
OBD F6C HM . -0.25 -64.68 -17.45
CGA F6C HM . 0.07 -72.29 -15.92
CGD F6C HM . -2.24 -66.62 -16.48
ND F6C HM . 0.72 -65.47 -12.84
CED F6C HM . -4.65 -66.80 -15.93
CHA F6C HM . -0.54 -66.87 -14.64
CHB F6C HM . -0.99 -69.80 -10.90
CHC F6C HM . 1.61 -66.70 -8.15
CHD F6C HM . 1.99 -63.50 -11.95
CMA F6C HM . -3.32 -70.02 -12.75
CMB F6C HM . -0.46 -71.41 -8.17
CMC F6C HM . 3.34 -64.38 -7.07
CMD F6C HM . 1.61 -62.41 -15.16
OMB F6C HM . -1.58 -71.71 -8.54
C1 F6C HM . 0.61 -74.56 -16.86
C1A F6C HM . -0.89 -68.04 -13.77
C1B F6C HM . -0.27 -69.25 -9.75
C1C F6C HM . 1.93 -65.57 -9.02
C1D F6C HM . 1.31 -64.18 -13.06
O1A F6C HM . 1.19 -71.87 -16.18
O1D F6C HM . -2.55 -66.58 -17.66
C2 F6C HM . 1.12 -75.28 -15.63
C2A F6C HM . -1.66 -69.19 -14.35
C2B F6C HM . -0.02 -70.03 -8.50
C2C F6C HM . 2.76 -64.48 -8.45
C2D F6C HM . 1.18 -63.66 -14.45
O2A F6C HM . -0.34 -73.57 -16.45
O2D F6C HM . -3.30 -66.68 -15.48
C3 F6C HM . 1.56 -76.54 -15.72
C3A F6C HM . -1.84 -70.07 -13.13
C3B F6C HM . 0.77 -69.09 -7.70
C3C F6C HM . 2.87 -63.54 -9.58
C3D F6C HM . 0.41 -64.77 -15.07
C4 F6C HM . 1.54 -77.28 -17.03
C4A F6C HM . -1.07 -69.28 -12.12
C4B F6C HM . 0.88 -67.90 -8.57
C4C F6C HM . 2.08 -64.20 -10.66
C4D F6C HM . 0.23 -65.74 -14.10
C5 F6C HM . 2.07 -77.25 -14.47
C6 F6C HM . 1.01 -77.28 -13.37
C7 F6C HM . 1.64 -76.99 -12.01
C8 F6C HM . 2.47 -78.17 -11.53
C9 F6C HM . 1.64 -79.45 -11.54
C10 F6C HM . 3.01 -77.89 -10.13
C11 F6C HM . 1.87 -77.59 -9.15
C12 F6C HM . 2.40 -77.40 -7.74
NC F6C HM . 1.54 -65.39 -10.30
MG F6C HM . 0.30 -66.70 -11.29
MG CLA IM . -6.89 -69.70 -22.23
CHA CLA IM . -5.40 -70.25 -19.15
CHB CLA IM . -9.72 -71.08 -21.05
CHC CLA IM . -8.13 -69.41 -25.36
CHD CLA IM . -3.59 -68.56 -23.49
NA CLA IM . -7.46 -70.55 -20.43
C1A CLA IM . -6.84 -70.67 -19.31
C2A CLA IM . -7.63 -71.26 -18.17
C3A CLA IM . -8.98 -71.54 -18.83
C4A CLA IM . -8.70 -71.03 -20.20
CMA CLA IM . -9.18 -73.04 -18.91
CAA CLA IM . -7.97 -70.26 -17.06
CBA CLA IM . -8.04 -70.92 -15.69
CGA CLA IM . -8.62 -69.93 -14.71
O1A CLA IM . -8.32 -68.75 -14.78
O2A CLA IM . -9.53 -70.36 -13.67
NB CLA IM . -8.65 -70.24 -23.09
C1B CLA IM . -9.75 -70.66 -22.46
C2B CLA IM . -11.00 -70.61 -23.26
C3B CLA IM . -10.49 -70.11 -24.57
C4B CLA IM . -9.04 -69.91 -24.33
CMB CLA IM . -12.40 -70.99 -22.86
CAB CLA IM . -11.20 -69.83 -25.85
CBB CLA IM . -12.33 -69.15 -25.90
NC CLA IM . -6.02 -69.14 -24.01
C1C CLA IM . -6.71 -69.06 -25.17
C2C CLA IM . -5.93 -68.58 -26.34
C3C CLA IM . -4.59 -68.34 -25.78
C4C CLA IM . -4.78 -68.70 -24.35
CMC CLA IM . -6.42 -68.41 -27.75
CAC CLA IM . -3.33 -67.82 -26.44
CBC CLA IM . -2.43 -68.98 -26.81
ND CLA IM . -4.96 -69.48 -21.61
C1D CLA IM . -3.72 -68.95 -22.09
C2D CLA IM . -2.64 -68.85 -21.10
C3D CLA IM . -3.34 -69.38 -19.91
C4D CLA IM . -4.64 -69.69 -20.28
CMD CLA IM . -1.20 -68.37 -21.11
CAD CLA IM . -3.20 -69.69 -18.47
OBD CLA IM . -2.13 -69.52 -17.81
CBD CLA IM . -4.48 -70.24 -17.96
CGD CLA IM . -4.24 -71.61 -17.41
O1D CLA IM . -4.55 -71.87 -16.27
O2D CLA IM . -3.63 -72.63 -18.23
CED CLA IM . -3.45 -73.94 -17.69
C1 CLA IM . -9.86 -69.43 -12.64
C2 CLA IM . -8.96 -69.69 -11.45
C3 CLA IM . -9.09 -69.01 -10.30
C4 CLA IM . -10.13 -67.95 -10.14
C5 CLA IM . -8.16 -69.33 -9.16
C6 CLA IM . -8.88 -69.49 -7.83
C7 CLA IM . -7.91 -69.27 -6.68
C8 CLA IM . -8.47 -69.79 -5.36
C9 CLA IM . -7.69 -69.19 -4.19
C10 CLA IM . -8.41 -71.32 -5.33
C11 CLA IM . -7.02 -71.87 -5.61
C12 CLA IM . -6.70 -73.07 -4.75
C13 CLA IM . -5.81 -74.06 -5.48
C14 CLA IM . -6.55 -75.37 -5.74
C15 CLA IM . -4.53 -74.32 -4.68
C16 CLA IM . -3.40 -73.41 -5.15
C17 CLA IM . -2.01 -74.01 -4.92
C18 CLA IM . -1.59 -75.05 -5.95
C19 CLA IM . -0.07 -75.24 -5.92
C20 CLA IM . -2.03 -74.73 -7.38
MG CLA JM . -2.00 -48.56 -16.46
CHA CLA JM . -4.51 -46.43 -17.51
CHB CLA JM . -0.97 -48.81 -19.65
CHC CLA JM . 0.66 -50.31 -15.29
CHD CLA JM . -2.95 -47.78 -12.98
NA CLA JM . -2.59 -47.73 -18.27
C1A CLA JM . -3.64 -47.06 -18.58
C2A CLA JM . -3.88 -46.84 -20.06
C3A CLA JM . -2.79 -47.68 -20.67
C4A CLA JM . -2.07 -48.10 -19.44
CMA CLA JM . -3.45 -48.90 -21.29
CAA CLA JM . -3.51 -45.38 -20.40
CBA CLA JM . -2.79 -45.03 -21.72
CGA CLA JM . -1.34 -44.68 -21.48
O1A CLA JM . -0.69 -44.03 -22.28
O2A CLA JM . -0.65 -45.14 -20.29
NB CLA JM . -0.42 -49.48 -17.35
C1B CLA JM . -0.07 -49.38 -18.63
C2B CLA JM . 1.31 -49.83 -18.94
C3B CLA JM . 1.79 -50.28 -17.62
C4B CLA JM . 0.63 -50.01 -16.73
CMB CLA JM . 2.01 -49.83 -20.26
CAB CLA JM . 3.08 -50.85 -17.21
CBB CLA JM . 4.22 -50.24 -17.46
NC CLA JM . -1.28 -48.88 -14.55
C1C CLA JM . -0.27 -49.74 -14.30
C2C CLA JM . -0.11 -50.11 -12.87
C3C CLA JM . -1.17 -49.36 -12.19
C4C CLA JM . -1.82 -48.65 -13.32
CMC CLA JM . 0.90 -51.03 -12.24
CAC CLA JM . -1.53 -49.33 -10.72
CBC CLA JM . -0.90 -48.10 -10.10
ND CLA JM . -3.32 -47.42 -15.42
C1D CLA JM . -3.69 -47.16 -14.07
C2D CLA JM . -4.82 -46.25 -13.87
C3D CLA JM . -5.14 -45.95 -15.28
C4D CLA JM . -4.24 -46.64 -16.08
CMD CLA JM . -5.53 -45.70 -12.66
CAD CLA JM . -6.05 -45.19 -16.16
OBD CLA JM . -7.00 -44.43 -15.77
CBD CLA JM . -5.66 -45.49 -17.55
CGD CLA JM . -6.86 -46.02 -18.26
O1D CLA JM . -7.44 -46.98 -17.82
O2D CLA JM . -7.34 -45.36 -19.47
CED CLA JM . -8.74 -45.34 -19.72
C1 CLA JM . 0.64 -45.74 -20.41
C2 CLA JM . 1.28 -45.75 -19.05
C3 CLA JM . 2.41 -45.08 -18.82
C4 CLA JM . 3.09 -44.31 -19.91
C5 CLA JM . 3.03 -45.09 -17.45
C6 CLA JM . 3.10 -43.68 -16.89
C7 CLA JM . 3.48 -43.71 -15.42
C8 CLA JM . 3.32 -42.35 -14.78
C9 CLA JM . 4.32 -41.35 -15.34
C10 CLA JM . 3.50 -42.51 -13.27
C11 CLA JM . 3.28 -41.20 -12.52
C12 CLA JM . 3.37 -41.46 -11.03
C13 CLA JM . 3.57 -40.18 -10.22
C14 CLA JM . 4.79 -39.41 -10.70
C15 CLA JM . 3.72 -40.52 -8.75
C16 CLA JM . 2.56 -41.36 -8.21
MG CLA KM . -9.29 -53.16 -16.90
CHA CLA KM . -10.77 -52.83 -20.02
CHB CLA KM . -8.46 -49.91 -17.02
CHC CLA KM . -8.28 -53.46 -13.66
CHD CLA KM . -10.68 -56.57 -16.71
NA CLA KM . -9.61 -51.62 -18.24
C1A CLA KM . -10.09 -51.62 -19.43
C2A CLA KM . -9.94 -50.34 -20.22
C3A CLA KM . -9.15 -49.48 -19.27
C4A CLA KM . -9.07 -50.40 -18.10
CMA CLA KM . -7.77 -49.41 -19.92
CAA CLA KM . -11.30 -49.63 -20.46
CBA CLA KM . -11.81 -48.64 -19.40
CGA CLA KM . -12.91 -49.19 -18.54
O1A CLA KM . -12.86 -50.31 -18.07
O2A CLA KM . -14.06 -48.35 -18.27
NB CLA KM . -8.44 -51.88 -15.56
C1B CLA KM . -8.26 -50.58 -15.73
C2B CLA KM . -7.89 -49.84 -14.51
C3B CLA KM . -7.85 -50.92 -13.50
C4B CLA KM . -8.19 -52.14 -14.28
CMB CLA KM . -7.63 -48.36 -14.35
CAB CLA KM . -7.53 -50.87 -12.06
CBB CLA KM . -6.39 -50.39 -11.64
NC CLA KM . -9.48 -54.68 -15.51
C1C CLA KM . -8.96 -54.61 -14.26
C2C CLA KM . -9.12 -55.85 -13.44
C3C CLA KM . -9.83 -56.77 -14.35
C4C CLA KM . -9.99 -55.93 -15.57
CMC CLA KM . -8.66 -56.09 -12.03
CAC CLA KM . -10.28 -58.17 -14.11
CBC CLA KM . -11.71 -58.10 -13.61
ND CLA KM . -10.46 -54.42 -17.97
C1D CLA KM . -10.91 -55.76 -17.88
C2D CLA KM . -11.60 -56.26 -19.07
C3D CLA KM . -11.56 -55.06 -19.95
C4D CLA KM . -10.91 -54.06 -19.23
CMD CLA KM . -12.21 -57.59 -19.35
CAD CLA KM . -11.93 -54.49 -21.27
OBD CLA KM . -12.56 -55.09 -22.20
CBD CLA KM . -11.46 -53.08 -21.32
CGD CLA KM . -10.60 -52.82 -22.52
O1D CLA KM . -9.48 -53.28 -22.63
O2D CLA KM . -11.11 -51.91 -23.53
CED CLA KM . -10.25 -51.47 -24.57
C1 CLA KM . -14.80 -48.52 -17.06
C2 CLA KM . -15.93 -49.49 -17.30
C3 CLA KM . -16.98 -49.62 -16.47
C4 CLA KM . -17.08 -48.80 -15.22
C5 CLA KM . -18.04 -50.63 -16.84
C6 CLA KM . -19.15 -50.80 -15.82
C7 CLA KM . -20.22 -51.75 -16.35
C8 CLA KM . -20.34 -53.00 -15.49
C9 CLA KM . -19.22 -53.99 -15.78
C10 CLA KM . -21.69 -53.67 -15.73
C11 CLA KM . -22.84 -52.83 -15.20
C12 CLA KM . -24.11 -53.67 -15.14
C13 CLA KM . -25.38 -52.81 -15.10
C14 CLA KM . -25.35 -51.84 -13.91
C15 CLA KM . -26.58 -53.73 -15.03
C16 CLA KM . -27.92 -52.99 -15.02
C17 CLA KM . -29.07 -53.98 -14.91
C18 CLA KM . -30.40 -53.27 -14.67
C19 CLA KM . -31.51 -54.29 -14.43
C20 CLA KM . -30.76 -52.37 -15.84
MG CLA LM . -3.57 -54.00 1.11
CHA CLA LM . -2.25 -53.08 4.20
CHB CLA LM . -6.55 -52.83 2.12
CHC CLA LM . -4.67 -54.49 -2.06
CHD CLA LM . -0.17 -54.89 0.02
NA CLA LM . -4.28 -53.08 2.83
C1A CLA LM . -3.71 -52.81 3.96
C2A CLA LM . -4.60 -52.24 5.04
C3A CLA LM . -5.95 -52.20 4.36
C4A CLA LM . -5.57 -52.74 3.01
CMA CLA LM . -6.82 -53.24 5.05
CAA CLA LM . -4.28 -50.81 5.47
CBA CLA LM . -3.90 -49.93 4.29
CGA CLA LM . -3.44 -48.61 4.83
O1A CLA LM . -3.74 -48.21 5.94
O2A CLA LM . -2.57 -47.78 4.02
NB CLA LM . -5.33 -53.65 0.16
C1B CLA LM . -6.46 -53.33 0.75
C2B CLA LM . -7.66 -53.52 -0.09
C3B CLA LM . -7.09 -54.03 -1.37
C4B CLA LM . -5.64 -54.06 -1.06
CMB CLA LM . -9.06 -53.24 0.33
CAB CLA LM . -7.67 -54.44 -2.68
CBB CLA LM . -8.94 -54.35 -3.01
NC CLA LM . -2.62 -54.60 -0.61
C1C CLA LM . -3.23 -54.67 -1.80
C2C CLA LM . -2.38 -54.93 -2.97
C3C CLA LM . -1.04 -55.03 -2.36
C4C CLA LM . -1.32 -54.83 -0.91
CMC CLA LM . -2.80 -55.04 -4.40
CAC CLA LM . 0.27 -55.30 -3.06
CBC CLA LM . 0.76 -53.97 -3.56
ND CLA LM . -1.67 -53.97 1.81
C1D CLA LM . -0.38 -54.42 1.39
C2D CLA LM . 0.66 -54.36 2.44
C3D CLA LM . -0.12 -53.82 3.57
C4D CLA LM . -1.42 -53.63 3.12
CMD CLA LM . 2.10 -54.69 2.56
CAD CLA LM . -0.04 -53.40 4.99
OBD CLA LM . 1.01 -53.45 5.71
CBD CLA LM . -1.39 -52.94 5.41
CGD CLA LM . -1.82 -53.72 6.62
O1D CLA LM . -2.80 -54.45 6.61
O2D CLA LM . -1.05 -53.64 7.83
CED CLA LM . -1.12 -54.70 8.77
C1 CLA LM . -3.13 -46.59 3.51
C2 CLA LM . -2.29 -46.15 2.34
C3 CLA LM . -2.32 -44.89 1.89
C4 CLA LM . -3.24 -43.88 2.51
C5 CLA LM . -1.45 -44.51 0.72
C6 CLA LM . -0.36 -45.52 0.40
C7 CLA LM . 0.26 -45.18 -0.94
C8 CLA LM . 1.38 -46.15 -1.30
C9 CLA LM . 2.44 -46.20 -0.22
C10 CLA LM . 1.98 -45.74 -2.64
MG CLA MM . 1.39 -82.58 3.07
CHA CLA MM . 0.35 -85.33 4.91
CHB CLA MM . 4.44 -83.96 2.79
CHC CLA MM . 2.15 -80.12 0.83
CHD CLA MM . -2.07 -81.27 3.22
NA CLA MM . 2.25 -84.36 3.70
C1A CLA MM . 1.78 -85.30 4.44
C2A CLA MM . 2.77 -86.40 4.79
C3A CLA MM . 4.05 -85.88 4.16
C4A CLA MM . 3.54 -84.64 3.51
CMA CLA MM . 5.00 -85.49 5.28
CAA CLA MM . 2.40 -87.74 4.11
CBA CLA MM . 3.37 -88.38 3.09
CGA CLA MM . 2.65 -88.81 1.84
O1A CLA MM . 3.18 -89.57 1.05
O2A CLA MM . 1.30 -88.33 1.58
NB CLA MM . 3.04 -82.13 1.97
C1B CLA MM . 4.23 -82.72 2.02
C2B CLA MM . 5.29 -82.07 1.19
C3B CLA MM . 4.57 -80.93 0.61
C4B CLA MM . 3.21 -81.08 1.16
CMB CLA MM . 6.72 -82.41 0.95
CAB CLA MM . 5.06 -79.88 -0.31
CBB CLA MM . 4.79 -79.98 -1.60
NC CLA MM . 0.27 -81.07 2.21
C1C CLA MM . 0.81 -80.17 1.35
C2C CLA MM . -0.11 -79.11 0.88
C3C CLA MM . -1.34 -79.45 1.58
C4C CLA MM . -1.01 -80.66 2.38
CMC CLA MM . 0.17 -77.98 -0.07
CAC CLA MM . -2.62 -78.68 1.46
CBC CLA MM . -3.35 -79.20 0.25
ND CLA MM . -0.44 -83.09 3.80
C1D CLA MM . -1.76 -82.53 3.90
C2D CLA MM . -2.73 -83.34 4.69
C3D CLA MM . -1.84 -84.46 5.10
C4D CLA MM . -0.59 -84.25 4.54
CMD CLA MM . -4.17 -83.20 5.08
CAD CLA MM . -1.79 -85.74 5.86
OBD CLA MM . -2.78 -86.27 6.49
CBD CLA MM . -0.42 -86.30 5.76
CGD CLA MM . 0.16 -86.45 7.13
O1D CLA MM . 0.71 -87.48 7.46
O2D CLA MM . 0.09 -85.34 8.08
CED CLA MM . 0.69 -85.48 9.36
MG CLA NM . 10.62 -84.04 -2.55
CHA CLA NM . 9.48 -85.25 0.50
CHB CLA NM . 13.72 -83.89 -1.25
CHC CLA NM . 11.72 -83.26 -5.67
CHD CLA NM . 7.26 -84.65 -3.95
NA CLA NM . 11.48 -84.52 -0.72
C1A CLA NM . 10.95 -84.90 0.39
C2A CLA NM . 11.88 -84.96 1.59
C3A CLA NM . 13.20 -84.49 0.99
C4A CLA NM . 12.76 -84.27 -0.42
CMA CLA NM . 13.59 -83.16 1.62
CAA CLA NM . 12.14 -86.39 2.11
CBA CLA NM . 12.34 -87.37 0.97
CGA CLA NM . 12.41 -88.81 1.40
O1A CLA NM . 12.85 -89.12 2.51
O2A CLA NM . 11.94 -89.82 0.49
NB CLA NM . 12.45 -83.61 -3.33
C1B CLA NM . 13.61 -83.63 -2.69
C2B CLA NM . 14.81 -83.44 -3.54
C3B CLA NM . 14.20 -83.25 -4.87
C4B CLA NM . 12.74 -83.37 -4.61
CMB CLA NM . 16.25 -83.44 -3.13
CAB CLA NM . 14.86 -83.01 -6.17
CBB CLA NM . 14.81 -83.92 -7.13
NC CLA NM . 9.69 -84.01 -4.39
C1C CLA NM . 10.31 -83.61 -5.52
C2C CLA NM . 9.43 -83.54 -6.72
C3C CLA NM . 8.12 -83.95 -6.21
C4C CLA NM . 8.40 -84.21 -4.77
CMC CLA NM . 9.82 -83.14 -8.12
CAC CLA NM . 6.81 -84.08 -6.96
CBC CLA NM . 6.09 -82.76 -6.81
ND CLA NM . 8.81 -84.79 -2.00
C1D CLA NM . 7.50 -84.96 -2.54
C2D CLA NM . 6.46 -85.45 -1.59
C3D CLA NM . 7.29 -85.57 -0.37
C4D CLA NM . 8.59 -85.18 -0.69
CMD CLA NM . 4.99 -85.77 -1.68
CAD CLA NM . 7.27 -85.94 1.08
OBD CLA NM . 6.25 -86.35 1.71
CBD CLA NM . 8.63 -85.75 1.63
CGD CLA NM . 8.62 -84.82 2.81
O1D CLA NM . 9.08 -83.69 2.76
O2D CLA NM . 8.11 -85.28 4.09
CED CLA NM . 8.62 -84.68 5.28
C1 CLA NM . 12.86 -90.77 -0.02
C2 CLA NM . 13.84 -90.08 -0.93
C3 CLA NM . 13.94 -90.36 -2.25
C4 CLA NM . 13.08 -91.40 -2.89
MG CLA OM . 22.16 -79.93 -14.28
CHA CLA OM . 21.45 -79.79 -10.89
CHB CLA OM . 25.02 -78.22 -13.66
CHC CLA OM . 23.03 -80.51 -17.50
CHD CLA OM . 19.27 -82.19 -14.70
NA CLA OM . 23.11 -79.18 -12.59
C1A CLA OM . 22.71 -79.11 -11.37
C2A CLA OM . 23.60 -78.33 -10.41
C3A CLA OM . 24.65 -77.79 -11.35
C4A CLA OM . 24.22 -78.45 -12.62
CMA CLA OM . 24.45 -76.29 -11.49
CAA CLA OM . 24.62 -79.21 -9.68
CBA CLA OM . 24.21 -80.17 -8.57
CGA CLA OM . 24.06 -81.56 -9.14
O1A CLA OM . 24.94 -82.07 -9.81
O2A CLA OM . 22.85 -82.30 -8.87
NB CLA OM . 23.77 -79.40 -15.42
C1B CLA OM . 24.85 -78.75 -15.02
C2B CLA OM . 25.96 -78.67 -16.02
C3B CLA OM . 25.35 -79.37 -17.18
C4B CLA OM . 24.00 -79.77 -16.68
CMB CLA OM . 27.32 -78.03 -15.89
CAB CLA OM . 25.94 -79.62 -18.51
CBB CLA OM . 26.17 -80.87 -18.90
NC CLA OM . 21.34 -81.12 -15.74
C1C CLA OM . 21.82 -81.16 -17.00
C2C CLA OM . 21.00 -81.95 -17.96
C3C CLA OM . 19.90 -82.45 -17.13
C4C CLA OM . 20.21 -81.87 -15.79
CMC CLA OM . 21.25 -82.19 -19.43
CAC CLA OM . 18.72 -83.31 -17.53
CBC CLA OM . 17.70 -82.38 -18.14
ND CLA OM . 20.73 -80.86 -13.17
C1D CLA OM . 19.55 -81.64 -13.38
C2D CLA OM . 18.70 -81.85 -12.17
C3D CLA OM . 19.50 -81.08 -11.18
C4D CLA OM . 20.61 -80.57 -11.82
CMD CLA OM . 17.42 -82.56 -11.85
CAD CLA OM . 19.56 -80.66 -9.77
OBD CLA OM . 18.69 -80.95 -8.87
CBD CLA OM . 20.77 -79.81 -9.56
CGD CLA OM . 20.27 -78.45 -9.19
O1D CLA OM . 20.52 -77.45 -9.84
O2D CLA OM . 19.42 -78.29 -8.04
CED CLA OM . 18.77 -77.04 -7.86
C1 CLA OM . 22.89 -83.68 -8.54
C2 CLA OM . 22.70 -84.51 -9.79
C3 CLA OM . 21.47 -84.80 -10.26
C4 CLA OM . 20.23 -84.30 -9.57
C5 CLA OM . 21.35 -85.66 -11.49
C6 CLA OM . 20.81 -84.87 -12.69
C7 CLA OM . 19.44 -85.42 -13.11
C8 CLA OM . 19.55 -86.86 -13.62
C9 CLA OM . 20.09 -86.89 -15.04
C10 CLA OM . 18.19 -87.54 -13.53
C11 CLA OM . 17.09 -86.72 -14.21
MG CLA PM . 28.54 -74.95 -22.23
CHA CLA PM . 30.70 -76.40 -24.55
CHB CLA PM . 26.72 -77.77 -22.24
CHC CLA PM . 26.82 -73.68 -19.60
CHD CLA PM . 30.77 -72.00 -22.17
NA CLA PM . 28.70 -76.78 -23.20
C1A CLA PM . 29.54 -77.23 -24.06
C2A CLA PM . 29.28 -78.64 -24.56
C3A CLA PM . 27.99 -78.99 -23.84
C4A CLA PM . 27.80 -77.76 -23.04
CMA CLA PM . 26.86 -79.12 -24.85
CAA CLA PM . 30.38 -79.60 -24.05
CBA CLA PM . 29.95 -81.03 -23.72
CGA CLA PM . 31.10 -81.81 -23.14
O1A CLA PM . 31.41 -82.88 -23.61
O2A CLA PM . 31.85 -81.28 -22.00
NB CLA PM . 27.04 -75.67 -21.04
C1B CLA PM . 26.27 -76.71 -21.33
C2B CLA PM . 24.94 -76.76 -20.66
C3B CLA PM . 24.99 -75.51 -19.87
C4B CLA PM . 26.33 -74.94 -20.17
CMB CLA PM . 23.83 -77.77 -20.77
CAB CLA PM . 23.95 -74.96 -18.96
CBB CLA PM . 23.78 -75.47 -17.76
NC CLA PM . 28.77 -73.22 -21.12
C1C CLA PM . 27.96 -72.89 -20.10
C2C CLA PM . 28.26 -71.59 -19.45
C3C CLA PM . 29.42 -71.10 -20.21
C4C CLA PM . 29.64 -72.18 -21.21
CMC CLA PM . 27.55 -70.94 -18.30
CAC CLA PM . 30.19 -69.82 -20.02
CBC CLA PM . 31.39 -70.13 -19.15
ND CLA PM . 30.29 -74.29 -23.04
C1D CLA PM . 31.09 -73.10 -23.07
C2D CLA PM . 32.21 -73.10 -24.03
C3D CLA PM . 32.04 -74.45 -24.62
C4D CLA PM . 30.94 -75.05 -24.01
CMD CLA PM . 33.30 -72.14 -24.42
CAD CLA PM . 32.58 -75.42 -25.61
OBD CLA PM . 33.60 -75.21 -26.38
CBD CLA PM . 31.75 -76.64 -25.59
CGD CLA PM . 31.13 -76.86 -26.94
O1D CLA PM . 31.45 -77.82 -27.63
O2D CLA PM . 30.10 -75.95 -27.40
CED CLA PM . 28.82 -76.48 -27.76
MG CLA QM . -6.73 -77.36 -24.78
CHA CLA QM . -9.73 -76.94 -26.49
CHB CLA QM . -7.00 -74.18 -23.66
CHC CLA QM . -4.08 -77.99 -22.75
CHD CLA QM . -6.73 -80.88 -25.88
NA CLA QM . -8.13 -75.85 -24.99
C1A CLA QM . -9.20 -75.77 -25.71
C2A CLA QM . -9.89 -74.41 -25.74
C3A CLA QM . -8.93 -73.59 -24.91
C4A CLA QM . -7.95 -74.62 -24.49
CMA CLA QM . -8.16 -72.86 -25.98
CAA CLA QM . -11.26 -74.38 -25.02
CBA CLA QM . -11.22 -74.41 -23.49
CGA CLA QM . -12.56 -74.61 -22.83
O1A CLA QM . -13.44 -75.26 -23.35
O2A CLA QM . -12.81 -74.01 -21.52
NB CLA QM . -5.69 -76.25 -23.41
C1B CLA QM . -5.90 -74.96 -23.10
C2B CLA QM . -4.97 -74.40 -22.08
C3B CLA QM . -4.09 -75.56 -21.81
C4B CLA QM . -4.64 -76.64 -22.69
CMB CLA QM . -4.93 -73.01 -21.51
CAB CLA QM . -2.94 -75.63 -20.88
CBB CLA QM . -1.73 -75.97 -21.27
NC CLA QM . -5.67 -79.08 -24.40
C1C CLA QM . -4.61 -79.11 -23.56
C2C CLA QM . -3.93 -80.44 -23.48
C3C CLA QM . -4.72 -81.28 -24.40
C4C CLA QM . -5.75 -80.34 -24.90
CMC CLA QM . -2.74 -80.82 -22.65
CAC CLA QM . -4.53 -82.73 -24.75
CBC CLA QM . -5.43 -83.54 -23.83
ND CLA QM . -7.87 -78.67 -25.85
C1D CLA QM . -7.82 -80.02 -26.32
C2D CLA QM . -8.92 -80.43 -27.23
C3D CLA QM . -9.69 -79.16 -27.28
C4D CLA QM . -9.04 -78.24 -26.46
CMD CLA QM . -9.31 -81.68 -27.96
CAD CLA QM . -10.89 -78.49 -27.84
OBD CLA QM . -11.73 -79.04 -28.64
CBD CLA QM . -10.92 -77.10 -27.37
CGD CLA QM . -10.81 -76.22 -28.56
O1D CLA QM . -9.81 -76.21 -29.27
O2D CLA QM . -11.91 -75.34 -28.88
CED CLA QM . -11.90 -74.69 -30.14
MG CLA RM . -13.85 -82.39 -25.76
CHA CLA RM . -17.08 -82.02 -26.98
CHB CLA RM . -13.96 -79.20 -24.69
CHC CLA RM . -10.59 -82.75 -24.84
CHD CLA RM . -13.69 -85.69 -27.42
NA CLA RM . -15.26 -80.85 -25.84
C1A CLA RM . -16.47 -80.83 -26.27
C2A CLA RM . -17.23 -79.51 -26.04
C3A CLA RM . -16.19 -78.67 -25.32
C4A CLA RM . -15.05 -79.64 -25.28
CMA CLA RM . -15.79 -77.44 -26.12
CAA CLA RM . -18.51 -79.56 -25.20
CBA CLA RM . -18.35 -79.73 -23.70
CGA CLA RM . -19.67 -80.16 -23.12
O1A CLA RM . -20.59 -79.39 -23.01
O2A CLA RM . -19.85 -81.53 -22.67
NB CLA RM . -12.47 -81.14 -24.93
C1B CLA RM . -12.69 -79.92 -24.48
C2B CLA RM . -11.56 -79.33 -23.71
C3B CLA RM . -10.55 -80.41 -23.76
C4B CLA RM . -11.24 -81.47 -24.54
CMB CLA RM . -11.47 -77.99 -23.06
CAB CLA RM . -9.18 -80.43 -23.17
CBB CLA RM . -8.87 -81.29 -22.22
NC CLA RM . -12.45 -83.87 -26.11
C1C CLA RM . -11.22 -83.85 -25.59
C2C CLA RM . -10.41 -85.08 -25.80
C3C CLA RM . -11.33 -85.95 -26.57
C4C CLA RM . -12.54 -85.10 -26.69
CMC CLA RM . -9.00 -85.35 -25.33
CAC CLA RM . -11.09 -87.34 -27.07
CBC CLA RM . -10.21 -87.23 -28.30
ND CLA RM . -14.98 -83.59 -26.96
C1D CLA RM . -14.94 -84.92 -27.49
C2D CLA RM . -16.20 -85.41 -28.09
C3D CLA RM . -17.07 -84.21 -27.87
C4D CLA RM . -16.30 -83.25 -27.22
CMD CLA RM . -16.67 -86.67 -28.76
CAD CLA RM . -18.42 -83.67 -28.06
OBD CLA RM . -19.40 -84.27 -28.62
CBD CLA RM . -18.46 -82.29 -27.50
CGD CLA RM . -18.90 -81.34 -28.57
O1D CLA RM . -18.23 -81.15 -29.58
O2D CLA RM . -20.15 -80.62 -28.40
CED CLA RM . -20.77 -79.97 -29.50
MG CLA SM . -19.47 -87.52 -25.69
CHA CLA SM . -22.95 -87.50 -25.69
CHB CLA SM . -19.51 -84.35 -24.55
CHC CLA SM . -16.10 -87.78 -25.31
CHD CLA SM . -19.60 -91.14 -26.48
NA CLA SM . -20.95 -86.17 -25.16
C1A CLA SM . -22.24 -86.23 -25.30
C2A CLA SM . -22.99 -84.95 -25.01
C3A CLA SM . -21.87 -83.97 -24.69
C4A CLA SM . -20.70 -84.89 -24.81
CMA CLA SM . -21.79 -82.92 -25.78
CAA CLA SM . -23.77 -85.05 -23.68
CBA CLA SM . -24.53 -83.77 -23.35
CGA CLA SM . -25.64 -83.57 -24.34
O1A CLA SM . -26.68 -84.22 -24.25
O2A CLA SM . -25.50 -82.59 -25.40
NB CLA SM . -18.02 -86.23 -25.06
C1B CLA SM . -18.20 -85.01 -24.57
C2B CLA SM . -16.96 -84.37 -24.01
C3B CLA SM . -15.95 -85.42 -24.26
C4B CLA SM . -16.73 -86.52 -24.90
CMB CLA SM . -16.78 -83.03 -23.37
CAB CLA SM . -14.51 -85.40 -23.91
CBB CLA SM . -14.01 -86.24 -23.02
NC CLA SM . -18.17 -89.12 -25.82
C1C CLA SM . -16.83 -88.99 -25.71
C2C CLA SM . -16.04 -90.20 -26.00
C3C CLA SM . -17.08 -91.19 -26.35
C4C CLA SM . -18.34 -90.42 -26.20
CMC CLA SM . -14.54 -90.38 -25.97
CAC CLA SM . -16.91 -92.63 -26.76
CBC CLA SM . -16.57 -92.62 -28.23
ND CLA SM . -20.82 -89.01 -25.97
C1D CLA SM . -20.85 -90.39 -26.35
C2D CLA SM . -22.20 -90.98 -26.58
C3D CLA SM . -23.04 -89.78 -26.30
C4D CLA SM . -22.19 -88.74 -25.96
CMD CLA SM . -22.75 -92.33 -26.97
CAD CLA SM . -24.43 -89.26 -26.24
OBD CLA SM . -25.50 -89.96 -26.48
CBD CLA SM . -24.39 -87.84 -25.85
CGD CLA SM . -25.05 -87.02 -26.93
O1D CLA SM . -24.57 -86.95 -28.05
O2D CLA SM . -26.27 -86.31 -26.64
CED CLA SM . -26.85 -85.44 -27.60
MG CLA TM . 2.79 -68.61 -22.63
CHA CLA TM . 1.76 -71.48 -24.26
CHB CLA TM . 2.14 -70.13 -19.70
CHC CLA TM . 3.57 -65.68 -21.13
CHD CLA TM . 2.81 -66.88 -25.91
NA CLA TM . 2.04 -70.46 -22.06
C1A CLA TM . 1.77 -71.51 -22.76
C2A CLA TM . 1.43 -72.77 -21.97
C3A CLA TM . 1.56 -72.28 -20.55
C4A CLA TM . 1.94 -70.86 -20.80
CMA CLA TM . 0.19 -72.31 -19.88
CAA CLA TM . 2.40 -73.94 -22.11
CBA CLA TM . 1.61 -75.18 -22.49
CGA CLA TM . 2.34 -76.44 -22.11
O1A CLA TM . 3.49 -76.64 -22.49
O2A CLA TM . 1.71 -77.45 -21.27
NB CLA TM . 2.85 -68.00 -20.68
C1B CLA TM . 2.53 -68.72 -19.61
C2B CLA TM . 2.62 -68.00 -18.32
C3B CLA TM . 3.06 -66.67 -18.76
C4B CLA TM . 3.16 -66.78 -20.25
CMB CLA TM . 2.34 -68.49 -16.93
CAB CLA TM . 3.32 -65.50 -17.89
CBB CLA TM . 2.73 -64.35 -18.09
NC CLA TM . 3.10 -66.71 -23.38
C1C CLA TM . 3.44 -65.66 -22.61
C2C CLA TM . 3.67 -64.38 -23.33
C3C CLA TM . 3.45 -64.74 -24.74
C4C CLA TM . 3.10 -66.19 -24.65
CMC CLA TM . 4.05 -63.06 -22.75
CAC CLA TM . 3.53 -63.84 -25.96
CBC CLA TM . 4.82 -64.04 -26.73
ND CLA TM . 2.35 -68.95 -24.58
C1D CLA TM . 2.49 -68.30 -25.85
C2D CLA TM . 2.27 -69.14 -27.04
C3D CLA TM . 1.98 -70.43 -26.36
C4D CLA TM . 2.06 -70.23 -24.99
CMD CLA TM . 2.29 -68.93 -28.52
CAD CLA TM . 1.65 -71.86 -26.57
OBD CLA TM . 1.50 -72.40 -27.71
CBD CLA TM . 1.48 -72.53 -25.28
CGD CLA TM . 0.01 -72.84 -25.21
O1D CLA TM . -0.42 -73.95 -25.45
O2D CLA TM . -0.92 -71.79 -24.82
CED CLA TM . -2.25 -72.12 -24.44
C1 CLA TM . 1.91 -78.83 -21.58
C2 CLA TM . 1.00 -79.68 -20.71
C3 CLA TM . 1.35 -80.91 -20.31
C4 CLA TM . 2.65 -81.52 -20.73
C5 CLA TM . 0.39 -81.70 -19.45
C6 CLA TM . -0.39 -80.82 -18.47
MG CLA UM . 10.14 -77.33 -18.79
CHA CLA UM . 7.88 -76.44 -21.27
CHB CLA UM . 8.37 -75.46 -16.62
CHC CLA UM . 12.12 -78.60 -16.33
CHD CLA UM . 11.74 -79.61 -21.21
NA CLA UM . 8.41 -76.18 -18.90
C1A CLA UM . 7.68 -75.85 -19.90
C2A CLA UM . 6.56 -74.85 -19.62
C3A CLA UM . 6.79 -74.55 -18.16
C4A CLA UM . 7.94 -75.47 -17.88
CMA CLA UM . 7.27 -73.12 -18.04
CAA CLA UM . 5.11 -75.40 -19.75
CBA CLA UM . 4.64 -76.45 -18.75
CGA CLA UM . 5.22 -77.81 -19.05
O1A CLA UM . 4.74 -78.54 -19.91
O2A CLA UM . 6.38 -78.25 -18.32
NB CLA UM . 10.22 -77.07 -16.77
C1B CLA UM . 9.46 -76.25 -16.04
C2B CLA UM . 9.76 -76.24 -14.59
C3B CLA UM . 10.90 -77.19 -14.52
C4B CLA UM . 11.08 -77.64 -15.93
CMB CLA UM . 9.10 -75.46 -13.49
CAB CLA UM . 11.67 -77.62 -13.33
CBB CLA UM . 11.12 -78.38 -12.41
NC CLA UM . 11.58 -78.80 -18.79
C1C CLA UM . 12.29 -79.14 -17.69
C2C CLA UM . 13.36 -80.14 -17.93
C3C CLA UM . 13.25 -80.43 -19.38
C4C CLA UM . 12.12 -79.55 -19.79
CMC CLA UM . 14.33 -80.73 -16.95
CAC CLA UM . 14.06 -81.38 -20.22
CBC CLA UM . 15.20 -80.58 -20.81
ND CLA UM . 9.94 -77.96 -20.71
C1D CLA UM . 10.61 -78.81 -21.65
C2D CLA UM . 10.06 -78.80 -23.03
C3D CLA UM . 8.95 -77.83 -22.84
C4D CLA UM . 8.94 -77.42 -21.53
CMD CLA UM . 10.39 -79.50 -24.31
CAD CLA UM . 7.81 -77.14 -23.52
OBD CLA UM . 7.47 -77.25 -24.74
CBD CLA UM . 7.15 -76.25 -22.55
CGD CLA UM . 7.31 -74.84 -23.04
O1D CLA UM . 8.41 -74.36 -23.26
O2D CLA UM . 6.13 -74.02 -23.26
CED CLA UM . 6.23 -72.80 -23.98
C1 CLA UM . 6.89 -79.57 -18.47
C2 CLA UM . 7.82 -79.85 -17.32
C3 CLA UM . 8.63 -80.92 -17.28
C4 CLA UM . 8.63 -81.93 -18.40
C5 CLA UM . 9.54 -81.13 -16.10
C6 CLA UM . 8.81 -81.71 -14.90
C7 CLA UM . 9.69 -81.67 -13.66
C8 CLA UM . 10.48 -82.97 -13.51
C9 CLA UM . 9.90 -83.82 -12.40
C10 CLA UM . 11.95 -82.65 -13.25
MG CLA VM . 5.37 -75.17 -9.49
CHA CLA VM . 4.11 -73.89 -12.46
CHB CLA VM . 3.67 -72.79 -7.82
CHC CLA VM . 6.31 -76.72 -6.64
CHD CLA VM . 6.76 -77.99 -11.44
NA CLA VM . 4.07 -73.64 -10.02
C1A CLA VM . 3.74 -73.18 -11.18
C2A CLA VM . 2.94 -71.90 -11.19
C3A CLA VM . 2.86 -71.58 -9.72
C4A CLA VM . 3.59 -72.75 -9.15
CMA CLA VM . 3.66 -70.31 -9.44
CAA CLA VM . 1.48 -72.10 -11.61
CBA CLA VM . 0.88 -73.43 -11.17
CGA CLA VM . -0.57 -73.58 -11.59
O1A CLA VM . -1.48 -73.36 -10.82
O2A CLA VM . -0.92 -74.04 -12.92
NB CLA VM . 5.07 -74.78 -7.52
C1B CLA VM . 4.29 -73.83 -7.00
C2B CLA VM . 4.05 -73.93 -5.54
C3B CLA VM . 4.85 -75.13 -5.18
C4B CLA VM . 5.44 -75.55 -6.49
CMB CLA VM . 3.22 -73.06 -4.65
CAB CLA VM . 5.01 -75.74 -3.83
CBB CLA VM . 6.18 -76.07 -3.32
NC CLA VM . 6.28 -76.99 -9.15
C1C CLA VM . 6.65 -77.38 -7.91
C2C CLA VM . 7.48 -78.61 -7.86
C3C CLA VM . 7.60 -78.99 -9.29
C4C CLA VM . 6.83 -77.91 -9.97
CMC CLA VM . 8.04 -79.32 -6.66
CAC CLA VM . 8.34 -80.15 -9.90
CBC CLA VM . 7.32 -81.25 -10.14
ND CLA VM . 5.43 -75.88 -11.40
C1D CLA VM . 6.03 -76.94 -12.14
C2D CLA VM . 5.87 -76.88 -13.61
C3D CLA VM . 5.08 -75.62 -13.72
C4D CLA VM . 4.88 -75.15 -12.43
CMD CLA VM . 6.30 -77.72 -14.77
CAD CLA VM . 4.41 -74.69 -14.65
OBD CLA VM . 4.37 -74.79 -15.93
CBD CLA VM . 3.81 -73.58 -13.88
CGD CLA VM . 4.61 -72.37 -14.26
O1D CLA VM . 5.64 -72.08 -13.68
O2D CLA VM . 4.15 -71.52 -15.34
CED CLA VM . 5.13 -70.77 -16.07
C1 CLA VM . -2.25 -74.48 -13.16
C2 CLA VM . -2.43 -75.87 -12.59
MG CLA WM . 10.16 -29.40 8.57
CHA CLA WM . 8.15 -26.63 9.13
CHB CLA WM . 7.46 -31.03 7.41
CHC CLA WM . 12.27 -31.93 7.77
CHD CLA WM . 13.09 -27.27 9.35
NA CLA WM . 8.16 -28.92 8.27
C1A CLA WM . 7.49 -27.86 8.57
C2A CLA WM . 6.01 -27.90 8.31
C3A CLA WM . 5.83 -29.32 7.79
C4A CLA WM . 7.24 -29.79 7.84
CMA CLA WM . 4.97 -30.11 8.77
CAA CLA WM . 5.56 -26.96 7.17
CBA CLA WM . 6.40 -27.06 5.90
CGA CLA WM . 7.08 -25.75 5.57
O1A CLA WM . 7.24 -24.87 6.39
O2A CLA WM . 7.58 -25.53 4.22
NB CLA WM . 9.90 -31.21 7.69
C1B CLA WM . 8.74 -31.74 7.33
C2B CLA WM . 8.83 -33.14 6.86
C3B CLA WM . 10.28 -33.41 6.95
C4B CLA WM . 10.84 -32.15 7.50
CMB CLA WM . 7.71 -34.02 6.38
CAB CLA WM . 11.01 -34.66 6.63
CBB CLA WM . 11.64 -35.32 7.59
NC CLA WM . 12.23 -29.54 8.56
C1C CLA WM . 12.88 -30.65 8.21
C2C CLA WM . 14.37 -30.56 8.29
C3C CLA WM . 14.59 -29.18 8.76
C4C CLA WM . 13.21 -28.66 8.88
CMC CLA WM . 15.40 -31.59 7.98
CAC CLA WM . 15.88 -28.45 9.02
CBC CLA WM . 16.35 -28.86 10.41
ND CLA WM . 10.61 -27.47 9.04
C1D CLA WM . 11.75 -26.71 9.45
C2D CLA WM . 11.44 -25.37 9.95
C3D CLA WM . 9.98 -25.35 9.83
C4D CLA WM . 9.59 -26.57 9.32
CMD CLA WM . 12.23 -24.22 10.46
CAD CLA WM . 8.77 -24.54 10.03
OBD CLA WM . 8.75 -23.35 10.51
CBD CLA WM . 7.59 -25.32 9.62
CGD CLA WM . 6.64 -25.50 10.77
O1D CLA WM . 6.57 -26.55 11.38
O2D CLA WM . 5.77 -24.40 11.14
CED CLA WM . 4.90 -24.52 12.26
C1 CLA WM . 8.42 -24.42 3.96
C2 CLA WM . 8.55 -24.21 2.48
C3 CLA WM . 9.63 -24.60 1.79
C4 CLA WM . 10.77 -25.29 2.47
C5 CLA WM . 9.68 -24.36 0.30
C6 CLA WM . 9.82 -22.87 -0.02
C7 CLA WM . 10.94 -22.61 -1.02
C8 CLA WM . 10.81 -21.23 -1.65
C9 CLA WM . 11.49 -21.18 -3.00
C10 CLA WM . 11.35 -20.17 -0.71
C11 CLA WM . 11.06 -18.76 -1.23
C12 CLA WM . 11.45 -17.73 -0.18
C13 CLA WM . 11.21 -16.29 -0.65
C14 CLA WM . 12.12 -15.97 -1.84
C15 CLA WM . 11.47 -15.35 0.52
C16 CLA WM . 10.37 -14.33 0.75
C17 CLA WM . 10.70 -12.99 0.10
C18 CLA WM . 9.90 -11.82 0.66
C19 CLA WM . 10.20 -11.58 2.14
C20 CLA WM . 8.40 -11.96 0.42
MG CLA XM . 10.28 -38.57 -3.97
CHA CLA XM . 7.49 -39.76 -2.30
CHB CLA XM . 8.71 -39.10 -6.89
CHC CLA XM . 12.92 -37.04 -5.48
CHD CLA XM . 11.71 -37.64 -0.69
NA CLA XM . 8.41 -39.27 -4.51
C1A CLA XM . 7.45 -39.75 -3.81
C2A CLA XM . 6.27 -40.34 -4.58
C3A CLA XM . 6.73 -40.14 -6.02
C4A CLA XM . 8.04 -39.46 -5.78
CMA CLA XM . 7.01 -41.51 -6.63
CAA CLA XM . 4.95 -39.58 -4.41
CBA CLA XM . 4.97 -38.12 -4.85
CGA CLA XM . 4.07 -37.28 -4.00
O1A CLA XM . 3.02 -37.71 -3.56
O2A CLA XM . 4.46 -35.91 -3.67
NB CLA XM . 10.74 -38.15 -5.89
C1B CLA XM . 10.01 -38.42 -6.96
C2B CLA XM . 10.60 -37.98 -8.24
C3B CLA XM . 11.87 -37.36 -7.82
C4B CLA XM . 11.84 -37.52 -6.34
CMB CLA XM . 10.06 -38.13 -9.62
CAB CLA XM . 12.93 -36.71 -8.63
CBB CLA XM . 13.21 -35.43 -8.49
NC CLA XM . 11.93 -37.56 -3.23
C1C CLA XM . 12.88 -37.04 -4.02
C2C CLA XM . 14.02 -36.40 -3.30
C3C CLA XM . 13.65 -36.59 -1.89
C4C CLA XM . 12.35 -37.31 -1.97
CMC CLA XM . 15.24 -35.74 -3.88
CAC CLA XM . 14.38 -36.18 -0.64
CBC CLA XM . 15.45 -37.20 -0.46
ND CLA XM . 9.80 -38.59 -2.00
C1D CLA XM . 10.42 -38.31 -0.73
C2D CLA XM . 9.65 -38.73 0.46
C3D CLA XM . 8.46 -39.32 -0.20
C4D CLA XM . 8.63 -39.19 -1.57
CMD CLA XM . 9.84 -38.66 1.95
CAD CLA XM . 7.15 -39.98 0.03
OBD CLA XM . 6.66 -40.27 1.18
CBD CLA XM . 6.53 -40.28 -1.28
CGD CLA XM . 6.42 -41.77 -1.38
O1D CLA XM . 7.28 -42.44 -1.92
O2D CLA XM . 5.26 -42.43 -0.83
CED CLA XM . 5.33 -43.81 -0.46
C1 PQN YM . 17.19 -41.77 2.73
O1 PQN YM . 17.67 -42.30 1.71
C2 PQN YM . 16.98 -40.31 2.78
C2M PQN YM . 17.36 -39.50 1.59
C3 PQN YM . 16.40 -39.66 3.98
C4 PQN YM . 16.02 -40.49 5.15
O4 PQN YM . 15.54 -39.95 6.17
C5 PQN YM . 16.23 -41.96 5.11
C6 PQN YM . 15.89 -42.75 6.18
C7 PQN YM . 16.08 -44.12 6.09
C8 PQN YM . 16.66 -44.72 4.97
C9 PQN YM . 17.00 -43.97 3.87
C10 PQN YM . 16.80 -42.59 3.90
C11 PQN YM . 16.22 -38.16 4.00
C12 PQN YM . 14.84 -37.79 3.52
C13 PQN YM . 13.98 -37.16 4.33
C14 PQN YM . 14.34 -36.80 5.74
C15 PQN YM . 12.62 -36.80 3.79
C16 PQN YM . 12.71 -35.46 3.08
C17 PQN YM . 11.31 -35.03 2.70
C18 PQN YM . 11.28 -33.60 2.18
C19 PQN YM . 10.38 -32.73 3.07
C20 PQN YM . 10.85 -33.57 0.73
C21 PQN YM . 9.58 -34.38 0.47
C22 PQN YM . 9.29 -34.49 -1.01
C23 PQN YM . 8.22 -35.54 -1.30
C24 PQN YM . 8.01 -35.71 -2.80
C25 PQN YM . 6.92 -35.17 -0.60
C1 BCR ZM . -36.52 -61.75 -22.47
C2 BCR ZM . -37.04 -60.68 -23.41
C3 BCR ZM . -38.12 -59.88 -22.73
C4 BCR ZM . -37.57 -59.17 -21.51
C5 BCR ZM . -36.60 -60.00 -20.75
C6 BCR ZM . -36.11 -61.18 -21.15
C7 BCR ZM . -35.14 -61.93 -20.36
C8 BCR ZM . -35.48 -62.87 -19.48
C9 BCR ZM . -34.71 -64.08 -19.26
C10 BCR ZM . -34.59 -64.53 -18.01
C11 BCR ZM . -34.09 -65.84 -17.66
C33 BCR ZM . -36.22 -59.38 -19.47
C31 BCR ZM . -35.36 -62.43 -23.15
C32 BCR ZM . -37.65 -62.76 -22.28
C34 BCR ZM . -34.34 -64.89 -20.43
C12 BCR ZM . -34.08 -66.17 -16.36
C13 BCR ZM . -34.14 -67.52 -15.86
C14 BCR ZM . -34.38 -67.71 -14.55
C15 BCR ZM . -34.44 -68.99 -13.92
C16 BCR ZM . -34.53 -69.11 -12.59
C17 BCR ZM . -34.07 -70.34 -12.00
C18 BCR ZM . -34.56 -70.93 -10.91
C19 BCR ZM . -33.90 -72.14 -10.45
C20 BCR ZM . -34.44 -72.97 -9.56
C21 BCR ZM . -33.89 -74.30 -9.46
C22 BCR ZM . -34.20 -75.23 -8.54
C23 BCR ZM . -33.82 -76.61 -8.78
C24 BCR ZM . -33.16 -77.36 -7.88
C25 BCR ZM . -32.79 -78.77 -8.00
C26 BCR ZM . -31.69 -79.18 -8.64
C27 BCR ZM . -31.24 -80.58 -8.80
C28 BCR ZM . -31.75 -81.42 -7.67
C29 BCR ZM . -33.24 -81.22 -7.53
C30 BCR ZM . -33.68 -79.78 -7.33
C35 BCR ZM . -34.12 -68.66 -16.79
C36 BCR ZM . -35.90 -70.62 -10.39
C37 BCR ZM . -34.90 -74.86 -7.28
C38 BCR ZM . -30.75 -78.26 -9.32
C39 BCR ZM . -33.78 -79.43 -5.85
C40 BCR ZM . -35.12 -79.76 -7.85
C1 BCR AN . -37.09 -52.62 -10.24
C2 BCR AN . -38.58 -52.38 -10.13
C3 BCR AN . -39.19 -53.29 -9.10
C4 BCR AN . -38.96 -54.74 -9.41
C5 BCR AN . -37.64 -55.01 -10.04
C6 BCR AN . -36.76 -54.07 -10.41
C7 BCR AN . -35.48 -54.41 -11.04
C8 BCR AN . -34.34 -54.50 -10.35
C9 BCR AN . -33.13 -55.05 -10.90
C10 BCR AN . -31.96 -54.50 -10.56
C11 BCR AN . -30.66 -55.01 -10.95
C33 BCR AN . -37.35 -56.45 -10.21
C31 BCR AN . -36.47 -52.02 -8.99
C32 BCR AN . -36.62 -51.84 -11.44
C34 BCR AN . -33.20 -56.31 -11.69
C12 BCR AN . -29.58 -54.27 -10.64
C13 BCR AN . -28.23 -54.71 -10.85
C14 BCR AN . -27.22 -53.89 -10.49
C15 BCR AN . -25.83 -54.17 -10.68
C16 BCR AN . -24.91 -53.26 -10.33
C17 BCR AN . -23.57 -53.42 -10.84
C18 BCR AN . -22.57 -52.54 -10.71
C19 BCR AN . -21.37 -52.73 -11.50
C20 BCR AN . -20.21 -52.10 -11.26
C21 BCR AN . -19.04 -52.53 -11.99
C22 BCR AN . -17.79 -52.13 -11.78
C23 BCR AN . -16.79 -52.34 -12.81
C24 BCR AN . -15.56 -52.81 -12.56
C25 BCR AN . -14.52 -53.07 -13.56
C26 BCR AN . -14.49 -54.18 -14.30
C27 BCR AN . -13.47 -54.51 -15.32
C28 BCR AN . -12.76 -53.28 -15.79
C29 BCR AN . -12.30 -52.50 -14.59
C30 BCR AN . -13.43 -52.04 -13.69
C35 BCR AN . -27.97 -56.07 -11.35
C36 BCR AN . -22.66 -51.37 -9.82
C37 BCR AN . -17.38 -51.55 -10.48
C38 BCR AN . -15.48 -55.26 -14.22
C39 BCR AN . -13.97 -50.69 -14.18
C40 BCR AN . -12.78 -51.76 -12.34
C1 BCR BN . -40.43 -55.56 -19.45
C2 BCR BN . -41.35 -56.45 -18.65
C3 BCR BN . -41.39 -56.00 -17.22
C4 BCR BN . -41.97 -54.61 -17.12
C5 BCR BN . -41.46 -53.71 -18.19
C6 BCR BN . -40.74 -54.10 -19.25
C7 BCR BN . -40.28 -53.17 -20.28
C8 BCR BN . -39.09 -52.56 -20.22
C9 BCR BN . -38.76 -51.38 -21.00
C10 BCR BN . -37.56 -50.82 -20.85
C11 BCR BN . -36.49 -51.36 -20.04
C33 BCR BN . -41.82 -52.30 -17.95
C31 BCR BN . -40.57 -55.95 -20.91
C32 BCR BN . -39.02 -55.88 -19.00
C34 BCR BN . -39.85 -50.69 -21.71
C12 BCR BN . -35.32 -50.71 -20.06
C13 BCR BN . -34.14 -51.08 -19.31
C14 BCR BN . -32.98 -50.51 -19.65
C15 BCR BN . -31.77 -50.59 -18.86
C16 BCR BN . -30.69 -49.88 -19.23
C17 BCR BN . -29.54 -49.88 -18.38
C18 BCR BN . -28.49 -49.06 -18.47
C19 BCR BN . -27.44 -49.17 -17.49
C20 BCR BN . -26.20 -48.73 -17.70
C21 BCR BN . -25.22 -48.86 -16.65
C22 BCR BN . -23.91 -48.58 -16.75
C23 BCR BN . -23.40 -48.07 -18.02
C24 BCR BN . -22.20 -47.47 -18.14
C25 BCR BN . -21.53 -47.08 -19.39
C26 BCR BN . -21.82 -45.95 -20.04
C27 BCR BN . -21.19 -45.46 -21.28
C28 BCR BN . -19.91 -46.17 -21.62
C29 BCR BN . -20.05 -47.64 -21.33
C30 BCR BN . -20.41 -47.95 -19.89
C35 BCR BN . -34.27 -51.85 -18.05
C36 BCR BN . -28.32 -48.14 -19.62
C37 BCR BN . -22.96 -49.01 -15.72
C38 BCR BN . -22.88 -45.01 -19.62
C39 BCR BN . -19.21 -47.77 -18.99
C40 BCR BN . -20.73 -49.43 -19.88
C1 BCR CN . -9.87 -77.15 -17.63
C2 BCR CN . -10.52 -77.54 -18.94
C3 BCR CN . -10.19 -76.53 -19.99
C4 BCR CN . -8.71 -76.59 -20.27
C5 BCR CN . -7.92 -76.55 -19.01
C6 BCR CN . -8.43 -76.78 -17.80
C7 BCR CN . -7.62 -76.75 -16.58
C8 BCR CN . -7.38 -75.62 -15.89
C9 BCR CN . -7.56 -75.51 -14.45
C10 BCR CN . -7.03 -74.46 -13.83
C11 BCR CN . -7.04 -74.27 -12.40
C33 BCR CN . -6.50 -76.20 -19.24
C31 BCR CN . -10.03 -78.32 -16.68
C32 BCR CN . -10.67 -75.98 -17.10
C34 BCR CN . -8.48 -76.45 -13.77
C12 BCR CN . -6.54 -73.15 -11.89
C13 BCR CN . -5.75 -73.08 -10.70
C14 BCR CN . -5.62 -71.88 -10.09
C15 BCR CN . -4.80 -71.66 -8.94
C16 BCR CN . -4.72 -70.44 -8.40
C17 BCR CN . -4.07 -70.34 -7.12
C18 BCR CN . -3.70 -69.22 -6.51
C19 BCR CN . -3.18 -69.31 -5.17
C20 BCR CN . -3.07 -68.26 -4.35
C21 BCR CN . -3.24 -68.47 -2.94
C22 BCR CN . -3.07 -67.56 -1.99
C23 BCR CN . -3.14 -67.99 -0.60
C24 BCR CN . -2.95 -67.15 0.41
C25 BCR CN . -3.12 -67.49 1.82
C26 BCR CN . -2.07 -67.83 2.58
C27 BCR CN . -2.10 -68.19 4.02
C28 BCR CN . -3.50 -68.29 4.59
C29 BCR CN . -4.47 -67.35 3.92
C30 BCR CN . -4.49 -67.42 2.40
C35 BCR CN . -4.91 -74.22 -10.29
C36 BCR CN . -4.09 -67.89 -7.04
C37 BCR CN . -2.56 -66.22 -2.31
C38 BCR CN . -0.70 -67.89 2.05
C39 BCR CN . -5.27 -66.25 1.82
C40 BCR CN . -5.31 -68.68 2.10
C1 BCR DN . 4.77 -36.31 -16.76
C2 BCR DN . 4.92 -36.05 -18.24
C3 BCR DN . 4.54 -34.64 -18.63
C4 BCR DN . 5.33 -33.66 -17.84
C5 BCR DN . 5.14 -33.89 -16.40
C6 BCR DN . 4.88 -35.10 -15.87
C7 BCR DN . 4.65 -35.29 -14.43
C8 BCR DN . 5.63 -35.45 -13.53
C9 BCR DN . 5.43 -35.43 -12.09
C10 BCR DN . 6.44 -35.03 -11.32
C11 BCR DN . 6.60 -35.31 -9.92
C33 BCR DN . 5.23 -32.65 -15.60
C31 BCR DN . 3.44 -36.99 -16.55
C32 BCR DN . 5.87 -37.32 -16.46
C34 BCR DN . 4.10 -35.78 -11.56
C12 BCR DN . 7.70 -34.86 -9.33
C13 BCR DN . 8.15 -35.17 -7.99
C14 BCR DN . 9.36 -34.71 -7.63
C15 BCR DN . 9.82 -34.58 -6.27
C16 BCR DN . 10.97 -33.96 -6.03
C17 BCR DN . 11.45 -33.82 -4.68
C18 BCR DN . 12.54 -33.15 -4.31
C19 BCR DN . 12.84 -33.06 -2.90
C20 BCR DN . 13.77 -32.22 -2.41
C21 BCR DN . 14.61 -32.71 -1.35
C22 BCR DN . 15.42 -31.99 -0.56
C23 BCR DN . 15.57 -32.47 0.80
C24 BCR DN . 16.49 -32.02 1.66
C25 BCR DN . 16.99 -32.78 2.81
C26 BCR DN . 16.38 -32.80 3.99
C27 BCR DN . 16.82 -33.52 5.19
C28 BCR DN . 17.98 -34.44 4.94
C29 BCR DN . 18.93 -33.83 3.95
C30 BCR DN . 18.27 -33.53 2.62
C35 BCR DN . 7.23 -35.76 -7.01
C36 BCR DN . 13.26 -32.27 -5.25
C37 BCR DN . 16.45 -31.09 -1.14
C38 BCR DN . 15.12 -32.06 4.27
C39 BCR DN . 18.05 -34.82 1.83
C40 BCR DN . 19.29 -32.72 1.83
C1 LMG EN . 2.48 -49.39 10.92
O1 LMG EN . 3.48 -49.12 9.99
C2 LMG EN . 2.63 -50.93 11.20
O2 LMG EN . 1.95 -51.54 10.13
C3 LMG EN . 1.85 -51.27 12.50
O3 LMG EN . 2.20 -52.60 12.80
C4 LMG EN . 2.30 -50.34 13.66
O4 LMG EN . 3.65 -50.54 13.90
C5 LMG EN . 2.09 -48.88 13.18
O5 LMG EN . 1.85 -46.72 14.01
C6 LMG EN . 2.51 -47.92 14.30
O6 LMG EN . 2.90 -48.64 12.05
C7 LMG EN . 3.09 -48.22 8.98
C8 LMG EN . 4.27 -48.22 7.99
C9 LMG EN . 4.01 -49.27 6.91
O7 LMG EN . 4.26 -46.98 7.31
C10 LMG EN . 5.37 -46.21 7.36
O9 LMG EN . 6.37 -46.63 7.93
C11 LMG EN . 5.10 -44.80 6.93
C12 LMG EN . 5.06 -44.72 5.43
C13 LMG EN . 4.83 -43.31 4.94
C14 LMG EN . 4.01 -43.41 3.66
C15 LMG EN . 3.64 -42.02 3.23
C16 LMG EN . 2.86 -42.11 1.94
C17 LMG EN . 2.86 -40.73 1.33
C18 LMG EN . 1.73 -40.71 0.30
O8 LMG EN . 3.02 -48.72 6.06
C28 LMG EN . 2.64 -49.48 5.01
O10 LMG EN . 3.19 -50.56 4.79
C29 LMG EN . 1.38 -49.03 4.36
C30 LMG EN . 0.68 -50.21 3.71
C31 LMG EN . 0.48 -49.90 2.24
C32 LMG EN . 1.38 -50.82 1.45
C33 LMG EN . 1.73 -50.07 0.19
C34 LMG EN . 2.07 -51.06 -0.90
C35 LMG EN . 3.05 -50.35 -1.82
C36 LMG EN . 3.25 -51.24 -3.01
C37 LMG EN . 4.39 -50.67 -3.82
C38 LMG EN . 3.68 -49.98 -4.94
C39 LMG EN . 4.24 -48.62 -5.13
C40 LMG EN . 3.05 -47.86 -5.62
C41 LMG EN . 3.45 -47.04 -6.82
C42 LMG EN . 2.61 -47.61 -7.92
C43 LMG EN . 3.20 -47.19 -9.24
C44 LMG EN . 2.32 -46.08 -9.78
C45 LMG EN . 2.91 -45.65 -11.09
C1 BCR FN . -36.67 -53.20 5.22
C2 BCR FN . -36.86 -53.30 6.73
C3 BCR FN . -36.86 -51.96 7.42
C4 BCR FN . -37.82 -51.02 6.73
C5 BCR FN . -37.34 -50.85 5.35
C6 BCR FN . -36.81 -51.83 4.63
C7 BCR FN . -36.31 -51.63 3.27
C8 BCR FN . -37.05 -51.73 2.16
C9 BCR FN . -36.57 -51.33 0.86
C10 BCR FN . -35.31 -51.64 0.52
C11 BCR FN . -34.52 -50.95 -0.46
C33 BCR FN . -37.50 -49.47 4.85
C31 BCR FN . -37.67 -54.18 4.63
C32 BCR FN . -35.28 -53.73 4.93
C34 BCR FN . -37.28 -50.22 0.19
C12 BCR FN . -33.38 -51.51 -0.88
C13 BCR FN . -32.48 -50.92 -1.84
C14 BCR FN . -31.44 -51.65 -2.25
C15 BCR FN . -30.63 -51.31 -3.39
C16 BCR FN . -29.64 -52.12 -3.80
C17 BCR FN . -29.26 -52.00 -5.18
C18 BCR FN . -28.03 -52.17 -5.69
C19 BCR FN . -27.57 -51.17 -6.63
C20 BCR FN . -26.62 -51.40 -7.54
C21 BCR FN . -26.56 -50.55 -8.71
C22 BCR FN . -27.50 -49.67 -9.11
C23 BCR FN . -28.28 -50.03 -10.29
C24 BCR FN . -29.45 -49.47 -10.65
C25 BCR FN . -29.69 -48.28 -11.46
C26 BCR FN . -30.32 -47.22 -10.95
C27 BCR FN . -30.68 -45.97 -11.65
C28 BCR FN . -30.12 -45.90 -13.05
C29 BCR FN . -30.12 -47.26 -13.69
C30 BCR FN . -29.30 -48.27 -12.91
C35 BCR FN . -32.83 -49.66 -2.51
C36 BCR FN . -27.39 -53.49 -5.70
C37 BCR FN . -27.34 -48.25 -8.76
C38 BCR FN . -30.77 -47.17 -9.54
C39 BCR FN . -27.82 -48.00 -13.13
C40 BCR FN . -29.59 -49.61 -13.59
FE1 SF4 GN . 17.96 -50.32 25.12
FE2 SF4 GN . 17.96 -50.36 27.86
FE3 SF4 GN . 17.01 -52.51 26.46
FE4 SF4 GN . 15.60 -50.16 26.49
S1 SF4 GN . 16.04 -51.51 28.27
S2 SF4 GN . 16.05 -51.47 24.68
S3 SF4 GN . 17.30 -48.64 26.51
S4 SF4 GN . 19.15 -51.73 26.47
FE1 SF4 HN . 18.53 -62.07 30.52
FE2 SF4 HN . 18.72 -59.93 32.21
FE3 SF4 HN . 20.31 -62.12 32.61
FE4 SF4 HN . 17.63 -62.27 33.10
S1 SF4 HN . 19.15 -60.97 34.19
S2 SF4 HN . 18.89 -63.79 31.98
S3 SF4 HN . 16.80 -60.92 31.46
S4 SF4 HN . 20.34 -60.71 30.81
C30 UNL IN . -15.62 -15.35 -24.46
C31 UNL IN . -15.04 -15.57 -23.07
C32 UNL IN . -16.14 -15.79 -22.04
C33 UNL IN . -15.57 -15.97 -20.65
C34 UNL IN . -16.69 -16.10 -19.62
C35 UNL IN . -16.12 -16.52 -18.26
C36 UNL IN . -17.21 -16.58 -17.20
C37 UNL IN . -16.72 -17.36 -15.98
C38 UNL IN . -17.67 -17.23 -14.82
C23 UNL JN . -7.41 -24.07 16.10
C24 UNL JN . -8.07 -23.63 14.81
C25 UNL JN . -7.10 -23.82 13.65
C26 UNL JN . -7.61 -24.82 12.63
C27 UNL JN . -8.98 -24.41 12.09
C28 UNL JN . -9.40 -25.34 10.95
C29 UNL JN . -8.63 -25.02 9.68
C30 UNL JN . -9.39 -24.03 8.81
C31 UNL JN . -10.29 -24.77 7.83
C32 UNL JN . -11.05 -23.79 6.94
C33 UNL JN . -11.65 -24.52 5.74
C34 UNL JN . -12.55 -23.58 4.94
C35 UNL JN . -13.06 -24.26 3.68
C6 UNL JN . -6.93 -21.70 16.72
O10 UNL JN . -7.31 -25.26 16.38
O8 UNL JN . -6.88 -23.08 17.03
C1 BCR KN . -7.74 -34.86 -10.73
C2 BCR KN . -8.91 -35.27 -11.62
C3 BCR KN . -9.81 -34.16 -12.08
C4 BCR KN . -9.96 -33.07 -11.06
C5 BCR KN . -8.64 -32.59 -10.64
C6 BCR KN . -7.59 -33.40 -10.49
C7 BCR KN . -6.26 -32.91 -10.10
C8 BCR KN . -5.85 -32.75 -8.84
C9 BCR KN . -4.46 -32.65 -8.45
C10 BCR KN . -3.78 -31.50 -8.60
C11 BCR KN . -2.40 -31.32 -8.21
C33 BCR KN . -8.57 -31.14 -10.44
C31 BCR KN . -6.50 -35.42 -11.39
C32 BCR KN . -7.91 -35.61 -9.42
C34 BCR KN . -3.85 -33.81 -7.79
C12 BCR KN . -1.85 -30.10 -8.18
C13 BCR KN . -0.57 -29.80 -7.58
C14 BCR KN . 0.04 -28.65 -7.85
C15 BCR KN . 1.38 -28.32 -7.43
C16 BCR KN . 1.84 -27.06 -7.50
C17 BCR KN . 3.26 -26.80 -7.42
C18 BCR KN . 3.87 -25.65 -7.73
C19 BCR KN . 5.26 -25.48 -7.38
C20 BCR KN . 6.05 -24.56 -7.92
C21 BCR KN . 7.43 -24.50 -7.50
C22 BCR KN . 8.41 -23.79 -8.08
C23 BCR KN . 9.74 -24.38 -8.16
C24 BCR KN . 10.89 -23.71 -8.00
C25 BCR KN . 12.23 -24.30 -8.02
C26 BCR KN . 12.76 -24.88 -6.93
C27 BCR KN . 14.09 -25.51 -6.86
C28 BCR KN . 14.67 -25.80 -8.22
C29 BCR KN . 14.46 -24.60 -9.10
C30 BCR KN . 12.99 -24.23 -9.31
C35 BCR KN . 0.04 -30.78 -6.65
C36 BCR KN . 3.19 -24.59 -8.50
C37 BCR KN . 8.14 -22.51 -8.77
C38 BCR KN . 12.08 -24.98 -5.63
C39 BCR KN . 12.39 -25.09 -10.40
C40 BCR KN . 13.03 -22.81 -9.84
MG CLA LN . 83.50 -25.39 -4.80
CHA CLA LN . 85.06 -22.33 -5.33
CHB CLA LN . 85.57 -25.92 -2.20
CHC CLA LN . 82.23 -28.53 -4.64
CHD CLA LN . 81.54 -24.80 -7.89
NA CLA LN . 85.06 -24.33 -3.93
C1A CLA LN . 85.51 -23.15 -4.15
C2A CLA LN . 86.56 -22.63 -3.19
C3A CLA LN . 86.70 -23.81 -2.24
C4A CLA LN . 85.71 -24.75 -2.84
CMA CLA LN . 88.09 -24.42 -2.32
CAA CLA LN . 86.13 -21.42 -2.34
CBA CLA LN . 84.83 -21.62 -1.55
NB CLA LN . 83.88 -26.99 -3.61
C1B CLA LN . 84.68 -27.03 -2.55
C2B CLA LN . 84.62 -28.28 -1.74
C3B CLA LN . 83.60 -29.06 -2.49
C4B CLA LN . 83.22 -28.16 -3.62
CMB CLA LN . 85.37 -28.63 -0.49
CAB CLA LN . 83.07 -30.41 -2.18
CBB CLA LN . 81.79 -30.59 -1.92
NC CLA LN . 82.21 -26.43 -6.03
C1C CLA LN . 81.78 -27.68 -5.75
C2C CLA LN . 80.74 -28.21 -6.68
C3C CLA LN . 80.54 -27.10 -7.63
C4C CLA LN . 81.49 -26.07 -7.13
CMC CLA LN . 80.07 -29.55 -6.65
CAC CLA LN . 79.61 -27.04 -8.81
CBC CLA LN . 78.33 -26.41 -8.33
ND CLA LN . 83.28 -24.01 -6.29
C1D CLA LN . 82.50 -23.78 -7.46
C2D CLA LN . 82.74 -22.50 -8.16
C3D CLA LN . 83.80 -21.93 -7.28
C4D CLA LN . 84.03 -22.84 -6.27
CMD CLA LN . 82.20 -21.82 -9.40
CAD CLA LN . 84.69 -20.76 -7.07
OBD CLA LN . 84.74 -19.72 -7.81
CBD CLA LN . 85.50 -21.01 -5.85
C1 BCR MN . 77.97 -35.11 -13.19
C2 BCR MN . 78.67 -36.10 -14.10
C3 BCR MN . 79.33 -37.17 -13.28
C4 BCR MN . 78.31 -37.94 -12.48
C5 BCR MN . 77.25 -37.07 -11.91
C6 BCR MN . 77.08 -35.76 -12.19
C7 BCR MN . 76.00 -34.96 -11.61
C8 BCR MN . 76.10 -34.31 -10.45
C9 BCR MN . 74.98 -33.67 -9.78
C10 BCR MN . 74.90 -33.69 -8.46
C11 BCR MN . 73.92 -32.96 -7.67
C33 BCR MN . 76.39 -37.78 -10.94
C31 BCR MN . 77.20 -34.15 -14.07
C32 BCR MN . 79.06 -34.32 -12.47
C34 BCR MN . 74.10 -32.81 -10.60
C12 BCR MN . 74.15 -32.72 -6.38
C13 BCR MN . 73.40 -31.78 -5.58
C14 BCR MN . 73.69 -31.61 -4.29
C15 BCR MN . 73.13 -30.57 -3.47
C16 BCR MN . 73.38 -30.49 -2.15
C17 BCR MN . 72.85 -29.38 -1.41
C18 BCR MN . 73.11 -29.11 -0.11
C19 BCR MN . 72.49 -27.97 0.53
C20 BCR MN . 72.41 -27.88 1.86
C21 BCR MN . 72.05 -26.65 2.54
C22 BCR MN . 72.23 -26.45 3.85
C23 BCR MN . 71.48 -25.43 4.56
C24 BCR MN . 71.91 -24.17 4.75
C25 BCR MN . 71.44 -23.17 5.72
C26 BCR MN . 70.30 -22.49 5.59
C27 BCR MN . 69.79 -21.46 6.51
C28 BCR MN . 70.51 -21.44 7.84
C29 BCR MN . 71.99 -21.59 7.60
C30 BCR MN . 72.35 -22.88 6.89
C35 BCR MN . 72.41 -30.90 -6.24
C36 BCR MN . 73.98 -29.98 0.69
C37 BCR MN . 72.92 -27.48 4.66
C38 BCR MN . 69.34 -22.66 4.48
C39 BCR MN . 72.39 -24.03 7.87
C40 BCR MN . 73.80 -22.69 6.45
MG CLA NN . 68.51 -15.60 -9.27
CHA CLA NN . 66.32 -16.76 -11.68
CHB CLA NN . 68.69 -12.66 -10.90
CHC CLA NN . 70.40 -14.47 -6.70
CHD CLA NN . 67.87 -18.71 -7.37
NA CLA NN . 67.64 -14.82 -10.98
C1A CLA NN . 66.83 -15.34 -11.84
C2A CLA NN . 66.51 -14.48 -13.05
C3A CLA NN . 67.26 -13.19 -12.74
C4A CLA NN . 67.91 -13.59 -11.46
CMA CLA NN . 68.32 -12.88 -13.79
CAA CLA NN . 65.04 -14.14 -13.33
CBA CLA NN . 64.19 -13.91 -12.10
CGA CLA NN . 62.93 -13.22 -12.57
O1A CLA NN . 62.98 -12.12 -13.08
O2A CLA NN . 61.64 -13.86 -12.44
NB CLA NN . 69.38 -13.80 -8.85
C1B CLA NN . 69.47 -12.76 -9.66
C2B CLA NN . 70.46 -11.72 -9.26
C3B CLA NN . 70.97 -12.29 -7.99
C4B CLA NN . 70.21 -13.56 -7.84
CMB CLA NN . 70.83 -10.44 -9.95
CAB CLA NN . 71.97 -11.71 -7.06
CBB CLA NN . 71.67 -11.39 -5.82
NC CLA NN . 69.00 -16.43 -7.45
C1C CLA NN . 69.79 -15.79 -6.55
C2C CLA NN . 70.04 -16.55 -5.29
C3C CLA NN . 69.30 -17.80 -5.49
C4C CLA NN . 68.70 -17.61 -6.85
CMC CLA NN . 70.87 -16.11 -4.11
CAC CLA NN . 69.15 -18.97 -4.55
CBC CLA NN . 70.17 -20.01 -4.95
ND CLA NN . 67.38 -17.28 -9.35
C1D CLA NN . 67.25 -18.54 -8.67
C2D CLA NN . 66.46 -19.58 -9.36
C3D CLA NN . 66.10 -18.84 -10.59
C4D CLA NN . 66.66 -17.57 -10.50
CMD CLA NN . 66.06 -21.01 -9.07
CAD CLA NN . 65.37 -18.93 -11.88
OBD CLA NN . 64.75 -19.97 -12.29
CBD CLA NN . 65.51 -17.63 -12.59
CGD CLA NN . 66.18 -17.81 -13.92
O1D CLA NN . 67.39 -17.61 -14.05
O2D CLA NN . 65.39 -18.14 -15.08
CED CLA NN . 65.94 -17.92 -16.38
C1 CLA NN . 60.50 -13.07 -12.13
C2 CLA NN . 59.38 -13.98 -11.67
C3 CLA NN . 59.28 -14.42 -10.41
C4 CLA NN . 60.29 -14.04 -9.36
C5 CLA NN . 58.14 -15.32 -10.04
C6 CLA NN . 56.89 -14.54 -9.64
C29 UNL ON . 22.99 -10.10 -17.86
C30 UNL ON . 23.45 -10.59 -16.50
C31 UNL ON . 22.34 -11.37 -15.81
C32 UNL ON . 22.83 -12.01 -14.51
C33 UNL ON . 23.12 -11.01 -13.42
C34 UNL ON . 23.15 -11.71 -12.07
C35 UNL ON . 23.11 -10.68 -10.95
C36 UNL ON . 23.31 -11.32 -9.59
C37 UNL ON . 23.39 -10.26 -8.50
C38 UNL ON . 23.65 -10.88 -7.16
CAA F6C PN . 6.06 -18.76 -18.14
CAB F6C PN . 1.13 -26.42 -14.23
CAC F6C PN . 8.46 -26.44 -10.67
CAD F6C PN . 9.49 -19.56 -14.89
NA F6C PN . 5.29 -21.55 -15.84
CBA F6C PN . 5.36 -17.41 -18.40
CBB F6C PN . 1.58 -27.56 -13.73
CBC F6C PN . 9.29 -27.37 -11.52
CBD F6C PN . 8.33 -19.17 -15.72
NB F6C PN . 3.79 -23.78 -14.76
OBD F6C PN . 10.53 -18.85 -14.70
CGA F6C PN . 5.37 -16.37 -17.28
CGD F6C PN . 7.87 -17.85 -15.24
ND F6C PN . 7.62 -22.58 -14.32
CED F6C PN . 7.17 -16.39 -13.44
CHA F6C PN . 7.39 -20.31 -15.61
CHB F6C PN . 3.09 -22.23 -16.50
CHC F6C PN . 3.99 -25.53 -13.04
CHD F6C PN . 8.76 -24.24 -12.85
CMA F6C PN . 2.73 -19.40 -16.99
CMB F6C PN . 0.47 -24.21 -16.62
CMC F6C PN . 5.23 -27.31 -10.79
CMD F6C PN . 11.20 -21.89 -12.80
OMB F6C PN . 0.58 -23.79 -17.76
C1 F6C PN . 3.76 -16.73 -15.39
C1A F6C PN . 6.01 -20.54 -16.17
C1B F6C PN . 2.91 -23.44 -15.70
C1C F6C PN . 5.40 -25.42 -12.70
C1D F6C PN . 8.76 -22.95 -13.52
O1A F6C PN . 5.64 -15.20 -17.54
O1D F6C PN . 8.12 -16.84 -15.87
C2 F6C PN . 3.09 -15.39 -15.51
C2A F6C PN . 5.32 -19.50 -17.02
C2B F6C PN . 1.68 -24.30 -15.73
C2C F6C PN . 5.94 -26.29 -11.62
C2D F6C PN . 9.86 -21.97 -13.46
O2A F6C PN . 5.10 -16.67 -15.88
O2D F6C PN . 7.15 -17.71 -14.00
C3 F6C PN . 1.79 -15.27 -15.21
C3A F6C PN . 3.98 -20.17 -17.37
C3B F6C PN . 1.97 -25.28 -14.67
C3C F6C PN . 7.36 -25.90 -11.58
C3D F6C PN . 9.27 -20.90 -14.31
C4 F6C PN . 1.12 -13.92 -15.34
C4A F6C PN . 4.13 -21.40 -16.51
C4B F6C PN . 3.29 -24.84 -14.14
C4C F6C PN . 7.45 -24.87 -12.64
C4D F6C PN . 8.02 -21.31 -14.73
C5 F6C PN . 0.98 -16.45 -14.76
C6 F6C PN . -0.31 -16.01 -14.07
C7 F6C PN . -0.07 -15.93 -12.57
C8 F6C PN . -1.17 -15.18 -11.84
C9 F6C PN . -1.62 -13.95 -12.62
C10 F6C PN . -0.63 -14.77 -10.47
C11 F6C PN . -1.69 -14.83 -9.39
C12 F6C PN . -1.37 -13.83 -8.28
C13 F6C PN . -2.16 -14.13 -7.01
C14 F6C PN . -2.31 -12.87 -6.16
C15 F6C PN . -1.45 -15.23 -6.24
NC F6C PN . 6.28 -24.60 -13.27
MG F6C PN . 5.76 -23.25 -14.76
C16 F6C PN . -2.39 -16.01 -5.34
C17 F6C PN . -2.14 -17.50 -5.47
C18 F6C PN . -1.59 -18.11 -4.18
C19 F6C PN . -2.43 -17.70 -2.99
C20 F6C PN . -0.13 -17.74 -3.96
C1 BCR QN . 4.72 -20.13 -11.24
C2 BCR QN . 3.38 -19.97 -11.92
C3 BCR QN . 2.52 -19.03 -11.13
C4 BCR QN . 3.13 -17.66 -11.08
C5 BCR QN . 4.60 -17.71 -10.88
C6 BCR QN . 5.35 -18.81 -10.92
C7 BCR QN . 6.80 -18.77 -10.75
C8 BCR QN . 7.42 -18.96 -9.59
C9 BCR QN . 8.86 -19.08 -9.50
C10 BCR QN . 9.47 -18.82 -8.34
C11 BCR QN . 10.90 -18.76 -8.18
C33 BCR QN . 5.17 -16.38 -10.60
C31 BCR QN . 5.60 -20.93 -12.16
C32 BCR QN . 4.48 -20.94 -9.98
C34 BCR QN . 9.62 -19.37 -10.73
C12 BCR QN . 11.41 -18.68 -6.95
C13 BCR QN . 12.80 -18.90 -6.63
C14 BCR QN . 13.24 -18.56 -5.42
C15 BCR QN . 14.59 -18.77 -4.96
C16 BCR QN . 14.90 -18.46 -3.69
C17 BCR QN . 16.29 -18.29 -3.33
C18 BCR QN . 16.75 -18.27 -2.08
C19 BCR QN . 18.17 -18.16 -1.86
C20 BCR QN . 18.70 -17.96 -0.64
C21 BCR QN . 20.11 -17.76 -0.52
C22 BCR QN . 20.73 -17.39 0.61
C23 BCR QN . 19.95 -16.83 1.69
C24 BCR QN . 20.45 -16.47 2.87
C25 BCR QN . 19.73 -15.78 3.95
C26 BCR QN . 19.64 -14.44 3.99
C27 BCR QN . 18.94 -13.65 5.03
C28 BCR QN . 18.04 -14.51 5.87
C29 BCR QN . 18.72 -15.79 6.23
C30 BCR QN . 19.10 -16.62 5.01
C35 BCR QN . 13.64 -19.69 -7.54
C36 BCR QN . 15.84 -18.25 -0.92
C37 BCR QN . 22.20 -17.38 0.69
C38 BCR QN . 20.24 -13.54 2.98
C39 BCR QN . 17.88 -17.38 4.50
C40 BCR QN . 20.07 -17.67 5.54
MG CLA RN . 17.03 0.07 6.34
CHA CLA RN . 14.39 2.27 5.84
CHB CLA RN . 16.64 -1.00 3.16
CHC CLA RN . 19.77 -1.87 6.82
CHD CLA RN . 17.70 1.74 9.56
NA CLA RN . 15.77 0.56 4.76
C1A CLA RN . 14.77 1.36 4.70
C2A CLA RN . 13.98 1.36 3.39
C3A CLA RN . 14.72 0.31 2.57
C4A CLA RN . 15.78 -0.07 3.57
CMA CLA RN . 13.86 -0.89 2.23
CAA CLA RN . 13.92 2.67 2.58
CBA CLA RN . 15.25 3.33 2.18
CGA CLA RN . 15.86 4.06 3.35
O1A CLA RN . 15.40 5.08 3.81
O2A CLA RN . 17.03 3.48 3.95
NB CLA RN . 18.07 -1.22 5.14
C1B CLA RN . 17.77 -1.60 3.91
C2B CLA RN . 18.61 -2.69 3.37
C3B CLA RN . 19.54 -2.93 4.50
C4B CLA RN . 19.10 -1.97 5.52
CMB CLA RN . 18.49 -3.34 2.01
CAB CLA RN . 20.67 -3.88 4.68
CBB CLA RN . 21.46 -4.31 3.70
NC CLA RN . 18.42 0.00 7.84
C1C CLA RN . 19.44 -0.89 7.87
C2C CLA RN . 20.30 -0.83 9.07
C3C CLA RN . 19.68 0.24 9.88
C4C CLA RN . 18.55 0.67 9.01
CMC CLA RN . 21.52 -1.66 9.41
CAC CLA RN . 20.09 0.78 11.22
CBC CLA RN . 21.00 1.95 10.94
ND CLA RN . 16.36 1.62 7.45
C1D CLA RN . 16.56 2.18 8.75
C2D CLA RN . 15.57 3.17 9.20
C3D CLA RN . 14.68 3.20 8.01
C4D CLA RN . 15.20 2.29 7.08
CMD CLA RN . 15.37 4.00 10.45
CAD CLA RN . 13.48 3.81 7.41
OBD CLA RN . 12.73 4.68 7.98
CBD CLA RN . 13.27 3.24 6.06
CGD CLA RN . 11.91 2.64 5.90
O1D CLA RN . 11.17 3.04 5.04
O2D CLA RN . 11.45 1.58 6.77
CED CLA RN . 10.10 1.11 6.63
C1 CLA RN . 17.62 4.05 5.11
C2 CLA RN . 18.83 3.21 5.44
C3 CLA RN . 19.52 3.37 6.57
C4 CLA RN . 19.16 4.42 7.58
C5 CLA RN . 20.73 2.51 6.85
C6 CLA RN . 21.06 1.50 5.74
C7 CLA RN . 22.31 0.75 6.14
C8 CLA RN . 22.62 -0.38 5.17
C9 CLA RN . 23.77 -1.22 5.69
C10 CLA RN . 22.93 0.22 3.80
C11 CLA RN . 23.37 -0.84 2.81
C12 CLA RN . 23.42 -0.27 1.41
C13 CLA RN . 24.76 -0.53 0.74
C14 CLA RN . 25.90 0.16 1.49
C15 CLA RN . 24.71 -0.07 -0.71
C16 CLA RN . 23.80 -0.95 -1.54
C17 CLA RN . 22.72 -0.11 -2.21
C18 CLA RN . 22.60 -0.39 -3.70
C19 CLA RN . 23.95 -0.26 -4.40
C20 CLA RN . 21.59 0.58 -4.30
MG CLA SN . 16.44 -11.65 3.20
CHA CLA SN . 17.07 -9.02 5.36
CHB CLA SN . 18.59 -10.29 1.00
CHC CLA SN . 16.05 -14.45 1.32
CHD CLA SN . 14.50 -13.26 5.89
NA CLA SN . 17.66 -9.98 3.18
C1A CLA SN . 17.78 -9.01 4.03
C2A CLA SN . 18.68 -7.87 3.59
C3A CLA SN . 19.09 -8.29 2.20
C4A CLA SN . 18.39 -9.61 2.13
CMA CLA SN . 18.47 -7.34 1.19
CAA CLA SN . 19.96 -7.73 4.45
CBA CLA SN . 21.15 -8.63 4.11
CGA CLA SN . 21.20 -9.88 4.96
O1A CLA SN . 20.20 -10.57 5.13
O2A CLA SN . 22.44 -10.28 5.57
NB CLA SN . 17.22 -12.27 1.42
C1B CLA SN . 18.04 -11.60 0.63
C2B CLA SN . 18.38 -12.27 -0.65
C3B CLA SN . 17.61 -13.53 -0.54
C4B CLA SN . 16.93 -13.41 0.78
CMB CLA SN . 19.27 -11.80 -1.77
CAB CLA SN . 17.51 -14.64 -1.50
CBB CLA SN . 16.43 -14.79 -2.25
NC CLA SN . 15.50 -13.46 3.57
C1C CLA SN . 15.43 -14.45 2.65
C2C CLA SN . 14.64 -15.63 3.07
C3C CLA SN . 14.18 -15.27 4.42
C4C CLA SN . 14.76 -13.92 4.61
CMC CLA SN . 14.37 -16.90 2.31
CAC CLA SN . 13.33 -16.07 5.38
CBC CLA SN . 14.28 -16.83 6.28
ND CLA SN . 15.93 -11.36 5.14
C1D CLA SN . 15.07 -11.94 6.12
C2D CLA SN . 14.83 -11.13 7.34
C3D CLA SN . 15.65 -9.93 7.01
C4D CLA SN . 16.23 -10.15 5.77
CMD CLA SN . 14.02 -11.34 8.59
CAD CLA SN . 16.11 -8.61 7.48
OBD CLA SN . 15.78 -8.05 8.59
CBD CLA SN . 16.98 -7.99 6.44
CGD CLA SN . 16.26 -6.81 5.87
O1D CLA SN . 15.14 -6.92 5.40
O2D CLA SN . 16.89 -5.52 5.80
CED CLA SN . 16.20 -4.47 5.16
C1 CLA SN . 22.44 -11.14 6.70
C2 CLA SN . 22.85 -12.53 6.28
C3 CLA SN . 22.74 -13.60 7.10
C4 CLA SN . 22.21 -13.44 8.50
C5 CLA SN . 23.18 -14.95 6.64
C6 CLA SN . 24.52 -15.34 7.27
C7 CLA SN . 25.38 -16.11 6.28
C8 CLA SN . 26.86 -16.23 6.65
C9 CLA SN . 27.15 -16.11 8.15
C10 CLA SN . 27.66 -15.17 5.89
C11 CLA SN . 29.06 -15.69 5.61
C12 CLA SN . 30.13 -14.73 6.11
C13 CLA SN . 31.45 -15.00 5.40
C14 CLA SN . 32.57 -15.20 6.42
C15 CLA SN . 31.77 -13.85 4.47
C16 CLA SN . 32.53 -14.31 3.24
C17 CLA SN . 31.57 -14.90 2.20
C18 CLA SN . 32.25 -15.94 1.33
C19 CLA SN . 33.49 -15.39 0.64
C20 CLA SN . 31.27 -16.51 0.31
MG CLA TN . 18.72 -7.11 -8.99
CHA CLA TN . 18.29 -3.78 -9.83
CHB CLA TN . 18.34 -7.91 -12.25
CHC CLA TN . 19.47 -10.30 -8.13
CHD CLA TN . 19.72 -6.01 -5.61
NA CLA TN . 18.42 -6.05 -10.75
C1A CLA TN . 18.19 -4.80 -10.93
C2A CLA TN . 17.87 -4.40 -12.34
C3A CLA TN . 17.82 -5.72 -13.06
C4A CLA TN . 18.22 -6.62 -11.94
CMA CLA TN . 16.37 -5.96 -13.47
CAA CLA TN . 19.14 -3.72 -12.88
CBA CLA TN . 19.34 -3.72 -14.39
CGA CLA TN . 18.96 -2.35 -14.88
O1A CLA TN . 19.60 -1.79 -15.75
O2A CLA TN . 17.80 -1.72 -14.31
NB CLA TN . 18.83 -8.85 -10.04
C1B CLA TN . 18.74 -9.01 -11.35
C2B CLA TN . 19.13 -10.35 -11.85
C3B CLA TN . 19.47 -11.05 -10.60
C4B CLA TN . 19.24 -10.02 -9.55
CMB CLA TN . 19.17 -10.90 -13.24
CAB CLA TN . 19.93 -12.45 -10.39
CBB CLA TN . 19.17 -13.48 -10.74
NC CLA TN . 19.46 -7.94 -7.26
C1C CLA TN . 19.66 -9.26 -7.10
C2C CLA TN . 20.11 -9.67 -5.75
C3C CLA TN . 20.18 -8.40 -5.01
C4C CLA TN . 19.76 -7.42 -6.04
CMC CLA TN . 20.43 -11.06 -5.25
CAC CLA TN . 20.60 -8.15 -3.58
CBC CLA TN . 19.34 -8.17 -2.74
ND CLA TN . 19.04 -5.40 -7.94
C1D CLA TN . 19.30 -5.01 -6.58
C2D CLA TN . 19.11 -3.58 -6.28
C3D CLA TN . 18.69 -3.08 -7.62
C4D CLA TN . 18.68 -4.17 -8.48
CMD CLA TN . 19.26 -2.75 -5.04
CAD CLA TN . 18.28 -1.90 -8.40
OBD CLA TN . 18.17 -0.70 -7.94
CBD CLA TN . 18.00 -2.31 -9.80
CGD CLA TN . 16.56 -2.03 -10.10
O1D CLA TN . 15.67 -2.74 -9.69
O2D CLA TN . 16.21 -0.88 -10.91
CED CLA TN . 14.85 -0.51 -11.06
C1 CLA TN . 17.70 -0.31 -14.45
C2 CLA TN . 18.50 0.38 -13.37
C3 CLA TN . 18.01 1.49 -12.78
C4 CLA TN . 16.69 2.04 -13.22
C5 CLA TN . 18.82 2.19 -11.71
C6 CLA TN . 18.29 2.04 -10.28
C7 CLA TN . 17.42 3.22 -9.86
C8 CLA TN . 18.02 4.09 -8.75
C9 CLA TN . 19.20 4.91 -9.24
C10 CLA TN . 18.38 3.22 -7.55
C11 CLA TN . 17.70 3.80 -6.31
C12 CLA TN . 17.04 2.71 -5.48
C13 CLA TN . 18.04 2.10 -4.50
C14 CLA TN . 17.86 0.60 -4.51
C15 CLA TN . 17.81 2.71 -3.11
C16 CLA TN . 18.19 1.82 -1.94
C17 CLA TN . 19.58 2.12 -1.41
C18 CLA TN . 19.58 2.31 0.11
C19 CLA TN . 19.29 1.01 0.83
C20 CLA TN . 18.58 3.39 0.51
C1 BCR UN . -0.77 -34.63 4.71
C2 BCR UN . -1.71 -35.68 5.28
C3 BCR UN . -2.94 -35.91 4.44
C4 BCR UN . -2.55 -36.11 3.00
C5 BCR UN . -1.90 -34.88 2.54
C6 BCR UN . -1.07 -34.17 3.32
C7 BCR UN . -0.46 -32.91 2.88
C8 BCR UN . 0.70 -32.82 2.23
C9 BCR UN . 1.33 -31.55 1.92
C10 BCR UN . 1.10 -30.51 2.74
C11 BCR UN . 1.54 -29.17 2.47
C33 BCR UN . -2.27 -34.47 1.18
C31 BCR UN . -0.74 -33.48 5.67
C32 BCR UN . 0.61 -35.24 4.77
C34 BCR UN . 1.90 -31.37 0.58
C12 BCR UN . 1.91 -28.38 3.48
C13 BCR UN . 2.71 -27.19 3.33
C14 BCR UN . 2.84 -26.35 4.35
C15 BCR UN . 3.68 -25.18 4.32
C16 BCR UN . 3.76 -24.38 5.38
C17 BCR UN . 4.64 -23.24 5.31
C18 BCR UN . 5.06 -22.50 6.33
C19 BCR UN . 5.98 -21.41 6.07
C20 BCR UN . 6.52 -20.68 7.04
C21 BCR UN . 7.23 -19.47 6.71
C22 BCR UN . 8.01 -18.77 7.56
C23 BCR UN . 8.28 -17.38 7.25
C24 BCR UN . 9.50 -16.83 7.23
C25 BCR UN . 9.83 -15.43 6.92
C26 BCR UN . 9.85 -14.94 5.68
C27 BCR UN . 10.20 -13.55 5.29
C28 BCR UN . 10.85 -12.75 6.38
C29 BCR UN . 10.25 -13.08 7.72
C30 BCR UN . 10.23 -14.56 8.07
C35 BCR UN . 3.46 -26.97 2.06
C36 BCR UN . 4.62 -22.76 7.71
C37 BCR UN . 8.20 -19.24 8.94
C38 BCR UN . 9.50 -15.70 4.46
C39 BCR UN . 11.59 -15.01 8.56
C40 BCR UN . 9.29 -14.65 9.26
C1 BCR VN . 4.69 2.81 -4.32
C2 BCR VN . 3.28 2.37 -4.66
C3 BCR VN . 2.39 2.39 -3.45
C4 BCR VN . 2.94 1.49 -2.37
C5 BCR VN . 4.36 1.78 -2.10
C6 BCR VN . 5.20 2.37 -2.97
C7 BCR VN . 6.61 2.67 -2.66
C8 BCR VN . 7.61 1.77 -2.66
C9 BCR VN . 8.97 2.10 -2.32
C10 BCR VN . 9.81 1.11 -2.00
C11 BCR VN . 11.24 1.27 -1.92
C33 BCR VN . 4.76 1.36 -0.73
C31 BCR VN . 4.72 4.31 -4.45
C32 BCR VN . 5.56 2.29 -5.45
C34 BCR VN . 9.45 3.45 -2.66
C12 BCR VN . 12.00 0.18 -1.82
C13 BCR VN . 13.44 0.22 -1.68
C14 BCR VN . 14.09 -0.95 -1.71
C15 BCR VN . 15.53 -1.05 -1.77
C16 BCR VN . 16.11 -2.23 -1.52
C17 BCR VN . 17.54 -2.31 -1.67
C18 BCR VN . 18.24 -3.45 -1.61
C19 BCR VN . 19.67 -3.36 -1.40
C20 BCR VN . 20.37 -4.39 -0.92
C21 BCR VN . 21.77 -4.22 -0.66
C22 BCR VN . 22.57 -5.15 -0.11
C23 BCR VN . 23.71 -4.72 0.67
C24 BCR VN . 24.71 -5.54 1.01
C25 BCR VN . 25.98 -5.12 1.60
C26 BCR VN . 27.03 -4.74 0.86
C27 BCR VN . 28.36 -4.33 1.38
C28 BCR VN . 28.36 -4.11 2.87
C29 BCR VN . 27.54 -5.18 3.55
C30 BCR VN . 26.09 -5.19 3.09
C35 BCR VN . 14.12 1.47 -1.34
C36 BCR VN . 17.60 -4.77 -1.61
C37 BCR VN . 22.20 -6.58 -0.17
C38 BCR VN . 27.00 -4.66 -0.60
C39 BCR VN . 25.31 -4.08 3.77
C40 BCR VN . 25.52 -6.51 3.63
CA CA WN . 10.58 -15.99 -24.81
C23 UNL XN . 20.95 3.45 -23.11
C24 UNL XN . 20.64 3.10 -21.68
C25 UNL XN . 21.91 3.10 -20.84
C26 UNL XN . 21.53 3.11 -19.36
C27 UNL XN . 22.67 2.66 -18.46
C28 UNL XN . 22.05 1.95 -17.26
C29 UNL XN . 23.09 1.26 -16.39
C30 UNL XN . 22.39 0.29 -15.46
C31 UNL XN . 23.24 -0.03 -14.25
C32 UNL XN . 22.41 -0.75 -13.20
C33 UNL XN . 23.23 -1.03 -11.96
C34 UNL XN . 22.80 -2.35 -11.33
C35 UNL XN . 22.68 -2.22 -9.83
C36 UNL XN . 21.63 -1.17 -9.48
C37 UNL XN . 21.83 -0.65 -8.07
C38 UNL XN . 21.21 0.73 -7.96
O10 UNL XN . 21.64 4.41 -23.38
O8 UNL XN . 20.40 2.65 -24.19
C27 UNL YN . 20.82 -6.60 -19.09
C28 UNL YN . 20.53 -5.31 -18.33
C29 UNL YN . 21.44 -5.15 -17.13
C30 UNL YN . 21.29 -6.33 -16.16
C31 UNL YN . 22.13 -6.10 -14.91
C32 UNL YN . 22.51 -7.42 -14.26
C33 UNL YN . 21.85 -7.59 -12.90
C34 UNL YN . 22.29 -6.51 -11.93
C35 UNL YN . 22.09 -6.97 -10.49
C36 UNL YN . 22.63 -5.95 -9.51
C37 UNL YN . 22.53 -6.45 -8.08
C38 UNL YN . 23.07 -5.43 -7.11
C1 BCR ZN . -14.15 -39.81 -0.90
C2 BCR ZN . -13.50 -40.40 0.33
C3 BCR ZN . -12.33 -39.58 0.77
C4 BCR ZN . -11.29 -39.51 -0.31
C5 BCR ZN . -11.88 -39.20 -1.63
C6 BCR ZN . -13.17 -39.29 -1.92
C7 BCR ZN . -13.70 -38.98 -3.24
C8 BCR ZN . -14.08 -37.75 -3.60
C9 BCR ZN . -14.78 -37.48 -4.84
C10 BCR ZN . -14.79 -36.22 -5.29
C11 BCR ZN . -15.52 -35.76 -6.45
C33 BCR ZN . -10.87 -38.72 -2.60
C31 BCR ZN . -15.11 -38.75 -0.40
C32 BCR ZN . -14.97 -40.92 -1.53
C34 BCR ZN . -15.68 -38.52 -5.35
C12 BCR ZN . -15.32 -34.50 -6.83
C13 BCR ZN . -16.13 -33.78 -7.78
C14 BCR ZN . -15.80 -32.52 -8.07
C15 BCR ZN . -16.51 -31.70 -9.01
C16 BCR ZN . -16.19 -30.41 -9.14
C17 BCR ZN . -17.06 -29.59 -9.94
C18 BCR ZN . -16.81 -28.33 -10.33
C19 BCR ZN . -17.81 -27.67 -11.16
C20 BCR ZN . -17.68 -26.40 -11.54
C21 BCR ZN . -18.88 -25.64 -11.83
C22 BCR ZN . -18.91 -24.41 -12.33
C23 BCR ZN . -20.21 -23.82 -12.65
C24 BCR ZN . -20.33 -22.61 -13.19
C25 BCR ZN . -21.34 -22.15 -14.15
C26 BCR ZN . -22.55 -21.72 -13.75
C27 BCR ZN . -23.60 -21.21 -14.65
C28 BCR ZN . -22.98 -20.54 -15.85
C29 BCR ZN . -22.04 -21.51 -16.50
C30 BCR ZN . -20.97 -22.12 -15.60
C35 BCR ZN . -17.25 -34.46 -8.48
C36 BCR ZN . -15.59 -27.61 -9.94
C37 BCR ZN . -17.69 -23.77 -12.86
C38 BCR ZN . -22.98 -21.68 -12.34
C39 BCR ZN . -20.62 -23.52 -16.13
C40 BCR ZN . -19.72 -21.27 -15.84
#